data_8KEE
#
_entry.id   8KEE
#
_cell.length_a   1.00
_cell.length_b   1.00
_cell.length_c   1.00
_cell.angle_alpha   90.00
_cell.angle_beta   90.00
_cell.angle_gamma   90.00
#
_symmetry.space_group_name_H-M   'P 1'
#
loop_
_entity.id
_entity.type
_entity.pdbx_description
1 polymer sheath
2 polymer tube
#
loop_
_entity_poly.entity_id
_entity_poly.type
_entity_poly.pdbx_seq_one_letter_code
_entity_poly.pdbx_strand_id
1 'polypeptide(L)'
;MTNFLNGVNIGTPGAYAFYQTTQSRPINVEPFRTCYMVGFASNGVNKNVPTRISNLTDFTNVYGTSASTNSVDLFFKNSQ
GFGNLYFVNVAIPTRYQIVVTAATAGSYSVTVNGVTKAITVVGGATTTTIAADVISAINNDTVLNKEVLATVGGTSSTVV
ITSKKPTNTTTAAVTGVIFTLTTTTGTSPSVADYVYTINNTFDPALEAGFVIAPEAFSTFTKSDRLSIQVALENLCSAYR
YQWAALIDSGAMSEISNTDRAIAEAATYNSVQGHCSYYYPYLINLDDQQVPPSAAVAGMALYRFVIDGFAEPPAGVNFPL
KGVKNVAYKVTWEEQNVANPEGVNCILNKENYGIVVWGARTLSADPNIVFISTRIILNIVINTLNRGYDFDIFNSVGGTA
TVLDNIQRKTNTLLTTLYQAGLFYGQTTSEAFSVLGDASVQVPSLLQQGLVNMFIWVVPSTIIERLIINIKQTAIGDLEA
TVALDTAALQSSVEEGTATEGTAPVV
;
A,B,C,D,E,F,G,H,I,J,K,L,M,N,O,P,Q,R
2 'polypeptide(L)'
;MAVSKRPFSINSFAVNLNIGNFVDARYWSKCSKIEKTYNTGEYSDGQSNIIYTLPGAIKYPEVVLSKAFSPGDEELINRL
IAVNSDPIAWVTVFIQPMYRDGYYNVPQGGKIILEFCTVARATPINEIDTIGSNAAMFECALNPSRIRSDGGNINWWSEP
AAQVAEF
;
S,T,U,V,W,X,Y,Z,a,b,c,d,e,f,g,h,i,j
#
# COMPACT_ATOMS: atom_id res chain seq x y z
N THR A 2 -59.56 -12.24 49.60
CA THR A 2 -58.30 -12.07 48.86
C THR A 2 -58.02 -13.30 48.02
N ASN A 3 -58.45 -14.47 48.48
CA ASN A 3 -58.19 -15.73 47.76
C ASN A 3 -56.70 -15.93 47.48
N PHE A 4 -55.85 -15.44 48.38
CA PHE A 4 -54.41 -15.60 48.21
C PHE A 4 -53.73 -15.83 49.55
N LEU A 5 -54.30 -15.30 50.62
CA LEU A 5 -53.67 -15.40 51.94
C LEU A 5 -54.33 -16.44 52.83
N ASN A 6 -55.00 -17.42 52.25
CA ASN A 6 -55.70 -18.43 53.04
C ASN A 6 -54.72 -19.28 53.83
N GLY A 7 -53.61 -19.67 53.23
CA GLY A 7 -52.67 -20.58 53.82
C GLY A 7 -51.65 -19.96 54.77
N VAL A 8 -51.62 -18.65 54.90
CA VAL A 8 -50.60 -18.01 55.74
C VAL A 8 -50.83 -18.34 57.21
N ASN A 9 -52.09 -18.39 57.65
CA ASN A 9 -52.41 -18.73 59.04
C ASN A 9 -52.64 -20.23 59.20
N ILE A 10 -51.70 -21.02 58.69
CA ILE A 10 -51.74 -22.48 58.88
C ILE A 10 -50.27 -22.77 59.17
N GLY A 11 -50.00 -23.60 60.18
CA GLY A 11 -48.63 -23.95 60.49
C GLY A 11 -48.32 -25.34 60.06
N THR A 12 -49.30 -26.23 60.17
CA THR A 12 -49.14 -27.61 59.74
C THR A 12 -48.84 -27.65 58.25
N PRO A 13 -47.94 -28.55 57.83
CA PRO A 13 -47.72 -28.67 56.38
C PRO A 13 -48.79 -29.54 55.73
N GLY A 14 -48.97 -29.43 54.42
CA GLY A 14 -49.92 -30.28 53.74
C GLY A 14 -50.74 -29.57 52.68
N ALA A 15 -51.66 -30.30 52.07
CA ALA A 15 -52.49 -29.72 51.02
C ALA A 15 -53.89 -29.41 51.52
N TYR A 16 -54.26 -28.13 51.54
CA TYR A 16 -55.59 -27.73 51.99
C TYR A 16 -56.36 -27.09 50.85
N ALA A 17 -57.69 -27.14 50.97
CA ALA A 17 -58.60 -26.61 49.95
C ALA A 17 -59.51 -25.51 50.47
N PHE A 18 -59.55 -24.40 49.75
CA PHE A 18 -60.45 -23.28 50.04
C PHE A 18 -61.34 -23.03 48.83
N TYR A 19 -62.30 -22.14 49.00
CA TYR A 19 -63.27 -21.81 47.96
C TYR A 19 -62.92 -20.47 47.32
N GLN A 20 -63.00 -20.43 45.99
CA GLN A 20 -62.55 -19.28 45.20
C GLN A 20 -63.46 -18.09 45.49
N THR A 21 -62.91 -17.08 46.14
CA THR A 21 -63.62 -15.82 46.33
C THR A 21 -63.30 -14.87 45.19
N THR A 22 -64.25 -13.98 44.88
CA THR A 22 -64.03 -12.99 43.83
C THR A 22 -62.82 -12.14 44.16
N GLN A 23 -61.93 -11.98 43.19
CA GLN A 23 -60.62 -11.33 43.12
C GLN A 23 -60.81 -9.92 42.56
N SER A 24 -60.62 -8.92 43.42
CA SER A 24 -60.63 -7.53 42.95
C SER A 24 -59.54 -7.21 41.94
N ARG A 25 -59.92 -6.58 40.84
CA ARG A 25 -59.21 -6.20 39.62
C ARG A 25 -58.40 -4.94 39.89
N PRO A 26 -57.08 -5.02 40.00
CA PRO A 26 -56.29 -3.80 40.22
C PRO A 26 -56.38 -2.87 39.04
N ILE A 27 -56.33 -1.57 39.33
CA ILE A 27 -56.47 -0.52 38.33
C ILE A 27 -55.18 0.28 38.34
N ASN A 28 -54.52 0.36 37.19
CA ASN A 28 -53.31 1.15 37.06
C ASN A 28 -53.63 2.64 37.11
N VAL A 29 -52.59 3.45 37.25
CA VAL A 29 -52.74 4.90 37.24
C VAL A 29 -52.62 5.38 35.79
N GLU A 30 -53.76 5.69 35.18
CA GLU A 30 -53.82 6.11 33.79
C GLU A 30 -54.57 7.44 33.72
N PRO A 31 -54.21 8.31 32.76
CA PRO A 31 -54.77 9.67 32.78
C PRO A 31 -56.27 9.76 32.93
N PHE A 32 -57.04 8.93 32.22
CA PHE A 32 -58.49 9.16 32.11
C PHE A 32 -59.28 7.88 32.38
N ARG A 33 -59.01 7.22 33.49
CA ARG A 33 -59.86 6.14 33.98
C ARG A 33 -60.21 6.36 35.44
N THR A 34 -60.62 7.59 35.77
CA THR A 34 -61.08 7.93 37.10
C THR A 34 -62.29 8.85 37.01
N CYS A 35 -63.17 8.75 37.99
CA CYS A 35 -64.31 9.64 38.12
C CYS A 35 -64.26 10.29 39.49
N TYR A 36 -64.66 11.55 39.58
CA TYR A 36 -64.66 12.32 40.81
C TYR A 36 -66.10 12.77 41.08
N MET A 37 -66.75 12.11 42.03
CA MET A 37 -68.04 12.54 42.52
C MET A 37 -67.84 13.62 43.56
N VAL A 38 -68.59 14.72 43.44
CA VAL A 38 -68.59 15.78 44.43
C VAL A 38 -69.94 15.76 45.10
N GLY A 39 -69.98 15.29 46.35
CA GLY A 39 -71.25 15.13 47.05
C GLY A 39 -71.14 15.49 48.50
N PHE A 40 -72.19 15.22 49.27
CA PHE A 40 -72.22 15.53 50.69
C PHE A 40 -72.65 14.30 51.49
N ALA A 41 -71.98 14.09 52.61
CA ALA A 41 -72.38 13.09 53.60
C ALA A 41 -72.56 13.80 54.94
N SER A 42 -73.61 13.40 55.66
CA SER A 42 -73.94 14.09 56.91
C SER A 42 -72.74 14.16 57.84
N ASN A 43 -72.06 13.02 58.03
CA ASN A 43 -70.83 13.02 58.81
C ASN A 43 -69.72 13.72 58.04
N GLY A 44 -68.72 14.17 58.79
CA GLY A 44 -67.57 14.85 58.19
C GLY A 44 -66.33 13.99 58.22
N VAL A 45 -66.46 12.71 57.86
CA VAL A 45 -65.32 11.80 57.90
C VAL A 45 -64.17 12.34 57.06
N ASN A 46 -64.47 12.81 55.85
CA ASN A 46 -63.52 13.55 55.03
C ASN A 46 -64.16 14.86 54.63
N LYS A 47 -63.34 15.91 54.57
CA LYS A 47 -63.83 17.26 54.29
C LYS A 47 -62.98 17.85 53.17
N ASN A 48 -63.57 17.97 51.98
CA ASN A 48 -62.86 18.51 50.82
C ASN A 48 -61.56 17.74 50.57
N VAL A 49 -61.63 16.42 50.75
CA VAL A 49 -60.48 15.54 50.55
C VAL A 49 -60.91 14.40 49.64
N PRO A 50 -60.51 14.39 48.36
CA PRO A 50 -60.92 13.29 47.48
C PRO A 50 -60.41 11.95 48.00
N THR A 51 -61.34 11.04 48.28
CA THR A 51 -61.02 9.75 48.85
C THR A 51 -61.44 8.65 47.89
N ARG A 52 -60.55 7.70 47.66
CA ARG A 52 -60.86 6.56 46.80
C ARG A 52 -61.92 5.68 47.45
N ILE A 53 -62.83 5.17 46.61
CA ILE A 53 -63.89 4.26 47.05
C ILE A 53 -63.69 2.94 46.32
N SER A 54 -63.63 1.85 47.09
CA SER A 54 -63.44 0.53 46.51
C SER A 54 -64.75 -0.10 46.04
N ASN A 55 -65.88 0.27 46.64
CA ASN A 55 -67.17 -0.30 46.28
C ASN A 55 -68.25 0.43 47.06
N LEU A 56 -69.50 0.10 46.73
CA LEU A 56 -70.64 0.73 47.40
C LEU A 56 -70.63 0.43 48.90
N THR A 57 -70.23 -0.78 49.27
CA THR A 57 -70.14 -1.12 50.69
C THR A 57 -69.12 -0.24 51.39
N ASP A 58 -67.97 -0.02 50.78
CA ASP A 58 -66.97 0.88 51.36
C ASP A 58 -67.52 2.30 51.48
N PHE A 59 -68.21 2.77 50.44
CA PHE A 59 -68.80 4.11 50.50
C PHE A 59 -69.77 4.22 51.66
N THR A 60 -70.67 3.25 51.80
CA THR A 60 -71.66 3.29 52.88
C THR A 60 -70.98 3.24 54.25
N ASN A 61 -69.97 2.37 54.39
CA ASN A 61 -69.29 2.23 55.67
C ASN A 61 -68.61 3.53 56.06
N VAL A 62 -67.89 4.15 55.13
CA VAL A 62 -67.13 5.36 55.48
C VAL A 62 -68.07 6.53 55.70
N TYR A 63 -69.03 6.73 54.80
CA TYR A 63 -69.85 7.95 54.79
C TYR A 63 -71.28 7.75 55.28
N GLY A 64 -71.74 6.51 55.42
CA GLY A 64 -73.10 6.29 55.86
C GLY A 64 -74.10 6.88 54.88
N THR A 65 -75.17 7.45 55.42
CA THR A 65 -76.24 7.99 54.58
C THR A 65 -75.72 9.15 53.72
N SER A 66 -76.18 9.20 52.48
CA SER A 66 -75.87 10.29 51.57
C SER A 66 -76.73 10.16 50.33
N ALA A 67 -77.13 11.30 49.76
CA ALA A 67 -77.93 11.30 48.55
C ALA A 67 -77.18 10.78 47.33
N SER A 68 -75.86 10.64 47.42
CA SER A 68 -75.04 10.16 46.31
C SER A 68 -74.89 8.65 46.31
N THR A 69 -75.56 7.94 47.23
CA THR A 69 -75.41 6.48 47.29
C THR A 69 -75.91 5.82 46.01
N ASN A 70 -77.03 6.30 45.47
CA ASN A 70 -77.56 5.74 44.23
C ASN A 70 -76.59 5.98 43.08
N SER A 71 -76.00 7.17 43.01
CA SER A 71 -75.02 7.45 41.97
C SER A 71 -73.80 6.55 42.10
N VAL A 72 -73.33 6.33 43.33
CA VAL A 72 -72.20 5.45 43.55
C VAL A 72 -72.53 4.03 43.09
N ASP A 73 -73.72 3.56 43.44
CA ASP A 73 -74.14 2.22 43.05
C ASP A 73 -74.20 2.09 41.53
N LEU A 74 -74.76 3.10 40.86
CA LEU A 74 -74.82 3.06 39.40
C LEU A 74 -73.42 3.06 38.80
N PHE A 75 -72.52 3.90 39.33
CA PHE A 75 -71.17 3.93 38.81
C PHE A 75 -70.51 2.56 38.92
N PHE A 76 -70.60 1.93 40.09
CA PHE A 76 -69.96 0.64 40.25
C PHE A 76 -70.61 -0.44 39.39
N LYS A 77 -71.94 -0.43 39.29
CA LYS A 77 -72.61 -1.40 38.43
C LYS A 77 -72.16 -1.26 36.99
N ASN A 78 -72.04 -0.03 36.49
CA ASN A 78 -71.70 0.18 35.09
C ASN A 78 -70.22 -0.05 34.82
N SER A 79 -69.36 0.30 35.78
CA SER A 79 -67.92 0.18 35.57
C SER A 79 -67.42 -1.24 35.82
N GLN A 80 -68.16 -2.06 36.58
CA GLN A 80 -67.84 -3.47 36.74
C GLN A 80 -66.42 -3.68 37.24
N GLY A 81 -65.99 -2.82 38.16
CA GLY A 81 -64.67 -2.93 38.75
C GLY A 81 -63.57 -2.25 37.97
N PHE A 82 -63.85 -1.74 36.78
CA PHE A 82 -62.88 -0.96 36.02
C PHE A 82 -62.98 0.51 36.41
N GLY A 83 -61.83 1.20 36.36
CA GLY A 83 -61.81 2.60 36.69
C GLY A 83 -62.05 2.85 38.17
N ASN A 84 -61.59 4.00 38.66
CA ASN A 84 -61.67 4.33 40.08
C ASN A 84 -62.71 5.42 40.31
N LEU A 85 -63.27 5.42 41.52
CA LEU A 85 -64.19 6.46 41.98
C LEU A 85 -63.54 7.18 43.15
N TYR A 86 -63.56 8.51 43.10
CA TYR A 86 -63.08 9.36 44.18
C TYR A 86 -64.25 10.23 44.64
N PHE A 87 -64.63 10.09 45.90
CA PHE A 87 -65.69 10.90 46.46
C PHE A 87 -65.08 12.11 47.18
N VAL A 88 -65.69 13.27 46.98
CA VAL A 88 -65.26 14.51 47.60
C VAL A 88 -66.43 15.01 48.42
N ASN A 89 -66.30 14.94 49.74
CA ASN A 89 -67.36 15.37 50.65
C ASN A 89 -67.25 16.87 50.88
N VAL A 90 -68.32 17.60 50.57
CA VAL A 90 -68.31 19.05 50.71
C VAL A 90 -68.31 19.41 52.19
N ALA A 91 -67.38 20.28 52.57
CA ALA A 91 -67.26 20.74 53.95
C ALA A 91 -68.04 22.04 54.12
N ILE A 92 -68.90 22.08 55.13
CA ILE A 92 -69.76 23.22 55.38
C ILE A 92 -68.97 24.23 56.22
N PRO A 93 -68.82 25.48 55.77
CA PRO A 93 -68.05 26.45 56.56
C PRO A 93 -68.78 26.86 57.83
N THR A 94 -67.99 27.23 58.83
CA THR A 94 -68.55 27.77 60.06
C THR A 94 -69.14 29.16 59.80
N ARG A 95 -70.12 29.54 60.62
CA ARG A 95 -70.81 30.81 60.46
C ARG A 95 -71.03 31.42 61.84
N TYR A 96 -70.91 32.74 61.93
CA TYR A 96 -71.16 33.46 63.16
C TYR A 96 -72.04 34.66 62.86
N GLN A 97 -73.15 34.77 63.59
CA GLN A 97 -74.10 35.85 63.40
C GLN A 97 -74.03 36.79 64.59
N ILE A 98 -73.77 38.06 64.32
CA ILE A 98 -73.66 39.09 65.34
C ILE A 98 -74.83 40.06 65.14
N VAL A 99 -75.66 40.19 66.16
CA VAL A 99 -76.81 41.09 66.13
C VAL A 99 -76.46 42.33 66.94
N VAL A 100 -76.60 43.50 66.31
CA VAL A 100 -76.34 44.78 66.98
C VAL A 100 -77.68 45.22 67.56
N THR A 101 -77.89 44.88 68.83
CA THR A 101 -79.19 45.13 69.45
C THR A 101 -79.51 46.62 69.51
N ALA A 102 -78.53 47.44 69.90
CA ALA A 102 -78.75 48.87 70.10
C ALA A 102 -77.52 49.63 69.64
N ALA A 103 -77.66 50.95 69.59
CA ALA A 103 -76.59 51.86 69.17
C ALA A 103 -75.95 52.55 70.38
N THR A 104 -75.81 51.84 71.49
CA THR A 104 -75.25 52.42 72.70
C THR A 104 -73.85 52.97 72.42
N ALA A 105 -73.60 54.20 72.84
CA ALA A 105 -72.30 54.81 72.68
C ALA A 105 -71.29 54.15 73.61
N GLY A 106 -70.07 53.99 73.14
CA GLY A 106 -69.02 53.39 73.93
C GLY A 106 -68.00 52.71 73.04
N SER A 107 -67.06 52.03 73.70
CA SER A 107 -66.00 51.29 73.03
C SER A 107 -66.26 49.80 73.16
N TYR A 108 -66.35 49.12 72.02
CA TYR A 108 -66.56 47.68 71.98
C TYR A 108 -65.66 47.09 70.91
N SER A 109 -65.41 45.79 71.01
CA SER A 109 -64.47 45.12 70.12
C SER A 109 -65.09 43.85 69.57
N VAL A 110 -64.54 43.40 68.44
CA VAL A 110 -64.95 42.16 67.79
C VAL A 110 -63.71 41.34 67.52
N THR A 111 -63.75 40.05 67.86
CA THR A 111 -62.62 39.16 67.73
C THR A 111 -62.95 38.03 66.77
N VAL A 112 -62.01 37.73 65.86
CA VAL A 112 -62.18 36.67 64.87
C VAL A 112 -60.83 35.94 64.75
N ASN A 113 -60.80 34.68 65.19
CA ASN A 113 -59.59 33.87 65.12
C ASN A 113 -58.41 34.58 65.77
N GLY A 114 -58.68 35.22 66.91
CA GLY A 114 -57.64 35.89 67.67
C GLY A 114 -57.31 37.29 67.21
N VAL A 115 -57.92 37.76 66.12
CA VAL A 115 -57.71 39.12 65.64
C VAL A 115 -58.85 39.99 66.16
N THR A 116 -58.54 40.92 67.06
CA THR A 116 -59.52 41.78 67.68
C THR A 116 -59.59 43.12 66.95
N LYS A 117 -60.80 43.60 66.74
CA LYS A 117 -61.05 44.87 66.06
C LYS A 117 -61.85 45.78 66.98
N ALA A 118 -61.29 46.94 67.29
CA ALA A 118 -61.95 47.90 68.16
C ALA A 118 -63.02 48.66 67.40
N ILE A 119 -64.21 48.73 67.98
CA ILE A 119 -65.36 49.44 67.40
C ILE A 119 -65.79 50.53 68.36
N THR A 120 -65.86 51.76 67.86
CA THR A 120 -66.22 52.92 68.66
C THR A 120 -67.61 53.40 68.26
N VAL A 121 -68.49 53.57 69.25
CA VAL A 121 -69.87 53.98 69.03
C VAL A 121 -70.05 55.35 69.66
N VAL A 122 -70.47 56.32 68.85
CA VAL A 122 -70.67 57.69 69.31
C VAL A 122 -72.14 58.07 69.10
N GLY A 123 -72.49 59.27 69.55
CA GLY A 123 -73.86 59.74 69.38
C GLY A 123 -74.23 59.79 67.90
N GLY A 124 -75.49 59.50 67.62
CA GLY A 124 -75.98 59.42 66.26
C GLY A 124 -75.75 58.08 65.58
N ALA A 125 -75.16 57.12 66.29
CA ALA A 125 -74.92 55.80 65.71
C ALA A 125 -76.22 55.01 65.59
N THR A 126 -76.27 54.13 64.61
CA THR A 126 -77.47 53.30 64.42
C THR A 126 -77.02 51.86 64.34
N THR A 127 -77.91 50.94 64.71
CA THR A 127 -77.59 49.52 64.64
C THR A 127 -77.05 49.14 63.27
N THR A 128 -77.72 49.61 62.22
CA THR A 128 -77.28 49.33 60.85
C THR A 128 -75.88 49.87 60.58
N THR A 129 -75.63 51.13 60.95
CA THR A 129 -74.32 51.72 60.67
C THR A 129 -73.21 51.02 61.43
N ILE A 130 -73.44 50.66 62.68
CA ILE A 130 -72.43 49.93 63.44
C ILE A 130 -72.17 48.61 62.75
N ALA A 131 -73.22 47.92 62.36
CA ALA A 131 -73.06 46.65 61.64
C ALA A 131 -72.23 46.85 60.38
N ALA A 132 -72.51 47.90 59.61
CA ALA A 132 -71.74 48.18 58.41
C ALA A 132 -70.28 48.41 58.73
N ASP A 133 -69.98 49.15 59.79
CA ASP A 133 -68.61 49.37 60.20
C ASP A 133 -67.93 48.05 60.51
N VAL A 134 -68.60 47.19 61.28
CA VAL A 134 -68.06 45.87 61.58
C VAL A 134 -67.72 45.13 60.29
N ILE A 135 -68.69 45.01 59.39
CA ILE A 135 -68.46 44.35 58.10
C ILE A 135 -67.24 44.93 57.40
N SER A 136 -67.20 46.25 57.23
CA SER A 136 -66.10 46.89 56.53
C SER A 136 -64.76 46.60 57.18
N ALA A 137 -64.62 46.93 58.46
CA ALA A 137 -63.37 46.72 59.16
C ALA A 137 -62.84 45.30 58.93
N ILE A 138 -63.72 44.30 59.05
CA ILE A 138 -63.29 42.92 58.87
C ILE A 138 -62.81 42.70 57.43
N ASN A 139 -63.56 43.20 56.45
CA ASN A 139 -63.22 42.92 55.05
C ASN A 139 -62.01 43.73 54.58
N ASN A 140 -61.72 44.85 55.22
CA ASN A 140 -60.53 45.63 54.91
C ASN A 140 -59.34 45.26 55.78
N ASP A 141 -59.53 44.39 56.77
CA ASP A 141 -58.40 43.84 57.51
C ASP A 141 -57.65 42.85 56.63
N THR A 142 -56.33 42.99 56.56
CA THR A 142 -55.55 42.19 55.64
C THR A 142 -55.52 40.71 56.00
N VAL A 143 -55.87 40.36 57.23
CA VAL A 143 -55.89 38.98 57.68
C VAL A 143 -57.30 38.39 57.62
N LEU A 144 -58.28 39.11 58.15
CA LEU A 144 -59.63 38.58 58.22
C LEU A 144 -60.30 38.55 56.86
N ASN A 145 -59.90 39.44 55.95
CA ASN A 145 -60.45 39.36 54.59
C ASN A 145 -60.11 38.03 53.93
N LYS A 146 -58.91 37.51 54.19
CA LYS A 146 -58.53 36.20 53.67
C LYS A 146 -59.10 35.07 54.50
N GLU A 147 -59.17 35.24 55.82
CA GLU A 147 -59.66 34.16 56.68
C GLU A 147 -61.15 33.90 56.48
N VAL A 148 -61.97 34.96 56.51
CA VAL A 148 -63.42 34.84 56.50
C VAL A 148 -63.99 35.96 55.63
N LEU A 149 -65.32 35.91 55.46
CA LEU A 149 -66.06 36.91 54.70
C LEU A 149 -67.20 37.43 55.55
N ALA A 150 -67.34 38.75 55.63
CA ALA A 150 -68.36 39.40 56.44
C ALA A 150 -69.38 40.06 55.52
N THR A 151 -70.66 39.76 55.75
CA THR A 151 -71.73 40.30 54.90
C THR A 151 -72.95 40.52 55.77
N VAL A 152 -73.93 41.24 55.25
CA VAL A 152 -75.17 41.45 56.01
C VAL A 152 -76.05 40.22 55.88
N GLY A 153 -76.83 39.94 56.92
CA GLY A 153 -77.69 38.78 56.90
C GLY A 153 -79.15 39.12 56.79
N GLY A 154 -79.98 38.44 57.58
CA GLY A 154 -81.41 38.68 57.55
C GLY A 154 -81.76 40.13 57.77
N THR A 155 -81.30 40.69 58.87
CA THR A 155 -81.55 42.10 59.14
C THR A 155 -80.33 42.93 58.75
N SER A 156 -80.49 44.25 58.75
CA SER A 156 -79.38 45.12 58.39
C SER A 156 -78.43 45.31 59.55
N SER A 157 -78.88 44.98 60.77
CA SER A 157 -78.01 45.06 61.93
C SER A 157 -77.32 43.72 62.08
N THR A 158 -77.78 42.73 61.34
CA THR A 158 -77.21 41.40 61.43
C THR A 158 -75.97 41.25 60.57
N VAL A 159 -74.84 40.89 61.18
CA VAL A 159 -73.61 40.64 60.44
C VAL A 159 -73.35 39.14 60.45
N VAL A 160 -73.10 38.58 59.27
CA VAL A 160 -72.82 37.16 59.11
C VAL A 160 -71.36 37.03 58.69
N ILE A 161 -70.59 36.27 59.46
CA ILE A 161 -69.19 35.99 59.19
C ILE A 161 -69.08 34.53 58.82
N THR A 162 -68.70 34.25 57.57
CA THR A 162 -68.60 32.90 57.05
C THR A 162 -67.13 32.55 56.85
N SER A 163 -66.72 31.40 57.38
CA SER A 163 -65.35 30.94 57.18
C SER A 163 -65.11 30.72 55.69
N LYS A 164 -63.99 31.27 55.19
CA LYS A 164 -63.58 31.08 53.81
C LYS A 164 -62.66 29.87 53.65
N LYS A 165 -62.29 29.22 54.75
CA LYS A 165 -61.47 28.00 54.74
C LYS A 165 -62.22 26.98 55.58
N PRO A 166 -63.21 26.29 55.01
CA PRO A 166 -64.14 25.50 55.84
C PRO A 166 -63.46 24.49 56.74
N THR A 167 -62.41 23.82 56.25
CA THR A 167 -61.76 22.81 57.08
C THR A 167 -61.09 23.42 58.30
N ASN A 168 -60.49 24.61 58.14
CA ASN A 168 -59.78 25.24 59.23
C ASN A 168 -60.74 25.61 60.36
N THR A 169 -60.24 25.55 61.59
CA THR A 169 -61.02 25.92 62.75
C THR A 169 -61.20 27.44 62.78
N THR A 170 -62.44 27.89 62.93
CA THR A 170 -62.78 29.30 62.98
C THR A 170 -63.42 29.61 64.32
N THR A 171 -63.04 30.75 64.90
CA THR A 171 -63.55 31.16 66.21
C THR A 171 -63.91 32.64 66.16
N ALA A 172 -64.92 33.01 66.95
CA ALA A 172 -65.36 34.39 67.04
C ALA A 172 -65.75 34.69 68.49
N ALA A 173 -65.51 35.94 68.88
CA ALA A 173 -65.88 36.40 70.22
C ALA A 173 -66.15 37.90 70.15
N VAL A 174 -66.87 38.39 71.16
CA VAL A 174 -67.27 39.79 71.22
C VAL A 174 -66.90 40.37 72.57
N THR A 175 -66.76 41.69 72.60
CA THR A 175 -66.55 42.44 73.84
C THR A 175 -67.52 43.61 73.80
N GLY A 176 -68.74 43.37 74.25
CA GLY A 176 -69.78 44.39 74.19
C GLY A 176 -71.18 43.84 74.28
N VAL A 177 -72.06 44.54 75.00
CA VAL A 177 -73.42 44.07 75.17
C VAL A 177 -74.21 44.19 73.86
N ILE A 178 -74.00 45.29 73.12
CA ILE A 178 -74.79 45.52 71.92
C ILE A 178 -74.58 44.40 70.91
N PHE A 179 -73.42 43.76 70.93
CA PHE A 179 -73.12 42.67 70.01
C PHE A 179 -73.54 41.34 70.65
N THR A 180 -74.54 40.69 70.06
CA THR A 180 -75.00 39.38 70.50
C THR A 180 -74.53 38.34 69.49
N LEU A 181 -73.77 37.35 69.97
CA LEU A 181 -73.14 36.36 69.12
C LEU A 181 -73.95 35.06 69.10
N THR A 182 -74.05 34.45 67.93
CA THR A 182 -74.69 33.15 67.79
C THR A 182 -73.93 32.35 66.74
N THR A 183 -73.39 31.21 67.14
CA THR A 183 -72.72 30.31 66.20
C THR A 183 -73.77 29.55 65.40
N THR A 184 -73.46 29.33 64.12
CA THR A 184 -74.38 28.63 63.23
C THR A 184 -73.59 27.91 62.15
N THR A 185 -74.24 26.93 61.53
CA THR A 185 -73.67 26.20 60.41
C THR A 185 -74.80 25.47 59.71
N GLY A 186 -74.99 25.74 58.42
CA GLY A 186 -76.04 25.06 57.69
C GLY A 186 -75.92 23.56 57.83
N THR A 187 -77.02 22.90 58.20
CA THR A 187 -76.99 21.45 58.36
C THR A 187 -76.63 20.74 57.07
N SER A 188 -76.81 21.40 55.92
CA SER A 188 -76.43 20.87 54.63
C SER A 188 -75.60 21.89 53.88
N PRO A 189 -74.72 21.45 52.98
CA PRO A 189 -73.87 22.39 52.25
C PRO A 189 -74.68 23.20 51.25
N SER A 190 -74.10 24.35 50.87
CA SER A 190 -74.75 25.28 49.96
C SER A 190 -73.95 25.37 48.65
N VAL A 191 -74.47 26.20 47.74
CA VAL A 191 -73.84 26.34 46.43
C VAL A 191 -72.45 26.94 46.56
N ALA A 192 -72.28 27.89 47.49
CA ALA A 192 -70.95 28.46 47.70
C ALA A 192 -69.99 27.40 48.23
N ASP A 193 -70.46 26.54 49.13
CA ASP A 193 -69.62 25.45 49.62
C ASP A 193 -69.21 24.52 48.49
N TYR A 194 -70.17 24.17 47.62
CA TYR A 194 -69.84 23.34 46.47
C TYR A 194 -68.82 24.02 45.56
N VAL A 195 -68.98 25.32 45.34
CA VAL A 195 -68.06 26.06 44.47
C VAL A 195 -66.66 26.05 45.05
N TYR A 196 -66.54 26.31 46.35
CA TYR A 196 -65.23 26.29 46.99
C TYR A 196 -64.60 24.90 46.89
N THR A 197 -65.40 23.86 47.17
CA THR A 197 -64.86 22.51 47.09
C THR A 197 -64.37 22.18 45.69
N ILE A 198 -65.13 22.59 44.67
CA ILE A 198 -64.73 22.33 43.29
C ILE A 198 -63.45 23.09 42.95
N ASN A 199 -63.37 24.37 43.37
CA ASN A 199 -62.26 25.22 42.96
C ASN A 199 -60.97 24.94 43.70
N ASN A 200 -61.04 24.63 44.99
CA ASN A 200 -59.83 24.48 45.81
C ASN A 200 -59.83 23.21 46.62
N THR A 201 -59.58 22.08 45.97
CA THR A 201 -59.51 20.80 46.66
C THR A 201 -58.72 19.89 45.75
N PHE A 202 -59.00 20.00 44.46
CA PHE A 202 -58.32 19.13 43.51
C PHE A 202 -56.85 19.45 43.36
N ASP A 203 -56.04 18.42 43.24
CA ASP A 203 -54.61 18.60 43.05
C ASP A 203 -54.35 18.37 41.54
N PRO A 204 -53.54 19.23 40.87
CA PRO A 204 -53.28 18.87 39.46
C PRO A 204 -52.59 17.52 39.31
N ALA A 205 -51.82 17.09 40.32
CA ALA A 205 -51.20 15.78 40.27
C ALA A 205 -52.23 14.65 40.34
N LEU A 206 -53.47 14.97 40.70
CA LEU A 206 -54.51 13.94 40.72
C LEU A 206 -54.70 13.35 39.32
N GLU A 207 -55.00 12.07 39.29
CA GLU A 207 -55.28 11.40 38.02
C GLU A 207 -56.35 12.28 37.37
N ALA A 208 -56.34 12.31 36.03
CA ALA A 208 -57.33 13.10 35.32
C ALA A 208 -58.53 12.17 35.17
N GLY A 209 -59.65 12.75 34.78
CA GLY A 209 -60.85 11.95 34.58
C GLY A 209 -62.09 12.81 34.60
N PHE A 210 -63.22 12.13 34.76
CA PHE A 210 -64.51 12.81 34.75
C PHE A 210 -64.80 13.43 36.11
N VAL A 211 -65.64 14.46 36.11
CA VAL A 211 -66.11 15.11 37.33
C VAL A 211 -67.62 15.22 37.26
N ILE A 212 -68.29 14.84 38.34
CA ILE A 212 -69.75 14.78 38.38
C ILE A 212 -70.24 15.33 39.71
N ALA A 213 -71.36 16.05 39.68
CA ALA A 213 -72.04 16.54 40.89
C ALA A 213 -73.52 16.21 40.80
N PRO A 214 -73.86 14.91 40.78
CA PRO A 214 -75.27 14.53 40.61
C PRO A 214 -76.17 15.03 41.71
N GLU A 215 -75.72 14.97 42.97
CA GLU A 215 -76.55 15.48 44.06
C GLU A 215 -76.82 16.96 43.89
N ALA A 216 -75.78 17.74 43.56
CA ALA A 216 -75.96 19.18 43.37
C ALA A 216 -76.95 19.46 42.25
N PHE A 217 -76.79 18.78 41.11
CA PHE A 217 -77.67 19.06 39.99
C PHE A 217 -79.09 18.60 40.24
N SER A 218 -79.29 17.54 41.02
CA SER A 218 -80.64 17.08 41.32
C SER A 218 -81.32 17.96 42.36
N THR A 219 -80.56 18.53 43.29
CA THR A 219 -81.15 19.26 44.42
C THR A 219 -81.28 20.75 44.16
N PHE A 220 -80.24 21.39 43.62
CA PHE A 220 -80.20 22.84 43.57
C PHE A 220 -81.15 23.38 42.50
N THR A 221 -81.32 24.70 42.51
CA THR A 221 -82.24 25.39 41.62
C THR A 221 -81.51 25.80 40.34
N LYS A 222 -82.16 26.64 39.52
CA LYS A 222 -81.60 26.99 38.21
C LYS A 222 -80.32 27.81 38.37
N SER A 223 -80.38 28.88 39.16
CA SER A 223 -79.22 29.75 39.31
C SER A 223 -78.05 29.01 39.96
N ASP A 224 -78.33 28.23 41.00
CA ASP A 224 -77.27 27.47 41.66
C ASP A 224 -76.68 26.41 40.74
N ARG A 225 -77.53 25.75 39.95
CA ARG A 225 -77.01 24.79 38.98
C ARG A 225 -76.13 25.48 37.94
N LEU A 226 -76.52 26.66 37.49
CA LEU A 226 -75.67 27.42 36.57
C LEU A 226 -74.34 27.76 37.21
N SER A 227 -74.35 28.19 38.48
CA SER A 227 -73.11 28.52 39.16
C SER A 227 -72.20 27.30 39.27
N ILE A 228 -72.77 26.14 39.61
CA ILE A 228 -71.97 24.93 39.76
C ILE A 228 -71.43 24.49 38.41
N GLN A 229 -72.23 24.63 37.35
CA GLN A 229 -71.76 24.30 36.01
C GLN A 229 -70.59 25.21 35.61
N VAL A 230 -70.70 26.50 35.94
CA VAL A 230 -69.60 27.43 35.65
C VAL A 230 -68.35 27.02 36.42
N ALA A 231 -68.52 26.62 37.68
CA ALA A 231 -67.38 26.18 38.47
C ALA A 231 -66.72 24.96 37.84
N LEU A 232 -67.53 23.98 37.42
CA LEU A 232 -66.98 22.79 36.79
C LEU A 232 -66.29 23.13 35.47
N GLU A 233 -66.88 24.03 34.69
CA GLU A 233 -66.27 24.42 33.43
C GLU A 233 -64.91 25.08 33.66
N ASN A 234 -64.84 26.00 34.62
CA ASN A 234 -63.57 26.64 34.93
C ASN A 234 -62.54 25.63 35.42
N LEU A 235 -62.97 24.70 36.27
CA LEU A 235 -62.06 23.66 36.75
C LEU A 235 -61.50 22.85 35.60
N CYS A 236 -62.37 22.35 34.73
CA CYS A 236 -61.93 21.45 33.66
C CYS A 236 -61.10 22.19 32.63
N SER A 237 -61.45 23.44 32.31
CA SER A 237 -60.71 24.20 31.30
C SER A 237 -59.50 24.91 31.88
N ALA A 238 -59.29 24.83 33.19
CA ALA A 238 -58.08 25.40 33.77
C ALA A 238 -56.85 24.75 33.16
N TYR A 239 -55.83 25.56 32.91
CA TYR A 239 -54.64 25.09 32.22
C TYR A 239 -53.89 24.00 32.98
N ARG A 240 -54.23 23.77 34.25
CA ARG A 240 -53.55 22.74 35.03
C ARG A 240 -54.30 21.41 35.06
N TYR A 241 -55.61 21.40 34.80
CA TYR A 241 -56.38 20.16 34.85
C TYR A 241 -56.64 19.58 33.46
N GLN A 242 -57.32 20.33 32.59
CA GLN A 242 -57.77 19.82 31.30
C GLN A 242 -58.51 18.48 31.49
N TRP A 243 -59.60 18.55 32.23
CA TRP A 243 -60.46 17.40 32.52
C TRP A 243 -61.78 17.54 31.76
N ALA A 244 -62.69 16.60 32.01
CA ALA A 244 -64.02 16.60 31.40
C ALA A 244 -65.08 16.52 32.49
N ALA A 245 -66.16 17.28 32.31
CA ALA A 245 -67.25 17.33 33.25
C ALA A 245 -68.54 16.85 32.58
N LEU A 246 -69.33 16.07 33.33
CA LEU A 246 -70.61 15.56 32.86
C LEU A 246 -71.71 16.28 33.63
N ILE A 247 -72.47 17.11 32.93
CA ILE A 247 -73.57 17.88 33.50
C ILE A 247 -74.84 17.04 33.40
N ASP A 248 -75.56 16.93 34.51
CA ASP A 248 -76.88 16.33 34.53
C ASP A 248 -77.93 17.44 34.49
N SER A 249 -79.10 17.11 33.97
CA SER A 249 -80.20 18.06 34.00
C SER A 249 -80.68 18.25 35.44
N GLY A 250 -81.48 19.30 35.64
CA GLY A 250 -82.10 19.50 36.93
C GLY A 250 -83.05 18.36 37.24
N ALA A 251 -83.78 18.53 38.33
CA ALA A 251 -84.82 17.57 38.68
C ALA A 251 -85.82 17.49 37.54
N MET A 252 -86.27 16.26 37.24
CA MET A 252 -87.16 16.06 36.10
C MET A 252 -88.42 16.90 36.23
N SER A 253 -88.97 16.99 37.43
CA SER A 253 -90.17 17.81 37.64
C SER A 253 -89.94 19.24 37.18
N GLU A 254 -88.71 19.74 37.28
CA GLU A 254 -88.39 21.06 36.76
C GLU A 254 -88.12 21.01 35.26
N ILE A 255 -87.10 20.25 34.86
CA ILE A 255 -86.80 20.06 33.42
C ILE A 255 -87.58 18.82 33.00
N SER A 256 -88.87 19.01 32.75
CA SER A 256 -89.75 17.91 32.39
C SER A 256 -89.49 17.41 30.97
N ASN A 257 -89.18 18.31 30.03
CA ASN A 257 -89.14 17.95 28.62
C ASN A 257 -87.83 18.40 27.95
N THR A 258 -87.66 17.94 26.71
CA THR A 258 -86.43 18.19 25.96
C THR A 258 -86.27 19.67 25.63
N ASP A 259 -87.38 20.40 25.46
CA ASP A 259 -87.25 21.84 25.22
C ASP A 259 -86.65 22.55 26.42
N ARG A 260 -87.11 22.18 27.63
CA ARG A 260 -86.52 22.75 28.84
C ARG A 260 -85.07 22.33 28.99
N ALA A 261 -84.76 21.08 28.66
CA ALA A 261 -83.36 20.63 28.68
C ALA A 261 -82.52 21.46 27.73
N ILE A 262 -83.05 21.76 26.54
CA ILE A 262 -82.32 22.55 25.56
C ILE A 262 -82.10 23.96 26.09
N ALA A 263 -83.12 24.54 26.73
CA ALA A 263 -82.95 25.89 27.28
C ALA A 263 -81.85 25.91 28.34
N GLU A 264 -81.85 24.91 29.23
CA GLU A 264 -80.81 24.85 30.27
C GLU A 264 -79.43 24.67 29.66
N ALA A 265 -79.31 23.78 28.66
CA ALA A 265 -78.03 23.57 28.01
C ALA A 265 -77.56 24.84 27.31
N ALA A 266 -78.48 25.56 26.66
CA ALA A 266 -78.12 26.81 26.02
C ALA A 266 -77.61 27.82 27.03
N THR A 267 -78.25 27.90 28.20
CA THR A 267 -77.71 28.74 29.25
C THR A 267 -76.31 28.31 29.65
N TYR A 268 -76.06 27.01 29.71
CA TYR A 268 -74.72 26.50 30.00
C TYR A 268 -73.77 26.79 28.84
N ASN A 269 -72.52 27.09 29.20
CA ASN A 269 -71.49 27.43 28.22
C ASN A 269 -70.23 26.62 28.47
N SER A 270 -69.63 26.12 27.38
CA SER A 270 -68.33 25.45 27.44
C SER A 270 -67.65 25.69 26.10
N VAL A 271 -66.76 26.68 26.06
CA VAL A 271 -66.21 27.13 24.78
C VAL A 271 -65.38 26.03 24.14
N GLN A 272 -64.48 25.42 24.90
CA GLN A 272 -63.62 24.36 24.39
C GLN A 272 -64.21 22.97 24.58
N GLY A 273 -65.49 22.89 24.95
CA GLY A 273 -66.16 21.61 25.03
C GLY A 273 -65.71 20.73 26.18
N HIS A 274 -65.36 21.33 27.33
CA HIS A 274 -64.95 20.55 28.48
C HIS A 274 -66.13 19.99 29.26
N CYS A 275 -67.35 20.44 28.98
CA CYS A 275 -68.54 19.99 29.68
C CYS A 275 -69.52 19.38 28.68
N SER A 276 -70.15 18.28 29.06
CA SER A 276 -71.13 17.63 28.18
C SER A 276 -72.46 17.50 28.89
N TYR A 277 -73.54 17.92 28.25
CA TYR A 277 -74.85 17.89 28.89
C TYR A 277 -75.61 16.60 28.68
N TYR A 278 -76.20 16.07 29.74
CA TYR A 278 -77.01 14.86 29.62
C TYR A 278 -78.36 15.21 30.24
N TYR A 279 -79.40 14.47 29.90
CA TYR A 279 -80.73 14.85 30.38
C TYR A 279 -81.64 13.78 31.03
N PRO A 280 -82.02 12.71 30.29
CA PRO A 280 -82.99 11.79 30.92
C PRO A 280 -82.44 11.08 32.14
N TYR A 281 -83.15 11.17 33.26
CA TYR A 281 -82.70 10.50 34.47
C TYR A 281 -82.90 9.01 34.35
N LEU A 282 -82.29 8.27 35.27
CA LEU A 282 -82.34 6.83 35.19
C LEU A 282 -83.14 6.21 36.31
N ILE A 283 -84.30 5.66 35.95
CA ILE A 283 -85.09 4.96 36.94
C ILE A 283 -84.37 3.66 37.18
N ASN A 284 -83.76 3.53 38.34
CA ASN A 284 -83.01 2.32 38.63
C ASN A 284 -83.91 1.17 39.02
N LEU A 285 -83.32 0.03 39.37
CA LEU A 285 -84.11 -1.11 39.77
C LEU A 285 -84.90 -0.87 41.04
N ASP A 286 -84.49 0.11 41.84
CA ASP A 286 -85.21 0.46 43.06
C ASP A 286 -86.20 1.59 42.82
N ASP A 287 -86.71 1.72 41.60
CA ASP A 287 -87.72 2.73 41.26
C ASP A 287 -87.48 4.17 41.70
N GLN A 288 -86.33 4.74 41.36
CA GLN A 288 -86.08 6.15 41.65
C GLN A 288 -85.26 6.79 40.55
N GLN A 289 -85.55 8.04 40.23
CA GLN A 289 -84.84 8.72 39.15
C GLN A 289 -83.46 9.16 39.58
N VAL A 290 -82.44 8.52 39.04
CA VAL A 290 -81.07 8.85 39.39
C VAL A 290 -80.39 9.66 38.24
N PRO A 291 -79.62 10.76 38.54
CA PRO A 291 -79.00 11.44 37.40
C PRO A 291 -78.11 10.48 36.64
N PRO A 292 -78.01 10.63 35.31
CA PRO A 292 -77.30 9.64 34.50
C PRO A 292 -75.79 9.80 34.47
N SER A 293 -75.24 10.85 35.09
CA SER A 293 -73.81 11.13 34.94
C SER A 293 -72.96 10.00 35.50
N ALA A 294 -73.33 9.47 36.67
CA ALA A 294 -72.52 8.41 37.28
C ALA A 294 -72.49 7.17 36.40
N ALA A 295 -73.64 6.75 35.89
CA ALA A 295 -73.70 5.58 35.01
C ALA A 295 -72.93 5.84 33.72
N VAL A 296 -73.05 7.05 33.18
CA VAL A 296 -72.32 7.38 31.96
C VAL A 296 -70.82 7.30 32.19
N ALA A 297 -70.35 7.83 33.31
CA ALA A 297 -68.92 7.78 33.61
C ALA A 297 -68.45 6.35 33.79
N GLY A 298 -69.22 5.53 34.52
CA GLY A 298 -68.83 4.14 34.69
C GLY A 298 -68.74 3.40 33.38
N MET A 299 -69.76 3.55 32.53
CA MET A 299 -69.74 2.91 31.23
C MET A 299 -68.61 3.45 30.36
N ALA A 300 -68.28 4.74 30.51
CA ALA A 300 -67.16 5.32 29.76
C ALA A 300 -65.85 4.65 30.15
N LEU A 301 -65.62 4.47 31.45
CA LEU A 301 -64.40 3.80 31.89
C LEU A 301 -64.37 2.35 31.41
N TYR A 302 -65.51 1.65 31.49
CA TYR A 302 -65.56 0.28 31.00
C TYR A 302 -65.23 0.21 29.52
N ARG A 303 -65.80 1.11 28.72
CA ARG A 303 -65.53 1.11 27.29
C ARG A 303 -64.08 1.49 27.01
N PHE A 304 -63.50 2.39 27.80
CA PHE A 304 -62.09 2.71 27.63
C PHE A 304 -61.23 1.48 27.83
N VAL A 305 -61.54 0.69 28.87
CA VAL A 305 -60.75 -0.51 29.12
C VAL A 305 -60.96 -1.54 28.01
N ILE A 306 -62.19 -1.70 27.53
CA ILE A 306 -62.49 -2.78 26.60
C ILE A 306 -62.08 -2.42 25.18
N ASP A 307 -62.71 -1.38 24.61
CA ASP A 307 -62.42 -0.99 23.23
C ASP A 307 -61.20 -0.09 23.12
N GLY A 308 -61.19 1.03 23.84
CA GLY A 308 -60.10 1.98 23.77
C GLY A 308 -60.52 3.37 24.19
N PHE A 309 -59.56 4.27 24.34
CA PHE A 309 -59.84 5.62 24.81
C PHE A 309 -60.32 6.55 23.70
N ALA A 310 -60.22 6.13 22.43
CA ALA A 310 -60.74 6.95 21.34
C ALA A 310 -62.23 6.78 21.14
N GLU A 311 -62.83 5.73 21.70
CA GLU A 311 -64.27 5.52 21.55
C GLU A 311 -65.03 6.33 22.59
N PRO A 312 -66.16 6.93 22.22
CA PRO A 312 -66.90 7.76 23.17
C PRO A 312 -67.88 6.93 23.97
N PRO A 313 -68.38 7.46 25.09
CA PRO A 313 -69.40 6.73 25.88
C PRO A 313 -70.79 6.79 25.26
N ALA A 314 -71.01 5.92 24.29
CA ALA A 314 -72.29 5.85 23.57
C ALA A 314 -72.30 4.56 22.77
N GLY A 315 -73.39 4.33 22.06
CA GLY A 315 -73.55 3.15 21.23
C GLY A 315 -74.48 2.14 21.85
N VAL A 316 -74.90 1.19 21.01
CA VAL A 316 -75.85 0.16 21.43
C VAL A 316 -75.16 -1.05 22.06
N ASN A 317 -73.86 -1.21 21.87
CA ASN A 317 -73.13 -2.35 22.42
C ASN A 317 -72.60 -2.08 23.82
N PHE A 318 -72.88 -0.92 24.39
CA PHE A 318 -72.49 -0.58 25.76
C PHE A 318 -73.70 0.00 26.48
N PRO A 319 -74.74 -0.80 26.69
CA PRO A 319 -75.93 -0.30 27.39
C PRO A 319 -75.67 -0.08 28.87
N LEU A 320 -76.47 0.80 29.46
CA LEU A 320 -76.35 1.07 30.89
C LEU A 320 -76.89 -0.10 31.70
N LYS A 321 -76.39 -0.23 32.92
CA LYS A 321 -76.75 -1.32 33.81
C LYS A 321 -77.20 -0.77 35.15
N GLY A 322 -77.91 -1.60 35.91
CA GLY A 322 -78.48 -1.16 37.17
C GLY A 322 -79.69 -0.26 37.00
N VAL A 323 -80.29 -0.23 35.82
CA VAL A 323 -81.43 0.61 35.53
C VAL A 323 -82.49 -0.23 34.82
N LYS A 324 -83.75 0.16 35.01
CA LYS A 324 -84.86 -0.53 34.37
C LYS A 324 -85.59 0.33 33.34
N ASN A 325 -85.38 1.64 33.32
CA ASN A 325 -86.03 2.51 32.35
C ASN A 325 -85.45 3.90 32.48
N VAL A 326 -85.84 4.78 31.56
CA VAL A 326 -85.53 6.19 31.64
C VAL A 326 -86.73 6.91 32.23
N ALA A 327 -86.51 8.13 32.72
CA ALA A 327 -87.58 8.92 33.31
C ALA A 327 -88.35 9.73 32.28
N TYR A 328 -87.98 9.65 31.01
CA TYR A 328 -88.67 10.38 29.95
C TYR A 328 -88.30 9.76 28.62
N LYS A 329 -89.28 9.70 27.71
CA LYS A 329 -89.09 9.09 26.40
C LYS A 329 -88.86 10.21 25.39
N VAL A 330 -87.61 10.34 24.94
CA VAL A 330 -87.23 11.39 24.00
C VAL A 330 -87.58 10.94 22.60
N THR A 331 -88.33 11.78 21.88
CA THR A 331 -88.72 11.45 20.51
C THR A 331 -87.61 11.78 19.53
N TRP A 332 -87.72 11.19 18.34
CA TRP A 332 -86.66 11.34 17.33
C TRP A 332 -86.51 12.81 16.92
N GLU A 333 -87.63 13.52 16.76
CA GLU A 333 -87.55 14.92 16.34
C GLU A 333 -86.98 15.79 17.45
N GLU A 334 -87.40 15.54 18.70
CA GLU A 334 -86.80 16.25 19.83
C GLU A 334 -85.30 16.06 19.84
N GLN A 335 -84.85 14.82 19.65
CA GLN A 335 -83.41 14.57 19.61
C GLN A 335 -82.76 15.25 18.42
N ASN A 336 -83.43 15.25 17.26
CA ASN A 336 -82.87 15.89 16.08
C ASN A 336 -82.64 17.37 16.32
N VAL A 337 -83.52 18.01 17.09
CA VAL A 337 -83.33 19.42 17.39
C VAL A 337 -82.36 19.64 18.55
N ALA A 338 -82.23 18.67 19.45
CA ALA A 338 -81.43 18.85 20.66
C ALA A 338 -79.95 18.51 20.45
N ASN A 339 -79.66 17.39 19.80
CA ASN A 339 -78.28 16.93 19.64
C ASN A 339 -77.38 17.99 19.04
N PRO A 340 -77.76 18.71 17.97
CA PRO A 340 -76.90 19.79 17.47
C PRO A 340 -76.68 20.89 18.50
N GLU A 341 -77.54 21.01 19.50
CA GLU A 341 -77.40 22.01 20.55
C GLU A 341 -76.57 21.52 21.73
N GLY A 342 -76.03 20.31 21.66
CA GLY A 342 -75.17 19.80 22.70
C GLY A 342 -75.85 19.00 23.79
N VAL A 343 -77.09 18.57 23.58
CA VAL A 343 -77.81 17.74 24.54
C VAL A 343 -77.68 16.29 24.11
N ASN A 344 -77.07 15.48 24.96
CA ASN A 344 -76.89 14.05 24.68
C ASN A 344 -78.01 13.28 25.36
N CYS A 345 -78.79 12.57 24.56
CA CYS A 345 -79.98 11.88 25.05
C CYS A 345 -79.65 10.45 25.46
N ILE A 346 -80.42 9.92 26.40
CA ILE A 346 -80.35 8.52 26.80
C ILE A 346 -81.70 7.89 26.47
N LEU A 347 -81.67 6.76 25.78
CA LEU A 347 -82.86 6.17 25.21
C LEU A 347 -83.03 4.73 25.68
N ASN A 348 -84.30 4.31 25.78
CA ASN A 348 -84.66 2.93 26.10
C ASN A 348 -85.00 2.25 24.78
N LYS A 349 -83.99 1.64 24.16
CA LYS A 349 -84.17 0.97 22.88
C LYS A 349 -84.54 -0.49 23.11
N GLU A 350 -85.60 -0.95 22.46
CA GLU A 350 -85.93 -2.36 22.49
C GLU A 350 -84.82 -3.16 21.83
N ASN A 351 -84.50 -4.31 22.43
CA ASN A 351 -83.48 -5.25 21.99
C ASN A 351 -82.06 -4.78 22.34
N TYR A 352 -81.89 -3.59 22.92
CA TYR A 352 -80.59 -3.11 23.34
C TYR A 352 -80.53 -2.72 24.80
N GLY A 353 -81.60 -2.15 25.36
CA GLY A 353 -81.59 -1.68 26.74
C GLY A 353 -81.51 -0.17 26.82
N ILE A 354 -80.90 0.33 27.90
CA ILE A 354 -80.71 1.76 28.08
C ILE A 354 -79.36 2.14 27.49
N VAL A 355 -79.37 3.01 26.49
CA VAL A 355 -78.16 3.36 25.75
C VAL A 355 -78.08 4.86 25.57
N VAL A 356 -76.88 5.40 25.72
CA VAL A 356 -76.62 6.81 25.42
C VAL A 356 -76.52 6.96 23.91
N TRP A 357 -77.33 7.85 23.34
CA TRP A 357 -77.37 8.08 21.91
C TRP A 357 -76.88 9.50 21.57
N GLY A 358 -75.83 9.94 22.25
CA GLY A 358 -75.24 11.24 21.99
C GLY A 358 -73.82 11.31 22.48
N ALA A 359 -72.94 11.93 21.69
CA ALA A 359 -71.53 12.06 22.04
C ALA A 359 -71.01 13.46 21.75
N ARG A 360 -71.87 14.47 21.88
CA ARG A 360 -71.50 15.85 21.58
C ARG A 360 -71.27 16.63 22.86
N THR A 361 -70.44 17.66 22.76
CA THR A 361 -70.14 18.55 23.87
C THR A 361 -71.04 19.77 23.82
N LEU A 362 -70.78 20.74 24.68
CA LEU A 362 -71.49 22.00 24.68
C LEU A 362 -70.77 23.09 23.88
N SER A 363 -69.66 22.74 23.24
CA SER A 363 -68.90 23.73 22.47
C SER A 363 -69.61 24.09 21.18
N ALA A 364 -69.46 25.35 20.79
CA ALA A 364 -69.86 25.80 19.46
C ALA A 364 -68.74 25.65 18.44
N ASP A 365 -67.55 25.27 18.87
CA ASP A 365 -66.43 25.08 17.97
C ASP A 365 -66.63 23.80 17.17
N PRO A 366 -66.65 23.83 15.83
CA PRO A 366 -66.86 22.59 15.08
C PRO A 366 -65.75 21.57 15.25
N ASN A 367 -64.56 21.99 15.71
CA ASN A 367 -63.43 21.08 15.82
C ASN A 367 -63.45 20.24 17.08
N ILE A 368 -64.24 20.62 18.10
CA ILE A 368 -64.33 19.87 19.35
C ILE A 368 -65.78 19.47 19.57
N VAL A 369 -66.50 19.20 18.48
CA VAL A 369 -67.92 18.88 18.59
C VAL A 369 -68.12 17.66 19.48
N PHE A 370 -67.31 16.62 19.26
CA PHE A 370 -67.51 15.33 19.92
C PHE A 370 -66.70 15.24 21.21
N ILE A 371 -67.30 14.61 22.22
CA ILE A 371 -66.63 14.42 23.50
C ILE A 371 -65.38 13.57 23.34
N SER A 372 -65.35 12.70 22.33
CA SER A 372 -64.18 11.86 22.11
C SER A 372 -62.94 12.69 21.83
N THR A 373 -63.08 13.74 21.01
CA THR A 373 -61.94 14.61 20.72
C THR A 373 -61.47 15.31 21.98
N ARG A 374 -62.40 15.81 22.79
CA ARG A 374 -62.02 16.45 24.05
C ARG A 374 -61.26 15.48 24.94
N ILE A 375 -61.75 14.24 25.04
CA ILE A 375 -61.09 13.25 25.90
C ILE A 375 -59.70 12.91 25.34
N ILE A 376 -59.56 12.84 24.03
CA ILE A 376 -58.26 12.52 23.43
C ILE A 376 -57.27 13.62 23.74
N LEU A 377 -57.69 14.88 23.56
CA LEU A 377 -56.80 16.00 23.86
C LEU A 377 -56.44 16.03 25.34
N ASN A 378 -57.41 15.76 26.22
CA ASN A 378 -57.14 15.73 27.65
C ASN A 378 -56.16 14.63 28.00
N ILE A 379 -56.32 13.46 27.36
CA ILE A 379 -55.41 12.35 27.62
C ILE A 379 -53.99 12.71 27.20
N VAL A 380 -53.84 13.32 26.02
CA VAL A 380 -52.51 13.74 25.57
C VAL A 380 -51.91 14.72 26.57
N ILE A 381 -52.68 15.74 26.95
CA ILE A 381 -52.15 16.78 27.83
C ILE A 381 -51.76 16.19 29.18
N ASN A 382 -52.60 15.33 29.74
CA ASN A 382 -52.34 14.80 31.08
C ASN A 382 -51.19 13.80 31.07
N THR A 383 -51.10 12.99 30.02
CA THR A 383 -49.94 12.11 29.87
C THR A 383 -48.66 12.94 29.86
N LEU A 384 -48.64 14.00 29.06
CA LEU A 384 -47.45 14.83 28.99
C LEU A 384 -47.14 15.50 30.32
N ASN A 385 -48.16 15.98 31.02
CA ASN A 385 -47.95 16.65 32.30
C ASN A 385 -47.39 15.69 33.34
N ARG A 386 -47.96 14.48 33.43
CA ARG A 386 -47.45 13.49 34.37
C ARG A 386 -46.03 13.08 34.01
N GLY A 387 -45.74 12.98 32.71
CA GLY A 387 -44.37 12.69 32.31
C GLY A 387 -43.39 13.76 32.72
N TYR A 388 -43.79 15.04 32.56
CA TYR A 388 -42.88 16.14 32.84
C TYR A 388 -42.79 16.45 34.33
N ASP A 389 -43.73 15.96 35.14
CA ASP A 389 -43.63 16.15 36.58
C ASP A 389 -42.28 15.70 37.11
N PHE A 390 -41.72 14.63 36.55
CA PHE A 390 -40.39 14.18 36.95
C PHE A 390 -39.31 15.14 36.45
N ASP A 391 -39.54 15.85 35.35
CA ASP A 391 -38.56 16.81 34.84
C ASP A 391 -38.58 18.12 35.62
N ILE A 392 -39.69 18.44 36.28
CA ILE A 392 -39.75 19.67 37.06
C ILE A 392 -38.71 19.62 38.17
N PHE A 393 -38.10 20.77 38.46
CA PHE A 393 -37.07 20.89 39.49
C PHE A 393 -35.82 20.07 39.13
N ASN A 394 -35.36 20.19 37.89
CA ASN A 394 -34.14 19.57 37.44
C ASN A 394 -33.14 20.63 37.00
N SER A 395 -31.89 20.48 37.42
CA SER A 395 -30.86 21.43 37.05
C SER A 395 -30.69 21.48 35.54
N VAL A 396 -30.60 22.70 35.01
CA VAL A 396 -30.36 22.91 33.59
C VAL A 396 -28.85 23.11 33.46
N GLY A 397 -28.14 22.01 33.25
CA GLY A 397 -26.70 22.06 33.14
C GLY A 397 -26.24 22.89 31.95
N GLY A 398 -24.92 22.89 31.77
CA GLY A 398 -24.34 23.68 30.68
C GLY A 398 -24.79 23.22 29.31
N THR A 399 -24.83 21.91 29.10
CA THR A 399 -25.19 21.38 27.80
C THR A 399 -26.62 21.74 27.39
N ALA A 400 -27.49 22.01 28.36
CA ALA A 400 -28.93 22.14 28.10
C ALA A 400 -29.48 20.85 27.49
N THR A 401 -28.88 19.71 27.83
CA THR A 401 -29.33 18.42 27.33
C THR A 401 -30.72 18.05 27.84
N VAL A 402 -31.19 18.74 28.89
CA VAL A 402 -32.50 18.41 29.45
C VAL A 402 -33.60 18.71 28.44
N LEU A 403 -33.43 19.76 27.63
CA LEU A 403 -34.44 20.06 26.61
C LEU A 403 -34.52 18.96 25.56
N ASP A 404 -33.37 18.48 25.09
CA ASP A 404 -33.37 17.36 24.14
C ASP A 404 -33.97 16.11 24.77
N ASN A 405 -33.65 15.86 26.03
CA ASN A 405 -34.25 14.72 26.73
C ASN A 405 -35.76 14.87 26.83
N ILE A 406 -36.24 16.08 27.07
CA ILE A 406 -37.68 16.32 27.15
C ILE A 406 -38.33 16.06 25.81
N GLN A 407 -37.71 16.52 24.72
CA GLN A 407 -38.23 16.23 23.40
C GLN A 407 -38.29 14.72 23.15
N ARG A 408 -37.24 14.01 23.58
CA ARG A 408 -37.22 12.56 23.41
C ARG A 408 -38.39 11.92 24.15
N LYS A 409 -38.59 12.33 25.40
CA LYS A 409 -39.65 11.78 26.23
C LYS A 409 -41.01 12.07 25.64
N THR A 410 -41.21 13.28 25.12
CA THR A 410 -42.45 13.63 24.45
C THR A 410 -42.70 12.71 23.26
N ASN A 411 -41.64 12.46 22.47
CA ASN A 411 -41.79 11.59 21.31
C ASN A 411 -42.23 10.20 21.73
N THR A 412 -41.57 9.62 22.74
CA THR A 412 -41.92 8.27 23.15
C THR A 412 -43.33 8.22 23.73
N LEU A 413 -43.74 9.26 24.46
CA LEU A 413 -45.07 9.28 25.08
C LEU A 413 -46.15 9.34 24.02
N LEU A 414 -45.96 10.23 23.05
CA LEU A 414 -46.96 10.38 22.02
C LEU A 414 -46.94 9.22 21.04
N THR A 415 -45.81 8.53 20.93
CA THR A 415 -45.74 7.36 20.08
C THR A 415 -46.65 6.29 20.66
N THR A 416 -46.57 6.08 21.97
CA THR A 416 -47.43 5.10 22.62
C THR A 416 -48.90 5.48 22.53
N LEU A 417 -49.21 6.78 22.48
CA LEU A 417 -50.60 7.21 22.31
C LEU A 417 -51.06 6.92 20.90
N TYR A 418 -50.16 6.99 19.93
CA TYR A 418 -50.50 6.66 18.56
C TYR A 418 -50.70 5.16 18.45
N GLN A 419 -49.87 4.40 19.15
CA GLN A 419 -49.97 2.94 19.12
C GLN A 419 -51.24 2.51 19.84
N ALA A 420 -51.71 3.31 20.79
CA ALA A 420 -52.98 3.01 21.45
C ALA A 420 -54.06 3.30 20.43
N GLY A 421 -53.87 4.36 19.64
CA GLY A 421 -54.82 4.65 18.58
C GLY A 421 -55.60 5.93 18.73
N LEU A 422 -55.06 6.92 19.44
CA LEU A 422 -55.86 8.12 19.66
C LEU A 422 -55.90 9.06 18.47
N PHE A 423 -54.99 8.92 17.50
CA PHE A 423 -54.84 9.88 16.42
C PHE A 423 -55.32 9.28 15.10
N TYR A 424 -55.35 10.13 14.07
CA TYR A 424 -55.76 9.73 12.73
C TYR A 424 -54.54 9.64 11.81
N GLY A 425 -54.58 8.69 10.89
CA GLY A 425 -53.53 8.57 9.88
C GLY A 425 -52.99 7.16 9.72
N GLN A 426 -51.87 7.04 9.01
CA GLN A 426 -51.22 5.75 8.85
C GLN A 426 -49.80 5.74 9.41
N THR A 427 -49.29 6.91 9.80
CA THR A 427 -47.95 7.03 10.37
C THR A 427 -47.91 8.12 11.44
N THR A 428 -46.90 8.02 12.31
CA THR A 428 -46.71 9.03 13.34
C THR A 428 -46.54 10.42 12.72
N SER A 429 -45.94 10.48 11.53
CA SER A 429 -45.79 11.76 10.85
C SER A 429 -47.12 12.44 10.59
N GLU A 430 -48.15 11.66 10.24
CA GLU A 430 -49.50 12.18 10.10
C GLU A 430 -50.22 12.29 11.43
N ALA A 431 -49.70 11.63 12.47
CA ALA A 431 -50.31 11.67 13.79
C ALA A 431 -49.99 12.95 14.56
N PHE A 432 -48.71 13.20 14.81
CA PHE A 432 -48.33 14.27 15.74
C PHE A 432 -46.95 14.81 15.37
N SER A 433 -46.63 15.95 15.97
CA SER A 433 -45.33 16.58 15.81
C SER A 433 -45.01 17.37 17.07
N VAL A 434 -43.72 17.52 17.36
CA VAL A 434 -43.24 18.13 18.58
C VAL A 434 -42.13 19.13 18.26
N LEU A 435 -42.04 20.18 19.07
CA LEU A 435 -40.97 21.16 18.96
C LEU A 435 -40.65 21.63 20.38
N GLY A 436 -39.55 21.14 20.94
CA GLY A 436 -39.15 21.49 22.28
C GLY A 436 -37.66 21.65 22.45
N ASP A 437 -36.95 21.96 21.37
CA ASP A 437 -35.50 22.08 21.42
C ASP A 437 -35.12 23.40 22.10
N ALA A 438 -33.82 23.68 22.16
CA ALA A 438 -33.34 24.94 22.73
C ALA A 438 -33.54 26.11 21.77
N SER A 439 -33.89 25.85 20.51
CA SER A 439 -34.12 26.93 19.56
C SER A 439 -35.41 27.68 19.86
N VAL A 440 -36.28 27.14 20.70
CA VAL A 440 -37.52 27.79 21.10
C VAL A 440 -37.47 28.25 22.56
N GLN A 441 -36.33 28.09 23.23
CA GLN A 441 -36.17 28.50 24.61
C GLN A 441 -35.39 29.81 24.67
N VAL A 442 -35.98 30.81 25.32
CA VAL A 442 -35.37 32.13 25.50
C VAL A 442 -34.60 32.12 26.81
N PRO A 443 -33.32 32.49 26.82
CA PRO A 443 -32.57 32.48 28.10
C PRO A 443 -33.21 33.35 29.17
N SER A 444 -33.87 34.44 28.79
CA SER A 444 -34.51 35.30 29.78
C SER A 444 -35.57 34.52 30.56
N LEU A 445 -36.33 33.68 29.87
CA LEU A 445 -37.33 32.87 30.54
C LEU A 445 -36.69 31.72 31.32
N LEU A 446 -35.64 31.12 30.76
CA LEU A 446 -34.94 30.06 31.47
C LEU A 446 -34.41 30.55 32.81
N GLN A 447 -33.93 31.79 32.86
CA GLN A 447 -33.46 32.35 34.12
C GLN A 447 -34.58 32.36 35.16
N GLN A 448 -35.82 32.56 34.74
CA GLN A 448 -36.97 32.48 35.63
C GLN A 448 -37.45 31.04 35.85
N GLY A 449 -36.98 30.11 35.03
CA GLY A 449 -37.40 28.72 35.16
C GLY A 449 -38.55 28.33 34.27
N LEU A 450 -38.67 28.92 33.09
CA LEU A 450 -39.76 28.65 32.16
C LEU A 450 -39.25 27.88 30.96
N VAL A 451 -39.99 26.84 30.57
CA VAL A 451 -39.67 26.03 29.40
C VAL A 451 -40.92 25.92 28.55
N ASN A 452 -40.80 26.22 27.26
CA ASN A 452 -41.91 26.18 26.32
C ASN A 452 -41.78 24.97 25.40
N MET A 453 -42.89 24.25 25.24
CA MET A 453 -42.94 23.09 24.36
C MET A 453 -44.17 23.21 23.49
N PHE A 454 -44.03 22.91 22.19
CA PHE A 454 -45.12 23.06 21.24
C PHE A 454 -45.44 21.70 20.64
N ILE A 455 -46.73 21.38 20.55
CA ILE A 455 -47.19 20.06 20.12
C ILE A 455 -48.34 20.23 19.16
N TRP A 456 -48.35 19.40 18.12
CA TRP A 456 -49.46 19.32 17.17
C TRP A 456 -49.93 17.88 17.09
N VAL A 457 -51.26 17.69 17.09
CA VAL A 457 -51.85 16.35 17.05
C VAL A 457 -53.07 16.37 16.15
N VAL A 458 -53.39 15.20 15.60
CA VAL A 458 -54.59 15.01 14.79
C VAL A 458 -55.47 13.99 15.51
N PRO A 459 -56.44 14.41 16.31
CA PRO A 459 -57.25 13.44 17.05
C PRO A 459 -58.12 12.59 16.13
N SER A 460 -58.40 11.37 16.56
CA SER A 460 -59.29 10.49 15.83
C SER A 460 -60.71 11.03 15.87
N THR A 461 -61.47 10.73 14.82
CA THR A 461 -62.88 11.09 14.73
C THR A 461 -63.73 9.86 14.98
N ILE A 462 -65.05 10.03 14.87
CA ILE A 462 -66.01 8.97 15.14
C ILE A 462 -67.05 8.94 14.02
N ILE A 463 -67.87 7.90 14.03
CA ILE A 463 -69.01 7.77 13.14
C ILE A 463 -70.25 8.17 13.91
N GLU A 464 -70.91 9.24 13.47
CA GLU A 464 -72.13 9.72 14.13
C GLU A 464 -73.38 9.26 13.38
N ARG A 465 -73.51 9.63 12.12
CA ARG A 465 -74.64 9.23 11.30
C ARG A 465 -74.13 8.63 10.00
N LEU A 466 -74.73 7.50 9.61
CA LEU A 466 -74.29 6.72 8.46
C LEU A 466 -75.36 6.78 7.38
N ILE A 467 -74.97 7.15 6.17
CA ILE A 467 -75.90 7.40 5.07
C ILE A 467 -75.80 6.27 4.07
N ILE A 468 -76.94 5.69 3.73
CA ILE A 468 -77.04 4.63 2.73
C ILE A 468 -77.69 5.22 1.49
N ASN A 469 -76.94 5.31 0.41
CA ASN A 469 -77.45 5.76 -0.88
C ASN A 469 -77.45 4.56 -1.82
N ILE A 470 -78.61 3.92 -1.98
CA ILE A 470 -78.71 2.67 -2.71
C ILE A 470 -79.67 2.84 -3.87
N LYS A 471 -79.29 2.29 -5.02
CA LYS A 471 -80.01 2.36 -6.28
C LYS A 471 -80.74 1.04 -6.54
N GLN A 472 -81.89 1.15 -7.17
CA GLN A 472 -82.68 -0.01 -7.57
C GLN A 472 -82.63 -0.25 -9.09
N THR A 473 -81.78 -1.18 -9.50
CA THR A 473 -81.58 -1.44 -10.92
C THR A 473 -82.57 -2.44 -11.51
N ALA A 474 -82.73 -2.38 -12.83
CA ALA A 474 -83.52 -3.37 -13.53
C ALA A 474 -82.72 -4.67 -13.66
N ILE A 475 -83.44 -5.73 -14.04
CA ILE A 475 -82.81 -7.04 -14.16
C ILE A 475 -81.94 -7.06 -15.41
N GLY A 476 -80.62 -7.16 -15.21
CA GLY A 476 -79.69 -7.32 -16.32
C GLY A 476 -78.59 -6.28 -16.38
N ASP A 477 -78.86 -5.05 -15.95
CA ASP A 477 -77.93 -3.93 -16.10
C ASP A 477 -77.23 -3.59 -14.78
N LEU A 478 -77.21 -4.53 -13.84
CA LEU A 478 -76.57 -4.29 -12.55
C LEU A 478 -75.11 -3.89 -12.73
N GLU A 479 -74.34 -4.69 -13.47
CA GLU A 479 -72.91 -4.44 -13.59
C GLU A 479 -72.62 -3.13 -14.33
N ALA A 480 -73.41 -2.82 -15.37
CA ALA A 480 -73.17 -1.59 -16.12
C ALA A 480 -73.51 -0.36 -15.29
N THR A 481 -74.66 -0.39 -14.61
CA THR A 481 -75.03 0.73 -13.74
C THR A 481 -73.99 0.91 -12.64
N VAL A 482 -73.51 -0.20 -12.05
CA VAL A 482 -72.51 -0.10 -10.99
C VAL A 482 -71.24 0.51 -11.54
N ALA A 483 -70.80 0.06 -12.71
CA ALA A 483 -69.58 0.62 -13.29
C ALA A 483 -69.70 2.12 -13.48
N LEU A 484 -70.79 2.56 -14.12
CA LEU A 484 -70.96 3.98 -14.40
C LEU A 484 -71.01 4.80 -13.11
N ASP A 485 -71.88 4.41 -12.18
CA ASP A 485 -72.04 5.19 -10.96
C ASP A 485 -70.77 5.19 -10.12
N THR A 486 -70.09 4.04 -10.05
CA THR A 486 -68.86 3.96 -9.28
C THR A 486 -67.78 4.85 -9.88
N ALA A 487 -67.65 4.84 -11.21
CA ALA A 487 -66.67 5.73 -11.84
C ALA A 487 -66.98 7.18 -11.50
N ALA A 488 -68.26 7.58 -11.61
CA ALA A 488 -68.62 8.96 -11.32
C ALA A 488 -68.28 9.32 -9.87
N LEU A 489 -68.69 8.47 -8.92
CA LEU A 489 -68.48 8.77 -7.52
C LEU A 489 -66.99 8.84 -7.19
N GLN A 490 -66.22 7.86 -7.67
CA GLN A 490 -64.80 7.84 -7.36
C GLN A 490 -64.09 9.05 -7.95
N SER A 491 -64.42 9.43 -9.19
CA SER A 491 -63.80 10.61 -9.78
C SER A 491 -64.14 11.87 -8.99
N SER A 492 -65.42 12.02 -8.61
CA SER A 492 -65.83 13.21 -7.87
C SER A 492 -65.10 13.29 -6.53
N VAL A 493 -65.01 12.17 -5.81
CA VAL A 493 -64.30 12.19 -4.54
C VAL A 493 -62.81 12.47 -4.75
N GLU A 494 -62.22 11.87 -5.78
CA GLU A 494 -60.78 12.01 -6.00
C GLU A 494 -60.42 13.46 -6.30
N GLU A 495 -61.20 14.14 -7.14
CA GLU A 495 -60.90 15.54 -7.45
C GLU A 495 -61.82 16.52 -6.74
N GLY A 496 -62.38 16.14 -5.60
CA GLY A 496 -62.87 17.09 -4.61
C GLY A 496 -64.17 17.79 -4.93
N THR A 497 -64.93 17.25 -5.88
CA THR A 497 -66.18 17.87 -6.28
C THR A 497 -67.35 17.08 -5.72
N ALA A 498 -67.05 16.15 -4.82
CA ALA A 498 -68.10 15.35 -4.20
C ALA A 498 -68.95 16.23 -3.29
N THR A 499 -68.30 17.02 -2.46
CA THR A 499 -69.02 17.90 -1.55
C THR A 499 -69.63 19.07 -2.29
N GLU A 500 -69.06 19.42 -3.45
CA GLU A 500 -69.65 20.48 -4.27
C GLU A 500 -71.06 20.07 -4.63
N GLY A 501 -72.04 20.78 -4.07
CA GLY A 501 -73.43 20.45 -4.31
C GLY A 501 -74.26 20.86 -3.13
N THR A 502 -75.56 21.05 -3.35
CA THR A 502 -76.46 21.47 -2.28
C THR A 502 -76.73 20.38 -1.26
N ALA A 503 -77.01 20.77 -0.02
CA ALA A 503 -77.34 19.79 1.00
C ALA A 503 -78.85 19.67 1.10
N PRO A 504 -79.40 18.48 0.83
CA PRO A 504 -80.86 18.30 0.82
C PRO A 504 -81.54 18.64 2.13
N VAL A 505 -82.62 19.42 2.07
CA VAL A 505 -83.39 19.80 3.27
C VAL A 505 -82.52 20.24 4.44
N THR B 2 -16.04 -58.25 48.66
CA THR B 2 -15.47 -57.42 47.61
C THR B 2 -15.98 -57.81 46.24
N ASN B 3 -15.87 -59.11 45.93
CA ASN B 3 -16.15 -59.68 44.62
C ASN B 3 -15.06 -59.36 43.61
N PHE B 4 -13.89 -58.90 44.07
CA PHE B 4 -12.77 -58.57 43.20
C PHE B 4 -11.50 -59.34 43.52
N LEU B 5 -11.31 -59.78 44.77
CA LEU B 5 -10.10 -60.47 45.18
C LEU B 5 -10.27 -61.99 45.25
N ASN B 6 -11.44 -62.50 44.87
CA ASN B 6 -11.72 -63.92 45.04
C ASN B 6 -10.71 -64.78 44.30
N GLY B 7 -10.18 -64.28 43.18
CA GLY B 7 -9.24 -65.05 42.39
C GLY B 7 -7.79 -64.74 42.67
N VAL B 8 -7.52 -63.97 43.72
CA VAL B 8 -6.15 -63.58 44.03
C VAL B 8 -5.33 -64.76 44.56
N ASN B 9 -5.91 -65.57 45.45
CA ASN B 9 -5.21 -66.73 46.02
C ASN B 9 -5.48 -67.99 45.21
N ILE B 10 -5.24 -67.93 43.91
CA ILE B 10 -5.36 -69.09 43.03
C ILE B 10 -4.10 -69.15 42.18
N GLY B 11 -3.42 -70.29 42.20
CA GLY B 11 -2.15 -70.42 41.51
C GLY B 11 -2.28 -70.92 40.08
N THR B 12 -3.29 -71.74 39.81
CA THR B 12 -3.38 -72.35 38.48
C THR B 12 -4.32 -71.54 37.59
N PRO B 13 -4.02 -71.41 36.30
CA PRO B 13 -4.94 -70.72 35.39
C PRO B 13 -6.24 -71.44 35.07
N GLY B 14 -7.22 -70.64 34.63
CA GLY B 14 -8.53 -71.14 34.24
C GLY B 14 -9.61 -70.19 34.68
N ALA B 15 -10.86 -70.67 34.60
CA ALA B 15 -12.02 -69.89 34.96
C ALA B 15 -12.68 -70.47 36.21
N TYR B 16 -13.17 -69.58 37.08
CA TYR B 16 -13.72 -69.97 38.37
C TYR B 16 -14.92 -69.10 38.70
N ALA B 17 -15.77 -69.60 39.59
CA ALA B 17 -16.98 -68.89 40.03
C ALA B 17 -17.12 -68.82 41.54
N PHE B 18 -17.54 -67.66 42.06
CA PHE B 18 -17.59 -67.48 43.50
C PHE B 18 -18.84 -66.72 43.87
N TYR B 19 -19.74 -66.51 42.91
CA TYR B 19 -20.99 -65.76 43.14
C TYR B 19 -20.85 -64.26 43.38
N GLN B 20 -21.93 -63.52 43.14
CA GLN B 20 -21.86 -62.08 43.27
C GLN B 20 -22.54 -61.57 44.52
N THR B 21 -21.80 -60.89 45.39
CA THR B 21 -22.41 -60.29 46.56
C THR B 21 -22.46 -58.78 46.35
N THR B 22 -22.78 -58.04 47.39
CA THR B 22 -22.83 -56.58 47.28
C THR B 22 -21.47 -55.99 47.64
N GLN B 23 -21.12 -54.87 47.02
CA GLN B 23 -19.87 -54.22 47.38
C GLN B 23 -20.06 -53.25 48.52
N SER B 24 -18.98 -52.91 49.21
CA SER B 24 -19.04 -51.98 50.32
C SER B 24 -19.53 -50.63 49.84
N ARG B 25 -19.12 -50.24 48.64
CA ARG B 25 -19.50 -48.94 48.06
C ARG B 25 -19.40 -47.73 49.01
N PRO B 26 -18.19 -47.18 49.14
CA PRO B 26 -18.10 -45.96 49.96
C PRO B 26 -18.75 -44.76 49.29
N ILE B 27 -19.36 -43.88 50.07
CA ILE B 27 -19.95 -42.67 49.51
C ILE B 27 -18.85 -41.65 49.26
N ASN B 28 -19.07 -40.72 48.34
CA ASN B 28 -18.06 -39.72 48.02
C ASN B 28 -17.91 -38.68 49.11
N VAL B 29 -16.74 -38.05 49.16
CA VAL B 29 -16.50 -37.03 50.18
C VAL B 29 -17.21 -35.72 49.82
N GLU B 30 -18.24 -35.37 50.59
CA GLU B 30 -18.99 -34.15 50.33
C GLU B 30 -19.55 -33.56 51.61
N PRO B 31 -19.65 -32.21 51.68
CA PRO B 31 -20.29 -31.62 52.86
C PRO B 31 -21.69 -32.17 53.07
N PHE B 32 -22.05 -32.46 54.32
CA PHE B 32 -23.37 -33.00 54.66
C PHE B 32 -23.66 -34.38 54.10
N ARG B 33 -22.65 -35.24 54.10
CA ARG B 33 -22.85 -36.61 53.68
C ARG B 33 -22.27 -37.38 54.86
N THR B 34 -22.32 -36.77 56.03
CA THR B 34 -21.77 -37.39 57.23
C THR B 34 -22.69 -37.19 58.41
N CYS B 35 -22.39 -37.88 59.51
CA CYS B 35 -23.17 -37.71 60.72
C CYS B 35 -22.25 -38.02 61.89
N TYR B 36 -22.44 -37.33 63.01
CA TYR B 36 -21.58 -37.52 64.17
C TYR B 36 -22.46 -37.80 65.37
N MET B 37 -22.37 -39.01 65.89
CA MET B 37 -23.10 -39.42 67.08
C MET B 37 -22.17 -39.37 68.29
N VAL B 38 -22.53 -38.56 69.28
CA VAL B 38 -21.78 -38.46 70.52
C VAL B 38 -22.43 -39.42 71.51
N GLY B 39 -21.74 -40.50 71.83
CA GLY B 39 -22.29 -41.51 72.72
C GLY B 39 -21.21 -42.03 73.65
N PHE B 40 -21.58 -43.02 74.45
CA PHE B 40 -20.68 -43.59 75.44
C PHE B 40 -20.68 -45.12 75.33
N ALA B 41 -19.49 -45.70 75.48
CA ALA B 41 -19.33 -47.14 75.62
C ALA B 41 -18.30 -47.37 76.72
N SER B 42 -18.57 -48.34 77.59
CA SER B 42 -17.67 -48.57 78.72
C SER B 42 -16.27 -48.91 78.25
N ASN B 43 -16.15 -49.73 77.22
CA ASN B 43 -14.84 -50.01 76.61
C ASN B 43 -14.38 -48.79 75.82
N GLY B 44 -13.48 -48.01 76.43
CA GLY B 44 -13.04 -46.76 75.85
C GLY B 44 -11.96 -46.92 74.79
N VAL B 45 -12.31 -47.59 73.69
CA VAL B 45 -11.34 -47.83 72.63
C VAL B 45 -10.91 -46.52 71.98
N ASN B 46 -11.86 -45.64 71.70
CA ASN B 46 -11.59 -44.42 70.97
C ASN B 46 -12.07 -43.19 71.73
N LYS B 47 -11.72 -43.10 73.00
CA LYS B 47 -12.17 -42.01 73.87
C LYS B 47 -11.95 -40.66 73.20
N ASN B 48 -13.04 -39.93 72.97
CA ASN B 48 -13.00 -38.58 72.41
C ASN B 48 -12.25 -38.55 71.08
N VAL B 49 -12.45 -39.57 70.26
CA VAL B 49 -11.86 -39.62 68.93
C VAL B 49 -12.95 -40.00 67.93
N PRO B 50 -13.44 -39.09 67.11
CA PRO B 50 -14.47 -39.45 66.12
C PRO B 50 -13.95 -40.53 65.19
N THR B 51 -14.58 -41.71 65.26
CA THR B 51 -14.17 -42.87 64.48
C THR B 51 -15.27 -43.26 63.52
N ARG B 52 -14.89 -43.52 62.27
CA ARG B 52 -15.85 -43.95 61.27
C ARG B 52 -16.34 -45.36 61.54
N ILE B 53 -17.62 -45.59 61.32
CA ILE B 53 -18.27 -46.87 61.53
C ILE B 53 -18.78 -47.38 60.20
N SER B 54 -18.41 -48.61 59.85
CA SER B 54 -18.85 -49.21 58.60
C SER B 54 -20.25 -49.79 58.68
N ASN B 55 -20.65 -50.29 59.84
CA ASN B 55 -21.96 -50.93 59.98
C ASN B 55 -22.18 -51.25 61.46
N LEU B 56 -23.38 -51.75 61.76
CA LEU B 56 -23.73 -52.10 63.13
C LEU B 56 -22.81 -53.17 63.68
N THR B 57 -22.42 -54.14 62.84
CA THR B 57 -21.51 -55.18 63.28
C THR B 57 -20.16 -54.59 63.70
N ASP B 58 -19.63 -53.66 62.90
CA ASP B 58 -18.38 -53.02 63.27
C ASP B 58 -18.54 -52.22 64.55
N PHE B 59 -19.66 -51.51 64.71
CA PHE B 59 -19.90 -50.76 65.94
C PHE B 59 -19.88 -51.68 67.14
N THR B 60 -20.60 -52.80 67.06
CA THR B 60 -20.64 -53.73 68.18
C THR B 60 -19.26 -54.33 68.45
N ASN B 61 -18.53 -54.69 67.39
CA ASN B 61 -17.21 -55.29 67.57
C ASN B 61 -16.26 -54.33 68.28
N VAL B 62 -16.28 -53.06 67.89
CA VAL B 62 -15.33 -52.11 68.47
C VAL B 62 -15.78 -51.68 69.86
N TYR B 63 -17.00 -51.17 69.99
CA TYR B 63 -17.46 -50.56 71.22
C TYR B 63 -18.27 -51.49 72.10
N GLY B 64 -18.59 -52.70 71.64
CA GLY B 64 -19.35 -53.61 72.48
C GLY B 64 -20.68 -53.02 72.89
N THR B 65 -21.04 -53.24 74.15
CA THR B 65 -22.31 -52.73 74.66
C THR B 65 -22.31 -51.21 74.67
N SER B 66 -23.46 -50.63 74.33
CA SER B 66 -23.65 -49.19 74.37
C SER B 66 -25.12 -48.89 74.14
N ALA B 67 -25.63 -47.87 74.84
CA ALA B 67 -27.03 -47.49 74.70
C ALA B 67 -27.34 -46.90 73.33
N SER B 68 -26.33 -46.57 72.53
CA SER B 68 -26.53 -45.98 71.22
C SER B 68 -26.59 -47.03 70.11
N THR B 69 -26.59 -48.32 70.46
CA THR B 69 -26.62 -49.37 69.46
C THR B 69 -27.90 -49.28 68.62
N ASN B 70 -29.04 -49.02 69.26
CA ASN B 70 -30.28 -48.87 68.53
C ASN B 70 -30.22 -47.69 67.57
N SER B 71 -29.61 -46.58 67.99
CA SER B 71 -29.46 -45.44 67.11
C SER B 71 -28.58 -45.77 65.91
N VAL B 72 -27.50 -46.52 66.14
CA VAL B 72 -26.65 -46.94 65.03
C VAL B 72 -27.45 -47.80 64.06
N ASP B 73 -28.23 -48.74 64.59
CA ASP B 73 -29.02 -49.62 63.74
C ASP B 73 -30.00 -48.81 62.90
N LEU B 74 -30.70 -47.87 63.53
CA LEU B 74 -31.65 -47.04 62.80
C LEU B 74 -30.95 -46.21 61.73
N PHE B 75 -29.80 -45.61 62.07
CA PHE B 75 -29.08 -44.80 61.10
C PHE B 75 -28.70 -45.63 59.88
N PHE B 76 -28.14 -46.82 60.09
CA PHE B 76 -27.72 -47.63 58.96
C PHE B 76 -28.91 -48.14 58.17
N LYS B 77 -30.00 -48.52 58.84
CA LYS B 77 -31.18 -48.97 58.13
C LYS B 77 -31.73 -47.86 57.23
N ASN B 78 -31.75 -46.62 57.72
CA ASN B 78 -32.32 -45.52 56.96
C ASN B 78 -31.37 -45.01 55.87
N SER B 79 -30.06 -45.06 56.11
CA SER B 79 -29.10 -44.55 55.15
C SER B 79 -28.78 -45.56 54.06
N GLN B 80 -28.94 -46.85 54.32
CA GLN B 80 -28.81 -47.88 53.28
C GLN B 80 -27.45 -47.81 52.60
N GLY B 81 -26.40 -47.59 53.39
CA GLY B 81 -25.05 -47.56 52.89
C GLY B 81 -24.58 -46.20 52.40
N PHE B 82 -25.49 -45.26 52.16
CA PHE B 82 -25.09 -43.91 51.83
C PHE B 82 -24.76 -43.14 53.09
N GLY B 83 -23.93 -42.10 52.95
CA GLY B 83 -23.51 -41.30 54.07
C GLY B 83 -22.61 -42.07 55.02
N ASN B 84 -21.93 -41.31 55.87
CA ASN B 84 -20.96 -41.86 56.81
C ASN B 84 -21.42 -41.60 58.24
N LEU B 85 -21.06 -42.52 59.13
CA LEU B 85 -21.34 -42.39 60.56
C LEU B 85 -20.03 -42.30 61.32
N TYR B 86 -19.91 -41.30 62.18
CA TYR B 86 -18.75 -41.12 63.04
C TYR B 86 -19.21 -41.15 64.49
N PHE B 87 -18.72 -42.12 65.25
CA PHE B 87 -19.05 -42.25 66.66
C PHE B 87 -17.94 -41.58 67.48
N VAL B 88 -18.37 -40.81 68.49
CA VAL B 88 -17.45 -40.17 69.42
C VAL B 88 -17.77 -40.74 70.80
N ASN B 89 -16.83 -41.52 71.34
CA ASN B 89 -16.98 -42.09 72.67
C ASN B 89 -16.55 -41.07 73.72
N VAL B 90 -17.48 -40.73 74.60
CA VAL B 90 -17.20 -39.72 75.62
C VAL B 90 -16.23 -40.30 76.64
N ALA B 91 -15.21 -39.53 76.99
CA ALA B 91 -14.21 -39.94 77.95
C ALA B 91 -14.57 -39.39 79.32
N ILE B 92 -14.57 -40.26 80.33
CA ILE B 92 -14.91 -39.89 81.70
C ILE B 92 -13.63 -39.40 82.38
N PRO B 93 -13.57 -38.16 82.83
CA PRO B 93 -12.32 -37.66 83.42
C PRO B 93 -12.00 -38.32 84.75
N THR B 94 -10.71 -38.38 85.06
CA THR B 94 -10.28 -38.90 86.35
C THR B 94 -10.70 -37.94 87.46
N ARG B 95 -10.87 -38.49 88.67
CA ARG B 95 -11.30 -37.70 89.81
C ARG B 95 -10.52 -38.17 91.04
N TYR B 96 -10.13 -37.22 91.87
CA TYR B 96 -9.46 -37.51 93.13
C TYR B 96 -10.15 -36.74 94.24
N GLN B 97 -10.60 -37.47 95.27
CA GLN B 97 -11.30 -36.87 96.40
C GLN B 97 -10.39 -36.91 97.62
N ILE B 98 -10.15 -35.74 98.19
CA ILE B 98 -9.30 -35.58 99.37
C ILE B 98 -10.21 -35.19 100.53
N VAL B 99 -10.21 -36.01 101.58
CA VAL B 99 -11.00 -35.78 102.78
C VAL B 99 -10.08 -35.20 103.85
N VAL B 100 -10.51 -34.09 104.45
CA VAL B 100 -9.73 -33.43 105.49
C VAL B 100 -10.27 -33.91 106.83
N THR B 101 -9.62 -34.92 107.40
CA THR B 101 -10.11 -35.53 108.63
C THR B 101 -10.13 -34.53 109.77
N ALA B 102 -9.04 -33.80 109.96
CA ALA B 102 -8.91 -32.89 111.10
C ALA B 102 -8.15 -31.65 110.66
N ALA B 103 -7.98 -30.72 111.59
CA ALA B 103 -7.27 -29.46 111.37
C ALA B 103 -5.93 -29.43 112.10
N THR B 104 -5.24 -30.57 112.11
CA THR B 104 -3.97 -30.65 112.82
C THR B 104 -2.97 -29.64 112.27
N ALA B 105 -2.32 -28.92 113.18
CA ALA B 105 -1.28 -27.98 112.80
C ALA B 105 -0.05 -28.72 112.31
N GLY B 106 0.57 -28.20 111.26
CA GLY B 106 1.76 -28.82 110.72
C GLY B 106 1.97 -28.41 109.27
N SER B 107 2.99 -29.02 108.67
CA SER B 107 3.36 -28.76 107.28
C SER B 107 2.95 -29.96 106.42
N TYR B 108 2.22 -29.67 105.34
CA TYR B 108 1.73 -30.71 104.43
C TYR B 108 1.80 -30.18 103.01
N SER B 109 1.66 -31.08 102.04
CA SER B 109 1.71 -30.70 100.64
C SER B 109 0.76 -31.58 99.84
N VAL B 110 0.40 -31.08 98.66
CA VAL B 110 -0.51 -31.77 97.76
C VAL B 110 0.15 -31.86 96.39
N THR B 111 0.22 -33.07 95.83
CA THR B 111 0.88 -33.32 94.56
C THR B 111 -0.17 -33.53 93.47
N VAL B 112 -0.01 -32.85 92.35
CA VAL B 112 -0.94 -32.93 91.23
C VAL B 112 -0.13 -32.92 89.94
N ASN B 113 -0.02 -34.08 89.29
CA ASN B 113 0.71 -34.20 88.02
C ASN B 113 2.13 -33.65 88.15
N GLY B 114 2.77 -33.94 89.28
CA GLY B 114 4.12 -33.49 89.53
C GLY B 114 4.24 -32.10 90.11
N VAL B 115 3.13 -31.37 90.24
CA VAL B 115 3.13 -30.05 90.84
C VAL B 115 2.74 -30.19 92.31
N THR B 116 3.64 -29.80 93.20
CA THR B 116 3.42 -29.91 94.64
C THR B 116 3.14 -28.55 95.22
N LYS B 117 2.09 -28.46 96.04
CA LYS B 117 1.70 -27.22 96.69
C LYS B 117 1.74 -27.42 98.20
N ALA B 118 2.62 -26.69 98.87
CA ALA B 118 2.79 -26.82 100.32
C ALA B 118 1.62 -26.17 101.04
N ILE B 119 1.07 -26.90 102.01
CA ILE B 119 -0.05 -26.44 102.83
C ILE B 119 0.41 -26.42 104.27
N THR B 120 0.25 -25.29 104.95
CA THR B 120 0.66 -25.12 106.34
C THR B 120 -0.59 -24.87 107.18
N VAL B 121 -0.72 -25.62 108.27
CA VAL B 121 -1.90 -25.58 109.13
C VAL B 121 -1.49 -25.02 110.48
N VAL B 122 -2.25 -24.04 110.98
CA VAL B 122 -1.95 -23.38 112.24
C VAL B 122 -3.18 -23.43 113.13
N GLY B 123 -3.02 -22.99 114.38
CA GLY B 123 -4.15 -22.98 115.29
C GLY B 123 -5.24 -22.04 114.79
N GLY B 124 -6.48 -22.38 115.12
CA GLY B 124 -7.63 -21.63 114.66
C GLY B 124 -8.17 -22.09 113.32
N ALA B 125 -7.55 -23.06 112.67
CA ALA B 125 -8.00 -23.54 111.38
C ALA B 125 -9.08 -24.62 111.56
N THR B 126 -9.74 -24.94 110.45
CA THR B 126 -10.77 -25.97 110.41
C THR B 126 -10.57 -26.81 109.16
N THR B 127 -11.23 -27.97 109.15
CA THR B 127 -11.17 -28.82 107.96
C THR B 127 -11.72 -28.08 106.73
N THR B 128 -12.79 -27.32 106.91
CA THR B 128 -13.33 -26.54 105.81
C THR B 128 -12.33 -25.48 105.34
N THR B 129 -11.65 -24.83 106.29
CA THR B 129 -10.65 -23.83 105.91
C THR B 129 -9.51 -24.47 105.13
N ILE B 130 -9.05 -25.65 105.56
CA ILE B 130 -7.98 -26.32 104.84
C ILE B 130 -8.45 -26.72 103.44
N ALA B 131 -9.68 -27.22 103.33
CA ALA B 131 -10.20 -27.59 102.01
C ALA B 131 -10.28 -26.38 101.09
N ALA B 132 -10.78 -25.26 101.61
CA ALA B 132 -10.85 -24.04 100.80
C ALA B 132 -9.47 -23.56 100.40
N ASP B 133 -8.51 -23.64 101.32
CA ASP B 133 -7.14 -23.25 101.00
C ASP B 133 -6.57 -24.11 99.88
N VAL B 134 -6.79 -25.43 99.96
CA VAL B 134 -6.29 -26.32 98.91
C VAL B 134 -6.95 -25.98 97.58
N ILE B 135 -8.26 -25.76 97.60
CA ILE B 135 -8.98 -25.48 96.35
C ILE B 135 -8.49 -24.18 95.74
N SER B 136 -8.34 -23.13 96.55
CA SER B 136 -7.89 -21.85 96.03
C SER B 136 -6.46 -21.95 95.52
N ALA B 137 -5.59 -22.65 96.25
CA ALA B 137 -4.21 -22.81 95.79
C ALA B 137 -4.17 -23.50 94.43
N ILE B 138 -4.92 -24.59 94.27
CA ILE B 138 -4.91 -25.29 92.99
C ILE B 138 -5.49 -24.42 91.89
N ASN B 139 -6.61 -23.74 92.16
CA ASN B 139 -7.32 -23.02 91.10
C ASN B 139 -6.59 -21.77 90.66
N ASN B 140 -5.92 -21.07 91.58
CA ASN B 140 -5.10 -19.92 91.19
C ASN B 140 -3.65 -20.27 90.97
N ASP B 141 -3.29 -21.56 90.99
CA ASP B 141 -2.00 -21.99 90.51
C ASP B 141 -1.95 -21.82 88.99
N THR B 142 -0.81 -21.35 88.48
CA THR B 142 -0.70 -21.06 87.05
C THR B 142 -0.84 -22.32 86.20
N VAL B 143 -0.24 -23.42 86.63
CA VAL B 143 -0.21 -24.64 85.81
C VAL B 143 -1.48 -25.46 85.99
N LEU B 144 -1.88 -25.70 87.24
CA LEU B 144 -2.94 -26.66 87.52
C LEU B 144 -4.32 -26.14 87.15
N ASN B 145 -4.53 -24.82 87.15
CA ASN B 145 -5.84 -24.29 86.78
C ASN B 145 -6.21 -24.66 85.35
N LYS B 146 -5.24 -25.03 84.52
CA LYS B 146 -5.52 -25.51 83.17
C LYS B 146 -5.59 -27.03 83.10
N GLU B 147 -4.94 -27.72 84.03
CA GLU B 147 -4.93 -29.18 84.00
C GLU B 147 -6.18 -29.77 84.63
N VAL B 148 -6.55 -29.30 85.83
CA VAL B 148 -7.63 -29.87 86.60
C VAL B 148 -8.47 -28.74 87.21
N LEU B 149 -9.61 -29.14 87.77
CA LEU B 149 -10.52 -28.21 88.45
C LEU B 149 -10.76 -28.73 89.86
N ALA B 150 -10.63 -27.86 90.85
CA ALA B 150 -10.79 -28.22 92.26
C ALA B 150 -12.05 -27.55 92.80
N THR B 151 -12.93 -28.35 93.40
CA THR B 151 -14.16 -27.86 93.99
C THR B 151 -14.42 -28.60 95.29
N VAL B 152 -15.58 -28.33 95.90
CA VAL B 152 -15.99 -28.97 97.14
C VAL B 152 -16.92 -30.13 96.81
N GLY B 153 -16.73 -31.26 97.50
CA GLY B 153 -17.55 -32.43 97.27
C GLY B 153 -18.86 -32.40 98.05
N GLY B 154 -19.21 -33.52 98.66
CA GLY B 154 -20.45 -33.59 99.42
C GLY B 154 -20.36 -33.04 100.83
N THR B 155 -19.15 -32.80 101.32
CA THR B 155 -18.94 -32.28 102.66
C THR B 155 -18.02 -31.06 102.59
N SER B 156 -18.17 -30.18 103.58
CA SER B 156 -17.32 -29.00 103.65
C SER B 156 -15.84 -29.38 103.79
N SER B 157 -15.56 -30.58 104.31
CA SER B 157 -14.20 -31.07 104.45
C SER B 157 -13.81 -32.03 103.33
N THR B 158 -14.36 -31.85 102.13
CA THR B 158 -14.03 -32.68 100.99
C THR B 158 -13.63 -31.80 99.81
N VAL B 159 -12.58 -32.21 99.10
CA VAL B 159 -12.11 -31.52 97.91
C VAL B 159 -12.10 -32.51 96.76
N VAL B 160 -12.70 -32.13 95.64
CA VAL B 160 -12.78 -32.97 94.45
C VAL B 160 -11.94 -32.32 93.35
N ILE B 161 -11.00 -33.08 92.82
CA ILE B 161 -10.11 -32.64 91.74
C ILE B 161 -10.48 -33.44 90.51
N THR B 162 -10.94 -32.75 89.47
CA THR B 162 -11.42 -33.37 88.25
C THR B 162 -10.48 -33.03 87.10
N SER B 163 -10.11 -34.04 86.32
CA SER B 163 -9.28 -33.79 85.15
C SER B 163 -10.03 -32.97 84.12
N LYS B 164 -9.42 -31.89 83.65
CA LYS B 164 -9.97 -31.07 82.59
C LYS B 164 -9.52 -31.52 81.21
N LYS B 165 -8.63 -32.50 81.13
CA LYS B 165 -8.18 -33.11 79.88
C LYS B 165 -8.37 -34.61 80.04
N PRO B 166 -9.59 -35.11 79.81
CA PRO B 166 -9.89 -36.49 80.21
C PRO B 166 -8.95 -37.54 79.63
N THR B 167 -8.52 -37.38 78.39
CA THR B 167 -7.66 -38.38 77.77
C THR B 167 -6.26 -38.36 78.36
N ASN B 168 -5.82 -37.22 78.88
CA ASN B 168 -4.47 -37.10 79.41
C ASN B 168 -4.34 -37.88 80.73
N THR B 169 -3.12 -38.29 81.02
CA THR B 169 -2.83 -39.00 82.26
C THR B 169 -2.82 -38.01 83.42
N THR B 170 -3.76 -38.16 84.35
CA THR B 170 -3.86 -37.32 85.53
C THR B 170 -3.54 -38.15 86.76
N THR B 171 -2.56 -37.70 87.54
CA THR B 171 -2.13 -38.38 88.75
C THR B 171 -1.99 -37.37 89.87
N ALA B 172 -2.42 -37.76 91.07
CA ALA B 172 -2.31 -36.91 92.24
C ALA B 172 -1.80 -37.73 93.41
N ALA B 173 -1.11 -37.06 94.32
CA ALA B 173 -0.60 -37.68 95.53
C ALA B 173 -0.63 -36.65 96.65
N VAL B 174 -0.59 -37.15 97.88
CA VAL B 174 -0.76 -36.32 99.06
C VAL B 174 0.41 -36.54 100.01
N THR B 175 0.67 -35.53 100.83
CA THR B 175 1.73 -35.57 101.83
C THR B 175 1.17 -34.96 103.12
N GLY B 176 0.60 -35.81 103.97
CA GLY B 176 0.01 -35.33 105.20
C GLY B 176 -1.07 -36.27 105.74
N VAL B 177 -1.09 -36.47 107.06
CA VAL B 177 -2.04 -37.40 107.65
C VAL B 177 -3.46 -36.86 107.56
N ILE B 178 -3.64 -35.56 107.78
CA ILE B 178 -4.99 -35.00 107.81
C ILE B 178 -5.70 -35.23 106.48
N PHE B 179 -4.95 -35.32 105.40
CA PHE B 179 -5.53 -35.53 104.07
C PHE B 179 -5.63 -37.03 103.78
N THR B 180 -6.80 -37.45 103.31
CA THR B 180 -7.05 -38.83 102.90
C THR B 180 -7.41 -38.83 101.42
N LEU B 181 -6.61 -39.54 100.63
CA LEU B 181 -6.76 -39.56 99.17
C LEU B 181 -7.61 -40.75 98.74
N THR B 182 -8.48 -40.51 97.77
CA THR B 182 -9.26 -41.57 97.16
C THR B 182 -9.37 -41.32 95.66
N THR B 183 -9.16 -42.38 94.88
CA THR B 183 -9.33 -42.32 93.43
C THR B 183 -10.78 -42.63 93.09
N THR B 184 -11.36 -41.85 92.18
CA THR B 184 -12.75 -42.04 91.79
C THR B 184 -12.91 -41.68 90.33
N THR B 185 -13.95 -42.23 89.72
CA THR B 185 -14.30 -41.92 88.33
C THR B 185 -15.71 -42.42 88.09
N GLY B 186 -16.60 -41.52 87.71
CA GLY B 186 -17.96 -41.93 87.40
C GLY B 186 -17.96 -43.03 86.36
N THR B 187 -18.53 -44.18 86.69
CA THR B 187 -18.55 -45.29 85.74
C THR B 187 -19.28 -44.92 84.46
N SER B 188 -20.14 -43.90 84.51
CA SER B 188 -20.83 -43.39 83.34
C SER B 188 -20.51 -41.90 83.16
N PRO B 189 -20.44 -41.42 81.93
CA PRO B 189 -20.12 -40.00 81.72
C PRO B 189 -21.24 -39.09 82.19
N SER B 190 -20.86 -37.85 82.48
CA SER B 190 -21.79 -36.85 82.97
C SER B 190 -22.01 -35.76 81.92
N VAL B 191 -22.89 -34.81 82.25
CA VAL B 191 -23.22 -33.74 81.32
C VAL B 191 -21.99 -32.88 81.05
N ALA B 192 -21.15 -32.66 82.06
CA ALA B 192 -19.93 -31.89 81.85
C ALA B 192 -18.98 -32.63 80.90
N ASP B 193 -18.88 -33.95 81.04
CA ASP B 193 -18.06 -34.72 80.12
C ASP B 193 -18.59 -34.62 78.70
N TYR B 194 -19.91 -34.72 78.53
CA TYR B 194 -20.50 -34.57 77.21
C TYR B 194 -20.21 -33.19 76.64
N VAL B 195 -20.32 -32.15 77.47
CA VAL B 195 -20.08 -30.79 77.01
C VAL B 195 -18.63 -30.62 76.56
N TYR B 196 -17.68 -31.14 77.34
CA TYR B 196 -16.28 -31.04 76.95
C TYR B 196 -16.04 -31.78 75.64
N THR B 197 -16.60 -32.99 75.51
CA THR B 197 -16.40 -33.75 74.28
C THR B 197 -16.97 -33.00 73.08
N ILE B 198 -18.14 -32.39 73.24
CA ILE B 198 -18.75 -31.66 72.14
C ILE B 198 -17.92 -30.44 71.78
N ASN B 199 -17.43 -29.71 72.79
CA ASN B 199 -16.74 -28.44 72.52
C ASN B 199 -15.32 -28.63 72.01
N ASN B 200 -14.61 -29.64 72.51
CA ASN B 200 -13.19 -29.81 72.17
C ASN B 200 -12.81 -31.22 71.76
N THR B 201 -13.27 -31.67 70.60
CA THR B 201 -12.89 -32.99 70.08
C THR B 201 -13.03 -32.87 68.57
N PHE B 202 -14.02 -32.12 68.13
CA PHE B 202 -14.26 -31.94 66.71
C PHE B 202 -13.24 -30.99 66.07
N ASP B 203 -13.16 -31.01 64.75
CA ASP B 203 -12.21 -30.16 64.05
C ASP B 203 -12.89 -29.59 62.82
N PRO B 204 -12.47 -28.38 62.40
CA PRO B 204 -13.04 -27.87 61.15
C PRO B 204 -12.67 -28.76 59.96
N ALA B 205 -11.50 -29.37 59.99
CA ALA B 205 -11.09 -30.30 58.92
C ALA B 205 -12.10 -31.39 58.72
N LEU B 206 -12.81 -31.75 59.79
CA LEU B 206 -13.77 -32.84 59.71
C LEU B 206 -14.87 -32.51 58.71
N GLU B 207 -15.46 -33.56 58.16
CA GLU B 207 -16.53 -33.38 57.19
C GLU B 207 -17.75 -32.76 57.86
N ALA B 208 -18.29 -31.71 57.25
CA ALA B 208 -19.48 -31.07 57.79
C ALA B 208 -20.66 -32.03 57.72
N GLY B 209 -21.50 -31.99 58.75
CA GLY B 209 -22.62 -32.91 58.78
C GLY B 209 -23.49 -32.69 59.99
N PHE B 210 -24.37 -33.64 60.22
CA PHE B 210 -25.29 -33.58 61.36
C PHE B 210 -24.58 -34.01 62.63
N VAL B 211 -25.07 -33.53 63.77
CA VAL B 211 -24.56 -33.91 65.09
C VAL B 211 -25.74 -34.32 65.96
N ILE B 212 -25.61 -35.47 66.62
CA ILE B 212 -26.70 -36.03 67.41
C ILE B 212 -26.14 -36.63 68.69
N ALA B 213 -26.90 -36.47 69.78
CA ALA B 213 -26.59 -37.08 71.08
C ALA B 213 -27.83 -37.78 71.61
N PRO B 214 -28.30 -38.82 70.91
CA PRO B 214 -29.55 -39.47 71.32
C PRO B 214 -29.49 -40.11 72.69
N GLU B 215 -28.37 -40.75 73.04
CA GLU B 215 -28.24 -41.35 74.36
C GLU B 215 -28.37 -40.29 75.44
N ALA B 216 -27.67 -39.17 75.28
CA ALA B 216 -27.70 -38.12 76.28
C ALA B 216 -29.10 -37.53 76.41
N PHE B 217 -29.77 -37.29 75.28
CA PHE B 217 -31.10 -36.70 75.34
C PHE B 217 -32.11 -37.67 75.92
N SER B 218 -31.92 -38.98 75.74
CA SER B 218 -32.83 -39.95 76.32
C SER B 218 -32.59 -40.13 77.81
N THR B 219 -31.34 -40.03 78.26
CA THR B 219 -30.99 -40.36 79.64
C THR B 219 -31.03 -39.16 80.59
N PHE B 220 -30.50 -38.01 80.17
CA PHE B 220 -30.28 -36.91 81.08
C PHE B 220 -31.59 -36.22 81.46
N THR B 221 -31.49 -35.34 82.46
CA THR B 221 -32.64 -34.61 82.97
C THR B 221 -32.83 -33.31 82.18
N LYS B 222 -33.72 -32.43 82.66
CA LYS B 222 -34.06 -31.23 81.89
C LYS B 222 -32.88 -30.26 81.83
N SER B 223 -32.27 -29.95 82.98
CA SER B 223 -31.16 -29.00 82.99
C SER B 223 -29.98 -29.52 82.17
N ASP B 224 -29.66 -30.81 82.33
CA ASP B 224 -28.56 -31.39 81.56
C ASP B 224 -28.88 -31.40 80.07
N ARG B 225 -30.12 -31.70 79.70
CA ARG B 225 -30.51 -31.65 78.30
C ARG B 225 -30.36 -30.25 77.75
N LEU B 226 -30.75 -29.23 78.52
CA LEU B 226 -30.58 -27.85 78.09
C LEU B 226 -29.09 -27.53 77.91
N SER B 227 -28.25 -27.99 78.83
CA SER B 227 -26.82 -27.74 78.70
C SER B 227 -26.26 -28.37 77.43
N ILE B 228 -26.68 -29.61 77.14
CA ILE B 228 -26.18 -30.30 75.95
C ILE B 228 -26.68 -29.61 74.69
N GLN B 229 -27.94 -29.15 74.71
CA GLN B 229 -28.45 -28.42 73.56
C GLN B 229 -27.68 -27.13 73.33
N VAL B 230 -27.35 -26.43 74.42
CA VAL B 230 -26.55 -25.21 74.28
C VAL B 230 -25.17 -25.53 73.73
N ALA B 231 -24.58 -26.63 74.18
CA ALA B 231 -23.28 -27.03 73.65
C ALA B 231 -23.36 -27.31 72.15
N LEU B 232 -24.39 -28.05 71.73
CA LEU B 232 -24.54 -28.35 70.31
C LEU B 232 -24.80 -27.08 69.50
N GLU B 233 -25.62 -26.17 70.03
CA GLU B 233 -25.89 -24.92 69.33
C GLU B 233 -24.61 -24.11 69.17
N ASN B 234 -23.81 -24.00 70.23
CA ASN B 234 -22.55 -23.26 70.13
C ASN B 234 -21.62 -23.92 69.13
N LEU B 235 -21.55 -25.25 69.14
CA LEU B 235 -20.69 -25.96 68.19
C LEU B 235 -21.12 -25.67 66.76
N CYS B 236 -22.41 -25.84 66.46
CA CYS B 236 -22.87 -25.72 65.09
C CYS B 236 -22.82 -24.27 64.61
N SER B 237 -23.16 -23.32 65.46
CA SER B 237 -23.12 -21.91 65.08
C SER B 237 -21.72 -21.32 65.17
N ALA B 238 -20.75 -22.08 65.67
CA ALA B 238 -19.38 -21.59 65.70
C ALA B 238 -18.92 -21.23 64.30
N TYR B 239 -18.21 -20.09 64.21
CA TYR B 239 -17.75 -19.57 62.93
C TYR B 239 -16.82 -20.53 62.19
N ARG B 240 -16.39 -21.63 62.80
CA ARG B 240 -15.50 -22.58 62.13
C ARG B 240 -16.20 -23.83 61.63
N TYR B 241 -17.35 -24.20 62.21
CA TYR B 241 -18.05 -25.41 61.80
C TYR B 241 -19.23 -25.13 60.87
N GLN B 242 -20.19 -24.33 61.33
CA GLN B 242 -21.42 -24.09 60.58
C GLN B 242 -22.07 -25.42 60.16
N TRP B 243 -22.39 -26.23 61.17
CA TRP B 243 -22.99 -27.54 60.99
C TRP B 243 -24.47 -27.48 61.39
N ALA B 244 -25.12 -28.65 61.37
CA ALA B 244 -26.51 -28.78 61.77
C ALA B 244 -26.63 -29.79 62.89
N ALA B 245 -27.50 -29.51 63.85
CA ALA B 245 -27.74 -30.38 64.99
C ALA B 245 -29.19 -30.79 65.04
N LEU B 246 -29.43 -32.07 65.35
CA LEU B 246 -30.77 -32.61 65.51
C LEU B 246 -30.99 -32.89 66.99
N ILE B 247 -32.01 -32.24 67.56
CA ILE B 247 -32.34 -32.36 68.97
C ILE B 247 -33.53 -33.30 69.11
N ASP B 248 -33.43 -34.23 70.05
CA ASP B 248 -34.53 -35.12 70.41
C ASP B 248 -35.16 -34.63 71.70
N SER B 249 -36.40 -35.05 71.94
CA SER B 249 -37.04 -34.79 73.21
C SER B 249 -36.45 -35.67 74.29
N GLY B 250 -36.79 -35.37 75.54
CA GLY B 250 -36.39 -36.22 76.64
C GLY B 250 -37.05 -37.58 76.52
N ALA B 251 -36.97 -38.34 77.61
CA ALA B 251 -37.67 -39.61 77.67
C ALA B 251 -39.16 -39.38 77.49
N MET B 252 -39.81 -40.28 76.73
CA MET B 252 -41.23 -40.14 76.46
C MET B 252 -42.03 -40.00 77.76
N SER B 253 -41.65 -40.78 78.77
CA SER B 253 -42.36 -40.71 80.04
C SER B 253 -42.37 -39.29 80.59
N GLU B 254 -41.27 -38.56 80.42
CA GLU B 254 -41.25 -37.16 80.83
C GLU B 254 -42.01 -36.29 79.84
N ILE B 255 -41.60 -36.30 78.57
CA ILE B 255 -42.30 -35.53 77.53
C ILE B 255 -43.32 -36.48 76.94
N SER B 256 -44.42 -36.66 77.68
CA SER B 256 -45.51 -37.53 77.23
C SER B 256 -46.31 -36.90 76.08
N ASN B 257 -46.66 -35.63 76.19
CA ASN B 257 -47.56 -34.99 75.23
C ASN B 257 -46.78 -34.02 74.35
N THR B 258 -47.54 -33.30 73.51
CA THR B 258 -46.93 -32.34 72.59
C THR B 258 -46.71 -30.98 73.25
N ASP B 259 -47.52 -30.64 74.25
CA ASP B 259 -47.33 -29.37 74.95
C ASP B 259 -46.00 -29.36 75.69
N ARG B 260 -45.62 -30.48 76.30
CA ARG B 260 -44.33 -30.56 76.97
C ARG B 260 -43.18 -30.44 75.97
N ALA B 261 -43.33 -31.05 74.79
CA ALA B 261 -42.32 -30.89 73.75
C ALA B 261 -42.22 -29.44 73.32
N ILE B 262 -43.35 -28.75 73.20
CA ILE B 262 -43.34 -27.34 72.85
C ILE B 262 -42.61 -26.52 73.91
N ALA B 263 -42.86 -26.82 75.18
CA ALA B 263 -42.18 -26.10 76.26
C ALA B 263 -40.68 -26.33 76.20
N GLU B 264 -40.26 -27.57 76.01
CA GLU B 264 -38.83 -27.87 75.92
C GLU B 264 -38.19 -27.16 74.74
N ALA B 265 -38.86 -27.17 73.59
CA ALA B 265 -38.33 -26.48 72.41
C ALA B 265 -38.24 -24.97 72.67
N ALA B 266 -39.25 -24.41 73.33
CA ALA B 266 -39.23 -22.99 73.67
C ALA B 266 -38.04 -22.65 74.56
N THR B 267 -37.75 -23.51 75.54
CA THR B 267 -36.54 -23.30 76.34
C THR B 267 -35.30 -23.38 75.46
N TYR B 268 -35.27 -24.32 74.53
CA TYR B 268 -34.15 -24.41 73.60
C TYR B 268 -34.11 -23.18 72.70
N ASN B 269 -32.89 -22.71 72.41
CA ASN B 269 -32.68 -21.52 71.60
C ASN B 269 -31.69 -21.82 70.48
N SER B 270 -32.02 -21.37 69.27
CA SER B 270 -31.10 -21.44 68.14
C SER B 270 -31.38 -20.21 67.27
N VAL B 271 -30.59 -19.15 67.47
CA VAL B 271 -30.89 -17.88 66.81
C VAL B 271 -30.91 -18.03 65.29
N GLN B 272 -29.91 -18.74 64.76
CA GLN B 272 -29.71 -18.83 63.33
C GLN B 272 -30.17 -20.16 62.73
N GLY B 273 -30.91 -20.97 63.50
CA GLY B 273 -31.49 -22.18 62.96
C GLY B 273 -30.53 -23.34 62.80
N HIS B 274 -29.41 -23.33 63.52
CA HIS B 274 -28.46 -24.43 63.44
C HIS B 274 -28.94 -25.69 64.14
N CYS B 275 -30.02 -25.61 64.92
CA CYS B 275 -30.58 -26.76 65.63
C CYS B 275 -32.02 -26.96 65.22
N SER B 276 -32.41 -28.22 65.01
CA SER B 276 -33.77 -28.57 64.62
C SER B 276 -34.29 -29.64 65.58
N TYR B 277 -35.45 -29.36 66.17
CA TYR B 277 -36.01 -30.25 67.19
C TYR B 277 -36.99 -31.28 66.65
N TYR B 278 -36.86 -32.51 67.10
CA TYR B 278 -37.76 -33.56 66.67
C TYR B 278 -38.35 -34.16 67.92
N TYR B 279 -39.63 -34.50 67.89
CA TYR B 279 -40.27 -35.00 69.10
C TYR B 279 -40.40 -36.54 69.13
N PRO B 280 -41.40 -37.12 68.43
CA PRO B 280 -41.89 -38.39 68.99
C PRO B 280 -40.91 -39.52 68.80
N TYR B 281 -40.75 -40.36 69.82
CA TYR B 281 -39.76 -41.43 69.74
C TYR B 281 -40.18 -42.52 68.77
N LEU B 282 -39.22 -43.33 68.34
CA LEU B 282 -39.51 -44.36 67.35
C LEU B 282 -39.43 -45.75 67.94
N ILE B 283 -40.51 -46.50 67.81
CA ILE B 283 -40.49 -47.88 68.27
C ILE B 283 -39.83 -48.75 67.21
N ASN B 284 -38.68 -49.35 67.52
CA ASN B 284 -37.98 -50.21 66.58
C ASN B 284 -38.71 -51.54 66.48
N LEU B 285 -38.18 -52.46 65.68
CA LEU B 285 -38.83 -53.75 65.47
C LEU B 285 -38.80 -54.63 66.71
N ASP B 286 -38.03 -54.25 67.74
CA ASP B 286 -37.98 -55.00 68.99
C ASP B 286 -38.78 -54.32 70.09
N ASP B 287 -39.73 -53.46 69.73
CA ASP B 287 -40.62 -52.76 70.66
C ASP B 287 -39.87 -51.78 71.56
N GLN B 288 -38.64 -51.40 71.20
CA GLN B 288 -37.81 -50.53 72.01
C GLN B 288 -37.93 -49.10 71.52
N GLN B 289 -38.00 -48.16 72.46
CA GLN B 289 -38.08 -46.75 72.10
C GLN B 289 -36.71 -46.20 71.76
N VAL B 290 -36.61 -45.51 70.63
CA VAL B 290 -35.35 -44.95 70.16
C VAL B 290 -35.59 -43.49 69.78
N PRO B 291 -34.69 -42.57 70.10
CA PRO B 291 -34.86 -41.19 69.65
C PRO B 291 -34.84 -41.14 68.13
N PRO B 292 -35.60 -40.22 67.53
CA PRO B 292 -35.72 -40.21 66.06
C PRO B 292 -34.56 -39.57 65.34
N SER B 293 -33.61 -38.95 66.05
CA SER B 293 -32.58 -38.16 65.38
C SER B 293 -31.71 -39.01 64.46
N ALA B 294 -31.34 -40.22 64.90
CA ALA B 294 -30.48 -41.06 64.07
C ALA B 294 -31.17 -41.44 62.77
N ALA B 295 -32.43 -41.87 62.86
CA ALA B 295 -33.17 -42.23 61.65
C ALA B 295 -33.37 -41.02 60.76
N VAL B 296 -33.65 -39.86 61.35
CA VAL B 296 -33.82 -38.65 60.56
C VAL B 296 -32.54 -38.33 59.81
N ALA B 297 -31.39 -38.43 60.47
CA ALA B 297 -30.12 -38.15 59.81
C ALA B 297 -29.85 -39.13 58.68
N GLY B 298 -30.10 -40.43 58.93
CA GLY B 298 -29.88 -41.42 57.89
C GLY B 298 -30.74 -41.17 56.67
N MET B 299 -32.03 -40.91 56.89
CA MET B 299 -32.92 -40.62 55.78
C MET B 299 -32.52 -39.31 55.09
N ALA B 300 -32.01 -38.34 55.85
CA ALA B 300 -31.56 -37.09 55.27
C ALA B 300 -30.41 -37.33 54.29
N LEU B 301 -29.44 -38.14 54.71
CA LEU B 301 -28.32 -38.45 53.82
C LEU B 301 -28.80 -39.22 52.59
N TYR B 302 -29.70 -40.18 52.79
CA TYR B 302 -30.23 -40.94 51.66
C TYR B 302 -30.92 -40.01 50.67
N ARG B 303 -31.73 -39.08 51.18
CA ARG B 303 -32.45 -38.16 50.29
C ARG B 303 -31.49 -37.20 49.62
N PHE B 304 -30.43 -36.77 50.31
CA PHE B 304 -29.43 -35.92 49.68
C PHE B 304 -28.81 -36.65 48.49
N VAL B 305 -28.51 -37.93 48.66
CA VAL B 305 -27.94 -38.70 47.56
C VAL B 305 -28.95 -38.83 46.42
N ILE B 306 -30.20 -39.14 46.75
CA ILE B 306 -31.17 -39.50 45.71
C ILE B 306 -31.72 -38.25 45.02
N ASP B 307 -32.43 -37.41 45.77
CA ASP B 307 -33.08 -36.23 45.20
C ASP B 307 -32.14 -35.04 45.06
N GLY B 308 -31.30 -34.79 46.06
CA GLY B 308 -30.43 -33.63 46.03
C GLY B 308 -30.30 -32.98 47.39
N PHE B 309 -29.30 -32.11 47.54
CA PHE B 309 -29.01 -31.50 48.83
C PHE B 309 -29.94 -30.33 49.16
N ALA B 310 -30.73 -29.85 48.20
CA ALA B 310 -31.66 -28.76 48.47
C ALA B 310 -32.96 -29.25 49.11
N GLU B 311 -33.24 -30.57 49.09
CA GLU B 311 -34.47 -31.07 49.67
C GLU B 311 -34.29 -31.34 51.17
N PRO B 312 -35.33 -31.15 51.97
CA PRO B 312 -35.21 -31.37 53.41
C PRO B 312 -35.55 -32.79 53.79
N PRO B 313 -35.14 -33.24 54.98
CA PRO B 313 -35.50 -34.61 55.44
C PRO B 313 -36.95 -34.71 55.91
N ALA B 314 -37.86 -34.77 54.95
CA ALA B 314 -39.28 -34.87 55.24
C ALA B 314 -40.00 -35.32 53.98
N GLY B 315 -41.31 -35.48 54.10
CA GLY B 315 -42.15 -35.89 53.00
C GLY B 315 -42.59 -37.34 53.14
N VAL B 316 -43.57 -37.70 52.31
CA VAL B 316 -44.16 -39.04 52.36
C VAL B 316 -43.43 -40.04 51.48
N ASN B 317 -42.58 -39.58 50.55
CA ASN B 317 -41.86 -40.47 49.67
C ASN B 317 -40.52 -40.91 50.25
N PHE B 318 -40.20 -40.50 51.47
CA PHE B 318 -38.98 -40.92 52.17
C PHE B 318 -39.35 -41.34 53.59
N PRO B 319 -40.11 -42.43 53.73
CA PRO B 319 -40.48 -42.89 55.07
C PRO B 319 -39.31 -43.51 55.80
N LEU B 320 -39.45 -43.55 57.13
CA LEU B 320 -38.42 -44.13 57.98
C LEU B 320 -38.47 -45.65 57.92
N LYS B 321 -37.33 -46.28 58.16
CA LYS B 321 -37.19 -47.72 58.10
C LYS B 321 -36.63 -48.25 59.42
N GLY B 322 -36.87 -49.53 59.67
CA GLY B 322 -36.48 -50.13 60.93
C GLY B 322 -37.37 -49.76 62.08
N VAL B 323 -38.54 -49.20 61.82
CA VAL B 323 -39.47 -48.75 62.85
C VAL B 323 -40.86 -49.26 62.49
N LYS B 324 -41.60 -49.66 63.53
CA LYS B 324 -42.96 -50.17 63.34
C LYS B 324 -44.04 -49.21 63.78
N ASN B 325 -43.71 -48.19 64.58
CA ASN B 325 -44.70 -47.21 65.01
C ASN B 325 -43.98 -46.07 65.72
N VAL B 326 -44.74 -45.04 66.07
CA VAL B 326 -44.24 -43.95 66.88
C VAL B 326 -44.71 -44.17 68.32
N ALA B 327 -44.05 -43.50 69.26
CA ALA B 327 -44.39 -43.64 70.67
C ALA B 327 -45.53 -42.72 71.10
N TYR B 328 -46.02 -41.87 70.21
CA TYR B 328 -47.12 -40.96 70.54
C TYR B 328 -47.75 -40.48 69.25
N LYS B 329 -49.08 -40.40 69.25
CA LYS B 329 -49.84 -40.02 68.06
C LYS B 329 -50.15 -38.53 68.13
N VAL B 330 -49.46 -37.74 67.31
CA VAL B 330 -49.63 -36.30 67.29
C VAL B 330 -50.86 -35.96 66.45
N THR B 331 -51.76 -35.17 67.01
CA THR B 331 -52.96 -34.77 66.30
C THR B 331 -52.69 -33.58 65.39
N TRP B 332 -53.61 -33.36 64.46
CA TRP B 332 -53.42 -32.29 63.47
C TRP B 332 -53.37 -30.93 64.16
N GLU B 333 -54.23 -30.70 65.15
CA GLU B 333 -54.24 -29.42 65.84
C GLU B 333 -52.98 -29.25 66.69
N GLU B 334 -52.54 -30.31 67.34
CA GLU B 334 -51.28 -30.25 68.08
C GLU B 334 -50.14 -29.86 67.16
N GLN B 335 -50.05 -30.49 65.99
CA GLN B 335 -48.99 -30.13 65.05
C GLN B 335 -49.17 -28.71 64.52
N ASN B 336 -50.41 -28.27 64.31
CA ASN B 336 -50.65 -26.92 63.85
C ASN B 336 -50.10 -25.91 64.84
N VAL B 337 -50.30 -26.16 66.14
CA VAL B 337 -49.75 -25.26 67.14
C VAL B 337 -48.23 -25.39 67.21
N ALA B 338 -47.71 -26.62 67.08
CA ALA B 338 -46.31 -26.86 67.39
C ALA B 338 -45.37 -26.44 66.26
N ASN B 339 -45.68 -26.83 65.03
CA ASN B 339 -44.76 -26.61 63.91
C ASN B 339 -44.31 -25.16 63.81
N PRO B 340 -45.17 -24.15 63.93
CA PRO B 340 -44.67 -22.77 63.93
C PRO B 340 -43.69 -22.48 65.03
N GLU B 341 -43.70 -23.26 66.11
CA GLU B 341 -42.79 -23.08 67.23
C GLU B 341 -41.49 -23.86 67.07
N GLY B 342 -41.30 -24.55 65.94
CA GLY B 342 -40.06 -25.23 65.65
C GLY B 342 -40.02 -26.70 66.01
N VAL B 343 -41.15 -27.30 66.36
CA VAL B 343 -41.20 -28.72 66.67
C VAL B 343 -41.58 -29.48 65.41
N ASN B 344 -40.69 -30.36 64.96
CA ASN B 344 -40.91 -31.17 63.77
C ASN B 344 -41.46 -32.52 64.19
N CYS B 345 -42.70 -32.80 63.79
CA CYS B 345 -43.40 -34.00 64.23
C CYS B 345 -43.09 -35.17 63.31
N ILE B 346 -43.19 -36.38 63.87
CA ILE B 346 -43.07 -37.61 63.11
C ILE B 346 -44.39 -38.35 63.23
N LEU B 347 -44.96 -38.75 62.10
CA LEU B 347 -46.32 -39.27 62.04
C LEU B 347 -46.32 -40.66 61.43
N ASN B 348 -47.34 -41.43 61.81
CA ASN B 348 -47.59 -42.76 61.24
C ASN B 348 -48.74 -42.61 60.25
N LYS B 349 -48.39 -42.28 59.01
CA LYS B 349 -49.39 -42.08 57.96
C LYS B 349 -49.75 -43.41 57.33
N GLU B 350 -51.02 -43.80 57.42
CA GLU B 350 -51.47 -44.99 56.72
C GLU B 350 -51.21 -44.86 55.23
N ASN B 351 -50.72 -45.93 54.62
CA ASN B 351 -50.37 -46.04 53.21
C ASN B 351 -49.03 -45.36 52.88
N TYR B 352 -48.39 -44.72 53.85
CA TYR B 352 -47.07 -44.11 53.63
C TYR B 352 -45.99 -44.65 54.55
N GLY B 353 -46.33 -45.00 55.79
CA GLY B 353 -45.36 -45.43 56.77
C GLY B 353 -45.09 -44.36 57.81
N ILE B 354 -43.90 -44.42 58.39
CA ILE B 354 -43.45 -43.43 59.36
C ILE B 354 -42.75 -42.32 58.61
N VAL B 355 -43.29 -41.10 58.67
CA VAL B 355 -42.81 -39.98 57.87
C VAL B 355 -42.59 -38.78 58.78
N VAL B 356 -41.48 -38.08 58.56
CA VAL B 356 -41.25 -36.80 59.21
C VAL B 356 -42.08 -35.76 58.49
N TRP B 357 -42.95 -35.08 59.22
CA TRP B 357 -43.88 -34.11 58.64
C TRP B 357 -43.55 -32.70 59.13
N GLY B 358 -42.26 -32.37 59.16
CA GLY B 358 -41.83 -31.05 59.57
C GLY B 358 -40.39 -30.78 59.14
N ALA B 359 -40.13 -29.57 58.64
CA ALA B 359 -38.81 -29.20 58.15
C ALA B 359 -38.45 -27.81 58.65
N ARG B 360 -38.83 -27.49 59.87
CA ARG B 360 -38.56 -26.19 60.46
C ARG B 360 -37.47 -26.27 61.52
N THR B 361 -36.81 -25.15 61.75
CA THR B 361 -35.74 -25.03 62.73
C THR B 361 -36.28 -24.38 64.00
N LEU B 362 -35.39 -24.11 64.95
CA LEU B 362 -35.74 -23.44 66.18
C LEU B 362 -35.52 -21.93 66.12
N SER B 363 -35.16 -21.41 64.97
CA SER B 363 -34.90 -19.98 64.83
C SER B 363 -36.20 -19.19 64.79
N ALA B 364 -36.14 -17.96 65.31
CA ALA B 364 -37.21 -16.98 65.15
C ALA B 364 -37.02 -16.11 63.93
N ASP B 365 -35.90 -16.26 63.22
CA ASP B 365 -35.64 -15.46 62.03
C ASP B 365 -36.51 -15.98 60.87
N PRO B 366 -37.35 -15.15 60.26
CA PRO B 366 -38.19 -15.65 59.16
C PRO B 366 -37.40 -16.09 57.94
N ASN B 367 -36.12 -15.73 57.82
CA ASN B 367 -35.34 -16.07 56.65
C ASN B 367 -34.69 -17.44 56.73
N ILE B 368 -34.61 -18.04 57.93
CA ILE B 368 -33.99 -19.34 58.12
C ILE B 368 -35.00 -20.29 58.74
N VAL B 369 -36.28 -20.10 58.42
CA VAL B 369 -37.33 -20.89 59.04
C VAL B 369 -37.10 -22.38 58.80
N PHE B 370 -36.74 -22.74 57.57
CA PHE B 370 -36.66 -24.14 57.16
C PHE B 370 -35.23 -24.66 57.28
N ILE B 371 -35.12 -25.93 57.68
CA ILE B 371 -33.81 -26.57 57.84
C ILE B 371 -33.09 -26.68 56.51
N SER B 372 -33.84 -26.72 55.40
CA SER B 372 -33.21 -26.82 54.09
C SER B 372 -32.33 -25.61 53.81
N THR B 373 -32.81 -24.42 54.16
CA THR B 373 -31.99 -23.22 53.97
C THR B 373 -30.74 -23.26 54.83
N ARG B 374 -30.88 -23.71 56.08
CA ARG B 374 -29.72 -23.86 56.94
C ARG B 374 -28.70 -24.81 56.32
N ILE B 375 -29.17 -25.94 55.79
CA ILE B 375 -28.26 -26.92 55.21
C ILE B 375 -27.61 -26.35 53.96
N ILE B 376 -28.35 -25.59 53.16
CA ILE B 376 -27.77 -24.99 51.95
C ILE B 376 -26.66 -24.02 52.32
N LEU B 377 -26.92 -23.15 53.30
CA LEU B 377 -25.90 -22.20 53.73
C LEU B 377 -24.68 -22.92 54.30
N ASN B 378 -24.91 -23.96 55.10
CA ASN B 378 -23.80 -24.72 55.67
C ASN B 378 -22.99 -25.40 54.58
N ILE B 379 -23.66 -25.94 53.57
CA ILE B 379 -22.96 -26.59 52.46
C ILE B 379 -22.09 -25.57 51.74
N VAL B 380 -22.65 -24.39 51.45
CA VAL B 380 -21.87 -23.35 50.77
C VAL B 380 -20.64 -23.00 51.60
N ILE B 381 -20.84 -22.73 52.89
CA ILE B 381 -19.75 -22.28 53.74
C ILE B 381 -18.67 -23.34 53.83
N ASN B 382 -19.07 -24.60 54.02
CA ASN B 382 -18.09 -25.67 54.23
C ASN B 382 -17.37 -26.00 52.93
N THR B 383 -18.07 -25.96 51.79
CA THR B 383 -17.42 -26.13 50.51
C THR B 383 -16.34 -25.07 50.32
N LEU B 384 -16.68 -23.81 50.59
CA LEU B 384 -15.71 -22.74 50.42
C LEU B 384 -14.54 -22.91 51.38
N ASN B 385 -14.82 -23.30 52.64
CA ASN B 385 -13.75 -23.45 53.62
C ASN B 385 -12.79 -24.58 53.24
N ARG B 386 -13.33 -25.73 52.84
CA ARG B 386 -12.47 -26.84 52.45
C ARG B 386 -11.70 -26.50 51.18
N GLY B 387 -12.30 -25.69 50.29
CA GLY B 387 -11.56 -25.24 49.12
C GLY B 387 -10.41 -24.32 49.48
N TYR B 388 -10.64 -23.41 50.43
CA TYR B 388 -9.60 -22.45 50.81
C TYR B 388 -8.53 -23.09 51.69
N ASP B 389 -8.82 -24.24 52.30
CA ASP B 389 -7.81 -24.93 53.08
C ASP B 389 -6.53 -25.12 52.28
N PHE B 390 -6.66 -25.43 50.99
CA PHE B 390 -5.49 -25.57 50.13
C PHE B 390 -4.80 -24.24 49.87
N ASP B 391 -5.51 -23.12 50.00
CA ASP B 391 -4.93 -21.80 49.80
C ASP B 391 -4.37 -21.19 51.07
N ILE B 392 -4.62 -21.80 52.23
CA ILE B 392 -4.01 -21.32 53.48
C ILE B 392 -2.51 -21.59 53.43
N PHE B 393 -1.75 -20.69 54.05
CA PHE B 393 -0.28 -20.77 54.09
C PHE B 393 0.34 -20.66 52.71
N ASN B 394 -0.13 -19.72 51.89
CA ASN B 394 0.46 -19.46 50.59
C ASN B 394 1.07 -18.07 50.57
N SER B 395 2.26 -17.96 50.01
CA SER B 395 2.95 -16.68 49.93
C SER B 395 2.16 -15.71 49.05
N VAL B 396 2.17 -14.45 49.45
CA VAL B 396 1.54 -13.39 48.67
C VAL B 396 2.63 -12.61 47.96
N GLY B 397 2.95 -13.01 46.73
CA GLY B 397 4.01 -12.37 45.99
C GLY B 397 3.67 -10.94 45.60
N GLY B 398 4.54 -10.33 44.78
CA GLY B 398 4.28 -8.96 44.35
C GLY B 398 3.04 -8.85 43.49
N THR B 399 2.84 -9.80 42.57
CA THR B 399 1.70 -9.74 41.67
C THR B 399 0.37 -9.79 42.41
N ALA B 400 0.35 -10.31 43.64
CA ALA B 400 -0.88 -10.46 44.41
C ALA B 400 -1.92 -11.26 43.62
N THR B 401 -1.45 -12.28 42.90
CA THR B 401 -2.34 -13.10 42.08
C THR B 401 -3.20 -14.02 42.92
N VAL B 402 -2.86 -14.23 44.19
CA VAL B 402 -3.59 -15.17 45.01
C VAL B 402 -5.01 -14.69 45.28
N LEU B 403 -5.22 -13.39 45.41
CA LEU B 403 -6.58 -12.89 45.61
C LEU B 403 -7.46 -13.17 44.40
N ASP B 404 -6.91 -12.93 43.21
CA ASP B 404 -7.64 -13.21 41.99
C ASP B 404 -7.87 -14.70 41.85
N ASN B 405 -6.87 -15.49 42.22
CA ASN B 405 -7.01 -16.95 42.15
C ASN B 405 -8.11 -17.43 43.06
N ILE B 406 -8.16 -16.90 44.27
CA ILE B 406 -9.20 -17.28 45.22
C ILE B 406 -10.57 -16.85 44.70
N GLN B 407 -10.67 -15.62 44.19
CA GLN B 407 -11.93 -15.14 43.62
C GLN B 407 -12.38 -16.03 42.47
N ARG B 408 -11.45 -16.43 41.62
CA ARG B 408 -11.77 -17.30 40.50
C ARG B 408 -12.24 -18.65 41.01
N LYS B 409 -11.57 -19.18 42.01
CA LYS B 409 -11.96 -20.46 42.60
C LYS B 409 -13.37 -20.37 43.16
N THR B 410 -13.68 -19.28 43.88
CA THR B 410 -15.01 -19.11 44.45
C THR B 410 -16.07 -19.13 43.37
N ASN B 411 -15.83 -18.39 42.28
CA ASN B 411 -16.78 -18.38 41.18
C ASN B 411 -17.11 -19.79 40.77
N THR B 412 -16.08 -20.57 40.42
CA THR B 412 -16.30 -21.95 39.98
C THR B 412 -16.91 -22.84 41.05
N LEU B 413 -16.52 -22.66 42.31
CA LEU B 413 -17.07 -23.48 43.39
C LEU B 413 -18.57 -23.27 43.50
N LEU B 414 -19.00 -22.02 43.41
CA LEU B 414 -20.41 -21.73 43.52
C LEU B 414 -21.14 -22.12 42.24
N THR B 415 -20.47 -22.05 41.09
CA THR B 415 -21.08 -22.56 39.86
C THR B 415 -21.44 -24.03 39.98
N THR B 416 -20.59 -24.84 40.61
CA THR B 416 -20.98 -26.25 40.82
C THR B 416 -22.23 -26.36 41.68
N LEU B 417 -22.36 -25.48 42.68
CA LEU B 417 -23.53 -25.53 43.56
C LEU B 417 -24.78 -25.01 42.87
N TYR B 418 -24.61 -24.10 41.92
CA TYR B 418 -25.75 -23.58 41.17
C TYR B 418 -26.27 -24.72 40.31
N GLN B 419 -25.37 -25.50 39.74
CA GLN B 419 -25.78 -26.62 38.90
C GLN B 419 -26.27 -27.79 39.73
N ALA B 420 -25.98 -27.77 41.04
CA ALA B 420 -26.49 -28.81 41.92
C ALA B 420 -27.93 -28.49 42.30
N GLY B 421 -28.32 -27.23 42.13
CA GLY B 421 -29.69 -26.84 42.40
C GLY B 421 -29.87 -26.26 43.78
N LEU B 422 -28.78 -25.76 44.36
CA LEU B 422 -28.83 -25.22 45.71
C LEU B 422 -29.41 -23.82 45.73
N PHE B 423 -29.41 -23.15 44.59
CA PHE B 423 -29.84 -21.75 44.58
C PHE B 423 -31.09 -21.42 43.77
N TYR B 424 -31.78 -20.36 44.15
CA TYR B 424 -32.96 -19.90 43.42
C TYR B 424 -32.52 -18.90 42.34
N GLY B 425 -32.90 -19.19 41.10
CA GLY B 425 -32.57 -18.32 40.00
C GLY B 425 -32.25 -19.09 38.73
N GLN B 426 -32.64 -18.54 37.57
CA GLN B 426 -32.36 -19.21 36.31
C GLN B 426 -30.89 -19.09 35.94
N THR B 427 -30.15 -18.19 36.60
CA THR B 427 -28.77 -17.91 36.24
C THR B 427 -27.94 -17.67 37.48
N THR B 428 -26.61 -17.77 37.30
CA THR B 428 -25.70 -17.47 38.39
C THR B 428 -25.85 -16.02 38.83
N SER B 429 -26.10 -15.12 37.88
CA SER B 429 -26.32 -13.71 38.21
C SER B 429 -27.60 -13.53 39.02
N GLU B 430 -28.44 -14.56 39.08
CA GLU B 430 -29.57 -14.57 39.99
C GLU B 430 -29.27 -15.36 41.26
N ALA B 431 -28.28 -16.25 41.24
CA ALA B 431 -28.02 -17.17 42.34
C ALA B 431 -27.02 -16.58 43.35
N PHE B 432 -25.81 -16.25 42.89
CA PHE B 432 -24.74 -15.90 43.83
C PHE B 432 -23.89 -14.77 43.26
N SER B 433 -23.07 -14.18 44.14
CA SER B 433 -22.13 -13.14 43.77
C SER B 433 -20.98 -13.15 44.76
N VAL B 434 -19.80 -12.74 44.28
CA VAL B 434 -18.56 -12.84 45.04
C VAL B 434 -17.81 -11.51 44.98
N LEU B 435 -16.99 -11.26 46.00
CA LEU B 435 -16.13 -10.09 46.05
C LEU B 435 -14.95 -10.44 46.96
N GLY B 436 -13.79 -10.71 46.36
CA GLY B 436 -12.61 -11.05 47.11
C GLY B 436 -11.32 -10.53 46.51
N ASP B 437 -11.41 -9.55 45.62
CA ASP B 437 -10.24 -9.02 44.95
C ASP B 437 -9.43 -8.18 45.93
N ALA B 438 -8.34 -7.58 45.42
CA ALA B 438 -7.46 -6.78 46.26
C ALA B 438 -8.10 -5.47 46.68
N SER B 439 -9.16 -5.03 45.99
CA SER B 439 -9.82 -3.78 46.35
C SER B 439 -10.49 -3.85 47.71
N VAL B 440 -10.71 -5.05 48.25
CA VAL B 440 -11.31 -5.22 49.57
C VAL B 440 -10.30 -5.67 50.61
N GLN B 441 -9.06 -5.90 50.23
CA GLN B 441 -8.01 -6.28 51.17
C GLN B 441 -7.27 -5.04 51.67
N VAL B 442 -6.94 -5.04 52.95
CA VAL B 442 -6.24 -3.94 53.60
C VAL B 442 -4.80 -4.36 53.81
N PRO B 443 -3.81 -3.54 53.43
CA PRO B 443 -2.41 -3.95 53.65
C PRO B 443 -2.09 -4.25 55.11
N SER B 444 -2.66 -3.50 56.04
CA SER B 444 -2.37 -3.74 57.46
C SER B 444 -2.82 -5.13 57.87
N LEU B 445 -3.99 -5.57 57.40
CA LEU B 445 -4.46 -6.91 57.73
C LEU B 445 -3.66 -7.97 56.97
N LEU B 446 -3.30 -7.70 55.72
CA LEU B 446 -2.47 -8.64 54.98
C LEU B 446 -1.15 -8.89 55.69
N GLN B 447 -0.57 -7.84 56.28
CA GLN B 447 0.67 -8.02 57.02
C GLN B 447 0.49 -8.98 58.18
N GLN B 448 -0.71 -9.03 58.76
CA GLN B 448 -1.03 -10.00 59.80
C GLN B 448 -1.44 -11.36 59.23
N GLY B 449 -1.73 -11.43 57.93
CA GLY B 449 -2.13 -12.67 57.31
C GLY B 449 -3.63 -12.84 57.15
N LEU B 450 -4.39 -11.76 57.05
CA LEU B 450 -5.83 -11.81 56.96
C LEU B 450 -6.29 -11.52 55.54
N VAL B 451 -7.25 -12.31 55.06
CA VAL B 451 -7.87 -12.11 53.76
C VAL B 451 -9.38 -12.15 53.96
N ASN B 452 -10.07 -11.15 53.42
CA ASN B 452 -11.52 -11.01 53.58
C ASN B 452 -12.20 -11.35 52.27
N MET B 453 -13.26 -12.16 52.36
CA MET B 453 -14.07 -12.55 51.21
C MET B 453 -15.53 -12.23 51.53
N PHE B 454 -16.28 -11.81 50.51
CA PHE B 454 -17.68 -11.44 50.67
C PHE B 454 -18.50 -12.22 49.65
N ILE B 455 -19.50 -12.95 50.12
CA ILE B 455 -20.33 -13.79 49.26
C ILE B 455 -21.79 -13.48 49.52
N TRP B 456 -22.59 -13.52 48.46
CA TRP B 456 -24.04 -13.42 48.57
C TRP B 456 -24.67 -14.57 47.81
N VAL B 457 -25.69 -15.18 48.41
CA VAL B 457 -26.35 -16.34 47.84
C VAL B 457 -27.85 -16.23 48.06
N VAL B 458 -28.61 -16.86 47.18
CA VAL B 458 -30.06 -16.92 47.31
C VAL B 458 -30.45 -18.39 47.45
N PRO B 459 -30.60 -18.92 48.66
CA PRO B 459 -30.92 -20.33 48.81
C PRO B 459 -32.29 -20.66 48.26
N SER B 460 -32.44 -21.89 47.78
CA SER B 460 -33.73 -22.38 47.34
C SER B 460 -34.65 -22.59 48.55
N THR B 461 -35.95 -22.47 48.30
CA THR B 461 -36.97 -22.70 49.31
C THR B 461 -37.70 -24.00 49.01
N ILE B 462 -38.70 -24.30 49.83
CA ILE B 462 -39.45 -25.55 49.73
C ILE B 462 -40.94 -25.25 49.74
N ILE B 463 -41.71 -26.24 49.30
CA ILE B 463 -43.17 -26.20 49.39
C ILE B 463 -43.57 -26.74 50.75
N GLU B 464 -44.16 -25.88 51.58
CA GLU B 464 -44.65 -26.30 52.89
C GLU B 464 -46.14 -26.58 52.89
N ARG B 465 -46.97 -25.60 52.54
CA ARG B 465 -48.41 -25.80 52.46
C ARG B 465 -48.89 -25.40 51.07
N LEU B 466 -49.72 -26.25 50.49
CA LEU B 466 -50.28 -26.04 49.15
C LEU B 466 -51.77 -25.78 49.27
N ILE B 467 -52.22 -24.65 48.74
CA ILE B 467 -53.59 -24.19 48.91
C ILE B 467 -54.33 -24.39 47.59
N ILE B 468 -55.46 -25.08 47.65
CA ILE B 468 -56.31 -25.30 46.49
C ILE B 468 -57.52 -24.38 46.60
N ASN B 469 -57.64 -23.45 45.65
CA ASN B 469 -58.80 -22.57 45.53
C ASN B 469 -59.57 -23.04 44.30
N ILE B 470 -60.62 -23.83 44.52
CA ILE B 470 -61.39 -24.42 43.44
C ILE B 470 -62.80 -23.87 43.48
N LYS B 471 -63.29 -23.45 42.32
CA LYS B 471 -64.59 -22.82 42.16
C LYS B 471 -65.55 -23.75 41.44
N GLN B 472 -66.78 -23.83 41.94
CA GLN B 472 -67.83 -24.62 41.31
C GLN B 472 -68.63 -23.81 40.29
N THR B 473 -68.68 -24.30 39.06
CA THR B 473 -69.30 -23.59 37.95
C THR B 473 -70.55 -24.25 37.39
N ALA B 474 -71.53 -23.43 37.03
CA ALA B 474 -72.73 -23.93 36.40
C ALA B 474 -72.41 -24.48 35.01
N ILE B 475 -73.41 -25.11 34.39
CA ILE B 475 -73.21 -25.71 33.08
C ILE B 475 -73.10 -24.61 32.03
N GLY B 476 -72.01 -24.63 31.27
CA GLY B 476 -71.87 -23.74 30.13
C GLY B 476 -70.94 -22.56 30.33
N ASP B 477 -70.96 -21.96 31.52
CA ASP B 477 -70.23 -20.72 31.78
C ASP B 477 -68.81 -20.95 32.29
N LEU B 478 -68.31 -22.19 32.19
CA LEU B 478 -66.98 -22.47 32.72
C LEU B 478 -65.91 -21.65 32.03
N GLU B 479 -65.94 -21.58 30.69
CA GLU B 479 -64.89 -20.88 29.97
C GLU B 479 -64.90 -19.39 30.29
N ALA B 480 -66.08 -18.77 30.35
CA ALA B 480 -66.13 -17.34 30.65
C ALA B 480 -65.70 -17.06 32.07
N THR B 481 -66.16 -17.88 33.03
CA THR B 481 -65.73 -17.70 34.41
C THR B 481 -64.22 -17.85 34.53
N VAL B 482 -63.65 -18.85 33.85
CA VAL B 482 -62.21 -19.05 33.88
C VAL B 482 -61.48 -17.85 33.31
N ALA B 483 -61.95 -17.34 32.16
CA ALA B 483 -61.30 -16.18 31.57
C ALA B 483 -61.29 -15.00 32.54
N LEU B 484 -62.46 -14.69 33.11
CA LEU B 484 -62.55 -13.55 34.01
C LEU B 484 -61.64 -13.73 35.22
N ASP B 485 -61.76 -14.87 35.90
CA ASP B 485 -61.01 -15.09 37.13
C ASP B 485 -59.50 -15.14 36.85
N THR B 486 -59.10 -15.79 35.76
CA THR B 486 -57.68 -15.87 35.44
C THR B 486 -57.12 -14.49 35.12
N ALA B 487 -57.85 -13.69 34.35
CA ALA B 487 -57.39 -12.34 34.08
C ALA B 487 -57.20 -11.57 35.39
N ALA B 488 -58.19 -11.64 36.28
CA ALA B 488 -58.10 -10.93 37.55
C ALA B 488 -56.88 -11.39 38.35
N LEU B 489 -56.70 -12.70 38.47
CA LEU B 489 -55.62 -13.24 39.30
C LEU B 489 -54.25 -12.89 38.72
N GLN B 490 -54.08 -13.07 37.40
CA GLN B 490 -52.79 -12.76 36.79
C GLN B 490 -52.48 -11.27 36.92
N SER B 491 -53.47 -10.42 36.67
CA SER B 491 -53.23 -8.97 36.80
C SER B 491 -52.85 -8.62 38.23
N SER B 492 -53.54 -9.18 39.21
CA SER B 492 -53.21 -8.91 40.60
C SER B 492 -51.79 -9.34 40.92
N VAL B 493 -51.41 -10.55 40.49
CA VAL B 493 -50.07 -11.06 40.79
C VAL B 493 -49.01 -10.17 40.16
N GLU B 494 -49.20 -9.78 38.90
CA GLU B 494 -48.15 -9.00 38.22
C GLU B 494 -48.11 -7.57 38.73
N GLU B 495 -49.22 -7.04 39.23
CA GLU B 495 -49.18 -5.74 39.88
C GLU B 495 -48.70 -5.80 41.31
N GLY B 496 -48.60 -6.99 41.90
CA GLY B 496 -48.16 -7.10 43.27
C GLY B 496 -49.23 -6.78 44.29
N THR B 497 -50.48 -6.66 43.85
CA THR B 497 -51.60 -6.41 44.75
C THR B 497 -52.15 -7.67 45.39
N ALA B 498 -51.62 -8.84 45.02
CA ALA B 498 -52.18 -10.09 45.54
C ALA B 498 -52.03 -10.18 47.05
N THR B 499 -50.90 -9.73 47.59
CA THR B 499 -50.65 -9.82 49.02
C THR B 499 -51.27 -8.67 49.81
N GLU B 500 -51.72 -7.61 49.14
CA GLU B 500 -52.26 -6.45 49.84
C GLU B 500 -53.66 -6.74 50.35
N GLY B 501 -53.75 -7.24 51.58
CA GLY B 501 -55.04 -7.55 52.17
C GLY B 501 -54.85 -8.11 53.56
N THR B 502 -55.94 -8.62 54.11
CA THR B 502 -55.94 -9.21 55.45
C THR B 502 -55.95 -10.73 55.35
N ALA B 503 -55.16 -11.37 56.20
CA ALA B 503 -55.05 -12.82 56.18
C ALA B 503 -56.19 -13.55 56.89
N PRO B 504 -56.92 -14.45 56.22
CA PRO B 504 -57.97 -15.20 56.89
C PRO B 504 -57.42 -16.47 57.54
N VAL B 505 -58.04 -16.88 58.64
CA VAL B 505 -57.69 -18.14 59.28
C VAL B 505 -58.59 -19.24 58.74
N MET C 1 10.03 -72.27 -3.30
CA MET C 1 11.39 -72.63 -3.62
C MET C 1 11.38 -73.46 -4.90
N THR C 2 10.89 -74.69 -4.78
CA THR C 2 10.63 -75.53 -5.95
C THR C 2 9.32 -75.07 -6.58
N ASN C 3 8.84 -75.80 -7.59
CA ASN C 3 7.65 -75.51 -8.37
C ASN C 3 7.91 -74.39 -9.39
N PHE C 4 9.10 -73.81 -9.41
CA PHE C 4 9.43 -72.74 -10.34
C PHE C 4 10.51 -73.12 -11.35
N LEU C 5 11.33 -74.12 -11.06
CA LEU C 5 12.43 -74.51 -11.94
C LEU C 5 12.08 -75.70 -12.83
N ASN C 6 10.83 -76.17 -12.78
CA ASN C 6 10.47 -77.38 -13.51
C ASN C 6 10.72 -77.22 -15.00
N GLY C 7 10.48 -76.03 -15.55
CA GLY C 7 10.62 -75.81 -16.97
C GLY C 7 11.96 -75.22 -17.37
N VAL C 8 12.95 -75.33 -16.50
CA VAL C 8 14.26 -74.76 -16.79
C VAL C 8 15.07 -75.67 -17.73
N ASN C 9 15.08 -76.97 -17.47
CA ASN C 9 15.80 -77.92 -18.32
C ASN C 9 14.87 -78.46 -19.41
N ILE C 10 14.24 -77.54 -20.14
CA ILE C 10 13.43 -77.89 -21.30
C ILE C 10 13.84 -76.80 -22.27
N GLY C 11 14.23 -77.15 -23.49
CA GLY C 11 14.60 -76.14 -24.47
C GLY C 11 13.46 -75.90 -25.43
N THR C 12 12.61 -76.90 -25.61
CA THR C 12 11.48 -76.78 -26.52
C THR C 12 10.44 -75.81 -26.02
N PRO C 13 9.84 -75.04 -26.93
CA PRO C 13 8.74 -74.16 -26.50
C PRO C 13 7.47 -74.99 -26.34
N GLY C 14 6.61 -74.62 -25.40
CA GLY C 14 5.35 -75.34 -25.25
C GLY C 14 4.77 -75.37 -23.86
N ALA C 15 3.70 -76.14 -23.67
CA ALA C 15 3.04 -76.18 -22.36
C ALA C 15 3.13 -77.55 -21.70
N TYR C 16 3.74 -77.62 -20.53
CA TYR C 16 3.89 -78.88 -19.81
C TYR C 16 3.36 -78.75 -18.39
N ALA C 17 3.23 -79.89 -17.71
CA ALA C 17 2.72 -79.98 -16.35
C ALA C 17 3.61 -80.82 -15.44
N PHE C 18 3.64 -80.46 -14.14
CA PHE C 18 4.59 -81.08 -13.23
C PHE C 18 4.04 -81.43 -11.85
N TYR C 19 2.72 -81.37 -11.63
CA TYR C 19 2.05 -81.98 -10.49
C TYR C 19 2.38 -81.34 -9.13
N GLN C 20 2.91 -80.13 -9.15
CA GLN C 20 3.13 -79.36 -7.90
C GLN C 20 3.66 -80.01 -6.64
N THR C 21 4.96 -80.00 -6.44
CA THR C 21 5.55 -80.50 -5.20
C THR C 21 5.33 -79.53 -4.04
N THR C 22 5.87 -79.86 -2.88
CA THR C 22 5.71 -78.99 -1.72
C THR C 22 6.57 -77.73 -1.83
N GLN C 23 6.05 -76.60 -1.35
CA GLN C 23 6.80 -75.36 -1.36
C GLN C 23 7.15 -74.94 0.06
N SER C 24 8.39 -74.53 0.27
CA SER C 24 8.82 -74.13 1.61
C SER C 24 8.32 -72.73 1.96
N ARG C 25 8.05 -72.50 3.24
CA ARG C 25 7.61 -71.18 3.67
C ARG C 25 8.82 -70.38 4.12
N PRO C 26 9.12 -69.22 3.42
CA PRO C 26 10.31 -68.52 3.91
C PRO C 26 10.05 -67.82 5.22
N ILE C 27 10.98 -67.95 6.16
CA ILE C 27 10.79 -67.36 7.46
C ILE C 27 11.48 -66.02 7.49
N ASN C 28 10.79 -64.98 7.94
CA ASN C 28 11.36 -63.64 7.94
C ASN C 28 12.35 -63.39 9.07
N VAL C 29 12.92 -62.19 9.10
CA VAL C 29 13.95 -61.90 10.10
C VAL C 29 13.47 -61.19 11.35
N GLU C 30 12.27 -61.52 11.83
CA GLU C 30 11.81 -60.93 13.09
C GLU C 30 12.73 -61.43 14.19
N PRO C 31 13.20 -60.52 15.05
CA PRO C 31 14.17 -60.92 16.06
C PRO C 31 13.85 -62.11 16.95
N PHE C 32 12.64 -62.61 17.08
CA PHE C 32 12.27 -63.67 18.02
C PHE C 32 11.43 -64.75 17.36
N ARG C 33 11.90 -65.28 16.23
CA ARG C 33 11.32 -66.48 15.63
C ARG C 33 12.42 -67.48 15.28
N THR C 34 13.31 -67.72 16.24
CA THR C 34 14.38 -68.70 16.08
C THR C 34 14.59 -69.43 17.39
N CYS C 35 15.04 -70.68 17.29
CA CYS C 35 15.35 -71.51 18.44
C CYS C 35 16.71 -72.15 18.24
N TYR C 36 17.57 -72.01 19.24
CA TYR C 36 18.93 -72.56 19.22
C TYR C 36 18.98 -73.77 20.14
N MET C 37 19.23 -74.93 19.57
CA MET C 37 19.34 -76.18 20.29
C MET C 37 20.82 -76.54 20.44
N VAL C 38 21.28 -76.65 21.68
CA VAL C 38 22.65 -77.05 21.97
C VAL C 38 22.65 -78.55 22.21
N GLY C 39 23.25 -79.31 21.30
CA GLY C 39 23.26 -80.75 21.40
C GLY C 39 24.60 -81.28 20.94
N PHE C 40 24.72 -82.61 20.93
CA PHE C 40 25.96 -83.25 20.54
C PHE C 40 25.69 -84.30 19.46
N ALA C 41 26.62 -84.41 18.52
CA ALA C 41 26.63 -85.47 17.54
C ALA C 41 28.08 -85.90 17.32
N SER C 42 28.33 -87.21 17.42
CA SER C 42 29.69 -87.70 17.23
C SER C 42 30.27 -87.22 15.91
N ASN C 43 29.42 -87.11 14.89
CA ASN C 43 29.82 -86.50 13.63
C ASN C 43 29.97 -84.99 13.86
N GLY C 44 31.22 -84.54 14.02
CA GLY C 44 31.48 -83.16 14.38
C GLY C 44 31.68 -82.23 13.21
N VAL C 45 30.65 -82.12 12.36
CA VAL C 45 30.76 -81.29 11.17
C VAL C 45 30.82 -79.81 11.54
N ASN C 46 29.99 -79.38 12.47
CA ASN C 46 29.82 -77.96 12.80
C ASN C 46 30.07 -77.71 14.27
N LYS C 47 31.20 -78.23 14.75
CA LYS C 47 31.58 -78.07 16.16
C LYS C 47 31.51 -76.61 16.59
N ASN C 48 30.64 -76.34 17.56
CA ASN C 48 30.51 -74.99 18.14
C ASN C 48 30.19 -73.95 17.07
N VAL C 49 29.36 -74.32 16.10
CA VAL C 49 28.92 -73.39 15.07
C VAL C 49 27.40 -73.51 14.93
N PRO C 50 26.63 -72.48 15.29
CA PRO C 50 25.17 -72.56 15.09
C PRO C 50 24.83 -72.66 13.61
N THR C 51 24.29 -73.81 13.21
CA THR C 51 23.97 -74.08 11.82
C THR C 51 22.46 -74.19 11.65
N ARG C 52 21.94 -73.51 10.64
CA ARG C 52 20.51 -73.58 10.33
C ARG C 52 20.15 -74.99 9.85
N ILE C 53 19.00 -75.46 10.29
CA ILE C 53 18.48 -76.77 9.89
C ILE C 53 17.16 -76.55 9.16
N SER C 54 17.07 -77.06 7.94
CA SER C 54 15.86 -76.92 7.15
C SER C 54 14.75 -77.87 7.59
N ASN C 55 15.10 -79.07 8.05
CA ASN C 55 14.11 -80.06 8.46
C ASN C 55 14.84 -81.24 9.09
N LEU C 56 14.04 -82.19 9.59
CA LEU C 56 14.62 -83.35 10.27
C LEU C 56 15.47 -84.17 9.31
N THR C 57 15.06 -84.25 8.04
CA THR C 57 15.86 -84.98 7.06
C THR C 57 17.24 -84.35 6.90
N ASP C 58 17.30 -83.01 6.82
CA ASP C 58 18.58 -82.33 6.74
C ASP C 58 19.39 -82.56 8.00
N PHE C 59 18.74 -82.52 9.17
CA PHE C 59 19.44 -82.77 10.41
C PHE C 59 20.09 -84.15 10.41
N THR C 60 19.33 -85.16 10.00
CA THR C 60 19.86 -86.52 9.97
C THR C 60 20.99 -86.64 8.95
N ASN C 61 20.82 -86.03 7.78
CA ASN C 61 21.85 -86.11 6.74
C ASN C 61 23.16 -85.50 7.21
N VAL C 62 23.08 -84.35 7.89
CA VAL C 62 24.29 -83.65 8.29
C VAL C 62 24.91 -84.29 9.53
N TYR C 63 24.15 -84.35 10.62
CA TYR C 63 24.68 -84.79 11.91
C TYR C 63 24.49 -86.28 12.18
N GLY C 64 23.75 -86.99 11.34
CA GLY C 64 23.56 -88.41 11.55
C GLY C 64 22.92 -88.69 12.90
N THR C 65 23.43 -89.72 13.57
CA THR C 65 22.88 -90.11 14.87
C THR C 65 23.09 -89.01 15.90
N SER C 66 22.08 -88.80 16.75
CA SER C 66 22.16 -87.83 17.83
C SER C 66 20.95 -88.01 18.73
N ALA C 67 21.16 -87.83 20.04
CA ALA C 67 20.07 -87.92 20.99
C ALA C 67 19.08 -86.77 20.86
N SER C 68 19.42 -85.74 20.10
CA SER C 68 18.55 -84.59 19.89
C SER C 68 17.61 -84.77 18.70
N THR C 69 17.63 -85.93 18.05
CA THR C 69 16.80 -86.14 16.87
C THR C 69 15.32 -86.04 17.23
N ASN C 70 14.91 -86.63 18.35
CA ASN C 70 13.51 -86.55 18.76
C ASN C 70 13.09 -85.11 19.03
N SER C 71 13.95 -84.34 19.70
CA SER C 71 13.63 -82.94 19.97
C SER C 71 13.53 -82.14 18.67
N VAL C 72 14.41 -82.41 17.72
CA VAL C 72 14.34 -81.73 16.44
C VAL C 72 13.03 -82.06 15.72
N ASP C 73 12.66 -83.35 15.73
CA ASP C 73 11.42 -83.75 15.10
C ASP C 73 10.22 -83.06 15.74
N LEU C 74 10.19 -83.01 17.08
CA LEU C 74 9.10 -82.33 17.77
C LEU C 74 9.07 -80.85 17.41
N PHE C 75 10.23 -80.20 17.38
CA PHE C 75 10.27 -78.79 17.03
C PHE C 75 9.68 -78.56 15.65
N PHE C 76 10.10 -79.34 14.66
CA PHE C 76 9.59 -79.13 13.31
C PHE C 76 8.10 -79.45 13.22
N LYS C 77 7.65 -80.52 13.89
CA LYS C 77 6.22 -80.85 13.87
C LYS C 77 5.40 -79.70 14.44
N ASN C 78 5.83 -79.12 15.55
CA ASN C 78 5.04 -78.06 16.20
C ASN C 78 5.18 -76.73 15.47
N SER C 79 6.33 -76.46 14.84
CA SER C 79 6.52 -75.17 14.19
C SER C 79 5.90 -75.15 12.80
N GLN C 80 5.74 -76.31 12.17
CA GLN C 80 5.02 -76.41 10.89
C GLN C 80 5.66 -75.51 9.83
N GLY C 81 6.98 -75.49 9.77
CA GLY C 81 7.71 -74.74 8.78
C GLY C 81 7.98 -73.29 9.16
N PHE C 82 7.32 -72.77 10.18
CA PHE C 82 7.60 -71.43 10.67
C PHE C 82 8.78 -71.46 11.63
N GLY C 83 9.43 -70.31 11.77
CA GLY C 83 10.57 -70.21 12.66
C GLY C 83 11.75 -71.01 12.17
N ASN C 84 12.94 -70.72 12.70
CA ASN C 84 14.17 -71.39 12.31
C ASN C 84 14.75 -72.17 13.48
N LEU C 85 15.44 -73.26 13.15
CA LEU C 85 16.16 -74.06 14.13
C LEU C 85 17.65 -73.96 13.84
N TYR C 86 18.42 -73.63 14.86
CA TYR C 86 19.88 -73.57 14.76
C TYR C 86 20.47 -74.59 15.72
N PHE C 87 21.15 -75.59 15.18
CA PHE C 87 21.79 -76.61 16.00
C PHE C 87 23.23 -76.21 16.28
N VAL C 88 23.66 -76.45 17.52
CA VAL C 88 25.03 -76.19 17.95
C VAL C 88 25.59 -77.51 18.45
N ASN C 89 26.57 -78.04 17.71
CA ASN C 89 27.22 -79.29 18.09
C ASN C 89 28.32 -78.99 19.08
N VAL C 90 28.21 -79.55 20.28
CA VAL C 90 29.18 -79.28 21.33
C VAL C 90 30.50 -79.95 20.97
N ALA C 91 31.59 -79.19 21.06
CA ALA C 91 32.92 -79.67 20.72
C ALA C 91 33.58 -80.24 21.97
N ILE C 92 34.13 -81.44 21.85
CA ILE C 92 34.81 -82.11 22.96
C ILE C 92 36.27 -81.67 22.93
N PRO C 93 36.78 -81.04 23.99
CA PRO C 93 38.17 -80.57 23.95
C PRO C 93 39.16 -81.72 23.98
N THR C 94 40.32 -81.48 23.39
CA THR C 94 41.42 -82.43 23.47
C THR C 94 41.91 -82.53 24.91
N ARG C 95 42.50 -83.67 25.26
CA ARG C 95 43.00 -83.91 26.60
C ARG C 95 44.30 -84.69 26.52
N TYR C 96 45.23 -84.35 27.40
CA TYR C 96 46.51 -85.05 27.48
C TYR C 96 46.78 -85.40 28.94
N GLN C 97 46.93 -86.68 29.22
CA GLN C 97 47.19 -87.17 30.57
C GLN C 97 48.65 -87.59 30.65
N ILE C 98 49.38 -86.97 31.58
CA ILE C 98 50.80 -87.23 31.78
C ILE C 98 50.95 -87.88 33.15
N VAL C 99 51.51 -89.09 33.16
CA VAL C 99 51.78 -89.81 34.40
C VAL C 99 53.26 -89.65 34.72
N VAL C 100 53.57 -89.12 35.89
CA VAL C 100 54.96 -88.97 36.33
C VAL C 100 55.31 -90.24 37.08
N THR C 101 56.16 -91.07 36.46
CA THR C 101 56.41 -92.42 36.98
C THR C 101 57.13 -92.37 38.31
N ALA C 102 58.16 -91.53 38.42
CA ALA C 102 59.00 -91.50 39.61
C ALA C 102 59.58 -90.10 39.78
N ALA C 103 60.43 -89.95 40.80
CA ALA C 103 61.08 -88.68 41.12
C ALA C 103 62.54 -88.68 40.69
N THR C 104 62.84 -89.29 39.54
CA THR C 104 64.22 -89.33 39.06
C THR C 104 64.77 -87.92 38.91
N ALA C 105 65.94 -87.70 39.48
CA ALA C 105 66.58 -86.39 39.39
C ALA C 105 67.12 -86.16 37.98
N GLY C 106 66.95 -84.95 37.49
CA GLY C 106 67.43 -84.59 36.17
C GLY C 106 66.65 -83.42 35.61
N SER C 107 66.97 -83.08 34.37
CA SER C 107 66.34 -81.98 33.67
C SER C 107 65.41 -82.53 32.59
N TYR C 108 64.14 -82.14 32.65
CA TYR C 108 63.13 -82.55 31.68
C TYR C 108 62.36 -81.33 31.24
N SER C 109 61.56 -81.48 30.18
CA SER C 109 60.76 -80.38 29.67
C SER C 109 59.40 -80.91 29.25
N VAL C 110 58.41 -80.02 29.23
CA VAL C 110 57.05 -80.34 28.83
C VAL C 110 56.66 -79.39 27.71
N THR C 111 56.16 -79.93 26.61
CA THR C 111 55.79 -79.16 25.44
C THR C 111 54.27 -79.11 25.31
N VAL C 112 53.74 -77.91 25.05
CA VAL C 112 52.31 -77.72 24.83
C VAL C 112 52.15 -76.66 23.74
N ASN C 113 51.61 -77.08 22.58
CA ASN C 113 51.40 -76.18 21.46
C ASN C 113 52.70 -75.46 21.07
N GLY C 114 53.80 -76.20 21.09
CA GLY C 114 55.09 -75.65 20.73
C GLY C 114 55.79 -74.86 21.82
N VAL C 115 55.12 -74.60 22.94
CA VAL C 115 55.73 -73.89 24.05
C VAL C 115 56.32 -74.90 25.01
N THR C 116 57.62 -74.80 25.25
CA THR C 116 58.35 -75.75 26.08
C THR C 116 58.53 -75.18 27.48
N LYS C 117 58.33 -76.04 28.48
CA LYS C 117 58.54 -75.68 29.88
C LYS C 117 59.55 -76.65 30.48
N ALA C 118 60.69 -76.11 30.90
CA ALA C 118 61.76 -76.92 31.48
C ALA C 118 61.43 -77.24 32.94
N ILE C 119 61.58 -78.52 33.29
CA ILE C 119 61.29 -79.00 34.64
C ILE C 119 62.54 -79.68 35.18
N THR C 120 62.94 -79.30 36.39
CA THR C 120 64.13 -79.82 37.04
C THR C 120 63.74 -80.61 38.29
N VAL C 121 64.32 -81.79 38.44
CA VAL C 121 64.01 -82.69 39.55
C VAL C 121 65.28 -82.93 40.34
N VAL C 122 65.21 -82.72 41.66
CA VAL C 122 66.35 -82.91 42.53
C VAL C 122 65.99 -83.95 43.59
N GLY C 123 66.98 -84.31 44.40
CA GLY C 123 66.73 -85.26 45.48
C GLY C 123 65.67 -84.74 46.43
N GLY C 124 64.87 -85.66 46.96
CA GLY C 124 63.74 -85.30 47.79
C GLY C 124 62.46 -85.05 47.03
N ALA C 125 62.49 -85.14 45.71
CA ALA C 125 61.30 -84.92 44.90
C ALA C 125 60.36 -86.11 45.00
N THR C 126 59.10 -85.88 44.64
CA THR C 126 58.07 -86.91 44.63
C THR C 126 57.28 -86.80 43.34
N THR C 127 56.56 -87.88 43.02
CA THR C 127 55.67 -87.85 41.86
C THR C 127 54.63 -86.74 42.00
N THR C 128 54.01 -86.64 43.18
CA THR C 128 53.00 -85.62 43.39
C THR C 128 53.59 -84.21 43.28
N THR C 129 54.77 -83.99 43.88
CA THR C 129 55.38 -82.67 43.82
C THR C 129 55.76 -82.30 42.40
N ILE C 130 56.27 -83.27 41.62
CA ILE C 130 56.63 -82.99 40.24
C ILE C 130 55.39 -82.66 39.43
N ALA C 131 54.31 -83.41 39.63
CA ALA C 131 53.06 -83.12 38.92
C ALA C 131 52.54 -81.74 39.28
N ALA C 132 52.58 -81.39 40.56
CA ALA C 132 52.12 -80.07 40.99
C ALA C 132 52.99 -78.97 40.40
N ASP C 133 54.30 -79.19 40.34
CA ASP C 133 55.19 -78.19 39.74
C ASP C 133 54.88 -78.01 38.26
N VAL C 134 54.65 -79.11 37.54
CA VAL C 134 54.29 -79.00 36.13
C VAL C 134 52.99 -78.23 35.97
N ILE C 135 52.00 -78.55 36.80
CA ILE C 135 50.70 -77.88 36.71
C ILE C 135 50.86 -76.39 36.97
N SER C 136 51.62 -76.03 38.02
CA SER C 136 51.83 -74.63 38.34
C SER C 136 52.56 -73.90 37.23
N ALA C 137 53.60 -74.52 36.68
CA ALA C 137 54.34 -73.87 35.60
C ALA C 137 53.41 -73.60 34.41
N ILE C 138 52.62 -74.60 34.01
CA ILE C 138 51.74 -74.43 32.86
C ILE C 138 50.68 -73.38 33.15
N ASN C 139 50.09 -73.40 34.34
CA ASN C 139 48.96 -72.52 34.62
C ASN C 139 49.40 -71.08 34.87
N ASN C 140 50.63 -70.88 35.36
CA ASN C 140 51.15 -69.54 35.55
C ASN C 140 51.97 -69.04 34.37
N ASP C 141 52.18 -69.87 33.34
CA ASP C 141 52.74 -69.36 32.10
C ASP C 141 51.73 -68.47 31.40
N THR C 142 52.20 -67.34 30.86
CA THR C 142 51.31 -66.36 30.26
C THR C 142 50.63 -66.87 28.99
N VAL C 143 51.25 -67.78 28.26
CA VAL C 143 50.73 -68.27 26.99
C VAL C 143 49.79 -69.44 27.19
N LEU C 144 50.20 -70.44 27.98
CA LEU C 144 49.42 -71.67 28.09
C LEU C 144 48.17 -71.50 28.95
N ASN C 145 48.21 -70.60 29.93
CA ASN C 145 47.08 -70.46 30.84
C ASN C 145 45.80 -70.13 30.09
N LYS C 146 45.91 -69.50 28.92
CA LYS C 146 44.75 -69.18 28.10
C LYS C 146 44.36 -70.29 27.14
N GLU C 147 45.34 -71.06 26.66
CA GLU C 147 45.05 -72.11 25.69
C GLU C 147 44.51 -73.37 26.35
N VAL C 148 45.08 -73.76 27.49
CA VAL C 148 44.79 -75.04 28.14
C VAL C 148 44.70 -74.83 29.64
N LEU C 149 44.14 -75.84 30.32
CA LEU C 149 44.03 -75.86 31.77
C LEU C 149 44.68 -77.14 32.28
N ALA C 150 45.55 -77.00 33.27
CA ALA C 150 46.26 -78.13 33.86
C ALA C 150 45.71 -78.39 35.26
N THR C 151 45.35 -79.63 35.53
CA THR C 151 44.81 -80.03 36.82
C THR C 151 45.36 -81.41 37.18
N VAL C 152 44.94 -81.93 38.32
CA VAL C 152 45.33 -83.27 38.78
C VAL C 152 44.24 -84.25 38.37
N GLY C 153 44.65 -85.39 37.83
CA GLY C 153 43.71 -86.41 37.42
C GLY C 153 43.23 -87.25 38.57
N GLY C 154 43.15 -88.57 38.36
CA GLY C 154 42.72 -89.47 39.42
C GLY C 154 43.81 -89.84 40.41
N THR C 155 45.06 -89.49 40.12
CA THR C 155 46.18 -89.75 41.00
C THR C 155 47.03 -88.50 41.13
N SER C 156 47.62 -88.32 42.32
CA SER C 156 48.48 -87.16 42.53
C SER C 156 49.69 -87.20 41.61
N SER C 157 50.06 -88.38 41.13
CA SER C 157 51.15 -88.53 40.16
C SER C 157 50.68 -88.39 38.72
N THR C 158 49.54 -87.75 38.49
CA THR C 158 48.97 -87.58 37.16
C THR C 158 48.60 -86.12 36.96
N VAL C 159 48.77 -85.65 35.73
CA VAL C 159 48.41 -84.30 35.32
C VAL C 159 47.53 -84.40 34.09
N VAL C 160 46.43 -83.65 34.09
CA VAL C 160 45.48 -83.62 32.98
C VAL C 160 45.50 -82.22 32.39
N ILE C 161 45.80 -82.14 31.09
CA ILE C 161 45.83 -80.89 30.36
C ILE C 161 44.65 -80.91 29.39
N THR C 162 43.70 -80.01 29.59
CA THR C 162 42.49 -79.94 28.79
C THR C 162 42.54 -78.69 27.92
N SER C 163 42.26 -78.86 26.62
CA SER C 163 42.23 -77.72 25.73
C SER C 163 41.17 -76.72 26.17
N LYS C 164 41.57 -75.48 26.40
CA LYS C 164 40.64 -74.42 26.75
C LYS C 164 39.96 -73.82 25.53
N LYS C 165 40.39 -74.19 24.33
CA LYS C 165 39.80 -73.72 23.07
C LYS C 165 39.54 -74.97 22.23
N PRO C 166 38.37 -75.59 22.38
CA PRO C 166 38.18 -76.94 21.80
C PRO C 166 38.44 -77.01 20.31
N THR C 167 38.03 -76.00 19.54
CA THR C 167 38.20 -76.08 18.09
C THR C 167 39.67 -76.01 17.69
N ASN C 168 40.46 -75.20 18.40
CA ASN C 168 41.86 -75.04 18.05
C ASN C 168 42.61 -76.35 18.24
N THR C 169 43.67 -76.52 17.45
CA THR C 169 44.51 -77.71 17.54
C THR C 169 45.42 -77.62 18.76
N THR C 170 45.32 -78.60 19.64
CA THR C 170 46.13 -78.67 20.85
C THR C 170 47.07 -79.87 20.74
N THR C 171 48.36 -79.64 21.01
CA THR C 171 49.37 -80.68 20.93
C THR C 171 50.27 -80.60 22.15
N ALA C 172 50.75 -81.76 22.58
CA ALA C 172 51.64 -81.85 23.73
C ALA C 172 52.73 -82.87 23.47
N ALA C 173 53.88 -82.65 24.08
CA ALA C 173 55.01 -83.58 24.00
C ALA C 173 55.85 -83.42 25.25
N VAL C 174 56.67 -84.44 25.52
CA VAL C 174 57.48 -84.49 26.73
C VAL C 174 58.93 -84.73 26.34
N THR C 175 59.83 -84.24 27.18
CA THR C 175 61.27 -84.49 27.05
C THR C 175 61.75 -84.99 28.42
N GLY C 176 61.60 -86.28 28.65
CA GLY C 176 61.95 -86.86 29.94
C GLY C 176 61.28 -88.21 30.15
N VAL C 177 62.02 -89.15 30.73
CA VAL C 177 61.51 -90.52 30.86
C VAL C 177 60.38 -90.57 31.89
N ILE C 178 60.53 -89.85 33.00
CA ILE C 178 59.56 -89.94 34.08
C ILE C 178 58.17 -89.57 33.59
N PHE C 179 58.09 -88.63 32.64
CA PHE C 179 56.81 -88.19 32.10
C PHE C 179 56.36 -89.15 31.01
N THR C 180 55.21 -89.79 31.21
CA THR C 180 54.60 -90.66 30.22
C THR C 180 53.34 -89.99 29.70
N LEU C 181 53.30 -89.76 28.39
CA LEU C 181 52.21 -89.03 27.76
C LEU C 181 51.14 -89.98 27.25
N THR C 182 49.88 -89.53 27.30
CA THR C 182 48.78 -90.27 26.71
C THR C 182 47.76 -89.28 26.18
N THR C 183 47.28 -89.54 24.96
CA THR C 183 46.24 -88.72 24.36
C THR C 183 44.87 -89.25 24.78
N THR C 184 43.94 -88.35 25.09
CA THR C 184 42.60 -88.74 25.50
C THR C 184 41.62 -87.67 25.03
N THR C 185 40.37 -88.09 24.88
CA THR C 185 39.30 -87.15 24.52
C THR C 185 37.98 -87.84 24.83
N GLY C 186 37.22 -87.29 25.78
CA GLY C 186 35.94 -87.87 26.12
C GLY C 186 35.10 -88.10 24.89
N THR C 187 34.75 -89.36 24.63
CA THR C 187 33.94 -89.68 23.46
C THR C 187 32.58 -89.01 23.52
N SER C 188 32.16 -88.56 24.71
CA SER C 188 30.94 -87.80 24.88
C SER C 188 31.28 -86.47 25.55
N PRO C 189 30.59 -85.39 25.20
CA PRO C 189 30.87 -84.10 25.83
C PRO C 189 30.42 -84.07 27.28
N SER C 190 31.00 -83.15 28.05
CA SER C 190 30.72 -83.01 29.46
C SER C 190 30.06 -81.66 29.74
N VAL C 191 29.73 -81.45 31.02
CA VAL C 191 29.05 -80.22 31.42
C VAL C 191 29.93 -79.01 31.17
N ALA C 192 31.25 -79.15 31.36
CA ALA C 192 32.15 -78.05 31.07
C ALA C 192 32.18 -77.70 29.59
N ASP C 193 32.15 -78.73 28.73
CA ASP C 193 32.08 -78.48 27.30
C ASP C 193 30.78 -77.78 26.94
N TYR C 194 29.67 -78.22 27.53
CA TYR C 194 28.40 -77.54 27.28
C TYR C 194 28.45 -76.09 27.74
N VAL C 195 29.07 -75.84 28.89
CA VAL C 195 29.17 -74.48 29.40
C VAL C 195 29.99 -73.60 28.46
N TYR C 196 31.12 -74.12 27.96
CA TYR C 196 31.92 -73.35 27.01
C TYR C 196 31.13 -73.06 25.74
N THR C 197 30.43 -74.06 25.21
CA THR C 197 29.67 -73.84 23.99
C THR C 197 28.58 -72.79 24.22
N ILE C 198 27.95 -72.83 25.39
CA ILE C 198 26.89 -71.87 25.69
C ILE C 198 27.45 -70.46 25.83
N ASN C 199 28.61 -70.33 26.49
CA ASN C 199 29.13 -69.02 26.82
C ASN C 199 29.98 -68.39 25.71
N ASN C 200 30.41 -69.17 24.73
CA ASN C 200 31.42 -68.69 23.78
C ASN C 200 31.10 -69.02 22.33
N THR C 201 29.83 -69.19 21.97
CA THR C 201 29.47 -69.60 20.61
C THR C 201 28.41 -68.72 19.96
N PHE C 202 27.71 -67.88 20.71
CA PHE C 202 26.60 -67.10 20.18
C PHE C 202 27.05 -65.66 19.92
N ASP C 203 27.06 -65.28 18.66
CA ASP C 203 27.34 -63.90 18.28
C ASP C 203 26.10 -63.04 18.51
N PRO C 204 26.21 -61.91 19.22
CA PRO C 204 25.03 -61.07 19.42
C PRO C 204 24.31 -60.71 18.14
N ALA C 205 25.02 -60.67 17.00
CA ALA C 205 24.37 -60.43 15.72
C ALA C 205 23.39 -61.55 15.37
N LEU C 206 23.49 -62.70 16.03
CA LEU C 206 22.55 -63.79 15.79
C LEU C 206 21.14 -63.34 16.12
N GLU C 207 20.18 -63.88 15.36
CA GLU C 207 18.78 -63.62 15.65
C GLU C 207 18.46 -64.02 17.09
N ALA C 208 17.79 -63.13 17.82
CA ALA C 208 17.33 -63.48 19.14
C ALA C 208 16.36 -64.66 19.06
N GLY C 209 16.10 -65.28 20.20
CA GLY C 209 15.17 -66.39 20.21
C GLY C 209 15.38 -67.26 21.43
N PHE C 210 14.76 -68.44 21.36
CA PHE C 210 14.81 -69.37 22.47
C PHE C 210 16.11 -70.17 22.44
N VAL C 211 16.50 -70.69 23.60
CA VAL C 211 17.68 -71.53 23.74
C VAL C 211 17.28 -72.77 24.54
N ILE C 212 17.65 -73.94 24.03
CA ILE C 212 17.26 -75.21 24.64
C ILE C 212 18.44 -76.18 24.62
N ALA C 213 18.57 -76.95 25.70
CA ALA C 213 19.55 -78.04 25.80
C ALA C 213 18.84 -79.30 26.29
N PRO C 214 17.89 -79.81 25.52
CA PRO C 214 17.11 -80.98 25.99
C PRO C 214 17.95 -82.21 26.25
N GLU C 215 18.95 -82.48 25.40
CA GLU C 215 19.81 -83.64 25.62
C GLU C 215 20.56 -83.51 26.93
N ALA C 216 21.13 -82.33 27.19
CA ALA C 216 21.88 -82.12 28.42
C ALA C 216 20.96 -82.27 29.64
N PHE C 217 19.76 -81.69 29.58
CA PHE C 217 18.87 -81.77 30.73
C PHE C 217 18.37 -83.19 30.96
N SER C 218 18.20 -83.98 29.89
CA SER C 218 17.73 -85.35 30.05
C SER C 218 18.83 -86.27 30.53
N THR C 219 20.09 -86.01 30.16
CA THR C 219 21.18 -86.92 30.46
C THR C 219 21.89 -86.59 31.77
N PHE C 220 22.19 -85.31 32.02
CA PHE C 220 23.08 -84.94 33.11
C PHE C 220 22.39 -85.10 34.46
N THR C 221 23.19 -84.99 35.52
CA THR C 221 22.72 -85.15 36.90
C THR C 221 22.27 -83.79 37.44
N LYS C 222 22.02 -83.73 38.75
CA LYS C 222 21.48 -82.51 39.35
C LYS C 222 22.49 -81.38 39.33
N SER C 223 23.72 -81.65 39.75
CA SER C 223 24.73 -80.59 39.77
C SER C 223 25.03 -80.07 38.37
N ASP C 224 25.18 -80.97 37.41
CA ASP C 224 25.46 -80.55 36.04
C ASP C 224 24.27 -79.81 35.44
N ARG C 225 23.05 -80.24 35.76
CA ARG C 225 21.87 -79.53 35.30
C ARG C 225 21.84 -78.11 35.87
N LEU C 226 22.19 -77.96 37.15
CA LEU C 226 22.25 -76.64 37.75
C LEU C 226 23.31 -75.78 37.07
N SER C 227 24.47 -76.37 36.77
CA SER C 227 25.53 -75.62 36.10
C SER C 227 25.08 -75.15 34.72
N ILE C 228 24.42 -76.03 33.96
CA ILE C 228 23.95 -75.65 32.63
C ILE C 228 22.85 -74.61 32.72
N GLN C 229 21.99 -74.70 33.74
CA GLN C 229 20.97 -73.68 33.94
C GLN C 229 21.60 -72.33 34.24
N VAL C 230 22.66 -72.32 35.05
CA VAL C 230 23.36 -71.08 35.34
C VAL C 230 23.98 -70.52 34.07
N ALA C 231 24.56 -71.40 33.24
CA ALA C 231 25.15 -70.95 31.98
C ALA C 231 24.10 -70.31 31.09
N LEU C 232 22.94 -70.96 30.95
CA LEU C 232 21.87 -70.42 30.13
C LEU C 232 21.34 -69.10 30.69
N GLU C 233 21.21 -69.02 32.01
CA GLU C 233 20.74 -67.78 32.63
C GLU C 233 21.71 -66.64 32.34
N ASN C 234 23.01 -66.90 32.50
CA ASN C 234 24.01 -65.87 32.21
C ASN C 234 23.95 -65.46 30.75
N LEU C 235 23.83 -66.44 29.84
CA LEU C 235 23.75 -66.13 28.42
C LEU C 235 22.56 -65.22 28.13
N CYS C 236 21.38 -65.61 28.61
CA CYS C 236 20.16 -64.89 28.24
C CYS C 236 20.05 -63.55 28.94
N SER C 237 20.61 -63.40 30.14
CA SER C 237 20.57 -62.14 30.86
C SER C 237 21.77 -61.26 30.54
N ALA C 238 22.73 -61.75 29.76
CA ALA C 238 23.84 -60.91 29.36
C ALA C 238 23.34 -59.69 28.60
N TYR C 239 23.93 -58.53 28.92
CA TYR C 239 23.50 -57.27 28.34
C TYR C 239 23.59 -57.25 26.81
N ARG C 240 24.23 -58.23 26.19
CA ARG C 240 24.36 -58.24 24.73
C ARG C 240 23.35 -59.14 24.03
N TYR C 241 22.78 -60.13 24.73
CA TYR C 241 21.82 -61.04 24.11
C TYR C 241 20.38 -60.70 24.47
N GLN C 242 20.04 -60.71 25.75
CA GLN C 242 18.66 -60.53 26.21
C GLN C 242 17.73 -61.49 25.48
N TRP C 243 17.98 -62.78 25.66
CA TRP C 243 17.20 -63.85 25.06
C TRP C 243 16.35 -64.52 26.14
N ALA C 244 15.65 -65.59 25.74
CA ALA C 244 14.85 -66.41 26.64
C ALA C 244 15.31 -67.86 26.56
N ALA C 245 15.31 -68.54 27.70
CA ALA C 245 15.74 -69.93 27.80
C ALA C 245 14.61 -70.78 28.35
N LEU C 246 14.53 -72.02 27.87
CA LEU C 246 13.52 -72.98 28.31
C LEU C 246 14.23 -74.10 29.06
N ILE C 247 13.99 -74.20 30.35
CA ILE C 247 14.61 -75.20 31.22
C ILE C 247 13.67 -76.38 31.34
N ASP C 248 14.24 -77.58 31.33
CA ASP C 248 13.50 -78.82 31.45
C ASP C 248 13.87 -79.53 32.74
N SER C 249 12.97 -80.41 33.18
CA SER C 249 13.28 -81.28 34.30
C SER C 249 14.30 -82.33 33.88
N GLY C 250 14.94 -82.95 34.87
CA GLY C 250 15.82 -84.06 34.59
C GLY C 250 15.03 -85.24 34.04
N ALA C 251 15.70 -86.38 33.98
CA ALA C 251 15.02 -87.60 33.59
C ALA C 251 13.87 -87.86 34.56
N MET C 252 12.74 -88.33 34.02
CA MET C 252 11.56 -88.50 34.85
C MET C 252 11.80 -89.48 35.98
N SER C 253 12.63 -90.50 35.73
CA SER C 253 12.99 -91.42 36.82
C SER C 253 13.56 -90.66 38.01
N GLU C 254 14.29 -89.57 37.76
CA GLU C 254 14.77 -88.73 38.85
C GLU C 254 13.67 -87.79 39.33
N ILE C 255 13.12 -86.98 38.42
CA ILE C 255 11.99 -86.09 38.76
C ILE C 255 10.73 -86.88 38.47
N SER C 256 10.38 -87.77 39.40
CA SER C 256 9.19 -88.60 39.26
C SER C 256 7.90 -87.80 39.42
N ASN C 257 7.87 -86.84 40.34
CA ASN C 257 6.63 -86.15 40.67
C ASN C 257 6.75 -84.63 40.53
N THR C 258 5.72 -83.91 40.97
CA THR C 258 5.72 -82.46 40.85
C THR C 258 6.49 -81.80 41.99
N ASP C 259 6.55 -82.43 43.16
CA ASP C 259 7.30 -81.85 44.27
C ASP C 259 8.79 -81.78 43.94
N ARG C 260 9.33 -82.84 43.32
CA ARG C 260 10.74 -82.82 42.94
C ARG C 260 11.01 -81.76 41.88
N ALA C 261 10.09 -81.59 40.93
CA ALA C 261 10.22 -80.53 39.95
C ALA C 261 10.22 -79.16 40.62
N ILE C 262 9.34 -78.98 41.61
CA ILE C 262 9.30 -77.72 42.34
C ILE C 262 10.62 -77.47 43.06
N ALA C 263 11.18 -78.52 43.68
CA ALA C 263 12.47 -78.36 44.37
C ALA C 263 13.57 -77.97 43.40
N GLU C 264 13.62 -78.63 42.24
CA GLU C 264 14.64 -78.30 41.25
C GLU C 264 14.47 -76.87 40.74
N ALA C 265 13.23 -76.45 40.47
CA ALA C 265 12.99 -75.08 40.03
C ALA C 265 13.39 -74.08 41.11
N ALA C 266 13.10 -74.40 42.38
CA ALA C 266 13.50 -73.52 43.47
C ALA C 266 15.01 -73.39 43.54
N THR C 267 15.74 -74.49 43.32
CA THR C 267 17.19 -74.39 43.22
C THR C 267 17.60 -73.49 42.06
N TYR C 268 16.92 -73.60 40.92
CA TYR C 268 17.19 -72.73 39.79
C TYR C 268 16.83 -71.28 40.11
N ASN C 269 17.64 -70.35 39.61
CA ASN C 269 17.45 -68.92 39.86
C ASN C 269 17.45 -68.16 38.53
N SER C 270 16.52 -67.23 38.39
CA SER C 270 16.49 -66.32 37.24
C SER C 270 15.90 -65.00 37.74
N VAL C 271 16.78 -64.05 38.06
CA VAL C 271 16.33 -62.83 38.73
C VAL C 271 15.34 -62.07 37.86
N GLN C 272 15.66 -61.89 36.59
CA GLN C 272 14.83 -61.12 35.67
C GLN C 272 13.91 -62.00 34.83
N GLY C 273 13.84 -63.30 35.13
CA GLY C 273 12.90 -64.17 34.46
C GLY C 273 13.26 -64.52 33.04
N HIS C 274 14.56 -64.54 32.72
CA HIS C 274 14.98 -64.95 31.38
C HIS C 274 14.79 -66.44 31.14
N CYS C 275 14.67 -67.24 32.19
CA CYS C 275 14.51 -68.69 32.08
C CYS C 275 13.12 -69.10 32.53
N SER C 276 12.50 -70.00 31.78
CA SER C 276 11.17 -70.51 32.09
C SER C 276 11.24 -72.03 32.16
N TYR C 277 10.70 -72.59 33.24
CA TYR C 277 10.82 -74.02 33.52
C TYR C 277 9.55 -74.74 33.09
N TYR C 278 9.72 -75.93 32.52
CA TYR C 278 8.59 -76.77 32.11
C TYR C 278 8.95 -78.14 32.67
N TYR C 279 7.96 -79.03 32.85
CA TYR C 279 8.28 -80.32 33.50
C TYR C 279 7.93 -81.64 32.77
N PRO C 280 6.63 -81.91 32.48
CA PRO C 280 6.34 -83.24 31.91
C PRO C 280 7.00 -83.52 30.57
N TYR C 281 7.71 -84.65 30.48
CA TYR C 281 8.32 -85.02 29.21
C TYR C 281 7.23 -85.38 28.25
N LEU C 282 7.40 -85.00 27.00
CA LEU C 282 6.35 -85.24 26.03
C LEU C 282 6.57 -86.53 25.26
N ILE C 283 5.83 -87.57 25.63
CA ILE C 283 5.93 -88.83 24.91
C ILE C 283 5.42 -88.64 23.50
N ASN C 284 6.30 -88.78 22.51
CA ASN C 284 5.90 -88.54 21.13
C ASN C 284 5.15 -89.71 20.49
N LEU C 285 4.90 -89.61 19.20
CA LEU C 285 4.18 -90.68 18.50
C LEU C 285 4.96 -91.99 18.49
N ASP C 286 6.28 -91.92 18.59
CA ASP C 286 7.10 -93.13 18.64
C ASP C 286 7.31 -93.56 20.08
N ASP C 287 6.51 -93.03 21.00
CA ASP C 287 6.59 -93.39 22.42
C ASP C 287 7.94 -93.20 23.08
N GLN C 288 8.58 -92.06 22.84
CA GLN C 288 9.83 -91.76 23.52
C GLN C 288 9.53 -90.53 24.35
N GLN C 289 9.94 -90.52 25.61
CA GLN C 289 9.72 -89.36 26.46
C GLN C 289 10.72 -88.28 26.10
N VAL C 290 10.26 -87.26 25.38
CA VAL C 290 11.15 -86.21 24.93
C VAL C 290 11.01 -84.96 25.75
N PRO C 291 12.13 -84.42 26.27
CA PRO C 291 12.10 -83.17 27.03
C PRO C 291 11.24 -82.09 26.38
N PRO C 292 10.32 -81.47 27.15
CA PRO C 292 9.38 -80.49 26.60
C PRO C 292 9.94 -79.34 25.76
N SER C 293 11.02 -78.67 26.20
CA SER C 293 11.56 -77.50 25.50
C SER C 293 11.32 -77.36 24.01
N ALA C 294 11.85 -78.28 23.21
CA ALA C 294 11.74 -78.18 21.76
C ALA C 294 10.31 -78.09 21.25
N ALA C 295 9.44 -78.95 21.76
CA ALA C 295 8.05 -78.92 21.36
C ALA C 295 7.43 -77.57 21.73
N VAL C 296 7.64 -77.12 22.95
CA VAL C 296 7.12 -75.84 23.38
C VAL C 296 7.62 -74.71 22.48
N ALA C 297 8.92 -74.71 22.20
CA ALA C 297 9.51 -73.68 21.35
C ALA C 297 8.93 -73.69 19.94
N GLY C 298 8.73 -74.87 19.39
CA GLY C 298 8.12 -74.97 18.07
C GLY C 298 6.75 -74.33 18.09
N MET C 299 5.93 -74.71 19.06
CA MET C 299 4.60 -74.13 19.19
C MET C 299 4.69 -72.63 19.39
N ALA C 300 5.63 -72.17 20.21
CA ALA C 300 5.79 -70.74 20.45
C ALA C 300 6.04 -69.96 19.18
N LEU C 301 6.96 -70.43 18.35
CA LEU C 301 7.28 -69.72 17.11
C LEU C 301 6.07 -69.73 16.19
N TYR C 302 5.39 -70.86 16.10
CA TYR C 302 4.18 -70.95 15.30
C TYR C 302 3.15 -69.96 15.83
N ARG C 303 2.95 -69.93 17.13
CA ARG C 303 2.00 -69.01 17.76
C ARG C 303 2.38 -67.56 17.47
N PHE C 304 3.67 -67.25 17.54
CA PHE C 304 4.13 -65.89 17.29
C PHE C 304 3.66 -65.43 15.92
N VAL C 305 3.80 -66.27 14.91
CA VAL C 305 3.33 -65.92 13.58
C VAL C 305 1.82 -65.74 13.56
N ILE C 306 1.08 -66.73 14.04
CA ILE C 306 -0.38 -66.65 13.98
C ILE C 306 -1.00 -65.73 15.03
N ASP C 307 -1.06 -66.18 16.28
CA ASP C 307 -1.66 -65.37 17.34
C ASP C 307 -1.00 -64.01 17.50
N GLY C 308 0.30 -64.00 17.77
CA GLY C 308 1.01 -62.74 17.95
C GLY C 308 2.28 -62.90 18.76
N PHE C 309 3.17 -61.91 18.66
CA PHE C 309 4.44 -61.99 19.37
C PHE C 309 4.31 -61.59 20.83
N ALA C 310 3.16 -61.06 21.19
CA ALA C 310 2.91 -60.70 22.59
C ALA C 310 2.21 -61.87 23.28
N GLU C 311 1.91 -62.92 22.53
CA GLU C 311 1.23 -64.07 23.09
C GLU C 311 2.22 -65.11 23.60
N PRO C 312 2.04 -65.56 24.85
CA PRO C 312 2.98 -66.52 25.44
C PRO C 312 2.83 -67.93 24.89
N PRO C 313 3.90 -68.73 24.93
CA PRO C 313 3.79 -70.15 24.50
C PRO C 313 2.90 -70.98 25.41
N ALA C 314 1.58 -70.90 25.24
CA ALA C 314 0.67 -71.62 26.11
C ALA C 314 -0.69 -71.75 25.42
N GLY C 315 -1.75 -71.93 26.20
CA GLY C 315 -3.09 -71.96 25.64
C GLY C 315 -3.65 -73.28 25.18
N VAL C 316 -4.97 -73.40 25.17
CA VAL C 316 -5.61 -74.61 24.67
C VAL C 316 -5.83 -74.43 23.19
N ASN C 317 -5.87 -73.18 22.74
CA ASN C 317 -6.06 -72.88 21.33
C ASN C 317 -4.82 -73.25 20.55
N PHE C 318 -3.67 -73.23 21.21
CA PHE C 318 -2.43 -73.63 20.55
C PHE C 318 -1.86 -74.83 21.30
N PRO C 319 -2.23 -76.04 20.88
CA PRO C 319 -1.78 -77.23 21.59
C PRO C 319 -0.45 -77.75 21.07
N LEU C 320 -0.17 -79.02 21.32
CA LEU C 320 1.10 -79.59 20.88
C LEU C 320 0.88 -80.75 19.93
N LYS C 321 1.49 -80.67 18.75
CA LYS C 321 1.36 -81.74 17.76
C LYS C 321 2.61 -82.58 17.71
N GLY C 322 2.46 -83.85 17.34
CA GLY C 322 3.60 -84.74 17.27
C GLY C 322 3.75 -85.56 18.52
N VAL C 323 2.90 -85.31 19.51
CA VAL C 323 2.94 -86.07 20.75
C VAL C 323 1.58 -86.70 20.97
N LYS C 324 1.51 -87.67 21.87
CA LYS C 324 0.22 -88.27 22.18
C LYS C 324 -0.10 -88.16 23.66
N ASN C 325 0.92 -88.17 24.50
CA ASN C 325 0.66 -88.15 25.94
C ASN C 325 1.71 -87.44 26.77
N VAL C 326 1.47 -87.37 28.07
CA VAL C 326 2.42 -86.77 28.98
C VAL C 326 2.98 -87.88 29.85
N ALA C 327 4.26 -87.79 30.21
CA ALA C 327 4.90 -88.82 31.02
C ALA C 327 4.42 -88.80 32.47
N TYR C 328 3.59 -87.84 32.85
CA TYR C 328 3.08 -87.75 34.21
C TYR C 328 1.82 -86.90 34.21
N LYS C 329 0.86 -87.26 35.05
CA LYS C 329 -0.42 -86.59 35.13
C LYS C 329 -0.40 -85.64 36.31
N VAL C 330 -0.33 -84.34 36.03
CA VAL C 330 -0.25 -83.32 37.06
C VAL C 330 -1.65 -83.00 37.56
N THR C 331 -1.83 -83.09 38.88
CA THR C 331 -3.13 -82.81 39.48
C THR C 331 -3.33 -81.30 39.63
N TRP C 332 -4.60 -80.91 39.82
CA TRP C 332 -4.93 -79.51 39.93
C TRP C 332 -4.27 -78.88 41.15
N GLU C 333 -4.22 -79.60 42.27
CA GLU C 333 -3.62 -79.04 43.48
C GLU C 333 -2.10 -78.97 43.35
N GLU C 334 -1.49 -80.01 42.77
CA GLU C 334 -0.07 -79.94 42.47
C GLU C 334 0.25 -78.71 41.63
N GLN C 335 -0.53 -78.48 40.58
CA GLN C 335 -0.29 -77.31 39.73
C GLN C 335 -0.55 -76.01 40.48
N ASN C 336 -1.55 -76.00 41.35
CA ASN C 336 -1.83 -74.80 42.14
C ASN C 336 -0.63 -74.44 43.00
N VAL C 337 0.00 -75.43 43.61
CA VAL C 337 1.21 -75.15 44.39
C VAL C 337 2.37 -74.79 43.48
N ALA C 338 2.48 -75.41 42.31
CA ALA C 338 3.67 -75.31 41.48
C ALA C 338 3.72 -74.02 40.66
N ASN C 339 2.64 -73.68 39.96
CA ASN C 339 2.66 -72.54 39.04
C ASN C 339 3.16 -71.26 39.69
N PRO C 340 2.72 -70.88 40.90
CA PRO C 340 3.29 -69.68 41.52
C PRO C 340 4.79 -69.79 41.77
N GLU C 341 5.33 -71.00 41.82
CA GLU C 341 6.77 -71.21 42.00
C GLU C 341 7.53 -71.25 40.70
N GLY C 342 6.87 -71.02 39.57
CA GLY C 342 7.54 -70.94 38.29
C GLY C 342 7.58 -72.20 37.46
N VAL C 343 6.84 -73.24 37.84
CA VAL C 343 6.76 -74.48 37.08
C VAL C 343 5.58 -74.38 36.13
N ASN C 344 5.86 -74.47 34.83
CA ASN C 344 4.83 -74.41 33.80
C ASN C 344 4.47 -75.84 33.39
N CYS C 345 3.27 -76.28 33.78
CA CYS C 345 2.86 -77.66 33.56
C CYS C 345 2.35 -77.86 32.14
N ILE C 346 2.47 -79.08 31.66
CA ILE C 346 1.89 -79.51 30.39
C ILE C 346 0.86 -80.60 30.71
N LEU C 347 -0.36 -80.44 30.19
CA LEU C 347 -1.48 -81.26 30.60
C LEU C 347 -2.14 -81.90 29.39
N ASN C 348 -2.69 -83.09 29.60
CA ASN C 348 -3.44 -83.81 28.58
C ASN C 348 -4.92 -83.54 28.79
N LYS C 349 -5.36 -82.37 28.30
CA LYS C 349 -6.77 -82.03 28.37
C LYS C 349 -7.56 -82.88 27.39
N GLU C 350 -8.71 -83.37 27.83
CA GLU C 350 -9.62 -84.07 26.93
C GLU C 350 -10.43 -83.06 26.13
N ASN C 351 -10.56 -83.32 24.83
CA ASN C 351 -11.22 -82.46 23.85
C ASN C 351 -10.32 -81.31 23.40
N TYR C 352 -9.12 -81.19 23.94
CA TYR C 352 -8.14 -80.20 23.49
C TYR C 352 -6.83 -80.82 23.05
N GLY C 353 -6.34 -81.83 23.78
CA GLY C 353 -5.07 -82.45 23.47
C GLY C 353 -4.01 -82.10 24.50
N ILE C 354 -2.75 -82.11 24.08
CA ILE C 354 -1.63 -81.77 24.95
C ILE C 354 -1.45 -80.26 24.89
N VAL C 355 -1.61 -79.59 26.04
CA VAL C 355 -1.61 -78.13 26.10
C VAL C 355 -0.67 -77.68 27.21
N VAL C 356 0.10 -76.64 26.92
CA VAL C 356 0.94 -75.99 27.93
C VAL C 356 0.05 -75.07 28.76
N TRP C 357 -0.15 -75.42 30.02
CA TRP C 357 -1.03 -74.67 30.92
C TRP C 357 -0.22 -73.80 31.89
N GLY C 358 0.89 -73.25 31.40
CA GLY C 358 1.71 -72.37 32.23
C GLY C 358 2.44 -71.34 31.40
N ALA C 359 2.51 -70.10 31.90
CA ALA C 359 3.18 -69.01 31.19
C ALA C 359 3.98 -68.15 32.15
N ARG C 360 4.51 -68.74 33.22
CA ARG C 360 5.23 -68.01 34.24
C ARG C 360 6.73 -68.30 34.14
N THR C 361 7.53 -67.33 34.55
CA THR C 361 8.98 -67.43 34.55
C THR C 361 9.45 -67.92 35.92
N LEU C 362 10.76 -67.94 36.12
CA LEU C 362 11.35 -68.29 37.41
C LEU C 362 11.68 -67.06 38.26
N SER C 363 11.31 -65.86 37.81
CA SER C 363 11.62 -64.66 38.54
C SER C 363 10.72 -64.50 39.75
N ALA C 364 11.27 -63.89 40.80
CA ALA C 364 10.49 -63.45 41.95
C ALA C 364 9.96 -62.03 41.77
N ASP C 365 10.36 -61.33 40.72
CA ASP C 365 9.90 -59.98 40.48
C ASP C 365 8.46 -60.02 39.98
N PRO C 366 7.51 -59.37 40.66
CA PRO C 366 6.11 -59.42 40.18
C PRO C 366 5.91 -58.78 38.82
N ASN C 367 6.83 -57.92 38.37
CA ASN C 367 6.64 -57.22 37.10
C ASN C 367 7.00 -58.07 35.89
N ILE C 368 7.76 -59.15 36.07
CA ILE C 368 8.18 -60.00 34.96
C ILE C 368 7.70 -61.43 35.23
N VAL C 369 6.56 -61.55 35.90
CA VAL C 369 6.06 -62.88 36.27
C VAL C 369 5.82 -63.73 35.02
N PHE C 370 5.21 -63.15 34.00
CA PHE C 370 4.81 -63.89 32.82
C PHE C 370 5.90 -63.84 31.75
N ILE C 371 6.09 -64.98 31.07
CA ILE C 371 7.11 -65.07 30.02
C ILE C 371 6.76 -64.18 28.84
N SER C 372 5.49 -63.84 28.65
CA SER C 372 5.12 -62.94 27.57
C SER C 372 5.78 -61.59 27.74
N THR C 373 5.80 -61.06 28.97
CA THR C 373 6.46 -59.78 29.23
C THR C 373 7.95 -59.88 28.96
N ARG C 374 8.58 -60.98 29.38
CA ARG C 374 10.00 -61.18 29.11
C ARG C 374 10.27 -61.18 27.61
N ILE C 375 9.44 -61.89 26.85
CA ILE C 375 9.63 -61.96 25.41
C ILE C 375 9.41 -60.59 24.76
N ILE C 376 8.44 -59.83 25.27
CA ILE C 376 8.19 -58.50 24.72
C ILE C 376 9.39 -57.60 24.95
N LEU C 377 9.94 -57.61 26.17
CA LEU C 377 11.11 -56.80 26.46
C LEU C 377 12.29 -57.22 25.60
N ASN C 378 12.49 -58.54 25.44
CA ASN C 378 13.58 -59.03 24.61
C ASN C 378 13.40 -58.59 23.17
N ILE C 379 12.17 -58.64 22.66
CA ILE C 379 11.90 -58.21 21.29
C ILE C 379 12.25 -56.74 21.12
N VAL C 380 11.81 -55.91 22.08
CA VAL C 380 12.12 -54.48 22.00
C VAL C 380 13.63 -54.27 21.97
N ILE C 381 14.33 -54.89 22.91
CA ILE C 381 15.77 -54.66 23.04
C ILE C 381 16.49 -55.12 21.78
N ASN C 382 16.13 -56.31 21.26
CA ASN C 382 16.85 -56.86 20.12
C ASN C 382 16.53 -56.11 18.85
N THR C 383 15.27 -55.66 18.68
CA THR C 383 14.94 -54.82 17.54
C THR C 383 15.77 -53.54 17.56
N LEU C 384 15.87 -52.90 18.73
CA LEU C 384 16.67 -51.69 18.83
C LEU C 384 18.15 -51.97 18.55
N ASN C 385 18.67 -53.08 19.06
CA ASN C 385 20.08 -53.41 18.84
C ASN C 385 20.37 -53.66 17.37
N ARG C 386 19.50 -54.42 16.70
CA ARG C 386 19.69 -54.65 15.27
C ARG C 386 19.61 -53.35 14.49
N GLY C 387 18.67 -52.47 14.87
CA GLY C 387 18.59 -51.19 14.20
C GLY C 387 19.85 -50.36 14.39
N TYR C 388 20.40 -50.35 15.60
CA TYR C 388 21.57 -49.53 15.87
C TYR C 388 22.85 -50.13 15.30
N ASP C 389 22.87 -51.43 15.02
CA ASP C 389 24.05 -52.04 14.43
C ASP C 389 24.50 -51.28 13.19
N PHE C 390 23.56 -50.85 12.35
CA PHE C 390 23.91 -50.06 11.19
C PHE C 390 24.39 -48.67 11.56
N ASP C 391 24.05 -48.18 12.75
CA ASP C 391 24.50 -46.87 13.21
C ASP C 391 25.83 -46.93 13.94
N ILE C 392 26.34 -48.11 14.25
CA ILE C 392 27.66 -48.23 14.86
C ILE C 392 28.73 -47.85 13.86
N PHE C 393 29.86 -47.35 14.37
CA PHE C 393 30.99 -46.95 13.54
C PHE C 393 30.61 -45.85 12.55
N ASN C 394 29.88 -44.85 13.02
CA ASN C 394 29.50 -43.70 12.22
C ASN C 394 30.14 -42.44 12.80
N SER C 395 30.73 -41.63 11.93
CA SER C 395 31.36 -40.40 12.36
C SER C 395 30.34 -39.45 12.97
N VAL C 396 30.77 -38.70 13.97
CA VAL C 396 29.92 -37.71 14.64
C VAL C 396 30.44 -36.35 14.19
N GLY C 397 29.84 -35.81 13.13
CA GLY C 397 30.25 -34.54 12.59
C GLY C 397 29.93 -33.40 13.54
N GLY C 398 30.03 -32.18 12.99
CA GLY C 398 29.76 -31.00 13.80
C GLY C 398 28.31 -30.90 14.23
N THR C 399 27.38 -31.24 13.33
CA THR C 399 25.96 -31.09 13.64
C THR C 399 25.53 -31.89 14.84
N ALA C 400 26.22 -33.00 15.14
CA ALA C 400 25.75 -33.95 16.15
C ALA C 400 24.36 -34.48 15.78
N THR C 401 24.08 -34.49 14.47
CA THR C 401 22.80 -34.95 13.96
C THR C 401 22.62 -36.45 14.10
N VAL C 402 23.68 -37.21 14.37
CA VAL C 402 23.55 -38.65 14.49
C VAL C 402 22.71 -39.02 15.69
N LEU C 403 22.83 -38.26 16.79
CA LEU C 403 22.01 -38.54 17.97
C LEU C 403 20.53 -38.29 17.66
N ASP C 404 20.22 -37.18 17.00
CA ASP C 404 18.86 -36.93 16.55
C ASP C 404 18.37 -38.05 15.66
N ASN C 405 19.19 -38.47 14.70
CA ASN C 405 18.79 -39.54 13.79
C ASN C 405 18.53 -40.84 14.55
N ILE C 406 19.31 -41.10 15.59
CA ILE C 406 19.10 -42.30 16.39
C ILE C 406 17.76 -42.23 17.12
N GLN C 407 17.42 -41.05 17.64
CA GLN C 407 16.11 -40.88 18.26
C GLN C 407 14.99 -41.10 17.23
N ARG C 408 15.18 -40.58 16.02
CA ARG C 408 14.23 -40.80 14.94
C ARG C 408 14.02 -42.29 14.69
N LYS C 409 15.13 -43.01 14.53
CA LYS C 409 15.07 -44.45 14.25
C LYS C 409 14.39 -45.19 15.39
N THR C 410 14.70 -44.80 16.63
CA THR C 410 14.07 -45.42 17.78
C THR C 410 12.57 -45.22 17.76
N ASN C 411 12.13 -43.99 17.43
CA ASN C 411 10.70 -43.71 17.37
C ASN C 411 10.04 -44.56 16.29
N THR C 412 10.67 -44.67 15.12
CA THR C 412 10.10 -45.48 14.05
C THR C 412 9.98 -46.94 14.46
N LEU C 413 11.04 -47.50 15.03
CA LEU C 413 11.03 -48.91 15.42
C LEU C 413 9.98 -49.17 16.51
N LEU C 414 9.90 -48.27 17.50
CA LEU C 414 8.94 -48.47 18.57
C LEU C 414 7.51 -48.28 18.08
N THR C 415 7.29 -47.40 17.10
CA THR C 415 5.97 -47.30 16.49
C THR C 415 5.61 -48.58 15.75
N THR C 416 6.59 -49.19 15.07
CA THR C 416 6.34 -50.46 14.40
C THR C 416 5.95 -51.52 15.42
N LEU C 417 6.65 -51.58 16.55
CA LEU C 417 6.29 -52.56 17.59
C LEU C 417 4.91 -52.25 18.17
N TYR C 418 4.60 -50.97 18.36
CA TYR C 418 3.26 -50.58 18.80
C TYR C 418 2.20 -51.12 17.86
N GLN C 419 2.36 -50.91 16.56
CA GLN C 419 1.42 -51.47 15.60
C GLN C 419 1.37 -52.99 15.71
N ALA C 420 2.51 -53.62 15.96
CA ALA C 420 2.54 -55.06 16.18
C ALA C 420 1.73 -55.46 17.40
N GLY C 421 1.57 -54.57 18.39
CA GLY C 421 0.69 -54.84 19.51
C GLY C 421 1.37 -55.29 20.77
N LEU C 422 2.65 -54.96 20.95
CA LEU C 422 3.41 -55.44 22.10
C LEU C 422 3.20 -54.62 23.35
N PHE C 423 2.52 -53.48 23.27
CA PHE C 423 2.43 -52.53 24.38
C PHE C 423 0.98 -52.37 24.82
N TYR C 424 0.80 -52.10 26.11
CA TYR C 424 -0.51 -51.74 26.66
C TYR C 424 -0.69 -50.24 26.56
N GLY C 425 -1.75 -49.82 25.87
CA GLY C 425 -2.01 -48.41 25.67
C GLY C 425 -2.68 -48.15 24.34
N GLN C 426 -3.67 -47.27 24.31
CA GLN C 426 -4.37 -46.99 23.06
C GLN C 426 -3.51 -46.14 22.14
N THR C 427 -2.51 -45.45 22.69
CA THR C 427 -1.68 -44.53 21.93
C THR C 427 -0.21 -44.75 22.28
N THR C 428 0.65 -44.33 21.34
CA THR C 428 2.09 -44.45 21.56
C THR C 428 2.52 -43.66 22.80
N SER C 429 1.85 -42.53 23.07
CA SER C 429 2.16 -41.77 24.27
C SER C 429 1.89 -42.59 25.53
N GLU C 430 0.89 -43.46 25.48
CA GLU C 430 0.64 -44.41 26.56
C GLU C 430 1.60 -45.59 26.53
N ALA C 431 2.13 -45.93 25.37
CA ALA C 431 2.93 -47.14 25.19
C ALA C 431 4.39 -46.96 25.55
N PHE C 432 5.07 -45.98 24.97
CA PHE C 432 6.53 -45.91 25.09
C PHE C 432 7.00 -44.46 25.08
N SER C 433 8.27 -44.28 25.43
CA SER C 433 8.92 -42.98 25.47
C SER C 433 10.41 -43.18 25.27
N VAL C 434 11.06 -42.21 24.63
CA VAL C 434 12.46 -42.28 24.27
C VAL C 434 13.17 -41.01 24.70
N LEU C 435 14.47 -41.13 24.96
CA LEU C 435 15.32 -39.98 25.28
C LEU C 435 16.74 -40.35 24.88
N GLY C 436 17.19 -39.82 23.74
CA GLY C 436 18.53 -40.10 23.26
C GLY C 436 19.20 -38.94 22.56
N ASP C 437 18.71 -37.73 22.78
CA ASP C 437 19.23 -36.56 22.09
C ASP C 437 20.58 -36.17 22.70
N ALA C 438 21.16 -35.07 22.22
CA ALA C 438 22.47 -34.66 22.70
C ALA C 438 22.45 -34.13 24.12
N SER C 439 21.26 -33.86 24.68
CA SER C 439 21.19 -33.33 26.03
C SER C 439 21.61 -34.35 27.08
N VAL C 440 21.61 -35.64 26.73
CA VAL C 440 22.00 -36.71 27.65
C VAL C 440 23.36 -37.30 27.29
N GLN C 441 23.97 -36.86 26.20
CA GLN C 441 25.28 -37.35 25.79
C GLN C 441 26.36 -36.45 26.39
N VAL C 442 27.36 -37.07 26.99
CA VAL C 442 28.45 -36.36 27.67
C VAL C 442 29.65 -36.32 26.72
N PRO C 443 30.26 -35.16 26.48
CA PRO C 443 31.42 -35.14 25.56
C PRO C 443 32.54 -36.06 26.00
N SER C 444 32.75 -36.23 27.30
CA SER C 444 33.81 -37.12 27.77
C SER C 444 33.59 -38.55 27.29
N LEU C 445 32.33 -39.01 27.33
CA LEU C 445 32.03 -40.35 26.84
C LEU C 445 32.03 -40.40 25.33
N LEU C 446 31.54 -39.34 24.68
CA LEU C 446 31.58 -39.29 23.22
C LEU C 446 33.01 -39.42 22.71
N GLN C 447 33.97 -38.86 23.44
CA GLN C 447 35.37 -39.00 23.05
C GLN C 447 35.78 -40.47 23.02
N GLN C 448 35.26 -41.28 23.95
CA GLN C 448 35.54 -42.70 23.96
C GLN C 448 34.66 -43.48 22.97
N GLY C 449 33.59 -42.86 22.48
CA GLY C 449 32.67 -43.54 21.58
C GLY C 449 31.46 -44.15 22.25
N LEU C 450 30.88 -43.47 23.23
CA LEU C 450 29.73 -43.97 23.97
C LEU C 450 28.52 -43.08 23.73
N VAL C 451 27.39 -43.71 23.43
CA VAL C 451 26.11 -43.02 23.29
C VAL C 451 25.11 -43.69 24.22
N ASN C 452 24.39 -42.89 25.00
CA ASN C 452 23.41 -43.39 25.95
C ASN C 452 22.00 -43.11 25.46
N MET C 453 21.16 -44.14 25.48
CA MET C 453 19.75 -44.04 25.13
C MET C 453 18.93 -44.53 26.32
N PHE C 454 17.81 -43.84 26.58
CA PHE C 454 16.92 -44.20 27.67
C PHE C 454 15.53 -44.45 27.10
N ILE C 455 14.93 -45.58 27.45
CA ILE C 455 13.67 -46.00 26.87
C ILE C 455 12.75 -46.48 27.97
N TRP C 456 11.48 -46.10 27.87
CA TRP C 456 10.44 -46.57 28.77
C TRP C 456 9.33 -47.22 27.95
N VAL C 457 8.90 -48.41 28.37
CA VAL C 457 7.86 -49.14 27.67
C VAL C 457 6.87 -49.69 28.69
N VAL C 458 5.67 -50.01 28.20
CA VAL C 458 4.61 -50.59 29.02
C VAL C 458 4.18 -51.89 28.36
N PRO C 459 4.80 -53.02 28.68
CA PRO C 459 4.44 -54.28 28.00
C PRO C 459 3.01 -54.68 28.26
N SER C 460 2.42 -55.36 27.28
CA SER C 460 1.09 -55.90 27.43
C SER C 460 1.10 -57.06 28.42
N THR C 461 -0.05 -57.30 29.05
CA THR C 461 -0.25 -58.40 29.97
C THR C 461 -1.16 -59.44 29.33
N ILE C 462 -1.48 -60.48 30.10
CA ILE C 462 -2.27 -61.60 29.62
C ILE C 462 -3.37 -61.92 30.62
N ILE C 463 -4.29 -62.78 30.21
CA ILE C 463 -5.34 -63.30 31.07
C ILE C 463 -4.86 -64.65 31.61
N GLU C 464 -4.72 -64.74 32.94
CA GLU C 464 -4.30 -65.97 33.59
C GLU C 464 -5.46 -66.65 34.30
N ARG C 465 -6.14 -65.92 35.19
CA ARG C 465 -7.29 -66.44 35.93
C ARG C 465 -8.49 -65.56 35.66
N LEU C 466 -9.59 -66.18 35.25
CA LEU C 466 -10.84 -65.49 34.97
C LEU C 466 -11.85 -65.85 36.03
N ILE C 467 -12.40 -64.85 36.70
CA ILE C 467 -13.28 -65.04 37.85
C ILE C 467 -14.70 -64.69 37.42
N ILE C 468 -15.62 -65.63 37.63
CA ILE C 468 -17.03 -65.45 37.30
C ILE C 468 -17.77 -65.24 38.61
N ASN C 469 -18.32 -64.04 38.80
CA ASN C 469 -19.18 -63.73 39.93
C ASN C 469 -20.57 -63.47 39.39
N ILE C 470 -21.46 -64.46 39.53
CA ILE C 470 -22.82 -64.37 39.05
C ILE C 470 -23.77 -64.70 40.19
N LYS C 471 -24.83 -63.91 40.31
CA LYS C 471 -25.80 -64.03 41.39
C LYS C 471 -27.07 -64.69 40.91
N GLN C 472 -27.63 -65.56 41.76
CA GLN C 472 -28.93 -66.17 41.50
C GLN C 472 -30.09 -65.28 41.91
N THR C 473 -30.86 -64.82 40.94
CA THR C 473 -31.95 -63.88 41.18
C THR C 473 -33.35 -64.49 41.20
N ALA C 474 -34.17 -64.03 42.13
CA ALA C 474 -35.56 -64.44 42.17
C ALA C 474 -36.29 -63.92 40.93
N ILE C 475 -37.40 -64.58 40.59
CA ILE C 475 -38.14 -64.19 39.40
C ILE C 475 -38.77 -62.83 39.62
N GLY C 476 -38.46 -61.88 38.72
CA GLY C 476 -39.08 -60.57 38.69
C GLY C 476 -38.12 -59.42 39.00
N ASP C 477 -37.17 -59.62 39.92
CA ASP C 477 -36.36 -58.54 40.45
C ASP C 477 -34.98 -58.46 39.79
N LEU C 478 -34.81 -59.13 38.65
CA LEU C 478 -33.50 -59.16 38.01
C LEU C 478 -33.04 -57.75 37.62
N GLU C 479 -33.94 -56.96 37.02
CA GLU C 479 -33.53 -55.63 36.56
C GLU C 479 -33.08 -54.75 37.73
N ALA C 480 -33.84 -54.74 38.83
CA ALA C 480 -33.47 -53.90 39.96
C ALA C 480 -32.19 -54.39 40.62
N THR C 481 -32.07 -55.71 40.80
CA THR C 481 -30.86 -56.26 41.39
C THR C 481 -29.64 -55.91 40.55
N VAL C 482 -29.74 -56.07 39.22
CA VAL C 482 -28.61 -55.75 38.35
C VAL C 482 -28.29 -54.27 38.42
N ALA C 483 -29.30 -53.41 38.40
CA ALA C 483 -29.04 -51.97 38.48
C ALA C 483 -28.27 -51.63 39.75
N LEU C 484 -28.76 -52.10 40.89
CA LEU C 484 -28.12 -51.77 42.16
C LEU C 484 -26.68 -52.31 42.21
N ASP C 485 -26.52 -53.59 41.89
CA ASP C 485 -25.19 -54.20 41.98
C ASP C 485 -24.21 -53.56 41.01
N THR C 486 -24.67 -53.27 39.79
CA THR C 486 -23.78 -52.65 38.80
C THR C 486 -23.39 -51.25 39.24
N ALA C 487 -24.33 -50.48 39.80
CA ALA C 487 -23.98 -49.17 40.33
C ALA C 487 -22.89 -49.30 41.38
N ALA C 488 -23.06 -50.23 42.33
CA ALA C 488 -22.08 -50.41 43.39
C ALA C 488 -20.72 -50.77 42.82
N LEU C 489 -20.68 -51.75 41.91
CA LEU C 489 -19.42 -52.23 41.37
C LEU C 489 -18.71 -51.15 40.58
N GLN C 490 -19.45 -50.46 39.70
CA GLN C 490 -18.85 -49.40 38.91
C GLN C 490 -18.32 -48.29 39.81
N SER C 491 -19.07 -47.90 40.84
CA SER C 491 -18.60 -46.86 41.74
C SER C 491 -17.33 -47.28 42.44
N SER C 492 -17.29 -48.53 42.93
CA SER C 492 -16.09 -48.99 43.64
C SER C 492 -14.88 -49.00 42.72
N VAL C 493 -15.03 -49.51 41.50
CA VAL C 493 -13.91 -49.53 40.58
C VAL C 493 -13.47 -48.11 40.23
N GLU C 494 -14.43 -47.22 40.00
CA GLU C 494 -14.10 -45.85 39.63
C GLU C 494 -13.33 -45.14 40.73
N GLU C 495 -13.76 -45.30 41.99
CA GLU C 495 -13.10 -44.61 43.08
C GLU C 495 -11.93 -45.39 43.66
N GLY C 496 -11.63 -46.56 43.12
CA GLY C 496 -10.43 -47.29 43.50
C GLY C 496 -10.52 -48.03 44.81
N THR C 497 -11.72 -48.26 45.34
CA THR C 497 -11.89 -48.99 46.59
C THR C 497 -12.16 -50.48 46.36
N ALA C 498 -12.11 -50.95 45.11
CA ALA C 498 -12.38 -52.35 44.84
C ALA C 498 -11.33 -53.25 45.50
N THR C 499 -10.05 -52.83 45.46
CA THR C 499 -8.98 -53.66 45.99
C THR C 499 -8.98 -53.76 47.50
N GLU C 500 -9.46 -52.73 48.21
CA GLU C 500 -9.40 -52.73 49.67
C GLU C 500 -10.14 -53.93 50.23
N GLY C 501 -9.42 -54.83 50.87
CA GLY C 501 -10.01 -56.01 51.45
C GLY C 501 -8.96 -57.09 51.66
N THR C 502 -9.44 -58.26 52.05
CA THR C 502 -8.60 -59.43 52.27
C THR C 502 -8.91 -60.49 51.22
N ALA C 503 -7.88 -60.94 50.51
CA ALA C 503 -8.07 -61.97 49.51
C ALA C 503 -8.45 -63.34 50.05
N PRO C 504 -9.60 -63.90 49.66
CA PRO C 504 -10.00 -65.21 50.17
C PRO C 504 -9.42 -66.35 49.33
N VAL C 505 -9.36 -67.52 49.97
CA VAL C 505 -8.92 -68.73 49.31
C VAL C 505 -10.15 -69.44 48.76
N THR D 2 -4.84 -47.01 -58.58
CA THR D 2 -5.98 -47.41 -59.40
C THR D 2 -7.28 -47.35 -58.59
N ASN D 3 -8.39 -47.63 -59.24
CA ASN D 3 -9.75 -47.52 -58.72
C ASN D 3 -10.17 -46.06 -58.54
N PHE D 4 -9.29 -45.09 -58.81
CA PHE D 4 -9.61 -43.68 -58.69
C PHE D 4 -9.57 -42.93 -60.01
N LEU D 5 -8.93 -43.49 -61.03
CA LEU D 5 -8.72 -42.80 -62.29
C LEU D 5 -9.62 -43.32 -63.41
N ASN D 6 -10.53 -44.25 -63.11
CA ASN D 6 -11.36 -44.84 -64.16
C ASN D 6 -12.15 -43.77 -64.90
N GLY D 7 -12.41 -42.64 -64.25
CA GLY D 7 -13.20 -41.59 -64.87
C GLY D 7 -12.38 -40.43 -65.40
N VAL D 8 -11.09 -40.65 -65.61
CA VAL D 8 -10.22 -39.57 -66.10
C VAL D 8 -10.33 -39.39 -67.60
N ASN D 9 -10.33 -40.48 -68.36
CA ASN D 9 -10.46 -40.40 -69.82
C ASN D 9 -11.91 -40.48 -70.26
N ILE D 10 -12.76 -39.63 -69.68
CA ILE D 10 -14.16 -39.53 -70.04
C ILE D 10 -14.51 -38.06 -70.18
N GLY D 11 -15.01 -37.62 -71.31
CA GLY D 11 -15.41 -36.22 -71.47
C GLY D 11 -16.83 -35.94 -71.07
N THR D 12 -17.78 -36.75 -71.56
CA THR D 12 -19.20 -36.54 -71.24
C THR D 12 -19.45 -36.51 -69.75
N PRO D 13 -20.14 -35.47 -69.26
CA PRO D 13 -20.49 -35.45 -67.83
C PRO D 13 -21.51 -36.54 -67.49
N GLY D 14 -21.54 -36.99 -66.25
CA GLY D 14 -22.54 -37.97 -65.86
C GLY D 14 -22.10 -39.06 -64.92
N ALA D 15 -23.04 -39.89 -64.50
CA ALA D 15 -22.71 -40.97 -63.58
C ALA D 15 -22.65 -42.33 -64.28
N TYR D 16 -21.47 -42.95 -64.28
CA TYR D 16 -21.29 -44.24 -64.93
C TYR D 16 -20.37 -45.11 -64.09
N ALA D 17 -20.55 -46.41 -64.20
CA ALA D 17 -20.01 -47.37 -63.25
C ALA D 17 -18.89 -48.27 -63.77
N PHE D 18 -17.94 -48.57 -62.88
CA PHE D 18 -16.89 -49.53 -63.14
C PHE D 18 -16.90 -50.57 -62.03
N TYR D 19 -16.11 -51.62 -62.20
CA TYR D 19 -16.01 -52.71 -61.22
C TYR D 19 -14.72 -52.58 -60.44
N GLN D 20 -14.82 -52.71 -59.12
CA GLN D 20 -13.67 -52.49 -58.25
C GLN D 20 -12.58 -53.52 -58.54
N THR D 21 -11.33 -53.05 -58.47
CA THR D 21 -10.15 -53.90 -58.54
C THR D 21 -9.41 -53.85 -57.21
N THR D 22 -8.52 -54.82 -57.01
CA THR D 22 -7.76 -54.86 -55.77
C THR D 22 -6.76 -53.70 -55.75
N GLN D 23 -6.85 -52.86 -54.73
CA GLN D 23 -6.13 -51.65 -54.36
C GLN D 23 -4.80 -52.01 -53.73
N SER D 24 -3.71 -51.49 -54.30
CA SER D 24 -2.38 -51.74 -53.75
C SER D 24 -2.18 -51.14 -52.35
N ARG D 25 -1.41 -51.85 -51.53
CA ARG D 25 -1.15 -51.41 -50.17
C ARG D 25 -0.04 -50.37 -50.16
N PRO D 26 -0.28 -49.14 -49.66
CA PRO D 26 0.77 -48.11 -49.60
C PRO D 26 1.66 -48.25 -48.37
N ILE D 27 2.66 -49.12 -48.46
CA ILE D 27 3.54 -49.36 -47.33
C ILE D 27 4.25 -48.07 -46.97
N ASN D 28 4.20 -47.70 -45.70
CA ASN D 28 4.91 -46.51 -45.23
C ASN D 28 6.41 -46.81 -45.12
N VAL D 29 7.15 -45.73 -44.84
CA VAL D 29 8.57 -45.86 -44.61
C VAL D 29 8.78 -45.90 -43.08
N GLU D 30 9.00 -47.08 -42.52
CA GLU D 30 9.27 -47.22 -41.07
C GLU D 30 10.24 -48.40 -40.88
N PRO D 31 11.06 -48.36 -39.81
CA PRO D 31 12.05 -49.44 -39.65
C PRO D 31 11.51 -50.87 -39.57
N PHE D 32 12.26 -51.82 -40.11
CA PHE D 32 11.88 -53.24 -40.08
C PHE D 32 10.60 -53.72 -40.75
N ARG D 33 10.34 -53.22 -41.95
CA ARG D 33 9.19 -53.74 -42.71
C ARG D 33 9.69 -53.94 -44.13
N THR D 34 10.95 -54.31 -44.28
CA THR D 34 11.52 -54.56 -45.58
C THR D 34 12.38 -55.82 -45.52
N CYS D 35 12.43 -56.53 -46.62
CA CYS D 35 13.30 -57.69 -46.78
C CYS D 35 14.15 -57.49 -48.02
N TYR D 36 15.41 -57.90 -47.94
CA TYR D 36 16.36 -57.76 -49.03
C TYR D 36 16.79 -59.15 -49.48
N MET D 37 16.33 -59.55 -50.66
CA MET D 37 16.67 -60.84 -51.25
C MET D 37 17.87 -60.65 -52.16
N VAL D 38 19.01 -61.24 -51.79
CA VAL D 38 20.21 -61.22 -52.61
C VAL D 38 20.15 -62.45 -53.50
N GLY D 39 19.93 -62.23 -54.80
CA GLY D 39 19.78 -63.33 -55.73
C GLY D 39 20.42 -62.97 -57.05
N PHE D 40 20.31 -63.88 -58.01
CA PHE D 40 20.90 -63.70 -59.33
C PHE D 40 19.86 -63.94 -60.42
N ALA D 41 19.95 -63.15 -61.48
CA ALA D 41 19.18 -63.36 -62.69
C ALA D 41 20.09 -63.08 -63.88
N SER D 42 20.15 -64.01 -64.83
CA SER D 42 21.01 -63.82 -66.00
C SER D 42 20.67 -62.52 -66.70
N ASN D 43 19.39 -62.12 -66.67
CA ASN D 43 18.98 -60.82 -67.18
C ASN D 43 19.43 -59.76 -66.18
N GLY D 44 20.61 -59.19 -66.40
CA GLY D 44 21.22 -58.29 -65.45
C GLY D 44 20.77 -56.84 -65.59
N VAL D 45 19.54 -56.55 -65.18
CA VAL D 45 19.03 -55.19 -65.31
C VAL D 45 19.48 -54.29 -64.16
N ASN D 46 19.54 -54.82 -62.94
CA ASN D 46 19.81 -54.04 -61.74
C ASN D 46 21.00 -54.62 -60.99
N LYS D 47 22.08 -54.86 -61.71
CA LYS D 47 23.30 -55.42 -61.13
C LYS D 47 23.71 -54.65 -59.88
N ASN D 48 23.70 -55.35 -58.74
CA ASN D 48 24.16 -54.78 -57.47
C ASN D 48 23.41 -53.48 -57.15
N VAL D 49 22.11 -53.47 -57.42
CA VAL D 49 21.27 -52.30 -57.13
C VAL D 49 19.98 -52.78 -56.49
N PRO D 50 19.78 -52.56 -55.19
CA PRO D 50 18.52 -52.98 -54.55
C PRO D 50 17.32 -52.31 -55.22
N THR D 51 16.47 -53.12 -55.83
CA THR D 51 15.31 -52.64 -56.57
C THR D 51 14.04 -53.14 -55.90
N ARG D 52 13.09 -52.23 -55.68
CA ARG D 52 11.81 -52.62 -55.11
C ARG D 52 11.03 -53.52 -56.05
N ILE D 53 10.37 -54.52 -55.47
CA ILE D 53 9.52 -55.44 -56.21
C ILE D 53 8.10 -55.23 -55.73
N SER D 54 7.19 -54.94 -56.65
CA SER D 54 5.79 -54.72 -56.31
C SER D 54 5.00 -56.02 -56.20
N ASN D 55 5.43 -57.07 -56.90
CA ASN D 55 4.73 -58.35 -56.87
C ASN D 55 5.54 -59.37 -57.65
N LEU D 56 5.10 -60.63 -57.60
CA LEU D 56 5.78 -61.68 -58.33
C LEU D 56 5.77 -61.41 -59.82
N THR D 57 4.67 -60.85 -60.34
CA THR D 57 4.61 -60.51 -61.75
C THR D 57 5.65 -59.46 -62.11
N ASP D 58 5.81 -58.44 -61.27
CA ASP D 58 6.84 -57.43 -61.51
C ASP D 58 8.22 -58.06 -61.49
N PHE D 59 8.48 -58.93 -60.51
CA PHE D 59 9.78 -59.60 -60.45
C PHE D 59 10.05 -60.39 -61.72
N THR D 60 9.08 -61.18 -62.17
CA THR D 60 9.27 -61.99 -63.37
C THR D 60 9.49 -61.10 -64.60
N ASN D 61 8.69 -60.03 -64.72
CA ASN D 61 8.82 -59.15 -65.88
C ASN D 61 10.19 -58.51 -65.93
N VAL D 62 10.67 -57.98 -64.81
CA VAL D 62 11.93 -57.25 -64.80
C VAL D 62 13.11 -58.22 -64.98
N TYR D 63 13.09 -59.34 -64.26
CA TYR D 63 14.25 -60.22 -64.18
C TYR D 63 14.08 -61.52 -64.95
N GLY D 64 12.85 -61.90 -65.31
CA GLY D 64 12.68 -63.15 -66.03
C GLY D 64 13.07 -64.34 -65.18
N THR D 65 13.67 -65.34 -65.83
CA THR D 65 14.06 -66.56 -65.14
C THR D 65 15.05 -66.25 -64.02
N SER D 66 14.84 -66.89 -62.87
CA SER D 66 15.75 -66.77 -61.73
C SER D 66 15.37 -67.80 -60.69
N ALA D 67 16.37 -68.39 -60.04
CA ALA D 67 16.11 -69.42 -59.03
C ALA D 67 15.39 -68.88 -57.80
N SER D 68 15.33 -67.57 -57.63
CA SER D 68 14.71 -66.95 -56.47
C SER D 68 13.22 -66.69 -56.67
N THR D 69 12.65 -67.12 -57.80
CA THR D 69 11.24 -66.84 -58.06
C THR D 69 10.34 -67.49 -57.02
N ASN D 70 10.67 -68.73 -56.63
CA ASN D 70 9.86 -69.41 -55.62
C ASN D 70 9.92 -68.67 -54.29
N SER D 71 11.12 -68.21 -53.90
CA SER D 71 11.25 -67.46 -52.65
C SER D 71 10.46 -66.15 -52.72
N VAL D 72 10.50 -65.47 -53.86
CA VAL D 72 9.73 -64.24 -54.02
C VAL D 72 8.24 -64.52 -53.88
N ASP D 73 7.77 -65.60 -54.52
CA ASP D 73 6.36 -65.96 -54.43
C ASP D 73 5.97 -66.25 -52.99
N LEU D 74 6.80 -67.00 -52.27
CA LEU D 74 6.51 -67.29 -50.87
C LEU D 74 6.46 -66.01 -50.05
N PHE D 75 7.42 -65.11 -50.26
CA PHE D 75 7.43 -63.86 -49.51
C PHE D 75 6.15 -63.08 -49.75
N PHE D 76 5.72 -62.94 -51.00
CA PHE D 76 4.52 -62.17 -51.27
C PHE D 76 3.27 -62.85 -50.73
N LYS D 77 3.19 -64.18 -50.86
CA LYS D 77 2.04 -64.91 -50.32
C LYS D 77 1.94 -64.72 -48.80
N ASN D 78 3.07 -64.78 -48.10
CA ASN D 78 3.05 -64.68 -46.65
C ASN D 78 2.84 -63.25 -46.18
N SER D 79 3.41 -62.27 -46.89
CA SER D 79 3.29 -60.88 -46.48
C SER D 79 1.94 -60.27 -46.85
N GLN D 80 1.25 -60.83 -47.84
CA GLN D 80 -0.11 -60.40 -48.16
C GLN D 80 -0.17 -58.90 -48.45
N GLY D 81 0.82 -58.41 -49.17
CA GLY D 81 0.86 -57.01 -49.55
C GLY D 81 1.49 -56.09 -48.53
N PHE D 82 1.70 -56.55 -47.29
CA PHE D 82 2.39 -55.74 -46.30
C PHE D 82 3.90 -55.90 -46.48
N GLY D 83 4.64 -54.91 -45.98
CA GLY D 83 6.08 -54.95 -46.08
C GLY D 83 6.57 -54.82 -47.50
N ASN D 84 7.86 -54.51 -47.67
CA ASN D 84 8.46 -54.32 -48.98
C ASN D 84 9.53 -55.38 -49.23
N LEU D 85 9.73 -55.70 -50.51
CA LEU D 85 10.79 -56.60 -50.95
C LEU D 85 11.72 -55.83 -51.87
N TYR D 86 13.02 -55.94 -51.62
CA TYR D 86 14.05 -55.37 -52.46
C TYR D 86 14.94 -56.50 -52.96
N PHE D 87 15.03 -56.65 -54.27
CA PHE D 87 15.90 -57.66 -54.86
C PHE D 87 17.23 -57.03 -55.24
N VAL D 88 18.32 -57.74 -54.93
CA VAL D 88 19.66 -57.33 -55.28
C VAL D 88 20.22 -58.38 -56.24
N ASN D 89 20.41 -57.98 -57.49
CA ASN D 89 20.93 -58.88 -58.51
C ASN D 89 22.45 -58.89 -58.45
N VAL D 90 23.03 -60.04 -58.11
CA VAL D 90 24.47 -60.15 -57.99
C VAL D 90 25.11 -59.96 -59.35
N ALA D 91 26.13 -59.12 -59.41
CA ALA D 91 26.82 -58.80 -60.66
C ALA D 91 28.06 -59.67 -60.79
N ILE D 92 28.19 -60.32 -61.94
CA ILE D 92 29.31 -61.20 -62.22
C ILE D 92 30.48 -60.34 -62.72
N PRO D 93 31.64 -60.37 -62.05
CA PRO D 93 32.74 -59.54 -62.51
C PRO D 93 33.37 -60.06 -63.80
N THR D 94 34.00 -59.15 -64.54
CA THR D 94 34.73 -59.53 -65.73
C THR D 94 36.00 -60.28 -65.36
N ARG D 95 36.46 -61.15 -66.25
CA ARG D 95 37.65 -61.95 -66.02
C ARG D 95 38.47 -62.00 -67.30
N TYR D 96 39.80 -62.00 -67.14
CA TYR D 96 40.70 -62.12 -68.27
C TYR D 96 41.79 -63.13 -67.93
N GLN D 97 41.92 -64.16 -68.76
CA GLN D 97 42.91 -65.19 -68.58
C GLN D 97 44.04 -64.98 -69.58
N ILE D 98 45.26 -64.88 -69.09
CA ILE D 98 46.45 -64.69 -69.90
C ILE D 98 47.31 -65.93 -69.76
N VAL D 99 47.55 -66.61 -70.87
CA VAL D 99 48.37 -67.81 -70.91
C VAL D 99 49.74 -67.43 -71.43
N VAL D 100 50.79 -67.76 -70.67
CA VAL D 100 52.16 -67.50 -71.06
C VAL D 100 52.68 -68.76 -71.75
N THR D 101 52.65 -68.74 -73.08
CA THR D 101 53.02 -69.93 -73.85
C THR D 101 54.47 -70.33 -73.61
N ALA D 102 55.38 -69.37 -73.72
CA ALA D 102 56.81 -69.66 -73.62
C ALA D 102 57.50 -68.54 -72.87
N ALA D 103 58.80 -68.72 -72.64
CA ALA D 103 59.64 -67.76 -71.92
C ALA D 103 60.54 -66.98 -72.88
N THR D 104 60.02 -66.61 -74.05
CA THR D 104 60.83 -65.91 -75.03
C THR D 104 61.40 -64.62 -74.45
N ALA D 105 62.70 -64.42 -74.64
CA ALA D 105 63.34 -63.19 -74.18
C ALA D 105 62.89 -62.02 -75.04
N GLY D 106 62.72 -60.87 -74.40
CA GLY D 106 62.31 -59.66 -75.09
C GLY D 106 61.52 -58.76 -74.17
N SER D 107 60.98 -57.70 -74.76
CA SER D 107 60.19 -56.71 -74.03
C SER D 107 58.73 -56.87 -74.40
N TYR D 108 57.88 -57.02 -73.38
CA TYR D 108 56.45 -57.18 -73.56
C TYR D 108 55.73 -56.37 -72.50
N SER D 109 54.46 -56.06 -72.77
CA SER D 109 53.67 -55.23 -71.87
C SER D 109 52.28 -55.83 -71.70
N VAL D 110 51.66 -55.51 -70.56
CA VAL D 110 50.31 -55.93 -70.24
C VAL D 110 49.51 -54.69 -69.85
N THR D 111 48.34 -54.52 -70.45
CA THR D 111 47.52 -53.33 -70.27
C THR D 111 46.22 -53.71 -69.56
N VAL D 112 45.82 -52.90 -68.59
CA VAL D 112 44.59 -53.10 -67.84
C VAL D 112 43.97 -51.73 -67.58
N ASN D 113 42.80 -51.48 -68.16
CA ASN D 113 42.07 -50.23 -67.98
C ASN D 113 42.95 -49.02 -68.27
N GLY D 114 43.71 -49.11 -69.36
CA GLY D 114 44.54 -48.01 -69.81
C GLY D 114 45.87 -47.89 -69.13
N VAL D 115 46.17 -48.74 -68.14
CA VAL D 115 47.46 -48.71 -67.45
C VAL D 115 48.29 -49.87 -68.00
N THR D 116 49.44 -49.54 -68.59
CA THR D 116 50.32 -50.53 -69.20
C THR D 116 51.52 -50.79 -68.29
N LYS D 117 51.89 -52.06 -68.16
CA LYS D 117 53.01 -52.47 -67.34
C LYS D 117 54.03 -53.18 -68.23
N ALA D 118 55.25 -52.64 -68.29
CA ALA D 118 56.31 -53.21 -69.10
C ALA D 118 56.86 -54.47 -68.44
N ILE D 119 56.96 -55.53 -69.23
CA ILE D 119 57.45 -56.82 -68.76
C ILE D 119 58.68 -57.19 -69.59
N THR D 120 59.78 -57.52 -68.90
CA THR D 120 61.04 -57.85 -69.55
C THR D 120 61.37 -59.31 -69.27
N VAL D 121 61.74 -60.04 -70.33
CA VAL D 121 62.04 -61.46 -70.24
C VAL D 121 63.49 -61.66 -70.66
N VAL D 122 64.25 -62.35 -69.81
CA VAL D 122 65.67 -62.62 -70.06
C VAL D 122 65.89 -64.14 -70.04
N GLY D 123 67.09 -64.54 -70.44
CA GLY D 123 67.42 -65.95 -70.45
C GLY D 123 67.28 -66.57 -69.07
N GLY D 124 66.87 -67.84 -69.06
CA GLY D 124 66.60 -68.54 -67.82
C GLY D 124 65.22 -68.32 -67.26
N ALA D 125 64.36 -67.59 -67.96
CA ALA D 125 63.00 -67.33 -67.51
C ALA D 125 62.09 -68.51 -67.84
N THR D 126 60.92 -68.53 -67.19
CA THR D 126 59.92 -69.55 -67.41
C THR D 126 58.56 -68.89 -67.58
N THR D 127 57.62 -69.66 -68.14
CA THR D 127 56.25 -69.17 -68.20
C THR D 127 55.70 -68.92 -66.80
N THR D 128 56.00 -69.82 -65.86
CA THR D 128 55.54 -69.64 -64.49
C THR D 128 56.15 -68.39 -63.86
N THR D 129 57.45 -68.16 -64.06
CA THR D 129 58.07 -66.98 -63.48
C THR D 129 57.53 -65.70 -64.12
N ILE D 130 57.25 -65.73 -65.42
CA ILE D 130 56.66 -64.56 -66.08
C ILE D 130 55.26 -64.29 -65.52
N ALA D 131 54.48 -65.35 -65.33
CA ALA D 131 53.14 -65.18 -64.75
C ALA D 131 53.24 -64.61 -63.34
N ALA D 132 54.16 -65.11 -62.53
CA ALA D 132 54.34 -64.59 -61.18
C ALA D 132 54.75 -63.12 -61.20
N ASP D 133 55.64 -62.76 -62.12
CA ASP D 133 56.07 -61.37 -62.24
C ASP D 133 54.89 -60.48 -62.62
N VAL D 134 54.08 -60.92 -63.59
CA VAL D 134 52.93 -60.13 -64.00
C VAL D 134 51.97 -59.95 -62.84
N ILE D 135 51.68 -61.03 -62.11
CA ILE D 135 50.75 -60.94 -60.99
C ILE D 135 51.28 -59.99 -59.93
N SER D 136 52.56 -60.13 -59.57
CA SER D 136 53.15 -59.28 -58.55
C SER D 136 53.14 -57.81 -58.98
N ALA D 137 53.49 -57.55 -60.24
CA ALA D 137 53.51 -56.17 -60.72
C ALA D 137 52.11 -55.56 -60.67
N ILE D 138 51.10 -56.30 -61.15
CA ILE D 138 49.74 -55.76 -61.15
C ILE D 138 49.27 -55.53 -59.71
N ASN D 139 49.58 -56.47 -58.80
CA ASN D 139 49.03 -56.37 -57.45
C ASN D 139 49.73 -55.32 -56.60
N ASN D 140 51.01 -55.08 -56.85
CA ASN D 140 51.73 -54.01 -56.16
C ASN D 140 51.60 -52.66 -56.86
N ASP D 141 51.08 -52.62 -58.07
CA ASP D 141 50.81 -51.36 -58.72
C ASP D 141 49.82 -50.55 -57.89
N THR D 142 50.11 -49.26 -57.69
CA THR D 142 49.30 -48.44 -56.81
C THR D 142 47.86 -48.32 -57.29
N VAL D 143 47.62 -48.36 -58.59
CA VAL D 143 46.29 -48.14 -59.16
C VAL D 143 45.55 -49.45 -59.36
N LEU D 144 46.20 -50.43 -59.98
CA LEU D 144 45.49 -51.65 -60.39
C LEU D 144 45.00 -52.44 -59.19
N ASN D 145 45.79 -52.52 -58.12
CA ASN D 145 45.38 -53.30 -56.96
C ASN D 145 43.96 -52.95 -56.50
N LYS D 146 43.51 -51.73 -56.79
CA LYS D 146 42.16 -51.32 -56.39
C LYS D 146 41.13 -51.71 -57.45
N GLU D 147 41.53 -51.74 -58.73
CA GLU D 147 40.59 -52.03 -59.80
C GLU D 147 40.37 -53.53 -59.97
N VAL D 148 41.45 -54.31 -60.02
CA VAL D 148 41.38 -55.73 -60.34
C VAL D 148 42.29 -56.51 -59.39
N LEU D 149 42.11 -57.82 -59.39
CA LEU D 149 42.94 -58.74 -58.62
C LEU D 149 43.52 -59.78 -59.58
N ALA D 150 44.83 -59.97 -59.53
CA ALA D 150 45.52 -60.93 -60.39
C ALA D 150 46.01 -62.10 -59.55
N THR D 151 45.71 -63.32 -60.00
CA THR D 151 46.11 -64.54 -59.32
C THR D 151 46.52 -65.57 -60.36
N VAL D 152 46.91 -66.76 -59.88
CA VAL D 152 47.27 -67.86 -60.76
C VAL D 152 46.01 -68.68 -61.06
N GLY D 153 45.83 -69.04 -62.32
CA GLY D 153 44.66 -69.80 -62.73
C GLY D 153 44.83 -71.29 -62.52
N GLY D 154 44.45 -72.08 -63.51
CA GLY D 154 44.59 -73.52 -63.42
C GLY D 154 45.97 -74.06 -63.71
N THR D 155 46.85 -73.24 -64.26
CA THR D 155 48.22 -73.63 -64.56
C THR D 155 49.18 -72.55 -64.07
N SER D 156 50.39 -72.98 -63.69
CA SER D 156 51.40 -72.02 -63.27
C SER D 156 51.73 -71.03 -64.38
N SER D 157 51.49 -71.43 -65.64
CA SER D 157 51.70 -70.56 -66.79
C SER D 157 50.44 -69.80 -67.16
N THR D 158 49.54 -69.57 -66.21
CA THR D 158 48.29 -68.86 -66.46
C THR D 158 48.07 -67.81 -65.38
N VAL D 159 47.51 -66.68 -65.78
CA VAL D 159 47.16 -65.59 -64.88
C VAL D 159 45.70 -65.23 -65.08
N VAL D 160 44.97 -65.08 -63.98
CA VAL D 160 43.56 -64.72 -64.00
C VAL D 160 43.41 -63.35 -63.37
N ILE D 161 42.82 -62.42 -64.12
CA ILE D 161 42.61 -61.04 -63.66
C ILE D 161 41.11 -60.84 -63.54
N THR D 162 40.65 -60.61 -62.31
CA THR D 162 39.23 -60.48 -62.01
C THR D 162 38.93 -59.04 -61.62
N SER D 163 37.88 -58.47 -62.20
CA SER D 163 37.47 -57.12 -61.81
C SER D 163 37.02 -57.11 -60.35
N LYS D 164 37.55 -56.15 -59.59
CA LYS D 164 37.14 -55.95 -58.21
C LYS D 164 35.97 -54.95 -58.10
N LYS D 165 35.57 -54.33 -59.19
CA LYS D 165 34.43 -53.42 -59.24
C LYS D 165 33.55 -53.89 -60.38
N PRO D 166 32.69 -54.89 -60.14
CA PRO D 166 32.02 -55.56 -61.26
C PRO D 166 31.24 -54.63 -62.17
N THR D 167 30.58 -53.61 -61.62
CA THR D 167 29.81 -52.70 -62.46
C THR D 167 30.70 -51.94 -63.42
N ASN D 168 31.89 -51.53 -62.97
CA ASN D 168 32.79 -50.75 -63.81
C ASN D 168 33.24 -51.56 -65.02
N THR D 169 33.46 -50.86 -66.13
CA THR D 169 33.97 -51.50 -67.33
C THR D 169 35.46 -51.83 -67.15
N THR D 170 35.82 -53.08 -67.42
CA THR D 170 37.19 -53.54 -67.31
C THR D 170 37.71 -53.90 -68.69
N THR D 171 38.94 -53.50 -68.98
CA THR D 171 39.57 -53.73 -70.27
C THR D 171 40.97 -54.27 -70.08
N ALA D 172 41.36 -55.19 -70.95
CA ALA D 172 42.69 -55.79 -70.91
C ALA D 172 43.25 -55.88 -72.32
N ALA D 173 44.57 -55.72 -72.43
CA ALA D 173 45.25 -55.87 -73.71
C ALA D 173 46.67 -56.32 -73.44
N VAL D 174 47.30 -56.91 -74.47
CA VAL D 174 48.63 -57.48 -74.34
C VAL D 174 49.51 -56.95 -75.46
N THR D 175 50.82 -56.98 -75.22
CA THR D 175 51.82 -56.61 -76.22
C THR D 175 52.93 -57.65 -76.15
N GLY D 176 52.77 -58.73 -76.93
CA GLY D 176 53.73 -59.82 -76.90
C GLY D 176 53.12 -61.13 -77.35
N VAL D 177 53.87 -61.90 -78.14
CA VAL D 177 53.35 -63.16 -78.65
C VAL D 177 53.21 -64.19 -77.52
N ILE D 178 54.15 -64.18 -76.57
CA ILE D 178 54.11 -65.18 -75.50
C ILE D 178 52.81 -65.09 -74.72
N PHE D 179 52.22 -63.90 -74.64
CA PHE D 179 50.96 -63.70 -73.94
C PHE D 179 49.79 -63.98 -74.86
N THR D 180 48.90 -64.87 -74.43
CA THR D 180 47.65 -65.16 -75.14
C THR D 180 46.50 -64.71 -74.25
N LEU D 181 45.67 -63.81 -74.77
CA LEU D 181 44.58 -63.21 -74.01
C LEU D 181 43.28 -63.96 -74.26
N THR D 182 42.45 -64.06 -73.23
CA THR D 182 41.11 -64.63 -73.36
C THR D 182 40.18 -63.89 -72.42
N THR D 183 39.03 -63.46 -72.93
CA THR D 183 38.00 -62.82 -72.12
C THR D 183 37.05 -63.90 -71.60
N THR D 184 36.71 -63.83 -70.32
CA THR D 184 35.85 -64.82 -69.70
C THR D 184 34.97 -64.16 -68.65
N THR D 185 33.85 -64.81 -68.36
CA THR D 185 32.96 -64.37 -67.28
C THR D 185 32.03 -65.53 -66.96
N GLY D 186 32.14 -66.06 -65.75
CA GLY D 186 31.29 -67.17 -65.37
C GLY D 186 29.83 -66.84 -65.58
N THR D 187 29.11 -67.72 -66.28
CA THR D 187 27.70 -67.45 -66.56
C THR D 187 26.88 -67.36 -65.28
N SER D 188 27.39 -67.89 -64.16
CA SER D 188 26.72 -67.81 -62.88
C SER D 188 27.61 -67.12 -61.86
N PRO D 189 27.04 -66.37 -60.92
CA PRO D 189 27.87 -65.70 -59.91
C PRO D 189 28.47 -66.70 -58.94
N SER D 190 29.56 -66.29 -58.29
CA SER D 190 30.27 -67.12 -57.35
C SER D 190 30.14 -66.55 -55.94
N VAL D 191 30.71 -67.28 -54.97
CA VAL D 191 30.63 -66.86 -53.58
C VAL D 191 31.35 -65.54 -53.38
N ALA D 192 32.45 -65.31 -54.11
CA ALA D 192 33.13 -64.02 -54.01
C ALA D 192 32.24 -62.89 -54.52
N ASP D 193 31.52 -63.12 -55.62
CA ASP D 193 30.60 -62.11 -56.11
C ASP D 193 29.50 -61.83 -55.09
N TYR D 194 28.95 -62.88 -54.48
CA TYR D 194 27.94 -62.68 -53.45
C TYR D 194 28.51 -61.89 -52.28
N VAL D 195 29.73 -62.19 -51.87
CA VAL D 195 30.35 -61.50 -50.74
C VAL D 195 30.53 -60.02 -51.06
N TYR D 196 31.02 -59.72 -52.27
CA TYR D 196 31.18 -58.32 -52.66
C TYR D 196 29.83 -57.60 -52.67
N THR D 197 28.81 -58.24 -53.24
CA THR D 197 27.49 -57.61 -53.29
C THR D 197 26.97 -57.34 -51.89
N ILE D 198 27.15 -58.28 -50.97
CA ILE D 198 26.68 -58.09 -49.60
C ILE D 198 27.44 -56.96 -48.93
N ASN D 199 28.76 -56.91 -49.11
CA ASN D 199 29.61 -55.97 -48.38
C ASN D 199 29.62 -54.57 -48.98
N ASN D 200 29.18 -54.38 -50.22
CA ASN D 200 29.39 -53.10 -50.90
C ASN D 200 28.16 -52.59 -51.64
N THR D 201 26.98 -53.12 -51.42
CA THR D 201 25.83 -52.66 -52.22
C THR D 201 24.87 -51.92 -51.33
N PHE D 202 24.69 -52.41 -50.12
CA PHE D 202 23.76 -51.79 -49.21
C PHE D 202 24.23 -50.43 -48.73
N ASP D 203 23.30 -49.62 -48.26
CA ASP D 203 23.63 -48.29 -47.79
C ASP D 203 23.01 -48.14 -46.43
N PRO D 204 23.66 -47.41 -45.51
CA PRO D 204 22.99 -47.19 -44.23
C PRO D 204 21.61 -46.57 -44.39
N ALA D 205 21.45 -45.59 -45.28
CA ALA D 205 20.16 -44.94 -45.48
C ALA D 205 19.05 -45.87 -45.93
N LEU D 206 19.40 -47.04 -46.44
CA LEU D 206 18.35 -48.00 -46.79
C LEU D 206 17.53 -48.36 -45.56
N GLU D 207 16.26 -48.70 -45.80
CA GLU D 207 15.38 -49.11 -44.72
C GLU D 207 15.93 -50.35 -44.02
N ALA D 208 15.97 -50.31 -42.70
CA ALA D 208 16.40 -51.47 -41.94
C ALA D 208 15.40 -52.61 -42.11
N GLY D 209 15.92 -53.82 -42.25
CA GLY D 209 15.05 -54.96 -42.46
C GLY D 209 15.83 -56.25 -42.50
N PHE D 210 15.14 -57.31 -42.91
CA PHE D 210 15.76 -58.61 -43.00
C PHE D 210 16.59 -58.73 -44.27
N VAL D 211 17.56 -59.65 -44.25
CA VAL D 211 18.39 -59.95 -45.40
C VAL D 211 18.42 -61.46 -45.59
N ILE D 212 18.20 -61.91 -46.82
CA ILE D 212 18.08 -63.34 -47.12
C ILE D 212 18.79 -63.64 -48.44
N ALA D 213 19.48 -64.78 -48.47
CA ALA D 213 20.16 -65.28 -49.67
C ALA D 213 19.75 -66.74 -49.88
N PRO D 214 18.46 -66.99 -50.11
CA PRO D 214 17.99 -68.38 -50.25
C PRO D 214 18.65 -69.13 -51.40
N GLU D 215 18.85 -68.46 -52.54
CA GLU D 215 19.50 -69.12 -53.66
C GLU D 215 20.93 -69.53 -53.31
N ALA D 216 21.67 -68.63 -52.67
CA ALA D 216 23.04 -68.94 -52.28
C ALA D 216 23.07 -70.12 -51.32
N PHE D 217 22.20 -70.10 -50.31
CA PHE D 217 22.24 -71.18 -49.31
C PHE D 217 21.77 -72.51 -49.90
N SER D 218 20.84 -72.48 -50.85
CA SER D 218 20.38 -73.72 -51.46
C SER D 218 21.36 -74.27 -52.48
N THR D 219 22.17 -73.43 -53.11
CA THR D 219 23.04 -73.86 -54.20
C THR D 219 24.47 -74.14 -53.76
N PHE D 220 25.06 -73.27 -52.95
CA PHE D 220 26.48 -73.36 -52.67
C PHE D 220 26.79 -74.48 -51.69
N THR D 221 28.09 -74.77 -51.54
CA THR D 221 28.58 -75.86 -50.71
C THR D 221 28.77 -75.38 -49.27
N LYS D 222 29.41 -76.21 -48.44
CA LYS D 222 29.49 -75.91 -47.01
C LYS D 222 30.37 -74.69 -46.73
N SER D 223 31.60 -74.68 -47.27
CA SER D 223 32.50 -73.56 -47.01
C SER D 223 31.97 -72.27 -47.63
N ASP D 224 31.39 -72.37 -48.83
CA ASP D 224 30.81 -71.19 -49.45
C ASP D 224 29.62 -70.67 -48.64
N ARG D 225 28.80 -71.56 -48.10
CA ARG D 225 27.70 -71.14 -47.24
C ARG D 225 28.23 -70.46 -45.99
N LEU D 226 29.32 -70.99 -45.43
CA LEU D 226 29.93 -70.35 -44.26
C LEU D 226 30.44 -68.96 -44.61
N SER D 227 31.05 -68.80 -45.78
CA SER D 227 31.51 -67.48 -46.19
C SER D 227 30.34 -66.51 -46.36
N ILE D 228 29.25 -66.98 -46.95
CA ILE D 228 28.07 -66.13 -47.11
C ILE D 228 27.50 -65.74 -45.76
N GLN D 229 27.48 -66.69 -44.81
CA GLN D 229 26.98 -66.39 -43.48
C GLN D 229 27.87 -65.38 -42.78
N VAL D 230 29.19 -65.50 -42.93
CA VAL D 230 30.09 -64.51 -42.34
C VAL D 230 29.86 -63.14 -42.95
N ALA D 231 29.66 -63.09 -44.27
CA ALA D 231 29.38 -61.81 -44.91
C ALA D 231 28.09 -61.19 -44.36
N LEU D 232 27.04 -61.99 -44.23
CA LEU D 232 25.79 -61.48 -43.71
C LEU D 232 25.93 -61.03 -42.26
N GLU D 233 26.67 -61.79 -41.45
CA GLU D 233 26.87 -61.42 -40.06
C GLU D 233 27.63 -60.11 -39.95
N ASN D 234 28.69 -59.94 -40.74
CA ASN D 234 29.43 -58.68 -40.72
C ASN D 234 28.55 -57.53 -41.18
N LEU D 235 27.74 -57.74 -42.23
CA LEU D 235 26.85 -56.69 -42.70
C LEU D 235 25.88 -56.28 -41.60
N CYS D 236 25.18 -57.25 -41.00
CA CYS D 236 24.15 -56.92 -40.03
C CYS D 236 24.72 -56.35 -38.75
N SER D 237 25.86 -56.87 -38.27
CA SER D 237 26.46 -56.36 -37.05
C SER D 237 27.33 -55.14 -37.29
N ALA D 238 27.51 -54.72 -38.53
CA ALA D 238 28.21 -53.47 -38.79
C ALA D 238 27.53 -52.33 -38.06
N TYR D 239 28.33 -51.51 -37.40
CA TYR D 239 27.79 -50.40 -36.61
C TYR D 239 26.87 -49.49 -37.40
N ARG D 240 26.87 -49.54 -38.73
CA ARG D 240 26.04 -48.64 -39.52
C ARG D 240 24.72 -49.25 -39.95
N TYR D 241 24.63 -50.57 -40.03
CA TYR D 241 23.38 -51.22 -40.44
C TYR D 241 22.55 -51.66 -39.25
N GLN D 242 23.09 -52.54 -38.40
CA GLN D 242 22.34 -53.12 -37.30
C GLN D 242 21.02 -53.70 -37.81
N TRP D 243 21.14 -54.67 -38.72
CA TRP D 243 20.03 -55.37 -39.33
C TRP D 243 19.97 -56.80 -38.79
N ALA D 244 19.05 -57.59 -39.34
CA ALA D 244 18.90 -58.99 -38.98
C ALA D 244 18.95 -59.85 -40.23
N ALA D 245 19.63 -60.99 -40.13
CA ALA D 245 19.79 -61.92 -41.24
C ALA D 245 19.13 -63.25 -40.88
N LEU D 246 18.51 -63.86 -41.88
CA LEU D 246 17.87 -65.17 -41.73
C LEU D 246 18.66 -66.19 -42.53
N ILE D 247 19.37 -67.06 -41.83
CA ILE D 247 20.18 -68.11 -42.43
C ILE D 247 19.32 -69.33 -42.66
N ASP D 248 19.45 -69.93 -43.84
CA ASP D 248 18.77 -71.16 -44.19
C ASP D 248 19.77 -72.31 -44.22
N SER D 249 19.27 -73.51 -43.95
CA SER D 249 20.12 -74.68 -44.07
C SER D 249 20.52 -74.88 -45.53
N GLY D 250 21.52 -75.72 -45.73
CA GLY D 250 21.90 -76.09 -47.08
C GLY D 250 20.78 -76.88 -47.74
N ALA D 251 21.11 -77.46 -48.88
CA ALA D 251 20.16 -78.35 -49.55
C ALA D 251 19.81 -79.50 -48.62
N MET D 252 18.54 -79.91 -48.64
CA MET D 252 18.09 -80.96 -47.73
C MET D 252 18.87 -82.25 -47.96
N SER D 253 19.17 -82.57 -49.22
CA SER D 253 19.96 -83.76 -49.51
C SER D 253 21.27 -83.76 -48.74
N GLU D 254 21.85 -82.59 -48.52
CA GLU D 254 23.05 -82.49 -47.70
C GLU D 254 22.68 -82.51 -46.21
N ILE D 255 21.85 -81.56 -45.78
CA ILE D 255 21.38 -81.51 -44.39
C ILE D 255 20.08 -82.32 -44.36
N SER D 256 20.21 -83.63 -44.34
CA SER D 256 19.06 -84.52 -44.30
C SER D 256 18.37 -84.51 -42.94
N ASN D 257 19.13 -84.45 -41.86
CA ASN D 257 18.59 -84.63 -40.52
C ASN D 257 18.79 -83.34 -39.70
N THR D 258 18.44 -83.43 -38.41
CA THR D 258 18.56 -82.28 -37.52
C THR D 258 19.94 -82.16 -36.92
N ASP D 259 20.66 -83.28 -36.77
CA ASP D 259 22.02 -83.21 -36.24
C ASP D 259 22.93 -82.45 -37.20
N ARG D 260 22.77 -82.66 -38.51
CA ARG D 260 23.57 -81.94 -39.48
C ARG D 260 23.26 -80.44 -39.44
N ALA D 261 21.99 -80.08 -39.29
CA ALA D 261 21.63 -78.68 -39.13
C ALA D 261 22.26 -78.09 -37.88
N ILE D 262 22.27 -78.86 -36.79
CA ILE D 262 22.89 -78.40 -35.55
C ILE D 262 24.38 -78.15 -35.77
N ALA D 263 25.04 -79.07 -36.47
CA ALA D 263 26.47 -78.91 -36.75
C ALA D 263 26.73 -77.65 -37.57
N GLU D 264 25.92 -77.43 -38.61
CA GLU D 264 26.11 -76.25 -39.44
C GLU D 264 25.88 -74.97 -38.64
N ALA D 265 24.83 -74.96 -37.81
CA ALA D 265 24.57 -73.79 -36.97
C ALA D 265 25.71 -73.56 -36.00
N ALA D 266 26.26 -74.64 -35.42
CA ALA D 266 27.39 -74.51 -34.51
C ALA D 266 28.59 -73.89 -35.23
N THR D 267 28.84 -74.32 -36.47
CA THR D 267 29.89 -73.67 -37.25
C THR D 267 29.60 -72.20 -37.45
N TYR D 268 28.34 -71.85 -37.69
CA TYR D 268 27.95 -70.45 -37.83
C TYR D 268 28.08 -69.72 -36.49
N ASN D 269 28.49 -68.46 -36.56
CA ASN D 269 28.71 -67.64 -35.37
C ASN D 269 28.01 -66.29 -35.52
N SER D 270 27.36 -65.85 -34.44
CA SER D 270 26.74 -64.53 -34.38
C SER D 270 26.79 -64.08 -32.93
N VAL D 271 27.78 -63.25 -32.59
CA VAL D 271 28.04 -62.91 -31.19
C VAL D 271 26.84 -62.17 -30.60
N GLN D 272 26.37 -61.13 -31.29
CA GLN D 272 25.24 -60.33 -30.82
C GLN D 272 23.91 -60.81 -31.37
N GLY D 273 23.87 -62.00 -31.94
CA GLY D 273 22.62 -62.57 -32.40
C GLY D 273 21.97 -61.83 -33.54
N HIS D 274 22.77 -61.31 -34.46
CA HIS D 274 22.22 -60.66 -35.64
C HIS D 274 21.74 -61.64 -36.70
N CYS D 275 22.07 -62.93 -36.56
CA CYS D 275 21.71 -63.95 -37.53
C CYS D 275 20.88 -65.03 -36.82
N SER D 276 19.80 -65.44 -37.48
CA SER D 276 18.91 -66.46 -36.94
C SER D 276 18.78 -67.59 -37.95
N TYR D 277 19.03 -68.82 -37.50
CA TYR D 277 19.05 -69.98 -38.39
C TYR D 277 17.74 -70.73 -38.47
N TYR D 278 17.36 -71.15 -39.67
CA TYR D 278 16.14 -71.92 -39.85
C TYR D 278 16.54 -73.16 -40.63
N TYR D 279 15.76 -74.23 -40.53
CA TYR D 279 16.19 -75.48 -41.19
C TYR D 279 15.22 -76.16 -42.18
N PRO D 280 14.02 -76.61 -41.73
CA PRO D 280 13.20 -77.37 -42.69
C PRO D 280 12.77 -76.56 -43.90
N TYR D 281 13.08 -77.06 -45.09
CA TYR D 281 12.66 -76.38 -46.30
C TYR D 281 11.17 -76.54 -46.47
N LEU D 282 10.57 -75.65 -47.24
CA LEU D 282 9.13 -75.69 -47.40
C LEU D 282 8.72 -76.16 -48.77
N ILE D 283 7.90 -77.19 -48.83
CA ILE D 283 7.40 -77.66 -50.10
C ILE D 283 6.26 -76.75 -50.55
N ASN D 284 6.47 -75.99 -51.64
CA ASN D 284 5.43 -75.12 -52.16
C ASN D 284 4.31 -75.95 -52.77
N LEU D 285 3.29 -75.27 -53.29
CA LEU D 285 2.15 -75.95 -53.90
C LEU D 285 2.53 -76.67 -55.18
N ASP D 286 3.71 -76.42 -55.73
CA ASP D 286 4.21 -77.12 -56.91
C ASP D 286 5.15 -78.27 -56.56
N ASP D 287 5.18 -78.69 -55.30
CA ASP D 287 6.04 -79.77 -54.82
C ASP D 287 7.51 -79.44 -54.90
N GLN D 288 7.85 -78.15 -54.97
CA GLN D 288 9.23 -77.71 -55.05
C GLN D 288 9.74 -77.33 -53.66
N GLN D 289 10.98 -77.72 -53.38
CA GLN D 289 11.61 -77.38 -52.10
C GLN D 289 12.12 -75.95 -52.15
N VAL D 290 11.74 -75.16 -51.14
CA VAL D 290 12.09 -73.75 -51.08
C VAL D 290 12.65 -73.45 -49.69
N PRO D 291 13.75 -72.71 -49.58
CA PRO D 291 14.23 -72.33 -48.25
C PRO D 291 13.19 -71.51 -47.52
N PRO D 292 13.10 -71.66 -46.18
CA PRO D 292 12.02 -71.02 -45.45
C PRO D 292 12.23 -69.55 -45.11
N SER D 293 13.39 -68.97 -45.45
CA SER D 293 13.70 -67.62 -45.00
C SER D 293 12.74 -66.60 -45.60
N ALA D 294 12.41 -66.73 -46.89
CA ALA D 294 11.52 -65.76 -47.53
C ALA D 294 10.14 -65.78 -46.88
N ALA D 295 9.59 -66.97 -46.65
CA ALA D 295 8.29 -67.07 -46.01
C ALA D 295 8.34 -66.55 -44.58
N VAL D 296 9.43 -66.84 -43.87
CA VAL D 296 9.57 -66.37 -42.49
C VAL D 296 9.60 -64.85 -42.47
N ALA D 297 10.34 -64.23 -43.39
CA ALA D 297 10.40 -62.78 -43.43
C ALA D 297 9.05 -62.17 -43.77
N GLY D 298 8.36 -62.75 -44.74
CA GLY D 298 7.03 -62.22 -45.09
C GLY D 298 6.06 -62.30 -43.93
N MET D 299 6.02 -63.45 -43.26
CA MET D 299 5.13 -63.59 -42.12
C MET D 299 5.57 -62.69 -40.97
N ALA D 300 6.88 -62.45 -40.85
CA ALA D 300 7.36 -61.52 -39.82
C ALA D 300 6.85 -60.12 -40.07
N LEU D 301 6.91 -59.65 -41.32
CA LEU D 301 6.38 -58.33 -41.63
C LEU D 301 4.88 -58.27 -41.41
N TYR D 302 4.16 -59.33 -41.80
CA TYR D 302 2.72 -59.36 -41.57
C TYR D 302 2.41 -59.27 -40.08
N ARG D 303 3.12 -60.03 -39.26
CA ARG D 303 2.89 -60.00 -37.82
C ARG D 303 3.27 -58.66 -37.22
N PHE D 304 4.34 -58.04 -37.72
CA PHE D 304 4.69 -56.71 -37.26
C PHE D 304 3.55 -55.74 -37.52
N VAL D 305 2.95 -55.81 -38.71
CA VAL D 305 1.84 -54.92 -39.03
C VAL D 305 0.64 -55.20 -38.13
N ILE D 306 0.32 -56.48 -37.93
CA ILE D 306 -0.93 -56.83 -37.26
C ILE D 306 -0.80 -56.71 -35.74
N ASP D 307 0.06 -57.54 -35.16
CA ASP D 307 0.19 -57.57 -33.69
C ASP D 307 1.11 -56.48 -33.17
N GLY D 308 2.30 -56.32 -33.74
CA GLY D 308 3.25 -55.34 -33.26
C GLY D 308 4.69 -55.75 -33.54
N PHE D 309 5.61 -54.81 -33.37
CA PHE D 309 7.01 -55.08 -33.66
C PHE D 309 7.74 -55.80 -32.52
N ALA D 310 7.10 -55.96 -31.36
CA ALA D 310 7.71 -56.69 -30.27
C ALA D 310 7.48 -58.19 -30.34
N GLU D 311 6.59 -58.67 -31.24
CA GLU D 311 6.37 -60.10 -31.36
C GLU D 311 7.35 -60.70 -32.36
N PRO D 312 7.80 -61.94 -32.14
CA PRO D 312 8.72 -62.56 -33.08
C PRO D 312 7.98 -63.34 -34.15
N PRO D 313 8.65 -63.69 -35.25
CA PRO D 313 8.01 -64.51 -36.29
C PRO D 313 7.87 -65.97 -35.89
N ALA D 314 6.86 -66.25 -35.09
CA ALA D 314 6.58 -67.60 -34.61
C ALA D 314 5.16 -67.63 -34.06
N GLY D 315 4.75 -68.80 -33.60
CA GLY D 315 3.44 -69.00 -33.02
C GLY D 315 2.51 -69.75 -33.96
N VAL D 316 1.43 -70.27 -33.37
CA VAL D 316 0.46 -71.04 -34.12
C VAL D 316 -0.59 -70.19 -34.82
N ASN D 317 -0.76 -68.93 -34.40
CA ASN D 317 -1.76 -68.06 -35.00
C ASN D 317 -1.23 -67.30 -36.21
N PHE D 318 0.00 -67.57 -36.62
CA PHE D 318 0.60 -66.97 -37.82
C PHE D 318 1.24 -68.08 -38.65
N PRO D 319 0.43 -68.99 -39.19
CA PRO D 319 0.98 -70.08 -40.00
C PRO D 319 1.48 -69.59 -41.35
N LEU D 320 2.40 -70.36 -41.92
CA LEU D 320 2.94 -70.03 -43.23
C LEU D 320 1.91 -70.34 -44.32
N LYS D 321 2.07 -69.66 -45.46
CA LYS D 321 1.14 -69.80 -46.58
C LYS D 321 1.93 -70.03 -47.86
N GLY D 322 1.24 -70.60 -48.85
CA GLY D 322 1.88 -70.97 -50.09
C GLY D 322 2.66 -72.26 -50.05
N VAL D 323 2.56 -73.01 -48.95
CA VAL D 323 3.27 -74.27 -48.78
C VAL D 323 2.28 -75.33 -48.34
N LYS D 324 2.59 -76.59 -48.66
CA LYS D 324 1.73 -77.71 -48.31
C LYS D 324 2.34 -78.65 -47.29
N ASN D 325 3.65 -78.56 -47.03
CA ASN D 325 4.30 -79.40 -46.04
C ASN D 325 5.73 -78.92 -45.87
N VAL D 326 6.42 -79.52 -44.91
CA VAL D 326 7.85 -79.31 -44.73
C VAL D 326 8.59 -80.49 -45.35
N ALA D 327 9.89 -80.32 -45.56
CA ALA D 327 10.71 -81.35 -46.17
C ALA D 327 11.28 -82.34 -45.16
N TYR D 328 10.95 -82.18 -43.88
CA TYR D 328 11.46 -83.08 -42.86
C TYR D 328 10.65 -82.87 -41.58
N LYS D 329 10.37 -83.97 -40.88
CA LYS D 329 9.59 -83.94 -39.65
C LYS D 329 10.55 -83.90 -38.47
N VAL D 330 10.59 -82.78 -37.77
CA VAL D 330 11.47 -82.60 -36.62
C VAL D 330 10.76 -83.16 -35.39
N THR D 331 11.39 -84.13 -34.74
CA THR D 331 10.81 -84.74 -33.55
C THR D 331 10.97 -83.81 -32.35
N TRP D 332 10.15 -84.08 -31.33
CA TRP D 332 10.18 -83.24 -30.13
C TRP D 332 11.54 -83.25 -29.47
N GLU D 333 12.17 -84.43 -29.38
CA GLU D 333 13.47 -84.52 -28.73
C GLU D 333 14.56 -83.84 -29.57
N GLU D 334 14.51 -84.01 -30.89
CA GLU D 334 15.44 -83.31 -31.76
C GLU D 334 15.33 -81.80 -31.54
N GLN D 335 14.10 -81.28 -31.50
CA GLN D 335 13.92 -79.85 -31.26
C GLN D 335 14.39 -79.47 -29.86
N ASN D 336 14.14 -80.32 -28.87
CA ASN D 336 14.59 -80.04 -27.51
C ASN D 336 16.10 -79.88 -27.46
N VAL D 337 16.82 -80.66 -28.26
CA VAL D 337 18.28 -80.54 -28.28
C VAL D 337 18.73 -79.38 -29.17
N ALA D 338 17.94 -79.04 -30.19
CA ALA D 338 18.38 -78.06 -31.20
C ALA D 338 18.08 -76.61 -30.79
N ASN D 339 16.89 -76.34 -30.27
CA ASN D 339 16.47 -74.98 -29.99
C ASN D 339 17.46 -74.22 -29.11
N PRO D 340 18.00 -74.79 -28.03
CA PRO D 340 19.02 -74.06 -27.26
C PRO D 340 20.27 -73.75 -28.06
N GLU D 341 20.51 -74.46 -29.17
CA GLU D 341 21.67 -74.22 -30.01
C GLU D 341 21.40 -73.18 -31.10
N GLY D 342 20.24 -72.56 -31.12
CA GLY D 342 19.93 -71.52 -32.07
C GLY D 342 19.33 -72.00 -33.38
N VAL D 343 18.83 -73.23 -33.43
CA VAL D 343 18.16 -73.76 -34.62
C VAL D 343 16.66 -73.59 -34.42
N ASN D 344 16.04 -72.75 -35.24
CA ASN D 344 14.61 -72.48 -35.17
C ASN D 344 13.90 -73.42 -36.13
N CYS D 345 13.11 -74.34 -35.58
CA CYS D 345 12.47 -75.38 -36.37
C CYS D 345 11.14 -74.87 -36.95
N ILE D 346 10.76 -75.45 -38.09
CA ILE D 346 9.46 -75.22 -38.70
C ILE D 346 8.72 -76.55 -38.71
N LEU D 347 7.48 -76.55 -38.20
CA LEU D 347 6.74 -77.76 -37.95
C LEU D 347 5.41 -77.74 -38.68
N ASN D 348 4.93 -78.93 -39.03
CA ASN D 348 3.61 -79.11 -39.62
C ASN D 348 2.67 -79.59 -38.50
N LYS D 349 2.12 -78.63 -37.77
CA LYS D 349 1.22 -78.95 -36.66
C LYS D 349 -0.20 -79.12 -37.16
N GLU D 350 -0.81 -80.24 -36.82
CA GLU D 350 -2.20 -80.48 -37.19
C GLU D 350 -3.09 -79.41 -36.57
N ASN D 351 -4.10 -78.98 -37.33
CA ASN D 351 -5.09 -77.98 -36.95
C ASN D 351 -4.53 -76.56 -36.94
N TYR D 352 -3.23 -76.38 -37.20
CA TYR D 352 -2.63 -75.06 -37.28
C TYR D 352 -1.98 -74.79 -38.63
N GLY D 353 -1.36 -75.80 -39.23
CA GLY D 353 -0.65 -75.64 -40.48
C GLY D 353 0.85 -75.66 -40.31
N ILE D 354 1.57 -74.95 -41.17
CA ILE D 354 3.02 -74.85 -41.08
C ILE D 354 3.36 -73.64 -40.23
N VAL D 355 4.01 -73.89 -39.10
CA VAL D 355 4.29 -72.84 -38.11
C VAL D 355 5.76 -72.88 -37.72
N VAL D 356 6.35 -71.71 -37.57
CA VAL D 356 7.70 -71.59 -37.00
C VAL D 356 7.57 -71.77 -35.50
N TRP D 357 8.30 -72.74 -34.96
CA TRP D 357 8.25 -73.06 -33.54
C TRP D 357 9.58 -72.76 -32.88
N GLY D 358 10.18 -71.63 -33.24
CA GLY D 358 11.42 -71.18 -32.65
C GLY D 358 11.67 -69.71 -32.90
N ALA D 359 12.12 -68.99 -31.88
CA ALA D 359 12.40 -67.56 -32.01
C ALA D 359 13.75 -67.20 -31.38
N ARG D 360 14.72 -68.09 -31.50
CA ARG D 360 16.04 -67.89 -30.92
C ARG D 360 17.05 -67.50 -31.99
N THR D 361 18.10 -66.82 -31.55
CA THR D 361 19.18 -66.38 -32.42
C THR D 361 20.34 -67.38 -32.33
N LEU D 362 21.44 -67.06 -32.98
CA LEU D 362 22.66 -67.86 -32.92
C LEU D 362 23.62 -67.38 -31.84
N SER D 363 23.23 -66.39 -31.05
CA SER D 363 24.12 -65.84 -30.04
C SER D 363 24.23 -66.78 -28.83
N ALA D 364 25.40 -66.78 -28.23
CA ALA D 364 25.61 -67.41 -26.93
C ALA D 364 25.35 -66.45 -25.77
N ASP D 365 25.09 -65.18 -26.06
CA ASP D 365 24.81 -64.21 -25.02
C ASP D 365 23.42 -64.45 -24.45
N PRO D 366 23.28 -64.68 -23.14
CA PRO D 366 21.93 -64.93 -22.59
C PRO D 366 20.98 -63.75 -22.73
N ASN D 367 21.49 -62.54 -22.93
CA ASN D 367 20.64 -61.35 -23.01
C ASN D 367 20.01 -61.14 -24.38
N ILE D 368 20.52 -61.79 -25.42
CA ILE D 368 20.00 -61.62 -26.77
C ILE D 368 19.57 -62.97 -27.33
N VAL D 369 19.10 -63.85 -26.44
CA VAL D 369 18.72 -65.20 -26.86
C VAL D 369 17.64 -65.13 -27.93
N PHE D 370 16.62 -64.30 -27.72
CA PHE D 370 15.45 -64.26 -28.58
C PHE D 370 15.62 -63.21 -29.68
N ILE D 371 15.19 -63.57 -30.90
CA ILE D 371 15.30 -62.66 -32.03
C ILE D 371 14.44 -61.42 -31.85
N SER D 372 13.39 -61.51 -31.02
CA SER D 372 12.57 -60.33 -30.77
C SER D 372 13.38 -59.22 -30.13
N THR D 373 14.26 -59.57 -29.19
CA THR D 373 15.12 -58.57 -28.56
C THR D 373 16.07 -57.94 -29.58
N ARG D 374 16.65 -58.76 -30.46
CA ARG D 374 17.52 -58.23 -31.49
C ARG D 374 16.76 -57.26 -32.39
N ILE D 375 15.54 -57.63 -32.78
CA ILE D 375 14.76 -56.77 -33.66
C ILE D 375 14.37 -55.48 -32.95
N ILE D 376 14.07 -55.55 -31.65
CA ILE D 376 13.73 -54.34 -30.90
C ILE D 376 14.92 -53.40 -30.85
N LEU D 377 16.10 -53.93 -30.53
CA LEU D 377 17.30 -53.10 -30.48
C LEU D 377 17.59 -52.50 -31.85
N ASN D 378 17.45 -53.30 -32.92
CA ASN D 378 17.70 -52.78 -34.26
C ASN D 378 16.71 -51.69 -34.61
N ILE D 379 15.45 -51.86 -34.23
CA ILE D 379 14.44 -50.84 -34.52
C ILE D 379 14.79 -49.55 -33.80
N VAL D 380 15.17 -49.64 -32.52
CA VAL D 380 15.56 -48.43 -31.79
C VAL D 380 16.74 -47.75 -32.49
N ILE D 381 17.77 -48.53 -32.80
CA ILE D 381 18.99 -47.95 -33.37
C ILE D 381 18.70 -47.29 -34.71
N ASN D 382 17.89 -47.93 -35.55
CA ASN D 382 17.66 -47.37 -36.88
C ASN D 382 16.66 -46.23 -36.89
N THR D 383 15.76 -46.20 -35.90
CA THR D 383 14.83 -45.07 -35.80
C THR D 383 15.68 -43.84 -35.55
N LEU D 384 16.56 -43.92 -34.55
CA LEU D 384 17.44 -42.81 -34.24
C LEU D 384 18.33 -42.46 -35.42
N ASN D 385 18.91 -43.46 -36.07
CA ASN D 385 19.79 -43.23 -37.21
C ASN D 385 19.17 -42.33 -38.26
N ARG D 386 17.99 -42.71 -38.75
CA ARG D 386 17.33 -41.93 -39.79
C ARG D 386 16.77 -40.63 -39.26
N GLY D 387 16.48 -40.57 -37.98
CA GLY D 387 16.01 -39.34 -37.38
C GLY D 387 17.14 -38.32 -37.43
N TYR D 388 18.35 -38.74 -37.09
CA TYR D 388 19.47 -37.82 -37.05
C TYR D 388 20.09 -37.58 -38.41
N ASP D 389 19.64 -38.29 -39.46
CA ASP D 389 20.16 -38.00 -40.80
C ASP D 389 20.05 -36.53 -41.12
N PHE D 390 18.95 -35.90 -40.72
CA PHE D 390 18.76 -34.47 -40.95
C PHE D 390 19.68 -33.65 -40.05
N ASP D 391 19.91 -34.12 -38.83
CA ASP D 391 20.78 -33.41 -37.90
C ASP D 391 22.25 -33.45 -38.32
N ILE D 392 22.61 -34.40 -39.18
CA ILE D 392 23.98 -34.42 -39.68
C ILE D 392 24.19 -33.23 -40.61
N PHE D 393 25.39 -32.66 -40.56
CA PHE D 393 25.76 -31.48 -41.36
C PHE D 393 24.99 -30.24 -40.93
N ASN D 394 24.88 -30.02 -39.61
CA ASN D 394 24.25 -28.81 -39.07
C ASN D 394 25.28 -28.00 -38.30
N SER D 395 25.22 -26.69 -38.47
CA SER D 395 26.15 -25.80 -37.78
C SER D 395 25.94 -25.87 -36.28
N VAL D 396 27.03 -25.77 -35.53
CA VAL D 396 27.00 -25.75 -34.08
C VAL D 396 27.37 -24.33 -33.64
N GLY D 397 26.36 -23.49 -33.45
CA GLY D 397 26.57 -22.12 -33.05
C GLY D 397 27.06 -22.00 -31.62
N GLY D 398 27.06 -20.76 -31.13
CA GLY D 398 27.47 -20.51 -29.77
C GLY D 398 26.54 -21.09 -28.73
N THR D 399 25.23 -21.08 -29.01
CA THR D 399 24.25 -21.51 -28.02
C THR D 399 24.43 -22.97 -27.61
N ALA D 400 25.05 -23.80 -28.46
CA ALA D 400 25.10 -25.24 -28.23
C ALA D 400 23.69 -25.80 -28.11
N THR D 401 22.75 -25.18 -28.82
CA THR D 401 21.36 -25.61 -28.74
C THR D 401 21.12 -26.91 -29.49
N VAL D 402 22.02 -27.27 -30.41
CA VAL D 402 21.82 -28.47 -31.21
C VAL D 402 21.89 -29.72 -30.34
N LEU D 403 22.78 -29.74 -29.33
CA LEU D 403 22.85 -30.90 -28.44
C LEU D 403 21.54 -31.08 -27.68
N ASP D 404 21.00 -29.99 -27.14
CA ASP D 404 19.73 -30.07 -26.44
C ASP D 404 18.62 -30.52 -27.38
N ASN D 405 18.60 -29.99 -28.60
CA ASN D 405 17.58 -30.38 -29.56
C ASN D 405 17.69 -31.86 -29.90
N ILE D 406 18.92 -32.37 -30.02
CA ILE D 406 19.12 -33.78 -30.29
C ILE D 406 18.58 -34.62 -29.13
N GLN D 407 18.83 -34.18 -27.90
CA GLN D 407 18.30 -34.90 -26.75
C GLN D 407 16.77 -34.91 -26.77
N ARG D 408 16.16 -33.76 -27.10
CA ARG D 408 14.71 -33.68 -27.19
C ARG D 408 14.16 -34.64 -28.24
N LYS D 409 14.80 -34.65 -29.42
CA LYS D 409 14.33 -35.52 -30.49
C LYS D 409 14.49 -36.99 -30.11
N THR D 410 15.60 -37.33 -29.46
CA THR D 410 15.77 -38.69 -28.97
C THR D 410 14.65 -39.07 -28.00
N ASN D 411 14.30 -38.15 -27.10
CA ASN D 411 13.22 -38.41 -26.18
C ASN D 411 11.91 -38.65 -26.92
N THR D 412 11.63 -37.83 -27.94
CA THR D 412 10.38 -37.98 -28.68
C THR D 412 10.34 -39.32 -29.42
N LEU D 413 11.43 -39.69 -30.09
CA LEU D 413 11.45 -40.94 -30.84
C LEU D 413 11.33 -42.14 -29.91
N LEU D 414 12.06 -42.13 -28.79
CA LEU D 414 11.95 -43.24 -27.85
C LEU D 414 10.57 -43.28 -27.21
N THR D 415 9.93 -42.13 -27.02
CA THR D 415 8.56 -42.12 -26.52
C THR D 415 7.61 -42.75 -27.53
N THR D 416 7.78 -42.44 -28.81
CA THR D 416 6.95 -43.08 -29.83
C THR D 416 7.14 -44.60 -29.83
N LEU D 417 8.39 -45.05 -29.71
CA LEU D 417 8.64 -46.48 -29.65
C LEU D 417 8.00 -47.09 -28.40
N TYR D 418 8.08 -46.39 -27.27
CA TYR D 418 7.43 -46.87 -26.05
C TYR D 418 5.93 -47.01 -26.26
N GLN D 419 5.31 -46.02 -26.91
CA GLN D 419 3.89 -46.14 -27.27
C GLN D 419 3.67 -47.38 -28.12
N ALA D 420 4.54 -47.63 -29.10
CA ALA D 420 4.46 -48.84 -29.90
C ALA D 420 4.60 -50.10 -29.06
N GLY D 421 5.20 -50.01 -27.88
CA GLY D 421 5.23 -51.14 -26.96
C GLY D 421 6.44 -52.02 -27.07
N LEU D 422 7.58 -51.47 -27.52
CA LEU D 422 8.79 -52.26 -27.66
C LEU D 422 9.52 -52.50 -26.35
N PHE D 423 9.13 -51.81 -25.28
CA PHE D 423 9.87 -51.82 -24.03
C PHE D 423 9.04 -52.47 -22.93
N TYR D 424 9.73 -53.10 -21.99
CA TYR D 424 9.13 -53.58 -20.76
C TYR D 424 9.10 -52.39 -19.79
N GLY D 425 8.02 -52.28 -19.02
CA GLY D 425 7.91 -51.20 -18.06
C GLY D 425 6.61 -50.42 -18.17
N GLN D 426 6.01 -50.12 -17.02
CA GLN D 426 4.76 -49.38 -17.02
C GLN D 426 4.96 -47.92 -17.44
N THR D 427 6.19 -47.42 -17.35
CA THR D 427 6.47 -46.00 -17.62
C THR D 427 7.77 -45.86 -18.41
N THR D 428 7.90 -44.69 -19.05
CA THR D 428 9.11 -44.41 -19.82
C THR D 428 10.34 -44.39 -18.92
N SER D 429 10.20 -43.87 -17.70
CA SER D 429 11.30 -43.93 -16.75
C SER D 429 11.70 -45.37 -16.45
N GLU D 430 10.76 -46.30 -16.60
CA GLU D 430 11.04 -47.72 -16.50
C GLU D 430 11.61 -48.30 -17.78
N ALA D 431 11.35 -47.65 -18.93
CA ALA D 431 11.69 -48.19 -20.23
C ALA D 431 13.08 -47.77 -20.71
N PHE D 432 13.34 -46.47 -20.79
CA PHE D 432 14.55 -45.98 -21.43
C PHE D 432 15.06 -44.71 -20.76
N SER D 433 16.32 -44.39 -21.06
CA SER D 433 16.95 -43.16 -20.58
C SER D 433 17.96 -42.70 -21.62
N VAL D 434 18.20 -41.40 -21.66
CA VAL D 434 19.05 -40.78 -22.66
C VAL D 434 20.04 -39.83 -21.99
N LEU D 435 21.19 -39.64 -22.63
CA LEU D 435 22.19 -38.67 -22.17
C LEU D 435 22.93 -38.17 -23.41
N GLY D 436 22.65 -36.94 -23.80
CA GLY D 436 23.24 -36.36 -24.99
C GLY D 436 23.55 -34.89 -24.86
N ASP D 437 23.65 -34.38 -23.64
CA ASP D 437 23.88 -32.96 -23.42
C ASP D 437 25.32 -32.61 -23.77
N ALA D 438 25.66 -31.33 -23.57
CA ALA D 438 27.02 -30.87 -23.82
C ALA D 438 28.01 -31.33 -22.75
N SER D 439 27.52 -31.85 -21.62
CA SER D 439 28.42 -32.32 -20.57
C SER D 439 29.18 -33.58 -20.97
N VAL D 440 28.70 -34.29 -22.00
CA VAL D 440 29.38 -35.48 -22.49
C VAL D 440 30.09 -35.23 -23.81
N GLN D 441 30.05 -34.01 -24.33
CA GLN D 441 30.71 -33.65 -25.58
C GLN D 441 32.06 -33.01 -25.26
N VAL D 442 33.10 -33.49 -25.92
CA VAL D 442 34.46 -32.97 -25.76
C VAL D 442 34.74 -31.99 -26.89
N PRO D 443 35.17 -30.76 -26.60
CA PRO D 443 35.45 -29.82 -27.68
C PRO D 443 36.47 -30.33 -28.69
N SER D 444 37.42 -31.16 -28.25
CA SER D 444 38.40 -31.71 -29.18
C SER D 444 37.72 -32.53 -30.26
N LEU D 445 36.71 -33.32 -29.89
CA LEU D 445 35.97 -34.09 -30.88
C LEU D 445 35.03 -33.21 -31.69
N LEU D 446 34.40 -32.22 -31.05
CA LEU D 446 33.53 -31.31 -31.78
C LEU D 446 34.29 -30.59 -32.88
N GLN D 447 35.56 -30.25 -32.64
CA GLN D 447 36.37 -29.65 -33.68
C GLN D 447 36.47 -30.56 -34.89
N GLN D 448 36.57 -31.88 -34.68
CA GLN D 448 36.55 -32.83 -35.78
C GLN D 448 35.14 -33.07 -36.31
N GLY D 449 34.12 -32.62 -35.60
CA GLY D 449 32.75 -32.81 -36.03
C GLY D 449 32.10 -34.08 -35.55
N LEU D 450 32.42 -34.55 -34.35
CA LEU D 450 31.94 -35.82 -33.82
C LEU D 450 31.15 -35.58 -32.54
N VAL D 451 29.99 -36.24 -32.43
CA VAL D 451 29.08 -36.06 -31.31
C VAL D 451 28.74 -37.43 -30.74
N ASN D 452 28.76 -37.53 -29.42
CA ASN D 452 28.49 -38.77 -28.71
C ASN D 452 27.15 -38.69 -27.98
N MET D 453 26.36 -39.75 -28.10
CA MET D 453 25.06 -39.84 -27.43
C MET D 453 24.98 -41.21 -26.77
N PHE D 454 24.31 -41.27 -25.62
CA PHE D 454 24.23 -42.50 -24.82
C PHE D 454 22.76 -42.82 -24.55
N ILE D 455 22.41 -44.11 -24.69
CA ILE D 455 21.01 -44.55 -24.52
C ILE D 455 20.96 -45.86 -23.72
N TRP D 456 19.92 -46.04 -22.90
CA TRP D 456 19.78 -47.27 -22.10
C TRP D 456 18.36 -47.79 -22.15
N VAL D 457 18.08 -48.74 -23.03
CA VAL D 457 16.71 -49.25 -23.18
C VAL D 457 16.50 -50.67 -22.69
N VAL D 458 15.25 -51.15 -22.69
CA VAL D 458 15.00 -52.56 -22.34
C VAL D 458 14.02 -53.19 -23.33
N PRO D 459 14.44 -54.27 -23.98
CA PRO D 459 13.45 -54.86 -24.87
C PRO D 459 12.41 -55.68 -24.14
N SER D 460 11.18 -55.69 -24.64
CA SER D 460 10.12 -56.49 -24.04
C SER D 460 10.40 -57.97 -24.23
N THR D 461 10.13 -58.77 -23.21
CA THR D 461 10.39 -60.21 -23.28
C THR D 461 9.23 -60.99 -23.90
N ILE D 462 9.48 -62.25 -24.29
CA ILE D 462 8.45 -63.07 -24.90
C ILE D 462 8.19 -64.28 -24.00
N ILE D 463 7.09 -64.96 -24.27
CA ILE D 463 6.75 -66.21 -23.60
C ILE D 463 7.26 -67.34 -24.48
N GLU D 464 8.22 -68.12 -23.96
CA GLU D 464 8.76 -69.24 -24.72
C GLU D 464 8.12 -70.56 -24.31
N ARG D 465 8.24 -70.92 -23.04
CA ARG D 465 7.67 -72.15 -22.51
C ARG D 465 6.86 -71.84 -21.26
N LEU D 466 5.66 -72.38 -21.19
CA LEU D 466 4.70 -72.10 -20.11
C LEU D 466 4.54 -73.37 -19.28
N ILE D 467 4.77 -73.24 -17.97
CA ILE D 467 4.71 -74.37 -17.04
C ILE D 467 3.47 -74.21 -16.20
N ILE D 468 2.65 -75.25 -16.16
CA ILE D 468 1.48 -75.33 -15.30
C ILE D 468 1.78 -76.34 -14.21
N ASN D 469 1.68 -75.90 -12.95
CA ASN D 469 1.82 -76.77 -11.79
C ASN D 469 0.44 -76.87 -11.15
N ILE D 470 -0.21 -78.02 -11.32
CA ILE D 470 -1.59 -78.20 -10.88
C ILE D 470 -1.63 -79.35 -9.87
N LYS D 471 -2.37 -79.12 -8.79
CA LYS D 471 -2.47 -80.04 -7.67
C LYS D 471 -3.86 -80.67 -7.63
N GLN D 472 -3.90 -81.94 -7.23
CA GLN D 472 -5.16 -82.68 -7.09
C GLN D 472 -5.65 -82.76 -5.65
N THR D 473 -6.53 -81.85 -5.28
CA THR D 473 -7.06 -81.80 -3.92
C THR D 473 -8.12 -82.86 -3.64
N ALA D 474 -8.17 -83.31 -2.38
CA ALA D 474 -9.22 -84.20 -1.95
C ALA D 474 -10.55 -83.45 -1.87
N ILE D 475 -11.63 -84.21 -1.72
CA ILE D 475 -12.97 -83.64 -1.74
C ILE D 475 -13.12 -82.67 -0.58
N GLY D 476 -13.28 -81.38 -0.88
CA GLY D 476 -13.67 -80.36 0.08
C GLY D 476 -12.55 -79.42 0.51
N ASP D 477 -11.33 -79.92 0.63
CA ASP D 477 -10.22 -79.14 1.18
C ASP D 477 -9.70 -78.09 0.20
N LEU D 478 -10.34 -77.98 -0.97
CA LEU D 478 -9.87 -77.09 -2.02
C LEU D 478 -9.46 -75.73 -1.46
N GLU D 479 -10.35 -75.08 -0.71
CA GLU D 479 -10.08 -73.70 -0.29
C GLU D 479 -8.90 -73.62 0.68
N ALA D 480 -8.78 -74.57 1.61
CA ALA D 480 -7.67 -74.52 2.57
C ALA D 480 -6.35 -74.81 1.88
N THR D 481 -6.32 -75.83 1.03
CA THR D 481 -5.11 -76.12 0.27
C THR D 481 -4.69 -74.93 -0.58
N VAL D 482 -5.66 -74.28 -1.23
CA VAL D 482 -5.35 -73.12 -2.06
C VAL D 482 -4.78 -72.00 -1.21
N ALA D 483 -5.42 -71.72 -0.07
CA ALA D 483 -4.92 -70.65 0.79
C ALA D 483 -3.47 -70.92 1.19
N LEU D 484 -3.20 -72.13 1.70
CA LEU D 484 -1.85 -72.44 2.16
C LEU D 484 -0.84 -72.33 1.04
N ASP D 485 -1.10 -73.01 -0.09
CA ASP D 485 -0.13 -73.03 -1.18
C ASP D 485 0.07 -71.65 -1.78
N THR D 486 -1.00 -70.87 -1.94
CA THR D 486 -0.87 -69.54 -2.51
C THR D 486 -0.09 -68.63 -1.59
N ALA D 487 -0.33 -68.70 -0.27
CA ALA D 487 0.45 -67.91 0.66
C ALA D 487 1.92 -68.26 0.54
N ALA D 488 2.24 -69.56 0.51
CA ALA D 488 3.63 -69.98 0.40
C ALA D 488 4.27 -69.44 -0.88
N LEU D 489 3.59 -69.60 -2.01
CA LEU D 489 4.16 -69.20 -3.29
C LEU D 489 4.35 -67.69 -3.36
N GLN D 490 3.35 -66.92 -2.95
CA GLN D 490 3.47 -65.47 -2.99
C GLN D 490 4.58 -64.98 -2.08
N SER D 491 4.67 -65.53 -0.86
CA SER D 491 5.74 -65.12 0.04
C SER D 491 7.10 -65.45 -0.56
N SER D 492 7.25 -66.65 -1.13
CA SER D 492 8.54 -67.01 -1.71
C SER D 492 8.91 -66.07 -2.85
N VAL D 493 7.96 -65.79 -3.75
CA VAL D 493 8.26 -64.93 -4.89
C VAL D 493 8.63 -63.52 -4.41
N GLU D 494 7.88 -62.98 -3.44
CA GLU D 494 8.17 -61.62 -3.00
C GLU D 494 9.50 -61.54 -2.27
N GLU D 495 9.84 -62.57 -1.48
CA GLU D 495 11.15 -62.61 -0.83
C GLU D 495 12.26 -62.92 -1.81
N GLY D 496 11.95 -63.36 -3.02
CA GLY D 496 12.97 -63.61 -4.02
C GLY D 496 13.69 -64.92 -3.86
N THR D 497 13.24 -65.80 -2.98
CA THR D 497 13.86 -67.11 -2.78
C THR D 497 13.27 -68.17 -3.70
N ALA D 498 12.34 -67.80 -4.58
CA ALA D 498 11.74 -68.78 -5.48
C ALA D 498 12.79 -69.38 -6.41
N THR D 499 13.68 -68.54 -6.95
CA THR D 499 14.72 -69.05 -7.83
C THR D 499 15.75 -69.87 -7.06
N GLU D 500 16.01 -69.51 -5.80
CA GLU D 500 16.99 -70.22 -5.00
C GLU D 500 16.63 -71.70 -4.94
N GLY D 501 17.57 -72.54 -5.32
CA GLY D 501 17.34 -73.97 -5.34
C GLY D 501 18.04 -74.59 -6.54
N THR D 502 17.73 -75.85 -6.78
CA THR D 502 18.30 -76.61 -7.89
C THR D 502 17.22 -76.83 -8.95
N ALA D 503 17.58 -76.62 -10.21
CA ALA D 503 16.64 -76.85 -11.31
C ALA D 503 16.48 -78.34 -11.66
N PRO D 504 15.29 -78.90 -11.52
CA PRO D 504 15.09 -80.31 -11.86
C PRO D 504 15.05 -80.54 -13.35
N VAL D 505 15.60 -81.68 -13.77
CA VAL D 505 15.58 -82.07 -15.17
C VAL D 505 14.28 -82.80 -15.46
N MET E 1 -44.97 -0.59 -57.98
CA MET E 1 -45.65 -1.76 -58.53
C MET E 1 -47.15 -1.69 -58.32
N THR E 2 -47.89 -2.49 -59.07
CA THR E 2 -49.33 -2.56 -58.94
C THR E 2 -49.69 -3.36 -57.69
N ASN E 3 -50.99 -3.52 -57.45
CA ASN E 3 -51.58 -4.15 -56.26
C ASN E 3 -51.51 -3.21 -55.06
N PHE E 4 -50.88 -2.05 -55.18
CA PHE E 4 -50.79 -1.10 -54.09
C PHE E 4 -51.48 0.23 -54.37
N LEU E 5 -51.63 0.62 -55.64
CA LEU E 5 -52.19 1.91 -56.00
C LEU E 5 -53.69 1.86 -56.29
N ASN E 6 -54.32 0.70 -56.16
CA ASN E 6 -55.70 0.56 -56.59
C ASN E 6 -56.61 1.55 -55.87
N GLY E 7 -56.28 1.89 -54.62
CA GLY E 7 -57.19 2.67 -53.80
C GLY E 7 -56.82 4.12 -53.59
N VAL E 8 -55.91 4.66 -54.39
CA VAL E 8 -55.52 6.05 -54.22
C VAL E 8 -56.42 7.00 -54.99
N ASN E 9 -56.95 6.58 -56.14
CA ASN E 9 -57.94 7.38 -56.86
C ASN E 9 -59.35 7.05 -56.39
N ILE E 10 -59.55 7.09 -55.08
CA ILE E 10 -60.85 6.86 -54.46
C ILE E 10 -61.02 7.90 -53.36
N GLY E 11 -61.88 8.89 -53.53
CA GLY E 11 -61.97 9.94 -52.52
C GLY E 11 -63.07 9.67 -51.53
N THR E 12 -63.19 8.43 -51.09
CA THR E 12 -64.24 8.06 -50.17
C THR E 12 -63.65 7.08 -49.15
N PRO E 13 -64.06 7.20 -47.88
CA PRO E 13 -63.59 6.23 -46.89
C PRO E 13 -64.34 4.91 -46.99
N GLY E 14 -63.67 3.79 -46.68
CA GLY E 14 -64.34 2.51 -46.70
C GLY E 14 -63.49 1.34 -47.14
N ALA E 15 -64.09 0.15 -47.22
CA ALA E 15 -63.36 -1.03 -47.65
C ALA E 15 -63.60 -1.30 -49.13
N TYR E 16 -62.53 -1.35 -49.92
CA TYR E 16 -62.68 -1.51 -51.37
C TYR E 16 -61.99 -2.76 -51.87
N ALA E 17 -62.69 -3.57 -52.66
CA ALA E 17 -62.12 -4.83 -53.11
C ALA E 17 -61.63 -4.88 -54.56
N PHE E 18 -60.35 -5.19 -54.75
CA PHE E 18 -59.79 -5.35 -56.07
C PHE E 18 -59.24 -6.76 -56.24
N TYR E 19 -59.19 -7.22 -57.48
CA TYR E 19 -58.64 -8.53 -57.80
C TYR E 19 -57.14 -8.42 -57.95
N GLN E 20 -56.43 -9.44 -57.46
CA GLN E 20 -54.97 -9.40 -57.47
C GLN E 20 -54.31 -9.75 -58.77
N THR E 21 -53.48 -8.86 -59.28
CA THR E 21 -52.73 -9.16 -60.50
C THR E 21 -51.32 -9.53 -60.05
N THR E 22 -50.48 -9.99 -60.97
CA THR E 22 -49.11 -10.32 -60.63
C THR E 22 -48.24 -9.09 -60.67
N GLN E 23 -47.37 -8.93 -59.67
CA GLN E 23 -46.44 -7.81 -59.69
C GLN E 23 -45.02 -8.32 -59.87
N SER E 24 -44.19 -7.53 -60.53
CA SER E 24 -42.81 -7.92 -60.74
C SER E 24 -42.01 -7.69 -59.49
N ARG E 25 -41.31 -8.72 -59.02
CA ARG E 25 -40.47 -8.58 -57.85
C ARG E 25 -39.19 -7.87 -58.24
N PRO E 26 -38.88 -6.76 -57.56
CA PRO E 26 -37.65 -6.03 -57.86
C PRO E 26 -36.41 -6.81 -57.47
N ILE E 27 -35.39 -6.76 -58.32
CA ILE E 27 -34.17 -7.52 -58.06
C ILE E 27 -32.97 -6.61 -57.82
N ASN E 28 -32.18 -6.94 -56.80
CA ASN E 28 -31.11 -6.06 -56.36
C ASN E 28 -30.03 -5.84 -57.42
N VAL E 29 -29.12 -4.92 -57.11
CA VAL E 29 -27.99 -4.61 -58.01
C VAL E 29 -26.87 -5.55 -57.60
N GLU E 30 -26.88 -6.75 -58.20
CA GLU E 30 -25.87 -7.77 -57.96
C GLU E 30 -24.92 -7.86 -59.14
N PRO E 31 -23.62 -8.10 -58.90
CA PRO E 31 -22.65 -8.07 -60.01
C PRO E 31 -23.06 -8.89 -61.23
N PHE E 32 -23.50 -10.13 -61.04
CA PHE E 32 -23.62 -11.09 -62.15
C PHE E 32 -25.02 -11.69 -62.23
N ARG E 33 -26.04 -10.84 -62.24
CA ARG E 33 -27.40 -11.27 -62.55
C ARG E 33 -28.01 -10.38 -63.62
N THR E 34 -27.24 -10.14 -64.68
CA THR E 34 -27.70 -9.36 -65.83
C THR E 34 -27.20 -10.00 -67.11
N CYS E 35 -27.97 -9.81 -68.18
CA CYS E 35 -27.59 -10.24 -69.52
C CYS E 35 -27.66 -9.04 -70.44
N TYR E 36 -26.71 -8.96 -71.37
CA TYR E 36 -26.64 -7.88 -72.36
C TYR E 36 -26.69 -8.52 -73.75
N MET E 37 -27.78 -8.27 -74.46
CA MET E 37 -27.94 -8.77 -75.81
C MET E 37 -27.70 -7.64 -76.79
N VAL E 38 -26.73 -7.84 -77.68
CA VAL E 38 -26.41 -6.89 -78.73
C VAL E 38 -27.18 -7.29 -79.97
N GLY E 39 -28.20 -6.52 -80.33
CA GLY E 39 -29.05 -6.84 -81.45
C GLY E 39 -29.32 -5.59 -82.26
N PHE E 40 -30.16 -5.74 -83.28
CA PHE E 40 -30.49 -4.64 -84.17
C PHE E 40 -32.00 -4.53 -84.33
N ALA E 41 -32.48 -3.28 -84.36
CA ALA E 41 -33.85 -2.96 -84.75
C ALA E 41 -33.80 -1.81 -85.74
N SER E 42 -34.73 -1.83 -86.70
CA SER E 42 -34.68 -0.84 -87.77
C SER E 42 -34.81 0.58 -87.23
N ASN E 43 -35.69 0.79 -86.26
CA ASN E 43 -35.86 2.09 -85.62
C ASN E 43 -34.79 2.24 -84.54
N GLY E 44 -33.78 3.05 -84.82
CA GLY E 44 -32.68 3.23 -83.89
C GLY E 44 -33.06 4.09 -82.71
N VAL E 45 -34.01 3.60 -81.91
CA VAL E 45 -34.51 4.37 -80.78
C VAL E 45 -33.40 4.62 -79.76
N ASN E 46 -32.60 3.61 -79.46
CA ASN E 46 -31.55 3.66 -78.46
C ASN E 46 -30.22 3.24 -79.07
N LYS E 47 -29.86 3.85 -80.19
CA LYS E 47 -28.64 3.52 -80.90
C LYS E 47 -27.44 3.47 -79.96
N ASN E 48 -26.86 2.27 -79.84
CA ASN E 48 -25.66 2.07 -79.02
C ASN E 48 -25.87 2.58 -77.59
N VAL E 49 -27.03 2.26 -77.01
CA VAL E 49 -27.33 2.63 -75.63
C VAL E 49 -27.96 1.42 -74.94
N PRO E 50 -27.27 0.76 -74.01
CA PRO E 50 -27.89 -0.38 -73.31
C PRO E 50 -29.13 0.07 -72.55
N THR E 51 -30.27 -0.53 -72.90
CA THR E 51 -31.56 -0.16 -72.32
C THR E 51 -32.17 -1.36 -71.63
N ARG E 52 -32.67 -1.16 -70.42
CA ARG E 52 -33.34 -2.22 -69.69
C ARG E 52 -34.64 -2.61 -70.38
N ILE E 53 -34.91 -3.91 -70.39
CA ILE E 53 -36.15 -4.47 -70.93
C ILE E 53 -36.88 -5.16 -69.78
N SER E 54 -38.14 -4.79 -69.58
CA SER E 54 -38.94 -5.39 -68.52
C SER E 54 -39.61 -6.70 -68.95
N ASN E 55 -39.91 -6.85 -70.24
CA ASN E 55 -40.58 -8.04 -70.72
C ASN E 55 -40.61 -7.99 -72.25
N LEU E 56 -41.10 -9.08 -72.85
CA LEU E 56 -41.18 -9.16 -74.30
C LEU E 56 -42.10 -8.07 -74.86
N THR E 57 -43.18 -7.77 -74.14
CA THR E 57 -44.08 -6.72 -74.59
C THR E 57 -43.37 -5.37 -74.62
N ASP E 58 -42.58 -5.07 -73.58
CA ASP E 58 -41.82 -3.81 -73.58
C ASP E 58 -40.81 -3.79 -74.72
N PHE E 59 -40.13 -4.92 -74.95
CA PHE E 59 -39.18 -4.98 -76.05
C PHE E 59 -39.86 -4.68 -77.37
N THR E 60 -40.99 -5.34 -77.63
CA THR E 60 -41.70 -5.12 -78.89
C THR E 60 -42.18 -3.68 -79.02
N ASN E 61 -42.71 -3.11 -77.93
CA ASN E 61 -43.21 -1.74 -77.99
C ASN E 61 -42.08 -0.77 -78.31
N VAL E 62 -40.93 -0.90 -77.64
CA VAL E 62 -39.85 0.06 -77.84
C VAL E 62 -39.22 -0.12 -79.21
N TYR E 63 -38.94 -1.37 -79.60
CA TYR E 63 -38.14 -1.65 -80.79
C TYR E 63 -38.93 -2.24 -81.94
N GLY E 64 -40.16 -2.70 -81.71
CA GLY E 64 -40.93 -3.28 -82.79
C GLY E 64 -40.24 -4.49 -83.39
N THR E 65 -40.20 -4.55 -84.72
CA THR E 65 -39.61 -5.68 -85.41
C THR E 65 -38.13 -5.81 -85.06
N SER E 66 -37.69 -7.03 -84.85
CA SER E 66 -36.28 -7.34 -84.61
C SER E 66 -36.11 -8.84 -84.64
N ALA E 67 -34.99 -9.30 -85.22
CA ALA E 67 -34.70 -10.72 -85.26
C ALA E 67 -34.39 -11.30 -83.89
N SER E 68 -34.20 -10.44 -82.88
CA SER E 68 -33.88 -10.87 -81.53
C SER E 68 -35.11 -11.07 -80.65
N THR E 69 -36.31 -10.92 -81.21
CA THR E 69 -37.52 -11.06 -80.41
C THR E 69 -37.64 -12.47 -79.81
N ASN E 70 -37.30 -13.49 -80.60
CA ASN E 70 -37.33 -14.85 -80.10
C ASN E 70 -36.34 -15.05 -78.95
N SER E 71 -35.15 -14.47 -79.07
CA SER E 71 -34.16 -14.56 -78.01
C SER E 71 -34.67 -13.87 -76.74
N VAL E 72 -35.30 -12.71 -76.89
CA VAL E 72 -35.86 -12.02 -75.72
C VAL E 72 -36.93 -12.88 -75.07
N ASP E 73 -37.81 -13.48 -75.88
CA ASP E 73 -38.86 -14.33 -75.34
C ASP E 73 -38.27 -15.50 -74.57
N LEU E 74 -37.27 -16.17 -75.14
CA LEU E 74 -36.63 -17.28 -74.44
C LEU E 74 -35.98 -16.82 -73.15
N PHE E 75 -35.28 -15.69 -73.18
CA PHE E 75 -34.63 -15.19 -71.97
C PHE E 75 -35.65 -14.96 -70.87
N PHE E 76 -36.75 -14.28 -71.18
CA PHE E 76 -37.73 -14.00 -70.13
C PHE E 76 -38.43 -15.27 -69.66
N LYS E 77 -38.74 -16.19 -70.57
CA LYS E 77 -39.35 -17.45 -70.15
C LYS E 77 -38.45 -18.22 -69.21
N ASN E 78 -37.15 -18.28 -69.50
CA ASN E 78 -36.24 -19.07 -68.68
C ASN E 78 -35.89 -18.36 -67.38
N SER E 79 -35.81 -17.03 -67.39
CA SER E 79 -35.43 -16.29 -66.20
C SER E 79 -36.59 -16.10 -65.23
N GLN E 80 -37.83 -16.13 -65.73
CA GLN E 80 -39.01 -16.12 -64.87
C GLN E 80 -39.01 -14.90 -63.95
N GLY E 81 -38.67 -13.75 -64.50
CA GLY E 81 -38.72 -12.50 -63.78
C GLY E 81 -37.45 -12.15 -63.03
N PHE E 82 -36.55 -13.10 -62.81
CA PHE E 82 -35.28 -12.81 -62.17
C PHE E 82 -34.28 -12.29 -63.19
N GLY E 83 -33.36 -11.45 -62.72
CA GLY E 83 -32.32 -10.91 -63.57
C GLY E 83 -32.85 -9.87 -64.54
N ASN E 84 -31.93 -9.12 -65.15
CA ASN E 84 -32.26 -8.06 -66.10
C ASN E 84 -31.76 -8.42 -67.50
N LEU E 85 -32.51 -7.96 -68.50
CA LEU E 85 -32.09 -7.98 -69.89
C LEU E 85 -31.80 -6.55 -70.32
N TYR E 86 -30.63 -6.34 -70.91
CA TYR E 86 -30.25 -5.05 -71.47
C TYR E 86 -30.05 -5.22 -72.97
N PHE E 87 -30.88 -4.55 -73.76
CA PHE E 87 -30.76 -4.60 -75.21
C PHE E 87 -29.88 -3.44 -75.67
N VAL E 88 -28.96 -3.75 -76.59
CA VAL E 88 -28.09 -2.75 -77.19
C VAL E 88 -28.40 -2.77 -78.68
N ASN E 89 -28.99 -1.69 -79.18
CA ASN E 89 -29.31 -1.59 -80.59
C ASN E 89 -28.09 -1.10 -81.35
N VAL E 90 -27.66 -1.89 -82.34
CA VAL E 90 -26.47 -1.53 -83.12
C VAL E 90 -26.82 -0.36 -84.02
N ALA E 91 -25.98 0.67 -83.98
CA ALA E 91 -26.18 1.88 -84.78
C ALA E 91 -25.39 1.76 -86.07
N ILE E 92 -26.06 1.92 -87.19
CA ILE E 92 -25.44 1.80 -88.51
C ILE E 92 -24.78 3.14 -88.83
N PRO E 93 -23.48 3.18 -89.11
CA PRO E 93 -22.83 4.46 -89.39
C PRO E 93 -23.25 5.03 -90.74
N THR E 94 -23.18 6.34 -90.84
CA THR E 94 -23.42 7.02 -92.10
C THR E 94 -22.29 6.71 -93.07
N ARG E 95 -22.58 6.78 -94.38
CA ARG E 95 -21.60 6.51 -95.41
C ARG E 95 -21.80 7.50 -96.55
N TYR E 96 -20.69 7.95 -97.13
CA TYR E 96 -20.73 8.85 -98.28
C TYR E 96 -19.82 8.28 -99.36
N GLN E 97 -20.38 8.07 -100.54
CA GLN E 97 -19.63 7.54 -101.67
C GLN E 97 -19.38 8.67 -102.67
N ILE E 98 -18.12 8.87 -103.02
CA ILE E 98 -17.71 9.90 -103.97
C ILE E 98 -17.10 9.19 -105.17
N VAL E 99 -17.68 9.41 -106.33
CA VAL E 99 -17.19 8.85 -107.59
C VAL E 99 -16.40 9.93 -108.30
N VAL E 100 -15.13 9.66 -108.58
CA VAL E 100 -14.29 10.60 -109.31
C VAL E 100 -14.47 10.30 -110.79
N THR E 101 -15.30 11.12 -111.45
CA THR E 101 -15.72 10.80 -112.82
C THR E 101 -14.53 10.82 -113.78
N ALA E 102 -13.66 11.83 -113.66
CA ALA E 102 -12.56 12.01 -114.61
C ALA E 102 -11.35 12.55 -113.87
N ALA E 103 -10.31 12.86 -114.64
CA ALA E 103 -9.08 13.45 -114.13
C ALA E 103 -8.92 14.88 -114.61
N THR E 104 -10.04 15.61 -114.66
CA THR E 104 -10.02 16.99 -115.15
C THR E 104 -9.06 17.84 -114.33
N ALA E 105 -8.20 18.58 -115.00
CA ALA E 105 -7.28 19.48 -114.33
C ALA E 105 -8.04 20.65 -113.72
N GLY E 106 -7.63 21.05 -112.52
CA GLY E 106 -8.27 22.16 -111.85
C GLY E 106 -8.10 22.05 -110.35
N SER E 107 -8.76 22.97 -109.65
CA SER E 107 -8.74 23.03 -108.20
C SER E 107 -10.11 22.67 -107.66
N TYR E 108 -10.16 21.68 -106.77
CA TYR E 108 -11.40 21.22 -106.17
C TYR E 108 -11.16 21.03 -104.67
N SER E 109 -12.25 20.85 -103.92
CA SER E 109 -12.16 20.66 -102.48
C SER E 109 -13.18 19.62 -102.04
N VAL E 110 -12.91 19.01 -100.89
CA VAL E 110 -13.78 18.00 -100.30
C VAL E 110 -14.05 18.41 -98.87
N THR E 111 -15.33 18.49 -98.49
CA THR E 111 -15.74 18.93 -97.17
C THR E 111 -16.32 17.75 -96.40
N VAL E 112 -15.87 17.57 -95.16
CA VAL E 112 -16.35 16.50 -94.29
C VAL E 112 -16.50 17.09 -92.89
N ASN E 113 -17.73 17.12 -92.38
CA ASN E 113 -18.01 17.65 -91.05
C ASN E 113 -17.46 19.06 -90.89
N GLY E 114 -17.59 19.87 -91.94
CA GLY E 114 -17.16 21.25 -91.91
C GLY E 114 -15.68 21.46 -92.16
N VAL E 115 -14.91 20.40 -92.36
CA VAL E 115 -13.48 20.50 -92.64
C VAL E 115 -13.28 20.31 -94.14
N THR E 116 -12.75 21.33 -94.80
CA THR E 116 -12.55 21.31 -96.24
C THR E 116 -11.09 20.97 -96.55
N LYS E 117 -10.91 20.12 -97.55
CA LYS E 117 -9.58 19.70 -97.99
C LYS E 117 -9.40 20.06 -99.46
N ALA E 118 -8.43 20.91 -99.76
CA ALA E 118 -8.18 21.35 -101.12
C ALA E 118 -7.55 20.22 -101.92
N ILE E 119 -8.09 19.99 -103.12
CA ILE E 119 -7.58 18.98 -104.03
C ILE E 119 -7.26 19.66 -105.36
N THR E 120 -6.01 19.55 -105.80
CA THR E 120 -5.54 20.17 -107.03
C THR E 120 -5.17 19.07 -108.02
N VAL E 121 -5.73 19.16 -109.23
CA VAL E 121 -5.56 18.15 -110.27
C VAL E 121 -4.77 18.77 -111.42
N VAL E 122 -3.69 18.12 -111.81
CA VAL E 122 -2.81 18.59 -112.86
C VAL E 122 -2.75 17.55 -113.97
N GLY E 123 -2.08 17.90 -115.05
CA GLY E 123 -1.94 16.96 -116.16
C GLY E 123 -1.24 15.68 -115.72
N GLY E 124 -1.70 14.56 -116.25
CA GLY E 124 -1.19 13.26 -115.87
C GLY E 124 -1.96 12.60 -114.74
N ALA E 125 -3.05 13.20 -114.28
CA ALA E 125 -3.83 12.62 -113.21
C ALA E 125 -4.76 11.53 -113.75
N THR E 126 -5.27 10.71 -112.83
CA THR E 126 -6.18 9.62 -113.16
C THR E 126 -7.22 9.51 -112.05
N THR E 127 -8.29 8.78 -112.35
CA THR E 127 -9.33 8.56 -111.35
C THR E 127 -8.76 7.85 -110.12
N THR E 128 -7.95 6.81 -110.34
CA THR E 128 -7.37 6.07 -109.22
C THR E 128 -6.44 6.96 -108.41
N THR E 129 -5.60 7.75 -109.08
CA THR E 129 -4.68 8.63 -108.37
C THR E 129 -5.45 9.66 -107.55
N ILE E 130 -6.51 10.24 -108.12
CA ILE E 130 -7.30 11.22 -107.40
C ILE E 130 -7.96 10.59 -106.18
N ALA E 131 -8.52 9.39 -106.34
CA ALA E 131 -9.14 8.72 -105.21
C ALA E 131 -8.13 8.42 -104.12
N ALA E 132 -6.94 7.93 -104.51
CA ALA E 132 -5.91 7.64 -103.52
C ALA E 132 -5.46 8.92 -102.80
N ASP E 133 -5.31 10.01 -103.56
CA ASP E 133 -4.92 11.27 -102.93
C ASP E 133 -5.97 11.74 -101.94
N VAL E 134 -7.24 11.65 -102.31
CA VAL E 134 -8.32 12.07 -101.41
C VAL E 134 -8.31 11.21 -100.15
N ILE E 135 -8.18 9.89 -100.31
CA ILE E 135 -8.18 8.99 -99.17
C ILE E 135 -7.01 9.29 -98.25
N SER E 136 -5.82 9.46 -98.84
CA SER E 136 -4.63 9.74 -98.03
C SER E 136 -4.77 11.07 -97.29
N ALA E 137 -5.28 12.10 -97.98
CA ALA E 137 -5.44 13.39 -97.33
C ALA E 137 -6.41 13.29 -96.15
N ILE E 138 -7.56 12.66 -96.35
CA ILE E 138 -8.53 12.55 -95.28
C ILE E 138 -7.96 11.74 -94.12
N ASN E 139 -7.30 10.62 -94.42
CA ASN E 139 -6.83 9.73 -93.35
C ASN E 139 -5.62 10.30 -92.61
N ASN E 140 -4.82 11.13 -93.27
CA ASN E 140 -3.69 11.78 -92.62
C ASN E 140 -4.06 13.12 -91.99
N ASP E 141 -5.27 13.62 -92.25
CA ASP E 141 -5.75 14.79 -91.54
C ASP E 141 -6.06 14.42 -90.10
N THR E 142 -5.55 15.22 -89.15
CA THR E 142 -5.68 14.88 -87.75
C THR E 142 -7.14 14.88 -87.30
N VAL E 143 -7.93 15.86 -87.76
CA VAL E 143 -9.32 15.96 -87.33
C VAL E 143 -10.15 14.83 -87.94
N LEU E 144 -9.94 14.54 -89.23
CA LEU E 144 -10.83 13.63 -89.92
C LEU E 144 -10.59 12.18 -89.53
N ASN E 145 -9.33 11.75 -89.42
CA ASN E 145 -9.08 10.32 -89.15
C ASN E 145 -9.75 9.76 -87.90
N LYS E 146 -10.22 10.65 -87.03
CA LYS E 146 -10.87 10.21 -85.81
C LYS E 146 -12.38 10.20 -85.95
N GLU E 147 -12.90 11.11 -86.77
CA GLU E 147 -14.34 11.19 -86.96
C GLU E 147 -14.82 10.23 -88.03
N VAL E 148 -14.04 10.05 -89.10
CA VAL E 148 -14.45 9.18 -90.21
C VAL E 148 -13.32 8.31 -90.76
N LEU E 149 -13.65 7.42 -91.69
CA LEU E 149 -12.65 6.54 -92.29
C LEU E 149 -12.83 6.50 -93.80
N ALA E 150 -11.76 6.69 -94.57
CA ALA E 150 -11.86 6.76 -96.02
C ALA E 150 -11.13 5.58 -96.64
N THR E 151 -11.81 4.88 -97.55
CA THR E 151 -11.23 3.72 -98.23
C THR E 151 -11.72 3.71 -99.67
N VAL E 152 -11.31 2.70 -100.42
CA VAL E 152 -11.74 2.52 -101.80
C VAL E 152 -12.94 1.58 -101.81
N GLY E 153 -13.90 1.88 -102.68
CA GLY E 153 -15.09 1.06 -102.84
C GLY E 153 -14.85 -0.12 -103.74
N GLY E 154 -15.84 -0.43 -104.57
CA GLY E 154 -15.71 -1.51 -105.53
C GLY E 154 -14.87 -1.14 -106.74
N THR E 155 -14.59 0.15 -106.93
CA THR E 155 -13.80 0.62 -108.05
C THR E 155 -12.75 1.60 -107.55
N SER E 156 -11.59 1.61 -108.22
CA SER E 156 -10.54 2.55 -107.86
C SER E 156 -10.97 4.00 -108.04
N SER E 157 -11.96 4.25 -108.89
CA SER E 157 -12.50 5.59 -109.09
C SER E 157 -13.61 5.92 -108.08
N THR E 158 -13.68 5.18 -106.99
CA THR E 158 -14.71 5.38 -105.96
C THR E 158 -14.05 5.46 -104.59
N VAL E 159 -14.56 6.36 -103.75
CA VAL E 159 -14.09 6.54 -102.39
C VAL E 159 -15.28 6.44 -101.45
N VAL E 160 -15.13 5.65 -100.39
CA VAL E 160 -16.17 5.46 -99.39
C VAL E 160 -15.69 6.05 -98.08
N ILE E 161 -16.47 6.96 -97.52
CA ILE E 161 -16.16 7.61 -96.25
C ILE E 161 -17.23 7.16 -95.26
N THR E 162 -16.81 6.42 -94.23
CA THR E 162 -17.71 5.84 -93.24
C THR E 162 -17.52 6.55 -91.91
N SER E 163 -18.63 6.92 -91.28
CA SER E 163 -18.54 7.52 -89.96
C SER E 163 -17.93 6.55 -88.96
N LYS E 164 -16.93 7.03 -88.21
CA LYS E 164 -16.33 6.24 -87.16
C LYS E 164 -17.04 6.40 -85.83
N LYS E 165 -18.00 7.32 -85.74
CA LYS E 165 -18.81 7.54 -84.53
C LYS E 165 -20.26 7.49 -84.98
N PRO E 166 -20.88 6.30 -85.03
CA PRO E 166 -22.19 6.18 -85.67
C PRO E 166 -23.25 7.10 -85.11
N THR E 167 -23.26 7.32 -83.79
CA THR E 167 -24.30 8.16 -83.20
C THR E 167 -24.13 9.62 -83.59
N ASN E 168 -22.91 10.06 -83.81
CA ASN E 168 -22.66 11.46 -84.13
C ASN E 168 -23.20 11.79 -85.51
N THR E 169 -23.54 13.07 -85.70
CA THR E 169 -24.00 13.56 -86.99
C THR E 169 -22.80 13.75 -87.91
N THR E 170 -22.86 13.14 -89.09
CA THR E 170 -21.79 13.19 -90.07
C THR E 170 -22.32 13.81 -91.37
N THR E 171 -21.56 14.71 -91.96
CA THR E 171 -21.94 15.38 -93.19
C THR E 171 -20.72 15.50 -94.10
N ALA E 172 -20.97 15.50 -95.40
CA ALA E 172 -19.92 15.66 -96.40
C ALA E 172 -20.44 16.48 -97.56
N ALA E 173 -19.51 17.12 -98.26
CA ALA E 173 -19.86 17.90 -99.44
C ALA E 173 -18.63 17.99 -100.34
N VAL E 174 -18.87 18.36 -101.60
CA VAL E 174 -17.82 18.44 -102.60
C VAL E 174 -17.87 19.80 -103.27
N THR E 175 -16.73 20.23 -103.78
CA THR E 175 -16.61 21.46 -104.58
C THR E 175 -15.79 21.08 -105.81
N GLY E 176 -16.47 20.58 -106.84
CA GLY E 176 -15.80 20.11 -108.03
C GLY E 176 -16.65 19.16 -108.85
N VAL E 177 -16.60 19.30 -110.18
CA VAL E 177 -17.44 18.48 -111.05
C VAL E 177 -16.98 17.03 -111.05
N ILE E 178 -15.65 16.82 -111.05
CA ILE E 178 -15.14 15.45 -111.16
C ILE E 178 -15.63 14.59 -110.01
N PHE E 179 -15.95 15.20 -108.87
CA PHE E 179 -16.43 14.47 -107.71
C PHE E 179 -17.96 14.47 -107.72
N THR E 180 -18.54 13.26 -107.73
CA THR E 180 -19.98 13.08 -107.65
C THR E 180 -20.29 12.45 -106.29
N LEU E 181 -21.11 13.13 -105.50
CA LEU E 181 -21.41 12.71 -104.13
C LEU E 181 -22.71 11.92 -104.09
N THR E 182 -22.77 10.96 -103.16
CA THR E 182 -24.02 10.28 -102.87
C THR E 182 -23.99 9.77 -101.43
N THR E 183 -25.16 9.77 -100.81
CA THR E 183 -25.31 9.32 -99.44
C THR E 183 -25.75 7.86 -99.42
N THR E 184 -25.18 7.07 -98.51
CA THR E 184 -25.51 5.67 -98.40
C THR E 184 -25.45 5.25 -96.94
N THR E 185 -26.18 4.17 -96.63
CA THR E 185 -26.14 3.57 -95.30
C THR E 185 -26.78 2.20 -95.42
N GLY E 186 -26.05 1.16 -95.07
CA GLY E 186 -26.61 -0.18 -95.10
C GLY E 186 -27.87 -0.24 -94.27
N THR E 187 -28.97 -0.69 -94.88
CA THR E 187 -30.23 -0.76 -94.14
C THR E 187 -30.12 -1.70 -92.95
N SER E 188 -29.13 -2.60 -92.94
CA SER E 188 -28.85 -3.48 -91.83
C SER E 188 -27.42 -3.28 -91.36
N PRO E 189 -27.15 -3.51 -90.08
CA PRO E 189 -25.78 -3.32 -89.58
C PRO E 189 -24.85 -4.41 -90.08
N SER E 190 -23.56 -4.12 -90.02
CA SER E 190 -22.52 -5.02 -90.49
C SER E 190 -21.64 -5.49 -89.33
N VAL E 191 -20.69 -6.36 -89.66
CA VAL E 191 -19.80 -6.91 -88.64
C VAL E 191 -18.97 -5.79 -88.00
N ALA E 192 -18.54 -4.82 -88.81
CA ALA E 192 -17.79 -3.69 -88.25
C ALA E 192 -18.64 -2.87 -87.30
N ASP E 193 -19.91 -2.66 -87.64
CA ASP E 193 -20.81 -1.94 -86.74
C ASP E 193 -20.99 -2.69 -85.43
N TYR E 194 -21.18 -4.01 -85.52
CA TYR E 194 -21.31 -4.81 -84.31
C TYR E 194 -20.04 -4.74 -83.47
N VAL E 195 -18.87 -4.78 -84.11
CA VAL E 195 -17.61 -4.72 -83.39
C VAL E 195 -17.47 -3.39 -82.66
N TYR E 196 -17.81 -2.29 -83.35
CA TYR E 196 -17.74 -0.98 -82.71
C TYR E 196 -18.69 -0.90 -81.52
N THR E 197 -19.92 -1.39 -81.69
CA THR E 197 -20.87 -1.35 -80.60
C THR E 197 -20.38 -2.16 -79.40
N ILE E 198 -19.79 -3.33 -79.68
CA ILE E 198 -19.27 -4.17 -78.60
C ILE E 198 -18.12 -3.50 -77.89
N ASN E 199 -17.22 -2.86 -78.65
CA ASN E 199 -15.99 -2.31 -78.07
C ASN E 199 -16.18 -0.96 -77.41
N ASN E 200 -17.21 -0.19 -77.78
CA ASN E 200 -17.29 1.20 -77.36
C ASN E 200 -18.68 1.58 -76.89
N THR E 201 -19.35 0.71 -76.15
CA THR E 201 -20.70 0.98 -75.68
C THR E 201 -20.96 0.61 -74.23
N PHE E 202 -20.10 -0.17 -73.59
CA PHE E 202 -20.35 -0.66 -72.24
C PHE E 202 -19.53 0.15 -71.24
N ASP E 203 -20.21 0.86 -70.36
CA ASP E 203 -19.55 1.56 -69.25
C ASP E 203 -19.10 0.53 -68.21
N PRO E 204 -17.84 0.58 -67.76
CA PRO E 204 -17.42 -0.37 -66.72
C PRO E 204 -18.30 -0.36 -65.49
N ALA E 205 -18.93 0.77 -65.18
CA ALA E 205 -19.86 0.83 -64.06
C ALA E 205 -21.12 0.00 -64.30
N LEU E 206 -21.35 -0.45 -65.53
CA LEU E 206 -22.50 -1.30 -65.81
C LEU E 206 -22.41 -2.57 -64.99
N GLU E 207 -23.58 -3.11 -64.62
CA GLU E 207 -23.64 -4.37 -63.92
C GLU E 207 -22.94 -5.45 -64.74
N ALA E 208 -22.07 -6.23 -64.09
CA ALA E 208 -21.46 -7.35 -64.77
C ALA E 208 -22.53 -8.36 -65.16
N GLY E 209 -22.16 -9.26 -66.07
CA GLY E 209 -23.10 -10.28 -66.48
C GLY E 209 -22.70 -10.88 -67.81
N PHE E 210 -23.66 -11.59 -68.40
CA PHE E 210 -23.41 -12.27 -69.66
C PHE E 210 -23.58 -11.30 -70.82
N VAL E 211 -22.93 -11.63 -71.94
CA VAL E 211 -23.04 -10.86 -73.18
C VAL E 211 -23.30 -11.83 -74.31
N ILE E 212 -24.29 -11.52 -75.15
CA ILE E 212 -24.73 -12.43 -76.21
C ILE E 212 -25.08 -11.63 -77.45
N ALA E 213 -24.74 -12.19 -78.62
CA ALA E 213 -25.11 -11.62 -79.92
C ALA E 213 -25.75 -12.72 -80.78
N PRO E 214 -26.89 -13.25 -80.34
CA PRO E 214 -27.50 -14.36 -81.08
C PRO E 214 -27.86 -14.02 -82.51
N GLU E 215 -28.35 -12.80 -82.77
CA GLU E 215 -28.68 -12.42 -84.13
C GLU E 215 -27.44 -12.43 -85.02
N ALA E 216 -26.34 -11.85 -84.52
CA ALA E 216 -25.11 -11.83 -85.29
C ALA E 216 -24.61 -13.23 -85.57
N PHE E 217 -24.63 -14.10 -84.55
CA PHE E 217 -24.10 -15.44 -84.74
C PHE E 217 -24.99 -16.28 -85.65
N SER E 218 -26.30 -16.03 -85.66
CA SER E 218 -27.19 -16.76 -86.54
C SER E 218 -27.12 -16.26 -87.98
N THR E 219 -26.83 -14.97 -88.18
CA THR E 219 -26.89 -14.37 -89.51
C THR E 219 -25.55 -14.37 -90.23
N PHE E 220 -24.45 -14.11 -89.54
CA PHE E 220 -23.19 -13.83 -90.22
C PHE E 220 -22.48 -15.11 -90.65
N THR E 221 -21.41 -14.93 -91.42
CA THR E 221 -20.63 -16.03 -91.98
C THR E 221 -19.51 -16.42 -91.01
N LYS E 222 -18.59 -17.27 -91.48
CA LYS E 222 -17.54 -17.77 -90.59
C LYS E 222 -16.60 -16.66 -90.16
N SER E 223 -16.09 -15.88 -91.13
CA SER E 223 -15.13 -14.82 -90.80
C SER E 223 -15.76 -13.77 -89.90
N ASP E 224 -16.99 -13.35 -90.22
CA ASP E 224 -17.66 -12.35 -89.41
C ASP E 224 -17.97 -12.88 -88.02
N ARG E 225 -18.36 -14.15 -87.91
CA ARG E 225 -18.59 -14.75 -86.61
C ARG E 225 -17.30 -14.79 -85.80
N LEU E 226 -16.17 -15.11 -86.44
CA LEU E 226 -14.89 -15.09 -85.75
C LEU E 226 -14.55 -13.70 -85.26
N SER E 227 -14.80 -12.69 -86.09
CA SER E 227 -14.55 -11.31 -85.68
C SER E 227 -15.41 -10.93 -84.47
N ILE E 228 -16.68 -11.31 -84.49
CA ILE E 228 -17.56 -11.01 -83.37
C ILE E 228 -17.10 -11.72 -82.11
N GLN E 229 -16.67 -12.98 -82.25
CA GLN E 229 -16.16 -13.72 -81.10
C GLN E 229 -14.91 -13.06 -80.53
N VAL E 230 -14.02 -12.60 -81.40
CA VAL E 230 -12.82 -11.90 -80.93
C VAL E 230 -13.20 -10.62 -80.19
N ALA E 231 -14.18 -9.89 -80.72
CA ALA E 231 -14.65 -8.68 -80.05
C ALA E 231 -15.18 -9.00 -78.66
N LEU E 232 -16.01 -10.04 -78.56
CA LEU E 232 -16.56 -10.41 -77.26
C LEU E 232 -15.47 -10.87 -76.30
N GLU E 233 -14.50 -11.65 -76.80
CA GLU E 233 -13.40 -12.10 -75.96
C GLU E 233 -12.61 -10.93 -75.42
N ASN E 234 -12.27 -9.97 -76.29
CA ASN E 234 -11.54 -8.79 -75.84
C ASN E 234 -12.35 -8.00 -74.82
N LEU E 235 -13.65 -7.84 -75.07
CA LEU E 235 -14.49 -7.11 -74.13
C LEU E 235 -14.48 -7.78 -72.76
N CYS E 236 -14.74 -9.09 -72.72
CA CYS E 236 -14.90 -9.78 -71.44
C CYS E 236 -13.57 -9.91 -70.72
N SER E 237 -12.48 -10.13 -71.45
CA SER E 237 -11.17 -10.26 -70.81
C SER E 237 -10.50 -8.92 -70.54
N ALA E 238 -11.10 -7.82 -71.00
CA ALA E 238 -10.53 -6.51 -70.70
C ALA E 238 -10.50 -6.28 -69.20
N TYR E 239 -9.36 -5.79 -68.72
CA TYR E 239 -9.18 -5.50 -67.31
C TYR E 239 -10.29 -4.62 -66.73
N ARG E 240 -11.03 -3.89 -67.55
CA ARG E 240 -12.11 -3.05 -67.04
C ARG E 240 -13.36 -3.85 -66.68
N TYR E 241 -13.72 -4.86 -67.46
CA TYR E 241 -15.00 -5.54 -67.32
C TYR E 241 -14.89 -6.85 -66.55
N GLN E 242 -14.09 -7.79 -67.05
CA GLN E 242 -14.03 -9.15 -66.52
C GLN E 242 -15.44 -9.76 -66.46
N TRP E 243 -16.05 -9.90 -67.63
CA TRP E 243 -17.38 -10.43 -67.79
C TRP E 243 -17.31 -11.83 -68.42
N ALA E 244 -18.47 -12.39 -68.73
CA ALA E 244 -18.58 -13.68 -69.38
C ALA E 244 -19.40 -13.54 -70.65
N ALA E 245 -18.98 -14.23 -71.70
CA ALA E 245 -19.66 -14.22 -72.99
C ALA E 245 -20.10 -15.62 -73.36
N LEU E 246 -21.27 -15.71 -73.99
CA LEU E 246 -21.80 -16.98 -74.49
C LEU E 246 -21.77 -16.93 -76.02
N ILE E 247 -21.07 -17.89 -76.61
CA ILE E 247 -20.89 -17.97 -78.06
C ILE E 247 -21.79 -19.07 -78.60
N ASP E 248 -22.40 -18.81 -79.74
CA ASP E 248 -23.30 -19.76 -80.39
C ASP E 248 -22.70 -20.21 -81.71
N SER E 249 -23.14 -21.39 -82.16
CA SER E 249 -22.75 -21.86 -83.47
C SER E 249 -23.39 -20.98 -84.54
N GLY E 250 -22.90 -21.13 -85.77
CA GLY E 250 -23.52 -20.46 -86.88
C GLY E 250 -24.90 -21.03 -87.14
N ALA E 251 -25.40 -20.75 -88.35
CA ALA E 251 -26.66 -21.34 -88.75
C ALA E 251 -26.53 -22.85 -88.78
N MET E 252 -27.57 -23.54 -88.30
CA MET E 252 -27.53 -25.00 -88.25
C MET E 252 -27.26 -25.59 -89.63
N SER E 253 -27.84 -24.98 -90.67
CA SER E 253 -27.58 -25.45 -92.03
C SER E 253 -26.10 -25.50 -92.34
N GLU E 254 -25.33 -24.54 -91.82
CA GLU E 254 -23.88 -24.58 -91.99
C GLU E 254 -23.25 -25.58 -91.01
N ILE E 255 -23.42 -25.34 -89.71
CA ILE E 255 -22.88 -26.24 -88.69
C ILE E 255 -23.99 -27.25 -88.37
N SER E 256 -24.16 -28.22 -89.26
CA SER E 256 -25.15 -29.27 -89.08
C SER E 256 -24.74 -30.31 -88.05
N ASN E 257 -23.50 -30.76 -88.07
CA ASN E 257 -23.03 -31.85 -87.20
C ASN E 257 -22.23 -31.28 -86.04
N THR E 258 -21.65 -32.19 -85.26
CA THR E 258 -20.84 -31.78 -84.11
C THR E 258 -19.38 -31.54 -84.47
N ASP E 259 -18.89 -32.20 -85.53
CA ASP E 259 -17.52 -31.97 -85.97
C ASP E 259 -17.33 -30.53 -86.42
N ARG E 260 -18.32 -29.99 -87.13
CA ARG E 260 -18.23 -28.59 -87.57
C ARG E 260 -18.23 -27.64 -86.38
N ALA E 261 -19.06 -27.94 -85.36
CA ALA E 261 -19.05 -27.12 -84.16
C ALA E 261 -17.71 -27.20 -83.46
N ILE E 262 -17.10 -28.40 -83.42
CA ILE E 262 -15.78 -28.54 -82.80
C ILE E 262 -14.75 -27.71 -83.56
N ALA E 263 -14.81 -27.74 -84.90
CA ALA E 263 -13.86 -26.94 -85.68
C ALA E 263 -14.04 -25.45 -85.42
N GLU E 264 -15.29 -24.99 -85.37
CA GLU E 264 -15.55 -23.57 -85.10
C GLU E 264 -15.04 -23.18 -83.71
N ALA E 265 -15.29 -24.04 -82.72
CA ALA E 265 -14.79 -23.77 -81.37
C ALA E 265 -13.27 -23.73 -81.35
N ALA E 266 -12.62 -24.65 -82.08
CA ALA E 266 -11.17 -24.65 -82.14
C ALA E 266 -10.64 -23.37 -82.75
N THR E 267 -11.30 -22.85 -83.79
CA THR E 267 -10.92 -21.54 -84.32
C THR E 267 -11.11 -20.46 -83.25
N TYR E 268 -12.19 -20.53 -82.50
CA TYR E 268 -12.40 -19.59 -81.41
C TYR E 268 -11.36 -19.79 -80.31
N ASN E 269 -10.92 -18.68 -79.73
CA ASN E 269 -9.88 -18.68 -78.70
C ASN E 269 -10.34 -17.85 -77.50
N SER E 270 -10.10 -18.37 -76.30
CA SER E 270 -10.36 -17.63 -75.06
C SER E 270 -9.35 -18.13 -74.04
N VAL E 271 -8.26 -17.37 -73.85
CA VAL E 271 -7.15 -17.85 -73.04
C VAL E 271 -7.58 -18.09 -71.60
N GLN E 272 -8.28 -17.12 -71.02
CA GLN E 272 -8.70 -17.19 -69.62
C GLN E 272 -10.12 -17.69 -69.45
N GLY E 273 -10.74 -18.20 -70.51
CA GLY E 273 -12.04 -18.83 -70.40
C GLY E 273 -13.20 -17.87 -70.22
N HIS E 274 -13.06 -16.61 -70.64
CA HIS E 274 -14.15 -15.67 -70.54
C HIS E 274 -15.30 -15.99 -71.48
N CYS E 275 -15.08 -16.85 -72.47
CA CYS E 275 -16.10 -17.20 -73.46
C CYS E 275 -16.45 -18.67 -73.33
N SER E 276 -17.75 -18.98 -73.41
CA SER E 276 -18.23 -20.35 -73.33
C SER E 276 -19.12 -20.63 -74.54
N TYR E 277 -18.79 -21.68 -75.28
CA TYR E 277 -19.49 -22.01 -76.53
C TYR E 277 -20.62 -22.99 -76.37
N TYR E 278 -21.75 -22.71 -76.99
CA TYR E 278 -22.89 -23.61 -76.93
C TYR E 278 -23.27 -23.93 -78.36
N TYR E 279 -23.65 -25.17 -78.62
CA TYR E 279 -23.94 -25.56 -80.00
C TYR E 279 -25.45 -25.58 -80.32
N PRO E 280 -26.21 -26.62 -79.92
CA PRO E 280 -27.37 -26.92 -80.78
C PRO E 280 -28.48 -25.89 -80.61
N TYR E 281 -29.10 -25.46 -81.70
CA TYR E 281 -30.13 -24.44 -81.62
C TYR E 281 -31.40 -24.99 -81.00
N LEU E 282 -32.26 -24.10 -80.54
CA LEU E 282 -33.48 -24.55 -79.88
C LEU E 282 -34.71 -24.27 -80.66
N ILE E 283 -35.47 -25.31 -80.97
CA ILE E 283 -36.74 -25.11 -81.66
C ILE E 283 -37.74 -24.64 -80.63
N ASN E 284 -38.25 -23.42 -80.78
CA ASN E 284 -39.21 -22.88 -79.82
C ASN E 284 -40.62 -23.41 -80.06
N LEU E 285 -41.63 -22.82 -79.41
CA LEU E 285 -42.96 -23.38 -79.56
C LEU E 285 -43.61 -23.03 -80.90
N ASP E 286 -42.99 -22.14 -81.67
CA ASP E 286 -43.47 -21.81 -83.01
C ASP E 286 -42.66 -22.50 -84.11
N ASP E 287 -41.89 -23.54 -83.76
CA ASP E 287 -41.05 -24.29 -84.69
C ASP E 287 -39.90 -23.47 -85.23
N GLN E 288 -39.60 -22.31 -84.64
CA GLN E 288 -38.53 -21.45 -85.10
C GLN E 288 -37.23 -21.83 -84.43
N GLN E 289 -36.15 -21.88 -85.21
CA GLN E 289 -34.82 -22.14 -84.66
C GLN E 289 -34.29 -20.89 -83.98
N VAL E 290 -33.83 -21.04 -82.74
CA VAL E 290 -33.37 -19.91 -81.94
C VAL E 290 -32.02 -20.29 -81.32
N PRO E 291 -31.02 -19.41 -81.33
CA PRO E 291 -29.76 -19.75 -80.68
C PRO E 291 -29.97 -19.97 -79.19
N PRO E 292 -29.20 -20.87 -78.58
CA PRO E 292 -29.45 -21.22 -77.18
C PRO E 292 -28.91 -20.23 -76.16
N SER E 293 -28.19 -19.20 -76.59
CA SER E 293 -27.51 -18.32 -75.63
C SER E 293 -28.49 -17.61 -74.71
N ALA E 294 -29.59 -17.09 -75.26
CA ALA E 294 -30.54 -16.35 -74.45
C ALA E 294 -31.16 -17.25 -73.38
N ALA E 295 -31.58 -18.46 -73.78
CA ALA E 295 -32.16 -19.38 -72.82
C ALA E 295 -31.13 -19.79 -71.76
N VAL E 296 -29.90 -20.03 -72.19
CA VAL E 296 -28.86 -20.41 -71.24
C VAL E 296 -28.64 -19.30 -70.22
N ALA E 297 -28.59 -18.05 -70.69
CA ALA E 297 -28.38 -16.93 -69.77
C ALA E 297 -29.54 -16.78 -68.80
N GLY E 298 -30.77 -16.91 -69.30
CA GLY E 298 -31.92 -16.80 -68.42
C GLY E 298 -31.91 -17.88 -67.36
N MET E 299 -31.67 -19.13 -67.76
CA MET E 299 -31.60 -20.22 -66.80
C MET E 299 -30.45 -20.03 -65.83
N ALA E 300 -29.35 -19.44 -66.30
CA ALA E 300 -28.21 -19.17 -65.43
C ALA E 300 -28.57 -18.19 -64.33
N LEU E 301 -29.25 -17.10 -64.71
CA LEU E 301 -29.67 -16.13 -63.70
C LEU E 301 -30.67 -16.75 -62.73
N TYR E 302 -31.62 -17.54 -63.25
CA TYR E 302 -32.58 -18.20 -62.37
C TYR E 302 -31.87 -19.13 -61.39
N ARG E 303 -30.90 -19.91 -61.85
CA ARG E 303 -30.18 -20.81 -60.98
C ARG E 303 -29.33 -20.05 -59.97
N PHE E 304 -28.74 -18.93 -60.39
CA PHE E 304 -28.00 -18.11 -59.43
C PHE E 304 -28.91 -17.65 -58.31
N VAL E 305 -30.14 -17.24 -58.65
CA VAL E 305 -31.08 -16.83 -57.62
C VAL E 305 -31.45 -18.00 -56.72
N ILE E 306 -31.74 -19.15 -57.31
CA ILE E 306 -32.33 -20.26 -56.54
C ILE E 306 -31.25 -21.00 -55.75
N ASP E 307 -30.31 -21.64 -56.46
CA ASP E 307 -29.31 -22.48 -55.81
C ASP E 307 -28.16 -21.66 -55.26
N GLY E 308 -27.61 -20.76 -56.05
CA GLY E 308 -26.48 -19.95 -55.65
C GLY E 308 -25.61 -19.58 -56.84
N PHE E 309 -24.70 -18.64 -56.62
CA PHE E 309 -23.84 -18.14 -57.67
C PHE E 309 -22.66 -19.05 -57.98
N ALA E 310 -22.41 -20.07 -57.15
CA ALA E 310 -21.31 -20.98 -57.41
C ALA E 310 -21.70 -22.13 -58.32
N GLU E 311 -23.00 -22.31 -58.61
CA GLU E 311 -23.44 -23.40 -59.46
C GLU E 311 -23.38 -22.97 -60.92
N PRO E 312 -23.14 -23.92 -61.83
CA PRO E 312 -23.06 -23.57 -63.26
C PRO E 312 -24.42 -23.72 -63.92
N PRO E 313 -24.63 -23.05 -65.07
CA PRO E 313 -25.91 -23.20 -65.80
C PRO E 313 -26.01 -24.53 -66.54
N ALA E 314 -26.24 -25.59 -65.77
CA ALA E 314 -26.35 -26.94 -66.32
C ALA E 314 -27.07 -27.82 -65.30
N GLY E 315 -27.26 -29.07 -65.67
CA GLY E 315 -27.89 -30.05 -64.80
C GLY E 315 -29.31 -30.35 -65.23
N VAL E 316 -29.78 -31.52 -64.79
CA VAL E 316 -31.13 -31.98 -65.16
C VAL E 316 -32.23 -31.31 -64.36
N ASN E 317 -31.91 -30.65 -63.26
CA ASN E 317 -32.92 -30.01 -62.41
C ASN E 317 -33.20 -28.58 -62.83
N PHE E 318 -32.59 -28.09 -63.90
CA PHE E 318 -32.83 -26.74 -64.43
C PHE E 318 -33.02 -26.83 -65.93
N PRO E 319 -34.10 -27.46 -66.38
CA PRO E 319 -34.34 -27.58 -67.83
C PRO E 319 -34.76 -26.25 -68.44
N LEU E 320 -34.56 -26.15 -69.75
CA LEU E 320 -34.91 -24.95 -70.49
C LEU E 320 -36.41 -24.89 -70.72
N LYS E 321 -36.95 -23.67 -70.78
CA LYS E 321 -38.36 -23.44 -70.99
C LYS E 321 -38.57 -22.64 -72.28
N GLY E 322 -39.81 -22.70 -72.78
CA GLY E 322 -40.14 -22.03 -74.02
C GLY E 322 -39.67 -22.73 -75.27
N VAL E 323 -39.18 -23.96 -75.15
CA VAL E 323 -38.68 -24.72 -76.28
C VAL E 323 -39.30 -26.10 -76.26
N LYS E 324 -39.40 -26.73 -77.43
CA LYS E 324 -39.98 -28.06 -77.56
C LYS E 324 -39.00 -29.13 -77.98
N ASN E 325 -37.86 -28.76 -78.56
CA ASN E 325 -36.86 -29.73 -78.99
C ASN E 325 -35.58 -28.99 -79.34
N VAL E 326 -34.55 -29.77 -79.66
CA VAL E 326 -33.29 -29.24 -80.17
C VAL E 326 -33.29 -29.43 -81.67
N ALA E 327 -32.39 -28.71 -82.35
CA ALA E 327 -32.26 -28.83 -83.80
C ALA E 327 -31.35 -29.96 -84.22
N TYR E 328 -30.75 -30.68 -83.27
CA TYR E 328 -29.83 -31.75 -83.59
C TYR E 328 -29.67 -32.63 -82.36
N LYS E 329 -29.51 -33.94 -82.59
CA LYS E 329 -29.37 -34.91 -81.51
C LYS E 329 -27.90 -35.27 -81.37
N VAL E 330 -27.27 -34.77 -80.31
CA VAL E 330 -25.86 -35.02 -80.07
C VAL E 330 -25.71 -36.39 -79.41
N THR E 331 -24.92 -37.27 -80.03
CA THR E 331 -24.71 -38.60 -79.49
C THR E 331 -23.70 -38.55 -78.34
N TRP E 332 -23.68 -39.63 -77.56
CA TRP E 332 -22.80 -39.69 -76.39
C TRP E 332 -21.34 -39.61 -76.82
N GLU E 333 -20.97 -40.28 -77.90
CA GLU E 333 -19.58 -40.24 -78.35
C GLU E 333 -19.23 -38.87 -78.91
N GLU E 334 -20.15 -38.25 -79.65
CA GLU E 334 -19.94 -36.89 -80.11
C GLU E 334 -19.65 -35.97 -78.94
N GLN E 335 -20.48 -36.05 -77.89
CA GLN E 335 -20.26 -35.20 -76.73
C GLN E 335 -18.96 -35.56 -76.01
N ASN E 336 -18.62 -36.86 -75.98
CA ASN E 336 -17.37 -37.27 -75.34
C ASN E 336 -16.18 -36.63 -76.02
N VAL E 337 -16.22 -36.54 -77.35
CA VAL E 337 -15.11 -35.89 -78.06
C VAL E 337 -15.20 -34.37 -77.96
N ALA E 338 -16.41 -33.81 -77.84
CA ALA E 338 -16.57 -32.37 -77.94
C ALA E 338 -16.33 -31.66 -76.61
N ASN E 339 -16.90 -32.20 -75.52
CA ASN E 339 -16.83 -31.52 -74.23
C ASN E 339 -15.41 -31.15 -73.82
N PRO E 340 -14.41 -32.02 -73.95
CA PRO E 340 -13.04 -31.60 -73.63
C PRO E 340 -12.56 -30.45 -74.49
N GLU E 341 -13.14 -30.25 -75.68
CA GLU E 341 -12.76 -29.18 -76.57
C GLU E 341 -13.52 -27.88 -76.31
N GLY E 342 -14.38 -27.85 -75.30
CA GLY E 342 -15.06 -26.63 -74.91
C GLY E 342 -16.43 -26.44 -75.51
N VAL E 343 -16.99 -27.43 -76.19
CA VAL E 343 -18.32 -27.35 -76.76
C VAL E 343 -19.31 -27.88 -75.73
N ASN E 344 -20.23 -27.02 -75.29
CA ASN E 344 -21.23 -27.39 -74.30
C ASN E 344 -22.50 -27.78 -75.03
N CYS E 345 -22.89 -29.05 -74.93
CA CYS E 345 -24.02 -29.58 -75.66
C CYS E 345 -25.33 -29.35 -74.91
N ILE E 346 -26.40 -29.23 -75.66
CA ILE E 346 -27.76 -29.15 -75.12
C ILE E 346 -28.51 -30.38 -75.60
N LEU E 347 -29.13 -31.11 -74.67
CA LEU E 347 -29.69 -32.42 -74.96
C LEU E 347 -31.18 -32.43 -74.60
N ASN E 348 -31.93 -33.23 -75.35
CA ASN E 348 -33.34 -33.48 -75.10
C ASN E 348 -33.44 -34.79 -74.33
N LYS E 349 -33.33 -34.71 -73.01
CA LYS E 349 -33.34 -35.89 -72.16
C LYS E 349 -34.77 -36.25 -71.81
N GLU E 350 -35.17 -37.48 -72.13
CA GLU E 350 -36.50 -37.95 -71.74
C GLU E 350 -36.61 -37.98 -70.22
N ASN E 351 -37.79 -37.58 -69.72
CA ASN E 351 -38.12 -37.49 -68.31
C ASN E 351 -37.49 -36.27 -67.64
N TYR E 352 -36.69 -35.48 -68.36
CA TYR E 352 -36.10 -34.27 -67.80
C TYR E 352 -36.42 -33.01 -68.59
N GLY E 353 -36.51 -33.10 -69.92
CA GLY E 353 -36.73 -31.94 -70.75
C GLY E 353 -35.48 -31.57 -71.53
N ILE E 354 -35.37 -30.30 -71.91
CA ILE E 354 -34.19 -29.80 -72.61
C ILE E 354 -33.22 -29.25 -71.57
N VAL E 355 -32.02 -29.82 -71.53
CA VAL E 355 -31.07 -29.54 -70.47
C VAL E 355 -29.69 -29.31 -71.07
N VAL E 356 -28.98 -28.32 -70.54
CA VAL E 356 -27.58 -28.10 -70.90
C VAL E 356 -26.75 -29.14 -70.16
N TRP E 357 -25.97 -29.92 -70.91
CA TRP E 357 -25.16 -31.00 -70.35
C TRP E 357 -23.68 -30.69 -70.51
N GLY E 358 -23.31 -29.43 -70.28
CA GLY E 358 -21.92 -29.02 -70.36
C GLY E 358 -21.70 -27.70 -69.63
N ALA E 359 -20.56 -27.60 -68.93
CA ALA E 359 -20.24 -26.41 -68.15
C ALA E 359 -18.78 -26.02 -68.33
N ARG E 360 -18.22 -26.27 -69.51
CA ARG E 360 -16.82 -25.97 -69.78
C ARG E 360 -16.69 -24.70 -70.63
N THR E 361 -15.52 -24.10 -70.56
CA THR E 361 -15.19 -22.90 -71.31
C THR E 361 -14.34 -23.27 -72.53
N LEU E 362 -13.86 -22.25 -73.23
CA LEU E 362 -12.98 -22.44 -74.38
C LEU E 362 -11.51 -22.33 -74.01
N SER E 363 -11.18 -22.19 -72.72
CA SER E 363 -9.80 -22.07 -72.30
C SER E 363 -9.08 -23.41 -72.34
N ALA E 364 -7.78 -23.36 -72.58
CA ALA E 364 -6.91 -24.52 -72.45
C ALA E 364 -6.27 -24.60 -71.07
N ASP E 365 -6.49 -23.61 -70.22
CA ASP E 365 -5.93 -23.61 -68.88
C ASP E 365 -6.68 -24.61 -68.01
N PRO E 366 -6.02 -25.62 -67.43
CA PRO E 366 -6.76 -26.58 -66.59
C PRO E 366 -7.40 -25.95 -65.36
N ASN E 367 -6.94 -24.77 -64.92
CA ASN E 367 -7.46 -24.15 -63.72
C ASN E 367 -8.75 -23.38 -63.95
N ILE E 368 -9.11 -23.09 -65.20
CA ILE E 368 -10.33 -22.35 -65.52
C ILE E 368 -11.18 -23.19 -66.45
N VAL E 369 -11.12 -24.51 -66.30
CA VAL E 369 -11.83 -25.41 -67.21
C VAL E 369 -13.32 -25.09 -67.21
N PHE E 370 -13.90 -24.86 -66.04
CA PHE E 370 -15.34 -24.75 -65.89
C PHE E 370 -15.78 -23.29 -65.89
N ILE E 371 -16.96 -23.03 -66.46
CA ILE E 371 -17.50 -21.68 -66.50
C ILE E 371 -17.84 -21.18 -65.10
N SER E 372 -18.11 -22.10 -64.17
CA SER E 372 -18.43 -21.69 -62.80
C SER E 372 -17.25 -20.97 -62.16
N THR E 373 -16.03 -21.46 -62.39
CA THR E 373 -14.85 -20.79 -61.85
C THR E 373 -14.69 -19.40 -62.47
N ARG E 374 -14.89 -19.28 -63.78
CA ARG E 374 -14.82 -17.99 -64.43
C ARG E 374 -15.83 -17.03 -63.83
N ILE E 375 -17.06 -17.50 -63.59
CA ILE E 375 -18.10 -16.64 -63.04
C ILE E 375 -17.76 -16.24 -61.61
N ILE E 376 -17.18 -17.16 -60.84
CA ILE E 376 -16.80 -16.84 -59.46
C ILE E 376 -15.72 -15.74 -59.46
N LEU E 377 -14.71 -15.90 -60.30
CA LEU E 377 -13.66 -14.89 -60.37
C LEU E 377 -14.21 -13.55 -60.83
N ASN E 378 -15.11 -13.57 -61.82
CA ASN E 378 -15.70 -12.32 -62.30
C ASN E 378 -16.54 -11.66 -61.21
N ILE E 379 -17.28 -12.46 -60.44
CA ILE E 379 -18.08 -11.90 -59.35
C ILE E 379 -17.18 -11.24 -58.32
N VAL E 380 -16.08 -11.92 -57.96
CA VAL E 380 -15.16 -11.34 -56.98
C VAL E 380 -14.62 -10.01 -57.51
N ILE E 381 -14.12 -10.02 -58.74
CA ILE E 381 -13.49 -8.82 -59.30
C ILE E 381 -14.48 -7.67 -59.38
N ASN E 382 -15.70 -7.94 -59.87
CA ASN E 382 -16.66 -6.86 -60.07
C ASN E 382 -17.20 -6.36 -58.74
N THR E 383 -17.39 -7.26 -57.77
CA THR E 383 -17.79 -6.81 -56.44
C THR E 383 -16.75 -5.85 -55.87
N LEU E 384 -15.47 -6.22 -55.99
CA LEU E 384 -14.42 -5.34 -55.46
C LEU E 384 -14.37 -4.03 -56.23
N ASN E 385 -14.53 -4.07 -57.55
CA ASN E 385 -14.48 -2.84 -58.34
C ASN E 385 -15.62 -1.90 -57.97
N ARG E 386 -16.83 -2.43 -57.84
CA ARG E 386 -17.97 -1.59 -57.44
C ARG E 386 -17.77 -1.06 -56.02
N GLY E 387 -17.18 -1.87 -55.13
CA GLY E 387 -16.89 -1.37 -53.80
C GLY E 387 -15.89 -0.23 -53.81
N TYR E 388 -14.85 -0.34 -54.63
CA TYR E 388 -13.80 0.68 -54.68
C TYR E 388 -14.22 1.92 -55.47
N ASP E 389 -15.28 1.82 -56.28
CA ASP E 389 -15.77 2.99 -56.99
C ASP E 389 -16.00 4.16 -56.03
N PHE E 390 -16.56 3.88 -54.86
CA PHE E 390 -16.75 4.93 -53.85
C PHE E 390 -15.44 5.38 -53.25
N ASP E 391 -14.39 4.56 -53.34
CA ASP E 391 -13.08 4.92 -52.81
C ASP E 391 -12.22 5.69 -53.82
N ILE E 392 -12.65 5.74 -55.08
CA ILE E 392 -11.93 6.52 -56.07
C ILE E 392 -12.13 8.02 -55.79
N PHE E 393 -11.12 8.81 -56.14
CA PHE E 393 -11.17 10.27 -55.95
C PHE E 393 -11.31 10.64 -54.48
N ASN E 394 -10.56 9.96 -53.63
CA ASN E 394 -10.50 10.28 -52.21
C ASN E 394 -9.12 10.77 -51.84
N SER E 395 -9.07 11.85 -51.07
CA SER E 395 -7.79 12.42 -50.67
C SER E 395 -7.02 11.45 -49.79
N VAL E 396 -5.69 11.49 -49.89
CA VAL E 396 -4.83 10.63 -49.10
C VAL E 396 -4.02 11.48 -48.14
N GLY E 397 -4.53 11.62 -46.91
CA GLY E 397 -3.82 12.37 -45.89
C GLY E 397 -2.55 11.68 -45.45
N GLY E 398 -1.90 12.24 -44.41
CA GLY E 398 -0.65 11.66 -43.96
C GLY E 398 -0.81 10.28 -43.36
N THR E 399 -1.89 10.06 -42.62
CA THR E 399 -2.05 8.81 -41.89
C THR E 399 -2.04 7.60 -42.81
N ALA E 400 -2.37 7.79 -44.08
CA ALA E 400 -2.55 6.68 -45.01
C ALA E 400 -3.65 5.73 -44.53
N THR E 401 -4.57 6.27 -43.72
CA THR E 401 -5.67 5.46 -43.22
C THR E 401 -6.58 4.98 -44.33
N VAL E 402 -6.53 5.62 -45.50
CA VAL E 402 -7.38 5.19 -46.61
C VAL E 402 -6.99 3.80 -47.10
N LEU E 403 -5.70 3.47 -47.08
CA LEU E 403 -5.27 2.14 -47.50
C LEU E 403 -5.75 1.07 -46.52
N ASP E 404 -5.62 1.35 -45.22
CA ASP E 404 -6.15 0.43 -44.22
C ASP E 404 -7.66 0.28 -44.37
N ASN E 405 -8.36 1.38 -44.67
CA ASN E 405 -9.79 1.33 -44.86
C ASN E 405 -10.15 0.48 -46.08
N ILE E 406 -9.37 0.60 -47.16
CA ILE E 406 -9.59 -0.22 -48.34
C ILE E 406 -9.39 -1.69 -48.00
N GLN E 407 -8.36 -2.00 -47.21
CA GLN E 407 -8.14 -3.38 -46.80
C GLN E 407 -9.31 -3.90 -45.98
N ARG E 408 -9.83 -3.08 -45.06
CA ARG E 408 -11.01 -3.48 -44.29
C ARG E 408 -12.19 -3.75 -45.21
N LYS E 409 -12.42 -2.86 -46.17
CA LYS E 409 -13.55 -3.00 -47.08
C LYS E 409 -13.42 -4.27 -47.91
N THR E 410 -12.21 -4.57 -48.37
CA THR E 410 -11.97 -5.80 -49.11
C THR E 410 -12.25 -7.01 -48.24
N ASN E 411 -11.82 -6.98 -46.98
CA ASN E 411 -12.10 -8.08 -46.07
C ASN E 411 -13.60 -8.28 -45.91
N THR E 412 -14.34 -7.18 -45.75
CA THR E 412 -15.79 -7.29 -45.58
C THR E 412 -16.45 -7.90 -46.82
N LEU E 413 -16.09 -7.39 -48.01
CA LEU E 413 -16.71 -7.89 -49.24
C LEU E 413 -16.37 -9.36 -49.47
N LEU E 414 -15.11 -9.74 -49.25
CA LEU E 414 -14.72 -11.13 -49.43
C LEU E 414 -15.37 -12.03 -48.40
N THR E 415 -15.58 -11.55 -47.18
CA THR E 415 -16.32 -12.34 -46.19
C THR E 415 -17.76 -12.53 -46.64
N THR E 416 -18.37 -11.49 -47.20
CA THR E 416 -19.73 -11.62 -47.71
C THR E 416 -19.80 -12.68 -48.82
N LEU E 417 -18.83 -12.65 -49.73
CA LEU E 417 -18.80 -13.66 -50.79
C LEU E 417 -18.56 -15.06 -50.22
N TYR E 418 -17.70 -15.18 -49.22
CA TYR E 418 -17.47 -16.47 -48.58
C TYR E 418 -18.76 -17.00 -47.96
N GLN E 419 -19.52 -16.12 -47.31
CA GLN E 419 -20.83 -16.51 -46.79
C GLN E 419 -21.74 -16.96 -47.91
N ALA E 420 -21.72 -16.24 -49.04
CA ALA E 420 -22.47 -16.69 -50.22
C ALA E 420 -22.01 -18.05 -50.71
N GLY E 421 -20.79 -18.45 -50.39
CA GLY E 421 -20.35 -19.81 -50.69
C GLY E 421 -19.61 -19.96 -51.99
N LEU E 422 -18.87 -18.94 -52.42
CA LEU E 422 -18.16 -18.97 -53.69
C LEU E 422 -16.78 -19.61 -53.59
N PHE E 423 -16.32 -19.96 -52.39
CA PHE E 423 -14.95 -20.41 -52.17
C PHE E 423 -14.94 -21.82 -51.59
N TYR E 424 -13.86 -22.55 -51.88
CA TYR E 424 -13.63 -23.85 -51.28
C TYR E 424 -12.81 -23.66 -50.00
N GLY E 425 -13.35 -24.11 -48.89
CA GLY E 425 -12.72 -23.97 -47.59
C GLY E 425 -13.77 -23.73 -46.53
N GLN E 426 -13.55 -24.35 -45.37
CA GLN E 426 -14.51 -24.19 -44.27
C GLN E 426 -14.33 -22.86 -43.56
N THR E 427 -13.23 -22.14 -43.82
CA THR E 427 -12.95 -20.88 -43.18
C THR E 427 -12.33 -19.89 -44.16
N THR E 428 -12.42 -18.61 -43.80
CA THR E 428 -11.89 -17.56 -44.65
C THR E 428 -10.37 -17.72 -44.85
N SER E 429 -9.66 -18.19 -43.83
CA SER E 429 -8.22 -18.37 -43.95
C SER E 429 -7.87 -19.39 -45.03
N GLU E 430 -8.80 -20.29 -45.37
CA GLU E 430 -8.62 -21.20 -46.48
C GLU E 430 -9.28 -20.69 -47.76
N ALA E 431 -10.24 -19.76 -47.64
CA ALA E 431 -10.95 -19.22 -48.79
C ALA E 431 -10.17 -18.12 -49.51
N PHE E 432 -9.85 -17.02 -48.82
CA PHE E 432 -9.28 -15.86 -49.48
C PHE E 432 -8.21 -15.21 -48.61
N SER E 433 -7.46 -14.30 -49.22
CA SER E 433 -6.43 -13.54 -48.53
C SER E 433 -6.19 -12.24 -49.28
N VAL E 434 -5.85 -11.19 -48.54
CA VAL E 434 -5.73 -9.84 -49.08
C VAL E 434 -4.42 -9.22 -48.63
N LEU E 435 -3.93 -8.26 -49.41
CA LEU E 435 -2.75 -7.47 -49.06
C LEU E 435 -2.86 -6.14 -49.80
N GLY E 436 -3.16 -5.07 -49.05
CA GLY E 436 -3.24 -3.76 -49.64
C GLY E 436 -2.77 -2.64 -48.74
N ASP E 437 -2.00 -2.97 -47.71
CA ASP E 437 -1.54 -1.96 -46.77
C ASP E 437 -0.56 -1.02 -47.43
N ALA E 438 -0.09 -0.02 -46.68
CA ALA E 438 0.89 0.91 -47.20
C ALA E 438 2.24 0.26 -47.46
N SER E 439 2.47 -0.95 -46.95
CA SER E 439 3.74 -1.64 -47.17
C SER E 439 3.93 -2.04 -48.63
N VAL E 440 2.85 -2.11 -49.41
CA VAL E 440 2.91 -2.45 -50.82
C VAL E 440 2.69 -1.25 -51.72
N GLN E 441 2.43 -0.07 -51.15
CA GLN E 441 2.21 1.14 -51.93
C GLN E 441 3.52 1.90 -52.05
N VAL E 442 3.74 2.50 -53.21
CA VAL E 442 4.97 3.22 -53.50
C VAL E 442 4.65 4.71 -53.62
N PRO E 443 5.35 5.59 -52.90
CA PRO E 443 5.06 7.02 -53.02
C PRO E 443 5.12 7.53 -54.45
N SER E 444 6.03 6.99 -55.27
CA SER E 444 6.12 7.46 -56.66
C SER E 444 4.81 7.20 -57.40
N LEU E 445 4.20 6.03 -57.17
CA LEU E 445 2.92 5.74 -57.80
C LEU E 445 1.78 6.50 -57.13
N LEU E 446 1.84 6.66 -55.80
CA LEU E 446 0.81 7.41 -55.10
C LEU E 446 0.73 8.84 -55.62
N GLN E 447 1.86 9.44 -55.95
CA GLN E 447 1.85 10.80 -56.49
C GLN E 447 1.08 10.87 -57.79
N GLN E 448 1.12 9.81 -58.60
CA GLN E 448 0.31 9.74 -59.81
C GLN E 448 -1.12 9.28 -59.53
N GLY E 449 -1.39 8.75 -58.34
CA GLY E 449 -2.72 8.31 -57.99
C GLY E 449 -2.94 6.82 -58.13
N LEU E 450 -1.91 6.00 -57.97
CA LEU E 450 -2.02 4.56 -58.15
C LEU E 450 -2.00 3.85 -56.80
N VAL E 451 -2.92 2.90 -56.64
CA VAL E 451 -3.00 2.06 -55.46
C VAL E 451 -3.06 0.61 -55.91
N ASN E 452 -2.24 -0.24 -55.30
CA ASN E 452 -2.14 -1.64 -55.68
C ASN E 452 -2.77 -2.53 -54.60
N MET E 453 -3.61 -3.47 -55.03
CA MET E 453 -4.25 -4.43 -54.15
C MET E 453 -3.88 -5.81 -54.64
N PHE E 454 -3.59 -6.73 -53.73
CA PHE E 454 -3.24 -8.10 -54.08
C PHE E 454 -4.19 -9.05 -53.37
N ILE E 455 -4.77 -9.97 -54.14
CA ILE E 455 -5.81 -10.86 -53.62
C ILE E 455 -5.54 -12.28 -54.09
N TRP E 456 -5.78 -13.24 -53.19
CA TRP E 456 -5.74 -14.66 -53.51
C TRP E 456 -7.06 -15.29 -53.11
N VAL E 457 -7.64 -16.09 -54.01
CA VAL E 457 -8.91 -16.74 -53.76
C VAL E 457 -8.82 -18.21 -54.19
N VAL E 458 -9.68 -19.03 -53.60
CA VAL E 458 -9.78 -20.44 -53.96
C VAL E 458 -11.20 -20.70 -54.41
N PRO E 459 -11.50 -20.60 -55.71
CA PRO E 459 -12.88 -20.78 -56.17
C PRO E 459 -13.37 -22.20 -55.93
N SER E 460 -14.68 -22.31 -55.72
CA SER E 460 -15.30 -23.62 -55.59
C SER E 460 -15.30 -24.35 -56.93
N THR E 461 -15.30 -25.68 -56.86
CA THR E 461 -15.36 -26.53 -58.03
C THR E 461 -16.75 -27.16 -58.12
N ILE E 462 -16.93 -28.02 -59.14
CA ILE E 462 -18.21 -28.65 -59.42
C ILE E 462 -17.98 -30.14 -59.64
N ILE E 463 -19.07 -30.90 -59.55
CA ILE E 463 -19.07 -32.31 -59.91
C ILE E 463 -19.37 -32.42 -61.39
N GLU E 464 -18.43 -32.94 -62.16
CA GLU E 464 -18.60 -33.12 -63.60
C GLU E 464 -18.98 -34.55 -63.96
N ARG E 465 -18.17 -35.52 -63.55
CA ARG E 465 -18.43 -36.93 -63.81
C ARG E 465 -18.27 -37.70 -62.51
N LEU E 466 -19.20 -38.60 -62.25
CA LEU E 466 -19.26 -39.37 -61.01
C LEU E 466 -19.02 -40.84 -61.33
N ILE E 467 -18.06 -41.45 -60.66
CA ILE E 467 -17.63 -42.82 -60.94
C ILE E 467 -18.11 -43.73 -59.81
N ILE E 468 -18.77 -44.81 -60.18
CA ILE E 468 -19.23 -45.83 -59.23
C ILE E 468 -18.34 -47.04 -59.39
N ASN E 469 -17.56 -47.35 -58.35
CA ASN E 469 -16.75 -48.55 -58.29
C ASN E 469 -17.38 -49.45 -57.23
N ILE E 470 -18.14 -50.44 -57.68
CA ILE E 470 -18.90 -51.31 -56.79
C ILE E 470 -18.38 -52.73 -56.92
N LYS E 471 -18.12 -53.36 -55.78
CA LYS E 471 -17.67 -54.75 -55.72
C LYS E 471 -18.86 -55.67 -55.51
N GLN E 472 -18.86 -56.80 -56.19
CA GLN E 472 -19.85 -57.85 -56.00
C GLN E 472 -19.33 -58.98 -55.11
N THR E 473 -20.08 -59.32 -54.07
CA THR E 473 -19.64 -60.31 -53.09
C THR E 473 -20.56 -61.50 -52.92
N ALA E 474 -19.97 -62.63 -52.55
CA ALA E 474 -20.75 -63.85 -52.34
C ALA E 474 -21.47 -63.78 -50.99
N ILE E 475 -22.34 -64.76 -50.77
CA ILE E 475 -22.95 -64.94 -49.46
C ILE E 475 -21.82 -65.27 -48.48
N GLY E 476 -21.88 -64.70 -47.29
CA GLY E 476 -20.78 -64.80 -46.36
C GLY E 476 -20.40 -63.46 -45.76
N ASP E 477 -19.22 -62.95 -46.06
CA ASP E 477 -18.68 -61.79 -45.36
C ASP E 477 -18.34 -60.62 -46.28
N LEU E 478 -19.34 -59.85 -46.69
CA LEU E 478 -19.03 -58.54 -47.24
C LEU E 478 -18.61 -57.60 -46.13
N GLU E 479 -18.90 -57.97 -44.88
CA GLU E 479 -18.31 -57.24 -43.76
C GLU E 479 -16.79 -57.27 -43.83
N ALA E 480 -16.19 -58.46 -43.95
CA ALA E 480 -14.75 -58.58 -44.08
C ALA E 480 -14.26 -57.97 -45.39
N THR E 481 -14.98 -58.23 -46.49
CA THR E 481 -14.57 -57.66 -47.76
C THR E 481 -14.49 -56.14 -47.68
N VAL E 482 -15.52 -55.51 -47.13
CA VAL E 482 -15.57 -54.06 -47.00
C VAL E 482 -14.48 -53.58 -46.06
N ALA E 483 -14.28 -54.28 -44.94
CA ALA E 483 -13.22 -53.86 -44.02
C ALA E 483 -11.89 -53.78 -44.76
N LEU E 484 -11.52 -54.85 -45.45
CA LEU E 484 -10.22 -54.87 -46.13
C LEU E 484 -10.15 -53.80 -47.21
N ASP E 485 -11.16 -53.74 -48.10
CA ASP E 485 -11.11 -52.80 -49.21
C ASP E 485 -11.12 -51.35 -48.72
N THR E 486 -11.93 -51.04 -47.73
CA THR E 486 -12.01 -49.69 -47.20
C THR E 486 -10.71 -49.29 -46.52
N ALA E 487 -10.10 -50.21 -45.76
CA ALA E 487 -8.80 -49.91 -45.18
C ALA E 487 -7.81 -49.56 -46.28
N ALA E 488 -7.75 -50.37 -47.34
CA ALA E 488 -6.81 -50.11 -48.42
C ALA E 488 -7.07 -48.75 -49.06
N LEU E 489 -8.34 -48.46 -49.38
CA LEU E 489 -8.67 -47.23 -50.08
C LEU E 489 -8.37 -46.01 -49.21
N GLN E 490 -8.78 -46.03 -47.95
CA GLN E 490 -8.53 -44.92 -47.06
C GLN E 490 -7.03 -44.68 -46.88
N SER E 491 -6.26 -45.76 -46.70
CA SER E 491 -4.82 -45.60 -46.53
C SER E 491 -4.19 -45.01 -47.78
N SER E 492 -4.60 -45.48 -48.95
CA SER E 492 -4.04 -44.94 -50.19
C SER E 492 -4.37 -43.46 -50.33
N VAL E 493 -5.61 -43.08 -50.05
CA VAL E 493 -5.98 -41.66 -50.17
C VAL E 493 -5.18 -40.82 -49.17
N GLU E 494 -5.04 -41.31 -47.94
CA GLU E 494 -4.30 -40.55 -46.93
C GLU E 494 -2.84 -40.37 -47.33
N GLU E 495 -2.21 -41.44 -47.83
CA GLU E 495 -0.80 -41.36 -48.22
C GLU E 495 -0.60 -40.69 -49.57
N GLY E 496 -1.67 -40.40 -50.31
CA GLY E 496 -1.55 -39.77 -51.60
C GLY E 496 -1.10 -40.67 -52.72
N THR E 497 -1.12 -41.98 -52.51
CA THR E 497 -0.74 -42.95 -53.52
C THR E 497 -1.92 -43.35 -54.43
N ALA E 498 -3.10 -42.81 -54.17
CA ALA E 498 -4.26 -43.15 -54.99
C ALA E 498 -4.07 -42.72 -56.44
N THR E 499 -3.49 -41.53 -56.64
CA THR E 499 -3.30 -41.02 -57.99
C THR E 499 -2.19 -41.72 -58.74
N GLU E 500 -1.13 -42.15 -58.05
CA GLU E 500 0.00 -42.77 -58.71
C GLU E 500 -0.45 -43.98 -59.51
N GLY E 501 -0.36 -43.90 -60.82
CA GLY E 501 -0.80 -44.98 -61.69
C GLY E 501 -1.07 -44.46 -63.09
N THR E 502 -1.78 -45.27 -63.85
CA THR E 502 -2.14 -44.96 -65.23
C THR E 502 -3.65 -44.86 -65.34
N ALA E 503 -4.13 -43.79 -65.96
CA ALA E 503 -5.57 -43.61 -66.16
C ALA E 503 -6.14 -44.44 -67.31
N PRO E 504 -7.09 -45.33 -67.05
CA PRO E 504 -7.65 -46.14 -68.13
C PRO E 504 -8.87 -45.50 -68.78
N VAL E 505 -9.15 -45.94 -70.00
CA VAL E 505 -10.33 -45.50 -70.73
C VAL E 505 -11.48 -46.44 -70.41
N THR F 2 -74.71 16.36 -3.67
CA THR F 2 -74.90 15.34 -4.70
C THR F 2 -74.44 13.98 -4.21
N ASN F 3 -75.35 13.26 -3.56
CA ASN F 3 -75.12 11.88 -3.10
C ASN F 3 -74.13 11.81 -1.94
N PHE F 4 -73.62 12.96 -1.48
CA PHE F 4 -72.73 13.01 -0.33
C PHE F 4 -73.18 13.91 0.79
N LEU F 5 -74.06 14.89 0.52
CA LEU F 5 -74.49 15.84 1.53
C LEU F 5 -75.83 15.47 2.15
N ASN F 6 -76.40 14.32 1.77
CA ASN F 6 -77.75 13.99 2.19
C ASN F 6 -77.88 13.97 3.71
N GLY F 7 -76.86 13.51 4.41
CA GLY F 7 -76.87 13.43 5.84
C GLY F 7 -76.35 14.64 6.57
N VAL F 8 -76.05 15.73 5.86
CA VAL F 8 -75.48 16.90 6.52
C VAL F 8 -76.52 17.58 7.42
N ASN F 9 -77.74 17.74 6.93
CA ASN F 9 -78.79 18.42 7.69
C ASN F 9 -79.59 17.40 8.52
N ILE F 10 -78.86 16.62 9.30
CA ILE F 10 -79.46 15.65 10.21
C ILE F 10 -78.76 15.77 11.55
N GLY F 11 -79.53 15.96 12.61
CA GLY F 11 -78.97 16.11 13.94
C GLY F 11 -78.84 14.81 14.70
N THR F 12 -79.87 13.96 14.64
CA THR F 12 -79.84 12.67 15.34
C THR F 12 -78.80 11.72 14.77
N PRO F 13 -78.07 11.00 15.64
CA PRO F 13 -77.16 9.99 15.12
C PRO F 13 -77.92 8.77 14.62
N GLY F 14 -77.32 7.96 13.75
CA GLY F 14 -77.97 6.75 13.29
C GLY F 14 -77.79 6.43 11.82
N ALA F 15 -78.33 5.30 11.38
CA ALA F 15 -78.21 4.92 9.97
C ALA F 15 -79.43 5.37 9.18
N TYR F 16 -79.23 6.12 8.09
CA TYR F 16 -80.36 6.62 7.33
C TYR F 16 -80.18 6.24 5.87
N ALA F 17 -81.31 6.10 5.17
CA ALA F 17 -81.33 5.67 3.78
C ALA F 17 -81.90 6.68 2.81
N PHE F 18 -81.15 6.99 1.76
CA PHE F 18 -81.59 7.84 0.67
C PHE F 18 -81.45 7.08 -0.64
N TYR F 19 -81.94 7.65 -1.74
CA TYR F 19 -81.78 7.01 -3.02
C TYR F 19 -80.53 7.49 -3.73
N GLN F 20 -79.86 6.60 -4.43
CA GLN F 20 -78.67 6.99 -5.17
C GLN F 20 -79.07 7.73 -6.43
N THR F 21 -78.82 9.03 -6.47
CA THR F 21 -79.19 9.83 -7.63
C THR F 21 -78.09 9.84 -8.67
N THR F 22 -78.30 10.60 -9.75
CA THR F 22 -77.27 10.71 -10.76
C THR F 22 -76.19 11.65 -10.26
N GLN F 23 -74.96 11.17 -10.17
CA GLN F 23 -73.87 12.00 -9.69
C GLN F 23 -73.03 12.50 -10.86
N SER F 24 -72.85 13.81 -10.93
CA SER F 24 -72.08 14.40 -12.03
C SER F 24 -70.60 14.15 -11.84
N ARG F 25 -69.91 13.83 -12.94
CA ARG F 25 -68.48 13.58 -12.88
C ARG F 25 -67.79 14.70 -13.63
N PRO F 26 -67.14 15.60 -12.89
CA PRO F 26 -66.51 16.75 -13.54
C PRO F 26 -65.32 16.40 -14.39
N ILE F 27 -64.92 17.31 -15.25
CA ILE F 27 -63.85 17.01 -16.19
C ILE F 27 -62.50 17.54 -15.73
N ASN F 28 -61.43 16.81 -16.05
CA ASN F 28 -60.10 17.31 -15.71
C ASN F 28 -59.68 18.34 -16.75
N VAL F 29 -59.04 19.42 -16.30
CA VAL F 29 -58.70 20.50 -17.21
C VAL F 29 -57.52 20.24 -18.15
N GLU F 30 -57.79 19.81 -19.37
CA GLU F 30 -56.72 19.61 -20.35
C GLU F 30 -57.14 20.02 -21.81
N PRO F 31 -56.22 20.52 -22.72
CA PRO F 31 -56.68 21.07 -24.01
C PRO F 31 -57.63 20.14 -24.75
N PHE F 32 -58.55 20.76 -25.51
CA PHE F 32 -59.52 20.06 -26.35
C PHE F 32 -60.40 19.12 -25.53
N ARG F 33 -60.84 19.61 -24.36
CA ARG F 33 -61.92 19.01 -23.61
C ARG F 33 -63.10 19.98 -23.50
N THR F 34 -63.17 20.95 -24.40
CA THR F 34 -64.15 22.03 -24.31
C THR F 34 -64.60 22.44 -25.70
N CYS F 35 -65.83 22.96 -25.77
CA CYS F 35 -66.38 23.52 -26.99
C CYS F 35 -67.01 24.87 -26.67
N TYR F 36 -66.64 25.88 -27.46
CA TYR F 36 -67.12 27.24 -27.29
C TYR F 36 -68.16 27.53 -28.37
N MET F 37 -69.41 27.69 -27.95
CA MET F 37 -70.51 28.01 -28.84
C MET F 37 -70.76 29.51 -28.77
N VAL F 38 -70.63 30.18 -29.92
CA VAL F 38 -70.88 31.61 -30.02
C VAL F 38 -72.31 31.79 -30.52
N GLY F 39 -73.19 32.26 -29.64
CA GLY F 39 -74.59 32.42 -29.98
C GLY F 39 -75.12 33.69 -29.38
N PHE F 40 -76.43 33.90 -29.51
CA PHE F 40 -77.08 35.10 -29.02
C PHE F 40 -78.29 34.73 -28.17
N ALA F 41 -78.47 35.46 -27.07
CA ALA F 41 -79.66 35.40 -26.25
C ALA F 41 -80.11 36.83 -25.98
N SER F 42 -81.42 37.06 -25.94
CA SER F 42 -81.94 38.41 -25.81
C SER F 42 -81.49 39.05 -24.50
N ASN F 43 -81.55 38.30 -23.41
CA ASN F 43 -81.09 38.79 -22.11
C ASN F 43 -79.57 38.72 -22.06
N GLY F 44 -78.92 39.88 -22.15
CA GLY F 44 -77.48 39.93 -22.19
C GLY F 44 -76.85 39.67 -20.83
N VAL F 45 -77.07 38.47 -20.30
CA VAL F 45 -76.57 38.14 -18.97
C VAL F 45 -75.04 38.14 -18.95
N ASN F 46 -74.42 37.57 -19.98
CA ASN F 46 -72.97 37.43 -20.07
C ASN F 46 -72.46 37.91 -21.42
N LYS F 47 -72.88 39.12 -21.80
CA LYS F 47 -72.52 39.69 -23.09
C LYS F 47 -71.02 39.59 -23.34
N ASN F 48 -70.64 38.83 -24.37
CA ASN F 48 -69.25 38.65 -24.75
C ASN F 48 -68.40 38.15 -23.59
N VAL F 49 -68.95 37.19 -22.83
CA VAL F 49 -68.22 36.58 -21.72
C VAL F 49 -68.43 35.07 -21.79
N PRO F 50 -67.42 34.28 -22.15
CA PRO F 50 -67.61 32.82 -22.19
C PRO F 50 -67.97 32.28 -20.81
N THR F 51 -69.13 31.65 -20.72
CA THR F 51 -69.65 31.13 -19.47
C THR F 51 -69.83 29.61 -19.58
N ARG F 52 -69.36 28.89 -18.58
CA ARG F 52 -69.54 27.44 -18.54
C ARG F 52 -71.00 27.10 -18.35
N ILE F 53 -71.45 26.04 -19.04
CA ILE F 53 -72.82 25.56 -18.96
C ILE F 53 -72.77 24.10 -18.49
N SER F 54 -73.55 23.78 -17.47
CA SER F 54 -73.58 22.42 -16.93
C SER F 54 -74.55 21.51 -17.67
N ASN F 55 -75.61 22.04 -18.26
CA ASN F 55 -76.60 21.22 -18.94
C ASN F 55 -77.60 22.15 -19.64
N LEU F 56 -78.52 21.52 -20.39
CA LEU F 56 -79.52 22.29 -21.13
C LEU F 56 -80.42 23.06 -20.17
N THR F 57 -80.73 22.47 -19.01
CA THR F 57 -81.55 23.17 -18.03
C THR F 57 -80.86 24.43 -17.53
N ASP F 58 -79.56 24.33 -17.25
CA ASP F 58 -78.81 25.52 -16.83
C ASP F 58 -78.76 26.55 -17.95
N PHE F 59 -78.56 26.10 -19.19
CA PHE F 59 -78.55 27.04 -20.30
C PHE F 59 -79.87 27.80 -20.40
N THR F 60 -80.98 27.07 -20.31
CA THR F 60 -82.29 27.72 -20.39
C THR F 60 -82.51 28.66 -19.22
N ASN F 61 -82.12 28.25 -18.01
CA ASN F 61 -82.33 29.09 -16.84
C ASN F 61 -81.56 30.39 -16.96
N VAL F 62 -80.31 30.33 -17.42
CA VAL F 62 -79.48 31.53 -17.47
C VAL F 62 -79.87 32.40 -18.65
N TYR F 63 -79.95 31.83 -19.85
CA TYR F 63 -80.14 32.60 -21.08
C TYR F 63 -81.58 32.55 -21.60
N GLY F 64 -82.44 31.70 -21.05
CA GLY F 64 -83.80 31.64 -21.54
C GLY F 64 -83.84 31.26 -23.01
N THR F 65 -84.68 31.97 -23.76
CA THR F 65 -84.85 31.69 -25.18
C THR F 65 -83.58 31.97 -25.95
N SER F 66 -83.28 31.11 -26.92
CA SER F 66 -82.14 31.31 -27.81
C SER F 66 -82.23 30.28 -28.93
N ALA F 67 -81.85 30.69 -30.14
CA ALA F 67 -81.86 29.78 -31.28
C ALA F 67 -80.81 28.68 -31.17
N SER F 68 -79.89 28.78 -30.21
CA SER F 68 -78.85 27.79 -30.01
C SER F 68 -79.26 26.69 -29.02
N THR F 69 -80.51 26.70 -28.57
CA THR F 69 -80.95 25.71 -27.60
C THR F 69 -80.86 24.30 -28.17
N ASN F 70 -81.26 24.11 -29.43
CA ASN F 70 -81.17 22.79 -30.05
C ASN F 70 -79.72 22.34 -30.15
N SER F 71 -78.82 23.24 -30.53
CA SER F 71 -77.41 22.89 -30.60
C SER F 71 -76.86 22.50 -29.23
N VAL F 72 -77.27 23.24 -28.19
CA VAL F 72 -76.82 22.92 -26.84
C VAL F 72 -77.32 21.53 -26.43
N ASP F 73 -78.59 21.24 -26.71
CA ASP F 73 -79.15 19.95 -26.37
C ASP F 73 -78.42 18.82 -27.09
N LEU F 74 -78.15 19.02 -28.39
CA LEU F 74 -77.41 18.00 -29.14
C LEU F 74 -76.01 17.80 -28.57
N PHE F 75 -75.33 18.90 -28.25
CA PHE F 75 -73.99 18.79 -27.68
C PHE F 75 -74.02 17.97 -26.40
N PHE F 76 -74.94 18.28 -25.49
CA PHE F 76 -74.99 17.56 -24.23
C PHE F 76 -75.38 16.09 -24.42
N LYS F 77 -76.33 15.83 -25.32
CA LYS F 77 -76.71 14.44 -25.57
C LYS F 77 -75.54 13.63 -26.12
N ASN F 78 -74.75 14.21 -27.03
CA ASN F 78 -73.65 13.47 -27.61
C ASN F 78 -72.45 13.38 -26.68
N SER F 79 -72.21 14.39 -25.85
CA SER F 79 -71.08 14.38 -24.94
C SER F 79 -71.32 13.52 -23.71
N GLN F 80 -72.57 13.38 -23.28
CA GLN F 80 -72.93 12.47 -22.19
C GLN F 80 -72.16 12.83 -20.91
N GLY F 81 -72.07 14.12 -20.61
CA GLY F 81 -71.44 14.59 -19.40
C GLY F 81 -69.95 14.82 -19.50
N PHE F 82 -69.29 14.25 -20.51
CA PHE F 82 -67.88 14.54 -20.73
C PHE F 82 -67.74 15.85 -21.49
N GLY F 83 -66.56 16.46 -21.36
CA GLY F 83 -66.32 17.72 -22.05
C GLY F 83 -67.12 18.86 -21.46
N ASN F 84 -66.68 20.09 -21.72
CA ASN F 84 -67.34 21.28 -21.21
C ASN F 84 -67.89 22.11 -22.36
N LEU F 85 -68.98 22.82 -22.09
CA LEU F 85 -69.57 23.76 -23.04
C LEU F 85 -69.43 25.17 -22.48
N TYR F 86 -68.91 26.08 -23.29
CA TYR F 86 -68.81 27.50 -22.94
C TYR F 86 -69.63 28.29 -23.94
N PHE F 87 -70.66 28.98 -23.46
CA PHE F 87 -71.49 29.80 -24.31
C PHE F 87 -71.00 31.24 -24.29
N VAL F 88 -71.01 31.87 -25.46
CA VAL F 88 -70.61 33.27 -25.60
C VAL F 88 -71.82 34.01 -26.19
N ASN F 89 -72.42 34.88 -25.38
CA ASN F 89 -73.56 35.68 -25.82
C ASN F 89 -73.05 36.91 -26.55
N VAL F 90 -73.40 37.03 -27.83
CA VAL F 90 -72.91 38.13 -28.65
C VAL F 90 -73.56 39.43 -28.18
N ALA F 91 -72.75 40.45 -27.95
CA ALA F 91 -73.23 41.74 -27.49
C ALA F 91 -73.52 42.63 -28.68
N ILE F 92 -74.69 43.28 -28.67
CA ILE F 92 -75.10 44.16 -29.74
C ILE F 92 -74.61 45.57 -29.42
N PRO F 93 -73.82 46.20 -30.28
CA PRO F 93 -73.33 47.54 -29.97
C PRO F 93 -74.45 48.57 -29.98
N THR F 94 -74.28 49.59 -29.15
CA THR F 94 -75.19 50.73 -29.16
C THR F 94 -75.02 51.51 -30.46
N ARG F 95 -76.09 52.20 -30.88
CA ARG F 95 -76.08 52.96 -32.12
C ARG F 95 -76.78 54.30 -31.88
N TYR F 96 -76.23 55.35 -32.47
CA TYR F 96 -76.84 56.67 -32.43
C TYR F 96 -76.90 57.22 -33.85
N GLN F 97 -78.10 57.54 -34.30
CA GLN F 97 -78.32 58.02 -35.66
C GLN F 97 -78.68 59.50 -35.59
N ILE F 98 -77.93 60.32 -36.30
CA ILE F 98 -78.11 61.77 -36.34
C ILE F 98 -78.53 62.15 -37.75
N VAL F 99 -79.69 62.78 -37.86
CA VAL F 99 -80.20 63.26 -39.14
C VAL F 99 -79.95 64.76 -39.20
N VAL F 100 -79.34 65.20 -40.30
CA VAL F 100 -79.04 66.62 -40.51
C VAL F 100 -80.19 67.20 -41.32
N THR F 101 -81.11 67.88 -40.64
CA THR F 101 -82.32 68.38 -41.31
C THR F 101 -81.97 69.37 -42.41
N ALA F 102 -81.03 70.28 -42.14
CA ALA F 102 -80.69 71.33 -43.09
C ALA F 102 -79.26 71.79 -42.85
N ALA F 103 -78.79 72.66 -43.75
CA ALA F 103 -77.45 73.23 -43.67
C ALA F 103 -77.46 74.63 -43.06
N THR F 104 -78.31 74.86 -42.06
CA THR F 104 -78.41 76.17 -41.44
C THR F 104 -77.05 76.62 -40.93
N ALA F 105 -76.68 77.85 -41.26
CA ALA F 105 -75.42 78.41 -40.81
C ALA F 105 -75.45 78.66 -39.31
N GLY F 106 -74.35 78.34 -38.65
CA GLY F 106 -74.25 78.56 -37.22
C GLY F 106 -73.22 77.63 -36.61
N SER F 107 -73.06 77.76 -35.30
CA SER F 107 -72.12 76.97 -34.52
C SER F 107 -72.88 75.92 -33.72
N TYR F 108 -72.59 74.65 -34.01
CA TYR F 108 -73.23 73.53 -33.34
C TYR F 108 -72.15 72.51 -32.97
N SER F 109 -72.44 71.69 -31.97
CA SER F 109 -71.47 70.74 -31.46
C SER F 109 -72.10 69.35 -31.38
N VAL F 110 -71.24 68.34 -31.41
CA VAL F 110 -71.65 66.94 -31.32
C VAL F 110 -70.87 66.31 -30.17
N THR F 111 -71.58 65.63 -29.27
CA THR F 111 -70.99 65.03 -28.08
C THR F 111 -71.00 63.52 -28.20
N VAL F 112 -69.88 62.89 -27.85
CA VAL F 112 -69.76 61.44 -27.85
C VAL F 112 -68.99 61.03 -26.60
N ASN F 113 -69.66 60.32 -25.69
CA ASN F 113 -69.05 59.85 -24.45
C ASN F 113 -68.38 61.00 -23.69
N GLY F 114 -69.05 62.15 -23.69
CA GLY F 114 -68.55 63.31 -22.99
C GLY F 114 -67.53 64.13 -23.75
N VAL F 115 -67.05 63.63 -24.89
CA VAL F 115 -66.10 64.36 -25.72
C VAL F 115 -66.89 65.15 -26.75
N THR F 116 -66.82 66.48 -26.66
CA THR F 116 -67.59 67.36 -27.52
C THR F 116 -66.79 67.74 -28.75
N LYS F 117 -67.49 67.91 -29.87
CA LYS F 117 -66.89 68.26 -31.15
C LYS F 117 -67.65 69.43 -31.74
N ALA F 118 -66.96 70.56 -31.94
CA ALA F 118 -67.58 71.76 -32.48
C ALA F 118 -67.72 71.64 -33.99
N ILE F 119 -68.90 71.95 -34.49
CA ILE F 119 -69.20 71.90 -35.92
C ILE F 119 -69.70 73.27 -36.34
N THR F 120 -69.08 73.84 -37.38
CA THR F 120 -69.43 75.17 -37.86
C THR F 120 -69.97 75.05 -39.29
N VAL F 121 -71.09 75.72 -39.54
CA VAL F 121 -71.80 75.64 -40.82
C VAL F 121 -71.82 77.04 -41.42
N VAL F 122 -71.38 77.15 -42.67
CA VAL F 122 -71.34 78.41 -43.38
C VAL F 122 -72.22 78.32 -44.62
N GLY F 123 -72.47 79.47 -45.24
CA GLY F 123 -73.32 79.50 -46.42
C GLY F 123 -72.76 78.62 -47.53
N GLY F 124 -73.65 78.02 -48.30
CA GLY F 124 -73.28 77.12 -49.37
C GLY F 124 -73.11 75.68 -48.96
N ALA F 125 -73.39 75.34 -47.70
CA ALA F 125 -73.27 73.98 -47.22
C ALA F 125 -74.56 73.19 -47.50
N THR F 126 -74.44 71.87 -47.40
CA THR F 126 -75.55 70.96 -47.59
C THR F 126 -75.59 69.94 -46.47
N THR F 127 -76.75 69.32 -46.28
CA THR F 127 -76.87 68.31 -45.23
C THR F 127 -75.83 67.22 -45.40
N THR F 128 -75.60 66.79 -46.65
CA THR F 128 -74.60 65.76 -46.90
C THR F 128 -73.20 66.24 -46.53
N THR F 129 -72.88 67.49 -46.84
CA THR F 129 -71.56 68.02 -46.48
C THR F 129 -71.39 68.06 -44.96
N ILE F 130 -72.43 68.49 -44.24
CA ILE F 130 -72.35 68.51 -42.79
C ILE F 130 -72.16 67.10 -42.24
N ALA F 131 -72.92 66.14 -42.78
CA ALA F 131 -72.79 64.76 -42.32
C ALA F 131 -71.39 64.22 -42.57
N ALA F 132 -70.84 64.49 -43.76
CA ALA F 132 -69.50 64.03 -44.08
C ALA F 132 -68.46 64.68 -43.17
N ASP F 133 -68.62 65.97 -42.90
CA ASP F 133 -67.69 66.66 -42.01
C ASP F 133 -67.74 66.05 -40.60
N VAL F 134 -68.94 65.79 -40.10
CA VAL F 134 -69.07 65.19 -38.77
C VAL F 134 -68.41 63.82 -38.74
N ILE F 135 -68.70 63.00 -39.76
CA ILE F 135 -68.15 61.64 -39.79
C ILE F 135 -66.63 61.69 -39.83
N SER F 136 -66.08 62.54 -40.70
CA SER F 136 -64.62 62.65 -40.77
C SER F 136 -64.05 63.10 -39.44
N ALA F 137 -64.53 64.24 -38.92
CA ALA F 137 -63.98 64.77 -37.68
C ALA F 137 -63.97 63.71 -36.59
N ILE F 138 -65.07 62.97 -36.44
CA ILE F 138 -65.13 61.95 -35.41
C ILE F 138 -64.12 60.83 -35.70
N ASN F 139 -63.95 60.47 -36.98
CA ASN F 139 -63.10 59.33 -37.31
C ASN F 139 -61.61 59.67 -37.20
N ASN F 140 -61.22 60.89 -37.52
CA ASN F 140 -59.84 61.32 -37.35
C ASN F 140 -59.56 61.93 -35.98
N ASP F 141 -60.57 62.03 -35.11
CA ASP F 141 -60.30 62.37 -33.71
C ASP F 141 -59.65 61.16 -33.04
N THR F 142 -58.64 61.43 -32.22
CA THR F 142 -57.85 60.34 -31.64
C THR F 142 -58.61 59.54 -30.61
N VAL F 143 -59.58 60.14 -29.93
CA VAL F 143 -60.29 59.46 -28.84
C VAL F 143 -61.47 58.67 -29.39
N LEU F 144 -62.31 59.30 -30.21
CA LEU F 144 -63.55 58.66 -30.63
C LEU F 144 -63.30 57.55 -31.65
N ASN F 145 -62.23 57.68 -32.46
CA ASN F 145 -61.98 56.69 -33.50
C ASN F 145 -61.80 55.30 -32.92
N LYS F 146 -61.44 55.20 -31.64
CA LYS F 146 -61.30 53.91 -30.99
C LYS F 146 -62.57 53.48 -30.28
N GLU F 147 -63.32 54.42 -29.71
CA GLU F 147 -64.52 54.06 -28.95
C GLU F 147 -65.66 53.70 -29.89
N VAL F 148 -65.85 54.45 -30.97
CA VAL F 148 -66.99 54.30 -31.86
C VAL F 148 -66.53 54.46 -33.30
N LEU F 149 -67.40 54.06 -34.23
CA LEU F 149 -67.18 54.21 -35.66
C LEU F 149 -68.34 55.01 -36.24
N ALA F 150 -68.02 56.05 -37.01
CA ALA F 150 -69.00 56.92 -37.62
C ALA F 150 -69.04 56.67 -39.12
N THR F 151 -70.23 56.38 -39.65
CA THR F 151 -70.39 56.09 -41.08
C THR F 151 -71.73 56.67 -41.47
N VAL F 152 -72.13 56.50 -42.73
CA VAL F 152 -73.39 57.08 -43.20
C VAL F 152 -74.59 56.22 -42.85
N GLY F 153 -75.78 56.76 -43.05
CA GLY F 153 -76.99 56.02 -42.73
C GLY F 153 -77.95 55.83 -43.89
N GLY F 154 -79.25 55.95 -43.62
CA GLY F 154 -80.24 55.79 -44.66
C GLY F 154 -79.94 56.69 -45.84
N THR F 155 -79.89 57.99 -45.60
CA THR F 155 -79.51 58.89 -46.66
C THR F 155 -78.12 59.42 -46.30
N SER F 156 -77.57 60.30 -47.12
CA SER F 156 -76.23 60.80 -46.85
C SER F 156 -76.22 61.79 -45.69
N SER F 157 -77.27 62.59 -45.54
CA SER F 157 -77.37 63.55 -44.43
C SER F 157 -77.39 62.82 -43.10
N THR F 158 -77.57 61.51 -43.16
CA THR F 158 -77.68 60.70 -41.94
C THR F 158 -76.31 60.17 -41.56
N VAL F 159 -76.03 60.18 -40.26
CA VAL F 159 -74.78 59.68 -39.72
C VAL F 159 -75.10 58.62 -38.66
N VAL F 160 -74.43 57.48 -38.75
CA VAL F 160 -74.62 56.38 -37.81
C VAL F 160 -73.33 56.21 -37.01
N ILE F 161 -73.45 56.27 -35.69
CA ILE F 161 -72.33 56.10 -34.77
C ILE F 161 -72.56 54.80 -34.03
N THR F 162 -71.66 53.83 -34.24
CA THR F 162 -71.76 52.50 -33.65
C THR F 162 -70.67 52.32 -32.61
N SER F 163 -71.06 51.85 -31.42
CA SER F 163 -70.07 51.57 -30.39
C SER F 163 -69.11 50.48 -30.87
N LYS F 164 -67.82 50.77 -30.80
CA LYS F 164 -66.80 49.78 -31.14
C LYS F 164 -66.44 48.87 -29.97
N LYS F 165 -66.93 49.18 -28.77
CA LYS F 165 -66.73 48.37 -27.58
C LYS F 165 -68.12 48.12 -27.00
N PRO F 166 -68.82 47.07 -27.46
CA PRO F 166 -70.25 46.95 -27.13
C PRO F 166 -70.56 46.97 -25.64
N THR F 167 -69.71 46.36 -24.81
CA THR F 167 -70.01 46.29 -23.39
C THR F 167 -69.97 47.68 -22.75
N ASN F 168 -69.06 48.54 -23.19
CA ASN F 168 -68.89 49.84 -22.57
C ASN F 168 -70.14 50.70 -22.77
N THR F 169 -70.34 51.63 -21.85
CA THR F 169 -71.45 52.57 -21.93
C THR F 169 -71.13 53.66 -22.95
N THR F 170 -71.89 53.70 -24.03
CA THR F 170 -71.73 54.68 -25.09
C THR F 170 -72.88 55.67 -25.05
N THR F 171 -72.56 56.96 -25.05
CA THR F 171 -73.56 58.01 -24.99
C THR F 171 -73.18 59.12 -25.97
N ALA F 172 -74.20 59.78 -26.52
CA ALA F 172 -74.01 60.87 -27.46
C ALA F 172 -75.07 61.93 -27.23
N ALA F 173 -74.75 63.16 -27.63
CA ALA F 173 -75.68 64.28 -27.52
C ALA F 173 -75.31 65.32 -28.57
N VAL F 174 -76.25 66.23 -28.82
CA VAL F 174 -76.08 67.25 -29.85
C VAL F 174 -76.36 68.62 -29.23
N THR F 175 -75.77 69.65 -29.84
CA THR F 175 -76.01 71.04 -29.48
C THR F 175 -76.25 71.80 -30.78
N GLY F 176 -77.49 71.78 -31.25
CA GLY F 176 -77.83 72.39 -32.52
C GLY F 176 -79.12 71.84 -33.09
N VAL F 177 -79.93 72.70 -33.70
CA VAL F 177 -81.25 72.29 -34.16
C VAL F 177 -81.14 71.35 -35.36
N ILE F 178 -80.21 71.63 -36.28
CA ILE F 178 -80.15 70.83 -37.51
C ILE F 178 -79.90 69.37 -37.19
N PHE F 179 -79.15 69.09 -36.12
CA PHE F 179 -78.84 67.72 -35.73
C PHE F 179 -80.01 67.15 -34.92
N THR F 180 -80.65 66.12 -35.45
CA THR F 180 -81.70 65.40 -34.76
C THR F 180 -81.16 64.03 -34.36
N LEU F 181 -81.11 63.77 -33.06
CA LEU F 181 -80.50 62.56 -32.53
C LEU F 181 -81.57 61.51 -32.25
N THR F 182 -81.21 60.24 -32.45
CA THR F 182 -82.07 59.13 -32.07
C THR F 182 -81.20 57.96 -31.65
N THR F 183 -81.64 57.24 -30.63
CA THR F 183 -80.92 56.07 -30.14
C THR F 183 -81.51 54.82 -30.77
N THR F 184 -80.64 53.89 -31.18
CA THR F 184 -81.06 52.66 -31.82
C THR F 184 -80.12 51.53 -31.41
N THR F 185 -80.64 50.31 -31.55
CA THR F 185 -79.84 49.11 -31.31
C THR F 185 -80.59 47.94 -31.93
N GLY F 186 -79.94 47.23 -32.85
CA GLY F 186 -80.59 46.10 -33.47
C GLY F 186 -81.05 45.10 -32.44
N THR F 187 -82.32 44.69 -32.51
CA THR F 187 -82.82 43.72 -31.55
C THR F 187 -82.11 42.39 -31.67
N SER F 188 -81.41 42.15 -32.78
CA SER F 188 -80.61 40.96 -32.98
C SER F 188 -79.21 41.35 -33.40
N PRO F 189 -78.21 40.52 -33.09
CA PRO F 189 -76.84 40.85 -33.48
C PRO F 189 -76.62 40.65 -34.97
N SER F 190 -75.53 41.25 -35.46
CA SER F 190 -75.18 41.18 -36.86
C SER F 190 -73.83 40.50 -37.04
N VAL F 191 -73.42 40.37 -38.31
CA VAL F 191 -72.16 39.69 -38.62
C VAL F 191 -70.97 40.46 -38.03
N ALA F 192 -71.06 41.80 -38.02
CA ALA F 192 -69.99 42.58 -37.42
C ALA F 192 -69.90 42.32 -35.91
N ASP F 193 -71.05 42.22 -35.25
CA ASP F 193 -71.05 41.89 -33.83
C ASP F 193 -70.43 40.52 -33.59
N TYR F 194 -70.80 39.54 -34.41
CA TYR F 194 -70.22 38.21 -34.28
C TYR F 194 -68.71 38.24 -34.49
N VAL F 195 -68.26 39.02 -35.47
CA VAL F 195 -66.83 39.13 -35.75
C VAL F 195 -66.10 39.73 -34.55
N TYR F 196 -66.65 40.79 -33.97
CA TYR F 196 -66.03 41.39 -32.80
C TYR F 196 -65.97 40.39 -31.65
N THR F 197 -67.06 39.69 -31.39
CA THR F 197 -67.07 38.72 -30.31
C THR F 197 -66.03 37.63 -30.54
N ILE F 198 -65.91 37.17 -31.78
CA ILE F 198 -64.96 36.11 -32.10
C ILE F 198 -63.53 36.61 -31.92
N ASN F 199 -63.24 37.83 -32.37
CA ASN F 199 -61.86 38.31 -32.41
C ASN F 199 -61.40 38.96 -31.10
N ASN F 200 -62.34 39.38 -30.24
CA ASN F 200 -61.97 40.11 -29.02
C ASN F 200 -62.76 39.72 -27.79
N THR F 201 -62.77 38.42 -27.46
CA THR F 201 -63.46 37.97 -26.25
C THR F 201 -62.68 36.81 -25.67
N PHE F 202 -62.21 35.92 -26.54
CA PHE F 202 -61.48 34.76 -26.08
C PHE F 202 -60.11 35.10 -25.51
N ASP F 203 -59.60 34.25 -24.64
CA ASP F 203 -58.31 34.48 -24.03
C ASP F 203 -57.42 33.32 -24.37
N PRO F 204 -56.11 33.56 -24.53
CA PRO F 204 -55.23 32.42 -24.73
C PRO F 204 -55.24 31.49 -23.53
N ALA F 205 -55.40 32.07 -22.33
CA ALA F 205 -55.45 31.27 -21.11
C ALA F 205 -56.64 30.31 -21.09
N LEU F 206 -57.65 30.56 -21.91
CA LEU F 206 -58.78 29.64 -21.96
C LEU F 206 -58.33 28.27 -22.46
N GLU F 207 -58.93 27.25 -21.87
CA GLU F 207 -58.70 25.88 -22.30
C GLU F 207 -58.97 25.74 -23.79
N ALA F 208 -57.99 25.16 -24.49
CA ALA F 208 -58.13 24.99 -25.93
C ALA F 208 -59.27 24.01 -26.22
N GLY F 209 -60.00 24.29 -27.29
CA GLY F 209 -61.13 23.44 -27.64
C GLY F 209 -61.72 23.85 -28.96
N PHE F 210 -62.84 23.19 -29.29
CA PHE F 210 -63.54 23.49 -30.53
C PHE F 210 -64.27 24.82 -30.42
N VAL F 211 -64.58 25.41 -31.57
CA VAL F 211 -65.36 26.64 -31.64
C VAL F 211 -66.44 26.47 -32.70
N ILE F 212 -67.67 26.83 -32.36
CA ILE F 212 -68.81 26.65 -33.26
C ILE F 212 -69.69 27.90 -33.22
N ALA F 213 -70.29 28.21 -34.37
CA ALA F 213 -71.27 29.29 -34.49
C ALA F 213 -72.49 28.78 -35.24
N PRO F 214 -73.20 27.80 -34.67
CA PRO F 214 -74.33 27.19 -35.40
C PRO F 214 -75.44 28.18 -35.73
N GLU F 215 -75.80 29.06 -34.79
CA GLU F 215 -76.85 30.03 -35.06
C GLU F 215 -76.46 30.95 -36.21
N ALA F 216 -75.22 31.46 -36.18
CA ALA F 216 -74.77 32.35 -37.24
C ALA F 216 -74.79 31.65 -38.59
N PHE F 217 -74.29 30.41 -38.64
CA PHE F 217 -74.23 29.72 -39.92
C PHE F 217 -75.62 29.35 -40.42
N SER F 218 -76.56 29.06 -39.52
CA SER F 218 -77.91 28.72 -39.94
C SER F 218 -78.70 29.94 -40.39
N THR F 219 -78.42 31.11 -39.81
CA THR F 219 -79.23 32.30 -40.06
C THR F 219 -78.68 33.21 -41.15
N PHE F 220 -77.37 33.45 -41.16
CA PHE F 220 -76.81 34.49 -42.01
C PHE F 220 -76.74 34.04 -43.46
N THR F 221 -76.45 35.00 -44.34
CA THR F 221 -76.41 34.77 -45.77
C THR F 221 -75.02 34.32 -46.21
N LYS F 222 -74.77 34.30 -47.51
CA LYS F 222 -73.50 33.77 -48.03
C LYS F 222 -72.32 34.65 -47.63
N SER F 223 -72.42 35.95 -47.89
CA SER F 223 -71.32 36.85 -47.58
C SER F 223 -71.04 36.90 -46.09
N ASP F 224 -72.10 36.97 -45.28
CA ASP F 224 -71.93 36.98 -43.83
C ASP F 224 -71.34 35.68 -43.33
N ARG F 225 -71.76 34.55 -43.91
CA ARG F 225 -71.17 33.27 -43.55
C ARG F 225 -69.69 33.24 -43.88
N LEU F 226 -69.31 33.78 -45.04
CA LEU F 226 -67.90 33.86 -45.39
C LEU F 226 -67.13 34.71 -44.40
N SER F 227 -67.71 35.84 -43.99
CA SER F 227 -67.05 36.70 -43.01
C SER F 227 -66.87 35.97 -41.68
N ILE F 228 -67.90 35.25 -41.24
CA ILE F 228 -67.80 34.51 -39.99
C ILE F 228 -66.74 33.42 -40.10
N GLN F 229 -66.68 32.73 -41.24
CA GLN F 229 -65.67 31.70 -41.43
C GLN F 229 -64.27 32.31 -41.40
N VAL F 230 -64.09 33.48 -42.01
CA VAL F 230 -62.79 34.14 -41.98
C VAL F 230 -62.42 34.51 -40.55
N ALA F 231 -63.39 35.02 -39.78
CA ALA F 231 -63.13 35.36 -38.39
C ALA F 231 -62.70 34.12 -37.60
N LEU F 232 -63.40 33.00 -37.79
CA LEU F 232 -63.06 31.77 -37.09
C LEU F 232 -61.69 31.27 -37.50
N GLU F 233 -61.37 31.35 -38.80
CA GLU F 233 -60.07 30.92 -39.27
C GLU F 233 -58.96 31.76 -38.65
N ASN F 234 -59.14 33.08 -38.61
CA ASN F 234 -58.15 33.95 -37.99
C ASN F 234 -57.98 33.61 -36.51
N LEU F 235 -59.10 33.41 -35.81
CA LEU F 235 -59.02 33.06 -34.39
C LEU F 235 -58.23 31.79 -34.18
N CYS F 236 -58.59 30.73 -34.92
CA CYS F 236 -57.99 29.43 -34.66
C CYS F 236 -56.55 29.33 -35.15
N SER F 237 -56.19 30.08 -36.20
CA SER F 237 -54.84 30.08 -36.71
C SER F 237 -53.96 31.13 -36.04
N ALA F 238 -54.53 31.98 -35.18
CA ALA F 238 -53.72 32.93 -34.43
C ALA F 238 -52.69 32.17 -33.60
N TYR F 239 -51.49 32.74 -33.51
CA TYR F 239 -50.38 32.07 -32.85
C TYR F 239 -50.58 31.92 -31.35
N ARG F 240 -51.58 32.59 -30.77
CA ARG F 240 -51.85 32.46 -29.34
C ARG F 240 -52.89 31.40 -29.01
N TYR F 241 -53.78 31.04 -29.94
CA TYR F 241 -54.82 30.06 -29.69
C TYR F 241 -54.48 28.69 -30.25
N GLN F 242 -54.27 28.59 -31.56
CA GLN F 242 -54.09 27.31 -32.24
C GLN F 242 -55.19 26.33 -31.84
N TRP F 243 -56.43 26.71 -32.16
CA TRP F 243 -57.62 25.93 -31.87
C TRP F 243 -58.15 25.31 -33.17
N ALA F 244 -59.30 24.65 -33.06
CA ALA F 244 -59.98 24.04 -34.20
C ALA F 244 -61.41 24.56 -34.28
N ALA F 245 -61.87 24.82 -35.50
CA ALA F 245 -63.21 25.33 -35.75
C ALA F 245 -63.98 24.37 -36.63
N LEU F 246 -65.28 24.26 -36.37
CA LEU F 246 -66.18 23.39 -37.12
C LEU F 246 -67.17 24.26 -37.87
N ILE F 247 -66.99 24.35 -39.18
CA ILE F 247 -67.86 25.13 -40.06
C ILE F 247 -69.03 24.28 -40.50
N ASP F 248 -70.21 24.89 -40.54
CA ASP F 248 -71.44 24.25 -40.99
C ASP F 248 -71.92 24.91 -42.27
N SER F 249 -72.67 24.17 -43.07
CA SER F 249 -73.29 24.74 -44.24
C SER F 249 -74.35 25.75 -43.83
N GLY F 250 -74.78 26.56 -44.79
CA GLY F 250 -75.89 27.47 -44.55
C GLY F 250 -77.17 26.67 -44.32
N ALA F 251 -78.28 27.40 -44.34
CA ALA F 251 -79.57 26.74 -44.24
C ALA F 251 -79.73 25.75 -45.40
N MET F 252 -80.31 24.59 -45.09
CA MET F 252 -80.41 23.54 -46.11
C MET F 252 -81.21 24.02 -47.32
N SER F 253 -82.26 24.81 -47.09
CA SER F 253 -83.03 25.33 -48.21
C SER F 253 -82.12 26.08 -49.20
N GLU F 254 -81.09 26.73 -48.69
CA GLU F 254 -80.09 27.36 -49.56
C GLU F 254 -79.12 26.32 -50.11
N ILE F 255 -78.40 25.64 -49.23
CA ILE F 255 -77.48 24.57 -49.62
C ILE F 255 -78.29 23.28 -49.61
N SER F 256 -79.07 23.07 -50.67
CA SER F 256 -79.92 21.90 -50.78
C SER F 256 -79.14 20.63 -51.15
N ASN F 257 -78.10 20.76 -51.97
CA ASN F 257 -77.40 19.59 -52.49
C ASN F 257 -75.93 19.58 -52.08
N THR F 258 -75.17 18.62 -52.61
CA THR F 258 -73.77 18.50 -52.25
C THR F 258 -72.88 19.42 -53.10
N ASP F 259 -73.29 19.72 -54.33
CA ASP F 259 -72.50 20.62 -55.16
C ASP F 259 -72.46 22.02 -54.56
N ARG F 260 -73.57 22.49 -54.01
CA ARG F 260 -73.59 23.80 -53.37
C ARG F 260 -72.68 23.81 -52.14
N ALA F 261 -72.71 22.74 -51.35
CA ALA F 261 -71.80 22.64 -50.22
C ALA F 261 -70.35 22.66 -50.66
N ILE F 262 -70.04 21.95 -51.75
CA ILE F 262 -68.68 21.95 -52.28
C ILE F 262 -68.26 23.35 -52.69
N ALA F 263 -69.17 24.09 -53.35
CA ALA F 263 -68.85 25.44 -53.77
C ALA F 263 -68.58 26.34 -52.57
N GLU F 264 -69.43 26.23 -51.53
CA GLU F 264 -69.23 27.04 -50.33
C GLU F 264 -67.90 26.70 -49.66
N ALA F 265 -67.58 25.41 -49.56
CA ALA F 265 -66.30 25.00 -48.97
C ALA F 265 -65.13 25.52 -49.80
N ALA F 266 -65.26 25.47 -51.13
CA ALA F 266 -64.20 25.98 -51.99
C ALA F 266 -63.99 27.47 -51.77
N THR F 267 -65.07 28.23 -51.59
CA THR F 267 -64.92 29.64 -51.23
C THR F 267 -64.21 29.77 -49.89
N TYR F 268 -64.55 28.91 -48.93
CA TYR F 268 -63.87 28.93 -47.63
C TYR F 268 -62.41 28.53 -47.78
N ASN F 269 -61.55 29.16 -46.99
CA ASN F 269 -60.12 28.91 -47.00
C ASN F 269 -59.61 28.65 -45.60
N SER F 270 -58.75 27.64 -45.46
CA SER F 270 -58.06 27.36 -44.20
C SER F 270 -56.69 26.78 -44.56
N VAL F 271 -55.67 27.64 -44.57
CA VAL F 271 -54.37 27.24 -45.11
C VAL F 271 -53.79 26.07 -44.32
N GLN F 272 -53.80 26.16 -43.00
CA GLN F 272 -53.24 25.12 -42.14
C GLN F 272 -54.27 24.12 -41.67
N GLY F 273 -55.52 24.22 -42.13
CA GLY F 273 -56.53 23.24 -41.79
C GLY F 273 -57.11 23.40 -40.41
N HIS F 274 -57.14 24.62 -39.87
CA HIS F 274 -57.76 24.85 -38.58
C HIS F 274 -59.28 24.73 -38.62
N CYS F 275 -59.89 24.87 -39.79
CA CYS F 275 -61.33 24.80 -39.95
C CYS F 275 -61.69 23.53 -40.70
N SER F 276 -62.77 22.87 -40.26
CA SER F 276 -63.24 21.65 -40.92
C SER F 276 -64.68 21.85 -41.34
N TYR F 277 -64.99 21.61 -42.61
CA TYR F 277 -66.35 21.85 -43.12
C TYR F 277 -67.26 20.66 -43.00
N TYR F 278 -68.48 20.88 -42.53
CA TYR F 278 -69.47 19.81 -42.43
C TYR F 278 -70.70 20.32 -43.14
N TYR F 279 -71.51 19.43 -43.67
CA TYR F 279 -72.68 19.87 -44.45
C TYR F 279 -74.07 19.37 -44.03
N PRO F 280 -74.32 18.04 -44.09
CA PRO F 280 -75.70 17.63 -43.82
C PRO F 280 -76.21 18.03 -42.46
N TYR F 281 -77.27 18.83 -42.42
CA TYR F 281 -77.85 19.19 -41.15
C TYR F 281 -78.56 17.96 -40.64
N LEU F 282 -78.80 17.94 -39.35
CA LEU F 282 -79.46 16.79 -38.73
C LEU F 282 -80.89 17.17 -38.38
N ILE F 283 -81.71 16.14 -38.13
CA ILE F 283 -83.10 16.34 -37.74
C ILE F 283 -83.24 15.78 -36.33
N ASN F 284 -83.48 16.65 -35.35
CA ASN F 284 -83.58 16.20 -33.98
C ASN F 284 -84.88 15.43 -33.78
N LEU F 285 -85.11 15.00 -32.54
CA LEU F 285 -86.29 14.20 -32.23
C LEU F 285 -87.58 15.01 -32.31
N ASP F 286 -87.50 16.32 -32.43
CA ASP F 286 -88.66 17.18 -32.63
C ASP F 286 -88.84 17.58 -34.10
N ASP F 287 -88.17 16.89 -35.02
CA ASP F 287 -88.27 17.14 -36.45
C ASP F 287 -87.67 18.49 -36.84
N GLN F 288 -86.84 19.07 -35.99
CA GLN F 288 -86.23 20.36 -36.25
C GLN F 288 -84.85 20.18 -36.86
N GLN F 289 -84.53 21.01 -37.85
CA GLN F 289 -83.22 20.97 -38.48
C GLN F 289 -82.19 21.70 -37.62
N VAL F 290 -81.10 21.03 -37.32
CA VAL F 290 -80.05 21.57 -36.45
C VAL F 290 -78.70 21.42 -37.16
N PRO F 291 -77.83 22.42 -37.08
CA PRO F 291 -76.50 22.24 -37.66
C PRO F 291 -75.75 21.14 -36.96
N PRO F 292 -74.87 20.43 -37.67
CA PRO F 292 -74.20 19.26 -37.06
C PRO F 292 -73.00 19.58 -36.20
N SER F 293 -72.58 20.85 -36.11
CA SER F 293 -71.35 21.18 -35.41
C SER F 293 -71.43 20.81 -33.93
N ALA F 294 -72.54 21.12 -33.27
CA ALA F 294 -72.65 20.86 -31.84
C ALA F 294 -72.56 19.37 -31.56
N ALA F 295 -73.32 18.56 -32.31
CA ALA F 295 -73.29 17.12 -32.12
C ALA F 295 -71.90 16.57 -32.44
N VAL F 296 -71.27 17.08 -33.48
CA VAL F 296 -69.93 16.61 -33.85
C VAL F 296 -68.95 16.91 -32.73
N ALA F 297 -69.02 18.11 -32.15
CA ALA F 297 -68.12 18.46 -31.07
C ALA F 297 -68.35 17.59 -29.83
N GLY F 298 -69.61 17.36 -29.49
CA GLY F 298 -69.91 16.50 -28.36
C GLY F 298 -69.37 15.09 -28.56
N MET F 299 -69.63 14.52 -29.74
CA MET F 299 -69.12 13.18 -30.03
C MET F 299 -67.60 13.17 -30.05
N ALA F 300 -66.98 14.25 -30.52
CA ALA F 300 -65.53 14.33 -30.53
C ALA F 300 -64.95 14.29 -29.12
N LEU F 301 -65.56 15.05 -28.21
CA LEU F 301 -65.08 15.02 -26.83
C LEU F 301 -65.31 13.65 -26.20
N TYR F 302 -66.46 13.04 -26.46
CA TYR F 302 -66.72 11.71 -25.93
C TYR F 302 -65.70 10.70 -26.45
N ARG F 303 -65.38 10.77 -27.75
CA ARG F 303 -64.42 9.85 -28.33
C ARG F 303 -63.01 10.12 -27.82
N PHE F 304 -62.69 11.38 -27.54
CA PHE F 304 -61.40 11.68 -26.92
C PHE F 304 -61.31 11.03 -25.56
N VAL F 305 -62.38 11.12 -24.77
CA VAL F 305 -62.35 10.50 -23.44
C VAL F 305 -62.24 8.99 -23.55
N ILE F 306 -63.00 8.38 -24.46
CA ILE F 306 -63.10 6.92 -24.50
C ILE F 306 -61.88 6.31 -25.20
N ASP F 307 -61.72 6.62 -26.49
CA ASP F 307 -60.66 6.00 -27.27
C ASP F 307 -59.32 6.70 -27.05
N GLY F 308 -59.27 8.00 -27.25
CA GLY F 308 -58.04 8.76 -27.11
C GLY F 308 -58.09 10.01 -27.97
N PHE F 309 -57.14 10.92 -27.72
CA PHE F 309 -57.12 12.22 -28.40
C PHE F 309 -56.55 12.13 -29.82
N ALA F 310 -55.94 11.02 -30.19
CA ALA F 310 -55.43 10.86 -31.55
C ALA F 310 -56.48 10.36 -32.52
N GLU F 311 -57.65 9.95 -32.04
CA GLU F 311 -58.71 9.45 -32.91
C GLU F 311 -59.61 10.59 -33.36
N PRO F 312 -60.06 10.59 -34.62
CA PRO F 312 -60.90 11.69 -35.10
C PRO F 312 -62.37 11.47 -34.78
N PRO F 313 -63.19 12.50 -34.85
CA PRO F 313 -64.65 12.34 -34.64
C PRO F 313 -65.35 11.78 -35.88
N ALA F 314 -65.19 10.47 -36.08
CA ALA F 314 -65.80 9.80 -37.22
C ALA F 314 -65.79 8.31 -36.94
N GLY F 315 -66.45 7.56 -37.81
CA GLY F 315 -66.52 6.11 -37.71
C GLY F 315 -67.90 5.66 -37.24
N VAL F 316 -68.14 4.36 -37.43
CA VAL F 316 -69.44 3.78 -37.10
C VAL F 316 -69.56 3.42 -35.63
N ASN F 317 -68.46 3.38 -34.88
CA ASN F 317 -68.52 3.00 -33.48
C ASN F 317 -68.91 4.15 -32.57
N PHE F 318 -69.04 5.36 -33.10
CA PHE F 318 -69.51 6.53 -32.34
C PHE F 318 -70.60 7.24 -33.14
N PRO F 319 -71.78 6.63 -33.25
CA PRO F 319 -72.89 7.30 -33.94
C PRO F 319 -73.42 8.47 -33.13
N LEU F 320 -74.03 9.41 -33.85
CA LEU F 320 -74.62 10.58 -33.21
C LEU F 320 -75.87 10.19 -32.44
N LYS F 321 -76.17 10.96 -31.39
CA LYS F 321 -77.31 10.73 -30.53
C LYS F 321 -78.18 11.97 -30.46
N GLY F 322 -79.46 11.76 -30.16
CA GLY F 322 -80.41 12.84 -30.08
C GLY F 322 -80.97 13.29 -31.41
N VAL F 323 -80.64 12.61 -32.50
CA VAL F 323 -81.14 12.94 -33.83
C VAL F 323 -81.68 11.67 -34.46
N LYS F 324 -82.68 11.83 -35.34
CA LYS F 324 -83.35 10.69 -35.95
C LYS F 324 -83.05 10.51 -37.43
N ASN F 325 -82.49 11.51 -38.10
CA ASN F 325 -82.16 11.38 -39.51
C ASN F 325 -81.33 12.59 -39.93
N VAL F 326 -80.87 12.56 -41.17
CA VAL F 326 -80.19 13.69 -41.78
C VAL F 326 -81.20 14.44 -42.64
N ALA F 327 -80.87 15.68 -42.99
CA ALA F 327 -81.73 16.49 -43.82
C ALA F 327 -81.50 16.29 -45.32
N TYR F 328 -80.54 15.43 -45.68
CA TYR F 328 -80.25 15.16 -47.08
C TYR F 328 -79.44 13.88 -47.18
N LYS F 329 -79.73 13.07 -48.19
CA LYS F 329 -79.06 11.79 -48.38
C LYS F 329 -77.91 11.98 -49.37
N VAL F 330 -76.68 11.91 -48.87
CA VAL F 330 -75.48 12.09 -49.68
C VAL F 330 -75.15 10.75 -50.34
N THR F 331 -75.01 10.77 -51.66
CA THR F 331 -74.72 9.55 -52.40
C THR F 331 -73.22 9.27 -52.42
N TRP F 332 -72.88 8.04 -52.79
CA TRP F 332 -71.48 7.60 -52.75
C TRP F 332 -70.62 8.47 -53.66
N GLU F 333 -71.10 8.76 -54.87
CA GLU F 333 -70.29 9.55 -55.81
C GLU F 333 -70.22 11.01 -55.38
N GLU F 334 -71.32 11.56 -54.87
CA GLU F 334 -71.27 12.90 -54.31
C GLU F 334 -70.18 13.00 -53.25
N GLN F 335 -70.13 12.04 -52.34
CA GLN F 335 -69.10 12.06 -51.31
C GLN F 335 -67.72 11.81 -51.91
N ASN F 336 -67.63 10.96 -52.92
CA ASN F 336 -66.36 10.69 -53.57
C ASN F 336 -65.76 11.96 -54.15
N VAL F 337 -66.61 12.86 -54.65
CA VAL F 337 -66.12 14.12 -55.17
C VAL F 337 -65.93 15.15 -54.05
N ALA F 338 -66.71 15.04 -52.98
CA ALA F 338 -66.72 16.08 -51.95
C ALA F 338 -65.56 15.92 -50.96
N ASN F 339 -65.34 14.69 -50.47
CA ASN F 339 -64.35 14.47 -49.42
C ASN F 339 -62.98 15.02 -49.76
N PRO F 340 -62.42 14.81 -50.95
CA PRO F 340 -61.12 15.43 -51.26
C PRO F 340 -61.16 16.94 -51.24
N GLU F 341 -62.33 17.55 -51.37
CA GLU F 341 -62.48 19.00 -51.31
C GLU F 341 -62.67 19.52 -49.88
N GLY F 342 -62.65 18.64 -48.89
CA GLY F 342 -62.75 19.05 -47.51
C GLY F 342 -64.14 19.10 -46.93
N VAL F 343 -65.13 18.50 -47.60
CA VAL F 343 -66.49 18.43 -47.09
C VAL F 343 -66.64 17.09 -46.39
N ASN F 344 -66.92 17.13 -45.09
CA ASN F 344 -67.09 15.93 -44.27
C ASN F 344 -68.58 15.61 -44.18
N CYS F 345 -69.00 14.53 -44.82
CA CYS F 345 -70.41 14.18 -44.90
C CYS F 345 -70.86 13.47 -43.62
N ILE F 346 -72.14 13.62 -43.32
CA ILE F 346 -72.79 12.87 -42.25
C ILE F 346 -73.86 12.00 -42.89
N LEU F 347 -73.84 10.70 -42.58
CA LEU F 347 -74.62 9.73 -43.31
C LEU F 347 -75.49 8.92 -42.35
N ASN F 348 -76.61 8.44 -42.86
CA ASN F 348 -77.52 7.58 -42.11
C ASN F 348 -77.26 6.12 -42.53
N LYS F 349 -76.23 5.54 -41.92
CA LYS F 349 -75.91 4.14 -42.19
C LYS F 349 -76.93 3.25 -41.52
N GLU F 350 -77.36 2.21 -42.24
CA GLU F 350 -78.28 1.24 -41.67
C GLU F 350 -77.51 0.26 -40.80
N ASN F 351 -78.06 -0.03 -39.61
CA ASN F 351 -77.47 -0.87 -38.58
C ASN F 351 -76.37 -0.16 -37.81
N TYR F 352 -76.01 1.07 -38.17
CA TYR F 352 -75.08 1.88 -37.39
C TYR F 352 -75.69 3.17 -36.85
N GLY F 353 -76.58 3.79 -37.60
CA GLY F 353 -77.19 5.04 -37.19
C GLY F 353 -76.63 6.24 -37.93
N ILE F 354 -76.63 7.40 -37.30
CA ILE F 354 -76.10 8.62 -37.90
C ILE F 354 -74.62 8.70 -37.56
N VAL F 355 -73.78 8.71 -38.60
CA VAL F 355 -72.34 8.62 -38.43
C VAL F 355 -71.66 9.68 -39.29
N VAL F 356 -70.63 10.31 -38.72
CA VAL F 356 -69.80 11.24 -39.45
C VAL F 356 -68.81 10.43 -40.28
N TRP F 357 -68.94 10.49 -41.60
CA TRP F 357 -68.12 9.71 -42.52
C TRP F 357 -67.07 10.58 -43.19
N GLY F 358 -66.52 11.55 -42.44
CA GLY F 358 -65.48 12.41 -42.96
C GLY F 358 -64.58 12.95 -41.87
N ALA F 359 -63.27 12.99 -42.13
CA ALA F 359 -62.30 13.47 -41.15
C ALA F 359 -61.24 14.34 -41.79
N ARG F 360 -61.60 15.08 -42.84
CA ARG F 360 -60.66 15.93 -43.56
C ARG F 360 -60.92 17.40 -43.25
N THR F 361 -59.85 18.19 -43.33
CA THR F 361 -59.93 19.62 -43.08
C THR F 361 -60.16 20.36 -44.40
N LEU F 362 -60.09 21.68 -44.36
CA LEU F 362 -60.20 22.51 -45.56
C LEU F 362 -58.83 22.87 -46.13
N SER F 363 -57.76 22.34 -45.57
CA SER F 363 -56.42 22.67 -46.04
C SER F 363 -56.10 21.95 -47.34
N ALA F 364 -55.32 22.63 -48.19
CA ALA F 364 -54.72 22.01 -49.35
C ALA F 364 -53.35 21.41 -49.06
N ASP F 365 -52.84 21.60 -47.85
CA ASP F 365 -51.54 21.05 -47.47
C ASP F 365 -51.68 19.55 -47.25
N PRO F 366 -50.92 18.70 -47.96
CA PRO F 366 -51.08 17.25 -47.76
C PRO F 366 -50.69 16.78 -46.36
N ASN F 367 -49.92 17.57 -45.61
CA ASN F 367 -49.44 17.13 -44.30
C ASN F 367 -50.47 17.32 -43.19
N ILE F 368 -51.46 18.17 -43.38
CA ILE F 368 -52.46 18.45 -42.35
C ILE F 368 -53.84 18.11 -42.92
N VAL F 369 -53.89 17.11 -43.80
CA VAL F 369 -55.15 16.75 -44.44
C VAL F 369 -56.20 16.39 -43.40
N PHE F 370 -55.79 15.80 -42.28
CA PHE F 370 -56.74 15.21 -41.34
C PHE F 370 -56.91 16.05 -40.09
N ILE F 371 -58.17 16.20 -39.68
CA ILE F 371 -58.49 16.94 -38.46
C ILE F 371 -57.83 16.26 -37.25
N SER F 372 -57.60 14.95 -37.33
CA SER F 372 -56.87 14.28 -36.25
C SER F 372 -55.47 14.86 -36.10
N THR F 373 -54.76 15.03 -37.21
CA THR F 373 -53.44 15.65 -37.17
C THR F 373 -53.53 17.09 -36.69
N ARG F 374 -54.53 17.82 -37.18
CA ARG F 374 -54.72 19.20 -36.71
C ARG F 374 -54.87 19.25 -35.20
N ILE F 375 -55.72 18.38 -34.65
CA ILE F 375 -56.00 18.37 -33.22
C ILE F 375 -54.77 17.93 -32.45
N ILE F 376 -53.99 16.99 -32.98
CA ILE F 376 -52.77 16.55 -32.31
C ILE F 376 -51.80 17.72 -32.19
N LEU F 377 -51.59 18.45 -33.29
CA LEU F 377 -50.69 19.60 -33.24
C LEU F 377 -51.21 20.65 -32.26
N ASN F 378 -52.52 20.92 -32.29
CA ASN F 378 -53.08 21.91 -31.38
C ASN F 378 -52.92 21.48 -29.92
N ILE F 379 -53.11 20.19 -29.65
CA ILE F 379 -52.95 19.69 -28.28
C ILE F 379 -51.51 19.87 -27.83
N VAL F 380 -50.55 19.53 -28.68
CA VAL F 380 -49.15 19.71 -28.32
C VAL F 380 -48.87 21.17 -28.00
N ILE F 381 -49.29 22.07 -28.90
CA ILE F 381 -48.99 23.49 -28.74
C ILE F 381 -49.62 24.02 -27.46
N ASN F 382 -50.89 23.67 -27.21
CA ASN F 382 -51.59 24.25 -26.08
C ASN F 382 -51.09 23.67 -24.76
N THR F 383 -50.74 22.38 -24.74
CA THR F 383 -50.11 21.81 -23.55
C THR F 383 -48.82 22.54 -23.24
N LEU F 384 -47.98 22.78 -24.25
CA LEU F 384 -46.73 23.48 -24.02
C LEU F 384 -46.98 24.90 -23.53
N ASN F 385 -47.95 25.59 -24.13
CA ASN F 385 -48.23 26.97 -23.74
C ASN F 385 -48.74 27.06 -22.31
N ARG F 386 -49.66 26.18 -21.92
CA ARG F 386 -50.16 26.18 -20.56
C ARG F 386 -49.03 25.85 -19.58
N GLY F 387 -48.15 24.92 -19.94
CA GLY F 387 -47.01 24.62 -19.09
C GLY F 387 -46.10 25.82 -18.91
N TYR F 388 -45.82 26.54 -19.99
CA TYR F 388 -44.90 27.67 -19.93
C TYR F 388 -45.52 28.90 -19.27
N ASP F 389 -46.85 28.97 -19.22
CA ASP F 389 -47.50 30.09 -18.55
C ASP F 389 -46.98 30.25 -17.13
N PHE F 390 -46.72 29.13 -16.44
CA PHE F 390 -46.14 29.19 -15.11
C PHE F 390 -44.70 29.67 -15.12
N ASP F 391 -44.00 29.52 -16.24
CA ASP F 391 -42.62 29.97 -16.36
C ASP F 391 -42.50 31.40 -16.86
N ILE F 392 -43.60 32.01 -17.28
CA ILE F 392 -43.57 33.42 -17.68
C ILE F 392 -43.31 34.28 -16.44
N PHE F 393 -42.68 35.43 -16.66
CA PHE F 393 -42.36 36.37 -15.58
C PHE F 393 -41.48 35.74 -14.52
N ASN F 394 -40.40 35.09 -14.96
CA ASN F 394 -39.41 34.50 -14.07
C ASN F 394 -38.04 35.11 -14.34
N SER F 395 -37.29 35.39 -13.27
CA SER F 395 -35.99 36.01 -13.40
C SER F 395 -34.99 35.05 -14.05
N VAL F 396 -34.04 35.63 -14.79
CA VAL F 396 -33.01 34.87 -15.46
C VAL F 396 -31.67 35.16 -14.80
N GLY F 397 -31.23 34.30 -13.90
CA GLY F 397 -29.98 34.48 -13.21
C GLY F 397 -28.79 34.31 -14.14
N GLY F 398 -27.61 34.25 -13.51
CA GLY F 398 -26.39 34.15 -14.28
C GLY F 398 -26.28 32.85 -15.07
N THR F 399 -26.50 31.72 -14.40
CA THR F 399 -26.50 30.43 -15.09
C THR F 399 -27.60 30.37 -16.15
N ALA F 400 -28.68 31.13 -15.97
CA ALA F 400 -29.83 31.04 -16.85
C ALA F 400 -30.34 29.61 -16.91
N THR F 401 -30.34 28.93 -15.76
CA THR F 401 -30.83 27.55 -15.69
C THR F 401 -32.32 27.47 -15.98
N VAL F 402 -33.01 28.60 -16.07
CA VAL F 402 -34.43 28.57 -16.42
C VAL F 402 -34.63 27.99 -17.82
N LEU F 403 -33.65 28.18 -18.70
CA LEU F 403 -33.74 27.65 -20.06
C LEU F 403 -33.63 26.15 -19.99
N ASP F 404 -32.69 25.67 -19.20
CA ASP F 404 -32.51 24.24 -19.04
C ASP F 404 -33.74 23.64 -18.38
N ASN F 405 -34.25 24.30 -17.35
CA ASN F 405 -35.44 23.81 -16.66
C ASN F 405 -36.63 23.74 -17.59
N ILE F 406 -36.80 24.76 -18.44
CA ILE F 406 -37.90 24.77 -19.39
C ILE F 406 -37.74 23.63 -20.38
N GLN F 407 -36.53 23.41 -20.87
CA GLN F 407 -36.28 22.30 -21.79
C GLN F 407 -36.60 20.94 -21.16
N ARG F 408 -36.29 20.78 -19.88
CA ARG F 408 -36.58 19.53 -19.19
C ARG F 408 -38.07 19.40 -18.96
N LYS F 409 -38.75 20.52 -18.73
CA LYS F 409 -40.19 20.49 -18.55
C LYS F 409 -40.85 20.14 -19.88
N THR F 410 -40.31 20.68 -20.97
CA THR F 410 -40.84 20.35 -22.30
C THR F 410 -40.79 18.86 -22.47
N ASN F 411 -39.61 18.28 -22.24
CA ASN F 411 -39.46 16.85 -22.37
C ASN F 411 -40.58 16.14 -21.62
N THR F 412 -40.82 16.53 -20.37
CA THR F 412 -41.82 15.83 -19.56
C THR F 412 -43.19 15.88 -20.21
N LEU F 413 -43.60 17.07 -20.67
CA LEU F 413 -44.92 17.20 -21.28
C LEU F 413 -45.02 16.37 -22.56
N LEU F 414 -43.98 16.41 -23.40
CA LEU F 414 -44.00 15.64 -24.63
C LEU F 414 -43.95 14.14 -24.34
N THR F 415 -43.27 13.73 -23.27
CA THR F 415 -43.29 12.33 -22.87
C THR F 415 -44.70 11.91 -22.47
N THR F 416 -45.40 12.75 -21.69
CA THR F 416 -46.77 12.43 -21.33
C THR F 416 -47.65 12.33 -22.57
N LEU F 417 -47.45 13.23 -23.54
CA LEU F 417 -48.25 13.17 -24.76
C LEU F 417 -47.96 11.90 -25.55
N TYR F 418 -46.68 11.55 -25.71
CA TYR F 418 -46.34 10.33 -26.43
C TYR F 418 -46.86 9.11 -25.69
N GLN F 419 -46.97 9.20 -24.37
CA GLN F 419 -47.54 8.11 -23.59
C GLN F 419 -49.03 7.98 -23.84
N ALA F 420 -49.71 9.12 -23.95
CA ALA F 420 -51.10 9.14 -24.39
C ALA F 420 -51.28 8.62 -25.80
N GLY F 421 -50.22 8.67 -26.62
CA GLY F 421 -50.24 8.06 -27.92
C GLY F 421 -50.56 8.97 -29.08
N LEU F 422 -50.17 10.24 -29.00
CA LEU F 422 -50.45 11.19 -30.06
C LEU F 422 -49.46 11.13 -31.21
N PHE F 423 -48.32 10.46 -31.04
CA PHE F 423 -47.22 10.51 -31.99
C PHE F 423 -47.00 9.14 -32.62
N TYR F 424 -46.52 9.14 -33.85
CA TYR F 424 -46.15 7.91 -34.54
C TYR F 424 -44.69 7.59 -34.23
N GLY F 425 -44.45 6.37 -33.77
CA GLY F 425 -43.11 5.94 -33.41
C GLY F 425 -43.12 5.13 -32.13
N GLN F 426 -42.31 4.07 -32.08
CA GLN F 426 -42.29 3.22 -30.89
C GLN F 426 -41.57 3.88 -29.72
N THR F 427 -40.78 4.91 -29.98
CA THR F 427 -39.96 5.55 -28.96
C THR F 427 -40.04 7.06 -29.07
N THR F 428 -39.74 7.73 -27.96
CA THR F 428 -39.71 9.19 -27.97
C THR F 428 -38.72 9.73 -28.99
N SER F 429 -37.60 9.02 -29.18
CA SER F 429 -36.62 9.47 -30.17
C SER F 429 -37.21 9.52 -31.57
N GLU F 430 -38.18 8.66 -31.85
CA GLU F 430 -38.91 8.68 -33.12
C GLU F 430 -40.11 9.59 -33.08
N ALA F 431 -40.62 9.93 -31.90
CA ALA F 431 -41.82 10.73 -31.74
C ALA F 431 -41.56 12.22 -31.78
N PHE F 432 -40.61 12.72 -31.00
CA PHE F 432 -40.44 14.16 -30.86
C PHE F 432 -38.99 14.50 -30.55
N SER F 433 -38.69 15.80 -30.64
CA SER F 433 -37.37 16.33 -30.33
C SER F 433 -37.51 17.80 -29.97
N VAL F 434 -36.68 18.24 -29.03
CA VAL F 434 -36.75 19.59 -28.48
C VAL F 434 -35.38 20.26 -28.58
N LEU F 435 -35.40 21.58 -28.68
CA LEU F 435 -34.17 22.37 -28.65
C LEU F 435 -34.53 23.71 -28.00
N GLY F 436 -34.08 23.88 -26.75
CA GLY F 436 -34.36 25.11 -26.02
C GLY F 436 -33.23 25.55 -25.11
N ASP F 437 -32.03 25.05 -25.35
CA ASP F 437 -30.89 25.38 -24.49
C ASP F 437 -30.51 26.85 -24.68
N ALA F 438 -29.50 27.28 -23.93
CA ALA F 438 -28.99 28.63 -24.07
C ALA F 438 -28.22 28.84 -25.36
N SER F 439 -27.93 27.78 -26.11
CA SER F 439 -27.21 27.92 -27.36
C SER F 439 -28.08 28.52 -28.46
N VAL F 440 -29.39 28.57 -28.28
CA VAL F 440 -30.31 29.17 -29.24
C VAL F 440 -30.90 30.47 -28.74
N GLN F 441 -30.49 30.94 -27.57
CA GLN F 441 -30.98 32.20 -27.01
C GLN F 441 -29.96 33.30 -27.27
N VAL F 442 -30.43 34.41 -27.82
CA VAL F 442 -29.59 35.57 -28.12
C VAL F 442 -29.70 36.55 -26.97
N PRO F 443 -28.57 37.04 -26.41
CA PRO F 443 -28.69 38.01 -25.31
C PRO F 443 -29.48 39.26 -25.68
N SER F 444 -29.44 39.67 -26.94
CA SER F 444 -30.20 40.84 -27.36
C SER F 444 -31.69 40.61 -27.18
N LEU F 445 -32.17 39.41 -27.51
CA LEU F 445 -33.58 39.09 -27.30
C LEU F 445 -33.88 38.85 -25.83
N LEU F 446 -32.94 38.26 -25.10
CA LEU F 446 -33.14 38.05 -23.66
C LEU F 446 -33.34 39.37 -22.95
N GLN F 447 -32.57 40.40 -23.33
CA GLN F 447 -32.74 41.71 -22.72
C GLN F 447 -34.16 42.25 -22.92
N GLN F 448 -34.77 41.93 -24.06
CA GLN F 448 -36.17 42.28 -24.31
C GLN F 448 -37.14 41.33 -23.64
N GLY F 449 -36.67 40.17 -23.19
CA GLY F 449 -37.55 39.19 -22.58
C GLY F 449 -38.09 38.15 -23.53
N LEU F 450 -37.29 37.71 -24.49
CA LEU F 450 -37.73 36.77 -25.52
C LEU F 450 -36.95 35.47 -25.37
N VAL F 451 -37.67 34.35 -25.39
CA VAL F 451 -37.08 33.02 -25.33
C VAL F 451 -37.64 32.20 -26.49
N ASN F 452 -36.75 31.53 -27.21
CA ASN F 452 -37.11 30.74 -28.38
C ASN F 452 -36.98 29.26 -28.08
N MET F 453 -38.01 28.50 -28.45
CA MET F 453 -38.03 27.05 -28.31
C MET F 453 -38.30 26.44 -29.68
N PHE F 454 -37.68 25.30 -29.96
CA PHE F 454 -37.84 24.63 -31.25
C PHE F 454 -38.28 23.20 -31.02
N ILE F 455 -39.34 22.79 -31.70
CA ILE F 455 -39.99 21.51 -31.47
C ILE F 455 -40.15 20.79 -32.81
N TRP F 456 -39.90 19.48 -32.81
CA TRP F 456 -40.20 18.61 -33.94
C TRP F 456 -41.04 17.45 -33.44
N VAL F 457 -42.14 17.16 -34.15
CA VAL F 457 -43.06 16.09 -33.76
C VAL F 457 -43.47 15.31 -34.98
N VAL F 458 -43.92 14.08 -34.75
CA VAL F 458 -44.44 13.20 -35.80
C VAL F 458 -45.85 12.79 -35.41
N PRO F 459 -46.88 13.53 -35.82
CA PRO F 459 -48.24 13.17 -35.39
C PRO F 459 -48.66 11.81 -35.92
N SER F 460 -49.50 11.13 -35.13
CA SER F 460 -50.09 9.87 -35.56
C SER F 460 -51.05 10.11 -36.71
N THR F 461 -51.19 9.10 -37.57
CA THR F 461 -52.12 9.13 -38.69
C THR F 461 -53.31 8.22 -38.42
N ILE F 462 -54.19 8.10 -39.41
CA ILE F 462 -55.42 7.34 -39.27
C ILE F 462 -55.60 6.45 -40.49
N ILE F 463 -56.53 5.51 -40.38
CA ILE F 463 -56.94 4.68 -41.52
C ILE F 463 -58.16 5.33 -42.14
N GLU F 464 -58.04 5.73 -43.40
CA GLU F 464 -59.15 6.36 -44.12
C GLU F 464 -59.86 5.37 -45.04
N ARG F 465 -59.13 4.76 -45.97
CA ARG F 465 -59.68 3.78 -46.89
C ARG F 465 -58.82 2.52 -46.86
N LEU F 466 -59.47 1.37 -46.76
CA LEU F 466 -58.81 0.08 -46.62
C LEU F 466 -59.03 -0.72 -47.90
N ILE F 467 -57.95 -1.22 -48.49
CA ILE F 467 -57.99 -1.89 -49.78
C ILE F 467 -57.76 -3.38 -49.57
N ILE F 468 -58.66 -4.19 -50.11
CA ILE F 468 -58.56 -5.65 -50.05
C ILE F 468 -58.22 -6.14 -51.45
N ASN F 469 -57.01 -6.68 -51.61
CA ASN F 469 -56.58 -7.32 -52.85
C ASN F 469 -56.43 -8.81 -52.55
N ILE F 470 -57.43 -9.60 -52.94
CA ILE F 470 -57.44 -11.03 -52.66
C ILE F 470 -57.56 -11.79 -53.97
N LYS F 471 -56.84 -12.89 -54.07
CA LYS F 471 -56.70 -13.71 -55.26
C LYS F 471 -57.50 -15.00 -55.11
N GLN F 472 -58.08 -15.45 -56.22
CA GLN F 472 -58.82 -16.71 -56.27
C GLN F 472 -57.97 -17.87 -56.80
N THR F 473 -57.67 -18.82 -55.93
CA THR F 473 -56.84 -19.96 -56.30
C THR F 473 -57.62 -21.23 -56.62
N ALA F 474 -57.01 -22.08 -57.45
CA ALA F 474 -57.55 -23.41 -57.69
C ALA F 474 -57.31 -24.28 -56.46
N ILE F 475 -58.02 -25.40 -56.41
CA ILE F 475 -57.91 -26.30 -55.25
C ILE F 475 -56.59 -27.06 -55.35
N GLY F 476 -55.66 -26.74 -54.45
CA GLY F 476 -54.39 -27.44 -54.33
C GLY F 476 -53.18 -26.54 -54.33
N ASP F 477 -53.23 -25.43 -55.07
CA ASP F 477 -52.05 -24.60 -55.31
C ASP F 477 -52.02 -23.37 -54.40
N LEU F 478 -52.84 -23.35 -53.36
CA LEU F 478 -52.93 -22.16 -52.51
C LEU F 478 -51.60 -21.86 -51.84
N GLU F 479 -50.94 -22.88 -51.28
CA GLU F 479 -49.70 -22.61 -50.55
C GLU F 479 -48.61 -22.07 -51.47
N ALA F 480 -48.47 -22.64 -52.66
CA ALA F 480 -47.43 -22.17 -53.58
C ALA F 480 -47.74 -20.77 -54.07
N THR F 481 -49.01 -20.52 -54.43
CA THR F 481 -49.39 -19.19 -54.89
C THR F 481 -49.15 -18.15 -53.81
N VAL F 482 -49.52 -18.47 -52.57
CA VAL F 482 -49.32 -17.54 -51.46
C VAL F 482 -47.83 -17.29 -51.25
N ALA F 483 -47.02 -18.34 -51.27
CA ALA F 483 -45.59 -18.16 -51.06
C ALA F 483 -45.02 -17.24 -52.11
N LEU F 484 -45.30 -17.50 -53.39
CA LEU F 484 -44.74 -16.69 -54.46
C LEU F 484 -45.20 -15.23 -54.34
N ASP F 485 -46.51 -15.02 -54.20
CA ASP F 485 -47.05 -13.67 -54.15
C ASP F 485 -46.54 -12.91 -52.94
N THR F 486 -46.47 -13.57 -51.78
CA THR F 486 -46.00 -12.91 -50.57
C THR F 486 -44.53 -12.54 -50.70
N ALA F 487 -43.71 -13.43 -51.27
CA ALA F 487 -42.32 -13.09 -51.51
C ALA F 487 -42.22 -11.85 -52.39
N ALA F 488 -42.99 -11.81 -53.48
CA ALA F 488 -42.93 -10.65 -54.38
C ALA F 488 -43.34 -9.38 -53.64
N LEU F 489 -44.44 -9.43 -52.91
CA LEU F 489 -44.95 -8.22 -52.25
C LEU F 489 -43.99 -7.73 -51.18
N GLN F 490 -43.49 -8.65 -50.34
CA GLN F 490 -42.55 -8.24 -49.30
C GLN F 490 -41.29 -7.66 -49.89
N SER F 491 -40.75 -8.29 -50.94
CA SER F 491 -39.54 -7.76 -51.56
C SER F 491 -39.77 -6.38 -52.14
N SER F 492 -40.92 -6.18 -52.80
CA SER F 492 -41.21 -4.87 -53.37
C SER F 492 -41.31 -3.81 -52.28
N VAL F 493 -41.98 -4.13 -51.18
CA VAL F 493 -42.14 -3.15 -50.11
C VAL F 493 -40.81 -2.85 -49.45
N GLU F 494 -39.95 -3.86 -49.28
CA GLU F 494 -38.66 -3.63 -48.67
C GLU F 494 -37.76 -2.79 -49.56
N GLU F 495 -37.76 -3.05 -50.87
CA GLU F 495 -36.94 -2.28 -51.79
C GLU F 495 -37.45 -0.86 -51.97
N GLY F 496 -38.76 -0.64 -52.00
CA GLY F 496 -39.31 0.68 -52.21
C GLY F 496 -40.01 0.89 -53.52
N THR F 497 -40.21 -0.18 -54.30
CA THR F 497 -40.87 -0.08 -55.59
C THR F 497 -42.36 -0.36 -55.51
N ALA F 498 -42.90 -0.57 -54.30
CA ALA F 498 -44.33 -0.82 -54.17
C ALA F 498 -45.15 0.37 -54.65
N THR F 499 -44.74 1.58 -54.27
CA THR F 499 -45.47 2.78 -54.67
C THR F 499 -45.21 3.15 -56.12
N GLU F 500 -44.08 2.72 -56.69
CA GLU F 500 -43.74 3.08 -58.06
C GLU F 500 -44.82 2.62 -59.02
N GLY F 501 -45.14 3.48 -59.98
CA GLY F 501 -46.10 3.17 -61.02
C GLY F 501 -47.31 4.08 -60.98
N THR F 502 -48.07 4.04 -62.06
CA THR F 502 -49.30 4.82 -62.19
C THR F 502 -50.40 4.23 -61.30
N ALA F 503 -51.38 5.07 -60.99
CA ALA F 503 -52.47 4.68 -60.10
C ALA F 503 -53.77 4.27 -60.78
N PRO F 504 -54.24 3.03 -60.63
CA PRO F 504 -55.56 2.67 -61.14
C PRO F 504 -56.66 3.33 -60.34
N VAL F 505 -57.83 3.47 -60.96
CA VAL F 505 -58.98 4.14 -60.38
C VAL F 505 -60.17 3.19 -60.38
N MET G 1 -14.84 -0.18 60.98
CA MET G 1 -16.24 -0.60 60.97
C MET G 1 -16.34 -2.09 60.68
N THR G 2 -17.43 -2.71 61.13
CA THR G 2 -17.61 -4.16 61.06
C THR G 2 -17.58 -4.67 59.63
N ASN G 3 -17.55 -6.00 59.47
CA ASN G 3 -17.46 -6.75 58.23
C ASN G 3 -16.01 -6.86 57.76
N PHE G 4 -15.04 -6.25 58.45
CA PHE G 4 -13.63 -6.44 58.15
C PHE G 4 -12.81 -6.92 59.34
N LEU G 5 -13.29 -6.74 60.56
CA LEU G 5 -12.52 -7.04 61.77
C LEU G 5 -12.98 -8.31 62.46
N ASN G 6 -13.88 -9.08 61.86
CA ASN G 6 -14.42 -10.26 62.53
C ASN G 6 -13.32 -11.24 62.89
N GLY G 7 -12.40 -11.49 61.96
CA GLY G 7 -11.34 -12.45 62.19
C GLY G 7 -10.04 -11.82 62.67
N VAL G 8 -10.13 -10.88 63.59
CA VAL G 8 -8.95 -10.25 64.19
C VAL G 8 -8.59 -10.88 65.53
N ASN G 9 -9.58 -11.06 66.39
CA ASN G 9 -9.38 -11.76 67.67
C ASN G 9 -9.47 -13.26 67.49
N ILE G 10 -8.66 -13.77 66.54
CA ILE G 10 -8.62 -15.21 66.31
C ILE G 10 -7.16 -15.57 66.01
N GLY G 11 -6.72 -16.77 66.36
CA GLY G 11 -5.33 -17.15 66.16
C GLY G 11 -5.14 -18.37 65.30
N THR G 12 -6.05 -19.33 65.40
CA THR G 12 -5.95 -20.55 64.59
C THR G 12 -6.04 -20.23 63.10
N PRO G 13 -5.20 -20.88 62.30
CA PRO G 13 -5.33 -20.69 60.85
C PRO G 13 -6.54 -21.44 60.28
N GLY G 14 -7.11 -20.95 59.19
CA GLY G 14 -8.24 -21.62 58.58
C GLY G 14 -9.27 -20.68 57.97
N ALA G 15 -10.43 -21.22 57.60
CA ALA G 15 -11.46 -20.40 56.98
C ALA G 15 -12.72 -20.28 57.84
N TYR G 16 -13.31 -19.09 57.96
CA TYR G 16 -14.41 -18.84 58.90
C TYR G 16 -15.45 -17.95 58.24
N ALA G 17 -16.67 -18.02 58.79
CA ALA G 17 -17.81 -17.25 58.32
C ALA G 17 -18.49 -16.44 59.42
N PHE G 18 -18.92 -15.22 59.10
CA PHE G 18 -19.46 -14.34 60.14
C PHE G 18 -20.77 -13.65 59.79
N TYR G 19 -21.49 -14.15 58.79
CA TYR G 19 -22.83 -13.61 58.45
C TYR G 19 -23.03 -12.16 58.04
N GLN G 20 -21.95 -11.40 57.83
CA GLN G 20 -22.03 -9.97 57.45
C GLN G 20 -22.83 -9.05 58.40
N THR G 21 -22.92 -7.76 58.07
CA THR G 21 -23.68 -6.82 58.88
C THR G 21 -23.90 -5.68 57.91
N THR G 22 -23.56 -4.45 58.31
CA THR G 22 -23.78 -3.29 57.47
C THR G 22 -22.52 -2.46 57.39
N GLN G 23 -22.40 -1.68 56.33
CA GLN G 23 -21.21 -0.87 56.16
C GLN G 23 -21.52 0.61 56.14
N SER G 24 -21.10 1.32 57.18
CA SER G 24 -21.28 2.76 57.18
C SER G 24 -20.29 3.33 56.20
N ARG G 25 -20.78 3.78 55.05
CA ARG G 25 -19.90 4.33 54.04
C ARG G 25 -19.32 5.65 54.51
N PRO G 26 -17.98 5.78 54.47
CA PRO G 26 -17.33 7.00 54.92
C PRO G 26 -17.88 8.24 54.23
N ILE G 27 -18.50 9.11 54.99
CA ILE G 27 -19.02 10.35 54.43
C ILE G 27 -17.83 11.19 53.98
N ASN G 28 -17.74 11.43 52.67
CA ASN G 28 -16.61 12.18 52.16
C ASN G 28 -16.65 13.61 52.66
N VAL G 29 -15.49 14.16 52.97
CA VAL G 29 -15.42 15.53 53.46
C VAL G 29 -15.57 16.50 52.29
N GLU G 30 -16.79 16.96 52.04
CA GLU G 30 -17.03 17.89 50.94
C GLU G 30 -18.07 18.99 51.28
N PRO G 31 -18.01 20.23 50.66
CA PRO G 31 -18.99 21.24 51.10
C PRO G 31 -20.45 20.86 50.94
N PHE G 32 -21.29 21.39 51.82
CA PHE G 32 -22.75 21.14 51.76
C PHE G 32 -23.24 19.70 51.83
N ARG G 33 -22.74 18.95 52.81
CA ARG G 33 -23.25 17.61 53.03
C ARG G 33 -23.41 17.50 54.52
N THR G 34 -23.77 18.62 55.16
CA THR G 34 -23.90 18.64 56.60
C THR G 34 -25.08 19.53 56.99
N CYS G 35 -25.71 19.18 58.10
CA CYS G 35 -26.78 19.96 58.69
C CYS G 35 -26.41 20.28 60.14
N TYR G 36 -26.73 21.49 60.58
CA TYR G 36 -26.46 21.94 61.95
C TYR G 36 -27.79 22.31 62.59
N MET G 37 -28.24 21.47 63.51
CA MET G 37 -29.44 21.75 64.29
C MET G 37 -29.04 22.50 65.55
N VAL G 38 -29.77 23.57 65.85
CA VAL G 38 -29.61 24.31 67.10
C VAL G 38 -30.80 23.96 67.99
N GLY G 39 -30.53 23.23 69.07
CA GLY G 39 -31.61 22.78 69.93
C GLY G 39 -31.29 22.99 71.39
N PHE G 40 -32.14 22.47 72.28
CA PHE G 40 -31.94 22.59 73.71
C PHE G 40 -32.14 21.24 74.37
N ALA G 41 -31.35 21.00 75.41
CA ALA G 41 -31.51 19.84 76.28
C ALA G 41 -31.13 20.27 77.70
N SER G 42 -32.03 20.04 78.65
CA SER G 42 -31.80 20.51 80.01
C SER G 42 -30.45 20.05 80.52
N ASN G 43 -30.07 18.81 80.24
CA ASN G 43 -28.74 18.30 80.55
C ASN G 43 -27.78 18.88 79.53
N GLY G 44 -27.21 20.04 79.85
CA GLY G 44 -26.31 20.72 78.93
C GLY G 44 -24.96 20.04 78.85
N VAL G 45 -24.96 18.81 78.35
CA VAL G 45 -23.73 18.01 78.30
C VAL G 45 -22.70 18.68 77.40
N ASN G 46 -23.12 19.16 76.23
CA ASN G 46 -22.24 19.84 75.28
C ASN G 46 -22.72 21.27 75.17
N LYS G 47 -22.21 22.13 76.06
CA LYS G 47 -22.60 23.54 76.09
C LYS G 47 -22.04 24.26 74.87
N ASN G 48 -22.93 24.60 73.93
CA ASN G 48 -22.55 25.41 72.77
C ASN G 48 -21.38 24.80 72.02
N VAL G 49 -21.38 23.48 71.91
CA VAL G 49 -20.33 22.75 71.19
C VAL G 49 -20.98 21.89 70.13
N PRO G 50 -20.82 22.19 68.84
CA PRO G 50 -21.38 21.31 67.81
C PRO G 50 -20.83 19.90 67.94
N THR G 51 -21.74 18.95 68.12
CA THR G 51 -21.38 17.54 68.31
C THR G 51 -22.04 16.71 67.22
N ARG G 52 -21.26 15.86 66.56
CA ARG G 52 -21.81 15.02 65.51
C ARG G 52 -22.70 13.94 66.11
N ILE G 53 -23.86 13.74 65.49
CA ILE G 53 -24.81 12.71 65.88
C ILE G 53 -24.77 11.61 64.82
N SER G 54 -24.68 10.36 65.27
CA SER G 54 -24.65 9.23 64.36
C SER G 54 -26.02 8.62 64.08
N ASN G 55 -26.97 8.78 64.99
CA ASN G 55 -28.31 8.23 64.81
C ASN G 55 -29.19 8.74 65.94
N LEU G 56 -30.49 8.44 65.83
CA LEU G 56 -31.44 8.89 66.84
C LEU G 56 -31.13 8.27 68.20
N THR G 57 -30.71 7.01 68.22
CA THR G 57 -30.35 6.39 69.49
C THR G 57 -29.18 7.12 70.14
N ASP G 58 -28.16 7.47 69.35
CA ASP G 58 -27.04 8.22 69.91
C ASP G 58 -27.48 9.59 70.42
N PHE G 59 -28.35 10.26 69.67
CA PHE G 59 -28.85 11.55 70.12
C PHE G 59 -29.56 11.42 71.47
N THR G 60 -30.47 10.44 71.57
CA THR G 60 -31.20 10.25 72.81
C THR G 60 -30.27 9.91 73.96
N ASN G 61 -29.28 9.06 73.71
CA ASN G 61 -28.34 8.67 74.77
C ASN G 61 -27.56 9.88 75.26
N VAL G 62 -27.05 10.69 74.34
CA VAL G 62 -26.18 11.79 74.74
C VAL G 62 -26.97 12.92 75.39
N TYR G 63 -28.07 13.34 74.74
CA TYR G 63 -28.81 14.52 75.17
C TYR G 63 -30.12 14.19 75.86
N GLY G 64 -30.47 12.91 76.00
CA GLY G 64 -31.69 12.56 76.72
C GLY G 64 -32.91 13.16 76.05
N THR G 65 -33.69 13.90 76.83
CA THR G 65 -34.94 14.47 76.34
C THR G 65 -34.68 15.82 75.65
N SER G 66 -35.41 16.05 74.57
CA SER G 66 -35.34 17.31 73.84
C SER G 66 -36.46 17.34 72.81
N ALA G 67 -37.04 18.52 72.59
CA ALA G 67 -38.08 18.66 71.60
C ALA G 67 -37.56 18.47 70.18
N SER G 68 -36.24 18.43 69.99
CA SER G 68 -35.63 18.22 68.68
C SER G 68 -35.52 16.75 68.31
N THR G 69 -35.97 15.84 69.17
CA THR G 69 -35.84 14.42 68.87
C THR G 69 -36.61 14.05 67.60
N ASN G 70 -37.82 14.57 67.44
CA ASN G 70 -38.60 14.27 66.24
C ASN G 70 -37.91 14.82 65.00
N SER G 71 -37.34 16.03 65.10
CA SER G 71 -36.61 16.60 63.97
C SER G 71 -35.41 15.75 63.60
N VAL G 72 -34.68 15.26 64.60
CA VAL G 72 -33.53 14.40 64.34
C VAL G 72 -33.99 13.11 63.66
N ASP G 73 -35.08 12.52 64.14
CA ASP G 73 -35.60 11.30 63.53
C ASP G 73 -35.96 11.55 62.06
N LEU G 74 -36.65 12.64 61.78
CA LEU G 74 -37.00 12.96 60.40
C LEU G 74 -35.76 13.16 59.55
N PHE G 75 -34.76 13.88 60.08
CA PHE G 75 -33.54 14.13 59.32
C PHE G 75 -32.88 12.81 58.94
N PHE G 76 -32.72 11.90 59.91
CA PHE G 76 -32.05 10.64 59.60
C PHE G 76 -32.88 9.79 58.65
N LYS G 77 -34.20 9.74 58.84
CA LYS G 77 -35.05 9.00 57.93
C LYS G 77 -34.87 9.49 56.50
N ASN G 78 -34.85 10.81 56.30
CA ASN G 78 -34.80 11.37 54.96
C ASN G 78 -33.40 11.36 54.36
N SER G 79 -32.36 11.42 55.19
CA SER G 79 -30.99 11.37 54.67
C SER G 79 -30.55 9.95 54.36
N GLN G 80 -31.10 8.96 55.05
CA GLN G 80 -30.80 7.55 54.75
C GLN G 80 -29.31 7.25 54.89
N GLY G 81 -28.68 7.85 55.90
CA GLY G 81 -27.28 7.59 56.18
C GLY G 81 -26.30 8.49 55.45
N PHE G 82 -26.74 9.22 54.42
CA PHE G 82 -25.88 10.20 53.79
C PHE G 82 -25.90 11.51 54.58
N GLY G 83 -24.84 12.29 54.40
CA GLY G 83 -24.74 13.56 55.08
C GLY G 83 -24.54 13.40 56.57
N ASN G 84 -24.07 14.47 57.22
CA ASN G 84 -23.82 14.47 58.66
C ASN G 84 -24.78 15.42 59.36
N LEU G 85 -25.10 15.10 60.61
CA LEU G 85 -25.88 15.96 61.46
C LEU G 85 -25.03 16.37 62.66
N TYR G 86 -24.99 17.67 62.93
CA TYR G 86 -24.37 18.21 64.13
C TYR G 86 -25.45 18.85 64.98
N PHE G 87 -25.41 18.62 66.29
CA PHE G 87 -26.32 19.22 67.23
C PHE G 87 -25.57 20.23 68.08
N VAL G 88 -26.19 21.39 68.29
CA VAL G 88 -25.63 22.45 69.13
C VAL G 88 -26.64 22.71 70.24
N ASN G 89 -26.24 22.40 71.47
CA ASN G 89 -27.11 22.53 72.63
C ASN G 89 -27.03 23.94 73.20
N VAL G 90 -28.16 24.56 73.46
CA VAL G 90 -28.14 25.96 73.93
C VAL G 90 -27.79 26.07 75.40
N ALA G 91 -26.69 26.76 75.67
CA ALA G 91 -26.23 27.00 77.02
C ALA G 91 -26.92 28.18 77.64
N ILE G 92 -27.44 28.00 78.85
CA ILE G 92 -28.06 29.10 79.55
C ILE G 92 -26.97 29.77 80.42
N PRO G 93 -26.84 31.14 80.42
CA PRO G 93 -25.76 31.65 81.27
C PRO G 93 -26.00 31.30 82.73
N THR G 94 -24.93 30.91 83.40
CA THR G 94 -25.01 30.65 84.84
C THR G 94 -25.37 31.94 85.56
N ARG G 95 -25.90 31.82 86.77
CA ARG G 95 -26.24 32.98 87.58
C ARG G 95 -25.97 32.66 89.03
N TYR G 96 -25.45 33.63 89.77
CA TYR G 96 -25.17 33.48 91.18
C TYR G 96 -25.75 34.66 91.92
N GLN G 97 -26.55 34.39 92.94
CA GLN G 97 -27.17 35.44 93.74
C GLN G 97 -26.51 35.51 95.10
N ILE G 98 -26.01 36.69 95.45
CA ILE G 98 -25.34 36.94 96.73
C ILE G 98 -26.22 37.86 97.56
N VAL G 99 -26.63 37.39 98.73
CA VAL G 99 -27.46 38.16 99.65
C VAL G 99 -26.56 38.65 100.77
N VAL G 100 -26.63 39.95 101.05
CA VAL G 100 -25.84 40.58 102.11
C VAL G 100 -26.76 40.68 103.32
N THR G 101 -26.64 39.72 104.24
CA THR G 101 -27.55 39.65 105.37
C THR G 101 -27.39 40.86 106.29
N ALA G 102 -26.16 41.18 106.67
CA ALA G 102 -25.90 42.22 107.66
C ALA G 102 -24.67 43.00 107.25
N ALA G 103 -24.51 44.17 107.87
CA ALA G 103 -23.39 45.07 107.60
C ALA G 103 -22.24 44.90 108.60
N THR G 104 -22.03 43.68 109.09
CA THR G 104 -20.97 43.43 110.05
C THR G 104 -19.62 43.88 109.48
N ALA G 105 -18.90 44.66 110.27
CA ALA G 105 -17.60 45.17 109.83
C ALA G 105 -16.57 44.05 109.86
N GLY G 106 -15.72 44.01 108.84
CA GLY G 106 -14.69 43.02 108.75
C GLY G 106 -14.21 42.88 107.32
N SER G 107 -13.42 41.82 107.09
CA SER G 107 -12.85 41.52 105.79
C SER G 107 -13.48 40.24 105.24
N TYR G 108 -13.89 40.29 103.97
CA TYR G 108 -14.53 39.16 103.32
C TYR G 108 -14.01 39.08 101.89
N SER G 109 -14.39 38.03 101.17
CA SER G 109 -13.90 37.80 99.83
C SER G 109 -15.01 37.31 98.91
N VAL G 110 -15.02 37.82 97.69
CA VAL G 110 -15.92 37.36 96.64
C VAL G 110 -15.07 36.91 95.46
N THR G 111 -15.15 35.64 95.11
CA THR G 111 -14.32 35.06 94.07
C THR G 111 -15.17 34.68 92.87
N VAL G 112 -14.80 35.18 91.69
CA VAL G 112 -15.48 34.88 90.44
C VAL G 112 -14.44 34.43 89.43
N ASN G 113 -14.65 33.24 88.86
CA ASN G 113 -13.76 32.69 87.84
C ASN G 113 -12.31 32.66 88.33
N GLY G 114 -12.13 32.37 89.62
CA GLY G 114 -10.80 32.28 90.20
C GLY G 114 -10.18 33.61 90.57
N VAL G 115 -10.85 34.72 90.32
CA VAL G 115 -10.38 36.04 90.68
C VAL G 115 -11.04 36.44 91.98
N THR G 116 -10.25 36.63 93.04
CA THR G 116 -10.76 36.98 94.35
C THR G 116 -10.77 38.50 94.52
N LYS G 117 -11.79 39.00 95.21
CA LYS G 117 -11.97 40.42 95.43
C LYS G 117 -12.20 40.65 96.91
N ALA G 118 -11.38 41.50 97.51
CA ALA G 118 -11.52 41.83 98.92
C ALA G 118 -12.72 42.75 99.15
N ILE G 119 -13.35 42.60 100.31
CA ILE G 119 -14.51 43.39 100.69
C ILE G 119 -14.31 43.78 102.15
N THR G 120 -13.89 45.02 102.40
CA THR G 120 -13.72 45.53 103.75
C THR G 120 -14.98 46.28 104.15
N VAL G 121 -15.57 45.88 105.27
CA VAL G 121 -16.82 46.46 105.77
C VAL G 121 -16.49 47.26 107.01
N VAL G 122 -16.92 48.52 107.03
CA VAL G 122 -16.62 49.44 108.12
C VAL G 122 -17.90 49.75 108.88
N GLY G 123 -17.76 50.42 110.01
CA GLY G 123 -18.91 50.81 110.79
C GLY G 123 -19.76 51.83 110.05
N GLY G 124 -21.06 51.79 110.33
CA GLY G 124 -22.01 52.65 109.68
C GLY G 124 -22.44 52.19 108.30
N ALA G 125 -21.96 51.04 107.85
CA ALA G 125 -22.32 50.52 106.54
C ALA G 125 -23.70 49.88 106.58
N THR G 126 -24.27 49.68 105.40
CA THR G 126 -25.55 49.02 105.22
C THR G 126 -25.40 47.91 104.21
N THR G 127 -26.32 46.94 104.27
CA THR G 127 -26.30 45.85 103.30
C THR G 127 -26.46 46.39 101.88
N THR G 128 -27.26 47.45 101.70
CA THR G 128 -27.37 48.06 100.39
C THR G 128 -26.04 48.64 99.92
N THR G 129 -25.32 49.31 100.81
CA THR G 129 -24.02 49.85 100.46
C THR G 129 -23.05 48.74 100.12
N ILE G 130 -23.11 47.63 100.85
CA ILE G 130 -22.21 46.50 100.58
C ILE G 130 -22.53 45.89 99.22
N ALA G 131 -23.81 45.76 98.89
CA ALA G 131 -24.19 45.26 97.57
C ALA G 131 -23.70 46.20 96.48
N ALA G 132 -23.82 47.51 96.70
CA ALA G 132 -23.31 48.48 95.75
C ALA G 132 -21.80 48.33 95.58
N ASP G 133 -21.09 48.12 96.68
CA ASP G 133 -19.63 47.93 96.61
C ASP G 133 -19.29 46.69 95.80
N VAL G 134 -20.00 45.59 96.04
CA VAL G 134 -19.75 44.36 95.27
C VAL G 134 -20.01 44.59 93.80
N ILE G 135 -21.13 45.25 93.47
CA ILE G 135 -21.45 45.51 92.08
C ILE G 135 -20.38 46.36 91.43
N SER G 136 -19.96 47.43 92.12
CA SER G 136 -18.93 48.30 91.57
C SER G 136 -17.63 47.55 91.33
N ALA G 137 -17.20 46.75 92.32
CA ALA G 137 -15.95 46.03 92.17
C ALA G 137 -16.00 45.08 90.97
N ILE G 138 -17.07 44.26 90.91
CA ILE G 138 -17.15 43.26 89.85
C ILE G 138 -17.25 43.93 88.48
N ASN G 139 -18.06 44.99 88.36
CA ASN G 139 -18.25 45.63 87.08
C ASN G 139 -17.07 46.50 86.66
N ASN G 140 -16.24 46.94 87.61
CA ASN G 140 -15.08 47.75 87.27
C ASN G 140 -13.82 46.93 87.04
N ASP G 141 -13.76 45.71 87.58
CA ASP G 141 -12.63 44.84 87.28
C ASP G 141 -12.56 44.60 85.78
N THR G 142 -11.38 44.84 85.20
CA THR G 142 -11.23 44.70 83.76
C THR G 142 -11.47 43.26 83.31
N VAL G 143 -10.95 42.29 84.04
CA VAL G 143 -11.09 40.89 83.67
C VAL G 143 -12.52 40.40 83.86
N LEU G 144 -13.11 40.68 85.02
CA LEU G 144 -14.41 40.09 85.35
C LEU G 144 -15.52 40.67 84.48
N ASN G 145 -15.58 41.99 84.33
CA ASN G 145 -16.71 42.61 83.64
C ASN G 145 -16.88 42.05 82.23
N LYS G 146 -15.80 41.54 81.63
CA LYS G 146 -15.91 40.94 80.31
C LYS G 146 -16.57 39.57 80.37
N GLU G 147 -16.44 38.88 81.51
CA GLU G 147 -16.97 37.51 81.61
C GLU G 147 -18.36 37.48 82.23
N VAL G 148 -18.66 38.40 83.15
CA VAL G 148 -19.89 38.39 83.90
C VAL G 148 -20.43 39.81 84.01
N LEU G 149 -21.67 39.91 84.47
CA LEU G 149 -22.32 41.19 84.73
C LEU G 149 -22.94 41.15 86.13
N ALA G 150 -22.68 42.18 86.92
CA ALA G 150 -23.22 42.31 88.27
C ALA G 150 -24.35 43.33 88.26
N THR G 151 -25.49 42.95 88.82
CA THR G 151 -26.67 43.80 88.85
C THR G 151 -27.36 43.68 90.19
N VAL G 152 -28.35 44.53 90.41
CA VAL G 152 -29.13 44.49 91.64
C VAL G 152 -30.17 43.37 91.56
N GLY G 153 -30.40 42.71 92.67
CA GLY G 153 -31.37 41.64 92.77
C GLY G 153 -32.75 42.15 93.11
N GLY G 154 -33.56 41.29 93.74
CA GLY G 154 -34.88 41.68 94.15
C GLY G 154 -34.90 42.67 95.30
N THR G 155 -33.82 42.74 96.07
CA THR G 155 -33.69 43.69 97.17
C THR G 155 -32.41 44.48 97.00
N SER G 156 -32.36 45.64 97.67
CA SER G 156 -31.15 46.46 97.62
C SER G 156 -29.95 45.75 98.23
N SER G 157 -30.18 44.70 99.02
CA SER G 157 -29.11 43.92 99.65
C SER G 157 -28.88 42.61 98.92
N THR G 158 -29.08 42.58 97.60
CA THR G 158 -28.90 41.38 96.81
C THR G 158 -28.22 41.73 95.50
N VAL G 159 -27.30 40.86 95.09
CA VAL G 159 -26.51 41.05 93.88
C VAL G 159 -26.68 39.82 93.00
N VAL G 160 -26.82 40.04 91.69
CA VAL G 160 -26.98 38.96 90.72
C VAL G 160 -25.79 39.03 89.77
N ILE G 161 -25.04 37.93 89.67
CA ILE G 161 -23.91 37.80 88.77
C ILE G 161 -24.33 36.87 87.65
N THR G 162 -24.38 37.39 86.43
CA THR G 162 -24.80 36.63 85.26
C THR G 162 -23.60 36.36 84.37
N SER G 163 -23.44 35.10 83.96
CA SER G 163 -22.34 34.75 83.07
C SER G 163 -22.55 35.37 81.70
N LYS G 164 -21.54 36.07 81.21
CA LYS G 164 -21.60 36.70 79.91
C LYS G 164 -21.04 35.82 78.79
N LYS G 165 -20.49 34.66 79.13
CA LYS G 165 -19.97 33.70 78.15
C LYS G 165 -20.55 32.34 78.48
N PRO G 166 -21.79 32.06 78.04
CA PRO G 166 -22.41 30.78 78.40
C PRO G 166 -21.62 29.57 77.96
N THR G 167 -20.81 29.69 76.91
CA THR G 167 -20.01 28.55 76.46
C THR G 167 -19.07 28.07 77.55
N ASN G 168 -18.42 28.99 78.26
CA ASN G 168 -17.47 28.66 79.30
C ASN G 168 -18.15 28.66 80.65
N THR G 169 -17.76 27.74 81.51
CA THR G 169 -18.33 27.65 82.85
C THR G 169 -17.96 28.87 83.68
N THR G 170 -18.88 29.31 84.52
CA THR G 170 -18.66 30.43 85.42
C THR G 170 -18.66 29.90 86.86
N THR G 171 -17.56 30.16 87.57
CA THR G 171 -17.37 29.67 88.92
C THR G 171 -17.42 30.82 89.92
N ALA G 172 -18.08 30.57 91.06
CA ALA G 172 -18.24 31.60 92.08
C ALA G 172 -18.04 30.98 93.46
N ALA G 173 -17.57 31.82 94.38
CA ALA G 173 -17.39 31.41 95.77
C ALA G 173 -17.34 32.66 96.64
N VAL G 174 -17.58 32.48 97.93
CA VAL G 174 -17.55 33.57 98.89
C VAL G 174 -16.85 33.12 100.16
N THR G 175 -16.28 34.09 100.86
CA THR G 175 -15.71 33.91 102.19
C THR G 175 -16.25 35.02 103.07
N GLY G 176 -17.11 34.66 104.02
CA GLY G 176 -17.79 35.64 104.86
C GLY G 176 -19.18 35.18 105.24
N VAL G 177 -19.52 35.30 106.53
CA VAL G 177 -20.82 34.82 106.98
C VAL G 177 -21.94 35.68 106.43
N ILE G 178 -21.71 36.99 106.30
CA ILE G 178 -22.77 37.90 105.89
C ILE G 178 -23.20 37.62 104.45
N PHE G 179 -22.37 36.93 103.67
CA PHE G 179 -22.69 36.64 102.28
C PHE G 179 -23.39 35.28 102.18
N THR G 180 -24.53 35.26 101.50
CA THR G 180 -25.25 34.02 101.21
C THR G 180 -25.23 33.80 99.71
N LEU G 181 -24.71 32.66 99.27
CA LEU G 181 -24.52 32.36 97.86
C LEU G 181 -25.56 31.35 97.39
N THR G 182 -26.21 31.65 96.27
CA THR G 182 -27.19 30.76 95.66
C THR G 182 -26.84 30.57 94.20
N THR G 183 -26.97 29.34 93.71
CA THR G 183 -26.59 28.97 92.35
C THR G 183 -27.86 28.84 91.51
N THR G 184 -28.23 29.92 90.82
CA THR G 184 -29.43 29.97 90.02
C THR G 184 -29.08 29.87 88.54
N THR G 185 -30.01 29.33 87.76
CA THR G 185 -29.87 29.30 86.31
C THR G 185 -31.21 28.89 85.72
N GLY G 186 -31.68 29.65 84.74
CA GLY G 186 -32.95 29.31 84.11
C GLY G 186 -32.90 27.91 83.53
N THR G 187 -33.93 27.11 83.84
CA THR G 187 -34.03 25.76 83.32
C THR G 187 -34.52 25.73 81.88
N SER G 188 -34.93 26.87 81.33
CA SER G 188 -35.36 26.97 79.95
C SER G 188 -34.53 28.02 79.23
N PRO G 189 -34.21 27.81 77.96
CA PRO G 189 -33.40 28.79 77.24
C PRO G 189 -34.22 29.98 76.78
N SER G 190 -33.52 31.05 76.43
CA SER G 190 -34.14 32.27 75.95
C SER G 190 -33.70 32.58 74.52
N VAL G 191 -34.45 33.46 73.87
CA VAL G 191 -34.11 33.84 72.51
C VAL G 191 -32.73 34.49 72.47
N ALA G 192 -32.36 35.24 73.52
CA ALA G 192 -31.02 35.80 73.59
C ALA G 192 -29.97 34.70 73.63
N ASP G 193 -30.23 33.63 74.38
CA ASP G 193 -29.30 32.52 74.43
C ASP G 193 -29.18 31.86 73.06
N TYR G 194 -30.30 31.66 72.36
CA TYR G 194 -30.25 31.10 71.02
C TYR G 194 -29.45 32.00 70.08
N VAL G 195 -29.66 33.32 70.17
CA VAL G 195 -28.94 34.25 69.30
C VAL G 195 -27.45 34.18 69.58
N TYR G 196 -27.05 34.15 70.85
CA TYR G 196 -25.64 34.05 71.19
C TYR G 196 -25.04 32.76 70.66
N THR G 197 -25.74 31.64 70.86
CA THR G 197 -25.24 30.35 70.36
C THR G 197 -25.07 30.39 68.85
N ILE G 198 -26.03 30.99 68.14
CA ILE G 198 -25.94 31.05 66.68
C ILE G 198 -24.76 31.93 66.26
N ASN G 199 -24.57 33.07 66.93
CA ASN G 199 -23.58 34.05 66.49
C ASN G 199 -22.17 33.76 66.96
N ASN G 200 -21.96 32.85 67.93
CA ASN G 200 -20.65 32.67 68.53
C ASN G 200 -20.23 31.22 68.70
N THR G 201 -20.93 30.27 68.11
CA THR G 201 -20.63 28.85 68.33
C THR G 201 -20.01 28.17 67.12
N PHE G 202 -20.22 28.70 65.91
CA PHE G 202 -19.75 28.05 64.69
C PHE G 202 -18.40 28.60 64.26
N ASP G 203 -17.47 27.70 63.97
CA ASP G 203 -16.17 28.07 63.44
C ASP G 203 -16.13 27.95 61.93
N PRO G 204 -15.47 28.86 61.21
CA PRO G 204 -15.40 28.71 59.74
C PRO G 204 -14.75 27.41 59.31
N ALA G 205 -13.89 26.82 60.15
CA ALA G 205 -13.29 25.54 59.81
C ALA G 205 -14.32 24.43 59.73
N LEU G 206 -15.52 24.64 60.28
CA LEU G 206 -16.57 23.64 60.18
C LEU G 206 -16.99 23.44 58.74
N GLU G 207 -17.46 22.24 58.44
CA GLU G 207 -17.96 21.94 57.11
C GLU G 207 -19.21 22.78 56.82
N ALA G 208 -19.27 23.34 55.62
CA ALA G 208 -20.43 24.13 55.24
C ALA G 208 -21.66 23.24 55.08
N GLY G 209 -22.83 23.84 55.22
CA GLY G 209 -24.06 23.10 55.10
C GLY G 209 -25.24 23.92 55.56
N PHE G 210 -26.35 23.21 55.77
CA PHE G 210 -27.59 23.85 56.20
C PHE G 210 -27.58 24.10 57.69
N VAL G 211 -28.35 25.11 58.11
CA VAL G 211 -28.52 25.45 59.52
C VAL G 211 -30.02 25.52 59.80
N ILE G 212 -30.45 24.88 60.90
CA ILE G 212 -31.87 24.81 61.23
C ILE G 212 -32.06 24.98 62.72
N ALA G 213 -33.14 25.65 63.11
CA ALA G 213 -33.56 25.81 64.50
C ALA G 213 -35.04 25.48 64.64
N PRO G 214 -35.43 24.24 64.30
CA PRO G 214 -36.86 23.89 64.36
C PRO G 214 -37.47 24.07 65.73
N GLU G 215 -36.74 23.71 66.79
CA GLU G 215 -37.26 23.87 68.14
C GLU G 215 -37.55 25.33 68.45
N ALA G 216 -36.59 26.21 68.13
CA ALA G 216 -36.77 27.63 68.39
C ALA G 216 -37.95 28.19 67.61
N PHE G 217 -38.06 27.83 66.32
CA PHE G 217 -39.16 28.36 65.53
C PHE G 217 -40.51 27.81 65.98
N SER G 218 -40.55 26.58 66.47
CA SER G 218 -41.82 26.02 66.92
C SER G 218 -42.23 26.57 68.29
N THR G 219 -41.25 26.96 69.12
CA THR G 219 -41.54 27.37 70.49
C THR G 219 -41.71 28.88 70.66
N PHE G 220 -40.97 29.69 69.92
CA PHE G 220 -40.87 31.11 70.23
C PHE G 220 -42.00 31.91 69.56
N THR G 221 -42.17 33.14 70.02
CA THR G 221 -43.21 34.04 69.53
C THR G 221 -42.74 34.75 68.26
N LYS G 222 -43.52 35.71 67.79
CA LYS G 222 -43.22 36.37 66.52
C LYS G 222 -41.90 37.13 66.58
N SER G 223 -41.75 38.00 67.58
CA SER G 223 -40.55 38.82 67.67
C SER G 223 -39.31 37.96 67.91
N ASP G 224 -39.43 36.95 68.76
CA ASP G 224 -38.30 36.07 69.02
C ASP G 224 -37.91 35.29 67.77
N ARG G 225 -38.91 34.83 67.01
CA ARG G 225 -38.61 34.15 65.74
C ARG G 225 -37.94 35.10 64.76
N LEU G 226 -38.37 36.36 64.73
CA LEU G 226 -37.71 37.34 63.87
C LEU G 226 -36.26 37.54 64.29
N SER G 227 -36.01 37.60 65.59
CA SER G 227 -34.63 37.74 66.08
C SER G 227 -33.78 36.54 65.66
N ILE G 228 -34.34 35.33 65.79
CA ILE G 228 -33.60 34.14 65.41
C ILE G 228 -33.32 34.14 63.91
N GLN G 229 -34.31 34.57 63.12
CA GLN G 229 -34.11 34.65 61.68
C GLN G 229 -33.02 35.66 61.33
N VAL G 230 -33.00 36.80 62.02
CA VAL G 230 -31.95 37.79 61.79
C VAL G 230 -30.59 37.19 62.12
N ALA G 231 -30.50 36.47 63.24
CA ALA G 231 -29.24 35.84 63.61
C ALA G 231 -28.78 34.84 62.54
N LEU G 232 -29.71 34.02 62.05
CA LEU G 232 -29.36 33.03 61.04
C LEU G 232 -28.92 33.71 59.75
N GLU G 233 -29.62 34.78 59.36
CA GLU G 233 -29.26 35.51 58.15
C GLU G 233 -27.86 36.08 58.27
N ASN G 234 -27.56 36.74 59.40
CA ASN G 234 -26.23 37.30 59.60
C ASN G 234 -25.17 36.21 59.58
N LEU G 235 -25.42 35.10 60.26
CA LEU G 235 -24.47 33.99 60.25
C LEU G 235 -24.20 33.53 58.83
N CYS G 236 -25.24 33.11 58.11
CA CYS G 236 -25.04 32.50 56.81
C CYS G 236 -24.44 33.48 55.82
N SER G 237 -24.91 34.73 55.80
CA SER G 237 -24.41 35.72 54.87
C SER G 237 -23.07 36.30 55.30
N ALA G 238 -22.58 35.97 56.48
CA ALA G 238 -21.28 36.44 56.92
C ALA G 238 -20.22 36.04 55.90
N TYR G 239 -19.26 36.95 55.68
CA TYR G 239 -18.17 36.68 54.75
C TYR G 239 -17.36 35.44 55.12
N ARG G 240 -17.41 35.01 56.39
CA ARG G 240 -16.67 33.84 56.82
C ARG G 240 -17.33 32.53 56.39
N TYR G 241 -18.66 32.46 56.42
CA TYR G 241 -19.36 31.18 56.28
C TYR G 241 -19.92 30.96 54.88
N GLN G 242 -20.80 31.84 54.41
CA GLN G 242 -21.55 31.62 53.18
C GLN G 242 -22.25 30.26 53.20
N TRP G 243 -23.14 30.10 54.18
CA TRP G 243 -23.94 28.90 54.38
C TRP G 243 -25.38 29.16 53.96
N ALA G 244 -26.24 28.17 54.19
CA ALA G 244 -27.66 28.26 53.90
C ALA G 244 -28.47 27.91 55.13
N ALA G 245 -29.58 28.62 55.32
CA ALA G 245 -30.47 28.42 56.46
C ALA G 245 -31.86 28.05 55.97
N LEU G 246 -32.50 27.11 56.67
CA LEU G 246 -33.85 26.65 56.34
C LEU G 246 -34.78 27.11 57.45
N ILE G 247 -35.49 28.21 57.21
CA ILE G 247 -36.41 28.78 58.18
C ILE G 247 -37.72 28.00 58.15
N ASP G 248 -38.28 27.76 59.33
CA ASP G 248 -39.57 27.10 59.48
C ASP G 248 -40.58 28.10 60.01
N SER G 249 -41.83 27.95 59.57
CA SER G 249 -42.90 28.78 60.09
C SER G 249 -43.07 28.52 61.59
N GLY G 250 -43.73 29.45 62.27
CA GLY G 250 -44.04 29.28 63.67
C GLY G 250 -44.99 28.11 63.87
N ALA G 251 -45.47 27.94 65.10
CA ALA G 251 -46.44 26.88 65.35
C ALA G 251 -47.69 27.11 64.52
N MET G 252 -48.32 26.02 64.09
CA MET G 252 -49.47 26.12 63.22
C MET G 252 -50.65 26.84 63.88
N SER G 253 -50.82 26.66 65.19
CA SER G 253 -51.90 27.37 65.88
C SER G 253 -51.85 28.86 65.59
N GLU G 254 -50.65 29.43 65.51
CA GLU G 254 -50.49 30.81 65.09
C GLU G 254 -50.55 30.92 63.57
N ILE G 255 -49.61 30.28 62.88
CA ILE G 255 -49.57 30.33 61.40
C ILE G 255 -50.42 29.15 60.93
N SER G 256 -51.73 29.36 60.93
CA SER G 256 -52.70 28.36 60.52
C SER G 256 -53.07 28.44 59.04
N ASN G 257 -52.56 29.42 58.30
CA ASN G 257 -52.92 29.57 56.90
C ASN G 257 -51.75 30.13 56.11
N THR G 258 -51.83 29.93 54.79
CA THR G 258 -50.77 30.39 53.89
C THR G 258 -50.65 31.91 53.88
N ASP G 259 -51.73 32.64 54.15
CA ASP G 259 -51.63 34.09 54.22
C ASP G 259 -50.79 34.54 55.41
N ARG G 260 -51.01 33.92 56.58
CA ARG G 260 -50.17 34.20 57.73
C ARG G 260 -48.72 33.79 57.45
N ALA G 261 -48.53 32.65 56.78
CA ALA G 261 -47.19 32.26 56.38
C ALA G 261 -46.55 33.30 55.48
N ILE G 262 -47.32 33.86 54.54
CA ILE G 262 -46.81 34.88 53.63
C ILE G 262 -46.41 36.13 54.40
N ALA G 263 -47.23 36.52 55.38
CA ALA G 263 -46.90 37.69 56.19
C ALA G 263 -45.60 37.47 56.95
N GLU G 264 -45.44 36.29 57.55
CA GLU G 264 -44.20 35.98 58.26
C GLU G 264 -43.01 36.02 57.33
N ALA G 265 -43.14 35.41 56.14
CA ALA G 265 -42.04 35.42 55.17
C ALA G 265 -41.71 36.84 54.73
N ALA G 266 -42.74 37.68 54.52
CA ALA G 266 -42.51 39.05 54.11
C ALA G 266 -41.74 39.80 55.19
N THR G 267 -42.08 39.58 56.46
CA THR G 267 -41.29 40.18 57.54
C THR G 267 -39.85 39.68 57.48
N TYR G 268 -39.66 38.38 57.24
CA TYR G 268 -38.32 37.85 57.10
C TYR G 268 -37.63 38.42 55.86
N ASN G 269 -36.33 38.68 55.99
CA ASN G 269 -35.54 39.30 54.93
C ASN G 269 -34.21 38.57 54.75
N SER G 270 -33.82 38.39 53.49
CA SER G 270 -32.53 37.78 53.16
C SER G 270 -32.09 38.34 51.81
N VAL G 271 -31.17 39.31 51.84
CA VAL G 271 -30.80 40.03 50.63
C VAL G 271 -30.20 39.09 49.60
N GLN G 272 -29.25 38.25 50.02
CA GLN G 272 -28.58 37.32 49.13
C GLN G 272 -29.30 35.98 49.04
N GLY G 273 -30.45 35.84 49.68
CA GLY G 273 -31.21 34.60 49.62
C GLY G 273 -30.54 33.45 50.32
N HIS G 274 -29.86 33.71 51.43
CA HIS G 274 -29.25 32.63 52.20
C HIS G 274 -30.28 31.87 53.03
N CYS G 275 -31.43 32.47 53.31
CA CYS G 275 -32.49 31.84 54.09
C CYS G 275 -33.63 31.44 53.16
N SER G 276 -34.15 30.22 53.36
CA SER G 276 -35.27 29.71 52.57
C SER G 276 -36.37 29.28 53.52
N TYR G 277 -37.57 29.82 53.32
CA TYR G 277 -38.70 29.58 54.23
C TYR G 277 -39.61 28.44 53.85
N TYR G 278 -40.06 27.68 54.85
CA TYR G 278 -40.98 26.57 54.60
C TYR G 278 -42.15 26.74 55.56
N TYR G 279 -43.28 26.14 55.24
CA TYR G 279 -44.47 26.34 56.09
C TYR G 279 -45.20 25.10 56.61
N PRO G 280 -45.74 24.22 55.72
CA PRO G 280 -46.54 23.12 56.28
C PRO G 280 -45.76 22.22 57.22
N TYR G 281 -46.25 22.09 58.45
CA TYR G 281 -45.59 21.22 59.42
C TYR G 281 -45.84 19.78 59.02
N LEU G 282 -44.95 18.90 59.44
CA LEU G 282 -45.06 17.52 59.02
C LEU G 282 -45.58 16.59 60.10
N ILE G 283 -46.77 16.04 59.89
CA ILE G 283 -47.28 15.07 60.84
C ILE G 283 -46.48 13.78 60.69
N ASN G 284 -45.74 13.40 61.74
CA ASN G 284 -44.93 12.19 61.68
C ASN G 284 -45.82 10.96 61.90
N LEU G 285 -45.19 9.79 61.95
CA LEU G 285 -45.92 8.55 62.09
C LEU G 285 -46.65 8.45 63.42
N ASP G 286 -46.24 9.24 64.42
CA ASP G 286 -46.86 9.23 65.74
C ASP G 286 -47.97 10.27 65.87
N ASP G 287 -48.28 10.98 64.79
CA ASP G 287 -49.28 12.06 64.80
C ASP G 287 -48.77 13.30 65.55
N GLN G 288 -47.46 13.52 65.53
CA GLN G 288 -46.85 14.69 66.13
C GLN G 288 -46.43 15.66 65.04
N GLN G 289 -46.68 16.95 65.27
CA GLN G 289 -46.28 17.97 64.30
C GLN G 289 -44.80 18.30 64.46
N VAL G 290 -44.11 18.40 63.33
CA VAL G 290 -42.68 18.68 63.31
C VAL G 290 -42.39 19.75 62.27
N PRO G 291 -41.51 20.70 62.54
CA PRO G 291 -41.08 21.62 61.48
C PRO G 291 -40.43 20.87 60.34
N PRO G 292 -40.62 21.32 59.09
CA PRO G 292 -40.12 20.53 57.95
C PRO G 292 -38.63 20.67 57.68
N SER G 293 -37.96 21.63 58.31
CA SER G 293 -36.58 21.95 57.92
C SER G 293 -35.67 20.73 58.00
N ALA G 294 -35.84 19.90 59.03
CA ALA G 294 -34.97 18.74 59.19
C ALA G 294 -35.15 17.76 58.04
N ALA G 295 -36.40 17.44 57.69
CA ALA G 295 -36.67 16.55 56.58
C ALA G 295 -36.15 17.14 55.27
N VAL G 296 -36.35 18.45 55.09
CA VAL G 296 -35.91 19.12 53.88
C VAL G 296 -34.39 19.00 53.75
N ALA G 297 -33.68 19.23 54.85
CA ALA G 297 -32.23 19.15 54.82
C ALA G 297 -31.75 17.74 54.51
N GLY G 298 -32.37 16.74 55.15
CA GLY G 298 -32.00 15.37 54.89
C GLY G 298 -32.19 14.99 53.44
N MET G 299 -33.36 15.36 52.90
CA MET G 299 -33.64 15.07 51.50
C MET G 299 -32.68 15.83 50.58
N ALA G 300 -32.29 17.05 51.00
CA ALA G 300 -31.35 17.84 50.21
C ALA G 300 -30.00 17.14 50.12
N LEU G 301 -29.52 16.62 51.25
CA LEU G 301 -28.24 15.91 51.23
C LEU G 301 -28.33 14.64 50.39
N TYR G 302 -29.44 13.90 50.53
CA TYR G 302 -29.61 12.70 49.72
C TYR G 302 -29.62 13.04 48.24
N ARG G 303 -30.31 14.12 47.87
CA ARG G 303 -30.36 14.53 46.47
C ARG G 303 -29.00 14.99 45.98
N PHE G 304 -28.24 15.68 46.83
CA PHE G 304 -26.88 16.06 46.45
C PHE G 304 -26.06 14.82 46.14
N VAL G 305 -26.18 13.79 46.96
CA VAL G 305 -25.43 12.56 46.72
C VAL G 305 -25.87 11.91 45.42
N ILE G 306 -27.18 11.83 45.18
CA ILE G 306 -27.71 11.06 44.06
C ILE G 306 -27.58 11.83 42.74
N ASP G 307 -28.26 12.97 42.62
CA ASP G 307 -28.39 13.68 41.36
C ASP G 307 -27.44 14.87 41.24
N GLY G 308 -26.58 15.11 42.22
CA GLY G 308 -25.63 16.19 42.16
C GLY G 308 -26.06 17.42 42.94
N PHE G 309 -25.09 18.32 43.15
CA PHE G 309 -25.29 19.49 44.00
C PHE G 309 -26.05 20.63 43.32
N ALA G 310 -26.25 20.57 42.00
CA ALA G 310 -26.98 21.62 41.32
C ALA G 310 -28.49 21.45 41.41
N GLU G 311 -28.96 20.34 41.95
CA GLU G 311 -30.39 20.06 42.03
C GLU G 311 -30.95 20.58 43.35
N PRO G 312 -32.01 21.37 43.33
CA PRO G 312 -32.57 21.89 44.59
C PRO G 312 -33.33 20.80 45.33
N PRO G 313 -33.53 20.95 46.65
CA PRO G 313 -34.31 19.96 47.38
C PRO G 313 -35.80 20.08 47.10
N ALA G 314 -36.23 19.55 45.97
CA ALA G 314 -37.63 19.59 45.57
C ALA G 314 -37.84 18.57 44.46
N GLY G 315 -39.10 18.29 44.16
CA GLY G 315 -39.47 17.37 43.11
C GLY G 315 -40.24 16.18 43.63
N VAL G 316 -40.79 15.42 42.69
CA VAL G 316 -41.63 14.27 43.02
C VAL G 316 -40.84 12.98 43.17
N ASN G 317 -39.59 12.92 42.72
CA ASN G 317 -38.77 11.72 42.82
C ASN G 317 -37.96 11.67 44.11
N PHE G 318 -38.12 12.66 45.00
CA PHE G 318 -37.48 12.65 46.32
C PHE G 318 -38.52 13.03 47.36
N PRO G 319 -39.54 12.20 47.54
CA PRO G 319 -40.55 12.49 48.58
C PRO G 319 -39.99 12.28 49.97
N LEU G 320 -40.55 13.02 50.92
CA LEU G 320 -40.09 12.93 52.30
C LEU G 320 -40.48 11.59 52.92
N LYS G 321 -39.71 11.18 53.92
CA LYS G 321 -39.92 9.90 54.59
C LYS G 321 -40.01 10.16 56.10
N GLY G 322 -40.67 9.24 56.79
CA GLY G 322 -40.94 9.40 58.20
C GLY G 322 -42.15 10.25 58.51
N VAL G 323 -42.94 10.62 57.50
CA VAL G 323 -44.13 11.43 57.68
C VAL G 323 -45.28 10.74 56.97
N LYS G 324 -46.51 11.10 57.37
CA LYS G 324 -47.71 10.55 56.77
C LYS G 324 -48.67 11.61 56.23
N ASN G 325 -48.49 12.88 56.56
CA ASN G 325 -49.36 13.94 56.06
C ASN G 325 -48.75 15.28 56.45
N VAL G 326 -49.42 16.35 56.01
CA VAL G 326 -49.05 17.70 56.39
C VAL G 326 -50.11 18.23 57.35
N ALA G 327 -49.75 19.27 58.11
CA ALA G 327 -50.68 19.88 59.05
C ALA G 327 -51.67 20.83 58.37
N TYR G 328 -51.45 21.17 57.10
CA TYR G 328 -52.37 22.04 56.39
C TYR G 328 -52.22 21.78 54.89
N LYS G 329 -53.36 21.75 54.19
CA LYS G 329 -53.38 21.47 52.76
C LYS G 329 -53.31 22.79 52.01
N VAL G 330 -52.17 23.05 51.38
CA VAL G 330 -51.96 24.27 50.61
C VAL G 330 -52.67 24.12 49.27
N THR G 331 -53.63 25.00 48.99
CA THR G 331 -54.36 24.96 47.74
C THR G 331 -53.51 25.54 46.61
N TRP G 332 -53.93 25.25 45.38
CA TRP G 332 -53.16 25.71 44.22
C TRP G 332 -53.17 27.24 44.13
N GLU G 333 -54.31 27.87 44.42
CA GLU G 333 -54.35 29.33 44.38
C GLU G 333 -53.46 29.93 45.45
N GLU G 334 -53.50 29.36 46.67
CA GLU G 334 -52.63 29.85 47.73
C GLU G 334 -51.17 29.71 47.33
N GLN G 335 -50.79 28.58 46.73
CA GLN G 335 -49.41 28.42 46.30
C GLN G 335 -49.06 29.40 45.19
N ASN G 336 -49.95 29.61 44.22
CA ASN G 336 -49.68 30.56 43.15
C ASN G 336 -49.44 31.95 43.71
N VAL G 337 -50.16 32.32 44.76
CA VAL G 337 -49.89 33.61 45.41
C VAL G 337 -48.57 33.58 46.17
N ALA G 338 -48.31 32.49 46.91
CA ALA G 338 -47.26 32.50 47.91
C ALA G 338 -45.87 32.29 47.32
N ASN G 339 -45.72 31.33 46.41
CA ASN G 339 -44.40 30.95 45.92
C ASN G 339 -43.59 32.13 45.42
N PRO G 340 -44.15 33.09 44.69
CA PRO G 340 -43.34 34.26 44.29
C PRO G 340 -42.79 35.06 45.46
N GLU G 341 -43.37 34.93 46.65
CA GLU G 341 -42.83 35.57 47.84
C GLU G 341 -41.80 34.71 48.56
N GLY G 342 -41.42 33.57 47.98
CA GLY G 342 -40.40 32.73 48.59
C GLY G 342 -40.91 31.72 49.59
N VAL G 343 -42.22 31.53 49.68
CA VAL G 343 -42.80 30.56 50.60
C VAL G 343 -42.84 29.21 49.90
N ASN G 344 -41.91 28.32 50.26
CA ASN G 344 -41.85 26.99 49.65
C ASN G 344 -42.84 26.08 50.33
N CYS G 345 -43.77 25.53 49.56
CA CYS G 345 -44.84 24.70 50.10
C CYS G 345 -44.45 23.22 50.09
N ILE G 346 -45.06 22.46 50.99
CA ILE G 346 -44.92 21.02 51.04
C ILE G 346 -46.32 20.42 50.83
N LEU G 347 -46.44 19.53 49.86
CA LEU G 347 -47.73 19.03 49.41
C LEU G 347 -47.81 17.53 49.56
N ASN G 348 -48.95 17.05 50.06
CA ASN G 348 -49.22 15.61 50.17
C ASN G 348 -49.81 15.12 48.84
N LYS G 349 -48.97 15.18 47.81
CA LYS G 349 -49.39 14.73 46.49
C LYS G 349 -49.75 13.24 46.53
N GLU G 350 -50.95 12.92 46.08
CA GLU G 350 -51.36 11.52 45.98
C GLU G 350 -50.70 10.89 44.77
N ASN G 351 -50.29 9.63 44.91
CA ASN G 351 -49.55 8.86 43.92
C ASN G 351 -48.08 9.29 43.87
N TYR G 352 -47.67 10.29 44.65
CA TYR G 352 -46.28 10.67 44.79
C TYR G 352 -45.80 10.69 46.24
N GLY G 353 -46.68 11.00 47.18
CA GLY G 353 -46.30 11.12 48.57
C GLY G 353 -46.13 12.57 48.99
N ILE G 354 -45.42 12.81 50.09
CA ILE G 354 -45.16 14.17 50.56
C ILE G 354 -43.95 14.69 49.81
N VAL G 355 -44.13 15.80 49.10
CA VAL G 355 -43.09 16.36 48.23
C VAL G 355 -42.98 17.85 48.48
N VAL G 356 -41.74 18.34 48.49
CA VAL G 356 -41.49 19.78 48.53
C VAL G 356 -41.72 20.33 47.12
N TRP G 357 -42.57 21.34 47.01
CA TRP G 357 -42.98 21.88 45.72
C TRP G 357 -42.58 23.35 45.61
N GLY G 358 -41.36 23.66 46.03
CA GLY G 358 -40.81 25.00 45.92
C GLY G 358 -39.34 25.04 46.20
N ALA G 359 -38.60 25.85 45.44
CA ALA G 359 -37.15 25.96 45.55
C ALA G 359 -36.71 27.41 45.50
N ARG G 360 -37.43 28.29 46.20
CA ARG G 360 -37.16 29.72 46.17
C ARG G 360 -36.65 30.20 47.52
N THR G 361 -35.86 31.27 47.48
CA THR G 361 -35.30 31.88 48.67
C THR G 361 -36.18 33.05 49.10
N LEU G 362 -35.71 33.83 50.07
CA LEU G 362 -36.39 35.03 50.53
C LEU G 362 -35.74 36.30 49.98
N SER G 363 -35.15 36.21 48.80
CA SER G 363 -34.42 37.33 48.20
C SER G 363 -35.24 37.97 47.09
N ALA G 364 -35.14 39.30 46.99
CA ALA G 364 -35.78 40.06 45.93
C ALA G 364 -34.88 40.22 44.70
N ASP G 365 -33.62 39.80 44.77
CA ASP G 365 -32.73 39.89 43.63
C ASP G 365 -33.08 38.81 42.61
N PRO G 366 -33.44 39.16 41.38
CA PRO G 366 -33.85 38.13 40.41
C PRO G 366 -32.78 37.10 40.11
N ASN G 367 -31.49 37.45 40.22
CA ASN G 367 -30.43 36.54 39.81
C ASN G 367 -30.16 35.43 40.82
N ILE G 368 -30.61 35.59 42.08
CA ILE G 368 -30.33 34.62 43.12
C ILE G 368 -31.67 34.11 43.67
N VAL G 369 -32.67 34.04 42.80
CA VAL G 369 -34.01 33.66 43.23
C VAL G 369 -34.02 32.24 43.79
N PHE G 370 -33.23 31.35 43.20
CA PHE G 370 -33.34 29.93 43.51
C PHE G 370 -32.30 29.45 44.52
N ILE G 371 -32.77 28.62 45.45
CA ILE G 371 -31.88 28.06 46.45
C ILE G 371 -30.81 27.20 45.80
N SER G 372 -31.08 26.66 44.61
CA SER G 372 -30.05 25.94 43.88
C SER G 372 -28.89 26.86 43.53
N THR G 373 -29.20 28.05 43.02
CA THR G 373 -28.15 29.02 42.74
C THR G 373 -27.43 29.44 44.01
N ARG G 374 -28.18 29.64 45.10
CA ARG G 374 -27.53 29.99 46.36
C ARG G 374 -26.56 28.91 46.80
N ILE G 375 -26.98 27.64 46.70
CA ILE G 375 -26.13 26.53 47.13
C ILE G 375 -24.92 26.40 46.22
N ILE G 376 -25.09 26.66 44.92
CA ILE G 376 -23.96 26.59 44.00
C ILE G 376 -22.92 27.64 44.36
N LEU G 377 -23.38 28.87 44.63
CA LEU G 377 -22.44 29.92 45.02
C LEU G 377 -21.75 29.58 46.33
N ASN G 378 -22.49 29.06 47.30
CA ASN G 378 -21.89 28.69 48.57
C ASN G 378 -20.85 27.59 48.38
N ILE G 379 -21.15 26.61 47.53
CA ILE G 379 -20.21 25.52 47.28
C ILE G 379 -18.94 26.07 46.66
N VAL G 380 -19.08 26.96 45.68
CA VAL G 380 -17.90 27.55 45.05
C VAL G 380 -17.04 28.26 46.09
N ILE G 381 -17.68 29.09 46.91
CA ILE G 381 -16.92 29.88 47.89
C ILE G 381 -16.23 28.97 48.89
N ASN G 382 -16.94 27.97 49.40
CA ASN G 382 -16.36 27.10 50.42
C ASN G 382 -15.25 26.23 49.86
N THR G 383 -15.42 25.74 48.62
CA THR G 383 -14.35 24.98 48.00
C THR G 383 -13.10 25.84 47.83
N LEU G 384 -13.27 27.09 47.38
CA LEU G 384 -12.11 27.97 47.25
C LEU G 384 -11.46 28.24 48.61
N ASN G 385 -12.27 28.43 49.64
CA ASN G 385 -11.72 28.69 50.97
C ASN G 385 -10.90 27.51 51.47
N ARG G 386 -11.46 26.30 51.39
CA ARG G 386 -10.73 25.13 51.83
C ARG G 386 -9.51 24.84 50.97
N GLY G 387 -9.54 25.21 49.69
CA GLY G 387 -8.36 25.10 48.86
C GLY G 387 -7.26 26.05 49.27
N TYR G 388 -7.60 27.31 49.54
CA TYR G 388 -6.60 28.30 49.90
C TYR G 388 -6.12 28.16 51.34
N ASP G 389 -6.82 27.39 52.17
CA ASP G 389 -6.31 27.13 53.51
C ASP G 389 -4.90 26.58 53.47
N PHE G 390 -4.57 25.76 52.46
CA PHE G 390 -3.21 25.26 52.33
C PHE G 390 -2.22 26.34 51.92
N ASP G 391 -2.68 27.38 51.22
CA ASP G 391 -1.80 28.44 50.74
C ASP G 391 -1.70 29.60 51.72
N ILE G 392 -2.49 29.60 52.79
CA ILE G 392 -2.35 30.62 53.82
C ILE G 392 -1.04 30.42 54.57
N PHE G 393 -0.41 31.53 54.97
CA PHE G 393 0.85 31.56 55.71
C PHE G 393 2.04 31.13 54.88
N ASN G 394 1.95 31.16 53.55
CA ASN G 394 3.08 30.82 52.70
C ASN G 394 3.86 32.07 52.33
N SER G 395 5.18 31.94 52.27
CA SER G 395 6.04 33.09 52.04
C SER G 395 5.89 33.63 50.63
N VAL G 396 5.88 34.95 50.50
CA VAL G 396 5.87 35.62 49.21
C VAL G 396 7.30 36.06 48.95
N GLY G 397 8.06 35.21 48.26
CA GLY G 397 9.47 35.44 48.04
C GLY G 397 9.73 36.44 46.93
N GLY G 398 11.00 36.47 46.51
CA GLY G 398 11.38 37.40 45.45
C GLY G 398 10.68 37.13 44.14
N THR G 399 10.54 35.87 43.75
CA THR G 399 9.87 35.52 42.51
C THR G 399 8.40 35.89 42.52
N ALA G 400 7.78 35.90 43.70
CA ALA G 400 6.35 36.19 43.84
C ALA G 400 5.55 35.29 42.92
N THR G 401 6.06 34.08 42.70
CA THR G 401 5.35 33.12 41.87
C THR G 401 4.11 32.74 42.61
N VAL G 402 4.13 32.89 43.93
CA VAL G 402 2.99 32.54 44.76
C VAL G 402 1.66 33.08 44.25
N LEU G 403 1.63 34.37 43.91
CA LEU G 403 0.39 34.99 43.45
C LEU G 403 -0.15 34.31 42.20
N ASP G 404 0.73 34.08 41.24
CA ASP G 404 0.33 33.42 39.99
C ASP G 404 -0.09 31.98 40.25
N ASN G 405 0.65 31.28 41.09
CA ASN G 405 0.33 29.89 41.40
C ASN G 405 -1.08 29.78 41.98
N ILE G 406 -1.44 30.72 42.84
CA ILE G 406 -2.76 30.72 43.45
C ILE G 406 -3.85 30.95 42.41
N GLN G 407 -3.59 31.83 41.44
CA GLN G 407 -4.55 32.06 40.37
C GLN G 407 -4.75 30.78 39.54
N ARG G 408 -3.66 30.08 39.25
CA ARG G 408 -3.76 28.84 38.49
C ARG G 408 -4.41 27.73 39.30
N LYS G 409 -4.30 27.81 40.63
CA LYS G 409 -4.96 26.84 41.48
C LYS G 409 -6.47 27.04 41.36
N THR G 410 -6.92 28.29 41.33
CA THR G 410 -8.34 28.56 41.15
C THR G 410 -8.86 27.99 39.85
N ASN G 411 -8.08 28.15 38.79
CA ASN G 411 -8.48 27.61 37.50
C ASN G 411 -8.84 26.15 37.65
N THR G 412 -7.91 25.36 38.19
CA THR G 412 -8.16 23.93 38.37
C THR G 412 -9.30 23.65 39.34
N LEU G 413 -9.39 24.41 40.43
CA LEU G 413 -10.45 24.23 41.42
C LEU G 413 -11.81 24.39 40.77
N LEU G 414 -11.98 25.46 40.00
CA LEU G 414 -13.25 25.72 39.37
C LEU G 414 -13.51 24.78 38.21
N THR G 415 -12.46 24.24 37.61
CA THR G 415 -12.64 23.25 36.54
C THR G 415 -13.27 22.00 37.14
N THR G 416 -12.86 21.64 38.35
CA THR G 416 -13.49 20.50 39.00
C THR G 416 -14.96 20.77 39.22
N LEU G 417 -15.29 21.98 39.68
CA LEU G 417 -16.69 22.34 39.90
C LEU G 417 -17.46 22.41 38.58
N TYR G 418 -16.76 22.68 37.48
CA TYR G 418 -17.40 22.70 36.17
C TYR G 418 -17.76 21.30 35.75
N GLN G 419 -16.87 20.35 36.05
CA GLN G 419 -17.13 18.96 35.68
C GLN G 419 -18.12 18.34 36.65
N ALA G 420 -18.22 18.87 37.87
CA ALA G 420 -19.24 18.38 38.79
C ALA G 420 -20.53 18.85 38.18
N GLY G 421 -20.47 19.91 37.37
CA GLY G 421 -21.63 20.39 36.67
C GLY G 421 -22.40 21.50 37.35
N LEU G 422 -21.72 22.42 38.02
CA LEU G 422 -22.38 23.47 38.79
C LEU G 422 -22.56 24.77 38.01
N PHE G 423 -22.14 24.81 36.74
CA PHE G 423 -22.15 26.03 35.96
C PHE G 423 -22.98 25.83 34.69
N TYR G 424 -23.18 26.92 33.95
CA TYR G 424 -23.98 26.93 32.74
C TYR G 424 -23.09 27.31 31.56
N GLY G 425 -22.61 26.30 30.84
CA GLY G 425 -21.90 26.51 29.60
C GLY G 425 -21.37 25.21 29.03
N GLN G 426 -21.03 25.21 27.74
CA GLN G 426 -20.45 24.01 27.15
C GLN G 426 -18.94 23.96 27.40
N THR G 427 -18.36 25.02 27.94
CA THR G 427 -16.93 25.10 28.18
C THR G 427 -16.65 25.94 29.42
N THR G 428 -15.49 25.68 30.02
CA THR G 428 -15.06 26.49 31.15
C THR G 428 -15.00 27.97 30.78
N SER G 429 -14.68 28.27 29.52
CA SER G 429 -14.65 29.65 29.06
C SER G 429 -16.02 30.32 29.13
N GLU G 430 -17.09 29.54 29.09
CA GLU G 430 -18.43 30.04 29.36
C GLU G 430 -18.80 29.97 30.83
N ALA G 431 -18.23 29.01 31.57
CA ALA G 431 -18.61 28.74 32.95
C ALA G 431 -18.02 29.75 33.93
N PHE G 432 -16.71 30.01 33.87
CA PHE G 432 -16.07 30.81 34.89
C PHE G 432 -14.86 31.54 34.33
N SER G 433 -14.40 32.53 35.08
CA SER G 433 -13.18 33.27 34.78
C SER G 433 -12.52 33.68 36.09
N VAL G 434 -11.19 33.77 36.07
CA VAL G 434 -10.41 34.03 37.27
C VAL G 434 -9.45 35.17 37.01
N LEU G 435 -9.10 35.89 38.07
CA LEU G 435 -8.07 36.92 37.99
C LEU G 435 -7.48 37.08 39.39
N GLY G 436 -6.30 36.52 39.61
CA GLY G 436 -5.67 36.60 40.91
C GLY G 436 -4.16 36.73 40.87
N ASP G 437 -3.62 37.01 39.68
CA ASP G 437 -2.17 37.05 39.53
C ASP G 437 -1.60 38.30 40.18
N ALA G 438 -0.28 38.49 40.04
CA ALA G 438 0.41 39.60 40.67
C ALA G 438 0.04 40.94 40.08
N SER G 439 -0.65 40.98 38.94
CA SER G 439 -0.98 42.25 38.31
C SER G 439 -2.00 43.04 39.14
N VAL G 440 -2.79 42.36 39.96
CA VAL G 440 -3.82 43.01 40.75
C VAL G 440 -3.47 43.02 42.24
N GLN G 441 -2.19 42.96 42.58
CA GLN G 441 -1.74 42.99 43.96
C GLN G 441 -1.04 44.31 44.24
N VAL G 442 -1.29 44.86 45.42
CA VAL G 442 -0.73 46.15 45.83
C VAL G 442 0.38 45.89 46.84
N PRO G 443 1.55 46.51 46.68
CA PRO G 443 2.66 46.21 47.62
C PRO G 443 2.30 46.45 49.08
N SER G 444 1.55 47.51 49.39
CA SER G 444 1.19 47.77 50.77
C SER G 444 0.29 46.67 51.32
N LEU G 445 -0.69 46.23 50.52
CA LEU G 445 -1.55 45.15 50.96
C LEU G 445 -0.76 43.86 51.16
N LEU G 446 0.23 43.61 50.30
CA LEU G 446 1.09 42.45 50.47
C LEU G 446 1.88 42.55 51.78
N GLN G 447 2.42 43.74 52.08
CA GLN G 447 3.09 43.94 53.35
C GLN G 447 2.15 43.66 54.52
N GLN G 448 0.88 44.05 54.38
CA GLN G 448 -0.11 43.74 55.40
C GLN G 448 -0.53 42.28 55.38
N GLY G 449 -0.18 41.53 54.34
CA GLY G 449 -0.58 40.14 54.22
C GLY G 449 -1.87 39.90 53.46
N LEU G 450 -2.34 40.89 52.71
CA LEU G 450 -3.61 40.80 52.01
C LEU G 450 -3.37 40.42 50.55
N VAL G 451 -4.11 39.42 50.08
CA VAL G 451 -4.08 38.98 48.69
C VAL G 451 -5.51 39.02 48.16
N ASN G 452 -5.69 39.58 46.97
CA ASN G 452 -7.01 39.79 46.39
C ASN G 452 -7.20 38.87 45.19
N MET G 453 -8.32 38.17 45.17
CA MET G 453 -8.72 37.29 44.07
C MET G 453 -10.07 37.74 43.55
N PHE G 454 -10.28 37.62 42.23
CA PHE G 454 -11.52 37.98 41.59
C PHE G 454 -12.01 36.80 40.76
N ILE G 455 -13.28 36.44 40.95
CA ILE G 455 -13.86 35.26 40.30
C ILE G 455 -15.19 35.65 39.66
N TRP G 456 -15.47 35.07 38.51
CA TRP G 456 -16.73 35.26 37.80
C TRP G 456 -17.29 33.88 37.48
N VAL G 457 -18.55 33.64 37.84
CA VAL G 457 -19.17 32.34 37.63
C VAL G 457 -20.57 32.54 37.06
N VAL G 458 -21.02 31.54 36.31
CA VAL G 458 -22.36 31.54 35.72
C VAL G 458 -23.09 30.31 36.24
N PRO G 459 -23.83 30.40 37.34
CA PRO G 459 -24.49 29.21 37.89
C PRO G 459 -25.56 28.68 36.94
N SER G 460 -25.78 27.37 37.03
CA SER G 460 -26.87 26.76 36.27
C SER G 460 -28.20 27.07 36.94
N THR G 461 -29.26 27.01 36.14
CA THR G 461 -30.61 27.23 36.60
C THR G 461 -31.39 25.92 36.56
N ILE G 462 -32.67 25.99 36.90
CA ILE G 462 -33.52 24.82 37.00
C ILE G 462 -34.80 25.05 36.19
N ILE G 463 -35.61 24.00 36.10
CA ILE G 463 -36.90 24.06 35.43
C ILE G 463 -37.96 24.18 36.50
N GLU G 464 -38.57 25.37 36.62
CA GLU G 464 -39.59 25.58 37.63
C GLU G 464 -40.98 25.24 37.10
N ARG G 465 -41.43 25.94 36.06
CA ARG G 465 -42.74 25.70 35.46
C ARG G 465 -42.58 25.45 33.98
N LEU G 466 -43.22 24.40 33.48
CA LEU G 466 -43.09 23.96 32.10
C LEU G 466 -44.42 24.17 31.39
N ILE G 467 -44.41 24.97 30.33
CA ILE G 467 -45.60 25.29 29.56
C ILE G 467 -45.57 24.49 28.27
N ILE G 468 -46.67 23.80 27.98
CA ILE G 468 -46.84 23.09 26.71
C ILE G 468 -47.96 23.79 25.96
N ASN G 469 -47.66 24.23 24.74
CA ASN G 469 -48.65 24.87 23.87
C ASN G 469 -49.06 23.87 22.80
N ILE G 470 -50.36 23.63 22.70
CA ILE G 470 -50.90 22.53 21.91
C ILE G 470 -51.90 23.08 20.91
N LYS G 471 -51.80 22.62 19.66
CA LYS G 471 -52.77 22.92 18.62
C LYS G 471 -53.26 21.61 18.02
N GLN G 472 -54.58 21.51 17.83
CA GLN G 472 -55.21 20.35 17.21
C GLN G 472 -55.55 20.53 15.73
N THR G 473 -54.69 20.00 14.87
CA THR G 473 -54.90 20.15 13.44
C THR G 473 -56.02 19.26 12.88
N ALA G 474 -56.61 19.71 11.79
CA ALA G 474 -57.61 18.92 11.09
C ALA G 474 -56.93 17.76 10.34
N ILE G 475 -57.76 16.81 9.91
CA ILE G 475 -57.24 15.61 9.26
C ILE G 475 -56.43 16.00 8.03
N GLY G 476 -55.16 15.60 8.02
CA GLY G 476 -54.32 15.72 6.84
C GLY G 476 -53.52 16.99 6.71
N ASP G 477 -53.77 18.00 7.56
CA ASP G 477 -53.08 19.28 7.47
C ASP G 477 -51.93 19.40 8.46
N LEU G 478 -51.58 18.30 9.14
CA LEU G 478 -50.59 18.38 10.21
C LEU G 478 -49.24 18.86 9.69
N GLU G 479 -48.78 18.33 8.56
CA GLU G 479 -47.44 18.67 8.10
C GLU G 479 -47.34 20.15 7.72
N ALA G 480 -48.29 20.64 6.93
CA ALA G 480 -48.26 22.05 6.53
C ALA G 480 -48.41 22.96 7.74
N THR G 481 -49.34 22.63 8.64
CA THR G 481 -49.54 23.45 9.83
C THR G 481 -48.28 23.50 10.67
N VAL G 482 -47.63 22.34 10.86
CA VAL G 482 -46.41 22.28 11.64
C VAL G 482 -45.32 23.11 10.98
N ALA G 483 -45.18 22.99 9.66
CA ALA G 483 -44.15 23.77 8.97
C ALA G 483 -44.37 25.27 9.19
N LEU G 484 -45.59 25.74 8.96
CA LEU G 484 -45.86 27.17 9.10
C LEU G 484 -45.62 27.64 10.53
N ASP G 485 -46.19 26.94 11.50
CA ASP G 485 -46.08 27.37 12.89
C ASP G 485 -44.64 27.31 13.39
N THR G 486 -43.91 26.25 13.02
CA THR G 486 -42.51 26.14 13.42
C THR G 486 -41.68 27.26 12.81
N ALA G 487 -41.92 27.58 11.53
CA ALA G 487 -41.20 28.69 10.93
C ALA G 487 -41.46 29.98 11.70
N ALA G 488 -42.73 30.26 12.02
CA ALA G 488 -43.06 31.47 12.75
C ALA G 488 -42.37 31.50 14.11
N LEU G 489 -42.44 30.39 14.85
CA LEU G 489 -41.87 30.35 16.19
C LEU G 489 -40.36 30.53 16.16
N GLN G 490 -39.68 29.81 15.26
CA GLN G 490 -38.23 29.93 15.18
C GLN G 490 -37.83 31.35 14.77
N SER G 491 -38.54 31.95 13.82
CA SER G 491 -38.22 33.32 13.43
C SER G 491 -38.40 34.27 14.60
N SER G 492 -39.49 34.14 15.35
CA SER G 492 -39.70 35.03 16.49
C SER G 492 -38.60 34.86 17.53
N VAL G 493 -38.21 33.62 17.82
CA VAL G 493 -37.16 33.40 18.82
C VAL G 493 -35.84 33.98 18.34
N GLU G 494 -35.51 33.77 17.07
CA GLU G 494 -34.24 34.27 16.55
C GLU G 494 -34.19 35.79 16.57
N GLU G 495 -35.28 36.45 16.19
CA GLU G 495 -35.26 37.91 16.17
C GLU G 495 -35.65 38.53 17.52
N GLY G 496 -35.88 37.71 18.54
CA GLY G 496 -36.10 38.23 19.87
C GLY G 496 -37.44 38.88 20.11
N THR G 497 -38.38 38.75 19.17
CA THR G 497 -39.71 39.32 19.33
C THR G 497 -40.64 38.43 20.13
N ALA G 498 -40.20 37.22 20.49
CA ALA G 498 -41.05 36.32 21.26
C ALA G 498 -41.45 36.95 22.59
N THR G 499 -40.46 37.49 23.32
CA THR G 499 -40.73 38.13 24.60
C THR G 499 -41.34 39.52 24.44
N GLU G 500 -41.08 40.21 23.33
CA GLU G 500 -41.52 41.59 23.15
C GLU G 500 -43.03 41.58 22.97
N GLY G 501 -43.73 41.92 24.04
CA GLY G 501 -45.19 41.95 24.01
C GLY G 501 -45.73 42.04 25.42
N THR G 502 -47.04 41.81 25.53
CA THR G 502 -47.70 41.77 26.82
C THR G 502 -47.71 40.35 27.34
N ALA G 503 -47.41 40.18 28.63
CA ALA G 503 -47.48 38.88 29.27
C ALA G 503 -48.89 38.51 29.73
N PRO G 504 -49.62 37.68 29.00
CA PRO G 504 -51.03 37.45 29.34
C PRO G 504 -51.19 36.80 30.70
N VAL G 505 -52.28 37.18 31.37
CA VAL G 505 -52.75 36.48 32.57
C VAL G 505 -53.92 35.61 32.16
N THR H 2 27.11 -45.12 37.39
CA THR H 2 25.68 -45.22 37.63
C THR H 2 24.93 -45.47 36.32
N ASN H 3 23.86 -44.71 36.08
CA ASN H 3 23.04 -44.91 34.88
C ASN H 3 23.77 -44.50 33.61
N PHE H 4 24.92 -43.83 33.71
CA PHE H 4 25.66 -43.38 32.55
C PHE H 4 26.97 -44.13 32.32
N LEU H 5 27.49 -44.82 33.33
CA LEU H 5 28.80 -45.46 33.25
C LEU H 5 28.70 -46.97 33.03
N ASN H 6 27.55 -47.45 32.56
CA ASN H 6 27.39 -48.89 32.37
C ASN H 6 28.37 -49.42 31.31
N GLY H 7 28.54 -48.67 30.22
CA GLY H 7 29.32 -49.16 29.10
C GLY H 7 30.79 -48.79 29.11
N VAL H 8 31.26 -48.13 30.16
CA VAL H 8 32.66 -47.73 30.19
C VAL H 8 33.57 -48.95 30.31
N ASN H 9 33.16 -49.95 31.09
CA ASN H 9 33.93 -51.19 31.21
C ASN H 9 33.47 -52.24 30.20
N ILE H 10 33.41 -51.84 28.92
CA ILE H 10 33.08 -52.78 27.84
C ILE H 10 34.10 -52.48 26.75
N GLY H 11 34.67 -53.51 26.14
CA GLY H 11 35.66 -53.30 25.09
C GLY H 11 35.13 -53.60 23.71
N THR H 12 34.36 -54.69 23.59
CA THR H 12 33.77 -55.05 22.30
C THR H 12 32.79 -53.98 21.84
N PRO H 13 32.84 -53.61 20.56
CA PRO H 13 31.86 -52.65 20.04
C PRO H 13 30.45 -53.23 19.91
N GLY H 14 29.44 -52.39 19.80
CA GLY H 14 28.09 -52.88 19.59
C GLY H 14 27.02 -52.26 20.46
N ALA H 15 25.77 -52.68 20.28
CA ALA H 15 24.68 -52.15 21.08
C ALA H 15 24.36 -53.06 22.25
N TYR H 16 24.42 -52.52 23.47
CA TYR H 16 24.22 -53.34 24.67
C TYR H 16 23.08 -52.82 25.52
N ALA H 17 22.32 -53.73 26.13
CA ALA H 17 21.16 -53.32 26.90
C ALA H 17 21.24 -53.49 28.40
N PHE H 18 20.97 -52.42 29.13
CA PHE H 18 21.06 -52.44 30.59
C PHE H 18 19.74 -51.94 31.14
N TYR H 19 19.43 -52.30 32.39
CA TYR H 19 18.18 -51.89 33.00
C TYR H 19 18.39 -50.65 33.86
N GLN H 20 17.52 -49.65 33.69
CA GLN H 20 17.67 -48.37 34.41
C GLN H 20 17.74 -48.42 35.93
N THR H 21 18.56 -47.53 36.50
CA THR H 21 18.68 -47.47 37.96
C THR H 21 17.82 -46.33 38.51
N THR H 22 18.05 -45.98 39.78
CA THR H 22 17.24 -44.93 40.41
C THR H 22 17.93 -43.57 40.44
N GLN H 23 18.91 -43.35 39.56
CA GLN H 23 19.60 -42.06 39.46
C GLN H 23 20.22 -41.49 40.74
N SER H 24 20.20 -40.17 40.90
CA SER H 24 20.86 -39.55 42.06
C SER H 24 20.25 -38.27 42.62
N ARG H 25 19.61 -37.45 41.77
CA ARG H 25 19.06 -36.15 42.19
C ARG H 25 20.08 -35.19 42.89
N PRO H 26 21.02 -34.51 42.14
CA PRO H 26 21.93 -33.64 42.89
C PRO H 26 21.23 -32.37 43.36
N ILE H 27 21.64 -31.90 44.53
CA ILE H 27 21.01 -30.72 45.12
C ILE H 27 21.86 -29.49 44.88
N ASN H 28 21.25 -28.42 44.35
CA ASN H 28 21.99 -27.20 44.06
C ASN H 28 22.47 -26.48 45.32
N VAL H 29 23.45 -25.60 45.17
CA VAL H 29 23.98 -24.86 46.31
C VAL H 29 23.17 -23.63 46.69
N GLU H 30 21.86 -23.65 46.44
CA GLU H 30 21.00 -22.53 46.78
C GLU H 30 21.05 -22.28 48.28
N PRO H 31 21.05 -20.99 48.69
CA PRO H 31 21.16 -20.63 50.10
C PRO H 31 20.47 -21.51 51.13
N PHE H 32 19.16 -21.72 51.05
CA PHE H 32 18.48 -22.46 52.12
C PHE H 32 17.92 -23.85 51.83
N ARG H 33 18.74 -24.81 51.40
CA ARG H 33 18.21 -26.16 51.25
C ARG H 33 19.13 -27.15 51.95
N THR H 34 19.48 -26.85 53.21
CA THR H 34 20.29 -27.74 54.02
C THR H 34 19.75 -27.77 55.44
N CYS H 35 19.99 -28.89 56.12
CA CYS H 35 19.63 -29.07 57.52
C CYS H 35 20.84 -29.57 58.27
N TYR H 36 20.98 -29.15 59.53
CA TYR H 36 22.11 -29.52 60.38
C TYR H 36 21.55 -30.12 61.67
N MET H 37 21.73 -31.43 61.81
CA MET H 37 21.28 -32.15 62.99
C MET H 37 22.46 -32.30 63.96
N VAL H 38 22.35 -31.67 65.12
CA VAL H 38 23.35 -31.80 66.18
C VAL H 38 22.93 -32.99 67.03
N GLY H 39 23.70 -34.08 66.95
CA GLY H 39 23.37 -35.28 67.68
C GLY H 39 24.58 -35.89 68.36
N PHE H 40 24.43 -37.10 68.88
CA PHE H 40 25.52 -37.80 69.55
C PHE H 40 25.57 -39.24 69.09
N ALA H 41 26.79 -39.77 69.02
CA ALA H 41 27.04 -41.18 68.77
C ALA H 41 28.17 -41.63 69.68
N SER H 42 28.03 -42.82 70.28
CA SER H 42 29.07 -43.32 71.17
C SER H 42 30.43 -43.34 70.45
N ASN H 43 30.45 -43.87 69.24
CA ASN H 43 31.66 -43.80 68.42
C ASN H 43 31.81 -42.40 67.83
N GLY H 44 32.80 -41.66 68.33
CA GLY H 44 33.02 -40.30 67.86
C GLY H 44 33.83 -40.27 66.58
N VAL H 45 33.28 -40.85 65.51
CA VAL H 45 34.02 -40.96 64.26
C VAL H 45 34.28 -39.58 63.67
N ASN H 46 33.25 -38.73 63.60
CA ASN H 46 33.37 -37.35 63.16
C ASN H 46 32.84 -36.48 64.29
N LYS H 47 33.70 -36.16 65.25
CA LYS H 47 33.31 -35.41 66.43
C LYS H 47 33.49 -33.92 66.17
N ASN H 48 32.42 -33.15 66.34
CA ASN H 48 32.43 -31.71 66.11
C ASN H 48 32.90 -31.39 64.69
N VAL H 49 32.39 -32.16 63.72
CA VAL H 49 32.70 -31.94 62.31
C VAL H 49 31.45 -32.22 61.49
N PRO H 50 30.78 -31.22 60.95
CA PRO H 50 29.56 -31.49 60.15
C PRO H 50 29.90 -32.38 58.97
N THR H 51 29.26 -33.55 58.92
CA THR H 51 29.46 -34.54 57.87
C THR H 51 28.15 -34.75 57.13
N ARG H 52 28.20 -34.66 55.80
CA ARG H 52 27.00 -34.87 55.00
C ARG H 52 26.58 -36.32 55.05
N ILE H 53 25.27 -36.54 55.14
CA ILE H 53 24.66 -37.86 55.17
C ILE H 53 23.82 -38.03 53.92
N SER H 54 24.02 -39.15 53.22
CA SER H 54 23.29 -39.39 51.98
C SER H 54 22.01 -40.20 52.19
N ASN H 55 21.91 -40.95 53.29
CA ASN H 55 20.71 -41.74 53.56
C ASN H 55 20.84 -42.36 54.94
N LEU H 56 19.73 -42.97 55.39
CA LEU H 56 19.70 -43.57 56.72
C LEU H 56 20.71 -44.72 56.82
N THR H 57 20.86 -45.49 55.75
CA THR H 57 21.83 -46.58 55.76
C THR H 57 23.25 -46.03 55.94
N ASP H 58 23.59 -44.95 55.24
CA ASP H 58 24.90 -44.33 55.41
C ASP H 58 25.08 -43.81 56.83
N PHE H 59 24.04 -43.18 57.38
CA PHE H 59 24.14 -42.69 58.76
C PHE H 59 24.41 -43.83 59.72
N THR H 60 23.67 -44.93 59.59
CA THR H 60 23.86 -46.07 60.48
C THR H 60 25.24 -46.68 60.31
N ASN H 61 25.72 -46.78 59.07
CA ASN H 61 27.04 -47.35 58.83
C ASN H 61 28.12 -46.50 59.46
N VAL H 62 28.02 -45.17 59.34
CA VAL H 62 29.08 -44.30 59.83
C VAL H 62 29.03 -44.17 61.35
N TYR H 63 27.88 -43.79 61.89
CA TYR H 63 27.75 -43.48 63.30
C TYR H 63 27.12 -44.60 64.11
N GLY H 64 26.75 -45.71 63.49
CA GLY H 64 26.20 -46.82 64.25
C GLY H 64 24.96 -46.42 65.03
N THR H 65 24.98 -46.69 66.32
CA THR H 65 23.83 -46.42 67.18
C THR H 65 23.79 -44.94 67.57
N SER H 66 22.58 -44.38 67.58
CA SER H 66 22.37 -43.00 68.00
C SER H 66 20.87 -42.76 68.13
N ALA H 67 20.50 -41.94 69.11
CA ALA H 67 19.10 -41.59 69.30
C ALA H 67 18.54 -40.75 68.16
N SER H 68 19.40 -40.22 67.29
CA SER H 68 18.98 -39.39 66.16
C SER H 68 18.65 -40.19 64.91
N THR H 69 18.71 -41.52 64.98
CA THR H 69 18.43 -42.33 63.80
C THR H 69 17.00 -42.13 63.32
N ASN H 70 16.04 -42.10 64.24
CA ASN H 70 14.64 -41.89 63.85
C ASN H 70 14.45 -40.51 63.25
N SER H 71 15.11 -39.49 63.82
CA SER H 71 15.01 -38.15 63.25
C SER H 71 15.59 -38.10 61.84
N VAL H 72 16.73 -38.78 61.62
CA VAL H 72 17.31 -38.82 60.28
C VAL H 72 16.36 -39.52 59.31
N ASP H 73 15.75 -40.62 59.76
CA ASP H 73 14.81 -41.34 58.91
C ASP H 73 13.64 -40.46 58.52
N LEU H 74 13.09 -39.72 59.49
CA LEU H 74 11.99 -38.80 59.19
C LEU H 74 12.44 -37.71 58.23
N PHE H 75 13.64 -37.15 58.44
CA PHE H 75 14.12 -36.10 57.56
C PHE H 75 14.19 -36.60 56.12
N PHE H 76 14.78 -37.78 55.91
CA PHE H 76 14.91 -38.28 54.55
C PHE H 76 13.56 -38.67 53.95
N LYS H 77 12.67 -39.25 54.75
CA LYS H 77 11.34 -39.59 54.25
C LYS H 77 10.61 -38.34 53.78
N ASN H 78 10.71 -37.24 54.53
CA ASN H 78 9.99 -36.02 54.18
C ASN H 78 10.69 -35.19 53.13
N SER H 79 12.01 -35.32 52.99
CA SER H 79 12.74 -34.58 51.97
C SER H 79 12.66 -35.25 50.61
N GLN H 80 12.51 -36.58 50.59
CA GLN H 80 12.34 -37.32 49.34
C GLN H 80 13.53 -37.13 48.41
N GLY H 81 14.73 -37.01 48.99
CA GLY H 81 15.95 -36.86 48.24
C GLY H 81 16.37 -35.43 47.98
N PHE H 82 15.46 -34.46 48.15
CA PHE H 82 15.84 -33.06 48.03
C PHE H 82 16.53 -32.60 49.31
N GLY H 83 17.28 -31.51 49.19
CA GLY H 83 17.96 -30.95 50.33
C GLY H 83 19.07 -31.84 50.86
N ASN H 84 19.95 -31.29 51.69
CA ASN H 84 21.06 -32.01 52.26
C ASN H 84 20.92 -32.06 53.78
N LEU H 85 21.48 -33.11 54.38
CA LEU H 85 21.53 -33.27 55.82
C LEU H 85 22.98 -33.37 56.25
N TYR H 86 23.38 -32.59 57.25
CA TYR H 86 24.69 -32.65 57.85
C TYR H 86 24.54 -33.03 59.31
N PHE H 87 25.17 -34.13 59.71
CA PHE H 87 25.18 -34.56 61.11
C PHE H 87 26.42 -34.02 61.80
N VAL H 88 26.24 -33.53 63.02
CA VAL H 88 27.33 -33.04 63.85
C VAL H 88 27.33 -33.88 65.12
N ASN H 89 28.35 -34.72 65.26
CA ASN H 89 28.50 -35.56 66.45
C ASN H 89 29.15 -34.74 67.55
N VAL H 90 28.44 -34.57 68.68
CA VAL H 90 28.97 -33.78 69.77
C VAL H 90 30.19 -34.47 70.35
N ALA H 91 31.25 -33.70 70.58
CA ALA H 91 32.51 -34.22 71.07
C ALA H 91 32.57 -34.11 72.58
N ILE H 92 32.74 -35.26 73.25
CA ILE H 92 32.92 -35.27 74.70
C ILE H 92 34.37 -34.92 75.01
N PRO H 93 34.64 -33.91 75.85
CA PRO H 93 36.03 -33.57 76.14
C PRO H 93 36.78 -34.73 76.75
N THR H 94 38.03 -34.91 76.33
CA THR H 94 38.88 -35.94 76.88
C THR H 94 39.23 -35.60 78.33
N ARG H 95 39.57 -36.61 79.12
CA ARG H 95 39.99 -36.39 80.49
C ARG H 95 41.06 -37.40 80.85
N TYR H 96 42.00 -36.96 81.68
CA TYR H 96 43.04 -37.83 82.21
C TYR H 96 43.13 -37.61 83.72
N GLN H 97 43.38 -38.69 84.45
CA GLN H 97 43.50 -38.63 85.89
C GLN H 97 44.87 -39.18 86.29
N ILE H 98 45.65 -38.36 86.98
CA ILE H 98 46.99 -38.72 87.43
C ILE H 98 46.94 -38.86 88.95
N VAL H 99 47.28 -40.04 89.43
CA VAL H 99 47.38 -40.31 90.87
C VAL H 99 48.84 -40.28 91.25
N VAL H 100 49.16 -39.53 92.29
CA VAL H 100 50.52 -39.40 92.80
C VAL H 100 50.64 -40.38 93.97
N THR H 101 51.13 -41.59 93.69
CA THR H 101 51.17 -42.63 94.69
C THR H 101 52.06 -42.24 95.87
N ALA H 102 53.29 -41.83 95.59
CA ALA H 102 54.30 -41.60 96.62
C ALA H 102 55.02 -40.29 96.35
N ALA H 103 55.66 -39.78 97.41
CA ALA H 103 56.43 -38.54 97.36
C ALA H 103 57.92 -38.80 97.11
N THR H 104 58.25 -39.85 96.36
CA THR H 104 59.64 -40.19 96.10
C THR H 104 60.35 -39.01 95.46
N ALA H 105 61.53 -38.68 95.97
CA ALA H 105 62.30 -37.56 95.46
C ALA H 105 62.99 -37.93 94.15
N GLY H 106 62.91 -37.04 93.19
CA GLY H 106 63.53 -37.28 91.90
C GLY H 106 62.94 -36.36 90.85
N SER H 107 63.30 -36.63 89.60
CA SER H 107 62.84 -35.86 88.45
C SER H 107 61.93 -36.73 87.59
N TYR H 108 60.78 -36.18 87.22
CA TYR H 108 59.78 -36.88 86.44
C TYR H 108 59.21 -35.92 85.39
N SER H 109 58.41 -36.46 84.48
CA SER H 109 57.90 -35.65 83.37
C SER H 109 56.42 -35.93 83.15
N VAL H 110 55.68 -34.87 82.83
CA VAL H 110 54.28 -34.97 82.44
C VAL H 110 54.12 -34.27 81.10
N THR H 111 53.70 -35.02 80.08
CA THR H 111 53.59 -34.52 78.72
C THR H 111 52.12 -34.40 78.35
N VAL H 112 51.70 -33.22 77.93
CA VAL H 112 50.34 -32.96 77.48
C VAL H 112 50.41 -32.33 76.10
N ASN H 113 49.77 -32.96 75.12
CA ASN H 113 49.74 -32.46 73.75
C ASN H 113 51.15 -32.21 73.23
N GLY H 114 52.08 -33.10 73.59
CA GLY H 114 53.45 -32.99 73.14
C GLY H 114 54.29 -31.97 73.87
N VAL H 115 53.73 -31.29 74.87
CA VAL H 115 54.47 -30.32 75.68
C VAL H 115 54.83 -31.03 76.98
N THR H 116 56.13 -31.20 77.22
CA THR H 116 56.63 -31.94 78.38
C THR H 116 57.03 -30.96 79.47
N LYS H 117 56.55 -31.21 80.69
CA LYS H 117 56.83 -30.38 81.84
C LYS H 117 57.54 -31.22 82.89
N ALA H 118 58.67 -30.72 83.39
CA ALA H 118 59.45 -31.44 84.38
C ALA H 118 58.95 -31.14 85.78
N ILE H 119 58.95 -32.18 86.62
CA ILE H 119 58.54 -32.08 88.02
C ILE H 119 59.66 -32.67 88.87
N THR H 120 60.28 -31.84 89.71
CA THR H 120 61.35 -32.29 90.59
C THR H 120 60.81 -32.46 92.00
N VAL H 121 61.02 -33.64 92.57
CA VAL H 121 60.52 -33.98 93.90
C VAL H 121 61.72 -34.10 94.84
N VAL H 122 61.63 -33.44 95.98
CA VAL H 122 62.68 -33.47 96.99
C VAL H 122 62.09 -33.98 98.30
N GLY H 123 62.97 -34.23 99.27
CA GLY H 123 62.53 -34.77 100.54
C GLY H 123 61.60 -33.81 101.27
N GLY H 124 60.71 -34.38 102.08
CA GLY H 124 59.75 -33.61 102.84
C GLY H 124 58.49 -33.24 102.09
N ALA H 125 58.40 -33.57 100.80
CA ALA H 125 57.20 -33.27 100.03
C ALA H 125 56.15 -34.34 100.23
N THR H 126 54.90 -33.98 99.94
CA THR H 126 53.77 -34.89 100.01
C THR H 126 53.18 -35.07 98.62
N THR H 127 52.42 -36.15 98.46
CA THR H 127 51.71 -36.36 97.20
C THR H 127 50.78 -35.18 96.90
N THR H 128 50.19 -34.59 97.94
CA THR H 128 49.38 -33.39 97.73
C THR H 128 50.22 -32.24 97.18
N THR H 129 51.44 -32.06 97.71
CA THR H 129 52.32 -31.02 97.20
C THR H 129 52.69 -31.29 95.75
N ILE H 130 52.94 -32.56 95.40
CA ILE H 130 53.27 -32.91 94.02
C ILE H 130 52.09 -32.59 93.11
N ALA H 131 50.87 -32.94 93.55
CA ALA H 131 49.69 -32.63 92.76
C ALA H 131 49.54 -31.12 92.57
N ALA H 132 49.79 -30.34 93.64
CA ALA H 132 49.71 -28.90 93.53
C ALA H 132 50.73 -28.36 92.54
N ASP H 133 51.95 -28.90 92.58
CA ASP H 133 52.99 -28.46 91.64
C ASP H 133 52.58 -28.79 90.20
N VAL H 134 52.04 -29.99 89.98
CA VAL H 134 51.59 -30.36 88.64
C VAL H 134 50.49 -29.43 88.16
N ILE H 135 49.52 -29.14 89.04
CA ILE H 135 48.43 -28.25 88.67
C ILE H 135 48.96 -26.87 88.33
N SER H 136 49.86 -26.35 89.15
CA SER H 136 50.43 -25.02 88.89
C SER H 136 51.17 -25.01 87.56
N ALA H 137 51.98 -26.03 87.28
CA ALA H 137 52.71 -26.06 86.03
C ALA H 137 51.75 -26.07 84.84
N ILE H 138 50.76 -26.96 84.86
CA ILE H 138 49.85 -27.08 83.72
C ILE H 138 49.05 -25.80 83.54
N ASN H 139 48.57 -25.19 84.63
CA ASN H 139 47.74 -24.00 84.52
C ASN H 139 48.55 -22.74 84.27
N ASN H 140 49.87 -22.77 84.48
CA ASN H 140 50.70 -21.61 84.18
C ASN H 140 51.30 -21.67 82.79
N ASP H 141 51.49 -22.87 82.23
CA ASP H 141 51.98 -22.96 80.86
C ASP H 141 51.06 -22.19 79.93
N THR H 142 51.64 -21.30 79.12
CA THR H 142 50.84 -20.42 78.28
C THR H 142 50.10 -21.18 77.18
N VAL H 143 50.52 -22.40 76.87
CA VAL H 143 49.85 -23.21 75.85
C VAL H 143 48.83 -24.15 76.48
N LEU H 144 49.25 -24.86 77.53
CA LEU H 144 48.35 -25.80 78.19
C LEU H 144 47.21 -25.08 78.90
N ASN H 145 47.48 -23.88 79.45
CA ASN H 145 46.41 -23.14 80.10
C ASN H 145 45.26 -22.87 79.15
N LYS H 146 45.55 -22.73 77.84
CA LYS H 146 44.48 -22.56 76.86
C LYS H 146 43.93 -23.91 76.39
N GLU H 147 44.79 -24.90 76.19
CA GLU H 147 44.34 -26.17 75.62
C GLU H 147 43.52 -27.00 76.60
N VAL H 148 43.96 -27.12 77.85
CA VAL H 148 43.32 -27.99 78.84
C VAL H 148 43.23 -27.25 80.17
N LEU H 149 42.59 -27.90 81.13
CA LEU H 149 42.42 -27.37 82.48
C LEU H 149 42.79 -28.43 83.50
N ALA H 150 43.58 -28.04 84.50
CA ALA H 150 44.00 -28.94 85.56
C ALA H 150 43.28 -28.59 86.85
N THR H 151 42.72 -29.61 87.51
CA THR H 151 41.96 -29.43 88.74
C THR H 151 42.28 -30.55 89.71
N VAL H 152 41.79 -30.41 90.93
CA VAL H 152 41.96 -31.43 91.96
C VAL H 152 40.90 -32.50 91.78
N GLY H 153 41.28 -33.76 91.97
CA GLY H 153 40.39 -34.89 91.87
C GLY H 153 39.70 -35.21 93.18
N GLY H 154 39.34 -36.49 93.34
CA GLY H 154 38.70 -36.93 94.56
C GLY H 154 39.60 -36.93 95.77
N THR H 155 40.92 -36.94 95.55
CA THR H 155 41.89 -36.90 96.64
C THR H 155 42.71 -35.63 96.49
N SER H 156 43.62 -35.43 97.44
CA SER H 156 44.52 -34.28 97.37
C SER H 156 45.71 -34.73 96.54
N SER H 157 45.85 -36.05 96.31
CA SER H 157 46.94 -36.61 95.52
C SER H 157 46.47 -37.05 94.14
N THR H 158 45.45 -36.39 93.60
CA THR H 158 44.90 -36.72 92.30
C THR H 158 44.72 -35.44 91.50
N VAL H 159 45.12 -35.49 90.22
CA VAL H 159 45.02 -34.36 89.30
C VAL H 159 44.15 -34.78 88.13
N VAL H 160 43.22 -33.91 87.75
CA VAL H 160 42.31 -34.16 86.64
C VAL H 160 42.60 -33.14 85.55
N ILE H 161 42.96 -33.62 84.36
CA ILE H 161 43.21 -32.79 83.20
C ILE H 161 42.05 -32.97 82.25
N THR H 162 41.34 -31.88 81.97
CA THR H 162 40.18 -31.90 81.09
C THR H 162 40.49 -31.11 79.82
N SER H 163 40.26 -31.73 78.67
CA SER H 163 40.52 -31.08 77.40
C SER H 163 39.54 -29.92 77.22
N LYS H 164 40.08 -28.72 76.96
CA LYS H 164 39.27 -27.53 76.78
C LYS H 164 38.82 -27.36 75.33
N LYS H 165 39.29 -28.20 74.41
CA LYS H 165 38.93 -28.14 73.00
C LYS H 165 38.49 -29.54 72.58
N PRO H 166 37.22 -29.90 72.81
CA PRO H 166 36.78 -31.26 72.46
C PRO H 166 37.00 -31.63 71.01
N THR H 167 36.96 -30.66 70.09
CA THR H 167 37.15 -30.98 68.67
C THR H 167 38.53 -31.58 68.44
N ASN H 168 39.56 -31.04 69.07
CA ASN H 168 40.92 -31.49 68.87
C ASN H 168 41.24 -32.64 69.82
N THR H 169 42.11 -33.54 69.37
CA THR H 169 42.55 -34.65 70.19
C THR H 169 43.49 -34.17 71.29
N THR H 170 43.34 -34.75 72.47
CA THR H 170 44.20 -34.45 73.61
C THR H 170 45.03 -35.69 73.95
N THR H 171 46.35 -35.52 73.97
CA THR H 171 47.28 -36.61 74.22
C THR H 171 48.01 -36.37 75.53
N ALA H 172 48.24 -37.44 76.29
CA ALA H 172 48.87 -37.34 77.59
C ALA H 172 49.80 -38.52 77.80
N ALA H 173 50.91 -38.26 78.50
CA ALA H 173 51.88 -39.29 78.85
C ALA H 173 52.62 -38.86 80.10
N VAL H 174 53.23 -39.83 80.78
CA VAL H 174 53.99 -39.56 81.99
C VAL H 174 55.25 -40.40 82.00
N THR H 175 56.29 -39.87 82.63
CA THR H 175 57.54 -40.57 82.89
C THR H 175 57.83 -40.44 84.38
N GLY H 176 57.73 -41.56 85.10
CA GLY H 176 57.87 -41.56 86.54
C GLY H 176 56.97 -42.58 87.19
N VAL H 177 57.53 -43.39 88.11
CA VAL H 177 56.76 -44.47 88.72
C VAL H 177 55.65 -43.90 89.61
N ILE H 178 55.92 -42.79 90.30
CA ILE H 178 54.95 -42.28 91.27
C ILE H 178 53.68 -41.83 90.58
N PHE H 179 53.76 -41.46 89.30
CA PHE H 179 52.59 -41.03 88.56
C PHE H 179 51.88 -42.24 87.97
N THR H 180 50.56 -42.30 88.15
CA THR H 180 49.72 -43.29 87.47
C THR H 180 48.69 -42.56 86.63
N LEU H 181 48.69 -42.81 85.33
CA LEU H 181 47.83 -42.12 84.37
C LEU H 181 46.68 -43.03 83.97
N THR H 182 45.46 -42.48 84.02
CA THR H 182 44.26 -43.23 83.62
C THR H 182 43.43 -42.37 82.69
N THR H 183 43.08 -42.94 81.53
CA THR H 183 42.19 -42.26 80.60
C THR H 183 40.77 -42.25 81.15
N THR H 184 40.02 -41.21 80.79
CA THR H 184 38.63 -41.08 81.21
C THR H 184 37.88 -40.23 80.19
N THR H 185 36.64 -40.62 79.93
CA THR H 185 35.76 -39.88 79.02
C THR H 185 34.34 -40.32 79.28
N GLY H 186 33.45 -39.34 79.41
CA GLY H 186 32.04 -39.65 79.57
C GLY H 186 31.51 -40.45 78.39
N THR H 187 30.61 -41.38 78.68
CA THR H 187 29.96 -42.15 77.64
C THR H 187 28.75 -41.43 77.06
N SER H 188 28.31 -40.34 77.71
CA SER H 188 27.23 -39.52 77.21
C SER H 188 27.62 -38.06 77.26
N PRO H 189 27.20 -37.25 76.28
CA PRO H 189 27.58 -35.84 76.28
C PRO H 189 26.76 -35.03 77.29
N SER H 190 27.27 -33.85 77.60
CA SER H 190 26.59 -32.94 78.51
C SER H 190 26.07 -31.73 77.76
N VAL H 191 25.20 -30.97 78.43
CA VAL H 191 24.64 -29.77 77.82
C VAL H 191 25.74 -28.77 77.51
N ALA H 192 26.78 -28.70 78.35
CA ALA H 192 27.91 -27.83 78.05
C ALA H 192 28.62 -28.28 76.77
N ASP H 193 28.77 -29.59 76.59
CA ASP H 193 29.36 -30.09 75.35
C ASP H 193 28.51 -29.73 74.15
N TYR H 194 27.19 -29.87 74.27
CA TYR H 194 26.30 -29.47 73.19
C TYR H 194 26.44 -27.99 72.88
N VAL H 195 26.52 -27.15 73.92
CA VAL H 195 26.64 -25.72 73.72
C VAL H 195 27.94 -25.39 73.00
N TYR H 196 29.04 -26.01 73.42
CA TYR H 196 30.32 -25.78 72.74
C TYR H 196 30.25 -26.21 71.29
N THR H 197 29.65 -27.39 71.03
CA THR H 197 29.54 -27.86 69.65
C THR H 197 28.74 -26.89 68.80
N ILE H 198 27.65 -26.36 69.35
CA ILE H 198 26.82 -25.41 68.61
C ILE H 198 27.59 -24.13 68.34
N ASN H 199 28.29 -23.61 69.35
CA ASN H 199 28.91 -22.29 69.25
C ASN H 199 30.26 -22.29 68.54
N ASN H 200 30.89 -23.45 68.33
CA ASN H 200 32.26 -23.48 67.84
C ASN H 200 32.47 -24.41 66.64
N THR H 201 31.45 -25.12 66.18
CA THR H 201 31.64 -26.14 65.15
C THR H 201 31.25 -25.68 63.75
N PHE H 202 30.31 -24.75 63.63
CA PHE H 202 29.83 -24.31 62.32
C PHE H 202 30.73 -23.21 61.77
N ASP H 203 30.87 -23.19 60.44
CA ASP H 203 31.63 -22.16 59.75
C ASP H 203 30.70 -21.35 58.85
N PRO H 204 30.90 -20.03 58.74
CA PRO H 204 30.04 -19.25 57.83
C PRO H 204 30.11 -19.72 56.39
N ALA H 205 31.22 -20.35 55.99
CA ALA H 205 31.32 -20.87 54.63
C ALA H 205 30.30 -21.97 54.36
N LEU H 206 29.75 -22.58 55.39
CA LEU H 206 28.77 -23.63 55.21
C LEU H 206 27.49 -23.08 54.59
N GLU H 207 26.82 -23.92 53.81
CA GLU H 207 25.53 -23.56 53.26
C GLU H 207 24.55 -23.22 54.38
N ALA H 208 23.80 -22.14 54.20
CA ALA H 208 22.79 -21.78 55.18
C ALA H 208 21.69 -22.84 55.20
N GLY H 209 20.95 -22.88 56.30
CA GLY H 209 19.88 -23.84 56.43
C GLY H 209 19.35 -23.91 57.84
N PHE H 210 18.54 -24.93 58.07
CA PHE H 210 17.94 -25.15 59.38
C PHE H 210 18.92 -25.84 60.32
N VAL H 211 18.74 -25.60 61.62
CA VAL H 211 19.54 -26.24 62.65
C VAL H 211 18.59 -26.87 63.66
N ILE H 212 18.84 -28.14 64.02
CA ILE H 212 17.94 -28.88 64.89
C ILE H 212 18.76 -29.74 65.84
N ALA H 213 18.31 -29.83 67.09
CA ALA H 213 18.92 -30.68 68.11
C ALA H 213 17.82 -31.53 68.77
N PRO H 214 17.16 -32.38 67.98
CA PRO H 214 16.05 -33.17 68.54
C PRO H 214 16.47 -34.07 69.70
N GLU H 215 17.63 -34.70 69.61
CA GLU H 215 18.08 -35.56 70.70
C GLU H 215 18.29 -34.76 71.98
N ALA H 216 18.93 -33.60 71.87
CA ALA H 216 19.16 -32.77 73.06
C ALA H 216 17.83 -32.34 73.67
N PHE H 217 16.89 -31.90 72.83
CA PHE H 217 15.62 -31.41 73.38
C PHE H 217 14.80 -32.54 73.97
N SER H 218 14.93 -33.76 73.42
CA SER H 218 14.18 -34.88 73.96
C SER H 218 14.79 -35.41 75.25
N THR H 219 16.11 -35.28 75.41
CA THR H 219 16.81 -35.88 76.55
C THR H 219 16.99 -34.94 77.73
N PHE H 220 17.12 -33.64 77.49
CA PHE H 220 17.58 -32.73 78.54
C PHE H 220 16.43 -32.15 79.34
N THR H 221 16.78 -31.55 80.49
CA THR H 221 15.83 -30.98 81.42
C THR H 221 15.45 -29.57 80.97
N LYS H 222 14.69 -28.85 81.81
CA LYS H 222 14.20 -27.53 81.43
C LYS H 222 15.34 -26.55 81.23
N SER H 223 16.24 -26.44 82.23
CA SER H 223 17.32 -25.47 82.13
C SER H 223 18.30 -25.84 81.01
N ASP H 224 18.59 -27.13 80.87
CA ASP H 224 19.49 -27.56 79.78
C ASP H 224 18.89 -27.26 78.42
N ARG H 225 17.59 -27.50 78.26
CA ARG H 225 16.92 -27.15 77.01
C ARG H 225 16.96 -25.66 76.77
N LEU H 226 16.78 -24.86 77.83
CA LEU H 226 16.87 -23.42 77.68
C LEU H 226 18.26 -22.98 77.24
N SER H 227 19.30 -23.61 77.80
CA SER H 227 20.66 -23.30 77.38
C SER H 227 20.88 -23.66 75.92
N ILE H 228 20.36 -24.82 75.50
CA ILE H 228 20.49 -25.22 74.10
C ILE H 228 19.78 -24.20 73.19
N GLN H 229 18.59 -23.76 73.61
CA GLN H 229 17.85 -22.77 72.82
C GLN H 229 18.62 -21.46 72.74
N VAL H 230 19.24 -21.05 73.85
CA VAL H 230 20.03 -19.82 73.84
C VAL H 230 21.20 -19.95 72.87
N ALA H 231 21.89 -21.08 72.90
CA ALA H 231 23.00 -21.29 71.99
C ALA H 231 22.54 -21.27 70.54
N LEU H 232 21.43 -21.92 70.24
CA LEU H 232 20.92 -21.93 68.88
C LEU H 232 20.51 -20.53 68.43
N GLU H 233 19.86 -19.77 69.32
CA GLU H 233 19.49 -18.40 68.98
C GLU H 233 20.71 -17.56 68.68
N ASN H 234 21.75 -17.68 69.51
CA ASN H 234 22.96 -16.91 69.28
C ASN H 234 23.60 -17.29 67.95
N LEU H 235 23.69 -18.59 67.66
CA LEU H 235 24.26 -19.04 66.40
C LEU H 235 23.47 -18.48 65.21
N CYS H 236 22.15 -18.66 65.23
CA CYS H 236 21.34 -18.27 64.08
C CYS H 236 21.34 -16.75 63.89
N SER H 237 21.24 -15.99 64.97
CA SER H 237 21.16 -14.54 64.87
C SER H 237 22.53 -13.88 64.75
N ALA H 238 23.62 -14.64 64.88
CA ALA H 238 24.94 -14.05 64.71
C ALA H 238 25.02 -13.33 63.37
N TYR H 239 25.82 -12.26 63.35
CA TYR H 239 25.97 -11.44 62.14
C TYR H 239 26.62 -12.20 61.00
N ARG H 240 27.23 -13.37 61.25
CA ARG H 240 27.91 -14.11 60.21
C ARG H 240 27.08 -15.26 59.64
N TYR H 241 26.15 -15.82 60.42
CA TYR H 241 25.35 -16.96 59.96
C TYR H 241 24.01 -16.54 59.37
N GLN H 242 23.15 -15.91 60.17
CA GLN H 242 21.78 -15.60 59.77
C GLN H 242 21.07 -16.87 59.26
N TRP H 243 20.95 -17.84 60.16
CA TRP H 243 20.30 -19.11 59.89
C TRP H 243 18.97 -19.18 60.65
N ALA H 244 18.32 -20.33 60.57
CA ALA H 244 17.04 -20.57 61.24
C ALA H 244 17.14 -21.84 62.07
N ALA H 245 16.53 -21.82 63.26
CA ALA H 245 16.53 -22.94 64.18
C ALA H 245 15.10 -23.44 64.39
N LEU H 246 14.94 -24.76 64.39
CA LEU H 246 13.65 -25.40 64.64
C LEU H 246 13.72 -26.06 66.01
N ILE H 247 13.14 -25.39 67.00
CA ILE H 247 13.14 -25.85 68.38
C ILE H 247 11.99 -26.83 68.57
N ASP H 248 12.27 -27.89 69.34
CA ASP H 248 11.27 -28.89 69.69
C ASP H 248 11.01 -28.84 71.19
N SER H 249 9.78 -29.17 71.57
CA SER H 249 9.43 -29.24 72.97
C SER H 249 10.21 -30.34 73.66
N GLY H 250 10.14 -30.35 74.99
CA GLY H 250 10.72 -31.43 75.75
C GLY H 250 9.93 -32.70 75.55
N ALA H 251 10.34 -33.80 76.18
CA ALA H 251 9.62 -35.05 76.02
C ALA H 251 8.17 -34.89 76.47
N MET H 252 7.28 -35.66 75.85
CA MET H 252 5.87 -35.55 76.16
C MET H 252 5.60 -35.71 77.65
N SER H 253 6.32 -36.60 78.31
CA SER H 253 6.10 -36.84 79.74
C SER H 253 6.13 -35.54 80.53
N GLU H 254 7.11 -34.68 80.24
CA GLU H 254 7.15 -33.37 80.89
C GLU H 254 6.18 -32.41 80.22
N ILE H 255 6.36 -32.15 78.93
CA ILE H 255 5.47 -31.25 78.19
C ILE H 255 4.36 -32.13 77.63
N SER H 256 3.39 -32.43 78.50
CA SER H 256 2.27 -33.29 78.15
C SER H 256 1.05 -32.55 77.65
N ASN H 257 1.07 -31.21 77.62
CA ASN H 257 -0.11 -30.46 77.19
C ASN H 257 0.32 -29.15 76.53
N THR H 258 -0.61 -28.57 75.77
CA THR H 258 -0.33 -27.34 75.05
C THR H 258 -0.02 -26.18 76.00
N ASP H 259 -0.56 -26.20 77.22
CA ASP H 259 -0.25 -25.13 78.17
C ASP H 259 1.20 -25.21 78.64
N ARG H 260 1.69 -26.41 78.93
CA ARG H 260 3.10 -26.58 79.26
C ARG H 260 3.98 -26.21 78.07
N ALA H 261 3.55 -26.58 76.86
CA ALA H 261 4.29 -26.17 75.66
C ALA H 261 4.34 -24.65 75.57
N ILE H 262 3.24 -23.97 75.87
CA ILE H 262 3.19 -22.51 75.80
C ILE H 262 4.12 -21.91 76.83
N ALA H 263 4.17 -22.48 78.03
CA ALA H 263 5.09 -21.98 79.06
C ALA H 263 6.53 -22.12 78.59
N GLU H 264 6.87 -23.28 78.01
CA GLU H 264 8.23 -23.48 77.51
C GLU H 264 8.56 -22.47 76.41
N ALA H 265 7.62 -22.25 75.48
CA ALA H 265 7.83 -21.29 74.41
C ALA H 265 8.00 -19.88 74.97
N ALA H 266 7.21 -19.53 75.99
CA ALA H 266 7.34 -18.21 76.61
C ALA H 266 8.71 -18.04 77.23
N THR H 267 9.22 -19.08 77.88
CA THR H 267 10.60 -19.01 78.39
C THR H 267 11.58 -18.81 77.25
N TYR H 268 11.40 -19.54 76.15
CA TYR H 268 12.27 -19.36 74.99
C TYR H 268 12.08 -17.98 74.39
N ASN H 269 13.17 -17.38 73.92
CA ASN H 269 13.17 -16.02 73.39
C ASN H 269 13.96 -15.97 72.09
N SER H 270 13.43 -15.23 71.11
CA SER H 270 14.12 -15.01 69.83
C SER H 270 13.66 -13.66 69.30
N VAL H 271 14.49 -12.63 69.46
CA VAL H 271 14.06 -11.27 69.15
C VAL H 271 13.74 -11.13 67.67
N GLN H 272 14.61 -11.65 66.80
CA GLN H 272 14.44 -11.53 65.36
C GLN H 272 13.66 -12.71 64.77
N GLY H 273 13.16 -13.62 65.59
CA GLY H 273 12.39 -14.74 65.09
C GLY H 273 13.22 -15.80 64.39
N HIS H 274 14.49 -15.96 64.78
CA HIS H 274 15.32 -16.98 64.17
C HIS H 274 14.94 -18.38 64.64
N CYS H 275 14.32 -18.51 65.82
CA CYS H 275 13.91 -19.79 66.36
C CYS H 275 12.41 -19.96 66.22
N SER H 276 11.98 -21.12 65.74
CA SER H 276 10.57 -21.45 65.59
C SER H 276 10.27 -22.73 66.37
N TYR H 277 9.30 -22.65 67.26
CA TYR H 277 8.98 -23.76 68.15
C TYR H 277 7.91 -24.67 67.60
N TYR H 278 8.15 -25.98 67.68
CA TYR H 278 7.16 -26.96 67.25
C TYR H 278 6.96 -27.84 68.47
N TYR H 279 5.76 -28.37 68.68
CA TYR H 279 5.52 -29.13 69.92
C TYR H 279 4.94 -30.55 69.91
N PRO H 280 3.77 -30.80 69.26
CA PRO H 280 3.10 -32.12 69.41
C PRO H 280 3.88 -33.42 69.47
N TYR H 281 5.04 -33.56 68.82
CA TYR H 281 5.80 -34.82 68.74
C TYR H 281 5.09 -35.81 67.85
N LEU H 282 5.83 -36.61 67.11
CA LEU H 282 5.17 -37.48 66.16
C LEU H 282 5.39 -38.94 66.55
N ILE H 283 4.52 -39.82 66.08
CA ILE H 283 4.63 -41.25 66.32
C ILE H 283 4.99 -41.89 64.98
N ASN H 284 6.21 -42.39 64.87
CA ASN H 284 6.66 -42.97 63.61
C ASN H 284 5.94 -44.28 63.36
N LEU H 285 6.28 -44.93 62.24
CA LEU H 285 5.62 -46.18 61.88
C LEU H 285 5.90 -47.29 62.89
N ASP H 286 6.96 -47.16 63.69
CA ASP H 286 7.30 -48.14 64.70
C ASP H 286 6.78 -47.75 66.09
N ASP H 287 5.74 -46.91 66.14
CA ASP H 287 5.12 -46.51 67.41
C ASP H 287 6.11 -45.85 68.36
N GLN H 288 7.10 -45.17 67.81
CA GLN H 288 8.12 -44.48 68.60
C GLN H 288 7.91 -42.98 68.52
N GLN H 289 8.02 -42.30 69.65
CA GLN H 289 7.89 -40.85 69.69
C GLN H 289 9.17 -40.18 69.19
N VAL H 290 9.00 -39.19 68.31
CA VAL H 290 10.14 -38.50 67.71
C VAL H 290 9.86 -37.00 67.72
N PRO H 291 10.87 -36.16 67.97
CA PRO H 291 10.66 -34.72 67.81
C PRO H 291 10.33 -34.39 66.37
N PRO H 292 9.51 -33.36 66.13
CA PRO H 292 9.06 -33.06 64.76
C PRO H 292 10.02 -32.21 63.95
N SER H 293 11.14 -31.77 64.51
CA SER H 293 11.99 -30.81 63.81
C SER H 293 12.55 -31.40 62.52
N ALA H 294 12.98 -32.65 62.54
CA ALA H 294 13.55 -33.25 61.33
C ALA H 294 12.53 -33.34 60.22
N ALA H 295 11.31 -33.81 60.55
CA ALA H 295 10.25 -33.88 59.54
C ALA H 295 9.91 -32.50 59.01
N VAL H 296 9.83 -31.51 59.89
CA VAL H 296 9.50 -30.16 59.47
C VAL H 296 10.58 -29.63 58.51
N ALA H 297 11.85 -29.86 58.85
CA ALA H 297 12.94 -29.38 57.99
C ALA H 297 12.89 -30.06 56.63
N GLY H 298 12.69 -31.39 56.61
CA GLY H 298 12.61 -32.08 55.34
C GLY H 298 11.47 -31.58 54.47
N MET H 299 10.29 -31.42 55.08
CA MET H 299 9.15 -30.91 54.33
C MET H 299 9.40 -29.48 53.87
N ALA H 300 10.12 -28.69 54.67
CA ALA H 300 10.45 -27.32 54.28
C ALA H 300 11.33 -27.31 53.04
N LEU H 301 12.35 -28.18 53.01
CA LEU H 301 13.21 -28.24 51.83
C LEU H 301 12.43 -28.71 50.61
N TYR H 302 11.57 -29.72 50.79
CA TYR H 302 10.75 -30.19 49.67
C TYR H 302 9.86 -29.08 49.15
N ARG H 303 9.23 -28.32 50.05
CA ARG H 303 8.35 -27.23 49.64
C ARG H 303 9.14 -26.11 48.97
N PHE H 304 10.36 -25.84 49.44
CA PHE H 304 11.18 -24.85 48.78
C PHE H 304 11.47 -25.26 47.34
N VAL H 305 11.78 -26.54 47.13
CA VAL H 305 12.04 -27.02 45.78
C VAL H 305 10.79 -26.91 44.92
N ILE H 306 9.64 -27.29 45.48
CA ILE H 306 8.42 -27.41 44.67
C ILE H 306 7.79 -26.04 44.44
N ASP H 307 7.36 -25.37 45.51
CA ASP H 307 6.54 -24.16 45.41
C ASP H 307 7.33 -22.88 45.65
N GLY H 308 8.65 -22.95 45.75
CA GLY H 308 9.46 -21.77 45.92
C GLY H 308 9.85 -21.51 47.36
N PHE H 309 10.85 -20.65 47.54
CA PHE H 309 11.42 -20.39 48.86
C PHE H 309 10.58 -19.45 49.70
N ALA H 310 9.58 -18.78 49.12
CA ALA H 310 8.76 -17.85 49.90
C ALA H 310 7.65 -18.55 50.68
N GLU H 311 7.38 -19.82 50.39
CA GLU H 311 6.29 -20.52 51.07
C GLU H 311 6.77 -21.11 52.39
N PRO H 312 6.05 -20.89 53.49
CA PRO H 312 6.48 -21.43 54.78
C PRO H 312 6.20 -22.92 54.87
N PRO H 313 6.89 -23.63 55.77
CA PRO H 313 6.65 -25.08 55.94
C PRO H 313 5.37 -25.38 56.70
N ALA H 314 4.25 -25.36 56.00
CA ALA H 314 2.95 -25.63 56.58
C ALA H 314 1.94 -25.82 55.45
N GLY H 315 0.72 -26.17 55.82
CA GLY H 315 -0.36 -26.34 54.88
C GLY H 315 -0.78 -27.80 54.74
N VAL H 316 -1.93 -27.97 54.11
CA VAL H 316 -2.50 -29.30 53.92
C VAL H 316 -1.93 -30.03 52.70
N ASN H 317 -1.36 -29.31 51.74
CA ASN H 317 -0.84 -29.93 50.54
C ASN H 317 0.57 -30.47 50.71
N PHE H 318 1.14 -30.37 51.90
CA PHE H 318 2.46 -30.93 52.22
C PHE H 318 2.37 -31.71 53.53
N PRO H 319 1.61 -32.80 53.54
CA PRO H 319 1.54 -33.63 54.75
C PRO H 319 2.85 -34.36 55.00
N LEU H 320 3.11 -34.64 56.27
CA LEU H 320 4.34 -35.29 56.67
C LEU H 320 4.30 -36.78 56.31
N LYS H 321 5.49 -37.36 56.16
CA LYS H 321 5.64 -38.76 55.78
C LYS H 321 6.55 -39.45 56.79
N GLY H 322 6.42 -40.76 56.85
CA GLY H 322 7.13 -41.54 57.84
C GLY H 322 6.50 -41.54 59.22
N VAL H 323 5.28 -41.00 59.35
CA VAL H 323 4.57 -40.94 60.61
C VAL H 323 3.18 -41.52 60.42
N LYS H 324 2.55 -41.88 61.53
CA LYS H 324 1.18 -42.37 61.51
C LYS H 324 0.24 -41.66 62.47
N ASN H 325 0.76 -40.84 63.38
CA ASN H 325 -0.09 -40.10 64.32
C ASN H 325 0.78 -39.10 65.07
N VAL H 326 0.13 -38.32 65.93
CA VAL H 326 0.81 -37.36 66.80
C VAL H 326 0.67 -37.83 68.23
N ALA H 327 1.64 -37.45 69.06
CA ALA H 327 1.65 -37.90 70.45
C ALA H 327 0.58 -37.21 71.29
N TYR H 328 -0.01 -36.13 70.79
CA TYR H 328 -1.02 -35.39 71.54
C TYR H 328 -1.91 -34.65 70.56
N LYS H 329 -3.21 -34.67 70.83
CA LYS H 329 -4.20 -34.06 69.94
C LYS H 329 -4.44 -32.62 70.41
N VAL H 330 -3.92 -31.66 69.65
CA VAL H 330 -4.09 -30.25 70.00
C VAL H 330 -5.49 -29.82 69.59
N THR H 331 -6.25 -29.30 70.55
CA THR H 331 -7.62 -28.88 70.28
C THR H 331 -7.65 -27.51 69.62
N TRP H 332 -8.81 -27.18 69.04
CA TRP H 332 -8.92 -25.90 68.35
C TRP H 332 -8.71 -24.74 69.30
N GLU H 333 -9.30 -24.80 70.50
CA GLU H 333 -9.11 -23.73 71.46
C GLU H 333 -7.66 -23.65 71.93
N GLU H 334 -7.03 -24.81 72.15
CA GLU H 334 -5.63 -24.82 72.55
C GLU H 334 -4.77 -24.13 71.49
N GLN H 335 -5.02 -24.44 70.21
CA GLN H 335 -4.28 -23.74 69.15
C GLN H 335 -4.62 -22.26 69.11
N ASN H 336 -5.91 -21.93 69.27
CA ASN H 336 -6.33 -20.54 69.29
C ASN H 336 -5.58 -19.73 70.33
N VAL H 337 -5.20 -20.37 71.44
CA VAL H 337 -4.43 -19.68 72.46
C VAL H 337 -2.92 -19.77 72.20
N ALA H 338 -2.46 -20.86 71.59
CA ALA H 338 -1.03 -21.13 71.47
C ALA H 338 -0.38 -20.43 70.28
N ASN H 339 -1.00 -20.51 69.11
CA ASN H 339 -0.37 -19.96 67.91
C ASN H 339 0.05 -18.51 68.06
N PRO H 340 -0.74 -17.61 68.63
CA PRO H 340 -0.27 -16.23 68.81
C PRO H 340 0.96 -16.13 69.69
N GLU H 341 1.24 -17.14 70.51
CA GLU H 341 2.43 -17.16 71.37
C GLU H 341 3.63 -17.82 70.70
N GLY H 342 3.51 -18.19 69.42
CA GLY H 342 4.64 -18.74 68.70
C GLY H 342 4.77 -20.25 68.74
N VAL H 343 3.76 -20.96 69.23
CA VAL H 343 3.77 -22.42 69.29
C VAL H 343 3.10 -22.92 68.01
N ASN H 344 3.89 -23.56 67.14
CA ASN H 344 3.38 -24.11 65.89
C ASN H 344 2.91 -25.53 66.14
N CYS H 345 1.63 -25.78 65.87
CA CYS H 345 1.01 -27.06 66.17
C CYS H 345 1.12 -28.01 64.98
N ILE H 346 1.06 -29.31 65.27
CA ILE H 346 1.01 -30.35 64.25
C ILE H 346 -0.27 -31.13 64.48
N LEU H 347 -1.09 -31.25 63.44
CA LEU H 347 -2.43 -31.81 63.57
C LEU H 347 -2.58 -33.04 62.68
N ASN H 348 -3.26 -34.05 63.22
CA ASN H 348 -3.59 -35.26 62.46
C ASN H 348 -4.93 -35.03 61.75
N LYS H 349 -4.89 -34.16 60.76
CA LYS H 349 -6.10 -33.83 60.01
C LYS H 349 -6.54 -35.02 59.18
N GLU H 350 -7.80 -35.44 59.35
CA GLU H 350 -8.35 -36.52 58.56
C GLU H 350 -8.65 -36.01 57.15
N ASN H 351 -8.38 -36.85 56.17
CA ASN H 351 -8.49 -36.56 54.74
C ASN H 351 -7.33 -35.69 54.26
N TYR H 352 -6.44 -35.26 55.15
CA TYR H 352 -5.22 -34.53 54.78
C TYR H 352 -3.96 -35.21 55.29
N GLY H 353 -4.03 -35.85 56.46
CA GLY H 353 -2.87 -36.50 57.04
C GLY H 353 -2.30 -35.71 58.20
N ILE H 354 -1.02 -35.90 58.48
CA ILE H 354 -0.32 -35.13 59.50
C ILE H 354 0.21 -33.86 58.86
N VAL H 355 -0.25 -32.71 59.34
CA VAL H 355 0.04 -31.42 58.72
C VAL H 355 0.52 -30.44 59.77
N VAL H 356 1.56 -29.70 59.44
CA VAL H 356 2.02 -28.57 60.25
C VAL H 356 1.03 -27.42 60.03
N TRP H 357 0.44 -26.93 61.12
CA TRP H 357 -0.61 -25.92 61.01
C TRP H 357 -0.18 -24.65 61.73
N GLY H 358 1.07 -24.24 61.52
CA GLY H 358 1.59 -23.02 62.10
C GLY H 358 2.88 -22.59 61.45
N ALA H 359 3.04 -21.29 61.21
CA ALA H 359 4.22 -20.76 60.53
C ALA H 359 4.74 -19.51 61.25
N ARG H 360 4.59 -19.46 62.57
CA ARG H 360 5.00 -18.32 63.35
C ARG H 360 6.32 -18.60 64.06
N THR H 361 7.07 -17.53 64.32
CA THR H 361 8.33 -17.60 65.04
C THR H 361 8.10 -17.26 66.51
N LEU H 362 9.20 -17.16 67.26
CA LEU H 362 9.17 -16.79 68.67
C LEU H 362 9.51 -15.32 68.89
N SER H 363 9.11 -14.45 67.97
CA SER H 363 9.47 -13.05 67.99
C SER H 363 8.27 -12.19 68.35
N ALA H 364 8.50 -11.17 69.17
CA ALA H 364 7.47 -10.20 69.51
C ALA H 364 7.39 -9.05 68.51
N ASP H 365 8.35 -8.96 67.59
CA ASP H 365 8.31 -7.92 66.56
C ASP H 365 7.23 -8.25 65.55
N PRO H 366 6.23 -7.38 65.33
CA PRO H 366 5.17 -7.71 64.37
C PRO H 366 5.66 -7.87 62.94
N ASN H 367 6.82 -7.31 62.60
CA ASN H 367 7.32 -7.36 61.23
C ASN H 367 7.97 -8.69 60.88
N ILE H 368 8.36 -9.49 61.88
CA ILE H 368 9.05 -10.76 61.63
C ILE H 368 8.23 -11.88 62.24
N VAL H 369 6.90 -11.71 62.23
CA VAL H 369 6.02 -12.69 62.88
C VAL H 369 6.18 -14.06 62.23
N PHE H 370 6.40 -14.09 60.91
CA PHE H 370 6.30 -15.34 60.17
C PHE H 370 7.67 -15.88 59.76
N ILE H 371 7.79 -17.20 59.88
CA ILE H 371 9.01 -17.89 59.48
C ILE H 371 9.29 -17.70 58.00
N SER H 372 8.26 -17.46 57.18
CA SER H 372 8.50 -17.14 55.78
C SER H 372 9.30 -15.85 55.65
N THR H 373 8.92 -14.82 56.40
CA THR H 373 9.69 -13.57 56.41
C THR H 373 11.10 -13.82 56.93
N ARG H 374 11.23 -14.59 58.01
CA ARG H 374 12.55 -14.89 58.54
C ARG H 374 13.43 -15.54 57.47
N ILE H 375 12.88 -16.54 56.77
CA ILE H 375 13.65 -17.28 55.78
C ILE H 375 13.99 -16.40 54.59
N ILE H 376 13.07 -15.51 54.20
CA ILE H 376 13.35 -14.62 53.08
C ILE H 376 14.51 -13.70 53.42
N LEU H 377 14.50 -13.13 54.62
CA LEU H 377 15.61 -12.26 55.02
C LEU H 377 16.92 -13.04 55.07
N ASN H 378 16.88 -14.25 55.63
CA ASN H 378 18.10 -15.06 55.69
C ASN H 378 18.61 -15.36 54.29
N ILE H 379 17.72 -15.69 53.37
CA ILE H 379 18.14 -16.01 52.00
C ILE H 379 18.77 -14.79 51.35
N VAL H 380 18.17 -13.62 51.53
CA VAL H 380 18.75 -12.40 50.95
C VAL H 380 20.15 -12.19 51.49
N ILE H 381 20.31 -12.28 52.81
CA ILE H 381 21.61 -12.01 53.43
C ILE H 381 22.65 -13.01 52.92
N ASN H 382 22.30 -14.30 52.91
CA ASN H 382 23.27 -15.32 52.52
C ASN H 382 23.63 -15.21 51.05
N THR H 383 22.65 -14.93 50.19
CA THR H 383 22.96 -14.73 48.77
C THR H 383 23.92 -13.58 48.58
N LEU H 384 23.68 -12.45 49.28
CA LEU H 384 24.59 -11.32 49.14
C LEU H 384 25.98 -11.66 49.66
N ASN H 385 26.06 -12.40 50.77
CA ASN H 385 27.36 -12.77 51.32
C ASN H 385 28.14 -13.63 50.34
N ARG H 386 27.50 -14.68 49.81
CA ARG H 386 28.19 -15.55 48.87
C ARG H 386 28.52 -14.83 47.57
N GLY H 387 27.73 -13.84 47.17
CA GLY H 387 28.11 -13.04 46.02
C GLY H 387 29.35 -12.20 46.28
N TYR H 388 29.40 -11.54 47.43
CA TYR H 388 30.53 -10.66 47.74
C TYR H 388 31.79 -11.41 48.13
N ASP H 389 31.68 -12.72 48.39
CA ASP H 389 32.88 -13.51 48.63
C ASP H 389 33.89 -13.36 47.49
N PHE H 390 33.41 -13.26 46.25
CA PHE H 390 34.30 -13.05 45.12
C PHE H 390 34.91 -11.66 45.12
N ASP H 391 34.28 -10.69 45.76
CA ASP H 391 34.77 -9.32 45.77
C ASP H 391 35.67 -9.02 46.95
N ILE H 392 35.69 -9.87 47.97
CA ILE H 392 36.61 -9.67 49.08
C ILE H 392 38.03 -9.91 48.60
N PHE H 393 38.98 -9.13 49.16
CA PHE H 393 40.39 -9.16 48.82
C PHE H 393 40.68 -8.59 47.43
N ASN H 394 39.92 -7.61 46.98
CA ASN H 394 40.16 -6.95 45.70
C ASN H 394 40.72 -5.55 45.94
N SER H 395 41.68 -5.16 45.12
CA SER H 395 42.32 -3.86 45.27
C SER H 395 41.34 -2.73 44.97
N VAL H 396 41.36 -1.70 45.81
CA VAL H 396 40.59 -0.50 45.59
C VAL H 396 41.50 0.55 44.99
N GLY H 397 41.55 0.61 43.65
CA GLY H 397 42.44 1.51 42.97
C GLY H 397 41.95 2.95 43.01
N GLY H 398 42.60 3.79 42.21
CA GLY H 398 42.26 5.19 42.19
C GLY H 398 40.94 5.49 41.51
N THR H 399 40.49 4.59 40.63
CA THR H 399 39.21 4.77 39.96
C THR H 399 38.04 4.55 40.90
N ALA H 400 38.23 3.82 42.01
CA ALA H 400 37.15 3.50 42.93
C ALA H 400 36.02 2.79 42.22
N THR H 401 36.34 2.15 41.09
CA THR H 401 35.32 1.48 40.28
C THR H 401 34.80 0.20 40.93
N VAL H 402 35.57 -0.38 41.86
CA VAL H 402 35.13 -1.62 42.48
C VAL H 402 33.88 -1.40 43.32
N LEU H 403 33.68 -0.16 43.79
CA LEU H 403 32.51 0.16 44.61
C LEU H 403 31.30 0.16 43.73
N ASP H 404 31.46 0.67 42.51
CA ASP H 404 30.36 0.67 41.57
C ASP H 404 30.04 -0.78 41.25
N ASN H 405 31.07 -1.59 41.04
CA ASN H 405 30.87 -3.01 40.75
C ASN H 405 30.18 -3.76 41.88
N ILE H 406 30.47 -3.38 43.13
CA ILE H 406 29.87 -4.04 44.28
C ILE H 406 28.40 -3.63 44.38
N GLN H 407 28.10 -2.36 44.12
CA GLN H 407 26.71 -1.91 44.14
C GLN H 407 25.96 -2.54 42.97
N ARG H 408 26.64 -2.70 41.84
CA ARG H 408 26.03 -3.33 40.68
C ARG H 408 25.80 -4.80 40.94
N LYS H 409 26.70 -5.42 41.70
CA LYS H 409 26.54 -6.82 42.04
C LYS H 409 25.24 -6.99 42.79
N THR H 410 25.00 -6.14 43.79
CA THR H 410 23.73 -6.20 44.52
C THR H 410 22.55 -6.12 43.61
N ASN H 411 22.54 -5.16 42.70
CA ASN H 411 21.43 -5.03 41.76
C ASN H 411 21.12 -6.37 41.10
N THR H 412 22.12 -6.99 40.49
CA THR H 412 21.93 -8.29 39.86
C THR H 412 21.45 -9.36 40.83
N LEU H 413 22.12 -9.48 41.97
CA LEU H 413 21.75 -10.48 42.97
C LEU H 413 20.31 -10.32 43.42
N LEU H 414 19.90 -9.09 43.70
CA LEU H 414 18.55 -8.85 44.18
C LEU H 414 17.53 -8.99 43.08
N THR H 415 17.85 -8.58 41.86
CA THR H 415 16.93 -8.82 40.74
C THR H 415 16.68 -10.32 40.56
N THR H 416 17.72 -11.13 40.70
CA THR H 416 17.53 -12.58 40.63
C THR H 416 16.58 -13.05 41.71
N LEU H 417 16.76 -12.57 42.94
CA LEU H 417 15.85 -12.94 44.02
C LEU H 417 14.42 -12.47 43.75
N TYR H 418 14.28 -11.25 43.22
CA TYR H 418 12.95 -10.73 42.89
C TYR H 418 12.27 -11.61 41.84
N GLN H 419 13.02 -12.02 40.81
CA GLN H 419 12.47 -12.95 39.83
C GLN H 419 12.06 -14.26 40.50
N ALA H 420 12.87 -14.74 41.44
CA ALA H 420 12.48 -15.92 42.21
C ALA H 420 11.16 -15.69 42.94
N GLY H 421 10.89 -14.46 43.35
CA GLY H 421 9.61 -14.11 43.94
C GLY H 421 9.60 -13.98 45.45
N LEU H 422 10.66 -13.44 46.04
CA LEU H 422 10.78 -13.35 47.49
C LEU H 422 10.34 -12.01 48.05
N PHE H 423 9.80 -11.13 47.22
CA PHE H 423 9.47 -9.76 47.63
C PHE H 423 8.03 -9.46 47.28
N TYR H 424 7.46 -8.48 47.99
CA TYR H 424 6.09 -8.02 47.74
C TYR H 424 6.21 -6.75 46.90
N GLY H 425 6.21 -6.91 45.58
CA GLY H 425 6.23 -5.77 44.70
C GLY H 425 6.07 -6.16 43.24
N GLN H 426 5.19 -5.45 42.54
CA GLN H 426 5.00 -5.69 41.12
C GLN H 426 6.26 -5.41 40.31
N THR H 427 7.16 -4.58 40.83
CA THR H 427 8.41 -4.26 40.15
C THR H 427 9.54 -4.17 41.17
N THR H 428 10.78 -4.23 40.67
CA THR H 428 11.94 -4.12 41.55
C THR H 428 11.91 -2.83 42.35
N SER H 429 11.41 -1.74 41.75
CA SER H 429 11.18 -0.51 42.51
C SER H 429 10.24 -0.77 43.67
N GLU H 430 9.33 -1.73 43.54
CA GLU H 430 8.47 -2.15 44.63
C GLU H 430 9.06 -3.31 45.41
N ALA H 431 10.29 -3.74 45.10
CA ALA H 431 10.90 -4.86 45.80
C ALA H 431 12.04 -4.42 46.72
N PHE H 432 12.95 -3.58 46.27
CA PHE H 432 14.16 -3.32 47.04
C PHE H 432 14.83 -2.03 46.59
N SER H 433 15.80 -1.60 47.40
CA SER H 433 16.65 -0.46 47.08
C SER H 433 18.04 -0.72 47.68
N VAL H 434 19.06 -0.20 47.00
CA VAL H 434 20.45 -0.46 47.35
C VAL H 434 21.21 0.86 47.45
N LEU H 435 22.25 0.87 48.28
CA LEU H 435 23.14 2.03 48.39
C LEU H 435 24.49 1.52 48.86
N GLY H 436 25.44 1.45 47.93
CA GLY H 436 26.78 0.97 48.26
C GLY H 436 27.89 1.67 47.52
N ASP H 437 27.58 2.82 46.91
CA ASP H 437 28.56 3.53 46.11
C ASP H 437 29.58 4.23 47.01
N ALA H 438 30.51 4.95 46.39
CA ALA H 438 31.59 5.61 47.12
C ALA H 438 31.09 6.76 47.97
N SER H 439 29.86 7.22 47.78
CA SER H 439 29.34 8.34 48.56
C SER H 439 29.18 7.98 50.03
N VAL H 440 29.13 6.69 50.35
CA VAL H 440 28.95 6.23 51.72
C VAL H 440 30.16 5.43 52.20
N GLN H 441 31.35 5.74 51.67
CA GLN H 441 32.59 5.10 52.08
C GLN H 441 33.50 6.13 52.73
N VAL H 442 34.03 5.80 53.89
CA VAL H 442 34.89 6.70 54.66
C VAL H 442 36.35 6.33 54.38
N PRO H 443 37.21 7.30 54.05
CA PRO H 443 38.60 6.94 53.72
C PRO H 443 39.31 6.16 54.82
N SER H 444 39.09 6.51 56.09
CA SER H 444 39.74 5.76 57.17
C SER H 444 39.24 4.32 57.21
N LEU H 445 37.93 4.12 57.08
CA LEU H 445 37.40 2.77 57.04
C LEU H 445 37.91 2.02 55.82
N LEU H 446 38.10 2.71 54.70
CA LEU H 446 38.69 2.07 53.53
C LEU H 446 40.12 1.65 53.80
N GLN H 447 40.90 2.50 54.48
CA GLN H 447 42.25 2.11 54.86
C GLN H 447 42.25 0.87 55.74
N GLN H 448 41.33 0.80 56.70
CA GLN H 448 41.18 -0.41 57.50
C GLN H 448 40.58 -1.57 56.73
N GLY H 449 40.06 -1.33 55.53
CA GLY H 449 39.50 -2.38 54.71
C GLY H 449 38.00 -2.57 54.84
N LEU H 450 37.30 -1.61 55.45
CA LEU H 450 35.86 -1.74 55.65
C LEU H 450 35.12 -1.09 54.49
N VAL H 451 34.10 -1.78 54.00
CA VAL H 451 33.21 -1.25 52.96
C VAL H 451 31.78 -1.48 53.45
N ASN H 452 30.96 -0.42 53.40
CA ASN H 452 29.60 -0.44 53.92
C ASN H 452 28.60 -0.46 52.78
N MET H 453 27.62 -1.36 52.89
CA MET H 453 26.50 -1.43 51.95
C MET H 453 25.21 -1.36 52.75
N PHE H 454 24.19 -0.72 52.17
CA PHE H 454 22.88 -0.58 52.80
C PHE H 454 21.83 -1.11 51.83
N ILE H 455 20.93 -1.95 52.34
CA ILE H 455 19.90 -2.58 51.53
C ILE H 455 18.56 -2.44 52.24
N TRP H 456 17.53 -2.06 51.49
CA TRP H 456 16.16 -2.08 51.98
C TRP H 456 15.37 -3.07 51.13
N VAL H 457 14.70 -4.01 51.80
CA VAL H 457 13.91 -5.03 51.11
C VAL H 457 12.56 -5.13 51.78
N VAL H 458 11.62 -5.75 51.08
CA VAL H 458 10.26 -5.92 51.58
C VAL H 458 9.79 -7.34 51.26
N PRO H 459 9.87 -8.27 52.20
CA PRO H 459 9.52 -9.66 51.90
C PRO H 459 8.02 -9.82 51.66
N SER H 460 7.69 -10.89 50.95
CA SER H 460 6.30 -11.28 50.79
C SER H 460 5.74 -11.80 52.10
N THR H 461 4.42 -11.72 52.24
CA THR H 461 3.71 -12.27 53.38
C THR H 461 2.95 -13.52 52.94
N ILE H 462 2.20 -14.09 53.88
CA ILE H 462 1.47 -15.33 53.65
C ILE H 462 0.03 -15.14 54.10
N ILE H 463 -0.80 -16.10 53.71
CA ILE H 463 -2.21 -16.14 54.11
C ILE H 463 -2.32 -17.05 55.32
N GLU H 464 -2.71 -16.49 56.46
CA GLU H 464 -2.80 -17.24 57.71
C GLU H 464 -4.22 -17.65 58.04
N ARG H 465 -5.16 -16.71 58.09
CA ARG H 465 -6.56 -17.02 58.30
C ARG H 465 -7.40 -16.24 57.30
N LEU H 466 -8.34 -16.93 56.67
CA LEU H 466 -9.19 -16.37 55.62
C LEU H 466 -10.61 -16.25 56.16
N ILE H 467 -11.17 -15.05 56.10
CA ILE H 467 -12.49 -14.77 56.67
C ILE H 467 -13.50 -14.69 55.54
N ILE H 468 -14.59 -15.44 55.67
CA ILE H 468 -15.67 -15.46 54.70
C ILE H 468 -16.86 -14.76 55.34
N ASN H 469 -17.23 -13.61 54.79
CA ASN H 469 -18.40 -12.86 55.25
C ASN H 469 -19.52 -13.09 54.24
N ILE H 470 -20.47 -13.93 54.59
CA ILE H 470 -21.53 -14.37 53.69
C ILE H 470 -22.83 -13.71 54.11
N LYS H 471 -23.68 -13.43 53.12
CA LYS H 471 -25.01 -12.92 53.38
C LYS H 471 -26.04 -13.73 52.60
N GLN H 472 -27.18 -13.98 53.23
CA GLN H 472 -28.28 -14.74 52.64
C GLN H 472 -29.42 -13.84 52.17
N THR H 473 -29.41 -13.51 50.89
CA THR H 473 -30.43 -12.64 50.33
C THR H 473 -31.75 -13.35 50.06
N ALA H 474 -32.85 -12.63 50.30
CA ALA H 474 -34.15 -13.12 49.91
C ALA H 474 -34.26 -13.14 48.38
N ILE H 475 -35.24 -13.87 47.87
CA ILE H 475 -35.43 -13.97 46.42
C ILE H 475 -35.55 -12.60 45.76
N GLY H 476 -34.66 -12.31 44.81
CA GLY H 476 -34.73 -11.05 44.09
C GLY H 476 -34.06 -9.90 44.81
N ASP H 477 -32.93 -10.16 45.46
CA ASP H 477 -32.20 -9.10 46.13
C ASP H 477 -30.75 -9.14 45.67
N LEU H 478 -30.42 -10.12 44.86
CA LEU H 478 -29.04 -10.27 44.39
C LEU H 478 -28.69 -9.25 43.32
N GLU H 479 -29.64 -8.94 42.45
CA GLU H 479 -29.40 -7.97 41.39
C GLU H 479 -29.76 -6.56 41.83
N ALA H 480 -29.83 -6.32 43.14
CA ALA H 480 -30.20 -5.02 43.65
C ALA H 480 -29.40 -4.64 44.87
N THR H 481 -29.81 -5.14 46.03
CA THR H 481 -29.13 -4.81 47.29
C THR H 481 -27.64 -5.07 47.24
N VAL H 482 -27.25 -6.28 46.84
CA VAL H 482 -25.84 -6.66 46.77
C VAL H 482 -24.92 -5.59 46.20
N ALA H 483 -25.26 -5.05 45.03
CA ALA H 483 -24.44 -4.02 44.41
C ALA H 483 -24.18 -2.82 45.34
N LEU H 484 -25.21 -2.37 46.03
CA LEU H 484 -25.07 -1.24 46.93
C LEU H 484 -24.25 -1.58 48.18
N ASP H 485 -24.44 -2.77 48.71
CA ASP H 485 -23.67 -3.19 49.88
C ASP H 485 -22.21 -3.25 49.51
N THR H 486 -21.93 -3.70 48.30
CA THR H 486 -20.54 -3.78 47.82
C THR H 486 -19.94 -2.40 47.61
N ALA H 487 -20.74 -1.46 47.08
CA ALA H 487 -20.27 -0.09 46.96
C ALA H 487 -19.92 0.47 48.34
N ALA H 488 -20.74 0.15 49.34
CA ALA H 488 -20.42 0.57 50.71
C ALA H 488 -19.08 -0.01 51.15
N LEU H 489 -18.88 -1.30 50.93
CA LEU H 489 -17.62 -1.94 51.34
C LEU H 489 -16.42 -1.30 50.62
N GLN H 490 -16.55 -1.10 49.31
CA GLN H 490 -15.46 -0.52 48.53
C GLN H 490 -15.15 0.89 49.00
N SER H 491 -16.18 1.70 49.27
CA SER H 491 -15.94 3.05 49.76
C SER H 491 -15.22 3.02 51.10
N SER H 492 -15.64 2.11 52.00
CA SER H 492 -14.95 1.99 53.28
C SER H 492 -13.48 1.67 53.08
N VAL H 493 -13.18 0.69 52.22
CA VAL H 493 -11.79 0.29 52.03
C VAL H 493 -10.98 1.42 51.42
N GLU H 494 -11.54 2.11 50.40
CA GLU H 494 -10.81 3.20 49.76
C GLU H 494 -10.53 4.33 50.74
N GLU H 495 -11.53 4.70 51.54
CA GLU H 495 -11.32 5.77 52.50
C GLU H 495 -10.32 5.37 53.57
N GLY H 496 -10.33 4.09 53.97
CA GLY H 496 -9.52 3.63 55.07
C GLY H 496 -10.27 3.47 56.37
N THR H 497 -11.58 3.75 56.38
CA THR H 497 -12.39 3.57 57.57
C THR H 497 -12.75 2.10 57.82
N ALA H 498 -12.37 1.19 56.92
CA ALA H 498 -12.71 -0.21 57.09
C ALA H 498 -12.11 -0.77 58.37
N THR H 499 -10.83 -0.50 58.60
CA THR H 499 -10.14 -1.09 59.75
C THR H 499 -10.53 -0.42 61.06
N GLU H 500 -10.65 0.91 61.07
CA GLU H 500 -10.88 1.62 62.32
C GLU H 500 -12.15 1.11 63.00
N GLY H 501 -12.22 1.32 64.31
CA GLY H 501 -13.35 0.88 65.10
C GLY H 501 -13.02 -0.32 65.96
N THR H 502 -13.74 -0.49 67.06
CA THR H 502 -13.50 -1.64 67.92
C THR H 502 -13.67 -2.94 67.15
N ALA H 503 -12.74 -3.86 67.34
CA ALA H 503 -12.80 -5.16 66.67
C ALA H 503 -13.82 -6.10 67.30
N PRO H 504 -14.84 -6.55 66.57
CA PRO H 504 -15.76 -7.53 67.13
C PRO H 504 -15.02 -8.68 67.78
N VAL H 505 -15.21 -8.81 69.09
CA VAL H 505 -14.49 -9.79 69.87
C VAL H 505 -14.95 -11.18 69.49
N MET I 1 38.38 -44.86 -20.58
CA MET I 1 39.05 -45.27 -21.80
C MET I 1 38.07 -45.25 -22.97
N THR I 2 37.23 -46.27 -23.01
CA THR I 2 36.34 -46.51 -24.13
C THR I 2 35.08 -45.66 -24.01
N ASN I 3 34.09 -45.98 -24.85
CA ASN I 3 32.76 -45.39 -24.88
C ASN I 3 32.74 -43.98 -25.48
N PHE I 4 33.90 -43.41 -25.82
CA PHE I 4 33.94 -42.11 -26.47
C PHE I 4 34.73 -42.08 -27.77
N LEU I 5 35.60 -43.07 -28.01
CA LEU I 5 36.49 -43.07 -29.15
C LEU I 5 36.04 -44.01 -30.26
N ASN I 6 34.81 -44.52 -30.20
CA ASN I 6 34.36 -45.48 -31.19
C ASN I 6 34.37 -44.88 -32.59
N GLY I 7 33.95 -43.63 -32.71
CA GLY I 7 33.82 -42.99 -34.01
C GLY I 7 35.06 -42.27 -34.50
N VAL I 8 36.14 -42.30 -33.73
CA VAL I 8 37.34 -41.57 -34.11
C VAL I 8 37.92 -42.11 -35.40
N ASN I 9 38.06 -43.43 -35.50
CA ASN I 9 38.59 -44.06 -36.71
C ASN I 9 37.42 -44.43 -37.64
N ILE I 10 36.68 -43.41 -38.07
CA ILE I 10 35.57 -43.60 -39.03
C ILE I 10 35.52 -42.32 -39.85
N GLY I 11 35.32 -42.41 -41.16
CA GLY I 11 35.32 -41.24 -42.01
C GLY I 11 33.99 -40.87 -42.65
N THR I 12 33.21 -41.87 -43.03
CA THR I 12 31.90 -41.62 -43.64
C THR I 12 31.00 -40.84 -42.69
N PRO I 13 30.33 -39.79 -43.19
CA PRO I 13 29.48 -38.96 -42.33
C PRO I 13 28.12 -39.48 -41.87
N GLY I 14 27.97 -40.75 -41.55
CA GLY I 14 26.67 -41.27 -41.18
C GLY I 14 26.40 -41.36 -39.69
N ALA I 15 25.32 -42.04 -39.31
CA ALA I 15 25.01 -42.22 -37.89
C ALA I 15 24.97 -43.72 -37.63
N TYR I 16 25.61 -44.15 -36.54
CA TYR I 16 25.84 -45.58 -36.33
C TYR I 16 26.09 -45.86 -34.86
N ALA I 17 25.83 -47.11 -34.48
CA ALA I 17 25.70 -47.51 -33.09
C ALA I 17 26.69 -48.57 -32.63
N PHE I 18 27.18 -48.39 -31.41
CA PHE I 18 28.01 -49.37 -30.71
C PHE I 18 27.35 -49.73 -29.39
N TYR I 19 27.94 -50.68 -28.68
CA TYR I 19 27.40 -51.19 -27.43
C TYR I 19 28.26 -50.73 -26.27
N GLN I 20 27.62 -50.18 -25.25
CA GLN I 20 28.35 -49.61 -24.11
C GLN I 20 29.18 -50.67 -23.42
N THR I 21 30.43 -50.33 -23.11
CA THR I 21 31.28 -51.14 -22.26
C THR I 21 31.45 -50.43 -20.92
N THR I 22 32.02 -51.12 -19.94
CA THR I 22 32.28 -50.49 -18.65
C THR I 22 33.23 -49.32 -18.81
N GLN I 23 32.78 -48.13 -18.43
CA GLN I 23 33.66 -46.98 -18.49
C GLN I 23 34.58 -47.04 -17.27
N SER I 24 35.88 -46.97 -17.51
CA SER I 24 36.84 -47.01 -16.41
C SER I 24 36.56 -45.90 -15.42
N ARG I 25 36.51 -46.25 -14.13
CA ARG I 25 36.26 -45.26 -13.09
C ARG I 25 37.57 -44.59 -12.71
N PRO I 26 37.67 -43.28 -12.95
CA PRO I 26 38.93 -42.60 -12.66
C PRO I 26 39.05 -42.19 -11.20
N ILE I 27 40.27 -41.98 -10.72
CA ILE I 27 40.47 -41.67 -9.30
C ILE I 27 41.12 -40.31 -9.10
N ASN I 28 40.47 -39.43 -8.34
CA ASN I 28 40.99 -38.09 -8.10
C ASN I 28 42.22 -38.08 -7.18
N VAL I 29 43.22 -37.28 -7.51
CA VAL I 29 44.39 -37.18 -6.65
C VAL I 29 44.11 -36.32 -5.42
N GLU I 30 44.15 -36.92 -4.23
CA GLU I 30 43.89 -36.24 -2.98
C GLU I 30 44.36 -37.14 -1.84
N PRO I 31 44.58 -36.58 -0.64
CA PRO I 31 45.46 -37.25 0.33
C PRO I 31 45.34 -38.76 0.48
N PHE I 32 44.16 -39.28 0.86
CA PHE I 32 44.07 -40.66 1.34
C PHE I 32 43.05 -41.46 0.53
N ARG I 33 43.46 -41.95 -0.65
CA ARG I 33 42.71 -43.00 -1.33
C ARG I 33 43.65 -43.92 -2.09
N THR I 34 44.77 -44.29 -1.47
CA THR I 34 45.74 -45.16 -2.09
C THR I 34 46.26 -46.17 -1.08
N CYS I 35 46.69 -47.32 -1.58
CA CYS I 35 47.29 -48.37 -0.76
C CYS I 35 48.60 -48.80 -1.40
N TYR I 36 49.66 -48.83 -0.60
CA TYR I 36 51.00 -49.21 -1.04
C TYR I 36 51.32 -50.58 -0.46
N MET I 37 51.41 -51.58 -1.32
CA MET I 37 51.68 -52.95 -0.92
C MET I 37 53.13 -53.28 -1.22
N VAL I 38 53.89 -53.64 -0.19
CA VAL I 38 55.28 -54.04 -0.32
C VAL I 38 55.30 -55.55 -0.48
N GLY I 39 55.80 -56.03 -1.62
CA GLY I 39 55.83 -57.45 -1.90
C GLY I 39 57.09 -57.87 -2.61
N PHE I 40 57.11 -59.12 -3.10
CA PHE I 40 58.26 -59.65 -3.81
C PHE I 40 57.80 -60.42 -5.03
N ALA I 41 58.60 -60.37 -6.08
CA ALA I 41 58.36 -61.15 -7.28
C ALA I 41 59.71 -61.57 -7.85
N SER I 42 59.82 -62.84 -8.24
CA SER I 42 61.04 -63.31 -8.88
C SER I 42 61.39 -62.46 -10.10
N ASN I 43 60.36 -62.01 -10.82
CA ASN I 43 60.54 -61.07 -11.92
C ASN I 43 60.88 -59.70 -11.34
N GLY I 44 62.16 -59.35 -11.37
CA GLY I 44 62.56 -58.03 -10.92
C GLY I 44 62.41 -57.03 -12.04
N VAL I 45 61.31 -56.28 -12.03
CA VAL I 45 60.93 -55.40 -13.12
C VAL I 45 60.93 -53.93 -12.68
N ASN I 46 60.21 -53.63 -11.60
CA ASN I 46 60.17 -52.29 -11.02
C ASN I 46 60.59 -52.35 -9.56
N LYS I 47 61.66 -53.08 -9.29
CA LYS I 47 62.10 -53.29 -7.92
C LYS I 47 62.38 -51.96 -7.23
N ASN I 48 61.86 -51.82 -6.01
CA ASN I 48 62.00 -50.59 -5.24
C ASN I 48 61.52 -49.37 -6.05
N VAL I 49 60.44 -49.55 -6.79
CA VAL I 49 59.83 -48.47 -7.55
C VAL I 49 58.31 -48.64 -7.47
N PRO I 50 57.60 -47.86 -6.65
CA PRO I 50 56.15 -48.02 -6.55
C PRO I 50 55.49 -47.87 -7.91
N THR I 51 54.89 -48.95 -8.38
CA THR I 51 54.22 -48.99 -9.68
C THR I 51 52.73 -49.18 -9.47
N ARG I 52 51.92 -48.33 -10.09
CA ARG I 52 50.47 -48.46 -9.97
C ARG I 52 49.99 -49.72 -10.70
N ILE I 53 49.04 -50.41 -10.07
CA ILE I 53 48.43 -51.60 -10.62
C ILE I 53 46.99 -51.27 -10.99
N SER I 54 46.60 -51.61 -12.22
CA SER I 54 45.26 -51.33 -12.69
C SER I 54 44.26 -52.44 -12.33
N ASN I 55 44.72 -53.67 -12.19
CA ASN I 55 43.84 -54.78 -11.85
C ASN I 55 44.70 -56.02 -11.61
N LEU I 56 44.06 -57.10 -11.18
CA LEU I 56 44.76 -58.34 -10.90
C LEU I 56 45.43 -58.88 -12.16
N THR I 57 44.76 -58.76 -13.32
CA THR I 57 45.36 -59.22 -14.56
C THR I 57 46.63 -58.46 -14.87
N ASP I 58 46.61 -57.13 -14.69
CA ASP I 58 47.81 -56.34 -14.92
C ASP I 58 48.92 -56.73 -13.95
N PHE I 59 48.57 -56.94 -12.68
CA PHE I 59 49.58 -57.36 -11.71
C PHE I 59 50.22 -58.67 -12.12
N THR I 60 49.41 -59.65 -12.51
CA THR I 60 49.95 -60.94 -12.91
C THR I 60 50.81 -60.82 -14.16
N ASN I 61 50.37 -59.99 -15.11
CA ASN I 61 51.14 -59.81 -16.34
C ASN I 61 52.50 -59.21 -16.06
N VAL I 62 52.55 -58.20 -15.17
CA VAL I 62 53.80 -57.50 -14.94
C VAL I 62 54.74 -58.31 -14.06
N TYR I 63 54.24 -58.79 -12.92
CA TYR I 63 55.07 -59.46 -11.93
C TYR I 63 54.96 -60.98 -11.95
N GLY I 64 54.04 -61.53 -12.73
CA GLY I 64 53.92 -62.98 -12.80
C GLY I 64 53.59 -63.56 -11.44
N THR I 65 54.44 -64.48 -10.98
CA THR I 65 54.21 -65.16 -9.70
C THR I 65 54.60 -64.26 -8.54
N SER I 66 53.79 -64.29 -7.49
CA SER I 66 54.06 -63.55 -6.27
C SER I 66 53.07 -63.99 -5.20
N ALA I 67 53.56 -64.09 -3.96
CA ALA I 67 52.68 -64.45 -2.85
C ALA I 67 51.65 -63.36 -2.55
N SER I 68 51.81 -62.17 -3.12
CA SER I 68 50.88 -61.07 -2.90
C SER I 68 49.71 -61.08 -3.86
N THR I 69 49.61 -62.08 -4.75
CA THR I 69 48.53 -62.11 -5.71
C THR I 69 47.17 -62.19 -5.03
N ASN I 70 47.06 -63.03 -4.01
CA ASN I 70 45.79 -63.15 -3.28
C ASN I 70 45.43 -61.82 -2.61
N SER I 71 46.42 -61.16 -2.01
CA SER I 71 46.17 -59.88 -1.36
C SER I 71 45.70 -58.83 -2.37
N VAL I 72 46.33 -58.81 -3.56
CA VAL I 72 45.91 -57.87 -4.59
C VAL I 72 44.49 -58.17 -5.04
N ASP I 73 44.16 -59.45 -5.21
CA ASP I 73 42.80 -59.83 -5.57
C ASP I 73 41.79 -59.34 -4.55
N LEU I 74 42.09 -59.56 -3.26
CA LEU I 74 41.20 -59.08 -2.20
C LEU I 74 41.08 -57.57 -2.24
N PHE I 75 42.19 -56.86 -2.42
CA PHE I 75 42.15 -55.40 -2.44
C PHE I 75 41.23 -54.91 -3.54
N PHE I 76 41.38 -55.46 -4.75
CA PHE I 76 40.54 -54.98 -5.85
C PHE I 76 39.08 -55.38 -5.66
N LYS I 77 38.83 -56.60 -5.17
CA LYS I 77 37.46 -57.02 -4.91
C LYS I 77 36.76 -56.08 -3.93
N ASN I 78 37.48 -55.65 -2.88
CA ASN I 78 36.89 -54.80 -1.87
C ASN I 78 36.85 -53.32 -2.27
N SER I 79 37.80 -52.87 -3.09
CA SER I 79 37.81 -51.48 -3.53
C SER I 79 36.80 -51.22 -4.62
N GLN I 80 36.54 -52.18 -5.49
CA GLN I 80 35.52 -52.05 -6.54
C GLN I 80 35.86 -50.91 -7.49
N GLY I 81 37.14 -50.73 -7.77
CA GLY I 81 37.59 -49.72 -8.70
C GLY I 81 37.93 -48.37 -8.08
N PHE I 82 37.44 -48.10 -6.88
CA PHE I 82 37.82 -46.88 -6.18
C PHE I 82 39.21 -47.03 -5.56
N GLY I 83 39.89 -45.90 -5.42
CA GLY I 83 41.22 -45.90 -4.84
C GLY I 83 42.24 -46.57 -5.74
N ASN I 84 43.52 -46.34 -5.46
CA ASN I 84 44.61 -46.88 -6.25
C ASN I 84 45.44 -47.85 -5.41
N LEU I 85 46.05 -48.82 -6.10
CA LEU I 85 47.01 -49.73 -5.50
C LEU I 85 48.35 -49.53 -6.17
N TYR I 86 49.40 -49.36 -5.36
CA TYR I 86 50.77 -49.34 -5.84
C TYR I 86 51.48 -50.56 -5.28
N PHE I 87 52.29 -51.21 -6.10
CA PHE I 87 53.07 -52.36 -5.68
C PHE I 87 54.54 -51.96 -5.66
N VAL I 88 55.24 -52.36 -4.61
CA VAL I 88 56.67 -52.11 -4.46
C VAL I 88 57.35 -53.47 -4.37
N ASN I 89 58.07 -53.85 -5.42
CA ASN I 89 58.80 -55.11 -5.45
C ASN I 89 60.14 -54.92 -4.75
N VAL I 90 60.38 -55.72 -3.71
CA VAL I 90 61.62 -55.59 -2.95
C VAL I 90 62.80 -55.98 -3.84
N ALA I 91 63.85 -55.18 -3.82
CA ALA I 91 65.05 -55.43 -4.60
C ALA I 91 66.03 -56.26 -3.78
N ILE I 92 66.50 -57.35 -4.35
CA ILE I 92 67.52 -58.17 -3.69
C ILE I 92 68.88 -57.56 -3.97
N PRO I 93 69.69 -57.27 -2.95
CA PRO I 93 71.01 -56.70 -3.22
C PRO I 93 71.88 -57.65 -4.04
N THR I 94 72.34 -57.16 -5.18
CA THR I 94 73.22 -57.95 -6.04
C THR I 94 74.47 -58.35 -5.27
N ARG I 95 75.16 -59.38 -5.75
CA ARG I 95 76.40 -59.82 -5.14
C ARG I 95 77.30 -60.42 -6.21
N TYR I 96 78.59 -60.21 -6.04
CA TYR I 96 79.59 -60.77 -6.93
C TYR I 96 80.66 -61.47 -6.12
N GLN I 97 81.06 -62.66 -6.56
CA GLN I 97 82.10 -63.43 -5.90
C GLN I 97 83.30 -63.52 -6.82
N ILE I 98 84.46 -63.10 -6.31
CA ILE I 98 85.71 -63.09 -7.06
C ILE I 98 86.65 -64.08 -6.38
N VAL I 99 87.03 -65.12 -7.11
CA VAL I 99 87.97 -66.12 -6.63
C VAL I 99 89.35 -65.78 -7.19
N VAL I 100 90.35 -65.75 -6.32
CA VAL I 100 91.74 -65.49 -6.72
C VAL I 100 92.39 -66.86 -6.89
N THR I 101 92.28 -67.41 -8.10
CA THR I 101 92.75 -68.78 -8.34
C THR I 101 94.24 -68.91 -8.08
N ALA I 102 95.04 -68.00 -8.64
CA ALA I 102 96.49 -68.09 -8.55
C ALA I 102 97.05 -66.72 -8.19
N ALA I 103 98.27 -66.73 -7.62
CA ALA I 103 98.97 -65.53 -7.21
C ALA I 103 99.97 -65.04 -8.25
N THR I 104 99.66 -65.23 -9.54
CA THR I 104 100.57 -64.83 -10.59
C THR I 104 100.87 -63.34 -10.51
N ALA I 105 102.15 -62.99 -10.58
CA ALA I 105 102.55 -61.60 -10.53
C ALA I 105 102.20 -60.90 -11.85
N GLY I 106 101.71 -59.68 -11.74
CA GLY I 106 101.33 -58.92 -12.91
C GLY I 106 100.36 -57.82 -12.56
N SER I 107 99.82 -57.21 -13.61
CA SER I 107 98.86 -56.12 -13.48
C SER I 107 97.49 -56.60 -13.93
N TYR I 108 96.48 -56.33 -13.09
CA TYR I 108 95.11 -56.76 -13.36
C TYR I 108 94.19 -55.62 -12.95
N SER I 109 92.88 -55.80 -13.15
CA SER I 109 91.94 -54.74 -12.84
C SER I 109 90.60 -55.33 -12.39
N VAL I 110 89.95 -54.65 -11.46
CA VAL I 110 88.60 -54.97 -11.02
C VAL I 110 87.76 -53.72 -11.18
N THR I 111 86.68 -53.81 -11.94
CA THR I 111 85.82 -52.67 -12.24
C THR I 111 84.46 -52.87 -11.58
N VAL I 112 84.03 -51.89 -10.80
CA VAL I 112 82.72 -51.91 -10.14
C VAL I 112 82.02 -50.60 -10.44
N ASN I 113 80.81 -50.69 -11.00
CA ASN I 113 80.01 -49.51 -11.32
C ASN I 113 80.79 -48.52 -12.20
N GLY I 114 81.57 -49.06 -13.13
CA GLY I 114 82.33 -48.24 -14.04
C GLY I 114 83.61 -47.67 -13.47
N VAL I 115 83.93 -47.96 -12.22
CA VAL I 115 85.16 -47.49 -11.58
C VAL I 115 86.14 -48.64 -11.60
N THR I 116 87.26 -48.47 -12.29
CA THR I 116 88.25 -49.51 -12.46
C THR I 116 89.40 -49.29 -11.50
N LYS I 117 89.73 -50.32 -10.72
CA LYS I 117 90.81 -50.28 -9.75
C LYS I 117 91.89 -51.25 -10.20
N ALA I 118 93.11 -50.77 -10.33
CA ALA I 118 94.23 -51.60 -10.74
C ALA I 118 94.77 -52.39 -9.55
N ILE I 119 95.30 -53.57 -9.84
CA ILE I 119 95.87 -54.47 -8.84
C ILE I 119 97.21 -54.96 -9.39
N THR I 120 98.30 -54.51 -8.80
CA THR I 120 99.63 -54.97 -9.18
C THR I 120 100.04 -56.10 -8.25
N VAL I 121 100.41 -57.23 -8.84
CA VAL I 121 100.75 -58.45 -8.10
C VAL I 121 102.25 -58.67 -8.24
N VAL I 122 102.94 -58.78 -7.11
CA VAL I 122 104.37 -58.97 -7.09
C VAL I 122 104.69 -60.45 -6.91
N GLY I 123 105.93 -60.83 -7.21
CA GLY I 123 106.33 -62.21 -7.04
C GLY I 123 106.28 -62.63 -5.57
N GLY I 124 105.91 -63.89 -5.36
CA GLY I 124 105.84 -64.45 -4.03
C GLY I 124 104.58 -64.09 -3.26
N ALA I 125 103.63 -63.38 -3.88
CA ALA I 125 102.39 -63.05 -3.21
C ALA I 125 101.50 -64.27 -3.09
N THR I 126 100.49 -64.16 -2.22
CA THR I 126 99.52 -65.23 -2.01
C THR I 126 98.14 -64.77 -2.45
N THR I 127 97.29 -65.73 -2.78
CA THR I 127 95.92 -65.41 -3.14
C THR I 127 95.20 -64.70 -1.99
N THR I 128 95.52 -65.06 -0.75
CA THR I 128 94.94 -64.37 0.39
C THR I 128 95.36 -62.91 0.42
N THR I 129 96.65 -62.64 0.15
CA THR I 129 97.11 -61.25 0.12
C THR I 129 96.46 -60.49 -1.02
N ILE I 130 96.26 -61.15 -2.17
CA ILE I 130 95.61 -60.50 -3.30
C ILE I 130 94.17 -60.15 -2.95
N ALA I 131 93.46 -61.07 -2.30
CA ALA I 131 92.09 -60.79 -1.87
C ALA I 131 92.07 -59.64 -0.87
N ALA I 132 93.04 -59.61 0.05
CA ALA I 132 93.13 -58.51 0.99
C ALA I 132 93.35 -57.18 0.27
N ASP I 133 94.20 -57.18 -0.75
CA ASP I 133 94.44 -55.97 -1.53
C ASP I 133 93.16 -55.51 -2.23
N VAL I 134 92.43 -56.45 -2.83
CA VAL I 134 91.19 -56.10 -3.51
C VAL I 134 90.19 -55.51 -2.52
N ILE I 135 90.05 -56.14 -1.36
CA ILE I 135 89.12 -55.67 -0.35
C ILE I 135 89.51 -54.26 0.11
N SER I 136 90.81 -54.06 0.36
CA SER I 136 91.27 -52.75 0.80
C SER I 136 90.99 -51.69 -0.26
N ALA I 137 91.29 -51.99 -1.52
CA ALA I 137 91.02 -51.01 -2.57
C ALA I 137 89.55 -50.66 -2.63
N ILE I 138 88.67 -51.66 -2.69
CA ILE I 138 87.25 -51.39 -2.85
C ILE I 138 86.71 -50.63 -1.64
N ASN I 139 87.12 -51.01 -0.43
CA ASN I 139 86.58 -50.37 0.76
C ASN I 139 87.16 -48.98 1.00
N ASN I 140 88.40 -48.73 0.57
CA ASN I 140 89.00 -47.42 0.75
C ASN I 140 88.58 -46.44 -0.33
N ASP I 141 88.19 -46.91 -1.51
CA ASP I 141 87.71 -46.01 -2.54
C ASP I 141 86.55 -45.17 -2.01
N THR I 142 86.63 -43.86 -2.20
CA THR I 142 85.60 -42.97 -1.68
C THR I 142 84.26 -43.22 -2.35
N VAL I 143 84.26 -43.52 -3.64
CA VAL I 143 83.02 -43.75 -4.37
C VAL I 143 82.43 -45.12 -4.06
N LEU I 144 83.25 -46.16 -4.16
CA LEU I 144 82.73 -47.53 -4.05
C LEU I 144 82.23 -47.82 -2.64
N ASN I 145 82.95 -47.37 -1.61
CA ASN I 145 82.60 -47.76 -0.24
C ASN I 145 81.16 -47.36 0.10
N LYS I 146 80.62 -46.35 -0.56
CA LYS I 146 79.23 -45.97 -0.34
C LYS I 146 78.26 -46.76 -1.20
N GLU I 147 78.75 -47.49 -2.21
CA GLU I 147 77.90 -48.21 -3.14
C GLU I 147 77.86 -49.72 -2.89
N VAL I 148 79.00 -50.31 -2.56
CA VAL I 148 79.12 -51.75 -2.34
C VAL I 148 79.98 -51.99 -1.10
N LEU I 149 79.96 -53.23 -0.63
CA LEU I 149 80.75 -53.66 0.52
C LEU I 149 81.56 -54.88 0.13
N ALA I 150 82.86 -54.85 0.42
CA ALA I 150 83.76 -55.95 0.13
C ALA I 150 84.04 -56.73 1.41
N THR I 151 83.93 -58.06 1.32
CA THR I 151 84.11 -58.92 2.48
C THR I 151 84.82 -60.20 2.05
N VAL I 152 85.28 -60.95 3.03
CA VAL I 152 85.91 -62.24 2.77
C VAL I 152 84.83 -63.29 2.55
N GLY I 153 85.08 -64.19 1.61
CA GLY I 153 84.16 -65.27 1.29
C GLY I 153 84.41 -66.50 2.14
N GLY I 154 84.04 -67.66 1.60
CA GLY I 154 84.24 -68.91 2.30
C GLY I 154 85.71 -69.30 2.43
N THR I 155 86.57 -68.75 1.60
CA THR I 155 87.99 -69.02 1.65
C THR I 155 88.77 -67.71 1.73
N SER I 156 90.01 -67.80 2.19
CA SER I 156 90.86 -66.62 2.27
C SER I 156 91.16 -66.05 0.88
N SER I 157 90.93 -66.83 -0.18
CA SER I 157 91.17 -66.40 -1.55
C SER I 157 89.88 -66.06 -2.28
N THR I 158 88.88 -65.55 -1.56
CA THR I 158 87.60 -65.20 -2.15
C THR I 158 87.13 -63.86 -1.61
N VAL I 159 86.53 -63.06 -2.48
CA VAL I 159 86.00 -61.74 -2.14
C VAL I 159 84.54 -61.69 -2.53
N VAL I 160 83.73 -61.09 -1.67
CA VAL I 160 82.30 -60.93 -1.92
C VAL I 160 82.00 -59.44 -1.93
N ILE I 161 81.45 -58.96 -3.05
CA ILE I 161 81.05 -57.57 -3.22
C ILE I 161 79.53 -57.55 -3.19
N THR I 162 78.96 -56.91 -2.17
CA THR I 162 77.51 -56.85 -1.98
C THR I 162 77.03 -55.43 -2.27
N SER I 163 76.02 -55.32 -3.11
CA SER I 163 75.47 -54.02 -3.44
C SER I 163 74.85 -53.37 -2.21
N LYS I 164 75.11 -52.08 -2.03
CA LYS I 164 74.57 -51.31 -0.93
C LYS I 164 73.35 -50.49 -1.33
N LYS I 165 73.02 -50.43 -2.62
CA LYS I 165 71.88 -49.69 -3.13
C LYS I 165 71.08 -50.64 -4.02
N PRO I 166 70.25 -51.50 -3.42
CA PRO I 166 69.52 -52.49 -4.25
C PRO I 166 68.67 -51.87 -5.33
N THR I 167 68.23 -50.62 -5.17
CA THR I 167 67.41 -50.00 -6.22
C THR I 167 68.18 -49.91 -7.54
N ASN I 168 69.46 -49.58 -7.48
CA ASN I 168 70.29 -49.48 -8.67
C ASN I 168 71.18 -50.71 -8.78
N THR I 169 71.17 -51.32 -9.96
CA THR I 169 71.97 -52.51 -10.19
C THR I 169 73.45 -52.19 -10.13
N THR I 170 74.24 -53.12 -9.60
CA THR I 170 75.68 -52.97 -9.46
C THR I 170 76.36 -53.81 -10.55
N THR I 171 77.20 -53.17 -11.34
CA THR I 171 77.90 -53.80 -12.45
C THR I 171 79.32 -54.14 -12.02
N ALA I 172 79.82 -55.29 -12.48
CA ALA I 172 81.15 -55.75 -12.13
C ALA I 172 81.82 -56.37 -13.35
N ALA I 173 83.15 -56.24 -13.39
CA ALA I 173 83.95 -56.83 -14.45
C ALA I 173 85.37 -56.98 -13.94
N VAL I 174 86.14 -57.84 -14.60
CA VAL I 174 87.53 -58.08 -14.24
C VAL I 174 88.38 -58.18 -15.49
N THR I 175 89.67 -57.86 -15.32
CA THR I 175 90.69 -58.06 -16.34
C THR I 175 91.85 -58.77 -15.65
N GLY I 176 92.05 -60.04 -16.01
CA GLY I 176 93.06 -60.85 -15.37
C GLY I 176 92.63 -62.30 -15.25
N VAL I 177 93.52 -63.23 -15.62
CA VAL I 177 93.18 -64.65 -15.57
C VAL I 177 92.98 -65.13 -14.14
N ILE I 178 93.76 -64.60 -13.20
CA ILE I 178 93.71 -65.10 -11.82
C ILE I 178 92.35 -64.84 -11.20
N PHE I 179 91.64 -63.82 -11.69
CA PHE I 179 90.32 -63.51 -11.15
C PHE I 179 89.25 -64.33 -11.83
N THR I 180 88.35 -64.90 -11.02
CA THR I 180 87.16 -65.59 -11.52
C THR I 180 85.94 -64.92 -10.93
N LEU I 181 85.06 -64.42 -11.78
CA LEU I 181 83.90 -63.63 -11.38
C LEU I 181 82.63 -64.45 -11.51
N THR I 182 81.79 -64.42 -10.46
CA THR I 182 80.50 -65.09 -10.46
C THR I 182 79.43 -64.14 -9.95
N THR I 183 78.24 -64.21 -10.53
CA THR I 183 77.13 -63.33 -10.17
C THR I 183 76.18 -64.10 -9.25
N THR I 184 76.24 -63.77 -7.97
CA THR I 184 75.39 -64.41 -6.97
C THR I 184 74.38 -63.40 -6.41
N THR I 185 73.13 -63.82 -6.32
CA THR I 185 72.10 -62.99 -5.73
C THR I 185 70.97 -63.90 -5.24
N GLY I 186 70.58 -63.70 -3.99
CA GLY I 186 69.55 -64.55 -3.41
C GLY I 186 68.26 -64.48 -4.20
N THR I 187 67.60 -65.63 -4.31
CA THR I 187 66.31 -65.70 -4.98
C THR I 187 65.15 -65.35 -4.06
N SER I 188 65.42 -65.11 -2.77
CA SER I 188 64.40 -64.76 -1.80
C SER I 188 64.82 -63.50 -1.04
N PRO I 189 63.91 -62.57 -0.79
CA PRO I 189 64.28 -61.37 -0.03
C PRO I 189 64.53 -61.70 1.44
N SER I 190 65.23 -60.78 2.09
CA SER I 190 65.45 -60.84 3.53
C SER I 190 64.72 -59.70 4.22
N VAL I 191 64.60 -59.83 5.54
CA VAL I 191 63.93 -58.79 6.32
C VAL I 191 64.70 -57.48 6.21
N ALA I 192 66.02 -57.55 6.12
CA ALA I 192 66.81 -56.34 5.92
C ALA I 192 66.49 -55.69 4.57
N ASP I 193 66.31 -56.49 3.53
CA ASP I 193 65.92 -55.96 2.23
C ASP I 193 64.55 -55.30 2.30
N TYR I 194 63.60 -55.93 2.99
CA TYR I 194 62.29 -55.33 3.17
C TYR I 194 62.40 -54.00 3.90
N VAL I 195 63.23 -53.95 4.95
CA VAL I 195 63.38 -52.73 5.73
C VAL I 195 63.97 -51.62 4.87
N TYR I 196 64.98 -51.94 4.07
CA TYR I 196 65.56 -50.95 3.18
C TYR I 196 64.52 -50.44 2.18
N THR I 197 63.76 -51.36 1.59
CA THR I 197 62.74 -50.94 0.63
C THR I 197 61.72 -50.02 1.29
N ILE I 198 61.31 -50.34 2.51
CA ILE I 198 60.33 -49.50 3.20
C ILE I 198 60.91 -48.13 3.51
N ASN I 199 62.16 -48.09 3.97
CA ASN I 199 62.74 -46.84 4.48
C ASN I 199 63.34 -45.95 3.39
N ASN I 200 63.53 -46.46 2.17
CA ASN I 200 64.26 -45.71 1.16
C ASN I 200 63.58 -45.72 -0.22
N THR I 201 62.29 -46.05 -0.29
CA THR I 201 61.62 -46.18 -1.58
C THR I 201 60.47 -45.20 -1.77
N PHE I 202 59.89 -44.68 -0.70
CA PHE I 202 58.73 -43.81 -0.80
C PHE I 202 59.15 -42.35 -0.90
N ASP I 203 58.48 -41.61 -1.79
CA ASP I 203 58.72 -40.19 -1.98
C ASP I 203 57.60 -39.38 -1.35
N PRO I 204 57.91 -38.38 -0.51
CA PRO I 204 56.82 -37.57 0.07
C PRO I 204 55.90 -36.98 -1.00
N ALA I 205 56.41 -36.84 -2.23
CA ALA I 205 55.56 -36.40 -3.32
C ALA I 205 54.44 -37.39 -3.62
N LEU I 206 54.60 -38.65 -3.25
CA LEU I 206 53.55 -39.64 -3.48
C LEU I 206 52.30 -39.29 -2.66
N GLU I 207 51.15 -39.59 -3.24
CA GLU I 207 49.89 -39.38 -2.52
C GLU I 207 49.85 -40.26 -1.28
N ALA I 208 49.35 -39.69 -0.19
CA ALA I 208 49.30 -40.42 1.07
C ALA I 208 48.31 -41.58 0.97
N GLY I 209 48.44 -42.53 1.90
CA GLY I 209 47.54 -43.66 1.91
C GLY I 209 48.03 -44.72 2.88
N PHE I 210 47.34 -45.86 2.82
CA PHE I 210 47.69 -46.98 3.67
C PHE I 210 48.94 -47.68 3.16
N VAL I 211 49.64 -48.35 4.07
CA VAL I 211 50.83 -49.13 3.72
C VAL I 211 50.67 -50.52 4.31
N ILE I 212 50.92 -51.55 3.50
CA ILE I 212 50.71 -52.93 3.92
C ILE I 212 51.86 -53.79 3.41
N ALA I 213 52.27 -54.77 4.22
CA ALA I 213 53.27 -55.77 3.83
C ALA I 213 52.73 -57.15 4.18
N PRO I 214 51.61 -57.56 3.57
CA PRO I 214 51.00 -58.84 3.94
C PRO I 214 51.91 -60.03 3.71
N GLU I 215 52.63 -60.05 2.60
CA GLU I 215 53.54 -61.16 2.32
C GLU I 215 54.62 -61.27 3.39
N ALA I 216 55.22 -60.14 3.74
CA ALA I 216 56.27 -60.15 4.76
C ALA I 216 55.73 -60.62 6.09
N PHE I 217 54.56 -60.13 6.49
CA PHE I 217 54.00 -60.52 7.79
C PHE I 217 53.61 -61.99 7.79
N SER I 218 53.14 -62.50 6.66
CA SER I 218 52.76 -63.91 6.60
C SER I 218 53.97 -64.83 6.60
N THR I 219 55.08 -64.40 5.99
CA THR I 219 56.23 -65.27 5.80
C THR I 219 57.25 -65.20 6.93
N PHE I 220 57.45 -64.04 7.54
CA PHE I 220 58.59 -63.84 8.43
C PHE I 220 58.30 -64.31 9.85
N THR I 221 59.37 -64.44 10.63
CA THR I 221 59.30 -64.91 12.01
C THR I 221 59.00 -63.74 12.95
N LYS I 222 59.08 -63.99 14.26
CA LYS I 222 58.68 -62.97 15.24
C LYS I 222 59.57 -61.74 15.16
N SER I 223 60.89 -61.93 15.24
CA SER I 223 61.80 -60.78 15.25
C SER I 223 61.79 -60.05 13.91
N ASP I 224 61.71 -60.79 12.80
CA ASP I 224 61.65 -60.15 11.49
C ASP I 224 60.37 -59.34 11.35
N ARG I 225 59.25 -59.88 11.82
CA ARG I 225 58.00 -59.13 11.80
C ARG I 225 58.10 -57.88 12.66
N LEU I 226 58.76 -57.99 13.82
CA LEU I 226 58.95 -56.82 14.66
C LEU I 226 59.78 -55.76 13.94
N SER I 227 60.83 -56.18 13.24
CA SER I 227 61.64 -55.23 12.49
C SER I 227 60.83 -54.56 11.40
N ILE I 228 60.02 -55.33 10.68
CA ILE I 228 59.19 -54.74 9.62
C ILE I 228 58.19 -53.76 10.22
N GLN I 229 57.61 -54.10 11.37
CA GLN I 229 56.68 -53.19 12.03
C GLN I 229 57.37 -51.91 12.46
N VAL I 230 58.61 -52.02 12.95
CA VAL I 230 59.37 -50.83 13.33
C VAL I 230 59.61 -49.96 12.11
N ALA I 231 59.99 -50.57 10.98
CA ALA I 231 60.21 -49.80 9.77
C ALA I 231 58.94 -49.09 9.33
N LEU I 232 57.81 -49.80 9.35
CA LEU I 232 56.55 -49.18 8.95
C LEU I 232 56.17 -48.05 9.88
N GLU I 233 56.37 -48.23 11.18
CA GLU I 233 56.06 -47.18 12.14
C GLU I 233 56.91 -45.94 11.87
N ASN I 234 58.21 -46.13 11.66
CA ASN I 234 59.08 -45.00 11.37
C ASN I 234 58.65 -44.30 10.09
N LEU I 235 58.34 -45.06 9.04
CA LEU I 235 57.90 -44.46 7.78
C LEU I 235 56.65 -43.63 7.99
N CYS I 236 55.62 -44.24 8.61
CA CYS I 236 54.33 -43.56 8.72
C CYS I 236 54.43 -42.33 9.63
N SER I 237 55.14 -42.45 10.75
CA SER I 237 55.23 -41.34 11.69
C SER I 237 56.29 -40.32 11.31
N ALA I 238 57.06 -40.57 10.26
CA ALA I 238 58.04 -39.58 9.80
C ALA I 238 57.33 -38.26 9.48
N TYR I 239 58.00 -37.16 9.84
CA TYR I 239 57.43 -35.84 9.61
C TYR I 239 57.17 -35.56 8.13
N ARG I 240 57.80 -36.31 7.22
CA ARG I 240 57.58 -36.13 5.80
C ARG I 240 56.27 -36.74 5.31
N TYR I 241 55.88 -37.91 5.85
CA TYR I 241 54.78 -38.69 5.30
C TYR I 241 53.48 -38.51 6.06
N GLN I 242 53.46 -38.83 7.35
CA GLN I 242 52.22 -38.89 8.13
C GLN I 242 51.17 -39.76 7.42
N TRP I 243 51.52 -41.03 7.27
CA TRP I 243 50.67 -42.04 6.65
C TRP I 243 50.12 -42.99 7.72
N ALA I 244 49.41 -44.01 7.26
CA ALA I 244 48.86 -45.04 8.13
C ALA I 244 49.29 -46.41 7.63
N ALA I 245 49.59 -47.31 8.57
CA ALA I 245 50.02 -48.67 8.28
C ALA I 245 49.04 -49.66 8.89
N LEU I 246 48.75 -50.72 8.15
CA LEU I 246 47.86 -51.79 8.61
C LEU I 246 48.70 -53.05 8.80
N ILE I 247 48.98 -53.38 10.06
CA ILE I 247 49.78 -54.54 10.43
C ILE I 247 48.90 -55.77 10.48
N ASP I 248 49.42 -56.88 10.00
CA ASP I 248 48.76 -58.18 10.05
C ASP I 248 49.55 -59.11 10.96
N SER I 249 48.82 -59.97 11.67
CA SER I 249 49.46 -60.98 12.50
C SER I 249 50.31 -61.90 11.63
N GLY I 250 51.17 -62.68 12.29
CA GLY I 250 51.93 -63.68 11.59
C GLY I 250 51.01 -64.76 11.04
N ALA I 251 51.64 -65.84 10.56
CA ALA I 251 50.87 -66.96 10.07
C ALA I 251 50.00 -67.53 11.19
N MET I 252 48.80 -67.99 10.81
CA MET I 252 47.87 -68.52 11.80
C MET I 252 48.49 -69.67 12.59
N SER I 253 49.31 -70.50 11.93
CA SER I 253 49.94 -71.62 12.63
C SER I 253 50.64 -71.15 13.89
N GLU I 254 51.34 -70.01 13.82
CA GLU I 254 51.96 -69.44 15.00
C GLU I 254 50.93 -68.69 15.84
N ILE I 255 50.31 -67.66 15.25
CA ILE I 255 49.29 -66.86 15.95
C ILE I 255 47.96 -67.57 15.68
N SER I 256 47.72 -68.64 16.42
CA SER I 256 46.49 -69.42 16.29
C SER I 256 45.40 -68.98 17.25
N ASN I 257 45.66 -68.03 18.15
CA ASN I 257 44.65 -67.60 19.11
C ASN I 257 44.78 -66.11 19.40
N THR I 258 43.67 -65.55 19.89
CA THR I 258 43.63 -64.13 20.18
C THR I 258 44.61 -63.74 21.28
N ASP I 259 44.94 -64.66 22.18
CA ASP I 259 45.93 -64.34 23.22
C ASP I 259 47.31 -64.11 22.61
N ARG I 260 47.71 -64.96 21.67
CA ARG I 260 49.00 -64.75 21.00
C ARG I 260 48.94 -63.51 20.10
N ALA I 261 47.78 -63.26 19.49
CA ALA I 261 47.61 -61.99 18.77
C ALA I 261 47.83 -60.80 19.69
N ILE I 262 47.29 -60.88 20.90
CA ILE I 262 47.44 -59.79 21.87
C ILE I 262 48.89 -59.65 22.29
N ALA I 263 49.59 -60.76 22.46
CA ALA I 263 51.01 -60.68 22.80
C ALA I 263 51.80 -59.99 21.70
N GLU I 264 51.53 -60.34 20.45
CA GLU I 264 52.22 -59.70 19.34
C GLU I 264 51.89 -58.20 19.30
N ALA I 265 50.62 -57.86 19.50
CA ALA I 265 50.23 -56.45 19.50
C ALA I 265 50.92 -55.69 20.63
N ALA I 266 51.02 -56.32 21.81
CA ALA I 266 51.70 -55.69 22.93
C ALA I 266 53.16 -55.44 22.61
N THR I 267 53.82 -56.39 21.94
CA THR I 267 55.19 -56.15 21.49
C THR I 267 55.24 -54.97 20.54
N TYR I 268 54.30 -54.89 19.60
CA TYR I 268 54.28 -53.77 18.66
C TYR I 268 53.98 -52.46 19.38
N ASN I 269 54.58 -51.39 18.87
CA ASN I 269 54.45 -50.07 19.47
C ASN I 269 54.22 -49.02 18.39
N SER I 270 53.25 -48.14 18.62
CA SER I 270 52.98 -47.02 17.71
C SER I 270 52.46 -45.86 18.57
N VAL I 271 53.34 -44.93 18.91
CA VAL I 271 53.00 -43.89 19.88
C VAL I 271 51.84 -43.03 19.37
N GLN I 272 51.92 -42.60 18.11
CA GLN I 272 50.90 -41.73 17.53
C GLN I 272 49.78 -42.50 16.83
N GLY I 273 49.69 -43.81 17.04
CA GLY I 273 48.60 -44.58 16.48
C GLY I 273 48.66 -44.72 14.98
N HIS I 274 49.85 -44.61 14.39
CA HIS I 274 49.98 -44.72 12.94
C HIS I 274 49.79 -46.16 12.45
N CYS I 275 50.04 -47.15 13.30
CA CYS I 275 49.90 -48.55 12.93
C CYS I 275 48.65 -49.13 13.59
N SER I 276 47.90 -49.91 12.81
CA SER I 276 46.68 -50.56 13.29
C SER I 276 46.79 -52.05 13.04
N TYR I 277 46.62 -52.84 14.09
CA TYR I 277 46.84 -54.28 14.04
C TYR I 277 45.50 -54.97 13.76
N TYR I 278 45.52 -55.95 12.86
CA TYR I 278 44.31 -56.73 12.54
C TYR I 278 44.72 -58.18 12.70
N TYR I 279 43.83 -59.05 13.15
CA TYR I 279 44.25 -60.43 13.40
C TYR I 279 43.73 -61.57 12.48
N PRO I 280 42.40 -61.85 12.48
CA PRO I 280 41.96 -63.02 11.69
C PRO I 280 42.27 -62.99 10.21
N TYR I 281 42.97 -64.01 9.74
CA TYR I 281 43.26 -64.11 8.31
C TYR I 281 42.00 -64.47 7.58
N LEU I 282 41.85 -63.97 6.36
CA LEU I 282 40.64 -64.23 5.61
C LEU I 282 40.80 -65.40 4.67
N ILE I 283 39.81 -66.29 4.66
CA ILE I 283 39.86 -67.44 3.76
C ILE I 283 39.17 -67.03 2.46
N ASN I 284 39.93 -66.94 1.38
CA ASN I 284 39.37 -66.48 0.12
C ASN I 284 38.41 -67.52 -0.44
N LEU I 285 37.84 -67.20 -1.61
CA LEU I 285 36.91 -68.13 -2.25
C LEU I 285 37.55 -69.47 -2.57
N ASP I 286 38.87 -69.51 -2.70
CA ASP I 286 39.59 -70.72 -3.09
C ASP I 286 40.11 -71.50 -1.89
N ASP I 287 39.72 -71.12 -0.67
CA ASP I 287 40.14 -71.79 0.57
C ASP I 287 41.60 -71.48 0.93
N GLN I 288 42.14 -70.37 0.44
CA GLN I 288 43.50 -69.96 0.77
C GLN I 288 43.47 -68.89 1.87
N GLN I 289 44.38 -69.02 2.82
CA GLN I 289 44.48 -68.04 3.90
C GLN I 289 45.22 -66.80 3.39
N VAL I 290 44.67 -65.63 3.70
CA VAL I 290 45.24 -64.36 3.24
C VAL I 290 45.26 -63.37 4.41
N PRO I 291 46.30 -62.57 4.56
CA PRO I 291 46.27 -61.49 5.55
C PRO I 291 45.15 -60.52 5.25
N PRO I 292 44.51 -59.95 6.28
CA PRO I 292 43.34 -59.10 6.04
C PRO I 292 43.65 -57.67 5.63
N SER I 293 44.92 -57.26 5.65
CA SER I 293 45.25 -55.85 5.45
C SER I 293 44.77 -55.34 4.10
N ALA I 294 44.95 -56.13 3.04
CA ALA I 294 44.55 -55.68 1.71
C ALA I 294 43.03 -55.45 1.64
N ALA I 295 42.26 -56.39 2.16
CA ALA I 295 40.81 -56.24 2.16
C ALA I 295 40.38 -55.04 3.01
N VAL I 296 41.02 -54.87 4.17
CA VAL I 296 40.70 -53.73 5.03
C VAL I 296 40.99 -52.42 4.31
N ALA I 297 42.12 -52.34 3.62
CA ALA I 297 42.48 -51.12 2.91
C ALA I 297 41.49 -50.82 1.79
N GLY I 298 41.14 -51.85 1.02
CA GLY I 298 40.17 -51.64 -0.06
C GLY I 298 38.83 -51.18 0.47
N MET I 299 38.34 -51.83 1.52
CA MET I 299 37.07 -51.41 2.13
C MET I 299 37.19 -49.99 2.68
N ALA I 300 38.35 -49.64 3.23
CA ALA I 300 38.54 -48.29 3.74
C ALA I 300 38.44 -47.25 2.64
N LEU I 301 39.07 -47.52 1.49
CA LEU I 301 38.96 -46.59 0.37
C LEU I 301 37.53 -46.48 -0.13
N TYR I 302 36.83 -47.61 -0.24
CA TYR I 302 35.45 -47.57 -0.69
C TYR I 302 34.58 -46.78 0.28
N ARG I 303 34.79 -46.98 1.58
CA ARG I 303 34.00 -46.27 2.58
C ARG I 303 34.34 -44.78 2.59
N PHE I 304 35.61 -44.44 2.33
CA PHE I 304 35.97 -43.03 2.20
C PHE I 304 35.22 -42.40 1.03
N VAL I 305 35.12 -43.12 -0.08
CA VAL I 305 34.35 -42.61 -1.22
C VAL I 305 32.89 -42.42 -0.83
N ILE I 306 32.30 -43.42 -0.18
CA ILE I 306 30.85 -43.41 0.04
C ILE I 306 30.47 -42.45 1.17
N ASP I 307 30.93 -42.73 2.38
CA ASP I 307 30.47 -42.03 3.58
C ASP I 307 31.42 -40.93 4.04
N GLY I 308 32.50 -40.67 3.32
CA GLY I 308 33.44 -39.64 3.70
C GLY I 308 34.63 -40.18 4.46
N PHE I 309 35.63 -39.32 4.63
CA PHE I 309 36.91 -39.72 5.21
C PHE I 309 36.88 -39.85 6.72
N ALA I 310 35.87 -39.31 7.38
CA ALA I 310 35.80 -39.43 8.84
C ALA I 310 35.40 -40.82 9.29
N GLU I 311 34.67 -41.56 8.45
CA GLU I 311 34.21 -42.89 8.82
C GLU I 311 35.40 -43.84 8.92
N PRO I 312 35.48 -44.65 9.97
CA PRO I 312 36.58 -45.63 10.08
C PRO I 312 36.28 -46.86 9.26
N PRO I 313 37.30 -47.64 8.89
CA PRO I 313 37.05 -48.87 8.14
C PRO I 313 36.50 -49.98 9.03
N ALA I 314 35.19 -49.95 9.27
CA ALA I 314 34.53 -50.95 10.10
C ALA I 314 33.03 -50.81 9.89
N GLY I 315 32.27 -51.61 10.62
CA GLY I 315 30.82 -51.59 10.56
C GLY I 315 30.26 -52.77 9.78
N VAL I 316 28.94 -52.90 9.87
CA VAL I 316 28.25 -54.01 9.25
C VAL I 316 27.76 -53.70 7.84
N ASN I 317 27.69 -52.43 7.46
CA ASN I 317 27.23 -52.05 6.12
C ASN I 317 28.36 -52.00 5.11
N PHE I 318 29.58 -52.38 5.50
CA PHE I 318 30.71 -52.50 4.57
C PHE I 318 31.39 -53.84 4.78
N PRO I 319 30.70 -54.94 4.53
CA PRO I 319 31.32 -56.26 4.68
C PRO I 319 32.36 -56.51 3.59
N LEU I 320 33.34 -57.34 3.93
CA LEU I 320 34.41 -57.65 3.00
C LEU I 320 33.91 -58.54 1.87
N LYS I 321 34.62 -58.49 0.75
CA LYS I 321 34.27 -59.26 -0.44
C LYS I 321 35.49 -60.04 -0.91
N GLY I 322 35.22 -61.11 -1.65
CA GLY I 322 36.27 -62.02 -2.07
C GLY I 322 36.67 -63.03 -1.03
N VAL I 323 35.94 -63.13 0.07
CA VAL I 323 36.23 -64.07 1.15
C VAL I 323 34.95 -64.79 1.52
N LYS I 324 35.10 -65.92 2.22
CA LYS I 324 33.97 -66.71 2.66
C LYS I 324 34.01 -67.09 4.13
N ASN I 325 35.11 -66.85 4.84
CA ASN I 325 35.19 -67.17 6.26
C ASN I 325 36.50 -66.60 6.80
N VAL I 326 36.69 -66.77 8.11
CA VAL I 326 37.91 -66.37 8.78
C VAL I 326 38.64 -67.62 9.24
N ALA I 327 39.95 -67.48 9.47
CA ALA I 327 40.75 -68.63 9.90
C ALA I 327 40.55 -68.96 11.36
N TYR I 328 39.90 -68.07 12.13
CA TYR I 328 39.70 -68.28 13.55
C TYR I 328 38.50 -67.48 14.00
N LYS I 329 37.65 -68.11 14.82
CA LYS I 329 36.42 -67.48 15.29
C LYS I 329 36.71 -66.75 16.59
N VAL I 330 36.79 -65.42 16.52
CA VAL I 330 37.03 -64.61 17.71
C VAL I 330 35.75 -64.54 18.52
N THR I 331 35.83 -64.91 19.79
CA THR I 331 34.67 -64.90 20.67
C THR I 331 34.49 -63.53 21.30
N TRP I 332 33.30 -63.31 21.88
CA TRP I 332 33.01 -62.01 22.48
C TRP I 332 33.93 -61.73 23.66
N GLU I 333 34.21 -62.74 24.50
CA GLU I 333 35.11 -62.51 25.62
C GLU I 333 36.52 -62.19 25.14
N GLU I 334 37.01 -62.94 24.14
CA GLU I 334 38.32 -62.67 23.59
C GLU I 334 38.39 -61.25 23.05
N GLN I 335 37.36 -60.83 22.33
CA GLN I 335 37.34 -59.46 21.80
C GLN I 335 37.28 -58.43 22.91
N ASN I 336 36.47 -58.68 23.94
CA ASN I 336 36.37 -57.75 25.05
C ASN I 336 37.72 -57.57 25.74
N VAL I 337 38.55 -58.62 25.73
CA VAL I 337 39.90 -58.49 26.28
C VAL I 337 40.86 -57.83 25.28
N ALA I 338 40.70 -58.10 23.98
CA ALA I 338 41.70 -57.74 22.99
C ALA I 338 41.53 -56.30 22.46
N ASN I 339 40.31 -55.91 22.12
CA ASN I 339 40.09 -54.61 21.49
C ASN I 339 40.69 -53.47 22.29
N PRO I 340 40.54 -53.40 23.62
CA PRO I 340 41.22 -52.33 24.37
C PRO I 340 42.73 -52.39 24.25
N GLU I 341 43.29 -53.55 23.88
CA GLU I 341 44.73 -53.68 23.66
C GLU I 341 45.14 -53.34 22.24
N GLY I 342 44.21 -52.90 21.39
CA GLY I 342 44.54 -52.46 20.06
C GLY I 342 44.43 -53.50 18.98
N VAL I 343 43.81 -54.64 19.25
CA VAL I 343 43.64 -55.72 18.27
C VAL I 343 42.27 -55.57 17.64
N ASN I 344 42.24 -55.27 16.34
CA ASN I 344 40.99 -55.13 15.61
C ASN I 344 40.60 -56.49 15.03
N CYS I 345 39.47 -57.01 15.48
CA CYS I 345 39.03 -58.34 15.10
C CYS I 345 38.18 -58.29 13.83
N ILE I 346 38.15 -59.42 13.12
CA ILE I 346 37.29 -59.60 11.95
C ILE I 346 36.37 -60.77 12.23
N LEU I 347 35.07 -60.57 12.08
CA LEU I 347 34.07 -61.53 12.50
C LEU I 347 33.20 -61.96 11.33
N ASN I 348 32.88 -63.26 11.30
CA ASN I 348 31.95 -63.80 10.30
C ASN I 348 30.53 -63.69 10.84
N LYS I 349 30.06 -62.45 10.89
CA LYS I 349 28.72 -62.17 11.40
C LYS I 349 27.67 -62.78 10.48
N GLU I 350 26.89 -63.73 11.01
CA GLU I 350 25.82 -64.32 10.23
C GLU I 350 24.76 -63.28 9.93
N ASN I 351 24.25 -63.30 8.70
CA ASN I 351 23.27 -62.36 8.14
C ASN I 351 23.90 -61.00 7.86
N TYR I 352 25.18 -60.80 8.18
CA TYR I 352 25.92 -59.59 7.82
C TYR I 352 27.11 -59.87 6.91
N GLY I 353 27.78 -61.00 7.07
CA GLY I 353 28.96 -61.33 6.31
C GLY I 353 30.22 -61.25 7.15
N ILE I 354 31.32 -60.97 6.46
CA ILE I 354 32.62 -60.76 7.11
C ILE I 354 32.78 -59.27 7.36
N VAL I 355 32.89 -58.90 8.62
CA VAL I 355 32.90 -57.50 9.03
C VAL I 355 34.10 -57.24 9.94
N VAL I 356 34.79 -56.14 9.68
CA VAL I 356 35.79 -55.64 10.63
C VAL I 356 35.06 -55.02 11.80
N TRP I 357 35.29 -55.54 13.01
CA TRP I 357 34.59 -55.11 14.21
C TRP I 357 35.56 -54.43 15.17
N GLY I 358 36.47 -53.63 14.63
CA GLY I 358 37.39 -52.87 15.43
C GLY I 358 37.95 -51.69 14.67
N ALA I 359 38.17 -50.57 15.37
CA ALA I 359 38.66 -49.35 14.74
C ALA I 359 39.71 -48.65 15.61
N ARG I 360 40.50 -49.42 16.35
CA ARG I 360 41.49 -48.88 17.27
C ARG I 360 42.90 -49.02 16.69
N THR I 361 43.76 -48.09 17.08
CA THR I 361 45.16 -48.11 16.70
C THR I 361 45.97 -48.83 17.78
N LEU I 362 47.30 -48.75 17.68
CA LEU I 362 48.21 -49.34 18.64
C LEU I 362 48.80 -48.30 19.59
N SER I 363 48.05 -47.23 19.87
CA SER I 363 48.54 -46.11 20.66
C SER I 363 47.99 -46.18 22.08
N ALA I 364 48.83 -45.82 23.06
CA ALA I 364 48.42 -45.69 24.44
C ALA I 364 47.88 -44.29 24.75
N ASP I 365 47.95 -43.37 23.80
CA ASP I 365 47.43 -42.03 24.00
C ASP I 365 45.90 -42.06 23.88
N PRO I 366 45.15 -41.68 24.91
CA PRO I 366 43.68 -41.76 24.79
C PRO I 366 43.10 -40.83 23.74
N ASN I 367 43.84 -39.82 23.29
CA ASN I 367 43.32 -38.89 22.30
C ASN I 367 43.46 -39.38 20.87
N ILE I 368 44.24 -40.43 20.63
CA ILE I 368 44.46 -40.93 19.28
C ILE I 368 44.03 -42.39 19.25
N VAL I 369 43.05 -42.73 20.09
CA VAL I 369 42.64 -44.13 20.23
C VAL I 369 42.19 -44.70 18.89
N PHE I 370 41.54 -43.89 18.06
CA PHE I 370 40.84 -44.38 16.89
C PHE I 370 41.57 -44.07 15.59
N ILE I 371 41.61 -45.07 14.71
CA ILE I 371 42.18 -44.89 13.38
C ILE I 371 41.45 -43.81 12.62
N SER I 372 40.18 -43.54 12.95
CA SER I 372 39.49 -42.43 12.32
C SER I 372 40.17 -41.11 12.64
N THR I 373 40.50 -40.89 13.92
CA THR I 373 41.23 -39.68 14.29
C THR I 373 42.61 -39.66 13.65
N ARG I 374 43.30 -40.80 13.65
CA ARG I 374 44.60 -40.87 13.00
C ARG I 374 44.51 -40.43 11.55
N ILE I 375 43.52 -40.96 10.82
CA ILE I 375 43.37 -40.67 9.40
C ILE I 375 42.98 -39.21 9.19
N ILE I 376 42.14 -38.67 10.08
CA ILE I 376 41.75 -37.27 9.95
C ILE I 376 42.98 -36.37 10.07
N LEU I 377 43.82 -36.64 11.08
CA LEU I 377 45.03 -35.83 11.25
C LEU I 377 45.96 -35.98 10.05
N ASN I 378 46.12 -37.21 9.55
CA ASN I 378 46.97 -37.41 8.38
C ASN I 378 46.43 -36.65 7.18
N ILE I 379 45.11 -36.66 6.99
CA ILE I 379 44.51 -35.95 5.86
C ILE I 379 44.77 -34.46 5.99
N VAL I 380 44.58 -33.90 7.19
CA VAL I 380 44.83 -32.48 7.38
C VAL I 380 46.28 -32.14 7.03
N ILE I 381 47.21 -32.92 7.56
CA ILE I 381 48.63 -32.63 7.36
C ILE I 381 48.98 -32.71 5.88
N ASN I 382 48.52 -33.77 5.20
CA ASN I 382 48.88 -33.97 3.79
C ASN I 382 48.24 -32.91 2.92
N THR I 383 46.99 -32.53 3.21
CA THR I 383 46.34 -31.47 2.46
C THR I 383 47.12 -30.17 2.58
N LEU I 384 47.54 -29.82 3.80
CA LEU I 384 48.30 -28.58 3.98
C LEU I 384 49.64 -28.66 3.26
N ASN I 385 50.31 -29.81 3.31
CA ASN I 385 51.59 -29.95 2.63
C ASN I 385 51.44 -29.77 1.13
N ARG I 386 50.47 -30.46 0.53
CA ARG I 386 50.28 -30.38 -0.91
C ARG I 386 49.71 -29.02 -1.33
N GLY I 387 49.15 -28.27 -0.39
CA GLY I 387 48.78 -26.89 -0.68
C GLY I 387 50.00 -25.98 -0.70
N TYR I 388 50.84 -26.08 0.33
CA TYR I 388 52.01 -25.21 0.43
C TYR I 388 53.11 -25.57 -0.58
N ASP I 389 53.00 -26.73 -1.21
CA ASP I 389 53.94 -27.06 -2.29
C ASP I 389 53.99 -25.95 -3.34
N PHE I 390 52.84 -25.31 -3.63
CA PHE I 390 52.83 -24.19 -4.54
C PHE I 390 53.51 -22.96 -3.97
N ASP I 391 53.53 -22.81 -2.65
CA ASP I 391 54.06 -21.61 -2.01
C ASP I 391 55.53 -21.72 -1.66
N ILE I 392 56.13 -22.91 -1.79
CA ILE I 392 57.57 -23.05 -1.59
C ILE I 392 58.31 -22.41 -2.76
N PHE I 393 59.52 -21.91 -2.48
CA PHE I 393 60.36 -21.23 -3.46
C PHE I 393 59.77 -19.91 -3.94
N ASN I 394 59.07 -19.20 -3.05
CA ASN I 394 58.50 -17.90 -3.37
C ASN I 394 59.24 -16.81 -2.60
N SER I 395 59.57 -15.73 -3.31
CA SER I 395 60.34 -14.65 -2.69
C SER I 395 59.54 -13.99 -1.58
N VAL I 396 60.23 -13.74 -0.46
CA VAL I 396 59.67 -13.00 0.66
C VAL I 396 60.18 -11.57 0.54
N GLY I 397 59.42 -10.72 -0.13
CA GLY I 397 59.83 -9.35 -0.38
C GLY I 397 59.58 -8.46 0.83
N GLY I 398 59.74 -7.16 0.60
CA GLY I 398 59.55 -6.20 1.68
C GLY I 398 58.14 -6.19 2.22
N THR I 399 57.14 -6.26 1.35
CA THR I 399 55.76 -6.31 1.80
C THR I 399 55.50 -7.54 2.67
N ALA I 400 56.26 -8.62 2.49
CA ALA I 400 56.07 -9.86 3.24
C ALA I 400 54.63 -10.34 3.19
N THR I 401 53.91 -9.97 2.12
CA THR I 401 52.51 -10.37 2.00
C THR I 401 52.37 -11.86 1.71
N VAL I 402 53.47 -12.55 1.39
CA VAL I 402 53.38 -13.99 1.13
C VAL I 402 53.01 -14.73 2.40
N LEU I 403 53.44 -14.25 3.56
CA LEU I 403 53.04 -14.89 4.82
C LEU I 403 51.55 -14.72 5.07
N ASP I 404 51.02 -13.52 4.82
CA ASP I 404 49.59 -13.32 4.92
C ASP I 404 48.84 -14.24 3.97
N ASN I 405 49.34 -14.35 2.72
CA ASN I 405 48.71 -15.25 1.77
C ASN I 405 48.78 -16.70 2.22
N ILE I 406 49.88 -17.07 2.89
CA ILE I 406 50.00 -18.42 3.42
C ILE I 406 48.92 -18.69 4.45
N GLN I 407 48.73 -17.75 5.38
CA GLN I 407 47.68 -17.93 6.38
C GLN I 407 46.29 -17.98 5.73
N ARG I 408 46.07 -17.12 4.73
CA ARG I 408 44.80 -17.10 4.02
C ARG I 408 44.52 -18.43 3.35
N LYS I 409 45.55 -18.99 2.69
CA LYS I 409 45.41 -20.28 2.03
C LYS I 409 45.14 -21.39 3.04
N THR I 410 45.81 -21.33 4.19
CA THR I 410 45.53 -22.32 5.24
C THR I 410 44.08 -22.23 5.68
N ASN I 411 43.57 -21.02 5.86
CA ASN I 411 42.17 -20.86 6.24
C ASN I 411 41.25 -21.46 5.19
N THR I 412 41.53 -21.21 3.91
CA THR I 412 40.68 -21.74 2.85
C THR I 412 40.70 -23.27 2.85
N LEU I 413 41.89 -23.86 2.96
CA LEU I 413 42.00 -25.32 2.93
C LEU I 413 41.30 -25.95 4.12
N LEU I 414 41.50 -25.39 5.31
CA LEU I 414 40.83 -25.94 6.48
C LEU I 414 39.33 -25.75 6.41
N THR I 415 38.86 -24.66 5.79
CA THR I 415 37.43 -24.50 5.57
C THR I 415 36.89 -25.58 4.64
N THR I 416 37.64 -25.91 3.58
CA THR I 416 37.23 -26.98 2.70
C THR I 416 37.13 -28.31 3.46
N LEU I 417 38.12 -28.60 4.29
CA LEU I 417 38.07 -29.84 5.07
C LEU I 417 36.88 -29.82 6.04
N TYR I 418 36.62 -28.68 6.66
CA TYR I 418 35.47 -28.56 7.55
C TYR I 418 34.17 -28.83 6.81
N GLN I 419 34.03 -28.26 5.60
CA GLN I 419 32.86 -28.57 4.78
C GLN I 419 32.78 -30.06 4.49
N ALA I 420 33.92 -30.70 4.25
CA ALA I 420 33.92 -32.15 4.09
C ALA I 420 33.35 -32.82 5.35
N GLY I 421 33.69 -32.28 6.52
CA GLY I 421 33.09 -32.77 7.76
C GLY I 421 34.03 -33.57 8.62
N LEU I 422 35.30 -33.16 8.67
CA LEU I 422 36.34 -33.90 9.38
C LEU I 422 36.56 -33.43 10.81
N PHE I 423 35.77 -32.46 11.29
CA PHE I 423 35.99 -31.85 12.59
C PHE I 423 34.72 -31.91 13.42
N TYR I 424 34.90 -31.97 14.74
CA TYR I 424 33.80 -31.90 15.70
C TYR I 424 33.55 -30.43 16.02
N GLY I 425 32.67 -29.80 15.27
CA GLY I 425 32.34 -28.41 15.53
C GLY I 425 31.21 -27.90 14.66
N GLN I 426 30.24 -27.20 15.28
CA GLN I 426 29.17 -26.59 14.51
C GLN I 426 29.72 -25.57 13.53
N THR I 427 30.79 -24.87 13.90
CA THR I 427 31.36 -23.83 13.06
C THR I 427 32.89 -23.95 13.04
N THR I 428 33.50 -23.25 12.10
CA THR I 428 34.96 -23.30 11.98
C THR I 428 35.65 -22.82 13.24
N SER I 429 35.02 -21.91 13.98
CA SER I 429 35.54 -21.53 15.29
C SER I 429 35.61 -22.71 16.23
N GLU I 430 34.58 -23.56 16.22
CA GLU I 430 34.59 -24.80 16.97
C GLU I 430 35.60 -25.80 16.41
N ALA I 431 35.88 -25.75 15.11
CA ALA I 431 36.68 -26.77 14.44
C ALA I 431 38.17 -26.55 14.55
N PHE I 432 38.68 -25.38 14.15
CA PHE I 432 40.12 -25.21 14.00
C PHE I 432 40.51 -23.76 14.19
N SER I 433 41.82 -23.55 14.37
CA SER I 433 42.41 -22.22 14.44
C SER I 433 43.80 -22.27 13.81
N VAL I 434 44.23 -21.13 13.29
CA VAL I 434 45.48 -21.02 12.54
C VAL I 434 46.29 -19.86 13.08
N LEU I 435 47.62 -19.97 12.94
CA LEU I 435 48.53 -18.88 13.31
C LEU I 435 49.79 -19.04 12.48
N GLY I 436 49.91 -18.22 11.43
CA GLY I 436 51.07 -18.29 10.56
C GLY I 436 51.50 -16.95 10.02
N ASP I 437 51.02 -15.88 10.64
CA ASP I 437 51.31 -14.53 10.16
C ASP I 437 52.78 -14.18 10.43
N ALA I 438 53.15 -12.95 10.06
CA ALA I 438 54.53 -12.50 10.21
C ALA I 438 54.93 -12.32 11.67
N SER I 439 53.97 -12.37 12.60
CA SER I 439 54.30 -12.17 14.01
C SER I 439 55.08 -13.34 14.60
N VAL I 440 55.02 -14.51 13.96
CA VAL I 440 55.70 -15.70 14.46
C VAL I 440 56.84 -16.11 13.53
N GLN I 441 57.41 -15.18 12.79
CA GLN I 441 58.52 -15.44 11.88
C GLN I 441 59.76 -14.72 12.37
N VAL I 442 60.87 -15.44 12.50
CA VAL I 442 62.12 -14.91 13.02
C VAL I 442 63.00 -14.49 11.84
N PRO I 443 63.59 -13.29 11.86
CA PRO I 443 64.41 -12.89 10.70
C PRO I 443 65.53 -13.86 10.38
N SER I 444 66.20 -14.44 11.38
CA SER I 444 67.27 -15.38 11.09
C SER I 444 66.73 -16.63 10.41
N LEU I 445 65.61 -17.16 10.91
CA LEU I 445 65.01 -18.32 10.28
C LEU I 445 64.54 -18.00 8.86
N LEU I 446 64.04 -16.78 8.65
CA LEU I 446 63.65 -16.37 7.29
C LEU I 446 64.86 -16.32 6.38
N GLN I 447 65.99 -15.78 6.86
CA GLN I 447 67.22 -15.80 6.08
C GLN I 447 67.61 -17.25 5.75
N GLN I 448 67.44 -18.16 6.70
CA GLN I 448 67.69 -19.57 6.44
C GLN I 448 66.65 -20.20 5.52
N GLY I 449 65.51 -19.54 5.31
CA GLY I 449 64.45 -20.09 4.49
C GLY I 449 63.37 -20.82 5.24
N LEU I 450 63.33 -20.71 6.56
CA LEU I 450 62.36 -21.40 7.39
C LEU I 450 61.16 -20.52 7.66
N VAL I 451 59.97 -21.11 7.59
CA VAL I 451 58.72 -20.43 7.90
C VAL I 451 57.89 -21.36 8.76
N ASN I 452 57.30 -20.83 9.83
CA ASN I 452 56.61 -21.63 10.83
C ASN I 452 55.11 -21.37 10.79
N MET I 453 54.32 -22.44 10.86
CA MET I 453 52.86 -22.38 10.96
C MET I 453 52.41 -23.18 12.16
N PHE I 454 51.33 -22.71 12.80
CA PHE I 454 50.76 -23.37 13.96
C PHE I 454 49.28 -23.61 13.70
N ILE I 455 48.84 -24.85 13.88
CA ILE I 455 47.47 -25.26 13.58
C ILE I 455 46.89 -25.94 14.82
N TRP I 456 45.62 -25.67 15.08
CA TRP I 456 44.86 -26.40 16.08
C TRP I 456 43.61 -26.95 15.42
N VAL I 457 43.34 -28.25 15.61
CA VAL I 457 42.18 -28.90 15.03
C VAL I 457 41.48 -29.74 16.09
N VAL I 458 40.22 -30.05 15.84
CA VAL I 458 39.43 -30.89 16.73
C VAL I 458 38.78 -31.98 15.90
N PRO I 459 39.42 -33.14 15.75
CA PRO I 459 38.83 -34.19 14.90
C PRO I 459 37.52 -34.71 15.49
N SER I 460 36.65 -35.19 14.59
CA SER I 460 35.42 -35.82 15.01
C SER I 460 35.70 -37.22 15.56
N THR I 461 34.81 -37.68 16.42
CA THR I 461 34.90 -39.01 17.01
C THR I 461 33.86 -39.93 16.34
N ILE I 462 33.78 -41.15 16.85
CA ILE I 462 32.89 -42.17 16.30
C ILE I 462 32.09 -42.78 17.44
N ILE I 463 31.16 -43.67 17.06
CA ILE I 463 30.36 -44.43 18.01
C ILE I 463 30.88 -45.86 18.01
N GLU I 464 31.42 -46.30 19.15
CA GLU I 464 31.95 -47.65 19.28
C GLU I 464 30.99 -48.57 20.02
N ARG I 465 30.50 -48.17 21.19
CA ARG I 465 29.60 -49.00 21.97
C ARG I 465 28.41 -48.15 22.42
N LEU I 466 27.21 -48.63 22.12
CA LEU I 466 25.97 -47.93 22.42
C LEU I 466 25.26 -48.63 23.56
N ILE I 467 24.97 -47.90 24.64
CA ILE I 467 24.35 -48.46 25.83
C ILE I 467 22.87 -48.10 25.83
N ILE I 468 22.03 -49.10 26.03
CA ILE I 468 20.58 -48.93 26.09
C ILE I 468 20.14 -49.20 27.52
N ASN I 469 19.74 -48.14 28.22
CA ASN I 469 19.19 -48.27 29.57
C ASN I 469 17.67 -48.28 29.47
N ILE I 470 17.06 -49.37 29.92
CA ILE I 470 15.64 -49.61 29.74
C ILE I 470 14.99 -49.82 31.10
N LYS I 471 13.84 -49.20 31.31
CA LYS I 471 13.04 -49.39 32.50
C LYS I 471 11.67 -49.95 32.12
N GLN I 472 11.23 -50.96 32.84
CA GLN I 472 9.92 -51.58 32.62
C GLN I 472 8.84 -51.00 33.54
N THR I 473 8.26 -49.88 33.11
CA THR I 473 7.23 -49.22 33.92
C THR I 473 5.94 -50.02 34.05
N ALA I 474 5.36 -49.99 35.24
CA ALA I 474 4.07 -50.59 35.46
C ALA I 474 3.02 -49.94 34.56
N ILE I 475 1.87 -50.60 34.43
CA ILE I 475 0.80 -50.09 33.58
C ILE I 475 0.41 -48.70 34.07
N GLY I 476 0.27 -47.76 33.14
CA GLY I 476 -0.30 -46.46 33.42
C GLY I 476 0.63 -45.45 34.04
N ASP I 477 1.76 -45.89 34.62
CA ASP I 477 2.68 -44.98 35.31
C ASP I 477 3.77 -44.44 34.38
N LEU I 478 3.62 -44.66 33.07
CA LEU I 478 4.69 -44.32 32.14
C LEU I 478 5.03 -42.84 32.19
N GLU I 479 4.02 -41.97 32.22
CA GLU I 479 4.29 -40.53 32.09
C GLU I 479 4.98 -39.99 33.34
N ALA I 480 4.48 -40.35 34.52
CA ALA I 480 5.13 -39.89 35.75
C ALA I 480 6.54 -40.46 35.88
N THR I 481 6.70 -41.75 35.58
CA THR I 481 8.03 -42.36 35.66
C THR I 481 8.99 -41.66 34.70
N VAL I 482 8.54 -41.40 33.48
CA VAL I 482 9.39 -40.75 32.49
C VAL I 482 9.76 -39.35 32.96
N ALA I 483 8.79 -38.61 33.49
CA ALA I 483 9.08 -37.26 33.96
C ALA I 483 10.16 -37.29 35.04
N LEU I 484 9.98 -38.11 36.06
CA LEU I 484 10.95 -38.17 37.15
C LEU I 484 12.33 -38.57 36.63
N ASP I 485 12.39 -39.68 35.88
CA ASP I 485 13.69 -40.19 35.43
C ASP I 485 14.38 -39.21 34.51
N THR I 486 13.64 -38.62 33.56
CA THR I 486 14.23 -37.67 32.63
C THR I 486 14.74 -36.44 33.35
N ALA I 487 13.98 -35.92 34.31
CA ALA I 487 14.44 -34.75 35.04
C ALA I 487 15.72 -35.07 35.80
N ALA I 488 15.76 -36.23 36.46
CA ALA I 488 16.96 -36.60 37.21
C ALA I 488 18.17 -36.73 36.30
N LEU I 489 18.00 -37.44 35.17
CA LEU I 489 19.12 -37.64 34.25
C LEU I 489 19.60 -36.30 33.68
N GLN I 490 18.68 -35.44 33.27
CA GLN I 490 19.05 -34.15 32.72
C GLN I 490 19.79 -33.31 33.75
N SER I 491 19.30 -33.29 34.99
CA SER I 491 19.98 -32.53 36.03
C SER I 491 21.38 -33.06 36.28
N SER I 492 21.54 -34.38 36.34
CA SER I 492 22.86 -34.95 36.54
C SER I 492 23.80 -34.55 35.41
N VAL I 493 23.35 -34.69 34.17
CA VAL I 493 24.21 -34.36 33.04
C VAL I 493 24.58 -32.88 33.07
N GLU I 494 23.61 -32.00 33.34
CA GLU I 494 23.88 -30.57 33.36
C GLU I 494 24.89 -30.22 34.44
N GLU I 495 24.68 -30.70 35.66
CA GLU I 495 25.62 -30.43 36.73
C GLU I 495 26.98 -31.06 36.47
N GLY I 496 27.05 -32.09 35.64
CA GLY I 496 28.30 -32.80 35.40
C GLY I 496 28.54 -33.97 36.32
N THR I 497 27.66 -34.23 37.27
CA THR I 497 27.79 -35.38 38.16
C THR I 497 27.45 -36.70 37.48
N ALA I 498 26.94 -36.66 36.25
CA ALA I 498 26.54 -37.90 35.59
C ALA I 498 27.68 -38.90 35.51
N THR I 499 28.92 -38.42 35.48
CA THR I 499 30.06 -39.32 35.32
C THR I 499 30.67 -39.72 36.67
N GLU I 500 30.80 -38.80 37.61
CA GLU I 500 31.55 -39.09 38.82
C GLU I 500 30.89 -40.21 39.61
N GLY I 501 31.70 -40.95 40.37
CA GLY I 501 31.22 -42.10 41.10
C GLY I 501 31.84 -43.38 40.58
N THR I 502 31.42 -44.52 41.12
CA THR I 502 31.97 -45.80 40.71
C THR I 502 31.56 -46.11 39.28
N ALA I 503 32.50 -46.69 38.53
CA ALA I 503 32.20 -47.24 37.21
C ALA I 503 31.88 -48.73 37.21
N PRO I 504 30.61 -49.11 37.23
CA PRO I 504 30.25 -50.51 37.47
C PRO I 504 30.86 -51.45 36.44
N VAL I 505 31.62 -52.42 36.94
CA VAL I 505 32.18 -53.47 36.11
C VAL I 505 31.21 -54.65 36.10
N MET J 1 9.97 -4.28 -60.92
CA MET J 1 9.69 -5.20 -62.01
C MET J 1 8.18 -5.33 -62.21
N THR J 2 7.73 -6.52 -62.61
CA THR J 2 6.32 -6.76 -62.90
C THR J 2 5.50 -6.73 -61.61
N ASN J 3 4.18 -6.86 -61.76
CA ASN J 3 3.17 -6.92 -60.71
C ASN J 3 2.88 -5.56 -60.09
N PHE J 4 3.57 -4.49 -60.48
CA PHE J 4 3.31 -3.15 -59.97
C PHE J 4 3.08 -2.11 -61.04
N LEU J 5 3.51 -2.34 -62.27
CA LEU J 5 3.46 -1.33 -63.33
C LEU J 5 2.28 -1.52 -64.28
N ASN J 6 1.33 -2.41 -63.93
CA ASN J 6 0.22 -2.70 -64.83
C ASN J 6 -0.61 -1.45 -65.13
N GLY J 7 -0.88 -0.66 -64.10
CA GLY J 7 -1.77 0.48 -64.22
C GLY J 7 -1.11 1.80 -64.60
N VAL J 8 0.20 1.81 -64.88
CA VAL J 8 0.86 3.06 -65.20
C VAL J 8 0.38 3.59 -66.56
N ASN J 9 0.23 2.70 -67.54
CA ASN J 9 -0.26 3.10 -68.86
C ASN J 9 -1.77 2.95 -68.95
N ILE J 10 -2.48 3.55 -67.99
CA ILE J 10 -3.94 3.61 -68.00
C ILE J 10 -4.32 5.07 -67.73
N GLY J 11 -5.21 5.60 -68.56
CA GLY J 11 -5.60 6.99 -68.45
C GLY J 11 -6.84 7.21 -67.62
N THR J 12 -7.83 6.35 -67.78
CA THR J 12 -9.10 6.55 -67.11
C THR J 12 -8.98 6.29 -65.62
N PRO J 13 -9.76 7.01 -64.78
CA PRO J 13 -9.63 6.85 -63.32
C PRO J 13 -10.35 5.74 -62.53
N GLY J 14 -10.83 4.70 -63.20
CA GLY J 14 -11.56 3.53 -62.79
C GLY J 14 -10.72 2.62 -61.89
N ALA J 15 -11.28 1.44 -61.64
CA ALA J 15 -10.60 0.38 -60.90
C ALA J 15 -10.54 -0.85 -61.78
N TYR J 16 -9.39 -1.51 -61.83
CA TYR J 16 -9.12 -2.53 -62.84
C TYR J 16 -8.47 -3.75 -62.20
N ALA J 17 -8.64 -4.89 -62.85
CA ALA J 17 -8.13 -6.17 -62.38
C ALA J 17 -7.16 -6.84 -63.35
N PHE J 18 -5.99 -7.20 -62.85
CA PHE J 18 -5.00 -7.98 -63.59
C PHE J 18 -4.69 -9.25 -62.80
N TYR J 19 -3.91 -10.13 -63.42
CA TYR J 19 -3.59 -11.43 -62.85
C TYR J 19 -2.13 -11.49 -62.43
N GLN J 20 -1.90 -11.99 -61.22
CA GLN J 20 -0.58 -11.98 -60.61
C GLN J 20 0.35 -12.92 -61.36
N THR J 21 1.42 -12.36 -61.92
CA THR J 21 2.42 -13.17 -62.58
C THR J 21 3.51 -13.48 -61.57
N THR J 22 4.58 -14.12 -61.99
CA THR J 22 5.68 -14.38 -61.08
C THR J 22 6.42 -13.08 -60.80
N GLN J 23 6.60 -12.76 -59.52
CA GLN J 23 7.32 -11.55 -59.16
C GLN J 23 8.79 -11.83 -58.92
N SER J 24 9.65 -11.05 -59.55
CA SER J 24 11.09 -11.22 -59.39
C SER J 24 11.54 -10.74 -58.02
N ARG J 25 11.95 -11.66 -57.16
CA ARG J 25 12.43 -11.29 -55.83
C ARG J 25 13.91 -10.91 -55.90
N PRO J 26 14.25 -9.70 -55.45
CA PRO J 26 15.64 -9.24 -55.49
C PRO J 26 16.59 -10.09 -54.67
N ILE J 27 17.75 -10.42 -55.24
CA ILE J 27 18.74 -11.18 -54.51
C ILE J 27 19.59 -10.19 -53.75
N ASN J 28 19.80 -10.44 -52.45
CA ASN J 28 20.60 -9.52 -51.64
C ASN J 28 22.03 -9.38 -52.12
N VAL J 29 22.65 -8.28 -51.77
CA VAL J 29 24.04 -8.06 -52.17
C VAL J 29 25.00 -8.39 -51.03
N GLU J 30 24.72 -9.45 -50.28
CA GLU J 30 25.65 -9.83 -49.22
C GLU J 30 26.90 -10.62 -49.76
N PRO J 31 28.10 -10.62 -49.06
CA PRO J 31 29.29 -11.23 -49.66
C PRO J 31 29.07 -12.49 -50.51
N PHE J 32 28.51 -13.55 -49.93
CA PHE J 32 28.74 -14.88 -50.46
C PHE J 32 27.50 -15.56 -51.02
N ARG J 33 26.73 -14.86 -51.86
CA ARG J 33 25.62 -15.50 -52.56
C ARG J 33 25.77 -15.31 -54.07
N THR J 34 26.96 -15.59 -54.59
CA THR J 34 27.23 -15.47 -56.01
C THR J 34 28.08 -16.65 -56.47
N CYS J 35 27.88 -17.03 -57.73
CA CYS J 35 28.68 -18.05 -58.39
C CYS J 35 29.27 -17.47 -59.66
N TYR J 36 30.51 -17.82 -59.96
CA TYR J 36 31.20 -17.37 -61.16
C TYR J 36 31.61 -18.60 -61.97
N MET J 37 30.96 -18.78 -63.12
CA MET J 37 31.23 -19.90 -64.01
C MET J 37 32.14 -19.43 -65.14
N VAL J 38 33.34 -20.02 -65.21
CA VAL J 38 34.28 -19.76 -66.29
C VAL J 38 33.99 -20.75 -67.40
N GLY J 39 33.64 -20.25 -68.58
CA GLY J 39 33.30 -21.12 -69.70
C GLY J 39 33.76 -20.55 -71.02
N PHE J 40 33.34 -21.20 -72.11
CA PHE J 40 33.69 -20.76 -73.45
C PHE J 40 32.46 -20.74 -74.34
N ALA J 41 32.44 -19.80 -75.27
CA ALA J 41 31.42 -19.74 -76.31
C ALA J 41 32.06 -19.19 -77.56
N SER J 42 31.75 -19.80 -78.72
CA SER J 42 32.37 -19.37 -79.96
C SER J 42 32.14 -17.88 -80.21
N ASN J 43 30.91 -17.42 -80.00
CA ASN J 43 30.59 -16.00 -80.09
C ASN J 43 31.07 -15.32 -78.81
N GLY J 44 32.31 -14.84 -78.86
CA GLY J 44 32.91 -14.20 -77.71
C GLY J 44 32.34 -12.81 -77.49
N VAL J 45 31.04 -12.75 -77.19
CA VAL J 45 30.36 -11.47 -77.09
C VAL J 45 30.87 -10.69 -75.87
N ASN J 46 30.95 -11.35 -74.71
CA ASN J 46 31.54 -10.78 -73.51
C ASN J 46 32.68 -11.70 -73.08
N LYS J 47 33.86 -11.47 -73.64
CA LYS J 47 35.01 -12.33 -73.42
C LYS J 47 35.89 -11.71 -72.35
N ASN J 48 36.26 -12.51 -71.34
CA ASN J 48 37.03 -12.04 -70.20
C ASN J 48 36.33 -10.87 -69.52
N VAL J 49 35.00 -10.90 -69.50
CA VAL J 49 34.20 -9.87 -68.84
C VAL J 49 33.04 -10.57 -68.12
N PRO J 50 33.09 -10.69 -66.79
CA PRO J 50 31.97 -11.35 -66.08
C PRO J 50 30.67 -10.65 -66.36
N THR J 51 29.67 -11.42 -66.78
CA THR J 51 28.35 -10.90 -67.12
C THR J 51 27.30 -11.68 -66.35
N ARG J 52 26.38 -10.97 -65.71
CA ARG J 52 25.34 -11.63 -64.93
C ARG J 52 24.33 -12.31 -65.86
N ILE J 53 23.91 -13.51 -65.46
CA ILE J 53 22.95 -14.30 -66.20
C ILE J 53 21.70 -14.44 -65.35
N SER J 54 20.54 -14.16 -65.94
CA SER J 54 19.28 -14.20 -65.20
C SER J 54 18.57 -15.55 -65.31
N ASN J 55 18.85 -16.33 -66.35
CA ASN J 55 18.20 -17.63 -66.51
C ASN J 55 18.86 -18.34 -67.70
N LEU J 56 18.50 -19.62 -67.87
CA LEU J 56 19.07 -20.41 -68.94
C LEU J 56 18.72 -19.83 -70.31
N THR J 57 17.50 -19.30 -70.45
CA THR J 57 17.12 -18.67 -71.71
C THR J 57 18.02 -17.48 -72.01
N ASP J 58 18.29 -16.65 -71.01
CA ASP J 58 19.20 -15.53 -71.22
C ASP J 58 20.59 -16.00 -71.60
N PHE J 59 21.08 -17.04 -70.91
CA PHE J 59 22.40 -17.57 -71.24
C PHE J 59 22.45 -18.03 -72.69
N THR J 60 21.45 -18.80 -73.11
CA THR J 60 21.44 -19.30 -74.49
C THR J 60 21.33 -18.15 -75.49
N ASN J 61 20.52 -17.15 -75.18
CA ASN J 61 20.36 -16.02 -76.10
C ASN J 61 21.68 -15.26 -76.26
N VAL J 62 22.39 -15.04 -75.16
CA VAL J 62 23.60 -14.22 -75.24
C VAL J 62 24.76 -15.01 -75.82
N TYR J 63 25.04 -16.19 -75.28
CA TYR J 63 26.21 -16.97 -75.65
C TYR J 63 25.90 -18.12 -76.59
N GLY J 64 24.64 -18.33 -76.95
CA GLY J 64 24.32 -19.38 -77.90
C GLY J 64 24.76 -20.74 -77.40
N THR J 65 25.59 -21.41 -78.19
CA THR J 65 26.03 -22.76 -77.86
C THR J 65 27.22 -22.72 -76.92
N SER J 66 27.24 -23.64 -75.96
CA SER J 66 28.34 -23.79 -75.03
C SER J 66 28.13 -25.05 -74.22
N ALA J 67 29.23 -25.74 -73.90
CA ALA J 67 29.15 -26.93 -73.07
C ALA J 67 28.72 -26.62 -71.65
N SER J 68 28.72 -25.35 -71.26
CA SER J 68 28.32 -24.94 -69.92
C SER J 68 26.82 -24.78 -69.77
N THR J 69 26.04 -25.02 -70.83
CA THR J 69 24.60 -24.83 -70.75
C THR J 69 23.98 -25.76 -69.71
N ASN J 70 24.39 -27.02 -69.69
CA ASN J 70 23.85 -27.97 -68.71
C ASN J 70 24.21 -27.54 -67.29
N SER J 71 25.43 -27.07 -67.08
CA SER J 71 25.84 -26.60 -65.77
C SER J 71 25.01 -25.41 -65.33
N VAL J 72 24.76 -24.47 -66.25
CA VAL J 72 23.94 -23.31 -65.92
C VAL J 72 22.52 -23.74 -65.56
N ASP J 73 21.98 -24.69 -66.33
CA ASP J 73 20.64 -25.18 -66.04
C ASP J 73 20.58 -25.81 -64.65
N LEU J 74 21.57 -26.63 -64.31
CA LEU J 74 21.61 -27.24 -62.98
C LEU J 74 21.73 -26.17 -61.90
N PHE J 75 22.58 -25.16 -62.12
CA PHE J 75 22.74 -24.10 -61.13
C PHE J 75 21.42 -23.41 -60.85
N PHE J 76 20.70 -23.02 -61.91
CA PHE J 76 19.43 -22.33 -61.70
C PHE J 76 18.39 -23.25 -61.06
N LYS J 77 18.34 -24.51 -61.51
CA LYS J 77 17.41 -25.45 -60.89
C LYS J 77 17.63 -25.56 -59.40
N ASN J 78 18.89 -25.68 -58.96
CA ASN J 78 19.19 -25.87 -57.56
C ASN J 78 19.12 -24.57 -56.74
N SER J 79 19.40 -23.42 -57.36
CA SER J 79 19.32 -22.16 -56.64
C SER J 79 17.88 -21.69 -56.46
N GLN J 80 17.00 -22.01 -57.41
CA GLN J 80 15.59 -21.68 -57.29
C GLN J 80 15.37 -20.17 -57.17
N GLY J 81 16.15 -19.40 -57.92
CA GLY J 81 16.01 -17.96 -57.96
C GLY J 81 16.84 -17.20 -56.94
N PHE J 82 17.40 -17.87 -55.95
CA PHE J 82 18.32 -17.22 -55.03
C PHE J 82 19.73 -17.20 -55.63
N GLY J 83 20.55 -16.29 -55.12
CA GLY J 83 21.92 -16.18 -55.58
C GLY J 83 22.03 -15.70 -57.01
N ASN J 84 23.20 -15.22 -57.39
CA ASN J 84 23.45 -14.72 -58.74
C ASN J 84 24.46 -15.61 -59.44
N LEU J 85 24.39 -15.66 -60.75
CA LEU J 85 25.35 -16.37 -61.58
C LEU J 85 26.00 -15.37 -62.53
N TYR J 86 27.34 -15.38 -62.58
CA TYR J 86 28.11 -14.58 -63.52
C TYR J 86 28.90 -15.51 -64.42
N PHE J 87 28.69 -15.38 -65.73
CA PHE J 87 29.43 -16.17 -66.70
C PHE J 87 30.62 -15.35 -67.20
N VAL J 88 31.77 -16.01 -67.30
CA VAL J 88 32.98 -15.40 -67.84
C VAL J 88 33.38 -16.21 -69.06
N ASN J 89 33.24 -15.60 -70.24
CA ASN J 89 33.63 -16.25 -71.49
C ASN J 89 35.12 -16.06 -71.71
N VAL J 90 35.82 -17.15 -71.99
CA VAL J 90 37.27 -17.11 -72.18
C VAL J 90 37.58 -16.51 -73.55
N ALA J 91 38.46 -15.51 -73.56
CA ALA J 91 38.87 -14.89 -74.81
C ALA J 91 40.02 -15.67 -75.44
N ILE J 92 39.90 -15.95 -76.73
CA ILE J 92 40.97 -16.57 -77.50
C ILE J 92 41.86 -15.46 -78.03
N PRO J 93 43.17 -15.45 -77.72
CA PRO J 93 44.02 -14.38 -78.24
C PRO J 93 43.96 -14.32 -79.76
N THR J 94 43.82 -13.10 -80.28
CA THR J 94 43.82 -12.89 -81.72
C THR J 94 45.21 -13.20 -82.28
N ARG J 95 45.28 -13.53 -83.56
CA ARG J 95 46.54 -13.79 -84.22
C ARG J 95 46.48 -13.21 -85.63
N TYR J 96 47.59 -12.65 -86.07
CA TYR J 96 47.72 -12.12 -87.42
C TYR J 96 48.98 -12.68 -88.06
N GLN J 97 48.83 -13.25 -89.25
CA GLN J 97 49.94 -13.84 -89.99
C GLN J 97 50.29 -12.94 -91.16
N ILE J 98 51.55 -12.53 -91.22
CA ILE J 98 52.05 -11.65 -92.28
C ILE J 98 53.05 -12.44 -93.11
N VAL J 99 52.75 -12.60 -94.39
CA VAL J 99 53.62 -13.30 -95.33
C VAL J 99 54.37 -12.25 -96.14
N VAL J 100 55.69 -12.40 -96.23
CA VAL J 100 56.53 -11.51 -97.01
C VAL J 100 56.79 -12.21 -98.34
N THR J 101 56.01 -11.85 -99.36
CA THR J 101 56.08 -12.55 -100.63
C THR J 101 57.44 -12.34 -101.31
N ALA J 102 57.88 -11.09 -101.41
CA ALA J 102 59.10 -10.76 -102.14
C ALA J 102 59.89 -9.71 -101.38
N ALA J 103 61.15 -9.53 -101.79
CA ALA J 103 62.07 -8.58 -101.17
C ALA J 103 62.15 -7.28 -101.96
N THR J 104 61.03 -6.84 -102.54
CA THR J 104 61.03 -5.61 -103.31
C THR J 104 61.45 -4.43 -102.45
N ALA J 105 62.36 -3.61 -102.97
CA ALA J 105 62.82 -2.44 -102.24
C ALA J 105 61.74 -1.35 -102.25
N GLY J 106 61.61 -0.66 -101.13
CA GLY J 106 60.62 0.40 -101.02
C GLY J 106 60.27 0.66 -99.57
N SER J 107 59.26 1.51 -99.39
CA SER J 107 58.77 1.89 -98.07
C SER J 107 57.40 1.28 -97.85
N TYR J 108 57.20 0.66 -96.70
CA TYR J 108 55.95 -0.01 -96.36
C TYR J 108 55.64 0.26 -94.90
N SER J 109 54.48 -0.19 -94.44
CA SER J 109 54.05 0.09 -93.08
C SER J 109 53.30 -1.10 -92.50
N VAL J 110 53.55 -1.37 -91.22
CA VAL J 110 52.80 -2.38 -90.46
C VAL J 110 52.23 -1.69 -89.24
N THR J 111 50.90 -1.70 -89.12
CA THR J 111 50.21 -1.01 -88.03
C THR J 111 49.61 -2.05 -87.10
N VAL J 112 49.96 -1.98 -85.82
CA VAL J 112 49.45 -2.88 -84.80
C VAL J 112 48.88 -2.04 -83.68
N ASN J 113 47.61 -2.27 -83.33
CA ASN J 113 46.93 -1.53 -82.27
C ASN J 113 46.98 -0.02 -82.50
N GLY J 114 46.96 0.39 -83.77
CA GLY J 114 47.01 1.79 -84.11
C GLY J 114 48.39 2.40 -84.13
N VAL J 115 49.42 1.63 -83.78
CA VAL J 115 50.80 2.09 -83.81
C VAL J 115 51.42 1.65 -85.13
N THR J 116 51.87 2.61 -85.92
CA THR J 116 52.39 2.34 -87.25
C THR J 116 53.92 2.24 -87.20
N LYS J 117 54.46 1.26 -87.92
CA LYS J 117 55.89 0.99 -87.97
C LYS J 117 56.33 1.00 -89.43
N ALA J 118 57.30 1.85 -89.75
CA ALA J 118 57.82 1.91 -91.10
C ALA J 118 58.77 0.75 -91.37
N ILE J 119 58.83 0.34 -92.63
CA ILE J 119 59.69 -0.76 -93.07
C ILE J 119 60.32 -0.33 -94.40
N THR J 120 61.60 -0.01 -94.37
CA THR J 120 62.34 0.35 -95.57
C THR J 120 63.11 -0.86 -96.06
N VAL J 121 62.89 -1.24 -97.32
CA VAL J 121 63.51 -2.41 -97.92
C VAL J 121 64.48 -1.93 -99.00
N VAL J 122 65.72 -2.38 -98.92
CA VAL J 122 66.74 -2.01 -99.86
C VAL J 122 67.00 -3.19 -100.81
N GLY J 123 67.73 -2.93 -101.89
CA GLY J 123 68.02 -3.98 -102.84
C GLY J 123 68.90 -5.05 -102.22
N GLY J 124 68.76 -6.27 -102.74
CA GLY J 124 69.53 -7.39 -102.25
C GLY J 124 69.01 -8.01 -100.97
N ALA J 125 67.86 -7.57 -100.49
CA ALA J 125 67.29 -8.14 -99.27
C ALA J 125 66.57 -9.44 -99.57
N THR J 126 66.24 -10.17 -98.51
CA THR J 126 65.48 -11.40 -98.60
C THR J 126 64.23 -11.31 -97.75
N THR J 127 63.22 -12.11 -98.11
CA THR J 127 61.99 -12.15 -97.31
C THR J 127 62.29 -12.57 -95.88
N THR J 128 63.26 -13.45 -95.67
CA THR J 128 63.67 -13.81 -94.32
C THR J 128 64.20 -12.61 -93.57
N THR J 129 65.05 -11.80 -94.22
CA THR J 129 65.57 -10.60 -93.58
C THR J 129 64.44 -9.62 -93.27
N ILE J 130 63.47 -9.49 -94.16
CA ILE J 130 62.36 -8.57 -93.92
C ILE J 130 61.53 -9.05 -92.74
N ALA J 131 61.29 -10.34 -92.66
CA ALA J 131 60.57 -10.89 -91.50
C ALA J 131 61.34 -10.65 -90.21
N ALA J 132 62.66 -10.82 -90.25
CA ALA J 132 63.48 -10.55 -89.08
C ALA J 132 63.37 -9.09 -88.66
N ASP J 133 63.42 -8.18 -89.64
CA ASP J 133 63.28 -6.76 -89.33
C ASP J 133 61.93 -6.44 -88.71
N VAL J 134 60.86 -7.03 -89.26
CA VAL J 134 59.52 -6.79 -88.71
C VAL J 134 59.46 -7.30 -87.28
N ILE J 135 59.97 -8.51 -87.04
CA ILE J 135 59.94 -9.08 -85.70
C ILE J 135 60.72 -8.20 -84.73
N SER J 136 61.91 -7.76 -85.14
CA SER J 136 62.71 -6.91 -84.27
C SER J 136 62.00 -5.61 -83.95
N ALA J 137 61.41 -4.97 -84.96
CA ALA J 137 60.72 -3.71 -84.73
C ALA J 137 59.56 -3.89 -83.75
N ILE J 138 58.72 -4.90 -84.00
CA ILE J 138 57.55 -5.08 -83.15
C ILE J 138 57.96 -5.43 -81.73
N ASN J 139 58.96 -6.31 -81.57
CA ASN J 139 59.38 -6.73 -80.24
C ASN J 139 60.21 -5.68 -79.51
N ASN J 140 60.76 -4.70 -80.23
CA ASN J 140 61.52 -3.63 -79.59
C ASN J 140 60.65 -2.42 -79.25
N ASP J 141 59.57 -2.19 -79.99
CA ASP J 141 58.67 -1.11 -79.63
C ASP J 141 58.19 -1.28 -78.20
N THR J 142 58.30 -0.22 -77.40
CA THR J 142 58.02 -0.33 -75.97
C THR J 142 56.56 -0.69 -75.71
N VAL J 143 55.66 -0.30 -76.61
CA VAL J 143 54.24 -0.56 -76.44
C VAL J 143 53.84 -1.90 -77.04
N LEU J 144 54.29 -2.15 -78.28
CA LEU J 144 53.90 -3.37 -78.96
C LEU J 144 54.48 -4.60 -78.29
N ASN J 145 55.70 -4.51 -77.76
CA ASN J 145 56.27 -5.66 -77.07
C ASN J 145 55.41 -6.07 -75.89
N LYS J 146 54.80 -5.10 -75.20
CA LYS J 146 53.89 -5.43 -74.10
C LYS J 146 52.56 -5.95 -74.61
N GLU J 147 52.00 -5.34 -75.65
CA GLU J 147 50.65 -5.67 -76.11
C GLU J 147 50.57 -6.99 -76.86
N VAL J 148 51.54 -7.29 -77.73
CA VAL J 148 51.52 -8.46 -78.59
C VAL J 148 52.89 -9.11 -78.56
N LEU J 149 52.99 -10.26 -79.23
CA LEU J 149 54.25 -10.97 -79.38
C LEU J 149 54.44 -11.34 -80.85
N ALA J 150 55.61 -11.01 -81.40
CA ALA J 150 55.95 -11.33 -82.78
C ALA J 150 56.91 -12.50 -82.80
N THR J 151 56.63 -13.48 -83.66
CA THR J 151 57.43 -14.69 -83.74
C THR J 151 57.52 -15.14 -85.19
N VAL J 152 58.38 -16.13 -85.43
CA VAL J 152 58.51 -16.73 -86.76
C VAL J 152 57.37 -17.69 -87.00
N GLY J 153 56.86 -17.69 -88.23
CA GLY J 153 55.79 -18.59 -88.64
C GLY J 153 56.32 -19.91 -89.12
N GLY J 154 55.57 -20.54 -90.02
CA GLY J 154 55.99 -21.81 -90.59
C GLY J 154 57.16 -21.68 -91.55
N THR J 155 57.40 -20.48 -92.07
CA THR J 155 58.50 -20.21 -92.98
C THR J 155 59.32 -19.03 -92.47
N SER J 156 60.56 -18.93 -92.94
CA SER J 156 61.38 -17.78 -92.59
C SER J 156 60.81 -16.49 -93.13
N SER J 157 59.87 -16.56 -94.08
CA SER J 157 59.25 -15.39 -94.68
C SER J 157 57.84 -15.15 -94.14
N THR J 158 57.59 -15.52 -92.89
CA THR J 158 56.28 -15.36 -92.28
C THR J 158 56.44 -14.93 -90.83
N VAL J 159 55.58 -14.00 -90.42
CA VAL J 159 55.58 -13.45 -89.07
C VAL J 159 54.23 -13.71 -88.44
N VAL J 160 54.23 -14.06 -87.16
CA VAL J 160 53.00 -14.34 -86.42
C VAL J 160 52.93 -13.35 -85.25
N ILE J 161 51.85 -12.57 -85.22
CA ILE J 161 51.61 -11.62 -84.14
C ILE J 161 50.47 -12.17 -83.30
N THR J 162 50.74 -12.40 -82.02
CA THR J 162 49.77 -12.96 -81.10
C THR J 162 49.40 -11.91 -80.06
N SER J 163 48.10 -11.70 -79.87
CA SER J 163 47.63 -10.74 -78.89
C SER J 163 47.97 -11.24 -77.49
N LYS J 164 48.66 -10.40 -76.72
CA LYS J 164 49.05 -10.75 -75.37
C LYS J 164 48.02 -10.34 -74.32
N LYS J 165 46.97 -9.64 -74.73
CA LYS J 165 45.89 -9.21 -73.83
C LYS J 165 44.57 -9.63 -74.46
N PRO J 166 44.17 -10.89 -74.28
CA PRO J 166 42.93 -11.36 -74.93
C PRO J 166 41.71 -10.54 -74.55
N THR J 167 41.69 -9.94 -73.36
CA THR J 167 40.53 -9.15 -72.95
C THR J 167 40.29 -8.00 -73.91
N ASN J 168 41.35 -7.31 -74.31
CA ASN J 168 41.24 -6.19 -75.23
C ASN J 168 41.37 -6.67 -76.68
N THR J 169 40.78 -5.91 -77.60
CA THR J 169 40.82 -6.27 -79.01
C THR J 169 42.12 -5.79 -79.64
N THR J 170 42.69 -6.65 -80.48
CA THR J 170 43.95 -6.36 -81.18
C THR J 170 43.65 -6.08 -82.65
N THR J 171 44.18 -4.98 -83.17
CA THR J 171 43.94 -4.54 -84.53
C THR J 171 45.24 -4.57 -85.31
N ALA J 172 45.15 -4.95 -86.59
CA ALA J 172 46.33 -5.03 -87.45
C ALA J 172 45.98 -4.53 -88.85
N ALA J 173 46.97 -3.95 -89.51
CA ALA J 173 46.82 -3.46 -90.87
C ALA J 173 48.20 -3.37 -91.51
N VAL J 174 48.22 -3.33 -92.83
CA VAL J 174 49.47 -3.28 -93.59
C VAL J 174 49.30 -2.37 -94.79
N THR J 175 50.38 -1.67 -95.12
CA THR J 175 50.50 -0.91 -96.37
C THR J 175 51.73 -1.44 -97.09
N GLY J 176 51.52 -2.08 -98.23
CA GLY J 176 52.60 -2.70 -98.98
C GLY J 176 52.15 -3.97 -99.67
N VAL J 177 52.49 -4.09 -100.96
CA VAL J 177 52.05 -5.26 -101.73
C VAL J 177 52.73 -6.53 -101.24
N ILE J 178 54.02 -6.43 -100.86
CA ILE J 178 54.77 -7.63 -100.50
C ILE J 178 54.21 -8.27 -99.24
N PHE J 179 53.52 -7.48 -98.41
CA PHE J 179 52.94 -8.00 -97.18
C PHE J 179 51.55 -8.56 -97.45
N THR J 180 51.28 -9.75 -96.93
CA THR J 180 49.96 -10.38 -96.99
C THR J 180 49.49 -10.66 -95.58
N LEU J 181 48.32 -10.13 -95.23
CA LEU J 181 47.79 -10.19 -93.87
C LEU J 181 46.66 -11.21 -93.80
N THR J 182 46.69 -12.06 -92.76
CA THR J 182 45.66 -13.05 -92.52
C THR J 182 45.24 -12.98 -91.06
N THR J 183 43.93 -13.03 -90.81
CA THR J 183 43.38 -12.95 -89.47
C THR J 183 43.10 -14.37 -88.97
N THR J 184 44.01 -14.91 -88.17
CA THR J 184 43.87 -16.24 -87.61
C THR J 184 43.48 -16.17 -86.14
N THR J 185 42.80 -17.20 -85.67
CA THR J 185 42.45 -17.29 -84.26
C THR J 185 41.91 -18.67 -83.99
N GLY J 186 42.44 -19.32 -82.94
CA GLY J 186 41.96 -20.63 -82.59
C GLY J 186 40.47 -20.62 -82.33
N THR J 187 39.77 -21.60 -82.91
CA THR J 187 38.32 -21.72 -82.72
C THR J 187 37.97 -22.31 -81.36
N SER J 188 38.95 -22.84 -80.63
CA SER J 188 38.73 -23.42 -79.32
C SER J 188 39.72 -22.82 -78.32
N PRO J 189 39.35 -22.75 -77.04
CA PRO J 189 40.26 -22.17 -76.05
C PRO J 189 41.31 -23.17 -75.59
N SER J 190 42.32 -22.64 -74.92
CA SER J 190 43.40 -23.43 -74.36
C SER J 190 43.49 -23.22 -72.84
N VAL J 191 44.18 -24.15 -72.19
CA VAL J 191 44.36 -24.04 -70.75
C VAL J 191 45.09 -22.76 -70.39
N ALA J 192 46.00 -22.29 -71.25
CA ALA J 192 46.65 -21.02 -71.01
C ALA J 192 45.64 -19.87 -71.03
N ASP J 193 44.70 -19.90 -71.98
CA ASP J 193 43.66 -18.89 -72.02
C ASP J 193 42.80 -18.94 -70.76
N TYR J 194 42.44 -20.15 -70.31
CA TYR J 194 41.67 -20.29 -69.08
C TYR J 194 42.44 -19.71 -67.90
N VAL J 195 43.74 -20.00 -67.81
CA VAL J 195 44.55 -19.51 -66.71
C VAL J 195 44.60 -17.99 -66.73
N TYR J 196 44.80 -17.40 -67.91
CA TYR J 196 44.82 -15.95 -68.00
C TYR J 196 43.48 -15.35 -67.58
N THR J 197 42.38 -15.93 -68.05
CA THR J 197 41.07 -15.42 -67.68
C THR J 197 40.87 -15.50 -66.17
N ILE J 198 41.28 -16.60 -65.56
CA ILE J 198 41.12 -16.75 -64.11
C ILE J 198 41.95 -15.71 -63.37
N ASN J 199 43.21 -15.51 -63.79
CA ASN J 199 44.15 -14.69 -63.05
C ASN J 199 44.02 -13.20 -63.34
N ASN J 200 43.32 -12.79 -64.39
CA ASN J 200 43.33 -11.39 -64.80
C ASN J 200 41.97 -10.83 -65.16
N THR J 201 40.87 -11.51 -64.80
CA THR J 201 39.54 -11.07 -65.18
C THR J 201 38.67 -10.63 -64.02
N PHE J 202 38.95 -11.10 -62.80
CA PHE J 202 38.10 -10.81 -61.66
C PHE J 202 38.58 -9.55 -60.93
N ASP J 203 37.61 -8.74 -60.49
CA ASP J 203 37.87 -7.51 -59.76
C ASP J 203 37.53 -7.71 -58.28
N PRO J 204 38.42 -7.37 -57.35
CA PRO J 204 38.06 -7.51 -55.92
C PRO J 204 36.79 -6.76 -55.56
N ALA J 205 36.39 -5.75 -56.33
CA ALA J 205 35.13 -5.07 -56.08
C ALA J 205 33.93 -5.97 -56.32
N LEU J 206 34.11 -7.11 -56.98
CA LEU J 206 33.00 -8.02 -57.22
C LEU J 206 32.54 -8.68 -55.93
N GLU J 207 31.29 -9.13 -55.93
CA GLU J 207 30.78 -9.92 -54.83
C GLU J 207 31.58 -11.19 -54.67
N ALA J 208 31.89 -11.54 -53.43
CA ALA J 208 32.55 -12.80 -53.15
C ALA J 208 31.59 -13.96 -53.44
N GLY J 209 32.15 -15.15 -53.59
CA GLY J 209 31.32 -16.30 -53.86
C GLY J 209 32.13 -17.46 -54.40
N PHE J 210 31.42 -18.42 -54.95
CA PHE J 210 32.03 -19.63 -55.49
C PHE J 210 32.54 -19.40 -56.90
N VAL J 211 33.57 -20.15 -57.28
CA VAL J 211 34.15 -20.11 -58.62
C VAL J 211 34.19 -21.53 -59.16
N ILE J 212 33.70 -21.73 -60.37
CA ILE J 212 33.58 -23.06 -60.97
C ILE J 212 34.01 -23.01 -62.42
N ALA J 213 34.73 -24.05 -62.86
CA ALA J 213 35.13 -24.22 -64.26
C ALA J 213 34.77 -25.63 -64.70
N PRO J 214 33.48 -25.98 -64.66
CA PRO J 214 33.09 -27.35 -65.02
C PRO J 214 33.47 -27.73 -66.44
N GLU J 215 33.33 -26.80 -67.39
CA GLU J 215 33.70 -27.09 -68.77
C GLU J 215 35.17 -27.44 -68.88
N ALA J 216 36.03 -26.63 -68.26
CA ALA J 216 37.46 -26.88 -68.32
C ALA J 216 37.82 -28.22 -67.67
N PHE J 217 37.24 -28.49 -66.50
CA PHE J 217 37.58 -29.73 -65.82
C PHE J 217 37.08 -30.95 -66.59
N SER J 218 35.92 -30.84 -67.26
CA SER J 218 35.40 -31.96 -68.02
C SER J 218 36.14 -32.16 -69.34
N THR J 219 36.71 -31.10 -69.92
CA THR J 219 37.32 -31.19 -71.24
C THR J 219 38.82 -31.43 -71.21
N PHE J 220 39.53 -30.91 -70.21
CA PHE J 220 40.99 -30.89 -70.25
C PHE J 220 41.60 -32.15 -69.64
N THR J 221 42.89 -32.34 -69.90
CA THR J 221 43.63 -33.51 -69.46
C THR J 221 44.14 -33.30 -68.04
N LYS J 222 44.98 -34.23 -67.56
CA LYS J 222 45.42 -34.19 -66.17
C LYS J 222 46.24 -32.94 -65.87
N SER J 223 47.27 -32.69 -66.68
CA SER J 223 48.15 -31.54 -66.42
C SER J 223 47.40 -30.24 -66.58
N ASP J 224 46.55 -30.13 -67.59
CA ASP J 224 45.76 -28.91 -67.78
C ASP J 224 44.80 -28.69 -66.61
N ARG J 225 44.18 -29.76 -66.12
CA ARG J 225 43.31 -29.63 -64.95
C ARG J 225 44.11 -29.20 -63.73
N LEU J 226 45.33 -29.73 -63.58
CA LEU J 226 46.19 -29.29 -62.49
C LEU J 226 46.50 -27.80 -62.60
N SER J 227 46.79 -27.33 -63.81
CA SER J 227 47.06 -25.91 -64.01
C SER J 227 45.84 -25.07 -63.65
N ILE J 228 44.65 -25.51 -64.06
CA ILE J 228 43.44 -24.77 -63.75
C ILE J 228 43.21 -24.74 -62.24
N GLN J 229 43.45 -25.88 -61.57
CA GLN J 229 43.30 -25.91 -60.12
C GLN J 229 44.28 -24.98 -59.44
N VAL J 230 45.52 -24.93 -59.93
CA VAL J 230 46.51 -24.02 -59.36
C VAL J 230 46.06 -22.58 -59.53
N ALA J 231 45.54 -22.24 -60.71
CA ALA J 231 45.06 -20.89 -60.95
C ALA J 231 43.91 -20.54 -60.01
N LEU J 232 42.98 -21.47 -59.84
CA LEU J 232 41.84 -21.22 -58.95
C LEU J 232 42.29 -21.07 -57.51
N GLU J 233 43.24 -21.91 -57.08
CA GLU J 233 43.78 -21.79 -55.72
C GLU J 233 44.41 -20.43 -55.51
N ASN J 234 45.26 -20.01 -56.45
CA ASN J 234 45.90 -18.70 -56.31
C ASN J 234 44.88 -17.59 -56.28
N LEU J 235 43.87 -17.64 -57.16
CA LEU J 235 42.83 -16.62 -57.16
C LEU J 235 42.11 -16.56 -55.81
N CYS J 236 41.57 -17.70 -55.37
CA CYS J 236 40.74 -17.71 -54.17
C CYS J 236 41.54 -17.32 -52.94
N SER J 237 42.77 -17.84 -52.81
CA SER J 237 43.60 -17.57 -51.65
C SER J 237 44.31 -16.23 -51.74
N ALA J 238 44.23 -15.54 -52.88
CA ALA J 238 44.86 -14.23 -52.99
C ALA J 238 44.33 -13.30 -51.91
N TYR J 239 45.26 -12.56 -51.29
CA TYR J 239 44.88 -11.60 -50.25
C TYR J 239 43.78 -10.65 -50.69
N ARG J 240 43.60 -10.42 -51.99
CA ARG J 240 42.57 -9.53 -52.47
C ARG J 240 41.17 -10.13 -52.40
N TYR J 241 41.03 -11.43 -52.69
CA TYR J 241 39.71 -12.03 -52.91
C TYR J 241 39.20 -12.79 -51.69
N GLN J 242 39.92 -13.80 -51.24
CA GLN J 242 39.44 -14.71 -50.20
C GLN J 242 38.07 -15.29 -50.58
N TRP J 243 38.05 -16.01 -51.69
CA TRP J 243 36.87 -16.68 -52.21
C TRP J 243 37.00 -18.19 -52.03
N ALA J 244 36.02 -18.91 -52.56
CA ALA J 244 35.99 -20.37 -52.51
C ALA J 244 35.84 -20.93 -53.92
N ALA J 245 36.53 -22.04 -54.18
CA ALA J 245 36.48 -22.71 -55.48
C ALA J 245 35.97 -24.13 -55.30
N LEU J 246 35.13 -24.57 -56.23
CA LEU J 246 34.56 -25.91 -56.23
C LEU J 246 35.15 -26.68 -57.42
N ILE J 247 36.14 -27.52 -57.12
CA ILE J 247 36.82 -28.30 -58.15
C ILE J 247 35.98 -29.53 -58.48
N ASP J 248 35.91 -29.85 -59.76
CA ASP J 248 35.25 -31.05 -60.26
C ASP J 248 36.28 -32.02 -60.79
N SER J 249 35.99 -33.31 -60.64
CA SER J 249 36.85 -34.33 -61.20
C SER J 249 36.84 -34.24 -62.72
N GLY J 250 37.88 -34.81 -63.34
CA GLY J 250 37.92 -34.89 -64.78
C GLY J 250 36.79 -35.74 -65.31
N ALA J 251 36.71 -35.92 -66.63
CA ALA J 251 35.69 -36.79 -67.18
C ALA J 251 35.78 -38.16 -66.55
N MET J 252 34.62 -38.74 -66.23
CA MET J 252 34.62 -40.02 -65.52
C MET J 252 35.19 -41.14 -66.36
N SER J 253 35.13 -41.03 -67.69
CA SER J 253 35.78 -42.03 -68.53
C SER J 253 37.24 -42.19 -68.13
N GLU J 254 37.89 -41.10 -67.74
CA GLU J 254 39.21 -41.20 -67.13
C GLU J 254 39.10 -41.52 -65.65
N ILE J 255 38.43 -40.66 -64.89
CA ILE J 255 38.29 -40.86 -63.43
C ILE J 255 37.02 -41.69 -63.24
N SER J 256 37.16 -43.00 -63.45
CA SER J 256 36.04 -43.93 -63.36
C SER J 256 35.87 -44.54 -61.98
N ASN J 257 36.72 -44.23 -61.01
CA ASN J 257 36.59 -44.81 -59.68
C ASN J 257 37.07 -43.83 -58.61
N THR J 258 36.64 -44.11 -57.38
CA THR J 258 36.98 -43.24 -56.25
C THR J 258 38.48 -43.24 -55.98
N ASP J 259 39.19 -44.31 -56.33
CA ASP J 259 40.64 -44.32 -56.15
C ASP J 259 41.33 -43.33 -57.10
N ARG J 260 40.90 -43.31 -58.37
CA ARG J 260 41.41 -42.31 -59.30
C ARG J 260 41.04 -40.91 -58.83
N ALA J 261 39.82 -40.74 -58.32
CA ALA J 261 39.43 -39.45 -57.77
C ALA J 261 40.34 -39.05 -56.62
N ILE J 262 40.68 -40.01 -55.75
CA ILE J 262 41.55 -39.72 -54.61
C ILE J 262 42.93 -39.33 -55.08
N ALA J 263 43.45 -40.01 -56.10
CA ALA J 263 44.75 -39.63 -56.64
C ALA J 263 44.73 -38.21 -57.18
N GLU J 264 43.68 -37.86 -57.92
CA GLU J 264 43.55 -36.51 -58.45
C GLU J 264 43.49 -35.49 -57.31
N ALA J 265 42.69 -35.77 -56.28
CA ALA J 265 42.60 -34.86 -55.14
C ALA J 265 43.92 -34.72 -54.42
N ALA J 266 44.66 -35.83 -54.28
CA ALA J 266 45.96 -35.77 -53.62
C ALA J 266 46.92 -34.90 -54.42
N THR J 267 46.89 -35.00 -55.74
CA THR J 267 47.70 -34.08 -56.55
C THR J 267 47.27 -32.64 -56.31
N TYR J 268 45.97 -32.39 -56.24
CA TYR J 268 45.49 -31.04 -55.96
C TYR J 268 45.88 -30.60 -54.54
N ASN J 269 46.21 -29.32 -54.41
CA ASN J 269 46.70 -28.77 -53.15
C ASN J 269 45.99 -27.45 -52.85
N SER J 270 45.58 -27.28 -51.60
CA SER J 270 44.96 -26.03 -51.15
C SER J 270 45.28 -25.88 -49.66
N VAL J 271 46.27 -25.04 -49.34
CA VAL J 271 46.78 -24.97 -47.98
C VAL J 271 45.69 -24.50 -47.02
N GLN J 272 44.99 -23.44 -47.38
CA GLN J 272 43.94 -22.86 -46.53
C GLN J 272 42.56 -23.41 -46.86
N GLY J 273 42.47 -24.49 -47.62
CA GLY J 273 41.20 -25.11 -47.91
C GLY J 273 40.26 -24.23 -48.70
N HIS J 274 40.78 -23.42 -49.61
CA HIS J 274 39.92 -22.60 -50.47
C HIS J 274 39.27 -23.41 -51.58
N CYS J 275 39.89 -24.51 -52.00
CA CYS J 275 39.35 -25.38 -53.04
C CYS J 275 38.75 -26.62 -52.40
N SER J 276 37.57 -27.01 -52.87
CA SER J 276 36.87 -28.19 -52.37
C SER J 276 36.53 -29.09 -53.55
N TYR J 277 36.97 -30.35 -53.47
CA TYR J 277 36.77 -31.30 -54.57
C TYR J 277 35.46 -32.03 -54.42
N TYR J 278 34.75 -32.18 -55.53
CA TYR J 278 33.48 -32.92 -55.55
C TYR J 278 33.68 -33.83 -56.75
N TYR J 279 33.33 -35.10 -56.63
CA TYR J 279 33.64 -36.02 -57.72
C TYR J 279 32.51 -36.62 -58.59
N PRO J 280 31.52 -37.32 -58.00
CA PRO J 280 30.53 -37.98 -58.86
C PRO J 280 29.80 -37.06 -59.83
N TYR J 281 29.91 -37.34 -61.12
CA TYR J 281 29.21 -36.53 -62.11
C TYR J 281 27.73 -36.80 -62.01
N LEU J 282 26.94 -35.81 -62.36
CA LEU J 282 25.51 -35.95 -62.23
C LEU J 282 24.85 -36.20 -63.57
N ILE J 283 23.97 -37.19 -63.63
CA ILE J 283 23.30 -37.50 -64.89
C ILE J 283 21.98 -36.73 -64.88
N ASN J 284 21.87 -35.74 -65.76
CA ASN J 284 20.72 -34.85 -65.74
C ASN J 284 19.50 -35.56 -66.34
N LEU J 285 18.41 -34.81 -66.49
CA LEU J 285 17.17 -35.39 -66.98
C LEU J 285 17.29 -35.89 -68.41
N ASP J 286 18.27 -35.40 -69.17
CA ASP J 286 18.48 -35.83 -70.55
C ASP J 286 19.58 -36.88 -70.66
N ASP J 287 19.87 -37.60 -69.57
CA ASP J 287 20.88 -38.66 -69.57
C ASP J 287 22.26 -38.13 -69.98
N GLN J 288 22.54 -36.87 -69.65
CA GLN J 288 23.80 -36.23 -69.98
C GLN J 288 24.61 -36.04 -68.72
N GLN J 289 25.91 -36.32 -68.81
CA GLN J 289 26.80 -36.15 -67.66
C GLN J 289 27.15 -34.68 -67.48
N VAL J 290 27.13 -34.23 -66.23
CA VAL J 290 27.44 -32.84 -65.90
C VAL J 290 28.34 -32.82 -64.67
N PRO J 291 29.36 -31.96 -64.62
CA PRO J 291 30.11 -31.82 -63.38
C PRO J 291 29.21 -31.30 -62.27
N PRO J 292 29.45 -31.73 -61.03
CA PRO J 292 28.52 -31.38 -59.94
C PRO J 292 28.72 -29.98 -59.37
N SER J 293 29.71 -29.22 -59.84
CA SER J 293 30.04 -27.95 -59.19
C SER J 293 28.87 -26.96 -59.26
N ALA J 294 28.22 -26.87 -60.41
CA ALA J 294 27.14 -25.90 -60.56
C ALA J 294 25.97 -26.22 -59.63
N ALA J 295 25.58 -27.49 -59.58
CA ALA J 295 24.50 -27.89 -58.66
C ALA J 295 24.91 -27.65 -57.22
N VAL J 296 26.15 -27.98 -56.86
CA VAL J 296 26.62 -27.76 -55.50
C VAL J 296 26.55 -26.29 -55.14
N ALA J 297 26.98 -25.42 -56.06
CA ALA J 297 26.98 -23.99 -55.78
C ALA J 297 25.55 -23.46 -55.61
N GLY J 298 24.65 -23.86 -56.51
CA GLY J 298 23.27 -23.42 -56.37
C GLY J 298 22.65 -23.87 -55.07
N MET J 299 22.85 -25.15 -54.72
CA MET J 299 22.34 -25.66 -53.46
C MET J 299 22.97 -24.94 -52.28
N ALA J 300 24.26 -24.58 -52.38
CA ALA J 300 24.93 -23.85 -51.31
C ALA J 300 24.30 -22.48 -51.11
N LEU J 301 24.00 -21.78 -52.19
CA LEU J 301 23.37 -20.47 -52.05
C LEU J 301 21.98 -20.60 -51.45
N TYR J 302 21.21 -21.60 -51.91
CA TYR J 302 19.89 -21.82 -51.32
C TYR J 302 19.99 -22.13 -49.84
N ARG J 303 20.97 -22.95 -49.46
CA ARG J 303 21.18 -23.27 -48.05
C ARG J 303 21.57 -22.03 -47.25
N PHE J 304 22.43 -21.18 -47.81
CA PHE J 304 22.78 -19.95 -47.13
C PHE J 304 21.55 -19.09 -46.88
N VAL J 305 20.67 -18.98 -47.87
CA VAL J 305 19.47 -18.17 -47.70
C VAL J 305 18.56 -18.78 -46.64
N ILE J 306 18.39 -20.10 -46.66
CA ILE J 306 17.40 -20.73 -45.79
C ILE J 306 17.93 -20.88 -44.37
N ASP J 307 18.98 -21.67 -44.20
CA ASP J 307 19.47 -22.07 -42.88
C ASP J 307 20.65 -21.23 -42.39
N GLY J 308 21.07 -20.22 -43.16
CA GLY J 308 22.17 -19.37 -42.75
C GLY J 308 23.50 -19.77 -43.37
N PHE J 309 24.47 -18.86 -43.23
CA PHE J 309 25.76 -19.01 -43.90
C PHE J 309 26.70 -19.98 -43.18
N ALA J 310 26.41 -20.36 -41.94
CA ALA J 310 27.27 -21.28 -41.21
C ALA J 310 27.08 -22.73 -41.63
N GLU J 311 26.07 -23.01 -42.46
CA GLU J 311 25.77 -24.39 -42.85
C GLU J 311 26.52 -24.74 -44.14
N PRO J 312 27.22 -25.88 -44.19
CA PRO J 312 27.93 -26.24 -45.42
C PRO J 312 26.98 -26.79 -46.45
N PRO J 313 27.38 -26.82 -47.72
CA PRO J 313 26.51 -27.41 -48.77
C PRO J 313 26.50 -28.94 -48.75
N ALA J 314 25.79 -29.49 -47.77
CA ALA J 314 25.64 -30.93 -47.64
C ALA J 314 24.43 -31.19 -46.75
N GLY J 315 23.95 -32.43 -46.79
CA GLY J 315 22.83 -32.85 -45.98
C GLY J 315 21.73 -33.49 -46.80
N VAL J 316 20.83 -34.18 -46.09
CA VAL J 316 19.73 -34.88 -46.74
C VAL J 316 18.50 -34.00 -46.96
N ASN J 317 18.42 -32.84 -46.30
CA ASN J 317 17.28 -31.95 -46.46
C ASN J 317 17.48 -30.94 -47.57
N PHE J 318 18.57 -31.02 -48.33
CA PHE J 318 18.82 -30.16 -49.48
C PHE J 318 19.33 -31.01 -50.64
N PRO J 319 18.51 -31.94 -51.13
CA PRO J 319 18.93 -32.75 -52.28
C PRO J 319 18.97 -31.93 -53.57
N LEU J 320 19.82 -32.37 -54.47
CA LEU J 320 20.01 -31.66 -55.73
C LEU J 320 18.78 -31.84 -56.63
N LYS J 321 18.59 -30.89 -57.54
CA LYS J 321 17.47 -30.89 -58.47
C LYS J 321 18.00 -30.77 -59.89
N GLY J 322 17.18 -31.21 -60.84
CA GLY J 322 17.59 -31.27 -62.22
C GLY J 322 18.41 -32.49 -62.58
N VAL J 323 18.53 -33.45 -61.67
CA VAL J 323 19.29 -34.67 -61.90
C VAL J 323 18.42 -35.86 -61.50
N LYS J 324 18.79 -37.03 -62.01
CA LYS J 324 18.08 -38.26 -61.71
C LYS J 324 18.98 -39.38 -61.21
N ASN J 325 20.30 -39.22 -61.28
CA ASN J 325 21.22 -40.25 -60.82
C ASN J 325 22.63 -39.67 -60.84
N VAL J 326 23.56 -40.44 -60.28
CA VAL J 326 24.98 -40.14 -60.38
C VAL J 326 25.58 -41.05 -61.45
N ALA J 327 26.76 -40.69 -61.94
CA ALA J 327 27.43 -41.49 -62.95
C ALA J 327 28.27 -42.61 -62.34
N TYR J 328 28.32 -42.71 -61.02
CA TYR J 328 29.06 -43.80 -60.36
C TYR J 328 28.58 -43.88 -58.92
N LYS J 329 28.32 -45.09 -58.44
CA LYS J 329 27.81 -45.31 -57.10
C LYS J 329 28.99 -45.45 -56.15
N VAL J 330 29.15 -44.47 -55.25
CA VAL J 330 30.25 -44.47 -54.30
C VAL J 330 29.87 -45.40 -53.13
N THR J 331 30.69 -46.41 -52.90
CA THR J 331 30.43 -47.36 -51.83
C THR J 331 30.82 -46.75 -50.48
N TRP J 332 30.31 -47.39 -49.41
CA TRP J 332 30.58 -46.89 -48.07
C TRP J 332 32.07 -46.99 -47.74
N GLU J 333 32.71 -48.08 -48.15
CA GLU J 333 34.15 -48.23 -47.91
C GLU J 333 34.94 -47.21 -48.71
N GLU J 334 34.58 -47.01 -49.97
CA GLU J 334 35.25 -46.00 -50.79
C GLU J 334 35.13 -44.62 -50.14
N GLN J 335 33.94 -44.29 -49.63
CA GLN J 335 33.78 -43.01 -48.96
C GLN J 335 34.60 -42.95 -47.67
N ASN J 336 34.59 -44.03 -46.89
CA ASN J 336 35.38 -44.07 -45.66
C ASN J 336 36.85 -43.82 -45.93
N VAL J 337 37.32 -44.23 -47.11
CA VAL J 337 38.71 -43.95 -47.47
C VAL J 337 38.86 -42.53 -48.03
N ALA J 338 37.90 -42.06 -48.82
CA ALA J 338 38.07 -40.84 -49.61
C ALA J 338 37.79 -39.57 -48.81
N ASN J 339 36.77 -39.57 -47.97
CA ASN J 339 36.39 -38.34 -47.27
C ASN J 339 37.53 -37.73 -46.47
N PRO J 340 38.32 -38.50 -45.71
CA PRO J 340 39.49 -37.89 -45.04
C PRO J 340 40.50 -37.31 -46.00
N GLU J 341 40.51 -37.74 -47.26
CA GLU J 341 41.38 -37.17 -48.28
C GLU J 341 40.81 -35.89 -48.89
N GLY J 342 39.65 -35.44 -48.44
CA GLY J 342 39.05 -34.22 -48.96
C GLY J 342 38.14 -34.42 -50.14
N VAL J 343 37.82 -35.67 -50.50
CA VAL J 343 36.95 -35.95 -51.64
C VAL J 343 35.51 -35.99 -51.13
N ASN J 344 34.72 -34.98 -51.49
CA ASN J 344 33.32 -34.90 -51.10
C ASN J 344 32.48 -35.70 -52.09
N CYS J 345 31.78 -36.70 -51.59
CA CYS J 345 31.02 -37.61 -52.44
C CYS J 345 29.59 -37.13 -52.62
N ILE J 346 28.97 -37.54 -53.72
CA ILE J 346 27.56 -37.29 -53.98
C ILE J 346 26.88 -38.65 -54.10
N LEU J 347 25.80 -38.84 -53.34
CA LEU J 347 25.17 -40.15 -53.22
C LEU J 347 23.70 -40.07 -53.63
N ASN J 348 23.26 -41.08 -54.37
CA ASN J 348 21.86 -41.20 -54.76
C ASN J 348 21.11 -41.96 -53.65
N LYS J 349 21.07 -41.33 -52.48
CA LYS J 349 20.40 -41.93 -51.34
C LYS J 349 18.93 -42.16 -51.66
N GLU J 350 18.46 -43.38 -51.45
CA GLU J 350 17.06 -43.68 -51.64
C GLU J 350 16.25 -43.11 -50.48
N ASN J 351 15.05 -42.64 -50.79
CA ASN J 351 14.12 -41.97 -49.87
C ASN J 351 14.55 -40.53 -49.60
N TYR J 352 15.69 -40.08 -50.11
CA TYR J 352 16.13 -38.69 -50.01
C TYR J 352 16.42 -38.07 -51.37
N GLY J 353 17.04 -38.80 -52.28
CA GLY J 353 17.42 -38.27 -53.57
C GLY J 353 18.92 -38.14 -53.71
N ILE J 354 19.37 -37.24 -54.59
CA ILE J 354 20.79 -36.98 -54.77
C ILE J 354 21.23 -35.97 -53.72
N VAL J 355 22.16 -36.37 -52.87
CA VAL J 355 22.59 -35.55 -51.74
C VAL J 355 24.12 -35.52 -51.70
N VAL J 356 24.65 -34.33 -51.42
CA VAL J 356 26.09 -34.20 -51.15
C VAL J 356 26.35 -34.70 -49.74
N TRP J 357 27.28 -35.64 -49.61
CA TRP J 357 27.56 -36.31 -48.35
C TRP J 357 29.01 -36.06 -47.91
N GLY J 358 29.45 -34.81 -48.05
CA GLY J 358 30.77 -34.41 -47.61
C GLY J 358 30.93 -32.90 -47.60
N ALA J 359 31.61 -32.37 -46.58
CA ALA J 359 31.80 -30.94 -46.43
C ALA J 359 33.25 -30.63 -46.06
N ARG J 360 34.19 -31.28 -46.72
CA ARG J 360 35.61 -31.12 -46.43
C ARG J 360 36.32 -30.44 -47.59
N THR J 361 37.40 -29.73 -47.25
CA THR J 361 38.24 -29.05 -48.21
C THR J 361 39.44 -29.93 -48.56
N LEU J 362 40.39 -29.37 -49.31
CA LEU J 362 41.62 -30.06 -49.68
C LEU J 362 42.81 -29.61 -48.84
N SER J 363 42.56 -29.17 -47.62
CA SER J 363 43.60 -28.69 -46.73
C SER J 363 43.99 -29.75 -45.71
N ALA J 364 45.27 -29.76 -45.37
CA ALA J 364 45.80 -30.65 -44.33
C ALA J 364 45.82 -30.00 -42.96
N ASP J 365 45.51 -28.71 -42.87
CA ASP J 365 45.47 -28.04 -41.57
C ASP J 365 44.20 -28.44 -40.84
N PRO J 366 44.27 -29.00 -39.64
CA PRO J 366 43.06 -29.48 -38.97
C PRO J 366 42.05 -28.39 -38.65
N ASN J 367 42.47 -27.12 -38.61
CA ASN J 367 41.57 -26.04 -38.21
C ASN J 367 40.66 -25.57 -39.35
N ILE J 368 40.98 -25.91 -40.59
CA ILE J 368 40.19 -25.46 -41.74
C ILE J 368 39.70 -26.69 -42.50
N VAL J 369 39.43 -27.78 -41.77
CA VAL J 369 39.06 -29.04 -42.42
C VAL J 369 37.76 -28.88 -43.21
N PHE J 370 36.76 -28.23 -42.62
CA PHE J 370 35.44 -28.16 -43.22
C PHE J 370 35.30 -26.90 -44.07
N ILE J 371 34.52 -27.03 -45.15
CA ILE J 371 34.29 -25.89 -46.04
C ILE J 371 33.50 -24.80 -45.33
N SER J 372 32.74 -25.16 -44.29
CA SER J 372 31.96 -24.15 -43.56
C SER J 372 32.88 -23.15 -42.88
N THR J 373 33.97 -23.62 -42.28
CA THR J 373 34.92 -22.70 -41.65
C THR J 373 35.55 -21.77 -42.68
N ARG J 374 35.92 -22.33 -43.85
CA ARG J 374 36.50 -21.50 -44.91
C ARG J 374 35.51 -20.43 -45.36
N ILE J 375 34.24 -20.81 -45.54
CA ILE J 375 33.24 -19.86 -45.98
C ILE J 375 33.01 -18.79 -44.91
N ILE J 376 33.02 -19.18 -43.63
CA ILE J 376 32.85 -18.20 -42.56
C ILE J 376 33.99 -17.19 -42.57
N LEU J 377 35.22 -17.67 -42.69
CA LEU J 377 36.37 -16.77 -42.72
C LEU J 377 36.28 -15.84 -43.94
N ASN J 378 35.91 -16.39 -45.09
CA ASN J 378 35.78 -15.56 -46.29
C ASN J 378 34.70 -14.50 -46.10
N ILE J 379 33.58 -14.87 -45.49
CA ILE J 379 32.51 -13.90 -45.25
C ILE J 379 33.00 -12.79 -44.33
N VAL J 380 33.71 -13.15 -43.26
CA VAL J 380 34.22 -12.14 -42.35
C VAL J 380 35.14 -11.18 -43.10
N ILE J 381 36.08 -11.73 -43.87
CA ILE J 381 37.06 -10.90 -44.55
C ILE J 381 36.38 -9.97 -45.55
N ASN J 382 35.44 -10.51 -46.33
CA ASN J 382 34.79 -9.69 -47.36
C ASN J 382 33.90 -8.63 -46.75
N THR J 383 33.20 -8.96 -45.66
CA THR J 383 32.38 -7.97 -44.97
C THR J 383 33.26 -6.83 -44.46
N LEU J 384 34.40 -7.16 -43.85
CA LEU J 384 35.29 -6.11 -43.37
C LEU J 384 35.83 -5.28 -44.52
N ASN J 385 36.18 -5.91 -45.64
CA ASN J 385 36.70 -5.18 -46.79
C ASN J 385 35.67 -4.19 -47.32
N ARG J 386 34.44 -4.66 -47.53
CA ARG J 386 33.39 -3.78 -48.04
C ARG J 386 33.00 -2.72 -47.03
N GLY J 387 33.20 -2.96 -45.73
CA GLY J 387 33.01 -1.90 -44.76
C GLY J 387 34.08 -0.83 -44.83
N TYR J 388 35.34 -1.26 -44.93
CA TYR J 388 36.46 -0.32 -44.87
C TYR J 388 36.66 0.44 -46.17
N ASP J 389 36.10 -0.05 -47.29
CA ASP J 389 36.20 0.70 -48.53
C ASP J 389 35.59 2.09 -48.39
N PHE J 390 34.64 2.26 -47.48
CA PHE J 390 34.12 3.59 -47.18
C PHE J 390 35.16 4.47 -46.50
N ASP J 391 36.00 3.88 -45.65
CA ASP J 391 36.97 4.64 -44.88
C ASP J 391 38.29 4.83 -45.60
N ILE J 392 38.51 4.15 -46.71
CA ILE J 392 39.70 4.41 -47.51
C ILE J 392 39.62 5.83 -48.07
N PHE J 393 40.79 6.48 -48.18
CA PHE J 393 40.93 7.84 -48.68
C PHE J 393 40.36 8.89 -47.72
N ASN J 394 40.43 8.64 -46.41
CA ASN J 394 40.01 9.62 -45.42
C ASN J 394 41.22 10.24 -44.74
N SER J 395 41.08 11.52 -44.39
CA SER J 395 42.19 12.26 -43.80
C SER J 395 42.43 11.80 -42.37
N VAL J 396 43.69 11.54 -42.04
CA VAL J 396 44.10 11.24 -40.68
C VAL J 396 44.60 12.56 -40.10
N GLY J 397 43.68 13.31 -39.49
CA GLY J 397 44.01 14.61 -38.94
C GLY J 397 44.73 14.53 -37.62
N GLY J 398 44.83 15.65 -36.91
CA GLY J 398 45.53 15.67 -35.64
C GLY J 398 44.82 14.89 -34.55
N THR J 399 43.49 14.81 -34.61
CA THR J 399 42.76 14.03 -33.62
C THR J 399 43.06 12.55 -33.73
N ALA J 400 43.40 12.06 -34.92
CA ALA J 400 43.61 10.64 -35.18
C ALA J 400 42.39 9.81 -34.78
N THR J 401 41.23 10.46 -34.66
CA THR J 401 40.02 9.75 -34.29
C THR J 401 39.77 8.65 -35.29
N VAL J 402 40.18 8.88 -36.52
CA VAL J 402 39.97 7.89 -37.60
C VAL J 402 40.30 6.46 -37.21
N LEU J 403 41.51 6.22 -36.74
CA LEU J 403 41.93 4.86 -36.38
C LEU J 403 41.05 4.26 -35.30
N ASP J 404 40.74 5.05 -34.27
CA ASP J 404 39.86 4.57 -33.21
C ASP J 404 38.48 4.26 -33.77
N ASN J 405 37.92 5.15 -34.58
CA ASN J 405 36.62 4.94 -35.18
C ASN J 405 36.59 3.67 -36.02
N ILE J 406 37.67 3.38 -36.72
CA ILE J 406 37.74 2.18 -37.55
C ILE J 406 37.75 0.92 -36.68
N GLN J 407 38.43 0.97 -35.54
CA GLN J 407 38.41 -0.17 -34.62
C GLN J 407 36.99 -0.39 -34.08
N ARG J 408 36.27 0.70 -33.82
CA ARG J 408 34.90 0.59 -33.32
C ARG J 408 33.96 0.13 -34.41
N LYS J 409 34.28 0.45 -35.65
CA LYS J 409 33.47 0.00 -36.77
C LYS J 409 33.59 -1.51 -36.88
N THR J 410 34.80 -2.03 -36.71
CA THR J 410 34.99 -3.48 -36.73
C THR J 410 34.14 -4.13 -35.67
N ASN J 411 34.19 -3.59 -34.47
CA ASN J 411 33.42 -4.15 -33.36
C ASN J 411 31.97 -4.35 -33.78
N THR J 412 31.33 -3.31 -34.28
CA THR J 412 29.94 -3.41 -34.69
C THR J 412 29.73 -4.32 -35.91
N LEU J 413 30.65 -4.30 -36.85
CA LEU J 413 30.54 -5.13 -38.06
C LEU J 413 30.59 -6.60 -37.68
N LEU J 414 31.49 -6.94 -36.77
CA LEU J 414 31.63 -8.34 -36.36
C LEU J 414 30.51 -8.74 -35.44
N THR J 415 29.88 -7.77 -34.78
CA THR J 415 28.74 -8.10 -33.93
C THR J 415 27.59 -8.46 -34.85
N THR J 416 27.40 -7.71 -35.92
CA THR J 416 26.35 -8.05 -36.88
C THR J 416 26.53 -9.49 -37.34
N LEU J 417 27.76 -9.88 -37.64
CA LEU J 417 28.05 -11.26 -38.04
C LEU J 417 27.78 -12.24 -36.89
N TYR J 418 28.17 -11.88 -35.67
CA TYR J 418 27.90 -12.75 -34.53
C TYR J 418 26.40 -13.00 -34.37
N GLN J 419 25.60 -11.95 -34.50
CA GLN J 419 24.15 -12.12 -34.45
C GLN J 419 23.67 -13.01 -35.58
N ALA J 420 24.25 -12.87 -36.77
CA ALA J 420 23.94 -13.81 -37.84
C ALA J 420 24.25 -15.25 -37.41
N GLY J 421 25.25 -15.42 -36.55
CA GLY J 421 25.53 -16.71 -35.96
C GLY J 421 26.70 -17.47 -36.57
N LEU J 422 27.78 -16.79 -36.93
CA LEU J 422 28.89 -17.39 -37.63
C LEU J 422 30.04 -17.79 -36.69
N PHE J 423 29.86 -17.66 -35.39
CA PHE J 423 30.94 -17.87 -34.43
C PHE J 423 30.50 -18.84 -33.35
N TYR J 424 31.47 -19.42 -32.66
CA TYR J 424 31.24 -20.36 -31.57
C TYR J 424 31.46 -19.65 -30.24
N GLY J 425 30.38 -19.18 -29.64
CA GLY J 425 30.46 -18.56 -28.34
C GLY J 425 29.13 -17.98 -27.89
N GLN J 426 28.83 -18.13 -26.60
CA GLN J 426 27.59 -17.55 -26.07
C GLN J 426 27.59 -16.03 -26.16
N THR J 427 28.78 -15.42 -26.20
CA THR J 427 28.91 -13.97 -26.18
C THR J 427 30.00 -13.53 -27.15
N THR J 428 29.92 -12.26 -27.55
CA THR J 428 30.93 -11.70 -28.44
C THR J 428 32.32 -11.79 -27.84
N SER J 429 32.43 -11.70 -26.52
CA SER J 429 33.74 -11.82 -25.88
C SER J 429 34.33 -13.21 -26.05
N GLU J 430 33.49 -14.21 -26.33
CA GLU J 430 33.96 -15.54 -26.70
C GLU J 430 34.06 -15.72 -28.21
N ALA J 431 33.37 -14.88 -28.98
CA ALA J 431 33.31 -15.01 -30.43
C ALA J 431 34.47 -14.33 -31.15
N PHE J 432 34.80 -13.10 -30.79
CA PHE J 432 35.80 -12.36 -31.56
C PHE J 432 36.45 -11.28 -30.70
N SER J 433 37.57 -10.77 -31.20
CA SER J 433 38.28 -9.66 -30.59
C SER J 433 38.95 -8.84 -31.68
N VAL J 434 39.12 -7.54 -31.41
CA VAL J 434 39.62 -6.59 -32.39
C VAL J 434 40.76 -5.77 -31.78
N LEU J 435 41.64 -5.28 -32.64
CA LEU J 435 42.72 -4.38 -32.22
C LEU J 435 43.11 -3.55 -33.45
N GLY J 436 42.69 -2.29 -33.46
CA GLY J 436 42.99 -1.42 -34.58
C GLY J 436 43.22 0.03 -34.21
N ASP J 437 43.43 0.31 -32.93
CA ASP J 437 43.58 1.69 -32.48
C ASP J 437 44.96 2.21 -32.87
N ALA J 438 45.25 3.45 -32.46
CA ALA J 438 46.51 4.11 -32.81
C ALA J 438 47.71 3.46 -32.14
N SER J 439 47.51 2.59 -31.16
CA SER J 439 48.62 1.96 -30.45
C SER J 439 49.40 1.00 -31.34
N VAL J 440 48.81 0.55 -32.45
CA VAL J 440 49.46 -0.42 -33.32
C VAL J 440 49.66 0.20 -34.71
N GLN J 441 49.82 1.51 -34.75
CA GLN J 441 50.03 2.25 -35.99
C GLN J 441 51.40 2.92 -35.94
N VAL J 442 52.19 2.72 -36.99
CA VAL J 442 53.54 3.27 -37.08
C VAL J 442 53.47 4.58 -37.86
N PRO J 443 54.09 5.67 -37.37
CA PRO J 443 54.01 6.93 -38.13
C PRO J 443 54.51 6.83 -39.55
N SER J 444 55.58 6.07 -39.79
CA SER J 444 56.10 5.93 -41.16
C SER J 444 55.08 5.23 -42.04
N LEU J 445 54.47 4.15 -41.54
CA LEU J 445 53.44 3.46 -42.32
C LEU J 445 52.24 4.36 -42.56
N LEU J 446 51.91 5.22 -41.59
CA LEU J 446 50.84 6.18 -41.80
C LEU J 446 51.20 7.17 -42.90
N GLN J 447 52.43 7.66 -42.92
CA GLN J 447 52.87 8.52 -43.99
C GLN J 447 52.75 7.83 -45.34
N GLN J 448 53.12 6.54 -45.39
CA GLN J 448 52.95 5.77 -46.61
C GLN J 448 51.48 5.47 -46.92
N GLY J 449 50.59 5.66 -45.96
CA GLY J 449 49.18 5.39 -46.14
C GLY J 449 48.72 4.03 -45.64
N LEU J 450 49.55 3.30 -44.92
CA LEU J 450 49.21 1.97 -44.43
C LEU J 450 48.57 2.05 -43.05
N VAL J 451 47.49 1.30 -42.87
CA VAL J 451 46.81 1.16 -41.59
C VAL J 451 46.63 -0.33 -41.31
N ASN J 452 46.94 -0.75 -40.10
CA ASN J 452 46.97 -2.16 -39.74
C ASN J 452 45.83 -2.48 -38.76
N MET J 453 45.12 -3.57 -39.03
CA MET J 453 44.06 -4.07 -38.18
C MET J 453 44.34 -5.53 -37.82
N PHE J 454 43.94 -5.91 -36.61
CA PHE J 454 44.13 -7.26 -36.12
C PHE J 454 42.80 -7.78 -35.58
N ILE J 455 42.44 -9.00 -35.99
CA ILE J 455 41.16 -9.60 -35.63
C ILE J 455 41.40 -11.04 -35.21
N TRP J 456 40.64 -11.50 -34.21
CA TRP J 456 40.61 -12.90 -33.82
C TRP J 456 39.16 -13.36 -33.81
N VAL J 457 38.89 -14.48 -34.47
CA VAL J 457 37.55 -15.02 -34.57
C VAL J 457 37.58 -16.51 -34.25
N VAL J 458 36.45 -17.00 -33.75
CA VAL J 458 36.29 -18.42 -33.43
C VAL J 458 35.12 -18.95 -34.24
N PRO J 459 35.34 -19.53 -35.43
CA PRO J 459 34.23 -20.01 -36.24
C PRO J 459 33.52 -21.19 -35.58
N SER J 460 32.23 -21.32 -35.92
CA SER J 460 31.47 -22.47 -35.46
C SER J 460 31.81 -23.70 -36.30
N THR J 461 31.55 -24.87 -35.73
CA THR J 461 31.80 -26.14 -36.39
C THR J 461 30.46 -26.79 -36.75
N ILE J 462 30.55 -28.00 -37.31
CA ILE J 462 29.39 -28.73 -37.78
C ILE J 462 29.41 -30.12 -37.16
N ILE J 463 28.42 -30.93 -37.53
CA ILE J 463 28.32 -32.32 -37.10
C ILE J 463 28.58 -33.20 -38.32
N GLU J 464 29.73 -33.87 -38.35
CA GLU J 464 30.09 -34.77 -39.43
C GLU J 464 29.67 -36.20 -39.18
N ARG J 465 29.93 -36.72 -37.98
CA ARG J 465 29.55 -38.08 -37.63
C ARG J 465 29.01 -38.09 -36.21
N LEU J 466 27.97 -38.88 -35.98
CA LEU J 466 27.28 -38.94 -34.70
C LEU J 466 27.30 -40.37 -34.19
N ILE J 467 27.77 -40.56 -32.96
CA ILE J 467 27.96 -41.87 -32.38
C ILE J 467 26.81 -42.13 -31.42
N ILE J 468 26.23 -43.33 -31.48
CA ILE J 468 25.17 -43.75 -30.57
C ILE J 468 25.66 -44.98 -29.82
N ASN J 469 25.85 -44.84 -28.51
CA ASN J 469 26.24 -45.94 -27.64
C ASN J 469 25.02 -46.38 -26.85
N ILE J 470 24.72 -47.68 -26.88
CA ILE J 470 23.45 -48.21 -26.39
C ILE J 470 23.73 -49.39 -25.45
N LYS J 471 22.84 -49.58 -24.48
CA LYS J 471 22.94 -50.68 -23.52
C LYS J 471 21.55 -51.21 -23.22
N GLN J 472 21.47 -52.52 -23.00
CA GLN J 472 20.20 -53.15 -22.69
C GLN J 472 20.26 -53.44 -21.22
N THR J 473 19.41 -52.77 -20.45
CA THR J 473 19.37 -53.01 -19.03
C THR J 473 18.49 -54.22 -18.79
N ALA J 474 18.53 -54.76 -17.59
CA ALA J 474 17.70 -55.90 -17.26
C ALA J 474 16.28 -55.46 -16.97
N ILE J 475 15.37 -56.42 -16.81
CA ILE J 475 14.00 -56.10 -16.48
C ILE J 475 13.98 -55.37 -15.14
N GLY J 476 13.61 -54.10 -15.15
CA GLY J 476 13.57 -53.33 -13.92
C GLY J 476 14.94 -52.88 -13.45
N ASP J 477 15.85 -52.59 -14.38
CA ASP J 477 17.16 -52.10 -14.01
C ASP J 477 17.40 -50.72 -14.57
N LEU J 478 16.33 -50.08 -15.03
CA LEU J 478 16.46 -48.72 -15.53
C LEU J 478 16.81 -47.83 -14.38
N GLU J 479 17.81 -46.96 -14.56
CA GLU J 479 18.28 -46.05 -13.49
C GLU J 479 18.91 -46.74 -12.30
N ALA J 480 19.03 -48.06 -12.36
CA ALA J 480 19.71 -48.79 -11.30
C ALA J 480 21.04 -49.09 -11.95
N THR J 481 21.12 -48.83 -13.25
CA THR J 481 22.38 -49.03 -13.96
C THR J 481 22.72 -47.70 -14.60
N VAL J 482 21.73 -47.06 -15.24
CA VAL J 482 21.95 -45.79 -15.93
C VAL J 482 22.74 -44.81 -15.07
N ALA J 483 22.25 -44.54 -13.86
CA ALA J 483 22.92 -43.60 -12.97
C ALA J 483 24.39 -43.94 -12.78
N LEU J 484 24.69 -45.20 -12.49
CA LEU J 484 26.08 -45.62 -12.31
C LEU J 484 26.93 -45.29 -13.53
N ASP J 485 26.51 -45.77 -14.70
CA ASP J 485 27.27 -45.51 -15.93
C ASP J 485 27.44 -44.02 -16.14
N THR J 486 26.36 -43.27 -16.02
CA THR J 486 26.42 -41.84 -16.24
C THR J 486 27.50 -41.17 -15.41
N ALA J 487 27.46 -41.35 -14.09
CA ALA J 487 28.44 -40.70 -13.22
C ALA J 487 29.86 -40.90 -13.70
N ALA J 488 30.22 -42.12 -14.10
CA ALA J 488 31.55 -42.42 -14.60
C ALA J 488 31.85 -41.63 -15.86
N LEU J 489 30.90 -41.59 -16.80
CA LEU J 489 31.12 -40.88 -18.05
C LEU J 489 31.30 -39.39 -17.79
N GLN J 490 30.45 -38.80 -16.95
CA GLN J 490 30.57 -37.38 -16.65
C GLN J 490 31.91 -37.08 -15.96
N SER J 491 32.30 -37.93 -15.01
CA SER J 491 33.57 -37.72 -14.32
C SER J 491 34.75 -37.78 -15.28
N SER J 492 34.74 -38.76 -16.19
CA SER J 492 35.81 -38.86 -17.17
C SER J 492 35.85 -37.63 -18.07
N VAL J 493 34.68 -37.18 -18.53
CA VAL J 493 34.66 -36.03 -19.43
C VAL J 493 35.11 -34.77 -18.71
N GLU J 494 34.79 -34.65 -17.43
CA GLU J 494 35.18 -33.45 -16.69
C GLU J 494 36.67 -33.47 -16.37
N GLU J 495 37.20 -34.63 -15.99
CA GLU J 495 38.62 -34.73 -15.64
C GLU J 495 39.52 -34.65 -16.86
N GLY J 496 39.09 -35.15 -18.02
CA GLY J 496 39.88 -35.05 -19.22
C GLY J 496 40.51 -36.35 -19.69
N THR J 497 40.09 -37.50 -19.15
CA THR J 497 40.63 -38.78 -19.58
C THR J 497 39.70 -39.52 -20.53
N ALA J 498 38.53 -38.97 -20.85
CA ALA J 498 37.62 -39.63 -21.77
C ALA J 498 38.26 -39.81 -23.14
N THR J 499 38.90 -38.75 -23.65
CA THR J 499 39.55 -38.84 -24.96
C THR J 499 40.89 -39.57 -24.85
N GLU J 500 41.60 -39.42 -23.74
CA GLU J 500 42.93 -39.98 -23.63
C GLU J 500 42.86 -41.50 -23.66
N GLY J 501 43.82 -42.11 -24.33
CA GLY J 501 43.90 -43.54 -24.52
C GLY J 501 44.05 -43.86 -25.99
N THR J 502 43.70 -45.09 -26.35
CA THR J 502 43.78 -45.54 -27.73
C THR J 502 42.40 -45.49 -28.38
N ALA J 503 42.39 -45.13 -29.66
CA ALA J 503 41.16 -45.13 -30.46
C ALA J 503 40.78 -46.48 -31.06
N PRO J 504 39.64 -47.06 -30.70
CA PRO J 504 39.30 -48.40 -31.19
C PRO J 504 39.26 -48.46 -32.70
N VAL J 505 39.67 -49.60 -33.24
CA VAL J 505 39.72 -49.79 -34.68
C VAL J 505 38.37 -49.45 -35.29
N MET K 1 -32.57 33.79 -41.13
CA MET K 1 -33.00 34.85 -40.22
C MET K 1 -34.30 34.50 -39.53
N THR K 2 -35.20 33.83 -40.26
CA THR K 2 -36.49 33.47 -39.72
C THR K 2 -36.32 32.50 -38.54
N ASN K 3 -37.42 32.27 -37.84
CA ASN K 3 -37.52 31.35 -36.69
C ASN K 3 -36.93 31.92 -35.42
N PHE K 4 -36.38 33.12 -35.43
CA PHE K 4 -35.95 33.81 -34.23
C PHE K 4 -36.63 35.14 -33.99
N LEU K 5 -37.20 35.76 -35.01
CA LEU K 5 -37.74 37.11 -34.92
C LEU K 5 -39.26 37.14 -34.89
N ASN K 6 -39.92 35.99 -34.74
CA ASN K 6 -41.37 35.95 -34.78
C ASN K 6 -41.99 36.76 -33.65
N GLY K 7 -41.46 36.64 -32.44
CA GLY K 7 -42.03 37.25 -31.26
C GLY K 7 -41.61 38.67 -30.98
N VAL K 8 -40.77 39.27 -31.83
CA VAL K 8 -40.32 40.63 -31.56
C VAL K 8 -41.49 41.61 -31.64
N ASN K 9 -42.42 41.40 -32.57
CA ASN K 9 -43.51 42.34 -32.76
C ASN K 9 -44.58 42.22 -31.70
N ILE K 10 -44.69 41.04 -31.10
CA ILE K 10 -45.66 40.85 -30.04
C ILE K 10 -45.18 41.61 -28.80
N GLY K 11 -46.03 42.44 -28.23
CA GLY K 11 -45.67 43.17 -27.03
C GLY K 11 -46.39 42.57 -25.85
N THR K 12 -47.40 41.77 -26.13
CA THR K 12 -48.16 41.11 -25.07
C THR K 12 -47.33 40.02 -24.43
N PRO K 13 -47.50 39.81 -23.12
CA PRO K 13 -46.80 38.67 -22.52
C PRO K 13 -47.66 37.43 -22.70
N GLY K 14 -47.07 36.26 -22.57
CA GLY K 14 -47.82 35.05 -22.81
C GLY K 14 -46.99 34.10 -23.62
N ALA K 15 -47.60 33.07 -24.18
CA ALA K 15 -46.78 32.08 -24.88
C ALA K 15 -47.46 31.74 -26.19
N TYR K 16 -46.69 31.77 -27.28
CA TYR K 16 -47.25 31.69 -28.62
C TYR K 16 -46.48 30.68 -29.45
N ALA K 17 -47.19 30.08 -30.40
CA ALA K 17 -46.65 29.05 -31.27
C ALA K 17 -46.57 29.46 -32.74
N PHE K 18 -45.37 29.37 -33.31
CA PHE K 18 -45.16 29.54 -34.74
C PHE K 18 -44.62 28.25 -35.31
N TYR K 19 -44.59 28.16 -36.63
CA TYR K 19 -44.24 27.08 -37.55
C TYR K 19 -42.89 27.38 -38.21
N GLN K 20 -41.94 26.46 -38.02
CA GLN K 20 -40.58 26.69 -38.49
C GLN K 20 -40.53 26.81 -40.00
N THR K 21 -39.70 27.74 -40.47
CA THR K 21 -39.35 27.86 -41.88
C THR K 21 -37.88 27.47 -42.04
N THR K 22 -37.47 27.27 -43.28
CA THR K 22 -36.07 26.93 -43.54
C THR K 22 -35.17 28.02 -43.01
N GLN K 23 -34.18 27.63 -42.21
CA GLN K 23 -33.23 28.56 -41.60
C GLN K 23 -31.95 28.51 -42.44
N SER K 24 -31.77 29.49 -43.31
CA SER K 24 -30.61 29.53 -44.19
C SER K 24 -29.29 29.59 -43.44
N ARG K 25 -28.53 28.50 -43.49
CA ARG K 25 -27.26 28.44 -42.79
C ARG K 25 -26.28 29.45 -43.40
N PRO K 26 -25.55 30.20 -42.57
CA PRO K 26 -24.59 31.16 -43.11
C PRO K 26 -23.31 30.47 -43.53
N ILE K 27 -22.69 31.04 -44.57
CA ILE K 27 -21.45 30.48 -45.11
C ILE K 27 -20.28 31.20 -44.44
N ASN K 28 -19.34 30.44 -43.90
CA ASN K 28 -18.20 31.01 -43.21
C ASN K 28 -17.29 31.72 -44.21
N VAL K 29 -16.50 32.66 -43.68
CA VAL K 29 -15.55 33.42 -44.50
C VAL K 29 -14.28 32.59 -44.56
N GLU K 30 -14.20 31.73 -45.58
CA GLU K 30 -13.08 30.84 -45.79
C GLU K 30 -12.52 31.02 -47.19
N PRO K 31 -11.26 30.66 -47.42
CA PRO K 31 -10.60 31.05 -48.68
C PRO K 31 -11.29 30.56 -49.93
N PHE K 32 -11.84 29.34 -49.94
CA PHE K 32 -12.18 28.67 -51.19
C PHE K 32 -13.58 28.04 -51.15
N ARG K 33 -14.58 28.82 -50.74
CA ARG K 33 -15.98 28.39 -50.88
C ARG K 33 -16.80 29.47 -51.57
N THR K 34 -16.26 30.00 -52.67
CA THR K 34 -16.97 30.98 -53.49
C THR K 34 -16.72 30.69 -54.96
N CYS K 35 -17.68 31.09 -55.78
CA CYS K 35 -17.59 31.00 -57.23
C CYS K 35 -17.93 32.35 -57.82
N TYR K 36 -17.19 32.75 -58.85
CA TYR K 36 -17.37 34.03 -59.53
C TYR K 36 -17.72 33.73 -60.98
N MET K 37 -18.94 34.04 -61.38
CA MET K 37 -19.42 33.80 -62.73
C MET K 37 -19.42 35.12 -63.49
N VAL K 38 -18.63 35.19 -64.56
CA VAL K 38 -18.61 36.34 -65.45
C VAL K 38 -19.67 36.12 -66.51
N GLY K 39 -20.71 36.94 -66.50
CA GLY K 39 -21.78 36.81 -67.46
C GLY K 39 -22.23 38.16 -67.98
N PHE K 40 -23.32 38.17 -68.75
CA PHE K 40 -23.88 39.43 -69.23
C PHE K 40 -25.38 39.40 -69.13
N ALA K 41 -25.95 40.41 -68.49
CA ALA K 41 -27.38 40.50 -68.38
C ALA K 41 -27.89 41.63 -69.23
N SER K 42 -29.14 41.54 -69.67
CA SER K 42 -29.74 42.60 -70.48
C SER K 42 -29.47 43.99 -69.92
N ASN K 43 -29.82 44.20 -68.65
CA ASN K 43 -29.57 45.49 -68.03
C ASN K 43 -28.24 45.47 -67.31
N GLY K 44 -27.52 46.60 -67.32
CA GLY K 44 -26.23 46.68 -66.65
C GLY K 44 -26.36 47.24 -65.26
N VAL K 45 -27.24 46.65 -64.45
CA VAL K 45 -27.47 47.15 -63.09
C VAL K 45 -26.18 47.23 -62.29
N ASN K 46 -25.44 46.13 -62.20
CA ASN K 46 -24.18 46.11 -61.47
C ASN K 46 -23.10 45.89 -62.52
N LYS K 47 -22.64 46.97 -63.12
CA LYS K 47 -21.73 46.91 -64.26
C LYS K 47 -20.30 46.73 -63.76
N ASN K 48 -19.69 45.60 -64.08
CA ASN K 48 -18.33 45.30 -63.67
C ASN K 48 -18.17 45.42 -62.15
N VAL K 49 -19.15 44.92 -61.41
CA VAL K 49 -19.12 44.92 -59.95
C VAL K 49 -19.59 43.55 -59.46
N PRO K 50 -18.71 42.71 -58.91
CA PRO K 50 -19.17 41.41 -58.42
C PRO K 50 -20.23 41.56 -57.35
N THR K 51 -21.43 41.05 -57.64
CA THR K 51 -22.57 41.14 -56.72
C THR K 51 -22.94 39.73 -56.27
N ARG K 52 -23.06 39.55 -54.96
CA ARG K 52 -23.46 38.25 -54.43
C ARG K 52 -24.90 37.94 -54.82
N ILE K 53 -25.14 36.71 -55.24
CA ILE K 53 -26.46 36.22 -55.60
C ILE K 53 -26.89 35.23 -54.54
N SER K 54 -28.12 35.40 -54.03
CA SER K 54 -28.63 34.53 -52.99
C SER K 54 -29.41 33.35 -53.52
N ASN K 55 -29.95 33.44 -54.73
CA ASN K 55 -30.69 32.34 -55.34
C ASN K 55 -31.06 32.72 -56.76
N LEU K 56 -31.61 31.75 -57.49
CA LEU K 56 -32.02 31.97 -58.87
C LEU K 56 -33.07 33.07 -58.96
N THR K 57 -34.00 33.12 -58.00
CA THR K 57 -35.03 34.15 -58.03
C THR K 57 -34.41 35.54 -57.89
N ASP K 58 -33.46 35.70 -56.97
CA ASP K 58 -32.78 36.99 -56.83
C ASP K 58 -32.01 37.35 -58.09
N PHE K 59 -31.33 36.36 -58.68
CA PHE K 59 -30.60 36.63 -59.92
C PHE K 59 -31.54 37.14 -61.00
N THR K 60 -32.65 36.44 -61.21
CA THR K 60 -33.60 36.85 -62.25
C THR K 60 -34.20 38.22 -61.95
N ASN K 61 -34.50 38.48 -60.68
CA ASN K 61 -35.09 39.77 -60.31
C ASN K 61 -34.11 40.90 -60.61
N VAL K 62 -32.84 40.72 -60.26
CA VAL K 62 -31.87 41.81 -60.40
C VAL K 62 -31.48 42.00 -61.86
N TYR K 63 -31.15 40.91 -62.55
CA TYR K 63 -30.59 40.99 -63.90
C TYR K 63 -31.57 40.60 -64.99
N GLY K 64 -32.77 40.15 -64.65
CA GLY K 64 -33.73 39.80 -65.68
C GLY K 64 -33.23 38.69 -66.56
N THR K 65 -33.17 38.95 -67.86
CA THR K 65 -32.77 37.93 -68.83
C THR K 65 -31.26 37.87 -68.95
N SER K 66 -30.73 36.66 -69.07
CA SER K 66 -29.30 36.42 -69.27
C SER K 66 -29.09 34.97 -69.61
N ALA K 67 -28.12 34.69 -70.48
CA ALA K 67 -27.79 33.32 -70.84
C ALA K 67 -27.22 32.53 -69.67
N SER K 68 -26.84 33.20 -68.59
CA SER K 68 -26.27 32.56 -67.42
C SER K 68 -27.31 32.06 -66.44
N THR K 69 -28.59 32.20 -66.75
CA THR K 69 -29.64 31.78 -65.80
C THR K 69 -29.57 30.28 -65.54
N ASN K 70 -29.40 29.48 -66.60
CA ASN K 70 -29.33 28.03 -66.41
C ASN K 70 -28.09 27.65 -65.61
N SER K 71 -26.97 28.31 -65.87
CA SER K 71 -25.75 28.03 -65.11
C SER K 71 -25.95 28.37 -63.64
N VAL K 72 -26.60 29.49 -63.35
CA VAL K 72 -26.87 29.86 -61.96
C VAL K 72 -27.77 28.83 -61.30
N ASP K 73 -28.80 28.38 -62.02
CA ASP K 73 -29.69 27.37 -61.46
C ASP K 73 -28.94 26.08 -61.14
N LEU K 74 -28.08 25.64 -62.06
CA LEU K 74 -27.27 24.45 -61.81
C LEU K 74 -26.35 24.65 -60.61
N PHE K 75 -25.71 25.83 -60.52
CA PHE K 75 -24.82 26.09 -59.40
C PHE K 75 -25.55 25.96 -58.08
N PHE K 76 -26.72 26.59 -57.97
CA PHE K 76 -27.45 26.53 -56.71
C PHE K 76 -27.98 25.13 -56.42
N LYS K 77 -28.44 24.43 -57.45
CA LYS K 77 -28.90 23.06 -57.26
C LYS K 77 -27.78 22.18 -56.70
N ASN K 78 -26.56 22.33 -57.23
CA ASN K 78 -25.45 21.49 -56.82
C ASN K 78 -24.80 21.95 -55.53
N SER K 79 -24.93 23.23 -55.17
CA SER K 79 -24.35 23.73 -53.94
C SER K 79 -25.25 23.49 -52.75
N GLN K 80 -26.57 23.46 -52.96
CA GLN K 80 -27.52 23.15 -51.89
C GLN K 80 -27.40 24.15 -50.73
N GLY K 81 -27.14 25.41 -51.07
CA GLY K 81 -27.05 26.47 -50.09
C GLY K 81 -25.66 26.70 -49.53
N PHE K 82 -24.73 25.75 -49.71
CA PHE K 82 -23.36 25.96 -49.29
C PHE K 82 -22.62 26.79 -50.34
N GLY K 83 -21.55 27.44 -49.90
CA GLY K 83 -20.73 28.23 -50.80
C GLY K 83 -21.46 29.46 -51.33
N ASN K 84 -20.70 30.45 -51.78
CA ASN K 84 -21.27 31.70 -52.27
C ASN K 84 -21.11 31.80 -53.78
N LEU K 85 -22.02 32.54 -54.41
CA LEU K 85 -21.94 32.84 -55.83
C LEU K 85 -21.94 34.35 -56.01
N TYR K 86 -20.99 34.86 -56.79
CA TYR K 86 -20.94 36.25 -57.20
C TYR K 86 -21.10 36.29 -58.72
N PHE K 87 -21.88 37.26 -59.19
CA PHE K 87 -22.08 37.49 -60.62
C PHE K 87 -21.40 38.79 -61.00
N VAL K 88 -20.70 38.77 -62.13
CA VAL K 88 -20.04 39.96 -62.68
C VAL K 88 -20.65 40.21 -64.04
N ASN K 89 -21.37 41.33 -64.17
CA ASN K 89 -22.05 41.69 -65.41
C ASN K 89 -21.10 42.45 -66.32
N VAL K 90 -20.88 41.95 -67.53
CA VAL K 90 -19.88 42.58 -68.42
C VAL K 90 -20.33 43.91 -69.01
N ALA K 91 -19.45 44.89 -68.89
CA ALA K 91 -19.73 46.24 -69.31
C ALA K 91 -19.37 46.53 -70.75
N ILE K 92 -20.33 47.00 -71.53
CA ILE K 92 -20.01 47.40 -72.89
C ILE K 92 -19.56 48.88 -72.77
N PRO K 93 -18.39 49.28 -73.39
CA PRO K 93 -18.04 50.68 -73.15
C PRO K 93 -19.04 51.63 -73.79
N THR K 94 -19.28 52.75 -73.11
CA THR K 94 -20.18 53.76 -73.64
C THR K 94 -19.55 54.43 -74.86
N ARG K 95 -20.31 54.52 -75.95
CA ARG K 95 -19.82 55.15 -77.17
C ARG K 95 -20.75 56.29 -77.57
N TYR K 96 -20.13 57.43 -77.90
CA TYR K 96 -20.82 58.60 -78.39
C TYR K 96 -20.36 58.91 -79.80
N GLN K 97 -21.26 59.47 -80.59
CA GLN K 97 -20.97 59.85 -81.97
C GLN K 97 -21.30 61.31 -82.16
N ILE K 98 -20.35 62.06 -82.71
CA ILE K 98 -20.50 63.48 -82.99
C ILE K 98 -20.48 63.66 -84.50
N VAL K 99 -21.56 64.21 -85.03
CA VAL K 99 -21.65 64.59 -86.45
C VAL K 99 -21.38 66.08 -86.55
N VAL K 100 -20.42 66.45 -87.39
CA VAL K 100 -20.06 67.86 -87.61
C VAL K 100 -20.82 68.30 -88.86
N THR K 101 -22.02 68.83 -88.64
CA THR K 101 -22.91 69.13 -89.76
C THR K 101 -22.35 70.26 -90.64
N ALA K 102 -21.97 71.38 -90.02
CA ALA K 102 -21.62 72.58 -90.74
C ALA K 102 -20.33 73.17 -90.19
N ALA K 103 -19.67 73.99 -91.01
CA ALA K 103 -18.43 74.66 -90.66
C ALA K 103 -18.64 76.11 -90.26
N THR K 104 -19.77 76.40 -89.61
CA THR K 104 -20.04 77.78 -89.18
C THR K 104 -18.95 78.27 -88.24
N ALA K 105 -18.46 79.47 -88.50
CA ALA K 105 -17.40 80.04 -87.68
C ALA K 105 -17.96 80.52 -86.35
N GLY K 106 -17.21 80.26 -85.28
CA GLY K 106 -17.64 80.67 -83.95
C GLY K 106 -16.93 79.86 -82.89
N SER K 107 -17.46 79.94 -81.67
CA SER K 107 -16.92 79.24 -80.52
C SER K 107 -17.90 78.17 -80.07
N TYR K 108 -17.39 76.95 -79.85
CA TYR K 108 -18.22 75.82 -79.46
C TYR K 108 -17.46 75.01 -78.42
N SER K 109 -18.20 74.18 -77.68
CA SER K 109 -17.64 73.41 -76.58
C SER K 109 -18.01 71.95 -76.71
N VAL K 110 -17.07 71.08 -76.37
CA VAL K 110 -17.28 69.65 -76.30
C VAL K 110 -16.89 69.19 -74.89
N THR K 111 -17.83 68.60 -74.17
CA THR K 111 -17.63 68.22 -72.78
C THR K 111 -17.64 66.70 -72.66
N VAL K 112 -16.60 66.16 -72.02
CA VAL K 112 -16.49 64.73 -71.75
C VAL K 112 -16.13 64.55 -70.29
N ASN K 113 -16.95 63.79 -69.56
CA ASN K 113 -16.68 63.51 -68.15
C ASN K 113 -16.53 64.79 -67.35
N GLY K 114 -17.29 65.81 -67.71
CA GLY K 114 -17.24 67.09 -67.03
C GLY K 114 -16.11 67.99 -67.45
N VAL K 115 -15.29 67.59 -68.41
CA VAL K 115 -14.17 68.38 -68.90
C VAL K 115 -14.60 69.06 -70.20
N THR K 116 -14.90 70.35 -70.12
CA THR K 116 -15.36 71.12 -71.27
C THR K 116 -14.17 71.56 -72.10
N LYS K 117 -14.28 71.40 -73.42
CA LYS K 117 -13.21 71.72 -74.35
C LYS K 117 -13.73 72.69 -75.40
N ALA K 118 -13.14 73.88 -75.44
CA ALA K 118 -13.55 74.91 -76.37
C ALA K 118 -13.11 74.56 -77.79
N ILE K 119 -13.97 74.86 -78.76
CA ILE K 119 -13.69 74.66 -80.17
C ILE K 119 -14.01 75.96 -80.89
N THR K 120 -12.99 76.57 -81.49
CA THR K 120 -13.16 77.81 -82.25
C THR K 120 -13.11 77.47 -83.73
N VAL K 121 -14.13 77.89 -84.47
CA VAL K 121 -14.24 77.61 -85.90
C VAL K 121 -14.03 78.93 -86.64
N VAL K 122 -13.12 78.90 -87.62
CA VAL K 122 -12.79 80.09 -88.40
C VAL K 122 -13.28 79.88 -89.82
N GLY K 123 -13.22 80.95 -90.61
CA GLY K 123 -13.62 80.87 -92.00
C GLY K 123 -12.70 79.97 -92.80
N GLY K 124 -13.27 79.31 -93.80
CA GLY K 124 -12.52 78.41 -94.65
C GLY K 124 -12.32 77.02 -94.08
N ALA K 125 -12.86 76.74 -92.89
CA ALA K 125 -12.72 75.43 -92.29
C ALA K 125 -13.76 74.47 -92.83
N THR K 126 -13.42 73.18 -92.83
CA THR K 126 -14.32 72.13 -93.25
C THR K 126 -14.75 71.30 -92.05
N THR K 127 -15.87 70.59 -92.22
CA THR K 127 -16.31 69.68 -91.17
C THR K 127 -15.23 68.65 -90.85
N THR K 128 -14.47 68.22 -91.85
CA THR K 128 -13.35 67.32 -91.60
C THR K 128 -12.30 67.97 -90.72
N THR K 129 -11.99 69.24 -90.98
CA THR K 129 -11.03 69.95 -90.15
C THR K 129 -11.53 70.09 -88.72
N ILE K 130 -12.83 70.36 -88.55
CA ILE K 130 -13.40 70.47 -87.22
C ILE K 130 -13.33 69.13 -86.49
N ALA K 131 -13.63 68.05 -87.19
CA ALA K 131 -13.51 66.72 -86.58
C ALA K 131 -12.08 66.43 -86.18
N ALA K 132 -11.12 66.81 -87.03
CA ALA K 132 -9.71 66.61 -86.69
C ALA K 132 -9.34 67.42 -85.45
N ASP K 133 -9.84 68.65 -85.35
CA ASP K 133 -9.56 69.47 -84.18
C ASP K 133 -10.14 68.83 -82.92
N VAL K 134 -11.37 68.32 -83.00
CA VAL K 134 -11.99 67.67 -81.85
C VAL K 134 -11.17 66.45 -81.44
N ILE K 135 -10.77 65.64 -82.41
CA ILE K 135 -10.00 64.44 -82.11
C ILE K 135 -8.68 64.81 -81.45
N SER K 136 -8.00 65.84 -82.00
CA SER K 136 -6.73 66.27 -81.42
C SER K 136 -6.91 66.75 -79.99
N ALA K 137 -7.94 67.56 -79.74
CA ALA K 137 -8.16 68.06 -78.39
C ALA K 137 -8.41 66.91 -77.42
N ILE K 138 -9.31 65.99 -77.78
CA ILE K 138 -9.67 64.92 -76.86
C ILE K 138 -8.48 63.99 -76.62
N ASN K 139 -7.66 63.76 -77.65
CA ASN K 139 -6.52 62.87 -77.49
C ASN K 139 -5.32 63.55 -76.86
N ASN K 140 -5.29 64.89 -76.81
CA ASN K 140 -4.21 65.60 -76.16
C ASN K 140 -4.52 65.90 -74.70
N ASP K 141 -5.80 65.96 -74.33
CA ASP K 141 -6.14 66.16 -72.93
C ASP K 141 -5.49 65.08 -72.08
N THR K 142 -4.74 65.51 -71.07
CA THR K 142 -4.03 64.55 -70.21
C THR K 142 -5.02 63.63 -69.50
N VAL K 143 -6.26 64.08 -69.30
CA VAL K 143 -7.27 63.30 -68.60
C VAL K 143 -8.09 62.48 -69.57
N LEU K 144 -8.58 63.12 -70.63
CA LEU K 144 -9.44 62.44 -71.58
C LEU K 144 -8.68 61.39 -72.37
N ASN K 145 -7.40 61.62 -72.67
CA ASN K 145 -6.62 60.62 -73.38
C ASN K 145 -6.53 59.32 -72.59
N LYS K 146 -6.67 59.38 -71.26
CA LYS K 146 -6.72 58.16 -70.47
C LYS K 146 -8.14 57.64 -70.30
N GLU K 147 -9.12 58.52 -70.11
CA GLU K 147 -10.47 58.06 -69.83
C GLU K 147 -11.18 57.51 -71.07
N VAL K 148 -11.05 58.17 -72.22
CA VAL K 148 -11.74 57.79 -73.43
C VAL K 148 -10.79 57.88 -74.62
N LEU K 149 -11.27 57.41 -75.77
CA LEU K 149 -10.50 57.43 -77.02
C LEU K 149 -11.36 58.05 -78.11
N ALA K 150 -10.78 59.01 -78.83
CA ALA K 150 -11.45 59.68 -79.94
C ALA K 150 -10.92 59.14 -81.26
N THR K 151 -11.84 58.79 -82.17
CA THR K 151 -11.48 58.18 -83.44
C THR K 151 -12.38 58.76 -84.53
N VAL K 152 -12.02 58.46 -85.77
CA VAL K 152 -12.80 58.90 -86.92
C VAL K 152 -13.96 57.93 -87.13
N GLY K 153 -15.12 58.48 -87.48
CA GLY K 153 -16.31 57.68 -87.72
C GLY K 153 -16.40 57.21 -89.16
N GLY K 154 -17.64 56.97 -89.60
CA GLY K 154 -17.86 56.53 -90.96
C GLY K 154 -17.55 57.58 -92.02
N THR K 155 -17.59 58.85 -91.65
CA THR K 155 -17.27 59.95 -92.54
C THR K 155 -16.16 60.79 -91.94
N SER K 156 -15.57 61.64 -92.79
CA SER K 156 -14.52 62.54 -92.32
C SER K 156 -15.07 63.59 -91.35
N SER K 157 -16.39 63.74 -91.29
CA SER K 157 -17.04 64.69 -90.38
C SER K 157 -17.77 63.96 -89.26
N THR K 158 -17.25 62.81 -88.87
CA THR K 158 -17.83 61.98 -87.82
C THR K 158 -16.75 61.59 -86.82
N VAL K 159 -17.04 61.82 -85.54
CA VAL K 159 -16.13 61.50 -84.45
C VAL K 159 -16.78 60.47 -83.56
N VAL K 160 -16.00 59.50 -83.10
CA VAL K 160 -16.49 58.45 -82.19
C VAL K 160 -15.67 58.52 -80.92
N ILE K 161 -16.34 58.70 -79.79
CA ILE K 161 -15.72 58.73 -78.48
C ILE K 161 -16.09 57.42 -77.78
N THR K 162 -15.09 56.61 -77.45
CA THR K 162 -15.30 55.32 -76.82
C THR K 162 -14.73 55.35 -75.41
N SER K 163 -15.53 54.91 -74.44
CA SER K 163 -15.09 54.91 -73.05
C SER K 163 -14.01 53.85 -72.86
N LYS K 164 -12.85 54.27 -72.35
CA LYS K 164 -11.75 53.36 -72.10
C LYS K 164 -11.86 52.66 -70.75
N LYS K 165 -12.82 53.05 -69.92
CA LYS K 165 -13.04 52.44 -68.60
C LYS K 165 -14.53 52.12 -68.49
N PRO K 166 -14.96 50.96 -69.01
CA PRO K 166 -16.39 50.62 -68.96
C PRO K 166 -16.96 50.60 -67.56
N THR K 167 -16.15 50.29 -66.55
CA THR K 167 -16.66 50.22 -65.18
C THR K 167 -17.29 51.54 -64.77
N ASN K 168 -16.71 52.66 -65.20
CA ASN K 168 -17.19 53.99 -64.82
C ASN K 168 -18.04 54.57 -65.94
N THR K 169 -19.16 55.17 -65.57
CA THR K 169 -20.05 55.78 -66.54
C THR K 169 -19.35 56.95 -67.24
N THR K 170 -19.64 57.12 -68.52
CA THR K 170 -19.08 58.18 -69.33
C THR K 170 -20.18 59.16 -69.70
N THR K 171 -19.90 60.45 -69.54
CA THR K 171 -20.84 61.52 -69.80
C THR K 171 -20.32 62.42 -70.91
N ALA K 172 -21.23 62.91 -71.75
CA ALA K 172 -20.86 63.75 -72.88
C ALA K 172 -21.94 64.79 -73.13
N ALA K 173 -21.51 65.98 -73.55
CA ALA K 173 -22.43 67.04 -73.91
C ALA K 173 -21.69 68.01 -74.82
N VAL K 174 -22.46 68.74 -75.63
CA VAL K 174 -21.90 69.68 -76.60
C VAL K 174 -22.66 71.00 -76.51
N THR K 175 -22.01 72.07 -76.97
CA THR K 175 -22.62 73.39 -77.09
C THR K 175 -22.33 73.87 -78.50
N GLY K 176 -23.36 73.90 -79.34
CA GLY K 176 -23.21 74.31 -80.72
C GLY K 176 -24.20 73.63 -81.64
N VAL K 177 -24.79 74.40 -82.55
CA VAL K 177 -25.76 73.84 -83.48
C VAL K 177 -25.10 72.86 -84.43
N ILE K 178 -23.85 73.11 -84.82
CA ILE K 178 -23.21 72.28 -85.83
C ILE K 178 -23.00 70.86 -85.33
N PHE K 179 -22.71 70.71 -84.04
CA PHE K 179 -22.44 69.39 -83.49
C PHE K 179 -23.75 68.66 -83.20
N THR K 180 -23.79 67.37 -83.54
CA THR K 180 -24.91 66.50 -83.19
C THR K 180 -24.37 65.31 -82.41
N LEU K 181 -24.84 65.14 -81.16
CA LEU K 181 -24.32 64.10 -80.27
C LEU K 181 -25.35 63.00 -80.23
N THR K 182 -24.98 61.80 -80.65
CA THR K 182 -25.90 60.68 -80.74
C THR K 182 -25.23 59.45 -80.13
N THR K 183 -25.64 59.06 -78.93
CA THR K 183 -25.07 57.89 -78.28
C THR K 183 -25.23 56.63 -79.11
N THR K 184 -24.25 55.74 -79.07
CA THR K 184 -24.29 54.48 -79.81
C THR K 184 -23.52 53.50 -78.90
N THR K 185 -23.96 53.38 -77.65
CA THR K 185 -23.23 52.54 -76.67
C THR K 185 -22.54 51.24 -77.06
N GLY K 186 -23.29 50.16 -77.32
CA GLY K 186 -22.65 48.93 -77.77
C GLY K 186 -23.45 47.64 -77.73
N THR K 187 -24.46 47.55 -76.86
CA THR K 187 -25.30 46.34 -76.73
C THR K 187 -24.57 45.00 -76.55
N SER K 188 -24.26 44.31 -77.64
CA SER K 188 -23.59 43.02 -77.55
C SER K 188 -22.18 43.12 -76.98
N PRO K 189 -21.87 42.31 -75.95
CA PRO K 189 -20.53 42.33 -75.37
C PRO K 189 -19.46 41.68 -76.27
N SER K 190 -18.26 42.25 -76.27
CA SER K 190 -17.17 41.74 -77.08
C SER K 190 -16.18 40.96 -76.22
N VAL K 191 -15.37 40.13 -76.87
CA VAL K 191 -14.35 39.39 -76.15
C VAL K 191 -13.38 40.34 -75.47
N ALA K 192 -13.12 41.50 -76.09
CA ALA K 192 -12.28 42.50 -75.45
C ALA K 192 -12.93 43.02 -74.17
N ASP K 193 -14.25 43.25 -74.18
CA ASP K 193 -14.93 43.67 -72.98
C ASP K 193 -14.85 42.60 -71.89
N TYR K 194 -15.04 41.34 -72.28
CA TYR K 194 -14.91 40.25 -71.32
C TYR K 194 -13.51 40.22 -70.72
N VAL K 195 -12.49 40.40 -71.56
CA VAL K 195 -11.11 40.37 -71.08
C VAL K 195 -10.86 41.51 -70.10
N TYR K 196 -11.35 42.70 -70.43
CA TYR K 196 -11.19 43.84 -69.51
C TYR K 196 -11.88 43.56 -68.19
N THR K 197 -13.10 43.04 -68.23
CA THR K 197 -13.83 42.75 -66.99
C THR K 197 -13.08 41.73 -66.16
N ILE K 198 -12.53 40.69 -66.81
CA ILE K 198 -11.78 39.69 -66.06
C ILE K 198 -10.52 40.29 -65.45
N ASN K 199 -9.82 41.13 -66.20
CA ASN K 199 -8.50 41.61 -65.77
C ASN K 199 -8.56 42.79 -64.82
N ASN K 200 -9.70 43.49 -64.71
CA ASN K 200 -9.74 44.73 -63.96
C ASN K 200 -10.88 44.82 -62.95
N THR K 201 -11.73 43.81 -62.84
CA THR K 201 -12.89 43.89 -61.98
C THR K 201 -12.71 43.22 -60.61
N PHE K 202 -11.81 42.24 -60.52
CA PHE K 202 -11.62 41.50 -59.28
C PHE K 202 -10.63 42.21 -58.37
N ASP K 203 -10.90 42.15 -57.07
CA ASP K 203 -10.06 42.75 -56.05
C ASP K 203 -9.43 41.66 -55.20
N PRO K 204 -8.10 41.68 -54.98
CA PRO K 204 -7.49 40.63 -54.15
C PRO K 204 -8.15 40.48 -52.79
N ALA K 205 -8.78 41.55 -52.29
CA ALA K 205 -9.51 41.46 -51.04
C ALA K 205 -10.69 40.50 -51.13
N LEU K 206 -11.18 40.22 -52.34
CA LEU K 206 -12.27 39.28 -52.50
C LEU K 206 -11.85 37.89 -52.04
N GLU K 207 -12.79 37.17 -51.44
CA GLU K 207 -12.52 35.79 -51.05
C GLU K 207 -12.16 34.96 -52.27
N ALA K 208 -11.13 34.13 -52.12
CA ALA K 208 -10.70 33.29 -53.24
C ALA K 208 -11.78 32.29 -53.59
N GLY K 209 -11.67 31.71 -54.78
CA GLY K 209 -12.65 30.74 -55.20
C GLY K 209 -12.49 30.42 -56.68
N PHE K 210 -13.49 29.70 -57.20
CA PHE K 210 -13.50 29.35 -58.60
C PHE K 210 -13.96 30.52 -59.45
N VAL K 211 -13.54 30.53 -60.71
CA VAL K 211 -13.94 31.56 -61.67
C VAL K 211 -14.41 30.84 -62.94
N ILE K 212 -15.58 31.25 -63.44
CA ILE K 212 -16.19 30.58 -64.58
C ILE K 212 -16.82 31.61 -65.51
N ALA K 213 -16.69 31.37 -66.82
CA ALA K 213 -17.31 32.20 -67.85
C ALA K 213 -18.06 31.31 -68.83
N PRO K 214 -19.07 30.57 -68.33
CA PRO K 214 -19.79 29.63 -69.21
C PRO K 214 -20.45 30.30 -70.40
N GLU K 215 -21.04 31.49 -70.21
CA GLU K 215 -21.68 32.17 -71.31
C GLU K 215 -20.68 32.53 -72.40
N ALA K 216 -19.52 33.07 -72.00
CA ALA K 216 -18.50 33.43 -72.97
C ALA K 216 -18.02 32.20 -73.73
N PHE K 217 -17.75 31.10 -73.01
CA PHE K 217 -17.23 29.92 -73.68
C PHE K 217 -18.28 29.28 -74.58
N SER K 218 -19.56 29.38 -74.22
CA SER K 218 -20.61 28.82 -75.06
C SER K 218 -20.91 29.69 -76.28
N THR K 219 -20.67 31.00 -76.19
CA THR K 219 -21.05 31.91 -77.26
C THR K 219 -19.91 32.23 -78.24
N PHE K 220 -18.66 32.19 -77.79
CA PHE K 220 -17.57 32.74 -78.57
C PHE K 220 -16.91 31.69 -79.46
N THR K 221 -16.12 32.18 -80.42
CA THR K 221 -15.42 31.32 -81.36
C THR K 221 -14.11 30.83 -80.75
N LYS K 222 -13.29 30.17 -81.57
CA LYS K 222 -12.06 29.55 -81.06
C LYS K 222 -11.09 30.60 -80.52
N SER K 223 -10.79 31.61 -81.33
CA SER K 223 -9.81 32.61 -80.91
C SER K 223 -10.31 33.40 -79.71
N ASP K 224 -11.59 33.77 -79.71
CA ASP K 224 -12.14 34.50 -78.56
C ASP K 224 -12.12 33.65 -77.30
N ARG K 225 -12.44 32.36 -77.42
CA ARG K 225 -12.35 31.46 -76.27
C ARG K 225 -10.92 31.35 -75.77
N LEU K 226 -9.95 31.29 -76.69
CA LEU K 226 -8.55 31.26 -76.27
C LEU K 226 -8.16 32.53 -75.55
N SER K 227 -8.64 33.68 -76.02
CA SER K 227 -8.37 34.94 -75.33
C SER K 227 -8.96 34.94 -73.93
N ILE K 228 -10.19 34.43 -73.80
CA ILE K 228 -10.82 34.35 -72.48
C ILE K 228 -10.02 33.43 -71.57
N GLN K 229 -9.55 32.30 -72.10
CA GLN K 229 -8.75 31.38 -71.31
C GLN K 229 -7.45 32.02 -70.87
N VAL K 230 -6.81 32.78 -71.76
CA VAL K 230 -5.57 33.47 -71.41
C VAL K 230 -5.83 34.47 -70.28
N ALA K 231 -6.92 35.23 -70.39
CA ALA K 231 -7.26 36.19 -69.35
C ALA K 231 -7.48 35.50 -68.01
N LEU K 232 -8.23 34.39 -68.03
CA LEU K 232 -8.50 33.67 -66.79
C LEU K 232 -7.21 33.08 -66.20
N GLU K 233 -6.34 32.54 -67.05
CA GLU K 233 -5.07 32.01 -66.57
C GLU K 233 -4.25 33.11 -65.91
N ASN K 234 -4.15 34.27 -66.55
CA ASN K 234 -3.39 35.37 -65.96
C ASN K 234 -3.99 35.80 -64.64
N LEU K 235 -5.32 35.97 -64.58
CA LEU K 235 -5.96 36.37 -63.34
C LEU K 235 -5.66 35.36 -62.22
N CYS K 236 -5.89 34.08 -62.48
CA CYS K 236 -5.79 33.08 -61.43
C CYS K 236 -4.34 32.87 -61.00
N SER K 237 -3.40 32.92 -61.93
CA SER K 237 -2.00 32.69 -61.62
C SER K 237 -1.27 33.95 -61.17
N ALA K 238 -1.93 35.12 -61.20
CA ALA K 238 -1.31 36.32 -60.69
C ALA K 238 -0.79 36.10 -59.28
N TYR K 239 0.23 36.86 -58.91
CA TYR K 239 0.83 36.74 -57.59
C TYR K 239 -0.07 37.23 -56.47
N ARG K 240 -1.21 37.84 -56.80
CA ARG K 240 -2.11 38.40 -55.81
C ARG K 240 -3.39 37.60 -55.59
N TYR K 241 -3.80 36.79 -56.57
CA TYR K 241 -5.03 36.02 -56.45
C TYR K 241 -4.79 34.57 -56.07
N GLN K 242 -4.06 33.83 -56.89
CA GLN K 242 -3.91 32.39 -56.73
C GLN K 242 -5.27 31.70 -56.59
N TRP K 243 -6.08 31.86 -57.63
CA TRP K 243 -7.41 31.29 -57.71
C TRP K 243 -7.41 30.12 -58.70
N ALA K 244 -8.60 29.56 -58.94
CA ALA K 244 -8.77 28.43 -59.86
C ALA K 244 -9.87 28.76 -60.86
N ALA K 245 -9.64 28.36 -62.11
CA ALA K 245 -10.58 28.59 -63.20
C ALA K 245 -11.10 27.26 -63.72
N LEU K 246 -12.40 27.22 -63.99
CA LEU K 246 -13.05 26.04 -64.57
C LEU K 246 -13.43 26.39 -66.02
N ILE K 247 -12.61 25.94 -66.96
CA ILE K 247 -12.84 26.18 -68.37
C ILE K 247 -13.84 25.18 -68.91
N ASP K 248 -14.73 25.66 -69.78
CA ASP K 248 -15.70 24.83 -70.47
C ASP K 248 -15.39 24.81 -71.95
N SER K 249 -15.64 23.68 -72.58
CA SER K 249 -15.45 23.57 -74.02
C SER K 249 -16.38 24.55 -74.75
N GLY K 250 -16.09 24.76 -76.02
CA GLY K 250 -16.98 25.54 -76.86
C GLY K 250 -18.33 24.84 -76.98
N ALA K 251 -19.18 25.42 -77.82
CA ALA K 251 -20.50 24.83 -78.04
C ALA K 251 -20.33 23.42 -78.59
N MET K 252 -21.22 22.52 -78.16
CA MET K 252 -21.11 21.13 -78.55
C MET K 252 -21.08 20.96 -80.07
N SER K 253 -21.84 21.79 -80.79
CA SER K 253 -21.86 21.69 -82.25
C SER K 253 -20.45 21.77 -82.81
N GLU K 254 -19.65 22.71 -82.33
CA GLU K 254 -18.25 22.79 -82.77
C GLU K 254 -17.43 21.68 -82.13
N ILE K 255 -17.39 21.64 -80.80
CA ILE K 255 -16.65 20.59 -80.09
C ILE K 255 -17.64 19.45 -79.87
N SER K 256 -17.85 18.66 -80.91
CA SER K 256 -18.78 17.54 -80.90
C SER K 256 -18.12 16.20 -80.56
N ASN K 257 -16.82 16.18 -80.31
CA ASN K 257 -16.15 14.92 -79.99
C ASN K 257 -14.99 15.16 -79.05
N THR K 258 -14.59 14.09 -78.36
CA THR K 258 -13.51 14.17 -77.40
C THR K 258 -12.20 14.56 -78.06
N ASP K 259 -12.02 14.27 -79.35
CA ASP K 259 -10.78 14.63 -80.02
C ASP K 259 -10.69 16.13 -80.25
N ARG K 260 -11.81 16.76 -80.67
CA ARG K 260 -11.83 18.21 -80.76
C ARG K 260 -11.69 18.85 -79.40
N ALA K 261 -12.31 18.24 -78.37
CA ALA K 261 -12.09 18.72 -77.01
C ALA K 261 -10.61 18.67 -76.64
N ILE K 262 -9.93 17.59 -77.04
CA ILE K 262 -8.50 17.45 -76.73
C ILE K 262 -7.68 18.51 -77.47
N ALA K 263 -8.04 18.78 -78.72
CA ALA K 263 -7.33 19.83 -79.46
C ALA K 263 -7.50 21.18 -78.78
N GLU K 264 -8.72 21.50 -78.35
CA GLU K 264 -8.97 22.76 -77.66
C GLU K 264 -8.17 22.83 -76.36
N ALA K 265 -8.15 21.73 -75.60
CA ALA K 265 -7.40 21.70 -74.35
C ALA K 265 -5.90 21.87 -74.62
N ALA K 266 -5.40 21.24 -75.68
CA ALA K 266 -3.99 21.38 -76.02
C ALA K 266 -3.65 22.81 -76.37
N THR K 267 -4.55 23.50 -77.09
CA THR K 267 -4.34 24.92 -77.33
C THR K 267 -4.30 25.69 -76.02
N TYR K 268 -5.20 25.37 -75.10
CA TYR K 268 -5.20 26.01 -73.78
C TYR K 268 -3.92 25.65 -73.03
N ASN K 269 -3.40 26.63 -72.27
CA ASN K 269 -2.14 26.47 -71.54
C ASN K 269 -2.31 26.98 -70.12
N SER K 270 -1.76 26.23 -69.15
CA SER K 270 -1.76 26.65 -67.76
C SER K 270 -0.54 26.00 -67.09
N VAL K 271 0.51 26.78 -66.90
CA VAL K 271 1.78 26.22 -66.43
C VAL K 271 1.62 25.63 -65.03
N GLN K 272 0.99 26.37 -64.13
CA GLN K 272 0.81 25.94 -62.74
C GLN K 272 -0.50 25.17 -62.54
N GLY K 273 -1.24 24.90 -63.60
CA GLY K 273 -2.47 24.14 -63.47
C GLY K 273 -3.60 24.89 -62.81
N HIS K 274 -3.65 26.21 -62.95
CA HIS K 274 -4.73 27.00 -62.39
C HIS K 274 -6.04 26.82 -63.13
N CYS K 275 -6.01 26.39 -64.39
CA CYS K 275 -7.21 26.19 -65.19
C CYS K 275 -7.45 24.70 -65.36
N SER K 276 -8.70 24.27 -65.17
CA SER K 276 -9.11 22.89 -65.33
C SER K 276 -10.23 22.83 -66.36
N TYR K 277 -10.03 22.00 -67.38
CA TYR K 277 -10.96 21.93 -68.51
C TYR K 277 -12.02 20.86 -68.38
N TYR K 278 -13.26 21.20 -68.69
CA TYR K 278 -14.35 20.23 -68.64
C TYR K 278 -15.00 20.27 -70.00
N TYR K 279 -15.50 19.14 -70.47
CA TYR K 279 -16.05 19.10 -71.83
C TYR K 279 -17.54 18.78 -72.03
N PRO K 280 -18.01 17.60 -71.59
CA PRO K 280 -19.43 17.30 -71.91
C PRO K 280 -20.42 18.29 -71.33
N TYR K 281 -21.23 18.89 -72.19
CA TYR K 281 -22.23 19.83 -71.71
C TYR K 281 -23.32 19.05 -71.01
N LEU K 282 -24.03 19.71 -70.13
CA LEU K 282 -25.05 19.03 -69.36
C LEU K 282 -26.43 19.40 -69.83
N ILE K 283 -27.29 18.40 -69.98
CA ILE K 283 -28.65 18.68 -70.44
C ILE K 283 -29.52 18.82 -69.21
N ASN K 284 -30.02 20.04 -68.99
CA ASN K 284 -30.80 20.31 -67.78
C ASN K 284 -32.18 19.66 -67.88
N LEU K 285 -32.99 19.89 -66.85
CA LEU K 285 -34.32 19.30 -66.82
C LEU K 285 -35.22 19.80 -67.94
N ASP K 286 -34.89 20.94 -68.54
CA ASP K 286 -35.66 21.51 -69.65
C ASP K 286 -35.06 21.15 -71.00
N ASP K 287 -34.25 20.09 -71.07
CA ASP K 287 -33.64 19.64 -72.32
C ASP K 287 -32.80 20.73 -72.97
N GLN K 288 -32.15 21.56 -72.15
CA GLN K 288 -31.32 22.66 -72.63
C GLN K 288 -29.86 22.36 -72.30
N GLN K 289 -28.96 22.64 -73.24
CA GLN K 289 -27.55 22.39 -73.04
C GLN K 289 -26.94 23.51 -72.19
N VAL K 290 -26.08 23.12 -71.26
CA VAL K 290 -25.46 24.06 -70.33
C VAL K 290 -24.00 23.68 -70.15
N PRO K 291 -23.06 24.62 -70.14
CA PRO K 291 -21.69 24.29 -69.79
C PRO K 291 -21.62 23.74 -68.38
N PRO K 292 -20.71 22.79 -68.12
CA PRO K 292 -20.71 22.11 -66.81
C PRO K 292 -20.00 22.86 -65.71
N SER K 293 -19.38 24.01 -65.99
CA SER K 293 -18.53 24.67 -64.99
C SER K 293 -19.32 25.04 -63.75
N ALA K 294 -20.53 25.58 -63.91
CA ALA K 294 -21.31 25.99 -62.74
C ALA K 294 -21.65 24.81 -61.85
N ALA K 295 -22.10 23.70 -62.46
CA ALA K 295 -22.43 22.51 -61.69
C ALA K 295 -21.19 21.96 -60.99
N VAL K 296 -20.05 21.95 -61.70
CA VAL K 296 -18.83 21.45 -61.10
C VAL K 296 -18.43 22.31 -59.90
N ALA K 297 -18.53 23.62 -60.04
CA ALA K 297 -18.17 24.51 -58.94
C ALA K 297 -19.09 24.30 -57.73
N GLY K 298 -20.39 24.20 -57.99
CA GLY K 298 -21.31 23.97 -56.88
C GLY K 298 -21.03 22.67 -56.17
N MET K 299 -20.82 21.60 -56.94
CA MET K 299 -20.50 20.31 -56.33
C MET K 299 -19.18 20.38 -55.58
N ALA K 300 -18.22 21.14 -56.10
CA ALA K 300 -16.93 21.28 -55.42
C ALA K 300 -17.10 21.96 -54.06
N LEU K 301 -17.90 23.02 -54.01
CA LEU K 301 -18.13 23.68 -52.72
C LEU K 301 -18.86 22.75 -51.75
N TYR K 302 -19.87 22.04 -52.25
CA TYR K 302 -20.58 21.09 -51.38
C TYR K 302 -19.63 20.02 -50.85
N ARG K 303 -18.74 19.51 -51.71
CA ARG K 303 -17.78 18.51 -51.28
C ARG K 303 -16.79 19.07 -50.28
N PHE K 304 -16.36 20.32 -50.47
CA PHE K 304 -15.47 20.94 -49.49
C PHE K 304 -16.14 21.01 -48.14
N VAL K 305 -17.41 21.39 -48.11
CA VAL K 305 -18.12 21.48 -46.83
C VAL K 305 -18.27 20.09 -46.20
N ILE K 306 -18.68 19.11 -46.99
CA ILE K 306 -19.00 17.79 -46.43
C ILE K 306 -17.72 17.03 -46.06
N ASP K 307 -16.88 16.73 -47.06
CA ASP K 307 -15.73 15.87 -46.86
C ASP K 307 -14.50 16.64 -46.38
N GLY K 308 -14.06 17.62 -47.14
CA GLY K 308 -12.88 18.40 -46.79
C GLY K 308 -12.29 19.07 -48.01
N PHE K 309 -11.50 20.12 -47.75
CA PHE K 309 -10.93 20.92 -48.83
C PHE K 309 -9.86 20.17 -49.61
N ALA K 310 -9.35 19.05 -49.10
CA ALA K 310 -8.33 18.29 -49.79
C ALA K 310 -8.89 17.36 -50.85
N GLU K 311 -10.20 17.17 -50.90
CA GLU K 311 -10.80 16.23 -51.84
C GLU K 311 -11.14 16.93 -53.15
N PRO K 312 -10.86 16.31 -54.29
CA PRO K 312 -11.14 16.96 -55.57
C PRO K 312 -12.61 16.87 -55.94
N PRO K 313 -13.09 17.76 -56.80
CA PRO K 313 -14.50 17.69 -57.24
C PRO K 313 -14.75 16.60 -58.28
N ALA K 314 -14.93 15.38 -57.79
CA ALA K 314 -15.18 14.22 -58.65
C ALA K 314 -15.60 13.06 -57.77
N GLY K 315 -15.92 11.95 -58.42
CA GLY K 315 -16.29 10.72 -57.73
C GLY K 315 -17.75 10.39 -57.88
N VAL K 316 -18.08 9.14 -57.56
CA VAL K 316 -19.45 8.66 -57.68
C VAL K 316 -20.34 9.06 -56.51
N ASN K 317 -19.75 9.44 -55.37
CA ASN K 317 -20.53 9.79 -54.20
C ASN K 317 -20.97 11.24 -54.18
N PHE K 318 -20.65 12.02 -55.21
CA PHE K 318 -21.07 13.41 -55.34
C PHE K 318 -21.59 13.64 -56.75
N PRO K 319 -22.71 13.01 -57.12
CA PRO K 319 -23.26 13.21 -58.46
C PRO K 319 -23.89 14.58 -58.62
N LEU K 320 -23.92 15.05 -59.86
CA LEU K 320 -24.46 16.36 -60.16
C LEU K 320 -25.98 16.35 -60.06
N LYS K 321 -26.55 17.53 -59.83
CA LYS K 321 -27.98 17.71 -59.70
C LYS K 321 -28.46 18.81 -60.63
N GLY K 322 -29.75 18.77 -60.95
CA GLY K 322 -30.31 19.69 -61.91
C GLY K 322 -30.11 19.29 -63.36
N VAL K 323 -29.61 18.08 -63.62
CA VAL K 323 -29.36 17.58 -64.96
C VAL K 323 -30.01 16.22 -65.10
N LYS K 324 -30.16 15.78 -66.35
CA LYS K 324 -30.71 14.47 -66.63
C LYS K 324 -29.89 13.68 -67.65
N ASN K 325 -28.90 14.26 -68.29
CA ASN K 325 -28.06 13.56 -69.25
C ASN K 325 -26.91 14.47 -69.66
N VAL K 326 -26.01 13.92 -70.47
CA VAL K 326 -24.90 14.68 -71.04
C VAL K 326 -25.13 14.82 -72.54
N ALA K 327 -24.54 15.87 -73.11
CA ALA K 327 -24.74 16.14 -74.53
C ALA K 327 -23.99 15.15 -75.40
N TYR K 328 -23.01 14.44 -74.86
CA TYR K 328 -22.21 13.50 -75.63
C TYR K 328 -21.71 12.40 -74.71
N LYS K 329 -21.61 11.18 -75.25
CA LYS K 329 -21.19 10.02 -74.50
C LYS K 329 -19.70 9.80 -74.71
N VAL K 330 -18.91 10.04 -73.67
CA VAL K 330 -17.47 9.82 -73.74
C VAL K 330 -17.20 8.34 -73.53
N THR K 331 -16.59 7.70 -74.52
CA THR K 331 -16.27 6.29 -74.43
C THR K 331 -15.05 6.08 -73.53
N TRP K 332 -14.88 4.83 -73.08
CA TRP K 332 -13.75 4.52 -72.21
C TRP K 332 -12.43 4.78 -72.92
N GLU K 333 -12.32 4.40 -74.20
CA GLU K 333 -11.11 4.67 -74.95
C GLU K 333 -10.87 6.17 -75.10
N GLU K 334 -11.93 6.92 -75.40
CA GLU K 334 -11.80 8.37 -75.53
C GLU K 334 -11.28 8.98 -74.23
N GLN K 335 -11.83 8.54 -73.09
CA GLN K 335 -11.34 9.03 -71.81
C GLN K 335 -9.90 8.61 -71.57
N ASN K 336 -9.57 7.35 -71.88
CA ASN K 336 -8.20 6.86 -71.69
C ASN K 336 -7.20 7.71 -72.46
N VAL K 337 -7.62 8.25 -73.60
CA VAL K 337 -6.74 9.13 -74.36
C VAL K 337 -6.80 10.58 -73.89
N ALA K 338 -7.94 11.02 -73.37
CA ALA K 338 -8.17 12.43 -73.07
C ALA K 338 -7.69 12.84 -71.68
N ASN K 339 -8.00 12.04 -70.67
CA ASN K 339 -7.66 12.42 -69.30
C ASN K 339 -6.19 12.75 -69.12
N PRO K 340 -5.24 11.99 -69.68
CA PRO K 340 -3.82 12.39 -69.57
C PRO K 340 -3.55 13.75 -70.19
N GLU K 341 -4.40 14.23 -71.10
CA GLU K 341 -4.26 15.54 -71.69
C GLU K 341 -5.01 16.62 -70.91
N GLY K 342 -5.52 16.29 -69.72
CA GLY K 342 -6.16 17.27 -68.87
C GLY K 342 -7.62 17.53 -69.18
N VAL K 343 -8.27 16.69 -69.98
CA VAL K 343 -9.68 16.85 -70.30
C VAL K 343 -10.47 16.02 -69.29
N ASN K 344 -11.09 16.71 -68.33
CA ASN K 344 -11.89 16.04 -67.29
C ASN K 344 -13.26 15.74 -67.86
N CYS K 345 -13.61 14.46 -67.92
CA CYS K 345 -14.85 14.02 -68.55
C CYS K 345 -15.99 13.99 -67.53
N ILE K 346 -17.21 14.09 -68.04
CA ILE K 346 -18.43 13.96 -67.23
C ILE K 346 -19.24 12.80 -67.81
N LEU K 347 -19.57 11.83 -66.97
CA LEU K 347 -20.16 10.58 -67.43
C LEU K 347 -21.55 10.39 -66.82
N ASN K 348 -22.44 9.81 -67.61
CA ASN K 348 -23.79 9.46 -67.15
C ASN K 348 -23.74 8.01 -66.68
N LYS K 349 -23.04 7.79 -65.57
CA LYS K 349 -22.88 6.44 -65.03
C LYS K 349 -24.21 5.93 -64.52
N GLU K 350 -24.66 4.80 -65.06
CA GLU K 350 -25.89 4.18 -64.58
C GLU K 350 -25.69 3.66 -63.16
N ASN K 351 -26.72 3.81 -62.33
CA ASN K 351 -26.72 3.46 -60.92
C ASN K 351 -25.91 4.43 -60.07
N TYR K 352 -25.28 5.44 -60.69
CA TYR K 352 -24.58 6.47 -59.94
C TYR K 352 -25.12 7.85 -60.29
N GLY K 353 -25.54 8.03 -61.54
CA GLY K 353 -26.01 9.30 -62.03
C GLY K 353 -25.00 9.99 -62.92
N ILE K 354 -25.06 11.32 -62.90
CA ILE K 354 -24.10 12.14 -63.63
C ILE K 354 -22.95 12.46 -62.69
N VAL K 355 -21.74 12.03 -63.06
CA VAL K 355 -20.58 12.14 -62.19
C VAL K 355 -19.42 12.72 -62.98
N VAL K 356 -18.69 13.63 -62.34
CA VAL K 356 -17.42 14.11 -62.88
C VAL K 356 -16.39 13.01 -62.66
N TRP K 357 -15.74 12.56 -63.73
CA TRP K 357 -14.82 11.44 -63.65
C TRP K 357 -13.42 11.87 -64.06
N GLY K 358 -12.99 13.03 -63.55
CA GLY K 358 -11.66 13.54 -63.84
C GLY K 358 -11.29 14.67 -62.91
N ALA K 359 -10.04 14.71 -62.46
CA ALA K 359 -9.59 15.71 -61.52
C ALA K 359 -8.22 16.26 -61.91
N ARG K 360 -7.93 16.32 -63.21
CA ARG K 360 -6.63 16.77 -63.70
C ARG K 360 -6.72 18.20 -64.20
N THR K 361 -5.61 18.93 -64.07
CA THR K 361 -5.49 20.29 -64.55
C THR K 361 -4.93 20.29 -65.97
N LEU K 362 -4.57 21.47 -66.47
CA LEU K 362 -3.96 21.63 -67.78
C LEU K 362 -2.46 21.89 -67.69
N SER K 363 -1.81 21.36 -66.67
CA SER K 363 -0.40 21.59 -66.43
C SER K 363 0.43 20.40 -66.88
N ALA K 364 1.61 20.68 -67.45
CA ALA K 364 2.56 19.65 -67.80
C ALA K 364 3.52 19.32 -66.66
N ASP K 365 3.49 20.08 -65.58
CA ASP K 365 4.34 19.81 -64.43
C ASP K 365 3.81 18.61 -63.67
N PRO K 366 4.58 17.54 -63.50
CA PRO K 366 4.03 16.35 -62.82
C PRO K 366 3.62 16.60 -61.37
N ASN K 367 4.20 17.60 -60.70
CA ASN K 367 3.92 17.84 -59.29
C ASN K 367 2.56 18.47 -59.06
N ILE K 368 1.98 19.13 -60.06
CA ILE K 368 0.72 19.84 -59.89
C ILE K 368 -0.31 19.27 -60.86
N VAL K 369 -0.21 17.96 -61.12
CA VAL K 369 -1.08 17.33 -62.12
C VAL K 369 -2.55 17.45 -61.72
N PHE K 370 -2.85 17.17 -60.45
CA PHE K 370 -4.23 17.08 -60.00
C PHE K 370 -4.72 18.42 -59.47
N ILE K 371 -6.01 18.68 -59.68
CA ILE K 371 -6.61 19.93 -59.22
C ILE K 371 -6.65 20.01 -57.71
N SER K 372 -6.61 18.87 -57.01
CA SER K 372 -6.58 18.90 -55.56
C SER K 372 -5.32 19.61 -55.05
N THR K 373 -4.17 19.33 -55.67
CA THR K 373 -2.94 20.02 -55.30
C THR K 373 -3.05 21.51 -55.55
N ARG K 374 -3.62 21.89 -56.71
CA ARG K 374 -3.80 23.30 -57.02
C ARG K 374 -4.65 23.99 -55.96
N ILE K 375 -5.77 23.36 -55.59
CA ILE K 375 -6.67 23.95 -54.61
C ILE K 375 -5.99 24.05 -53.24
N ILE K 376 -5.22 23.02 -52.87
CA ILE K 376 -4.53 23.05 -51.58
C ILE K 376 -3.53 24.20 -51.53
N LEU K 377 -2.74 24.35 -52.60
CA LEU K 377 -1.77 25.44 -52.64
C LEU K 377 -2.45 26.80 -52.60
N ASN K 378 -3.56 26.95 -53.35
CA ASN K 378 -4.30 28.20 -53.32
C ASN K 378 -4.83 28.49 -51.92
N ILE K 379 -5.35 27.46 -51.24
CA ILE K 379 -5.87 27.65 -49.90
C ILE K 379 -4.76 28.10 -48.96
N VAL K 380 -3.59 27.46 -49.05
CA VAL K 380 -2.48 27.84 -48.18
C VAL K 380 -2.10 29.30 -48.41
N ILE K 381 -1.94 29.68 -49.69
CA ILE K 381 -1.50 31.03 -50.01
C ILE K 381 -2.52 32.05 -49.52
N ASN K 382 -3.81 31.79 -49.77
CA ASN K 382 -4.84 32.76 -49.40
C ASN K 382 -4.97 32.87 -47.90
N THR K 383 -4.88 31.74 -47.18
CA THR K 383 -4.92 31.78 -45.73
C THR K 383 -3.78 32.62 -45.18
N LEU K 384 -2.57 32.42 -45.70
CA LEU K 384 -1.45 33.22 -45.22
C LEU K 384 -1.63 34.69 -45.54
N ASN K 385 -2.13 35.00 -46.74
CA ASN K 385 -2.35 36.40 -47.12
C ASN K 385 -3.33 37.07 -46.18
N ARG K 386 -4.48 36.42 -45.94
CA ARG K 386 -5.49 37.02 -45.08
C ARG K 386 -5.05 37.04 -43.62
N GLY K 387 -4.12 36.18 -43.22
CA GLY K 387 -3.54 36.27 -41.90
C GLY K 387 -2.62 37.47 -41.77
N TYR K 388 -1.76 37.69 -42.77
CA TYR K 388 -0.80 38.79 -42.72
C TYR K 388 -1.44 40.14 -43.01
N ASP K 389 -2.67 40.16 -43.51
CA ASP K 389 -3.39 41.43 -43.66
C ASP K 389 -3.41 42.21 -42.35
N PHE K 390 -3.50 41.49 -41.21
CA PHE K 390 -3.44 42.16 -39.92
C PHE K 390 -2.06 42.69 -39.60
N ASP K 391 -1.00 42.03 -40.08
CA ASP K 391 0.37 42.41 -39.76
C ASP K 391 0.93 43.47 -40.70
N ILE K 392 0.23 43.79 -41.77
CA ILE K 392 0.69 44.86 -42.67
C ILE K 392 0.46 46.22 -42.01
N PHE K 393 1.35 47.16 -42.33
CA PHE K 393 1.34 48.52 -41.78
C PHE K 393 1.69 48.58 -40.30
N ASN K 394 2.49 47.62 -39.81
CA ASN K 394 2.94 47.63 -38.43
C ASN K 394 4.39 48.07 -38.35
N SER K 395 4.70 48.85 -37.32
CA SER K 395 6.05 49.39 -37.16
C SER K 395 7.04 48.29 -36.83
N VAL K 396 8.23 48.38 -37.43
CA VAL K 396 9.35 47.51 -37.11
C VAL K 396 10.25 48.31 -36.16
N GLY K 397 10.02 48.16 -34.87
CA GLY K 397 10.71 48.94 -33.87
C GLY K 397 12.14 48.50 -33.68
N GLY K 398 12.69 48.87 -32.53
CA GLY K 398 14.07 48.53 -32.20
C GLY K 398 14.28 47.07 -31.84
N THR K 399 13.22 46.37 -31.45
CA THR K 399 13.34 44.95 -31.12
C THR K 399 13.20 44.05 -32.34
N ALA K 400 12.54 44.52 -33.40
CA ALA K 400 12.24 43.68 -34.56
C ALA K 400 11.48 42.42 -34.18
N THR K 401 10.84 42.43 -33.01
CA THR K 401 10.09 41.26 -32.56
C THR K 401 8.89 40.96 -33.44
N VAL K 402 8.48 41.92 -34.28
CA VAL K 402 7.33 41.69 -35.15
C VAL K 402 7.65 40.59 -36.15
N LEU K 403 8.92 40.42 -36.51
CA LEU K 403 9.29 39.34 -37.43
C LEU K 403 9.13 37.97 -36.78
N ASP K 404 9.62 37.83 -35.54
CA ASP K 404 9.37 36.60 -34.79
C ASP K 404 7.87 36.36 -34.64
N ASN K 405 7.12 37.42 -34.36
CA ASN K 405 5.67 37.27 -34.21
C ASN K 405 5.03 36.79 -35.50
N ILE K 406 5.49 37.33 -36.63
CA ILE K 406 4.93 36.93 -37.93
C ILE K 406 5.25 35.47 -38.22
N GLN K 407 6.47 35.03 -37.89
CA GLN K 407 6.81 33.62 -38.09
C GLN K 407 5.97 32.71 -37.20
N ARG K 408 5.75 33.11 -35.95
CA ARG K 408 4.91 32.32 -35.05
C ARG K 408 3.47 32.26 -35.57
N LYS K 409 2.98 33.38 -36.10
CA LYS K 409 1.65 33.40 -36.69
C LYS K 409 1.56 32.46 -37.89
N THR K 410 2.61 32.44 -38.72
CA THR K 410 2.64 31.49 -39.82
C THR K 410 2.59 30.06 -39.32
N ASN K 411 3.34 29.77 -38.26
CA ASN K 411 3.30 28.43 -37.68
C ASN K 411 1.88 28.06 -37.23
N THR K 412 1.19 29.00 -36.56
CA THR K 412 -0.16 28.72 -36.10
C THR K 412 -1.11 28.46 -37.27
N LEU K 413 -1.03 29.31 -38.30
CA LEU K 413 -1.92 29.15 -39.45
C LEU K 413 -1.67 27.82 -40.16
N LEU K 414 -0.40 27.48 -40.37
CA LEU K 414 -0.09 26.22 -41.04
C LEU K 414 -0.47 25.02 -40.18
N THR K 415 -0.38 25.14 -38.85
CA THR K 415 -0.86 24.07 -37.99
C THR K 415 -2.36 23.89 -38.11
N THR K 416 -3.10 24.99 -38.20
CA THR K 416 -4.54 24.88 -38.39
C THR K 416 -4.86 24.17 -39.71
N LEU K 417 -4.17 24.55 -40.78
CA LEU K 417 -4.39 23.89 -42.07
C LEU K 417 -4.01 22.42 -42.01
N TYR K 418 -2.90 22.10 -41.34
CA TYR K 418 -2.49 20.70 -41.20
C TYR K 418 -3.56 19.90 -40.47
N GLN K 419 -4.11 20.47 -39.40
CA GLN K 419 -5.19 19.80 -38.69
C GLN K 419 -6.40 19.60 -39.60
N ALA K 420 -6.71 20.61 -40.42
CA ALA K 420 -7.76 20.43 -41.42
C ALA K 420 -7.45 19.24 -42.33
N GLY K 421 -6.18 19.01 -42.62
CA GLY K 421 -5.76 17.84 -43.35
C GLY K 421 -5.35 18.06 -44.78
N LEU K 422 -4.69 19.17 -45.08
CA LEU K 422 -4.33 19.52 -46.45
C LEU K 422 -2.93 19.06 -46.84
N PHE K 423 -2.22 18.37 -45.97
CA PHE K 423 -0.83 18.00 -46.18
C PHE K 423 -0.66 16.49 -46.10
N TYR K 424 0.55 16.03 -46.42
CA TYR K 424 0.89 14.61 -46.40
C TYR K 424 1.96 14.38 -45.36
N GLY K 425 1.56 13.93 -44.18
CA GLY K 425 2.48 13.53 -43.14
C GLY K 425 1.78 13.25 -41.82
N GLN K 426 2.45 12.53 -40.93
CA GLN K 426 1.88 12.27 -39.61
C GLN K 426 2.21 13.39 -38.63
N THR K 427 3.05 14.34 -39.04
CA THR K 427 3.46 15.43 -38.17
C THR K 427 3.72 16.68 -39.01
N THR K 428 3.61 17.83 -38.35
CA THR K 428 3.92 19.10 -39.02
C THR K 428 5.34 19.11 -39.57
N SER K 429 6.26 18.42 -38.90
CA SER K 429 7.64 18.36 -39.37
C SER K 429 7.77 17.61 -40.68
N GLU K 430 6.74 16.87 -41.07
CA GLU K 430 6.65 16.28 -42.40
C GLU K 430 5.75 17.10 -43.32
N ALA K 431 4.76 17.79 -42.77
CA ALA K 431 3.80 18.57 -43.55
C ALA K 431 4.38 19.84 -44.13
N PHE K 432 5.14 20.62 -43.35
CA PHE K 432 5.56 21.94 -43.82
C PHE K 432 6.77 22.42 -43.02
N SER K 433 7.33 23.52 -43.50
CA SER K 433 8.39 24.24 -42.79
C SER K 433 8.34 25.70 -43.19
N VAL K 434 8.82 26.57 -42.29
CA VAL K 434 8.71 28.01 -42.43
C VAL K 434 10.06 28.65 -42.22
N LEU K 435 10.25 29.84 -42.80
CA LEU K 435 11.43 30.65 -42.55
C LEU K 435 11.06 32.09 -42.84
N GLY K 436 10.90 32.89 -41.78
CA GLY K 436 10.54 34.28 -41.95
C GLY K 436 11.14 35.21 -40.90
N ASP K 437 12.10 34.70 -40.13
CA ASP K 437 12.68 35.48 -39.04
C ASP K 437 13.60 36.57 -39.59
N ALA K 438 14.23 37.31 -38.68
CA ALA K 438 15.07 38.44 -39.05
C ALA K 438 16.33 38.02 -39.78
N SER K 439 16.66 36.73 -39.80
CA SER K 439 17.89 36.27 -40.44
C SER K 439 17.83 36.37 -41.96
N VAL K 440 16.64 36.54 -42.53
CA VAL K 440 16.48 36.60 -43.98
C VAL K 440 15.85 37.94 -44.37
N GLN K 441 16.11 38.98 -43.58
CA GLN K 441 15.60 40.32 -43.85
C GLN K 441 16.77 41.23 -44.16
N VAL K 442 16.61 42.05 -45.19
CA VAL K 442 17.67 42.96 -45.66
C VAL K 442 17.32 44.36 -45.18
N PRO K 443 18.25 45.10 -44.55
CA PRO K 443 17.90 46.42 -44.05
C PRO K 443 17.35 47.36 -45.11
N SER K 444 17.89 47.33 -46.33
CA SER K 444 17.35 48.17 -47.39
C SER K 444 15.92 47.79 -47.74
N LEU K 445 15.66 46.48 -47.84
CA LEU K 445 14.30 46.04 -48.12
C LEU K 445 13.36 46.39 -46.97
N LEU K 446 13.84 46.33 -45.73
CA LEU K 446 13.03 46.79 -44.61
C LEU K 446 12.72 48.28 -44.71
N GLN K 447 13.71 49.08 -45.12
CA GLN K 447 13.47 50.51 -45.32
C GLN K 447 12.40 50.73 -46.38
N GLN K 448 12.45 49.95 -47.47
CA GLN K 448 11.43 50.02 -48.49
C GLN K 448 10.10 49.41 -48.06
N GLY K 449 10.09 48.69 -46.94
CA GLY K 449 8.87 48.05 -46.46
C GLY K 449 8.67 46.64 -46.93
N LEU K 450 9.70 45.97 -47.42
CA LEU K 450 9.60 44.60 -47.92
C LEU K 450 9.99 43.62 -46.84
N VAL K 451 9.17 42.58 -46.65
CA VAL K 451 9.46 41.49 -45.74
C VAL K 451 9.29 40.18 -46.50
N ASN K 452 10.26 39.30 -46.37
CA ASN K 452 10.31 38.06 -47.14
C ASN K 452 10.01 36.88 -46.23
N MET K 453 9.10 36.02 -46.68
CA MET K 453 8.78 34.75 -46.03
C MET K 453 8.97 33.61 -47.02
N PHE K 454 9.43 32.47 -46.50
CA PHE K 454 9.65 31.27 -47.28
C PHE K 454 8.90 30.12 -46.62
N ILE K 455 8.15 29.37 -47.42
CA ILE K 455 7.32 28.28 -46.92
C ILE K 455 7.50 27.06 -47.82
N TRP K 456 7.63 25.89 -47.20
CA TRP K 456 7.65 24.63 -47.91
C TRP K 456 6.50 23.78 -47.41
N VAL K 457 5.73 23.20 -48.34
CA VAL K 457 4.59 22.37 -47.99
C VAL K 457 4.61 21.10 -48.84
N VAL K 458 3.98 20.06 -48.30
CA VAL K 458 3.86 18.78 -48.99
C VAL K 458 2.37 18.46 -49.09
N PRO K 459 1.69 18.84 -50.17
CA PRO K 459 0.24 18.64 -50.24
C PRO K 459 -0.12 17.16 -50.31
N SER K 460 -1.34 16.87 -49.88
CA SER K 460 -1.88 15.52 -50.02
C SER K 460 -2.16 15.23 -51.49
N THR K 461 -2.26 13.94 -51.79
CA THR K 461 -2.61 13.46 -53.12
C THR K 461 -3.95 12.71 -53.04
N ILE K 462 -4.35 12.14 -54.18
CA ILE K 462 -5.63 11.48 -54.30
C ILE K 462 -5.41 10.09 -54.90
N ILE K 463 -6.47 9.29 -54.86
CA ILE K 463 -6.48 7.98 -55.49
C ILE K 463 -7.17 8.12 -56.83
N GLU K 464 -6.43 7.87 -57.91
CA GLU K 464 -6.96 7.99 -59.27
C GLU K 464 -7.23 6.62 -59.90
N ARG K 465 -6.23 5.76 -59.95
CA ARG K 465 -6.37 4.43 -60.54
C ARG K 465 -6.02 3.38 -59.49
N LEU K 466 -6.93 2.44 -59.29
CA LEU K 466 -6.74 1.36 -58.32
C LEU K 466 -6.61 0.04 -59.07
N ILE K 467 -5.46 -0.60 -58.94
CA ILE K 467 -5.16 -1.83 -59.67
C ILE K 467 -5.34 -3.01 -58.73
N ILE K 468 -6.13 -3.99 -59.17
CA ILE K 468 -6.38 -5.21 -58.40
C ILE K 468 -5.65 -6.35 -59.11
N ASN K 469 -4.63 -6.89 -58.45
CA ASN K 469 -3.87 -8.02 -58.97
C ASN K 469 -4.32 -9.26 -58.21
N ILE K 470 -4.97 -10.17 -58.92
CA ILE K 470 -5.64 -11.32 -58.32
C ILE K 470 -4.98 -12.61 -58.81
N LYS K 471 -4.78 -13.54 -57.90
CA LYS K 471 -4.25 -14.86 -58.22
C LYS K 471 -5.26 -15.93 -57.84
N GLN K 472 -5.51 -16.86 -58.76
CA GLN K 472 -6.44 -17.97 -58.54
C GLN K 472 -5.75 -19.22 -58.03
N THR K 473 -5.58 -19.30 -56.72
CA THR K 473 -4.88 -20.42 -56.10
C THR K 473 -5.63 -21.75 -56.19
N ALA K 474 -4.86 -22.83 -56.26
CA ALA K 474 -5.41 -24.17 -56.28
C ALA K 474 -5.95 -24.54 -54.89
N ILE K 475 -6.54 -25.73 -54.81
CA ILE K 475 -7.13 -26.18 -53.56
C ILE K 475 -6.05 -26.42 -52.53
N GLY K 476 -6.14 -25.70 -51.40
CA GLY K 476 -5.24 -25.90 -50.28
C GLY K 476 -3.90 -25.20 -50.38
N ASP K 477 -3.56 -24.65 -51.54
CA ASP K 477 -2.28 -23.98 -51.75
C ASP K 477 -2.27 -22.54 -51.24
N LEU K 478 -3.39 -22.08 -50.69
CA LEU K 478 -3.54 -20.67 -50.37
C LEU K 478 -2.43 -20.18 -49.45
N GLU K 479 -2.18 -20.89 -48.36
CA GLU K 479 -1.26 -20.38 -47.34
C GLU K 479 0.17 -20.29 -47.87
N ALA K 480 0.67 -21.36 -48.47
CA ALA K 480 2.04 -21.34 -49.00
C ALA K 480 2.18 -20.33 -50.13
N THR K 481 1.21 -20.30 -51.03
CA THR K 481 1.26 -19.36 -52.15
C THR K 481 1.28 -17.92 -51.63
N VAL K 482 0.42 -17.61 -50.66
CA VAL K 482 0.37 -16.26 -50.11
C VAL K 482 1.68 -15.92 -49.43
N ALA K 483 2.22 -16.85 -48.64
CA ALA K 483 3.49 -16.58 -47.97
C ALA K 483 4.58 -16.24 -48.97
N LEU K 484 4.76 -17.08 -49.99
CA LEU K 484 5.83 -16.86 -50.95
C LEU K 484 5.63 -15.55 -51.70
N ASP K 485 4.42 -15.34 -52.24
CA ASP K 485 4.17 -14.16 -53.06
C ASP K 485 4.30 -12.88 -52.23
N THR K 486 3.77 -12.90 -51.00
CA THR K 486 3.86 -11.72 -50.14
C THR K 486 5.30 -11.42 -49.77
N ALA K 487 6.10 -12.45 -49.48
CA ALA K 487 7.51 -12.22 -49.21
C ALA K 487 8.18 -11.57 -50.42
N ALA K 488 7.91 -12.09 -51.62
CA ALA K 488 8.51 -11.52 -52.82
C ALA K 488 8.11 -10.06 -52.99
N LEU K 489 6.82 -9.76 -52.86
CA LEU K 489 6.34 -8.40 -53.07
C LEU K 489 6.92 -7.44 -52.04
N GLN K 490 6.91 -7.83 -50.77
CA GLN K 490 7.46 -6.97 -49.72
C GLN K 490 8.94 -6.71 -49.95
N SER K 491 9.70 -7.76 -50.28
CA SER K 491 11.12 -7.57 -50.53
C SER K 491 11.35 -6.64 -51.71
N SER K 492 10.58 -6.81 -52.79
CA SER K 492 10.74 -5.94 -53.95
C SER K 492 10.45 -4.49 -53.58
N VAL K 493 9.37 -4.25 -52.83
CA VAL K 493 9.03 -2.87 -52.46
C VAL K 493 10.11 -2.27 -51.58
N GLU K 494 10.59 -3.03 -50.59
CA GLU K 494 11.61 -2.50 -49.70
C GLU K 494 12.90 -2.19 -50.45
N GLU K 495 13.31 -3.08 -51.36
CA GLU K 495 14.52 -2.82 -52.13
C GLU K 495 14.34 -1.60 -53.02
N GLY K 496 13.15 -1.45 -53.60
CA GLY K 496 12.89 -0.40 -54.57
C GLY K 496 12.89 -0.86 -56.01
N THR K 497 13.11 -2.15 -56.26
CA THR K 497 13.05 -2.69 -57.62
C THR K 497 11.63 -2.88 -58.11
N ALA K 498 10.63 -2.71 -57.25
CA ALA K 498 9.24 -2.90 -57.66
C ALA K 498 8.89 -2.01 -58.85
N THR K 499 9.20 -0.72 -58.75
CA THR K 499 8.94 0.18 -59.87
C THR K 499 9.94 -0.03 -61.00
N GLU K 500 11.21 -0.25 -60.66
CA GLU K 500 12.24 -0.39 -61.67
C GLU K 500 11.92 -1.59 -62.56
N GLY K 501 12.14 -1.41 -63.86
CA GLY K 501 11.81 -2.43 -64.83
C GLY K 501 11.09 -1.81 -66.01
N THR K 502 10.50 -2.67 -66.82
CA THR K 502 9.73 -2.22 -67.97
C THR K 502 8.29 -1.96 -67.57
N ALA K 503 7.77 -0.80 -67.96
CA ALA K 503 6.37 -0.48 -67.74
C ALA K 503 5.43 -1.05 -68.80
N PRO K 504 4.70 -2.12 -68.51
CA PRO K 504 3.93 -2.79 -69.57
C PRO K 504 2.75 -1.96 -70.01
N VAL K 505 2.79 -1.54 -71.27
CA VAL K 505 1.70 -0.79 -71.88
C VAL K 505 0.49 -1.70 -71.99
N MET L 1 -44.17 38.70 21.79
CA MET L 1 -45.20 38.02 21.04
C MET L 1 -45.84 36.91 21.86
N THR L 2 -47.03 36.48 21.45
CA THR L 2 -47.75 35.44 22.17
C THR L 2 -47.08 34.09 21.97
N ASN L 3 -47.61 33.07 22.66
CA ASN L 3 -47.20 31.67 22.61
C ASN L 3 -45.94 31.41 23.43
N PHE L 4 -45.33 32.42 24.05
CA PHE L 4 -44.18 32.23 24.92
C PHE L 4 -44.35 32.81 26.31
N LEU L 5 -45.33 33.66 26.54
CA LEU L 5 -45.50 34.36 27.81
C LEU L 5 -46.67 33.85 28.63
N ASN L 6 -47.23 32.68 28.27
CA ASN L 6 -48.37 32.16 29.01
C ASN L 6 -48.00 31.85 30.45
N GLY L 7 -46.85 31.24 30.67
CA GLY L 7 -46.42 30.83 32.00
C GLY L 7 -45.73 31.90 32.82
N VAL L 8 -45.57 33.11 32.30
CA VAL L 8 -44.86 34.13 33.05
C VAL L 8 -45.59 34.47 34.34
N ASN L 9 -46.90 34.65 34.28
CA ASN L 9 -47.70 34.97 35.46
C ASN L 9 -48.27 33.72 36.13
N ILE L 10 -47.38 32.78 36.44
CA ILE L 10 -47.78 31.60 37.21
C ILE L 10 -46.65 31.50 38.22
N GLY L 11 -46.97 31.38 39.50
CA GLY L 11 -45.95 31.31 40.52
C GLY L 11 -45.74 29.87 40.90
N THR L 12 -46.77 29.06 40.76
CA THR L 12 -46.67 27.63 41.05
C THR L 12 -45.60 26.99 40.15
N PRO L 13 -44.95 25.92 40.64
CA PRO L 13 -43.99 25.25 39.78
C PRO L 13 -44.42 23.91 39.18
N GLY L 14 -45.43 23.89 38.33
CA GLY L 14 -45.91 22.64 37.78
C GLY L 14 -45.90 22.56 36.26
N ALA L 15 -46.59 21.58 35.70
CA ALA L 15 -46.68 21.45 34.25
C ALA L 15 -48.12 21.64 33.80
N TYR L 16 -48.38 22.65 32.97
CA TYR L 16 -49.74 22.96 32.54
C TYR L 16 -49.75 23.35 31.07
N ALA L 17 -50.93 23.29 30.48
CA ALA L 17 -51.13 23.41 29.04
C ALA L 17 -51.97 24.59 28.60
N PHE L 18 -51.53 25.24 27.53
CA PHE L 18 -52.31 26.28 26.85
C PHE L 18 -52.43 25.91 25.39
N TYR L 19 -53.35 26.56 24.70
CA TYR L 19 -53.63 26.23 23.31
C TYR L 19 -52.90 27.18 22.38
N GLN L 20 -52.10 26.60 21.48
CA GLN L 20 -51.18 27.34 20.62
C GLN L 20 -51.99 28.24 19.69
N THR L 21 -51.84 29.54 19.84
CA THR L 21 -52.48 30.52 18.98
C THR L 21 -51.51 30.99 17.91
N THR L 22 -52.05 31.67 16.88
CA THR L 22 -51.22 32.15 15.80
C THR L 22 -50.16 33.10 16.34
N GLN L 23 -48.92 32.92 15.88
CA GLN L 23 -47.64 33.56 16.11
C GLN L 23 -47.24 34.37 14.88
N SER L 24 -47.16 35.69 15.05
CA SER L 24 -46.72 36.57 13.98
C SER L 24 -45.22 36.52 13.70
N ARG L 25 -44.89 36.39 12.41
CA ARG L 25 -43.50 36.34 12.00
C ARG L 25 -43.01 37.76 11.75
N PRO L 26 -42.06 38.27 12.53
CA PRO L 26 -41.59 39.65 12.29
C PRO L 26 -40.94 39.80 10.93
N ILE L 27 -41.07 40.99 10.37
CA ILE L 27 -40.43 41.32 9.09
C ILE L 27 -39.10 41.98 9.39
N ASN L 28 -38.01 41.37 8.91
CA ASN L 28 -36.69 41.94 9.11
C ASN L 28 -36.56 43.24 8.32
N VAL L 29 -35.64 44.09 8.77
CA VAL L 29 -35.40 45.38 8.12
C VAL L 29 -34.55 45.11 6.89
N GLU L 30 -35.18 45.17 5.71
CA GLU L 30 -34.53 44.92 4.44
C GLU L 30 -34.93 46.03 3.47
N PRO L 31 -34.13 46.25 2.42
CA PRO L 31 -34.32 47.47 1.61
C PRO L 31 -35.73 47.64 1.05
N PHE L 32 -36.36 46.58 0.55
CA PHE L 32 -37.52 46.73 -0.31
C PHE L 32 -38.65 45.76 0.05
N ARG L 33 -39.03 45.71 1.32
CA ARG L 33 -40.22 44.96 1.73
C ARG L 33 -41.13 45.83 2.59
N THR L 34 -41.44 47.02 2.11
CA THR L 34 -42.40 47.90 2.76
C THR L 34 -43.19 48.67 1.70
N CYS L 35 -44.37 49.12 2.08
CA CYS L 35 -45.23 49.94 1.24
C CYS L 35 -45.64 51.18 2.03
N TYR L 36 -45.76 52.30 1.32
CA TYR L 36 -46.15 53.57 1.91
C TYR L 36 -47.40 54.07 1.21
N MET L 37 -48.52 54.04 1.90
CA MET L 37 -49.80 54.51 1.38
C MET L 37 -50.05 55.93 1.85
N VAL L 38 -50.17 56.86 0.91
CA VAL L 38 -50.52 58.24 1.20
C VAL L 38 -52.04 58.35 1.13
N GLY L 39 -52.67 58.73 2.24
CA GLY L 39 -54.10 58.80 2.30
C GLY L 39 -54.59 59.97 3.12
N PHE L 40 -55.89 60.01 3.40
CA PHE L 40 -56.44 61.06 4.24
C PHE L 40 -57.48 60.46 5.15
N ALA L 41 -57.35 60.68 6.44
CA ALA L 41 -58.36 60.20 7.36
C ALA L 41 -59.08 61.38 7.97
N SER L 42 -60.33 61.17 8.36
CA SER L 42 -61.13 62.23 8.96
C SER L 42 -60.41 62.96 10.08
N ASN L 43 -59.90 62.21 11.05
CA ASN L 43 -59.22 62.81 12.19
C ASN L 43 -57.93 63.54 11.81
N GLY L 44 -57.05 62.87 11.08
CA GLY L 44 -55.77 63.47 10.76
C GLY L 44 -54.88 63.46 11.98
N VAL L 45 -54.79 62.31 12.64
CA VAL L 45 -53.99 62.20 13.86
C VAL L 45 -52.50 62.25 13.57
N ASN L 46 -51.97 61.19 12.95
CA ASN L 46 -50.56 61.14 12.60
C ASN L 46 -50.34 61.91 11.30
N LYS L 47 -50.79 63.16 11.27
CA LYS L 47 -50.71 63.97 10.06
C LYS L 47 -49.26 64.10 9.60
N ASN L 48 -49.00 63.77 8.34
CA ASN L 48 -47.67 63.88 7.76
C ASN L 48 -46.63 63.15 8.62
N VAL L 49 -47.02 62.00 9.16
CA VAL L 49 -46.11 61.17 9.94
C VAL L 49 -46.32 59.72 9.52
N PRO L 50 -45.40 59.12 8.74
CA PRO L 50 -45.59 57.71 8.35
C PRO L 50 -45.72 56.81 9.56
N THR L 51 -46.90 56.22 9.76
CA THR L 51 -47.17 55.38 10.90
C THR L 51 -47.41 53.96 10.43
N ARG L 52 -46.71 53.00 11.05
CA ARG L 52 -46.88 51.60 10.67
C ARG L 52 -48.27 51.10 11.08
N ILE L 53 -48.90 50.37 10.17
CA ILE L 53 -50.20 49.75 10.40
C ILE L 53 -49.99 48.27 10.55
N SER L 54 -50.51 47.70 11.64
CA SER L 54 -50.35 46.28 11.91
C SER L 54 -51.42 45.43 11.21
N ASN L 55 -52.59 45.99 10.97
CA ASN L 55 -53.67 45.25 10.32
C ASN L 55 -54.82 46.23 10.04
N LEU L 56 -55.84 45.73 9.34
CA LEU L 56 -56.99 46.58 9.01
C LEU L 56 -57.71 47.05 10.27
N THR L 57 -57.80 46.18 11.29
CA THR L 57 -58.41 46.58 12.55
C THR L 57 -57.66 47.75 13.19
N ASP L 58 -56.33 47.66 13.21
CA ASP L 58 -55.53 48.76 13.76
C ASP L 58 -55.72 50.03 12.94
N PHE L 59 -55.74 49.91 11.60
CA PHE L 59 -55.96 51.09 10.77
C PHE L 59 -57.29 51.75 11.09
N THR L 60 -58.36 50.96 11.16
CA THR L 60 -59.68 51.52 11.44
C THR L 60 -59.71 52.14 12.83
N ASN L 61 -59.09 51.48 13.82
CA ASN L 61 -59.10 52.01 15.17
C ASN L 61 -58.38 53.34 15.26
N VAL L 62 -57.24 53.47 14.56
CA VAL L 62 -56.44 54.67 14.68
C VAL L 62 -57.02 55.80 13.85
N TYR L 63 -57.24 55.56 12.56
CA TYR L 63 -57.69 56.60 11.63
C TYR L 63 -59.20 56.61 11.40
N GLY L 64 -59.93 55.68 11.98
CA GLY L 64 -61.38 55.69 11.83
C GLY L 64 -61.77 55.56 10.36
N THR L 65 -62.55 56.52 9.87
CA THR L 65 -63.03 56.47 8.50
C THR L 65 -62.02 57.05 7.54
N SER L 66 -61.88 56.41 6.38
CA SER L 66 -60.98 56.87 5.33
C SER L 66 -61.26 56.08 4.07
N ALA L 67 -61.12 56.75 2.92
CA ALA L 67 -61.34 56.09 1.64
C ALA L 67 -60.29 55.02 1.32
N SER L 68 -59.21 54.97 2.09
CA SER L 68 -58.13 54.01 1.87
C SER L 68 -58.34 52.71 2.61
N THR L 69 -59.49 52.53 3.28
CA THR L 69 -59.71 51.31 4.04
C THR L 69 -59.72 50.08 3.14
N ASN L 70 -60.38 50.17 1.99
CA ASN L 70 -60.42 49.03 1.06
C ASN L 70 -59.03 48.71 0.54
N SER L 71 -58.24 49.75 0.23
CA SER L 71 -56.89 49.53 -0.24
C SER L 71 -56.03 48.85 0.83
N VAL L 72 -56.19 49.28 2.09
CA VAL L 72 -55.45 48.65 3.18
C VAL L 72 -55.84 47.19 3.32
N ASP L 73 -57.14 46.91 3.24
CA ASP L 73 -57.61 45.53 3.34
C ASP L 73 -57.03 44.68 2.22
N LEU L 74 -57.03 45.21 0.99
CA LEU L 74 -56.44 44.46 -0.12
C LEU L 74 -54.95 44.23 0.09
N PHE L 75 -54.24 45.26 0.57
CA PHE L 75 -52.81 45.11 0.80
C PHE L 75 -52.53 43.99 1.78
N PHE L 76 -53.26 43.98 2.91
CA PHE L 76 -53.00 42.95 3.90
C PHE L 76 -53.43 41.57 3.42
N LYS L 77 -54.54 41.48 2.69
CA LYS L 77 -54.97 40.20 2.14
C LYS L 77 -53.93 39.62 1.20
N ASN L 78 -53.33 40.47 0.36
CA ASN L 78 -52.36 40.00 -0.61
C ASN L 78 -50.97 39.80 -0.03
N SER L 79 -50.62 40.52 1.04
CA SER L 79 -49.32 40.35 1.67
C SER L 79 -49.29 39.15 2.62
N GLN L 80 -50.44 38.79 3.20
CA GLN L 80 -50.54 37.61 4.06
C GLN L 80 -49.59 37.72 5.25
N GLY L 81 -49.44 38.93 5.78
CA GLY L 81 -48.61 39.17 6.94
C GLY L 81 -47.17 39.51 6.64
N PHE L 82 -46.69 39.23 5.43
CA PHE L 82 -45.35 39.65 5.05
C PHE L 82 -45.36 41.14 4.67
N GLY L 83 -44.18 41.75 4.78
CA GLY L 83 -44.05 43.15 4.43
C GLY L 83 -44.76 44.07 5.40
N ASN L 84 -44.40 45.34 5.40
CA ASN L 84 -44.97 46.34 6.30
C ASN L 84 -45.74 47.37 5.49
N LEU L 85 -46.75 47.96 6.11
CA LEU L 85 -47.51 49.06 5.53
C LEU L 85 -47.38 50.27 6.43
N TYR L 86 -47.05 51.41 5.84
CA TYR L 86 -46.98 52.68 6.54
C TYR L 86 -47.99 53.64 5.93
N PHE L 87 -48.92 54.13 6.75
CA PHE L 87 -49.91 55.09 6.32
C PHE L 87 -49.41 56.50 6.61
N VAL L 88 -49.53 57.37 5.62
CA VAL L 88 -49.11 58.75 5.80
C VAL L 88 -50.35 59.61 5.62
N ASN L 89 -50.83 60.21 6.70
CA ASN L 89 -52.00 61.07 6.61
C ASN L 89 -51.64 62.37 5.93
N VAL L 90 -52.58 62.95 5.20
CA VAL L 90 -52.33 64.23 4.56
C VAL L 90 -52.87 65.32 5.47
N ALA L 91 -52.01 66.25 5.86
CA ALA L 91 -52.42 67.32 6.74
C ALA L 91 -52.97 68.49 5.97
N ILE L 92 -54.03 69.08 6.49
CA ILE L 92 -54.59 70.26 5.85
C ILE L 92 -54.01 71.50 6.59
N PRO L 93 -53.40 72.51 5.86
CA PRO L 93 -52.86 73.61 6.66
C PRO L 93 -53.97 74.38 7.35
N THR L 94 -53.75 74.69 8.62
CA THR L 94 -54.73 75.48 9.37
C THR L 94 -54.89 76.85 8.73
N ARG L 95 -56.07 77.45 8.92
CA ARG L 95 -56.33 78.80 8.47
C ARG L 95 -56.98 79.57 9.61
N TYR L 96 -56.56 80.81 9.80
CA TYR L 96 -57.14 81.68 10.81
C TYR L 96 -57.60 82.96 10.13
N GLN L 97 -58.88 83.27 10.27
CA GLN L 97 -59.47 84.45 9.65
C GLN L 97 -59.70 85.49 10.72
N ILE L 98 -59.09 86.66 10.54
CA ILE L 98 -59.20 87.77 11.49
C ILE L 98 -60.02 88.86 10.82
N VAL L 99 -61.16 89.19 11.43
CA VAL L 99 -62.03 90.25 10.95
C VAL L 99 -61.76 91.49 11.78
N VAL L 100 -61.54 92.62 11.10
CA VAL L 100 -61.29 93.90 11.76
C VAL L 100 -62.63 94.62 11.84
N THR L 101 -63.36 94.39 12.94
CA THR L 101 -64.71 94.93 13.06
C THR L 101 -64.69 96.46 13.06
N ALA L 102 -63.82 97.06 13.88
CA ALA L 102 -63.80 98.49 14.07
C ALA L 102 -62.37 99.01 14.01
N ALA L 103 -62.25 100.32 13.74
CA ALA L 103 -60.96 101.00 13.67
C ALA L 103 -60.64 101.77 14.94
N THR L 104 -61.06 101.26 16.09
CA THR L 104 -60.82 101.95 17.35
C THR L 104 -59.33 102.15 17.57
N ALA L 105 -58.93 103.38 17.92
CA ALA L 105 -57.53 103.68 18.16
C ALA L 105 -57.07 103.06 19.46
N GLY L 106 -55.85 102.52 19.45
CA GLY L 106 -55.30 101.90 20.64
C GLY L 106 -54.21 100.91 20.26
N SER L 107 -53.81 100.13 21.26
CA SER L 107 -52.77 99.11 21.11
C SER L 107 -53.39 97.73 21.25
N TYR L 108 -53.10 96.86 20.29
CA TYR L 108 -53.62 95.50 20.27
C TYR L 108 -52.48 94.57 19.89
N SER L 109 -52.74 93.27 19.85
CA SER L 109 -51.67 92.32 19.55
C SER L 109 -52.24 91.12 18.80
N VAL L 110 -51.44 90.62 17.85
CA VAL L 110 -51.76 89.39 17.13
C VAL L 110 -50.60 88.43 17.34
N THR L 111 -50.88 87.25 17.89
CA THR L 111 -49.85 86.27 18.23
C THR L 111 -50.01 85.04 17.35
N VAL L 112 -48.94 84.67 16.65
CA VAL L 112 -48.90 83.49 15.81
C VAL L 112 -47.69 82.67 16.19
N ASN L 113 -47.90 81.40 16.53
CA ASN L 113 -46.81 80.49 16.88
C ASN L 113 -45.97 81.05 18.02
N GLY L 114 -46.62 81.74 18.95
CA GLY L 114 -45.95 82.31 20.10
C GLY L 114 -45.25 83.62 19.84
N VAL L 115 -45.26 84.11 18.60
CA VAL L 115 -44.66 85.40 18.25
C VAL L 115 -45.78 86.43 18.25
N THR L 116 -45.67 87.42 19.13
CA THR L 116 -46.71 88.43 19.30
C THR L 116 -46.26 89.72 18.63
N LYS L 117 -47.08 90.21 17.70
CA LYS L 117 -46.82 91.46 16.98
C LYS L 117 -47.81 92.50 17.45
N ALA L 118 -47.30 93.66 17.85
CA ALA L 118 -48.14 94.76 18.30
C ALA L 118 -48.74 95.48 17.10
N ILE L 119 -49.95 96.00 17.31
CA ILE L 119 -50.69 96.73 16.29
C ILE L 119 -51.22 98.00 16.95
N THR L 120 -50.64 99.14 16.61
CA THR L 120 -51.07 100.42 17.15
C THR L 120 -51.99 101.08 16.14
N VAL L 121 -53.19 101.45 16.60
CA VAL L 121 -54.22 102.03 15.74
C VAL L 121 -54.37 103.50 16.12
N VAL L 122 -54.27 104.37 15.14
CA VAL L 122 -54.36 105.80 15.36
C VAL L 122 -55.77 106.27 14.98
N GLY L 123 -56.11 107.48 15.41
CA GLY L 123 -57.43 108.01 15.09
C GLY L 123 -57.60 108.23 13.60
N GLY L 124 -58.81 108.01 13.12
CA GLY L 124 -59.13 108.18 11.72
C GLY L 124 -58.72 107.04 10.82
N ALA L 125 -58.18 105.96 11.37
CA ALA L 125 -57.78 104.82 10.57
C ALA L 125 -59.01 104.03 10.12
N THR L 126 -58.81 103.19 9.10
CA THR L 126 -59.85 102.35 8.56
C THR L 126 -59.51 100.88 8.80
N THR L 127 -60.57 100.06 8.87
CA THR L 127 -60.36 98.62 9.01
C THR L 127 -59.53 98.07 7.87
N THR L 128 -59.66 98.63 6.67
CA THR L 128 -58.82 98.21 5.56
C THR L 128 -57.35 98.49 5.84
N THR L 129 -57.04 99.68 6.36
CA THR L 129 -55.66 99.99 6.71
C THR L 129 -55.15 99.09 7.81
N ILE L 130 -56.00 98.77 8.79
CA ILE L 130 -55.58 97.89 9.87
C ILE L 130 -55.27 96.50 9.34
N ALA L 131 -56.12 95.98 8.45
CA ALA L 131 -55.86 94.67 7.85
C ALA L 131 -54.57 94.70 7.04
N ALA L 132 -54.35 95.78 6.28
CA ALA L 132 -53.12 95.89 5.51
C ALA L 132 -51.91 95.90 6.42
N ASP L 133 -51.99 96.61 7.54
CA ASP L 133 -50.88 96.66 8.48
C ASP L 133 -50.61 95.29 9.09
N VAL L 134 -51.67 94.56 9.44
CA VAL L 134 -51.50 93.21 9.97
C VAL L 134 -50.82 92.32 8.94
N ILE L 135 -51.28 92.39 7.69
CA ILE L 135 -50.68 91.59 6.62
C ILE L 135 -49.21 91.95 6.46
N SER L 136 -48.90 93.25 6.46
CA SER L 136 -47.51 93.67 6.32
C SER L 136 -46.65 93.15 7.46
N ALA L 137 -47.15 93.24 8.70
CA ALA L 137 -46.37 92.76 9.84
C ALA L 137 -46.10 91.27 9.71
N ILE L 138 -47.13 90.48 9.45
CA ILE L 138 -46.95 89.03 9.39
C ILE L 138 -46.03 88.65 8.24
N ASN L 139 -46.17 89.31 7.08
CA ASN L 139 -45.37 88.96 5.92
C ASN L 139 -43.95 89.49 6.00
N ASN L 140 -43.69 90.50 6.83
CA ASN L 140 -42.35 91.04 6.97
C ASN L 140 -41.57 90.39 8.10
N ASP L 141 -42.25 89.85 9.11
CA ASP L 141 -41.54 89.18 10.19
C ASP L 141 -40.69 88.05 9.63
N THR L 142 -39.42 88.00 10.06
CA THR L 142 -38.48 87.03 9.51
C THR L 142 -38.94 85.60 9.78
N VAL L 143 -39.64 85.38 10.88
CA VAL L 143 -40.09 84.03 11.25
C VAL L 143 -41.46 83.73 10.66
N LEU L 144 -42.40 84.66 10.81
CA LEU L 144 -43.76 84.41 10.36
C LEU L 144 -43.84 84.30 8.84
N ASN L 145 -43.04 85.10 8.12
CA ASN L 145 -43.07 85.00 6.67
C ASN L 145 -42.71 83.59 6.20
N LYS L 146 -41.80 82.91 6.92
CA LYS L 146 -41.48 81.53 6.60
C LYS L 146 -42.56 80.57 7.08
N GLU L 147 -43.11 80.80 8.28
CA GLU L 147 -44.02 79.82 8.87
C GLU L 147 -45.43 79.85 8.27
N VAL L 148 -46.00 81.04 8.09
CA VAL L 148 -47.38 81.18 7.62
C VAL L 148 -47.41 82.25 6.52
N LEU L 149 -48.57 82.38 5.89
CA LEU L 149 -48.79 83.36 4.84
C LEU L 149 -50.03 84.18 5.17
N ALA L 150 -49.91 85.50 5.10
CA ALA L 150 -51.02 86.42 5.36
C ALA L 150 -51.53 86.99 4.05
N THR L 151 -52.84 86.97 3.87
CA THR L 151 -53.48 87.44 2.64
C THR L 151 -54.78 88.16 2.98
N VAL L 152 -55.34 88.82 1.97
CA VAL L 152 -56.62 89.50 2.13
C VAL L 152 -57.75 88.47 2.02
N GLY L 153 -58.78 88.65 2.82
CA GLY L 153 -59.94 87.78 2.82
C GLY L 153 -60.97 88.21 1.80
N GLY L 154 -62.24 87.88 2.09
CA GLY L 154 -63.33 88.27 1.21
C GLY L 154 -63.67 89.74 1.25
N THR L 155 -63.18 90.47 2.26
CA THR L 155 -63.38 91.90 2.37
C THR L 155 -62.05 92.58 2.63
N SER L 156 -62.03 93.90 2.45
CA SER L 156 -60.83 94.68 2.74
C SER L 156 -60.48 94.68 4.22
N SER L 157 -61.40 94.27 5.09
CA SER L 157 -61.20 94.25 6.53
C SER L 157 -61.12 92.82 7.06
N THR L 158 -60.56 91.91 6.26
CA THR L 158 -60.42 90.52 6.65
C THR L 158 -59.04 90.02 6.25
N VAL L 159 -58.41 89.29 7.15
CA VAL L 159 -57.07 88.75 6.96
C VAL L 159 -57.14 87.24 7.10
N VAL L 160 -56.44 86.54 6.22
CA VAL L 160 -56.38 85.08 6.22
C VAL L 160 -54.93 84.67 6.46
N ILE L 161 -54.69 83.89 7.52
CA ILE L 161 -53.38 83.38 7.85
C ILE L 161 -53.41 81.88 7.59
N THR L 162 -52.62 81.44 6.62
CA THR L 162 -52.57 80.03 6.21
C THR L 162 -51.25 79.43 6.65
N SER L 163 -51.32 78.29 7.33
CA SER L 163 -50.11 77.60 7.74
C SER L 163 -49.33 77.13 6.52
N LYS L 164 -48.02 77.37 6.54
CA LYS L 164 -47.14 76.93 5.47
C LYS L 164 -46.45 75.61 5.77
N LYS L 165 -46.60 75.08 6.98
CA LYS L 165 -45.99 73.82 7.39
C LYS L 165 -47.08 72.97 8.03
N PRO L 166 -47.89 72.29 7.21
CA PRO L 166 -49.02 71.52 7.77
C PRO L 166 -48.59 70.46 8.77
N THR L 167 -47.35 69.97 8.69
CA THR L 167 -46.91 68.96 9.65
C THR L 167 -46.98 69.49 11.07
N ASN L 168 -46.59 70.74 11.29
CA ASN L 168 -46.63 71.37 12.59
C ASN L 168 -47.85 72.27 12.71
N THR L 169 -48.61 72.10 13.79
CA THR L 169 -49.82 72.91 13.98
C THR L 169 -49.44 74.37 14.20
N THR L 170 -50.27 75.26 13.66
CA THR L 170 -50.08 76.69 13.77
C THR L 170 -51.03 77.24 14.82
N THR L 171 -50.49 77.96 15.80
CA THR L 171 -51.27 78.53 16.89
C THR L 171 -51.52 80.00 16.63
N ALA L 172 -52.71 80.48 16.99
CA ALA L 172 -53.09 81.86 16.77
C ALA L 172 -53.89 82.37 17.97
N ALA L 173 -53.71 83.66 18.27
CA ALA L 173 -54.44 84.33 19.32
C ALA L 173 -54.42 85.82 19.06
N VAL L 174 -55.35 86.54 19.69
CA VAL L 174 -55.44 87.98 19.54
C VAL L 174 -55.75 88.61 20.89
N THR L 175 -55.28 89.85 21.05
CA THR L 175 -55.64 90.69 22.19
C THR L 175 -56.14 92.00 21.61
N GLY L 176 -57.44 92.26 21.75
CA GLY L 176 -58.07 93.41 21.16
C GLY L 176 -59.49 93.12 20.72
N VAL L 177 -60.43 94.00 21.08
CA VAL L 177 -61.84 93.76 20.77
C VAL L 177 -62.08 93.84 19.27
N ILE L 178 -61.39 94.75 18.57
CA ILE L 178 -61.67 94.96 17.16
C ILE L 178 -61.32 93.71 16.35
N PHE L 179 -60.43 92.87 16.86
CA PHE L 179 -60.07 91.65 16.15
C PHE L 179 -61.03 90.53 16.49
N THR L 180 -61.52 89.83 15.46
CA THR L 180 -62.35 88.64 15.62
C THR L 180 -61.64 87.48 14.96
N LEU L 181 -61.30 86.46 15.76
CA LEU L 181 -60.54 85.32 15.30
C LEU L 181 -61.47 84.14 15.03
N THR L 182 -61.29 83.51 13.86
CA THR L 182 -62.04 82.31 13.50
C THR L 182 -61.06 81.25 13.01
N THR L 183 -61.28 80.00 13.43
CA THR L 183 -60.39 78.89 13.14
C THR L 183 -61.02 78.05 12.03
N THR L 184 -60.58 78.27 10.79
CA THR L 184 -61.07 77.56 9.63
C THR L 184 -60.04 76.54 9.16
N THR L 185 -60.51 75.49 8.49
CA THR L 185 -59.63 74.53 7.86
C THR L 185 -60.48 73.62 6.98
N GLY L 186 -60.00 73.37 5.77
CA GLY L 186 -60.75 72.52 4.86
C GLY L 186 -60.98 71.14 5.44
N THR L 187 -62.22 70.68 5.37
CA THR L 187 -62.57 69.33 5.82
C THR L 187 -62.03 68.26 4.88
N SER L 188 -61.55 68.64 3.69
CA SER L 188 -61.00 67.72 2.73
C SER L 188 -59.64 68.22 2.25
N PRO L 189 -58.74 67.32 1.87
CA PRO L 189 -57.41 67.74 1.42
C PRO L 189 -57.43 68.21 -0.03
N SER L 190 -56.33 68.83 -0.42
CA SER L 190 -56.13 69.32 -1.78
C SER L 190 -54.92 68.66 -2.41
N VAL L 191 -54.82 68.82 -3.74
CA VAL L 191 -53.69 68.25 -4.46
C VAL L 191 -52.39 68.88 -4.00
N ALA L 192 -52.42 70.18 -3.68
CA ALA L 192 -51.23 70.83 -3.13
C ALA L 192 -50.84 70.22 -1.79
N ASP L 193 -51.82 69.92 -0.95
CA ASP L 193 -51.52 69.26 0.32
C ASP L 193 -50.90 67.88 0.09
N TYR L 194 -51.45 67.13 -0.86
CA TYR L 194 -50.87 65.83 -1.19
C TYR L 194 -49.44 65.97 -1.68
N VAL L 195 -49.18 66.97 -2.53
CA VAL L 195 -47.84 67.18 -3.05
C VAL L 195 -46.87 67.53 -1.92
N TYR L 196 -47.29 68.41 -1.01
CA TYR L 196 -46.43 68.76 0.11
C TYR L 196 -46.15 67.53 0.97
N THR L 197 -47.17 66.72 1.25
CA THR L 197 -46.98 65.52 2.05
C THR L 197 -45.99 64.57 1.37
N ILE L 198 -46.12 64.40 0.06
CA ILE L 198 -45.23 63.50 -0.66
C ILE L 198 -43.80 64.03 -0.64
N ASN L 199 -43.62 65.33 -0.83
CA ASN L 199 -42.28 65.90 -1.03
C ASN L 199 -41.59 66.30 0.26
N ASN L 200 -42.28 66.29 1.41
CA ASN L 200 -41.67 66.78 2.64
C ASN L 200 -41.96 65.92 3.86
N THR L 201 -42.41 64.67 3.68
CA THR L 201 -42.78 63.83 4.81
C THR L 201 -41.90 62.60 4.97
N PHE L 202 -41.20 62.17 3.93
CA PHE L 202 -40.39 60.97 3.99
C PHE L 202 -38.97 61.29 4.42
N ASP L 203 -38.37 60.37 5.17
CA ASP L 203 -37.00 60.48 5.64
C ASP L 203 -36.14 59.42 4.97
N PRO L 204 -35.00 59.76 4.37
CA PRO L 204 -34.15 58.72 3.76
C PRO L 204 -33.81 57.60 4.72
N ALA L 205 -33.87 57.89 6.03
CA ALA L 205 -33.71 56.85 7.03
C ALA L 205 -34.81 55.80 6.95
N LEU L 206 -35.96 56.14 6.36
CA LEU L 206 -37.03 55.18 6.21
C LEU L 206 -36.59 54.03 5.32
N GLU L 207 -37.04 52.82 5.67
CA GLU L 207 -36.77 51.66 4.83
C GLU L 207 -37.41 51.86 3.46
N ALA L 208 -36.65 51.58 2.42
CA ALA L 208 -37.15 51.78 1.07
C ALA L 208 -38.30 50.81 0.76
N GLY L 209 -39.08 51.17 -0.24
CA GLY L 209 -40.22 50.34 -0.61
C GLY L 209 -41.10 51.05 -1.61
N PHE L 210 -42.26 50.44 -1.84
CA PHE L 210 -43.22 50.98 -2.78
C PHE L 210 -43.94 52.19 -2.19
N VAL L 211 -44.42 53.07 -3.07
CA VAL L 211 -45.19 54.24 -2.67
C VAL L 211 -46.46 54.29 -3.52
N ILE L 212 -47.60 54.48 -2.87
CA ILE L 212 -48.90 54.43 -3.55
C ILE L 212 -49.81 55.49 -2.96
N ALA L 213 -50.62 56.10 -3.83
CA ALA L 213 -51.65 57.07 -3.44
C ALA L 213 -52.96 56.70 -4.11
N PRO L 214 -53.51 55.52 -3.79
CA PRO L 214 -54.74 55.09 -4.46
C PRO L 214 -55.91 56.03 -4.26
N GLU L 215 -56.08 56.57 -3.05
CA GLU L 215 -57.18 57.49 -2.81
C GLU L 215 -57.04 58.74 -3.66
N ALA L 216 -55.83 59.30 -3.72
CA ALA L 216 -55.61 60.51 -4.52
C ALA L 216 -55.89 60.24 -5.99
N PHE L 217 -55.39 59.12 -6.52
CA PHE L 217 -55.60 58.84 -7.93
C PHE L 217 -57.05 58.53 -8.24
N SER L 218 -57.79 57.95 -7.29
CA SER L 218 -59.19 57.66 -7.52
C SER L 218 -60.05 58.91 -7.43
N THR L 219 -59.68 59.87 -6.59
CA THR L 219 -60.52 61.04 -6.34
C THR L 219 -60.20 62.23 -7.24
N PHE L 220 -58.94 62.42 -7.62
CA PHE L 220 -58.54 63.68 -8.24
C PHE L 220 -58.76 63.66 -9.75
N THR L 221 -58.67 64.84 -10.35
CA THR L 221 -58.91 65.04 -11.77
C THR L 221 -57.62 64.78 -12.55
N LYS L 222 -57.63 65.07 -13.85
CA LYS L 222 -56.50 64.74 -14.72
C LYS L 222 -55.25 65.52 -14.30
N SER L 223 -55.37 66.85 -14.18
CA SER L 223 -54.20 67.66 -13.87
C SER L 223 -53.70 67.39 -12.45
N ASP L 224 -54.63 67.21 -11.50
CA ASP L 224 -54.22 66.89 -10.13
C ASP L 224 -53.50 65.55 -10.07
N ARG L 225 -54.00 64.55 -10.81
CA ARG L 225 -53.32 63.26 -10.86
C ARG L 225 -51.94 63.40 -11.50
N LEU L 226 -51.83 64.24 -12.53
CA LEU L 226 -50.52 64.47 -13.13
C LEU L 226 -49.56 65.10 -12.13
N SER L 227 -50.05 66.06 -11.35
CA SER L 227 -49.20 66.68 -10.33
C SER L 227 -48.75 65.67 -9.29
N ILE L 228 -49.67 64.80 -8.85
CA ILE L 228 -49.31 63.77 -7.87
C ILE L 228 -48.28 62.82 -8.47
N GLN L 229 -48.45 62.45 -9.74
CA GLN L 229 -47.49 61.58 -10.39
C GLN L 229 -46.12 62.25 -10.49
N VAL L 230 -46.09 63.54 -10.79
CA VAL L 230 -44.82 64.27 -10.85
C VAL L 230 -44.15 64.26 -9.48
N ALA L 231 -44.93 64.50 -8.42
CA ALA L 231 -44.37 64.48 -7.08
C ALA L 231 -43.80 63.11 -6.74
N LEU L 232 -44.54 62.05 -7.08
CA LEU L 232 -44.05 60.71 -6.80
C LEU L 232 -42.79 60.39 -7.60
N GLU L 233 -42.75 60.81 -8.86
CA GLU L 233 -41.56 60.60 -9.67
C GLU L 233 -40.35 61.30 -9.05
N ASN L 234 -40.52 62.57 -8.66
CA ASN L 234 -39.42 63.29 -8.04
C ASN L 234 -38.96 62.62 -6.76
N LEU L 235 -39.90 62.20 -5.91
CA LEU L 235 -39.55 61.53 -4.67
C LEU L 235 -38.76 60.26 -4.94
N CYS L 236 -39.29 59.39 -5.80
CA CYS L 236 -38.67 58.08 -6.03
C CYS L 236 -37.30 58.22 -6.70
N SER L 237 -37.20 59.12 -7.68
CA SER L 237 -35.94 59.27 -8.41
C SER L 237 -34.95 60.18 -7.70
N ALA L 238 -35.34 60.82 -6.60
CA ALA L 238 -34.39 61.62 -5.84
C ALA L 238 -33.20 60.78 -5.42
N TYR L 239 -32.02 61.40 -5.45
CA TYR L 239 -30.80 60.68 -5.10
C TYR L 239 -30.81 60.19 -3.66
N ARG L 240 -31.67 60.71 -2.80
CA ARG L 240 -31.76 60.25 -1.42
C ARG L 240 -32.52 58.95 -1.28
N TYR L 241 -33.58 58.73 -2.07
CA TYR L 241 -34.49 57.62 -1.85
C TYR L 241 -34.23 56.44 -2.78
N GLN L 242 -34.33 56.66 -4.09
CA GLN L 242 -34.30 55.57 -5.06
C GLN L 242 -35.33 54.49 -4.71
N TRP L 243 -36.59 54.89 -4.71
CA TRP L 243 -37.72 54.03 -4.41
C TRP L 243 -38.51 53.74 -5.70
N ALA L 244 -39.63 53.04 -5.55
CA ALA L 244 -40.51 52.70 -6.66
C ALA L 244 -41.93 53.17 -6.35
N ALA L 245 -42.62 53.64 -7.37
CA ALA L 245 -43.98 54.15 -7.25
C ALA L 245 -44.91 53.32 -8.12
N LEU L 246 -46.10 53.04 -7.59
CA LEU L 246 -47.13 52.25 -8.29
C LEU L 246 -48.29 53.17 -8.59
N ILE L 247 -48.31 53.71 -9.80
CA ILE L 247 -49.35 54.64 -10.23
C ILE L 247 -50.60 53.87 -10.65
N ASP L 248 -51.76 54.38 -10.24
CA ASP L 248 -53.05 53.82 -10.63
C ASP L 248 -53.77 54.79 -11.56
N SER L 249 -54.54 54.23 -12.48
CA SER L 249 -55.35 55.06 -13.37
C SER L 249 -56.37 55.86 -12.55
N GLY L 250 -56.94 56.87 -13.20
CA GLY L 250 -58.01 57.63 -12.58
C GLY L 250 -59.23 56.77 -12.36
N ALA L 251 -60.34 57.37 -11.94
CA ALA L 251 -61.56 56.61 -11.76
C ALA L 251 -61.99 55.98 -13.08
N MET L 252 -62.55 54.76 -12.99
CA MET L 252 -62.96 54.05 -14.19
C MET L 252 -63.94 54.85 -15.03
N SER L 253 -64.87 55.57 -14.39
CA SER L 253 -65.84 56.35 -15.14
C SER L 253 -65.16 57.24 -16.17
N GLU L 254 -64.02 57.83 -15.80
CA GLU L 254 -63.24 58.59 -16.77
C GLU L 254 -62.39 57.66 -17.63
N ILE L 255 -61.50 56.89 -17.00
CA ILE L 255 -60.62 55.96 -17.73
C ILE L 255 -61.39 54.64 -17.80
N SER L 256 -62.33 54.58 -18.75
CA SER L 256 -63.17 53.41 -18.95
C SER L 256 -62.64 52.46 -20.03
N ASN L 257 -61.52 52.77 -20.68
CA ASN L 257 -60.98 51.90 -21.71
C ASN L 257 -59.46 51.97 -21.74
N THR L 258 -58.88 50.93 -22.34
CA THR L 258 -57.43 50.82 -22.39
C THR L 258 -56.80 51.95 -23.20
N ASP L 259 -57.54 52.52 -24.16
CA ASP L 259 -56.99 53.65 -24.91
C ASP L 259 -56.87 54.89 -24.03
N ARG L 260 -57.88 55.15 -23.20
CA ARG L 260 -57.76 56.24 -22.24
C ARG L 260 -56.63 55.98 -21.25
N ALA L 261 -56.49 54.72 -20.81
CA ALA L 261 -55.38 54.37 -19.94
C ALA L 261 -54.05 54.65 -20.64
N ILE L 262 -53.95 54.34 -21.92
CA ILE L 262 -52.72 54.56 -22.67
C ILE L 262 -52.43 56.05 -22.79
N ALA L 263 -53.47 56.86 -23.01
CA ALA L 263 -53.27 58.30 -23.06
C ALA L 263 -52.74 58.83 -21.74
N GLU L 264 -53.32 58.36 -20.63
CA GLU L 264 -52.84 58.78 -19.32
C GLU L 264 -51.39 58.36 -19.10
N ALA L 265 -51.05 57.12 -19.47
CA ALA L 265 -49.68 56.66 -19.32
C ALA L 265 -48.72 57.48 -20.18
N ALA L 266 -49.14 57.82 -21.41
CA ALA L 266 -48.31 58.64 -22.28
C ALA L 266 -48.05 60.00 -21.66
N THR L 267 -49.08 60.60 -21.04
CA THR L 267 -48.85 61.85 -20.32
C THR L 267 -47.86 61.67 -19.19
N TYR L 268 -47.99 60.57 -18.44
CA TYR L 268 -47.07 60.31 -17.34
C TYR L 268 -45.66 60.02 -17.86
N ASN L 269 -44.66 60.43 -17.10
CA ASN L 269 -43.27 60.31 -17.51
C ASN L 269 -42.41 59.85 -16.34
N SER L 270 -41.56 58.85 -16.58
CA SER L 270 -40.57 58.41 -15.60
C SER L 270 -39.35 57.92 -16.37
N VAL L 271 -38.34 58.80 -16.50
CA VAL L 271 -37.21 58.50 -17.37
C VAL L 271 -36.42 57.32 -16.85
N GLN L 272 -36.23 57.24 -15.53
CA GLN L 272 -35.47 56.16 -14.92
C GLN L 272 -36.33 54.95 -14.57
N GLY L 273 -37.61 54.98 -14.92
CA GLY L 273 -38.47 53.82 -14.70
C GLY L 273 -38.92 53.62 -13.28
N HIS L 274 -38.88 54.67 -12.45
CA HIS L 274 -39.27 54.51 -11.05
C HIS L 274 -40.78 54.33 -10.88
N CYS L 275 -41.58 54.81 -11.82
CA CYS L 275 -43.04 54.73 -11.73
C CYS L 275 -43.56 53.65 -12.67
N SER L 276 -44.49 52.84 -12.17
CA SER L 276 -45.11 51.78 -12.95
C SER L 276 -46.62 51.95 -12.91
N TYR L 277 -47.24 52.03 -14.09
CA TYR L 277 -48.68 52.29 -14.19
C TYR L 277 -49.52 51.04 -14.29
N TYR L 278 -50.68 51.04 -13.63
CA TYR L 278 -51.59 49.90 -13.67
C TYR L 278 -52.96 50.49 -14.00
N TYR L 279 -53.89 49.70 -14.50
CA TYR L 279 -55.18 50.27 -14.94
C TYR L 279 -56.54 49.63 -14.59
N PRO L 280 -56.78 48.35 -14.93
CA PRO L 280 -58.15 47.78 -14.78
C PRO L 280 -58.84 47.80 -13.43
N TYR L 281 -58.22 48.35 -12.39
CA TYR L 281 -58.79 48.41 -11.04
C TYR L 281 -59.08 47.05 -10.47
N LEU L 282 -59.92 46.99 -9.44
CA LEU L 282 -60.15 45.74 -8.73
C LEU L 282 -61.47 45.76 -7.98
N ILE L 283 -62.39 44.88 -8.36
CA ILE L 283 -63.65 44.78 -7.65
C ILE L 283 -63.46 43.85 -6.44
N ASN L 284 -63.60 44.38 -5.22
CA ASN L 284 -63.39 43.58 -4.03
C ASN L 284 -64.59 42.67 -3.78
N LEU L 285 -64.49 41.89 -2.70
CA LEU L 285 -65.56 40.95 -2.37
C LEU L 285 -66.88 41.66 -2.10
N ASP L 286 -66.85 42.95 -1.78
CA ASP L 286 -68.04 43.72 -1.47
C ASP L 286 -68.62 44.44 -2.69
N ASP L 287 -68.05 44.20 -3.88
CA ASP L 287 -68.53 44.82 -5.11
C ASP L 287 -68.12 46.28 -5.19
N GLN L 288 -67.05 46.65 -4.48
CA GLN L 288 -66.54 48.01 -4.48
C GLN L 288 -65.31 48.08 -5.37
N GLN L 289 -65.20 49.16 -6.14
CA GLN L 289 -64.03 49.37 -6.98
C GLN L 289 -62.88 49.91 -6.16
N VAL L 290 -61.69 49.32 -6.36
CA VAL L 290 -60.50 49.71 -5.61
C VAL L 290 -59.33 49.83 -6.60
N PRO L 291 -58.47 50.84 -6.46
CA PRO L 291 -57.25 50.89 -7.27
C PRO L 291 -56.39 49.67 -6.99
N PRO L 292 -55.69 49.16 -8.01
CA PRO L 292 -54.95 47.90 -7.81
C PRO L 292 -53.62 48.05 -7.10
N SER L 293 -53.13 49.26 -6.90
CA SER L 293 -51.75 49.45 -6.42
C SER L 293 -51.51 48.74 -5.10
N ALA L 294 -52.48 48.79 -4.19
CA ALA L 294 -52.29 48.16 -2.89
C ALA L 294 -52.13 46.65 -3.03
N ALA L 295 -53.01 46.01 -3.82
CA ALA L 295 -52.91 44.58 -4.04
C ALA L 295 -51.60 44.23 -4.73
N VAL L 296 -51.21 45.03 -5.71
CA VAL L 296 -49.97 44.77 -6.44
C VAL L 296 -48.78 44.83 -5.49
N ALA L 297 -48.77 45.84 -4.61
CA ALA L 297 -47.67 45.98 -3.66
C ALA L 297 -47.62 44.80 -2.69
N GLY L 298 -48.77 44.40 -2.16
CA GLY L 298 -48.81 43.29 -1.24
C GLY L 298 -48.31 42.01 -1.89
N MET L 299 -48.79 41.75 -3.11
CA MET L 299 -48.36 40.56 -3.84
C MET L 299 -46.88 40.64 -4.17
N ALA L 300 -46.37 41.84 -4.44
CA ALA L 300 -44.95 42.02 -4.71
C ALA L 300 -44.11 41.66 -3.50
N LEU L 301 -44.52 42.11 -2.32
CA LEU L 301 -43.79 41.77 -1.10
C LEU L 301 -43.84 40.26 -0.85
N TYR L 302 -45.01 39.66 -1.03
CA TYR L 302 -45.14 38.23 -0.82
C TYR L 302 -44.23 37.46 -1.78
N ARG L 303 -44.20 37.88 -3.06
CA ARG L 303 -43.35 37.24 -4.04
C ARG L 303 -41.87 37.43 -3.70
N PHE L 304 -41.50 38.61 -3.22
CA PHE L 304 -40.12 38.83 -2.81
C PHE L 304 -39.73 37.86 -1.71
N VAL L 305 -40.63 37.65 -0.73
CA VAL L 305 -40.31 36.73 0.35
C VAL L 305 -40.23 35.30 -0.16
N ILE L 306 -41.14 34.90 -1.04
CA ILE L 306 -41.19 33.50 -1.47
C ILE L 306 -40.08 33.19 -2.48
N ASP L 307 -40.14 33.83 -3.65
CA ASP L 307 -39.17 33.55 -4.71
C ASP L 307 -37.87 34.33 -4.52
N GLY L 308 -37.96 35.65 -4.53
CA GLY L 308 -36.77 36.47 -4.41
C GLY L 308 -37.04 37.87 -4.93
N PHE L 309 -36.07 38.74 -4.69
CA PHE L 309 -36.22 40.14 -5.08
C PHE L 309 -36.07 40.36 -6.57
N ALA L 310 -35.52 39.39 -7.30
CA ALA L 310 -35.38 39.54 -8.74
C ALA L 310 -36.72 39.30 -9.45
N GLU L 311 -37.60 38.52 -8.85
CA GLU L 311 -38.86 38.18 -9.50
C GLU L 311 -39.79 39.40 -9.53
N PRO L 312 -40.33 39.78 -10.68
CA PRO L 312 -41.21 40.94 -10.74
C PRO L 312 -42.60 40.59 -10.24
N PRO L 313 -43.39 41.60 -9.84
CA PRO L 313 -44.77 41.33 -9.38
C PRO L 313 -45.73 41.05 -10.54
N ALA L 314 -45.74 39.80 -10.98
CA ALA L 314 -46.61 39.36 -12.06
C ALA L 314 -46.57 37.84 -12.10
N GLY L 315 -47.32 37.27 -13.03
CA GLY L 315 -47.36 35.84 -13.25
C GLY L 315 -48.66 35.22 -12.76
N VAL L 316 -48.81 33.94 -13.05
CA VAL L 316 -50.02 33.21 -12.71
C VAL L 316 -49.93 32.50 -11.36
N ASN L 317 -48.73 32.27 -10.85
CA ASN L 317 -48.55 31.59 -9.57
C ASN L 317 -48.62 32.53 -8.38
N PHE L 318 -48.88 33.82 -8.62
CA PHE L 318 -49.10 34.79 -7.54
C PHE L 318 -50.35 35.60 -7.85
N PRO L 319 -51.52 34.95 -7.89
CA PRO L 319 -52.75 35.68 -8.16
C PRO L 319 -53.17 36.55 -6.98
N LEU L 320 -53.93 37.60 -7.29
CA LEU L 320 -54.37 38.53 -6.26
C LEU L 320 -55.45 37.90 -5.38
N LYS L 321 -55.55 38.41 -4.16
CA LYS L 321 -56.52 37.93 -3.19
C LYS L 321 -57.32 39.11 -2.65
N GLY L 322 -58.51 38.81 -2.13
CA GLY L 322 -59.41 39.84 -1.66
C GLY L 322 -60.24 40.48 -2.74
N VAL L 323 -60.18 39.97 -3.98
CA VAL L 323 -60.94 40.50 -5.10
C VAL L 323 -61.64 39.34 -5.79
N LYS L 324 -62.64 39.69 -6.61
CA LYS L 324 -63.40 38.69 -7.35
C LYS L 324 -63.54 39.00 -8.83
N ASN L 325 -63.11 40.16 -9.30
CA ASN L 325 -63.19 40.50 -10.73
C ASN L 325 -62.47 41.83 -10.94
N VAL L 326 -62.40 42.23 -12.21
CA VAL L 326 -61.83 43.52 -12.59
C VAL L 326 -62.96 44.39 -13.15
N ALA L 327 -62.74 45.71 -13.11
CA ALA L 327 -63.76 46.64 -13.58
C ALA L 327 -63.82 46.72 -15.10
N TYR L 328 -62.85 46.13 -15.80
CA TYR L 328 -62.83 46.20 -17.25
C TYR L 328 -62.00 45.03 -17.77
N LYS L 329 -62.50 44.36 -18.80
CA LYS L 329 -61.82 43.19 -19.38
C LYS L 329 -60.90 43.66 -20.48
N VAL L 330 -59.60 43.64 -20.23
CA VAL L 330 -58.62 44.03 -21.23
C VAL L 330 -58.49 42.89 -22.24
N THR L 331 -58.64 43.22 -23.52
CA THR L 331 -58.56 42.23 -24.58
C THR L 331 -57.12 42.04 -25.02
N TRP L 332 -56.88 40.97 -25.78
CA TRP L 332 -55.52 40.65 -26.20
C TRP L 332 -54.96 41.74 -27.10
N GLU L 333 -55.76 42.26 -28.03
CA GLU L 333 -55.26 43.32 -28.91
C GLU L 333 -54.99 44.59 -28.12
N GLU L 334 -55.89 44.96 -27.21
CA GLU L 334 -55.67 46.13 -26.39
C GLU L 334 -54.38 46.01 -25.60
N GLN L 335 -54.13 44.83 -25.02
CA GLN L 335 -52.88 44.63 -24.28
C GLN L 335 -51.68 44.67 -25.22
N ASN L 336 -51.78 44.03 -26.38
CA ASN L 336 -50.69 44.05 -27.34
C ASN L 336 -50.31 45.46 -27.73
N VAL L 337 -51.28 46.38 -27.70
CA VAL L 337 -50.96 47.78 -27.98
C VAL L 337 -50.49 48.53 -26.74
N ALA L 338 -51.02 48.19 -25.57
CA ALA L 338 -50.78 48.98 -24.36
C ALA L 338 -49.48 48.61 -23.65
N ASN L 339 -49.20 47.32 -23.49
CA ASN L 339 -48.04 46.88 -22.72
C ASN L 339 -46.75 47.53 -23.19
N PRO L 340 -46.45 47.63 -24.49
CA PRO L 340 -45.24 48.34 -24.92
C PRO L 340 -45.23 49.81 -24.52
N GLU L 341 -46.38 50.39 -24.22
CA GLU L 341 -46.47 51.77 -23.76
C GLU L 341 -46.38 51.90 -22.25
N GLY L 342 -46.12 50.80 -21.53
CA GLY L 342 -45.93 50.86 -20.10
C GLY L 342 -47.18 50.69 -19.27
N VAL L 343 -48.26 50.18 -19.85
CA VAL L 343 -49.51 49.97 -19.14
C VAL L 343 -49.55 48.49 -18.72
N ASN L 344 -49.44 48.24 -17.42
CA ASN L 344 -49.49 46.88 -16.89
C ASN L 344 -50.93 46.50 -16.62
N CYS L 345 -51.43 45.51 -17.33
CA CYS L 345 -52.83 45.12 -17.25
C CYS L 345 -53.04 44.08 -16.14
N ILE L 346 -54.26 44.04 -15.62
CA ILE L 346 -54.68 43.02 -14.67
C ILE L 346 -55.84 42.25 -15.30
N LEU L 347 -55.70 40.93 -15.36
CA LEU L 347 -56.63 40.09 -16.09
C LEU L 347 -57.29 39.08 -15.16
N ASN L 348 -58.55 38.75 -15.47
CA ASN L 348 -59.30 37.72 -14.75
C ASN L 348 -59.14 36.42 -15.52
N LYS L 349 -57.96 35.83 -15.42
CA LYS L 349 -57.67 34.59 -16.13
C LYS L 349 -58.39 33.43 -15.46
N GLU L 350 -59.24 32.75 -16.22
CA GLU L 350 -59.91 31.57 -15.71
C GLU L 350 -58.89 30.45 -15.50
N ASN L 351 -59.11 29.66 -14.44
CA ASN L 351 -58.20 28.62 -13.98
C ASN L 351 -56.93 29.19 -13.33
N TYR L 352 -56.78 30.51 -13.29
CA TYR L 352 -55.67 31.16 -12.63
C TYR L 352 -56.09 32.23 -11.63
N GLY L 353 -57.24 32.87 -11.84
CA GLY L 353 -57.70 33.92 -10.94
C GLY L 353 -57.41 35.30 -11.49
N ILE L 354 -57.23 36.27 -10.59
CA ILE L 354 -56.87 37.63 -10.98
C ILE L 354 -55.35 37.73 -10.95
N VAL L 355 -54.76 38.03 -12.11
CA VAL L 355 -53.31 38.02 -12.27
C VAL L 355 -52.86 39.32 -12.91
N VAL L 356 -51.79 39.89 -12.37
CA VAL L 356 -51.11 40.99 -13.04
C VAL L 356 -50.33 40.41 -14.21
N TRP L 357 -50.60 40.91 -15.41
CA TRP L 357 -50.00 40.39 -16.63
C TRP L 357 -49.11 41.43 -17.28
N GLY L 358 -48.34 42.15 -16.47
CA GLY L 358 -47.40 43.13 -16.96
C GLY L 358 -46.35 43.49 -15.93
N ALA L 359 -45.12 43.72 -16.40
CA ALA L 359 -44.01 44.03 -15.50
C ALA L 359 -43.14 45.16 -16.05
N ARG L 360 -43.75 46.10 -16.76
CA ARG L 360 -43.03 47.17 -17.43
C ARG L 360 -43.21 48.48 -16.68
N THR L 361 -42.18 49.32 -16.75
CA THR L 361 -42.22 50.66 -16.16
C THR L 361 -42.67 51.66 -17.20
N LEU L 362 -42.61 52.95 -16.86
CA LEU L 362 -42.99 54.03 -17.76
C LEU L 362 -41.77 54.70 -18.41
N SER L 363 -40.66 53.97 -18.53
CA SER L 363 -39.43 54.51 -19.06
C SER L 363 -39.25 54.15 -20.52
N ALA L 364 -38.71 55.09 -21.29
CA ALA L 364 -38.39 54.87 -22.69
C ALA L 364 -36.97 54.35 -22.90
N ASP L 365 -36.17 54.30 -21.84
CA ASP L 365 -34.81 53.75 -21.95
C ASP L 365 -34.88 52.24 -22.00
N PRO L 366 -34.36 51.59 -23.04
CA PRO L 366 -34.53 50.12 -23.15
C PRO L 366 -33.88 49.34 -22.03
N ASN L 367 -32.91 49.89 -21.31
CA ASN L 367 -32.18 49.13 -20.30
C ASN L 367 -32.93 49.05 -18.98
N ILE L 368 -33.96 49.85 -18.77
CA ILE L 368 -34.73 49.83 -17.53
C ILE L 368 -36.18 49.54 -17.86
N VAL L 369 -36.41 48.75 -18.90
CA VAL L 369 -37.77 48.47 -19.36
C VAL L 369 -38.58 47.79 -18.25
N PHE L 370 -37.91 46.99 -17.43
CA PHE L 370 -38.62 46.14 -16.48
C PHE L 370 -38.50 46.64 -15.04
N ILE L 371 -39.65 46.60 -14.35
CA ILE L 371 -39.68 46.95 -12.94
C ILE L 371 -38.80 46.03 -12.13
N SER L 372 -38.54 44.81 -12.64
CA SER L 372 -37.57 43.94 -11.96
C SER L 372 -36.20 44.59 -11.93
N THR L 373 -35.74 45.11 -13.07
CA THR L 373 -34.46 45.80 -13.11
C THR L 373 -34.50 47.06 -12.24
N ARG L 374 -35.61 47.79 -12.29
CA ARG L 374 -35.75 48.97 -11.44
C ARG L 374 -35.58 48.62 -9.97
N ILE L 375 -36.26 47.57 -9.52
CA ILE L 375 -36.21 47.17 -8.12
C ILE L 375 -34.83 46.65 -7.76
N ILE L 376 -34.18 45.95 -8.69
CA ILE L 376 -32.82 45.46 -8.41
C ILE L 376 -31.88 46.63 -8.17
N LEU L 377 -31.94 47.65 -9.04
CA LEU L 377 -31.08 48.81 -8.85
C LEU L 377 -31.40 49.53 -7.55
N ASN L 378 -32.68 49.67 -7.22
CA ASN L 378 -33.06 50.32 -5.97
C ASN L 378 -32.53 49.54 -4.78
N ILE L 379 -32.62 48.21 -4.82
CA ILE L 379 -32.13 47.39 -3.73
C ILE L 379 -30.63 47.56 -3.56
N VAL L 380 -29.89 47.54 -4.67
CA VAL L 380 -28.44 47.70 -4.58
C VAL L 380 -28.11 49.05 -3.93
N ILE L 381 -28.75 50.12 -4.42
CA ILE L 381 -28.44 51.45 -3.92
C ILE L 381 -28.77 51.56 -2.44
N ASN L 382 -29.94 51.07 -2.03
CA ASN L 382 -30.33 51.22 -0.63
C ASN L 382 -29.47 50.36 0.28
N THR L 383 -29.11 49.15 -0.17
CA THR L 383 -28.22 48.31 0.62
C THR L 383 -26.88 49.01 0.84
N LEU L 384 -26.32 49.61 -0.22
CA LEU L 384 -25.05 50.30 -0.06
C LEU L 384 -25.19 51.51 0.87
N ASN L 385 -26.29 52.25 0.75
CA ASN L 385 -26.51 53.41 1.61
C ASN L 385 -26.56 53.00 3.08
N ARG L 386 -27.36 51.97 3.39
CA ARG L 386 -27.47 51.51 4.76
C ARG L 386 -26.17 50.89 5.27
N GLY L 387 -25.37 50.31 4.37
CA GLY L 387 -24.05 49.85 4.78
C GLY L 387 -23.12 50.99 5.15
N TYR L 388 -23.10 52.05 4.34
CA TYR L 388 -22.19 53.16 4.58
C TYR L 388 -22.67 54.10 5.67
N ASP L 389 -23.92 53.97 6.11
CA ASP L 389 -24.37 54.72 7.28
C ASP L 389 -23.42 54.54 8.45
N PHE L 390 -22.93 53.32 8.64
CA PHE L 390 -21.94 53.06 9.70
C PHE L 390 -20.61 53.74 9.42
N ASP L 391 -20.23 53.89 8.16
CA ASP L 391 -18.92 54.43 7.80
C ASP L 391 -18.91 55.95 7.71
N ILE L 392 -20.05 56.59 7.80
CA ILE L 392 -20.10 58.05 7.81
C ILE L 392 -19.65 58.57 9.17
N PHE L 393 -19.09 59.77 9.17
CA PHE L 393 -18.54 60.43 10.37
C PHE L 393 -17.33 59.69 10.94
N ASN L 394 -16.53 59.05 10.09
CA ASN L 394 -15.32 58.36 10.53
C ASN L 394 -14.09 59.15 10.12
N SER L 395 -13.12 59.23 11.02
CA SER L 395 -11.91 60.01 10.76
C SER L 395 -11.11 59.38 9.63
N VAL L 396 -10.60 60.23 8.75
CA VAL L 396 -9.69 59.82 7.68
C VAL L 396 -8.28 60.20 8.15
N GLY L 397 -7.60 59.25 8.79
CA GLY L 397 -6.29 59.50 9.36
C GLY L 397 -5.20 59.44 8.31
N GLY L 398 -3.96 59.45 8.79
CA GLY L 398 -2.83 59.40 7.88
C GLY L 398 -2.76 58.11 7.09
N THR L 399 -3.13 57.00 7.73
CA THR L 399 -3.12 55.72 7.04
C THR L 399 -4.14 55.71 5.89
N ALA L 400 -5.22 56.48 6.01
CA ALA L 400 -6.26 56.53 4.99
C ALA L 400 -6.79 55.13 4.69
N THR L 401 -6.72 54.24 5.69
CA THR L 401 -7.16 52.86 5.49
C THR L 401 -8.67 52.74 5.47
N VAL L 402 -9.39 53.79 5.86
CA VAL L 402 -10.85 53.72 5.86
C VAL L 402 -11.38 53.58 4.44
N LEU L 403 -10.66 54.10 3.45
CA LEU L 403 -11.11 53.96 2.07
C LEU L 403 -10.99 52.52 1.60
N ASP L 404 -9.87 51.86 1.91
CA ASP L 404 -9.74 50.43 1.62
C ASP L 404 -10.81 49.64 2.36
N ASN L 405 -11.09 50.02 3.61
CA ASN L 405 -12.15 49.34 4.37
C ASN L 405 -13.50 49.52 3.69
N ILE L 406 -13.77 50.71 3.16
CA ILE L 406 -15.05 50.98 2.50
C ILE L 406 -15.17 50.13 1.24
N GLN L 407 -14.10 50.05 0.45
CA GLN L 407 -14.14 49.21 -0.74
C GLN L 407 -14.34 47.74 -0.36
N ARG L 408 -13.67 47.29 0.70
CA ARG L 408 -13.88 45.94 1.21
C ARG L 408 -15.34 45.70 1.54
N LYS L 409 -15.95 46.64 2.26
CA LYS L 409 -17.34 46.50 2.67
C LYS L 409 -18.27 46.47 1.46
N THR L 410 -17.97 47.31 0.46
CA THR L 410 -18.77 47.28 -0.77
C THR L 410 -18.67 45.93 -1.45
N ASN L 411 -17.47 45.35 -1.50
CA ASN L 411 -17.30 44.03 -2.09
C ASN L 411 -18.13 43.00 -1.34
N THR L 412 -18.10 43.04 -0.01
CA THR L 412 -18.84 42.06 0.77
C THR L 412 -20.35 42.21 0.55
N LEU L 413 -20.84 43.44 0.54
CA LEU L 413 -22.27 43.67 0.37
C LEU L 413 -22.74 43.25 -1.02
N LEU L 414 -21.97 43.60 -2.05
CA LEU L 414 -22.33 43.18 -3.39
C LEU L 414 -22.23 41.66 -3.52
N THR L 415 -21.33 41.02 -2.79
CA THR L 415 -21.27 39.56 -2.81
C THR L 415 -22.53 38.95 -2.20
N THR L 416 -22.99 39.49 -1.08
CA THR L 416 -24.22 38.94 -0.49
C THR L 416 -25.41 39.18 -1.41
N LEU L 417 -25.42 40.30 -2.13
CA LEU L 417 -26.45 40.50 -3.14
C LEU L 417 -26.33 39.48 -4.27
N TYR L 418 -25.10 39.15 -4.67
CA TYR L 418 -24.89 38.13 -5.68
C TYR L 418 -25.47 36.80 -5.22
N GLN L 419 -25.22 36.42 -3.96
CA GLN L 419 -25.78 35.17 -3.46
C GLN L 419 -27.29 35.27 -3.29
N ALA L 420 -27.82 36.47 -3.12
CA ALA L 420 -29.27 36.64 -3.20
C ALA L 420 -29.78 36.31 -4.59
N GLY L 421 -29.08 36.75 -5.62
CA GLY L 421 -29.40 36.34 -6.98
C GLY L 421 -29.97 37.44 -7.85
N LEU L 422 -29.55 38.69 -7.59
CA LEU L 422 -30.08 39.85 -8.29
C LEU L 422 -29.29 40.21 -9.54
N PHE L 423 -28.30 39.42 -9.92
CA PHE L 423 -27.39 39.77 -10.99
C PHE L 423 -27.37 38.68 -12.06
N TYR L 424 -26.91 39.05 -13.25
CA TYR L 424 -26.75 38.12 -14.36
C TYR L 424 -25.26 37.85 -14.54
N GLY L 425 -24.79 36.76 -13.96
CA GLY L 425 -23.41 36.34 -14.14
C GLY L 425 -23.09 35.04 -13.45
N GLN L 426 -22.36 34.16 -14.14
CA GLN L 426 -21.90 32.93 -13.50
C GLN L 426 -20.97 33.23 -12.33
N THR L 427 -20.34 34.40 -12.32
CA THR L 427 -19.39 34.77 -11.28
C THR L 427 -19.55 36.25 -10.95
N THR L 428 -19.09 36.61 -9.75
CA THR L 428 -19.12 38.00 -9.32
C THR L 428 -18.39 38.89 -10.32
N SER L 429 -17.33 38.37 -10.96
CA SER L 429 -16.62 39.14 -11.97
C SER L 429 -17.49 39.48 -13.16
N GLU L 430 -18.49 38.65 -13.46
CA GLU L 430 -19.49 38.98 -14.46
C GLU L 430 -20.63 39.80 -13.90
N ALA L 431 -20.86 39.72 -12.59
CA ALA L 431 -22.00 40.38 -11.95
C ALA L 431 -21.76 41.85 -11.67
N PHE L 432 -20.62 42.22 -11.10
CA PHE L 432 -20.42 43.60 -10.68
C PHE L 432 -18.92 43.91 -10.59
N SER L 433 -18.63 45.20 -10.44
CA SER L 433 -17.28 45.70 -10.20
C SER L 433 -17.36 46.97 -9.37
N VAL L 434 -16.31 47.21 -8.60
CA VAL L 434 -16.26 48.31 -7.64
C VAL L 434 -14.99 49.13 -7.88
N LEU L 435 -15.06 50.41 -7.52
CA LEU L 435 -13.88 51.28 -7.56
C LEU L 435 -14.12 52.41 -6.55
N GLY L 436 -13.47 52.31 -5.39
CA GLY L 436 -13.63 53.31 -4.35
C GLY L 436 -12.38 53.55 -3.55
N ASP L 437 -11.24 53.08 -4.05
CA ASP L 437 -9.98 53.19 -3.32
C ASP L 437 -9.53 54.65 -3.27
N ALA L 438 -8.38 54.86 -2.61
CA ALA L 438 -7.87 56.22 -2.43
C ALA L 438 -7.42 56.86 -3.73
N SER L 439 -7.32 56.10 -4.81
CA SER L 439 -6.87 56.67 -6.08
C SER L 439 -7.88 57.65 -6.65
N VAL L 440 -9.17 57.46 -6.37
CA VAL L 440 -10.22 58.30 -6.93
C VAL L 440 -10.72 59.32 -5.89
N GLN L 441 -9.92 59.63 -4.88
CA GLN L 441 -10.28 60.60 -3.86
C GLN L 441 -9.42 61.85 -4.03
N VAL L 442 -10.07 63.00 -4.07
CA VAL L 442 -9.40 64.28 -4.29
C VAL L 442 -9.17 64.94 -2.93
N PRO L 443 -7.94 65.41 -2.63
CA PRO L 443 -7.73 66.04 -1.31
C PRO L 443 -8.67 67.20 -1.04
N SER L 444 -8.97 68.03 -2.05
CA SER L 444 -9.85 69.16 -1.82
C SER L 444 -11.23 68.70 -1.40
N LEU L 445 -11.76 67.67 -2.06
CA LEU L 445 -13.07 67.15 -1.68
C LEU L 445 -13.02 66.45 -0.32
N LEU L 446 -11.91 65.75 -0.03
CA LEU L 446 -11.77 65.12 1.28
C LEU L 446 -11.79 66.16 2.39
N GLN L 447 -11.19 67.34 2.15
CA GLN L 447 -11.25 68.40 3.14
C GLN L 447 -12.70 68.78 3.46
N GLN L 448 -13.59 68.69 2.48
CA GLN L 448 -15.01 68.96 2.69
C GLN L 448 -15.77 67.72 3.16
N GLY L 449 -15.14 66.55 3.14
CA GLY L 449 -15.80 65.35 3.61
C GLY L 449 -16.50 64.53 2.55
N LEU L 450 -16.14 64.71 1.29
CA LEU L 450 -16.76 63.97 0.19
C LEU L 450 -15.92 62.74 -0.15
N VAL L 451 -16.59 61.61 -0.33
CA VAL L 451 -15.96 60.37 -0.78
C VAL L 451 -16.76 59.84 -1.97
N ASN L 452 -16.05 59.52 -3.04
CA ASN L 452 -16.67 59.06 -4.28
C ASN L 452 -16.44 57.57 -4.45
N MET L 453 -17.52 56.84 -4.73
CA MET L 453 -17.47 55.41 -5.01
C MET L 453 -18.15 55.17 -6.35
N PHE L 454 -17.64 54.21 -7.11
CA PHE L 454 -18.17 53.88 -8.42
C PHE L 454 -18.49 52.40 -8.47
N ILE L 455 -19.70 52.06 -8.93
CA ILE L 455 -20.19 50.69 -8.95
C ILE L 455 -20.74 50.40 -10.33
N TRP L 456 -20.37 49.25 -10.87
CA TRP L 456 -20.96 48.72 -12.11
C TRP L 456 -21.67 47.42 -11.78
N VAL L 457 -22.92 47.29 -12.25
CA VAL L 457 -23.71 46.10 -11.99
C VAL L 457 -24.37 45.65 -13.28
N VAL L 458 -24.70 44.36 -13.34
CA VAL L 458 -25.38 43.77 -14.48
C VAL L 458 -26.65 43.09 -13.97
N PRO L 459 -27.78 43.80 -13.90
CA PRO L 459 -28.99 43.20 -13.32
C PRO L 459 -29.50 42.04 -14.15
N SER L 460 -30.14 41.10 -13.47
CA SER L 460 -30.79 39.99 -14.14
C SER L 460 -32.05 40.47 -14.86
N THR L 461 -32.43 39.73 -15.89
CA THR L 461 -33.63 40.00 -16.67
C THR L 461 -34.68 38.93 -16.38
N ILE L 462 -35.81 39.02 -17.08
CA ILE L 462 -36.94 38.12 -16.88
C ILE L 462 -37.36 37.55 -18.22
N ILE L 463 -38.27 36.58 -18.15
CA ILE L 463 -38.89 36.00 -19.33
C ILE L 463 -40.25 36.65 -19.50
N GLU L 464 -40.42 37.39 -20.59
CA GLU L 464 -41.66 38.12 -20.84
C GLU L 464 -42.55 37.44 -21.87
N ARG L 465 -42.00 36.97 -22.98
CA ARG L 465 -42.77 36.26 -23.99
C ARG L 465 -41.96 35.09 -24.52
N LEU L 466 -42.53 33.90 -24.46
CA LEU L 466 -41.89 32.67 -24.89
C LEU L 466 -42.50 32.24 -26.21
N ILE L 467 -41.66 32.07 -27.24
CA ILE L 467 -42.11 31.72 -28.58
C ILE L 467 -41.75 30.26 -28.84
N ILE L 468 -42.72 29.50 -29.31
CA ILE L 468 -42.53 28.09 -29.64
C ILE L 468 -42.59 27.96 -31.15
N ASN L 469 -41.46 27.59 -31.76
CA ASN L 469 -41.39 27.29 -33.18
C ASN L 469 -41.45 25.77 -33.35
N ILE L 470 -42.50 25.29 -34.01
CA ILE L 470 -42.78 23.87 -34.11
C ILE L 470 -42.80 23.47 -35.57
N LYS L 471 -42.25 22.30 -35.86
CA LYS L 471 -42.29 21.71 -37.20
C LYS L 471 -42.93 20.34 -37.13
N GLN L 472 -43.74 20.04 -38.15
CA GLN L 472 -44.41 18.75 -38.27
C GLN L 472 -43.72 17.82 -39.27
N THR L 473 -42.85 16.95 -38.77
CA THR L 473 -42.10 16.05 -39.64
C THR L 473 -42.91 14.85 -40.14
N ALA L 474 -42.55 14.39 -41.33
CA ALA L 474 -43.17 13.19 -41.88
C ALA L 474 -42.74 11.96 -41.09
N ILE L 475 -43.41 10.84 -41.37
CA ILE L 475 -43.14 9.60 -40.64
C ILE L 475 -41.72 9.15 -40.92
N GLY L 476 -40.92 9.00 -39.86
CA GLY L 476 -39.60 8.42 -39.95
C GLY L 476 -38.48 9.38 -40.31
N ASP L 477 -38.79 10.64 -40.61
CA ASP L 477 -37.78 11.62 -40.98
C ASP L 477 -37.35 12.51 -39.82
N LEU L 478 -37.81 12.20 -38.60
CA LEU L 478 -37.58 13.09 -37.47
C LEU L 478 -36.09 13.30 -37.21
N GLU L 479 -35.30 12.23 -37.24
CA GLU L 479 -33.90 12.35 -36.85
C GLU L 479 -33.12 13.18 -37.86
N ALA L 480 -33.28 12.89 -39.15
CA ALA L 480 -32.58 13.67 -40.17
C ALA L 480 -33.03 15.13 -40.15
N THR L 481 -34.34 15.36 -40.04
CA THR L 481 -34.84 16.73 -40.01
C THR L 481 -34.28 17.49 -38.81
N VAL L 482 -34.28 16.85 -37.64
CA VAL L 482 -33.78 17.50 -36.44
C VAL L 482 -32.29 17.79 -36.59
N ALA L 483 -31.52 16.85 -37.11
CA ALA L 483 -30.09 17.09 -37.29
C ALA L 483 -29.86 18.31 -38.18
N LEU L 484 -30.50 18.32 -39.35
CA LEU L 484 -30.31 19.44 -40.29
C LEU L 484 -30.70 20.77 -39.63
N ASP L 485 -31.90 20.83 -39.06
CA ASP L 485 -32.42 22.09 -38.54
C ASP L 485 -31.60 22.57 -37.35
N THR L 486 -31.22 21.65 -36.45
CA THR L 486 -30.41 22.04 -35.30
C THR L 486 -29.05 22.54 -35.74
N ALA L 487 -28.43 21.88 -36.72
CA ALA L 487 -27.16 22.38 -37.24
C ALA L 487 -27.33 23.80 -37.76
N ALA L 488 -28.38 24.04 -38.56
CA ALA L 488 -28.58 25.37 -39.12
C ALA L 488 -28.78 26.42 -38.02
N LEU L 489 -29.65 26.11 -37.05
CA LEU L 489 -29.96 27.08 -36.00
C LEU L 489 -28.73 27.37 -35.14
N GLN L 490 -28.02 26.33 -34.72
CA GLN L 490 -26.82 26.53 -33.90
C GLN L 490 -25.78 27.34 -34.65
N SER L 491 -25.57 27.03 -35.94
CA SER L 491 -24.62 27.79 -36.73
C SER L 491 -25.02 29.26 -36.81
N SER L 492 -26.30 29.54 -37.06
CA SER L 492 -26.73 30.92 -37.16
C SER L 492 -26.53 31.65 -35.85
N VAL L 493 -26.88 31.01 -34.72
CA VAL L 493 -26.74 31.68 -33.43
C VAL L 493 -25.27 31.94 -33.13
N GLU L 494 -24.40 30.96 -33.38
CA GLU L 494 -22.98 31.14 -33.10
C GLU L 494 -22.38 32.25 -33.97
N GLU L 495 -22.74 32.28 -35.26
CA GLU L 495 -22.22 33.33 -36.13
C GLU L 495 -22.73 34.70 -35.72
N GLY L 496 -23.99 34.79 -35.27
CA GLY L 496 -24.61 36.04 -34.95
C GLY L 496 -25.59 36.55 -35.99
N THR L 497 -25.82 35.79 -37.06
CA THR L 497 -26.81 36.15 -38.06
C THR L 497 -28.22 35.73 -37.68
N ALA L 498 -28.39 35.01 -36.58
CA ALA L 498 -29.71 34.56 -36.18
C ALA L 498 -30.67 35.74 -36.03
N THR L 499 -30.25 36.76 -35.28
CA THR L 499 -31.09 37.95 -35.12
C THR L 499 -31.04 38.82 -36.36
N GLU L 500 -29.90 38.85 -37.05
CA GLU L 500 -29.75 39.71 -38.21
C GLU L 500 -30.77 39.37 -39.28
N GLY L 501 -31.38 40.39 -39.85
CA GLY L 501 -32.42 40.22 -40.84
C GLY L 501 -33.51 41.25 -40.64
N THR L 502 -34.71 40.90 -41.10
CA THR L 502 -35.87 41.75 -40.94
C THR L 502 -36.82 41.14 -39.90
N ALA L 503 -37.36 42.00 -39.04
CA ALA L 503 -38.30 41.57 -38.02
C ALA L 503 -39.73 41.39 -38.49
N PRO L 504 -40.22 40.15 -38.64
CA PRO L 504 -41.56 39.97 -39.21
C PRO L 504 -42.67 40.12 -38.19
N VAL L 505 -43.74 40.83 -38.56
CA VAL L 505 -44.94 40.82 -37.75
C VAL L 505 -45.62 39.46 -37.88
N THR M 2 26.11 3.54 65.69
CA THR M 2 25.81 4.09 64.38
C THR M 2 26.01 3.02 63.31
N ASN M 3 25.43 3.25 62.12
CA ASN M 3 25.32 2.19 61.12
C ASN M 3 26.66 1.81 60.52
N PHE M 4 27.67 2.68 60.62
CA PHE M 4 28.92 2.47 59.89
C PHE M 4 29.96 1.68 60.68
N LEU M 5 29.91 1.73 62.01
CA LEU M 5 30.96 1.14 62.84
C LEU M 5 30.73 -0.33 63.15
N ASN M 6 29.77 -0.97 62.49
CA ASN M 6 29.41 -2.34 62.85
C ASN M 6 30.58 -3.30 62.66
N GLY M 7 31.30 -3.17 61.55
CA GLY M 7 32.36 -4.10 61.22
C GLY M 7 33.72 -3.80 61.79
N VAL M 8 33.85 -2.76 62.61
CA VAL M 8 35.17 -2.37 63.11
C VAL M 8 35.78 -3.49 63.95
N ASN M 9 35.00 -4.04 64.88
CA ASN M 9 35.49 -5.05 65.80
C ASN M 9 35.21 -6.46 65.27
N ILE M 10 35.63 -6.71 64.03
CA ILE M 10 35.51 -8.05 63.44
C ILE M 10 36.88 -8.26 62.80
N GLY M 11 37.41 -9.48 62.84
CA GLY M 11 38.75 -9.72 62.32
C GLY M 11 38.80 -10.67 61.14
N THR M 12 38.00 -11.73 61.17
CA THR M 12 37.94 -12.65 60.04
C THR M 12 37.48 -11.87 58.82
N PRO M 13 38.15 -12.08 57.69
CA PRO M 13 37.80 -11.30 56.48
C PRO M 13 36.60 -11.77 55.67
N GLY M 14 35.37 -11.68 56.16
CA GLY M 14 34.22 -12.05 55.36
C GLY M 14 33.16 -10.98 55.16
N ALA M 15 31.99 -11.35 54.66
CA ALA M 15 30.90 -10.39 54.51
C ALA M 15 29.84 -10.70 55.55
N TYR M 16 29.43 -9.68 56.30
CA TYR M 16 28.56 -9.85 57.44
C TYR M 16 27.37 -8.92 57.34
N ALA M 17 26.23 -9.35 57.90
CA ALA M 17 24.98 -8.62 57.83
C ALA M 17 24.48 -8.11 59.17
N PHE M 18 24.30 -6.80 59.27
CA PHE M 18 23.66 -6.16 60.41
C PHE M 18 22.35 -5.54 59.98
N TYR M 19 21.57 -5.07 60.95
CA TYR M 19 20.28 -4.46 60.69
C TYR M 19 20.37 -2.95 60.87
N GLN M 20 19.88 -2.21 59.88
CA GLN M 20 19.97 -0.76 59.89
C GLN M 20 19.25 -0.20 61.11
N THR M 21 19.91 0.73 61.80
CA THR M 21 19.27 1.47 62.88
C THR M 21 19.00 2.90 62.38
N THR M 22 18.44 3.73 63.24
CA THR M 22 18.13 5.12 62.86
C THR M 22 19.42 5.92 62.81
N GLN M 23 19.66 6.58 61.68
CA GLN M 23 20.87 7.36 61.48
C GLN M 23 20.55 8.83 61.78
N SER M 24 21.12 9.34 62.87
CA SER M 24 20.92 10.74 63.27
C SER M 24 21.83 11.59 62.38
N ARG M 25 21.25 12.18 61.34
CA ARG M 25 22.04 12.93 60.38
C ARG M 25 22.50 14.25 60.99
N PRO M 26 23.56 14.85 60.45
CA PRO M 26 24.14 16.03 61.07
C PRO M 26 23.29 17.28 60.88
N ILE M 27 23.47 18.22 61.79
CA ILE M 27 22.81 19.52 61.74
C ILE M 27 23.83 20.54 61.28
N ASN M 28 23.52 21.25 60.19
CA ASN M 28 24.40 22.30 59.72
C ASN M 28 24.46 23.42 60.75
N VAL M 29 25.67 23.89 61.05
CA VAL M 29 25.84 24.99 61.98
C VAL M 29 25.37 26.26 61.28
N GLU M 30 24.14 26.69 61.59
CA GLU M 30 23.49 27.77 60.89
C GLU M 30 22.79 28.67 61.89
N PRO M 31 22.51 29.92 61.51
CA PRO M 31 21.95 30.89 62.48
C PRO M 31 20.74 30.39 63.26
N PHE M 32 19.68 29.97 62.58
CA PHE M 32 18.35 29.86 63.18
C PHE M 32 17.76 28.47 63.01
N ARG M 33 18.52 27.44 63.37
CA ARG M 33 17.98 26.09 63.50
C ARG M 33 18.38 25.49 64.85
N THR M 34 18.19 26.28 65.90
CA THR M 34 18.45 25.83 67.27
C THR M 34 17.43 26.45 68.21
N CYS M 35 17.16 25.76 69.31
CA CYS M 35 16.27 26.25 70.36
C CYS M 35 16.97 26.12 71.69
N TYR M 36 16.78 27.11 72.56
CA TYR M 36 17.37 27.16 73.89
C TYR M 36 16.24 27.17 74.91
N MET M 37 16.10 26.06 75.64
CA MET M 37 15.11 25.95 76.70
C MET M 37 15.76 26.20 78.05
N VAL M 38 15.16 27.08 78.83
CA VAL M 38 15.61 27.37 80.19
C VAL M 38 14.70 26.63 81.14
N GLY M 39 15.28 25.75 81.96
CA GLY M 39 14.49 24.95 82.88
C GLY M 39 15.24 24.77 84.19
N PHE M 40 14.65 23.97 85.07
CA PHE M 40 15.23 23.66 86.37
C PHE M 40 15.19 22.16 86.61
N ALA M 41 16.27 21.63 87.16
CA ALA M 41 16.34 20.25 87.61
C ALA M 41 16.98 20.23 88.99
N SER M 42 16.49 19.35 89.87
CA SER M 42 17.10 19.20 91.17
C SER M 42 18.56 18.77 91.04
N ASN M 43 18.85 17.90 90.07
CA ASN M 43 20.21 17.50 89.76
C ASN M 43 20.88 18.63 88.99
N GLY M 44 21.60 19.49 89.71
CA GLY M 44 22.29 20.60 89.09
C GLY M 44 23.50 20.12 88.31
N VAL M 45 23.29 19.21 87.36
CA VAL M 45 24.40 18.62 86.63
C VAL M 45 25.16 19.67 85.85
N ASN M 46 24.44 20.56 85.17
CA ASN M 46 25.03 21.67 84.41
C ASN M 46 24.36 22.95 84.89
N LYS M 47 24.90 23.52 85.96
CA LYS M 47 24.31 24.72 86.57
C LYS M 47 24.62 25.92 85.69
N ASN M 48 23.57 26.49 85.08
CA ASN M 48 23.71 27.68 84.24
C ASN M 48 24.72 27.45 83.11
N VAL M 49 24.67 26.26 82.52
CA VAL M 49 25.57 25.91 81.42
C VAL M 49 24.73 25.34 80.28
N PRO M 50 24.63 26.03 79.14
CA PRO M 50 23.87 25.47 78.01
C PRO M 50 24.49 24.16 77.53
N THR M 51 23.71 23.08 77.59
CA THR M 51 24.16 21.77 77.19
C THR M 51 23.21 21.22 76.13
N ARG M 52 23.78 20.70 75.04
CA ARG M 52 22.95 20.16 73.98
C ARG M 52 22.28 18.87 74.42
N ILE M 53 21.08 18.62 73.91
CA ILE M 53 20.28 17.46 74.26
C ILE M 53 20.11 16.63 73.00
N SER M 54 20.56 15.37 73.04
CA SER M 54 20.43 14.50 71.88
C SER M 54 18.98 14.08 71.68
N ASN M 55 18.29 13.72 72.75
CA ASN M 55 16.90 13.29 72.68
C ASN M 55 16.33 13.25 74.09
N LEU M 56 15.07 12.81 74.19
CA LEU M 56 14.38 12.82 75.48
C LEU M 56 15.06 11.89 76.47
N THR M 57 15.50 10.72 76.02
CA THR M 57 16.19 9.80 76.91
C THR M 57 17.49 10.40 77.43
N ASP M 58 18.24 11.08 76.55
CA ASP M 58 19.45 11.76 76.99
C ASP M 58 19.14 12.83 78.03
N PHE M 59 18.08 13.61 77.79
CA PHE M 59 17.70 14.63 78.76
C PHE M 59 17.35 14.01 80.10
N THR M 60 16.58 12.93 80.08
CA THR M 60 16.18 12.27 81.32
C THR M 60 17.40 11.73 82.06
N ASN M 61 18.34 11.13 81.34
CA ASN M 61 19.53 10.59 81.98
C ASN M 61 20.38 11.69 82.59
N VAL M 62 20.62 12.77 81.86
CA VAL M 62 21.51 13.81 82.36
C VAL M 62 20.88 14.58 83.51
N TYR M 63 19.60 14.94 83.37
CA TYR M 63 18.94 15.83 84.32
C TYR M 63 17.92 15.15 85.22
N GLY M 64 17.51 13.92 84.90
CA GLY M 64 16.53 13.27 85.73
C GLY M 64 15.18 13.96 85.69
N THR M 65 14.45 13.89 86.80
CA THR M 65 13.12 14.47 86.86
C THR M 65 13.18 15.98 86.71
N SER M 66 12.25 16.53 85.95
CA SER M 66 12.17 17.96 85.71
C SER M 66 10.82 18.27 85.08
N ALA M 67 10.30 19.46 85.37
CA ALA M 67 9.01 19.86 84.83
C ALA M 67 9.05 20.12 83.33
N SER M 68 10.22 20.15 82.72
CA SER M 68 10.38 20.43 81.30
C SER M 68 10.40 19.18 80.43
N THR M 69 10.18 18.00 81.03
CA THR M 69 10.26 16.76 80.26
C THR M 69 9.23 16.75 79.14
N ASN M 70 8.00 17.15 79.44
CA ASN M 70 6.95 17.16 78.41
C ASN M 70 7.30 18.16 77.30
N SER M 71 7.82 19.33 77.67
CA SER M 71 8.20 20.31 76.66
C SER M 71 9.31 19.77 75.75
N VAL M 72 10.29 19.10 76.33
CA VAL M 72 11.36 18.52 75.53
C VAL M 72 10.81 17.45 74.61
N ASP M 73 9.91 16.61 75.13
CA ASP M 73 9.32 15.56 74.31
C ASP M 73 8.57 16.14 73.12
N LEU M 74 7.76 17.18 73.36
CA LEU M 74 7.04 17.80 72.26
C LEU M 74 7.99 18.47 71.28
N PHE M 75 9.04 19.11 71.78
CA PHE M 75 10.01 19.74 70.89
C PHE M 75 10.60 18.72 69.94
N PHE M 76 11.08 17.59 70.46
CA PHE M 76 11.66 16.58 69.59
C PHE M 76 10.62 15.96 68.67
N LYS M 77 9.42 15.70 69.18
CA LYS M 77 8.37 15.13 68.35
C LYS M 77 8.09 16.01 67.14
N ASN M 78 8.01 17.32 67.33
CA ASN M 78 7.72 18.24 66.25
C ASN M 78 8.93 18.59 65.39
N SER M 79 10.14 18.48 65.95
CA SER M 79 11.34 18.73 65.17
C SER M 79 11.69 17.57 64.25
N GLN M 80 11.28 16.35 64.61
CA GLN M 80 11.41 15.20 63.72
C GLN M 80 12.87 14.97 63.32
N GLY M 81 13.76 15.17 64.28
CA GLY M 81 15.17 14.91 64.07
C GLY M 81 15.97 16.08 63.53
N PHE M 82 15.31 17.16 63.09
CA PHE M 82 16.01 18.35 62.65
C PHE M 82 16.07 19.36 63.80
N GLY M 83 16.99 20.32 63.66
CA GLY M 83 17.15 21.33 64.69
C GLY M 83 17.83 20.80 65.93
N ASN M 84 18.38 21.70 66.74
CA ASN M 84 19.07 21.35 67.97
C ASN M 84 18.32 21.92 69.18
N LEU M 85 18.48 21.23 70.31
CA LEU M 85 17.95 21.69 71.59
C LEU M 85 19.10 21.87 72.57
N TYR M 86 19.13 23.02 73.23
CA TYR M 86 20.10 23.29 74.29
C TYR M 86 19.34 23.60 75.57
N PHE M 87 19.55 22.78 76.60
CA PHE M 87 18.93 22.98 77.89
C PHE M 87 19.86 23.78 78.80
N VAL M 88 19.29 24.72 79.54
CA VAL M 88 20.02 25.50 80.52
C VAL M 88 19.36 25.29 81.87
N ASN M 89 20.09 24.66 82.79
CA ASN M 89 19.61 24.39 84.13
C ASN M 89 19.88 25.61 85.01
N VAL M 90 18.81 26.22 85.53
CA VAL M 90 18.95 27.42 86.35
C VAL M 90 19.66 27.06 87.65
N ALA M 91 20.66 27.86 88.01
CA ALA M 91 21.45 27.60 89.20
C ALA M 91 20.88 28.37 90.38
N ILE M 92 20.62 27.64 91.47
CA ILE M 92 20.16 28.25 92.71
C ILE M 92 21.41 28.62 93.53
N PRO M 93 21.63 29.90 93.83
CA PRO M 93 22.85 30.27 94.55
C PRO M 93 22.89 29.66 95.94
N THR M 94 24.09 29.37 96.41
CA THR M 94 24.28 28.79 97.73
C THR M 94 24.13 29.86 98.80
N ARG M 95 23.67 29.45 99.98
CA ARG M 95 23.60 30.29 101.16
C ARG M 95 24.33 29.59 102.29
N TYR M 96 25.11 30.36 103.05
CA TYR M 96 25.80 29.84 104.22
C TYR M 96 25.23 30.53 105.45
N GLN M 97 24.66 29.74 106.35
CA GLN M 97 24.01 30.23 107.56
C GLN M 97 24.99 30.11 108.72
N ILE M 98 25.39 31.26 109.25
CA ILE M 98 26.33 31.34 110.37
C ILE M 98 25.56 31.83 111.58
N VAL M 99 25.78 31.17 112.72
CA VAL M 99 25.17 31.56 113.98
C VAL M 99 26.28 31.86 114.97
N VAL M 100 26.18 33.01 115.63
CA VAL M 100 27.12 33.38 116.69
C VAL M 100 26.52 32.85 117.99
N THR M 101 26.79 31.58 118.26
CA THR M 101 26.22 30.92 119.43
C THR M 101 26.72 31.53 120.74
N ALA M 102 27.83 32.26 120.71
CA ALA M 102 28.40 32.82 121.93
C ALA M 102 29.17 34.08 121.57
N ALA M 103 29.41 34.91 122.59
CA ALA M 103 30.13 36.16 122.45
C ALA M 103 31.43 36.13 123.25
N THR M 104 32.08 34.96 123.30
CA THR M 104 33.30 34.80 124.07
C THR M 104 34.48 35.44 123.34
N ALA M 105 35.31 36.16 124.10
CA ALA M 105 36.46 36.83 123.53
C ALA M 105 37.43 35.84 122.92
N GLY M 106 38.05 36.22 121.82
CA GLY M 106 39.03 35.38 121.14
C GLY M 106 39.12 35.74 119.67
N SER M 107 40.22 35.33 119.06
CA SER M 107 40.45 35.55 117.64
C SER M 107 39.92 34.37 116.84
N TYR M 108 39.30 34.67 115.70
CA TYR M 108 38.68 33.65 114.88
C TYR M 108 38.74 34.06 113.41
N SER M 109 38.59 33.09 112.53
CA SER M 109 38.70 33.30 111.09
C SER M 109 37.40 32.88 110.41
N VAL M 110 37.00 33.68 109.42
CA VAL M 110 35.85 33.38 108.57
C VAL M 110 36.33 33.48 107.13
N THR M 111 36.42 32.34 106.45
CA THR M 111 36.93 32.29 105.08
C THR M 111 35.77 32.12 104.12
N VAL M 112 35.78 32.91 103.05
CA VAL M 112 34.80 32.83 101.98
C VAL M 112 35.56 32.74 100.67
N ASN M 113 35.41 31.61 99.96
CA ASN M 113 36.09 31.37 98.70
C ASN M 113 37.57 31.74 98.77
N GLY M 114 38.21 31.32 99.86
CA GLY M 114 39.63 31.48 100.03
C GLY M 114 40.06 32.78 100.67
N VAL M 115 39.17 33.77 100.76
CA VAL M 115 39.49 35.05 101.36
C VAL M 115 39.13 35.00 102.83
N THR M 116 40.11 35.20 103.71
CA THR M 116 39.93 35.06 105.14
C THR M 116 39.74 36.43 105.78
N LYS M 117 38.73 36.54 106.63
CA LYS M 117 38.48 37.73 107.43
C LYS M 117 38.65 37.38 108.90
N ALA M 118 39.43 38.18 109.61
CA ALA M 118 39.76 37.92 111.00
C ALA M 118 38.82 38.72 111.91
N ILE M 119 38.27 38.05 112.92
CA ILE M 119 37.38 38.67 113.89
C ILE M 119 38.01 38.53 115.27
N THR M 120 38.14 39.64 115.97
CA THR M 120 38.69 39.66 117.33
C THR M 120 37.54 39.92 118.30
N VAL M 121 37.04 38.87 118.93
CA VAL M 121 35.97 38.98 119.92
C VAL M 121 36.58 39.50 121.21
N VAL M 122 35.90 40.46 121.83
CA VAL M 122 36.45 41.19 122.98
C VAL M 122 35.42 41.19 124.10
N GLY M 123 35.86 41.60 125.28
CA GLY M 123 34.97 41.66 126.42
C GLY M 123 33.88 42.70 126.22
N GLY M 124 32.71 42.41 126.76
CA GLY M 124 31.55 43.28 126.62
C GLY M 124 30.86 43.17 125.28
N ALA M 125 31.40 42.41 124.34
CA ALA M 125 30.77 42.24 123.03
C ALA M 125 29.61 41.27 123.13
N THR M 126 28.63 41.46 122.24
CA THR M 126 27.47 40.58 122.15
C THR M 126 27.43 39.94 120.77
N THR M 127 26.71 38.81 120.68
CA THR M 127 26.62 38.09 119.42
C THR M 127 26.11 38.99 118.31
N THR M 128 25.23 39.94 118.65
CA THR M 128 24.78 40.91 117.65
C THR M 128 25.94 41.72 117.12
N THR M 129 26.82 42.18 118.02
CA THR M 129 27.99 42.94 117.60
C THR M 129 28.91 42.10 116.74
N ILE M 130 29.10 40.83 117.11
CA ILE M 130 29.98 39.96 116.34
C ILE M 130 29.43 39.76 114.93
N ALA M 131 28.13 39.48 114.83
CA ALA M 131 27.52 39.28 113.52
C ALA M 131 27.59 40.55 112.69
N ALA M 132 27.32 41.71 113.30
CA ALA M 132 27.40 42.97 112.56
C ALA M 132 28.82 43.23 112.06
N ASP M 133 29.82 42.95 112.90
CA ASP M 133 31.21 43.15 112.48
C ASP M 133 31.57 42.21 111.34
N VAL M 134 31.13 40.96 111.41
CA VAL M 134 31.42 40.01 110.33
C VAL M 134 30.76 40.48 109.03
N ILE M 135 29.50 40.91 109.12
CA ILE M 135 28.80 41.39 107.93
C ILE M 135 29.50 42.59 107.34
N SER M 136 29.91 43.54 108.19
CA SER M 136 30.60 44.73 107.70
C SER M 136 31.90 44.35 107.03
N ALA M 137 32.68 43.45 107.64
CA ALA M 137 33.94 43.04 107.05
C ALA M 137 33.73 42.41 105.68
N ILE M 138 32.78 41.47 105.59
CA ILE M 138 32.56 40.78 104.32
C ILE M 138 32.07 41.74 103.26
N ASN M 139 31.12 42.61 103.60
CA ASN M 139 30.52 43.50 102.60
C ASN M 139 31.46 44.64 102.19
N ASN M 140 32.39 45.04 103.07
CA ASN M 140 33.38 46.04 102.70
C ASN M 140 34.61 45.44 102.04
N ASP M 141 34.81 44.13 102.14
CA ASP M 141 35.89 43.49 101.41
C ASP M 141 35.70 43.70 99.92
N THR M 142 36.77 44.11 99.24
CA THR M 142 36.64 44.51 97.83
C THR M 142 36.36 43.31 96.94
N VAL M 143 36.66 42.10 97.40
CA VAL M 143 36.43 40.89 96.61
C VAL M 143 35.11 40.23 96.99
N LEU M 144 34.89 40.04 98.29
CA LEU M 144 33.65 39.41 98.74
C LEU M 144 32.45 40.29 98.42
N ASN M 145 32.59 41.61 98.44
CA ASN M 145 31.48 42.49 98.11
C ASN M 145 30.98 42.26 96.69
N LYS M 146 31.83 41.75 95.81
CA LYS M 146 31.44 41.43 94.44
C LYS M 146 31.11 39.96 94.24
N GLU M 147 31.69 39.07 95.04
CA GLU M 147 31.44 37.64 94.89
C GLU M 147 30.19 37.17 95.61
N VAL M 148 29.90 37.68 96.80
CA VAL M 148 28.75 37.27 97.61
C VAL M 148 28.20 38.50 98.32
N LEU M 149 27.09 38.29 99.04
CA LEU M 149 26.48 39.33 99.84
C LEU M 149 26.13 38.78 101.22
N ALA M 150 26.42 39.54 102.26
CA ALA M 150 26.17 39.12 103.64
C ALA M 150 24.97 39.89 104.19
N THR M 151 24.04 39.15 104.79
CA THR M 151 22.81 39.74 105.33
C THR M 151 22.54 39.14 106.70
N VAL M 152 21.52 39.65 107.38
CA VAL M 152 21.13 39.08 108.67
C VAL M 152 20.06 38.02 108.42
N GLY M 153 19.32 37.66 109.46
CA GLY M 153 18.25 36.70 109.29
C GLY M 153 17.27 36.67 110.43
N GLY M 154 16.93 35.47 110.91
CA GLY M 154 15.99 35.34 112.00
C GLY M 154 16.38 36.15 113.21
N THR M 155 17.58 35.91 113.72
CA THR M 155 18.07 36.69 114.85
C THR M 155 19.07 37.71 114.35
N SER M 156 19.62 38.51 115.26
CA SER M 156 20.62 39.49 114.87
C SER M 156 22.00 38.87 114.92
N SER M 157 22.10 37.64 115.39
CA SER M 157 23.38 36.93 115.40
C SER M 157 23.39 36.06 114.16
N THR M 158 22.24 35.94 113.52
CA THR M 158 22.13 35.13 112.31
C THR M 158 22.75 35.85 111.12
N VAL M 159 23.70 35.21 110.45
CA VAL M 159 24.33 35.77 109.27
C VAL M 159 24.07 34.83 108.10
N VAL M 160 23.84 35.40 106.93
CA VAL M 160 23.58 34.62 105.71
C VAL M 160 24.49 35.15 104.62
N ILE M 161 25.36 34.29 104.11
CA ILE M 161 26.25 34.63 102.99
C ILE M 161 25.62 34.01 101.73
N THR M 162 25.13 34.86 100.84
CA THR M 162 24.45 34.43 99.63
C THR M 162 25.38 34.63 98.43
N SER M 163 25.53 33.57 97.63
CA SER M 163 26.36 33.66 96.44
C SER M 163 25.81 34.68 95.46
N LYS M 164 26.70 35.39 94.78
CA LYS M 164 26.33 36.38 93.78
C LYS M 164 26.61 35.92 92.36
N LYS M 165 27.39 34.85 92.19
CA LYS M 165 27.68 34.25 90.88
C LYS M 165 27.35 32.77 90.97
N PRO M 166 26.09 32.39 90.72
CA PRO M 166 25.72 30.98 90.88
C PRO M 166 26.58 30.02 90.08
N THR M 167 27.03 30.42 88.89
CA THR M 167 27.84 29.54 88.07
C THR M 167 29.07 29.06 88.83
N ASN M 168 29.79 29.98 89.45
CA ASN M 168 31.00 29.63 90.19
C ASN M 168 30.63 29.13 91.58
N THR M 169 31.16 27.97 91.94
CA THR M 169 30.82 27.36 93.22
C THR M 169 31.36 28.16 94.40
N THR M 170 30.47 28.52 95.30
CA THR M 170 30.89 29.26 96.48
C THR M 170 31.27 28.23 97.53
N THR M 171 32.31 28.51 98.32
CA THR M 171 32.77 27.59 99.36
C THR M 171 33.28 28.36 100.57
N ALA M 172 32.55 28.30 101.69
CA ALA M 172 32.95 29.06 102.87
C ALA M 172 33.13 28.22 104.12
N ALA M 173 33.89 28.74 105.10
CA ALA M 173 34.12 28.02 106.37
C ALA M 173 34.49 28.97 107.50
N VAL M 174 34.42 28.50 108.75
CA VAL M 174 34.77 29.30 109.92
C VAL M 174 35.63 28.45 110.83
N THR M 175 36.41 29.13 111.69
CA THR M 175 37.29 28.48 112.65
C THR M 175 36.99 29.10 114.02
N GLY M 176 36.10 28.46 114.77
CA GLY M 176 35.73 28.94 116.09
C GLY M 176 34.46 28.29 116.61
N VAL M 177 34.45 27.95 117.90
CA VAL M 177 33.27 27.32 118.48
C VAL M 177 32.09 28.29 118.49
N ILE M 178 32.37 29.57 118.72
CA ILE M 178 31.29 30.56 118.74
C ILE M 178 30.62 30.64 117.38
N PHE M 179 31.37 30.43 116.30
CA PHE M 179 30.82 30.44 114.95
C PHE M 179 30.34 29.04 114.61
N THR M 180 29.05 28.91 114.27
CA THR M 180 28.49 27.65 113.81
C THR M 180 28.00 27.84 112.38
N LEU M 181 28.46 26.96 111.48
CA LEU M 181 28.20 27.10 110.05
C LEU M 181 27.31 25.96 109.57
N THR M 182 26.34 26.31 108.71
CA THR M 182 25.47 25.33 108.07
C THR M 182 25.24 25.78 106.63
N THR M 183 24.83 24.84 105.79
CA THR M 183 24.67 25.06 104.36
C THR M 183 23.18 25.07 104.02
N THR M 184 22.67 26.24 103.66
CA THR M 184 21.30 26.38 103.17
C THR M 184 21.32 26.60 101.66
N THR M 185 20.27 26.16 101.00
CA THR M 185 20.14 26.41 99.57
C THR M 185 18.71 26.13 99.12
N GLY M 186 18.08 27.09 98.46
CA GLY M 186 16.72 26.91 98.03
C GLY M 186 16.56 25.69 97.14
N THR M 187 15.59 24.84 97.46
CA THR M 187 15.29 23.70 96.61
C THR M 187 14.48 24.09 95.38
N SER M 188 14.03 25.34 95.30
CA SER M 188 13.22 25.81 94.18
C SER M 188 13.86 27.09 93.63
N PRO M 189 13.99 27.21 92.30
CA PRO M 189 14.59 28.43 91.76
C PRO M 189 13.66 29.62 91.87
N SER M 190 14.26 30.81 91.86
CA SER M 190 13.53 32.06 91.98
C SER M 190 13.51 32.82 90.67
N VAL M 191 12.63 33.82 90.60
CA VAL M 191 12.56 34.66 89.42
C VAL M 191 13.89 35.37 89.19
N ALA M 192 14.55 35.79 90.26
CA ALA M 192 15.87 36.39 90.12
C ALA M 192 16.87 35.39 89.56
N ASP M 193 16.80 34.14 89.99
CA ASP M 193 17.69 33.12 89.43
C ASP M 193 17.46 32.94 87.94
N TYR M 194 16.19 32.88 87.52
CA TYR M 194 15.88 32.76 86.10
C TYR M 194 16.39 33.98 85.33
N VAL M 195 16.21 35.17 85.90
CA VAL M 195 16.65 36.39 85.22
C VAL M 195 18.16 36.39 85.05
N TYR M 196 18.89 36.00 86.10
CA TYR M 196 20.33 35.93 86.00
C TYR M 196 20.76 34.89 84.96
N THR M 197 20.11 33.73 84.96
CA THR M 197 20.45 32.71 83.98
C THR M 197 20.24 33.23 82.57
N ILE M 198 19.18 34.01 82.36
CA ILE M 198 18.90 34.53 81.02
C ILE M 198 19.91 35.59 80.64
N ASN M 199 20.24 36.48 81.56
CA ASN M 199 21.00 37.69 81.24
C ASN M 199 22.51 37.54 81.43
N ASN M 200 22.98 36.40 81.91
CA ASN M 200 24.41 36.25 82.21
C ASN M 200 25.01 34.91 81.84
N THR M 201 24.28 34.06 81.11
CA THR M 201 24.81 32.73 80.83
C THR M 201 24.96 32.43 79.34
N PHE M 202 24.14 33.08 78.51
CA PHE M 202 24.21 32.83 77.07
C PHE M 202 25.44 33.48 76.45
N ASP M 203 25.78 33.07 75.23
CA ASP M 203 26.97 33.59 74.59
C ASP M 203 26.73 34.00 73.16
N PRO M 204 27.40 35.08 72.71
CA PRO M 204 27.26 35.40 71.29
C PRO M 204 27.91 34.35 70.40
N ALA M 205 28.90 33.62 70.92
CA ALA M 205 29.50 32.54 70.14
C ALA M 205 28.51 31.43 69.85
N LEU M 206 27.51 31.27 70.72
CA LEU M 206 26.45 30.30 70.45
C LEU M 206 25.72 30.66 69.16
N GLU M 207 25.14 29.65 68.52
CA GLU M 207 24.36 29.85 67.32
C GLU M 207 23.01 30.46 67.69
N ALA M 208 22.52 31.36 66.86
CA ALA M 208 21.24 32.00 67.10
C ALA M 208 20.14 30.94 67.12
N GLY M 209 18.93 31.38 67.48
CA GLY M 209 17.81 30.46 67.51
C GLY M 209 16.69 31.01 68.38
N PHE M 210 15.76 30.12 68.69
CA PHE M 210 14.63 30.45 69.54
C PHE M 210 15.02 30.30 71.00
N VAL M 211 14.30 31.01 71.88
CA VAL M 211 14.48 30.93 73.31
C VAL M 211 13.12 30.69 73.95
N ILE M 212 13.07 29.76 74.91
CA ILE M 212 11.81 29.38 75.53
C ILE M 212 12.05 29.09 77.02
N ALA M 213 11.07 29.49 77.84
CA ALA M 213 11.05 29.16 79.27
C ALA M 213 9.65 28.67 79.63
N PRO M 214 9.22 27.55 79.04
CA PRO M 214 7.84 27.09 79.30
C PRO M 214 7.57 26.77 80.75
N GLU M 215 8.52 26.12 81.43
CA GLU M 215 8.31 25.78 82.83
C GLU M 215 8.16 27.04 83.68
N ALA M 216 9.00 28.05 83.43
CA ALA M 216 8.90 29.28 84.19
C ALA M 216 7.56 29.97 83.93
N PHE M 217 7.16 30.08 82.66
CA PHE M 217 5.92 30.75 82.34
C PHE M 217 4.70 29.98 82.83
N SER M 218 4.83 28.68 83.07
CA SER M 218 3.72 27.90 83.59
C SER M 218 3.68 27.86 85.11
N THR M 219 4.82 28.03 85.79
CA THR M 219 4.88 27.89 87.24
C THR M 219 4.94 29.23 87.98
N PHE M 220 5.27 30.32 87.32
CA PHE M 220 5.43 31.60 88.00
C PHE M 220 4.14 32.42 87.96
N THR M 221 4.12 33.49 88.74
CA THR M 221 2.96 34.37 88.85
C THR M 221 3.04 35.48 87.80
N LYS M 222 2.12 36.43 87.90
CA LYS M 222 2.01 37.47 86.87
C LYS M 222 3.26 38.34 86.82
N SER M 223 3.68 38.88 87.97
CA SER M 223 4.83 39.77 88.00
C SER M 223 6.10 39.04 87.57
N ASP M 224 6.27 37.80 88.04
CA ASP M 224 7.45 37.03 87.66
C ASP M 224 7.45 36.73 86.17
N ARG M 225 6.29 36.41 85.59
CA ARG M 225 6.21 36.20 84.15
C ARG M 225 6.59 37.47 83.41
N LEU M 226 6.11 38.62 83.88
CA LEU M 226 6.47 39.89 83.23
C LEU M 226 7.97 40.13 83.31
N SER M 227 8.58 39.87 84.47
CA SER M 227 10.01 40.07 84.61
C SER M 227 10.79 39.14 83.68
N ILE M 228 10.37 37.89 83.57
CA ILE M 228 11.04 36.95 82.66
C ILE M 228 10.88 37.41 81.22
N GLN M 229 9.71 37.93 80.86
CA GLN M 229 9.53 38.45 79.51
C GLN M 229 10.44 39.62 79.25
N VAL M 230 10.60 40.51 80.24
CA VAL M 230 11.52 41.64 80.08
C VAL M 230 12.94 41.14 79.87
N ALA M 231 13.36 40.15 80.65
CA ALA M 231 14.71 39.63 80.50
C ALA M 231 14.90 39.00 79.12
N LEU M 232 13.92 38.22 78.67
CA LEU M 232 14.01 37.61 77.35
C LEU M 232 14.07 38.65 76.25
N GLU M 233 13.25 39.71 76.37
CA GLU M 233 13.28 40.77 75.37
C GLU M 233 14.64 41.45 75.34
N ASN M 234 15.22 41.74 76.51
CA ASN M 234 16.55 42.34 76.54
C ASN M 234 17.57 41.43 75.88
N LEU M 235 17.53 40.13 76.21
CA LEU M 235 18.48 39.19 75.64
C LEU M 235 18.36 39.16 74.12
N CYS M 236 17.14 39.02 73.60
CA CYS M 236 16.96 38.84 72.16
C CYS M 236 17.20 40.13 71.38
N SER M 237 16.90 41.29 71.98
CA SER M 237 17.11 42.56 71.29
C SER M 237 18.50 43.13 71.51
N ALA M 238 19.31 42.54 72.37
CA ALA M 238 20.67 43.03 72.58
C ALA M 238 21.45 42.96 71.27
N TYR M 239 22.30 43.96 71.05
CA TYR M 239 23.03 44.08 69.78
C TYR M 239 23.98 42.92 69.56
N ARG M 240 24.27 42.14 70.60
CA ARG M 240 25.18 41.01 70.47
C ARG M 240 24.47 39.70 70.13
N TYR M 241 23.19 39.55 70.45
CA TYR M 241 22.46 38.32 70.18
C TYR M 241 21.56 38.44 68.95
N GLN M 242 20.59 39.36 68.99
CA GLN M 242 19.58 39.49 67.93
C GLN M 242 18.93 38.13 67.64
N TRP M 243 18.23 37.61 68.66
CA TRP M 243 17.54 36.33 68.60
C TRP M 243 16.03 36.56 68.62
N ALA M 244 15.28 35.46 68.66
CA ALA M 244 13.82 35.49 68.74
C ALA M 244 13.37 34.69 69.95
N ALA M 245 12.39 35.22 70.67
CA ALA M 245 11.86 34.60 71.88
C ALA M 245 10.39 34.25 71.70
N LEU M 246 9.99 33.10 72.22
CA LEU M 246 8.62 32.62 72.16
C LEU M 246 8.07 32.59 73.58
N ILE M 247 7.05 33.42 73.83
CA ILE M 247 6.44 33.56 75.13
C ILE M 247 5.18 32.71 75.20
N ASP M 248 5.05 31.93 76.27
CA ASP M 248 3.82 31.23 76.58
C ASP M 248 3.04 31.99 77.64
N SER M 249 1.74 31.70 77.71
CA SER M 249 0.88 32.33 78.69
C SER M 249 1.06 31.67 80.04
N GLY M 250 0.39 32.22 81.06
CA GLY M 250 0.32 31.58 82.34
C GLY M 250 -0.53 30.32 82.25
N ALA M 251 -0.57 29.59 83.35
CA ALA M 251 -1.38 28.39 83.39
C ALA M 251 -2.83 28.73 83.08
N MET M 252 -3.50 27.84 82.35
CA MET M 252 -4.85 28.14 81.88
C MET M 252 -5.80 28.50 83.02
N SER M 253 -5.63 27.89 84.19
CA SER M 253 -6.45 28.25 85.34
C SER M 253 -6.40 29.75 85.59
N GLU M 254 -5.22 30.36 85.40
CA GLU M 254 -5.10 31.82 85.49
C GLU M 254 -5.57 32.48 84.21
N ILE M 255 -4.93 32.16 83.09
CA ILE M 255 -5.31 32.70 81.78
C ILE M 255 -6.34 31.73 81.21
N SER M 256 -7.58 31.87 81.66
CA SER M 256 -8.67 31.00 81.24
C SER M 256 -9.27 31.37 79.89
N ASN M 257 -8.95 32.54 79.34
CA ASN M 257 -9.59 32.94 78.09
C ASN M 257 -8.71 33.95 77.34
N THR M 258 -9.09 34.16 76.07
CA THR M 258 -8.33 35.04 75.20
C THR M 258 -8.32 36.47 75.70
N ASP M 259 -9.33 36.89 76.47
CA ASP M 259 -9.32 38.24 77.03
C ASP M 259 -8.14 38.42 77.99
N ARG M 260 -7.96 37.46 78.91
CA ARG M 260 -6.82 37.51 79.81
C ARG M 260 -5.52 37.35 79.05
N ALA M 261 -5.50 36.48 78.04
CA ALA M 261 -4.32 36.38 77.20
C ALA M 261 -3.96 37.72 76.58
N ILE M 262 -4.96 38.45 76.09
CA ILE M 262 -4.72 39.75 75.47
C ILE M 262 -4.22 40.75 76.48
N ALA M 263 -4.78 40.75 77.69
CA ALA M 263 -4.32 41.68 78.72
C ALA M 263 -2.85 41.42 79.04
N GLU M 264 -2.48 40.15 79.22
CA GLU M 264 -1.09 39.82 79.53
C GLU M 264 -0.17 40.18 78.38
N ALA M 265 -0.61 39.92 77.14
CA ALA M 265 0.21 40.29 75.98
C ALA M 265 0.40 41.80 75.91
N ALA M 266 -0.66 42.56 76.18
CA ALA M 266 -0.56 44.01 76.18
C ALA M 266 0.44 44.49 77.24
N THR M 267 0.42 43.87 78.42
CA THR M 267 1.45 44.18 79.41
C THR M 267 2.84 43.88 78.86
N TYR M 268 2.99 42.76 78.17
CA TYR M 268 4.27 42.44 77.54
C TYR M 268 4.58 43.43 76.43
N ASN M 269 5.87 43.78 76.30
CA ASN M 269 6.33 44.76 75.33
C ASN M 269 7.54 44.23 74.59
N SER M 270 7.58 44.45 73.27
CA SER M 270 8.74 44.11 72.46
C SER M 270 8.77 45.08 71.27
N VAL M 271 9.61 46.11 71.38
CA VAL M 271 9.61 47.19 70.38
C VAL M 271 9.88 46.62 68.99
N GLN M 272 11.05 46.02 68.81
CA GLN M 272 11.45 45.49 67.51
C GLN M 272 10.85 44.12 67.22
N GLY M 273 9.86 43.70 68.00
CA GLY M 273 9.15 42.45 67.72
C GLY M 273 10.01 41.21 67.84
N HIS M 274 10.93 41.18 68.80
CA HIS M 274 11.72 39.99 69.03
C HIS M 274 10.95 38.89 69.77
N CYS M 275 9.87 39.25 70.46
CA CYS M 275 9.08 38.31 71.25
C CYS M 275 7.76 38.00 70.54
N SER M 276 7.33 36.75 70.64
CA SER M 276 6.10 36.29 70.01
C SER M 276 5.26 35.54 71.03
N TYR M 277 4.06 36.04 71.31
CA TYR M 277 3.19 35.43 72.31
C TYR M 277 2.33 34.31 71.72
N TYR M 278 2.16 33.24 72.49
CA TYR M 278 1.35 32.11 72.03
C TYR M 278 0.36 31.74 73.11
N TYR M 279 -0.80 31.18 72.77
CA TYR M 279 -1.78 30.94 73.85
C TYR M 279 -2.17 29.51 74.31
N PRO M 280 -3.00 28.78 73.54
CA PRO M 280 -3.47 27.48 74.06
C PRO M 280 -2.41 26.48 74.50
N TYR M 281 -2.50 26.01 75.74
CA TYR M 281 -1.56 25.04 76.26
C TYR M 281 -1.93 23.66 75.75
N LEU M 282 -1.33 23.21 74.65
CA LEU M 282 -1.74 21.93 74.10
C LEU M 282 -1.64 20.74 75.02
N ILE M 283 -2.68 19.92 75.03
CA ILE M 283 -2.68 18.73 75.86
C ILE M 283 -1.94 17.61 75.16
N ASN M 284 -0.95 17.00 75.83
CA ASN M 284 -0.17 15.93 75.25
C ASN M 284 -0.94 14.61 75.30
N LEU M 285 -0.32 13.55 74.80
CA LEU M 285 -0.98 12.26 74.74
C LEU M 285 -1.27 11.67 76.12
N ASP M 286 -0.68 12.24 77.18
CA ASP M 286 -0.92 11.77 78.54
C ASP M 286 -1.84 12.70 79.32
N ASP M 287 -2.71 13.45 78.63
CA ASP M 287 -3.66 14.34 79.28
C ASP M 287 -2.97 15.34 80.20
N GLN M 288 -1.83 15.87 79.76
CA GLN M 288 -1.07 16.83 80.53
C GLN M 288 -0.95 18.14 79.76
N GLN M 289 -1.12 19.25 80.46
CA GLN M 289 -1.01 20.56 79.84
C GLN M 289 0.46 20.92 79.63
N VAL M 290 0.78 21.46 78.46
CA VAL M 290 2.15 21.81 78.11
C VAL M 290 2.13 23.17 77.43
N PRO M 291 3.02 24.10 77.79
CA PRO M 291 3.11 25.36 77.06
C PRO M 291 3.44 25.11 75.60
N PRO M 292 2.85 25.85 74.66
CA PRO M 292 3.03 25.55 73.24
C PRO M 292 4.41 25.88 72.70
N SER M 293 5.24 26.63 73.44
CA SER M 293 6.46 27.19 72.85
C SER M 293 7.39 26.10 72.32
N ALA M 294 7.55 25.00 73.07
CA ALA M 294 8.46 23.95 72.65
C ALA M 294 8.02 23.33 71.32
N ALA M 295 6.73 22.97 71.23
CA ALA M 295 6.21 22.39 70.00
C ALA M 295 6.31 23.38 68.85
N VAL M 296 6.00 24.66 69.11
CA VAL M 296 6.05 25.66 68.07
C VAL M 296 7.47 25.82 67.54
N ALA M 297 8.46 25.82 68.45
CA ALA M 297 9.85 25.94 68.03
C ALA M 297 10.29 24.72 67.22
N GLY M 298 9.90 23.53 67.65
CA GLY M 298 10.23 22.33 66.89
C GLY M 298 9.67 22.39 65.49
N MET M 299 8.39 22.76 65.37
CA MET M 299 7.76 22.89 64.06
C MET M 299 8.43 24.00 63.25
N ALA M 300 8.87 25.07 63.89
CA ALA M 300 9.53 26.15 63.18
C ALA M 300 10.84 25.68 62.57
N LEU M 301 11.64 24.94 63.34
CA LEU M 301 12.89 24.41 62.80
C LEU M 301 12.63 23.43 61.67
N TYR M 302 11.64 22.54 61.85
CA TYR M 302 11.31 21.58 60.81
C TYR M 302 10.90 22.29 59.52
N ARG M 303 10.04 23.31 59.64
CA ARG M 303 9.61 24.04 58.46
C ARG M 303 10.74 24.84 57.84
N PHE M 304 11.64 25.38 58.65
CA PHE M 304 12.80 26.06 58.08
C PHE M 304 13.62 25.11 57.23
N VAL M 305 13.80 23.88 57.70
CA VAL M 305 14.57 22.90 56.93
C VAL M 305 13.81 22.50 55.66
N ILE M 306 12.50 22.34 55.75
CA ILE M 306 11.76 21.76 54.63
C ILE M 306 11.43 22.82 53.57
N ASP M 307 10.72 23.88 53.97
CA ASP M 307 10.28 24.92 53.04
C ASP M 307 11.19 26.14 52.99
N GLY M 308 12.23 26.19 53.82
CA GLY M 308 13.11 27.34 53.85
C GLY M 308 12.81 28.28 55.00
N PHE M 309 13.69 29.26 55.17
CA PHE M 309 13.68 30.09 56.37
C PHE M 309 12.73 31.28 56.28
N ALA M 310 12.22 31.61 55.10
CA ALA M 310 11.32 32.75 54.96
C ALA M 310 9.88 32.43 55.35
N GLU M 311 9.57 31.17 55.61
CA GLU M 311 8.21 30.80 55.98
C GLU M 311 7.99 31.00 57.48
N PRO M 312 6.78 31.32 57.90
CA PRO M 312 6.50 31.49 59.33
C PRO M 312 6.10 30.16 59.96
N PRO M 313 6.29 30.00 61.26
CA PRO M 313 5.82 28.77 61.92
C PRO M 313 4.31 28.78 62.12
N ALA M 314 3.58 28.42 61.07
CA ALA M 314 2.11 28.43 61.12
C ALA M 314 1.61 27.73 59.86
N GLY M 315 0.29 27.64 59.75
CA GLY M 315 -0.36 27.03 58.60
C GLY M 315 -0.76 25.59 58.86
N VAL M 316 -1.63 25.09 57.99
CA VAL M 316 -2.14 23.72 58.13
C VAL M 316 -1.21 22.68 57.52
N ASN M 317 -0.22 23.11 56.74
CA ASN M 317 0.73 22.17 56.13
C ASN M 317 1.69 21.57 57.14
N PHE M 318 1.79 22.15 58.34
CA PHE M 318 2.73 21.69 59.37
C PHE M 318 2.00 21.62 60.71
N PRO M 319 1.08 20.68 60.85
CA PRO M 319 0.39 20.52 62.14
C PRO M 319 1.33 20.00 63.21
N LEU M 320 1.01 20.35 64.46
CA LEU M 320 1.82 19.93 65.59
C LEU M 320 1.63 18.44 65.87
N LYS M 321 2.66 17.83 66.45
CA LYS M 321 2.69 16.41 66.76
C LYS M 321 2.90 16.22 68.25
N GLY M 322 2.62 15.02 68.73
CA GLY M 322 2.73 14.72 70.14
C GLY M 322 1.63 15.31 70.99
N VAL M 323 0.60 15.90 70.36
CA VAL M 323 -0.52 16.49 71.06
C VAL M 323 -1.80 15.96 70.45
N LYS M 324 -2.89 16.05 71.22
CA LYS M 324 -4.19 15.58 70.78
C LYS M 324 -5.30 16.60 70.91
N ASN M 325 -5.07 17.73 71.59
CA ASN M 325 -6.10 18.74 71.76
C ASN M 325 -5.47 19.99 72.35
N VAL M 326 -6.26 21.06 72.37
CA VAL M 326 -5.88 22.32 73.00
C VAL M 326 -6.62 22.46 74.31
N ALA M 327 -5.98 23.14 75.28
CA ALA M 327 -6.60 23.32 76.58
C ALA M 327 -7.87 24.16 76.46
N TYR M 328 -7.84 25.19 75.62
CA TYR M 328 -8.97 26.10 75.47
C TYR M 328 -9.27 26.28 73.99
N LYS M 329 -10.56 26.45 73.69
CA LYS M 329 -11.05 26.54 72.31
C LYS M 329 -11.28 28.02 71.97
N VAL M 330 -10.43 28.55 71.11
CA VAL M 330 -10.52 29.96 70.71
C VAL M 330 -11.60 30.11 69.65
N THR M 331 -12.47 31.10 69.82
CA THR M 331 -13.49 31.39 68.83
C THR M 331 -12.97 32.37 67.79
N TRP M 332 -13.67 32.42 66.66
CA TRP M 332 -13.24 33.28 65.56
C TRP M 332 -13.24 34.75 65.97
N GLU M 333 -14.21 35.18 66.77
CA GLU M 333 -14.23 36.59 67.20
C GLU M 333 -13.09 36.87 68.15
N GLU M 334 -12.82 35.95 69.07
CA GLU M 334 -11.69 36.12 69.98
C GLU M 334 -10.39 36.25 69.20
N GLN M 335 -10.19 35.39 68.20
CA GLN M 335 -8.98 35.50 67.38
C GLN M 335 -8.95 36.79 66.59
N ASN M 336 -10.09 37.19 66.02
CA ASN M 336 -10.15 38.43 65.25
C ASN M 336 -9.75 39.62 66.10
N VAL M 337 -10.08 39.59 67.39
CA VAL M 337 -9.69 40.68 68.27
C VAL M 337 -8.25 40.53 68.78
N ALA M 338 -7.77 39.30 68.93
CA ALA M 338 -6.48 39.08 69.59
C ALA M 338 -5.31 39.17 68.62
N ASN M 339 -5.47 38.65 67.40
CA ASN M 339 -4.35 38.59 66.47
C ASN M 339 -3.75 39.97 66.21
N PRO M 340 -4.53 41.04 66.00
CA PRO M 340 -3.90 42.37 65.85
C PRO M 340 -3.06 42.78 67.05
N GLU M 341 -3.40 42.30 68.25
CA GLU M 341 -2.66 42.68 69.45
C GLU M 341 -1.38 41.86 69.63
N GLY M 342 -1.18 40.82 68.84
CA GLY M 342 0.03 40.01 68.92
C GLY M 342 -0.12 38.67 69.59
N VAL M 343 -1.34 38.14 69.69
CA VAL M 343 -1.58 36.83 70.28
C VAL M 343 -1.79 35.83 69.16
N ASN M 344 -0.86 34.88 69.05
CA ASN M 344 -0.90 33.86 68.00
C ASN M 344 -1.64 32.64 68.54
N CYS M 345 -2.85 32.41 68.04
CA CYS M 345 -3.70 31.34 68.55
C CYS M 345 -3.31 29.99 67.97
N ILE M 346 -3.73 28.94 68.66
CA ILE M 346 -3.54 27.56 68.23
C ILE M 346 -4.91 26.89 68.21
N LEU M 347 -5.24 26.25 67.09
CA LEU M 347 -6.59 25.76 66.85
C LEU M 347 -6.56 24.28 66.48
N ASN M 348 -7.56 23.55 66.95
CA ASN M 348 -7.75 22.14 66.59
C ASN M 348 -8.60 22.11 65.32
N LYS M 349 -8.01 22.56 64.22
CA LYS M 349 -8.70 22.62 62.94
C LYS M 349 -9.05 21.21 62.49
N GLU M 350 -10.33 20.87 62.52
CA GLU M 350 -10.76 19.55 62.10
C GLU M 350 -10.39 19.32 60.65
N ASN M 351 -9.97 18.09 60.34
CA ASN M 351 -9.48 17.64 59.04
C ASN M 351 -8.05 18.11 58.79
N TYR M 352 -7.47 18.92 59.66
CA TYR M 352 -6.08 19.35 59.54
C TYR M 352 -5.24 19.01 60.76
N GLY M 353 -5.83 18.94 61.94
CA GLY M 353 -5.10 18.70 63.17
C GLY M 353 -4.93 19.96 63.99
N ILE M 354 -3.92 19.92 64.86
CA ILE M 354 -3.58 21.06 65.70
C ILE M 354 -2.63 21.95 64.91
N VAL M 355 -3.04 23.20 64.68
CA VAL M 355 -2.30 24.11 63.82
C VAL M 355 -2.18 25.46 64.50
N VAL M 356 -1.00 26.06 64.38
CA VAL M 356 -0.79 27.44 64.83
C VAL M 356 -1.34 28.36 63.75
N TRP M 357 -2.28 29.23 64.13
CA TRP M 357 -2.98 30.08 63.19
C TRP M 357 -2.65 31.56 63.39
N GLY M 358 -1.37 31.85 63.62
CA GLY M 358 -0.93 33.21 63.80
C GLY M 358 0.58 33.34 63.70
N ALA M 359 1.04 34.41 63.05
CA ALA M 359 2.47 34.64 62.88
C ALA M 359 2.84 36.10 63.14
N ARG M 360 2.20 36.73 64.12
CA ARG M 360 2.47 38.11 64.46
C ARG M 360 3.33 38.21 65.71
N THR M 361 3.90 39.38 65.91
CA THR M 361 4.77 39.68 67.05
C THR M 361 4.02 40.57 68.04
N LEU M 362 4.73 40.97 69.09
CA LEU M 362 4.21 41.92 70.07
C LEU M 362 4.56 43.36 69.73
N SER M 363 5.25 43.59 68.61
CA SER M 363 5.64 44.92 68.21
C SER M 363 4.44 45.71 67.70
N ALA M 364 4.46 47.01 67.96
CA ALA M 364 3.49 47.93 67.38
C ALA M 364 3.93 48.49 66.04
N ASP M 365 5.23 48.40 65.73
CA ASP M 365 5.75 48.89 64.47
C ASP M 365 5.14 48.13 63.31
N PRO M 366 4.49 48.79 62.35
CA PRO M 366 3.92 48.06 61.21
C PRO M 366 4.97 47.38 60.34
N ASN M 367 6.23 47.81 60.41
CA ASN M 367 7.26 47.22 59.56
C ASN M 367 7.63 45.81 59.99
N ILE M 368 7.55 45.52 61.30
CA ILE M 368 8.05 44.27 61.85
C ILE M 368 6.89 43.47 62.40
N VAL M 369 5.72 43.59 61.77
CA VAL M 369 4.51 42.94 62.30
C VAL M 369 4.69 41.43 62.35
N PHE M 370 5.50 40.89 61.44
CA PHE M 370 5.53 39.44 61.24
C PHE M 370 6.82 38.82 61.79
N ILE M 371 6.64 37.71 62.50
CA ILE M 371 7.76 36.95 63.03
C ILE M 371 8.66 36.47 61.90
N SER M 372 8.10 36.27 60.70
CA SER M 372 8.93 35.92 59.55
C SER M 372 9.89 37.05 59.21
N THR M 373 9.41 38.29 59.24
CA THR M 373 10.30 39.43 59.01
C THR M 373 11.36 39.53 60.10
N ARG M 374 10.95 39.33 61.36
CA ARG M 374 11.91 39.37 62.45
C ARG M 374 12.98 38.31 62.27
N ILE M 375 12.57 37.09 61.88
CA ILE M 375 13.51 36.00 61.73
C ILE M 375 14.44 36.25 60.55
N ILE M 376 13.93 36.84 59.47
CA ILE M 376 14.80 37.16 58.34
C ILE M 376 15.86 38.17 58.76
N LEU M 377 15.46 39.21 59.48
CA LEU M 377 16.44 40.20 59.93
C LEU M 377 17.47 39.57 60.87
N ASN M 378 17.01 38.73 61.79
CA ASN M 378 17.94 38.06 62.71
C ASN M 378 18.90 37.16 61.95
N ILE M 379 18.40 36.45 60.95
CA ILE M 379 19.26 35.56 60.16
C ILE M 379 20.32 36.37 59.43
N VAL M 380 19.93 37.49 58.82
CA VAL M 380 20.92 38.33 58.15
C VAL M 380 21.98 38.79 59.14
N ILE M 381 21.54 39.28 60.30
CA ILE M 381 22.48 39.81 61.29
C ILE M 381 23.47 38.73 61.71
N ASN M 382 22.96 37.54 62.06
CA ASN M 382 23.82 36.50 62.59
C ASN M 382 24.72 35.89 61.53
N THR M 383 24.23 35.75 60.30
CA THR M 383 25.09 35.30 59.21
C THR M 383 26.24 36.27 58.99
N LEU M 384 25.94 37.58 58.99
CA LEU M 384 27.01 38.56 58.83
C LEU M 384 27.99 38.49 59.99
N ASN M 385 27.50 38.30 61.22
CA ASN M 385 28.38 38.21 62.37
C ASN M 385 29.31 37.01 62.25
N ARG M 386 28.76 35.85 61.87
CA ARG M 386 29.59 34.66 61.71
C ARG M 386 30.60 34.86 60.60
N GLY M 387 30.20 35.52 59.52
CA GLY M 387 31.15 35.80 58.44
C GLY M 387 32.30 36.68 58.89
N TYR M 388 31.98 37.75 59.62
CA TYR M 388 32.99 38.71 60.04
C TYR M 388 33.83 38.22 61.20
N ASP M 389 33.40 37.15 61.90
CA ASP M 389 34.21 36.60 62.97
C ASP M 389 35.63 36.31 62.47
N PHE M 390 35.76 35.78 61.26
CA PHE M 390 37.09 35.51 60.71
C PHE M 390 37.85 36.81 60.40
N ASP M 391 37.12 37.88 60.04
CA ASP M 391 37.76 39.15 59.75
C ASP M 391 38.16 39.91 61.00
N ILE M 392 37.64 39.54 62.16
CA ILE M 392 38.01 40.21 63.40
C ILE M 392 39.48 39.95 63.71
N PHE M 393 40.14 40.96 64.30
CA PHE M 393 41.53 40.94 64.73
C PHE M 393 42.52 40.91 63.57
N ASN M 394 42.06 41.02 62.33
CA ASN M 394 42.98 41.14 61.21
C ASN M 394 43.68 42.49 61.24
N SER M 395 44.86 42.55 60.63
CA SER M 395 45.61 43.79 60.57
C SER M 395 45.00 44.71 59.50
N VAL M 396 45.43 45.98 59.55
CA VAL M 396 45.01 46.99 58.59
C VAL M 396 46.27 47.74 58.17
N GLY M 397 46.83 47.37 57.02
CA GLY M 397 47.95 48.09 56.47
C GLY M 397 47.50 49.32 55.70
N GLY M 398 48.50 50.04 55.16
CA GLY M 398 48.20 51.19 54.34
C GLY M 398 47.40 50.85 53.09
N THR M 399 47.42 49.59 52.67
CA THR M 399 46.66 49.19 51.50
C THR M 399 45.15 49.34 51.73
N ALA M 400 44.68 49.08 52.94
CA ALA M 400 43.25 49.14 53.26
C ALA M 400 42.46 48.21 52.36
N THR M 401 43.06 47.08 52.00
CA THR M 401 42.40 46.09 51.16
C THR M 401 41.39 45.25 51.94
N VAL M 402 41.58 45.13 53.25
CA VAL M 402 40.68 44.31 54.06
C VAL M 402 39.27 44.89 54.06
N LEU M 403 39.15 46.21 53.87
CA LEU M 403 37.81 46.80 53.81
C LEU M 403 37.08 46.37 52.54
N ASP M 404 37.76 46.42 51.40
CA ASP M 404 37.16 45.92 50.17
C ASP M 404 36.85 44.44 50.28
N ASN M 405 37.74 43.69 50.95
CA ASN M 405 37.48 42.26 51.17
C ASN M 405 36.22 42.05 52.00
N ILE M 406 36.03 42.86 53.04
CA ILE M 406 34.83 42.77 53.87
C ILE M 406 33.60 43.06 53.03
N GLN M 407 33.66 44.09 52.20
CA GLN M 407 32.50 44.43 51.36
C GLN M 407 32.17 43.29 50.40
N ARG M 408 33.19 42.72 49.75
CA ARG M 408 32.94 41.62 48.82
C ARG M 408 32.37 40.41 49.55
N LYS M 409 32.90 40.10 50.74
CA LYS M 409 32.39 38.99 51.54
C LYS M 409 30.93 39.21 51.90
N THR M 410 30.58 40.44 52.29
CA THR M 410 29.18 40.75 52.59
C THR M 410 28.32 40.56 51.35
N ASN M 411 28.82 40.97 50.19
CA ASN M 411 28.05 40.80 48.95
C ASN M 411 27.76 39.32 48.70
N THR M 412 28.77 38.46 48.84
CA THR M 412 28.55 37.04 48.56
C THR M 412 27.63 36.41 49.60
N LEU M 413 27.76 36.79 50.87
CA LEU M 413 26.86 36.26 51.89
C LEU M 413 25.42 36.66 51.61
N LEU M 414 25.18 37.92 51.27
CA LEU M 414 23.83 38.36 50.98
C LEU M 414 23.31 37.72 49.70
N THR M 415 24.19 37.44 48.74
CA THR M 415 23.76 36.70 47.55
C THR M 415 23.31 35.29 47.92
N THR M 416 24.03 34.64 48.84
CA THR M 416 23.61 33.32 49.30
C THR M 416 22.23 33.39 49.95
N LEU M 417 22.01 34.39 50.81
CA LEU M 417 20.70 34.54 51.43
C LEU M 417 19.62 34.82 50.39
N TYR M 418 19.93 35.65 49.39
CA TYR M 418 18.95 35.95 48.35
C TYR M 418 18.58 34.69 47.58
N GLN M 419 19.57 33.85 47.26
CA GLN M 419 19.27 32.56 46.65
C GLN M 419 18.39 31.72 47.56
N ALA M 420 18.67 31.73 48.86
CA ALA M 420 17.79 31.05 49.81
C ALA M 420 16.37 31.58 49.75
N GLY M 421 16.18 32.85 49.39
CA GLY M 421 14.85 33.38 49.18
C GLY M 421 14.29 34.18 50.34
N LEU M 422 15.14 34.90 51.08
CA LEU M 422 14.70 35.65 52.24
C LEU M 422 14.25 37.06 51.91
N PHE M 423 14.42 37.51 50.67
CA PHE M 423 14.19 38.90 50.29
C PHE M 423 13.09 38.99 49.25
N TYR M 424 12.46 40.17 49.20
CA TYR M 424 11.48 40.50 48.16
C TYR M 424 12.20 41.27 47.07
N GLY M 425 11.93 40.91 45.81
CA GLY M 425 12.61 41.52 44.69
C GLY M 425 13.17 40.46 43.76
N GLN M 426 13.05 40.69 42.45
CA GLN M 426 13.49 39.69 41.48
C GLN M 426 15.01 39.57 41.40
N THR M 427 15.75 40.57 41.91
CA THR M 427 17.20 40.57 41.78
C THR M 427 17.82 41.16 43.04
N THR M 428 19.13 40.95 43.17
CA THR M 428 19.86 41.48 44.32
C THR M 428 19.76 43.00 44.38
N SER M 429 19.79 43.67 43.21
CA SER M 429 19.66 45.12 43.19
C SER M 429 18.34 45.59 43.79
N GLU M 430 17.31 44.75 43.76
CA GLU M 430 16.04 45.05 44.40
C GLU M 430 15.96 44.47 45.81
N ALA M 431 16.85 43.54 46.17
CA ALA M 431 16.79 42.87 47.45
C ALA M 431 17.62 43.55 48.53
N PHE M 432 18.86 43.94 48.24
CA PHE M 432 19.74 44.46 49.28
C PHE M 432 20.80 45.37 48.67
N SER M 433 21.46 46.13 49.55
CA SER M 433 22.57 46.99 49.17
C SER M 433 23.55 47.07 50.32
N VAL M 434 24.80 47.41 50.00
CA VAL M 434 25.91 47.28 50.93
C VAL M 434 26.79 48.52 50.84
N LEU M 435 27.37 48.92 51.98
CA LEU M 435 28.32 50.04 52.00
C LEU M 435 29.25 49.82 53.20
N GLY M 436 30.47 49.35 52.92
CA GLY M 436 31.42 49.08 53.99
C GLY M 436 32.87 49.35 53.64
N ASP M 437 33.12 49.99 52.51
CA ASP M 437 34.50 50.21 52.06
C ASP M 437 35.16 51.30 52.91
N ALA M 438 36.40 51.63 52.56
CA ALA M 438 37.17 52.62 53.30
C ALA M 438 36.58 54.02 53.19
N SER M 439 35.64 54.25 52.27
CA SER M 439 35.07 55.57 52.09
C SER M 439 34.20 56.00 53.28
N VAL M 440 33.86 55.07 54.17
CA VAL M 440 33.03 55.37 55.34
C VAL M 440 33.76 55.00 56.64
N GLN M 441 35.07 54.89 56.61
CA GLN M 441 35.88 54.58 57.78
C GLN M 441 36.64 55.80 58.24
N VAL M 442 36.74 55.96 59.55
CA VAL M 442 37.33 57.15 60.17
C VAL M 442 38.64 56.73 60.84
N PRO M 443 39.76 57.40 60.55
CA PRO M 443 41.02 56.97 61.18
C PRO M 443 40.98 56.97 62.70
N SER M 444 40.29 57.94 63.31
CA SER M 444 40.23 57.97 64.77
C SER M 444 39.63 56.69 65.32
N LEU M 445 38.68 56.10 64.59
CA LEU M 445 38.09 54.83 65.01
C LEU M 445 38.94 53.64 64.59
N LEU M 446 39.61 53.73 63.44
CA LEU M 446 40.50 52.64 63.04
C LEU M 446 41.66 52.48 64.02
N GLN M 447 42.07 53.57 64.67
CA GLN M 447 43.08 53.46 65.73
C GLN M 447 42.57 52.64 66.89
N GLN M 448 41.27 52.66 67.16
CA GLN M 448 40.65 51.85 68.20
C GLN M 448 40.16 50.50 67.67
N GLY M 449 40.31 50.26 66.37
CA GLY M 449 39.88 48.99 65.80
C GLY M 449 38.40 48.87 65.57
N LEU M 450 37.72 49.99 65.38
CA LEU M 450 36.27 50.03 65.19
C LEU M 450 35.98 50.30 63.72
N VAL M 451 35.23 49.41 63.09
CA VAL M 451 34.93 49.48 61.66
C VAL M 451 33.42 49.48 61.50
N ASN M 452 32.91 50.38 60.66
CA ASN M 452 31.48 50.54 60.45
C ASN M 452 31.05 49.89 59.14
N MET M 453 29.79 49.46 59.10
CA MET M 453 29.28 48.67 57.99
C MET M 453 27.80 48.97 57.88
N PHE M 454 27.31 49.21 56.66
CA PHE M 454 25.93 49.62 56.44
C PHE M 454 25.26 48.66 55.47
N ILE M 455 24.06 48.19 55.84
CA ILE M 455 23.34 47.18 55.09
C ILE M 455 21.90 47.66 54.89
N TRP M 456 21.38 47.47 53.69
CA TRP M 456 19.96 47.69 53.39
C TRP M 456 19.38 46.39 52.87
N VAL M 457 18.22 46.00 53.40
CA VAL M 457 17.58 44.76 52.99
C VAL M 457 16.07 44.99 52.83
N VAL M 458 15.45 44.09 52.06
CA VAL M 458 14.01 44.14 51.82
C VAL M 458 13.44 42.77 52.19
N PRO M 459 13.10 42.53 53.46
CA PRO M 459 12.63 41.21 53.85
C PRO M 459 11.35 40.82 53.12
N SER M 460 11.21 39.52 52.87
CA SER M 460 9.99 39.00 52.26
C SER M 460 8.82 39.16 53.22
N THR M 461 7.64 38.80 52.75
CA THR M 461 6.43 38.85 53.55
C THR M 461 5.60 37.61 53.28
N ILE M 462 4.47 37.48 53.98
CA ILE M 462 3.65 36.28 53.94
C ILE M 462 2.24 36.65 53.50
N ILE M 463 1.38 35.64 53.42
CA ILE M 463 -0.02 35.80 53.06
C ILE M 463 -0.82 35.61 54.34
N GLU M 464 -1.08 36.70 55.05
CA GLU M 464 -1.84 36.61 56.29
C GLU M 464 -3.29 36.20 56.02
N ARG M 465 -3.95 36.87 55.09
CA ARG M 465 -5.34 36.57 54.76
C ARG M 465 -5.57 36.88 53.29
N LEU M 466 -6.37 36.04 52.64
CA LEU M 466 -6.66 36.14 51.21
C LEU M 466 -8.14 36.43 51.02
N ILE M 467 -8.45 37.44 50.21
CA ILE M 467 -9.81 37.91 50.00
C ILE M 467 -10.30 37.42 48.65
N ILE M 468 -11.52 36.88 48.63
CA ILE M 468 -12.16 36.40 47.41
C ILE M 468 -13.30 37.35 47.09
N ASN M 469 -13.17 38.07 45.97
CA ASN M 469 -14.22 38.96 45.48
C ASN M 469 -14.88 38.28 44.29
N ILE M 470 -16.10 37.79 44.51
CA ILE M 470 -16.79 36.94 43.54
C ILE M 470 -17.95 37.71 42.94
N LYS M 471 -18.21 37.48 41.66
CA LYS M 471 -19.27 38.16 40.92
C LYS M 471 -20.09 37.11 40.18
N GLN M 472 -21.41 37.15 40.38
CA GLN M 472 -22.33 36.20 39.76
C GLN M 472 -22.96 36.73 38.46
N THR M 473 -22.32 36.40 37.34
CA THR M 473 -22.80 36.87 36.04
C THR M 473 -23.95 36.05 35.48
N ALA M 474 -24.75 36.69 34.63
CA ALA M 474 -25.89 36.06 33.99
C ALA M 474 -25.44 35.24 32.78
N ILE M 475 -26.37 34.46 32.23
CA ILE M 475 -26.07 33.59 31.11
C ILE M 475 -25.65 34.42 29.91
N GLY M 476 -24.45 34.15 29.39
CA GLY M 476 -23.99 34.71 28.15
C GLY M 476 -23.05 35.90 28.27
N ASP M 477 -23.27 36.76 29.27
CA ASP M 477 -22.52 38.02 29.40
C ASP M 477 -21.25 37.86 30.21
N LEU M 478 -20.81 36.61 30.43
CA LEU M 478 -19.61 36.39 31.23
C LEU M 478 -18.41 37.09 30.62
N GLU M 479 -18.17 36.89 29.33
CA GLU M 479 -16.97 37.43 28.70
C GLU M 479 -16.97 38.95 28.72
N ALA M 480 -18.11 39.57 28.41
CA ALA M 480 -18.16 41.04 28.41
C ALA M 480 -17.98 41.60 29.82
N THR M 481 -18.65 41.00 30.80
CA THR M 481 -18.49 41.45 32.17
C THR M 481 -17.04 41.31 32.63
N VAL M 482 -16.40 40.19 32.29
CA VAL M 482 -15.02 39.97 32.67
C VAL M 482 -14.12 41.01 32.02
N ALA M 483 -14.32 41.27 30.73
CA ALA M 483 -13.50 42.27 30.06
C ALA M 483 -13.62 43.62 30.75
N LEU M 484 -14.85 44.09 30.96
CA LEU M 484 -15.06 45.40 31.55
C LEU M 484 -14.44 45.48 32.94
N ASP M 485 -14.78 44.52 33.81
CA ASP M 485 -14.34 44.57 35.19
C ASP M 485 -12.83 44.42 35.30
N THR M 486 -12.24 43.52 34.50
CA THR M 486 -10.80 43.34 34.52
C THR M 486 -10.08 44.60 34.06
N ALA M 487 -10.58 45.23 32.99
CA ALA M 487 -9.98 46.49 32.55
C ALA M 487 -10.01 47.51 33.67
N ALA M 488 -11.17 47.69 34.31
CA ALA M 488 -11.29 48.68 35.38
C ALA M 488 -10.33 48.37 36.52
N LEU M 489 -10.31 47.10 36.97
CA LEU M 489 -9.49 46.72 38.11
C LEU M 489 -8.01 46.93 37.82
N GLN M 490 -7.54 46.44 36.67
CA GLN M 490 -6.13 46.58 36.35
C GLN M 490 -5.75 48.04 36.18
N SER M 491 -6.60 48.85 35.53
CA SER M 491 -6.27 50.26 35.37
C SER M 491 -6.16 50.94 36.73
N SER M 492 -7.08 50.63 37.64
CA SER M 492 -6.98 51.20 38.98
C SER M 492 -5.70 50.78 39.67
N VAL M 493 -5.30 49.52 39.50
CA VAL M 493 -4.06 49.06 40.13
C VAL M 493 -2.86 49.84 39.59
N GLU M 494 -2.79 50.00 38.26
CA GLU M 494 -1.67 50.75 37.68
C GLU M 494 -1.65 52.18 38.19
N GLU M 495 -2.79 52.88 38.13
CA GLU M 495 -2.80 54.28 38.53
C GLU M 495 -2.74 54.47 40.04
N GLY M 496 -2.84 53.39 40.82
CA GLY M 496 -2.69 53.50 42.26
C GLY M 496 -3.93 53.97 42.97
N THR M 497 -5.08 53.97 42.31
CA THR M 497 -6.34 54.36 42.94
C THR M 497 -7.03 53.21 43.64
N ALA M 498 -6.47 52.00 43.56
CA ALA M 498 -7.13 50.84 44.17
C ALA M 498 -7.20 50.97 45.68
N THR M 499 -6.13 51.42 46.32
CA THR M 499 -6.09 51.45 47.78
C THR M 499 -6.75 52.70 48.33
N GLU M 500 -6.57 53.84 47.66
CA GLU M 500 -7.12 55.09 48.17
C GLU M 500 -8.64 55.02 48.25
N GLY M 501 -9.18 55.52 49.36
CA GLY M 501 -10.61 55.47 49.61
C GLY M 501 -10.93 54.94 50.98
N THR M 502 -12.20 55.00 51.37
CA THR M 502 -12.63 54.55 52.68
C THR M 502 -12.69 53.03 52.72
N ALA M 503 -12.11 52.46 53.78
CA ALA M 503 -12.15 51.01 53.97
C ALA M 503 -13.46 50.53 54.59
N PRO M 504 -14.01 49.40 54.13
CA PRO M 504 -15.26 48.91 54.71
C PRO M 504 -15.08 48.49 56.17
N VAL M 505 -16.20 48.47 56.88
CA VAL M 505 -16.22 48.18 58.31
C VAL M 505 -16.52 46.71 58.51
N MET N 1 64.50 -22.59 21.28
CA MET N 1 63.28 -22.84 22.04
C MET N 1 62.38 -23.76 21.21
N THR N 2 61.58 -24.57 21.90
CA THR N 2 60.74 -25.54 21.20
C THR N 2 59.71 -24.82 20.33
N ASN N 3 59.12 -25.57 19.41
CA ASN N 3 58.05 -25.17 18.50
C ASN N 3 58.55 -24.31 17.33
N PHE N 4 59.83 -23.94 17.28
CA PHE N 4 60.35 -23.15 16.17
C PHE N 4 61.52 -23.79 15.42
N LEU N 5 62.45 -24.42 16.12
CA LEU N 5 63.67 -24.92 15.50
C LEU N 5 63.50 -26.29 14.87
N ASN N 6 62.25 -26.72 14.62
CA ASN N 6 62.03 -28.07 14.11
C ASN N 6 62.68 -28.27 12.75
N GLY N 7 62.59 -27.27 11.88
CA GLY N 7 63.12 -27.37 10.53
C GLY N 7 64.56 -27.00 10.35
N VAL N 8 65.28 -26.63 11.42
CA VAL N 8 66.65 -26.19 11.27
C VAL N 8 67.53 -27.32 10.77
N ASN N 9 67.47 -28.47 11.41
CA ASN N 9 68.30 -29.61 11.03
C ASN N 9 67.60 -30.53 10.04
N ILE N 10 66.99 -29.93 9.02
CA ILE N 10 66.42 -30.72 7.91
C ILE N 10 66.87 -29.84 6.74
N GLY N 11 67.45 -30.43 5.71
CA GLY N 11 67.96 -29.62 4.61
C GLY N 11 67.28 -29.98 3.31
N THR N 12 65.96 -30.05 3.34
CA THR N 12 65.22 -30.39 2.14
C THR N 12 64.03 -29.48 2.01
N PRO N 13 63.86 -28.88 0.83
CA PRO N 13 62.69 -28.02 0.61
C PRO N 13 61.41 -28.84 0.71
N GLY N 14 60.45 -28.36 1.50
CA GLY N 14 59.21 -29.07 1.66
C GLY N 14 58.39 -28.61 2.84
N ALA N 15 57.13 -29.02 2.89
CA ALA N 15 56.28 -28.66 4.00
C ALA N 15 56.18 -29.85 4.95
N TYR N 16 56.47 -29.65 6.23
CA TYR N 16 56.49 -30.77 7.18
C TYR N 16 55.66 -30.52 8.42
N ALA N 17 55.45 -31.52 9.26
CA ALA N 17 54.66 -31.42 10.48
C ALA N 17 55.33 -32.03 11.71
N PHE N 18 55.15 -31.39 12.88
CA PHE N 18 55.91 -31.77 14.07
C PHE N 18 55.10 -31.83 15.35
N TYR N 19 53.80 -31.52 15.33
CA TYR N 19 52.85 -31.79 16.42
C TYR N 19 52.95 -30.85 17.61
N GLN N 20 53.56 -29.68 17.45
CA GLN N 20 53.50 -28.63 18.49
C GLN N 20 53.53 -29.00 19.97
N THR N 21 54.71 -29.13 20.55
CA THR N 21 54.81 -29.40 21.97
C THR N 21 54.48 -28.13 22.79
N THR N 22 54.47 -28.23 24.11
CA THR N 22 54.16 -27.07 24.93
C THR N 22 55.20 -25.95 24.82
N GLN N 23 54.75 -24.71 24.98
CA GLN N 23 55.67 -23.57 24.91
C GLN N 23 56.00 -23.09 26.32
N SER N 24 56.67 -21.94 26.43
CA SER N 24 57.08 -21.47 27.74
C SER N 24 56.69 -20.05 28.16
N ARG N 25 56.44 -19.14 27.20
CA ARG N 25 56.01 -17.79 27.54
C ARG N 25 57.03 -17.10 28.44
N PRO N 26 58.16 -16.64 27.90
CA PRO N 26 59.21 -16.10 28.77
C PRO N 26 58.70 -14.96 29.64
N ILE N 27 59.14 -14.95 30.89
CA ILE N 27 58.83 -13.85 31.79
C ILE N 27 59.58 -12.61 31.35
N ASN N 28 59.06 -11.45 31.73
CA ASN N 28 59.74 -10.19 31.49
C ASN N 28 60.41 -9.71 32.79
N VAL N 29 61.55 -9.06 32.64
CA VAL N 29 62.33 -8.63 33.81
C VAL N 29 61.51 -7.58 34.55
N GLU N 30 60.95 -7.96 35.69
CA GLU N 30 60.09 -7.09 36.48
C GLU N 30 60.49 -7.21 37.95
N PRO N 31 60.27 -6.15 38.73
CA PRO N 31 60.76 -6.16 40.12
C PRO N 31 60.27 -7.34 40.96
N PHE N 32 59.01 -7.72 40.84
CA PHE N 32 58.35 -8.56 41.86
C PHE N 32 57.57 -9.71 41.24
N ARG N 33 58.20 -10.46 40.34
CA ARG N 33 57.64 -11.73 39.89
C ARG N 33 58.71 -12.83 39.94
N THR N 34 59.39 -12.91 41.07
CA THR N 34 60.35 -13.98 41.33
C THR N 34 60.22 -14.43 42.79
N CYS N 35 60.53 -15.70 43.02
CA CYS N 35 60.56 -16.27 44.36
C CYS N 35 61.90 -16.97 44.58
N TYR N 36 62.48 -16.75 45.74
CA TYR N 36 63.77 -17.30 46.12
C TYR N 36 63.54 -18.33 47.22
N MET N 37 63.65 -19.61 46.86
CA MET N 37 63.63 -20.69 47.83
C MET N 37 65.02 -20.89 48.38
N VAL N 38 65.13 -21.09 49.69
CA VAL N 38 66.37 -21.43 50.35
C VAL N 38 66.22 -22.85 50.89
N GLY N 39 67.05 -23.77 50.38
CA GLY N 39 66.94 -25.16 50.76
C GLY N 39 68.32 -25.79 50.88
N PHE N 40 68.31 -27.08 51.19
CA PHE N 40 69.53 -27.87 51.31
C PHE N 40 69.44 -29.10 50.43
N ALA N 41 70.52 -29.38 49.72
CA ALA N 41 70.68 -30.62 48.96
C ALA N 41 72.02 -31.24 49.34
N SER N 42 72.06 -32.57 49.44
CA SER N 42 73.30 -33.24 49.82
C SER N 42 74.42 -32.86 48.88
N ASN N 43 74.17 -32.96 47.57
CA ASN N 43 75.15 -32.52 46.57
C ASN N 43 75.17 -30.99 46.43
N GLY N 44 76.19 -30.37 47.02
CA GLY N 44 76.30 -28.92 46.97
C GLY N 44 76.76 -28.43 45.62
N VAL N 45 75.92 -28.64 44.60
CA VAL N 45 76.30 -28.25 43.24
C VAL N 45 76.38 -26.73 43.13
N ASN N 46 75.52 -26.01 43.83
CA ASN N 46 75.42 -24.56 43.74
C ASN N 46 75.49 -23.95 45.13
N LYS N 47 76.50 -24.34 45.90
CA LYS N 47 76.66 -23.88 47.28
C LYS N 47 76.54 -22.37 47.37
N ASN N 48 75.52 -21.88 48.08
CA ASN N 48 75.31 -20.45 48.30
C ASN N 48 75.34 -19.68 46.98
N VAL N 49 74.66 -20.24 45.97
CA VAL N 49 74.62 -19.63 44.65
C VAL N 49 73.18 -19.63 44.15
N PRO N 50 72.49 -18.49 44.15
CA PRO N 50 71.13 -18.45 43.61
C PRO N 50 71.09 -18.92 42.17
N THR N 51 70.41 -20.04 41.91
CA THR N 51 70.37 -20.64 40.59
C THR N 51 68.93 -20.82 40.17
N ARG N 52 68.60 -20.41 38.95
CA ARG N 52 67.22 -20.49 38.48
C ARG N 52 66.81 -21.94 38.24
N ILE N 53 65.52 -22.20 38.44
CA ILE N 53 64.94 -23.53 38.28
C ILE N 53 63.90 -23.44 37.17
N SER N 54 64.09 -24.23 36.11
CA SER N 54 63.14 -24.23 35.02
C SER N 54 61.84 -24.93 35.41
N ASN N 55 61.94 -26.07 36.08
CA ASN N 55 60.76 -26.83 36.49
C ASN N 55 61.21 -27.89 37.49
N LEU N 56 60.26 -28.72 37.92
CA LEU N 56 60.55 -29.72 38.95
C LEU N 56 61.57 -30.74 38.46
N THR N 57 61.45 -31.18 37.21
CA THR N 57 62.41 -32.13 36.67
C THR N 57 63.81 -31.54 36.63
N ASP N 58 63.92 -30.28 36.21
CA ASP N 58 65.22 -29.62 36.21
C ASP N 58 65.78 -29.52 37.63
N PHE N 59 64.93 -29.19 38.60
CA PHE N 59 65.38 -29.10 39.99
C PHE N 59 65.90 -30.45 40.47
N THR N 60 65.15 -31.51 40.19
CA THR N 60 65.57 -32.83 40.65
C THR N 60 66.86 -33.27 39.98
N ASN N 61 67.01 -32.99 38.68
CA ASN N 61 68.24 -33.36 37.98
C ASN N 61 69.44 -32.60 38.52
N VAL N 62 69.28 -31.30 38.79
CA VAL N 62 70.43 -30.50 39.21
C VAL N 62 70.79 -30.80 40.67
N TYR N 63 69.80 -30.93 41.55
CA TYR N 63 70.03 -31.03 42.98
C TYR N 63 69.72 -32.39 43.57
N GLY N 64 69.06 -33.28 42.83
CA GLY N 64 68.76 -34.59 43.38
C GLY N 64 67.79 -34.50 44.54
N THR N 65 67.92 -35.45 45.47
CA THR N 65 67.01 -35.52 46.60
C THR N 65 67.17 -34.30 47.50
N SER N 66 66.03 -33.76 47.93
CA SER N 66 66.01 -32.63 48.84
C SER N 66 64.60 -32.52 49.43
N ALA N 67 64.53 -32.01 50.65
CA ALA N 67 63.24 -31.86 51.33
C ALA N 67 62.41 -30.72 50.75
N SER N 68 62.96 -29.93 49.84
CA SER N 68 62.24 -28.83 49.22
C SER N 68 61.51 -29.24 47.94
N THR N 69 61.55 -30.52 47.58
CA THR N 69 60.95 -30.95 46.32
C THR N 69 59.45 -30.70 46.30
N ASN N 70 58.76 -31.00 47.39
CA ASN N 70 57.31 -30.77 47.44
C ASN N 70 57.00 -29.29 47.33
N SER N 71 57.79 -28.45 48.00
CA SER N 71 57.57 -27.00 47.93
C SER N 71 57.77 -26.50 46.50
N VAL N 72 58.81 -26.99 45.83
CA VAL N 72 59.05 -26.58 44.44
C VAL N 72 57.89 -27.03 43.55
N ASP N 73 57.42 -28.25 43.75
CA ASP N 73 56.31 -28.77 42.94
C ASP N 73 55.07 -27.89 43.13
N LEU N 74 54.74 -27.57 44.38
CA LEU N 74 53.57 -26.73 44.63
C LEU N 74 53.77 -25.34 44.04
N PHE N 75 54.97 -24.78 44.16
CA PHE N 75 55.23 -23.46 43.60
C PHE N 75 54.97 -23.45 42.09
N PHE N 76 55.52 -24.44 41.39
CA PHE N 76 55.32 -24.47 39.93
C PHE N 76 53.86 -24.73 39.57
N LYS N 77 53.18 -25.62 40.30
CA LYS N 77 51.77 -25.87 40.02
C LYS N 77 50.94 -24.60 40.18
N ASN N 78 51.19 -23.83 41.25
CA ASN N 78 50.40 -22.64 41.50
C ASN N 78 50.85 -21.44 40.67
N SER N 79 52.06 -21.46 40.14
CA SER N 79 52.52 -20.39 39.26
C SER N 79 52.08 -20.61 37.82
N GLN N 80 51.89 -21.86 37.41
CA GLN N 80 51.32 -22.17 36.09
C GLN N 80 52.14 -21.53 34.97
N GLY N 81 53.46 -21.59 35.10
CA GLY N 81 54.35 -21.12 34.06
C GLY N 81 54.78 -19.66 34.19
N PHE N 82 54.14 -18.89 35.06
CA PHE N 82 54.54 -17.51 35.30
C PHE N 82 55.51 -17.46 36.48
N GLY N 83 56.20 -16.33 36.60
CA GLY N 83 57.12 -16.12 37.69
C GLY N 83 58.36 -16.99 37.61
N ASN N 84 59.41 -16.61 38.33
CA ASN N 84 60.65 -17.35 38.37
C ASN N 84 60.86 -17.97 39.73
N LEU N 85 61.59 -19.07 39.76
CA LEU N 85 62.05 -19.70 41.00
C LEU N 85 63.56 -19.75 40.99
N TYR N 86 64.18 -19.23 42.05
CA TYR N 86 65.62 -19.32 42.25
C TYR N 86 65.88 -20.10 43.53
N PHE N 87 66.60 -21.20 43.39
CA PHE N 87 66.96 -22.04 44.54
C PHE N 87 68.35 -21.63 45.03
N VAL N 88 68.49 -21.55 46.35
CA VAL N 88 69.77 -21.28 46.99
C VAL N 88 70.08 -22.44 47.91
N ASN N 89 71.20 -23.11 47.65
CA ASN N 89 71.57 -24.33 48.38
C ASN N 89 72.50 -23.97 49.53
N VAL N 90 72.14 -24.37 50.74
CA VAL N 90 72.93 -24.02 51.90
C VAL N 90 74.23 -24.82 51.97
N ALA N 91 75.33 -24.10 51.78
CA ALA N 91 76.66 -24.70 51.83
C ALA N 91 77.04 -25.01 53.25
N ILE N 92 77.55 -26.21 53.46
CA ILE N 92 78.03 -26.54 54.78
C ILE N 92 79.51 -26.08 54.86
N PRO N 93 79.91 -25.21 55.86
CA PRO N 93 81.34 -24.88 55.87
C PRO N 93 82.20 -26.13 56.00
N THR N 94 83.34 -26.11 55.32
CA THR N 94 84.28 -27.21 55.41
C THR N 94 84.93 -27.23 56.79
N ARG N 95 85.45 -28.38 57.20
CA ARG N 95 86.15 -28.53 58.46
C ARG N 95 87.32 -29.48 58.25
N TYR N 96 88.39 -29.22 58.99
CA TYR N 96 89.61 -30.01 58.89
C TYR N 96 90.07 -30.38 60.28
N GLN N 97 90.17 -31.69 60.53
CA GLN N 97 90.53 -32.22 61.84
C GLN N 97 92.00 -32.64 61.78
N ILE N 98 92.83 -31.92 62.53
CA ILE N 98 94.24 -32.22 62.67
C ILE N 98 94.46 -32.87 64.04
N VAL N 99 95.34 -33.86 64.09
CA VAL N 99 95.76 -34.45 65.35
C VAL N 99 97.28 -34.48 65.38
N VAL N 100 97.86 -34.03 66.48
CA VAL N 100 99.30 -34.11 66.68
C VAL N 100 99.56 -35.45 67.35
N THR N 101 99.67 -36.49 66.52
CA THR N 101 99.81 -37.85 67.03
C THR N 101 101.08 -38.04 67.85
N ALA N 102 102.08 -37.17 67.67
CA ALA N 102 103.34 -37.31 68.38
C ALA N 102 103.94 -35.93 68.58
N ALA N 103 104.86 -35.84 69.54
CA ALA N 103 105.54 -34.59 69.88
C ALA N 103 107.02 -34.65 69.49
N THR N 104 107.31 -35.25 68.34
CA THR N 104 108.69 -35.40 67.90
C THR N 104 109.26 -34.06 67.46
N ALA N 105 110.47 -33.76 67.94
CA ALA N 105 111.10 -32.49 67.62
C ALA N 105 111.35 -32.37 66.11
N GLY N 106 111.19 -31.17 65.61
CA GLY N 106 111.40 -30.88 64.20
C GLY N 106 110.49 -29.79 63.71
N SER N 107 110.87 -29.17 62.61
CA SER N 107 110.08 -28.12 61.98
C SER N 107 109.07 -28.75 61.03
N TYR N 108 107.91 -28.12 60.92
CA TYR N 108 106.84 -28.63 60.07
C TYR N 108 106.00 -27.45 59.58
N SER N 109 105.23 -27.68 58.53
CA SER N 109 104.42 -26.66 57.90
C SER N 109 102.95 -27.05 57.90
N VAL N 110 102.09 -26.08 58.18
CA VAL N 110 100.65 -26.24 58.09
C VAL N 110 100.16 -25.20 57.10
N THR N 111 99.65 -25.66 55.96
CA THR N 111 99.19 -24.78 54.89
C THR N 111 97.67 -24.73 54.89
N VAL N 112 97.12 -23.53 54.78
CA VAL N 112 95.67 -23.31 54.71
C VAL N 112 95.45 -22.32 53.57
N ASN N 113 94.78 -22.78 52.51
CA ASN N 113 94.45 -21.93 51.36
C ASN N 113 95.69 -21.22 50.84
N GLY N 114 96.81 -21.94 50.80
CA GLY N 114 98.05 -21.42 50.26
C GLY N 114 98.89 -20.63 51.23
N VAL N 115 98.41 -20.38 52.45
CA VAL N 115 99.18 -19.66 53.46
C VAL N 115 99.80 -20.68 54.39
N THR N 116 101.13 -20.66 54.48
CA THR N 116 101.88 -21.66 55.26
C THR N 116 102.33 -21.05 56.57
N LYS N 117 102.01 -21.73 57.67
CA LYS N 117 102.50 -21.38 59.00
C LYS N 117 103.46 -22.46 59.47
N ALA N 118 104.65 -22.05 59.91
CA ALA N 118 105.68 -22.98 60.32
C ALA N 118 105.65 -23.16 61.83
N ILE N 119 105.62 -24.42 62.27
CA ILE N 119 105.63 -24.77 63.68
C ILE N 119 106.85 -25.63 63.95
N THR N 120 107.65 -25.24 64.93
CA THR N 120 108.85 -25.98 65.31
C THR N 120 108.57 -26.78 66.57
N VAL N 121 108.85 -28.07 66.52
CA VAL N 121 108.64 -28.98 67.64
C VAL N 121 109.95 -29.12 68.39
N VAL N 122 109.90 -29.00 69.71
CA VAL N 122 111.09 -29.01 70.55
C VAL N 122 110.88 -29.99 71.70
N GLY N 123 111.99 -30.38 72.33
CA GLY N 123 111.91 -31.30 73.44
C GLY N 123 111.22 -30.67 74.65
N GLY N 124 110.64 -31.54 75.48
CA GLY N 124 109.92 -31.10 76.65
C GLY N 124 108.51 -30.62 76.40
N ALA N 125 108.17 -30.24 75.16
CA ALA N 125 106.84 -29.78 74.82
C ALA N 125 106.02 -30.94 74.29
N THR N 126 104.75 -30.99 74.70
CA THR N 126 103.87 -32.09 74.37
C THR N 126 103.00 -31.76 73.16
N THR N 127 102.33 -32.78 72.64
CA THR N 127 101.41 -32.61 71.53
C THR N 127 100.43 -31.52 71.85
N THR N 128 100.10 -31.35 73.12
CA THR N 128 99.17 -30.32 73.55
C THR N 128 99.70 -28.96 73.16
N THR N 129 100.91 -28.65 73.59
CA THR N 129 101.47 -27.33 73.32
C THR N 129 101.75 -27.10 71.84
N ILE N 130 101.98 -28.17 71.09
CA ILE N 130 102.16 -28.01 69.66
C ILE N 130 100.83 -27.62 69.05
N ALA N 131 99.78 -28.37 69.37
CA ALA N 131 98.45 -28.05 68.88
C ALA N 131 98.08 -26.62 69.28
N ALA N 132 98.40 -26.24 70.51
CA ALA N 132 98.12 -24.88 70.96
C ALA N 132 98.91 -23.87 70.13
N ASP N 133 100.17 -24.18 69.83
CA ASP N 133 100.97 -23.28 69.00
C ASP N 133 100.39 -23.16 67.59
N VAL N 134 99.95 -24.28 67.02
CA VAL N 134 99.31 -24.23 65.70
C VAL N 134 98.06 -23.35 65.76
N ILE N 135 97.24 -23.54 66.80
CA ILE N 135 96.02 -22.75 66.95
C ILE N 135 96.36 -21.27 67.04
N SER N 136 97.35 -20.93 67.86
CA SER N 136 97.73 -19.52 68.02
C SER N 136 98.21 -18.94 66.71
N ALA N 137 99.06 -19.66 65.98
CA ALA N 137 99.56 -19.16 64.72
C ALA N 137 98.43 -18.91 63.73
N ILE N 138 97.53 -19.88 63.58
CA ILE N 138 96.46 -19.74 62.60
C ILE N 138 95.52 -18.60 62.99
N ASN N 139 95.16 -18.52 64.28
CA ASN N 139 94.22 -17.48 64.70
C ASN N 139 94.85 -16.10 64.66
N ASN N 140 96.16 -15.99 64.85
CA ASN N 140 96.84 -14.70 64.81
C ASN N 140 97.21 -14.27 63.39
N ASP N 141 97.27 -15.20 62.44
CA ASP N 141 97.54 -14.81 61.06
C ASP N 141 96.45 -13.88 60.56
N THR N 142 96.87 -12.78 59.93
CA THR N 142 95.90 -11.78 59.48
C THR N 142 95.04 -12.29 58.34
N VAL N 143 95.59 -13.19 57.51
CA VAL N 143 94.84 -13.71 56.37
C VAL N 143 93.93 -14.86 56.77
N LEU N 144 94.42 -15.79 57.57
CA LEU N 144 93.63 -16.97 57.93
C LEU N 144 92.55 -16.63 58.96
N ASN N 145 92.78 -15.63 59.81
CA ASN N 145 91.78 -15.30 60.83
C ASN N 145 90.50 -14.73 60.24
N LYS N 146 90.49 -14.37 58.96
CA LYS N 146 89.30 -13.91 58.27
C LYS N 146 88.66 -14.98 57.39
N GLU N 147 89.36 -16.08 57.14
CA GLU N 147 88.87 -17.16 56.28
C GLU N 147 88.44 -18.40 57.07
N VAL N 148 89.20 -18.77 58.10
CA VAL N 148 88.90 -19.94 58.91
C VAL N 148 89.11 -19.59 60.37
N LEU N 149 88.57 -20.44 61.25
CA LEU N 149 88.75 -20.30 62.69
C LEU N 149 89.26 -21.62 63.25
N ALA N 150 90.21 -21.54 64.18
CA ALA N 150 90.86 -22.71 64.75
C ALA N 150 90.38 -22.90 66.19
N THR N 151 90.04 -24.14 66.53
CA THR N 151 89.55 -24.48 67.86
C THR N 151 90.16 -25.82 68.27
N VAL N 152 89.89 -26.23 69.51
CA VAL N 152 90.32 -27.52 70.01
C VAL N 152 89.30 -28.57 69.62
N GLY N 153 89.78 -29.78 69.35
CA GLY N 153 88.94 -30.89 68.95
C GLY N 153 88.60 -31.80 70.11
N GLY N 154 88.68 -33.10 69.88
CA GLY N 154 88.39 -34.08 70.91
C GLY N 154 89.50 -34.25 71.93
N THR N 155 90.66 -33.65 71.70
CA THR N 155 91.78 -33.75 72.63
C THR N 155 92.57 -32.45 72.58
N SER N 156 93.38 -32.24 73.63
CA SER N 156 94.27 -31.08 73.64
C SER N 156 95.27 -31.14 72.50
N SER N 157 95.54 -32.32 71.95
CA SER N 157 96.38 -32.49 70.77
C SER N 157 95.57 -32.43 69.48
N THR N 158 94.28 -32.13 69.56
CA THR N 158 93.39 -32.06 68.42
C THR N 158 93.13 -30.60 68.06
N VAL N 159 93.06 -30.33 66.76
CA VAL N 159 92.82 -29.00 66.21
C VAL N 159 91.71 -29.12 65.18
N VAL N 160 90.82 -28.12 65.15
CA VAL N 160 89.69 -28.11 64.24
C VAL N 160 89.71 -26.78 63.50
N ILE N 161 89.81 -26.84 62.17
CA ILE N 161 89.76 -25.65 61.32
C ILE N 161 88.38 -25.61 60.68
N THR N 162 87.63 -24.55 60.94
CA THR N 162 86.28 -24.38 60.40
C THR N 162 86.30 -23.24 59.39
N SER N 163 85.71 -23.48 58.22
CA SER N 163 85.68 -22.46 57.18
C SER N 163 84.75 -21.32 57.59
N LYS N 164 85.25 -20.09 57.46
CA LYS N 164 84.47 -18.90 57.77
C LYS N 164 83.74 -18.34 56.56
N LYS N 165 84.00 -18.88 55.36
CA LYS N 165 83.31 -18.48 54.14
C LYS N 165 82.96 -19.74 53.37
N PRO N 166 81.76 -20.29 53.57
CA PRO N 166 81.41 -21.54 52.89
C PRO N 166 81.51 -21.45 51.37
N THR N 167 81.21 -20.29 50.79
CA THR N 167 81.22 -20.17 49.33
C THR N 167 82.59 -20.49 48.77
N ASN N 168 83.64 -19.91 49.35
CA ASN N 168 85.00 -20.14 48.87
C ASN N 168 85.53 -21.45 49.45
N THR N 169 85.97 -22.34 48.57
CA THR N 169 86.52 -23.62 49.01
C THR N 169 87.74 -23.39 49.89
N THR N 170 87.86 -24.17 50.95
CA THR N 170 88.97 -24.06 51.90
C THR N 170 89.84 -25.30 51.78
N THR N 171 91.12 -25.10 51.47
CA THR N 171 92.08 -26.18 51.31
C THR N 171 93.08 -26.15 52.46
N ALA N 172 93.29 -27.30 53.09
CA ALA N 172 94.23 -27.42 54.19
C ALA N 172 95.10 -28.65 53.99
N ALA N 173 96.35 -28.54 54.43
CA ALA N 173 97.28 -29.65 54.38
C ALA N 173 98.36 -29.42 55.43
N VAL N 174 99.08 -30.50 55.76
CA VAL N 174 100.20 -30.43 56.68
C VAL N 174 101.34 -31.25 56.12
N THR N 175 102.56 -30.91 56.54
CA THR N 175 103.76 -31.60 56.10
C THR N 175 104.48 -32.08 57.36
N GLY N 176 104.33 -33.37 57.66
CA GLY N 176 104.94 -33.94 58.85
C GLY N 176 104.22 -35.20 59.30
N VAL N 177 104.98 -36.21 59.73
CA VAL N 177 104.37 -37.46 60.17
C VAL N 177 103.56 -37.24 61.44
N ILE N 178 104.03 -36.35 62.31
CA ILE N 178 103.33 -36.13 63.58
C ILE N 178 101.94 -35.55 63.32
N PHE N 179 101.81 -34.67 62.34
CA PHE N 179 100.52 -34.08 62.01
C PHE N 179 99.73 -35.04 61.13
N THR N 180 98.50 -35.33 61.53
CA THR N 180 97.59 -36.15 60.74
C THR N 180 96.33 -35.35 60.45
N LEU N 181 95.86 -35.43 59.21
CA LEU N 181 94.75 -34.61 58.72
C LEU N 181 93.60 -35.47 58.25
N THR N 182 92.38 -35.01 58.54
CA THR N 182 91.17 -35.61 57.98
C THR N 182 90.22 -34.49 57.59
N THR N 183 89.42 -34.75 56.54
CA THR N 183 88.51 -33.76 55.98
C THR N 183 87.13 -33.96 56.60
N THR N 184 86.84 -33.14 57.62
CA THR N 184 85.54 -33.19 58.27
C THR N 184 84.57 -32.24 57.59
N THR N 185 83.28 -32.58 57.67
CA THR N 185 82.26 -31.68 57.16
C THR N 185 80.90 -32.16 57.64
N GLY N 186 80.11 -31.25 58.18
CA GLY N 186 78.77 -31.61 58.61
C GLY N 186 77.96 -32.17 57.45
N THR N 187 77.27 -33.28 57.70
CA THR N 187 76.38 -33.84 56.70
C THR N 187 75.04 -33.13 56.64
N SER N 188 74.73 -32.29 57.65
CA SER N 188 73.49 -31.56 57.72
C SER N 188 73.76 -30.08 57.97
N PRO N 189 73.04 -29.18 57.30
CA PRO N 189 73.27 -27.74 57.52
C PRO N 189 72.78 -27.30 58.89
N SER N 190 73.37 -26.23 59.40
CA SER N 190 73.01 -25.69 60.70
C SER N 190 72.28 -24.35 60.54
N VAL N 191 71.68 -23.91 61.64
CA VAL N 191 70.99 -22.62 61.65
C VAL N 191 71.96 -21.50 61.31
N ALA N 192 73.20 -21.61 61.78
CA ALA N 192 74.21 -20.62 61.43
C ALA N 192 74.49 -20.61 59.93
N ASP N 193 74.54 -21.79 59.31
CA ASP N 193 74.74 -21.85 57.86
C ASP N 193 73.58 -21.21 57.12
N TYR N 194 72.35 -21.50 57.56
CA TYR N 194 71.19 -20.87 56.93
C TYR N 194 71.24 -19.36 57.08
N VAL N 195 71.60 -18.87 58.27
CA VAL N 195 71.66 -17.43 58.51
C VAL N 195 72.72 -16.79 57.62
N TYR N 196 73.88 -17.44 57.50
CA TYR N 196 74.93 -16.90 56.63
C TYR N 196 74.46 -16.84 55.18
N THR N 197 73.80 -17.91 54.72
CA THR N 197 73.31 -17.90 53.34
C THR N 197 72.30 -16.77 53.13
N ILE N 198 71.44 -16.55 54.11
CA ILE N 198 70.44 -15.49 53.99
C ILE N 198 71.12 -14.13 53.95
N ASN N 199 72.08 -13.90 54.83
CA ASN N 199 72.61 -12.56 55.08
C ASN N 199 73.86 -12.22 54.27
N ASN N 200 74.38 -13.16 53.48
CA ASN N 200 75.61 -12.89 52.72
C ASN N 200 75.57 -13.33 51.27
N THR N 201 74.58 -14.09 50.84
CA THR N 201 74.58 -14.64 49.47
C THR N 201 73.86 -13.75 48.48
N PHE N 202 72.65 -13.31 48.81
CA PHE N 202 71.84 -12.57 47.85
C PHE N 202 72.51 -11.26 47.46
N ASP N 203 72.32 -10.87 46.20
CA ASP N 203 72.92 -9.68 45.62
C ASP N 203 71.84 -8.68 45.26
N PRO N 204 71.97 -7.40 45.63
CA PRO N 204 70.91 -6.44 45.27
C PRO N 204 70.60 -6.39 43.78
N ALA N 205 71.57 -6.72 42.93
CA ALA N 205 71.31 -6.71 41.49
C ALA N 205 70.20 -7.68 41.10
N LEU N 206 69.95 -8.71 41.92
CA LEU N 206 68.90 -9.67 41.61
C LEU N 206 67.54 -8.98 41.60
N GLU N 207 66.66 -9.47 40.73
CA GLU N 207 65.29 -8.96 40.70
C GLU N 207 64.77 -9.12 42.12
N ALA N 208 63.77 -8.33 42.48
CA ALA N 208 63.21 -8.39 43.82
C ALA N 208 62.16 -9.50 43.72
N GLY N 209 61.57 -9.81 44.86
CA GLY N 209 60.55 -10.84 44.91
C GLY N 209 60.41 -11.40 46.31
N PHE N 210 59.76 -12.56 46.37
CA PHE N 210 59.51 -13.22 47.64
C PHE N 210 60.73 -14.06 48.05
N VAL N 211 60.86 -14.27 49.36
CA VAL N 211 61.89 -15.12 49.93
C VAL N 211 61.20 -16.15 50.83
N ILE N 212 61.61 -17.41 50.71
CA ILE N 212 60.97 -18.49 51.48
C ILE N 212 62.03 -19.51 51.88
N ALA N 213 61.88 -20.05 53.08
CA ALA N 213 62.74 -21.13 53.59
C ALA N 213 61.85 -22.19 54.22
N PRO N 214 61.00 -22.83 53.42
CA PRO N 214 60.09 -23.83 53.99
C PRO N 214 60.79 -24.98 54.67
N GLU N 215 61.91 -25.46 54.09
CA GLU N 215 62.63 -26.57 54.70
C GLU N 215 63.14 -26.20 56.08
N ALA N 216 63.75 -25.02 56.21
CA ALA N 216 64.24 -24.59 57.51
C ALA N 216 63.11 -24.44 58.50
N PHE N 217 62.04 -23.74 58.10
CA PHE N 217 60.94 -23.50 59.02
C PHE N 217 60.22 -24.79 59.41
N SER N 218 60.31 -25.84 58.61
CA SER N 218 59.66 -27.10 58.93
C SER N 218 60.56 -28.06 59.69
N THR N 219 61.89 -27.95 59.56
CA THR N 219 62.81 -28.88 60.20
C THR N 219 63.59 -28.29 61.37
N PHE N 220 63.41 -27.02 61.69
CA PHE N 220 64.13 -26.41 62.79
C PHE N 220 63.24 -26.25 64.02
N THR N 221 63.88 -25.99 65.17
CA THR N 221 63.19 -25.80 66.43
C THR N 221 62.76 -24.33 66.56
N LYS N 222 62.20 -23.99 67.73
CA LYS N 222 61.62 -22.65 67.90
C LYS N 222 62.68 -21.56 67.83
N SER N 223 63.77 -21.73 68.57
CA SER N 223 64.82 -20.71 68.58
C SER N 223 65.46 -20.57 67.21
N ASP N 224 65.71 -21.70 66.53
CA ASP N 224 66.29 -21.65 65.20
C ASP N 224 65.35 -20.96 64.21
N ARG N 225 64.05 -21.26 64.30
CA ARG N 225 63.09 -20.57 63.44
C ARG N 225 63.06 -19.07 63.72
N LEU N 226 63.17 -18.68 65.00
CA LEU N 226 63.25 -17.26 65.33
C LEU N 226 64.47 -16.63 64.70
N SER N 227 65.61 -17.32 64.75
CA SER N 227 66.83 -16.78 64.14
C SER N 227 66.66 -16.63 62.63
N ILE N 228 66.06 -17.62 61.98
CA ILE N 228 65.82 -17.53 60.53
C ILE N 228 64.90 -16.35 60.22
N GLN N 229 63.85 -16.18 61.02
CA GLN N 229 62.93 -15.07 60.79
C GLN N 229 63.63 -13.73 60.97
N VAL N 230 64.49 -13.62 61.98
CA VAL N 230 65.23 -12.39 62.18
C VAL N 230 66.14 -12.09 60.99
N ALA N 231 66.82 -13.12 60.49
CA ALA N 231 67.69 -12.93 59.34
C ALA N 231 66.89 -12.50 58.11
N LEU N 232 65.74 -13.12 57.89
CA LEU N 232 64.90 -12.75 56.76
C LEU N 232 64.39 -11.32 56.91
N GLU N 233 63.99 -10.93 58.12
CA GLU N 233 63.57 -9.57 58.36
C GLU N 233 64.68 -8.59 58.00
N ASN N 234 65.90 -8.87 58.48
CA ASN N 234 67.02 -7.98 58.17
C ASN N 234 67.25 -7.90 56.66
N LEU N 235 67.24 -9.05 55.98
CA LEU N 235 67.48 -9.06 54.55
C LEU N 235 66.43 -8.24 53.80
N CYS N 236 65.15 -8.50 54.08
CA CYS N 236 64.09 -7.84 53.32
C CYS N 236 63.99 -6.36 53.66
N SER N 237 64.23 -5.97 54.91
CA SER N 237 64.13 -4.57 55.30
C SER N 237 65.39 -3.77 55.02
N ALA N 238 66.50 -4.44 54.70
CA ALA N 238 67.73 -3.71 54.39
C ALA N 238 67.51 -2.78 53.22
N TYR N 239 68.08 -1.58 53.32
CA TYR N 239 67.89 -0.54 52.31
C TYR N 239 68.41 -0.94 50.93
N ARG N 240 69.11 -2.06 50.79
CA ARG N 240 69.62 -2.50 49.50
C ARG N 240 68.73 -3.54 48.83
N TYR N 241 67.76 -4.13 49.55
CA TYR N 241 66.87 -5.13 48.95
C TYR N 241 65.42 -4.66 48.91
N GLN N 242 64.82 -4.33 50.05
CA GLN N 242 63.40 -3.96 50.12
C GLN N 242 62.54 -5.01 49.43
N TRP N 243 62.58 -6.23 49.96
CA TRP N 243 61.83 -7.37 49.47
C TRP N 243 60.71 -7.71 50.45
N ALA N 244 60.00 -8.81 50.15
CA ALA N 244 58.96 -9.34 51.02
C ALA N 244 59.28 -10.78 51.35
N ALA N 245 59.08 -11.15 52.62
CA ALA N 245 59.37 -12.49 53.11
C ALA N 245 58.09 -13.18 53.56
N LEU N 246 58.00 -14.47 53.25
CA LEU N 246 56.87 -15.30 53.66
C LEU N 246 57.37 -16.34 54.65
N ILE N 247 56.66 -16.47 55.77
CA ILE N 247 57.06 -17.31 56.88
C ILE N 247 56.03 -18.40 57.05
N ASP N 248 56.52 -19.64 57.20
CA ASP N 248 55.67 -20.78 57.52
C ASP N 248 55.90 -21.17 58.98
N SER N 249 54.82 -21.61 59.63
CA SER N 249 54.91 -22.02 61.01
C SER N 249 55.82 -23.24 61.14
N GLY N 250 56.05 -23.66 62.38
CA GLY N 250 56.78 -24.89 62.62
C GLY N 250 55.98 -26.08 62.17
N ALA N 251 56.53 -27.29 62.30
CA ALA N 251 55.80 -28.48 61.89
C ALA N 251 54.51 -28.58 62.68
N MET N 252 53.46 -29.11 62.03
CA MET N 252 52.14 -29.14 62.64
C MET N 252 52.17 -29.77 64.02
N SER N 253 52.95 -30.85 64.19
CA SER N 253 53.02 -31.51 65.49
C SER N 253 53.40 -30.52 66.59
N GLU N 254 54.32 -29.60 66.30
CA GLU N 254 54.67 -28.58 67.27
C GLU N 254 53.63 -27.46 67.30
N ILE N 255 53.39 -26.83 66.16
CA ILE N 255 52.33 -25.81 66.04
C ILE N 255 51.07 -26.57 65.65
N SER N 256 50.43 -27.17 66.65
CA SER N 256 49.23 -27.97 66.45
C SER N 256 47.95 -27.14 66.40
N ASN N 257 47.99 -25.85 66.70
CA ASN N 257 46.77 -25.06 66.72
C ASN N 257 47.07 -23.58 66.49
N THR N 258 46.01 -22.84 66.20
CA THR N 258 46.13 -21.42 65.91
C THR N 258 46.67 -20.64 67.11
N ASP N 259 46.44 -21.13 68.33
CA ASP N 259 46.99 -20.45 69.50
C ASP N 259 48.52 -20.51 69.49
N ARG N 260 49.08 -21.69 69.21
CA ARG N 260 50.52 -21.80 69.09
C ARG N 260 51.06 -21.00 67.91
N ALA N 261 50.31 -21.01 66.80
CA ALA N 261 50.71 -20.17 65.67
C ALA N 261 50.75 -18.70 66.07
N ILE N 262 49.77 -18.25 66.85
CA ILE N 262 49.72 -16.85 67.29
C ILE N 262 50.90 -16.54 68.20
N ALA N 263 51.23 -17.47 69.10
CA ALA N 263 52.37 -17.24 69.98
C ALA N 263 53.66 -17.10 69.17
N GLU N 264 53.85 -17.99 68.19
CA GLU N 264 55.04 -17.91 67.35
C GLU N 264 55.08 -16.59 66.58
N ALA N 265 53.93 -16.17 66.03
CA ALA N 265 53.88 -14.92 65.30
C ALA N 265 54.19 -13.74 66.20
N ALA N 266 53.66 -13.77 67.44
CA ALA N 266 53.93 -12.69 68.39
C ALA N 266 55.41 -12.61 68.71
N THR N 267 56.07 -13.76 68.86
CA THR N 267 57.53 -13.74 69.02
C THR N 267 58.20 -13.13 67.80
N TYR N 268 57.71 -13.47 66.60
CA TYR N 268 58.26 -12.89 65.39
C TYR N 268 57.94 -11.39 65.32
N ASN N 269 58.90 -10.61 64.83
CA ASN N 269 58.77 -9.17 64.74
C ASN N 269 59.17 -8.68 63.36
N SER N 270 58.39 -7.74 62.83
CA SER N 270 58.71 -7.10 61.55
C SER N 270 58.10 -5.71 61.57
N VAL N 271 58.93 -4.70 61.83
CA VAL N 271 58.42 -3.34 62.04
C VAL N 271 57.73 -2.81 60.80
N GLN N 272 58.39 -2.91 59.65
CA GLN N 272 57.90 -2.31 58.41
C GLN N 272 56.98 -3.24 57.64
N GLY N 273 56.62 -4.40 58.17
CA GLY N 273 55.70 -5.28 57.50
C GLY N 273 56.30 -6.10 56.39
N HIS N 274 57.62 -6.14 56.28
CA HIS N 274 58.25 -6.91 55.21
C HIS N 274 57.94 -8.39 55.32
N CYS N 275 57.65 -8.89 56.53
CA CYS N 275 57.40 -10.30 56.76
C CYS N 275 55.91 -10.57 56.88
N SER N 276 55.48 -11.73 56.38
CA SER N 276 54.07 -12.11 56.48
C SER N 276 53.97 -13.55 56.97
N TYR N 277 53.12 -13.79 57.95
CA TYR N 277 53.00 -15.13 58.53
C TYR N 277 51.88 -15.93 57.90
N TYR N 278 52.14 -17.21 57.63
CA TYR N 278 51.11 -18.10 57.09
C TYR N 278 51.16 -19.32 57.98
N TYR N 279 50.09 -20.09 58.07
CA TYR N 279 50.09 -21.20 59.03
C TYR N 279 49.76 -22.64 58.57
N PRO N 280 48.53 -22.92 58.07
CA PRO N 280 48.21 -24.32 57.76
C PRO N 280 49.12 -25.02 56.76
N TYR N 281 49.73 -26.12 57.16
CA TYR N 281 50.64 -26.85 56.29
C TYR N 281 49.90 -27.70 55.27
N LEU N 282 49.74 -27.21 54.04
CA LEU N 282 48.96 -27.97 53.07
C LEU N 282 49.31 -29.42 52.83
N ILE N 283 48.30 -30.25 52.68
CA ILE N 283 48.52 -31.65 52.36
C ILE N 283 48.49 -31.78 50.85
N ASN N 284 49.56 -32.33 50.26
CA ASN N 284 49.64 -32.46 48.81
C ASN N 284 48.86 -33.70 48.38
N LEU N 285 48.93 -34.03 47.09
CA LEU N 285 48.19 -35.18 46.56
C LEU N 285 48.75 -36.51 47.06
N ASP N 286 49.92 -36.50 47.70
CA ASP N 286 50.53 -37.72 48.23
C ASP N 286 50.45 -37.79 49.75
N ASP N 287 49.48 -37.09 50.36
CA ASP N 287 49.29 -37.12 51.80
C ASP N 287 50.56 -36.69 52.54
N GLN N 288 51.26 -35.72 51.98
CA GLN N 288 52.48 -35.19 52.58
C GLN N 288 52.26 -33.74 52.99
N GLN N 289 52.74 -33.39 54.17
CA GLN N 289 52.60 -32.02 54.68
C GLN N 289 53.66 -31.13 54.05
N VAL N 290 53.26 -29.94 53.66
CA VAL N 290 54.14 -29.00 52.96
C VAL N 290 53.90 -27.59 53.52
N PRO N 291 54.94 -26.83 53.83
CA PRO N 291 54.72 -25.43 54.21
C PRO N 291 54.02 -24.68 53.11
N PRO N 292 53.08 -23.79 53.45
CA PRO N 292 52.27 -23.14 52.40
C PRO N 292 53.02 -22.08 51.60
N SER N 293 54.18 -21.61 52.07
CA SER N 293 54.81 -20.44 51.47
C SER N 293 55.04 -20.62 49.98
N ALA N 294 55.44 -21.81 49.55
CA ALA N 294 55.74 -22.02 48.14
C ALA N 294 54.49 -21.85 47.27
N ALA N 295 53.39 -22.51 47.65
CA ALA N 295 52.16 -22.37 46.91
C ALA N 295 51.65 -20.94 46.95
N VAL N 296 51.75 -20.29 48.12
CA VAL N 296 51.29 -18.92 48.25
C VAL N 296 52.07 -18.00 47.32
N ALA N 297 53.39 -18.19 47.25
CA ALA N 297 54.20 -17.35 46.37
C ALA N 297 53.87 -17.60 44.90
N GLY N 298 53.73 -18.87 44.51
CA GLY N 298 53.39 -19.16 43.13
C GLY N 298 52.07 -18.53 42.73
N MET N 299 51.05 -18.69 43.58
CA MET N 299 49.75 -18.11 43.29
C MET N 299 49.80 -16.58 43.35
N ALA N 300 50.67 -16.01 44.19
CA ALA N 300 50.83 -14.57 44.23
C ALA N 300 51.38 -14.04 42.92
N LEU N 301 52.40 -14.71 42.37
CA LEU N 301 52.94 -14.28 41.08
C LEU N 301 51.90 -14.45 39.98
N TYR N 302 51.16 -15.56 40.01
CA TYR N 302 50.11 -15.77 39.01
C TYR N 302 49.08 -14.67 39.07
N ARG N 303 48.63 -14.29 40.27
CA ARG N 303 47.67 -13.22 40.40
C ARG N 303 48.26 -11.88 40.00
N PHE N 304 49.54 -11.65 40.28
CA PHE N 304 50.16 -10.41 39.83
C PHE N 304 50.11 -10.31 38.32
N VAL N 305 50.34 -11.42 37.62
CA VAL N 305 50.28 -11.39 36.16
C VAL N 305 48.85 -11.19 35.69
N ILE N 306 47.88 -11.82 36.35
CA ILE N 306 46.52 -11.83 35.83
C ILE N 306 45.78 -10.54 36.21
N ASP N 307 45.60 -10.30 37.51
CA ASP N 307 44.86 -9.13 38.00
C ASP N 307 45.75 -7.91 38.26
N GLY N 308 47.06 -8.03 38.12
CA GLY N 308 47.95 -6.93 38.41
C GLY N 308 48.56 -7.02 39.80
N PHE N 309 49.47 -6.09 40.07
CA PHE N 309 50.32 -6.15 41.25
C PHE N 309 49.70 -5.53 42.50
N ALA N 310 48.57 -4.83 42.37
CA ALA N 310 47.95 -4.21 43.53
C ALA N 310 47.13 -5.18 44.37
N GLU N 311 46.86 -6.38 43.86
CA GLU N 311 46.06 -7.34 44.60
C GLU N 311 46.91 -8.12 45.58
N PRO N 312 46.35 -8.60 46.69
CA PRO N 312 47.09 -9.43 47.62
C PRO N 312 46.94 -10.89 47.28
N PRO N 313 47.84 -11.76 47.77
CA PRO N 313 47.63 -13.20 47.58
C PRO N 313 46.58 -13.77 48.53
N ALA N 314 45.32 -13.61 48.15
CA ALA N 314 44.19 -14.16 48.90
C ALA N 314 42.96 -14.05 48.02
N GLY N 315 41.88 -14.65 48.48
CA GLY N 315 40.61 -14.62 47.78
C GLY N 315 40.22 -15.98 47.23
N VAL N 316 38.93 -16.12 46.93
CA VAL N 316 38.40 -17.38 46.43
C VAL N 316 38.59 -17.56 44.93
N ASN N 317 38.93 -16.50 44.20
CA ASN N 317 39.12 -16.61 42.76
C ASN N 317 40.50 -17.08 42.37
N PHE N 318 41.39 -17.29 43.35
CA PHE N 318 42.74 -17.82 43.10
C PHE N 318 43.03 -18.92 44.13
N PRO N 319 42.30 -20.03 44.08
CA PRO N 319 42.56 -21.12 45.00
C PRO N 319 43.88 -21.80 44.72
N LEU N 320 44.47 -22.39 45.76
CA LEU N 320 45.73 -23.08 45.63
C LEU N 320 45.55 -24.39 44.85
N LYS N 321 46.63 -24.84 44.24
CA LYS N 321 46.62 -26.03 43.39
C LYS N 321 47.72 -26.97 43.82
N GLY N 322 47.58 -28.24 43.43
CA GLY N 322 48.49 -29.27 43.87
C GLY N 322 48.27 -29.73 45.29
N VAL N 323 47.17 -29.31 45.92
CA VAL N 323 46.85 -29.67 47.29
C VAL N 323 45.44 -30.21 47.32
N LYS N 324 45.16 -31.03 48.35
CA LYS N 324 43.85 -31.62 48.52
C LYS N 324 43.24 -31.35 49.88
N ASN N 325 43.96 -30.72 50.81
CA ASN N 325 43.43 -30.42 52.13
C ASN N 325 44.44 -29.59 52.90
N VAL N 326 44.01 -29.11 54.07
CA VAL N 326 44.89 -28.43 55.01
C VAL N 326 45.14 -29.36 56.18
N ALA N 327 46.34 -29.27 56.77
CA ALA N 327 46.69 -30.15 57.87
C ALA N 327 45.89 -29.85 59.13
N TYR N 328 45.28 -28.66 59.21
CA TYR N 328 44.49 -28.29 60.38
C TYR N 328 43.35 -27.39 59.93
N LYS N 329 42.22 -27.50 60.62
CA LYS N 329 41.01 -26.76 60.29
C LYS N 329 40.89 -25.57 61.25
N VAL N 330 41.02 -24.36 60.71
CA VAL N 330 40.94 -23.15 61.51
C VAL N 330 39.47 -22.77 61.68
N THR N 331 39.06 -22.57 62.93
CA THR N 331 37.69 -22.14 63.21
C THR N 331 37.56 -20.63 63.03
N TRP N 332 36.32 -20.19 62.86
CA TRP N 332 36.06 -18.77 62.61
C TRP N 332 36.52 -17.91 63.78
N GLU N 333 36.30 -18.37 65.02
CA GLU N 333 36.75 -17.59 66.17
C GLU N 333 38.27 -17.55 66.24
N GLU N 334 38.93 -18.66 65.96
CA GLU N 334 40.39 -18.68 65.91
C GLU N 334 40.90 -17.66 64.91
N GLN N 335 40.31 -17.63 63.71
CA GLN N 335 40.74 -16.66 62.71
C GLN N 335 40.43 -15.23 63.15
N ASN N 336 39.25 -15.02 63.75
CA ASN N 336 38.89 -13.68 64.23
C ASN N 336 39.90 -13.16 65.23
N VAL N 337 40.48 -14.06 66.03
CA VAL N 337 41.51 -13.64 66.98
C VAL N 337 42.88 -13.52 66.32
N ALA N 338 43.19 -14.37 65.34
CA ALA N 338 44.54 -14.47 64.81
C ALA N 338 44.83 -13.44 63.72
N ASN N 339 43.87 -13.17 62.84
CA ASN N 339 44.14 -12.28 61.72
C ASN N 339 44.62 -10.91 62.16
N PRO N 340 44.01 -10.26 63.16
CA PRO N 340 44.57 -8.99 63.63
C PRO N 340 46.00 -9.11 64.10
N GLU N 341 46.39 -10.25 64.68
CA GLU N 341 47.75 -10.44 65.13
C GLU N 341 48.73 -10.63 63.97
N GLY N 342 48.24 -10.99 62.79
CA GLY N 342 49.08 -11.14 61.62
C GLY N 342 49.19 -12.54 61.06
N VAL N 343 48.34 -13.47 61.49
CA VAL N 343 48.37 -14.83 60.97
C VAL N 343 47.39 -14.92 59.81
N ASN N 344 47.91 -15.29 58.64
CA ASN N 344 47.08 -15.42 57.44
C ASN N 344 46.68 -16.87 57.28
N CYS N 345 45.40 -17.16 57.52
CA CYS N 345 44.92 -18.53 57.55
C CYS N 345 44.67 -19.06 56.14
N ILE N 346 44.72 -20.39 56.02
CA ILE N 346 44.41 -21.08 54.78
C ILE N 346 43.26 -22.03 55.08
N LEU N 347 42.17 -21.92 54.32
CA LEU N 347 40.92 -22.61 54.62
C LEU N 347 40.49 -23.46 53.43
N ASN N 348 39.89 -24.60 53.73
CA ASN N 348 39.33 -25.49 52.71
C ASN N 348 37.87 -25.11 52.49
N LYS N 349 37.69 -23.95 51.83
CA LYS N 349 36.35 -23.46 51.52
C LYS N 349 35.66 -24.46 50.59
N GLU N 350 34.59 -25.09 51.08
CA GLU N 350 33.80 -25.97 50.24
C GLU N 350 33.22 -25.19 49.07
N ASN N 351 33.29 -25.79 47.89
CA ASN N 351 32.83 -25.25 46.61
C ASN N 351 33.79 -24.20 46.06
N TYR N 352 34.85 -23.83 46.79
CA TYR N 352 35.87 -22.92 46.30
C TYR N 352 37.25 -23.55 46.25
N GLY N 353 37.53 -24.52 47.10
CA GLY N 353 38.84 -25.13 47.21
C GLY N 353 39.65 -24.56 48.36
N ILE N 354 40.94 -24.87 48.33
CA ILE N 354 41.88 -24.38 49.35
C ILE N 354 42.25 -22.94 48.99
N VAL N 355 41.95 -22.01 49.88
CA VAL N 355 42.16 -20.59 49.60
C VAL N 355 42.85 -19.93 50.79
N VAL N 356 43.62 -18.89 50.49
CA VAL N 356 44.25 -18.06 51.51
C VAL N 356 43.25 -16.97 51.89
N TRP N 357 42.87 -16.93 53.17
CA TRP N 357 41.85 -16.02 53.66
C TRP N 357 42.45 -14.93 54.55
N GLY N 358 43.63 -14.44 54.17
CA GLY N 358 44.26 -13.37 54.91
C GLY N 358 45.38 -12.70 54.13
N ALA N 359 45.51 -11.38 54.27
CA ALA N 359 46.54 -10.63 53.56
C ALA N 359 47.21 -9.61 54.47
N ARG N 360 47.48 -9.97 55.71
CA ARG N 360 48.07 -9.07 56.68
C ARG N 360 49.52 -9.44 56.96
N THR N 361 50.27 -8.46 57.43
CA THR N 361 51.68 -8.62 57.78
C THR N 361 51.82 -8.76 59.28
N LEU N 362 53.07 -8.81 59.74
CA LEU N 362 53.38 -8.88 61.16
C LEU N 362 53.65 -7.52 61.77
N SER N 363 53.51 -6.44 61.00
CA SER N 363 53.78 -5.11 61.52
C SER N 363 52.64 -4.64 62.44
N ALA N 364 53.02 -3.93 63.51
CA ALA N 364 52.03 -3.27 64.34
C ALA N 364 51.61 -1.92 63.78
N ASP N 365 52.35 -1.39 62.81
CA ASP N 365 52.01 -0.11 62.21
C ASP N 365 50.70 -0.23 61.43
N PRO N 366 49.69 0.59 61.74
CA PRO N 366 48.43 0.49 60.97
C PRO N 366 48.57 0.86 59.50
N ASN N 367 49.66 1.54 59.12
CA ASN N 367 49.81 1.98 57.73
C ASN N 367 50.13 0.82 56.79
N ILE N 368 50.83 -0.20 57.27
CA ILE N 368 51.32 -1.27 56.42
C ILE N 368 50.66 -2.58 56.83
N VAL N 369 49.40 -2.50 57.27
CA VAL N 369 48.70 -3.66 57.77
C VAL N 369 48.66 -4.78 56.72
N PHE N 370 48.36 -4.41 55.47
CA PHE N 370 48.15 -5.38 54.42
C PHE N 370 49.43 -5.60 53.61
N ILE N 371 49.67 -6.86 53.22
CA ILE N 371 50.87 -7.19 52.45
C ILE N 371 50.87 -6.48 51.11
N SER N 372 49.70 -6.11 50.60
CA SER N 372 49.63 -5.43 49.32
C SER N 372 50.32 -4.07 49.38
N THR N 373 50.15 -3.35 50.49
CA THR N 373 50.83 -2.07 50.64
C THR N 373 52.35 -2.25 50.65
N ARG N 374 52.83 -3.24 51.39
CA ARG N 374 54.27 -3.52 51.41
C ARG N 374 54.77 -3.87 50.02
N ILE N 375 54.01 -4.67 49.28
CA ILE N 375 54.43 -5.08 47.95
C ILE N 375 54.46 -3.87 47.01
N ILE N 376 53.47 -2.98 47.12
CA ILE N 376 53.45 -1.79 46.28
C ILE N 376 54.67 -0.92 46.58
N LEU N 377 54.97 -0.72 47.86
CA LEU N 377 56.14 0.10 48.22
C LEU N 377 57.42 -0.54 47.70
N ASN N 378 57.55 -1.87 47.85
CA ASN N 378 58.74 -2.55 47.36
C ASN N 378 58.85 -2.43 45.84
N ILE N 379 57.73 -2.53 45.14
CA ILE N 379 57.74 -2.41 43.68
C ILE N 379 58.21 -1.02 43.27
N VAL N 380 57.69 0.01 43.94
CA VAL N 380 58.13 1.38 43.64
C VAL N 380 59.64 1.48 43.86
N ILE N 381 60.11 1.00 45.02
CA ILE N 381 61.52 1.13 45.37
C ILE N 381 62.39 0.45 44.31
N ASN N 382 62.05 -0.79 43.96
CA ASN N 382 62.90 -1.56 43.06
C ASN N 382 62.82 -1.06 41.62
N THR N 383 61.65 -0.60 41.18
CA THR N 383 61.57 0.02 39.87
C THR N 383 62.44 1.27 39.80
N LEU N 384 62.41 2.09 40.85
CA LEU N 384 63.27 3.27 40.87
C LEU N 384 64.73 2.87 40.88
N ASN N 385 65.09 1.83 41.64
CA ASN N 385 66.47 1.39 41.70
C ASN N 385 66.97 0.94 40.33
N ARG N 386 66.18 0.10 39.65
CA ARG N 386 66.58 -0.37 38.32
C ARG N 386 66.65 0.79 37.34
N GLY N 387 65.75 1.77 37.47
CA GLY N 387 65.82 2.93 36.61
C GLY N 387 67.10 3.73 36.82
N TYR N 388 67.44 3.98 38.08
CA TYR N 388 68.62 4.79 38.39
C TYR N 388 69.93 4.05 38.18
N ASP N 389 69.89 2.72 38.06
CA ASP N 389 71.12 1.97 37.80
C ASP N 389 71.84 2.52 36.57
N PHE N 390 71.09 2.98 35.56
CA PHE N 390 71.70 3.54 34.37
C PHE N 390 72.31 4.91 34.64
N ASP N 391 71.72 5.69 35.54
CA ASP N 391 72.28 6.99 35.89
C ASP N 391 73.44 6.90 36.87
N ILE N 392 73.65 5.74 37.50
CA ILE N 392 74.79 5.58 38.39
C ILE N 392 76.08 5.75 37.59
N PHE N 393 77.05 6.44 38.19
CA PHE N 393 78.37 6.71 37.62
C PHE N 393 78.33 7.66 36.44
N ASN N 394 77.19 8.28 36.16
CA ASN N 394 77.14 9.32 35.15
C ASN N 394 77.87 10.58 35.64
N SER N 395 78.35 11.37 34.70
CA SER N 395 79.06 12.59 35.06
C SER N 395 78.09 13.67 35.52
N VAL N 396 78.65 14.70 36.16
CA VAL N 396 77.89 15.85 36.61
C VAL N 396 78.68 17.09 36.19
N GLY N 397 78.30 17.68 35.07
CA GLY N 397 78.91 18.92 34.63
C GLY N 397 78.27 20.13 35.29
N GLY N 398 78.72 21.31 34.86
CA GLY N 398 78.13 22.54 35.36
C GLY N 398 76.70 22.75 34.93
N THR N 399 76.24 22.00 33.93
CA THR N 399 74.87 22.16 33.45
C THR N 399 73.86 21.72 34.49
N ALA N 400 74.21 20.76 35.35
CA ALA N 400 73.28 20.19 36.32
C ALA N 400 72.05 19.60 35.64
N THR N 401 72.20 19.19 34.37
CA THR N 401 71.09 18.65 33.61
C THR N 401 70.75 17.21 34.02
N VAL N 402 71.72 16.46 34.54
CA VAL N 402 71.46 15.08 34.91
C VAL N 402 70.42 15.00 36.02
N LEU N 403 70.35 16.02 36.88
CA LEU N 403 69.37 16.01 37.96
C LEU N 403 67.96 16.21 37.42
N ASP N 404 67.79 17.16 36.49
CA ASP N 404 66.50 17.32 35.85
C ASP N 404 66.11 16.06 35.09
N ASN N 405 67.09 15.43 34.44
CA ASN N 405 66.82 14.18 33.73
C ASN N 405 66.37 13.09 34.70
N ILE N 406 67.01 13.01 35.87
CA ILE N 406 66.61 12.03 36.88
C ILE N 406 65.17 12.29 37.32
N GLN N 407 64.83 13.55 37.56
CA GLN N 407 63.47 13.87 37.98
C GLN N 407 62.46 13.48 36.91
N ARG N 408 62.76 13.79 35.64
CA ARG N 408 61.84 13.44 34.56
C ARG N 408 61.68 11.93 34.45
N LYS N 409 62.79 11.19 34.54
CA LYS N 409 62.72 9.73 34.47
C LYS N 409 61.89 9.17 35.61
N THR N 410 62.07 9.71 36.82
CA THR N 410 61.27 9.27 37.95
C THR N 410 59.80 9.54 37.71
N ASN N 411 59.47 10.71 37.15
CA ASN N 411 58.08 11.02 36.85
C ASN N 411 57.48 10.02 35.88
N THR N 412 58.20 9.68 34.81
CA THR N 412 57.65 8.74 33.84
C THR N 412 57.51 7.34 34.43
N LEU N 413 58.48 6.91 35.25
CA LEU N 413 58.37 5.60 35.89
C LEU N 413 57.16 5.54 36.81
N LEU N 414 56.97 6.60 37.62
CA LEU N 414 55.81 6.63 38.50
C LEU N 414 54.51 6.71 37.71
N THR N 415 54.53 7.37 36.54
CA THR N 415 53.35 7.35 35.68
C THR N 415 53.04 5.94 35.20
N THR N 416 54.07 5.18 34.83
CA THR N 416 53.86 3.80 34.43
C THR N 416 53.24 3.00 35.57
N LEU N 417 53.76 3.17 36.78
CA LEU N 417 53.18 2.45 37.92
C LEU N 417 51.73 2.88 38.17
N TYR N 418 51.45 4.18 38.04
CA TYR N 418 50.09 4.67 38.23
C TYR N 418 49.15 4.04 37.21
N GLN N 419 49.60 3.94 35.96
CA GLN N 419 48.81 3.24 34.94
C GLN N 419 48.59 1.79 35.36
N ALA N 420 49.63 1.14 35.87
CA ALA N 420 49.46 -0.21 36.40
C ALA N 420 48.39 -0.26 37.48
N GLY N 421 48.22 0.82 38.24
CA GLY N 421 47.14 0.91 39.20
C GLY N 421 47.56 0.57 40.61
N LEU N 422 48.74 1.05 41.01
CA LEU N 422 49.30 0.76 42.33
C LEU N 422 49.00 1.86 43.35
N PHE N 423 48.25 2.89 42.98
CA PHE N 423 48.05 4.07 43.82
C PHE N 423 46.57 4.36 43.97
N TYR N 424 46.25 5.07 45.05
CA TYR N 424 44.91 5.61 45.28
C TYR N 424 44.89 7.06 44.82
N GLY N 425 43.86 7.43 44.07
CA GLY N 425 43.78 8.75 43.48
C GLY N 425 43.44 8.68 42.00
N GLN N 426 42.49 9.52 41.57
CA GLN N 426 42.07 9.52 40.17
C GLN N 426 43.16 9.99 39.23
N THR N 427 44.20 10.67 39.73
CA THR N 427 45.22 11.24 38.88
C THR N 427 46.57 11.18 39.58
N THR N 428 47.63 11.47 38.82
CA THR N 428 48.97 11.46 39.37
C THR N 428 49.12 12.50 40.48
N SER N 429 48.50 13.66 40.32
CA SER N 429 48.57 14.69 41.34
C SER N 429 47.98 14.22 42.67
N GLU N 430 47.06 13.26 42.65
CA GLU N 430 46.54 12.64 43.86
C GLU N 430 47.31 11.38 44.25
N ALA N 431 48.08 10.80 43.34
CA ALA N 431 48.77 9.53 43.57
C ALA N 431 50.18 9.70 44.12
N PHE N 432 50.99 10.59 43.56
CA PHE N 432 52.39 10.66 43.95
C PHE N 432 52.96 12.03 43.63
N SER N 433 54.14 12.29 44.20
CA SER N 433 54.89 13.52 43.94
C SER N 433 56.37 13.22 44.09
N VAL N 434 57.19 14.05 43.45
CA VAL N 434 58.63 13.85 43.36
C VAL N 434 59.35 15.14 43.69
N LEU N 435 60.58 15.01 44.20
CA LEU N 435 61.45 16.16 44.44
C LEU N 435 62.90 15.65 44.39
N GLY N 436 63.55 15.83 43.26
CA GLY N 436 64.91 15.35 43.11
C GLY N 436 65.82 16.24 42.29
N ASP N 437 65.45 17.50 42.10
CA ASP N 437 66.21 18.41 41.26
C ASP N 437 67.38 19.00 42.06
N ALA N 438 68.08 19.96 41.46
CA ALA N 438 69.25 20.55 42.10
C ALA N 438 68.90 21.32 43.36
N SER N 439 67.64 21.70 43.54
CA SER N 439 67.24 22.47 44.72
C SER N 439 67.44 21.70 46.02
N VAL N 440 67.59 20.38 45.96
CA VAL N 440 67.77 19.55 47.15
C VAL N 440 69.10 18.81 47.11
N GLN N 441 70.07 19.31 46.35
CA GLN N 441 71.39 18.72 46.26
C GLN N 441 72.41 19.63 46.92
N VAL N 442 73.39 19.02 47.60
CA VAL N 442 74.38 19.75 48.38
C VAL N 442 75.74 19.52 47.73
N PRO N 443 76.51 20.58 47.42
CA PRO N 443 77.81 20.36 46.76
C PRO N 443 78.75 19.47 47.56
N SER N 444 78.71 19.55 48.89
CA SER N 444 79.59 18.72 49.70
C SER N 444 79.33 17.24 49.44
N LEU N 445 78.05 16.87 49.32
CA LEU N 445 77.72 15.48 49.02
C LEU N 445 77.96 15.14 47.55
N LEU N 446 77.78 16.10 46.65
CA LEU N 446 78.09 15.85 45.24
C LEU N 446 79.57 15.57 45.04
N GLN N 447 80.44 16.18 45.86
CA GLN N 447 81.86 15.85 45.81
C GLN N 447 82.09 14.38 46.13
N GLN N 448 81.30 13.83 47.06
CA GLN N 448 81.37 12.42 47.39
C GLN N 448 80.55 11.55 46.45
N GLY N 449 79.79 12.15 45.54
CA GLY N 449 78.99 11.40 44.60
C GLY N 449 77.64 10.97 45.11
N LEU N 450 77.10 11.67 46.11
CA LEU N 450 75.84 11.31 46.75
C LEU N 450 74.75 12.26 46.27
N VAL N 451 73.66 11.69 45.77
CA VAL N 451 72.52 12.46 45.27
C VAL N 451 71.26 11.97 45.99
N ASN N 452 70.54 12.90 46.61
CA ASN N 452 69.32 12.59 47.34
C ASN N 452 68.10 12.97 46.51
N MET N 453 67.03 12.21 46.70
CA MET N 453 65.75 12.52 46.06
C MET N 453 64.63 11.99 46.96
N PHE N 454 63.47 12.61 46.85
CA PHE N 454 62.36 12.39 47.77
C PHE N 454 61.10 12.04 46.97
N ILE N 455 60.37 11.04 47.44
CA ILE N 455 59.20 10.52 46.75
C ILE N 455 58.04 10.41 47.74
N TRP N 456 56.86 10.80 47.30
CA TRP N 456 55.63 10.61 48.07
C TRP N 456 54.65 9.80 47.22
N VAL N 457 54.03 8.80 47.83
CA VAL N 457 53.09 7.93 47.14
C VAL N 457 51.92 7.62 48.06
N VAL N 458 50.80 7.26 47.43
CA VAL N 458 49.58 6.86 48.15
C VAL N 458 49.22 5.46 47.68
N PRO N 459 49.74 4.41 48.33
CA PRO N 459 49.45 3.04 47.87
C PRO N 459 47.96 2.74 47.95
N SER N 460 47.50 1.90 47.02
CA SER N 460 46.11 1.48 47.03
C SER N 460 45.83 0.64 48.27
N THR N 461 44.56 0.27 48.44
CA THR N 461 44.12 -0.56 49.55
C THR N 461 43.23 -1.66 49.01
N ILE N 462 42.75 -2.52 49.91
CA ILE N 462 41.97 -3.70 49.53
C ILE N 462 40.67 -3.71 50.31
N ILE N 463 39.81 -4.65 49.96
CA ILE N 463 38.56 -4.92 50.66
C ILE N 463 38.75 -6.22 51.42
N GLU N 464 38.75 -6.15 52.75
CA GLU N 464 38.94 -7.33 53.57
C GLU N 464 37.67 -7.80 54.27
N ARG N 465 36.77 -6.90 54.63
CA ARG N 465 35.50 -7.33 55.22
C ARG N 465 34.41 -6.34 54.83
N LEU N 466 33.30 -6.89 54.32
CA LEU N 466 32.17 -6.12 53.81
C LEU N 466 31.02 -6.20 54.80
N ILE N 467 30.44 -5.05 55.11
CA ILE N 467 29.35 -4.96 56.09
C ILE N 467 28.06 -4.66 55.33
N ILE N 468 27.06 -5.52 55.51
CA ILE N 468 25.75 -5.35 54.91
C ILE N 468 24.80 -4.90 56.01
N ASN N 469 24.30 -3.67 55.91
CA ASN N 469 23.31 -3.14 56.83
C ASN N 469 21.96 -3.19 56.14
N ILE N 470 21.16 -4.18 56.49
CA ILE N 470 19.90 -4.46 55.81
C ILE N 470 18.75 -3.85 56.60
N LYS N 471 17.65 -3.60 55.91
CA LYS N 471 16.46 -3.00 56.51
C LYS N 471 15.22 -3.69 55.93
N GLN N 472 14.29 -4.05 56.80
CA GLN N 472 13.03 -4.70 56.38
C GLN N 472 11.81 -3.79 56.52
N THR N 473 11.27 -3.33 55.40
CA THR N 473 10.17 -2.36 55.47
C THR N 473 8.80 -2.96 55.20
N ALA N 474 7.75 -2.19 55.48
CA ALA N 474 6.39 -2.66 55.28
C ALA N 474 6.00 -2.68 53.83
N ILE N 475 4.90 -3.37 53.52
CA ILE N 475 4.47 -3.47 52.14
C ILE N 475 4.01 -2.14 51.53
N GLY N 476 4.64 -1.74 50.42
CA GLY N 476 4.25 -0.52 49.76
C GLY N 476 4.94 0.76 50.22
N ASP N 477 5.77 0.66 51.25
CA ASP N 477 6.42 1.85 51.79
C ASP N 477 7.93 1.68 51.85
N LEU N 478 8.55 1.43 50.70
CA LEU N 478 9.99 1.25 50.65
C LEU N 478 10.69 2.52 50.24
N GLU N 479 10.28 3.08 49.10
CA GLU N 479 10.93 4.28 48.58
C GLU N 479 10.85 5.49 49.51
N ALA N 480 9.79 5.58 50.31
CA ALA N 480 9.65 6.67 51.25
C ALA N 480 10.75 6.57 52.29
N THR N 481 10.91 5.38 52.85
CA THR N 481 11.95 5.18 53.84
C THR N 481 13.32 5.42 53.23
N VAL N 482 13.54 4.98 52.00
CA VAL N 482 14.88 5.08 51.44
C VAL N 482 15.30 6.53 51.30
N ALA N 483 14.39 7.41 50.88
CA ALA N 483 14.74 8.83 50.80
C ALA N 483 15.24 9.32 52.15
N LEU N 484 14.48 9.06 53.20
CA LEU N 484 14.88 9.51 54.54
C LEU N 484 16.22 8.91 54.94
N ASP N 485 16.34 7.57 54.85
CA ASP N 485 17.54 6.90 55.34
C ASP N 485 18.77 7.30 54.52
N THR N 486 18.63 7.37 53.20
CA THR N 486 19.75 7.73 52.34
C THR N 486 20.17 9.17 52.55
N ALA N 487 19.21 10.08 52.72
CA ALA N 487 19.56 11.45 53.05
C ALA N 487 20.37 11.49 54.32
N ALA N 488 19.92 10.78 55.36
CA ALA N 488 20.65 10.77 56.62
C ALA N 488 22.07 10.23 56.42
N LEU N 489 22.18 9.08 55.75
CA LEU N 489 23.48 8.43 55.59
C LEU N 489 24.44 9.31 54.80
N GLN N 490 24.00 9.81 53.65
CA GLN N 490 24.86 10.64 52.82
C GLN N 490 25.27 11.91 53.54
N SER N 491 24.33 12.57 54.22
CA SER N 491 24.68 13.79 54.94
C SER N 491 25.70 13.51 56.03
N SER N 492 25.52 12.42 56.77
CA SER N 492 26.49 12.07 57.81
C SER N 492 27.86 11.84 57.20
N VAL N 493 27.92 11.11 56.08
CA VAL N 493 29.20 10.82 55.45
C VAL N 493 29.87 12.12 55.02
N GLU N 494 29.12 13.02 54.38
CA GLU N 494 29.73 14.27 53.90
C GLU N 494 30.22 15.12 55.06
N GLU N 495 29.39 15.27 56.09
CA GLU N 495 29.80 16.11 57.22
C GLU N 495 30.84 15.45 58.11
N GLY N 496 31.11 14.16 57.90
CA GLY N 496 32.13 13.48 58.66
C GLY N 496 31.67 12.91 59.98
N THR N 497 30.38 12.90 60.25
CA THR N 497 29.84 12.31 61.48
C THR N 497 29.50 10.84 61.33
N ALA N 498 29.74 10.26 60.15
CA ALA N 498 29.45 8.84 59.95
C ALA N 498 30.31 7.96 60.84
N THR N 499 31.58 8.33 61.03
CA THR N 499 32.51 7.51 61.80
C THR N 499 32.55 7.88 63.27
N GLU N 500 32.28 9.14 63.62
CA GLU N 500 32.35 9.56 65.01
C GLU N 500 31.28 8.83 65.82
N GLY N 501 31.67 8.30 66.97
CA GLY N 501 30.77 7.56 67.83
C GLY N 501 31.40 6.30 68.37
N THR N 502 30.70 5.60 69.26
CA THR N 502 31.22 4.38 69.85
C THR N 502 30.99 3.20 68.92
N ALA N 503 32.06 2.47 68.62
CA ALA N 503 31.96 1.26 67.80
C ALA N 503 31.40 0.07 68.57
N PRO N 504 30.38 -0.61 68.06
CA PRO N 504 29.80 -1.73 68.80
C PRO N 504 30.83 -2.82 69.08
N VAL N 505 30.71 -3.42 70.26
CA VAL N 505 31.62 -4.46 70.72
C VAL N 505 31.21 -5.77 70.07
N THR O 2 56.84 -8.91 -39.22
CA THR O 2 55.64 -9.50 -39.81
C THR O 2 54.40 -8.76 -39.32
N ASN O 3 53.24 -9.02 -39.95
CA ASN O 3 51.96 -8.40 -39.53
C ASN O 3 51.82 -6.89 -39.67
N PHE O 4 52.87 -6.22 -40.15
CA PHE O 4 52.83 -4.77 -40.27
C PHE O 4 53.31 -4.36 -41.63
N LEU O 5 54.11 -5.22 -42.25
CA LEU O 5 54.68 -4.87 -43.55
C LEU O 5 53.96 -5.59 -44.66
N ASN O 6 52.80 -6.15 -44.35
CA ASN O 6 52.05 -6.90 -45.36
C ASN O 6 51.58 -6.03 -46.51
N GLY O 7 51.49 -4.73 -46.30
CA GLY O 7 50.98 -3.82 -47.32
C GLY O 7 51.98 -2.92 -47.98
N VAL O 8 53.24 -2.92 -47.55
CA VAL O 8 54.22 -2.01 -48.13
C VAL O 8 54.41 -2.28 -49.62
N ASN O 9 54.50 -3.56 -49.99
CA ASN O 9 54.73 -3.93 -51.40
C ASN O 9 53.40 -4.17 -52.12
N ILE O 10 52.52 -3.18 -52.04
CA ILE O 10 51.24 -3.23 -52.73
C ILE O 10 50.91 -1.84 -53.25
N GLY O 11 50.42 -1.76 -54.49
CA GLY O 11 50.16 -0.50 -55.15
C GLY O 11 48.72 -0.02 -55.08
N THR O 12 47.77 -0.93 -55.35
CA THR O 12 46.35 -0.58 -55.36
C THR O 12 45.83 -0.10 -54.00
N PRO O 13 44.94 0.91 -54.00
CA PRO O 13 44.35 1.36 -52.74
C PRO O 13 43.19 0.54 -52.22
N GLY O 14 43.37 -0.73 -51.90
CA GLY O 14 42.25 -1.54 -51.49
C GLY O 14 42.29 -2.09 -50.09
N ALA O 15 41.15 -2.60 -49.61
CA ALA O 15 41.13 -3.23 -48.30
C ALA O 15 41.26 -4.71 -48.58
N TYR O 16 42.24 -5.38 -47.99
CA TYR O 16 42.50 -6.79 -48.24
C TYR O 16 43.24 -7.44 -47.06
N ALA O 17 43.09 -8.76 -46.92
CA ALA O 17 43.44 -9.45 -45.69
C ALA O 17 44.59 -10.45 -45.78
N PHE O 18 45.39 -10.50 -44.72
CA PHE O 18 46.41 -11.52 -44.52
C PHE O 18 46.09 -12.28 -43.23
N TYR O 19 46.91 -13.28 -42.93
CA TYR O 19 46.72 -14.11 -41.75
C TYR O 19 47.84 -13.85 -40.75
N GLN O 20 47.47 -13.74 -39.48
CA GLN O 20 48.42 -13.33 -38.45
C GLN O 20 49.52 -14.36 -38.28
N THR O 21 50.71 -13.88 -37.92
CA THR O 21 51.84 -14.78 -37.72
C THR O 21 52.46 -14.50 -36.37
N THR O 22 53.37 -15.37 -35.94
CA THR O 22 54.04 -15.18 -34.67
C THR O 22 54.80 -13.86 -34.66
N GLN O 23 54.36 -12.92 -33.84
CA GLN O 23 55.00 -11.62 -33.80
C GLN O 23 55.95 -11.51 -32.62
N SER O 24 56.98 -12.34 -32.61
CA SER O 24 57.95 -12.32 -31.52
C SER O 24 57.89 -11.03 -30.70
N ARG O 25 57.89 -11.16 -29.38
CA ARG O 25 57.86 -9.99 -28.53
C ARG O 25 59.28 -9.57 -28.17
N PRO O 26 59.55 -8.26 -28.21
CA PRO O 26 60.90 -7.76 -27.93
C PRO O 26 61.24 -7.84 -26.45
N ILE O 27 62.50 -8.18 -26.17
CA ILE O 27 63.21 -8.31 -24.90
C ILE O 27 63.90 -6.97 -24.65
N ASN O 28 63.47 -6.29 -23.59
CA ASN O 28 64.07 -5.02 -23.23
C ASN O 28 65.48 -5.22 -22.69
N VAL O 29 66.31 -4.19 -22.79
CA VAL O 29 67.68 -4.32 -22.34
C VAL O 29 67.80 -4.22 -20.83
N GLU O 30 67.55 -5.32 -20.12
CA GLU O 30 67.69 -5.34 -18.68
C GLU O 30 68.70 -6.40 -18.32
N PRO O 31 69.43 -6.20 -17.19
CA PRO O 31 70.33 -7.26 -16.76
C PRO O 31 69.55 -8.54 -16.48
N PHE O 32 70.13 -9.70 -16.79
CA PHE O 32 69.49 -10.99 -16.53
C PHE O 32 68.25 -11.28 -17.38
N ARG O 33 68.31 -10.89 -18.65
CA ARG O 33 67.35 -11.35 -19.66
C ARG O 33 68.05 -12.17 -20.74
N THR O 34 69.26 -12.66 -20.45
CA THR O 34 70.11 -13.28 -21.46
C THR O 34 70.84 -14.48 -20.89
N CYS O 35 71.10 -15.45 -21.76
CA CYS O 35 71.93 -16.61 -21.43
C CYS O 35 73.01 -16.75 -22.50
N TYR O 36 74.25 -16.89 -22.05
CA TYR O 36 75.41 -17.05 -22.93
C TYR O 36 75.83 -18.51 -22.86
N MET O 37 75.65 -19.22 -23.97
CA MET O 37 76.01 -20.63 -24.06
C MET O 37 77.28 -20.78 -24.86
N VAL O 38 78.30 -21.37 -24.23
CA VAL O 38 79.57 -21.65 -24.90
C VAL O 38 79.50 -23.08 -25.44
N GLY O 39 79.59 -23.21 -26.77
CA GLY O 39 79.55 -24.50 -27.42
C GLY O 39 80.59 -24.57 -28.51
N PHE O 40 80.54 -25.66 -29.27
CA PHE O 40 81.44 -25.88 -30.39
C PHE O 40 80.66 -26.34 -31.60
N ALA O 41 81.03 -25.80 -32.76
CA ALA O 41 80.51 -26.25 -34.05
C ALA O 41 81.68 -26.43 -34.99
N SER O 42 81.54 -27.40 -35.90
CA SER O 42 82.62 -27.65 -36.86
C SER O 42 82.88 -26.42 -37.72
N ASN O 43 81.81 -25.75 -38.16
CA ASN O 43 81.92 -24.53 -38.96
C ASN O 43 82.21 -23.37 -38.03
N GLY O 44 83.46 -22.89 -38.03
CA GLY O 44 83.83 -21.75 -37.22
C GLY O 44 83.28 -20.46 -37.78
N VAL O 45 81.96 -20.38 -37.91
CA VAL O 45 81.33 -19.21 -38.52
C VAL O 45 81.50 -17.98 -37.64
N ASN O 46 81.43 -18.16 -36.32
CA ASN O 46 81.53 -17.05 -35.37
C ASN O 46 82.55 -17.39 -34.29
N LYS O 47 83.73 -17.82 -34.72
CA LYS O 47 84.79 -18.25 -33.81
C LYS O 47 85.02 -17.23 -32.70
N ASN O 48 84.76 -17.61 -31.46
CA ASN O 48 84.95 -16.74 -30.30
C ASN O 48 84.25 -15.40 -30.50
N VAL O 49 83.02 -15.46 -31.01
CA VAL O 49 82.21 -14.27 -31.23
C VAL O 49 80.82 -14.52 -30.68
N PRO O 50 80.44 -13.92 -29.54
CA PRO O 50 79.06 -14.09 -29.05
C PRO O 50 78.06 -13.54 -30.05
N THR O 51 77.17 -14.41 -30.51
CA THR O 51 76.19 -14.06 -31.53
C THR O 51 74.80 -14.44 -31.03
N ARG O 52 73.85 -13.51 -31.16
CA ARG O 52 72.49 -13.78 -30.74
C ARG O 52 71.84 -14.83 -31.63
N ILE O 53 70.90 -15.59 -31.05
CA ILE O 53 70.22 -16.67 -31.74
C ILE O 53 68.72 -16.39 -31.65
N SER O 54 68.07 -16.25 -32.80
CA SER O 54 66.63 -16.00 -32.81
C SER O 54 65.85 -17.23 -32.38
N ASN O 55 66.23 -18.41 -32.88
CA ASN O 55 65.52 -19.64 -32.56
C ASN O 55 66.36 -20.82 -33.02
N LEU O 56 65.80 -22.02 -32.83
CA LEU O 56 66.55 -23.25 -33.11
C LEU O 56 66.88 -23.37 -34.59
N THR O 57 65.94 -23.02 -35.46
CA THR O 57 66.21 -23.08 -36.90
C THR O 57 67.32 -22.12 -37.28
N ASP O 58 67.31 -20.92 -36.71
CA ASP O 58 68.40 -19.97 -36.96
C ASP O 58 69.73 -20.53 -36.48
N PHE O 59 69.75 -21.14 -35.31
CA PHE O 59 70.98 -21.75 -34.80
C PHE O 59 71.49 -22.83 -35.75
N THR O 60 70.60 -23.71 -36.19
CA THR O 60 71.00 -24.79 -37.08
C THR O 60 71.52 -24.25 -38.41
N ASN O 61 70.86 -23.23 -38.95
CA ASN O 61 71.31 -22.66 -40.22
C ASN O 61 72.68 -22.01 -40.08
N VAL O 62 72.90 -21.26 -39.00
CA VAL O 62 74.15 -20.51 -38.87
C VAL O 62 75.31 -21.43 -38.52
N TYR O 63 75.11 -22.35 -37.57
CA TYR O 63 76.19 -23.18 -37.05
C TYR O 63 76.14 -24.63 -37.52
N GLY O 64 75.05 -25.06 -38.15
CA GLY O 64 74.98 -26.44 -38.60
C GLY O 64 74.97 -27.42 -37.44
N THR O 65 75.52 -28.60 -37.70
CA THR O 65 75.52 -29.67 -36.70
C THR O 65 76.40 -29.28 -35.52
N SER O 66 75.86 -29.49 -34.32
CA SER O 66 76.60 -29.27 -33.08
C SER O 66 75.94 -30.07 -31.98
N ALA O 67 76.72 -30.35 -30.93
CA ALA O 67 76.21 -31.11 -29.80
C ALA O 67 75.33 -30.27 -28.89
N SER O 68 75.22 -28.96 -29.14
CA SER O 68 74.43 -28.06 -28.31
C SER O 68 73.01 -27.87 -28.83
N THR O 69 72.61 -28.61 -29.87
CA THR O 69 71.29 -28.41 -30.46
C THR O 69 70.19 -28.71 -29.44
N ASN O 70 70.32 -29.81 -28.70
CA ASN O 70 69.30 -30.17 -27.71
C ASN O 70 69.22 -29.12 -26.61
N SER O 71 70.38 -28.61 -26.17
CA SER O 71 70.38 -27.56 -25.15
C SER O 71 69.69 -26.30 -25.67
N VAL O 72 69.97 -25.92 -26.93
CA VAL O 72 69.32 -24.76 -27.50
C VAL O 72 67.81 -24.95 -27.55
N ASP O 73 67.38 -26.14 -27.98
CA ASP O 73 65.95 -26.42 -28.10
C ASP O 73 65.28 -26.34 -26.74
N LEU O 74 65.89 -26.93 -25.71
CA LEU O 74 65.32 -26.87 -24.37
C LEU O 74 65.28 -25.43 -23.86
N PHE O 75 66.35 -24.66 -24.10
CA PHE O 75 66.36 -23.27 -23.66
C PHE O 75 65.20 -22.50 -24.27
N PHE O 76 65.02 -22.62 -25.58
CA PHE O 76 63.93 -21.88 -26.22
C PHE O 76 62.57 -22.39 -25.78
N LYS O 77 62.43 -23.70 -25.59
CA LYS O 77 61.16 -24.25 -25.13
C LYS O 77 60.79 -23.69 -23.76
N ASN O 78 61.76 -23.61 -22.85
CA ASN O 78 61.49 -23.15 -21.49
C ASN O 78 61.50 -21.64 -21.35
N SER O 79 62.03 -20.91 -22.33
CA SER O 79 62.02 -19.46 -22.29
C SER O 79 60.79 -18.86 -22.96
N GLN O 80 60.30 -19.50 -24.02
CA GLN O 80 59.07 -19.07 -24.68
C GLN O 80 59.18 -17.65 -25.23
N GLY O 81 60.39 -17.26 -25.66
CA GLY O 81 60.60 -15.97 -26.27
C GLY O 81 60.87 -14.84 -25.30
N PHE O 82 60.78 -15.08 -24.00
CA PHE O 82 61.08 -14.05 -22.99
C PHE O 82 62.54 -14.11 -22.55
N GLY O 83 63.46 -14.08 -23.51
CA GLY O 83 64.87 -14.16 -23.20
C GLY O 83 65.76 -14.27 -24.43
N ASN O 84 66.99 -13.76 -24.30
CA ASN O 84 67.97 -13.83 -25.38
C ASN O 84 68.95 -14.97 -25.14
N LEU O 85 69.44 -15.55 -26.23
CA LEU O 85 70.43 -16.62 -26.16
C LEU O 85 71.59 -16.25 -27.08
N TYR O 86 72.75 -15.97 -26.50
CA TYR O 86 73.96 -15.68 -27.26
C TYR O 86 74.85 -16.92 -27.24
N PHE O 87 75.13 -17.44 -28.44
CA PHE O 87 76.00 -18.60 -28.58
C PHE O 87 77.42 -18.12 -28.86
N VAL O 88 78.40 -18.79 -28.25
CA VAL O 88 79.80 -18.46 -28.50
C VAL O 88 80.51 -19.70 -29.04
N ASN O 89 80.84 -19.70 -30.32
CA ASN O 89 81.57 -20.81 -30.89
C ASN O 89 82.98 -20.84 -30.31
N VAL O 90 83.49 -22.01 -29.99
CA VAL O 90 84.86 -22.10 -29.49
C VAL O 90 85.82 -22.15 -30.67
N ALA O 91 86.72 -21.17 -30.73
CA ALA O 91 87.71 -21.16 -31.80
C ALA O 91 88.87 -22.06 -31.45
N ILE O 92 89.25 -22.91 -32.39
CA ILE O 92 90.41 -23.78 -32.18
C ILE O 92 91.59 -23.13 -32.87
N PRO O 93 92.65 -22.84 -32.13
CA PRO O 93 93.82 -22.19 -32.70
C PRO O 93 94.42 -22.86 -33.91
N THR O 94 94.81 -22.06 -34.88
CA THR O 94 95.46 -22.57 -36.08
C THR O 94 96.81 -23.19 -35.71
N ARG O 95 97.30 -24.08 -36.55
CA ARG O 95 98.58 -24.73 -36.33
C ARG O 95 99.24 -25.00 -37.67
N TYR O 96 100.56 -24.90 -37.68
CA TYR O 96 101.33 -25.06 -38.91
C TYR O 96 102.47 -26.03 -38.65
N GLN O 97 102.59 -27.06 -39.49
CA GLN O 97 103.64 -28.04 -39.40
C GLN O 97 104.68 -27.74 -40.47
N ILE O 98 105.91 -27.49 -40.04
CA ILE O 98 107.03 -27.18 -40.93
C ILE O 98 108.01 -28.34 -40.84
N VAL O 99 108.39 -28.89 -41.99
CA VAL O 99 109.38 -29.95 -42.05
C VAL O 99 110.60 -29.43 -42.79
N VAL O 100 111.76 -29.60 -42.18
CA VAL O 100 113.04 -29.28 -42.84
C VAL O 100 113.46 -30.57 -43.55
N THR O 101 112.91 -30.76 -44.75
CA THR O 101 113.14 -31.98 -45.52
C THR O 101 114.59 -32.16 -45.91
N ALA O 102 115.40 -31.10 -45.88
CA ALA O 102 116.81 -31.20 -46.25
C ALA O 102 117.59 -30.14 -45.51
N ALA O 103 118.90 -30.39 -45.38
CA ALA O 103 119.82 -29.46 -44.73
C ALA O 103 120.61 -28.65 -45.75
N THR O 104 120.01 -28.31 -46.87
CA THR O 104 120.72 -27.61 -47.94
C THR O 104 121.13 -26.21 -47.49
N ALA O 105 122.31 -25.80 -47.90
CA ALA O 105 122.83 -24.48 -47.55
C ALA O 105 122.20 -23.40 -48.43
N GLY O 106 121.81 -22.30 -47.81
CA GLY O 106 121.23 -21.20 -48.55
C GLY O 106 120.42 -20.30 -47.65
N SER O 107 119.91 -19.23 -48.24
CA SER O 107 119.09 -18.26 -47.55
C SER O 107 117.62 -18.45 -47.92
N TYR O 108 116.75 -18.45 -46.91
CA TYR O 108 115.35 -18.74 -47.08
C TYR O 108 114.53 -17.87 -46.14
N SER O 109 113.23 -17.77 -46.44
CA SER O 109 112.35 -16.88 -45.70
C SER O 109 111.22 -17.66 -45.04
N VAL O 110 110.77 -17.19 -43.88
CA VAL O 110 109.62 -17.75 -43.18
C VAL O 110 108.77 -16.58 -42.72
N THR O 111 107.59 -16.43 -43.32
CA THR O 111 106.67 -15.37 -42.96
C THR O 111 105.59 -15.92 -42.03
N VAL O 112 105.32 -15.19 -40.95
CA VAL O 112 104.31 -15.55 -39.97
C VAL O 112 103.52 -14.30 -39.62
N ASN O 113 102.25 -14.26 -39.99
CA ASN O 113 101.37 -13.13 -39.68
C ASN O 113 102.00 -11.81 -40.12
N GLY O 114 102.65 -11.83 -41.28
CA GLY O 114 103.24 -10.64 -41.85
C GLY O 114 104.66 -10.34 -41.42
N VAL O 115 105.21 -11.10 -40.47
CA VAL O 115 106.57 -10.89 -40.01
C VAL O 115 107.48 -11.90 -40.71
N THR O 116 108.47 -11.40 -41.43
CA THR O 116 109.39 -12.24 -42.20
C THR O 116 110.68 -12.44 -41.41
N LYS O 117 111.02 -13.70 -41.16
CA LYS O 117 112.27 -14.07 -40.51
C LYS O 117 113.12 -14.83 -41.51
N ALA O 118 114.39 -14.42 -41.63
CA ALA O 118 115.30 -15.00 -42.60
C ALA O 118 116.19 -16.04 -41.93
N ILE O 119 116.39 -17.17 -42.61
CA ILE O 119 117.20 -18.26 -42.13
C ILE O 119 118.31 -18.52 -43.14
N THR O 120 119.56 -18.55 -42.67
CA THR O 120 120.71 -18.84 -43.51
C THR O 120 121.26 -20.21 -43.11
N VAL O 121 121.36 -21.12 -44.08
CA VAL O 121 121.85 -22.47 -43.85
C VAL O 121 123.24 -22.59 -44.44
N VAL O 122 124.17 -23.08 -43.64
CA VAL O 122 125.56 -23.22 -44.04
C VAL O 122 125.96 -24.70 -43.97
N GLY O 123 127.16 -24.99 -44.45
CA GLY O 123 127.65 -26.35 -44.41
C GLY O 123 127.84 -26.86 -42.98
N GLY O 124 127.77 -28.18 -42.83
CA GLY O 124 127.88 -28.80 -41.53
C GLY O 124 126.61 -28.80 -40.71
N ALA O 125 125.75 -27.81 -40.87
CA ALA O 125 124.49 -27.75 -40.13
C ALA O 125 123.48 -28.71 -40.75
N THR O 126 122.64 -29.28 -39.89
CA THR O 126 121.63 -30.26 -40.28
C THR O 126 120.23 -29.68 -40.13
N THR O 127 119.25 -30.49 -40.53
CA THR O 127 117.85 -30.08 -40.41
C THR O 127 117.47 -29.79 -38.97
N THR O 128 118.04 -30.55 -38.03
CA THR O 128 117.77 -30.28 -36.61
C THR O 128 118.19 -28.87 -36.24
N THR O 129 119.42 -28.48 -36.61
CA THR O 129 119.89 -27.13 -36.30
C THR O 129 119.08 -26.08 -37.03
N ILE O 130 118.69 -26.35 -38.27
CA ILE O 130 117.88 -25.39 -39.02
C ILE O 130 116.55 -25.15 -38.31
N ALA O 131 115.88 -26.22 -37.92
CA ALA O 131 114.60 -26.08 -37.23
C ALA O 131 114.78 -25.41 -35.88
N ALA O 132 115.88 -25.73 -35.18
CA ALA O 132 116.13 -25.08 -33.89
C ALA O 132 116.31 -23.58 -34.05
N ASP O 133 117.06 -23.16 -35.08
CA ASP O 133 117.24 -21.74 -35.32
C ASP O 133 115.93 -21.07 -35.70
N VAL O 134 115.11 -21.75 -36.50
CA VAL O 134 113.80 -21.19 -36.85
C VAL O 134 112.96 -20.99 -35.59
N ILE O 135 112.92 -22.01 -34.72
CA ILE O 135 112.14 -21.91 -33.49
C ILE O 135 112.66 -20.78 -32.62
N SER O 136 113.98 -20.68 -32.48
CA SER O 136 114.56 -19.62 -31.66
C SER O 136 114.18 -18.25 -32.20
N ALA O 137 114.31 -18.05 -33.52
CA ALA O 137 113.97 -16.76 -34.10
C ALA O 137 112.50 -16.42 -33.87
N ILE O 138 111.61 -17.38 -34.13
CA ILE O 138 110.18 -17.10 -33.99
C ILE O 138 109.83 -16.80 -32.54
N ASN O 139 110.36 -17.57 -31.59
CA ASN O 139 110.02 -17.39 -30.20
C ASN O 139 110.72 -16.19 -29.56
N ASN O 140 111.79 -15.69 -30.18
CA ASN O 140 112.47 -14.49 -29.68
C ASN O 140 111.97 -13.22 -30.36
N ASP O 141 111.29 -13.32 -31.49
CA ASP O 141 110.71 -12.15 -32.12
C ASP O 141 109.70 -11.50 -31.19
N THR O 142 109.80 -10.18 -31.02
CA THR O 142 108.94 -9.48 -30.07
C THR O 142 107.47 -9.59 -30.44
N VAL O 143 107.17 -9.74 -31.73
CA VAL O 143 105.78 -9.83 -32.17
C VAL O 143 105.30 -11.27 -32.15
N LEU O 144 106.07 -12.18 -32.75
CA LEU O 144 105.65 -13.57 -32.82
C LEU O 144 105.65 -14.22 -31.45
N ASN O 145 106.56 -13.84 -30.56
CA ASN O 145 106.57 -14.43 -29.22
C ASN O 145 105.27 -14.15 -28.47
N LYS O 146 104.52 -13.12 -28.88
CA LYS O 146 103.22 -12.84 -28.30
C LYS O 146 102.07 -13.35 -29.14
N GLU O 147 102.22 -13.40 -30.46
CA GLU O 147 101.15 -13.82 -31.34
C GLU O 147 101.00 -15.34 -31.45
N VAL O 148 102.12 -16.07 -31.55
CA VAL O 148 102.10 -17.52 -31.72
C VAL O 148 103.25 -18.11 -30.90
N LEU O 149 103.27 -19.43 -30.81
CA LEU O 149 104.34 -20.16 -30.10
C LEU O 149 104.89 -21.24 -31.01
N ALA O 150 106.22 -21.34 -31.06
CA ALA O 150 106.91 -22.34 -31.87
C ALA O 150 107.47 -23.42 -30.98
N THR O 151 107.27 -24.68 -31.38
CA THR O 151 107.71 -25.83 -30.61
C THR O 151 108.28 -26.87 -31.57
N VAL O 152 108.99 -27.84 -31.01
CA VAL O 152 109.53 -28.94 -31.80
C VAL O 152 108.40 -29.91 -32.10
N GLY O 153 108.28 -30.29 -33.37
CA GLY O 153 107.28 -31.25 -33.79
C GLY O 153 107.67 -32.66 -33.42
N GLY O 154 107.19 -33.62 -34.23
CA GLY O 154 107.52 -35.00 -33.99
C GLY O 154 109.01 -35.28 -34.04
N THR O 155 109.72 -34.58 -34.92
CA THR O 155 111.16 -34.76 -35.08
C THR O 155 111.85 -33.41 -34.87
N SER O 156 113.16 -33.49 -34.60
CA SER O 156 113.95 -32.26 -34.47
C SER O 156 113.92 -31.42 -35.74
N SER O 157 113.64 -32.04 -36.88
CA SER O 157 113.44 -31.33 -38.13
C SER O 157 112.00 -30.86 -38.32
N THR O 158 111.12 -31.18 -37.38
CA THR O 158 109.72 -30.76 -37.44
C THR O 158 109.48 -29.62 -36.47
N VAL O 159 108.62 -28.69 -36.88
CA VAL O 159 108.32 -27.49 -36.13
C VAL O 159 106.81 -27.28 -36.14
N VAL O 160 106.25 -26.92 -34.99
CA VAL O 160 104.83 -26.67 -34.84
C VAL O 160 104.66 -25.21 -34.43
N ILE O 161 103.90 -24.47 -35.24
CA ILE O 161 103.54 -23.08 -34.94
C ILE O 161 102.10 -23.09 -34.51
N THR O 162 101.85 -22.75 -33.23
CA THR O 162 100.52 -22.79 -32.65
C THR O 162 100.05 -21.34 -32.43
N SER O 163 98.87 -21.01 -32.95
CA SER O 163 98.33 -19.67 -32.77
C SER O 163 98.02 -19.42 -31.31
N LYS O 164 98.40 -18.23 -30.83
CA LYS O 164 98.15 -17.83 -29.44
C LYS O 164 96.95 -16.92 -29.32
N LYS O 165 96.27 -16.60 -30.42
CA LYS O 165 95.08 -15.76 -30.41
C LYS O 165 94.10 -16.33 -31.42
N PRO O 166 93.28 -17.31 -31.01
CA PRO O 166 92.42 -18.00 -31.98
C PRO O 166 91.51 -17.06 -32.76
N THR O 167 91.01 -16.00 -32.14
CA THR O 167 90.08 -15.12 -32.83
C THR O 167 90.71 -14.53 -34.09
N ASN O 168 91.93 -14.02 -33.98
CA ASN O 168 92.62 -13.43 -35.12
C ASN O 168 93.16 -14.52 -36.02
N THR O 169 92.87 -14.42 -37.32
CA THR O 169 93.37 -15.40 -38.27
C THR O 169 94.90 -15.35 -38.31
N THR O 170 95.52 -16.53 -38.32
CA THR O 170 96.96 -16.66 -38.31
C THR O 170 97.42 -17.20 -39.66
N THR O 171 98.31 -16.47 -40.31
CA THR O 171 98.83 -16.83 -41.62
C THR O 171 100.32 -17.14 -41.52
N ALA O 172 100.76 -18.16 -42.25
CA ALA O 172 102.18 -18.49 -42.30
C ALA O 172 102.51 -19.06 -43.67
N ALA O 173 103.75 -18.85 -44.08
CA ALA O 173 104.25 -19.37 -45.34
C ALA O 173 105.76 -19.44 -45.26
N VAL O 174 106.37 -20.20 -46.17
CA VAL O 174 107.82 -20.29 -46.26
C VAL O 174 108.24 -20.18 -47.72
N THR O 175 109.47 -19.73 -47.91
CA THR O 175 110.10 -19.66 -49.23
C THR O 175 111.46 -20.33 -49.07
N GLY O 176 111.57 -21.55 -49.60
CA GLY O 176 112.78 -22.34 -49.49
C GLY O 176 112.52 -23.81 -49.67
N VAL O 177 113.44 -24.51 -50.36
CA VAL O 177 113.22 -25.91 -50.68
C VAL O 177 113.16 -26.75 -49.41
N ILE O 178 114.06 -26.48 -48.45
CA ILE O 178 114.11 -27.30 -47.25
C ILE O 178 112.81 -27.19 -46.47
N PHE O 179 112.22 -26.00 -46.42
CA PHE O 179 111.00 -25.77 -45.65
C PHE O 179 109.79 -26.29 -46.43
N THR O 180 109.04 -27.20 -45.82
CA THR O 180 107.76 -27.64 -46.37
C THR O 180 106.68 -27.36 -45.33
N LEU O 181 105.62 -26.69 -45.76
CA LEU O 181 104.59 -26.17 -44.86
C LEU O 181 103.28 -26.92 -45.08
N THR O 182 102.64 -27.34 -43.99
CA THR O 182 101.31 -27.92 -44.03
C THR O 182 100.46 -27.32 -42.92
N THR O 183 99.15 -27.35 -43.10
CA THR O 183 98.21 -26.72 -42.18
C THR O 183 97.56 -27.78 -41.32
N THR O 184 97.77 -27.70 -40.00
CA THR O 184 97.11 -28.55 -39.03
C THR O 184 96.15 -27.70 -38.19
N THR O 185 95.05 -28.32 -37.78
CA THR O 185 94.09 -27.66 -36.93
C THR O 185 93.15 -28.68 -36.33
N GLY O 186 93.04 -28.70 -35.00
CA GLY O 186 92.22 -29.68 -34.33
C GLY O 186 90.79 -29.66 -34.82
N THR O 187 90.25 -30.84 -35.17
CA THR O 187 88.83 -30.94 -35.49
C THR O 187 87.96 -30.95 -34.24
N SER O 188 88.56 -30.98 -33.06
CA SER O 188 87.83 -31.00 -31.80
C SER O 188 88.45 -29.97 -30.87
N PRO O 189 87.64 -29.16 -30.18
CA PRO O 189 88.21 -28.16 -29.27
C PRO O 189 88.81 -28.80 -28.03
N SER O 190 89.74 -28.09 -27.42
CA SER O 190 90.41 -28.56 -26.21
C SER O 190 89.93 -27.77 -25.00
N VAL O 191 90.23 -28.31 -23.81
CA VAL O 191 89.87 -27.63 -22.57
C VAL O 191 90.54 -26.27 -22.51
N ALA O 192 91.77 -26.17 -23.00
CA ALA O 192 92.44 -24.88 -23.07
C ALA O 192 91.70 -23.91 -23.99
N ASP O 193 91.17 -24.42 -25.10
CA ASP O 193 90.38 -23.57 -26.00
C ASP O 193 89.13 -23.06 -25.29
N TYR O 194 88.44 -23.94 -24.57
CA TYR O 194 87.26 -23.51 -23.82
C TYR O 194 87.64 -22.47 -22.76
N VAL O 195 88.75 -22.68 -22.06
CA VAL O 195 89.18 -21.75 -21.03
C VAL O 195 89.49 -20.39 -21.63
N TYR O 196 90.19 -20.37 -22.78
CA TYR O 196 90.49 -19.11 -23.44
C TYR O 196 89.21 -18.40 -23.87
N THR O 197 88.27 -19.14 -24.47
CA THR O 197 87.02 -18.53 -24.89
C THR O 197 86.29 -17.93 -23.70
N ILE O 198 86.35 -18.61 -22.54
CA ILE O 198 85.68 -18.12 -21.36
C ILE O 198 86.36 -16.86 -20.82
N ASN O 199 87.69 -16.86 -20.76
CA ASN O 199 88.44 -15.84 -20.03
C ASN O 199 88.96 -14.71 -20.91
N ASN O 200 88.69 -14.72 -22.21
CA ASN O 200 89.21 -13.68 -23.09
C ASN O 200 88.19 -13.13 -24.08
N THR O 201 87.01 -13.71 -24.21
CA THR O 201 86.05 -13.32 -25.24
C THR O 201 85.02 -12.32 -24.75
N PHE O 202 84.31 -12.63 -23.66
CA PHE O 202 83.19 -11.81 -23.24
C PHE O 202 83.70 -10.38 -23.17
N ASP O 203 82.78 -9.43 -23.25
CA ASP O 203 83.05 -8.01 -23.09
C ASP O 203 82.11 -7.50 -22.00
N PRO O 204 82.59 -6.75 -21.01
CA PRO O 204 81.69 -6.27 -19.96
C PRO O 204 80.49 -5.50 -20.48
N ALA O 205 80.60 -4.87 -21.65
CA ALA O 205 79.47 -4.12 -22.20
C ALA O 205 78.26 -5.00 -22.44
N LEU O 206 78.45 -6.32 -22.56
CA LEU O 206 77.33 -7.22 -22.81
C LEU O 206 76.38 -7.23 -21.61
N GLU O 207 75.09 -7.43 -21.91
CA GLU O 207 74.09 -7.48 -20.85
C GLU O 207 74.38 -8.63 -19.90
N ALA O 208 74.25 -8.35 -18.60
CA ALA O 208 74.45 -9.39 -17.61
C ALA O 208 73.42 -10.50 -17.78
N GLY O 209 73.88 -11.73 -17.56
CA GLY O 209 72.99 -12.87 -17.71
C GLY O 209 73.67 -14.14 -17.24
N PHE O 210 73.02 -15.26 -17.54
CA PHE O 210 73.57 -16.56 -17.16
C PHE O 210 74.66 -16.98 -18.13
N VAL O 211 75.53 -17.87 -17.68
CA VAL O 211 76.59 -18.46 -18.50
C VAL O 211 76.50 -19.97 -18.34
N ILE O 212 76.57 -20.70 -19.47
CA ILE O 212 76.45 -22.14 -19.46
C ILE O 212 77.41 -22.76 -20.48
N ALA O 213 77.79 -24.01 -20.22
CA ALA O 213 78.67 -24.78 -21.09
C ALA O 213 78.23 -26.25 -21.05
N PRO O 214 76.99 -26.54 -21.41
CA PRO O 214 76.51 -27.93 -21.31
C PRO O 214 77.31 -28.92 -22.13
N GLU O 215 77.74 -28.54 -23.34
CA GLU O 215 78.51 -29.45 -24.16
C GLU O 215 79.82 -29.82 -23.48
N ALA O 216 80.53 -28.83 -22.95
CA ALA O 216 81.79 -29.09 -22.26
C ALA O 216 81.54 -29.98 -21.04
N PHE O 217 80.59 -29.60 -20.19
CA PHE O 217 80.36 -30.37 -18.97
C PHE O 217 79.84 -31.78 -19.25
N SER O 218 79.30 -32.02 -20.44
CA SER O 218 78.85 -33.36 -20.80
C SER O 218 79.92 -34.18 -21.50
N THR O 219 80.87 -33.54 -22.19
CA THR O 219 81.85 -34.26 -22.99
C THR O 219 83.24 -34.32 -22.37
N PHE O 220 83.50 -33.59 -21.28
CA PHE O 220 84.83 -33.55 -20.70
C PHE O 220 84.95 -34.49 -19.51
N THR O 221 86.20 -34.70 -19.09
CA THR O 221 86.50 -35.53 -17.93
C THR O 221 86.47 -34.68 -16.66
N LYS O 222 86.79 -35.30 -15.53
CA LYS O 222 86.66 -34.60 -14.24
C LYS O 222 87.59 -33.40 -14.15
N SER O 223 88.86 -33.58 -14.53
CA SER O 223 89.81 -32.48 -14.43
C SER O 223 89.44 -31.32 -15.35
N ASP O 224 89.05 -31.64 -16.58
CA ASP O 224 88.66 -30.59 -17.51
C ASP O 224 87.41 -29.87 -17.04
N ARG O 225 86.44 -30.61 -16.48
CA ARG O 225 85.25 -29.98 -15.92
C ARG O 225 85.62 -29.05 -14.78
N LEU O 226 86.54 -29.48 -13.92
CA LEU O 226 86.97 -28.60 -12.82
C LEU O 226 87.64 -27.34 -13.36
N SER O 227 88.48 -27.49 -14.38
CA SER O 227 89.13 -26.31 -14.96
C SER O 227 88.10 -25.35 -15.55
N ILE O 228 87.10 -25.89 -16.25
CA ILE O 228 86.07 -25.03 -16.83
C ILE O 228 85.24 -24.36 -15.74
N GLN O 229 84.99 -25.07 -14.65
CA GLN O 229 84.28 -24.46 -13.52
C GLN O 229 85.11 -23.33 -12.92
N VAL O 230 86.42 -23.52 -12.82
CA VAL O 230 87.29 -22.46 -12.32
C VAL O 230 87.22 -21.25 -13.23
N ALA O 231 87.27 -21.47 -14.55
CA ALA O 231 87.20 -20.36 -15.50
C ALA O 231 85.86 -19.63 -15.38
N LEU O 232 84.76 -20.38 -15.27
CA LEU O 232 83.46 -19.74 -15.11
C LEU O 232 83.38 -18.95 -13.81
N GLU O 233 83.92 -19.50 -12.72
CA GLU O 233 83.93 -18.77 -11.46
C GLU O 233 84.69 -17.47 -11.59
N ASN O 234 85.87 -17.51 -12.21
CA ASN O 234 86.65 -16.28 -12.38
C ASN O 234 85.88 -15.27 -13.22
N LEU O 235 85.28 -15.73 -14.33
CA LEU O 235 84.54 -14.82 -15.20
C LEU O 235 83.39 -14.16 -14.46
N CYS O 236 82.58 -14.96 -13.75
CA CYS O 236 81.37 -14.43 -13.14
C CYS O 236 81.68 -13.59 -11.91
N SER O 237 82.75 -13.91 -11.19
CA SER O 237 83.11 -13.13 -10.00
C SER O 237 84.02 -11.96 -10.31
N ALA O 238 84.52 -11.85 -11.53
CA ALA O 238 85.37 -10.71 -11.88
C ALA O 238 84.59 -9.41 -11.68
N TYR O 239 85.30 -8.40 -11.16
CA TYR O 239 84.65 -7.13 -10.85
C TYR O 239 84.05 -6.48 -12.09
N ARG O 240 84.49 -6.84 -13.29
CA ARG O 240 83.97 -6.24 -14.50
C ARG O 240 82.74 -6.96 -15.06
N TYR O 241 82.40 -8.14 -14.55
CA TYR O 241 81.24 -8.88 -15.04
C TYR O 241 80.16 -9.03 -13.97
N GLN O 242 80.46 -9.66 -12.84
CA GLN O 242 79.47 -9.93 -11.80
C GLN O 242 78.22 -10.58 -12.39
N TRP O 243 78.42 -11.78 -12.95
CA TRP O 243 77.36 -12.58 -13.55
C TRP O 243 77.11 -13.83 -12.69
N ALA O 244 76.23 -14.70 -13.19
CA ALA O 244 75.91 -15.97 -12.54
C ALA O 244 76.14 -17.11 -13.52
N ALA O 245 76.74 -18.18 -13.02
CA ALA O 245 77.06 -19.36 -13.84
C ALA O 245 76.28 -20.57 -13.34
N LEU O 246 75.80 -21.36 -14.29
CA LEU O 246 75.10 -22.61 -14.01
C LEU O 246 75.97 -23.77 -14.47
N ILE O 247 76.05 -24.80 -13.64
CA ILE O 247 76.96 -25.91 -13.84
C ILE O 247 76.15 -27.20 -13.91
N ASP O 248 76.48 -28.04 -14.89
CA ASP O 248 75.89 -29.36 -15.02
C ASP O 248 76.93 -30.42 -14.68
N SER O 249 76.48 -31.48 -14.03
CA SER O 249 77.38 -32.57 -13.66
C SER O 249 77.95 -33.22 -14.93
N GLY O 250 78.86 -34.17 -14.72
CA GLY O 250 79.35 -34.97 -15.81
C GLY O 250 78.26 -35.85 -16.36
N ALA O 251 78.59 -36.57 -17.44
CA ALA O 251 77.62 -37.47 -18.04
C ALA O 251 77.17 -38.49 -17.00
N MET O 252 75.88 -38.86 -17.08
CA MET O 252 75.31 -39.72 -16.05
C MET O 252 76.12 -40.99 -15.86
N SER O 253 76.66 -41.56 -16.95
CA SER O 253 77.46 -42.78 -16.84
C SER O 253 78.59 -42.60 -15.84
N GLU O 254 79.16 -41.40 -15.76
CA GLU O 254 80.19 -41.10 -14.77
C GLU O 254 79.56 -40.67 -13.45
N ILE O 255 78.74 -39.63 -13.46
CA ILE O 255 78.00 -39.20 -12.28
C ILE O 255 76.68 -39.97 -12.30
N SER O 256 76.74 -41.22 -11.84
CA SER O 256 75.57 -42.10 -11.82
C SER O 256 74.68 -41.90 -10.61
N ASN O 257 75.10 -41.12 -9.60
CA ASN O 257 74.27 -40.96 -8.42
C ASN O 257 74.58 -39.65 -7.71
N THR O 258 73.66 -39.28 -6.82
CA THR O 258 73.76 -38.01 -6.11
C THR O 258 74.99 -37.95 -5.21
N ASP O 259 75.49 -39.10 -4.74
CA ASP O 259 76.71 -39.09 -3.94
C ASP O 259 77.90 -38.60 -4.78
N ARG O 260 78.04 -39.13 -6.00
CA ARG O 260 79.10 -38.66 -6.88
C ARG O 260 78.87 -37.20 -7.26
N ALA O 261 77.61 -36.81 -7.47
CA ALA O 261 77.33 -35.40 -7.73
C ALA O 261 77.78 -34.53 -6.57
N ILE O 262 77.57 -34.98 -5.33
CA ILE O 262 78.04 -34.22 -4.16
C ILE O 262 79.55 -34.06 -4.24
N ALA O 263 80.25 -35.14 -4.57
CA ALA O 263 81.71 -35.08 -4.65
C ALA O 263 82.20 -34.10 -5.70
N GLU O 264 81.52 -34.05 -6.84
CA GLU O 264 81.89 -33.10 -7.88
C GLU O 264 81.65 -31.68 -7.39
N ALA O 265 80.53 -31.46 -6.73
CA ALA O 265 80.22 -30.13 -6.21
C ALA O 265 81.11 -29.73 -5.04
N ALA O 266 81.72 -30.70 -4.36
CA ALA O 266 82.63 -30.40 -3.27
C ALA O 266 83.89 -29.77 -3.83
N THR O 267 84.38 -30.31 -4.95
CA THR O 267 85.55 -29.73 -5.58
C THR O 267 85.19 -28.40 -6.22
N TYR O 268 83.93 -28.24 -6.59
CA TYR O 268 83.49 -27.00 -7.22
C TYR O 268 83.44 -25.90 -6.19
N ASN O 269 84.39 -24.99 -6.24
CA ASN O 269 84.51 -23.92 -5.25
C ASN O 269 83.98 -22.61 -5.83
N SER O 270 83.22 -21.87 -5.03
CA SER O 270 82.73 -20.55 -5.42
C SER O 270 82.46 -19.76 -4.14
N VAL O 271 83.33 -18.81 -3.82
CA VAL O 271 83.23 -18.10 -2.55
C VAL O 271 81.91 -17.32 -2.47
N GLN O 272 81.70 -16.39 -3.39
CA GLN O 272 80.52 -15.53 -3.34
C GLN O 272 79.28 -16.18 -3.94
N GLY O 273 79.37 -17.44 -4.34
CA GLY O 273 78.19 -18.14 -4.83
C GLY O 273 77.77 -17.76 -6.22
N HIS O 274 78.68 -17.20 -7.03
CA HIS O 274 78.33 -16.90 -8.41
C HIS O 274 77.98 -18.14 -9.21
N CYS O 275 78.45 -19.31 -8.78
CA CYS O 275 78.24 -20.56 -9.50
C CYS O 275 77.20 -21.41 -8.76
N SER O 276 76.38 -22.12 -9.52
CA SER O 276 75.35 -22.99 -8.93
C SER O 276 75.36 -24.35 -9.59
N TYR O 277 75.28 -25.41 -8.79
CA TYR O 277 75.36 -26.76 -9.32
C TYR O 277 73.99 -27.38 -9.55
N TYR O 278 73.84 -28.10 -10.66
CA TYR O 278 72.58 -28.79 -10.97
C TYR O 278 73.02 -30.18 -11.37
N TYR O 279 72.12 -31.17 -11.31
CA TYR O 279 72.56 -32.55 -11.58
C TYR O 279 71.84 -33.43 -12.63
N PRO O 280 70.55 -33.78 -12.43
CA PRO O 280 69.93 -34.74 -13.36
C PRO O 280 69.92 -34.36 -14.84
N TYR O 281 70.36 -35.26 -15.70
CA TYR O 281 70.41 -34.98 -17.14
C TYR O 281 69.08 -35.28 -17.82
N LEU O 282 68.11 -34.39 -17.68
CA LEU O 282 66.77 -34.63 -18.23
C LEU O 282 66.70 -35.17 -19.65
N ILE O 283 65.96 -36.24 -19.83
CA ILE O 283 65.77 -36.81 -21.16
C ILE O 283 64.70 -36.01 -21.90
N ASN O 284 65.00 -35.59 -23.13
CA ASN O 284 64.05 -34.81 -23.91
C ASN O 284 63.01 -35.69 -24.61
N LEU O 285 62.25 -35.12 -25.56
CA LEU O 285 61.20 -35.90 -26.19
C LEU O 285 61.75 -36.94 -27.17
N ASP O 286 63.02 -36.84 -27.55
CA ASP O 286 63.66 -37.81 -28.43
C ASP O 286 64.51 -38.81 -27.66
N ASP O 287 64.26 -38.96 -26.36
CA ASP O 287 65.00 -39.92 -25.53
C ASP O 287 66.51 -39.68 -25.60
N GLN O 288 66.90 -38.41 -25.50
CA GLN O 288 68.30 -38.02 -25.47
C GLN O 288 68.57 -37.27 -24.17
N GLN O 289 69.72 -37.55 -23.56
CA GLN O 289 70.09 -36.90 -22.32
C GLN O 289 70.67 -35.51 -22.59
N VAL O 290 70.24 -34.53 -21.81
CA VAL O 290 70.61 -33.14 -22.00
C VAL O 290 70.99 -32.55 -20.65
N PRO O 291 72.09 -31.80 -20.54
CA PRO O 291 72.38 -31.11 -19.29
C PRO O 291 71.26 -30.15 -18.94
N PRO O 292 70.91 -30.03 -17.65
CA PRO O 292 69.72 -29.23 -17.30
C PRO O 292 69.94 -27.73 -17.42
N SER O 293 71.18 -27.28 -17.58
CA SER O 293 71.47 -25.84 -17.48
C SER O 293 70.63 -25.02 -18.45
N ALA O 294 70.48 -25.50 -19.68
CA ALA O 294 69.73 -24.73 -20.68
C ALA O 294 68.26 -24.55 -20.25
N ALA O 295 67.60 -25.63 -19.86
CA ALA O 295 66.22 -25.55 -19.43
C ALA O 295 66.10 -24.68 -18.19
N VAL O 296 67.03 -24.83 -17.25
CA VAL O 296 66.98 -24.05 -16.02
C VAL O 296 67.10 -22.57 -16.33
N ALA O 297 68.01 -22.20 -17.22
CA ALA O 297 68.19 -20.80 -17.59
C ALA O 297 66.95 -20.25 -18.29
N GLY O 298 66.38 -21.04 -19.19
CA GLY O 298 65.17 -20.59 -19.88
C GLY O 298 64.05 -20.34 -18.91
N MET O 299 63.84 -21.29 -17.99
CA MET O 299 62.79 -21.13 -16.99
C MET O 299 63.08 -19.96 -16.07
N ALA O 300 64.36 -19.72 -15.77
CA ALA O 300 64.74 -18.61 -14.92
C ALA O 300 64.37 -17.28 -15.56
N LEU O 301 64.70 -17.11 -16.85
CA LEU O 301 64.34 -15.88 -17.54
C LEU O 301 62.83 -15.72 -17.65
N TYR O 302 62.15 -16.82 -17.95
CA TYR O 302 60.70 -16.78 -18.04
C TYR O 302 60.13 -16.28 -16.73
N ARG O 303 60.61 -16.83 -15.62
CA ARG O 303 60.15 -16.42 -14.31
C ARG O 303 60.48 -14.96 -14.04
N PHE O 304 61.68 -14.54 -14.43
CA PHE O 304 62.10 -13.16 -14.21
C PHE O 304 61.17 -12.21 -14.91
N VAL O 305 60.58 -12.65 -16.03
CA VAL O 305 59.61 -11.80 -16.72
C VAL O 305 58.21 -11.89 -16.12
N ILE O 306 57.79 -13.08 -15.67
CA ILE O 306 56.41 -13.25 -15.20
C ILE O 306 56.26 -12.80 -13.74
N ASP O 307 56.97 -13.46 -12.82
CA ASP O 307 56.84 -13.19 -11.39
C ASP O 307 57.87 -12.20 -10.85
N GLY O 308 58.71 -11.63 -11.71
CA GLY O 308 59.71 -10.69 -11.29
C GLY O 308 61.05 -11.34 -11.00
N PHE O 309 62.04 -10.48 -10.75
CA PHE O 309 63.44 -10.91 -10.68
C PHE O 309 63.85 -11.43 -9.31
N ALA O 310 63.04 -11.23 -8.27
CA ALA O 310 63.41 -11.68 -6.94
C ALA O 310 63.14 -13.17 -6.72
N GLU O 311 62.38 -13.80 -7.60
CA GLU O 311 62.07 -15.21 -7.45
C GLU O 311 63.23 -16.08 -7.91
N PRO O 312 63.40 -17.27 -7.32
CA PRO O 312 64.45 -18.18 -7.77
C PRO O 312 63.94 -19.12 -8.84
N PRO O 313 64.87 -19.60 -9.75
CA PRO O 313 64.38 -20.60 -10.69
C PRO O 313 64.09 -21.93 -10.03
N ALA O 314 62.88 -22.10 -9.53
CA ALA O 314 62.49 -23.36 -8.92
C ALA O 314 60.98 -23.42 -8.88
N GLY O 315 60.41 -24.13 -7.93
CA GLY O 315 58.96 -24.16 -7.77
C GLY O 315 58.21 -25.12 -8.67
N VAL O 316 56.98 -25.41 -8.31
CA VAL O 316 56.17 -26.30 -9.12
C VAL O 316 55.28 -25.51 -10.08
N ASN O 317 55.20 -24.20 -9.88
CA ASN O 317 54.40 -23.37 -10.78
C ASN O 317 55.15 -22.99 -12.05
N PHE O 318 56.41 -23.37 -12.18
CA PHE O 318 57.21 -23.15 -13.39
C PHE O 318 57.94 -24.42 -13.73
N PRO O 319 57.22 -25.48 -14.09
CA PRO O 319 57.87 -26.74 -14.46
C PRO O 319 58.59 -26.63 -15.80
N LEU O 320 59.61 -27.48 -15.96
CA LEU O 320 60.39 -27.47 -17.18
C LEU O 320 59.57 -28.03 -18.34
N LYS O 321 59.94 -27.62 -19.55
CA LYS O 321 59.22 -27.98 -20.77
C LYS O 321 60.21 -28.51 -21.79
N GLY O 322 59.67 -29.22 -22.78
CA GLY O 322 60.52 -29.88 -23.77
C GLY O 322 61.20 -31.13 -23.26
N VAL O 323 60.85 -31.59 -22.06
CA VAL O 323 61.41 -32.78 -21.47
C VAL O 323 60.26 -33.66 -20.98
N LYS O 324 60.57 -34.93 -20.73
CA LYS O 324 59.58 -35.89 -20.28
C LYS O 324 60.00 -36.72 -19.08
N ASN O 325 61.27 -36.65 -18.67
CA ASN O 325 61.74 -37.46 -17.55
C ASN O 325 63.14 -37.00 -17.18
N VAL O 326 63.63 -37.52 -16.06
CA VAL O 326 65.00 -37.27 -15.60
C VAL O 326 65.80 -38.54 -15.81
N ALA O 327 67.10 -38.38 -16.06
CA ALA O 327 67.96 -39.55 -16.28
C ALA O 327 68.21 -40.33 -14.99
N TYR O 328 67.94 -39.73 -13.83
CA TYR O 328 68.14 -40.40 -12.56
C TYR O 328 67.11 -39.88 -11.56
N LYS O 329 66.63 -40.77 -10.70
CA LYS O 329 65.61 -40.44 -9.72
C LYS O 329 66.29 -40.18 -8.37
N VAL O 330 66.16 -38.96 -7.88
CA VAL O 330 66.77 -38.58 -6.60
C VAL O 330 65.79 -38.89 -5.48
N THR O 331 66.29 -39.53 -4.43
CA THR O 331 65.48 -39.84 -3.26
C THR O 331 65.50 -38.67 -2.28
N TRP O 332 64.50 -38.65 -1.38
CA TRP O 332 64.40 -37.57 -0.42
C TRP O 332 65.63 -37.52 0.49
N GLU O 333 66.13 -38.68 0.91
CA GLU O 333 67.31 -38.69 1.77
C GLU O 333 68.54 -38.18 1.02
N GLU O 334 68.71 -38.61 -0.23
CA GLU O 334 69.83 -38.11 -1.03
C GLU O 334 69.76 -36.60 -1.17
N GLN O 335 68.57 -36.08 -1.48
CA GLN O 335 68.43 -34.62 -1.60
C GLN O 335 68.68 -33.93 -0.28
N ASN O 336 68.24 -34.53 0.82
CA ASN O 336 68.47 -33.94 2.13
C ASN O 336 69.96 -33.81 2.41
N VAL O 337 70.72 -34.84 2.06
CA VAL O 337 72.17 -34.77 2.26
C VAL O 337 72.80 -33.76 1.30
N ALA O 338 72.30 -33.68 0.07
CA ALA O 338 73.00 -32.95 -0.99
C ALA O 338 72.71 -31.46 -0.97
N ASN O 339 71.44 -31.08 -0.80
CA ASN O 339 71.06 -29.67 -0.95
C ASN O 339 71.88 -28.75 -0.07
N PRO O 340 72.14 -29.04 1.20
CA PRO O 340 73.00 -28.14 1.99
C PRO O 340 74.39 -27.99 1.39
N GLU O 341 74.88 -29.00 0.68
CA GLU O 341 76.20 -28.90 0.06
C GLU O 341 76.19 -28.05 -1.21
N GLY O 342 75.02 -27.76 -1.77
CA GLY O 342 74.90 -26.91 -2.92
C GLY O 342 74.45 -27.58 -4.21
N VAL O 343 73.91 -28.78 -4.13
CA VAL O 343 73.44 -29.50 -5.32
C VAL O 343 71.93 -29.27 -5.42
N ASN O 344 71.50 -28.65 -6.51
CA ASN O 344 70.09 -28.37 -6.76
C ASN O 344 69.52 -29.51 -7.60
N CYS O 345 68.61 -30.27 -7.01
CA CYS O 345 68.08 -31.46 -7.67
C CYS O 345 66.91 -31.10 -8.59
N ILE O 346 66.62 -32.01 -9.51
CA ILE O 346 65.47 -31.91 -10.41
C ILE O 346 64.65 -33.18 -10.26
N LEU O 347 63.36 -33.02 -10.03
CA LEU O 347 62.49 -34.12 -9.66
C LEU O 347 61.28 -34.20 -10.59
N ASN O 348 60.87 -35.44 -10.88
CA ASN O 348 59.67 -35.69 -11.68
C ASN O 348 58.46 -35.76 -10.75
N LYS O 349 58.10 -34.59 -10.21
CA LYS O 349 56.95 -34.48 -9.33
C LYS O 349 55.68 -34.90 -10.04
N GLU O 350 55.10 -36.03 -9.66
CA GLU O 350 53.84 -36.45 -10.24
C GLU O 350 52.77 -35.41 -9.97
N ASN O 351 51.95 -35.12 -10.98
CA ASN O 351 50.89 -34.12 -10.97
C ASN O 351 51.45 -32.71 -11.12
N TYR O 352 52.76 -32.53 -11.13
CA TYR O 352 53.39 -31.24 -11.34
C TYR O 352 54.34 -31.20 -12.53
N GLY O 353 54.92 -32.33 -12.91
CA GLY O 353 55.90 -32.37 -13.98
C GLY O 353 57.32 -32.34 -13.45
N ILE O 354 58.24 -32.07 -14.37
CA ILE O 354 59.66 -31.98 -14.05
C ILE O 354 59.93 -30.60 -13.47
N VAL O 355 60.39 -30.56 -12.22
CA VAL O 355 60.57 -29.31 -11.50
C VAL O 355 61.95 -29.26 -10.89
N VAL O 356 62.51 -28.06 -10.83
CA VAL O 356 63.75 -27.81 -10.11
C VAL O 356 63.41 -27.60 -8.64
N TRP O 357 64.00 -28.40 -7.76
CA TRP O 357 63.66 -28.40 -6.35
C TRP O 357 64.85 -27.93 -5.51
N GLY O 358 65.53 -26.89 -5.98
CA GLY O 358 66.64 -26.31 -5.25
C GLY O 358 67.04 -24.96 -5.80
N ALA O 359 67.44 -24.04 -4.93
CA ALA O 359 67.84 -22.70 -5.33
C ALA O 359 69.09 -22.25 -4.58
N ARG O 360 69.97 -23.18 -4.23
CA ARG O 360 71.17 -22.87 -3.46
C ARG O 360 72.38 -22.77 -4.38
N THR O 361 73.40 -22.07 -3.90
CA THR O 361 74.65 -21.90 -4.61
C THR O 361 75.70 -22.84 -4.03
N LEU O 362 76.93 -22.70 -4.52
CA LEU O 362 78.07 -23.46 -4.01
C LEU O 362 78.84 -22.70 -2.94
N SER O 363 78.34 -21.53 -2.53
CA SER O 363 79.04 -20.75 -1.52
C SER O 363 78.87 -21.36 -0.14
N ALA O 364 79.94 -21.30 0.66
CA ALA O 364 79.86 -21.64 2.07
C ALA O 364 79.35 -20.49 2.92
N ASP O 365 79.30 -19.28 2.37
CA ASP O 365 78.85 -18.11 3.11
C ASP O 365 77.36 -18.22 3.39
N PRO O 366 76.91 -18.14 4.64
CA PRO O 366 75.46 -18.17 4.89
C PRO O 366 74.71 -16.98 4.31
N ASN O 367 75.42 -15.90 3.95
CA ASN O 367 74.74 -14.71 3.46
C ASN O 367 74.20 -14.90 2.04
N ILE O 368 74.92 -15.67 1.22
CA ILE O 368 74.61 -15.79 -0.20
C ILE O 368 74.18 -17.22 -0.50
N VAL O 369 73.52 -17.86 0.46
CA VAL O 369 73.12 -19.25 0.31
C VAL O 369 72.27 -19.44 -0.94
N PHE O 370 71.57 -18.39 -1.37
CA PHE O 370 70.53 -18.52 -2.39
C PHE O 370 70.91 -17.82 -3.69
N ILE O 371 70.63 -18.51 -4.79
CA ILE O 371 70.79 -17.93 -6.12
C ILE O 371 69.94 -16.68 -6.25
N SER O 372 68.81 -16.61 -5.54
CA SER O 372 68.01 -15.39 -5.59
C SER O 372 68.80 -14.20 -5.06
N THR O 373 69.48 -14.38 -3.93
CA THR O 373 70.32 -13.30 -3.39
C THR O 373 71.47 -12.97 -4.33
N ARG O 374 72.12 -14.01 -4.88
CA ARG O 374 73.21 -13.76 -5.81
C ARG O 374 72.73 -12.95 -7.01
N ILE O 375 71.57 -13.32 -7.56
CA ILE O 375 71.04 -12.65 -8.74
C ILE O 375 70.63 -11.23 -8.40
N ILE O 376 70.06 -11.01 -7.23
CA ILE O 376 69.68 -9.65 -6.83
C ILE O 376 70.91 -8.76 -6.76
N LEU O 377 71.98 -9.25 -6.13
CA LEU O 377 73.20 -8.45 -6.04
C LEU O 377 73.78 -8.19 -7.43
N ASN O 378 73.80 -9.22 -8.29
CA ASN O 378 74.31 -9.02 -9.64
C ASN O 378 73.50 -7.99 -10.40
N ILE O 379 72.17 -8.04 -10.27
CA ILE O 379 71.30 -7.10 -10.96
C ILE O 379 71.57 -5.69 -10.47
N VAL O 380 71.69 -5.51 -9.16
CA VAL O 380 71.99 -4.19 -8.61
C VAL O 380 73.30 -3.67 -9.21
N ILE O 381 74.34 -4.49 -9.17
CA ILE O 381 75.65 -4.05 -9.65
C ILE O 381 75.58 -3.67 -11.12
N ASN O 382 74.96 -4.52 -11.94
CA ASN O 382 74.97 -4.29 -13.38
C ASN O 382 74.08 -3.11 -13.77
N THR O 383 72.95 -2.93 -13.07
CA THR O 383 72.14 -1.74 -13.31
C THR O 383 72.91 -0.48 -12.97
N LEU O 384 73.63 -0.49 -11.86
CA LEU O 384 74.45 0.67 -11.51
C LEU O 384 75.52 0.92 -12.56
N ASN O 385 76.14 -0.15 -13.07
CA ASN O 385 77.18 0.01 -14.09
C ASN O 385 76.61 0.63 -15.36
N ARG O 386 75.46 0.11 -15.81
CA ARG O 386 74.84 0.66 -17.02
C ARG O 386 74.44 2.12 -16.80
N GLY O 387 73.94 2.45 -15.61
CA GLY O 387 73.62 3.84 -15.33
C GLY O 387 74.84 4.74 -15.38
N TYR O 388 75.94 4.30 -14.78
CA TYR O 388 77.14 5.13 -14.69
C TYR O 388 77.88 5.20 -16.02
N ASP O 389 77.62 4.28 -16.94
CA ASP O 389 78.29 4.33 -18.24
C ASP O 389 78.15 5.71 -18.87
N PHE O 390 76.96 6.32 -18.76
CA PHE O 390 76.77 7.67 -19.27
C PHE O 390 77.66 8.67 -18.53
N ASP O 391 77.75 8.54 -17.21
CA ASP O 391 78.55 9.46 -16.41
C ASP O 391 80.05 9.31 -16.67
N ILE O 392 80.49 8.19 -17.25
CA ILE O 392 81.91 8.01 -17.52
C ILE O 392 82.39 9.06 -18.50
N PHE O 393 83.65 9.49 -18.34
CA PHE O 393 84.33 10.46 -19.19
C PHE O 393 83.72 11.85 -19.12
N ASN O 394 82.80 12.10 -18.20
CA ASN O 394 82.32 13.46 -17.98
C ASN O 394 83.38 14.28 -17.27
N SER O 395 83.31 15.59 -17.45
CA SER O 395 84.29 16.48 -16.83
C SER O 395 83.97 16.69 -15.35
N VAL O 396 84.92 17.25 -14.63
CA VAL O 396 84.78 17.57 -13.21
C VAL O 396 85.34 18.97 -13.02
N GLY O 397 84.45 19.96 -12.97
CA GLY O 397 84.86 21.32 -12.70
C GLY O 397 84.94 21.61 -11.21
N GLY O 398 85.22 22.87 -10.90
CA GLY O 398 85.27 23.27 -9.51
C GLY O 398 83.93 23.15 -8.82
N THR O 399 82.84 23.17 -9.59
CA THR O 399 81.51 23.02 -9.01
C THR O 399 81.34 21.67 -8.33
N ALA O 400 81.89 20.61 -8.91
CA ALA O 400 81.79 19.27 -8.35
C ALA O 400 80.33 18.84 -8.22
N THR O 401 79.48 19.35 -9.10
CA THR O 401 78.07 18.99 -9.10
C THR O 401 77.84 17.60 -9.69
N VAL O 402 78.79 17.09 -10.46
CA VAL O 402 78.64 15.78 -11.09
C VAL O 402 78.55 14.69 -10.03
N LEU O 403 79.20 14.90 -8.88
CA LEU O 403 79.15 13.89 -7.83
C LEU O 403 77.77 13.82 -7.18
N ASP O 404 77.17 14.99 -6.90
CA ASP O 404 75.80 15.02 -6.40
C ASP O 404 74.86 14.43 -7.44
N ASN O 405 75.09 14.72 -8.72
CA ASN O 405 74.26 14.14 -9.78
C ASN O 405 74.38 12.62 -9.78
N ILE O 406 75.59 12.10 -9.62
CA ILE O 406 75.78 10.65 -9.57
C ILE O 406 75.02 10.05 -8.40
N GLN O 407 75.10 10.70 -7.24
CA GLN O 407 74.38 10.18 -6.07
C GLN O 407 72.87 10.16 -6.31
N ARG O 408 72.33 11.23 -6.89
CA ARG O 408 70.90 11.29 -7.15
C ARG O 408 70.49 10.23 -8.17
N LYS O 409 71.31 10.04 -9.21
CA LYS O 409 71.01 9.01 -10.20
C LYS O 409 71.02 7.63 -9.56
N THR O 410 71.97 7.36 -8.68
CA THR O 410 72.01 6.09 -7.98
C THR O 410 70.75 5.90 -7.14
N ASN O 411 70.32 6.97 -6.46
CA ASN O 411 69.08 6.89 -5.70
C ASN O 411 67.90 6.53 -6.60
N THR O 412 67.83 7.14 -7.79
CA THR O 412 66.75 6.84 -8.71
C THR O 412 66.79 5.38 -9.15
N LEU O 413 67.97 4.87 -9.51
CA LEU O 413 68.09 3.49 -9.97
C LEU O 413 67.71 2.51 -8.86
N LEU O 414 68.19 2.76 -7.65
CA LEU O 414 67.86 1.86 -6.54
C LEU O 414 66.39 1.96 -6.17
N THR O 415 65.77 3.13 -6.36
CA THR O 415 64.33 3.24 -6.16
C THR O 415 63.58 2.39 -7.18
N THR O 416 64.04 2.41 -8.43
CA THR O 416 63.40 1.56 -9.44
C THR O 416 63.52 0.08 -9.06
N LEU O 417 64.70 -0.33 -8.60
CA LEU O 417 64.87 -1.72 -8.17
C LEU O 417 63.96 -2.03 -6.98
N TYR O 418 63.86 -1.11 -6.02
CA TYR O 418 62.99 -1.32 -4.87
C TYR O 418 61.54 -1.50 -5.30
N GLN O 419 61.09 -0.69 -6.24
CA GLN O 419 59.74 -0.87 -6.78
C GLN O 419 59.61 -2.24 -7.44
N ALA O 420 60.65 -2.67 -8.17
CA ALA O 420 60.65 -4.02 -8.70
C ALA O 420 60.54 -5.07 -7.61
N GLY O 421 60.99 -4.76 -6.39
CA GLY O 421 60.81 -5.67 -5.28
C GLY O 421 62.00 -6.57 -4.99
N LEU O 422 63.22 -6.06 -5.12
CA LEU O 422 64.41 -6.86 -4.94
C LEU O 422 64.99 -6.77 -3.54
N PHE O 423 64.36 -6.02 -2.64
CA PHE O 423 64.91 -5.74 -1.32
C PHE O 423 63.92 -6.16 -0.24
N TYR O 424 64.43 -6.32 0.97
CA TYR O 424 63.61 -6.59 2.15
C TYR O 424 63.51 -5.32 2.98
N GLY O 425 62.30 -4.81 3.12
CA GLY O 425 62.05 -3.59 3.86
C GLY O 425 60.83 -2.86 3.33
N GLN O 426 59.97 -2.37 4.23
CA GLN O 426 58.75 -1.71 3.82
C GLN O 426 59.02 -0.37 3.12
N THR O 427 60.23 0.17 3.24
CA THR O 427 60.56 1.46 2.65
C THR O 427 62.00 1.45 2.17
N THR O 428 62.32 2.42 1.30
CA THR O 428 63.68 2.52 0.77
C THR O 428 64.69 2.73 1.89
N SER O 429 64.29 3.42 2.98
CA SER O 429 65.19 3.62 4.10
C SER O 429 65.57 2.30 4.76
N GLU O 430 64.66 1.34 4.81
CA GLU O 430 64.97 0.00 5.30
C GLU O 430 65.58 -0.88 4.22
N ALA O 431 65.51 -0.49 2.95
CA ALA O 431 65.99 -1.30 1.85
C ALA O 431 67.45 -1.04 1.50
N PHE O 432 67.83 0.22 1.29
CA PHE O 432 69.17 0.51 0.78
C PHE O 432 69.62 1.88 1.26
N SER O 433 70.92 2.14 1.08
CA SER O 433 71.52 3.44 1.38
C SER O 433 72.70 3.65 0.45
N VAL O 434 73.02 4.93 0.21
CA VAL O 434 74.03 5.32 -0.76
C VAL O 434 74.95 6.36 -0.13
N LEU O 435 76.21 6.38 -0.58
CA LEU O 435 77.16 7.42 -0.17
C LEU O 435 78.18 7.56 -1.29
N GLY O 436 77.99 8.57 -2.14
CA GLY O 436 78.90 8.77 -3.26
C GLY O 436 79.18 10.23 -3.60
N ASP O 437 78.89 11.13 -2.68
CA ASP O 437 79.07 12.56 -2.94
C ASP O 437 80.54 12.94 -2.79
N ALA O 438 80.82 14.24 -2.85
CA ALA O 438 82.21 14.72 -2.76
C ALA O 438 82.83 14.48 -1.39
N SER O 439 82.03 14.19 -0.37
CA SER O 439 82.57 14.00 0.97
C SER O 439 83.46 12.76 1.06
N VAL O 440 83.41 11.87 0.07
CA VAL O 440 84.18 10.64 0.07
C VAL O 440 85.13 10.57 -1.13
N GLN O 441 85.36 11.68 -1.81
CA GLN O 441 86.25 11.73 -2.96
C GLN O 441 87.59 12.34 -2.53
N VAL O 442 88.67 11.84 -3.10
CA VAL O 442 90.02 12.23 -2.75
C VAL O 442 90.63 12.96 -3.95
N PRO O 443 91.25 14.14 -3.75
CA PRO O 443 91.79 14.87 -4.91
C PRO O 443 92.78 14.07 -5.75
N SER O 444 93.65 13.27 -5.11
CA SER O 444 94.62 12.50 -5.88
C SER O 444 93.91 11.50 -6.80
N LEU O 445 92.92 10.78 -6.27
CA LEU O 445 92.17 9.84 -7.09
C LEU O 445 91.36 10.55 -8.17
N LEU O 446 90.83 11.73 -7.87
CA LEU O 446 90.11 12.50 -8.89
C LEU O 446 91.05 12.91 -10.02
N GLN O 447 92.27 13.33 -9.67
CA GLN O 447 93.26 13.64 -10.70
C GLN O 447 93.61 12.40 -11.51
N GLN O 448 93.71 11.25 -10.86
CA GLN O 448 93.88 9.98 -11.56
C GLN O 448 92.64 9.57 -12.36
N GLY O 449 91.51 10.24 -12.14
CA GLY O 449 90.29 9.89 -12.83
C GLY O 449 89.46 8.82 -12.16
N LEU O 450 89.66 8.61 -10.86
CA LEU O 450 89.01 7.54 -10.11
C LEU O 450 88.01 8.15 -9.13
N VAL O 451 86.78 7.63 -9.15
CA VAL O 451 85.71 8.09 -8.28
C VAL O 451 85.13 6.88 -7.56
N ASN O 452 84.94 7.01 -6.24
CA ASN O 452 84.46 5.92 -5.41
C ASN O 452 83.08 6.26 -4.87
N MET O 453 82.24 5.24 -4.71
CA MET O 453 80.96 5.40 -4.04
C MET O 453 80.55 4.07 -3.42
N PHE O 454 79.75 4.15 -2.36
CA PHE O 454 79.46 3.01 -1.50
C PHE O 454 77.96 2.77 -1.44
N ILE O 455 77.56 1.50 -1.45
CA ILE O 455 76.17 1.10 -1.53
C ILE O 455 75.91 0.04 -0.47
N TRP O 456 74.78 0.18 0.23
CA TRP O 456 74.29 -0.84 1.16
C TRP O 456 72.89 -1.26 0.73
N VAL O 457 72.64 -2.57 0.74
CA VAL O 457 71.35 -3.11 0.32
C VAL O 457 71.00 -4.32 1.16
N VAL O 458 69.70 -4.59 1.25
CA VAL O 458 69.19 -5.74 1.99
C VAL O 458 68.41 -6.61 0.99
N PRO O 459 69.04 -7.57 0.33
CA PRO O 459 68.32 -8.37 -0.66
C PRO O 459 67.22 -9.19 -0.03
N SER O 460 66.17 -9.44 -0.81
CA SER O 460 65.06 -10.26 -0.35
C SER O 460 65.54 -11.70 -0.12
N THR O 461 64.65 -12.52 0.42
CA THR O 461 64.91 -13.93 0.66
C THR O 461 63.71 -14.75 0.23
N ILE O 462 63.89 -16.07 0.21
CA ILE O 462 62.88 -16.97 -0.32
C ILE O 462 62.37 -17.90 0.76
N ILE O 463 61.38 -18.73 0.42
CA ILE O 463 60.83 -19.73 1.33
C ILE O 463 61.36 -21.08 0.85
N GLU O 464 62.34 -21.63 1.56
CA GLU O 464 62.91 -22.91 1.18
C GLU O 464 62.08 -24.07 1.73
N ARG O 465 61.90 -24.13 3.05
CA ARG O 465 61.13 -25.19 3.68
C ARG O 465 60.18 -24.57 4.70
N LEU O 466 58.94 -25.03 4.69
CA LEU O 466 57.88 -24.52 5.56
C LEU O 466 57.59 -25.55 6.64
N ILE O 467 57.46 -25.09 7.88
CA ILE O 467 57.22 -25.98 9.02
C ILE O 467 55.80 -25.77 9.50
N ILE O 468 55.02 -26.85 9.53
CA ILE O 468 53.69 -26.86 10.11
C ILE O 468 53.73 -27.75 11.34
N ASN O 469 53.34 -27.20 12.49
CA ASN O 469 53.26 -27.97 13.72
C ASN O 469 51.88 -27.75 14.32
N ILE O 470 51.13 -28.83 14.46
CA ILE O 470 49.71 -28.77 14.79
C ILE O 470 49.46 -29.42 16.14
N LYS O 471 48.30 -29.10 16.72
CA LYS O 471 47.88 -29.68 17.98
C LYS O 471 46.46 -30.21 17.84
N GLN O 472 46.22 -31.42 18.35
CA GLN O 472 44.90 -32.04 18.34
C GLN O 472 44.17 -31.85 19.67
N THR O 473 42.95 -31.30 19.60
CA THR O 473 42.25 -30.96 20.83
C THR O 473 40.96 -31.71 21.05
N ALA O 474 40.32 -31.46 22.18
CA ALA O 474 39.10 -32.17 22.51
C ALA O 474 37.85 -31.33 22.33
N ILE O 475 36.72 -31.86 22.76
CA ILE O 475 35.44 -31.17 22.58
C ILE O 475 35.28 -29.93 23.45
N GLY O 476 34.99 -28.79 22.84
CA GLY O 476 34.75 -27.57 23.59
C GLY O 476 35.96 -27.08 24.34
N ASP O 477 37.14 -27.21 23.73
CA ASP O 477 38.37 -26.80 24.39
C ASP O 477 39.22 -25.93 23.49
N LEU O 478 39.08 -26.11 22.17
CA LEU O 478 39.90 -25.36 21.21
C LEU O 478 40.13 -23.89 21.55
N GLU O 479 39.06 -23.10 21.59
CA GLU O 479 39.20 -21.67 21.84
C GLU O 479 40.09 -21.30 23.03
N ALA O 480 39.84 -21.92 24.17
CA ALA O 480 40.65 -21.65 25.36
C ALA O 480 42.11 -21.96 25.09
N THR O 481 42.37 -23.15 24.57
CA THR O 481 43.74 -23.54 24.27
C THR O 481 44.39 -22.58 23.28
N VAL O 482 43.65 -22.15 22.25
CA VAL O 482 44.28 -21.32 21.24
C VAL O 482 44.82 -20.04 21.86
N ALA O 483 44.05 -19.42 22.76
CA ALA O 483 44.50 -18.19 23.38
C ALA O 483 45.78 -18.41 24.16
N LEU O 484 45.82 -19.45 25.00
CA LEU O 484 47.00 -19.72 25.80
C LEU O 484 48.22 -19.95 24.90
N ASP O 485 48.09 -20.84 23.93
CA ASP O 485 49.23 -21.17 23.07
C ASP O 485 49.68 -19.95 22.26
N THR O 486 48.73 -19.20 21.72
CA THR O 486 49.08 -18.04 20.91
C THR O 486 49.77 -16.98 21.75
N ALA O 487 49.26 -16.72 22.96
CA ALA O 487 49.92 -15.76 23.83
C ALA O 487 51.36 -16.19 24.11
N ALA O 488 51.56 -17.46 24.45
CA ALA O 488 52.90 -17.93 24.75
C ALA O 488 53.82 -17.77 23.53
N LEU O 489 53.33 -18.17 22.36
CA LEU O 489 54.16 -18.15 21.15
C LEU O 489 54.54 -16.72 20.77
N GLN O 490 53.55 -15.83 20.72
CA GLN O 490 53.84 -14.46 20.34
C GLN O 490 54.74 -13.78 21.36
N SER O 491 54.52 -14.04 22.65
CA SER O 491 55.38 -13.47 23.68
C SER O 491 56.82 -13.92 23.48
N SER O 492 57.02 -15.22 23.26
CA SER O 492 58.38 -15.71 23.03
C SER O 492 58.99 -15.05 21.80
N VAL O 493 58.20 -14.88 20.74
CA VAL O 493 58.73 -14.29 19.52
C VAL O 493 59.20 -12.87 19.77
N GLU O 494 58.36 -12.03 20.39
CA GLU O 494 58.75 -10.62 20.50
C GLU O 494 59.83 -10.43 21.55
N GLU O 495 59.89 -11.29 22.56
CA GLU O 495 61.02 -11.20 23.50
C GLU O 495 62.28 -11.84 22.95
N GLY O 496 62.19 -12.56 21.83
CA GLY O 496 63.38 -13.08 21.20
C GLY O 496 63.85 -14.42 21.74
N THR O 497 63.04 -15.10 22.54
CA THR O 497 63.38 -16.42 23.06
C THR O 497 62.97 -17.55 22.14
N ALA O 498 62.26 -17.26 21.04
CA ALA O 498 61.74 -18.32 20.19
C ALA O 498 62.85 -19.10 19.52
N THR O 499 64.03 -18.50 19.34
CA THR O 499 65.12 -19.15 18.62
C THR O 499 66.22 -19.68 19.53
N GLU O 500 66.39 -19.11 20.72
CA GLU O 500 67.50 -19.52 21.58
C GLU O 500 67.18 -20.88 22.21
N GLY O 501 68.07 -21.83 22.03
CA GLY O 501 67.89 -23.16 22.56
C GLY O 501 68.51 -24.19 21.64
N THR O 502 68.36 -25.45 22.03
CA THR O 502 68.92 -26.56 21.26
C THR O 502 67.94 -26.97 20.16
N ALA O 503 68.40 -26.92 18.92
CA ALA O 503 67.59 -27.37 17.80
C ALA O 503 67.43 -28.89 17.76
N PRO O 504 66.21 -29.41 17.62
CA PRO O 504 66.03 -30.87 17.62
C PRO O 504 66.84 -31.53 16.52
N VAL O 505 67.50 -32.63 16.86
CA VAL O 505 68.27 -33.37 15.87
C VAL O 505 67.32 -34.18 15.00
N MET P 1 19.56 39.27 -55.51
CA MET P 1 19.52 37.92 -56.07
C MET P 1 18.12 37.35 -55.95
N THR P 2 17.80 36.36 -56.79
CA THR P 2 16.45 35.82 -56.88
C THR P 2 15.95 35.38 -55.50
N ASN P 3 14.62 35.29 -55.40
CA ASN P 3 13.84 34.91 -54.22
C ASN P 3 13.70 36.06 -53.24
N PHE P 4 14.31 37.22 -53.47
CA PHE P 4 14.20 38.36 -52.58
C PHE P 4 13.64 39.61 -53.23
N LEU P 5 13.82 39.78 -54.54
CA LEU P 5 13.43 41.01 -55.23
C LEU P 5 12.06 40.89 -55.90
N ASN P 6 11.29 39.86 -55.57
CA ASN P 6 9.99 39.68 -56.21
C ASN P 6 9.06 40.87 -55.94
N GLY P 7 9.12 41.41 -54.73
CA GLY P 7 8.25 42.51 -54.33
C GLY P 7 8.75 43.90 -54.62
N VAL P 8 9.93 44.05 -55.20
CA VAL P 8 10.50 45.38 -55.40
C VAL P 8 9.62 46.19 -56.34
N ASN P 9 9.14 45.55 -57.41
CA ASN P 9 8.33 46.25 -58.42
C ASN P 9 6.82 46.28 -58.15
N ILE P 10 6.42 46.24 -56.89
CA ILE P 10 4.98 46.34 -56.58
C ILE P 10 4.69 47.62 -55.81
N GLY P 11 3.52 48.21 -56.02
CA GLY P 11 3.16 49.44 -55.34
C GLY P 11 2.09 49.23 -54.29
N THR P 12 1.03 48.52 -54.64
CA THR P 12 -0.05 48.25 -53.69
C THR P 12 0.49 47.45 -52.51
N PRO P 13 0.17 47.89 -51.28
CA PRO P 13 0.56 47.09 -50.10
C PRO P 13 -0.21 45.76 -50.07
N GLY P 14 0.43 44.71 -49.59
CA GLY P 14 -0.26 43.43 -49.47
C GLY P 14 0.65 42.23 -49.45
N ALA P 15 0.08 41.05 -49.19
CA ALA P 15 0.87 39.83 -49.18
C ALA P 15 0.83 39.13 -50.53
N TYR P 16 2.00 38.91 -51.14
CA TYR P 16 2.04 38.32 -52.49
C TYR P 16 2.94 37.10 -52.61
N ALA P 17 2.50 36.07 -53.33
CA ALA P 17 3.25 34.82 -53.46
C ALA P 17 3.90 34.65 -54.84
N PHE P 18 5.12 34.13 -54.87
CA PHE P 18 5.83 34.09 -56.14
C PHE P 18 6.54 32.79 -56.42
N TYR P 19 6.10 31.69 -55.81
CA TYR P 19 6.69 30.37 -56.06
C TYR P 19 8.22 30.27 -55.92
N GLN P 20 8.71 30.16 -54.68
CA GLN P 20 10.16 30.01 -54.41
C GLN P 20 11.00 29.42 -55.53
N THR P 21 11.81 30.26 -56.18
CA THR P 21 12.63 29.81 -57.30
C THR P 21 13.92 29.12 -56.88
N THR P 22 14.76 28.79 -57.86
CA THR P 22 16.05 28.16 -57.58
C THR P 22 16.93 29.07 -56.74
N GLN P 23 17.73 28.47 -55.87
CA GLN P 23 18.56 29.26 -54.99
C GLN P 23 20.04 29.15 -55.29
N SER P 24 20.83 30.09 -54.77
CA SER P 24 22.26 30.06 -54.96
C SER P 24 22.97 30.11 -53.63
N ARG P 25 23.99 29.27 -53.46
CA ARG P 25 24.77 29.28 -52.24
C ARG P 25 26.07 30.01 -52.56
N PRO P 26 26.26 31.20 -51.99
CA PRO P 26 27.46 32.00 -52.31
C PRO P 26 28.74 31.25 -52.03
N ILE P 27 29.49 30.95 -53.09
CA ILE P 27 30.75 30.27 -52.92
C ILE P 27 31.71 31.25 -52.27
N ASN P 28 32.20 30.91 -51.09
CA ASN P 28 33.08 31.83 -50.37
C ASN P 28 34.47 31.88 -50.97
N VAL P 29 35.24 32.90 -50.62
CA VAL P 29 36.56 33.06 -51.21
C VAL P 29 37.66 32.31 -50.45
N GLU P 30 37.59 30.99 -50.47
CA GLU P 30 38.66 30.21 -49.84
C GLU P 30 39.72 30.04 -50.91
N PRO P 31 40.99 30.04 -50.49
CA PRO P 31 42.05 29.97 -51.48
C PRO P 31 42.24 28.60 -52.12
N PHE P 32 41.20 27.93 -52.63
CA PHE P 32 41.32 26.67 -53.38
C PHE P 32 40.02 26.16 -53.99
N ARG P 33 38.88 26.79 -53.69
CA ARG P 33 37.64 26.21 -54.19
C ARG P 33 37.28 26.84 -55.54
N THR P 34 38.26 26.91 -56.42
CA THR P 34 38.07 27.42 -57.78
C THR P 34 38.77 26.50 -58.77
N CYS P 35 38.25 26.46 -59.98
CA CYS P 35 38.86 25.71 -61.08
C CYS P 35 38.99 26.62 -62.28
N TYR P 36 40.14 26.52 -62.96
CA TYR P 36 40.44 27.33 -64.15
C TYR P 36 40.57 26.39 -65.34
N MET P 37 39.62 26.44 -66.25
CA MET P 37 39.63 25.63 -67.45
C MET P 37 40.13 26.45 -68.63
N VAL P 38 41.19 25.99 -69.27
CA VAL P 38 41.74 26.61 -70.46
C VAL P 38 41.12 25.91 -71.66
N GLY P 39 40.36 26.65 -72.46
CA GLY P 39 39.70 26.09 -73.62
C GLY P 39 39.76 27.00 -74.81
N PHE P 40 39.02 26.66 -75.88
CA PHE P 40 39.00 27.47 -77.08
C PHE P 40 37.58 27.62 -77.58
N ALA P 41 37.23 28.84 -78.01
CA ALA P 41 35.98 29.11 -78.70
C ALA P 41 36.30 29.87 -79.97
N SER P 42 35.47 29.63 -81.01
CA SER P 42 35.71 30.29 -82.29
C SER P 42 35.64 31.80 -82.16
N ASN P 43 34.65 32.29 -81.41
CA ASN P 43 34.48 33.73 -81.17
C ASN P 43 35.27 34.08 -79.92
N GLY P 44 36.39 34.78 -80.10
CA GLY P 44 37.22 35.16 -78.97
C GLY P 44 36.63 36.29 -78.17
N VAL P 45 35.51 36.02 -77.50
CA VAL P 45 34.82 37.05 -76.74
C VAL P 45 35.69 37.56 -75.59
N ASN P 46 36.47 36.69 -74.98
CA ASN P 46 37.30 37.02 -73.83
C ASN P 46 38.71 36.48 -74.02
N LYS P 47 39.31 36.80 -75.16
CA LYS P 47 40.62 36.28 -75.52
C LYS P 47 41.61 36.47 -74.37
N ASN P 48 42.10 35.35 -73.84
CA ASN P 48 43.10 35.35 -72.77
C ASN P 48 42.64 36.20 -71.59
N VAL P 49 41.37 36.05 -71.22
CA VAL P 49 40.80 36.75 -70.07
C VAL P 49 40.07 35.72 -69.20
N PRO P 50 40.60 35.35 -68.04
CA PRO P 50 39.86 34.44 -67.15
C PRO P 50 38.53 35.05 -66.76
N THR P 51 37.44 34.42 -67.21
CA THR P 51 36.09 34.91 -66.98
C THR P 51 35.29 33.87 -66.23
N ARG P 52 34.63 34.28 -65.15
CA ARG P 52 33.83 33.35 -64.37
C ARG P 52 32.62 32.89 -65.17
N ILE P 53 32.22 31.64 -64.94
CA ILE P 53 31.11 31.00 -65.63
C ILE P 53 30.05 30.67 -64.59
N SER P 54 28.85 31.21 -64.77
CA SER P 54 27.77 30.96 -63.82
C SER P 54 27.26 29.53 -63.95
N ASN P 55 27.07 29.05 -65.18
CA ASN P 55 26.56 27.71 -65.41
C ASN P 55 26.75 27.38 -66.89
N LEU P 56 26.27 26.19 -67.27
CA LEU P 56 26.46 25.72 -68.64
C LEU P 56 25.76 26.62 -69.65
N THR P 57 24.55 27.08 -69.31
CA THR P 57 23.83 27.99 -70.20
C THR P 57 24.60 29.29 -70.38
N ASP P 58 25.14 29.84 -69.30
CA ASP P 58 25.94 31.05 -69.40
C ASP P 58 27.16 30.82 -70.28
N PHE P 59 27.83 29.68 -70.10
CA PHE P 59 29.00 29.36 -70.92
C PHE P 59 28.62 29.30 -72.40
N THR P 60 27.53 28.60 -72.70
CA THR P 60 27.12 28.45 -74.10
C THR P 60 26.76 29.81 -74.70
N ASN P 61 26.05 30.65 -73.94
CA ASN P 61 25.68 31.96 -74.45
C ASN P 61 26.90 32.83 -74.71
N VAL P 62 27.83 32.88 -73.77
CA VAL P 62 28.97 33.78 -73.91
C VAL P 62 29.92 33.29 -75.00
N TYR P 63 30.20 31.98 -75.03
CA TYR P 63 31.24 31.43 -75.90
C TYR P 63 30.70 30.63 -77.07
N GLY P 64 29.42 30.26 -77.06
CA GLY P 64 28.89 29.49 -78.17
C GLY P 64 29.49 28.09 -78.23
N THR P 65 29.55 27.57 -79.45
CA THR P 65 30.07 26.22 -79.64
C THR P 65 31.54 26.15 -79.21
N SER P 66 31.88 25.06 -78.53
CA SER P 66 33.24 24.83 -78.06
C SER P 66 33.37 23.39 -77.63
N ALA P 67 34.58 22.84 -77.80
CA ALA P 67 34.83 21.46 -77.42
C ALA P 67 34.86 21.23 -75.92
N SER P 68 34.84 22.30 -75.13
CA SER P 68 34.86 22.21 -73.67
C SER P 68 33.48 22.15 -73.05
N THR P 69 32.43 22.10 -73.86
CA THR P 69 31.07 22.12 -73.31
C THR P 69 30.81 20.92 -72.40
N ASN P 70 31.23 19.73 -72.83
CA ASN P 70 31.02 18.54 -72.02
C ASN P 70 31.78 18.63 -70.71
N SER P 71 33.03 19.13 -70.76
CA SER P 71 33.81 19.28 -69.54
C SER P 71 33.15 20.26 -68.58
N VAL P 72 32.65 21.38 -69.10
CA VAL P 72 31.96 22.35 -68.25
C VAL P 72 30.72 21.72 -67.63
N ASP P 73 29.96 20.99 -68.43
CA ASP P 73 28.74 20.35 -67.92
C ASP P 73 29.07 19.39 -66.79
N LEU P 74 30.09 18.55 -66.98
CA LEU P 74 30.47 17.60 -65.92
C LEU P 74 30.98 18.34 -64.69
N PHE P 75 31.76 19.39 -64.89
CA PHE P 75 32.26 20.16 -63.75
C PHE P 75 31.11 20.67 -62.90
N PHE P 76 30.13 21.32 -63.53
CA PHE P 76 29.02 21.84 -62.75
C PHE P 76 28.18 20.72 -62.14
N LYS P 77 27.98 19.63 -62.88
CA LYS P 77 27.19 18.51 -62.37
C LYS P 77 27.81 17.95 -61.10
N ASN P 78 29.14 17.81 -61.08
CA ASN P 78 29.82 17.24 -59.93
C ASN P 78 30.15 18.25 -58.84
N SER P 79 30.10 19.55 -59.16
CA SER P 79 30.36 20.56 -58.15
C SER P 79 29.09 20.97 -57.40
N GLN P 80 27.92 20.85 -58.03
CA GLN P 80 26.65 21.11 -57.35
C GLN P 80 26.59 22.56 -56.84
N GLY P 81 27.31 23.47 -57.50
CA GLY P 81 27.30 24.86 -57.12
C GLY P 81 28.25 25.24 -56.00
N PHE P 82 29.01 24.29 -55.45
CA PHE P 82 30.00 24.59 -54.42
C PHE P 82 31.36 24.72 -55.10
N GLY P 83 31.58 25.86 -55.75
CA GLY P 83 32.85 26.12 -56.42
C GLY P 83 32.66 26.93 -57.68
N ASN P 84 33.66 27.76 -57.98
CA ASN P 84 33.64 28.62 -59.15
C ASN P 84 34.46 28.02 -60.28
N LEU P 85 34.02 28.28 -61.51
CA LEU P 85 34.75 27.92 -62.73
C LEU P 85 35.12 29.19 -63.47
N TYR P 86 36.37 29.31 -63.87
CA TYR P 86 36.86 30.40 -64.69
C TYR P 86 37.35 29.83 -66.01
N PHE P 87 36.72 30.24 -67.10
CA PHE P 87 37.12 29.82 -68.43
C PHE P 87 38.12 30.82 -69.00
N VAL P 88 39.16 30.30 -69.64
CA VAL P 88 40.16 31.11 -70.33
C VAL P 88 40.16 30.69 -71.79
N ASN P 89 39.78 31.61 -72.66
CA ASN P 89 39.64 31.34 -74.08
C ASN P 89 40.97 31.62 -74.79
N VAL P 90 41.53 30.64 -75.47
CA VAL P 90 42.83 30.84 -76.12
C VAL P 90 42.75 31.76 -77.34
N ALA P 91 43.47 32.87 -77.25
CA ALA P 91 43.54 33.83 -78.34
C ALA P 91 44.48 33.36 -79.42
N ILE P 92 44.06 33.50 -80.67
CA ILE P 92 44.96 33.17 -81.76
C ILE P 92 45.66 34.47 -82.20
N PRO P 93 47.04 34.52 -82.26
CA PRO P 93 47.61 35.80 -82.70
C PRO P 93 47.18 36.13 -84.12
N THR P 94 47.00 37.43 -84.36
CA THR P 94 46.63 37.90 -85.69
C THR P 94 47.87 37.96 -86.58
N ARG P 95 47.74 37.45 -87.80
CA ARG P 95 48.79 37.51 -88.80
C ARG P 95 48.32 38.40 -89.94
N TYR P 96 49.22 39.22 -90.46
CA TYR P 96 48.93 40.11 -91.56
C TYR P 96 49.85 39.78 -92.72
N GLN P 97 49.26 39.47 -93.88
CA GLN P 97 50.00 39.07 -95.07
C GLN P 97 50.13 40.27 -95.99
N ILE P 98 51.37 40.65 -96.27
CA ILE P 98 51.69 41.73 -97.20
C ILE P 98 52.31 41.11 -98.44
N VAL P 99 51.88 41.56 -99.62
CA VAL P 99 52.45 41.11 -100.88
C VAL P 99 52.93 42.33 -101.64
N VAL P 100 54.15 42.27 -102.15
CA VAL P 100 54.73 43.35 -102.96
C VAL P 100 54.44 42.97 -104.41
N THR P 101 53.27 43.39 -104.89
CA THR P 101 52.84 43.03 -106.24
C THR P 101 53.79 43.53 -107.32
N ALA P 102 54.58 44.56 -107.03
CA ALA P 102 55.48 45.14 -108.02
C ALA P 102 56.61 45.85 -107.28
N ALA P 103 57.65 46.20 -108.04
CA ALA P 103 58.81 46.90 -107.51
C ALA P 103 58.85 48.35 -108.00
N THR P 104 57.69 48.98 -108.07
CA THR P 104 57.59 50.34 -108.56
C THR P 104 58.27 51.31 -107.61
N ALA P 105 59.09 52.21 -108.17
CA ALA P 105 59.81 53.18 -107.36
C ALA P 105 58.85 54.13 -106.66
N GLY P 106 59.22 54.52 -105.45
CA GLY P 106 58.44 55.46 -104.67
C GLY P 106 58.55 55.14 -103.18
N SER P 107 58.30 56.16 -102.37
CA SER P 107 58.31 56.02 -100.92
C SER P 107 56.94 55.59 -100.44
N TYR P 108 56.91 54.54 -99.60
CA TYR P 108 55.67 53.97 -99.13
C TYR P 108 55.79 53.71 -97.63
N SER P 109 54.63 53.48 -96.99
CA SER P 109 54.58 53.37 -95.55
C SER P 109 53.88 52.08 -95.13
N VAL P 110 54.33 51.50 -94.02
CA VAL P 110 53.69 50.34 -93.41
C VAL P 110 53.50 50.67 -91.93
N THR P 111 52.24 50.69 -91.49
CA THR P 111 51.89 51.02 -90.11
C THR P 111 51.53 49.73 -89.37
N VAL P 112 52.17 49.52 -88.22
CA VAL P 112 51.89 48.39 -87.36
C VAL P 112 51.64 48.93 -85.96
N ASN P 113 50.42 48.73 -85.45
CA ASN P 113 50.05 49.14 -84.10
C ASN P 113 50.44 50.59 -83.83
N GLY P 114 50.22 51.45 -84.82
CA GLY P 114 50.47 52.87 -84.67
C GLY P 114 51.88 53.33 -84.98
N VAL P 115 52.81 52.41 -85.24
CA VAL P 115 54.18 52.77 -85.58
C VAL P 115 54.32 52.65 -87.10
N THR P 116 54.69 53.76 -87.74
CA THR P 116 54.80 53.81 -89.19
C THR P 116 56.27 53.71 -89.58
N LYS P 117 56.59 52.68 -90.36
CA LYS P 117 57.93 52.51 -90.93
C LYS P 117 57.84 52.79 -92.43
N ALA P 118 58.69 53.68 -92.91
CA ALA P 118 58.67 54.09 -94.31
C ALA P 118 59.83 53.45 -95.06
N ILE P 119 59.52 52.88 -96.21
CA ILE P 119 60.52 52.25 -97.08
C ILE P 119 60.46 52.95 -98.43
N THR P 120 61.63 53.33 -98.94
CA THR P 120 61.74 54.00 -100.23
C THR P 120 62.05 52.97 -101.30
N VAL P 121 61.27 52.99 -102.38
CA VAL P 121 61.44 52.10 -103.52
C VAL P 121 62.07 52.89 -104.65
N VAL P 122 63.12 52.33 -105.25
CA VAL P 122 63.92 53.03 -106.25
C VAL P 122 64.08 52.13 -107.47
N GLY P 123 64.67 52.71 -108.52
CA GLY P 123 64.92 51.94 -109.72
C GLY P 123 65.91 50.81 -109.47
N GLY P 124 65.71 49.71 -110.20
CA GLY P 124 66.50 48.53 -110.03
C GLY P 124 66.13 47.67 -108.85
N ALA P 125 65.21 48.14 -108.00
CA ALA P 125 64.76 47.36 -106.86
C ALA P 125 63.80 46.27 -107.33
N THR P 126 63.73 45.21 -106.52
CA THR P 126 62.84 44.08 -106.80
C THR P 126 61.88 43.89 -105.63
N THR P 127 60.83 43.11 -105.87
CA THR P 127 59.88 42.81 -104.81
C THR P 127 60.56 42.08 -103.67
N THR P 128 61.51 41.20 -103.99
CA THR P 128 62.27 40.52 -102.96
C THR P 128 63.01 41.52 -102.07
N THR P 129 63.70 42.48 -102.69
CA THR P 129 64.43 43.48 -101.92
C THR P 129 63.47 44.34 -101.10
N ILE P 130 62.32 44.69 -101.66
CA ILE P 130 61.35 45.51 -100.93
C ILE P 130 60.86 44.77 -99.69
N ALA P 131 60.50 43.49 -99.85
CA ALA P 131 60.03 42.71 -98.72
C ALA P 131 61.14 42.54 -97.68
N ALA P 132 62.37 42.31 -98.13
CA ALA P 132 63.47 42.18 -97.20
C ALA P 132 63.70 43.46 -96.41
N ASP P 133 63.63 44.61 -97.09
CA ASP P 133 63.82 45.89 -96.40
C ASP P 133 62.70 46.13 -95.39
N VAL P 134 61.46 45.82 -95.77
CA VAL P 134 60.35 46.00 -94.83
C VAL P 134 60.53 45.10 -93.61
N ILE P 135 60.93 43.84 -93.84
CA ILE P 135 61.16 42.92 -92.73
C ILE P 135 62.28 43.47 -91.83
N SER P 136 63.36 43.95 -92.44
CA SER P 136 64.46 44.48 -91.64
C SER P 136 64.01 45.66 -90.79
N ALA P 137 63.28 46.60 -91.40
CA ALA P 137 62.82 47.76 -90.64
C ALA P 137 61.92 47.34 -89.48
N ILE P 138 60.96 46.46 -89.74
CA ILE P 138 60.02 46.06 -88.69
C ILE P 138 60.75 45.31 -87.57
N ASN P 139 61.66 44.41 -87.94
CA ASN P 139 62.34 43.60 -86.92
C ASN P 139 63.39 44.38 -86.16
N ASN P 140 63.94 45.45 -86.74
CA ASN P 140 64.91 46.27 -86.04
C ASN P 140 64.29 47.41 -85.25
N ASP P 141 63.05 47.80 -85.56
CA ASP P 141 62.38 48.81 -84.76
C ASP P 141 62.28 48.35 -83.31
N THR P 142 62.61 49.24 -82.37
CA THR P 142 62.65 48.86 -80.97
C THR P 142 61.27 48.47 -80.45
N VAL P 143 60.21 49.06 -81.01
CA VAL P 143 58.86 48.76 -80.53
C VAL P 143 58.31 47.53 -81.24
N LEU P 144 58.34 47.52 -82.57
CA LEU P 144 57.78 46.40 -83.31
C LEU P 144 58.55 45.11 -83.06
N ASN P 145 59.85 45.20 -82.84
CA ASN P 145 60.64 43.98 -82.64
C ASN P 145 60.16 43.18 -81.43
N LYS P 146 59.49 43.83 -80.48
CA LYS P 146 58.94 43.13 -79.32
C LYS P 146 57.42 43.03 -79.37
N GLU P 147 56.74 43.88 -80.15
CA GLU P 147 55.29 43.77 -80.29
C GLU P 147 54.87 42.68 -81.26
N VAL P 148 55.52 42.58 -82.42
CA VAL P 148 55.21 41.58 -83.44
C VAL P 148 56.50 41.04 -84.02
N LEU P 149 56.36 39.97 -84.80
CA LEU P 149 57.50 39.36 -85.49
C LEU P 149 57.17 39.25 -86.97
N ALA P 150 58.09 39.70 -87.82
CA ALA P 150 57.91 39.66 -89.26
C ALA P 150 58.73 38.52 -89.86
N THR P 151 58.13 37.81 -90.81
CA THR P 151 58.76 36.65 -91.44
C THR P 151 58.48 36.70 -92.93
N VAL P 152 59.30 35.96 -93.68
CA VAL P 152 59.10 35.83 -95.12
C VAL P 152 57.86 34.97 -95.38
N GLY P 153 57.06 35.37 -96.34
CA GLY P 153 55.84 34.67 -96.70
C GLY P 153 56.08 33.57 -97.71
N GLY P 154 55.01 33.22 -98.44
CA GLY P 154 55.11 32.18 -99.44
C GLY P 154 56.05 32.51 -100.58
N THR P 155 56.43 33.77 -100.74
CA THR P 155 57.37 34.19 -101.77
C THR P 155 58.31 35.22 -101.19
N SER P 156 59.43 35.45 -101.89
CA SER P 156 60.35 36.50 -101.46
C SER P 156 59.70 37.87 -101.48
N SER P 157 58.60 38.03 -102.21
CA SER P 157 57.82 39.25 -102.22
C SER P 157 56.71 39.25 -101.17
N THR P 158 56.61 38.21 -100.36
CA THR P 158 55.54 38.07 -99.39
C THR P 158 56.10 38.17 -97.97
N VAL P 159 55.36 38.84 -97.10
CA VAL P 159 55.73 39.04 -95.71
C VAL P 159 54.53 38.71 -94.84
N VAL P 160 54.80 38.18 -93.64
CA VAL P 160 53.77 37.87 -92.67
C VAL P 160 54.19 38.46 -91.34
N ILE P 161 53.35 39.35 -90.79
CA ILE P 161 53.57 39.93 -89.48
C ILE P 161 52.65 39.22 -88.49
N THR P 162 53.24 38.49 -87.54
CA THR P 162 52.50 37.75 -86.54
C THR P 162 52.54 38.50 -85.21
N SER P 163 51.38 38.66 -84.59
CA SER P 163 51.32 39.31 -83.29
C SER P 163 52.11 38.52 -82.26
N LYS P 164 52.93 39.23 -81.48
CA LYS P 164 53.68 38.62 -80.40
C LYS P 164 52.96 38.72 -79.06
N LYS P 165 51.85 39.46 -78.99
CA LYS P 165 51.04 39.58 -77.79
C LYS P 165 49.59 39.33 -78.19
N PRO P 166 49.14 38.07 -78.18
CA PRO P 166 47.76 37.79 -78.63
C PRO P 166 46.70 38.59 -77.90
N THR P 167 46.89 38.84 -76.60
CA THR P 167 45.88 39.57 -75.84
C THR P 167 45.64 40.96 -76.43
N ASN P 168 46.72 41.67 -76.73
CA ASN P 168 46.60 43.00 -77.29
C ASN P 168 46.32 42.92 -78.79
N THR P 169 45.32 43.67 -79.25
CA THR P 169 44.99 43.67 -80.67
C THR P 169 46.14 44.26 -81.48
N THR P 170 46.42 43.63 -82.61
CA THR P 170 47.47 44.08 -83.52
C THR P 170 46.82 44.62 -84.78
N THR P 171 47.06 45.90 -85.07
CA THR P 171 46.48 46.58 -86.22
C THR P 171 47.58 46.87 -87.24
N ALA P 172 47.29 46.60 -88.51
CA ALA P 172 48.24 46.83 -89.58
C ALA P 172 47.55 47.54 -90.73
N ALA P 173 48.32 48.39 -91.41
CA ALA P 173 47.85 49.11 -92.59
C ALA P 173 49.05 49.42 -93.46
N VAL P 174 48.79 49.74 -94.73
CA VAL P 174 49.84 50.07 -95.67
C VAL P 174 49.38 51.22 -96.55
N THR P 175 50.36 51.99 -97.03
CA THR P 175 50.15 53.07 -97.99
C THR P 175 51.20 52.87 -99.08
N GLY P 176 50.76 52.33 -100.21
CA GLY P 176 51.62 52.07 -101.34
C GLY P 176 50.96 51.13 -102.33
N VAL P 177 51.12 51.42 -103.63
CA VAL P 177 50.47 50.60 -104.66
C VAL P 177 51.01 49.18 -104.63
N ILE P 178 52.33 49.03 -104.47
CA ILE P 178 52.94 47.70 -104.49
C ILE P 178 52.47 46.87 -103.31
N PHE P 179 52.25 47.49 -102.15
CA PHE P 179 51.87 46.76 -100.95
C PHE P 179 50.38 46.44 -101.00
N THR P 180 50.04 45.15 -100.91
CA THR P 180 48.65 44.73 -100.71
C THR P 180 48.57 43.91 -99.44
N LEU P 181 47.55 44.19 -98.62
CA LEU P 181 47.44 43.64 -97.28
C LEU P 181 46.18 42.77 -97.15
N THR P 182 46.34 41.65 -96.44
CA THR P 182 45.21 40.77 -96.14
C THR P 182 45.39 40.26 -94.71
N THR P 183 44.27 39.81 -94.13
CA THR P 183 44.22 39.41 -92.72
C THR P 183 44.16 37.89 -92.65
N THR P 184 45.24 37.28 -92.18
CA THR P 184 45.27 35.85 -91.88
C THR P 184 45.13 35.65 -90.37
N THR P 185 44.44 34.58 -89.99
CA THR P 185 44.34 34.21 -88.58
C THR P 185 43.93 32.77 -88.51
N GLY P 186 44.80 31.90 -87.99
CA GLY P 186 44.47 30.50 -87.88
C GLY P 186 43.18 30.31 -87.12
N THR P 187 42.23 29.57 -87.71
CA THR P 187 40.96 29.32 -87.05
C THR P 187 41.08 28.32 -85.91
N SER P 188 42.23 27.68 -85.76
CA SER P 188 42.46 26.69 -84.71
C SER P 188 43.65 27.11 -83.88
N PRO P 189 43.56 27.09 -82.55
CA PRO P 189 44.71 27.47 -81.72
C PRO P 189 45.82 26.45 -81.79
N SER P 190 47.04 26.92 -81.55
CA SER P 190 48.23 26.07 -81.61
C SER P 190 48.75 25.80 -80.20
N VAL P 191 49.65 24.82 -80.12
CA VAL P 191 50.26 24.48 -78.83
C VAL P 191 51.01 25.69 -78.27
N ALA P 192 51.64 26.48 -79.14
CA ALA P 192 52.31 27.69 -78.69
C ALA P 192 51.31 28.67 -78.10
N ASP P 193 50.13 28.80 -78.72
CA ASP P 193 49.10 29.68 -78.20
C ASP P 193 48.64 29.22 -76.82
N TYR P 194 48.42 27.91 -76.66
CA TYR P 194 48.03 27.39 -75.35
C TYR P 194 49.11 27.66 -74.32
N VAL P 195 50.38 27.45 -74.70
CA VAL P 195 51.48 27.66 -73.76
C VAL P 195 51.54 29.12 -73.33
N TYR P 196 51.40 30.03 -74.30
CA TYR P 196 51.43 31.45 -73.96
C TYR P 196 50.28 31.82 -73.05
N THR P 197 49.08 31.32 -73.33
CA THR P 197 47.94 31.61 -72.47
C THR P 197 48.18 31.11 -71.06
N ILE P 198 48.76 29.91 -70.93
CA ILE P 198 49.04 29.37 -69.60
C ILE P 198 50.08 30.21 -68.89
N ASN P 199 51.13 30.62 -69.58
CA ASN P 199 52.30 31.22 -68.96
C ASN P 199 52.25 32.74 -68.85
N ASN P 200 51.21 33.38 -69.40
CA ASN P 200 51.18 34.85 -69.42
C ASN P 200 49.81 35.44 -69.11
N THR P 201 48.81 34.64 -68.78
CA THR P 201 47.46 35.18 -68.58
C THR P 201 47.02 35.14 -67.12
N PHE P 202 47.34 34.06 -66.42
CA PHE P 202 46.89 33.92 -65.03
C PHE P 202 47.47 34.95 -64.07
N ASP P 203 46.83 35.12 -62.92
CA ASP P 203 47.29 36.11 -61.96
C ASP P 203 47.51 35.51 -60.59
N PRO P 204 48.54 35.99 -59.87
CA PRO P 204 48.72 35.52 -58.50
C PRO P 204 47.57 35.97 -57.61
N ALA P 205 47.00 37.14 -57.90
CA ALA P 205 45.85 37.63 -57.14
C ALA P 205 44.64 36.75 -57.34
N LEU P 206 44.50 36.13 -58.51
CA LEU P 206 43.40 35.20 -58.74
C LEU P 206 43.41 34.14 -57.66
N GLU P 207 42.25 33.80 -57.13
CA GLU P 207 42.18 32.83 -56.05
C GLU P 207 42.82 31.52 -56.49
N ALA P 208 43.51 30.87 -55.57
CA ALA P 208 44.15 29.59 -55.88
C ALA P 208 43.10 28.56 -56.26
N GLY P 209 43.52 27.54 -56.99
CA GLY P 209 42.59 26.51 -57.40
C GLY P 209 43.24 25.54 -58.36
N PHE P 210 42.40 24.68 -58.92
CA PHE P 210 42.85 23.71 -59.91
C PHE P 210 42.99 24.37 -61.27
N VAL P 211 43.84 23.78 -62.11
CA VAL P 211 44.03 24.21 -63.49
C VAL P 211 43.87 22.99 -64.39
N ILE P 212 43.06 23.12 -65.44
CA ILE P 212 42.78 22.01 -66.34
C ILE P 212 42.77 22.50 -67.78
N ALA P 213 43.06 21.57 -68.70
CA ALA P 213 43.06 21.82 -70.14
C ALA P 213 42.57 20.57 -70.86
N PRO P 214 41.35 20.10 -70.56
CA PRO P 214 40.89 18.86 -71.17
C PRO P 214 40.85 18.88 -72.68
N GLU P 215 40.43 20.00 -73.28
CA GLU P 215 40.37 20.08 -74.73
C GLU P 215 41.75 19.91 -75.35
N ALA P 216 42.74 20.60 -74.80
CA ALA P 216 44.09 20.48 -75.33
C ALA P 216 44.62 19.07 -75.15
N PHE P 217 44.49 18.51 -73.94
CA PHE P 217 45.01 17.17 -73.69
C PHE P 217 44.29 16.10 -74.51
N SER P 218 43.07 16.36 -74.98
CA SER P 218 42.34 15.40 -75.77
C SER P 218 42.55 15.58 -77.28
N THR P 219 42.86 16.79 -77.73
CA THR P 219 42.98 17.08 -79.15
C THR P 219 44.41 17.21 -79.65
N PHE P 220 45.40 17.25 -78.76
CA PHE P 220 46.79 17.42 -79.17
C PHE P 220 47.51 16.08 -79.25
N THR P 221 48.69 16.11 -79.87
CA THR P 221 49.53 14.94 -80.04
C THR P 221 50.44 14.78 -78.82
N LYS P 222 51.33 13.79 -78.89
CA LYS P 222 52.18 13.47 -77.74
C LYS P 222 53.08 14.63 -77.36
N SER P 223 53.80 15.18 -78.34
CA SER P 223 54.74 16.27 -78.05
C SER P 223 54.02 17.50 -77.52
N ASP P 224 52.89 17.85 -78.14
CA ASP P 224 52.14 19.02 -77.69
C ASP P 224 51.58 18.81 -76.29
N ARG P 225 51.09 17.60 -76.00
CA ARG P 225 50.63 17.31 -74.65
C ARG P 225 51.76 17.44 -73.64
N LEU P 226 52.95 16.96 -73.98
CA LEU P 226 54.09 17.09 -73.08
C LEU P 226 54.44 18.56 -72.85
N SER P 227 54.42 19.36 -73.92
CA SER P 227 54.73 20.78 -73.77
C SER P 227 53.71 21.47 -72.89
N ILE P 228 52.42 21.14 -73.06
CA ILE P 228 51.39 21.75 -72.24
C ILE P 228 51.54 21.33 -70.78
N GLN P 229 51.90 20.07 -70.55
CA GLN P 229 52.13 19.62 -69.18
C GLN P 229 53.32 20.36 -68.57
N VAL P 230 54.36 20.60 -69.36
CA VAL P 230 55.51 21.37 -68.87
C VAL P 230 55.07 22.78 -68.48
N ALA P 231 54.26 23.41 -69.33
CA ALA P 231 53.78 24.76 -69.02
C ALA P 231 52.94 24.77 -67.76
N LEU P 232 52.05 23.79 -67.61
CA LEU P 232 51.23 23.70 -66.40
C LEU P 232 52.09 23.49 -65.17
N GLU P 233 53.11 22.64 -65.27
CA GLU P 233 54.02 22.43 -64.15
C GLU P 233 54.70 23.74 -63.76
N ASN P 234 55.22 24.47 -64.76
CA ASN P 234 55.88 25.74 -64.47
C ASN P 234 54.92 26.70 -63.78
N LEU P 235 53.70 26.82 -64.30
CA LEU P 235 52.72 27.72 -63.71
C LEU P 235 52.43 27.35 -62.26
N CYS P 236 52.05 26.09 -62.03
CA CYS P 236 51.59 25.68 -60.70
C CYS P 236 52.73 25.67 -59.69
N SER P 237 53.97 25.45 -60.13
CA SER P 237 55.11 25.42 -59.23
C SER P 237 55.79 26.78 -59.08
N ALA P 238 55.42 27.77 -59.90
CA ALA P 238 56.01 29.09 -59.76
C ALA P 238 55.73 29.65 -58.37
N TYR P 239 56.73 30.34 -57.82
CA TYR P 239 56.63 30.85 -56.45
C TYR P 239 55.47 31.82 -56.26
N ARG P 240 54.95 32.41 -57.32
CA ARG P 240 53.85 33.36 -57.19
C ARG P 240 52.47 32.70 -57.23
N TYR P 241 52.35 31.50 -57.79
CA TYR P 241 51.07 30.80 -57.87
C TYR P 241 50.92 29.72 -56.83
N GLN P 242 51.79 28.70 -56.86
CA GLN P 242 51.68 27.55 -55.97
C GLN P 242 50.27 26.95 -56.01
N TRP P 243 49.90 26.46 -57.19
CA TRP P 243 48.60 25.87 -57.45
C TRP P 243 48.74 24.37 -57.71
N ALA P 244 47.63 23.73 -58.07
CA ALA P 244 47.60 22.31 -58.40
C ALA P 244 47.00 22.13 -59.79
N ALA P 245 47.59 21.23 -60.56
CA ALA P 245 47.17 20.96 -61.94
C ALA P 245 46.69 19.52 -62.06
N LEU P 246 45.63 19.32 -62.83
CA LEU P 246 45.08 18.00 -63.13
C LEU P 246 45.31 17.70 -64.60
N ILE P 247 45.98 16.59 -64.88
CA ILE P 247 46.37 16.20 -66.22
C ILE P 247 45.49 15.04 -66.66
N ASP P 248 44.93 15.14 -67.86
CA ASP P 248 44.22 14.06 -68.50
C ASP P 248 45.11 13.40 -69.55
N SER P 249 44.83 12.13 -69.81
CA SER P 249 45.58 11.39 -70.81
C SER P 249 45.19 11.85 -72.22
N GLY P 250 45.91 11.33 -73.20
CA GLY P 250 45.54 11.57 -74.58
C GLY P 250 44.23 10.87 -74.89
N ALA P 251 43.70 11.06 -76.10
CA ALA P 251 42.45 10.39 -76.46
C ALA P 251 42.64 8.88 -76.37
N MET P 252 41.57 8.20 -75.96
CA MET P 252 41.67 6.76 -75.69
C MET P 252 42.25 6.00 -76.88
N SER P 253 41.90 6.40 -78.10
CA SER P 253 42.41 5.73 -79.27
C SER P 253 43.94 5.68 -79.26
N GLU P 254 44.58 6.76 -78.81
CA GLU P 254 46.03 6.75 -78.67
C GLU P 254 46.45 6.08 -77.37
N ILE P 255 45.93 6.56 -76.24
CA ILE P 255 46.19 5.93 -74.94
C ILE P 255 45.09 4.89 -74.75
N SER P 256 45.29 3.74 -75.37
CA SER P 256 44.31 2.66 -75.35
C SER P 256 44.34 1.82 -74.08
N ASN P 257 45.38 1.92 -73.25
CA ASN P 257 45.47 1.08 -72.07
C ASN P 257 46.36 1.72 -71.00
N THR P 258 46.34 1.09 -69.83
CA THR P 258 47.06 1.62 -68.67
C THR P 258 48.56 1.60 -68.90
N ASP P 259 49.07 0.68 -69.72
CA ASP P 259 50.50 0.69 -70.02
C ASP P 259 50.90 1.98 -70.75
N ARG P 260 50.09 2.39 -71.72
CA ARG P 260 50.35 3.64 -72.43
C ARG P 260 50.18 4.81 -71.49
N ALA P 261 49.31 4.65 -70.49
CA ALA P 261 49.08 5.72 -69.52
C ALA P 261 50.29 5.86 -68.62
N ILE P 262 50.87 4.74 -68.21
CA ILE P 262 52.08 4.79 -67.40
C ILE P 262 53.16 5.49 -68.20
N ALA P 263 53.31 5.11 -69.47
CA ALA P 263 54.32 5.74 -70.33
C ALA P 263 54.12 7.24 -70.42
N GLU P 264 52.88 7.68 -70.62
CA GLU P 264 52.60 9.10 -70.71
C GLU P 264 52.90 9.81 -69.40
N ALA P 265 52.51 9.21 -68.28
CA ALA P 265 52.77 9.80 -66.97
C ALA P 265 54.24 9.75 -66.60
N ALA P 266 55.02 8.90 -67.26
CA ALA P 266 56.45 8.83 -67.00
C ALA P 266 57.15 9.93 -67.77
N THR P 267 56.71 10.18 -68.99
CA THR P 267 57.28 11.29 -69.74
C THR P 267 56.95 12.57 -69.00
N TYR P 268 55.85 12.57 -68.26
CA TYR P 268 55.50 13.75 -67.48
C TYR P 268 56.29 13.78 -66.18
N ASN P 269 56.72 14.99 -65.79
CA ASN P 269 57.51 15.18 -64.58
C ASN P 269 56.97 16.35 -63.78
N SER P 270 56.92 16.18 -62.46
CA SER P 270 56.51 17.24 -61.54
C SER P 270 57.26 17.01 -60.22
N VAL P 271 58.33 17.78 -60.00
CA VAL P 271 59.20 17.53 -58.86
C VAL P 271 58.41 17.62 -57.55
N GLN P 272 57.84 18.79 -57.27
CA GLN P 272 57.11 19.01 -56.03
C GLN P 272 55.69 18.45 -56.07
N GLY P 273 55.36 17.65 -57.08
CA GLY P 273 54.06 17.01 -57.13
C GLY P 273 52.89 17.95 -57.25
N HIS P 274 53.03 19.00 -58.06
CA HIS P 274 51.93 19.90 -58.33
C HIS P 274 50.94 19.34 -59.33
N CYS P 275 51.32 18.33 -60.11
CA CYS P 275 50.49 17.78 -61.17
C CYS P 275 50.00 16.39 -60.79
N SER P 276 48.75 16.10 -61.11
CA SER P 276 48.13 14.81 -60.81
C SER P 276 47.54 14.24 -62.10
N TYR P 277 48.03 13.07 -62.51
CA TYR P 277 47.59 12.47 -63.76
C TYR P 277 46.39 11.57 -63.59
N TYR P 278 45.42 11.70 -64.49
CA TYR P 278 44.24 10.85 -64.44
C TYR P 278 44.14 10.21 -65.80
N TYR P 279 43.47 9.06 -65.90
CA TYR P 279 43.46 8.35 -67.17
C TYR P 279 42.09 8.01 -67.82
N PRO P 280 41.27 7.14 -67.18
CA PRO P 280 40.04 6.73 -67.88
C PRO P 280 39.10 7.87 -68.23
N TYR P 281 38.76 7.98 -69.51
CA TYR P 281 37.85 9.03 -69.94
C TYR P 281 36.44 8.69 -69.49
N LEU P 282 35.64 9.72 -69.22
CA LEU P 282 34.28 9.51 -68.76
C LEU P 282 33.27 9.55 -69.88
N ILE P 283 32.42 8.55 -69.96
CA ILE P 283 31.38 8.52 -70.97
C ILE P 283 30.16 9.22 -70.40
N ASN P 284 29.81 10.38 -70.95
CA ASN P 284 28.69 11.13 -70.42
C ASN P 284 27.37 10.49 -70.85
N LEU P 285 26.26 11.07 -70.38
CA LEU P 285 24.95 10.50 -70.62
C LEU P 285 24.58 10.45 -72.09
N ASP P 286 25.27 11.21 -72.95
CA ASP P 286 25.03 11.19 -74.38
C ASP P 286 25.99 10.27 -75.12
N ASP P 287 26.78 9.49 -74.39
CA ASP P 287 27.76 8.58 -75.00
C ASP P 287 28.87 9.36 -75.71
N GLN P 288 29.34 10.43 -75.07
CA GLN P 288 30.50 11.18 -75.54
C GLN P 288 31.64 10.98 -74.56
N GLN P 289 32.86 10.85 -75.09
CA GLN P 289 34.04 10.69 -74.25
C GLN P 289 34.52 12.06 -73.79
N VAL P 290 34.81 12.17 -72.49
CA VAL P 290 35.19 13.44 -71.87
C VAL P 290 36.40 13.20 -70.98
N PRO P 291 37.41 14.07 -71.02
CA PRO P 291 38.50 13.94 -70.04
C PRO P 291 37.98 14.07 -68.63
N PRO P 292 38.50 13.30 -67.68
CA PRO P 292 37.92 13.28 -66.33
C PRO P 292 38.26 14.49 -65.49
N SER P 293 39.18 15.35 -65.92
CA SER P 293 39.68 16.41 -65.05
C SER P 293 38.56 17.32 -64.55
N ALA P 294 37.60 17.64 -65.43
CA ALA P 294 36.52 18.54 -65.03
C ALA P 294 35.68 17.92 -63.91
N ALA P 295 35.25 16.67 -64.09
CA ALA P 295 34.47 16.00 -63.06
C ALA P 295 35.27 15.84 -61.78
N VAL P 296 36.56 15.53 -61.91
CA VAL P 296 37.40 15.35 -60.73
C VAL P 296 37.51 16.65 -59.95
N ALA P 297 37.69 17.77 -60.66
CA ALA P 297 37.78 19.06 -59.98
C ALA P 297 36.45 19.42 -59.31
N GLY P 298 35.34 19.19 -59.99
CA GLY P 298 34.05 19.46 -59.38
C GLY P 298 33.84 18.66 -58.11
N MET P 299 34.15 17.36 -58.17
CA MET P 299 34.02 16.52 -56.98
C MET P 299 35.00 16.95 -55.90
N ALA P 300 36.19 17.41 -56.28
CA ALA P 300 37.16 17.87 -55.30
C ALA P 300 36.64 19.09 -54.55
N LEU P 301 36.07 20.06 -55.26
CA LEU P 301 35.52 21.23 -54.59
C LEU P 301 34.34 20.84 -53.70
N TYR P 302 33.46 19.97 -54.20
CA TYR P 302 32.33 19.54 -53.41
C TYR P 302 32.79 18.86 -52.12
N ARG P 303 33.78 17.97 -52.22
CA ARG P 303 34.27 17.27 -51.05
C ARG P 303 35.03 18.21 -50.11
N PHE P 304 35.71 19.21 -50.65
CA PHE P 304 36.33 20.20 -49.79
C PHE P 304 35.29 20.92 -48.95
N VAL P 305 34.17 21.28 -49.57
CA VAL P 305 33.13 21.99 -48.84
C VAL P 305 32.48 21.07 -47.81
N ILE P 306 32.25 19.80 -48.16
CA ILE P 306 31.49 18.92 -47.27
C ILE P 306 32.38 18.38 -46.15
N ASP P 307 33.48 17.71 -46.51
CA ASP P 307 34.32 17.01 -45.55
C ASP P 307 35.58 17.78 -45.18
N GLY P 308 35.74 19.02 -45.65
CA GLY P 308 36.93 19.79 -45.37
C GLY P 308 38.01 19.60 -46.42
N PHE P 309 39.05 20.42 -46.31
CA PHE P 309 40.08 20.51 -47.35
C PHE P 309 41.18 19.46 -47.20
N ALA P 310 41.25 18.75 -46.08
CA ALA P 310 42.29 17.74 -45.89
C ALA P 310 42.01 16.44 -46.63
N GLU P 311 40.77 16.22 -47.07
CA GLU P 311 40.44 14.99 -47.76
C GLU P 311 40.87 15.06 -49.22
N PRO P 312 41.22 13.92 -49.82
CA PRO P 312 41.60 13.91 -51.23
C PRO P 312 40.38 13.68 -52.11
N PRO P 313 40.45 14.06 -53.39
CA PRO P 313 39.33 13.78 -54.31
C PRO P 313 39.31 12.32 -54.77
N ALA P 314 38.77 11.46 -53.93
CA ALA P 314 38.68 10.03 -54.21
C ALA P 314 37.76 9.40 -53.17
N GLY P 315 37.55 8.10 -53.30
CA GLY P 315 36.73 7.35 -52.37
C GLY P 315 35.35 7.05 -52.92
N VAL P 316 34.74 5.98 -52.39
CA VAL P 316 33.41 5.59 -52.84
C VAL P 316 32.40 6.67 -52.53
N ASN P 317 32.47 7.25 -51.34
CA ASN P 317 31.68 8.45 -51.06
C ASN P 317 32.15 9.57 -51.98
N PHE P 318 31.21 10.40 -52.41
CA PHE P 318 31.46 11.40 -53.45
C PHE P 318 31.81 10.72 -54.78
N PRO P 319 30.94 9.90 -55.33
CA PRO P 319 31.16 9.39 -56.68
C PRO P 319 30.82 10.43 -57.74
N LEU P 320 31.35 10.19 -58.94
CA LEU P 320 31.16 11.15 -60.02
C LEU P 320 29.73 11.11 -60.54
N LYS P 321 29.30 12.23 -61.11
CA LYS P 321 27.96 12.40 -61.64
C LYS P 321 28.04 12.89 -63.08
N GLY P 322 26.89 12.90 -63.76
CA GLY P 322 26.85 13.28 -65.15
C GLY P 322 27.49 12.28 -66.07
N VAL P 323 27.86 11.10 -65.57
CA VAL P 323 28.53 10.07 -66.34
C VAL P 323 27.83 8.75 -66.08
N LYS P 324 28.03 7.80 -66.99
CA LYS P 324 27.43 6.47 -66.86
C LYS P 324 28.42 5.34 -67.01
N ASN P 325 29.66 5.60 -67.41
CA ASN P 325 30.64 4.53 -67.60
C ASN P 325 31.99 5.16 -67.85
N VAL P 326 33.02 4.32 -67.85
CA VAL P 326 34.38 4.72 -68.19
C VAL P 326 34.70 4.16 -69.57
N ALA P 327 35.64 4.82 -70.26
CA ALA P 327 36.01 4.39 -71.60
C ALA P 327 36.84 3.12 -71.61
N TYR P 328 37.45 2.77 -70.48
CA TYR P 328 38.30 1.59 -70.42
C TYR P 328 38.28 1.04 -69.00
N LYS P 329 38.20 -0.29 -68.89
CA LYS P 329 38.12 -0.97 -67.59
C LYS P 329 39.54 -1.28 -67.13
N VAL P 330 39.95 -0.67 -66.03
CA VAL P 330 41.28 -0.89 -65.48
C VAL P 330 41.25 -2.14 -64.61
N THR P 331 42.18 -3.05 -64.85
CA THR P 331 42.28 -4.26 -64.04
C THR P 331 43.05 -3.97 -62.75
N TRP P 332 42.87 -4.85 -61.77
CA TRP P 332 43.52 -4.66 -60.49
C TRP P 332 45.04 -4.70 -60.62
N GLU P 333 45.57 -5.56 -61.49
CA GLU P 333 47.02 -5.61 -61.67
C GLU P 333 47.53 -4.35 -62.36
N GLU P 334 46.79 -3.87 -63.37
CA GLU P 334 47.16 -2.62 -64.01
C GLU P 334 47.21 -1.48 -63.00
N GLN P 335 46.20 -1.39 -62.13
CA GLN P 335 46.23 -0.35 -61.11
C GLN P 335 47.36 -0.56 -60.12
N ASN P 336 47.60 -1.81 -59.70
CA ASN P 336 48.68 -2.08 -58.77
C ASN P 336 50.02 -1.64 -59.33
N VAL P 337 50.18 -1.71 -60.65
CA VAL P 337 51.43 -1.27 -61.25
C VAL P 337 51.44 0.24 -61.52
N ALA P 338 50.29 0.83 -61.82
CA ALA P 338 50.25 2.23 -62.25
C ALA P 338 50.19 3.22 -61.09
N ASN P 339 49.42 2.90 -60.05
CA ASN P 339 49.27 3.84 -58.93
C ASN P 339 50.60 4.25 -58.33
N PRO P 340 51.57 3.36 -58.10
CA PRO P 340 52.88 3.82 -57.61
C PRO P 340 53.55 4.82 -58.54
N GLU P 341 53.31 4.71 -59.85
CA GLU P 341 53.93 5.63 -60.80
C GLU P 341 53.23 6.98 -60.86
N GLY P 342 52.04 7.11 -60.28
CA GLY P 342 51.34 8.37 -60.26
C GLY P 342 50.14 8.46 -61.18
N VAL P 343 49.55 7.33 -61.57
CA VAL P 343 48.37 7.30 -62.42
C VAL P 343 47.17 7.01 -61.53
N ASN P 344 46.30 7.99 -61.37
CA ASN P 344 45.10 7.86 -60.54
C ASN P 344 43.97 7.32 -61.41
N CYS P 345 43.54 6.10 -61.14
CA CYS P 345 42.57 5.43 -61.98
C CYS P 345 41.15 5.81 -61.59
N ILE P 346 40.22 5.58 -62.52
CA ILE P 346 38.80 5.80 -62.29
C ILE P 346 38.07 4.51 -62.63
N LEU P 347 37.24 4.03 -61.71
CA LEU P 347 36.66 2.70 -61.81
C LEU P 347 35.14 2.77 -61.68
N ASN P 348 34.46 1.97 -62.50
CA ASN P 348 33.00 1.83 -62.42
C ASN P 348 32.70 0.76 -61.37
N LYS P 349 32.88 1.13 -60.11
CA LYS P 349 32.64 0.22 -59.00
C LYS P 349 31.15 -0.07 -58.89
N GLU P 350 30.75 -1.31 -59.14
CA GLU P 350 29.36 -1.70 -58.97
C GLU P 350 28.93 -1.48 -57.53
N ASN P 351 27.70 -1.02 -57.34
CA ASN P 351 27.08 -0.70 -56.06
C ASN P 351 27.59 0.63 -55.51
N TYR P 352 28.53 1.29 -56.17
CA TYR P 352 29.02 2.59 -55.76
C TYR P 352 29.02 3.63 -56.87
N GLY P 353 29.07 3.21 -58.13
CA GLY P 353 29.13 4.13 -59.24
C GLY P 353 30.55 4.32 -59.76
N ILE P 354 30.74 5.45 -60.43
CA ILE P 354 32.05 5.82 -60.96
C ILE P 354 32.81 6.54 -59.87
N VAL P 355 33.97 6.01 -59.49
CA VAL P 355 34.74 6.52 -58.37
C VAL P 355 36.20 6.67 -58.78
N VAL P 356 36.81 7.78 -58.36
CA VAL P 356 38.24 7.97 -58.49
C VAL P 356 38.92 7.14 -57.40
N TRP P 357 39.81 6.24 -57.80
CA TRP P 357 40.44 5.30 -56.87
C TRP P 357 41.94 5.54 -56.80
N GLY P 358 42.34 6.81 -56.75
CA GLY P 358 43.74 7.17 -56.64
C GLY P 358 43.93 8.61 -56.21
N ALA P 359 44.91 8.86 -55.33
CA ALA P 359 45.17 10.19 -54.83
C ALA P 359 46.66 10.50 -54.80
N ARG P 360 47.42 10.01 -55.78
CA ARG P 360 48.86 10.24 -55.84
C ARG P 360 49.18 11.27 -56.90
N THR P 361 50.36 11.86 -56.77
CA THR P 361 50.89 12.86 -57.69
C THR P 361 51.95 12.21 -58.59
N LEU P 362 52.57 13.04 -59.42
CA LEU P 362 53.64 12.60 -60.30
C LEU P 362 55.02 12.77 -59.67
N SER P 363 55.09 13.23 -58.42
CA SER P 363 56.38 13.44 -57.76
C SER P 363 56.99 12.11 -57.33
N ALA P 364 58.32 12.04 -57.41
CA ALA P 364 59.07 10.92 -56.84
C ALA P 364 59.40 11.13 -55.37
N ASP P 365 59.22 12.34 -54.85
CA ASP P 365 59.52 12.63 -53.46
C ASP P 365 58.55 11.89 -52.55
N PRO P 366 59.02 11.04 -51.63
CA PRO P 366 58.08 10.35 -50.72
C PRO P 366 57.32 11.29 -49.81
N ASN P 367 57.81 12.52 -49.61
CA ASN P 367 57.15 13.43 -48.67
C ASN P 367 55.86 14.01 -49.26
N ILE P 368 55.80 14.19 -50.57
CA ILE P 368 54.70 14.91 -51.21
C ILE P 368 53.93 13.97 -52.12
N VAL P 369 53.87 12.69 -51.72
CA VAL P 369 53.28 11.67 -52.58
C VAL P 369 51.82 11.99 -52.90
N PHE P 370 51.10 12.52 -51.93
CA PHE P 370 49.65 12.62 -52.02
C PHE P 370 49.18 14.02 -52.41
N ILE P 371 48.21 14.05 -53.31
CA ILE P 371 47.60 15.31 -53.73
C ILE P 371 47.00 16.04 -52.54
N SER P 372 46.57 15.30 -51.51
CA SER P 372 46.08 15.95 -50.30
C SER P 372 47.18 16.76 -49.63
N THR P 373 48.38 16.17 -49.53
CA THR P 373 49.52 16.91 -48.97
C THR P 373 49.85 18.12 -49.83
N ARG P 374 49.86 17.94 -51.15
CA ARG P 374 50.16 19.07 -52.04
C ARG P 374 49.13 20.18 -51.84
N ILE P 375 47.86 19.82 -51.73
CA ILE P 375 46.80 20.81 -51.59
C ILE P 375 46.89 21.52 -50.24
N ILE P 376 47.24 20.78 -49.19
CA ILE P 376 47.41 21.41 -47.88
C ILE P 376 48.52 22.44 -47.93
N LEU P 377 49.66 22.08 -48.53
CA LEU P 377 50.76 23.04 -48.64
C LEU P 377 50.35 24.26 -49.47
N ASN P 378 49.65 24.03 -50.59
CA ASN P 378 49.21 25.14 -51.42
C ASN P 378 48.25 26.04 -50.67
N ILE P 379 47.33 25.46 -49.90
CA ILE P 379 46.37 26.24 -49.14
C ILE P 379 47.09 27.10 -48.11
N VAL P 380 48.06 26.51 -47.41
CA VAL P 380 48.82 27.29 -46.43
C VAL P 380 49.50 28.46 -47.11
N ILE P 381 50.19 28.20 -48.22
CA ILE P 381 50.93 29.26 -48.90
C ILE P 381 50.00 30.36 -49.36
N ASN P 382 48.87 29.99 -49.98
CA ASN P 382 47.98 31.00 -50.55
C ASN P 382 47.26 31.78 -49.48
N THR P 383 46.87 31.12 -48.38
CA THR P 383 46.28 31.84 -47.26
C THR P 383 47.26 32.85 -46.68
N LEU P 384 48.53 32.45 -46.53
CA LEU P 384 49.52 33.39 -46.03
C LEU P 384 49.70 34.56 -47.00
N ASN P 385 49.71 34.28 -48.30
CA ASN P 385 49.87 35.35 -49.28
C ASN P 385 48.70 36.34 -49.20
N ARG P 386 47.47 35.82 -49.14
CA ARG P 386 46.31 36.69 -49.03
C ARG P 386 46.35 37.51 -47.75
N GLY P 387 46.78 36.90 -46.65
CA GLY P 387 46.89 37.64 -45.40
C GLY P 387 47.90 38.76 -45.49
N TYR P 388 49.09 38.47 -46.05
CA TYR P 388 50.15 39.46 -46.12
C TYR P 388 49.92 40.53 -47.17
N ASP P 389 48.99 40.29 -48.11
CA ASP P 389 48.68 41.31 -49.10
C ASP P 389 48.37 42.65 -48.42
N PHE P 390 47.63 42.61 -47.31
CA PHE P 390 47.34 43.84 -46.58
C PHE P 390 48.60 44.46 -46.00
N ASP P 391 49.49 43.64 -45.45
CA ASP P 391 50.73 44.16 -44.87
C ASP P 391 51.69 44.70 -45.92
N ILE P 392 51.50 44.36 -47.19
CA ILE P 392 52.38 44.88 -48.23
C ILE P 392 52.27 46.39 -48.31
N PHE P 393 53.40 47.04 -48.60
CA PHE P 393 53.56 48.48 -48.76
C PHE P 393 53.36 49.26 -47.47
N ASN P 394 53.28 48.59 -46.32
CA ASN P 394 53.26 49.31 -45.04
C ASN P 394 54.65 49.87 -44.75
N SER P 395 54.68 50.92 -43.93
CA SER P 395 55.93 51.54 -43.54
C SER P 395 56.63 50.71 -42.46
N VAL P 396 57.89 51.06 -42.20
CA VAL P 396 58.68 50.43 -41.15
C VAL P 396 59.39 51.55 -40.42
N GLY P 397 58.90 51.89 -39.23
CA GLY P 397 59.57 52.86 -38.37
C GLY P 397 60.64 52.19 -37.53
N GLY P 398 61.23 53.00 -36.65
CA GLY P 398 62.20 52.46 -35.71
C GLY P 398 61.61 51.49 -34.72
N THR P 399 60.28 51.50 -34.55
CA THR P 399 59.64 50.59 -33.61
C THR P 399 59.75 49.13 -34.03
N ALA P 400 59.81 48.86 -35.33
CA ALA P 400 59.85 47.48 -35.83
C ALA P 400 58.64 46.69 -35.34
N THR P 401 57.51 47.39 -35.15
CA THR P 401 56.32 46.74 -34.62
C THR P 401 55.62 45.91 -35.69
N VAL P 402 55.76 46.32 -36.96
CA VAL P 402 55.06 45.62 -38.03
C VAL P 402 55.55 44.18 -38.15
N LEU P 403 56.80 43.92 -37.77
CA LEU P 403 57.32 42.56 -37.82
C LEU P 403 56.62 41.66 -36.80
N ASP P 404 56.50 42.15 -35.56
CA ASP P 404 55.75 41.40 -34.55
C ASP P 404 54.30 41.25 -34.97
N ASN P 405 53.73 42.28 -35.59
CA ASN P 405 52.36 42.20 -36.06
C ASN P 405 52.22 41.10 -37.12
N ILE P 406 53.18 41.02 -38.04
CA ILE P 406 53.15 39.98 -39.07
C ILE P 406 53.24 38.61 -38.43
N GLN P 407 54.12 38.45 -37.44
CA GLN P 407 54.25 37.15 -36.79
C GLN P 407 52.96 36.74 -36.09
N ARG P 408 52.33 37.67 -35.36
CA ARG P 408 51.08 37.36 -34.68
C ARG P 408 49.98 37.04 -35.68
N LYS P 409 49.89 37.81 -36.77
CA LYS P 409 48.93 37.53 -37.81
C LYS P 409 49.13 36.14 -38.38
N THR P 410 50.38 35.75 -38.62
CA THR P 410 50.67 34.42 -39.12
C THR P 410 50.22 33.36 -38.12
N ASN P 411 50.46 33.60 -36.83
CA ASN P 411 50.04 32.63 -35.82
C ASN P 411 48.54 32.41 -35.86
N THR P 412 47.76 33.49 -35.89
CA THR P 412 46.31 33.33 -35.93
C THR P 412 45.85 32.69 -37.24
N LEU P 413 46.49 33.08 -38.35
CA LEU P 413 46.11 32.54 -39.65
C LEU P 413 46.34 31.03 -39.71
N LEU P 414 47.44 30.56 -39.14
CA LEU P 414 47.71 29.13 -39.09
C LEU P 414 46.84 28.43 -38.06
N THR P 415 46.47 29.11 -36.98
CA THR P 415 45.53 28.52 -36.03
C THR P 415 44.20 28.24 -36.69
N THR P 416 43.76 29.13 -37.57
CA THR P 416 42.50 28.88 -38.30
C THR P 416 42.57 27.59 -39.09
N LEU P 417 43.67 27.37 -39.82
CA LEU P 417 43.82 26.15 -40.58
C LEU P 417 43.91 24.93 -39.67
N TYR P 418 44.60 25.07 -38.53
CA TYR P 418 44.69 23.95 -37.59
C TYR P 418 43.30 23.56 -37.11
N GLN P 419 42.45 24.55 -36.80
CA GLN P 419 41.06 24.25 -36.48
C GLN P 419 40.37 23.56 -37.64
N ALA P 420 40.63 24.02 -38.87
CA ALA P 420 40.08 23.36 -40.05
C ALA P 420 40.52 21.90 -40.14
N GLY P 421 41.66 21.54 -39.55
CA GLY P 421 42.08 20.15 -39.52
C GLY P 421 43.02 19.76 -40.64
N LEU P 422 43.91 20.64 -41.05
CA LEU P 422 44.82 20.37 -42.15
C LEU P 422 46.15 19.79 -41.71
N PHE P 423 46.41 19.69 -40.40
CA PHE P 423 47.70 19.30 -39.88
C PHE P 423 47.58 18.02 -39.06
N TYR P 424 48.71 17.34 -38.88
CA TYR P 424 48.79 16.15 -38.04
C TYR P 424 49.44 16.55 -36.72
N GLY P 425 48.61 16.74 -35.70
CA GLY P 425 49.08 17.04 -34.36
C GLY P 425 47.93 17.43 -33.45
N GLN P 426 47.95 16.95 -32.22
CA GLN P 426 46.85 17.25 -31.30
C GLN P 426 46.82 18.72 -30.93
N THR P 427 47.93 19.44 -31.12
CA THR P 427 48.01 20.85 -30.75
C THR P 427 48.85 21.60 -31.78
N THR P 428 48.72 22.93 -31.74
CA THR P 428 49.49 23.78 -32.64
C THR P 428 50.98 23.56 -32.47
N SER P 429 51.44 23.33 -31.23
CA SER P 429 52.84 23.07 -30.98
C SER P 429 53.33 21.83 -31.71
N GLU P 430 52.44 20.86 -31.98
CA GLU P 430 52.79 19.70 -32.77
C GLU P 430 52.47 19.89 -34.25
N ALA P 431 51.68 20.90 -34.60
CA ALA P 431 51.23 21.09 -35.97
C ALA P 431 52.12 22.03 -36.78
N PHE P 432 52.47 23.20 -36.23
CA PHE P 432 53.19 24.19 -37.01
C PHE P 432 54.02 25.09 -36.10
N SER P 433 54.96 25.82 -36.70
CA SER P 433 55.77 26.79 -36.01
C SER P 433 56.12 27.92 -36.98
N VAL P 434 56.38 29.10 -36.41
CA VAL P 434 56.59 30.32 -37.19
C VAL P 434 57.85 31.02 -36.70
N LEU P 435 58.50 31.77 -37.60
CA LEU P 435 59.63 32.62 -37.22
C LEU P 435 59.70 33.77 -38.22
N GLY P 436 59.21 34.94 -37.83
CA GLY P 436 59.21 36.08 -38.73
C GLY P 436 59.48 37.43 -38.07
N ASP P 437 60.00 37.42 -36.85
CA ASP P 437 60.20 38.66 -36.12
C ASP P 437 61.47 39.36 -36.61
N ALA P 438 61.85 40.45 -35.94
CA ALA P 438 63.01 41.24 -36.34
C ALA P 438 64.32 40.48 -36.22
N SER P 439 64.35 39.38 -35.46
CA SER P 439 65.59 38.63 -35.25
C SER P 439 66.11 37.98 -36.52
N VAL P 440 65.30 37.90 -37.57
CA VAL P 440 65.71 37.31 -38.84
C VAL P 440 65.67 38.30 -39.99
N GLN P 441 65.38 39.57 -39.73
CA GLN P 441 65.37 40.59 -40.76
C GLN P 441 66.74 41.26 -40.85
N VAL P 442 67.12 41.65 -42.07
CA VAL P 442 68.44 42.18 -42.36
C VAL P 442 68.27 43.64 -42.77
N PRO P 443 69.06 44.57 -42.25
CA PRO P 443 68.87 45.99 -42.63
C PRO P 443 68.97 46.24 -44.13
N SER P 444 69.87 45.55 -44.83
CA SER P 444 69.97 45.76 -46.27
C SER P 444 68.71 45.33 -46.99
N LEU P 445 68.18 44.16 -46.62
CA LEU P 445 66.95 43.68 -47.24
C LEU P 445 65.77 44.56 -46.86
N LEU P 446 65.76 45.09 -45.64
CA LEU P 446 64.70 46.03 -45.26
C LEU P 446 64.79 47.31 -46.08
N GLN P 447 66.01 47.81 -46.32
CA GLN P 447 66.17 48.95 -47.20
C GLN P 447 65.68 48.65 -48.60
N GLN P 448 65.93 47.44 -49.09
CA GLN P 448 65.41 47.01 -50.39
C GLN P 448 63.91 46.71 -50.36
N GLY P 449 63.31 46.67 -49.17
CA GLY P 449 61.91 46.35 -49.06
C GLY P 449 61.60 44.87 -48.94
N LEU P 450 62.57 44.06 -48.53
CA LEU P 450 62.44 42.61 -48.49
C LEU P 450 62.32 42.16 -47.04
N VAL P 451 61.31 41.33 -46.77
CA VAL P 451 61.07 40.76 -45.45
C VAL P 451 61.00 39.24 -45.59
N ASN P 452 61.76 38.53 -44.77
CA ASN P 452 61.80 37.07 -44.79
C ASN P 452 61.09 36.51 -43.56
N MET P 453 60.40 35.40 -43.75
CA MET P 453 59.70 34.75 -42.66
C MET P 453 59.59 33.26 -42.97
N PHE P 454 59.69 32.43 -41.95
CA PHE P 454 59.85 30.99 -42.11
C PHE P 454 58.72 30.25 -41.40
N ILE P 455 58.25 29.18 -42.04
CA ILE P 455 57.11 28.39 -41.57
C ILE P 455 57.51 26.92 -41.54
N TRP P 456 57.08 26.21 -40.51
CA TRP P 456 57.16 24.76 -40.45
C TRP P 456 55.75 24.22 -40.23
N VAL P 457 55.40 23.17 -40.98
CA VAL P 457 54.06 22.58 -40.90
C VAL P 457 54.17 21.06 -40.99
N VAL P 458 53.13 20.39 -40.51
CA VAL P 458 53.03 18.94 -40.56
C VAL P 458 51.71 18.59 -41.25
N PRO P 459 51.68 18.49 -42.58
CA PRO P 459 50.42 18.22 -43.26
C PRO P 459 49.84 16.88 -42.85
N SER P 460 48.50 16.81 -42.86
CA SER P 460 47.81 15.57 -42.54
C SER P 460 48.11 14.51 -43.59
N THR P 461 47.64 13.29 -43.38
CA THR P 461 47.82 12.19 -44.32
C THR P 461 46.49 11.48 -44.49
N ILE P 462 46.47 10.47 -45.36
CA ILE P 462 45.25 9.76 -45.72
C ILE P 462 45.48 8.27 -45.54
N ILE P 463 44.37 7.53 -45.59
CA ILE P 463 44.39 6.07 -45.54
C ILE P 463 44.35 5.56 -46.97
N GLU P 464 45.49 5.09 -47.47
CA GLU P 464 45.57 4.62 -48.84
C GLU P 464 45.31 3.14 -48.99
N ARG P 465 45.54 2.34 -47.95
CA ARG P 465 45.27 0.91 -48.01
C ARG P 465 45.24 0.37 -46.60
N LEU P 466 44.21 -0.42 -46.28
CA LEU P 466 44.00 -0.97 -44.96
C LEU P 466 44.35 -2.45 -44.97
N ILE P 467 45.13 -2.89 -43.99
CA ILE P 467 45.57 -4.28 -43.90
C ILE P 467 44.79 -4.96 -42.79
N ILE P 468 44.19 -6.11 -43.11
CA ILE P 468 43.44 -6.91 -42.14
C ILE P 468 44.24 -8.17 -41.88
N ASN P 469 44.72 -8.33 -40.65
CA ASN P 469 45.44 -9.52 -40.21
C ASN P 469 44.55 -10.25 -39.21
N ILE P 470 44.03 -11.41 -39.60
CA ILE P 470 43.09 -12.17 -38.77
C ILE P 470 43.71 -13.51 -38.43
N LYS P 471 43.32 -14.04 -37.28
CA LYS P 471 43.71 -15.36 -36.83
C LYS P 471 42.47 -16.18 -36.48
N GLN P 472 42.43 -17.41 -36.98
CA GLN P 472 41.32 -18.33 -36.68
C GLN P 472 41.55 -19.14 -35.41
N THR P 473 41.02 -18.62 -34.30
CA THR P 473 41.20 -19.24 -33.01
C THR P 473 40.30 -20.46 -32.76
N ALA P 474 40.83 -21.43 -32.02
CA ALA P 474 40.06 -22.61 -31.67
C ALA P 474 39.01 -22.26 -30.63
N ILE P 475 38.00 -23.14 -30.53
CA ILE P 475 36.88 -22.87 -29.64
C ILE P 475 37.36 -22.82 -28.20
N GLY P 476 37.14 -21.68 -27.54
CA GLY P 476 37.35 -21.57 -26.12
C GLY P 476 38.64 -20.90 -25.70
N ASP P 477 39.66 -20.94 -26.54
CA ASP P 477 40.96 -20.35 -26.24
C ASP P 477 41.15 -19.01 -26.96
N LEU P 478 40.06 -18.24 -27.08
CA LEU P 478 40.14 -16.95 -27.75
C LEU P 478 40.85 -15.91 -26.88
N GLU P 479 40.48 -15.83 -25.61
CA GLU P 479 40.97 -14.73 -24.77
C GLU P 479 42.46 -14.86 -24.50
N ALA P 480 42.96 -16.07 -24.25
CA ALA P 480 44.38 -16.24 -24.00
C ALA P 480 45.22 -15.87 -25.22
N THR P 481 44.78 -16.34 -26.39
CA THR P 481 45.47 -15.99 -27.64
C THR P 481 45.45 -14.49 -27.87
N VAL P 482 44.30 -13.86 -27.63
CA VAL P 482 44.19 -12.42 -27.82
C VAL P 482 45.14 -11.69 -26.88
N ALA P 483 45.19 -12.10 -25.61
CA ALA P 483 46.08 -11.45 -24.66
C ALA P 483 47.53 -11.57 -25.12
N LEU P 484 47.95 -12.79 -25.46
CA LEU P 484 49.34 -13.00 -25.85
C LEU P 484 49.70 -12.17 -27.09
N ASP P 485 48.89 -12.27 -28.14
CA ASP P 485 49.20 -11.58 -29.39
C ASP P 485 49.14 -10.07 -29.21
N THR P 486 48.16 -9.57 -28.47
CA THR P 486 48.07 -8.13 -28.24
C THR P 486 49.28 -7.64 -27.46
N ALA P 487 49.69 -8.37 -26.43
CA ALA P 487 50.88 -7.98 -25.69
C ALA P 487 52.08 -7.90 -26.62
N ALA P 488 52.28 -8.93 -27.45
CA ALA P 488 53.42 -8.93 -28.36
C ALA P 488 53.37 -7.75 -29.32
N LEU P 489 52.20 -7.50 -29.91
CA LEU P 489 52.08 -6.45 -30.91
C LEU P 489 52.31 -5.07 -30.30
N GLN P 490 51.68 -4.79 -29.16
CA GLN P 490 51.88 -3.49 -28.52
C GLN P 490 53.33 -3.31 -28.08
N SER P 491 53.95 -4.37 -27.53
CA SER P 491 55.34 -4.25 -27.13
C SER P 491 56.22 -3.93 -28.33
N SER P 492 56.01 -4.63 -29.45
CA SER P 492 56.81 -4.35 -30.63
C SER P 492 56.61 -2.94 -31.12
N VAL P 493 55.36 -2.47 -31.16
CA VAL P 493 55.09 -1.12 -31.66
C VAL P 493 55.76 -0.08 -30.77
N GLU P 494 55.61 -0.23 -29.44
CA GLU P 494 56.14 0.78 -28.54
C GLU P 494 57.66 0.73 -28.47
N GLU P 495 58.27 -0.43 -28.70
CA GLU P 495 59.74 -0.50 -28.71
C GLU P 495 60.32 -0.03 -30.04
N GLY P 496 59.56 -0.11 -31.13
CA GLY P 496 60.01 0.33 -32.42
C GLY P 496 60.47 -0.76 -33.37
N THR P 497 60.31 -2.03 -32.99
CA THR P 497 60.67 -3.15 -33.85
C THR P 497 59.51 -3.65 -34.69
N ALA P 498 58.34 -2.99 -34.61
CA ALA P 498 57.19 -3.44 -35.39
C ALA P 498 57.44 -3.34 -36.88
N THR P 499 58.25 -2.36 -37.31
CA THR P 499 58.50 -2.15 -38.73
C THR P 499 59.81 -2.76 -39.21
N GLU P 500 60.80 -2.89 -38.34
CA GLU P 500 62.10 -3.42 -38.77
C GLU P 500 61.96 -4.89 -39.16
N GLY P 501 62.58 -5.25 -40.27
CA GLY P 501 62.51 -6.60 -40.78
C GLY P 501 62.45 -6.59 -42.29
N THR P 502 62.18 -7.77 -42.85
CA THR P 502 62.08 -7.93 -44.30
C THR P 502 60.61 -7.93 -44.71
N ALA P 503 60.26 -7.03 -45.62
CA ALA P 503 58.87 -6.92 -46.08
C ALA P 503 58.43 -8.03 -47.02
N PRO P 504 57.29 -8.67 -46.78
CA PRO P 504 56.81 -9.71 -47.70
C PRO P 504 56.55 -9.15 -49.09
N VAL P 505 56.81 -9.98 -50.09
CA VAL P 505 56.62 -9.63 -51.50
C VAL P 505 55.47 -10.47 -52.04
N THR Q 2 -18.64 66.54 -12.98
CA THR Q 2 -19.24 65.27 -13.37
C THR Q 2 -18.57 64.12 -12.62
N ASN Q 3 -19.34 63.14 -12.15
CA ASN Q 3 -18.81 61.98 -11.36
C ASN Q 3 -18.23 62.28 -9.99
N PHE Q 4 -17.79 63.51 -9.78
CA PHE Q 4 -17.14 63.85 -8.53
C PHE Q 4 -17.82 65.03 -7.87
N LEU Q 5 -18.38 65.94 -8.66
CA LEU Q 5 -18.97 67.14 -8.10
C LEU Q 5 -20.42 66.93 -7.68
N ASN Q 6 -20.90 65.68 -7.69
CA ASN Q 6 -22.32 65.43 -7.43
C ASN Q 6 -22.72 65.86 -6.04
N GLY Q 7 -21.85 65.66 -5.05
CA GLY Q 7 -22.20 65.88 -3.66
C GLY Q 7 -21.59 67.10 -3.02
N VAL Q 8 -21.26 68.12 -3.81
CA VAL Q 8 -20.70 69.35 -3.25
C VAL Q 8 -21.84 70.29 -2.87
N ASN Q 9 -22.90 70.30 -3.68
CA ASN Q 9 -24.10 71.07 -3.36
C ASN Q 9 -25.10 70.23 -2.57
N ILE Q 10 -24.60 69.56 -1.52
CA ILE Q 10 -25.47 68.77 -0.65
C ILE Q 10 -25.01 69.16 0.76
N GLY Q 11 -25.95 69.32 1.70
CA GLY Q 11 -25.58 69.69 3.05
C GLY Q 11 -25.73 68.58 4.04
N THR Q 12 -26.83 67.83 3.95
CA THR Q 12 -27.06 66.71 4.86
C THR Q 12 -26.01 65.64 4.71
N PRO Q 13 -25.55 65.07 5.83
CA PRO Q 13 -24.63 63.93 5.71
C PRO Q 13 -25.43 62.68 5.32
N GLY Q 14 -24.77 61.74 4.66
CA GLY Q 14 -25.46 60.54 4.21
C GLY Q 14 -24.84 60.01 2.94
N ALA Q 15 -25.40 58.97 2.34
CA ALA Q 15 -24.87 58.51 1.07
C ALA Q 15 -25.95 58.54 0.02
N TYR Q 16 -25.57 58.89 -1.21
CA TYR Q 16 -26.54 59.08 -2.28
C TYR Q 16 -25.97 58.54 -3.59
N ALA Q 17 -26.86 58.29 -4.55
CA ALA Q 17 -26.51 57.77 -5.86
C ALA Q 17 -26.90 58.70 -7.01
N PHE Q 18 -26.09 58.71 -8.07
CA PHE Q 18 -26.26 59.68 -9.14
C PHE Q 18 -26.15 59.09 -10.55
N TYR Q 19 -25.95 57.78 -10.66
CA TYR Q 19 -25.87 57.14 -11.96
C TYR Q 19 -24.71 57.61 -12.85
N GLN Q 20 -23.51 57.12 -12.58
CA GLN Q 20 -22.31 57.45 -13.37
C GLN Q 20 -22.46 58.04 -14.75
N THR Q 21 -22.12 59.32 -14.89
CA THR Q 21 -22.16 59.93 -16.20
C THR Q 21 -20.83 59.64 -16.87
N THR Q 22 -20.81 59.61 -18.20
CA THR Q 22 -19.56 59.39 -18.90
C THR Q 22 -18.72 60.66 -18.83
N GLN Q 23 -17.46 60.51 -18.40
CA GLN Q 23 -16.57 61.66 -18.34
C GLN Q 23 -15.43 61.48 -19.33
N SER Q 24 -14.61 62.51 -19.51
CA SER Q 24 -13.54 62.44 -20.51
C SER Q 24 -12.19 62.02 -19.98
N ARG Q 25 -11.39 61.41 -20.84
CA ARG Q 25 -10.04 61.01 -20.45
C ARG Q 25 -9.11 62.15 -20.84
N PRO Q 26 -8.33 62.73 -19.86
CA PRO Q 26 -7.53 63.88 -20.31
C PRO Q 26 -6.51 63.55 -21.37
N ILE Q 27 -6.51 64.34 -22.44
CA ILE Q 27 -5.54 64.14 -23.50
C ILE Q 27 -4.27 64.83 -23.05
N ASN Q 28 -3.24 64.05 -22.75
CA ASN Q 28 -2.01 64.63 -22.23
C ASN Q 28 -1.23 65.42 -23.26
N VAL Q 29 -0.51 66.44 -22.80
CA VAL Q 29 0.27 67.27 -23.71
C VAL Q 29 1.39 66.46 -24.36
N GLU Q 30 1.30 66.27 -25.67
CA GLU Q 30 2.33 65.52 -26.38
C GLU Q 30 2.56 66.18 -27.73
N PRO Q 31 3.76 66.04 -28.29
CA PRO Q 31 4.09 66.69 -29.56
C PRO Q 31 3.29 66.28 -30.80
N PHE Q 32 2.30 65.39 -30.73
CA PHE Q 32 1.60 64.94 -31.94
C PHE Q 32 0.35 64.14 -31.60
N ARG Q 33 -0.51 64.69 -30.74
CA ARG Q 33 -1.86 64.16 -30.57
C ARG Q 33 -2.88 65.29 -30.61
N THR Q 34 -2.76 66.16 -31.61
CA THR Q 34 -3.72 67.23 -31.85
C THR Q 34 -3.92 67.40 -33.35
N CYS Q 35 -5.10 67.89 -33.72
CA CYS Q 35 -5.44 68.17 -35.12
C CYS Q 35 -6.05 69.57 -35.21
N TYR Q 36 -5.54 70.35 -36.15
CA TYR Q 36 -5.99 71.71 -36.38
C TYR Q 36 -6.80 71.73 -37.68
N MET Q 37 -8.10 71.90 -37.54
CA MET Q 37 -8.99 72.11 -38.68
C MET Q 37 -9.08 73.59 -38.99
N VAL Q 38 -9.03 73.92 -40.28
CA VAL Q 38 -9.21 75.28 -40.75
C VAL Q 38 -10.51 75.32 -41.55
N GLY Q 39 -11.48 76.09 -41.06
CA GLY Q 39 -12.78 76.15 -41.69
C GLY Q 39 -13.32 77.56 -41.69
N PHE Q 40 -14.55 77.69 -42.18
CA PHE Q 40 -15.25 78.97 -42.23
C PHE Q 40 -16.63 78.84 -41.60
N ALA Q 41 -16.99 79.85 -40.81
CA ALA Q 41 -18.33 79.97 -40.26
C ALA Q 41 -18.76 81.42 -40.40
N SER Q 42 -19.95 81.64 -40.97
CA SER Q 42 -20.45 83.01 -41.09
C SER Q 42 -20.47 83.71 -39.74
N ASN Q 43 -20.86 82.99 -38.69
CA ASN Q 43 -20.76 83.49 -37.32
C ASN Q 43 -19.29 83.49 -36.93
N GLY Q 44 -18.66 84.66 -36.99
CA GLY Q 44 -17.23 84.77 -36.75
C GLY Q 44 -16.88 85.00 -35.30
N VAL Q 45 -17.12 84.00 -34.47
CA VAL Q 45 -16.86 84.14 -33.03
C VAL Q 45 -15.38 84.09 -32.70
N ASN Q 46 -14.57 83.39 -33.49
CA ASN Q 46 -13.15 83.20 -33.19
C ASN Q 46 -12.32 83.48 -34.44
N LYS Q 47 -12.56 84.62 -35.07
CA LYS Q 47 -11.88 84.99 -36.31
C LYS Q 47 -10.38 84.81 -36.17
N ASN Q 48 -9.83 83.88 -36.95
CA ASN Q 48 -8.38 83.62 -36.97
C ASN Q 48 -7.85 83.37 -35.56
N VAL Q 49 -8.59 82.58 -34.80
CA VAL Q 49 -8.20 82.23 -33.43
C VAL Q 49 -8.34 80.72 -33.24
N PRO Q 50 -7.26 79.96 -33.17
CA PRO Q 50 -7.38 78.52 -32.89
C PRO Q 50 -8.05 78.29 -31.54
N THR Q 51 -9.23 77.68 -31.59
CA THR Q 51 -10.04 77.43 -30.39
C THR Q 51 -10.34 75.95 -30.30
N ARG Q 52 -10.15 75.38 -29.10
CA ARG Q 52 -10.38 73.96 -28.92
C ARG Q 52 -11.86 73.64 -28.99
N ILE Q 53 -12.16 72.44 -29.46
CA ILE Q 53 -13.52 71.94 -29.62
C ILE Q 53 -13.66 70.68 -28.76
N SER Q 54 -14.59 70.72 -27.82
CA SER Q 54 -14.79 69.56 -26.95
C SER Q 54 -15.49 68.42 -27.67
N ASN Q 55 -16.52 68.74 -28.47
CA ASN Q 55 -17.27 67.73 -29.20
C ASN Q 55 -18.12 68.44 -30.25
N LEU Q 56 -18.91 67.65 -30.98
CA LEU Q 56 -19.70 68.21 -32.08
C LEU Q 56 -20.74 69.19 -31.57
N THR Q 57 -21.37 68.89 -30.43
CA THR Q 57 -22.35 69.81 -29.86
C THR Q 57 -21.69 71.13 -29.48
N ASP Q 58 -20.50 71.07 -28.89
CA ASP Q 58 -19.78 72.28 -28.55
C ASP Q 58 -19.44 73.08 -29.81
N PHE Q 59 -19.00 72.39 -30.86
CA PHE Q 59 -18.69 73.07 -32.11
C PHE Q 59 -19.93 73.76 -32.69
N THR Q 60 -21.06 73.06 -32.69
CA THR Q 60 -22.28 73.63 -33.23
C THR Q 60 -22.72 74.84 -32.42
N ASN Q 61 -22.63 74.76 -31.08
CA ASN Q 61 -23.03 75.88 -30.25
C ASN Q 61 -22.12 77.09 -30.47
N VAL Q 62 -20.81 76.87 -30.55
CA VAL Q 62 -19.88 78.00 -30.63
C VAL Q 62 -19.91 78.64 -32.01
N TYR Q 63 -19.88 77.82 -33.07
CA TYR Q 63 -19.73 78.31 -34.43
C TYR Q 63 -21.00 78.21 -35.26
N GLY Q 64 -22.01 77.48 -34.80
CA GLY Q 64 -23.23 77.39 -35.59
C GLY Q 64 -23.02 76.62 -36.88
N THR Q 65 -23.83 76.95 -37.88
CA THR Q 65 -23.79 76.25 -39.15
C THR Q 65 -22.46 76.48 -39.86
N SER Q 66 -21.88 75.39 -40.38
CA SER Q 66 -20.64 75.47 -41.14
C SER Q 66 -20.51 74.20 -41.97
N ALA Q 67 -19.74 74.29 -43.05
CA ALA Q 67 -19.53 73.13 -43.92
C ALA Q 67 -18.53 72.14 -43.34
N SER Q 68 -17.90 72.45 -42.21
CA SER Q 68 -16.96 71.57 -41.56
C SER Q 68 -17.62 70.66 -40.53
N THR Q 69 -18.94 70.72 -40.39
CA THR Q 69 -19.62 69.94 -39.36
C THR Q 69 -19.40 68.44 -39.56
N ASN Q 70 -19.51 67.97 -40.80
CA ASN Q 70 -19.32 66.55 -41.08
C ASN Q 70 -17.89 66.13 -40.77
N SER Q 71 -16.92 66.96 -41.13
CA SER Q 71 -15.52 66.63 -40.84
C SER Q 71 -15.30 66.55 -39.33
N VAL Q 72 -15.86 67.50 -38.58
CA VAL Q 72 -15.70 67.47 -37.13
C VAL Q 72 -16.34 66.21 -36.55
N ASP Q 73 -17.53 65.85 -37.04
CA ASP Q 73 -18.21 64.67 -36.54
C ASP Q 73 -17.38 63.42 -36.80
N LEU Q 74 -16.84 63.28 -38.02
CA LEU Q 74 -16.03 62.11 -38.32
C LEU Q 74 -14.76 62.10 -37.49
N PHE Q 75 -14.13 63.27 -37.29
CA PHE Q 75 -12.92 63.33 -36.48
C PHE Q 75 -13.21 62.82 -35.07
N PHE Q 76 -14.28 63.30 -34.44
CA PHE Q 76 -14.58 62.87 -33.08
C PHE Q 76 -14.96 61.41 -33.03
N LYS Q 77 -15.73 60.93 -34.01
CA LYS Q 77 -16.10 59.51 -34.02
C LYS Q 77 -14.85 58.64 -34.12
N ASN Q 78 -13.90 59.00 -34.97
CA ASN Q 78 -12.72 58.18 -35.17
C ASN Q 78 -11.69 58.36 -34.06
N SER Q 79 -11.71 59.49 -33.36
CA SER Q 79 -10.79 59.70 -32.24
C SER Q 79 -11.30 59.07 -30.95
N GLN Q 80 -12.61 58.91 -30.81
CA GLN Q 80 -13.19 58.15 -29.69
C GLN Q 80 -12.72 58.69 -28.34
N GLY Q 81 -12.70 60.01 -28.22
CA GLY Q 81 -12.38 60.67 -26.98
C GLY Q 81 -10.91 60.97 -26.76
N PHE Q 82 -10.03 60.47 -27.63
CA PHE Q 82 -8.61 60.76 -27.56
C PHE Q 82 -8.27 61.89 -28.53
N GLY Q 83 -7.10 62.48 -28.32
CA GLY Q 83 -6.64 63.56 -29.17
C GLY Q 83 -7.45 64.82 -29.00
N ASN Q 84 -6.94 65.94 -29.53
CA ASN Q 84 -7.58 67.24 -29.41
C ASN Q 84 -7.89 67.77 -30.80
N LEU Q 85 -8.95 68.57 -30.89
CA LEU Q 85 -9.33 69.25 -32.12
C LEU Q 85 -9.34 70.75 -31.86
N TYR Q 86 -8.63 71.51 -32.69
CA TYR Q 86 -8.63 72.97 -32.64
C TYR Q 86 -9.17 73.50 -33.96
N PHE Q 87 -10.27 74.23 -33.91
CA PHE Q 87 -10.86 74.85 -35.08
C PHE Q 87 -10.35 76.28 -35.24
N VAL Q 88 -10.04 76.64 -36.48
CA VAL Q 88 -9.62 78.00 -36.83
C VAL Q 88 -10.60 78.54 -37.86
N ASN Q 89 -11.31 79.59 -37.50
CA ASN Q 89 -12.32 80.20 -38.37
C ASN Q 89 -11.69 81.28 -39.22
N VAL Q 90 -11.89 81.20 -40.54
CA VAL Q 90 -11.25 82.17 -41.43
C VAL Q 90 -11.96 83.53 -41.39
N ALA Q 91 -11.23 84.51 -40.87
CA ALA Q 91 -11.71 85.88 -40.83
C ALA Q 91 -11.72 86.50 -42.19
N ILE Q 92 -12.81 87.15 -42.54
CA ILE Q 92 -12.84 87.86 -43.81
C ILE Q 92 -12.36 89.30 -43.53
N PRO Q 93 -11.32 89.82 -44.28
CA PRO Q 93 -10.94 91.19 -43.94
C PRO Q 93 -12.10 92.15 -44.15
N THR Q 94 -12.17 93.16 -43.28
CA THR Q 94 -13.19 94.18 -43.41
C THR Q 94 -12.96 95.00 -44.67
N ARG Q 95 -14.02 95.65 -45.16
CA ARG Q 95 -13.92 96.50 -46.34
C ARG Q 95 -14.83 97.71 -46.13
N TYR Q 96 -14.35 98.86 -46.54
CA TYR Q 96 -15.07 100.11 -46.38
C TYR Q 96 -15.25 100.76 -47.75
N GLN Q 97 -16.50 101.01 -48.11
CA GLN Q 97 -16.87 101.57 -49.40
C GLN Q 97 -17.13 103.05 -49.21
N ILE Q 98 -16.31 103.89 -49.86
CA ILE Q 98 -16.38 105.34 -49.74
C ILE Q 98 -16.87 105.89 -51.08
N VAL Q 99 -17.86 106.77 -51.03
CA VAL Q 99 -18.41 107.42 -52.21
C VAL Q 99 -18.25 108.92 -52.03
N VAL Q 100 -17.65 109.58 -53.03
CA VAL Q 100 -17.55 111.04 -53.05
C VAL Q 100 -18.78 111.52 -53.80
N THR Q 101 -19.90 111.66 -53.08
CA THR Q 101 -21.16 112.05 -53.69
C THR Q 101 -21.10 113.45 -54.30
N ALA Q 102 -20.17 114.28 -53.84
CA ALA Q 102 -20.07 115.65 -54.34
C ALA Q 102 -18.63 116.12 -54.18
N ALA Q 103 -18.30 117.19 -54.90
CA ALA Q 103 -16.96 117.76 -54.91
C ALA Q 103 -16.99 119.20 -54.40
N THR Q 104 -17.72 119.44 -53.31
CA THR Q 104 -17.85 120.78 -52.76
C THR Q 104 -16.62 121.16 -51.98
N ALA Q 105 -16.16 122.40 -52.17
CA ALA Q 105 -14.97 122.88 -51.48
C ALA Q 105 -15.19 122.87 -49.97
N GLY Q 106 -14.15 122.50 -49.24
CA GLY Q 106 -14.19 122.45 -47.79
C GLY Q 106 -13.23 121.41 -47.26
N SER Q 107 -12.96 121.52 -45.96
CA SER Q 107 -12.07 120.59 -45.28
C SER Q 107 -12.87 119.46 -44.66
N TYR Q 108 -12.33 118.25 -44.72
CA TYR Q 108 -12.99 117.07 -44.18
C TYR Q 108 -11.93 116.10 -43.69
N SER Q 109 -12.37 115.12 -42.91
CA SER Q 109 -11.48 114.13 -42.31
C SER Q 109 -11.96 112.73 -42.62
N VAL Q 110 -11.01 111.85 -42.92
CA VAL Q 110 -11.27 110.42 -43.09
C VAL Q 110 -10.43 109.70 -42.05
N THR Q 111 -11.09 109.00 -41.14
CA THR Q 111 -10.43 108.35 -40.02
C THR Q 111 -10.37 106.85 -40.28
N VAL Q 112 -9.19 106.26 -40.12
CA VAL Q 112 -8.97 104.83 -40.23
C VAL Q 112 -8.23 104.40 -38.97
N ASN Q 113 -8.87 103.55 -38.17
CA ASN Q 113 -8.27 103.00 -36.95
C ASN Q 113 -7.67 104.11 -36.09
N GLY Q 114 -8.41 105.20 -35.93
CA GLY Q 114 -8.00 106.29 -35.07
C GLY Q 114 -7.03 107.26 -35.68
N VAL Q 115 -6.59 107.04 -36.91
CA VAL Q 115 -5.69 107.96 -37.60
C VAL Q 115 -6.50 108.74 -38.61
N THR Q 116 -6.54 110.07 -38.46
CA THR Q 116 -7.36 110.94 -39.29
C THR Q 116 -6.49 111.60 -40.35
N LYS Q 117 -6.87 111.42 -41.61
CA LYS Q 117 -6.25 112.10 -42.73
C LYS Q 117 -7.18 113.21 -43.21
N ALA Q 118 -6.65 114.41 -43.33
CA ALA Q 118 -7.43 115.59 -43.68
C ALA Q 118 -7.33 115.85 -45.18
N ILE Q 119 -8.49 116.05 -45.80
CA ILE Q 119 -8.58 116.37 -47.22
C ILE Q 119 -9.28 117.71 -47.36
N THR Q 120 -8.63 118.65 -48.04
CA THR Q 120 -9.17 119.99 -48.26
C THR Q 120 -9.68 120.06 -49.69
N VAL Q 121 -11.01 120.08 -49.84
CA VAL Q 121 -11.63 120.21 -51.16
C VAL Q 121 -11.50 121.66 -51.60
N VAL Q 122 -11.08 121.86 -52.85
CA VAL Q 122 -10.74 123.19 -53.34
C VAL Q 122 -11.61 123.54 -54.55
N GLY Q 123 -11.43 124.73 -55.10
CA GLY Q 123 -12.19 125.13 -56.26
C GLY Q 123 -11.85 124.29 -57.47
N GLY Q 124 -12.85 124.10 -58.33
CA GLY Q 124 -12.68 123.26 -59.50
C GLY Q 124 -12.38 121.81 -59.19
N ALA Q 125 -12.51 121.38 -57.93
CA ALA Q 125 -12.14 120.01 -57.61
C ALA Q 125 -13.17 119.09 -58.20
N THR Q 126 -12.72 117.97 -58.77
CA THR Q 126 -13.66 117.00 -59.28
C THR Q 126 -13.69 115.87 -58.28
N THR Q 127 -14.74 115.06 -58.32
CA THR Q 127 -14.83 113.93 -57.42
C THR Q 127 -13.61 113.03 -57.58
N THR Q 128 -13.16 112.84 -58.81
CA THR Q 128 -11.96 112.05 -59.06
C THR Q 128 -10.79 112.56 -58.25
N THR Q 129 -10.46 113.84 -58.39
CA THR Q 129 -9.30 114.40 -57.70
C THR Q 129 -9.35 114.16 -56.20
N ILE Q 130 -10.50 114.42 -55.57
CA ILE Q 130 -10.62 114.21 -54.14
C ILE Q 130 -10.34 112.78 -53.77
N ALA Q 131 -11.03 111.85 -54.41
CA ALA Q 131 -10.86 110.45 -54.10
C ALA Q 131 -9.42 109.96 -54.32
N ALA Q 132 -8.78 110.44 -55.38
CA ALA Q 132 -7.40 110.07 -55.63
C ALA Q 132 -6.53 110.58 -54.50
N ASP Q 133 -6.76 111.82 -54.07
CA ASP Q 133 -6.02 112.38 -52.95
C ASP Q 133 -6.22 111.55 -51.68
N VAL Q 134 -7.45 111.10 -51.44
CA VAL Q 134 -7.71 110.27 -50.27
C VAL Q 134 -6.88 108.99 -50.34
N ILE Q 135 -6.88 108.34 -51.51
CA ILE Q 135 -6.12 107.10 -51.67
C ILE Q 135 -4.64 107.35 -51.48
N SER Q 136 -4.12 108.44 -52.06
CA SER Q 136 -2.71 108.75 -51.92
C SER Q 136 -2.35 108.95 -50.46
N ALA Q 137 -3.14 109.74 -49.74
CA ALA Q 137 -2.84 109.98 -48.33
C ALA Q 137 -2.87 108.69 -47.52
N ILE Q 138 -3.89 107.86 -47.75
CA ILE Q 138 -4.03 106.63 -46.96
C ILE Q 138 -2.88 105.68 -47.25
N ASN Q 139 -2.53 105.50 -48.53
CA ASN Q 139 -1.49 104.56 -48.89
C ASN Q 139 -0.09 105.09 -48.62
N ASN Q 140 0.07 106.40 -48.42
CA ASN Q 140 1.36 106.97 -48.07
C ASN Q 140 1.54 107.14 -46.58
N ASP Q 141 0.46 107.12 -45.79
CA ASP Q 141 0.59 107.19 -44.35
C ASP Q 141 1.35 105.96 -43.84
N THR Q 142 2.36 106.20 -43.02
CA THR Q 142 3.20 105.10 -42.55
C THR Q 142 2.40 104.11 -41.71
N VAL Q 143 1.51 104.60 -40.84
CA VAL Q 143 0.73 103.71 -40.00
C VAL Q 143 -0.25 102.90 -40.83
N LEU Q 144 -1.00 103.57 -41.71
CA LEU Q 144 -2.09 102.90 -42.42
C LEU Q 144 -1.60 102.06 -43.59
N ASN Q 145 -0.45 102.43 -44.20
CA ASN Q 145 -0.02 101.77 -45.41
C ASN Q 145 0.31 100.29 -45.18
N LYS Q 146 0.45 99.87 -43.92
CA LYS Q 146 0.67 98.47 -43.59
C LYS Q 146 -0.51 97.82 -42.88
N GLU Q 147 -1.53 98.59 -42.54
CA GLU Q 147 -2.74 98.06 -41.92
C GLU Q 147 -3.88 97.87 -42.92
N VAL Q 148 -4.01 98.77 -43.89
CA VAL Q 148 -5.09 98.72 -44.88
C VAL Q 148 -4.52 99.09 -46.24
N LEU Q 149 -5.27 98.75 -47.29
CA LEU Q 149 -4.94 99.12 -48.66
C LEU Q 149 -6.12 99.85 -49.28
N ALA Q 150 -5.85 100.98 -49.92
CA ALA Q 150 -6.87 101.80 -50.55
C ALA Q 150 -6.79 101.61 -52.06
N THR Q 151 -7.96 101.42 -52.69
CA THR Q 151 -8.04 101.16 -54.12
C THR Q 151 -9.22 101.93 -54.69
N VAL Q 152 -9.23 102.09 -56.01
CA VAL Q 152 -10.36 102.71 -56.69
C VAL Q 152 -11.53 101.75 -56.68
N GLY Q 153 -12.73 102.28 -56.49
CA GLY Q 153 -13.95 101.50 -56.50
C GLY Q 153 -14.52 101.36 -57.89
N GLY Q 154 -15.85 101.22 -57.97
CA GLY Q 154 -16.51 101.11 -59.26
C GLY Q 154 -16.33 102.35 -60.13
N THR Q 155 -16.07 103.50 -59.52
CA THR Q 155 -15.84 104.73 -60.26
C THR Q 155 -14.69 105.49 -59.61
N SER Q 156 -14.15 106.46 -60.36
CA SER Q 156 -13.07 107.27 -59.83
C SER Q 156 -13.49 108.03 -58.57
N SER Q 157 -14.78 108.26 -58.38
CA SER Q 157 -15.31 108.83 -57.16
C SER Q 157 -15.55 107.79 -56.07
N THR Q 158 -15.27 106.53 -56.36
CA THR Q 158 -15.48 105.43 -55.43
C THR Q 158 -14.15 104.90 -54.93
N VAL Q 159 -14.11 104.52 -53.66
CA VAL Q 159 -12.88 104.08 -53.00
C VAL Q 159 -13.22 102.84 -52.16
N VAL Q 160 -12.29 101.89 -52.14
CA VAL Q 160 -12.42 100.67 -51.36
C VAL Q 160 -11.23 100.57 -50.43
N ILE Q 161 -11.49 100.46 -49.14
CA ILE Q 161 -10.46 100.25 -48.13
C ILE Q 161 -10.54 98.80 -47.68
N THR Q 162 -9.47 98.04 -47.89
CA THR Q 162 -9.43 96.64 -47.53
C THR Q 162 -8.50 96.46 -46.33
N SER Q 163 -9.00 95.75 -45.30
CA SER Q 163 -8.18 95.48 -44.13
C SER Q 163 -7.03 94.54 -44.49
N LYS Q 164 -5.81 94.92 -44.09
CA LYS Q 164 -4.64 94.11 -44.36
C LYS Q 164 -4.31 93.13 -43.22
N LYS Q 165 -5.01 93.24 -42.10
CA LYS Q 165 -4.85 92.32 -40.97
C LYS Q 165 -6.25 91.90 -40.52
N PRO Q 166 -6.78 90.80 -41.07
CA PRO Q 166 -8.15 90.41 -40.72
C PRO Q 166 -8.37 90.23 -39.23
N THR Q 167 -7.39 89.71 -38.51
CA THR Q 167 -7.57 89.43 -37.08
C THR Q 167 -7.94 90.71 -36.32
N ASN Q 168 -7.18 91.77 -36.54
CA ASN Q 168 -7.43 93.03 -35.84
C ASN Q 168 -8.55 93.80 -36.53
N THR Q 169 -9.58 94.15 -35.77
CA THR Q 169 -10.70 94.90 -36.32
C THR Q 169 -10.21 96.24 -36.86
N THR Q 170 -10.75 96.64 -38.00
CA THR Q 170 -10.40 97.90 -38.65
C THR Q 170 -11.63 98.73 -38.33
N THR Q 171 -11.46 100.04 -38.28
CA THR Q 171 -12.52 100.98 -37.93
C THR Q 171 -12.31 102.13 -38.90
N ALA Q 172 -13.38 102.51 -39.59
CA ALA Q 172 -13.34 103.62 -40.54
C ALA Q 172 -14.51 104.56 -40.30
N ALA Q 173 -14.27 105.85 -40.56
CA ALA Q 173 -15.29 106.87 -40.40
C ALA Q 173 -14.90 108.06 -41.28
N VAL Q 174 -15.87 108.94 -41.50
CA VAL Q 174 -15.63 110.18 -42.24
C VAL Q 174 -16.43 111.29 -41.58
N THR Q 175 -15.96 112.54 -41.77
CA THR Q 175 -16.63 113.73 -41.25
C THR Q 175 -16.82 114.68 -42.42
N GLY Q 176 -17.92 114.48 -43.16
CA GLY Q 176 -18.23 115.30 -44.30
C GLY Q 176 -19.43 114.77 -45.07
N VAL Q 177 -20.32 115.68 -45.49
CA VAL Q 177 -21.52 115.25 -46.21
C VAL Q 177 -21.17 114.65 -47.56
N ILE Q 178 -20.14 115.20 -48.21
CA ILE Q 178 -19.76 114.70 -49.53
C ILE Q 178 -19.26 113.27 -49.43
N PHE Q 179 -18.59 112.92 -48.34
CA PHE Q 179 -18.08 111.57 -48.14
C PHE Q 179 -19.18 110.69 -47.56
N THR Q 180 -19.43 109.56 -48.21
CA THR Q 180 -20.42 108.58 -47.75
C THR Q 180 -19.71 107.26 -47.49
N LEU Q 181 -19.96 106.68 -46.31
CA LEU Q 181 -19.29 105.45 -45.89
C LEU Q 181 -20.31 104.32 -45.78
N THR Q 182 -19.94 103.14 -46.28
CA THR Q 182 -20.72 101.93 -46.10
C THR Q 182 -19.77 100.78 -45.79
N THR Q 183 -20.31 99.74 -45.16
CA THR Q 183 -19.52 98.61 -44.69
C THR Q 183 -19.72 97.43 -45.63
N THR Q 184 -18.67 97.10 -46.39
CA THR Q 184 -18.66 95.92 -47.23
C THR Q 184 -17.78 94.84 -46.61
N THR Q 185 -18.18 93.59 -46.80
CA THR Q 185 -17.39 92.46 -46.31
C THR Q 185 -17.88 91.19 -46.99
N GLY Q 186 -16.97 90.46 -47.62
CA GLY Q 186 -17.35 89.25 -48.32
C GLY Q 186 -18.06 88.28 -47.40
N THR Q 187 -19.23 87.81 -47.83
CA THR Q 187 -19.94 86.79 -47.06
C THR Q 187 -19.27 85.43 -47.16
N SER Q 188 -18.29 85.28 -48.05
CA SER Q 188 -17.54 84.04 -48.21
C SER Q 188 -16.06 84.34 -48.14
N PRO Q 189 -15.25 83.41 -47.65
CA PRO Q 189 -13.80 83.63 -47.57
C PRO Q 189 -13.10 83.30 -48.88
N SER Q 190 -11.99 83.98 -49.11
CA SER Q 190 -11.22 83.80 -50.33
C SER Q 190 -9.99 82.92 -50.07
N VAL Q 191 -9.40 82.44 -51.17
CA VAL Q 191 -8.18 81.66 -51.07
C VAL Q 191 -7.09 82.47 -50.41
N ALA Q 192 -7.05 83.78 -50.69
CA ALA Q 192 -6.09 84.65 -50.01
C ALA Q 192 -6.34 84.69 -48.50
N ASP Q 193 -7.61 84.73 -48.09
CA ASP Q 193 -7.92 84.70 -46.66
C ASP Q 193 -7.45 83.39 -46.03
N TYR Q 194 -7.70 82.27 -46.71
CA TYR Q 194 -7.23 80.99 -46.19
C TYR Q 194 -5.71 80.96 -46.08
N VAL Q 195 -5.02 81.49 -47.09
CA VAL Q 195 -3.56 81.51 -47.07
C VAL Q 195 -3.05 82.35 -45.92
N TYR Q 196 -3.67 83.53 -45.70
CA TYR Q 196 -3.26 84.37 -44.59
C TYR Q 196 -3.47 83.66 -43.26
N THR Q 197 -4.63 83.01 -43.09
CA THR Q 197 -4.88 82.29 -41.85
C THR Q 197 -3.86 81.19 -41.62
N ILE Q 198 -3.50 80.48 -42.70
CA ILE Q 198 -2.51 79.40 -42.56
C ILE Q 198 -1.16 79.96 -42.18
N ASN Q 199 -0.74 81.06 -42.82
CA ASN Q 199 0.63 81.53 -42.73
C ASN Q 199 0.86 82.58 -41.65
N ASN Q 200 -0.19 83.01 -40.94
CA ASN Q 200 -0.03 84.07 -39.94
C ASN Q 200 -0.73 83.82 -38.62
N THR Q 201 -1.57 82.79 -38.50
CA THR Q 201 -2.39 82.61 -37.31
C THR Q 201 -1.78 81.66 -36.29
N PHE Q 202 -1.17 80.56 -36.74
CA PHE Q 202 -0.67 79.55 -35.83
C PHE Q 202 0.55 80.04 -35.06
N ASP Q 203 0.68 79.57 -33.82
CA ASP Q 203 1.77 79.96 -32.93
C ASP Q 203 2.64 78.75 -32.63
N PRO Q 204 3.97 78.86 -32.73
CA PRO Q 204 4.81 77.69 -32.40
C PRO Q 204 4.59 77.16 -31.01
N ALA Q 205 4.13 77.99 -30.06
CA ALA Q 205 3.86 77.50 -28.72
C ALA Q 205 2.83 76.38 -28.72
N LEU Q 206 1.95 76.36 -29.70
CA LEU Q 206 0.93 75.32 -29.77
C LEU Q 206 1.56 73.95 -29.95
N GLU Q 207 0.93 72.95 -29.35
CA GLU Q 207 1.37 71.57 -29.54
C GLU Q 207 1.34 71.33 -31.04
N ALA Q 208 2.30 70.56 -31.54
CA ALA Q 208 2.28 70.14 -32.92
C ALA Q 208 1.14 69.15 -33.18
N GLY Q 209 1.01 68.75 -34.44
CA GLY Q 209 -0.02 67.81 -34.81
C GLY Q 209 -0.34 67.92 -36.29
N PHE Q 210 -1.51 67.38 -36.63
CA PHE Q 210 -1.96 67.39 -38.01
C PHE Q 210 -2.66 68.70 -38.33
N VAL Q 211 -2.69 69.05 -39.62
CA VAL Q 211 -3.39 70.22 -40.12
C VAL Q 211 -4.28 69.77 -41.27
N ILE Q 212 -5.51 70.26 -41.29
CA ILE Q 212 -6.49 69.86 -42.30
C ILE Q 212 -7.34 71.05 -42.70
N ALA Q 213 -7.68 71.13 -43.99
CA ALA Q 213 -8.60 72.15 -44.51
C ALA Q 213 -9.58 71.45 -45.44
N PRO Q 214 -10.40 70.52 -44.91
CA PRO Q 214 -11.33 69.79 -45.78
C PRO Q 214 -12.31 70.69 -46.50
N GLU Q 215 -12.84 71.71 -45.82
CA GLU Q 215 -13.80 72.61 -46.45
C GLU Q 215 -13.18 73.30 -47.65
N ALA Q 216 -11.97 73.84 -47.49
CA ALA Q 216 -11.32 74.52 -48.60
C ALA Q 216 -11.03 73.56 -49.73
N PHE Q 217 -10.43 72.40 -49.42
CA PHE Q 217 -10.10 71.45 -50.47
C PHE Q 217 -11.32 70.89 -51.17
N SER Q 218 -12.49 70.96 -50.55
CA SER Q 218 -13.72 70.50 -51.20
C SER Q 218 -14.44 71.60 -51.97
N THR Q 219 -14.30 72.86 -51.55
CA THR Q 219 -15.05 73.96 -52.15
C THR Q 219 -14.21 74.85 -53.06
N PHE Q 220 -12.93 74.57 -53.25
CA PHE Q 220 -12.09 75.40 -54.09
C PHE Q 220 -11.76 74.70 -55.40
N THR Q 221 -11.24 75.48 -56.35
CA THR Q 221 -10.85 74.99 -57.66
C THR Q 221 -9.40 74.52 -57.62
N LYS Q 222 -8.88 74.10 -58.78
CA LYS Q 222 -7.55 73.50 -58.82
C LYS Q 222 -6.47 74.48 -58.38
N SER Q 223 -6.51 75.70 -58.92
CA SER Q 223 -5.48 76.68 -58.59
C SER Q 223 -5.52 77.04 -57.11
N ASP Q 224 -6.71 77.27 -56.56
CA ASP Q 224 -6.83 77.60 -55.15
C ASP Q 224 -6.38 76.44 -54.27
N ARG Q 225 -6.72 75.21 -54.65
CA ARG Q 225 -6.24 74.05 -53.89
C ARG Q 225 -4.73 73.98 -53.92
N LEU Q 226 -4.11 74.25 -55.07
CA LEU Q 226 -2.65 74.24 -55.15
C LEU Q 226 -2.06 75.32 -54.25
N SER Q 227 -2.66 76.51 -54.24
CA SER Q 227 -2.16 77.58 -53.39
C SER Q 227 -2.26 77.19 -51.91
N ILE Q 228 -3.38 76.59 -51.52
CA ILE Q 228 -3.54 76.19 -50.13
C ILE Q 228 -2.55 75.08 -49.77
N GLN Q 229 -2.30 74.16 -50.69
CA GLN Q 229 -1.32 73.12 -50.45
C GLN Q 229 0.07 73.71 -50.28
N VAL Q 230 0.42 74.72 -51.09
CA VAL Q 230 1.70 75.39 -50.94
C VAL Q 230 1.80 76.06 -49.57
N ALA Q 231 0.72 76.73 -49.15
CA ALA Q 231 0.73 77.39 -47.84
C ALA Q 231 0.90 76.38 -46.72
N LEU Q 232 0.20 75.24 -46.80
CA LEU Q 232 0.33 74.21 -45.77
C LEU Q 232 1.73 73.62 -45.78
N GLU Q 233 2.32 73.42 -46.96
CA GLU Q 233 3.69 72.94 -47.04
C GLU Q 233 4.63 73.91 -46.34
N ASN Q 234 4.48 75.20 -46.60
CA ASN Q 234 5.35 76.18 -45.95
C ASN Q 234 5.16 76.14 -44.44
N LEU Q 235 3.90 76.08 -43.98
CA LEU Q 235 3.65 76.06 -42.54
C LEU Q 235 4.30 74.84 -41.89
N CYS Q 236 4.07 73.66 -42.45
CA CYS Q 236 4.54 72.44 -41.79
C CYS Q 236 6.06 72.29 -41.90
N SER Q 237 6.66 72.70 -43.02
CA SER Q 237 8.10 72.55 -43.18
C SER Q 237 8.89 73.71 -42.56
N ALA Q 238 8.22 74.78 -42.16
CA ALA Q 238 8.94 75.88 -41.52
C ALA Q 238 9.62 75.39 -40.25
N TYR Q 239 10.83 75.90 -40.03
CA TYR Q 239 11.66 75.43 -38.90
C TYR Q 239 11.01 75.66 -37.55
N ARG Q 240 10.03 76.56 -37.45
CA ARG Q 240 9.38 76.83 -36.16
C ARG Q 240 8.20 75.92 -35.88
N TYR Q 241 7.74 75.13 -36.85
CA TYR Q 241 6.60 74.24 -36.64
C TYR Q 241 6.99 72.77 -36.76
N GLN Q 242 7.51 72.34 -37.91
CA GLN Q 242 7.80 70.93 -38.18
C GLN Q 242 6.61 70.05 -37.82
N TRP Q 243 5.51 70.27 -38.54
CA TRP Q 243 4.27 69.51 -38.38
C TRP Q 243 4.06 68.60 -39.58
N ALA Q 244 2.91 67.93 -39.59
CA ALA Q 244 2.48 67.10 -40.72
C ALA Q 244 1.12 67.59 -41.21
N ALA Q 245 0.98 67.68 -42.53
CA ALA Q 245 -0.24 68.15 -43.17
C ALA Q 245 -0.92 67.02 -43.93
N LEU Q 246 -2.24 66.97 -43.86
CA LEU Q 246 -3.04 66.02 -44.60
C LEU Q 246 -3.85 66.76 -45.66
N ILE Q 247 -3.87 66.22 -46.87
CA ILE Q 247 -4.48 66.86 -48.02
C ILE Q 247 -5.56 65.94 -48.57
N ASP Q 248 -6.72 66.52 -48.87
CA ASP Q 248 -7.81 65.81 -49.51
C ASP Q 248 -7.94 66.29 -50.95
N SER Q 249 -8.36 65.37 -51.82
CA SER Q 249 -8.53 65.72 -53.22
C SER Q 249 -9.67 66.73 -53.37
N GLY Q 250 -9.84 67.21 -54.60
CA GLY Q 250 -10.96 68.09 -54.89
C GLY Q 250 -12.26 67.31 -54.81
N ALA Q 251 -13.39 67.99 -55.03
CA ALA Q 251 -14.67 67.30 -55.00
C ALA Q 251 -14.68 66.17 -56.01
N MET Q 252 -15.33 65.06 -55.64
CA MET Q 252 -15.27 63.86 -56.47
C MET Q 252 -15.68 64.13 -57.91
N SER Q 253 -16.71 64.98 -58.11
CA SER Q 253 -17.14 65.30 -59.46
C SER Q 253 -15.99 65.81 -60.31
N GLU Q 254 -15.08 66.57 -59.71
CA GLU Q 254 -13.89 67.03 -60.42
C GLU Q 254 -12.83 65.93 -60.45
N ILE Q 255 -12.43 65.44 -59.27
CA ILE Q 255 -11.49 64.32 -59.18
C ILE Q 255 -12.35 63.06 -59.17
N SER Q 256 -12.77 62.65 -60.37
CA SER Q 256 -13.64 61.48 -60.53
C SER Q 256 -12.88 60.16 -60.57
N ASN Q 257 -11.55 60.17 -60.67
CA ASN Q 257 -10.82 58.92 -60.77
C ASN Q 257 -9.39 59.07 -60.25
N THR Q 258 -8.76 57.91 -60.05
CA THR Q 258 -7.41 57.88 -59.50
C THR Q 258 -6.40 58.55 -60.43
N ASP Q 259 -6.67 58.57 -61.74
CA ASP Q 259 -5.76 59.27 -62.65
C ASP Q 259 -5.76 60.76 -62.37
N ARG Q 260 -6.94 61.35 -62.20
CA ARG Q 260 -7.03 62.76 -61.83
C ARG Q 260 -6.42 63.00 -60.46
N ALA Q 261 -6.64 62.08 -59.52
CA ALA Q 261 -6.00 62.20 -58.21
C ALA Q 261 -4.49 62.22 -58.34
N ILE Q 262 -3.94 61.35 -59.19
CA ILE Q 262 -2.50 61.31 -59.40
C ILE Q 262 -2.03 62.66 -59.90
N ALA Q 263 -2.75 63.23 -60.86
CA ALA Q 263 -2.38 64.52 -61.42
C ALA Q 263 -2.36 65.63 -60.37
N GLU Q 264 -3.38 65.67 -59.52
CA GLU Q 264 -3.42 66.66 -58.45
C GLU Q 264 -2.24 66.48 -57.53
N ALA Q 265 -1.96 65.24 -57.14
CA ALA Q 265 -0.84 64.97 -56.24
C ALA Q 265 0.52 65.12 -56.91
N ALA Q 266 0.55 65.18 -58.24
CA ALA Q 266 1.82 65.38 -58.94
C ALA Q 266 2.17 66.85 -58.86
N THR Q 267 1.17 67.72 -59.00
CA THR Q 267 1.41 69.15 -58.85
C THR Q 267 1.70 69.44 -57.39
N TYR Q 268 1.12 68.65 -56.50
CA TYR Q 268 1.33 68.84 -55.08
C TYR Q 268 2.75 68.45 -54.73
N ASN Q 269 3.52 69.39 -54.19
CA ASN Q 269 4.93 69.15 -53.90
C ASN Q 269 5.17 69.25 -52.40
N SER Q 270 6.03 68.35 -51.89
CA SER Q 270 6.46 68.41 -50.49
C SER Q 270 7.81 67.72 -50.42
N VAL Q 271 8.89 68.52 -50.34
CA VAL Q 271 10.24 67.98 -50.39
C VAL Q 271 10.47 67.02 -49.22
N GLN Q 272 10.36 67.53 -48.00
CA GLN Q 272 10.65 66.74 -46.80
C GLN Q 272 9.50 65.81 -46.41
N GLY Q 273 8.49 65.66 -47.26
CA GLY Q 273 7.41 64.74 -46.97
C GLY Q 273 6.45 65.19 -45.90
N HIS Q 274 6.46 66.49 -45.56
CA HIS Q 274 5.56 66.98 -44.53
C HIS Q 274 4.10 66.82 -44.92
N CYS Q 275 3.79 66.81 -46.21
CA CYS Q 275 2.42 66.71 -46.69
C CYS Q 275 2.11 65.29 -47.14
N SER Q 276 0.87 64.86 -46.92
CA SER Q 276 0.37 63.59 -47.39
C SER Q 276 -0.93 63.83 -48.14
N TYR Q 277 -1.25 62.91 -49.06
CA TYR Q 277 -2.40 63.03 -49.94
C TYR Q 277 -3.30 61.82 -49.74
N TYR Q 278 -4.61 62.07 -49.61
CA TYR Q 278 -5.58 61.00 -49.47
C TYR Q 278 -6.62 61.31 -50.51
N TYR Q 279 -7.17 60.29 -51.15
CA TYR Q 279 -8.10 60.58 -52.26
C TYR Q 279 -9.60 60.27 -52.09
N PRO Q 280 -9.98 58.99 -51.93
CA PRO Q 280 -11.42 58.72 -51.92
C PRO Q 280 -12.20 59.46 -50.84
N TYR Q 281 -13.25 60.18 -51.25
CA TYR Q 281 -14.08 60.86 -50.27
C TYR Q 281 -14.91 59.81 -49.58
N LEU Q 282 -15.44 60.13 -48.40
CA LEU Q 282 -16.16 59.13 -47.64
C LEU Q 282 -17.65 59.45 -47.63
N ILE Q 283 -18.47 58.44 -47.89
CA ILE Q 283 -19.92 58.54 -47.82
C ILE Q 283 -20.31 58.19 -46.39
N ASN Q 284 -20.81 59.18 -45.65
CA ASN Q 284 -21.12 59.02 -44.25
C ASN Q 284 -22.51 58.41 -44.09
N LEU Q 285 -23.02 58.39 -42.85
CA LEU Q 285 -24.32 57.78 -42.58
C LEU Q 285 -25.48 58.60 -43.12
N ASP Q 286 -25.24 59.82 -43.57
CA ASP Q 286 -26.28 60.68 -44.13
C ASP Q 286 -26.16 60.82 -45.64
N ASP Q 287 -25.50 59.88 -46.30
CA ASP Q 287 -25.31 59.91 -47.75
C ASP Q 287 -24.59 61.18 -48.20
N GLN Q 288 -23.72 61.70 -47.35
CA GLN Q 288 -22.98 62.92 -47.63
C GLN Q 288 -21.51 62.59 -47.84
N GLN Q 289 -20.89 63.28 -48.79
CA GLN Q 289 -19.47 63.09 -49.06
C GLN Q 289 -18.65 64.00 -48.16
N VAL Q 290 -17.59 63.43 -47.58
CA VAL Q 290 -16.74 64.14 -46.63
C VAL Q 290 -15.29 63.91 -47.00
N PRO Q 291 -14.44 64.94 -47.00
CA PRO Q 291 -13.01 64.70 -47.21
C PRO Q 291 -12.46 63.77 -46.14
N PRO Q 292 -11.59 62.83 -46.51
CA PRO Q 292 -11.16 61.82 -45.52
C PRO Q 292 -10.26 62.35 -44.43
N SER Q 293 -9.64 63.52 -44.63
CA SER Q 293 -8.56 63.96 -43.74
C SER Q 293 -8.98 63.95 -42.27
N ALA Q 294 -10.21 64.38 -41.98
CA ALA Q 294 -10.65 64.46 -40.60
C ALA Q 294 -10.69 63.07 -39.95
N ALA Q 295 -11.33 62.12 -40.63
CA ALA Q 295 -11.39 60.76 -40.09
C ALA Q 295 -10.01 60.15 -39.99
N VAL Q 296 -9.16 60.40 -40.99
CA VAL Q 296 -7.81 59.85 -41.00
C VAL Q 296 -7.04 60.37 -39.79
N ALA Q 297 -7.14 61.66 -39.52
CA ALA Q 297 -6.45 62.26 -38.39
C ALA Q 297 -6.96 61.72 -37.07
N GLY Q 298 -8.28 61.60 -36.93
CA GLY Q 298 -8.85 61.06 -35.70
C GLY Q 298 -8.35 59.65 -35.44
N MET Q 299 -8.40 58.81 -36.48
CA MET Q 299 -7.93 57.44 -36.34
C MET Q 299 -6.43 57.39 -36.10
N ALA Q 300 -5.69 58.34 -36.66
CA ALA Q 300 -4.25 58.39 -36.42
C ALA Q 300 -3.95 58.68 -34.96
N LEU Q 301 -4.67 59.63 -34.37
CA LEU Q 301 -4.47 59.91 -32.95
C LEU Q 301 -4.88 58.71 -32.10
N TYR Q 302 -6.00 58.07 -32.45
CA TYR Q 302 -6.44 56.89 -31.73
C TYR Q 302 -5.37 55.81 -31.76
N ARG Q 303 -4.80 55.57 -32.94
CA ARG Q 303 -3.76 54.54 -33.06
C ARG Q 303 -2.49 54.97 -32.33
N PHE Q 304 -2.17 56.26 -32.32
CA PHE Q 304 -1.02 56.71 -31.55
C PHE Q 304 -1.20 56.39 -30.08
N VAL Q 305 -2.41 56.59 -29.55
CA VAL Q 305 -2.66 56.25 -28.16
C VAL Q 305 -2.63 54.74 -27.91
N ILE Q 306 -3.20 53.94 -28.80
CA ILE Q 306 -3.32 52.50 -28.54
C ILE Q 306 -2.01 51.77 -28.84
N ASP Q 307 -1.51 51.84 -30.08
CA ASP Q 307 -0.34 51.09 -30.52
C ASP Q 307 0.94 51.92 -30.50
N GLY Q 308 0.92 53.14 -29.96
CA GLY Q 308 2.10 53.97 -29.93
C GLY Q 308 2.24 54.84 -31.17
N PHE Q 309 3.22 55.75 -31.10
CA PHE Q 309 3.38 56.78 -32.12
C PHE Q 309 4.16 56.32 -33.34
N ALA Q 310 4.84 55.18 -33.29
CA ALA Q 310 5.62 54.72 -34.43
C ALA Q 310 4.74 54.15 -35.54
N GLU Q 311 3.50 53.79 -35.24
CA GLU Q 311 2.63 53.20 -36.24
C GLU Q 311 2.10 54.28 -37.18
N PRO Q 312 1.87 53.95 -38.45
CA PRO Q 312 1.24 54.90 -39.36
C PRO Q 312 -0.27 54.74 -39.33
N PRO Q 313 -1.03 55.75 -39.76
CA PRO Q 313 -2.47 55.56 -39.88
C PRO Q 313 -2.82 54.73 -41.11
N ALA Q 314 -3.13 53.46 -40.90
CA ALA Q 314 -3.44 52.52 -41.97
C ALA Q 314 -3.72 51.17 -41.33
N GLY Q 315 -4.10 50.21 -42.16
CA GLY Q 315 -4.28 48.84 -41.73
C GLY Q 315 -5.74 48.49 -41.48
N VAL Q 316 -5.98 47.18 -41.34
CA VAL Q 316 -7.34 46.69 -41.17
C VAL Q 316 -7.78 46.64 -39.71
N ASN Q 317 -6.85 46.78 -38.75
CA ASN Q 317 -7.21 46.73 -37.34
C ASN Q 317 -7.64 48.09 -36.80
N PHE Q 318 -7.59 49.14 -37.62
CA PHE Q 318 -8.08 50.46 -37.25
C PHE Q 318 -8.92 51.02 -38.39
N PRO Q 319 -10.07 50.39 -38.67
CA PRO Q 319 -10.95 50.91 -39.73
C PRO Q 319 -11.62 52.21 -39.33
N LEU Q 320 -11.97 53.00 -40.33
CA LEU Q 320 -12.63 54.27 -40.09
C LEU Q 320 -14.04 54.05 -39.56
N LYS Q 321 -14.48 54.96 -38.70
CA LYS Q 321 -15.79 54.89 -38.08
C LYS Q 321 -16.60 56.12 -38.45
N GLY Q 322 -17.92 56.00 -38.30
CA GLY Q 322 -18.81 57.09 -38.67
C GLY Q 322 -19.06 57.21 -40.16
N VAL Q 323 -18.56 56.27 -40.96
CA VAL Q 323 -18.75 56.28 -42.40
C VAL Q 323 -19.36 54.95 -42.81
N LYS Q 324 -20.08 54.95 -43.93
CA LYS Q 324 -20.69 53.74 -44.44
C LYS Q 324 -20.18 53.32 -45.80
N ASN Q 325 -19.47 54.17 -46.53
CA ASN Q 325 -18.93 53.75 -47.82
C ASN Q 325 -17.87 54.75 -48.27
N VAL Q 326 -17.29 54.49 -49.43
CA VAL Q 326 -16.38 55.41 -50.10
C VAL Q 326 -17.08 55.92 -51.36
N ALA Q 327 -16.67 57.12 -51.80
CA ALA Q 327 -17.30 57.72 -52.95
C ALA Q 327 -16.89 57.05 -54.26
N TYR Q 328 -15.71 56.43 -54.28
CA TYR Q 328 -15.19 55.82 -55.49
C TYR Q 328 -14.41 54.57 -55.12
N LYS Q 329 -14.57 53.52 -55.93
CA LYS Q 329 -13.90 52.24 -55.70
C LYS Q 329 -12.59 52.22 -56.46
N VAL Q 330 -11.48 52.20 -55.73
CA VAL Q 330 -10.14 52.19 -56.33
C VAL Q 330 -9.79 50.76 -56.69
N THR Q 331 -9.39 50.55 -57.94
CA THR Q 331 -8.99 49.22 -58.38
C THR Q 331 -7.53 48.95 -57.99
N TRP Q 332 -7.18 47.66 -57.99
CA TRP Q 332 -5.85 47.27 -57.53
C TRP Q 332 -4.76 47.85 -58.42
N GLU Q 333 -4.97 47.85 -59.74
CA GLU Q 333 -3.97 48.42 -60.64
C GLU Q 333 -3.87 49.92 -60.46
N GLU Q 334 -5.01 50.59 -60.28
CA GLU Q 334 -4.99 52.02 -59.98
C GLU Q 334 -4.13 52.30 -58.75
N GLN Q 335 -4.33 51.52 -57.69
CA GLN Q 335 -3.52 51.72 -56.48
C GLN Q 335 -2.06 51.38 -56.75
N ASN Q 336 -1.80 50.34 -57.52
CA ASN Q 336 -0.42 49.97 -57.85
C ASN Q 336 0.30 51.12 -58.52
N VAL Q 337 -0.40 51.88 -59.36
CA VAL Q 337 0.22 53.02 -60.02
C VAL Q 337 0.22 54.27 -59.14
N ALA Q 338 -0.73 54.38 -58.20
CA ALA Q 338 -0.91 55.62 -57.44
C ALA Q 338 -0.07 55.67 -56.17
N ASN Q 339 0.03 54.56 -55.43
CA ASN Q 339 0.71 54.59 -54.14
C ASN Q 339 2.14 55.07 -54.26
N PRO Q 340 2.94 54.61 -55.23
CA PRO Q 340 4.31 55.16 -55.34
C PRO Q 340 4.33 56.67 -55.55
N GLU Q 341 3.33 57.22 -56.22
CA GLU Q 341 3.24 58.66 -56.43
C GLU Q 341 2.93 59.43 -55.15
N GLY Q 342 2.44 58.76 -54.12
CA GLY Q 342 2.10 59.41 -52.87
C GLY Q 342 0.62 59.54 -52.58
N VAL Q 343 -0.23 58.85 -53.33
CA VAL Q 343 -1.67 58.89 -53.12
C VAL Q 343 -2.05 57.72 -52.22
N ASN Q 344 -2.53 58.04 -51.02
CA ASN Q 344 -2.93 57.02 -50.05
C ASN Q 344 -4.41 56.72 -50.24
N CYS Q 345 -4.71 55.53 -50.72
CA CYS Q 345 -6.07 55.15 -51.07
C CYS Q 345 -6.85 54.70 -49.83
N ILE Q 346 -8.17 54.79 -49.94
CA ILE Q 346 -9.09 54.33 -48.90
C ILE Q 346 -10.02 53.33 -49.54
N LEU Q 347 -10.09 52.12 -48.97
CA LEU Q 347 -10.81 51.00 -49.57
C LEU Q 347 -11.91 50.50 -48.64
N ASN Q 348 -12.94 49.93 -49.24
CA ASN Q 348 -14.03 49.30 -48.50
C ASN Q 348 -13.74 47.81 -48.44
N LYS Q 349 -12.77 47.44 -47.61
CA LYS Q 349 -12.39 46.04 -47.44
C LYS Q 349 -13.56 45.25 -46.87
N GLU Q 350 -14.07 44.29 -47.64
CA GLU Q 350 -15.10 43.41 -47.12
C GLU Q 350 -14.56 42.61 -45.95
N ASN Q 351 -15.37 42.49 -44.90
CA ASN Q 351 -15.06 41.80 -43.65
C ASN Q 351 -14.12 42.61 -42.77
N TYR Q 352 -13.61 43.74 -43.23
CA TYR Q 352 -12.77 44.63 -42.42
C TYR Q 352 -13.34 46.02 -42.25
N GLY Q 353 -14.17 46.48 -43.19
CA GLY Q 353 -14.70 47.82 -43.15
C GLY Q 353 -13.93 48.77 -44.05
N ILE Q 354 -14.12 50.06 -43.80
CA ILE Q 354 -13.44 51.11 -44.53
C ILE Q 354 -12.07 51.32 -43.89
N VAL Q 355 -11.01 51.14 -44.66
CA VAL Q 355 -9.65 51.21 -44.15
C VAL Q 355 -8.82 52.10 -45.06
N VAL Q 356 -7.74 52.63 -44.49
CA VAL Q 356 -6.74 53.38 -45.25
C VAL Q 356 -5.62 52.42 -45.62
N TRP Q 357 -5.35 52.29 -46.91
CA TRP Q 357 -4.41 51.30 -47.42
C TRP Q 357 -3.17 51.96 -48.01
N GLY Q 358 -2.66 52.99 -47.34
CA GLY Q 358 -1.45 53.66 -47.75
C GLY Q 358 -0.90 54.57 -46.68
N ALA Q 359 0.43 54.64 -46.58
CA ALA Q 359 1.08 55.48 -45.58
C ALA Q 359 2.26 56.23 -46.17
N ARG Q 360 2.16 56.66 -47.43
CA ARG Q 360 3.22 57.36 -48.11
C ARG Q 360 2.95 58.85 -48.18
N THR Q 361 4.02 59.62 -48.32
CA THR Q 361 3.96 61.07 -48.41
C THR Q 361 4.10 61.49 -49.88
N LEU Q 362 4.18 62.80 -50.11
CA LEU Q 362 4.38 63.34 -51.44
C LEU Q 362 5.85 63.57 -51.76
N SER Q 363 6.75 63.17 -50.87
CA SER Q 363 8.17 63.39 -51.08
C SER Q 363 8.72 62.44 -52.15
N ALA Q 364 9.79 62.88 -52.80
CA ALA Q 364 10.56 62.04 -53.72
C ALA Q 364 11.75 61.40 -53.04
N ASP Q 365 12.17 61.90 -51.89
CA ASP Q 365 13.31 61.35 -51.18
C ASP Q 365 12.98 59.94 -50.68
N PRO Q 366 13.75 58.91 -51.05
CA PRO Q 366 13.44 57.56 -50.56
C PRO Q 366 13.59 57.41 -49.05
N ASN Q 367 14.33 58.30 -48.40
CA ASN Q 367 14.54 58.18 -46.96
C ASN Q 367 13.29 58.53 -46.16
N ILE Q 368 12.45 59.43 -46.66
CA ILE Q 368 11.32 59.95 -45.91
C ILE Q 368 10.03 59.54 -46.60
N VAL Q 369 10.02 58.36 -47.21
CA VAL Q 369 8.86 57.92 -47.99
C VAL Q 369 7.62 57.85 -47.12
N PHE Q 370 7.79 57.41 -45.87
CA PHE Q 370 6.66 57.04 -45.04
C PHE Q 370 6.26 58.15 -44.05
N ILE Q 371 4.95 58.36 -43.95
CA ILE Q 371 4.42 59.33 -42.99
C ILE Q 371 4.80 58.93 -41.57
N SER Q 372 5.02 57.64 -41.32
CA SER Q 372 5.50 57.23 -40.00
C SER Q 372 6.88 57.82 -39.72
N THR Q 373 7.78 57.78 -40.71
CA THR Q 373 9.09 58.40 -40.55
C THR Q 373 8.95 59.91 -40.36
N ARG Q 374 8.09 60.54 -41.17
CA ARG Q 374 7.90 61.98 -41.03
C ARG Q 374 7.41 62.33 -39.62
N ILE Q 375 6.44 61.56 -39.11
CA ILE Q 375 5.87 61.83 -37.81
C ILE Q 375 6.89 61.58 -36.70
N ILE Q 376 7.73 60.55 -36.86
CA ILE Q 376 8.76 60.29 -35.86
C ILE Q 376 9.73 61.47 -35.80
N LEU Q 377 10.17 61.96 -36.95
CA LEU Q 377 11.08 63.11 -36.94
C LEU Q 377 10.42 64.34 -36.35
N ASN Q 378 9.15 64.59 -36.70
CA ASN Q 378 8.44 65.73 -36.14
C ASN Q 378 8.31 65.61 -34.62
N ILE Q 379 8.01 64.41 -34.13
CA ILE Q 379 7.88 64.20 -32.70
C ILE Q 379 9.20 64.46 -32.00
N VAL Q 380 10.30 63.97 -32.56
CA VAL Q 380 11.61 64.23 -31.97
C VAL Q 380 11.85 65.72 -31.88
N ILE Q 381 11.61 66.44 -32.98
CA ILE Q 381 11.91 67.87 -33.03
C ILE Q 381 11.06 68.62 -32.01
N ASN Q 382 9.76 68.31 -31.95
CA ASN Q 382 8.87 69.05 -31.07
C ASN Q 382 9.12 68.73 -29.60
N THR Q 383 9.44 67.47 -29.29
CA THR Q 383 9.82 67.13 -27.92
C THR Q 383 11.07 67.88 -27.51
N LEU Q 384 12.07 67.96 -28.40
CA LEU Q 384 13.27 68.71 -28.08
C LEU Q 384 12.96 70.19 -27.87
N ASN Q 385 12.10 70.76 -28.71
CA ASN Q 385 11.75 72.17 -28.58
C ASN Q 385 11.06 72.43 -27.23
N ARG Q 386 10.10 71.58 -26.87
CA ARG Q 386 9.42 71.76 -25.60
C ARG Q 386 10.39 71.61 -24.43
N GLY Q 387 11.32 70.68 -24.54
CA GLY Q 387 12.32 70.54 -23.49
C GLY Q 387 13.19 71.77 -23.35
N TYR Q 388 13.67 72.30 -24.47
CA TYR Q 388 14.56 73.45 -24.46
C TYR Q 388 13.86 74.75 -24.10
N ASP Q 389 12.53 74.81 -24.22
CA ASP Q 389 11.81 76.02 -23.85
C ASP Q 389 12.20 76.50 -22.46
N PHE Q 390 12.34 75.56 -21.52
CA PHE Q 390 12.75 75.93 -20.16
C PHE Q 390 14.16 76.50 -20.14
N ASP Q 391 15.08 75.91 -20.91
CA ASP Q 391 16.45 76.38 -20.95
C ASP Q 391 16.59 77.72 -21.67
N ILE Q 392 15.58 78.14 -22.42
CA ILE Q 392 15.65 79.44 -23.08
C ILE Q 392 15.76 80.55 -22.05
N PHE Q 393 16.60 81.54 -22.34
CA PHE Q 393 16.85 82.73 -21.53
C PHE Q 393 17.63 82.43 -20.25
N ASN Q 394 18.07 81.20 -20.02
CA ASN Q 394 18.97 80.92 -18.92
C ASN Q 394 20.32 81.58 -19.17
N SER Q 395 20.97 82.02 -18.10
CA SER Q 395 22.24 82.71 -18.23
C SER Q 395 23.36 81.72 -18.55
N VAL Q 396 24.49 82.27 -18.97
CA VAL Q 396 25.69 81.48 -19.27
C VAL Q 396 26.84 82.13 -18.50
N GLY Q 397 27.14 81.58 -17.33
CA GLY Q 397 28.27 82.04 -16.55
C GLY Q 397 29.57 81.43 -17.03
N GLY Q 398 30.65 81.76 -16.30
CA GLY Q 398 31.94 81.19 -16.61
C GLY Q 398 31.99 79.68 -16.45
N THR Q 399 31.09 79.12 -15.64
CA THR Q 399 31.06 77.67 -15.45
C THR Q 399 30.71 76.95 -16.75
N ALA Q 400 29.81 77.53 -17.56
CA ALA Q 400 29.39 76.92 -18.82
C ALA Q 400 28.78 75.54 -18.59
N THR Q 401 28.18 75.34 -17.42
CA THR Q 401 27.57 74.05 -17.10
C THR Q 401 26.22 73.87 -17.79
N VAL Q 402 25.60 74.97 -18.25
CA VAL Q 402 24.30 74.88 -18.88
C VAL Q 402 24.36 74.06 -20.16
N LEU Q 403 25.51 74.05 -20.84
CA LEU Q 403 25.63 73.27 -22.06
C LEU Q 403 25.66 71.77 -21.76
N ASP Q 404 26.42 71.39 -20.74
CA ASP Q 404 26.41 69.99 -20.30
C ASP Q 404 25.01 69.59 -19.85
N ASN Q 405 24.32 70.50 -19.15
CA ASN Q 405 22.95 70.23 -18.72
C ASN Q 405 22.04 70.03 -19.93
N ILE Q 406 22.20 70.85 -20.96
CA ILE Q 406 21.39 70.71 -22.17
C ILE Q 406 21.63 69.35 -22.81
N GLN Q 407 22.90 68.93 -22.90
CA GLN Q 407 23.19 67.63 -23.50
C GLN Q 407 22.58 66.51 -22.68
N ARG Q 408 22.68 66.59 -21.34
CA ARG Q 408 22.11 65.56 -20.48
C ARG Q 408 20.59 65.50 -20.66
N LYS Q 409 19.93 66.66 -20.71
CA LYS Q 409 18.50 66.71 -20.90
C LYS Q 409 18.09 66.10 -22.24
N THR Q 410 18.85 66.42 -23.29
CA THR Q 410 18.55 65.85 -24.60
C THR Q 410 18.69 64.34 -24.58
N ASN Q 411 19.73 63.83 -23.90
CA ASN Q 411 19.87 62.39 -23.76
C ASN Q 411 18.68 61.79 -23.04
N THR Q 412 18.20 62.45 -21.99
CA THR Q 412 17.04 61.95 -21.26
C THR Q 412 15.81 61.88 -22.16
N LEU Q 413 15.53 62.96 -22.90
CA LEU Q 413 14.35 62.97 -23.76
C LEU Q 413 14.45 61.93 -24.86
N LEU Q 414 15.63 61.77 -25.47
CA LEU Q 414 15.79 60.76 -26.50
C LEU Q 414 15.69 59.35 -25.93
N THR Q 415 16.13 59.15 -24.68
CA THR Q 415 15.90 57.86 -24.03
C THR Q 415 14.42 57.59 -23.85
N THR Q 416 13.65 58.61 -23.47
CA THR Q 416 12.21 58.44 -23.34
C THR Q 416 11.60 58.05 -24.68
N LEU Q 417 12.01 58.73 -25.75
CA LEU Q 417 11.48 58.37 -27.07
C LEU Q 417 11.90 56.96 -27.47
N TYR Q 418 13.13 56.57 -27.17
CA TYR Q 418 13.57 55.21 -27.48
C TYR Q 418 12.73 54.18 -26.75
N GLN Q 419 12.42 54.44 -25.47
CA GLN Q 419 11.49 53.58 -24.75
C GLN Q 419 10.14 53.52 -25.44
N ALA Q 420 9.66 54.68 -25.90
CA ALA Q 420 8.42 54.70 -26.68
C ALA Q 420 8.53 53.81 -27.92
N GLY Q 421 9.72 53.66 -28.48
CA GLY Q 421 9.93 52.75 -29.58
C GLY Q 421 9.83 53.41 -30.94
N LEU Q 422 10.41 54.61 -31.06
CA LEU Q 422 10.35 55.39 -32.29
C LEU Q 422 11.60 55.24 -33.14
N PHE Q 423 12.54 54.38 -32.74
CA PHE Q 423 13.81 54.24 -33.43
C PHE Q 423 14.05 52.79 -33.80
N TYR Q 424 14.97 52.58 -34.74
CA TYR Q 424 15.45 51.25 -35.11
C TYR Q 424 16.77 51.01 -34.40
N GLY Q 425 16.95 49.82 -33.85
CA GLY Q 425 18.14 49.49 -33.10
C GLY Q 425 17.81 48.91 -31.74
N GLN Q 426 18.60 47.93 -31.30
CA GLN Q 426 18.35 47.28 -30.01
C GLN Q 426 18.74 48.15 -28.83
N THR Q 427 19.50 49.22 -29.05
CA THR Q 427 20.00 50.04 -27.96
C THR Q 427 20.08 51.50 -28.40
N THR Q 428 20.22 52.38 -27.41
CA THR Q 428 20.35 53.81 -27.71
C THR Q 428 21.56 54.09 -28.57
N SER Q 429 22.66 53.35 -28.36
CA SER Q 429 23.85 53.55 -29.19
C SER Q 429 23.56 53.24 -30.65
N GLU Q 430 22.60 52.38 -30.94
CA GLU Q 430 22.16 52.10 -32.30
C GLU Q 430 21.03 53.00 -32.74
N ALA Q 431 20.36 53.68 -31.80
CA ALA Q 431 19.19 54.49 -32.11
C ALA Q 431 19.50 55.96 -32.36
N PHE Q 432 20.30 56.60 -31.52
CA PHE Q 432 20.51 58.04 -31.63
C PHE Q 432 21.86 58.44 -31.04
N SER Q 433 22.28 59.65 -31.39
CA SER Q 433 23.50 60.24 -30.83
C SER Q 433 23.31 61.75 -30.77
N VAL Q 434 24.07 62.39 -29.87
CA VAL Q 434 23.88 63.79 -29.53
C VAL Q 434 25.23 64.50 -29.50
N LEU Q 435 25.20 65.82 -29.75
CA LEU Q 435 26.39 66.64 -29.63
C LEU Q 435 25.95 68.08 -29.41
N GLY Q 436 26.11 68.59 -28.19
CA GLY Q 436 25.76 69.97 -27.89
C GLY Q 436 26.64 70.65 -26.86
N ASP Q 437 27.74 70.01 -26.47
CA ASP Q 437 28.56 70.55 -25.40
C ASP Q 437 29.29 71.81 -25.87
N ALA Q 438 30.12 72.36 -24.99
CA ALA Q 438 30.86 73.58 -25.31
C ALA Q 438 31.87 73.35 -26.43
N SER Q 439 32.15 72.09 -26.77
CA SER Q 439 33.11 71.81 -27.83
C SER Q 439 32.63 72.28 -29.19
N VAL Q 440 31.34 72.59 -29.34
CA VAL Q 440 30.77 73.01 -30.60
C VAL Q 440 30.18 74.41 -30.55
N GLN Q 441 30.24 75.08 -29.40
CA GLN Q 441 29.73 76.44 -29.27
C GLN Q 441 30.82 77.44 -29.62
N VAL Q 442 30.38 78.61 -30.09
CA VAL Q 442 31.28 79.65 -30.59
C VAL Q 442 31.07 80.89 -29.74
N PRO Q 443 32.12 81.51 -29.19
CA PRO Q 443 31.91 82.72 -28.39
C PRO Q 443 31.19 83.83 -29.14
N SER Q 444 31.47 84.00 -30.44
CA SER Q 444 30.81 85.05 -31.20
C SER Q 444 29.30 84.84 -31.21
N LEU Q 445 28.85 83.60 -31.39
CA LEU Q 445 27.42 83.31 -31.41
C LEU Q 445 26.85 83.30 -29.99
N LEU Q 446 27.63 82.85 -29.00
CA LEU Q 446 27.17 82.89 -27.63
C LEU Q 446 26.92 84.32 -27.17
N GLN Q 447 27.71 85.28 -27.66
CA GLN Q 447 27.47 86.68 -27.33
C GLN Q 447 26.13 87.15 -27.88
N GLN Q 448 25.67 86.56 -28.97
CA GLN Q 448 24.34 86.85 -29.52
C GLN Q 448 23.26 85.96 -28.94
N GLY Q 449 23.63 84.95 -28.14
CA GLY Q 449 22.65 84.09 -27.52
C GLY Q 449 22.26 82.89 -28.35
N LEU Q 450 23.12 82.47 -29.28
CA LEU Q 450 22.83 81.37 -30.18
C LEU Q 450 23.61 80.13 -29.74
N VAL Q 451 22.91 79.02 -29.56
CA VAL Q 451 23.50 77.76 -29.15
C VAL Q 451 23.10 76.69 -30.16
N ASN Q 452 24.08 75.89 -30.59
CA ASN Q 452 23.87 74.90 -31.64
C ASN Q 452 23.83 73.50 -31.04
N MET Q 453 22.87 72.69 -31.51
CA MET Q 453 22.64 71.34 -31.05
C MET Q 453 22.61 70.42 -32.26
N PHE Q 454 23.23 69.25 -32.16
CA PHE Q 454 23.32 68.31 -33.26
C PHE Q 454 22.78 66.96 -32.81
N ILE Q 455 21.89 66.39 -33.60
CA ILE Q 455 21.17 65.16 -33.26
C ILE Q 455 21.21 64.21 -34.44
N TRP Q 456 21.47 62.93 -34.17
CA TRP Q 456 21.34 61.86 -35.15
C TRP Q 456 20.37 60.83 -34.61
N VAL Q 457 19.46 60.36 -35.47
CA VAL Q 457 18.46 59.37 -35.08
C VAL Q 457 18.22 58.43 -36.25
N VAL Q 458 17.75 57.22 -35.90
CA VAL Q 458 17.42 56.20 -36.89
C VAL Q 458 15.94 55.87 -36.75
N PRO Q 459 15.05 56.57 -37.47
CA PRO Q 459 13.61 56.29 -37.31
C PRO Q 459 13.28 54.86 -37.71
N SER Q 460 12.28 54.31 -37.04
CA SER Q 460 11.80 52.98 -37.39
C SER Q 460 11.17 52.99 -38.77
N THR Q 461 10.81 51.80 -39.25
CA THR Q 461 10.14 51.63 -40.53
C THR Q 461 8.97 50.68 -40.33
N ILE Q 462 8.16 50.55 -41.38
CA ILE Q 462 6.92 49.80 -41.32
C ILE Q 462 6.98 48.65 -42.33
N ILE Q 463 6.01 47.75 -42.20
CA ILE Q 463 5.83 46.64 -43.13
C ILE Q 463 4.78 47.08 -44.13
N GLU Q 464 5.21 47.38 -45.36
CA GLU Q 464 4.30 47.83 -46.41
C GLU Q 464 3.73 46.69 -47.22
N ARG Q 465 4.59 45.83 -47.77
CA ARG Q 465 4.12 44.69 -48.56
C ARG Q 465 4.96 43.47 -48.22
N LEU Q 466 4.28 42.34 -48.03
CA LEU Q 466 4.90 41.10 -47.60
C LEU Q 466 4.97 40.15 -48.78
N ILE Q 467 6.11 39.46 -48.93
CA ILE Q 467 6.33 38.54 -50.03
C ILE Q 467 6.39 37.13 -49.49
N ILE Q 468 5.57 36.24 -50.04
CA ILE Q 468 5.54 34.83 -49.67
C ILE Q 468 6.14 34.05 -50.83
N ASN Q 469 7.30 33.44 -50.60
CA ASN Q 469 7.95 32.57 -51.58
C ASN Q 469 7.74 31.13 -51.12
N ILE Q 470 6.87 30.40 -51.83
CA ILE Q 470 6.42 29.09 -51.40
C ILE Q 470 6.92 28.05 -52.38
N LYS Q 471 7.23 26.86 -51.87
CA LYS Q 471 7.64 25.73 -52.69
C LYS Q 471 6.81 24.51 -52.35
N GLN Q 472 6.43 23.76 -53.38
CA GLN Q 472 5.68 22.51 -53.23
C GLN Q 472 6.56 21.27 -53.35
N THR Q 473 7.02 20.76 -52.21
CA THR Q 473 7.89 19.60 -52.21
C THR Q 473 7.15 18.27 -52.34
N ALA Q 474 7.87 17.26 -52.82
CA ALA Q 474 7.30 15.93 -52.94
C ALA Q 474 7.27 15.25 -51.58
N ILE Q 475 6.46 14.19 -51.49
CA ILE Q 475 6.28 13.50 -50.22
C ILE Q 475 7.59 12.87 -49.79
N GLY Q 476 8.10 13.31 -48.64
CA GLY Q 476 9.29 12.73 -48.06
C GLY Q 476 10.51 13.65 -48.07
N ASP Q 477 10.70 14.40 -49.15
CA ASP Q 477 11.91 15.20 -49.35
C ASP Q 477 11.83 16.56 -48.67
N LEU Q 478 10.84 16.76 -47.79
CA LEU Q 478 10.66 18.06 -47.15
C LEU Q 478 11.91 18.48 -46.38
N GLU Q 479 12.42 17.60 -45.52
CA GLU Q 479 13.52 18.00 -44.66
C GLU Q 479 14.78 18.31 -45.46
N ALA Q 480 15.11 17.50 -46.46
CA ALA Q 480 16.32 17.74 -47.24
C ALA Q 480 16.18 19.00 -48.08
N THR Q 481 15.03 19.18 -48.72
CA THR Q 481 14.80 20.39 -49.51
C THR Q 481 14.90 21.62 -48.63
N VAL Q 482 14.29 21.57 -47.44
CA VAL Q 482 14.33 22.72 -46.53
C VAL Q 482 15.76 22.99 -46.10
N ALA Q 483 16.51 21.95 -45.75
CA ALA Q 483 17.90 22.16 -45.33
C ALA Q 483 18.69 22.86 -46.43
N LEU Q 484 18.63 22.33 -47.65
CA LEU Q 484 19.42 22.91 -48.74
C LEU Q 484 19.00 24.36 -49.00
N ASP Q 485 17.70 24.60 -49.15
CA ASP Q 485 17.23 25.93 -49.51
C ASP Q 485 17.50 26.93 -48.40
N THR Q 486 17.29 26.53 -47.14
CA THR Q 486 17.56 27.43 -46.02
C THR Q 486 19.03 27.76 -45.92
N ALA Q 487 19.90 26.77 -46.11
CA ALA Q 487 21.33 27.06 -46.12
C ALA Q 487 21.66 28.09 -47.18
N ALA Q 488 21.15 27.89 -48.40
CA ALA Q 488 21.43 28.83 -49.48
C ALA Q 488 20.95 30.23 -49.15
N LEU Q 489 19.69 30.34 -48.72
CA LEU Q 489 19.10 31.64 -48.45
C LEU Q 489 19.83 32.37 -47.33
N GLN Q 490 20.06 31.68 -46.21
CA GLN Q 490 20.74 32.31 -45.09
C GLN Q 490 22.15 32.74 -45.48
N SER Q 491 22.90 31.87 -46.18
CA SER Q 491 24.25 32.24 -46.57
C SER Q 491 24.25 33.45 -47.49
N SER Q 492 23.31 33.52 -48.43
CA SER Q 492 23.21 34.68 -49.28
C SER Q 492 22.94 35.94 -48.46
N VAL Q 493 22.06 35.85 -47.46
CA VAL Q 493 21.76 37.02 -46.65
C VAL Q 493 23.01 37.48 -45.90
N GLU Q 494 23.75 36.54 -45.29
CA GLU Q 494 24.95 36.94 -44.57
C GLU Q 494 25.98 37.58 -45.51
N GLU Q 495 26.21 36.96 -46.66
CA GLU Q 495 27.22 37.48 -47.58
C GLU Q 495 26.76 38.74 -48.30
N GLY Q 496 25.49 39.10 -48.22
CA GLY Q 496 25.02 40.33 -48.81
C GLY Q 496 24.70 40.26 -50.28
N THR Q 497 24.69 39.07 -50.87
CA THR Q 497 24.33 38.90 -52.27
C THR Q 497 22.84 38.63 -52.46
N ALA Q 498 22.06 38.62 -51.38
CA ALA Q 498 20.63 38.36 -51.52
C ALA Q 498 19.94 39.43 -52.33
N THR Q 499 20.43 40.67 -52.26
CA THR Q 499 19.80 41.78 -52.97
C THR Q 499 20.43 42.05 -54.33
N GLU Q 500 21.72 41.75 -54.49
CA GLU Q 500 22.38 42.03 -55.77
C GLU Q 500 21.84 41.10 -56.86
N GLY Q 501 21.54 41.68 -58.01
CA GLY Q 501 20.98 40.96 -59.12
C GLY Q 501 19.98 41.83 -59.85
N THR Q 502 19.21 41.21 -60.74
CA THR Q 502 18.20 41.90 -61.54
C THR Q 502 16.83 41.62 -60.94
N ALA Q 503 16.14 42.69 -60.55
CA ALA Q 503 14.79 42.53 -59.99
C ALA Q 503 13.75 42.12 -61.03
N PRO Q 504 12.91 41.14 -60.75
CA PRO Q 504 11.91 40.71 -61.73
C PRO Q 504 10.98 41.85 -62.10
N VAL Q 505 10.59 41.88 -63.38
CA VAL Q 505 9.70 42.92 -63.88
C VAL Q 505 8.26 42.53 -63.54
N THR R 2 -13.36 49.73 47.76
CA THR R 2 -13.30 49.83 46.30
C THR R 2 -12.90 48.48 45.70
N ASN R 3 -13.43 47.40 46.26
CA ASN R 3 -13.23 46.01 45.87
C ASN R 3 -11.87 45.47 46.31
N PHE R 4 -11.02 46.29 46.94
CA PHE R 4 -9.74 45.83 47.46
C PHE R 4 -9.61 45.91 48.97
N LEU R 5 -10.28 46.86 49.62
CA LEU R 5 -10.11 47.09 51.04
C LEU R 5 -10.99 46.20 51.90
N ASN R 6 -11.59 45.16 51.32
CA ASN R 6 -12.53 44.33 52.06
C ASN R 6 -11.86 43.61 53.22
N GLY R 7 -10.56 43.34 53.12
CA GLY R 7 -9.87 42.54 54.11
C GLY R 7 -9.05 43.32 55.11
N VAL R 8 -8.94 44.64 54.93
CA VAL R 8 -8.08 45.43 55.79
C VAL R 8 -8.54 45.36 57.24
N ASN R 9 -9.85 45.46 57.47
CA ASN R 9 -10.40 45.43 58.82
C ASN R 9 -10.79 44.01 59.23
N ILE R 10 -9.83 43.09 59.06
CA ILE R 10 -10.00 41.71 59.49
C ILE R 10 -8.71 41.29 60.19
N GLY R 11 -8.82 40.61 61.33
CA GLY R 11 -7.65 40.18 62.08
C GLY R 11 -7.35 38.69 61.94
N THR R 12 -8.36 37.84 62.08
CA THR R 12 -8.16 36.39 61.91
C THR R 12 -7.54 36.14 60.54
N PRO R 13 -6.49 35.32 60.48
CA PRO R 13 -5.81 35.09 59.21
C PRO R 13 -6.33 33.92 58.38
N GLY R 14 -7.45 34.08 57.68
CA GLY R 14 -7.99 33.00 56.86
C GLY R 14 -8.41 33.43 55.46
N ALA R 15 -9.30 32.67 54.84
CA ALA R 15 -9.79 33.01 53.50
C ALA R 15 -11.26 33.39 53.53
N TYR R 16 -11.60 34.59 53.05
CA TYR R 16 -12.97 35.06 53.10
C TYR R 16 -13.43 35.51 51.72
N ALA R 17 -14.74 35.46 51.51
CA ALA R 17 -15.35 35.82 50.23
C ALA R 17 -16.30 37.00 50.32
N PHE R 18 -16.12 37.95 49.40
CA PHE R 18 -16.98 39.13 49.30
C PHE R 18 -17.58 39.19 47.91
N TYR R 19 -18.71 39.87 47.78
CA TYR R 19 -19.39 40.00 46.50
C TYR R 19 -18.95 41.29 45.82
N GLN R 20 -18.34 41.15 44.64
CA GLN R 20 -17.82 42.29 43.89
C GLN R 20 -18.75 43.45 43.72
N THR R 21 -18.23 44.66 43.94
CA THR R 21 -19.03 45.85 43.73
C THR R 21 -18.70 46.40 42.36
N THR R 22 -18.34 47.68 42.30
CA THR R 22 -17.97 48.28 41.02
C THR R 22 -16.67 49.03 41.18
N GLN R 23 -15.77 48.88 40.21
CA GLN R 23 -14.53 49.62 40.26
C GLN R 23 -14.60 50.86 39.38
N SER R 24 -14.48 52.03 40.00
CA SER R 24 -14.49 53.26 39.24
C SER R 24 -13.21 53.33 38.41
N ARG R 25 -13.37 53.26 37.10
CA ARG R 25 -12.21 53.30 36.23
C ARG R 25 -11.44 54.64 36.35
N PRO R 26 -10.08 54.63 36.54
CA PRO R 26 -9.47 55.96 36.61
C PRO R 26 -9.44 56.64 35.26
N ILE R 27 -9.66 57.95 35.25
CA ILE R 27 -9.58 58.75 34.04
C ILE R 27 -8.21 59.40 33.99
N ASN R 28 -7.43 59.07 32.97
CA ASN R 28 -6.09 59.60 32.85
C ASN R 28 -6.15 61.12 32.63
N VAL R 29 -5.11 61.80 33.08
CA VAL R 29 -5.03 63.26 32.91
C VAL R 29 -4.70 63.53 31.45
N GLU R 30 -5.70 63.92 30.68
CA GLU R 30 -5.57 64.16 29.25
C GLU R 30 -6.26 65.47 28.93
N PRO R 31 -5.92 66.08 27.78
CA PRO R 31 -6.47 67.42 27.50
C PRO R 31 -7.97 67.43 27.27
N PHE R 32 -8.52 66.43 26.58
CA PHE R 32 -9.96 66.42 26.27
C PHE R 32 -10.57 65.08 26.68
N ARG R 33 -10.86 64.93 27.98
CA ARG R 33 -11.83 63.95 28.42
C ARG R 33 -12.59 64.49 29.63
N THR R 34 -12.98 65.76 29.58
CA THR R 34 -13.66 66.41 30.70
C THR R 34 -14.72 67.36 30.17
N CYS R 35 -15.76 67.56 30.97
CA CYS R 35 -16.84 68.48 30.64
C CYS R 35 -17.13 69.36 31.84
N TYR R 36 -17.15 70.67 31.61
CA TYR R 36 -17.42 71.68 32.63
C TYR R 36 -18.83 72.20 32.40
N MET R 37 -19.73 71.88 33.32
CA MET R 37 -21.11 72.34 33.26
C MET R 37 -21.31 73.49 34.23
N VAL R 38 -21.75 74.63 33.69
CA VAL R 38 -22.07 75.81 34.48
C VAL R 38 -23.56 75.77 34.78
N GLY R 39 -23.91 75.69 36.05
CA GLY R 39 -25.30 75.65 36.47
C GLY R 39 -25.52 76.49 37.70
N PHE R 40 -26.72 76.40 38.25
CA PHE R 40 -27.08 77.11 39.46
C PHE R 40 -27.80 76.17 40.42
N ALA R 41 -27.47 76.29 41.70
CA ALA R 41 -28.17 75.58 42.77
C ALA R 41 -28.46 76.56 43.89
N SER R 42 -29.64 76.45 44.48
CA SER R 42 -29.98 77.29 45.63
C SER R 42 -28.94 77.13 46.73
N ASN R 43 -28.48 75.90 46.95
CA ASN R 43 -27.40 75.66 47.90
C ASN R 43 -26.16 76.45 47.51
N GLY R 44 -25.56 77.11 48.48
CA GLY R 44 -24.32 77.84 48.25
C GLY R 44 -23.11 77.02 48.65
N VAL R 45 -23.18 75.70 48.42
CA VAL R 45 -22.08 74.83 48.80
C VAL R 45 -20.81 75.24 48.08
N ASN R 46 -20.91 75.59 46.81
CA ASN R 46 -19.79 76.08 46.02
C ASN R 46 -20.22 77.34 45.29
N LYS R 47 -19.36 78.36 45.31
CA LYS R 47 -19.61 79.64 44.65
C LYS R 47 -18.49 79.86 43.64
N ASN R 48 -18.79 79.58 42.37
CA ASN R 48 -17.79 79.72 41.31
C ASN R 48 -16.54 78.91 41.60
N VAL R 49 -16.75 77.69 42.10
CA VAL R 49 -15.68 76.75 42.39
C VAL R 49 -15.93 75.49 41.58
N PRO R 50 -15.22 75.30 40.47
CA PRO R 50 -15.38 74.05 39.70
C PRO R 50 -15.09 72.85 40.57
N THR R 51 -16.12 72.05 40.82
CA THR R 51 -16.03 70.88 41.69
C THR R 51 -16.34 69.62 40.89
N ARG R 52 -15.48 68.61 41.03
CA ARG R 52 -15.70 67.37 40.30
C ARG R 52 -16.91 66.63 40.88
N ILE R 53 -17.64 65.96 40.00
CA ILE R 53 -18.84 65.22 40.35
C ILE R 53 -18.61 63.75 40.01
N SER R 54 -18.83 62.88 41.00
CA SER R 54 -18.60 61.46 40.78
C SER R 54 -19.77 60.79 40.07
N ASN R 55 -21.00 61.16 40.44
CA ASN R 55 -22.18 60.57 39.83
C ASN R 55 -23.39 61.41 40.22
N LEU R 56 -24.57 60.99 39.77
CA LEU R 56 -25.78 61.77 40.00
C LEU R 56 -26.11 61.86 41.47
N THR R 57 -25.94 60.76 42.21
CA THR R 57 -26.21 60.79 43.65
C THR R 57 -25.27 61.77 44.35
N ASP R 58 -23.99 61.75 43.99
CA ASP R 58 -23.05 62.70 44.57
C ASP R 58 -23.45 64.13 44.25
N PHE R 59 -23.86 64.39 43.00
CA PHE R 59 -24.29 65.73 42.62
C PHE R 59 -25.47 66.17 43.47
N THR R 60 -26.48 65.30 43.62
CA THR R 60 -27.66 65.67 44.38
C THR R 60 -27.32 65.90 45.85
N ASN R 61 -26.45 65.07 46.42
CA ASN R 61 -26.10 65.22 47.83
C ASN R 61 -25.32 66.51 48.06
N VAL R 62 -24.42 66.87 47.14
CA VAL R 62 -23.59 68.05 47.35
C VAL R 62 -24.39 69.33 47.07
N TYR R 63 -25.14 69.36 45.97
CA TYR R 63 -25.80 70.58 45.52
C TYR R 63 -27.31 70.57 45.73
N GLY R 64 -27.90 69.43 46.07
CA GLY R 64 -29.34 69.40 46.28
C GLY R 64 -30.09 69.58 44.96
N THR R 65 -31.30 70.12 45.07
CA THR R 65 -32.16 70.29 43.91
C THR R 65 -31.62 71.37 42.99
N SER R 66 -31.59 71.07 41.70
CA SER R 66 -31.18 72.03 40.68
C SER R 66 -31.75 71.58 39.35
N ALA R 67 -31.92 72.54 38.43
CA ALA R 67 -32.47 72.24 37.11
C ALA R 67 -31.48 71.48 36.24
N SER R 68 -30.23 71.34 36.66
CA SER R 68 -29.21 70.64 35.88
C SER R 68 -29.16 69.15 36.17
N THR R 69 -30.06 68.64 37.02
CA THR R 69 -30.01 67.22 37.39
C THR R 69 -30.19 66.33 36.18
N ASN R 70 -31.14 66.66 35.31
CA ASN R 70 -31.37 65.85 34.11
C ASN R 70 -30.15 65.87 33.20
N SER R 71 -29.52 67.04 33.05
CA SER R 71 -28.32 67.13 32.23
C SER R 71 -27.20 66.27 32.80
N VAL R 72 -27.01 66.31 34.11
CA VAL R 72 -25.98 65.49 34.74
C VAL R 72 -26.28 64.01 34.51
N ASP R 73 -27.55 63.62 34.68
CA ASP R 73 -27.92 62.23 34.51
C ASP R 73 -27.63 61.76 33.08
N LEU R 74 -28.01 62.55 32.09
CA LEU R 74 -27.75 62.17 30.70
C LEU R 74 -26.25 62.15 30.43
N PHE R 75 -25.50 63.10 30.98
CA PHE R 75 -24.05 63.10 30.78
C PHE R 75 -23.43 61.81 31.28
N PHE R 76 -23.77 61.40 32.50
CA PHE R 76 -23.18 60.18 33.04
C PHE R 76 -23.66 58.95 32.29
N LYS R 77 -24.94 58.90 31.92
CA LYS R 77 -25.44 57.76 31.17
C LYS R 77 -24.70 57.61 29.84
N ASN R 78 -24.46 58.70 29.13
CA ASN R 78 -23.80 58.65 27.84
C ASN R 78 -22.29 58.56 27.95
N SER R 79 -21.71 58.90 29.10
CA SER R 79 -20.28 58.76 29.30
C SER R 79 -19.88 57.38 29.78
N GLN R 80 -20.79 56.64 30.42
CA GLN R 80 -20.57 55.24 30.76
C GLN R 80 -19.36 55.08 31.67
N GLY R 81 -19.13 56.05 32.53
CA GLY R 81 -18.03 56.02 33.47
C GLY R 81 -16.72 56.58 32.98
N PHE R 82 -16.64 56.97 31.71
CA PHE R 82 -15.44 57.61 31.18
C PHE R 82 -15.60 59.13 31.22
N GLY R 83 -14.48 59.83 31.31
CA GLY R 83 -14.50 61.28 31.37
C GLY R 83 -14.99 61.80 32.70
N ASN R 84 -14.69 63.06 32.99
CA ASN R 84 -15.06 63.69 34.25
C ASN R 84 -16.04 64.82 34.00
N LEU R 85 -16.87 65.10 35.01
CA LEU R 85 -17.77 66.24 35.01
C LEU R 85 -17.37 67.19 36.13
N TYR R 86 -17.23 68.47 35.80
CA TYR R 86 -16.96 69.51 36.79
C TYR R 86 -18.12 70.49 36.78
N PHE R 87 -18.84 70.57 37.90
CA PHE R 87 -19.95 71.50 38.04
C PHE R 87 -19.44 72.81 38.61
N VAL R 88 -19.89 73.91 38.01
CA VAL R 88 -19.59 75.26 38.50
C VAL R 88 -20.92 75.91 38.85
N ASN R 89 -21.11 76.21 40.13
CA ASN R 89 -22.37 76.73 40.66
C ASN R 89 -22.29 78.27 40.69
N VAL R 90 -23.21 78.93 39.98
CA VAL R 90 -23.17 80.38 39.91
C VAL R 90 -23.40 81.05 41.27
N ALA R 91 -22.39 81.80 41.71
CA ALA R 91 -22.49 82.62 42.90
C ALA R 91 -23.38 83.82 42.68
N ILE R 92 -24.30 84.06 43.61
CA ILE R 92 -25.12 85.25 43.51
C ILE R 92 -24.37 86.41 44.23
N PRO R 93 -24.22 87.61 43.58
CA PRO R 93 -23.48 88.61 44.35
C PRO R 93 -24.26 89.08 45.57
N THR R 94 -23.54 89.27 46.67
CA THR R 94 -24.17 89.68 47.92
C THR R 94 -24.69 91.11 47.80
N ARG R 95 -25.94 91.32 48.21
CA ARG R 95 -26.56 92.63 48.20
C ARG R 95 -26.91 93.04 49.62
N TYR R 96 -26.41 94.19 50.04
CA TYR R 96 -26.65 94.73 51.37
C TYR R 96 -27.45 96.02 51.24
N GLN R 97 -28.56 96.12 51.97
CA GLN R 97 -29.45 97.27 51.91
C GLN R 97 -29.34 98.05 53.22
N ILE R 98 -28.89 99.30 53.12
CA ILE R 98 -28.85 100.23 54.23
C ILE R 98 -30.00 101.22 54.06
N VAL R 99 -30.67 101.54 55.16
CA VAL R 99 -31.76 102.51 55.15
C VAL R 99 -31.47 103.56 56.22
N VAL R 100 -31.66 104.83 55.87
CA VAL R 100 -31.48 105.95 56.80
C VAL R 100 -32.86 106.24 57.39
N THR R 101 -33.17 105.55 58.49
CA THR R 101 -34.46 105.74 59.14
C THR R 101 -34.63 107.15 59.70
N ALA R 102 -33.53 107.86 59.95
CA ALA R 102 -33.60 109.20 60.54
C ALA R 102 -32.35 109.96 60.16
N ALA R 103 -32.40 111.28 60.38
CA ALA R 103 -31.28 112.16 60.05
C ALA R 103 -30.76 112.89 61.27
N THR R 104 -30.64 112.17 62.39
CA THR R 104 -30.17 112.77 63.63
C THR R 104 -28.66 112.97 63.59
N ALA R 105 -28.21 114.12 64.10
CA ALA R 105 -26.80 114.45 64.09
C ALA R 105 -26.01 113.47 64.96
N GLY R 106 -24.79 113.16 64.52
CA GLY R 106 -23.94 112.26 65.26
C GLY R 106 -22.90 111.65 64.35
N SER R 107 -21.94 110.96 64.99
CA SER R 107 -20.88 110.25 64.29
C SER R 107 -21.20 108.77 64.27
N TYR R 108 -21.08 108.16 63.09
CA TYR R 108 -21.47 106.76 62.90
C TYR R 108 -20.45 106.09 62.00
N SER R 109 -20.50 104.76 61.95
CA SER R 109 -19.53 103.96 61.21
C SER R 109 -20.23 103.08 60.19
N VAL R 110 -19.62 102.91 59.02
CA VAL R 110 -20.11 102.01 57.99
C VAL R 110 -18.92 101.16 57.54
N THR R 111 -18.95 99.87 57.86
CA THR R 111 -17.85 98.96 57.58
C THR R 111 -18.24 98.02 56.45
N VAL R 112 -17.34 97.89 55.47
CA VAL R 112 -17.50 96.96 54.36
C VAL R 112 -16.21 96.17 54.22
N ASN R 113 -16.30 94.85 54.37
CA ASN R 113 -15.15 93.95 54.20
C ASN R 113 -13.96 94.43 55.02
N GLY R 114 -14.22 94.87 56.24
CA GLY R 114 -13.18 95.27 57.16
C GLY R 114 -12.69 96.70 57.01
N VAL R 115 -13.17 97.43 56.02
CA VAL R 115 -12.80 98.83 55.81
C VAL R 115 -13.93 99.69 56.36
N THR R 116 -13.62 100.51 57.34
CA THR R 116 -14.62 101.33 58.03
C THR R 116 -14.52 102.77 57.56
N LYS R 117 -15.67 103.36 57.21
CA LYS R 117 -15.78 104.76 56.84
C LYS R 117 -16.62 105.48 57.88
N ALA R 118 -16.12 106.61 58.35
CA ALA R 118 -16.85 107.40 59.34
C ALA R 118 -17.79 108.38 58.65
N ILE R 119 -18.97 108.55 59.21
CA ILE R 119 -20.00 109.45 58.68
C ILE R 119 -20.37 110.43 59.78
N THR R 120 -20.30 111.72 59.47
CA THR R 120 -20.72 112.78 60.37
C THR R 120 -22.09 113.27 59.96
N VAL R 121 -23.04 113.27 60.89
CA VAL R 121 -24.39 113.73 60.65
C VAL R 121 -24.58 115.06 61.36
N VAL R 122 -25.08 116.06 60.63
CA VAL R 122 -25.18 117.42 61.12
C VAL R 122 -26.58 117.94 60.85
N GLY R 123 -26.93 119.03 61.54
CA GLY R 123 -28.23 119.64 61.36
C GLY R 123 -28.39 120.24 59.98
N GLY R 124 -29.64 120.35 59.56
CA GLY R 124 -29.96 120.88 58.25
C GLY R 124 -29.92 119.82 57.17
N ALA R 125 -28.91 118.95 57.23
CA ALA R 125 -28.78 117.87 56.26
C ALA R 125 -29.89 116.83 56.47
N THR R 126 -30.26 116.18 55.38
CA THR R 126 -31.35 115.21 55.39
C THR R 126 -30.82 113.80 55.11
N THR R 127 -31.73 112.83 55.18
CA THR R 127 -31.37 111.45 54.91
C THR R 127 -30.83 111.29 53.49
N THR R 128 -31.33 112.07 52.54
CA THR R 128 -30.79 112.05 51.19
C THR R 128 -29.31 112.43 51.21
N THR R 129 -28.97 113.50 51.94
CA THR R 129 -27.57 113.90 52.04
C THR R 129 -26.73 112.83 52.73
N ILE R 130 -27.27 112.22 53.79
CA ILE R 130 -26.53 111.18 54.49
C ILE R 130 -26.20 110.03 53.55
N ALA R 131 -27.21 109.55 52.83
CA ALA R 131 -27.01 108.44 51.90
C ALA R 131 -26.05 108.84 50.78
N ALA R 132 -26.16 110.06 50.27
CA ALA R 132 -25.28 110.51 49.20
C ALA R 132 -23.82 110.54 49.68
N ASP R 133 -23.58 111.05 50.88
CA ASP R 133 -22.23 111.07 51.42
C ASP R 133 -21.69 109.67 51.63
N VAL R 134 -22.53 108.76 52.14
CA VAL R 134 -22.09 107.38 52.33
C VAL R 134 -21.72 106.76 50.99
N ILE R 135 -22.56 106.99 49.97
CA ILE R 135 -22.29 106.46 48.64
C ILE R 135 -20.98 107.02 48.10
N SER R 136 -20.77 108.33 48.25
CA SER R 136 -19.55 108.93 47.77
C SER R 136 -18.33 108.31 48.44
N ALA R 137 -18.37 108.18 49.76
CA ALA R 137 -17.24 107.60 50.48
C ALA R 137 -16.97 106.18 50.01
N ILE R 138 -18.02 105.35 49.91
CA ILE R 138 -17.80 103.95 49.58
C ILE R 138 -17.31 103.79 48.14
N ASN R 139 -17.86 104.56 47.21
CA ASN R 139 -17.48 104.44 45.81
C ASN R 139 -16.18 105.15 45.49
N ASN R 140 -15.70 106.04 46.36
CA ASN R 140 -14.42 106.70 46.16
C ASN R 140 -13.28 106.05 46.94
N ASP R 141 -13.60 105.19 47.90
CA ASP R 141 -12.56 104.45 48.61
C ASP R 141 -11.80 103.56 47.64
N THR R 142 -10.48 103.63 47.69
CA THR R 142 -9.66 102.88 46.74
C THR R 142 -9.88 101.37 46.87
N VAL R 143 -10.21 100.89 48.07
CA VAL R 143 -10.43 99.47 48.27
C VAL R 143 -11.87 99.09 47.92
N LEU R 144 -12.83 99.83 48.46
CA LEU R 144 -14.22 99.50 48.24
C LEU R 144 -14.64 99.73 46.80
N ASN R 145 -14.10 100.76 46.14
CA ASN R 145 -14.48 101.01 44.75
C ASN R 145 -14.17 99.83 43.85
N LYS R 146 -13.23 98.96 44.26
CA LYS R 146 -12.95 97.74 43.52
C LYS R 146 -13.63 96.51 44.12
N GLU R 147 -13.79 96.45 45.44
CA GLU R 147 -14.40 95.28 46.06
C GLU R 147 -15.91 95.22 45.85
N VAL R 148 -16.61 96.34 45.97
CA VAL R 148 -18.06 96.40 45.85
C VAL R 148 -18.44 97.69 45.13
N LEU R 149 -19.72 97.79 44.78
CA LEU R 149 -20.26 98.99 44.15
C LEU R 149 -21.49 99.44 44.92
N ALA R 150 -21.53 100.73 45.27
CA ALA R 150 -22.64 101.30 46.03
C ALA R 150 -23.55 102.10 45.12
N THR R 151 -24.85 101.97 45.32
CA THR R 151 -25.85 102.66 44.51
C THR R 151 -26.98 103.14 45.41
N VAL R 152 -27.79 104.05 44.89
CA VAL R 152 -28.97 104.51 45.60
C VAL R 152 -30.06 103.44 45.51
N GLY R 153 -30.67 103.12 46.64
CA GLY R 153 -31.71 102.12 46.70
C GLY R 153 -33.04 102.63 46.22
N GLY R 154 -34.11 102.07 46.77
CA GLY R 154 -35.45 102.46 46.39
C GLY R 154 -35.80 103.90 46.70
N THR R 155 -35.05 104.55 47.60
CA THR R 155 -35.27 105.94 47.95
C THR R 155 -33.93 106.63 48.13
N SER R 156 -33.95 107.95 48.12
CA SER R 156 -32.74 108.72 48.36
C SER R 156 -32.14 108.42 49.73
N SER R 157 -32.95 107.92 50.67
CA SER R 157 -32.46 107.48 51.96
C SER R 157 -32.05 106.01 51.98
N THR R 158 -32.10 105.33 50.83
CA THR R 158 -31.73 103.93 50.73
C THR R 158 -30.42 103.78 49.96
N VAL R 159 -29.59 102.85 50.41
CA VAL R 159 -28.30 102.55 49.83
C VAL R 159 -28.21 101.05 49.62
N VAL R 160 -27.60 100.64 48.51
CA VAL R 160 -27.44 99.22 48.19
C VAL R 160 -26.01 98.98 47.78
N ILE R 161 -25.34 98.06 48.48
CA ILE R 161 -23.98 97.64 48.16
C ILE R 161 -24.08 96.29 47.47
N THR R 162 -23.58 96.22 46.24
CA THR R 162 -23.52 94.99 45.46
C THR R 162 -22.08 94.51 45.42
N SER R 163 -21.87 93.24 45.79
CA SER R 163 -20.53 92.68 45.77
C SER R 163 -20.02 92.58 44.34
N LYS R 164 -18.80 93.08 44.12
CA LYS R 164 -18.17 93.04 42.81
C LYS R 164 -17.32 91.78 42.62
N LYS R 165 -17.11 90.99 43.66
CA LYS R 165 -16.34 89.75 43.60
C LYS R 165 -17.15 88.67 44.30
N PRO R 166 -18.13 88.09 43.60
CA PRO R 166 -19.02 87.13 44.28
C PRO R 166 -18.30 85.98 44.92
N THR R 167 -17.20 85.50 44.33
CA THR R 167 -16.48 84.37 44.91
C THR R 167 -16.06 84.66 46.34
N ASN R 168 -15.48 85.84 46.57
CA ASN R 168 -15.07 86.24 47.91
C ASN R 168 -16.29 86.68 48.71
N THR R 169 -16.43 86.16 49.92
CA THR R 169 -17.52 86.57 50.78
C THR R 169 -17.40 88.05 51.12
N THR R 170 -18.53 88.76 51.09
CA THR R 170 -18.58 90.19 51.34
C THR R 170 -19.36 90.43 52.63
N THR R 171 -18.75 91.14 53.57
CA THR R 171 -19.36 91.44 54.85
C THR R 171 -19.61 92.94 54.96
N ALA R 172 -20.79 93.30 55.45
CA ALA R 172 -21.16 94.70 55.64
C ALA R 172 -21.79 94.86 57.02
N ALA R 173 -21.57 96.02 57.61
CA ALA R 173 -22.13 96.34 58.92
C ALA R 173 -22.17 97.85 59.08
N VAL R 174 -22.97 98.30 60.04
CA VAL R 174 -23.06 99.73 60.36
C VAL R 174 -23.29 99.89 61.86
N THR R 175 -22.70 100.94 62.41
CA THR R 175 -22.92 101.33 63.80
C THR R 175 -23.52 102.73 63.78
N GLY R 176 -24.79 102.82 64.17
CA GLY R 176 -25.52 104.07 64.16
C GLY R 176 -27.02 103.85 64.11
N VAL R 177 -27.78 104.64 64.87
CA VAL R 177 -29.22 104.45 64.95
C VAL R 177 -29.86 104.68 63.59
N ILE R 178 -29.44 105.72 62.88
CA ILE R 178 -30.08 106.06 61.61
C ILE R 178 -29.89 104.95 60.59
N PHE R 179 -28.72 104.30 60.58
CA PHE R 179 -28.41 103.26 59.62
C PHE R 179 -28.99 101.92 60.08
N THR R 180 -29.83 101.31 59.24
CA THR R 180 -30.29 99.96 59.48
C THR R 180 -29.93 99.09 58.28
N LEU R 181 -29.36 97.92 58.55
CA LEU R 181 -28.74 97.07 57.54
C LEU R 181 -29.51 95.76 57.42
N THR R 182 -29.78 95.34 56.18
CA THR R 182 -30.42 94.08 55.90
C THR R 182 -29.77 93.46 54.66
N THR R 183 -30.15 92.22 54.37
CA THR R 183 -29.59 91.48 53.25
C THR R 183 -30.67 91.28 52.19
N THR R 184 -30.41 91.78 50.98
CA THR R 184 -31.30 91.62 49.84
C THR R 184 -30.64 90.81 48.73
N THR R 185 -29.77 89.87 49.10
CA THR R 185 -29.08 89.06 48.11
C THR R 185 -30.09 88.33 47.22
N GLY R 186 -29.86 88.37 45.92
CA GLY R 186 -30.69 87.77 44.88
C GLY R 186 -30.83 86.28 45.10
N THR R 187 -32.06 85.78 44.92
CA THR R 187 -32.34 84.36 45.02
C THR R 187 -32.28 83.63 43.69
N SER R 188 -32.10 84.36 42.58
CA SER R 188 -32.05 83.78 41.26
C SER R 188 -30.86 84.36 40.51
N PRO R 189 -30.02 83.54 39.88
CA PRO R 189 -28.85 84.08 39.19
C PRO R 189 -29.24 84.92 37.98
N SER R 190 -28.40 85.89 37.66
CA SER R 190 -28.63 86.75 36.51
C SER R 190 -27.65 86.41 35.39
N VAL R 191 -27.97 86.92 34.19
CA VAL R 191 -27.10 86.70 33.04
C VAL R 191 -25.72 87.28 33.31
N ALA R 192 -25.65 88.42 34.00
CA ALA R 192 -24.36 88.98 34.39
C ALA R 192 -23.62 88.04 35.34
N ASP R 193 -24.33 87.39 36.26
CA ASP R 193 -23.69 86.43 37.15
C ASP R 193 -23.11 85.27 36.36
N TYR R 194 -23.88 84.74 35.41
CA TYR R 194 -23.38 83.66 34.57
C TYR R 194 -22.14 84.12 33.78
N VAL R 195 -22.18 85.33 33.25
CA VAL R 195 -21.06 85.85 32.48
C VAL R 195 -19.82 85.97 33.35
N TYR R 196 -19.98 86.47 34.57
CA TYR R 196 -18.84 86.58 35.47
C TYR R 196 -18.27 85.20 35.80
N THR R 197 -19.15 84.25 36.10
CA THR R 197 -18.66 82.90 36.41
C THR R 197 -17.91 82.32 35.23
N ILE R 198 -18.38 82.56 34.01
CA ILE R 198 -17.72 82.02 32.83
C ILE R 198 -16.37 82.70 32.59
N ASN R 199 -16.30 84.02 32.75
CA ASN R 199 -15.14 84.79 32.32
C ASN R 199 -14.17 85.12 33.45
N ASN R 200 -14.41 84.63 34.67
CA ASN R 200 -13.51 84.92 35.77
C ASN R 200 -13.17 83.72 36.64
N THR R 201 -13.81 82.57 36.46
CA THR R 201 -13.63 81.42 37.34
C THR R 201 -12.63 80.41 36.82
N PHE R 202 -12.82 79.93 35.60
CA PHE R 202 -12.00 78.84 35.09
C PHE R 202 -10.55 79.25 35.27
N ASP R 203 -9.67 78.24 35.34
CA ASP R 203 -8.25 78.43 35.56
C ASP R 203 -7.55 77.63 34.46
N PRO R 204 -6.59 78.22 33.73
CA PRO R 204 -5.92 77.44 32.68
C PRO R 204 -5.29 76.15 33.19
N ALA R 205 -4.90 76.09 34.46
CA ALA R 205 -4.34 74.86 35.00
C ALA R 205 -5.30 73.68 34.87
N LEU R 206 -6.60 73.94 34.84
CA LEU R 206 -7.57 72.87 34.68
C LEU R 206 -7.40 72.19 33.33
N GLU R 207 -7.63 70.88 33.30
CA GLU R 207 -7.55 70.13 32.05
C GLU R 207 -8.60 70.65 31.08
N ALA R 208 -8.22 70.77 29.82
CA ALA R 208 -9.14 71.25 28.81
C ALA R 208 -10.34 70.31 28.69
N GLY R 209 -11.34 70.74 27.94
CA GLY R 209 -12.52 69.92 27.74
C GLY R 209 -13.66 70.75 27.20
N PHE R 210 -14.83 70.12 27.17
CA PHE R 210 -16.03 70.81 26.72
C PHE R 210 -16.58 71.73 27.81
N VAL R 211 -17.29 72.76 27.39
CA VAL R 211 -17.97 73.68 28.30
C VAL R 211 -19.43 73.73 27.89
N ILE R 212 -20.33 73.63 28.88
CA ILE R 212 -21.76 73.61 28.61
C ILE R 212 -22.50 74.44 29.67
N ALA R 213 -23.67 74.94 29.28
CA ALA R 213 -24.54 75.73 30.15
C ALA R 213 -25.99 75.42 29.80
N PRO R 214 -26.41 74.16 29.90
CA PRO R 214 -27.78 73.82 29.51
C PRO R 214 -28.84 74.57 30.29
N GLU R 215 -28.63 74.78 31.59
CA GLU R 215 -29.62 75.49 32.39
C GLU R 215 -29.81 76.92 31.89
N ALA R 216 -28.70 77.63 31.64
CA ALA R 216 -28.80 78.98 31.13
C ALA R 216 -29.47 79.01 29.77
N PHE R 217 -29.01 78.16 28.85
CA PHE R 217 -29.57 78.18 27.50
C PHE R 217 -31.01 77.73 27.45
N SER R 218 -31.50 77.03 28.48
CA SER R 218 -32.89 76.62 28.54
C SER R 218 -33.79 77.60 29.28
N THR R 219 -33.23 78.37 30.22
CA THR R 219 -34.03 79.27 31.05
C THR R 219 -33.89 80.74 30.69
N PHE R 220 -33.03 81.09 29.74
CA PHE R 220 -32.80 82.49 29.39
C PHE R 220 -33.55 82.87 28.11
N THR R 221 -33.57 84.17 27.83
CA THR R 221 -34.18 84.71 26.63
C THR R 221 -33.14 84.84 25.53
N LYS R 222 -33.54 85.46 24.41
CA LYS R 222 -32.65 85.53 23.25
C LYS R 222 -31.40 86.33 23.55
N SER R 223 -31.56 87.53 24.12
CA SER R 223 -30.41 88.39 24.38
C SER R 223 -29.48 87.76 25.41
N ASP R 224 -30.05 87.19 26.47
CA ASP R 224 -29.23 86.54 27.49
C ASP R 224 -28.49 85.34 26.92
N ARG R 225 -29.16 84.54 26.08
CA ARG R 225 -28.47 83.42 25.44
C ARG R 225 -27.34 83.91 24.56
N LEU R 226 -27.55 85.00 23.83
CA LEU R 226 -26.48 85.55 23.00
C LEU R 226 -25.31 86.00 23.87
N SER R 227 -25.60 86.62 25.01
CA SER R 227 -24.53 87.06 25.91
C SER R 227 -23.74 85.86 26.44
N ILE R 228 -24.44 84.81 26.83
CA ILE R 228 -23.75 83.60 27.31
C ILE R 228 -22.89 83.01 26.21
N GLN R 229 -23.42 82.97 24.99
CA GLN R 229 -22.63 82.42 23.88
C GLN R 229 -21.40 83.28 23.61
N VAL R 230 -21.53 84.59 23.70
CA VAL R 230 -20.37 85.47 23.50
C VAL R 230 -19.33 85.21 24.58
N ALA R 231 -19.76 85.08 25.83
CA ALA R 231 -18.82 84.80 26.92
C ALA R 231 -18.12 83.46 26.70
N LEU R 232 -18.86 82.44 26.29
CA LEU R 232 -18.26 81.14 26.03
C LEU R 232 -17.27 81.21 24.87
N GLU R 233 -17.63 81.94 23.81
CA GLU R 233 -16.71 82.14 22.70
C GLU R 233 -15.41 82.75 23.18
N ASN R 234 -15.50 83.83 23.97
CA ASN R 234 -14.28 84.47 24.47
C ASN R 234 -13.47 83.52 25.33
N LEU R 235 -14.14 82.78 26.23
CA LEU R 235 -13.42 81.87 27.10
C LEU R 235 -12.68 80.81 26.30
N CYS R 236 -13.38 80.14 25.39
CA CYS R 236 -12.79 78.99 24.70
C CYS R 236 -11.82 79.42 23.61
N SER R 237 -11.92 80.64 23.11
CA SER R 237 -10.97 81.13 22.12
C SER R 237 -9.81 81.91 22.73
N ALA R 238 -9.86 82.18 24.04
CA ALA R 238 -8.75 82.87 24.69
C ALA R 238 -7.48 82.04 24.57
N TYR R 239 -6.36 82.73 24.40
CA TYR R 239 -5.07 82.05 24.20
C TYR R 239 -4.65 81.22 25.40
N ARG R 240 -5.25 81.41 26.56
CA ARG R 240 -4.87 80.65 27.75
C ARG R 240 -5.70 79.40 27.95
N TYR R 241 -6.88 79.28 27.34
CA TYR R 241 -7.72 78.10 27.50
C TYR R 241 -7.74 77.22 26.25
N GLN R 242 -8.16 77.77 25.12
CA GLN R 242 -8.29 77.01 23.87
C GLN R 242 -9.09 75.73 24.08
N TRP R 243 -10.35 75.91 24.46
CA TRP R 243 -11.29 74.82 24.68
C TRP R 243 -12.35 74.80 23.58
N ALA R 244 -13.33 73.91 23.74
CA ALA R 244 -14.46 73.80 22.83
C ALA R 244 -15.77 73.95 23.61
N ALA R 245 -16.67 74.77 23.09
CA ALA R 245 -17.94 75.06 23.73
C ALA R 245 -19.09 74.47 22.94
N LEU R 246 -20.08 73.96 23.66
CA LEU R 246 -21.29 73.40 23.06
C LEU R 246 -22.47 74.27 23.45
N ILE R 247 -23.36 74.53 22.49
CA ILE R 247 -24.45 75.47 22.63
C ILE R 247 -25.76 74.73 22.36
N ASP R 248 -26.74 74.92 23.25
CA ASP R 248 -28.07 74.40 23.06
C ASP R 248 -29.02 75.54 22.72
N SER R 249 -29.97 75.26 21.84
CA SER R 249 -30.96 76.27 21.45
C SER R 249 -31.82 76.65 22.65
N GLY R 250 -32.61 77.70 22.47
CA GLY R 250 -33.58 78.07 23.48
C GLY R 250 -34.58 76.95 23.71
N ALA R 251 -35.48 77.19 24.65
CA ALA R 251 -36.49 76.19 24.95
C ALA R 251 -37.34 75.94 23.71
N MET R 252 -37.79 74.69 23.56
CA MET R 252 -38.51 74.30 22.35
C MET R 252 -39.77 75.14 22.16
N SER R 253 -40.29 75.73 23.22
CA SER R 253 -41.43 76.64 23.09
C SER R 253 -41.05 77.86 22.24
N GLU R 254 -39.84 78.38 22.44
CA GLU R 254 -39.36 79.53 21.69
C GLU R 254 -38.76 79.11 20.35
N ILE R 255 -37.76 78.24 20.38
CA ILE R 255 -37.15 77.72 19.15
C ILE R 255 -38.00 76.52 18.72
N SER R 256 -39.08 76.82 18.00
CA SER R 256 -40.05 75.79 17.65
C SER R 256 -39.71 75.04 16.38
N ASN R 257 -38.74 75.52 15.59
CA ASN R 257 -38.40 74.85 14.34
C ASN R 257 -36.97 75.15 13.95
N THR R 258 -36.47 74.34 13.01
CA THR R 258 -35.11 74.47 12.53
C THR R 258 -34.84 75.83 11.90
N ASP R 259 -35.87 76.51 11.38
CA ASP R 259 -35.66 77.85 10.85
C ASP R 259 -35.26 78.82 11.96
N ARG R 260 -35.98 78.79 13.08
CA ARG R 260 -35.60 79.63 14.22
C ARG R 260 -34.25 79.21 14.77
N ALA R 261 -33.97 77.90 14.79
CA ALA R 261 -32.65 77.45 15.21
C ALA R 261 -31.57 78.03 14.31
N ILE R 262 -31.81 78.06 13.00
CA ILE R 262 -30.84 78.61 12.06
C ILE R 262 -30.65 80.09 12.30
N ALA R 263 -31.74 80.82 12.55
CA ALA R 263 -31.62 82.25 12.81
C ALA R 263 -30.77 82.51 14.05
N GLU R 264 -31.02 81.74 15.12
CA GLU R 264 -30.24 81.90 16.35
C GLU R 264 -28.77 81.56 16.10
N ALA R 265 -28.51 80.49 15.35
CA ALA R 265 -27.13 80.13 15.05
C ALA R 265 -26.44 81.21 14.23
N ALA R 266 -27.14 81.78 13.26
CA ALA R 266 -26.58 82.86 12.46
C ALA R 266 -26.24 84.05 13.35
N THR R 267 -27.11 84.36 14.32
CA THR R 267 -26.77 85.40 15.29
C THR R 267 -25.50 85.05 16.04
N TYR R 268 -25.37 83.79 16.46
CA TYR R 268 -24.16 83.35 17.14
C TYR R 268 -22.95 83.40 16.20
N ASN R 269 -21.80 83.79 16.74
CA ASN R 269 -20.58 83.97 15.96
C ASN R 269 -19.43 83.25 16.65
N SER R 270 -18.59 82.59 15.84
CA SER R 270 -17.39 81.93 16.35
C SER R 270 -16.39 81.84 15.19
N VAL R 271 -15.38 82.72 15.21
CA VAL R 271 -14.45 82.81 14.09
C VAL R 271 -13.75 81.48 13.87
N GLN R 272 -13.00 81.02 14.88
CA GLN R 272 -12.23 79.80 14.76
C GLN R 272 -13.04 78.54 15.04
N GLY R 273 -14.36 78.67 15.22
CA GLY R 273 -15.21 77.52 15.39
C GLY R 273 -15.08 76.84 16.73
N HIS R 274 -14.63 77.56 17.76
CA HIS R 274 -14.58 76.99 19.10
C HIS R 274 -15.96 76.59 19.60
N CYS R 275 -17.01 77.25 19.13
CA CYS R 275 -18.38 76.99 19.57
C CYS R 275 -19.12 76.16 18.54
N SER R 276 -19.93 75.23 19.02
CA SER R 276 -20.80 74.43 18.18
C SER R 276 -22.24 74.59 18.66
N TYR R 277 -23.18 74.32 17.76
CA TYR R 277 -24.60 74.51 18.02
C TYR R 277 -25.33 73.18 17.81
N TYR R 278 -26.22 72.84 18.73
CA TYR R 278 -27.00 71.62 18.62
C TYR R 278 -28.42 72.06 18.89
N TYR R 279 -29.39 71.55 18.13
CA TYR R 279 -30.75 72.06 18.28
C TYR R 279 -31.80 71.16 18.97
N PRO R 280 -32.15 70.00 18.37
CA PRO R 280 -33.25 69.24 18.99
C PRO R 280 -33.06 68.89 20.44
N TYR R 281 -33.96 69.36 21.29
CA TYR R 281 -33.88 69.01 22.69
C TYR R 281 -34.28 67.54 22.79
N LEU R 282 -33.77 66.86 23.81
CA LEU R 282 -34.07 65.45 23.95
C LEU R 282 -35.19 65.27 24.97
N ILE R 283 -35.88 64.14 24.90
CA ILE R 283 -36.91 63.78 25.87
C ILE R 283 -36.37 62.61 26.67
N ASN R 284 -36.13 62.83 27.95
CA ASN R 284 -35.55 61.79 28.80
C ASN R 284 -36.61 60.73 29.07
N LEU R 285 -36.24 59.73 29.88
CA LEU R 285 -37.16 58.63 30.18
C LEU R 285 -38.34 59.08 31.03
N ASP R 286 -38.31 60.30 31.58
CA ASP R 286 -39.40 60.82 32.40
C ASP R 286 -40.22 61.87 31.65
N ASP R 287 -40.17 61.86 30.31
CA ASP R 287 -40.91 62.82 29.49
C ASP R 287 -40.58 64.26 29.87
N GLN R 288 -39.29 64.51 30.12
CA GLN R 288 -38.80 65.85 30.41
C GLN R 288 -37.84 66.28 29.32
N GLN R 289 -37.97 67.52 28.87
CA GLN R 289 -37.09 68.04 27.84
C GLN R 289 -35.75 68.45 28.45
N VAL R 290 -34.67 68.12 27.75
CA VAL R 290 -33.31 68.34 28.24
C VAL R 290 -32.46 68.88 27.11
N PRO R 291 -31.65 69.91 27.33
CA PRO R 291 -30.71 70.34 26.28
C PRO R 291 -29.77 69.22 25.90
N PRO R 292 -29.44 69.09 24.61
CA PRO R 292 -28.62 67.93 24.19
C PRO R 292 -27.18 68.01 24.63
N SER R 293 -26.69 69.17 25.06
CA SER R 293 -25.25 69.36 25.24
C SER R 293 -24.65 68.31 26.17
N ALA R 294 -25.36 67.98 27.26
CA ALA R 294 -24.80 67.03 28.22
C ALA R 294 -24.62 65.65 27.60
N ALA R 295 -25.66 65.14 26.94
CA ALA R 295 -25.56 63.84 26.30
C ALA R 295 -24.51 63.85 25.20
N VAL R 296 -24.44 64.94 24.44
CA VAL R 296 -23.47 65.04 23.35
C VAL R 296 -22.06 64.99 23.92
N ALA R 297 -21.81 65.71 25.02
CA ALA R 297 -20.48 65.70 25.63
C ALA R 297 -20.14 64.31 26.17
N GLY R 298 -21.09 63.65 26.81
CA GLY R 298 -20.85 62.32 27.31
C GLY R 298 -20.47 61.36 26.19
N MET R 299 -21.24 61.41 25.10
CA MET R 299 -20.95 60.57 23.95
C MET R 299 -19.60 60.93 23.35
N ALA R 300 -19.26 62.22 23.34
CA ALA R 300 -17.98 62.64 22.78
C ALA R 300 -16.81 62.06 23.58
N LEU R 301 -16.88 62.14 24.90
CA LEU R 301 -15.81 61.58 25.72
C LEU R 301 -15.74 60.06 25.56
N TYR R 302 -16.89 59.40 25.53
CA TYR R 302 -16.91 57.95 25.37
C TYR R 302 -16.28 57.54 24.04
N ARG R 303 -16.60 58.28 22.98
CA ARG R 303 -16.00 58.00 21.67
C ARG R 303 -14.50 58.27 21.71
N PHE R 304 -14.10 59.30 22.44
CA PHE R 304 -12.68 59.66 22.52
C PHE R 304 -11.83 58.55 23.13
N VAL R 305 -12.42 57.79 24.04
CA VAL R 305 -11.71 56.69 24.64
C VAL R 305 -11.72 55.50 23.70
N ILE R 306 -12.90 55.12 23.23
CA ILE R 306 -12.99 53.92 22.40
C ILE R 306 -12.36 54.07 21.01
N ASP R 307 -12.85 55.00 20.19
CA ASP R 307 -12.35 55.09 18.83
C ASP R 307 -11.23 56.11 18.67
N GLY R 308 -10.78 56.74 19.74
CA GLY R 308 -9.73 57.74 19.67
C GLY R 308 -10.27 59.15 19.51
N PHE R 309 -9.35 60.11 19.59
CA PHE R 309 -9.71 61.52 19.70
C PHE R 309 -9.96 62.20 18.35
N ALA R 310 -9.64 61.53 17.24
CA ALA R 310 -9.84 62.15 15.93
C ALA R 310 -11.28 62.03 15.42
N GLU R 311 -12.11 61.23 16.08
CA GLU R 311 -13.47 61.04 15.64
C GLU R 311 -14.38 62.15 16.18
N PRO R 312 -15.43 62.50 15.44
CA PRO R 312 -16.36 63.53 15.91
C PRO R 312 -17.49 62.92 16.71
N PRO R 313 -18.16 63.69 17.56
CA PRO R 313 -19.34 63.17 18.29
C PRO R 313 -20.58 63.10 17.41
N ALA R 314 -20.66 62.04 16.62
CA ALA R 314 -21.76 61.82 15.69
C ALA R 314 -21.87 60.34 15.35
N GLY R 315 -22.51 60.06 14.22
CA GLY R 315 -22.69 58.71 13.74
C GLY R 315 -23.70 57.83 14.44
N VAL R 316 -24.00 56.71 13.77
CA VAL R 316 -25.01 55.78 14.28
C VAL R 316 -24.44 54.72 15.21
N ASN R 317 -23.13 54.54 15.24
CA ASN R 317 -22.52 53.52 16.10
C ASN R 317 -22.30 54.02 17.53
N PHE R 318 -22.63 55.29 17.82
CA PHE R 318 -22.57 55.83 19.17
C PHE R 318 -23.85 56.61 19.44
N PRO R 319 -24.99 55.91 19.49
CA PRO R 319 -26.26 56.59 19.75
C PRO R 319 -26.34 57.07 21.20
N LEU R 320 -27.13 58.12 21.40
CA LEU R 320 -27.32 58.67 22.73
C LEU R 320 -28.13 57.71 23.60
N LYS R 321 -27.93 57.81 24.90
CA LYS R 321 -28.56 56.93 25.88
C LYS R 321 -29.19 57.78 26.98
N GLY R 322 -30.10 57.14 27.72
CA GLY R 322 -30.89 57.86 28.70
C GLY R 322 -31.99 58.71 28.11
N VAL R 323 -32.24 58.59 26.80
CA VAL R 323 -33.27 59.34 26.11
C VAL R 323 -34.12 58.36 25.33
N LYS R 324 -35.33 58.79 24.97
CA LYS R 324 -36.25 57.97 24.20
C LYS R 324 -36.85 58.66 22.99
N ASN R 325 -36.59 59.95 22.78
CA ASN R 325 -37.11 60.65 21.62
C ASN R 325 -36.51 62.05 21.59
N VAL R 326 -36.76 62.75 20.49
CA VAL R 326 -36.39 64.14 20.35
C VAL R 326 -37.65 64.99 20.44
N ALA R 327 -37.51 66.21 20.98
CA ALA R 327 -38.67 67.07 21.14
C ALA R 327 -39.26 67.47 19.80
N TYR R 328 -38.41 67.69 18.79
CA TYR R 328 -38.86 68.09 17.46
C TYR R 328 -38.20 67.22 16.42
N LYS R 329 -38.93 66.93 15.36
CA LYS R 329 -38.46 66.05 14.29
C LYS R 329 -37.97 66.90 13.13
N VAL R 330 -36.70 66.76 12.78
CA VAL R 330 -36.07 67.54 11.73
C VAL R 330 -36.20 66.81 10.41
N THR R 331 -36.67 67.51 9.38
CA THR R 331 -36.80 66.92 8.06
C THR R 331 -35.48 67.00 7.29
N TRP R 332 -35.38 66.20 6.23
CA TRP R 332 -34.16 66.18 5.45
C TRP R 332 -33.87 67.52 4.80
N GLU R 333 -34.90 68.21 4.29
CA GLU R 333 -34.68 69.52 3.70
C GLU R 333 -34.23 70.53 4.75
N GLU R 334 -34.84 70.48 5.94
CA GLU R 334 -34.43 71.37 7.02
C GLU R 334 -32.97 71.15 7.36
N GLN R 335 -32.55 69.89 7.49
CA GLN R 335 -31.16 69.61 7.79
C GLN R 335 -30.25 70.06 6.65
N ASN R 336 -30.67 69.83 5.40
CA ASN R 336 -29.88 70.26 4.26
C ASN R 336 -29.63 71.77 4.30
N VAL R 337 -30.63 72.53 4.72
CA VAL R 337 -30.46 73.98 4.81
C VAL R 337 -29.66 74.38 6.06
N ALA R 338 -29.79 73.64 7.16
CA ALA R 338 -29.24 74.08 8.44
C ALA R 338 -27.79 73.66 8.63
N ASN R 339 -27.43 72.43 8.27
CA ASN R 339 -26.07 71.94 8.53
C ASN R 339 -25.00 72.86 7.95
N PRO R 340 -25.11 73.35 6.71
CA PRO R 340 -24.09 74.29 6.22
C PRO R 340 -23.96 75.53 7.07
N GLU R 341 -25.04 75.98 7.69
CA GLU R 341 -25.00 77.15 8.57
C GLU R 341 -24.40 76.84 9.93
N GLY R 342 -24.28 75.57 10.30
CA GLY R 342 -23.65 75.18 11.53
C GLY R 342 -24.55 74.58 12.59
N VAL R 343 -25.75 74.15 12.23
CA VAL R 343 -26.68 73.53 13.18
C VAL R 343 -26.52 72.02 13.07
N ASN R 344 -26.16 71.39 14.18
CA ASN R 344 -25.96 69.94 14.23
C ASN R 344 -27.26 69.30 14.73
N CYS R 345 -27.92 68.56 13.85
CA CYS R 345 -29.23 68.00 14.15
C CYS R 345 -29.10 66.69 14.92
N ILE R 346 -30.16 66.35 15.63
CA ILE R 346 -30.29 65.07 16.34
C ILE R 346 -31.54 64.38 15.83
N LEU R 347 -31.38 63.13 15.40
CA LEU R 347 -32.44 62.41 14.71
C LEU R 347 -32.74 61.10 15.41
N ASN R 348 -34.02 60.73 15.41
CA ASN R 348 -34.46 59.44 15.96
C ASN R 348 -34.41 58.41 14.83
N LYS R 349 -33.19 58.06 14.45
CA LYS R 349 -32.97 57.05 13.41
C LYS R 349 -33.57 55.73 13.86
N GLU R 350 -34.63 55.29 13.18
CA GLU R 350 -35.18 53.97 13.44
C GLU R 350 -34.13 52.91 13.11
N ASN R 351 -34.06 51.88 13.94
CA ASN R 351 -33.09 50.78 13.87
C ASN R 351 -31.71 51.21 14.33
N TYR R 352 -31.49 52.48 14.66
CA TYR R 352 -30.23 52.97 15.19
C TYR R 352 -30.37 53.68 16.52
N GLY R 353 -31.52 54.28 16.81
CA GLY R 353 -31.72 55.05 18.02
C GLY R 353 -31.59 56.54 17.78
N ILE R 354 -31.43 57.26 18.89
CA ILE R 354 -31.25 58.71 18.85
C ILE R 354 -29.78 58.99 18.58
N VAL R 355 -29.49 59.62 17.44
CA VAL R 355 -28.11 59.85 17.01
C VAL R 355 -27.93 61.31 16.68
N VAL R 356 -26.68 61.76 16.73
CA VAL R 356 -26.30 63.10 16.30
C VAL R 356 -25.84 62.99 14.85
N TRP R 357 -26.47 63.75 13.96
CA TRP R 357 -26.22 63.65 12.54
C TRP R 357 -25.59 64.94 12.01
N GLY R 358 -24.64 65.48 12.76
CA GLY R 358 -23.92 66.67 12.36
C GLY R 358 -22.69 66.91 13.22
N ALA R 359 -21.60 67.37 12.60
CA ALA R 359 -20.35 67.60 13.31
C ALA R 359 -19.69 68.90 12.87
N ARG R 360 -20.47 69.90 12.51
CA ARG R 360 -19.95 71.17 12.04
C ARG R 360 -19.97 72.21 13.16
N THR R 361 -19.14 73.23 12.99
CA THR R 361 -19.04 74.34 13.92
C THR R 361 -19.80 75.55 13.38
N LEU R 362 -19.68 76.67 14.08
CA LEU R 362 -20.28 77.93 13.66
C LEU R 362 -19.32 78.79 12.86
N SER R 363 -18.11 78.30 12.57
CA SER R 363 -17.14 79.09 11.84
C SER R 363 -17.48 79.16 10.36
N ALA R 364 -17.21 80.32 9.77
CA ALA R 364 -17.30 80.47 8.32
C ALA R 364 -16.02 80.04 7.61
N ASP R 365 -14.92 79.88 8.35
CA ASP R 365 -13.67 79.48 7.74
C ASP R 365 -13.78 78.05 7.22
N PRO R 366 -13.40 77.78 5.97
CA PRO R 366 -13.53 76.40 5.46
C PRO R 366 -12.49 75.44 6.02
N ASN R 367 -11.38 75.94 6.56
CA ASN R 367 -10.34 75.05 7.06
C ASN R 367 -10.72 74.41 8.39
N ILE R 368 -11.55 75.08 9.19
CA ILE R 368 -11.87 74.65 10.55
C ILE R 368 -13.35 74.30 10.63
N VAL R 369 -13.90 73.77 9.54
CA VAL R 369 -15.34 73.54 9.46
C VAL R 369 -15.79 72.57 10.54
N PHE R 370 -14.98 71.56 10.84
CA PHE R 370 -15.42 70.42 11.63
C PHE R 370 -14.94 70.49 13.07
N ILE R 371 -15.84 70.09 13.98
CA ILE R 371 -15.50 70.01 15.40
C ILE R 371 -14.35 69.05 15.61
N SER R 372 -14.19 68.04 14.75
CA SER R 372 -13.05 67.16 14.86
C SER R 372 -11.75 67.93 14.66
N THR R 373 -11.69 68.78 13.65
CA THR R 373 -10.51 69.62 13.44
C THR R 373 -10.30 70.57 14.61
N ARG R 374 -11.38 71.19 15.10
CA ARG R 374 -11.24 72.09 16.24
C ARG R 374 -10.69 71.36 17.45
N ILE R 375 -11.18 70.14 17.71
CA ILE R 375 -10.74 69.38 18.86
C ILE R 375 -9.29 68.95 18.69
N ILE R 376 -8.89 68.58 17.47
CA ILE R 376 -7.51 68.19 17.23
C ILE R 376 -6.57 69.37 17.53
N LEU R 377 -6.92 70.56 17.04
CA LEU R 377 -6.08 71.72 17.31
C LEU R 377 -6.03 72.03 18.80
N ASN R 378 -7.19 71.97 19.47
CA ASN R 378 -7.21 72.23 20.91
C ASN R 378 -6.36 71.23 21.67
N ILE R 379 -6.43 69.95 21.29
CA ILE R 379 -5.66 68.91 21.96
C ILE R 379 -4.18 69.15 21.76
N VAL R 380 -3.77 69.50 20.53
CA VAL R 380 -2.37 69.79 20.28
C VAL R 380 -1.90 70.92 21.18
N ILE R 381 -2.67 72.02 21.21
CA ILE R 381 -2.25 73.20 21.97
C ILE R 381 -2.15 72.86 23.46
N ASN R 382 -3.16 72.16 23.99
CA ASN R 382 -3.18 71.88 25.42
C ASN R 382 -2.12 70.87 25.81
N THR R 383 -1.85 69.87 24.97
CA THR R 383 -0.76 68.94 25.23
C THR R 383 0.58 69.68 25.27
N LEU R 384 0.78 70.60 24.32
CA LEU R 384 2.02 71.38 24.35
C LEU R 384 2.12 72.23 25.60
N ASN R 385 1.00 72.83 26.02
CA ASN R 385 1.01 73.65 27.23
C ASN R 385 1.37 72.81 28.46
N ARG R 386 0.75 71.63 28.59
CA ARG R 386 1.06 70.77 29.73
C ARG R 386 2.51 70.32 29.69
N GLY R 387 3.03 70.03 28.50
CA GLY R 387 4.43 69.65 28.40
C GLY R 387 5.37 70.78 28.82
N TYR R 388 5.09 71.99 28.37
CA TYR R 388 5.97 73.12 28.65
C TYR R 388 5.80 73.66 30.06
N ASP R 389 4.72 73.31 30.76
CA ASP R 389 4.57 73.74 32.14
C ASP R 389 5.82 73.41 32.96
N PHE R 390 6.39 72.22 32.75
CA PHE R 390 7.61 71.86 33.46
C PHE R 390 8.76 72.76 33.07
N ASP R 391 8.90 73.06 31.78
CA ASP R 391 9.99 73.91 31.30
C ASP R 391 9.84 75.36 31.73
N ILE R 392 8.67 75.78 32.19
CA ILE R 392 8.49 77.14 32.68
C ILE R 392 9.38 77.37 33.90
N PHE R 393 9.93 78.57 34.01
CA PHE R 393 10.78 79.03 35.11
C PHE R 393 12.13 78.33 35.15
N ASN R 394 12.48 77.51 34.17
CA ASN R 394 13.82 76.98 34.08
C ASN R 394 14.80 78.09 33.71
N SER R 395 16.06 77.91 34.11
CA SER R 395 17.08 78.90 33.82
C SER R 395 17.52 78.80 32.36
N VAL R 396 18.25 79.82 31.91
CA VAL R 396 18.81 79.88 30.57
C VAL R 396 20.25 80.36 30.71
N GLY R 397 21.20 79.44 30.70
CA GLY R 397 22.60 79.78 30.75
C GLY R 397 23.15 80.10 29.37
N GLY R 398 24.47 80.31 29.33
CA GLY R 398 25.13 80.56 28.06
C GLY R 398 25.00 79.40 27.09
N THR R 399 24.93 78.18 27.61
CA THR R 399 24.79 77.01 26.75
C THR R 399 23.51 77.06 25.92
N ALA R 400 22.41 77.55 26.52
CA ALA R 400 21.13 77.64 25.83
C ALA R 400 20.67 76.27 25.33
N THR R 401 21.02 75.21 26.07
CA THR R 401 20.60 73.87 25.69
C THR R 401 19.12 73.64 25.96
N VAL R 402 18.52 74.44 26.83
CA VAL R 402 17.11 74.25 27.16
C VAL R 402 16.23 74.46 25.95
N LEU R 403 16.66 75.31 25.01
CA LEU R 403 15.88 75.50 23.79
C LEU R 403 15.85 74.22 22.94
N ASP R 404 17.02 73.59 22.76
CA ASP R 404 17.07 72.33 22.03
C ASP R 404 16.27 71.27 22.76
N ASN R 405 16.34 71.25 24.08
CA ASN R 405 15.53 70.30 24.86
C ASN R 405 14.05 70.54 24.64
N ILE R 406 13.63 71.80 24.61
CA ILE R 406 12.23 72.11 24.36
C ILE R 406 11.79 71.62 22.99
N GLN R 407 12.64 71.84 21.98
CA GLN R 407 12.29 71.39 20.64
C GLN R 407 12.17 69.86 20.58
N ARG R 408 13.10 69.16 21.21
CA ARG R 408 13.05 67.69 21.24
C ARG R 408 11.79 67.21 21.95
N LYS R 409 11.45 67.85 23.07
CA LYS R 409 10.24 67.47 23.81
C LYS R 409 8.99 67.70 22.96
N THR R 410 8.94 68.82 22.24
CA THR R 410 7.83 69.08 21.35
C THR R 410 7.73 68.01 20.28
N ASN R 411 8.87 67.60 19.73
CA ASN R 411 8.86 66.52 18.75
C ASN R 411 8.31 65.24 19.35
N THR R 412 8.70 64.92 20.59
CA THR R 412 8.20 63.72 21.24
C THR R 412 6.68 63.77 21.43
N LEU R 413 6.17 64.90 21.92
CA LEU R 413 4.74 65.02 22.14
C LEU R 413 3.96 64.93 20.83
N LEU R 414 4.46 65.61 19.79
CA LEU R 414 3.77 65.54 18.50
C LEU R 414 3.84 64.14 17.91
N THR R 415 4.94 63.41 18.16
CA THR R 415 5.01 62.02 17.73
C THR R 415 3.95 61.17 18.45
N THR R 416 3.77 61.41 19.75
CA THR R 416 2.74 60.69 20.48
C THR R 416 1.36 60.97 19.90
N LEU R 417 1.09 62.24 19.58
CA LEU R 417 -0.19 62.57 18.95
C LEU R 417 -0.34 61.89 17.59
N TYR R 418 0.74 61.87 16.79
CA TYR R 418 0.69 61.22 15.49
C TYR R 418 0.36 59.74 15.64
N GLN R 419 0.97 59.08 16.63
CA GLN R 419 0.63 57.69 16.91
C GLN R 419 -0.85 57.57 17.28
N ALA R 420 -1.35 58.51 18.09
CA ALA R 420 -2.78 58.54 18.38
C ALA R 420 -3.61 58.68 17.12
N GLY R 421 -3.05 59.27 16.06
CA GLY R 421 -3.74 59.35 14.79
C GLY R 421 -4.55 60.60 14.58
N LEU R 422 -4.05 61.75 15.02
CA LEU R 422 -4.77 63.01 14.92
C LEU R 422 -4.40 63.82 13.69
N PHE R 423 -3.52 63.31 12.84
CA PHE R 423 -2.99 64.05 11.70
C PHE R 423 -3.23 63.29 10.41
N TYR R 424 -3.16 64.02 9.30
CA TYR R 424 -3.23 63.43 7.97
C TYR R 424 -1.82 63.42 7.39
N GLY R 425 -1.44 62.30 6.77
CA GLY R 425 -0.08 62.09 6.32
C GLY R 425 0.45 60.76 6.81
N GLN R 426 1.06 59.99 5.91
CA GLN R 426 1.55 58.67 6.27
C GLN R 426 2.71 58.70 7.27
N THR R 427 3.36 59.87 7.43
CA THR R 427 4.51 59.97 8.32
C THR R 427 4.54 61.33 8.98
N THR R 428 5.44 61.48 9.95
CA THR R 428 5.56 62.74 10.67
C THR R 428 5.95 63.89 9.75
N SER R 429 6.84 63.62 8.78
CA SER R 429 7.22 64.67 7.83
C SER R 429 6.03 65.18 7.05
N GLU R 430 5.01 64.34 6.84
CA GLU R 430 3.77 64.78 6.19
C GLU R 430 2.74 65.30 7.19
N ALA R 431 2.93 65.03 8.48
CA ALA R 431 1.94 65.38 9.50
C ALA R 431 2.23 66.72 10.17
N PHE R 432 3.44 66.94 10.68
CA PHE R 432 3.72 68.14 11.45
C PHE R 432 5.17 68.55 11.28
N SER R 433 5.46 69.79 11.68
CA SER R 433 6.81 70.32 11.71
C SER R 433 6.93 71.31 12.86
N VAL R 434 8.16 71.49 13.35
CA VAL R 434 8.43 72.28 14.53
C VAL R 434 9.57 73.25 14.26
N LEU R 435 9.55 74.39 14.97
CA LEU R 435 10.65 75.35 14.92
C LEU R 435 10.64 76.12 16.22
N GLY R 436 11.55 75.77 17.13
CA GLY R 436 11.60 76.44 18.42
C GLY R 436 12.98 76.60 19.01
N ASP R 437 14.02 76.27 18.25
CA ASP R 437 15.38 76.31 18.78
C ASP R 437 15.84 77.75 18.95
N ALA R 438 17.08 77.91 19.39
CA ALA R 438 17.63 79.24 19.66
C ALA R 438 17.72 80.10 18.40
N SER R 439 17.62 79.49 17.21
CA SER R 439 17.73 80.25 15.97
C SER R 439 16.61 81.28 15.82
N VAL R 440 15.51 81.12 16.54
CA VAL R 440 14.36 82.02 16.44
C VAL R 440 14.11 82.76 17.75
N GLN R 441 15.08 82.79 18.66
CA GLN R 441 14.96 83.50 19.92
C GLN R 441 15.71 84.82 19.85
N VAL R 442 15.21 85.81 20.57
CA VAL R 442 15.73 87.18 20.54
C VAL R 442 16.23 87.51 21.93
N PRO R 443 17.46 88.03 22.09
CA PRO R 443 17.95 88.34 23.44
C PRO R 443 17.06 89.28 24.22
N SER R 444 16.45 90.26 23.56
CA SER R 444 15.60 91.21 24.26
C SER R 444 14.41 90.51 24.90
N LEU R 445 13.81 89.55 24.18
CA LEU R 445 12.70 88.79 24.74
C LEU R 445 13.17 87.75 25.74
N LEU R 446 14.35 87.17 25.51
CA LEU R 446 14.90 86.22 26.49
C LEU R 446 15.13 86.90 27.84
N GLN R 447 15.54 88.17 27.82
CA GLN R 447 15.68 88.91 29.08
C GLN R 447 14.34 89.13 29.76
N GLN R 448 13.24 89.15 29.01
CA GLN R 448 11.91 89.22 29.58
C GLN R 448 11.33 87.86 29.89
N GLY R 449 12.01 86.78 29.51
CA GLY R 449 11.52 85.44 29.77
C GLY R 449 10.55 84.92 28.73
N LEU R 450 10.59 85.45 27.51
CA LEU R 450 9.68 85.06 26.45
C LEU R 450 10.42 84.16 25.46
N VAL R 451 9.87 82.98 25.22
CA VAL R 451 10.42 82.03 24.25
C VAL R 451 9.31 81.69 23.26
N ASN R 452 9.63 81.77 21.97
CA ASN R 452 8.65 81.59 20.91
C ASN R 452 8.82 80.22 20.26
N MET R 453 7.69 79.58 19.97
CA MET R 453 7.65 78.28 19.32
C MET R 453 6.69 78.34 18.15
N PHE R 454 7.04 77.67 17.06
CA PHE R 454 6.22 77.63 15.87
C PHE R 454 5.92 76.18 15.50
N ILE R 455 4.65 75.90 15.27
CA ILE R 455 4.15 74.54 15.02
C ILE R 455 3.32 74.56 13.75
N TRP R 456 3.56 73.57 12.89
CA TRP R 456 2.72 73.32 11.73
C TRP R 456 2.15 71.92 11.84
N VAL R 457 0.86 71.77 11.57
CA VAL R 457 0.19 70.48 11.69
C VAL R 457 -0.87 70.36 10.60
N VAL R 458 -1.18 69.11 10.25
CA VAL R 458 -2.19 68.81 9.25
C VAL R 458 -3.26 67.96 9.92
N PRO R 459 -4.28 68.56 10.54
CA PRO R 459 -5.29 67.74 11.24
C PRO R 459 -6.04 66.84 10.28
N SER R 460 -6.45 65.69 10.79
CA SER R 460 -7.22 64.74 10.00
C SER R 460 -8.58 65.34 9.67
N THR R 461 -9.34 64.62 8.84
CA THR R 461 -10.68 65.02 8.45
C THR R 461 -11.61 63.82 8.59
N ILE R 462 -12.89 64.03 8.30
CA ILE R 462 -13.91 63.02 8.50
C ILE R 462 -14.67 62.80 7.19
N ILE R 463 -15.52 61.79 7.19
CA ILE R 463 -16.39 61.47 6.06
C ILE R 463 -17.77 62.02 6.41
N GLU R 464 -18.14 63.12 5.77
CA GLU R 464 -19.45 63.72 6.01
C GLU R 464 -20.51 63.10 5.12
N ARG R 465 -20.36 63.21 3.81
CA ARG R 465 -21.32 62.67 2.86
C ARG R 465 -20.56 61.89 1.79
N LEU R 466 -20.98 60.65 1.55
CA LEU R 466 -20.30 59.73 0.66
C LEU R 466 -21.17 59.51 -0.58
N ILE R 467 -20.62 59.80 -1.75
CA ILE R 467 -21.36 59.72 -3.01
C ILE R 467 -21.00 58.41 -3.71
N ILE R 468 -22.01 57.69 -4.17
CA ILE R 468 -21.83 56.47 -4.96
C ILE R 468 -22.41 56.75 -6.34
N ASN R 469 -21.60 56.55 -7.37
CA ASN R 469 -22.00 56.73 -8.75
C ASN R 469 -22.11 55.36 -9.39
N ILE R 470 -23.34 54.92 -9.64
CA ILE R 470 -23.61 53.56 -10.08
C ILE R 470 -23.82 53.57 -11.60
N LYS R 471 -23.52 52.43 -12.23
CA LYS R 471 -23.57 52.30 -13.68
C LYS R 471 -24.23 50.97 -14.01
N GLN R 472 -25.36 51.02 -14.71
CA GLN R 472 -26.10 49.81 -15.11
C GLN R 472 -25.64 49.24 -16.44
N THR R 473 -24.80 48.21 -16.37
CA THR R 473 -24.21 47.60 -17.55
C THR R 473 -25.05 46.48 -18.17
N ALA R 474 -24.92 46.33 -19.48
CA ALA R 474 -25.63 45.30 -20.22
C ALA R 474 -24.92 43.96 -20.04
N ILE R 475 -25.55 42.89 -20.53
CA ILE R 475 -25.04 41.55 -20.33
C ILE R 475 -23.74 41.37 -21.10
N GLY R 476 -22.67 41.02 -20.37
CA GLY R 476 -21.43 40.62 -21.00
C GLY R 476 -20.43 41.74 -21.21
N ASP R 477 -20.90 43.00 -21.17
CA ASP R 477 -20.06 44.16 -21.40
C ASP R 477 -19.48 44.73 -20.11
N LEU R 478 -19.67 44.04 -18.99
CA LEU R 478 -19.25 44.58 -17.70
C LEU R 478 -17.75 44.85 -17.68
N GLU R 479 -16.94 43.87 -18.08
CA GLU R 479 -15.49 44.02 -17.96
C GLU R 479 -14.97 45.15 -18.85
N ALA R 480 -15.44 45.22 -20.10
CA ALA R 480 -14.97 46.26 -21.00
C ALA R 480 -15.40 47.64 -20.52
N THR R 481 -16.67 47.77 -20.11
CA THR R 481 -17.14 49.05 -19.60
C THR R 481 -16.35 49.47 -18.38
N VAL R 482 -16.09 48.54 -17.47
CA VAL R 482 -15.34 48.84 -16.26
C VAL R 482 -13.92 49.28 -16.61
N ALA R 483 -13.28 48.57 -17.53
CA ALA R 483 -11.92 48.95 -17.92
C ALA R 483 -11.90 50.37 -18.47
N LEU R 484 -12.79 50.67 -19.42
CA LEU R 484 -12.79 51.99 -20.03
C LEU R 484 -13.06 53.09 -19.00
N ASP R 485 -14.12 52.90 -18.19
CA ASP R 485 -14.50 53.93 -17.23
C ASP R 485 -13.43 54.11 -16.15
N THR R 486 -12.85 53.01 -15.67
CA THR R 486 -11.81 53.10 -14.66
C THR R 486 -10.58 53.82 -15.22
N ALA R 487 -10.19 53.50 -16.45
CA ALA R 487 -9.08 54.23 -17.06
C ALA R 487 -9.37 55.72 -17.10
N ALA R 488 -10.57 56.09 -17.57
CA ALA R 488 -10.92 57.51 -17.66
C ALA R 488 -10.88 58.18 -16.29
N LEU R 489 -11.48 57.54 -15.29
CA LEU R 489 -11.59 58.15 -13.97
C LEU R 489 -10.22 58.30 -13.32
N GLN R 490 -9.41 57.24 -13.36
CA GLN R 490 -8.08 57.30 -12.78
C GLN R 490 -7.22 58.35 -13.46
N SER R 491 -7.29 58.42 -14.80
CA SER R 491 -6.52 59.42 -15.52
C SER R 491 -6.95 60.82 -15.10
N SER R 492 -8.26 61.07 -15.03
CA SER R 492 -8.74 62.39 -14.63
C SER R 492 -8.25 62.75 -13.24
N VAL R 493 -8.35 61.82 -12.30
CA VAL R 493 -7.93 62.12 -10.93
C VAL R 493 -6.44 62.41 -10.87
N GLU R 494 -5.63 61.57 -11.51
CA GLU R 494 -4.18 61.73 -11.40
C GLU R 494 -3.72 62.99 -12.10
N GLU R 495 -4.35 63.35 -13.23
CA GLU R 495 -3.96 64.55 -13.95
C GLU R 495 -4.51 65.82 -13.32
N GLY R 496 -5.55 65.72 -12.50
CA GLY R 496 -6.02 66.86 -11.72
C GLY R 496 -7.24 67.56 -12.24
N THR R 497 -7.88 67.06 -13.30
CA THR R 497 -9.11 67.62 -13.81
C THR R 497 -10.35 66.93 -13.27
N ALA R 498 -10.19 65.98 -12.35
CA ALA R 498 -11.36 65.28 -11.81
C ALA R 498 -12.29 66.22 -11.08
N THR R 499 -11.79 67.36 -10.60
CA THR R 499 -12.60 68.32 -9.88
C THR R 499 -12.94 69.57 -10.68
N GLU R 500 -12.10 69.94 -11.65
CA GLU R 500 -12.35 71.17 -12.41
C GLU R 500 -13.63 71.04 -13.23
N GLY R 501 -14.43 72.09 -13.21
CA GLY R 501 -15.69 72.12 -13.89
C GLY R 501 -16.75 72.78 -13.03
N THR R 502 -18.00 72.71 -13.48
CA THR R 502 -19.13 73.29 -12.77
C THR R 502 -19.92 72.19 -12.08
N ALA R 503 -20.17 72.37 -10.80
CA ALA R 503 -20.90 71.36 -10.03
C ALA R 503 -22.39 71.27 -10.38
N PRO R 504 -22.96 70.08 -10.47
CA PRO R 504 -24.41 69.96 -10.68
C PRO R 504 -25.17 70.57 -9.51
N VAL R 505 -26.30 71.21 -9.82
CA VAL R 505 -27.11 71.82 -8.77
C VAL R 505 -27.71 70.74 -7.89
N ALA S 2 -45.28 2.07 13.13
CA ALA S 2 -45.07 0.82 12.39
C ALA S 2 -45.74 -0.35 13.10
N VAL S 3 -44.96 -1.13 13.83
CA VAL S 3 -45.51 -2.27 14.55
C VAL S 3 -45.53 -2.01 16.04
N SER S 4 -46.42 -2.70 16.75
CA SER S 4 -46.52 -2.54 18.20
C SER S 4 -46.02 -3.77 18.88
N LYS S 5 -46.91 -4.75 19.04
CA LYS S 5 -46.52 -6.00 19.65
C LYS S 5 -45.73 -6.83 18.66
N ARG S 6 -44.49 -7.14 18.99
CA ARG S 6 -43.66 -7.96 18.12
C ARG S 6 -44.23 -9.37 18.05
N PRO S 7 -44.34 -9.95 16.86
CA PRO S 7 -44.97 -11.27 16.74
C PRO S 7 -44.11 -12.37 17.35
N PHE S 8 -44.77 -13.49 17.65
CA PHE S 8 -44.06 -14.64 18.18
C PHE S 8 -43.02 -15.13 17.18
N SER S 9 -41.85 -15.48 17.68
CA SER S 9 -40.82 -16.11 16.88
C SER S 9 -40.99 -17.63 16.90
N ILE S 10 -40.21 -18.31 16.05
CA ILE S 10 -40.28 -19.77 16.02
C ILE S 10 -39.68 -20.37 17.29
N ASN S 11 -38.83 -19.63 17.99
CA ASN S 11 -38.21 -20.08 19.23
C ASN S 11 -39.02 -19.71 20.47
N SER S 12 -40.22 -19.16 20.29
CA SER S 12 -40.98 -18.54 21.36
C SER S 12 -41.95 -19.52 22.04
N PHE S 13 -41.62 -20.81 22.08
CA PHE S 13 -42.49 -21.80 22.70
C PHE S 13 -41.67 -22.76 23.55
N ALA S 14 -42.27 -23.21 24.65
CA ALA S 14 -41.67 -24.20 25.54
C ALA S 14 -42.55 -25.44 25.53
N VAL S 15 -41.93 -26.60 25.34
CA VAL S 15 -42.65 -27.86 25.13
C VAL S 15 -42.35 -28.81 26.29
N ASN S 16 -43.41 -29.38 26.85
CA ASN S 16 -43.31 -30.33 27.96
C ASN S 16 -44.22 -31.52 27.69
N LEU S 17 -43.92 -32.64 28.35
CA LEU S 17 -44.67 -33.87 28.18
C LEU S 17 -45.19 -34.39 29.51
N ASN S 18 -46.40 -34.93 29.47
CA ASN S 18 -46.99 -35.71 30.55
C ASN S 18 -47.20 -37.12 29.99
N ILE S 19 -46.34 -38.04 30.39
CA ILE S 19 -46.34 -39.40 29.84
C ILE S 19 -47.07 -40.30 30.83
N GLY S 20 -48.34 -40.60 30.52
CA GLY S 20 -49.13 -41.40 31.44
C GLY S 20 -49.28 -40.70 32.77
N ASN S 21 -48.97 -41.42 33.86
CA ASN S 21 -49.01 -40.88 35.20
C ASN S 21 -47.69 -40.24 35.60
N PHE S 22 -46.81 -39.97 34.64
CA PHE S 22 -45.48 -39.44 34.90
C PHE S 22 -45.39 -38.03 34.34
N VAL S 23 -44.91 -37.09 35.15
CA VAL S 23 -44.68 -35.71 34.74
C VAL S 23 -43.20 -35.55 34.49
N ASP S 24 -42.83 -35.29 33.24
CA ASP S 24 -41.43 -35.20 32.83
C ASP S 24 -40.98 -33.75 32.85
N ALA S 25 -39.83 -33.51 33.49
CA ALA S 25 -39.27 -32.16 33.57
C ALA S 25 -38.43 -31.81 32.35
N ARG S 26 -38.23 -32.73 31.42
CA ARG S 26 -37.44 -32.46 30.24
C ARG S 26 -38.15 -31.50 29.29
N TYR S 27 -37.37 -30.63 28.67
CA TYR S 27 -37.87 -29.69 27.67
C TYR S 27 -37.37 -30.10 26.29
N TRP S 28 -38.24 -29.98 25.29
CA TRP S 28 -37.93 -30.37 23.93
C TRP S 28 -37.58 -29.12 23.12
N SER S 29 -36.58 -29.25 22.25
CA SER S 29 -36.07 -28.09 21.52
C SER S 29 -36.85 -27.82 20.25
N LYS S 30 -37.42 -28.85 19.62
CA LYS S 30 -38.14 -28.69 18.37
C LYS S 30 -39.48 -29.41 18.43
N CYS S 31 -40.45 -28.88 17.69
CA CYS S 31 -41.73 -29.51 17.50
C CYS S 31 -42.23 -29.16 16.11
N SER S 32 -42.93 -30.10 15.48
CA SER S 32 -43.42 -29.89 14.13
C SER S 32 -44.68 -29.01 14.20
N LYS S 33 -45.37 -28.87 13.08
CA LYS S 33 -46.50 -27.95 13.00
C LYS S 33 -47.73 -28.53 13.69
N ILE S 34 -48.51 -27.64 14.30
CA ILE S 34 -49.76 -28.01 14.97
C ILE S 34 -50.92 -27.56 14.10
N GLU S 35 -51.77 -28.51 13.72
CA GLU S 35 -52.83 -28.26 12.75
C GLU S 35 -54.16 -28.83 13.24
N LYS S 36 -55.23 -28.39 12.59
CA LYS S 36 -56.52 -29.06 12.59
C LYS S 36 -56.93 -29.20 11.13
N THR S 37 -56.74 -30.37 10.56
CA THR S 37 -57.07 -30.61 9.16
C THR S 37 -58.49 -31.15 9.02
N TYR S 38 -59.13 -30.79 7.93
CA TYR S 38 -60.42 -31.35 7.54
C TYR S 38 -60.21 -32.17 6.26
N ASN S 39 -60.55 -33.44 6.31
CA ASN S 39 -60.65 -34.21 5.08
C ASN S 39 -61.81 -33.67 4.26
N THR S 40 -61.69 -33.76 2.94
CA THR S 40 -62.62 -33.06 2.06
C THR S 40 -63.22 -34.01 1.04
N GLY S 41 -64.50 -33.79 0.75
CA GLY S 41 -65.17 -34.53 -0.32
C GLY S 41 -65.74 -33.56 -1.35
N GLU S 42 -65.70 -33.98 -2.60
CA GLU S 42 -66.21 -33.14 -3.68
C GLU S 42 -67.69 -33.43 -3.93
N TYR S 43 -68.44 -32.38 -4.22
CA TYR S 43 -69.86 -32.52 -4.53
C TYR S 43 -70.28 -31.41 -5.49
N SER S 44 -71.55 -31.43 -5.87
CA SER S 44 -72.13 -30.42 -6.74
C SER S 44 -73.58 -30.21 -6.33
N ASP S 45 -74.11 -29.05 -6.67
CA ASP S 45 -75.51 -28.73 -6.38
C ASP S 45 -76.44 -29.00 -7.56
N GLY S 46 -75.91 -29.56 -8.66
CA GLY S 46 -76.70 -29.83 -9.84
C GLY S 46 -77.03 -28.63 -10.68
N GLN S 47 -76.91 -27.42 -10.15
CA GLN S 47 -77.22 -26.21 -10.89
C GLN S 47 -76.01 -25.62 -11.60
N SER S 48 -74.83 -26.21 -11.44
CA SER S 48 -73.62 -25.69 -12.05
C SER S 48 -72.59 -26.79 -12.12
N ASN S 49 -71.53 -26.55 -12.89
CA ASN S 49 -70.42 -27.47 -13.02
C ASN S 49 -69.23 -27.10 -12.14
N ILE S 50 -69.47 -26.35 -11.07
CA ILE S 50 -68.43 -25.99 -10.13
C ILE S 50 -68.32 -27.06 -9.06
N ILE S 51 -67.10 -27.53 -8.82
CA ILE S 51 -66.85 -28.55 -7.81
C ILE S 51 -66.80 -27.87 -6.44
N TYR S 52 -67.68 -28.28 -5.53
CA TYR S 52 -67.72 -27.73 -4.18
C TYR S 52 -67.06 -28.69 -3.20
N THR S 53 -66.40 -28.12 -2.20
CA THR S 53 -65.66 -28.88 -1.21
C THR S 53 -66.48 -28.99 0.07
N LEU S 54 -66.52 -30.19 0.65
CA LEU S 54 -67.29 -30.47 1.85
C LEU S 54 -66.34 -30.95 2.94
N PRO S 55 -66.19 -30.20 4.04
CA PRO S 55 -65.32 -30.68 5.13
C PRO S 55 -65.91 -31.87 5.86
N GLY S 56 -65.04 -32.62 6.51
CA GLY S 56 -65.46 -33.76 7.31
C GLY S 56 -64.24 -34.54 7.76
N ALA S 57 -64.47 -35.39 8.77
CA ALA S 57 -63.44 -36.29 9.28
C ALA S 57 -62.21 -35.51 9.73
N ILE S 58 -62.42 -34.67 10.74
CA ILE S 58 -61.33 -33.89 11.30
C ILE S 58 -60.18 -34.80 11.70
N LYS S 59 -58.96 -34.31 11.52
CA LYS S 59 -57.77 -35.03 11.97
C LYS S 59 -56.74 -34.02 12.45
N TYR S 60 -56.08 -34.36 13.56
CA TYR S 60 -54.96 -33.59 14.06
C TYR S 60 -53.68 -34.32 13.68
N PRO S 61 -52.87 -33.79 12.76
CA PRO S 61 -51.79 -34.60 12.18
C PRO S 61 -50.69 -34.91 13.18
N GLU S 62 -49.85 -35.86 12.78
CA GLU S 62 -48.75 -36.30 13.63
C GLU S 62 -47.79 -35.15 13.92
N VAL S 63 -47.32 -35.10 15.16
CA VAL S 63 -46.41 -34.05 15.63
C VAL S 63 -45.11 -34.70 16.06
N VAL S 64 -43.99 -34.19 15.56
CA VAL S 64 -42.68 -34.75 15.82
C VAL S 64 -41.92 -33.79 16.75
N LEU S 65 -41.64 -34.24 17.96
CA LEU S 65 -40.79 -33.52 18.90
C LEU S 65 -39.36 -33.99 18.76
N SER S 66 -38.42 -33.08 18.98
CA SER S 66 -37.00 -33.41 18.91
C SER S 66 -36.26 -32.63 19.98
N LYS S 67 -35.21 -33.25 20.51
CA LYS S 67 -34.37 -32.61 21.51
C LYS S 67 -32.98 -33.20 21.44
N ALA S 68 -32.06 -32.62 22.20
CA ALA S 68 -30.70 -33.14 22.27
C ALA S 68 -30.63 -34.32 23.22
N PHE S 69 -30.10 -35.44 22.74
CA PHE S 69 -30.02 -36.66 23.52
C PHE S 69 -28.94 -36.51 24.58
N SER S 70 -29.34 -36.38 25.83
CA SER S 70 -28.45 -36.13 26.95
C SER S 70 -28.67 -37.18 28.03
N PRO S 71 -27.67 -37.41 28.88
CA PRO S 71 -27.88 -38.31 30.02
C PRO S 71 -29.01 -37.80 30.91
N GLY S 72 -29.72 -38.75 31.51
CA GLY S 72 -30.98 -38.48 32.16
C GLY S 72 -32.18 -38.73 31.27
N ASP S 73 -31.96 -38.92 29.98
CA ASP S 73 -33.03 -39.27 29.04
C ASP S 73 -33.33 -40.75 29.02
N GLU S 74 -32.62 -41.55 29.82
CA GLU S 74 -32.92 -42.99 29.88
C GLU S 74 -34.35 -43.23 30.35
N GLU S 75 -34.75 -42.52 31.41
CA GLU S 75 -36.11 -42.67 31.92
C GLU S 75 -37.13 -42.17 30.92
N LEU S 76 -36.82 -41.08 30.22
CA LEU S 76 -37.73 -40.60 29.18
C LEU S 76 -37.89 -41.64 28.08
N ILE S 77 -36.79 -42.27 27.66
CA ILE S 77 -36.86 -43.31 26.63
C ILE S 77 -37.73 -44.45 27.11
N ASN S 78 -37.50 -44.92 28.35
CA ASN S 78 -38.27 -46.05 28.86
C ASN S 78 -39.75 -45.70 28.97
N ARG S 79 -40.08 -44.52 29.47
CA ARG S 79 -41.48 -44.12 29.61
C ARG S 79 -42.16 -44.02 28.25
N LEU S 80 -41.50 -43.40 27.28
CA LEU S 80 -42.10 -43.29 25.95
C LEU S 80 -42.25 -44.66 25.29
N ILE S 81 -41.30 -45.56 25.53
CA ILE S 81 -41.38 -46.90 24.95
C ILE S 81 -42.53 -47.68 25.59
N ALA S 82 -42.78 -47.48 26.89
CA ALA S 82 -43.74 -48.29 27.61
C ALA S 82 -45.15 -47.70 27.65
N VAL S 83 -45.33 -46.43 27.27
CA VAL S 83 -46.63 -45.79 27.46
C VAL S 83 -47.72 -46.52 26.69
N ASN S 84 -47.47 -46.87 25.43
CA ASN S 84 -48.52 -47.47 24.62
C ASN S 84 -48.92 -48.85 25.10
N SER S 85 -48.13 -49.50 25.96
CA SER S 85 -48.48 -50.81 26.46
C SER S 85 -49.69 -50.78 27.38
N ASP S 86 -50.06 -49.60 27.90
CA ASP S 86 -51.20 -49.47 28.79
C ASP S 86 -52.34 -48.81 28.04
N PRO S 87 -53.47 -49.51 27.80
CA PRO S 87 -54.54 -48.88 27.01
C PRO S 87 -55.12 -47.64 27.65
N ILE S 88 -55.00 -47.48 28.97
CA ILE S 88 -55.49 -46.28 29.63
C ILE S 88 -54.52 -45.11 29.44
N ALA S 89 -53.23 -45.40 29.31
CA ALA S 89 -52.22 -44.36 29.29
C ALA S 89 -52.13 -43.67 27.93
N TRP S 90 -51.94 -42.36 27.98
CA TRP S 90 -51.68 -41.57 26.77
C TRP S 90 -50.79 -40.39 27.13
N VAL S 91 -50.23 -39.76 26.11
CA VAL S 91 -49.25 -38.70 26.27
C VAL S 91 -49.91 -37.35 26.05
N THR S 92 -49.60 -36.40 26.91
CA THR S 92 -50.09 -35.02 26.80
C THR S 92 -48.92 -34.11 26.48
N VAL S 93 -49.13 -33.19 25.54
CA VAL S 93 -48.09 -32.23 25.13
C VAL S 93 -48.54 -30.84 25.55
N PHE S 94 -47.67 -30.12 26.25
CA PHE S 94 -47.93 -28.76 26.70
C PHE S 94 -47.00 -27.81 25.94
N ILE S 95 -47.58 -26.82 25.27
CA ILE S 95 -46.78 -25.84 24.53
C ILE S 95 -47.14 -24.43 25.00
N GLN S 96 -46.25 -23.79 25.74
CA GLN S 96 -46.52 -22.46 26.26
C GLN S 96 -45.80 -21.36 25.46
N PRO S 97 -46.56 -20.43 24.88
CA PRO S 97 -45.95 -19.32 24.15
C PRO S 97 -45.39 -18.22 25.05
N MET S 98 -44.19 -17.73 24.74
CA MET S 98 -43.56 -16.71 25.57
C MET S 98 -42.72 -15.77 24.72
N TYR S 99 -41.93 -14.91 25.36
CA TYR S 99 -41.01 -14.05 24.61
C TYR S 99 -39.66 -14.18 25.26
N ARG S 100 -39.00 -15.30 25.04
CA ARG S 100 -37.72 -15.57 25.67
C ARG S 100 -36.58 -14.70 25.16
N ASP S 101 -35.88 -14.00 26.07
CA ASP S 101 -34.70 -13.26 25.65
C ASP S 101 -33.67 -14.34 25.72
N GLY S 102 -33.14 -14.69 26.87
CA GLY S 102 -32.25 -15.79 27.14
C GLY S 102 -32.97 -16.85 27.95
N TYR S 103 -32.69 -16.88 29.26
CA TYR S 103 -33.48 -17.63 30.22
C TYR S 103 -34.60 -16.80 30.81
N TYR S 104 -35.07 -15.79 30.05
CA TYR S 104 -36.02 -14.80 30.57
C TYR S 104 -37.36 -14.90 29.86
N ASN S 105 -37.90 -16.11 29.75
CA ASN S 105 -39.26 -16.25 29.24
C ASN S 105 -40.21 -15.35 30.00
N VAL S 106 -41.09 -14.69 29.26
CA VAL S 106 -42.20 -13.93 29.84
C VAL S 106 -43.48 -14.47 29.23
N PRO S 107 -44.06 -15.54 29.78
CA PRO S 107 -45.24 -16.14 29.15
C PRO S 107 -46.49 -15.33 29.40
N GLN S 108 -47.36 -15.31 28.39
CA GLN S 108 -48.69 -14.71 28.51
C GLN S 108 -49.69 -15.61 27.80
N GLY S 109 -50.89 -15.70 28.37
CA GLY S 109 -51.89 -16.63 27.89
C GLY S 109 -51.68 -18.01 28.47
N GLY S 110 -52.66 -18.87 28.21
CA GLY S 110 -52.56 -20.25 28.63
C GLY S 110 -51.52 -21.00 27.82
N LYS S 111 -51.67 -22.33 27.75
CA LYS S 111 -50.77 -23.15 26.95
C LYS S 111 -51.60 -24.08 26.08
N ILE S 112 -51.16 -24.27 24.85
CA ILE S 112 -51.82 -25.18 23.92
C ILE S 112 -51.49 -26.61 24.34
N ILE S 113 -52.53 -27.38 24.65
CA ILE S 113 -52.39 -28.73 25.16
C ILE S 113 -52.90 -29.70 24.10
N LEU S 114 -52.00 -30.54 23.60
CA LEU S 114 -52.36 -31.69 22.78
C LEU S 114 -52.72 -32.83 23.73
N GLU S 115 -53.98 -33.22 23.73
CA GLU S 115 -54.53 -34.17 24.68
C GLU S 115 -54.78 -35.52 24.01
N PHE S 116 -54.50 -36.58 24.76
CA PHE S 116 -54.71 -37.95 24.31
C PHE S 116 -53.90 -38.24 23.05
N CYS S 117 -52.57 -38.27 23.25
CA CYS S 117 -51.63 -38.58 22.18
C CYS S 117 -51.10 -40.00 22.35
N THR S 118 -50.94 -40.68 21.22
CA THR S 118 -50.32 -42.01 21.19
C THR S 118 -48.97 -41.93 20.50
N VAL S 119 -47.99 -42.64 21.05
CA VAL S 119 -46.65 -42.66 20.46
C VAL S 119 -46.68 -43.49 19.18
N ALA S 120 -46.06 -42.96 18.13
CA ALA S 120 -45.93 -43.67 16.87
C ALA S 120 -44.48 -43.97 16.49
N ARG S 121 -43.52 -43.34 17.17
CA ARG S 121 -42.11 -43.49 16.83
C ARG S 121 -41.28 -42.91 17.96
N ALA S 122 -40.28 -43.67 18.41
CA ALA S 122 -39.35 -43.21 19.43
C ALA S 122 -37.94 -43.50 18.93
N THR S 123 -37.17 -42.46 18.63
CA THR S 123 -35.84 -42.57 18.02
C THR S 123 -34.84 -41.89 18.94
N PRO S 124 -34.26 -42.63 19.89
CA PRO S 124 -33.24 -42.01 20.76
C PRO S 124 -32.03 -41.51 20.01
N ILE S 125 -31.63 -42.17 18.94
CA ILE S 125 -30.44 -41.80 18.17
C ILE S 125 -30.86 -41.64 16.72
N ASN S 126 -30.73 -40.41 16.19
CA ASN S 126 -31.06 -40.18 14.79
C ASN S 126 -30.06 -40.81 13.85
N GLU S 127 -28.80 -40.95 14.28
CA GLU S 127 -27.76 -41.57 13.48
C GLU S 127 -26.50 -41.64 14.32
N ILE S 128 -25.48 -42.30 13.78
CA ILE S 128 -24.17 -42.38 14.42
C ILE S 128 -23.11 -42.16 13.35
N ASP S 129 -22.09 -41.36 13.70
CA ASP S 129 -20.98 -41.11 12.79
C ASP S 129 -19.80 -40.64 13.64
N THR S 130 -18.74 -41.45 13.68
CA THR S 130 -17.57 -41.10 14.49
C THR S 130 -16.92 -39.81 14.01
N ILE S 131 -17.19 -39.38 12.77
CA ILE S 131 -16.69 -38.11 12.26
C ILE S 131 -17.74 -37.01 12.37
N GLY S 132 -18.99 -37.34 12.66
CA GLY S 132 -20.00 -36.33 12.77
C GLY S 132 -19.77 -35.41 13.96
N SER S 133 -20.34 -34.21 13.87
CA SER S 133 -20.21 -33.21 14.92
C SER S 133 -21.55 -32.72 15.46
N ASN S 134 -22.66 -33.03 14.78
CA ASN S 134 -23.96 -32.59 15.27
C ASN S 134 -24.31 -33.32 16.56
N ALA S 135 -25.14 -32.68 17.37
CA ALA S 135 -25.64 -33.30 18.58
C ALA S 135 -26.64 -34.39 18.23
N ALA S 136 -26.51 -35.54 18.88
CA ALA S 136 -27.46 -36.62 18.68
C ALA S 136 -28.86 -36.15 19.04
N MET S 137 -29.84 -36.49 18.20
CA MET S 137 -31.20 -36.02 18.36
C MET S 137 -32.09 -37.16 18.84
N PHE S 138 -32.81 -36.92 19.93
CA PHE S 138 -33.87 -37.78 20.41
C PHE S 138 -35.18 -37.26 19.82
N GLU S 139 -35.84 -38.08 19.00
CA GLU S 139 -37.10 -37.71 18.36
C GLU S 139 -38.23 -38.58 18.86
N CYS S 140 -39.43 -38.01 18.86
CA CYS S 140 -40.62 -38.74 19.27
C CYS S 140 -41.81 -38.24 18.44
N ALA S 141 -42.47 -39.17 17.77
CA ALA S 141 -43.65 -38.86 16.97
C ALA S 141 -44.90 -39.19 17.78
N LEU S 142 -45.85 -38.26 17.80
CA LEU S 142 -47.07 -38.41 18.57
C LEU S 142 -48.27 -38.16 17.67
N ASN S 143 -49.35 -38.89 17.93
CA ASN S 143 -50.63 -38.72 17.24
C ASN S 143 -51.60 -38.20 18.28
N PRO S 144 -51.88 -36.89 18.29
CA PRO S 144 -52.84 -36.35 19.26
C PRO S 144 -54.28 -36.56 18.80
N SER S 145 -55.18 -36.62 19.79
CA SER S 145 -56.60 -36.72 19.52
C SER S 145 -57.36 -35.42 19.73
N ARG S 146 -56.88 -34.53 20.59
CA ARG S 146 -57.61 -33.28 20.83
C ARG S 146 -56.62 -32.17 21.13
N ILE S 147 -57.08 -30.92 21.02
CA ILE S 147 -56.31 -29.75 21.40
C ILE S 147 -57.19 -28.83 22.23
N ARG S 148 -56.62 -28.28 23.29
CA ARG S 148 -57.33 -27.32 24.14
C ARG S 148 -56.32 -26.34 24.73
N SER S 149 -56.75 -25.55 25.72
CA SER S 149 -55.86 -24.63 26.41
C SER S 149 -56.57 -24.13 27.67
N ASP S 150 -55.88 -24.23 28.81
CA ASP S 150 -56.51 -23.88 30.09
C ASP S 150 -55.72 -23.10 31.14
N GLY S 151 -54.41 -22.94 30.99
CA GLY S 151 -53.62 -22.41 32.08
C GLY S 151 -53.19 -20.95 31.95
N GLY S 152 -54.07 -20.11 31.44
CA GLY S 152 -53.73 -18.70 31.32
C GLY S 152 -54.91 -17.88 30.86
N ASN S 153 -54.61 -16.67 30.41
CA ASN S 153 -55.62 -15.64 30.16
C ASN S 153 -55.75 -15.27 28.68
N ILE S 154 -55.55 -16.23 27.78
CA ILE S 154 -55.74 -15.97 26.36
C ILE S 154 -56.67 -17.00 25.72
N ASN S 155 -56.40 -18.29 25.96
CA ASN S 155 -57.23 -19.41 25.48
C ASN S 155 -57.35 -19.45 23.95
N TRP S 156 -56.23 -19.79 23.31
CA TRP S 156 -56.10 -19.72 21.86
C TRP S 156 -56.52 -21.01 21.13
N TRP S 157 -57.12 -21.98 21.82
CA TRP S 157 -57.71 -23.13 21.13
C TRP S 157 -59.08 -23.49 21.71
N SER S 158 -59.96 -22.51 21.83
CA SER S 158 -61.34 -22.76 22.24
C SER S 158 -62.07 -23.46 21.09
N GLU S 159 -62.23 -24.78 21.19
CA GLU S 159 -62.99 -25.51 20.19
C GLU S 159 -64.46 -25.15 20.29
N PRO S 160 -65.22 -25.34 19.20
CA PRO S 160 -66.66 -25.06 19.26
C PRO S 160 -67.35 -25.94 20.29
N ALA S 161 -68.33 -25.37 20.98
CA ALA S 161 -69.10 -26.10 21.97
C ALA S 161 -70.51 -25.54 22.00
N ALA S 162 -71.43 -26.35 22.51
CA ALA S 162 -72.84 -25.97 22.57
C ALA S 162 -72.99 -24.92 23.67
N GLN S 163 -72.95 -23.65 23.26
CA GLN S 163 -73.07 -22.53 24.18
C GLN S 163 -74.53 -22.16 24.32
N VAL S 164 -75.15 -22.56 25.43
CA VAL S 164 -76.56 -22.26 25.65
C VAL S 164 -76.75 -20.76 25.89
N ALA T 2 -28.53 -23.35 32.64
CA ALA T 2 -27.90 -24.41 33.41
C ALA T 2 -27.31 -25.48 32.53
N VAL T 3 -26.13 -25.23 31.98
CA VAL T 3 -25.48 -26.21 31.13
C VAL T 3 -24.56 -27.08 31.96
N SER T 4 -25.03 -28.24 32.36
CA SER T 4 -24.23 -29.13 33.20
C SER T 4 -23.63 -30.28 32.42
N LYS T 5 -24.19 -31.46 32.58
CA LYS T 5 -23.72 -32.60 31.82
C LYS T 5 -24.00 -32.36 30.36
N ARG T 6 -22.99 -32.53 29.53
CA ARG T 6 -23.15 -32.30 28.11
C ARG T 6 -24.10 -33.35 27.44
N PRO T 7 -24.78 -33.02 26.30
CA PRO T 7 -25.53 -34.10 25.63
C PRO T 7 -24.63 -34.97 24.77
N PHE T 8 -25.07 -36.21 24.58
CA PHE T 8 -24.37 -37.13 23.70
C PHE T 8 -24.26 -36.54 22.30
N SER T 9 -23.09 -36.72 21.68
CA SER T 9 -22.87 -36.29 20.32
C SER T 9 -23.13 -37.44 19.35
N ILE T 10 -23.13 -37.12 18.06
CA ILE T 10 -23.37 -38.14 17.04
C ILE T 10 -22.21 -39.14 17.02
N ASN T 11 -21.01 -38.69 17.37
CA ASN T 11 -19.82 -39.54 17.40
C ASN T 11 -19.62 -40.23 18.73
N SER T 12 -20.62 -40.19 19.62
CA SER T 12 -20.47 -40.64 21.00
C SER T 12 -20.91 -42.08 21.20
N PHE T 13 -20.76 -42.94 20.19
CA PHE T 13 -21.15 -44.33 20.30
C PHE T 13 -20.11 -45.22 19.65
N ALA T 14 -19.95 -46.43 20.18
CA ALA T 14 -19.09 -47.46 19.60
C ALA T 14 -19.95 -48.66 19.24
N VAL T 15 -19.73 -49.20 18.05
CA VAL T 15 -20.58 -50.25 17.50
C VAL T 15 -19.74 -51.51 17.28
N ASN T 16 -20.25 -52.65 17.75
CA ASN T 16 -19.59 -53.94 17.60
C ASN T 16 -20.62 -54.96 17.16
N LEU T 17 -20.14 -56.07 16.60
CA LEU T 17 -21.00 -57.12 16.07
C LEU T 17 -20.62 -58.48 16.65
N ASN T 18 -21.65 -59.28 16.90
CA ASN T 18 -21.51 -60.72 17.17
C ASN T 18 -22.19 -61.44 16.03
N ILE T 19 -21.40 -62.11 15.18
CA ILE T 19 -21.90 -62.76 13.98
C ILE T 19 -21.93 -64.25 14.27
N GLY T 20 -23.12 -64.78 14.53
CA GLY T 20 -23.22 -66.18 14.91
C GLY T 20 -22.45 -66.44 16.19
N ASN T 21 -21.56 -67.42 16.13
CA ASN T 21 -20.71 -67.77 17.27
C ASN T 21 -19.40 -67.00 17.30
N PHE T 22 -19.19 -66.08 16.35
CA PHE T 22 -17.97 -65.30 16.25
C PHE T 22 -18.16 -63.93 16.91
N VAL T 23 -17.22 -63.56 17.76
CA VAL T 23 -17.20 -62.25 18.40
C VAL T 23 -16.28 -61.37 17.57
N ASP T 24 -16.85 -60.65 16.62
CA ASP T 24 -16.06 -59.86 15.68
C ASP T 24 -15.51 -58.63 16.38
N ALA T 25 -14.21 -58.39 16.24
CA ALA T 25 -13.53 -57.30 16.94
C ALA T 25 -13.47 -56.01 16.15
N ARG T 26 -14.02 -55.98 14.94
CA ARG T 26 -13.94 -54.78 14.12
C ARG T 26 -14.99 -53.76 14.54
N TYR T 27 -14.57 -52.50 14.67
CA TYR T 27 -15.45 -51.41 15.03
C TYR T 27 -16.01 -50.74 13.78
N TRP T 28 -17.28 -50.35 13.86
CA TRP T 28 -17.99 -49.74 12.75
C TRP T 28 -18.06 -48.24 12.95
N SER T 29 -17.92 -47.49 11.85
CA SER T 29 -17.85 -46.04 11.94
C SER T 29 -19.23 -45.38 11.92
N LYS T 30 -20.21 -46.00 11.29
CA LYS T 30 -21.52 -45.39 11.12
C LYS T 30 -22.64 -46.38 11.40
N CYS T 31 -23.78 -45.85 11.81
CA CYS T 31 -25.00 -46.61 11.99
C CYS T 31 -26.18 -45.69 11.72
N SER T 32 -27.29 -46.27 11.31
CA SER T 32 -28.49 -45.50 11.02
C SER T 32 -29.31 -45.31 12.30
N LYS T 33 -30.52 -44.81 12.15
CA LYS T 33 -31.38 -44.53 13.30
C LYS T 33 -31.85 -45.83 13.96
N ILE T 34 -32.15 -45.72 15.25
CA ILE T 34 -32.64 -46.84 16.05
C ILE T 34 -33.94 -46.40 16.71
N GLU T 35 -35.02 -47.14 16.44
CA GLU T 35 -36.33 -46.82 17.01
C GLU T 35 -37.06 -48.09 17.39
N LYS T 36 -38.25 -47.89 17.98
CA LYS T 36 -39.29 -48.91 18.10
C LYS T 36 -40.50 -48.33 17.39
N THR T 37 -40.73 -48.76 16.15
CA THR T 37 -41.81 -48.23 15.35
C THR T 37 -43.11 -48.98 15.65
N TYR T 38 -44.21 -48.25 15.68
CA TYR T 38 -45.54 -48.82 15.83
C TYR T 38 -46.30 -48.62 14.52
N ASN T 39 -46.75 -49.71 13.93
CA ASN T 39 -47.73 -49.60 12.85
C ASN T 39 -49.05 -49.15 13.46
N THR T 40 -49.89 -48.51 12.65
CA THR T 40 -51.09 -47.90 13.17
C THR T 40 -52.30 -48.21 12.28
N GLY T 41 -53.44 -48.33 12.93
CA GLY T 41 -54.71 -48.34 12.24
C GLY T 41 -55.56 -47.17 12.69
N GLU T 42 -56.62 -46.92 11.94
CA GLU T 42 -57.53 -45.82 12.25
C GLU T 42 -58.86 -46.37 12.72
N TYR T 43 -59.52 -45.62 13.61
CA TYR T 43 -60.82 -46.03 14.10
C TYR T 43 -61.59 -44.81 14.58
N SER T 44 -62.82 -45.07 15.05
CA SER T 44 -63.67 -44.05 15.63
C SER T 44 -64.47 -44.70 16.76
N ASP T 45 -64.88 -43.88 17.72
CA ASP T 45 -65.74 -44.34 18.80
C ASP T 45 -67.23 -44.18 18.47
N GLY T 46 -67.56 -43.70 17.27
CA GLY T 46 -68.93 -43.51 16.88
C GLY T 46 -69.60 -42.27 17.44
N GLN T 47 -69.11 -41.75 18.57
CA GLN T 47 -69.71 -40.58 19.19
C GLN T 47 -69.13 -39.27 18.66
N SER T 48 -68.16 -39.34 17.76
CA SER T 48 -67.55 -38.16 17.17
C SER T 48 -67.07 -38.50 15.78
N ASN T 49 -66.60 -37.47 15.05
CA ASN T 49 -66.00 -37.65 13.74
C ASN T 49 -64.50 -37.41 13.75
N ILE T 50 -63.83 -37.78 14.85
CA ILE T 50 -62.38 -37.67 14.93
C ILE T 50 -61.77 -39.04 14.65
N ILE T 51 -60.69 -39.05 13.88
CA ILE T 51 -59.99 -40.27 13.54
C ILE T 51 -58.97 -40.57 14.64
N TYR T 52 -59.15 -41.68 15.34
CA TYR T 52 -58.26 -42.08 16.42
C TYR T 52 -57.28 -43.12 15.90
N THR T 53 -56.07 -43.11 16.46
CA THR T 53 -54.98 -43.98 16.03
C THR T 53 -54.82 -45.12 17.02
N LEU T 54 -54.78 -46.36 16.49
CA LEU T 54 -54.60 -47.56 17.29
C LEU T 54 -53.23 -48.16 16.98
N PRO T 55 -52.31 -48.21 17.93
CA PRO T 55 -51.00 -48.84 17.67
C PRO T 55 -51.12 -50.36 17.53
N GLY T 56 -50.11 -50.93 16.88
CA GLY T 56 -50.05 -52.37 16.70
C GLY T 56 -48.90 -52.74 15.81
N ALA T 57 -48.62 -54.04 15.76
CA ALA T 57 -47.60 -54.61 14.86
C ALA T 57 -46.29 -53.83 14.98
N ILE T 58 -45.71 -53.91 16.19
CA ILE T 58 -44.42 -53.28 16.45
C ILE T 58 -43.42 -53.74 15.40
N LYS T 59 -42.49 -52.84 15.06
CA LYS T 59 -41.37 -53.19 14.19
C LYS T 59 -40.16 -52.34 14.56
N TYR T 60 -38.98 -52.95 14.48
CA TYR T 60 -37.73 -52.24 14.65
C TYR T 60 -37.10 -52.05 13.28
N PRO T 61 -37.06 -50.84 12.75
CA PRO T 61 -36.69 -50.67 11.34
C PRO T 61 -35.25 -51.07 11.06
N GLU T 62 -34.99 -51.31 9.78
CA GLU T 62 -33.68 -51.79 9.35
C GLU T 62 -32.59 -50.80 9.74
N VAL T 63 -31.45 -51.34 10.16
CA VAL T 63 -30.32 -50.55 10.63
C VAL T 63 -29.15 -50.78 9.68
N VAL T 64 -28.59 -49.70 9.16
CA VAL T 64 -27.51 -49.78 8.17
C VAL T 64 -26.22 -49.36 8.87
N LEU T 65 -25.34 -50.32 9.10
CA LEU T 65 -24.00 -50.07 9.63
C LEU T 65 -23.04 -49.86 8.47
N SER T 66 -22.03 -49.02 8.70
CA SER T 66 -21.04 -48.75 7.68
C SER T 66 -19.69 -48.47 8.34
N LYS T 67 -18.63 -48.79 7.60
CA LYS T 67 -17.26 -48.59 8.08
C LYS T 67 -16.35 -48.48 6.86
N ALA T 68 -15.07 -48.18 7.13
CA ALA T 68 -14.09 -48.08 6.07
C ALA T 68 -13.56 -49.47 5.73
N PHE T 69 -13.55 -49.79 4.43
CA PHE T 69 -13.14 -51.11 3.96
C PHE T 69 -11.62 -51.21 4.03
N SER T 70 -11.13 -52.04 4.95
CA SER T 70 -9.71 -52.17 5.23
C SER T 70 -9.33 -53.64 5.19
N PRO T 71 -8.05 -53.96 4.96
CA PRO T 71 -7.62 -55.35 5.00
C PRO T 71 -7.88 -55.97 6.36
N GLY T 72 -8.11 -57.28 6.36
CA GLY T 72 -8.67 -57.96 7.50
C GLY T 72 -10.19 -58.00 7.52
N ASP T 73 -10.83 -57.30 6.59
CA ASP T 73 -12.28 -57.32 6.46
C ASP T 73 -12.78 -58.51 5.65
N GLU T 74 -11.90 -59.33 5.08
CA GLU T 74 -12.35 -60.52 4.38
C GLU T 74 -13.05 -61.48 5.34
N GLU T 75 -12.53 -61.62 6.55
CA GLU T 75 -13.19 -62.44 7.57
C GLU T 75 -14.59 -61.93 7.84
N LEU T 76 -14.75 -60.62 8.00
CA LEU T 76 -16.06 -60.04 8.26
C LEU T 76 -16.99 -60.24 7.08
N ILE T 77 -16.47 -60.07 5.86
CA ILE T 77 -17.29 -60.28 4.66
C ILE T 77 -17.82 -61.71 4.64
N ASN T 78 -16.93 -62.68 4.82
CA ASN T 78 -17.36 -64.07 4.76
C ASN T 78 -18.35 -64.40 5.88
N ARG T 79 -18.10 -63.88 7.09
CA ARG T 79 -18.99 -64.16 8.20
C ARG T 79 -20.38 -63.59 7.94
N LEU T 80 -20.46 -62.35 7.44
CA LEU T 80 -21.76 -61.74 7.18
C LEU T 80 -22.43 -62.40 5.98
N ILE T 81 -21.66 -62.92 5.04
CA ILE T 81 -22.25 -63.60 3.88
C ILE T 81 -22.77 -64.97 4.29
N ALA T 82 -22.21 -65.57 5.33
CA ALA T 82 -22.56 -66.94 5.72
C ALA T 82 -23.51 -67.01 6.89
N VAL T 83 -23.72 -65.93 7.63
CA VAL T 83 -24.51 -66.02 8.86
C VAL T 83 -25.93 -66.51 8.57
N ASN T 84 -26.57 -65.96 7.54
CA ASN T 84 -27.96 -66.32 7.26
C ASN T 84 -28.13 -67.78 6.85
N SER T 85 -27.06 -68.47 6.45
CA SER T 85 -27.18 -69.85 6.01
C SER T 85 -27.59 -70.79 7.12
N ASP T 86 -27.36 -70.41 8.38
CA ASP T 86 -27.71 -71.24 9.52
C ASP T 86 -28.96 -70.69 10.18
N PRO T 87 -30.08 -71.43 10.23
CA PRO T 87 -31.29 -70.87 10.86
C PRO T 87 -31.11 -70.55 12.33
N ILE T 88 -30.13 -71.17 13.00
CA ILE T 88 -29.86 -70.85 14.40
C ILE T 88 -29.00 -69.61 14.54
N ALA T 89 -28.29 -69.20 13.49
CA ALA T 89 -27.33 -68.12 13.59
C ALA T 89 -28.04 -66.76 13.57
N TRP T 90 -27.56 -65.85 14.42
CA TRP T 90 -28.11 -64.51 14.52
C TRP T 90 -26.97 -63.51 14.60
N VAL T 91 -27.27 -62.27 14.23
CA VAL T 91 -26.33 -61.16 14.32
C VAL T 91 -26.79 -60.24 15.44
N THR T 92 -25.87 -59.95 16.36
CA THR T 92 -26.16 -59.08 17.50
C THR T 92 -25.35 -57.80 17.36
N VAL T 93 -25.99 -56.66 17.60
CA VAL T 93 -25.34 -55.36 17.46
C VAL T 93 -25.21 -54.74 18.85
N PHE T 94 -23.98 -54.38 19.23
CA PHE T 94 -23.69 -53.78 20.52
C PHE T 94 -23.34 -52.32 20.30
N ILE T 95 -24.11 -51.42 20.90
CA ILE T 95 -23.87 -49.97 20.80
C ILE T 95 -23.60 -49.45 22.21
N GLN T 96 -22.36 -49.05 22.46
CA GLN T 96 -21.98 -48.50 23.76
C GLN T 96 -21.86 -46.98 23.64
N PRO T 97 -22.74 -46.20 24.26
CA PRO T 97 -22.52 -44.76 24.31
C PRO T 97 -21.35 -44.41 25.22
N MET T 98 -20.74 -43.26 24.94
CA MET T 98 -19.50 -42.87 25.58
C MET T 98 -19.17 -41.45 25.18
N TYR T 99 -18.54 -40.72 26.10
CA TYR T 99 -18.04 -39.37 25.84
C TYR T 99 -16.61 -39.50 25.35
N ARG T 100 -16.44 -39.51 24.03
CA ARG T 100 -15.28 -39.69 23.17
C ARG T 100 -14.47 -38.40 23.06
N ASP T 101 -13.16 -38.54 23.16
CA ASP T 101 -12.20 -37.45 22.90
C ASP T 101 -10.92 -38.12 22.41
N GLY T 102 -10.73 -38.16 21.10
CA GLY T 102 -9.66 -38.94 20.52
C GLY T 102 -9.89 -40.41 20.80
N TYR T 103 -8.91 -41.08 21.40
CA TYR T 103 -9.07 -42.44 21.86
C TYR T 103 -9.52 -42.53 23.31
N TYR T 104 -9.63 -41.39 24.00
CA TYR T 104 -10.25 -41.36 25.32
C TYR T 104 -11.75 -41.45 25.20
N ASN T 105 -12.38 -42.24 26.06
CA ASN T 105 -13.82 -42.33 26.13
C ASN T 105 -14.25 -42.49 27.57
N VAL T 106 -15.51 -42.15 27.84
CA VAL T 106 -16.11 -42.35 29.16
C VAL T 106 -17.41 -43.13 28.99
N PRO T 107 -17.35 -44.46 28.90
CA PRO T 107 -18.59 -45.24 28.80
C PRO T 107 -19.40 -45.13 30.07
N GLN T 108 -20.66 -44.75 29.94
CA GLN T 108 -21.59 -44.69 31.06
C GLN T 108 -22.86 -45.47 30.71
N GLY T 109 -23.40 -46.15 31.70
CA GLY T 109 -24.52 -47.04 31.47
C GLY T 109 -24.08 -48.25 30.69
N GLY T 110 -25.06 -49.10 30.39
CA GLY T 110 -24.81 -50.31 29.64
C GLY T 110 -24.62 -50.05 28.16
N LYS T 111 -24.94 -51.05 27.36
CA LYS T 111 -24.86 -50.95 25.92
C LYS T 111 -26.18 -51.41 25.32
N ILE T 112 -26.73 -50.61 24.41
CA ILE T 112 -27.87 -51.05 23.64
C ILE T 112 -27.47 -52.31 22.89
N ILE T 113 -28.35 -53.31 22.91
CA ILE T 113 -28.09 -54.55 22.20
C ILE T 113 -29.28 -54.82 21.30
N LEU T 114 -29.05 -54.76 19.98
CA LEU T 114 -30.00 -55.23 19.00
C LEU T 114 -29.81 -56.74 18.90
N GLU T 115 -30.81 -57.48 19.37
CA GLU T 115 -30.76 -58.92 19.49
C GLU T 115 -31.53 -59.58 18.35
N PHE T 116 -30.97 -60.67 17.84
CA PHE T 116 -31.60 -61.47 16.80
C PHE T 116 -31.82 -60.62 15.54
N CYS T 117 -30.70 -60.23 14.94
CA CYS T 117 -30.73 -59.48 13.69
C CYS T 117 -30.35 -60.39 12.53
N THR T 118 -31.05 -60.23 11.42
CA THR T 118 -30.77 -60.96 10.19
C THR T 118 -30.17 -60.03 9.16
N VAL T 119 -29.18 -60.53 8.42
CA VAL T 119 -28.54 -59.72 7.38
C VAL T 119 -29.47 -59.60 6.19
N ALA T 120 -29.67 -58.37 5.72
CA ALA T 120 -30.47 -58.11 4.54
C ALA T 120 -29.66 -57.60 3.37
N ARG T 121 -28.42 -57.16 3.59
CA ARG T 121 -27.61 -56.58 2.53
C ARG T 121 -26.15 -56.47 2.98
N ALA T 122 -25.22 -56.94 2.15
CA ALA T 122 -23.80 -56.84 2.42
C ALA T 122 -23.12 -56.23 1.21
N THR T 123 -22.52 -55.04 1.40
CA THR T 123 -21.91 -54.26 0.32
C THR T 123 -20.47 -53.97 0.70
N PRO T 124 -19.53 -54.85 0.35
CA PRO T 124 -18.12 -54.56 0.67
C PRO T 124 -17.61 -53.30 0.02
N ILE T 125 -18.09 -52.97 -1.18
CA ILE T 125 -17.61 -51.82 -1.94
C ILE T 125 -18.83 -50.99 -2.34
N ASN T 126 -18.93 -49.78 -1.78
CA ASN T 126 -20.05 -48.91 -2.12
C ASN T 126 -20.01 -48.50 -3.59
N GLU T 127 -18.81 -48.33 -4.15
CA GLU T 127 -18.65 -47.94 -5.54
C GLU T 127 -17.15 -47.94 -5.84
N ILE T 128 -16.81 -47.99 -7.12
CA ILE T 128 -15.43 -47.95 -7.58
C ILE T 128 -15.29 -46.79 -8.55
N ASP T 129 -14.26 -45.97 -8.36
CA ASP T 129 -14.00 -44.84 -9.23
C ASP T 129 -12.50 -44.58 -9.20
N THR T 130 -11.83 -44.87 -10.31
CA THR T 130 -10.37 -44.76 -10.36
C THR T 130 -9.91 -43.32 -10.15
N ILE T 131 -10.79 -42.33 -10.33
CA ILE T 131 -10.46 -40.94 -10.07
C ILE T 131 -11.00 -40.47 -8.73
N GLY T 132 -11.86 -41.25 -8.08
CA GLY T 132 -12.38 -40.87 -6.79
C GLY T 132 -11.33 -40.90 -5.71
N SER T 133 -11.65 -40.27 -4.58
CA SER T 133 -10.74 -40.18 -3.45
C SER T 133 -11.39 -40.53 -2.12
N ASN T 134 -12.70 -40.76 -2.09
CA ASN T 134 -13.35 -41.14 -0.86
C ASN T 134 -12.92 -42.55 -0.43
N ALA T 135 -13.00 -42.81 0.86
CA ALA T 135 -12.67 -44.12 1.39
C ALA T 135 -13.76 -45.12 1.01
N ALA T 136 -13.34 -46.28 0.50
CA ALA T 136 -14.30 -47.34 0.21
C ALA T 136 -15.04 -47.72 1.48
N MET T 137 -16.34 -47.93 1.37
CA MET T 137 -17.20 -48.15 2.53
C MET T 137 -17.81 -49.54 2.49
N PHE T 138 -17.52 -50.33 3.52
CA PHE T 138 -18.27 -51.55 3.82
C PHE T 138 -19.60 -51.16 4.42
N GLU T 139 -20.68 -51.67 3.86
CA GLU T 139 -22.02 -51.44 4.38
C GLU T 139 -22.69 -52.78 4.70
N CYS T 140 -23.52 -52.77 5.73
CA CYS T 140 -24.27 -53.97 6.12
C CYS T 140 -25.62 -53.54 6.67
N ALA T 141 -26.68 -54.05 6.06
CA ALA T 141 -28.04 -53.78 6.52
C ALA T 141 -28.52 -54.95 7.37
N LEU T 142 -29.13 -54.64 8.51
CA LEU T 142 -29.59 -55.64 9.45
C LEU T 142 -31.03 -55.37 9.83
N ASN T 143 -31.78 -56.45 10.05
CA ASN T 143 -33.16 -56.39 10.51
C ASN T 143 -33.16 -56.96 11.93
N PRO T 144 -33.20 -56.11 12.96
CA PRO T 144 -33.24 -56.62 14.33
C PRO T 144 -34.63 -57.08 14.72
N SER T 145 -34.68 -58.03 15.65
CA SER T 145 -35.94 -58.48 16.22
C SER T 145 -36.22 -57.90 17.59
N ARG T 146 -35.20 -57.69 18.43
CA ARG T 146 -35.46 -57.17 19.77
C ARG T 146 -34.36 -56.18 20.13
N ILE T 147 -34.61 -55.40 21.18
CA ILE T 147 -33.64 -54.46 21.72
C ILE T 147 -33.64 -54.57 23.23
N ARG T 148 -32.45 -54.68 23.84
CA ARG T 148 -32.33 -54.71 25.29
C ARG T 148 -31.07 -53.94 25.70
N SER T 149 -30.73 -54.03 26.98
CA SER T 149 -29.56 -53.35 27.51
C SER T 149 -29.13 -54.01 28.81
N ASP T 150 -27.88 -54.47 28.86
CA ASP T 150 -27.37 -55.17 30.04
C ASP T 150 -25.97 -54.84 30.54
N GLY T 151 -25.16 -54.07 29.80
CA GLY T 151 -23.75 -53.99 30.10
C GLY T 151 -23.43 -53.22 31.38
N GLY T 152 -24.28 -52.27 31.74
CA GLY T 152 -23.89 -51.29 32.75
C GLY T 152 -24.98 -50.88 33.71
N ASN T 153 -24.91 -49.62 34.17
CA ASN T 153 -25.68 -49.16 35.32
C ASN T 153 -26.71 -48.09 34.98
N ILE T 154 -27.23 -48.09 33.74
CA ILE T 154 -28.30 -47.19 33.35
C ILE T 154 -29.50 -47.97 32.79
N ASN T 155 -29.23 -48.93 31.89
CA ASN T 155 -30.25 -49.82 31.31
C ASN T 155 -31.47 -49.03 30.81
N TRP T 156 -31.25 -48.31 29.71
CA TRP T 156 -32.21 -47.36 29.20
C TRP T 156 -33.08 -47.92 28.06
N TRP T 157 -33.19 -49.24 27.96
CA TRP T 157 -34.17 -49.85 27.06
C TRP T 157 -34.88 -51.01 27.76
N SER T 158 -35.37 -50.75 28.97
CA SER T 158 -36.20 -51.73 29.67
C SER T 158 -37.55 -51.81 28.99
N GLU T 159 -37.74 -52.83 28.15
CA GLU T 159 -39.05 -53.09 27.59
C GLU T 159 -40.02 -53.46 28.71
N PRO T 160 -41.32 -53.20 28.53
CA PRO T 160 -42.29 -53.61 29.55
C PRO T 160 -42.28 -55.11 29.72
N ALA T 161 -42.39 -55.56 30.97
CA ALA T 161 -42.37 -56.99 31.26
C ALA T 161 -43.38 -57.32 32.35
N ALA T 162 -43.42 -58.58 32.76
CA ALA T 162 -44.34 -58.98 33.83
C ALA T 162 -43.70 -58.72 35.18
N GLN T 163 -43.82 -57.49 35.66
CA GLN T 163 -43.20 -57.14 36.94
C GLN T 163 -43.98 -57.73 38.11
N MET U 1 -6.84 -49.89 19.01
CA MET U 1 -5.81 -50.68 19.65
C MET U 1 -4.49 -50.55 18.87
N ALA U 2 -4.61 -50.46 17.55
CA ALA U 2 -3.46 -50.29 16.67
C ALA U 2 -3.95 -49.86 15.29
N VAL U 3 -3.27 -48.88 14.70
CA VAL U 3 -3.58 -48.41 13.36
C VAL U 3 -2.45 -48.80 12.43
N SER U 4 -2.60 -49.94 11.75
CA SER U 4 -1.48 -50.50 11.00
C SER U 4 -1.57 -50.13 9.52
N LYS U 5 -2.68 -50.44 8.88
CA LYS U 5 -2.80 -50.22 7.44
C LYS U 5 -3.88 -49.21 7.10
N ARG U 6 -3.67 -48.42 6.05
CA ARG U 6 -4.70 -47.48 5.60
C ARG U 6 -5.83 -48.30 4.98
N PRO U 7 -7.01 -47.70 4.82
CA PRO U 7 -8.03 -48.53 4.17
C PRO U 7 -7.95 -48.44 2.66
N PHE U 8 -8.75 -49.25 1.99
CA PHE U 8 -8.77 -49.20 0.53
C PHE U 8 -9.45 -47.93 0.09
N SER U 9 -8.91 -47.28 -0.94
CA SER U 9 -9.57 -46.11 -1.48
C SER U 9 -10.62 -46.55 -2.50
N ILE U 10 -11.39 -45.57 -2.99
CA ILE U 10 -12.38 -45.88 -4.01
C ILE U 10 -11.72 -46.06 -5.37
N ASN U 11 -10.46 -45.65 -5.50
CA ASN U 11 -9.68 -45.84 -6.71
C ASN U 11 -8.78 -47.07 -6.65
N SER U 12 -8.96 -47.90 -5.63
CA SER U 12 -8.03 -48.98 -5.32
C SER U 12 -8.41 -50.31 -5.96
N PHE U 13 -9.06 -50.29 -7.12
CA PHE U 13 -9.49 -51.52 -7.77
C PHE U 13 -9.23 -51.44 -9.27
N ALA U 14 -8.89 -52.59 -9.85
CA ALA U 14 -8.71 -52.74 -11.29
C ALA U 14 -9.77 -53.68 -11.82
N VAL U 15 -10.49 -53.26 -12.86
CA VAL U 15 -11.64 -53.99 -13.38
C VAL U 15 -11.34 -54.47 -14.79
N ASN U 16 -11.58 -55.76 -15.04
CA ASN U 16 -11.37 -56.38 -16.34
C ASN U 16 -12.58 -57.25 -16.68
N LEU U 17 -12.74 -57.54 -17.97
CA LEU U 17 -13.87 -58.32 -18.46
C LEU U 17 -13.40 -59.53 -19.25
N ASN U 18 -14.19 -60.59 -19.16
CA ASN U 18 -14.08 -61.76 -20.03
C ASN U 18 -15.43 -61.91 -20.73
N ILE U 19 -15.46 -61.60 -22.02
CA ILE U 19 -16.70 -61.59 -22.80
C ILE U 19 -16.72 -62.87 -23.61
N GLY U 20 -17.54 -63.84 -23.17
CA GLY U 20 -17.57 -65.12 -23.84
C GLY U 20 -16.21 -65.79 -23.79
N ASN U 21 -15.72 -66.21 -24.95
CA ASN U 21 -14.41 -66.81 -25.07
C ASN U 21 -13.31 -65.78 -25.28
N PHE U 22 -13.66 -64.50 -25.34
CA PHE U 22 -12.71 -63.42 -25.58
C PHE U 22 -12.22 -62.87 -24.25
N VAL U 23 -10.91 -62.77 -24.09
CA VAL U 23 -10.30 -62.20 -22.89
C VAL U 23 -9.95 -60.76 -23.27
N ASP U 24 -10.89 -59.85 -23.03
CA ASP U 24 -10.69 -58.45 -23.40
C ASP U 24 -9.72 -57.79 -22.43
N ALA U 25 -8.69 -57.14 -22.97
CA ALA U 25 -7.62 -56.57 -22.15
C ALA U 25 -7.88 -55.14 -21.72
N ARG U 26 -9.03 -54.59 -22.12
CA ARG U 26 -9.36 -53.19 -21.78
C ARG U 26 -9.81 -53.02 -20.34
N TYR U 27 -9.47 -51.87 -19.75
CA TYR U 27 -9.81 -51.65 -18.35
C TYR U 27 -10.98 -50.72 -18.17
N TRP U 28 -11.68 -50.84 -17.05
CA TRP U 28 -12.83 -49.99 -16.79
C TRP U 28 -12.55 -49.13 -15.59
N SER U 29 -12.71 -47.83 -15.74
CA SER U 29 -12.39 -46.92 -14.65
C SER U 29 -13.42 -46.90 -13.54
N LYS U 30 -14.70 -47.09 -13.87
CA LYS U 30 -15.73 -46.98 -12.86
C LYS U 30 -16.56 -48.25 -12.82
N CYS U 31 -16.91 -48.68 -11.60
CA CYS U 31 -17.84 -49.77 -11.39
C CYS U 31 -18.80 -49.37 -10.28
N SER U 32 -20.04 -49.81 -10.41
CA SER U 32 -21.06 -49.48 -9.42
C SER U 32 -20.86 -50.38 -8.19
N LYS U 33 -21.81 -50.32 -7.27
CA LYS U 33 -21.71 -51.03 -6.01
C LYS U 33 -21.88 -52.53 -6.22
N ILE U 34 -21.26 -53.31 -5.34
CA ILE U 34 -21.28 -54.77 -5.40
C ILE U 34 -21.91 -55.29 -4.11
N GLU U 35 -22.97 -56.09 -4.24
CA GLU U 35 -23.74 -56.54 -3.09
C GLU U 35 -24.15 -58.00 -3.23
N LYS U 36 -24.61 -58.54 -2.11
CA LYS U 36 -25.45 -59.74 -2.06
C LYS U 36 -26.70 -59.34 -1.30
N THR U 37 -27.79 -59.07 -2.01
CA THR U 37 -29.03 -58.63 -1.39
C THR U 37 -29.92 -59.82 -1.05
N TYR U 38 -30.64 -59.68 0.06
CA TYR U 38 -31.61 -60.67 0.50
C TYR U 38 -33.00 -60.04 0.40
N ASN U 39 -33.83 -60.56 -0.51
CA ASN U 39 -35.23 -60.21 -0.49
C ASN U 39 -35.87 -60.78 0.76
N THR U 40 -36.76 -60.01 1.37
CA THR U 40 -37.24 -60.30 2.72
C THR U 40 -38.75 -60.47 2.73
N GLY U 41 -39.20 -61.35 3.62
CA GLY U 41 -40.61 -61.49 3.90
C GLY U 41 -40.88 -61.31 5.37
N GLU U 42 -42.07 -60.82 5.68
CA GLU U 42 -42.45 -60.55 7.06
C GLU U 42 -43.26 -61.71 7.62
N TYR U 43 -43.06 -61.99 8.90
CA TYR U 43 -43.79 -63.05 9.57
C TYR U 43 -43.91 -62.70 11.05
N SER U 44 -44.72 -63.49 11.75
CA SER U 44 -44.87 -63.37 13.19
C SER U 44 -44.77 -64.76 13.80
N ASP U 45 -44.29 -64.82 15.05
CA ASP U 45 -44.29 -66.06 15.81
C ASP U 45 -45.60 -66.29 16.55
N GLY U 46 -46.58 -65.40 16.37
CA GLY U 46 -47.85 -65.52 17.04
C GLY U 46 -47.84 -65.16 18.51
N GLN U 47 -46.67 -65.09 19.14
CA GLN U 47 -46.57 -64.81 20.56
C GLN U 47 -46.25 -63.35 20.86
N SER U 48 -46.10 -62.52 19.83
CA SER U 48 -45.86 -61.10 20.00
C SER U 48 -46.38 -60.36 18.77
N ASN U 49 -46.44 -59.04 18.87
CA ASN U 49 -46.83 -58.19 17.75
C ASN U 49 -45.63 -57.50 17.11
N ILE U 50 -44.47 -58.14 17.14
CA ILE U 50 -43.28 -57.61 16.48
C ILE U 50 -43.18 -58.22 15.09
N ILE U 51 -42.83 -57.39 14.10
CA ILE U 51 -42.67 -57.85 12.74
C ILE U 51 -41.23 -58.33 12.55
N TYR U 52 -41.08 -59.60 12.21
CA TYR U 52 -39.78 -60.21 11.96
C TYR U 52 -39.52 -60.24 10.46
N THR U 53 -38.26 -60.45 10.10
CA THR U 53 -37.81 -60.44 8.71
C THR U 53 -37.27 -61.81 8.34
N LEU U 54 -37.72 -62.33 7.20
CA LEU U 54 -37.31 -63.65 6.71
C LEU U 54 -36.52 -63.49 5.42
N PRO U 55 -35.20 -63.68 5.43
CA PRO U 55 -34.44 -63.55 4.18
C PRO U 55 -34.79 -64.63 3.17
N GLY U 56 -34.62 -64.30 1.90
CA GLY U 56 -34.86 -65.26 0.84
C GLY U 56 -34.61 -64.61 -0.51
N ALA U 57 -34.57 -65.47 -1.54
CA ALA U 57 -34.44 -65.03 -2.93
C ALA U 57 -33.25 -64.08 -3.10
N ILE U 58 -32.06 -64.64 -2.85
CA ILE U 58 -30.81 -63.91 -3.01
C ILE U 58 -30.78 -63.26 -4.38
N LYS U 59 -30.19 -62.06 -4.46
CA LYS U 59 -30.01 -61.38 -5.73
C LYS U 59 -28.72 -60.57 -5.68
N TYR U 60 -27.96 -60.63 -6.77
CA TYR U 60 -26.79 -59.78 -6.93
C TYR U 60 -27.17 -58.65 -7.88
N PRO U 61 -27.30 -57.41 -7.42
CA PRO U 61 -27.92 -56.38 -8.26
C PRO U 61 -27.06 -56.00 -9.44
N GLU U 62 -27.64 -55.19 -10.32
CA GLU U 62 -26.95 -54.75 -11.53
C GLU U 62 -25.66 -54.04 -11.19
N VAL U 63 -24.63 -54.29 -12.00
CA VAL U 63 -23.34 -53.64 -11.88
C VAL U 63 -23.11 -52.83 -13.15
N VAL U 64 -22.91 -51.53 -13.00
CA VAL U 64 -22.69 -50.63 -14.13
C VAL U 64 -21.19 -50.33 -14.20
N LEU U 65 -20.57 -50.72 -15.31
CA LEU U 65 -19.19 -50.39 -15.61
C LEU U 65 -19.15 -49.20 -16.57
N SER U 66 -18.11 -48.39 -16.44
CA SER U 66 -17.96 -47.22 -17.29
C SER U 66 -16.49 -46.94 -17.51
N LYS U 67 -16.18 -46.42 -18.70
CA LYS U 67 -14.81 -46.07 -19.05
C LYS U 67 -14.85 -44.96 -20.10
N ALA U 68 -13.67 -44.49 -20.49
CA ALA U 68 -13.56 -43.48 -21.52
C ALA U 68 -13.61 -44.14 -22.90
N PHE U 69 -14.49 -43.62 -23.76
CA PHE U 69 -14.67 -44.19 -25.10
C PHE U 69 -13.51 -43.78 -25.99
N SER U 70 -12.68 -44.74 -26.36
CA SER U 70 -11.46 -44.52 -27.11
C SER U 70 -11.42 -45.46 -28.30
N PRO U 71 -10.64 -45.12 -29.34
CA PRO U 71 -10.44 -46.07 -30.43
C PRO U 71 -9.84 -47.37 -29.93
N GLY U 72 -10.24 -48.47 -30.56
CA GLY U 72 -10.01 -49.79 -30.04
C GLY U 72 -11.16 -50.32 -29.20
N ASP U 73 -12.16 -49.48 -28.92
CA ASP U 73 -13.37 -49.93 -28.24
C ASP U 73 -14.39 -50.52 -29.19
N GLU U 74 -14.12 -50.55 -30.49
CA GLU U 74 -15.04 -51.18 -31.42
C GLU U 74 -15.17 -52.68 -31.15
N GLU U 75 -14.06 -53.33 -30.83
CA GLU U 75 -14.13 -54.75 -30.45
C GLU U 75 -14.98 -54.91 -29.19
N LEU U 76 -14.79 -54.02 -28.21
CA LEU U 76 -15.60 -54.06 -27.00
C LEU U 76 -17.09 -53.93 -27.33
N ILE U 77 -17.44 -52.94 -28.16
CA ILE U 77 -18.84 -52.71 -28.51
C ILE U 77 -19.42 -53.96 -29.15
N ASN U 78 -18.72 -54.49 -30.16
CA ASN U 78 -19.26 -55.64 -30.88
C ASN U 78 -19.37 -56.86 -29.97
N ARG U 79 -18.36 -57.13 -29.15
CA ARG U 79 -18.39 -58.29 -28.28
C ARG U 79 -19.52 -58.19 -27.25
N LEU U 80 -19.68 -57.02 -26.63
CA LEU U 80 -20.75 -56.85 -25.65
C LEU U 80 -22.11 -56.93 -26.31
N ILE U 81 -22.24 -56.40 -27.53
CA ILE U 81 -23.51 -56.45 -28.24
C ILE U 81 -23.86 -57.89 -28.61
N ALA U 82 -22.86 -58.71 -28.93
CA ALA U 82 -23.09 -60.06 -29.44
C ALA U 82 -23.09 -61.14 -28.36
N VAL U 83 -22.61 -60.85 -27.15
CA VAL U 83 -22.44 -61.92 -26.17
C VAL U 83 -23.77 -62.58 -25.84
N ASN U 84 -24.82 -61.79 -25.61
CA ASN U 84 -26.11 -62.37 -25.22
C ASN U 84 -26.72 -63.23 -26.33
N SER U 85 -26.25 -63.11 -27.56
CA SER U 85 -26.80 -63.90 -28.66
C SER U 85 -26.50 -65.39 -28.50
N ASP U 86 -25.49 -65.75 -27.72
CA ASP U 86 -25.09 -67.14 -27.53
C ASP U 86 -25.55 -67.60 -26.16
N PRO U 87 -26.49 -68.55 -26.07
CA PRO U 87 -26.98 -68.96 -24.73
C PRO U 87 -25.89 -69.58 -23.86
N ILE U 88 -24.80 -70.07 -24.46
CA ILE U 88 -23.72 -70.64 -23.65
C ILE U 88 -22.79 -69.53 -23.13
N ALA U 89 -22.87 -68.34 -23.71
CA ALA U 89 -21.89 -67.30 -23.42
C ALA U 89 -22.41 -66.34 -22.35
N TRP U 90 -21.49 -65.89 -21.48
CA TRP U 90 -21.78 -64.89 -20.47
C TRP U 90 -20.49 -64.21 -20.07
N VAL U 91 -20.64 -63.06 -19.42
CA VAL U 91 -19.52 -62.17 -19.11
C VAL U 91 -19.04 -62.41 -17.69
N THR U 92 -17.73 -62.35 -17.50
CA THR U 92 -17.09 -62.45 -16.20
C THR U 92 -16.41 -61.13 -15.88
N VAL U 93 -16.56 -60.67 -14.64
CA VAL U 93 -15.96 -59.41 -14.21
C VAL U 93 -14.90 -59.72 -13.16
N PHE U 94 -13.67 -59.27 -13.39
CA PHE U 94 -12.56 -59.46 -12.47
C PHE U 94 -12.23 -58.13 -11.82
N ILE U 95 -12.33 -58.06 -10.50
CA ILE U 95 -11.99 -56.87 -9.73
C ILE U 95 -10.80 -57.23 -8.84
N GLN U 96 -9.66 -56.62 -9.09
CA GLN U 96 -8.47 -56.84 -8.28
C GLN U 96 -8.27 -55.64 -7.36
N PRO U 97 -8.44 -55.80 -6.04
CA PRO U 97 -8.06 -54.72 -5.13
C PRO U 97 -6.55 -54.56 -5.06
N MET U 98 -6.11 -53.34 -4.80
CA MET U 98 -4.72 -52.97 -4.92
C MET U 98 -4.52 -51.60 -4.25
N TYR U 99 -3.26 -51.25 -4.02
CA TYR U 99 -2.89 -50.04 -3.28
C TYR U 99 -1.98 -49.14 -4.13
N ARG U 100 -2.36 -48.93 -5.39
CA ARG U 100 -1.70 -48.22 -6.49
C ARG U 100 -1.54 -46.74 -6.15
N ASP U 101 -0.34 -46.21 -6.38
CA ASP U 101 -0.08 -44.78 -6.24
C ASP U 101 -0.25 -44.09 -7.58
N GLY U 102 0.58 -44.44 -8.55
CA GLY U 102 0.41 -44.01 -9.93
C GLY U 102 0.15 -45.20 -10.82
N TYR U 103 1.18 -45.64 -11.54
CA TYR U 103 1.20 -46.92 -12.21
C TYR U 103 1.85 -48.01 -11.35
N TYR U 104 1.83 -47.85 -10.02
CA TYR U 104 2.54 -48.72 -9.10
C TYR U 104 1.58 -49.61 -8.32
N ASN U 105 0.64 -50.22 -9.04
CA ASN U 105 -0.24 -51.21 -8.43
C ASN U 105 0.55 -52.15 -7.54
N VAL U 106 0.04 -52.40 -6.34
CA VAL U 106 0.56 -53.45 -5.47
C VAL U 106 -0.62 -54.31 -5.03
N PRO U 107 -1.09 -55.22 -5.88
CA PRO U 107 -2.27 -56.02 -5.53
C PRO U 107 -1.98 -56.99 -4.39
N GLN U 108 -2.95 -57.10 -3.49
CA GLN U 108 -2.91 -58.07 -2.40
C GLN U 108 -4.24 -58.80 -2.36
N GLY U 109 -4.18 -60.09 -2.09
CA GLY U 109 -5.38 -60.92 -2.16
C GLY U 109 -5.71 -61.29 -3.59
N GLY U 110 -6.72 -62.16 -3.71
CA GLY U 110 -7.16 -62.58 -5.02
C GLY U 110 -7.96 -61.52 -5.73
N LYS U 111 -8.82 -61.94 -6.63
CA LYS U 111 -9.73 -61.06 -7.35
C LYS U 111 -11.15 -61.49 -7.07
N ILE U 112 -12.03 -60.50 -6.84
CA ILE U 112 -13.46 -60.74 -6.76
C ILE U 112 -13.97 -60.95 -8.18
N ILE U 113 -14.57 -62.11 -8.43
CA ILE U 113 -15.03 -62.48 -9.77
C ILE U 113 -16.54 -62.53 -9.73
N LEU U 114 -17.17 -61.64 -10.50
CA LEU U 114 -18.58 -61.72 -10.81
C LEU U 114 -18.72 -62.73 -11.95
N GLU U 115 -19.26 -63.91 -11.64
CA GLU U 115 -19.36 -65.03 -12.55
C GLU U 115 -20.77 -65.11 -13.11
N PHE U 116 -20.84 -65.46 -14.40
CA PHE U 116 -22.11 -65.68 -15.10
C PHE U 116 -22.94 -64.40 -15.11
N CYS U 117 -22.42 -63.40 -15.82
CA CYS U 117 -23.10 -62.13 -15.99
C CYS U 117 -23.71 -62.03 -17.38
N THR U 118 -24.90 -61.44 -17.45
CA THR U 118 -25.56 -61.17 -18.72
C THR U 118 -25.63 -59.66 -18.96
N VAL U 119 -25.37 -59.25 -20.20
CA VAL U 119 -25.45 -57.84 -20.54
C VAL U 119 -26.90 -57.40 -20.55
N ALA U 120 -27.17 -56.26 -19.91
CA ALA U 120 -28.49 -55.66 -19.91
C ALA U 120 -28.54 -54.31 -20.61
N ARG U 121 -27.39 -53.70 -20.89
CA ARG U 121 -27.35 -52.37 -21.49
C ARG U 121 -25.95 -52.07 -21.98
N ALA U 122 -25.81 -51.61 -23.23
CA ALA U 122 -24.53 -51.20 -23.80
C ALA U 122 -24.70 -49.81 -24.39
N THR U 123 -23.96 -48.84 -23.84
CA THR U 123 -24.07 -47.44 -24.22
C THR U 123 -22.69 -46.95 -24.67
N PRO U 124 -22.36 -47.09 -25.95
CA PRO U 124 -21.06 -46.58 -26.40
C PRO U 124 -20.90 -45.08 -26.20
N ILE U 125 -21.98 -44.32 -26.32
CA ILE U 125 -21.95 -42.86 -26.18
C ILE U 125 -23.00 -42.47 -25.16
N ASN U 126 -22.56 -41.89 -24.04
CA ASN U 126 -23.48 -41.43 -23.01
C ASN U 126 -24.20 -40.16 -23.40
N GLU U 127 -23.59 -39.33 -24.26
CA GLU U 127 -24.13 -38.02 -24.58
C GLU U 127 -23.29 -37.36 -25.65
N ILE U 128 -23.90 -36.49 -26.46
CA ILE U 128 -23.19 -35.75 -27.49
C ILE U 128 -23.54 -34.27 -27.34
N ASP U 129 -22.53 -33.42 -27.35
CA ASP U 129 -22.72 -31.98 -27.27
C ASP U 129 -21.48 -31.32 -27.86
N THR U 130 -21.64 -30.56 -28.95
CA THR U 130 -20.50 -29.94 -29.59
C THR U 130 -19.85 -28.89 -28.69
N ILE U 131 -20.54 -28.46 -27.64
CA ILE U 131 -19.96 -27.51 -26.69
C ILE U 131 -19.44 -28.18 -25.43
N GLY U 132 -19.84 -29.43 -25.17
CA GLY U 132 -19.38 -30.12 -23.99
C GLY U 132 -17.90 -30.42 -24.05
N SER U 133 -17.31 -30.60 -22.87
CA SER U 133 -15.89 -30.86 -22.73
C SER U 133 -15.58 -32.17 -22.03
N ASN U 134 -16.56 -32.84 -21.43
CA ASN U 134 -16.30 -34.09 -20.74
C ASN U 134 -15.89 -35.17 -21.74
N ALA U 135 -15.28 -36.21 -21.21
CA ALA U 135 -14.92 -37.36 -22.02
C ALA U 135 -16.15 -38.23 -22.26
N ALA U 136 -16.33 -38.66 -23.50
CA ALA U 136 -17.42 -39.58 -23.82
C ALA U 136 -17.24 -40.86 -23.02
N MET U 137 -18.32 -41.34 -22.42
CA MET U 137 -18.28 -42.47 -21.49
C MET U 137 -18.94 -43.68 -22.13
N PHE U 138 -18.14 -44.73 -22.33
CA PHE U 138 -18.69 -46.06 -22.59
C PHE U 138 -19.30 -46.59 -21.30
N GLU U 139 -20.53 -47.09 -21.39
CA GLU U 139 -21.25 -47.64 -20.24
C GLU U 139 -21.74 -49.04 -20.57
N CYS U 140 -21.81 -49.89 -19.55
CA CYS U 140 -22.27 -51.26 -19.73
C CYS U 140 -22.86 -51.77 -18.44
N ALA U 141 -24.12 -52.19 -18.49
CA ALA U 141 -24.81 -52.77 -17.34
C ALA U 141 -24.78 -54.28 -17.43
N LEU U 142 -24.44 -54.93 -16.32
CA LEU U 142 -24.34 -56.37 -16.25
C LEU U 142 -25.15 -56.90 -15.08
N ASN U 143 -25.78 -58.06 -15.29
CA ASN U 143 -26.51 -58.77 -14.25
C ASN U 143 -25.69 -59.99 -13.89
N PRO U 144 -24.99 -59.98 -12.75
CA PRO U 144 -24.21 -61.17 -12.36
C PRO U 144 -25.10 -62.20 -11.68
N SER U 145 -24.72 -63.46 -11.82
CA SER U 145 -25.42 -64.56 -11.18
C SER U 145 -24.69 -65.08 -9.93
N ARG U 146 -23.37 -64.98 -9.88
CA ARG U 146 -22.65 -65.47 -8.72
C ARG U 146 -21.42 -64.60 -8.48
N ILE U 147 -20.90 -64.65 -7.25
CA ILE U 147 -19.66 -63.98 -6.90
C ILE U 147 -18.74 -64.98 -6.21
N ARG U 148 -17.48 -65.00 -6.63
CA ARG U 148 -16.46 -65.83 -6.00
C ARG U 148 -15.19 -65.00 -5.86
N SER U 149 -14.14 -65.62 -5.31
CA SER U 149 -12.83 -65.00 -5.22
C SER U 149 -11.79 -66.00 -5.70
N ASP U 150 -10.90 -65.55 -6.59
CA ASP U 150 -9.90 -66.44 -7.17
C ASP U 150 -8.49 -65.86 -7.19
N GLY U 151 -7.49 -66.72 -6.99
CA GLY U 151 -6.12 -66.29 -6.95
C GLY U 151 -5.79 -65.57 -5.65
N GLY U 152 -4.52 -65.19 -5.49
CA GLY U 152 -4.09 -64.44 -4.30
C GLY U 152 -4.15 -65.08 -2.92
N ASN U 153 -3.44 -64.49 -1.97
CA ASN U 153 -3.40 -65.07 -0.63
C ASN U 153 -4.69 -64.84 0.15
N ILE U 154 -5.43 -63.79 -0.18
CA ILE U 154 -6.65 -63.46 0.55
C ILE U 154 -7.91 -63.78 -0.23
N ASN U 155 -8.76 -64.65 0.32
CA ASN U 155 -10.03 -64.93 -0.33
C ASN U 155 -11.05 -63.92 0.17
N TRP U 156 -11.59 -63.12 -0.74
CA TRP U 156 -12.52 -62.08 -0.34
C TRP U 156 -13.96 -62.57 -0.22
N TRP U 157 -14.42 -63.38 -1.16
CA TRP U 157 -15.80 -63.83 -1.16
C TRP U 157 -15.96 -65.34 -1.23
N SER U 158 -16.58 -65.94 -0.21
CA SER U 158 -16.85 -67.36 -0.21
C SER U 158 -18.24 -67.62 0.33
N GLU U 159 -19.03 -68.39 -0.43
CA GLU U 159 -20.40 -68.71 -0.09
C GLU U 159 -20.47 -70.06 0.61
N PRO U 160 -21.40 -70.23 1.57
CA PRO U 160 -21.37 -71.43 2.41
C PRO U 160 -22.15 -72.63 1.91
N ALA U 161 -23.18 -72.42 1.08
CA ALA U 161 -24.27 -73.39 0.96
C ALA U 161 -23.77 -74.83 1.07
N ALA U 162 -22.73 -75.18 0.32
CA ALA U 162 -22.22 -76.55 0.28
C ALA U 162 -20.95 -76.69 1.11
N GLN U 163 -20.99 -77.60 2.08
CA GLN U 163 -19.81 -78.02 2.84
C GLN U 163 -19.64 -79.54 2.87
N MET V 1 -2.21 -49.68 -21.51
CA MET V 1 -1.36 -49.11 -20.48
C MET V 1 -1.00 -47.66 -20.82
N ALA V 2 -0.01 -47.49 -21.68
CA ALA V 2 0.38 -46.16 -22.14
C ALA V 2 -0.75 -45.55 -22.95
N VAL V 3 -1.15 -44.34 -22.59
CA VAL V 3 -2.21 -43.63 -23.29
C VAL V 3 -1.61 -43.09 -24.59
N SER V 4 -1.84 -43.82 -25.68
CA SER V 4 -1.31 -43.44 -26.99
C SER V 4 -2.28 -42.61 -27.81
N LYS V 5 -3.56 -42.96 -27.79
CA LYS V 5 -4.58 -42.30 -28.60
C LYS V 5 -5.63 -41.73 -27.66
N ARG V 6 -5.64 -40.40 -27.54
CA ARG V 6 -6.53 -39.72 -26.59
C ARG V 6 -7.96 -40.00 -26.87
N PRO V 7 -8.75 -40.44 -25.88
CA PRO V 7 -10.14 -40.84 -26.13
C PRO V 7 -11.08 -39.80 -26.72
N PHE V 8 -12.19 -40.28 -27.26
CA PHE V 8 -13.17 -39.38 -27.85
C PHE V 8 -13.85 -38.49 -26.84
N SER V 9 -14.15 -37.26 -27.24
CA SER V 9 -14.91 -36.35 -26.39
C SER V 9 -16.38 -36.38 -26.79
N ILE V 10 -17.23 -35.78 -25.95
CA ILE V 10 -18.65 -35.73 -26.26
C ILE V 10 -18.93 -34.71 -27.36
N ASN V 11 -17.97 -33.86 -27.70
CA ASN V 11 -18.09 -32.97 -28.86
C ASN V 11 -17.49 -33.58 -30.11
N SER V 12 -17.09 -34.85 -30.05
CA SER V 12 -16.36 -35.51 -31.13
C SER V 12 -17.28 -36.25 -32.09
N PHE V 13 -18.52 -35.80 -32.27
CA PHE V 13 -19.45 -36.47 -33.16
C PHE V 13 -20.22 -35.44 -33.97
N ALA V 14 -20.49 -35.79 -35.23
CA ALA V 14 -21.29 -34.96 -36.12
C ALA V 14 -22.55 -35.74 -36.49
N VAL V 15 -23.71 -35.09 -36.38
CA VAL V 15 -25.00 -35.75 -36.53
C VAL V 15 -25.72 -35.17 -37.74
N ASN V 16 -26.22 -36.05 -38.59
CA ASN V 16 -26.98 -35.67 -39.78
C ASN V 16 -28.24 -36.54 -39.87
N LEU V 17 -29.20 -36.06 -40.65
CA LEU V 17 -30.49 -36.74 -40.79
C LEU V 17 -30.81 -36.98 -42.27
N ASN V 18 -31.50 -38.09 -42.52
CA ASN V 18 -32.12 -38.40 -43.79
C ASN V 18 -33.61 -38.60 -43.52
N ILE V 19 -34.42 -37.60 -43.87
CA ILE V 19 -35.85 -37.63 -43.59
C ILE V 19 -36.54 -38.16 -44.85
N GLY V 20 -36.94 -39.43 -44.81
CA GLY V 20 -37.57 -40.03 -45.97
C GLY V 20 -36.66 -39.99 -47.17
N ASN V 21 -37.17 -39.44 -48.28
CA ASN V 21 -36.42 -39.32 -49.51
C ASN V 21 -35.57 -38.05 -49.56
N PHE V 22 -35.55 -37.29 -48.48
CA PHE V 22 -34.86 -36.00 -48.42
C PHE V 22 -33.58 -36.14 -47.63
N VAL V 23 -32.48 -35.63 -48.18
CA VAL V 23 -31.19 -35.59 -47.49
C VAL V 23 -31.00 -34.19 -46.95
N ASP V 24 -31.05 -34.06 -45.62
CA ASP V 24 -30.98 -32.77 -44.95
C ASP V 24 -29.53 -32.44 -44.63
N ALA V 25 -29.09 -31.25 -45.05
CA ALA V 25 -27.72 -30.82 -44.81
C ALA V 25 -27.53 -30.17 -43.44
N ARG V 26 -28.60 -29.97 -42.68
CA ARG V 26 -28.49 -29.34 -41.38
C ARG V 26 -27.76 -30.26 -40.40
N TYR V 27 -26.84 -29.68 -39.64
CA TYR V 27 -26.11 -30.40 -38.60
C TYR V 27 -26.72 -30.10 -37.24
N TRP V 28 -26.76 -31.12 -36.38
CA TRP V 28 -27.35 -31.02 -35.06
C TRP V 28 -26.26 -30.90 -34.01
N SER V 29 -26.59 -30.23 -32.91
CA SER V 29 -25.58 -29.92 -31.89
C SER V 29 -25.56 -30.92 -30.76
N LYS V 30 -26.69 -31.58 -30.47
CA LYS V 30 -26.78 -32.50 -29.34
C LYS V 30 -27.53 -33.77 -29.72
N CYS V 31 -27.29 -34.80 -28.93
CA CYS V 31 -27.93 -36.10 -29.09
C CYS V 31 -27.82 -36.84 -27.77
N SER V 32 -28.84 -37.63 -27.47
CA SER V 32 -28.85 -38.41 -26.23
C SER V 32 -28.04 -39.69 -26.45
N LYS V 33 -28.10 -40.59 -25.48
CA LYS V 33 -27.30 -41.81 -25.55
C LYS V 33 -27.76 -42.71 -26.70
N ILE V 34 -26.82 -43.48 -27.22
CA ILE V 34 -27.11 -44.58 -28.14
C ILE V 34 -26.94 -45.87 -27.36
N GLU V 35 -27.98 -46.71 -27.35
CA GLU V 35 -27.95 -47.94 -26.57
C GLU V 35 -28.56 -49.10 -27.32
N LYS V 36 -28.23 -50.30 -26.84
CA LYS V 36 -28.95 -51.52 -27.14
C LYS V 36 -29.44 -52.07 -25.81
N THR V 37 -30.68 -51.76 -25.47
CA THR V 37 -31.25 -52.19 -24.19
C THR V 37 -31.82 -53.59 -24.33
N TYR V 38 -31.59 -54.42 -23.31
CA TYR V 38 -32.19 -55.74 -23.21
C TYR V 38 -33.22 -55.69 -22.10
N ASN V 39 -34.49 -55.91 -22.46
CA ASN V 39 -35.48 -56.17 -21.43
C ASN V 39 -35.16 -57.49 -20.76
N THR V 40 -35.56 -57.65 -19.51
CA THR V 40 -35.11 -58.80 -18.73
C THR V 40 -36.26 -59.39 -17.94
N GLY V 41 -36.22 -60.72 -17.81
CA GLY V 41 -37.09 -61.43 -16.91
C GLY V 41 -36.27 -62.13 -15.85
N GLU V 42 -36.97 -62.68 -14.86
CA GLU V 42 -36.32 -63.40 -13.77
C GLU V 42 -36.69 -64.88 -13.84
N TYR V 43 -35.75 -65.72 -13.40
CA TYR V 43 -36.00 -67.15 -13.37
C TYR V 43 -35.10 -67.79 -12.31
N SER V 44 -35.30 -69.09 -12.11
CA SER V 44 -34.47 -69.89 -11.23
C SER V 44 -34.24 -71.24 -11.88
N ASP V 45 -33.08 -71.83 -11.61
CA ASP V 45 -32.79 -73.17 -12.09
C ASP V 45 -33.37 -74.24 -11.18
N GLY V 46 -34.14 -73.86 -10.16
CA GLY V 46 -34.74 -74.81 -9.25
C GLY V 46 -33.79 -75.39 -8.22
N GLN V 47 -32.59 -75.79 -8.61
CA GLN V 47 -31.65 -76.43 -7.71
C GLN V 47 -30.96 -75.45 -6.79
N SER V 48 -31.36 -74.18 -6.80
CA SER V 48 -30.84 -73.18 -5.88
C SER V 48 -31.89 -72.09 -5.74
N ASN V 49 -31.57 -71.06 -4.95
CA ASN V 49 -32.49 -69.96 -4.69
C ASN V 49 -31.92 -68.60 -5.12
N ILE V 50 -31.07 -68.58 -6.14
CA ILE V 50 -30.59 -67.31 -6.69
C ILE V 50 -31.49 -66.90 -7.84
N ILE V 51 -31.73 -65.60 -7.95
CA ILE V 51 -32.53 -65.05 -9.04
C ILE V 51 -31.63 -64.80 -10.23
N TYR V 52 -31.91 -65.46 -11.34
CA TYR V 52 -31.13 -65.33 -12.57
C TYR V 52 -31.90 -64.46 -13.55
N THR V 53 -31.16 -63.71 -14.36
CA THR V 53 -31.73 -62.74 -15.29
C THR V 53 -31.68 -63.30 -16.71
N LEU V 54 -32.83 -63.28 -17.38
CA LEU V 54 -32.96 -63.77 -18.75
C LEU V 54 -33.16 -62.58 -19.69
N PRO V 55 -32.23 -62.31 -20.60
CA PRO V 55 -32.43 -61.21 -21.56
C PRO V 55 -33.51 -61.53 -22.58
N GLY V 56 -34.03 -60.48 -23.20
CA GLY V 56 -35.06 -60.64 -24.22
C GLY V 56 -35.65 -59.29 -24.56
N ALA V 57 -36.41 -59.28 -25.66
CA ALA V 57 -37.16 -58.10 -26.09
C ALA V 57 -36.22 -56.90 -26.25
N ILE V 58 -35.28 -57.06 -27.20
CA ILE V 58 -34.35 -55.99 -27.54
C ILE V 58 -35.11 -54.70 -27.76
N LYS V 59 -34.49 -53.57 -27.40
CA LYS V 59 -35.05 -52.27 -27.68
C LYS V 59 -33.94 -51.24 -27.77
N TYR V 60 -34.03 -50.37 -28.78
CA TYR V 60 -33.12 -49.24 -28.92
C TYR V 60 -33.83 -47.99 -28.43
N PRO V 61 -33.43 -47.41 -27.30
CA PRO V 61 -34.25 -46.38 -26.67
C PRO V 61 -34.33 -45.10 -27.48
N GLU V 62 -35.33 -44.30 -27.13
CA GLU V 62 -35.58 -43.04 -27.83
C GLU V 62 -34.36 -42.12 -27.74
N VAL V 63 -34.05 -41.47 -28.86
CA VAL V 63 -32.89 -40.59 -28.99
C VAL V 63 -33.39 -39.19 -29.30
N VAL V 64 -32.90 -38.21 -28.53
CA VAL V 64 -33.37 -36.82 -28.64
C VAL V 64 -32.24 -36.00 -29.24
N LEU V 65 -32.42 -35.56 -30.48
CA LEU V 65 -31.50 -34.63 -31.12
C LEU V 65 -31.93 -33.20 -30.81
N SER V 66 -30.95 -32.30 -30.73
CA SER V 66 -31.23 -30.91 -30.47
C SER V 66 -30.21 -30.04 -31.20
N LYS V 67 -30.68 -28.89 -31.68
CA LYS V 67 -29.84 -27.93 -32.38
C LYS V 67 -30.34 -26.53 -32.08
N ALA V 68 -29.66 -25.53 -32.62
CA ALA V 68 -30.08 -24.15 -32.47
C ALA V 68 -31.07 -23.79 -33.58
N PHE V 69 -32.24 -23.30 -33.19
CA PHE V 69 -33.29 -22.97 -34.13
C PHE V 69 -32.89 -21.73 -34.92
N SER V 70 -32.55 -21.91 -36.18
CA SER V 70 -32.03 -20.86 -37.04
C SER V 70 -32.88 -20.78 -38.31
N PRO V 71 -32.86 -19.64 -38.99
CA PRO V 71 -33.58 -19.54 -40.26
C PRO V 71 -33.08 -20.57 -41.26
N GLY V 72 -33.99 -21.05 -42.09
CA GLY V 72 -33.74 -22.22 -42.92
C GLY V 72 -34.14 -23.52 -42.28
N ASP V 73 -34.55 -23.50 -41.02
CA ASP V 73 -35.03 -24.70 -40.35
C ASP V 73 -36.52 -24.96 -40.61
N GLU V 74 -37.20 -24.09 -41.34
CA GLU V 74 -38.62 -24.32 -41.62
C GLU V 74 -38.80 -25.55 -42.52
N GLU V 75 -37.91 -25.75 -43.48
CA GLU V 75 -37.96 -26.95 -44.30
C GLU V 75 -37.76 -28.19 -43.43
N LEU V 76 -36.81 -28.13 -42.49
CA LEU V 76 -36.61 -29.24 -41.57
C LEU V 76 -37.87 -29.50 -40.74
N ILE V 77 -38.50 -28.43 -40.25
CA ILE V 77 -39.72 -28.58 -39.46
C ILE V 77 -40.78 -29.31 -40.28
N ASN V 78 -41.00 -28.84 -41.51
CA ASN V 78 -42.05 -29.43 -42.34
C ASN V 78 -41.73 -30.88 -42.68
N ARG V 79 -40.49 -31.19 -43.01
CA ARG V 79 -40.12 -32.57 -43.34
C ARG V 79 -40.30 -33.48 -42.15
N LEU V 80 -39.86 -33.06 -40.96
CA LEU V 80 -40.00 -33.90 -39.77
C LEU V 80 -41.47 -34.06 -39.40
N ILE V 81 -42.28 -33.02 -39.58
CA ILE V 81 -43.69 -33.11 -39.27
C ILE V 81 -44.41 -34.05 -40.24
N ALA V 82 -44.00 -34.06 -41.51
CA ALA V 82 -44.71 -34.82 -42.53
C ALA V 82 -44.18 -36.23 -42.74
N VAL V 83 -43.01 -36.56 -42.19
CA VAL V 83 -42.41 -37.86 -42.50
C VAL V 83 -43.31 -39.01 -42.05
N ASN V 84 -43.87 -38.92 -40.85
CA ASN V 84 -44.69 -40.02 -40.34
C ASN V 84 -45.98 -40.20 -41.12
N SER V 85 -46.39 -39.21 -41.91
CA SER V 85 -47.62 -39.35 -42.69
C SER V 85 -47.54 -40.46 -43.72
N ASP V 86 -46.33 -40.82 -44.15
CA ASP V 86 -46.14 -41.87 -45.15
C ASP V 86 -45.72 -43.15 -44.44
N PRO V 87 -46.49 -44.24 -44.52
CA PRO V 87 -46.06 -45.48 -43.86
C PRO V 87 -44.76 -46.04 -44.40
N ILE V 88 -44.34 -45.61 -45.60
CA ILE V 88 -43.09 -46.09 -46.17
C ILE V 88 -41.90 -45.24 -45.75
N ALA V 89 -42.11 -43.99 -45.36
CA ALA V 89 -41.01 -43.08 -45.08
C ALA V 89 -40.38 -43.39 -43.72
N TRP V 90 -39.07 -43.21 -43.65
CA TRP V 90 -38.31 -43.45 -42.43
C TRP V 90 -37.32 -42.30 -42.23
N VAL V 91 -36.82 -42.18 -41.00
CA VAL V 91 -35.81 -41.20 -40.64
C VAL V 91 -34.53 -41.96 -40.28
N THR V 92 -33.43 -41.61 -40.94
CA THR V 92 -32.13 -42.22 -40.68
C THR V 92 -31.22 -41.19 -40.01
N VAL V 93 -30.49 -41.64 -38.99
CA VAL V 93 -29.59 -40.76 -38.24
C VAL V 93 -28.16 -41.22 -38.49
N PHE V 94 -27.31 -40.31 -38.93
CA PHE V 94 -25.90 -40.59 -39.20
C PHE V 94 -25.06 -39.88 -38.16
N ILE V 95 -24.24 -40.65 -37.44
CA ILE V 95 -23.33 -40.09 -36.44
C ILE V 95 -21.91 -40.45 -36.85
N GLN V 96 -21.13 -39.44 -37.24
CA GLN V 96 -19.74 -39.64 -37.61
C GLN V 96 -18.85 -39.17 -36.47
N PRO V 97 -18.17 -40.07 -35.77
CA PRO V 97 -17.16 -39.62 -34.81
C PRO V 97 -15.94 -39.04 -35.51
N MET V 98 -15.22 -38.20 -34.78
CA MET V 98 -14.21 -37.33 -35.38
C MET V 98 -13.51 -36.57 -34.26
N TYR V 99 -12.25 -36.19 -34.50
CA TYR V 99 -11.52 -35.41 -33.52
C TYR V 99 -11.39 -33.99 -34.04
N ARG V 100 -12.47 -33.23 -33.94
CA ARG V 100 -12.45 -31.88 -34.46
C ARG V 100 -11.76 -30.91 -33.53
N ASP V 101 -10.81 -30.15 -34.06
CA ASP V 101 -10.19 -29.12 -33.25
C ASP V 101 -11.20 -28.03 -33.34
N GLY V 102 -11.27 -27.29 -34.43
CA GLY V 102 -12.23 -26.26 -34.73
C GLY V 102 -13.16 -26.75 -35.82
N TYR V 103 -12.90 -26.30 -37.06
CA TYR V 103 -13.49 -26.89 -38.25
C TYR V 103 -12.60 -27.98 -38.84
N TYR V 104 -11.70 -28.54 -38.04
CA TYR V 104 -10.67 -29.48 -38.49
C TYR V 104 -11.00 -30.93 -38.13
N ASN V 105 -12.25 -31.34 -38.31
CA ASN V 105 -12.62 -32.73 -38.07
C ASN V 105 -11.69 -33.67 -38.83
N VAL V 106 -11.25 -34.72 -38.16
CA VAL V 106 -10.59 -35.86 -38.81
C VAL V 106 -11.41 -37.11 -38.48
N PRO V 107 -12.31 -37.53 -39.38
CA PRO V 107 -13.09 -38.74 -39.08
C PRO V 107 -12.23 -39.98 -39.07
N GLN V 108 -12.66 -40.97 -38.29
CA GLN V 108 -12.08 -42.30 -38.33
C GLN V 108 -13.21 -43.31 -38.23
N GLY V 109 -13.10 -44.40 -38.99
CA GLY V 109 -14.14 -45.40 -39.02
C GLY V 109 -15.33 -44.93 -39.81
N GLY V 110 -16.32 -45.82 -39.91
CA GLY V 110 -17.56 -45.46 -40.57
C GLY V 110 -18.39 -44.54 -39.71
N LYS V 111 -19.70 -44.53 -39.92
CA LYS V 111 -20.62 -43.71 -39.14
C LYS V 111 -21.68 -44.62 -38.55
N ILE V 112 -22.00 -44.41 -37.28
CA ILE V 112 -23.08 -45.16 -36.65
C ILE V 112 -24.40 -44.67 -37.22
N ILE V 113 -25.12 -45.56 -37.87
CA ILE V 113 -26.38 -45.24 -38.54
C ILE V 113 -27.51 -45.85 -37.74
N LEU V 114 -28.39 -45.00 -37.21
CA LEU V 114 -29.67 -45.41 -36.67
C LEU V 114 -30.64 -45.51 -37.84
N GLU V 115 -31.03 -46.74 -38.16
CA GLU V 115 -31.86 -47.05 -39.33
C GLU V 115 -33.31 -47.25 -38.91
N PHE V 116 -34.22 -46.74 -39.74
CA PHE V 116 -35.66 -46.91 -39.56
C PHE V 116 -36.10 -46.29 -38.23
N CYS V 117 -36.00 -44.97 -38.16
CA CYS V 117 -36.45 -44.21 -37.01
C CYS V 117 -37.78 -43.54 -37.31
N THR V 118 -38.66 -43.55 -36.32
CA THR V 118 -39.93 -42.84 -36.39
C THR V 118 -39.89 -41.62 -35.48
N VAL V 119 -40.46 -40.50 -35.96
CA VAL V 119 -40.52 -39.30 -35.15
C VAL V 119 -41.55 -39.46 -34.05
N ALA V 120 -41.16 -39.16 -32.82
CA ALA V 120 -42.06 -39.20 -31.68
C ALA V 120 -42.41 -37.83 -31.14
N ARG V 121 -41.64 -36.80 -31.50
CA ARG V 121 -41.83 -35.46 -30.96
C ARG V 121 -41.00 -34.45 -31.74
N ALA V 122 -41.58 -33.31 -32.09
CA ALA V 122 -40.89 -32.25 -32.82
C ALA V 122 -41.19 -30.93 -32.15
N THR V 123 -40.17 -30.33 -31.54
CA THR V 123 -40.31 -29.12 -30.72
C THR V 123 -39.44 -28.02 -31.34
N PRO V 124 -39.97 -27.25 -32.28
CA PRO V 124 -39.16 -26.17 -32.86
C PRO V 124 -38.72 -25.13 -31.84
N ILE V 125 -39.54 -24.86 -30.83
CA ILE V 125 -39.24 -23.84 -29.82
C ILE V 125 -39.35 -24.50 -28.46
N ASN V 126 -38.22 -24.61 -27.76
CA ASN V 126 -38.23 -25.22 -26.44
C ASN V 126 -38.98 -24.36 -25.43
N GLU V 127 -38.96 -23.05 -25.60
CA GLU V 127 -39.68 -22.13 -24.72
C GLU V 127 -39.46 -20.73 -25.27
N ILE V 128 -40.28 -19.79 -24.78
CA ILE V 128 -40.17 -18.38 -25.15
C ILE V 128 -40.09 -17.54 -23.89
N ASP V 129 -39.15 -16.60 -23.88
CA ASP V 129 -38.97 -15.72 -22.72
C ASP V 129 -38.35 -14.43 -23.23
N THR V 130 -39.10 -13.34 -23.17
CA THR V 130 -38.62 -12.09 -23.75
C THR V 130 -37.45 -11.52 -22.96
N ILE V 131 -37.23 -11.99 -21.74
CA ILE V 131 -36.01 -11.66 -21.00
C ILE V 131 -34.93 -12.72 -21.18
N GLY V 132 -35.27 -13.89 -21.72
CA GLY V 132 -34.29 -14.93 -21.90
C GLY V 132 -33.20 -14.54 -22.87
N SER V 133 -32.04 -15.17 -22.70
CA SER V 133 -30.89 -14.95 -23.56
C SER V 133 -30.37 -16.23 -24.22
N ASN V 134 -30.81 -17.39 -23.77
CA ASN V 134 -30.37 -18.64 -24.38
C ASN V 134 -30.88 -18.74 -25.80
N ALA V 135 -30.13 -19.44 -26.64
CA ALA V 135 -30.56 -19.69 -28.01
C ALA V 135 -31.76 -20.64 -27.99
N ALA V 136 -32.76 -20.31 -28.81
CA ALA V 136 -33.91 -21.19 -28.94
C ALA V 136 -33.47 -22.55 -29.48
N MET V 137 -33.96 -23.62 -28.85
CA MET V 137 -33.55 -24.98 -29.17
C MET V 137 -34.62 -25.68 -29.99
N PHE V 138 -34.22 -26.19 -31.15
CA PHE V 138 -35.00 -27.17 -31.89
C PHE V 138 -34.70 -28.55 -31.32
N GLU V 139 -35.74 -29.30 -30.95
CA GLU V 139 -35.60 -30.66 -30.48
C GLU V 139 -36.40 -31.60 -31.35
N CYS V 140 -35.90 -32.84 -31.48
CA CYS V 140 -36.61 -33.88 -32.22
C CYS V 140 -36.31 -35.22 -31.57
N ALA V 141 -37.35 -35.93 -31.17
CA ALA V 141 -37.23 -37.25 -30.59
C ALA V 141 -37.49 -38.31 -31.65
N LEU V 142 -36.63 -39.31 -31.70
CA LEU V 142 -36.70 -40.37 -32.69
C LEU V 142 -36.66 -41.73 -31.99
N ASN V 143 -37.37 -42.69 -32.57
CA ASN V 143 -37.40 -44.07 -32.09
C ASN V 143 -36.77 -44.91 -33.19
N PRO V 144 -35.50 -45.28 -33.06
CA PRO V 144 -34.85 -46.11 -34.08
C PRO V 144 -35.21 -47.58 -33.92
N SER V 145 -35.15 -48.30 -35.04
CA SER V 145 -35.34 -49.75 -35.06
C SER V 145 -34.03 -50.53 -35.15
N ARG V 146 -33.06 -50.05 -35.91
CA ARG V 146 -31.81 -50.79 -36.10
C ARG V 146 -30.63 -49.86 -35.97
N ILE V 147 -29.45 -50.43 -35.76
CA ILE V 147 -28.19 -49.68 -35.73
C ILE V 147 -27.15 -50.47 -36.52
N ARG V 148 -26.41 -49.76 -37.38
CA ARG V 148 -25.35 -50.39 -38.15
C ARG V 148 -24.26 -49.34 -38.41
N SER V 149 -23.34 -49.67 -39.32
CA SER V 149 -22.29 -48.74 -39.74
C SER V 149 -21.62 -49.24 -41.01
N ASP V 150 -21.53 -48.39 -42.04
CA ASP V 150 -21.02 -48.83 -43.33
C ASP V 150 -20.08 -47.93 -44.11
N GLY V 151 -19.74 -46.74 -43.61
CA GLY V 151 -19.00 -45.78 -44.41
C GLY V 151 -17.57 -45.55 -43.98
N GLY V 152 -16.90 -46.57 -43.46
CA GLY V 152 -15.53 -46.38 -43.05
C GLY V 152 -14.85 -47.70 -42.72
N ASN V 153 -13.67 -47.59 -42.14
CA ASN V 153 -12.76 -48.72 -41.99
C ASN V 153 -12.70 -49.27 -40.56
N ILE V 154 -13.76 -49.09 -39.77
CA ILE V 154 -13.82 -49.63 -38.41
C ILE V 154 -15.03 -50.52 -38.21
N ASN V 155 -16.23 -50.06 -38.61
CA ASN V 155 -17.47 -50.81 -38.47
C ASN V 155 -17.72 -51.25 -37.03
N TRP V 156 -18.05 -50.29 -36.17
CA TRP V 156 -18.17 -50.51 -34.73
C TRP V 156 -19.62 -50.68 -34.26
N TRP V 157 -20.53 -51.07 -35.14
CA TRP V 157 -21.86 -51.47 -34.69
C TRP V 157 -22.37 -52.67 -35.49
N SER V 158 -21.53 -53.68 -35.67
CA SER V 158 -21.90 -54.88 -36.41
C SER V 158 -22.78 -55.77 -35.53
N GLU V 159 -24.07 -55.85 -35.87
CA GLU V 159 -24.92 -56.88 -35.32
C GLU V 159 -24.80 -58.15 -36.16
N PRO V 160 -25.09 -59.31 -35.57
CA PRO V 160 -25.18 -60.55 -36.37
C PRO V 160 -26.55 -60.85 -36.94
N ALA V 161 -27.47 -59.88 -36.92
CA ALA V 161 -28.88 -60.18 -37.12
C ALA V 161 -29.34 -59.98 -38.57
N ALA V 162 -29.18 -58.77 -39.09
CA ALA V 162 -29.96 -58.28 -40.22
C ALA V 162 -29.72 -59.09 -41.49
N GLN V 163 -30.50 -58.75 -42.52
CA GLN V 163 -30.32 -59.23 -43.89
C GLN V 163 -30.48 -58.09 -44.87
N ALA W 2 -18.10 -20.25 -40.10
CA ALA W 2 -19.10 -20.43 -41.15
C ALA W 2 -20.56 -19.97 -40.96
N VAL W 3 -20.89 -19.54 -39.74
CA VAL W 3 -22.26 -19.08 -39.44
C VAL W 3 -22.54 -17.68 -39.99
N SER W 4 -23.64 -17.54 -40.71
CA SER W 4 -24.00 -16.24 -41.27
C SER W 4 -25.05 -15.57 -40.42
N LYS W 5 -26.27 -16.08 -40.47
CA LYS W 5 -27.34 -15.51 -39.67
C LYS W 5 -27.25 -16.02 -38.26
N ARG W 6 -27.06 -15.12 -37.30
CA ARG W 6 -27.06 -15.53 -35.90
C ARG W 6 -28.45 -16.08 -35.65
N PRO W 7 -28.57 -17.26 -35.02
CA PRO W 7 -29.89 -17.90 -34.87
C PRO W 7 -30.90 -17.20 -33.99
N PHE W 8 -32.14 -17.69 -34.02
CA PHE W 8 -33.18 -17.11 -33.19
C PHE W 8 -32.88 -17.27 -31.73
N SER W 9 -33.17 -16.24 -30.95
CA SER W 9 -32.98 -16.35 -29.52
C SER W 9 -34.29 -16.71 -28.85
N ILE W 10 -34.24 -16.93 -27.55
CA ILE W 10 -35.44 -17.24 -26.78
C ILE W 10 -36.34 -16.02 -26.68
N ASN W 11 -35.77 -14.82 -26.82
CA ASN W 11 -36.51 -13.57 -26.75
C ASN W 11 -37.04 -13.11 -28.09
N SER W 12 -36.90 -13.94 -29.14
CA SER W 12 -37.10 -13.52 -30.51
C SER W 12 -38.51 -13.80 -31.03
N PHE W 13 -39.52 -13.78 -30.17
CA PHE W 13 -40.89 -14.06 -30.59
C PHE W 13 -41.85 -13.08 -29.91
N ALA W 14 -42.89 -12.71 -30.64
CA ALA W 14 -43.97 -11.88 -30.12
C ALA W 14 -45.26 -12.68 -30.12
N VAL W 15 -46.00 -12.64 -29.01
CA VAL W 15 -47.16 -13.49 -28.80
C VAL W 15 -48.40 -12.61 -28.65
N ASN W 16 -49.44 -12.95 -29.40
CA ASN W 16 -50.72 -12.24 -29.38
C ASN W 16 -51.85 -13.24 -29.32
N LEU W 17 -53.02 -12.77 -28.87
CA LEU W 17 -54.18 -13.63 -28.70
C LEU W 17 -55.39 -13.06 -29.45
N ASN W 18 -56.17 -13.96 -30.04
CA ASN W 18 -57.51 -13.67 -30.52
C ASN W 18 -58.47 -14.49 -29.67
N ILE W 19 -59.24 -13.82 -28.83
CA ILE W 19 -60.11 -14.47 -27.86
C ILE W 19 -61.53 -14.35 -28.38
N GLY W 20 -62.06 -15.45 -28.93
CA GLY W 20 -63.37 -15.40 -29.54
C GLY W 20 -63.37 -14.41 -30.69
N ASN W 21 -64.32 -13.48 -30.67
CA ASN W 21 -64.43 -12.43 -31.66
C ASN W 21 -63.65 -11.18 -31.28
N PHE W 22 -62.87 -11.24 -30.20
CA PHE W 22 -62.09 -10.11 -29.72
C PHE W 22 -60.64 -10.27 -30.13
N VAL W 23 -60.08 -9.23 -30.73
CA VAL W 23 -58.67 -9.17 -31.09
C VAL W 23 -57.97 -8.44 -29.96
N ASP W 24 -57.39 -9.20 -29.04
CA ASP W 24 -56.74 -8.63 -27.86
C ASP W 24 -55.36 -8.11 -28.23
N ALA W 25 -55.08 -6.85 -27.88
CA ALA W 25 -53.85 -6.19 -28.28
C ALA W 25 -52.72 -6.35 -27.27
N ARG W 26 -52.96 -6.99 -26.14
CA ARG W 26 -51.92 -7.14 -25.13
C ARG W 26 -50.91 -8.20 -25.56
N TYR W 27 -49.62 -7.89 -25.40
CA TYR W 27 -48.54 -8.81 -25.73
C TYR W 27 -48.15 -9.60 -24.50
N TRP W 28 -47.79 -10.86 -24.71
CA TRP W 28 -47.42 -11.78 -23.64
C TRP W 28 -45.90 -11.92 -23.60
N SER W 29 -45.35 -12.02 -22.40
CA SER W 29 -43.91 -12.05 -22.24
C SER W 29 -43.32 -13.45 -22.35
N LYS W 30 -44.08 -14.48 -21.98
CA LYS W 30 -43.55 -15.84 -21.95
C LYS W 30 -44.54 -16.81 -22.58
N CYS W 31 -43.99 -17.91 -23.09
CA CYS W 31 -44.76 -19.02 -23.63
C CYS W 31 -43.97 -20.30 -23.41
N SER W 32 -44.67 -21.41 -23.36
CA SER W 32 -44.02 -22.71 -23.15
C SER W 32 -43.65 -23.31 -24.50
N LYS W 33 -43.22 -24.57 -24.49
CA LYS W 33 -42.79 -25.24 -25.70
C LYS W 33 -43.96 -25.54 -26.63
N ILE W 34 -43.68 -25.51 -27.94
CA ILE W 34 -44.64 -25.82 -28.98
C ILE W 34 -44.14 -27.05 -29.72
N GLU W 35 -44.97 -28.09 -29.81
CA GLU W 35 -44.61 -29.29 -30.54
C GLU W 35 -45.83 -29.87 -31.23
N LYS W 36 -45.58 -30.96 -31.95
CA LYS W 36 -46.60 -31.87 -32.45
C LYS W 36 -46.16 -33.25 -31.96
N THR W 37 -46.66 -33.67 -30.81
CA THR W 37 -46.23 -34.93 -30.20
C THR W 37 -47.04 -36.08 -30.78
N TYR W 38 -46.38 -37.24 -30.90
CA TYR W 38 -47.00 -38.46 -31.35
C TYR W 38 -47.07 -39.44 -30.20
N ASN W 39 -48.26 -39.92 -29.88
CA ASN W 39 -48.37 -41.06 -28.98
C ASN W 39 -47.90 -42.30 -29.71
N THR W 40 -47.43 -43.29 -28.97
CA THR W 40 -46.76 -44.43 -29.57
C THR W 40 -47.33 -45.74 -29.04
N GLY W 41 -47.34 -46.74 -29.91
CA GLY W 41 -47.63 -48.09 -29.51
C GLY W 41 -46.48 -49.00 -29.91
N GLU W 42 -46.28 -50.05 -29.12
CA GLU W 42 -45.23 -51.00 -29.43
C GLU W 42 -45.79 -52.15 -30.27
N TYR W 43 -44.91 -52.73 -31.09
CA TYR W 43 -45.30 -53.90 -31.87
C TYR W 43 -44.04 -54.67 -32.25
N SER W 44 -44.25 -55.78 -32.96
CA SER W 44 -43.17 -56.60 -33.47
C SER W 44 -43.58 -57.14 -34.83
N ASP W 45 -42.59 -57.41 -35.68
CA ASP W 45 -42.85 -58.02 -36.99
C ASP W 45 -42.81 -59.54 -36.94
N GLY W 46 -42.62 -60.12 -35.76
CA GLY W 46 -42.62 -61.55 -35.59
C GLY W 46 -41.35 -62.26 -36.00
N GLN W 47 -40.55 -61.65 -36.88
CA GLN W 47 -39.30 -62.26 -37.35
C GLN W 47 -38.11 -61.86 -36.51
N SER W 48 -38.31 -61.07 -35.46
CA SER W 48 -37.22 -60.63 -34.59
C SER W 48 -37.81 -60.24 -33.24
N ASN W 49 -36.93 -60.06 -32.26
CA ASN W 49 -37.33 -59.66 -30.91
C ASN W 49 -37.04 -58.19 -30.65
N ILE W 50 -37.18 -57.33 -31.65
CA ILE W 50 -36.98 -55.90 -31.50
C ILE W 50 -38.34 -55.23 -31.35
N ILE W 51 -38.45 -54.34 -30.39
CA ILE W 51 -39.69 -53.60 -30.17
C ILE W 51 -39.72 -52.42 -31.13
N TYR W 52 -40.71 -52.40 -32.01
CA TYR W 52 -40.86 -51.33 -32.98
C TYR W 52 -41.95 -50.35 -32.51
N THR W 53 -41.75 -49.08 -32.85
CA THR W 53 -42.64 -48.01 -32.41
C THR W 53 -43.57 -47.60 -33.56
N LEU W 54 -44.85 -47.47 -33.24
CA LEU W 54 -45.88 -47.10 -34.20
C LEU W 54 -46.50 -45.77 -33.76
N PRO W 55 -46.34 -44.69 -34.53
CA PRO W 55 -46.95 -43.41 -34.14
C PRO W 55 -48.46 -43.44 -34.28
N GLY W 56 -49.11 -42.55 -33.55
CA GLY W 56 -50.55 -42.43 -33.62
C GLY W 56 -51.03 -41.40 -32.61
N ALA W 57 -52.31 -41.04 -32.73
CA ALA W 57 -52.98 -40.16 -31.79
C ALA W 57 -52.16 -38.88 -31.57
N ILE W 58 -51.99 -38.13 -32.66
CA ILE W 58 -51.30 -36.84 -32.63
C ILE W 58 -51.87 -35.99 -31.51
N LYS W 59 -51.01 -35.24 -30.83
CA LYS W 59 -51.45 -34.30 -29.82
C LYS W 59 -50.55 -33.08 -29.83
N TYR W 60 -51.15 -31.92 -29.56
CA TYR W 60 -50.40 -30.68 -29.41
C TYR W 60 -50.41 -30.30 -27.94
N PRO W 61 -49.30 -30.44 -27.21
CA PRO W 61 -49.35 -30.32 -25.75
C PRO W 61 -49.76 -28.93 -25.30
N GLU W 62 -50.24 -28.87 -24.07
CA GLU W 62 -50.74 -27.62 -23.51
C GLU W 62 -49.64 -26.56 -23.50
N VAL W 63 -50.04 -25.33 -23.80
CA VAL W 63 -49.13 -24.19 -23.91
C VAL W 63 -49.49 -23.18 -22.84
N VAL W 64 -48.50 -22.76 -22.06
CA VAL W 64 -48.71 -21.86 -20.93
C VAL W 64 -48.11 -20.50 -21.30
N LEU W 65 -48.98 -19.54 -21.59
CA LEU W 65 -48.59 -18.16 -21.80
C LEU W 65 -48.54 -17.44 -20.46
N SER W 66 -47.63 -16.47 -20.35
CA SER W 66 -47.50 -15.69 -19.13
C SER W 66 -47.06 -14.28 -19.48
N LYS W 67 -47.45 -13.33 -18.62
CA LYS W 67 -47.11 -11.93 -18.81
C LYS W 67 -47.19 -11.24 -17.44
N ALA W 68 -46.79 -9.97 -17.42
CA ALA W 68 -46.87 -9.18 -16.19
C ALA W 68 -48.26 -8.63 -16.00
N PHE W 69 -48.81 -8.80 -14.81
CA PHE W 69 -50.17 -8.39 -14.49
C PHE W 69 -50.20 -6.88 -14.28
N SER W 70 -50.77 -6.15 -15.23
CA SER W 70 -50.80 -4.70 -15.23
C SER W 70 -52.22 -4.23 -15.44
N PRO W 71 -52.54 -2.99 -15.06
CA PRO W 71 -53.88 -2.46 -15.29
C PRO W 71 -54.23 -2.46 -16.78
N GLY W 72 -55.51 -2.63 -17.05
CA GLY W 72 -55.98 -2.94 -18.39
C GLY W 72 -56.11 -4.42 -18.67
N ASP W 73 -55.63 -5.26 -17.75
CA ASP W 73 -55.74 -6.71 -17.89
C ASP W 73 -57.09 -7.24 -17.42
N GLU W 74 -57.96 -6.40 -16.87
CA GLU W 74 -59.29 -6.88 -16.49
C GLU W 74 -60.08 -7.33 -17.70
N GLU W 75 -59.97 -6.60 -18.82
CA GLU W 75 -60.60 -7.04 -20.05
C GLU W 75 -60.11 -8.43 -20.44
N LEU W 76 -58.80 -8.65 -20.38
CA LEU W 76 -58.23 -9.94 -20.73
C LEU W 76 -58.72 -11.03 -19.78
N ILE W 77 -58.77 -10.74 -18.48
CA ILE W 77 -59.24 -11.72 -17.50
C ILE W 77 -60.67 -12.13 -17.82
N ASN W 78 -61.55 -11.14 -18.03
CA ASN W 78 -62.95 -11.46 -18.30
C ASN W 78 -63.09 -12.22 -19.61
N ARG W 79 -62.35 -11.83 -20.65
CA ARG W 79 -62.46 -12.51 -21.93
C ARG W 79 -62.01 -13.96 -21.82
N LEU W 80 -60.88 -14.21 -21.14
CA LEU W 80 -60.40 -15.57 -20.99
C LEU W 80 -61.28 -16.40 -20.07
N ILE W 81 -61.97 -15.75 -19.13
CA ILE W 81 -62.88 -16.46 -18.25
C ILE W 81 -64.18 -16.80 -18.98
N ALA W 82 -64.56 -16.00 -19.98
CA ALA W 82 -65.84 -16.17 -20.66
C ALA W 82 -65.74 -16.96 -21.96
N VAL W 83 -64.54 -17.10 -22.54
CA VAL W 83 -64.44 -17.68 -23.87
C VAL W 83 -65.00 -19.10 -23.91
N ASN W 84 -64.67 -19.92 -22.92
CA ASN W 84 -65.11 -21.32 -22.95
C ASN W 84 -66.62 -21.46 -22.81
N SER W 85 -67.31 -20.39 -22.39
CA SER W 85 -68.76 -20.50 -22.20
C SER W 85 -69.50 -20.65 -23.52
N ASP W 86 -68.92 -20.20 -24.63
CA ASP W 86 -69.55 -20.29 -25.94
C ASP W 86 -68.92 -21.43 -26.73
N PRO W 87 -69.67 -22.48 -27.10
CA PRO W 87 -69.03 -23.59 -27.82
C PRO W 87 -68.46 -23.18 -29.17
N ILE W 88 -68.94 -22.09 -29.76
CA ILE W 88 -68.37 -21.60 -31.01
C ILE W 88 -67.08 -20.82 -30.78
N ALA W 89 -66.85 -20.34 -29.55
CA ALA W 89 -65.72 -19.46 -29.29
C ALA W 89 -64.43 -20.25 -29.15
N TRP W 90 -63.36 -19.71 -29.74
CA TRP W 90 -62.04 -20.34 -29.69
C TRP W 90 -61.00 -19.27 -29.38
N VAL W 91 -59.83 -19.74 -28.93
CA VAL W 91 -58.69 -18.89 -28.66
C VAL W 91 -57.61 -19.21 -29.67
N THR W 92 -57.08 -18.18 -30.33
CA THR W 92 -56.03 -18.31 -31.31
C THR W 92 -54.77 -17.63 -30.80
N VAL W 93 -53.63 -18.30 -30.92
CA VAL W 93 -52.35 -17.77 -30.48
C VAL W 93 -51.50 -17.47 -31.71
N PHE W 94 -51.02 -16.23 -31.81
CA PHE W 94 -50.17 -15.79 -32.90
C PHE W 94 -48.77 -15.58 -32.37
N ILE W 95 -47.79 -16.30 -32.93
CA ILE W 95 -46.39 -16.17 -32.56
C ILE W 95 -45.63 -15.69 -33.79
N GLN W 96 -45.13 -14.46 -33.73
CA GLN W 96 -44.33 -13.91 -34.82
C GLN W 96 -42.87 -13.97 -34.44
N PRO W 97 -42.05 -14.81 -35.09
CA PRO W 97 -40.60 -14.72 -34.90
C PRO W 97 -40.04 -13.43 -35.48
N MET W 98 -38.95 -12.97 -34.88
CA MET W 98 -38.36 -11.68 -35.24
C MET W 98 -36.94 -11.64 -34.70
N TYR W 99 -36.25 -10.54 -34.96
CA TYR W 99 -34.89 -10.37 -34.42
C TYR W 99 -34.84 -9.00 -33.77
N ARG W 100 -35.52 -8.83 -32.65
CA ARG W 100 -35.58 -7.53 -32.02
C ARG W 100 -34.32 -7.12 -31.27
N ASP W 101 -33.81 -5.93 -31.54
CA ASP W 101 -32.68 -5.43 -30.77
C ASP W 101 -33.33 -4.92 -29.53
N GLY W 102 -34.00 -3.78 -29.57
CA GLY W 102 -34.77 -3.16 -28.51
C GLY W 102 -36.24 -3.20 -28.84
N TYR W 103 -36.76 -2.06 -29.30
CA TYR W 103 -38.08 -1.99 -29.92
C TYR W 103 -38.00 -2.12 -31.45
N TYR W 104 -36.88 -2.59 -31.97
CA TYR W 104 -36.61 -2.62 -33.40
C TYR W 104 -36.78 -4.02 -33.98
N ASN W 105 -37.84 -4.73 -33.59
CA ASN W 105 -38.18 -6.00 -34.20
C ASN W 105 -38.09 -5.90 -35.72
N VAL W 106 -37.52 -6.92 -36.34
CA VAL W 106 -37.51 -7.05 -37.79
C VAL W 106 -38.10 -8.41 -38.13
N PRO W 107 -39.41 -8.54 -38.23
CA PRO W 107 -40.01 -9.85 -38.50
C PRO W 107 -39.54 -10.39 -39.84
N GLN W 108 -39.31 -11.71 -39.87
CA GLN W 108 -39.02 -12.41 -41.11
C GLN W 108 -39.79 -13.71 -41.09
N GLY W 109 -40.44 -14.01 -42.21
CA GLY W 109 -41.33 -15.14 -42.27
C GLY W 109 -42.72 -14.80 -41.76
N GLY W 110 -43.61 -15.78 -41.86
CA GLY W 110 -44.96 -15.62 -41.37
C GLY W 110 -45.01 -15.69 -39.86
N LYS W 111 -46.23 -15.96 -39.36
CA LYS W 111 -46.46 -16.13 -37.94
C LYS W 111 -47.09 -17.49 -37.69
N ILE W 112 -46.49 -18.25 -36.76
CA ILE W 112 -47.07 -19.53 -36.37
C ILE W 112 -48.37 -19.27 -35.63
N ILE W 113 -49.41 -20.02 -35.99
CA ILE W 113 -50.74 -19.81 -35.42
C ILE W 113 -51.19 -21.12 -34.77
N LEU W 114 -51.44 -21.06 -33.46
CA LEU W 114 -52.13 -22.12 -32.76
C LEU W 114 -53.62 -21.83 -32.86
N GLU W 115 -54.32 -22.61 -33.69
CA GLU W 115 -55.73 -22.40 -34.00
C GLU W 115 -56.60 -23.27 -33.11
N PHE W 116 -57.81 -22.81 -32.83
CA PHE W 116 -58.79 -23.58 -32.07
C PHE W 116 -58.18 -24.09 -30.76
N CYS W 117 -57.89 -23.13 -29.89
CA CYS W 117 -57.37 -23.42 -28.56
C CYS W 117 -58.45 -23.18 -27.52
N THR W 118 -58.50 -24.07 -26.53
CA THR W 118 -59.44 -23.96 -25.41
C THR W 118 -58.69 -23.61 -24.14
N VAL W 119 -59.27 -22.72 -23.35
CA VAL W 119 -58.65 -22.31 -22.09
C VAL W 119 -58.80 -23.42 -21.07
N ALA W 120 -57.68 -23.78 -20.43
CA ALA W 120 -57.68 -24.79 -19.38
C ALA W 120 -57.38 -24.23 -18.00
N ARG W 121 -56.84 -23.01 -17.92
CA ARG W 121 -56.43 -22.45 -16.64
C ARG W 121 -56.15 -20.95 -16.79
N ALA W 122 -56.73 -20.14 -15.89
CA ALA W 122 -56.49 -18.70 -15.88
C ALA W 122 -56.04 -18.31 -14.48
N THR W 123 -54.84 -17.74 -14.37
CA THR W 123 -54.22 -17.40 -13.09
C THR W 123 -53.79 -15.94 -13.14
N PRO W 124 -54.69 -15.00 -12.83
CA PRO W 124 -54.28 -13.59 -12.84
C PRO W 124 -53.15 -13.27 -11.87
N ILE W 125 -53.10 -13.96 -10.72
CA ILE W 125 -52.11 -13.69 -9.69
C ILE W 125 -51.43 -15.01 -9.36
N ASN W 126 -50.13 -15.10 -9.67
CA ASN W 126 -49.38 -16.32 -9.37
C ASN W 126 -49.22 -16.52 -7.87
N GLU W 127 -49.14 -15.43 -7.10
CA GLU W 127 -49.02 -15.52 -5.65
C GLU W 127 -49.02 -14.08 -5.11
N ILE W 128 -49.17 -13.97 -3.80
CA ILE W 128 -49.18 -12.68 -3.11
C ILE W 128 -48.23 -12.75 -1.94
N ASP W 129 -47.39 -11.73 -1.78
CA ASP W 129 -46.47 -11.66 -0.66
C ASP W 129 -46.08 -10.20 -0.46
N THR W 130 -46.48 -9.62 0.68
CA THR W 130 -46.21 -8.22 0.92
C THR W 130 -44.73 -7.92 1.06
N ILE W 131 -43.89 -8.95 1.24
CA ILE W 131 -42.44 -8.77 1.24
C ILE W 131 -41.83 -9.10 -0.12
N GLY W 132 -42.56 -9.75 -1.01
CA GLY W 132 -42.04 -10.08 -2.31
C GLY W 132 -41.79 -8.84 -3.14
N SER W 133 -40.90 -8.99 -4.13
CA SER W 133 -40.56 -7.92 -5.05
C SER W 133 -40.75 -8.32 -6.50
N ASN W 134 -41.04 -9.58 -6.79
CA ASN W 134 -41.25 -10.02 -8.16
C ASN W 134 -42.54 -9.41 -8.71
N ALA W 135 -42.59 -9.27 -10.03
CA ALA W 135 -43.78 -8.78 -10.70
C ALA W 135 -44.86 -9.86 -10.70
N ALA W 136 -46.09 -9.47 -10.36
CA ALA W 136 -47.20 -10.40 -10.42
C ALA W 136 -47.36 -10.90 -11.85
N MET W 137 -47.65 -12.20 -12.00
CA MET W 137 -47.69 -12.84 -13.31
C MET W 137 -49.09 -13.34 -13.62
N PHE W 138 -49.65 -12.84 -14.72
CA PHE W 138 -50.83 -13.44 -15.32
C PHE W 138 -50.41 -14.65 -16.14
N GLU W 139 -50.98 -15.81 -15.84
CA GLU W 139 -50.75 -17.03 -16.60
C GLU W 139 -52.05 -17.52 -17.23
N CYS W 140 -51.91 -18.14 -18.39
CA CYS W 140 -53.05 -18.75 -19.07
C CYS W 140 -52.59 -20.01 -19.78
N ALA W 141 -53.26 -21.12 -19.48
CA ALA W 141 -52.97 -22.40 -20.12
C ALA W 141 -53.98 -22.65 -21.23
N LEU W 142 -53.49 -23.06 -22.39
CA LEU W 142 -54.32 -23.28 -23.57
C LEU W 142 -54.04 -24.65 -24.14
N ASN W 143 -55.08 -25.27 -24.70
CA ASN W 143 -54.99 -26.55 -25.39
C ASN W 143 -55.29 -26.29 -26.86
N PRO W 144 -54.27 -26.23 -27.72
CA PRO W 144 -54.53 -26.03 -29.15
C PRO W 144 -54.97 -27.30 -29.84
N SER W 145 -55.68 -27.13 -30.96
CA SER W 145 -56.08 -28.26 -31.79
C SER W 145 -55.24 -28.41 -33.06
N ARG W 146 -54.71 -27.32 -33.61
CA ARG W 146 -53.98 -27.36 -34.86
C ARG W 146 -52.96 -26.23 -34.87
N ILE W 147 -52.02 -26.32 -35.81
CA ILE W 147 -50.99 -25.29 -35.99
C ILE W 147 -50.83 -25.04 -37.48
N ARG W 148 -50.72 -23.76 -37.85
CA ARG W 148 -50.46 -23.38 -39.23
C ARG W 148 -49.72 -22.05 -39.24
N SER W 149 -49.58 -21.46 -40.42
CA SER W 149 -48.95 -20.16 -40.58
C SER W 149 -49.34 -19.60 -41.94
N ASP W 150 -49.74 -18.32 -41.97
CA ASP W 150 -50.24 -17.72 -43.21
C ASP W 150 -49.62 -16.41 -43.68
N GLY W 151 -49.04 -15.61 -42.78
CA GLY W 151 -48.53 -14.29 -43.15
C GLY W 151 -47.37 -14.10 -44.10
N GLY W 152 -46.22 -13.72 -43.59
CA GLY W 152 -45.05 -13.48 -44.43
C GLY W 152 -44.49 -14.64 -45.23
N ASN W 153 -43.58 -14.34 -46.15
CA ASN W 153 -43.01 -15.36 -47.03
C ASN W 153 -42.73 -16.74 -46.44
N ILE W 154 -41.85 -16.81 -45.45
CA ILE W 154 -41.47 -18.10 -44.88
C ILE W 154 -42.59 -18.79 -44.12
N ASN W 155 -43.09 -19.90 -44.66
CA ASN W 155 -44.10 -20.66 -43.96
C ASN W 155 -43.34 -21.51 -42.96
N TRP W 156 -43.77 -21.52 -41.72
CA TRP W 156 -43.06 -22.27 -40.70
C TRP W 156 -43.70 -23.62 -40.47
N TRP W 157 -45.02 -23.65 -40.43
CA TRP W 157 -45.73 -24.90 -40.17
C TRP W 157 -46.66 -25.30 -41.30
N SER W 158 -46.32 -26.36 -42.02
CA SER W 158 -47.17 -26.86 -43.10
C SER W 158 -47.41 -28.34 -42.86
N GLU W 159 -48.59 -28.68 -42.35
CA GLU W 159 -48.95 -30.07 -42.19
C GLU W 159 -49.11 -30.73 -43.56
N PRO W 160 -48.91 -32.06 -43.61
CA PRO W 160 -49.00 -32.79 -44.89
C PRO W 160 -50.41 -32.78 -45.43
N ALA W 161 -50.63 -32.05 -46.53
CA ALA W 161 -51.96 -32.02 -47.13
C ALA W 161 -51.99 -32.94 -48.34
N ALA W 162 -53.07 -32.89 -49.11
CA ALA W 162 -53.17 -33.71 -50.31
C ALA W 162 -52.08 -33.30 -51.28
N MET X 1 -46.13 -0.62 -25.59
CA MET X 1 -45.42 0.45 -26.28
C MET X 1 -44.31 0.96 -25.38
N ALA X 2 -44.62 1.95 -24.55
CA ALA X 2 -43.76 2.33 -23.44
C ALA X 2 -44.57 2.16 -22.17
N VAL X 3 -43.90 1.74 -21.08
CA VAL X 3 -44.60 1.37 -19.85
C VAL X 3 -45.07 2.67 -19.23
N SER X 4 -46.34 3.01 -19.49
CA SER X 4 -46.94 4.17 -18.84
C SER X 4 -47.29 3.87 -17.40
N LYS X 5 -47.81 2.68 -17.14
CA LYS X 5 -48.20 2.25 -15.80
C LYS X 5 -47.34 1.04 -15.42
N ARG X 6 -46.64 1.16 -14.29
CA ARG X 6 -45.87 0.01 -13.84
C ARG X 6 -46.82 -1.11 -13.43
N PRO X 7 -46.46 -2.37 -13.70
CA PRO X 7 -47.38 -3.47 -13.37
C PRO X 7 -47.46 -3.71 -11.87
N PHE X 8 -48.48 -4.45 -11.48
CA PHE X 8 -48.63 -4.83 -10.07
C PHE X 8 -47.44 -5.67 -9.63
N SER X 9 -46.97 -5.43 -8.42
CA SER X 9 -45.94 -6.24 -7.81
C SER X 9 -46.58 -7.36 -7.00
N ILE X 10 -45.76 -8.32 -6.57
CA ILE X 10 -46.26 -9.42 -5.77
C ILE X 10 -46.78 -8.90 -4.43
N ASN X 11 -46.27 -7.77 -3.97
CA ASN X 11 -46.65 -7.18 -2.69
C ASN X 11 -47.81 -6.20 -2.81
N SER X 12 -48.44 -6.11 -3.99
CA SER X 12 -49.40 -5.05 -4.29
C SER X 12 -50.84 -5.45 -4.00
N PHE X 13 -51.07 -6.30 -2.99
CA PHE X 13 -52.41 -6.75 -2.66
C PHE X 13 -52.59 -6.75 -1.15
N ALA X 14 -53.79 -6.39 -0.71
CA ALA X 14 -54.16 -6.43 0.71
C ALA X 14 -55.25 -7.48 0.88
N VAL X 15 -55.08 -8.37 1.85
CA VAL X 15 -55.95 -9.53 2.03
C VAL X 15 -56.66 -9.43 3.37
N ASN X 16 -57.98 -9.61 3.34
CA ASN X 16 -58.81 -9.58 4.54
C ASN X 16 -59.79 -10.74 4.51
N LEU X 17 -60.32 -11.10 5.68
CA LEU X 17 -61.21 -12.23 5.82
C LEU X 17 -62.53 -11.81 6.46
N ASN X 18 -63.59 -12.52 6.07
CA ASN X 18 -64.89 -12.46 6.72
C ASN X 18 -65.22 -13.89 7.15
N ILE X 19 -65.15 -14.16 8.44
CA ILE X 19 -65.32 -15.50 8.99
C ILE X 19 -66.74 -15.56 9.54
N GLY X 20 -67.64 -16.23 8.82
CA GLY X 20 -69.02 -16.27 9.24
C GLY X 20 -69.60 -14.88 9.31
N ASN X 21 -70.17 -14.54 10.46
CA ASN X 21 -70.72 -13.21 10.70
C ASN X 21 -69.70 -12.25 11.30
N PHE X 22 -68.46 -12.69 11.47
CA PHE X 22 -67.40 -11.88 12.05
C PHE X 22 -66.59 -11.22 10.94
N VAL X 23 -66.27 -9.94 11.12
CA VAL X 23 -65.42 -9.20 10.20
C VAL X 23 -64.07 -9.03 10.88
N ASP X 24 -63.10 -9.86 10.49
CA ASP X 24 -61.77 -9.82 11.08
C ASP X 24 -60.97 -8.68 10.47
N ALA X 25 -60.42 -7.82 11.35
CA ALA X 25 -59.63 -6.69 10.90
C ALA X 25 -58.17 -7.06 10.63
N ARG X 26 -57.77 -8.28 10.93
CA ARG X 26 -56.40 -8.70 10.72
C ARG X 26 -56.09 -8.81 9.23
N TYR X 27 -54.87 -8.44 8.86
CA TYR X 27 -54.41 -8.53 7.48
C TYR X 27 -53.43 -9.69 7.33
N TRP X 28 -53.53 -10.38 6.19
CA TRP X 28 -52.66 -11.51 5.90
C TRP X 28 -51.57 -11.07 4.93
N SER X 29 -50.33 -11.47 5.22
CA SER X 29 -49.18 -11.03 4.45
C SER X 29 -48.80 -11.99 3.32
N LYS X 30 -49.49 -13.12 3.18
CA LYS X 30 -49.18 -14.07 2.13
C LYS X 30 -50.46 -14.76 1.67
N CYS X 31 -50.52 -15.05 0.37
CA CYS X 31 -51.62 -15.79 -0.21
C CYS X 31 -51.09 -16.55 -1.42
N SER X 32 -51.68 -17.72 -1.67
CA SER X 32 -51.26 -18.55 -2.79
C SER X 32 -51.90 -18.01 -4.07
N LYS X 33 -51.80 -18.79 -5.16
CA LYS X 33 -52.27 -18.35 -6.46
C LYS X 33 -53.79 -18.41 -6.53
N ILE X 34 -54.38 -17.48 -7.28
CA ILE X 34 -55.81 -17.42 -7.52
C ILE X 34 -56.07 -17.88 -8.96
N GLU X 35 -56.90 -18.91 -9.11
CA GLU X 35 -57.13 -19.54 -10.41
C GLU X 35 -58.60 -19.85 -10.62
N LYS X 36 -58.94 -20.00 -11.90
CA LYS X 36 -60.13 -20.72 -12.34
C LYS X 36 -59.62 -21.85 -13.22
N THR X 37 -59.72 -23.08 -12.72
CA THR X 37 -59.19 -24.24 -13.42
C THR X 37 -60.31 -25.03 -14.07
N TYR X 38 -60.04 -25.55 -15.26
CA TYR X 38 -60.98 -26.39 -15.99
C TYR X 38 -60.45 -27.82 -16.02
N ASN X 39 -61.29 -28.76 -15.62
CA ASN X 39 -60.96 -30.17 -15.77
C ASN X 39 -61.29 -30.59 -17.20
N THR X 40 -60.36 -31.30 -17.83
CA THR X 40 -60.41 -31.53 -19.27
C THR X 40 -60.65 -32.99 -19.58
N GLY X 41 -61.41 -33.23 -20.63
CA GLY X 41 -61.59 -34.58 -21.16
C GLY X 41 -61.14 -34.64 -22.60
N GLU X 42 -60.59 -35.79 -22.97
CA GLU X 42 -60.06 -35.96 -24.32
C GLU X 42 -61.12 -36.57 -25.23
N TYR X 43 -61.17 -36.09 -26.47
CA TYR X 43 -62.11 -36.62 -27.45
C TYR X 43 -61.53 -36.50 -28.84
N SER X 44 -62.29 -36.98 -29.82
CA SER X 44 -61.92 -36.93 -31.23
C SER X 44 -63.16 -36.65 -32.06
N ASP X 45 -62.95 -36.03 -33.22
CA ASP X 45 -64.05 -35.77 -34.14
C ASP X 45 -64.27 -36.88 -35.15
N GLY X 46 -63.43 -37.91 -35.16
CA GLY X 46 -63.57 -39.03 -36.05
C GLY X 46 -62.95 -38.84 -37.41
N GLN X 47 -62.66 -37.60 -37.81
CA GLN X 47 -62.04 -37.31 -39.09
C GLN X 47 -60.53 -37.16 -39.01
N SER X 48 -59.96 -37.24 -37.81
CA SER X 48 -58.53 -37.06 -37.62
C SER X 48 -58.09 -37.84 -36.40
N ASN X 49 -56.79 -38.05 -36.27
CA ASN X 49 -56.18 -38.69 -35.12
C ASN X 49 -55.59 -37.67 -34.15
N ILE X 50 -56.13 -36.45 -34.12
CA ILE X 50 -55.71 -35.44 -33.18
C ILE X 50 -56.58 -35.53 -31.95
N ILE X 51 -55.96 -35.35 -30.77
CA ILE X 51 -56.66 -35.43 -29.50
C ILE X 51 -57.14 -34.04 -29.13
N TYR X 52 -58.45 -33.85 -29.03
CA TYR X 52 -59.04 -32.57 -28.70
C TYR X 52 -59.42 -32.52 -27.23
N THR X 53 -59.29 -31.32 -26.64
CA THR X 53 -59.53 -31.09 -25.23
C THR X 53 -60.90 -30.47 -25.04
N LEU X 54 -61.62 -30.94 -24.02
CA LEU X 54 -62.98 -30.49 -23.74
C LEU X 54 -63.03 -29.97 -22.30
N PRO X 55 -63.24 -28.67 -22.08
CA PRO X 55 -63.32 -28.17 -20.70
C PRO X 55 -64.60 -28.62 -20.00
N GLY X 56 -64.53 -28.65 -18.68
CA GLY X 56 -65.70 -28.94 -17.87
C GLY X 56 -65.30 -29.10 -16.43
N ALA X 57 -66.31 -29.11 -15.56
CA ALA X 57 -66.11 -29.31 -14.12
C ALA X 57 -65.13 -28.28 -13.56
N ILE X 58 -65.55 -27.02 -13.64
CA ILE X 58 -64.75 -25.93 -13.13
C ILE X 58 -64.39 -26.18 -11.66
N LYS X 59 -63.19 -25.76 -11.27
CA LYS X 59 -62.80 -25.79 -9.87
C LYS X 59 -61.88 -24.61 -9.59
N TYR X 60 -62.11 -23.95 -8.45
CA TYR X 60 -61.22 -22.91 -7.97
C TYR X 60 -60.28 -23.53 -6.95
N PRO X 61 -58.98 -23.65 -7.23
CA PRO X 61 -58.11 -24.44 -6.35
C PRO X 61 -57.95 -23.79 -4.98
N GLU X 62 -57.48 -24.62 -4.05
CA GLU X 62 -57.32 -24.17 -2.67
C GLU X 62 -56.37 -23.00 -2.59
N VAL X 63 -56.67 -22.06 -1.68
CA VAL X 63 -55.88 -20.86 -1.46
C VAL X 63 -55.32 -20.92 -0.05
N VAL X 64 -54.01 -20.74 0.08
CA VAL X 64 -53.33 -20.80 1.38
C VAL X 64 -52.95 -19.38 1.77
N LEU X 65 -53.56 -18.87 2.83
CA LEU X 65 -53.20 -17.60 3.42
C LEU X 65 -52.20 -17.82 4.55
N SER X 66 -51.32 -16.85 4.74
CA SER X 66 -50.32 -16.94 5.78
C SER X 66 -50.03 -15.55 6.34
N LYS X 67 -49.67 -15.51 7.62
CA LYS X 67 -49.33 -14.26 8.28
C LYS X 67 -48.45 -14.57 9.48
N ALA X 68 -48.02 -13.52 10.17
CA ALA X 68 -47.18 -13.67 11.35
C ALA X 68 -48.06 -13.89 12.58
N PHE X 69 -47.73 -14.91 13.37
CA PHE X 69 -48.53 -15.28 14.53
C PHE X 69 -48.17 -14.36 15.69
N SER X 70 -49.13 -13.53 16.10
CA SER X 70 -48.92 -12.53 17.13
C SER X 70 -50.11 -12.55 18.07
N PRO X 71 -49.96 -11.98 19.27
CA PRO X 71 -51.10 -11.90 20.19
C PRO X 71 -52.24 -11.13 19.57
N GLY X 72 -53.46 -11.52 19.93
CA GLY X 72 -54.65 -11.09 19.25
C GLY X 72 -55.08 -12.00 18.12
N ASP X 73 -54.31 -13.05 17.85
CA ASP X 73 -54.70 -14.06 16.87
C ASP X 73 -55.49 -15.20 17.47
N GLU X 74 -55.73 -15.20 18.78
CA GLU X 74 -56.53 -16.25 19.40
C GLU X 74 -57.97 -16.22 18.90
N GLU X 75 -58.52 -15.01 18.73
CA GLU X 75 -59.86 -14.90 18.17
C GLU X 75 -59.90 -15.44 16.74
N LEU X 76 -58.87 -15.13 15.95
CA LEU X 76 -58.78 -15.66 14.60
C LEU X 76 -58.72 -17.19 14.61
N ILE X 77 -57.89 -17.75 15.50
CA ILE X 77 -57.78 -19.19 15.60
C ILE X 77 -59.14 -19.80 15.90
N ASN X 78 -59.82 -19.27 16.92
CA ASN X 78 -61.10 -19.84 17.33
C ASN X 78 -62.14 -19.72 16.22
N ARG X 79 -62.20 -18.55 15.56
CA ARG X 79 -63.19 -18.35 14.52
C ARG X 79 -62.95 -19.28 13.34
N LEU X 80 -61.70 -19.41 12.90
CA LEU X 80 -61.39 -20.31 11.81
C LEU X 80 -61.67 -21.76 12.18
N ILE X 81 -61.38 -22.14 13.43
CA ILE X 81 -61.63 -23.50 13.86
C ILE X 81 -63.13 -23.79 13.90
N ALA X 82 -63.93 -22.80 14.26
CA ALA X 82 -65.36 -23.02 14.50
C ALA X 82 -66.23 -22.75 13.28
N VAL X 83 -65.72 -22.09 12.24
CA VAL X 83 -66.60 -21.69 11.14
C VAL X 83 -67.23 -22.90 10.46
N ASN X 84 -66.45 -23.95 10.21
CA ASN X 84 -66.98 -25.11 9.50
C ASN X 84 -68.04 -25.85 10.29
N SER X 85 -68.17 -25.58 11.59
CA SER X 85 -69.18 -26.27 12.39
C SER X 85 -70.60 -25.78 12.09
N ASP X 86 -70.74 -24.66 11.41
CA ASP X 86 -72.04 -24.12 11.06
C ASP X 86 -72.28 -24.29 9.56
N PRO X 87 -73.24 -25.11 9.12
CA PRO X 87 -73.43 -25.29 7.67
C PRO X 87 -73.80 -24.03 6.93
N ILE X 88 -74.30 -23.01 7.65
CA ILE X 88 -74.64 -21.75 6.99
C ILE X 88 -73.44 -20.81 6.91
N ALA X 89 -72.40 -21.05 7.70
CA ALA X 89 -71.27 -20.13 7.80
C ALA X 89 -70.25 -20.41 6.71
N TRP X 90 -69.72 -19.34 6.13
CA TRP X 90 -68.68 -19.43 5.11
C TRP X 90 -67.60 -18.41 5.41
N VAL X 91 -66.49 -18.54 4.69
CA VAL X 91 -65.37 -17.61 4.78
C VAL X 91 -65.25 -16.86 3.46
N THR X 92 -65.17 -15.54 3.53
CA THR X 92 -65.00 -14.70 2.35
C THR X 92 -63.63 -14.06 2.39
N VAL X 93 -62.94 -14.06 1.25
CA VAL X 93 -61.60 -13.50 1.14
C VAL X 93 -61.68 -12.26 0.25
N PHE X 94 -61.18 -11.14 0.77
CA PHE X 94 -61.16 -9.87 0.04
C PHE X 94 -59.71 -9.54 -0.30
N ILE X 95 -59.41 -9.43 -1.59
CA ILE X 95 -58.09 -9.04 -2.06
C ILE X 95 -58.22 -7.71 -2.80
N GLN X 96 -57.67 -6.65 -2.21
CA GLN X 96 -57.69 -5.34 -2.84
C GLN X 96 -56.33 -5.09 -3.48
N PRO X 97 -56.23 -5.04 -4.81
CA PRO X 97 -54.99 -4.59 -5.43
C PRO X 97 -54.76 -3.10 -5.22
N MET X 98 -53.49 -2.74 -5.13
CA MET X 98 -53.09 -1.39 -4.75
C MET X 98 -51.66 -1.16 -5.23
N TYR X 99 -51.14 0.02 -4.94
CA TYR X 99 -49.81 0.44 -5.39
C TYR X 99 -49.03 1.09 -4.25
N ARG X 100 -49.08 0.39 -3.11
CA ARG X 100 -48.43 0.88 -1.91
C ARG X 100 -46.95 1.05 -1.94
N ASP X 101 -46.49 2.12 -1.32
CA ASP X 101 -45.05 2.33 -1.17
C ASP X 101 -44.57 1.90 0.21
N GLY X 102 -45.07 2.54 1.25
CA GLY X 102 -44.85 2.10 2.62
C GLY X 102 -46.18 1.73 3.25
N TYR X 103 -46.71 2.63 4.07
CA TYR X 103 -48.09 2.60 4.52
C TYR X 103 -48.98 3.46 3.65
N TYR X 104 -48.62 3.63 2.38
CA TYR X 104 -49.29 4.59 1.50
C TYR X 104 -50.01 3.82 0.38
N ASN X 105 -50.77 2.80 0.76
CA ASN X 105 -51.61 2.11 -0.20
C ASN X 105 -52.30 3.09 -1.14
N VAL X 106 -52.37 2.70 -2.42
CA VAL X 106 -53.07 3.47 -3.43
C VAL X 106 -54.03 2.51 -4.12
N PRO X 107 -55.22 2.27 -3.55
CA PRO X 107 -56.11 1.26 -4.12
C PRO X 107 -56.90 1.82 -5.29
N GLN X 108 -56.73 1.21 -6.46
CA GLN X 108 -57.53 1.52 -7.63
C GLN X 108 -58.20 0.25 -8.12
N GLY X 109 -59.47 0.37 -8.49
CA GLY X 109 -60.26 -0.79 -8.83
C GLY X 109 -60.94 -1.39 -7.62
N GLY X 110 -61.78 -2.38 -7.89
CA GLY X 110 -62.48 -3.09 -6.83
C GLY X 110 -61.58 -4.06 -6.12
N LYS X 111 -62.20 -5.04 -5.48
CA LYS X 111 -61.48 -6.10 -4.80
C LYS X 111 -61.96 -7.46 -5.32
N ILE X 112 -61.02 -8.35 -5.58
CA ILE X 112 -61.36 -9.73 -5.92
C ILE X 112 -61.86 -10.42 -4.66
N ILE X 113 -63.05 -11.02 -4.75
CA ILE X 113 -63.69 -11.63 -3.60
C ILE X 113 -63.84 -13.12 -3.86
N LEU X 114 -63.14 -13.92 -3.06
CA LEU X 114 -63.35 -15.36 -3.01
C LEU X 114 -64.55 -15.59 -2.10
N GLU X 115 -65.67 -16.00 -2.69
CA GLU X 115 -66.92 -16.15 -1.97
C GLU X 115 -67.15 -17.60 -1.60
N PHE X 116 -67.84 -17.81 -0.47
CA PHE X 116 -68.23 -19.15 -0.03
C PHE X 116 -67.02 -20.07 0.01
N CYS X 117 -66.12 -19.79 0.95
CA CYS X 117 -64.94 -20.60 1.17
C CYS X 117 -65.11 -21.42 2.44
N THR X 118 -64.63 -22.67 2.37
CA THR X 118 -64.62 -23.56 3.52
C THR X 118 -63.19 -23.80 3.99
N VAL X 119 -62.99 -23.80 5.30
CA VAL X 119 -61.67 -24.04 5.86
C VAL X 119 -61.30 -25.50 5.67
N ALA X 120 -60.08 -25.75 5.21
CA ALA X 120 -59.56 -27.10 5.07
C ALA X 120 -58.38 -27.39 5.99
N ARG X 121 -57.77 -26.35 6.57
CA ARG X 121 -56.56 -26.52 7.37
C ARG X 121 -56.26 -25.24 8.13
N ALA X 122 -56.04 -25.35 9.45
CA ALA X 122 -55.68 -24.20 10.27
C ALA X 122 -54.41 -24.55 11.06
N THR X 123 -53.37 -23.77 10.86
CA THR X 123 -52.04 -24.04 11.43
C THR X 123 -51.54 -22.79 12.13
N PRO X 124 -51.91 -22.58 13.40
CA PRO X 124 -51.40 -21.39 14.10
C PRO X 124 -49.89 -21.35 14.19
N ILE X 125 -49.24 -22.50 14.32
CA ILE X 125 -47.79 -22.59 14.45
C ILE X 125 -47.29 -23.48 13.33
N ASN X 126 -46.51 -22.91 12.41
CA ASN X 126 -45.95 -23.69 11.31
C ASN X 126 -44.83 -24.60 11.76
N GLU X 127 -44.12 -24.24 12.82
CA GLU X 127 -43.00 -25.02 13.30
C GLU X 127 -42.50 -24.38 14.60
N ILE X 128 -41.89 -25.20 15.45
CA ILE X 128 -41.25 -24.73 16.68
C ILE X 128 -39.79 -25.16 16.66
N ASP X 129 -38.90 -24.21 16.87
CA ASP X 129 -37.47 -24.50 16.95
C ASP X 129 -36.87 -23.49 17.91
N THR X 130 -36.47 -23.96 19.10
CA THR X 130 -35.97 -23.06 20.13
C THR X 130 -34.71 -22.34 19.69
N ILE X 131 -34.03 -22.85 18.65
CA ILE X 131 -32.86 -22.17 18.10
C ILE X 131 -33.19 -21.37 16.85
N GLY X 132 -34.36 -21.57 16.26
CA GLY X 132 -34.69 -20.85 15.06
C GLY X 132 -34.95 -19.38 15.31
N SER X 133 -34.91 -18.61 14.22
CA SER X 133 -35.11 -17.17 14.29
C SER X 133 -36.24 -16.68 13.39
N ASN X 134 -36.86 -17.56 12.61
CA ASN X 134 -37.96 -17.15 11.77
C ASN X 134 -39.18 -16.80 12.62
N ALA X 135 -40.07 -15.99 12.05
CA ALA X 135 -41.30 -15.63 12.72
C ALA X 135 -42.31 -16.78 12.61
N ALA X 136 -42.96 -17.09 13.73
CA ALA X 136 -44.00 -18.12 13.71
C ALA X 136 -45.07 -17.74 12.69
N MET X 137 -45.49 -18.72 11.91
CA MET X 137 -46.32 -18.47 10.73
C MET X 137 -47.70 -19.08 10.94
N PHE X 138 -48.71 -18.23 11.04
CA PHE X 138 -50.09 -18.68 10.97
C PHE X 138 -50.45 -18.99 9.53
N GLU X 139 -51.02 -20.17 9.29
CA GLU X 139 -51.44 -20.59 7.96
C GLU X 139 -52.90 -21.03 7.99
N CYS X 140 -53.58 -20.82 6.87
CA CYS X 140 -54.98 -21.23 6.74
C CYS X 140 -55.27 -21.57 5.29
N ALA X 141 -55.75 -22.79 5.06
CA ALA X 141 -56.13 -23.23 3.72
C ALA X 141 -57.64 -23.11 3.56
N LEU X 142 -58.05 -22.54 2.43
CA LEU X 142 -59.46 -22.31 2.14
C LEU X 142 -59.80 -22.89 0.77
N ASN X 143 -61.02 -23.40 0.65
CA ASN X 143 -61.56 -23.91 -0.60
C ASN X 143 -62.67 -22.97 -1.01
N PRO X 144 -62.43 -22.07 -1.96
CA PRO X 144 -63.49 -21.17 -2.42
C PRO X 144 -64.43 -21.85 -3.40
N SER X 145 -65.66 -21.35 -3.46
CA SER X 145 -66.65 -21.82 -4.42
C SER X 145 -66.83 -20.90 -5.61
N ARG X 146 -66.57 -19.61 -5.46
CA ARG X 146 -66.83 -18.65 -6.53
C ARG X 146 -65.98 -17.41 -6.30
N ILE X 147 -65.77 -16.65 -7.38
CA ILE X 147 -64.97 -15.42 -7.34
C ILE X 147 -65.77 -14.31 -8.01
N ARG X 148 -65.79 -13.14 -7.39
CA ARG X 148 -66.39 -11.95 -7.99
C ARG X 148 -65.65 -10.72 -7.46
N SER X 149 -66.18 -9.54 -7.79
CA SER X 149 -65.64 -8.28 -7.31
C SER X 149 -66.73 -7.22 -7.40
N ASP X 150 -66.84 -6.39 -6.37
CA ASP X 150 -67.90 -5.37 -6.36
C ASP X 150 -67.55 -3.91 -6.11
N GLY X 151 -66.50 -3.65 -5.31
CA GLY X 151 -66.15 -2.29 -4.91
C GLY X 151 -65.91 -1.15 -5.88
N GLY X 152 -64.65 -0.86 -6.17
CA GLY X 152 -64.31 0.25 -7.06
C GLY X 152 -64.61 0.05 -8.52
N ASN X 153 -64.33 1.07 -9.33
CA ASN X 153 -64.65 1.01 -10.76
C ASN X 153 -64.26 -0.25 -11.50
N ILE X 154 -62.99 -0.63 -11.41
CA ILE X 154 -62.51 -1.80 -12.16
C ILE X 154 -63.06 -3.12 -11.65
N ASN X 155 -63.84 -3.80 -12.48
CA ASN X 155 -64.34 -5.11 -12.10
C ASN X 155 -63.33 -6.14 -12.58
N TRP X 156 -62.50 -6.63 -11.67
CA TRP X 156 -61.44 -7.54 -12.06
C TRP X 156 -61.95 -8.91 -12.50
N TRP X 157 -62.95 -9.43 -11.79
CA TRP X 157 -63.47 -10.76 -12.11
C TRP X 157 -64.95 -10.73 -12.38
N SER X 158 -65.33 -11.02 -13.62
CA SER X 158 -66.75 -11.06 -13.96
C SER X 158 -67.06 -12.37 -14.66
N GLU X 159 -67.76 -13.26 -13.98
CA GLU X 159 -68.13 -14.54 -14.58
C GLU X 159 -69.22 -14.33 -15.63
N PRO X 160 -69.14 -15.07 -16.75
CA PRO X 160 -70.12 -14.91 -17.83
C PRO X 160 -71.56 -15.05 -17.36
N ALA X 161 -72.39 -14.06 -17.63
CA ALA X 161 -73.79 -14.11 -17.24
C ALA X 161 -74.68 -13.66 -18.38
N ALA X 162 -75.99 -13.92 -18.30
CA ALA X 162 -76.95 -13.53 -19.32
C ALA X 162 -76.80 -12.06 -19.68
N GLN X 163 -76.82 -11.76 -20.98
CA GLN X 163 -76.60 -10.39 -21.42
C GLN X 163 -77.86 -9.55 -21.26
N ALA Y 2 -20.76 32.60 -5.57
CA ALA Y 2 -20.74 31.19 -5.97
C ALA Y 2 -21.21 30.32 -4.80
N VAL Y 3 -20.29 29.52 -4.27
CA VAL Y 3 -20.64 28.66 -3.14
C VAL Y 3 -20.93 29.53 -1.91
N SER Y 4 -22.04 29.26 -1.22
CA SER Y 4 -22.42 30.09 -0.09
C SER Y 4 -22.71 29.33 1.20
N LYS Y 5 -23.78 28.56 1.23
CA LYS Y 5 -24.19 27.87 2.46
C LYS Y 5 -23.23 26.85 3.01
N ARG Y 6 -22.17 26.38 2.33
CA ARG Y 6 -21.12 25.39 2.60
C ARG Y 6 -21.83 24.14 3.09
N PRO Y 7 -21.64 22.99 2.43
CA PRO Y 7 -22.41 21.77 2.78
C PRO Y 7 -22.08 21.03 4.06
N PHE Y 8 -22.82 19.96 4.31
CA PHE Y 8 -22.62 19.19 5.53
C PHE Y 8 -21.37 18.34 5.53
N SER Y 9 -20.74 18.24 6.69
CA SER Y 9 -19.58 17.37 6.85
C SER Y 9 -20.03 16.04 7.45
N ILE Y 10 -19.16 15.03 7.31
CA ILE Y 10 -19.47 13.72 7.87
C ILE Y 10 -19.60 13.80 9.39
N ASN Y 11 -19.01 14.81 10.02
CA ASN Y 11 -19.09 15.01 11.46
C ASN Y 11 -20.20 15.97 11.85
N SER Y 12 -21.08 16.33 10.91
CA SER Y 12 -22.08 17.37 11.12
C SER Y 12 -23.38 16.84 11.70
N PHE Y 13 -23.34 15.73 12.42
CA PHE Y 13 -24.55 15.14 12.98
C PHE Y 13 -24.31 14.72 14.42
N ALA Y 14 -25.35 14.84 15.23
CA ALA Y 14 -25.35 14.36 16.61
C ALA Y 14 -26.34 13.20 16.71
N VAL Y 15 -25.89 12.10 17.33
CA VAL Y 15 -26.65 10.86 17.37
C VAL Y 15 -27.02 10.56 18.81
N ASN Y 16 -28.30 10.25 19.03
CA ASN Y 16 -28.84 9.96 20.35
C ASN Y 16 -29.78 8.77 20.26
N LEU Y 17 -30.04 8.14 21.41
CA LEU Y 17 -30.85 6.93 21.48
C LEU Y 17 -31.94 7.06 22.53
N ASN Y 18 -33.07 6.41 22.24
CA ASN Y 18 -34.14 6.17 23.20
C ASN Y 18 -34.35 4.66 23.28
N ILE Y 19 -34.11 4.10 24.45
CA ILE Y 19 -34.11 2.66 24.65
C ILE Y 19 -35.29 2.31 25.55
N GLY Y 20 -36.35 1.80 24.94
CA GLY Y 20 -37.55 1.53 25.70
C GLY Y 20 -38.17 2.82 26.19
N ASN Y 21 -38.51 2.85 27.48
CA ASN Y 21 -39.20 3.99 28.09
C ASN Y 21 -38.24 4.96 28.77
N PHE Y 22 -36.93 4.77 28.61
CA PHE Y 22 -35.95 5.59 29.32
C PHE Y 22 -35.06 6.28 28.30
N VAL Y 23 -34.76 7.55 28.55
CA VAL Y 23 -34.03 8.38 27.60
C VAL Y 23 -32.54 8.36 27.93
N ASP Y 24 -31.73 7.97 26.96
CA ASP Y 24 -30.28 7.91 27.11
C ASP Y 24 -29.66 9.28 26.85
N ALA Y 25 -28.74 9.68 27.72
CA ALA Y 25 -28.06 10.97 27.58
C ALA Y 25 -26.72 10.86 26.86
N ARG Y 26 -26.35 9.65 26.45
CA ARG Y 26 -25.06 9.41 25.79
C ARG Y 26 -25.06 9.75 24.31
N TYR Y 27 -23.89 10.07 23.77
CA TYR Y 27 -23.78 10.42 22.36
C TYR Y 27 -22.95 9.39 21.61
N TRP Y 28 -23.20 9.25 20.31
CA TRP Y 28 -22.47 8.26 19.52
C TRP Y 28 -21.61 8.95 18.49
N SER Y 29 -20.33 8.59 18.44
CA SER Y 29 -19.41 9.27 17.53
C SER Y 29 -19.33 8.72 16.12
N LYS Y 30 -20.15 7.72 15.79
CA LYS Y 30 -20.09 7.10 14.48
C LYS Y 30 -21.40 6.39 14.19
N CYS Y 31 -21.90 6.59 12.97
CA CYS Y 31 -23.11 5.93 12.49
C CYS Y 31 -22.96 5.64 11.02
N SER Y 32 -23.45 4.47 10.60
CA SER Y 32 -23.32 4.04 9.21
C SER Y 32 -24.36 4.75 8.34
N LYS Y 33 -24.51 4.29 7.11
CA LYS Y 33 -25.35 4.99 6.14
C LYS Y 33 -26.82 4.90 6.52
N ILE Y 34 -27.55 5.97 6.22
CA ILE Y 34 -29.00 6.03 6.38
C ILE Y 34 -29.61 5.88 4.99
N GLU Y 35 -30.43 4.85 4.82
CA GLU Y 35 -30.82 4.42 3.48
C GLU Y 35 -32.25 3.91 3.48
N LYS Y 36 -32.89 4.00 2.32
CA LYS Y 36 -34.17 3.37 2.04
C LYS Y 36 -33.99 2.54 0.76
N THR Y 37 -33.97 1.22 0.91
CA THR Y 37 -33.67 0.33 -0.21
C THR Y 37 -34.95 -0.31 -0.73
N TYR Y 38 -35.07 -0.34 -2.05
CA TYR Y 38 -36.18 -0.99 -2.75
C TYR Y 38 -35.67 -2.30 -3.31
N ASN Y 39 -36.19 -3.42 -2.80
CA ASN Y 39 -35.91 -4.70 -3.43
C ASN Y 39 -36.60 -4.74 -4.78
N THR Y 40 -35.85 -5.10 -5.82
CA THR Y 40 -36.26 -4.90 -7.19
C THR Y 40 -36.63 -6.22 -7.85
N GLY Y 41 -37.66 -6.17 -8.69
CA GLY Y 41 -38.08 -7.32 -9.47
C GLY Y 41 -37.93 -7.03 -10.95
N GLU Y 42 -37.78 -8.09 -11.74
CA GLU Y 42 -37.58 -7.99 -13.17
C GLU Y 42 -38.88 -8.34 -13.89
N TYR Y 43 -39.11 -7.68 -15.03
CA TYR Y 43 -40.30 -7.97 -15.83
C TYR Y 43 -40.08 -7.44 -17.24
N SER Y 44 -40.97 -7.87 -18.13
CA SER Y 44 -40.97 -7.43 -19.53
C SER Y 44 -42.37 -7.00 -19.93
N ASP Y 45 -42.45 -6.01 -20.82
CA ASP Y 45 -43.73 -5.59 -21.36
C ASP Y 45 -44.16 -6.40 -22.57
N GLY Y 46 -43.29 -7.26 -23.09
CA GLY Y 46 -43.60 -8.07 -24.25
C GLY Y 46 -43.40 -7.39 -25.58
N GLN Y 47 -43.22 -6.07 -25.58
CA GLN Y 47 -42.97 -5.31 -26.81
C GLN Y 47 -41.49 -5.20 -27.12
N SER Y 48 -40.63 -5.61 -26.20
CA SER Y 48 -39.18 -5.46 -26.39
C SER Y 48 -38.48 -6.44 -25.47
N ASN Y 49 -37.21 -6.69 -25.77
CA ASN Y 49 -36.37 -7.56 -24.94
C ASN Y 49 -35.63 -6.78 -23.87
N ILE Y 50 -36.01 -5.52 -23.63
CA ILE Y 50 -35.37 -4.72 -22.60
C ILE Y 50 -35.84 -5.20 -21.23
N ILE Y 51 -34.89 -5.31 -20.30
CA ILE Y 51 -35.21 -5.72 -18.94
C ILE Y 51 -35.64 -4.49 -18.14
N TYR Y 52 -36.83 -4.57 -17.55
CA TYR Y 52 -37.36 -3.51 -16.70
C TYR Y 52 -37.26 -3.95 -15.24
N THR Y 53 -37.14 -2.96 -14.35
CA THR Y 53 -37.00 -3.20 -12.92
C THR Y 53 -38.22 -2.66 -12.21
N LEU Y 54 -38.82 -3.49 -11.35
CA LEU Y 54 -40.03 -3.12 -10.61
C LEU Y 54 -39.69 -2.93 -9.14
N PRO Y 55 -39.78 -1.73 -8.58
CA PRO Y 55 -39.52 -1.55 -7.15
C PRO Y 55 -40.56 -2.23 -6.28
N GLY Y 56 -40.14 -2.63 -5.09
CA GLY Y 56 -41.06 -3.22 -4.13
C GLY Y 56 -40.31 -3.64 -2.88
N ALA Y 57 -41.08 -3.92 -1.84
CA ALA Y 57 -40.56 -4.50 -0.60
C ALA Y 57 -39.48 -3.59 0.01
N ILE Y 58 -39.91 -2.39 0.38
CA ILE Y 58 -39.02 -1.43 1.00
C ILE Y 58 -38.37 -2.03 2.23
N LYS Y 59 -37.12 -1.60 2.51
CA LYS Y 59 -36.47 -1.95 3.76
C LYS Y 59 -35.47 -0.85 4.11
N TYR Y 60 -35.29 -0.64 5.41
CA TYR Y 60 -34.28 0.28 5.89
C TYR Y 60 -33.11 -0.51 6.45
N PRO Y 61 -31.97 -0.56 5.76
CA PRO Y 61 -30.93 -1.52 6.14
C PRO Y 61 -30.40 -1.27 7.54
N GLU Y 62 -29.64 -2.25 8.03
CA GLU Y 62 -29.10 -2.20 9.37
C GLU Y 62 -28.18 -1.00 9.53
N VAL Y 63 -28.21 -0.40 10.71
CA VAL Y 63 -27.43 0.78 11.04
C VAL Y 63 -26.53 0.45 12.22
N VAL Y 64 -25.23 0.68 12.06
CA VAL Y 64 -24.24 0.36 13.10
C VAL Y 64 -23.78 1.66 13.72
N LEU Y 65 -24.04 1.82 15.02
CA LEU Y 65 -23.59 2.97 15.79
C LEU Y 65 -22.36 2.58 16.59
N SER Y 66 -21.43 3.52 16.73
CA SER Y 66 -20.22 3.29 17.51
C SER Y 66 -19.91 4.51 18.37
N LYS Y 67 -19.30 4.26 19.52
CA LYS Y 67 -18.84 5.31 20.40
C LYS Y 67 -17.65 4.78 21.21
N ALA Y 68 -17.08 5.64 22.04
CA ALA Y 68 -15.92 5.27 22.84
C ALA Y 68 -16.40 4.59 24.12
N PHE Y 69 -15.98 3.35 24.33
CA PHE Y 69 -16.36 2.62 25.53
C PHE Y 69 -15.74 3.28 26.75
N SER Y 70 -16.58 3.81 27.64
CA SER Y 70 -16.14 4.59 28.78
C SER Y 70 -17.03 4.28 29.96
N PRO Y 71 -16.57 4.54 31.18
CA PRO Y 71 -17.45 4.37 32.35
C PRO Y 71 -18.71 5.22 32.19
N GLY Y 72 -19.84 4.65 32.62
CA GLY Y 72 -21.14 5.23 32.39
C GLY Y 72 -21.92 4.55 31.29
N ASP Y 73 -21.27 3.70 30.49
CA ASP Y 73 -21.96 2.91 29.49
C ASP Y 73 -22.50 1.61 30.05
N GLU Y 74 -22.39 1.39 31.36
CA GLU Y 74 -22.90 0.15 31.94
C GLU Y 74 -24.42 0.06 31.82
N GLU Y 75 -25.12 1.16 32.12
CA GLU Y 75 -26.57 1.17 31.94
C GLU Y 75 -26.93 1.05 30.47
N LEU Y 76 -26.17 1.70 29.60
CA LEU Y 76 -26.41 1.58 28.17
C LEU Y 76 -26.32 0.13 27.73
N ILE Y 77 -25.29 -0.59 28.19
CA ILE Y 77 -25.17 -2.01 27.88
C ILE Y 77 -26.36 -2.78 28.45
N ASN Y 78 -26.62 -2.59 29.74
CA ASN Y 78 -27.61 -3.42 30.41
C ASN Y 78 -29.00 -3.18 29.86
N ARG Y 79 -29.21 -2.08 29.16
CA ARG Y 79 -30.50 -1.77 28.54
C ARG Y 79 -30.57 -2.18 27.08
N LEU Y 80 -29.47 -2.03 26.32
CA LEU Y 80 -29.43 -2.58 24.98
C LEU Y 80 -29.55 -4.10 25.00
N ILE Y 81 -29.08 -4.73 26.07
CA ILE Y 81 -29.30 -6.17 26.22
C ILE Y 81 -30.78 -6.47 26.40
N ALA Y 82 -31.50 -5.61 27.12
CA ALA Y 82 -32.86 -5.92 27.56
C ALA Y 82 -33.94 -5.42 26.61
N VAL Y 83 -33.61 -4.60 25.61
CA VAL Y 83 -34.66 -4.02 24.77
C VAL Y 83 -35.50 -5.12 24.12
N ASN Y 84 -34.85 -6.07 23.47
CA ASN Y 84 -35.59 -7.08 22.71
C ASN Y 84 -36.42 -7.99 23.60
N SER Y 85 -36.06 -8.14 24.87
CA SER Y 85 -36.81 -9.02 25.75
C SER Y 85 -38.26 -8.57 25.89
N ASP Y 86 -38.50 -7.26 25.83
CA ASP Y 86 -39.85 -6.73 25.94
C ASP Y 86 -40.42 -6.52 24.54
N PRO Y 87 -41.49 -7.21 24.15
CA PRO Y 87 -42.03 -7.01 22.80
C PRO Y 87 -42.61 -5.62 22.58
N ILE Y 88 -42.85 -4.85 23.64
CA ILE Y 88 -43.31 -3.48 23.49
C ILE Y 88 -42.14 -2.51 23.29
N ALA Y 89 -40.97 -2.83 23.82
CA ALA Y 89 -39.85 -1.90 23.80
C ALA Y 89 -39.27 -1.77 22.40
N TRP Y 90 -38.85 -0.55 22.06
CA TRP Y 90 -38.21 -0.26 20.79
C TRP Y 90 -37.05 0.68 21.03
N VAL Y 91 -36.10 0.69 20.08
CA VAL Y 91 -34.99 1.62 20.07
C VAL Y 91 -35.27 2.70 19.02
N THR Y 92 -35.16 3.96 19.43
CA THR Y 92 -35.36 5.09 18.53
C THR Y 92 -34.04 5.83 18.40
N VAL Y 93 -33.66 6.16 17.17
CA VAL Y 93 -32.40 6.85 16.88
C VAL Y 93 -32.72 8.27 16.45
N PHE Y 94 -32.01 9.23 17.02
CA PHE Y 94 -32.21 10.65 16.72
C PHE Y 94 -30.91 11.21 16.14
N ILE Y 95 -30.98 11.73 14.92
CA ILE Y 95 -29.84 12.33 14.24
C ILE Y 95 -30.16 13.79 14.00
N GLN Y 96 -29.42 14.68 14.64
CA GLN Y 96 -29.61 16.12 14.47
C GLN Y 96 -28.50 16.66 13.58
N PRO Y 97 -28.81 17.14 12.38
CA PRO Y 97 -27.79 17.82 11.57
C PRO Y 97 -27.50 19.22 12.08
N MET Y 98 -26.21 19.55 12.16
CA MET Y 98 -25.75 20.81 12.72
C MET Y 98 -24.50 21.24 11.95
N TYR Y 99 -23.90 22.35 12.37
CA TYR Y 99 -22.73 22.91 11.71
C TYR Y 99 -21.68 23.30 12.74
N ARG Y 100 -21.40 22.39 13.67
CA ARG Y 100 -20.46 22.66 14.76
C ARG Y 100 -19.04 23.02 14.44
N ASP Y 101 -18.48 23.91 15.25
CA ASP Y 101 -17.08 24.22 15.09
C ASP Y 101 -16.46 23.31 16.10
N GLY Y 102 -16.61 23.56 17.40
CA GLY Y 102 -16.09 22.80 18.52
C GLY Y 102 -17.24 22.19 19.30
N TYR Y 103 -17.60 22.83 20.41
CA TYR Y 103 -18.85 22.55 21.12
C TYR Y 103 -19.94 23.53 20.73
N TYR Y 104 -19.79 24.21 19.59
CA TYR Y 104 -20.68 25.28 19.15
C TYR Y 104 -21.63 24.80 18.04
N ASN Y 105 -22.18 23.61 18.18
CA ASN Y 105 -23.15 23.14 17.20
C ASN Y 105 -24.17 24.21 16.86
N VAL Y 106 -24.56 24.25 15.59
CA VAL Y 106 -25.54 25.22 15.09
C VAL Y 106 -26.64 24.41 14.43
N PRO Y 107 -27.59 23.87 15.18
CA PRO Y 107 -28.64 23.06 14.57
C PRO Y 107 -29.51 23.85 13.62
N GLN Y 108 -29.86 23.23 12.50
CA GLN Y 108 -30.86 23.77 11.58
C GLN Y 108 -31.69 22.62 11.05
N GLY Y 109 -33.00 22.85 10.96
CA GLY Y 109 -33.92 21.82 10.54
C GLY Y 109 -34.28 20.88 11.68
N GLY Y 110 -35.23 20.00 11.40
CA GLY Y 110 -35.62 18.99 12.36
C GLY Y 110 -34.55 17.93 12.50
N LYS Y 111 -34.86 16.94 13.33
CA LYS Y 111 -33.96 15.82 13.58
C LYS Y 111 -34.54 14.56 12.96
N ILE Y 112 -33.73 13.89 12.14
CA ILE Y 112 -34.16 12.63 11.53
C ILE Y 112 -34.30 11.57 12.61
N ILE Y 113 -35.40 10.84 12.58
CA ILE Y 113 -35.72 9.86 13.61
C ILE Y 113 -35.91 8.51 12.94
N LEU Y 114 -35.09 7.54 13.33
CA LEU Y 114 -35.29 6.15 12.99
C LEU Y 114 -36.16 5.53 14.08
N GLU Y 115 -37.37 5.16 13.72
CA GLU Y 115 -38.38 4.69 14.67
C GLU Y 115 -38.52 3.18 14.58
N PHE Y 116 -38.77 2.58 15.74
CA PHE Y 116 -39.05 1.14 15.86
C PHE Y 116 -37.85 0.34 15.34
N CYS Y 117 -36.75 0.43 16.07
CA CYS Y 117 -35.54 -0.29 15.76
C CYS Y 117 -35.33 -1.41 16.78
N THR Y 118 -34.91 -2.57 16.27
CA THR Y 118 -34.61 -3.72 17.11
C THR Y 118 -33.10 -3.92 17.18
N VAL Y 119 -32.61 -4.38 18.33
CA VAL Y 119 -31.19 -4.61 18.49
C VAL Y 119 -30.83 -5.95 17.84
N ALA Y 120 -29.86 -5.92 16.94
CA ALA Y 120 -29.35 -7.13 16.31
C ALA Y 120 -27.97 -7.53 16.80
N ARG Y 121 -27.28 -6.65 17.51
CA ARG Y 121 -25.89 -6.87 17.89
C ARG Y 121 -25.46 -5.81 18.89
N ALA Y 122 -24.77 -6.24 19.94
CA ALA Y 122 -24.23 -5.31 20.93
C ALA Y 122 -22.82 -5.76 21.28
N THR Y 123 -21.83 -4.89 21.05
CA THR Y 123 -20.42 -5.22 21.18
C THR Y 123 -19.76 -4.18 22.04
N PRO Y 124 -19.75 -4.34 23.37
CA PRO Y 124 -19.08 -3.34 24.22
C PRO Y 124 -17.61 -3.19 23.90
N ILE Y 125 -16.94 -4.27 23.52
CA ILE Y 125 -15.50 -4.30 23.31
C ILE Y 125 -15.22 -4.81 21.90
N ASN Y 126 -14.73 -3.93 21.03
CA ASN Y 126 -14.39 -4.35 19.67
C ASN Y 126 -13.26 -5.37 19.69
N GLU Y 127 -12.26 -5.16 20.53
CA GLU Y 127 -11.16 -6.11 20.68
C GLU Y 127 -10.35 -5.71 21.90
N ILE Y 128 -9.46 -6.60 22.30
CA ILE Y 128 -8.51 -6.36 23.38
C ILE Y 128 -7.11 -6.63 22.87
N ASP Y 129 -6.21 -5.67 23.06
CA ASP Y 129 -4.81 -5.85 22.71
C ASP Y 129 -4.00 -5.17 23.81
N THR Y 130 -3.34 -5.98 24.65
CA THR Y 130 -2.71 -5.45 25.85
C THR Y 130 -1.62 -4.44 25.53
N ILE Y 131 -1.06 -4.46 24.32
CA ILE Y 131 -0.13 -3.44 23.86
C ILE Y 131 -0.73 -2.61 22.73
N GLY Y 132 -2.04 -2.68 22.52
CA GLY Y 132 -2.68 -1.79 21.58
C GLY Y 132 -2.89 -0.41 22.16
N SER Y 133 -3.18 0.54 21.27
CA SER Y 133 -3.34 1.93 21.66
C SER Y 133 -4.64 2.55 21.21
N ASN Y 134 -5.42 1.87 20.37
CA ASN Y 134 -6.71 2.40 19.94
C ASN Y 134 -7.67 2.46 21.13
N ALA Y 135 -8.69 3.30 20.98
CA ALA Y 135 -9.72 3.41 22.00
C ALA Y 135 -10.72 2.28 21.86
N ALA Y 136 -11.11 1.70 22.99
CA ALA Y 136 -12.12 0.64 22.97
C ALA Y 136 -13.41 1.18 22.36
N MET Y 137 -13.99 0.39 21.46
CA MET Y 137 -15.08 0.84 20.61
C MET Y 137 -16.36 0.10 20.99
N PHE Y 138 -17.31 0.81 21.60
CA PHE Y 138 -18.65 0.29 21.80
C PHE Y 138 -19.39 0.34 20.47
N GLU Y 139 -20.00 -0.79 20.08
CA GLU Y 139 -20.77 -0.86 18.85
C GLU Y 139 -22.16 -1.43 19.14
N CYS Y 140 -23.12 -1.03 18.31
CA CYS Y 140 -24.50 -1.51 18.45
C CYS Y 140 -25.17 -1.46 17.09
N ALA Y 141 -25.75 -2.58 16.66
CA ALA Y 141 -26.42 -2.68 15.37
C ALA Y 141 -27.92 -2.67 15.57
N LEU Y 142 -28.60 -1.82 14.81
CA LEU Y 142 -30.04 -1.64 14.92
C LEU Y 142 -30.70 -1.87 13.57
N ASN Y 143 -31.82 -2.59 13.60
CA ASN Y 143 -32.67 -2.80 12.43
C ASN Y 143 -33.84 -1.85 12.57
N PRO Y 144 -33.85 -0.72 11.86
CA PRO Y 144 -34.97 0.21 11.95
C PRO Y 144 -36.15 -0.23 11.12
N SER Y 145 -37.34 0.23 11.51
CA SER Y 145 -38.56 -0.04 10.76
C SER Y 145 -39.17 1.20 10.12
N ARG Y 146 -38.78 2.40 10.52
CA ARG Y 146 -39.33 3.59 9.85
C ARG Y 146 -38.37 4.76 10.03
N ILE Y 147 -38.53 5.77 9.17
CA ILE Y 147 -37.77 7.01 9.23
C ILE Y 147 -38.72 8.18 9.08
N ARG Y 148 -38.51 9.22 9.88
CA ARG Y 148 -39.30 10.45 9.80
C ARG Y 148 -38.42 11.62 10.23
N SER Y 149 -39.02 12.81 10.31
CA SER Y 149 -38.34 14.00 10.81
C SER Y 149 -39.37 14.88 11.51
N ASP Y 150 -39.06 15.30 12.74
CA ASP Y 150 -40.08 15.99 13.53
C ASP Y 150 -39.71 17.36 14.09
N GLY Y 151 -38.51 17.53 14.65
CA GLY Y 151 -38.24 18.65 15.53
C GLY Y 151 -37.58 19.88 14.93
N GLY Y 152 -38.13 20.45 13.88
CA GLY Y 152 -37.54 21.65 13.32
C GLY Y 152 -38.30 22.16 12.13
N ASN Y 153 -37.78 23.26 11.57
CA ASN Y 153 -38.41 23.93 10.44
C ASN Y 153 -38.12 23.26 9.10
N ILE Y 154 -37.27 22.24 9.07
CA ILE Y 154 -36.97 21.50 7.85
C ILE Y 154 -37.39 20.05 8.06
N ASN Y 155 -38.25 19.55 7.18
CA ASN Y 155 -38.58 18.13 7.15
C ASN Y 155 -37.58 17.31 6.35
N TRP Y 156 -36.55 16.81 7.03
CA TRP Y 156 -35.46 16.12 6.35
C TRP Y 156 -35.93 14.83 5.69
N TRP Y 157 -37.05 14.29 6.15
CA TRP Y 157 -37.58 13.03 5.60
C TRP Y 157 -39.08 13.03 5.76
N SER Y 158 -39.80 12.72 4.68
CA SER Y 158 -41.25 12.62 4.75
C SER Y 158 -41.70 11.50 3.84
N GLU Y 159 -42.29 10.46 4.42
CA GLU Y 159 -42.78 9.34 3.63
C GLU Y 159 -44.06 9.77 2.90
N PRO Y 160 -44.27 9.24 1.68
CA PRO Y 160 -45.50 9.56 0.95
C PRO Y 160 -46.76 9.31 1.76
N ALA Y 161 -47.67 10.27 1.76
CA ALA Y 161 -48.92 10.12 2.49
C ALA Y 161 -50.02 10.82 1.68
N ALA Y 162 -51.28 10.68 2.11
CA ALA Y 162 -52.35 11.38 1.41
C ALA Y 162 -52.28 12.87 1.73
N GLN Y 163 -52.36 13.68 0.68
CA GLN Y 163 -52.27 15.14 0.80
C GLN Y 163 -50.90 15.56 1.34
N MET Z 1 -21.16 15.65 29.21
CA MET Z 1 -21.12 17.10 29.06
C MET Z 1 -19.80 17.49 28.40
N ALA Z 2 -18.71 17.25 29.12
CA ALA Z 2 -17.36 17.38 28.59
C ALA Z 2 -16.61 16.10 28.93
N VAL Z 3 -15.33 16.06 28.58
CA VAL Z 3 -14.49 14.89 28.85
C VAL Z 3 -13.87 15.07 30.22
N SER Z 4 -14.44 14.40 31.22
CA SER Z 4 -13.88 14.41 32.56
C SER Z 4 -13.05 13.15 32.81
N LYS Z 5 -13.56 12.00 32.38
CA LYS Z 5 -12.88 10.72 32.56
C LYS Z 5 -12.56 10.14 31.19
N ARG Z 6 -11.29 9.83 30.96
CA ARG Z 6 -10.88 9.32 29.67
C ARG Z 6 -11.50 7.94 29.43
N PRO Z 7 -11.81 7.60 28.17
CA PRO Z 7 -12.42 6.30 27.89
C PRO Z 7 -11.39 5.18 27.97
N PHE Z 8 -11.91 3.96 28.00
CA PHE Z 8 -11.04 2.78 28.05
C PHE Z 8 -10.24 2.65 26.77
N SER Z 9 -8.98 2.23 26.91
CA SER Z 9 -8.15 1.91 25.77
C SER Z 9 -8.33 0.44 25.40
N ILE Z 10 -7.79 0.06 24.24
CA ILE Z 10 -7.86 -1.33 23.82
C ILE Z 10 -6.99 -2.21 24.72
N ASN Z 11 -6.01 -1.63 25.39
CA ASN Z 11 -5.12 -2.35 26.30
C ASN Z 11 -5.62 -2.31 27.74
N SER Z 12 -6.81 -1.78 27.97
CA SER Z 12 -7.29 -1.61 29.34
C SER Z 12 -7.99 -2.83 29.93
N PHE Z 13 -7.72 -4.02 29.41
CA PHE Z 13 -8.44 -5.21 29.87
C PHE Z 13 -7.54 -6.41 30.10
N ALA Z 14 -7.55 -6.96 31.32
CA ALA Z 14 -6.74 -8.14 31.62
C ALA Z 14 -7.55 -9.42 31.45
N VAL Z 15 -7.01 -10.39 30.73
CA VAL Z 15 -7.73 -11.63 30.47
C VAL Z 15 -7.20 -12.83 31.24
N ASN Z 16 -8.08 -13.54 31.95
CA ASN Z 16 -7.68 -14.71 32.73
C ASN Z 16 -8.55 -15.90 32.35
N LEU Z 17 -8.15 -17.11 32.73
CA LEU Z 17 -8.91 -18.30 32.40
C LEU Z 17 -9.09 -19.20 33.61
N ASN Z 18 -10.20 -19.95 33.60
CA ASN Z 18 -10.42 -21.07 34.49
C ASN Z 18 -10.74 -22.26 33.61
N ILE Z 19 -9.98 -23.34 33.77
CA ILE Z 19 -10.07 -24.50 32.89
C ILE Z 19 -10.52 -25.67 33.76
N GLY Z 20 -11.81 -25.97 33.73
CA GLY Z 20 -12.34 -26.98 34.63
C GLY Z 20 -12.14 -26.55 36.07
N ASN Z 21 -11.52 -27.43 36.86
CA ASN Z 21 -11.19 -27.13 38.24
C ASN Z 21 -9.81 -26.49 38.38
N PHE Z 22 -9.20 -26.07 37.28
CA PHE Z 22 -7.90 -25.43 37.29
C PHE Z 22 -8.06 -23.93 37.17
N VAL Z 23 -7.48 -23.19 38.11
CA VAL Z 23 -7.42 -21.74 38.05
C VAL Z 23 -6.08 -21.37 37.42
N ASP Z 24 -6.11 -20.99 36.14
CA ASP Z 24 -4.89 -20.71 35.41
C ASP Z 24 -4.33 -19.35 35.81
N ALA Z 25 -3.03 -19.31 36.11
CA ALA Z 25 -2.39 -18.09 36.56
C ALA Z 25 -1.84 -17.23 35.43
N ARG Z 26 -1.90 -17.72 34.19
CA ARG Z 26 -1.33 -16.97 33.07
C ARG Z 26 -2.31 -15.92 32.56
N TYR Z 27 -1.75 -14.91 31.89
CA TYR Z 27 -2.51 -13.79 31.35
C TYR Z 27 -2.48 -13.85 29.82
N TRP Z 28 -3.54 -13.32 29.20
CA TRP Z 28 -3.67 -13.30 27.76
C TRP Z 28 -3.64 -11.86 27.27
N SER Z 29 -2.80 -11.60 26.27
CA SER Z 29 -2.55 -10.23 25.81
C SER Z 29 -3.44 -9.83 24.63
N LYS Z 30 -4.26 -10.73 24.11
CA LYS Z 30 -5.16 -10.40 23.01
C LYS Z 30 -6.43 -11.21 23.13
N CYS Z 31 -7.57 -10.52 23.04
CA CYS Z 31 -8.87 -11.15 22.98
C CYS Z 31 -9.71 -10.45 21.91
N SER Z 32 -10.48 -11.24 21.17
CA SER Z 32 -11.23 -10.72 20.04
C SER Z 32 -12.49 -9.99 20.54
N LYS Z 33 -13.38 -9.67 19.62
CA LYS Z 33 -14.57 -8.91 19.96
C LYS Z 33 -15.48 -9.69 20.90
N ILE Z 34 -16.10 -8.97 21.84
CA ILE Z 34 -17.08 -9.52 22.76
C ILE Z 34 -18.45 -9.04 22.33
N GLU Z 35 -19.36 -9.98 22.06
CA GLU Z 35 -20.60 -9.65 21.37
C GLU Z 35 -21.76 -10.48 21.91
N LYS Z 36 -22.96 -9.93 21.73
CA LYS Z 36 -24.21 -10.67 21.86
C LYS Z 36 -24.96 -10.50 20.55
N THR Z 37 -25.12 -11.58 19.80
CA THR Z 37 -25.72 -11.54 18.47
C THR Z 37 -27.16 -12.03 18.53
N TYR Z 38 -28.04 -11.36 17.79
CA TYR Z 38 -29.44 -11.76 17.65
C TYR Z 38 -29.62 -12.22 16.21
N ASN Z 39 -29.85 -13.51 16.02
CA ASN Z 39 -30.22 -13.99 14.70
C ASN Z 39 -31.60 -13.48 14.34
N THR Z 40 -31.74 -12.95 13.14
CA THR Z 40 -32.91 -12.17 12.77
C THR Z 40 -33.72 -12.88 11.70
N GLY Z 41 -35.05 -12.78 11.83
CA GLY Z 41 -35.95 -13.25 10.80
C GLY Z 41 -36.67 -12.07 10.17
N GLU Z 42 -37.33 -12.36 9.05
CA GLU Z 42 -38.06 -11.34 8.30
C GLU Z 42 -39.55 -11.57 8.41
N TYR Z 43 -40.32 -10.48 8.45
CA TYR Z 43 -41.76 -10.62 8.46
C TYR Z 43 -42.41 -9.32 7.98
N SER Z 44 -43.73 -9.36 7.88
CA SER Z 44 -44.55 -8.23 7.46
C SER Z 44 -45.80 -8.19 8.32
N ASP Z 45 -46.36 -6.99 8.50
CA ASP Z 45 -47.63 -6.84 9.18
C ASP Z 45 -48.83 -6.96 8.25
N GLY Z 46 -48.60 -7.04 6.94
CA GLY Z 46 -49.68 -7.11 5.98
C GLY Z 46 -50.28 -5.77 5.61
N GLN Z 47 -49.99 -4.72 6.37
CA GLN Z 47 -50.47 -3.37 6.08
C GLN Z 47 -49.50 -2.56 5.24
N SER Z 48 -48.31 -3.11 4.97
CA SER Z 48 -47.29 -2.39 4.22
C SER Z 48 -46.33 -3.41 3.62
N ASN Z 49 -45.52 -2.93 2.69
CA ASN Z 49 -44.47 -3.74 2.06
C ASN Z 49 -43.12 -3.55 2.74
N ILE Z 50 -43.10 -2.88 3.90
CA ILE Z 50 -41.86 -2.70 4.64
C ILE Z 50 -41.46 -4.01 5.30
N ILE Z 51 -40.19 -4.35 5.18
CA ILE Z 51 -39.64 -5.56 5.78
C ILE Z 51 -39.32 -5.28 7.25
N TYR Z 52 -39.90 -6.06 8.16
CA TYR Z 52 -39.60 -5.94 9.58
C TYR Z 52 -38.70 -7.09 10.01
N THR Z 53 -37.79 -6.78 10.94
CA THR Z 53 -36.82 -7.72 11.46
C THR Z 53 -37.22 -8.17 12.85
N LEU Z 54 -37.20 -9.48 13.06
CA LEU Z 54 -37.60 -10.09 14.34
C LEU Z 54 -36.39 -10.73 14.98
N PRO Z 55 -35.93 -10.26 16.15
CA PRO Z 55 -34.79 -10.90 16.81
C PRO Z 55 -35.14 -12.27 17.37
N GLY Z 56 -34.12 -13.10 17.52
CA GLY Z 56 -34.29 -14.38 18.19
C GLY Z 56 -33.01 -15.18 18.08
N ALA Z 57 -32.97 -16.27 18.83
CA ALA Z 57 -31.87 -17.24 18.77
C ALA Z 57 -30.54 -16.55 19.10
N ILE Z 58 -30.47 -16.05 20.33
CA ILE Z 58 -29.26 -15.37 20.79
C ILE Z 58 -28.08 -16.31 20.71
N LYS Z 59 -26.91 -15.76 20.41
CA LYS Z 59 -25.67 -16.51 20.43
C LYS Z 59 -24.52 -15.55 20.69
N TYR Z 60 -23.56 -15.99 21.50
CA TYR Z 60 -22.36 -15.21 21.77
C TYR Z 60 -21.25 -15.72 20.88
N PRO Z 61 -20.78 -14.96 19.89
CA PRO Z 61 -19.88 -15.53 18.88
C PRO Z 61 -18.56 -15.96 19.48
N GLU Z 62 -17.80 -16.70 18.67
CA GLU Z 62 -16.52 -17.25 19.11
C GLU Z 62 -15.58 -16.13 19.53
N VAL Z 63 -14.80 -16.39 20.58
CA VAL Z 63 -13.81 -15.46 21.10
C VAL Z 63 -12.44 -16.10 20.96
N VAL Z 64 -11.52 -15.39 20.32
CA VAL Z 64 -10.17 -15.90 20.07
C VAL Z 64 -9.21 -15.16 20.98
N LEU Z 65 -8.58 -15.89 21.90
CA LEU Z 65 -7.55 -15.34 22.78
C LEU Z 65 -6.18 -15.69 22.22
N SER Z 66 -5.24 -14.75 22.36
CA SER Z 66 -3.87 -14.98 21.94
C SER Z 66 -2.92 -14.44 23.00
N LYS Z 67 -1.75 -15.08 23.09
CA LYS Z 67 -0.69 -14.63 23.99
C LYS Z 67 0.64 -15.08 23.42
N ALA Z 68 1.72 -14.72 24.10
CA ALA Z 68 3.05 -15.10 23.67
C ALA Z 68 3.37 -16.50 24.19
N PHE Z 69 3.70 -17.41 23.28
CA PHE Z 69 4.01 -18.79 23.63
C PHE Z 69 5.34 -18.82 24.37
N SER Z 70 5.30 -19.07 25.67
CA SER Z 70 6.47 -19.00 26.53
C SER Z 70 6.54 -20.27 27.37
N PRO Z 71 7.73 -20.61 27.89
CA PRO Z 71 7.83 -21.75 28.79
C PRO Z 71 6.93 -21.58 30.00
N GLY Z 72 6.40 -22.69 30.49
CA GLY Z 72 5.33 -22.66 31.47
C GLY Z 72 3.95 -22.70 30.85
N ASP Z 73 3.85 -22.70 29.52
CA ASP Z 73 2.59 -22.84 28.81
C ASP Z 73 2.24 -24.30 28.54
N GLU Z 74 3.11 -25.24 28.94
CA GLU Z 74 2.81 -26.65 28.68
C GLU Z 74 1.60 -27.11 29.47
N GLU Z 75 1.46 -26.68 30.72
CA GLU Z 75 0.28 -27.07 31.49
C GLU Z 75 -0.97 -26.43 30.93
N LEU Z 76 -0.86 -25.19 30.44
CA LEU Z 76 -2.00 -24.54 29.80
C LEU Z 76 -2.43 -25.30 28.56
N ILE Z 77 -1.46 -25.72 27.74
CA ILE Z 77 -1.78 -26.49 26.54
C ILE Z 77 -2.46 -27.79 26.92
N ASN Z 78 -1.89 -28.51 27.90
CA ASN Z 78 -2.42 -29.82 28.27
C ASN Z 78 -3.79 -29.71 28.90
N ARG Z 79 -4.09 -28.59 29.56
CA ARG Z 79 -5.43 -28.38 30.10
C ARG Z 79 -6.42 -28.06 29.00
N LEU Z 80 -6.03 -27.20 28.06
CA LEU Z 80 -6.94 -26.81 26.98
C LEU Z 80 -7.24 -27.99 26.06
N ILE Z 81 -6.26 -28.88 25.85
CA ILE Z 81 -6.51 -30.04 25.02
C ILE Z 81 -7.52 -30.97 25.68
N ALA Z 82 -7.59 -30.95 27.02
CA ALA Z 82 -8.35 -31.93 27.77
C ALA Z 82 -9.69 -31.42 28.28
N VAL Z 83 -9.95 -30.12 28.20
CA VAL Z 83 -11.21 -29.61 28.76
C VAL Z 83 -12.41 -30.33 28.16
N ASN Z 84 -12.46 -30.42 26.83
CA ASN Z 84 -13.65 -30.95 26.17
C ASN Z 84 -13.88 -32.42 26.46
N SER Z 85 -12.83 -33.16 26.84
CA SER Z 85 -12.99 -34.58 27.08
C SER Z 85 -13.94 -34.85 28.25
N ASP Z 86 -14.04 -33.91 29.19
CA ASP Z 86 -14.92 -34.07 30.34
C ASP Z 86 -16.22 -33.33 30.09
N PRO Z 87 -17.36 -34.01 30.01
CA PRO Z 87 -18.62 -33.26 29.75
C PRO Z 87 -18.97 -32.29 30.85
N ILE Z 88 -18.39 -32.42 32.05
CA ILE Z 88 -18.63 -31.47 33.13
C ILE Z 88 -17.71 -30.25 33.02
N ALA Z 89 -16.52 -30.43 32.45
CA ALA Z 89 -15.53 -29.36 32.43
C ALA Z 89 -15.98 -28.22 31.52
N TRP Z 90 -15.67 -26.99 31.95
CA TRP Z 90 -15.97 -25.79 31.20
C TRP Z 90 -14.79 -24.84 31.27
N VAL Z 91 -14.74 -23.91 30.32
CA VAL Z 91 -13.75 -22.83 30.32
C VAL Z 91 -14.47 -21.54 30.67
N THR Z 92 -13.93 -20.81 31.64
CA THR Z 92 -14.47 -19.53 32.07
C THR Z 92 -13.44 -18.45 31.78
N VAL Z 93 -13.88 -17.36 31.14
CA VAL Z 93 -12.99 -16.27 30.77
C VAL Z 93 -13.32 -15.08 31.66
N PHE Z 94 -12.29 -14.47 32.25
CA PHE Z 94 -12.45 -13.35 33.18
C PHE Z 94 -11.74 -12.15 32.58
N ILE Z 95 -12.49 -11.10 32.28
CA ILE Z 95 -11.96 -9.85 31.74
C ILE Z 95 -12.18 -8.74 32.75
N GLN Z 96 -11.11 -8.20 33.29
CA GLN Z 96 -11.18 -7.11 34.26
C GLN Z 96 -10.78 -5.81 33.57
N PRO Z 97 -11.68 -4.85 33.40
CA PRO Z 97 -11.26 -3.53 32.90
C PRO Z 97 -10.51 -2.75 33.97
N MET Z 98 -9.42 -2.10 33.53
CA MET Z 98 -8.53 -1.35 34.41
C MET Z 98 -8.07 -0.12 33.64
N TYR Z 99 -7.15 0.65 34.25
CA TYR Z 99 -6.62 1.87 33.65
C TYR Z 99 -5.11 1.98 33.81
N ARG Z 100 -4.37 0.90 33.57
CA ARG Z 100 -2.94 0.61 33.73
C ARG Z 100 -2.09 1.53 32.87
N ASP Z 101 -1.21 2.28 33.54
CA ASP Z 101 -0.19 3.06 32.84
C ASP Z 101 1.01 2.17 32.49
N GLY Z 102 1.66 1.62 33.50
CA GLY Z 102 2.61 0.54 33.32
C GLY Z 102 2.05 -0.71 33.95
N TYR Z 103 2.65 -1.16 35.05
CA TYR Z 103 2.09 -2.24 35.85
C TYR Z 103 1.26 -1.69 37.01
N TYR Z 104 0.59 -0.56 36.79
CA TYR Z 104 -0.18 0.09 37.84
C TYR Z 104 -1.65 0.10 37.42
N ASN Z 105 -2.16 -1.06 37.01
CA ASN Z 105 -3.57 -1.18 36.71
C ASN Z 105 -4.41 -0.58 37.82
N VAL Z 106 -5.46 0.14 37.43
CA VAL Z 106 -6.41 0.71 38.37
C VAL Z 106 -7.76 0.07 38.12
N PRO Z 107 -8.04 -1.09 38.71
CA PRO Z 107 -9.33 -1.77 38.45
C PRO Z 107 -10.48 -0.97 39.02
N GLN Z 108 -11.52 -0.77 38.20
CA GLN Z 108 -12.76 -0.15 38.64
C GLN Z 108 -13.91 -0.97 38.07
N GLY Z 109 -14.85 -1.34 38.93
CA GLY Z 109 -15.97 -2.17 38.54
C GLY Z 109 -15.66 -3.65 38.65
N GLY Z 110 -16.69 -4.45 38.38
CA GLY Z 110 -16.53 -5.88 38.39
C GLY Z 110 -15.87 -6.38 37.13
N LYS Z 111 -15.72 -7.69 37.05
CA LYS Z 111 -15.06 -8.34 35.94
C LYS Z 111 -16.11 -9.03 35.07
N ILE Z 112 -16.08 -8.74 33.77
CA ILE Z 112 -16.93 -9.46 32.83
C ILE Z 112 -16.51 -10.92 32.82
N ILE Z 113 -17.48 -11.82 32.84
CA ILE Z 113 -17.23 -13.25 32.92
C ILE Z 113 -17.97 -13.93 31.79
N LEU Z 114 -17.23 -14.58 30.90
CA LEU Z 114 -17.79 -15.47 29.89
C LEU Z 114 -17.83 -16.87 30.50
N GLU Z 115 -19.03 -17.36 30.79
CA GLU Z 115 -19.22 -18.63 31.45
C GLU Z 115 -19.64 -19.71 30.47
N PHE Z 116 -19.25 -20.95 30.81
CA PHE Z 116 -19.61 -22.14 30.06
C PHE Z 116 -19.13 -22.03 28.62
N CYS Z 117 -17.81 -22.02 28.49
CA CYS Z 117 -17.15 -21.92 27.19
C CYS Z 117 -16.53 -23.26 26.83
N THR Z 118 -16.67 -23.65 25.56
CA THR Z 118 -16.06 -24.86 25.05
C THR Z 118 -14.90 -24.50 24.12
N VAL Z 119 -13.88 -25.35 24.11
CA VAL Z 119 -12.72 -25.12 23.25
C VAL Z 119 -13.06 -25.60 21.85
N ALA Z 120 -12.96 -24.70 20.87
CA ALA Z 120 -13.14 -25.06 19.47
C ALA Z 120 -11.82 -25.11 18.72
N ARG Z 121 -10.72 -24.65 19.32
CA ARG Z 121 -9.46 -24.51 18.62
C ARG Z 121 -8.32 -24.22 19.60
N ALA Z 122 -7.18 -24.90 19.43
CA ALA Z 122 -6.01 -24.68 20.25
C ALA Z 122 -4.78 -24.72 19.36
N THR Z 123 -4.10 -23.57 19.23
CA THR Z 123 -2.96 -23.41 18.34
C THR Z 123 -1.74 -23.01 19.18
N PRO Z 124 -0.95 -23.97 19.65
CA PRO Z 124 0.26 -23.59 20.40
C PRO Z 124 1.22 -22.74 19.60
N ILE Z 125 1.35 -22.98 18.31
CA ILE Z 125 2.31 -22.29 17.45
C ILE Z 125 1.56 -21.75 16.24
N ASN Z 126 1.54 -20.43 16.09
CA ASN Z 126 0.86 -19.83 14.95
C ASN Z 126 1.59 -20.12 13.65
N GLU Z 127 2.92 -20.13 13.68
CA GLU Z 127 3.72 -20.40 12.50
C GLU Z 127 5.17 -20.56 12.92
N ILE Z 128 5.98 -21.08 12.00
CA ILE Z 128 7.42 -21.25 12.21
C ILE Z 128 8.15 -20.69 11.00
N ASP Z 129 9.21 -19.93 11.26
CA ASP Z 129 10.08 -19.45 10.20
C ASP Z 129 11.41 -19.08 10.85
N THR Z 130 12.48 -19.78 10.48
CA THR Z 130 13.79 -19.51 11.06
C THR Z 130 14.31 -18.14 10.68
N ILE Z 131 13.73 -17.48 9.68
CA ILE Z 131 14.04 -16.10 9.37
C ILE Z 131 13.11 -15.13 10.11
N GLY Z 132 11.96 -15.58 10.57
CA GLY Z 132 11.02 -14.69 11.21
C GLY Z 132 11.54 -14.18 12.55
N SER Z 133 11.03 -13.02 12.94
CA SER Z 133 11.41 -12.37 14.19
C SER Z 133 10.24 -12.11 15.12
N ASN Z 134 9.01 -12.37 14.68
CA ASN Z 134 7.86 -12.17 15.54
C ASN Z 134 7.86 -13.21 16.66
N ALA Z 135 7.21 -12.86 17.76
CA ALA Z 135 7.02 -13.79 18.86
C ALA Z 135 5.96 -14.83 18.48
N ALA Z 136 6.27 -16.10 18.75
CA ALA Z 136 5.29 -17.15 18.53
C ALA Z 136 4.08 -16.91 19.39
N MET Z 137 2.89 -17.07 18.81
CA MET Z 137 1.64 -16.75 19.49
C MET Z 137 0.85 -18.03 19.74
N PHE Z 138 0.51 -18.24 21.00
CA PHE Z 138 -0.41 -19.31 21.40
C PHE Z 138 -1.84 -18.77 21.37
N GLU Z 139 -2.69 -19.43 20.58
CA GLU Z 139 -4.07 -19.00 20.39
C GLU Z 139 -5.04 -20.07 20.87
N CYS Z 140 -6.21 -19.63 21.32
CA CYS Z 140 -7.27 -20.55 21.70
C CYS Z 140 -8.62 -19.91 21.36
N ALA Z 141 -9.50 -20.70 20.74
CA ALA Z 141 -10.82 -20.25 20.35
C ALA Z 141 -11.85 -20.87 21.30
N LEU Z 142 -12.71 -20.03 21.84
CA LEU Z 142 -13.70 -20.44 22.82
C LEU Z 142 -15.09 -20.06 22.34
N ASN Z 143 -16.02 -20.99 22.50
CA ASN Z 143 -17.45 -20.75 22.24
C ASN Z 143 -18.10 -20.56 23.59
N PRO Z 144 -18.43 -19.33 23.98
CA PRO Z 144 -19.08 -19.11 25.28
C PRO Z 144 -20.57 -19.33 25.21
N SER Z 145 -21.17 -19.62 26.37
CA SER Z 145 -22.61 -19.79 26.47
C SER Z 145 -23.30 -18.68 27.27
N ARG Z 146 -22.58 -17.97 28.14
CA ARG Z 146 -23.24 -16.90 28.88
C ARG Z 146 -22.24 -15.82 29.25
N ILE Z 147 -22.77 -14.64 29.60
CA ILE Z 147 -21.96 -13.51 30.05
C ILE Z 147 -22.62 -12.90 31.27
N ARG Z 148 -21.82 -12.58 32.29
CA ARG Z 148 -22.30 -11.83 33.45
C ARG Z 148 -21.14 -11.04 34.04
N SER Z 149 -21.31 -10.55 35.27
CA SER Z 149 -20.25 -9.82 35.96
C SER Z 149 -20.56 -9.73 37.45
N ASP Z 150 -19.58 -10.08 38.29
CA ASP Z 150 -19.82 -10.13 39.74
C ASP Z 150 -18.71 -9.60 40.64
N GLY Z 151 -17.67 -8.98 40.10
CA GLY Z 151 -16.45 -8.74 40.83
C GLY Z 151 -16.28 -7.39 41.49
N GLY Z 152 -17.22 -6.47 41.34
CA GLY Z 152 -16.98 -5.14 41.88
C GLY Z 152 -18.24 -4.30 41.91
N ASN Z 153 -18.04 -3.03 42.27
CA ASN Z 153 -19.14 -2.08 42.45
C ASN Z 153 -19.84 -1.73 41.15
N ILE Z 154 -19.26 -2.08 40.00
CA ILE Z 154 -19.88 -1.82 38.70
C ILE Z 154 -19.98 -3.15 37.97
N ASN Z 155 -21.20 -3.57 37.65
CA ASN Z 155 -21.69 -4.74 36.92
C ASN Z 155 -21.96 -4.32 35.48
N TRP Z 156 -21.27 -4.97 34.54
CA TRP Z 156 -21.27 -4.53 33.16
C TRP Z 156 -22.27 -5.24 32.27
N TRP Z 157 -22.69 -6.46 32.61
CA TRP Z 157 -23.50 -7.28 31.72
C TRP Z 157 -24.67 -7.90 32.47
N SER Z 158 -25.42 -7.08 33.19
CA SER Z 158 -26.63 -7.57 33.84
C SER Z 158 -27.67 -8.01 32.82
N GLU Z 159 -28.04 -9.30 32.84
CA GLU Z 159 -29.06 -9.81 31.94
C GLU Z 159 -30.44 -9.36 32.43
N PRO Z 160 -31.48 -9.33 31.52
CA PRO Z 160 -32.78 -8.98 32.10
C PRO Z 160 -33.36 -10.19 32.79
N ALA Z 161 -32.55 -11.22 33.00
CA ALA Z 161 -33.01 -12.45 33.65
C ALA Z 161 -33.84 -12.17 34.88
N ALA Z 162 -33.40 -11.25 35.72
CA ALA Z 162 -34.17 -10.86 36.90
C ALA Z 162 -35.58 -10.44 36.55
N GLN Z 163 -36.54 -11.33 36.77
CA GLN Z 163 -37.92 -11.00 36.49
C GLN Z 163 -38.37 -10.07 37.59
N ALA AA 2 7.51 -7.90 34.96
CA ALA AA 2 8.86 -8.43 35.11
C ALA AA 2 8.90 -9.82 34.50
N VAL AA 3 9.66 -9.96 33.42
CA VAL AA 3 9.79 -11.22 32.70
C VAL AA 3 11.11 -11.86 33.10
N SER AA 4 11.03 -13.08 33.63
CA SER AA 4 12.23 -13.83 34.00
C SER AA 4 12.74 -14.70 32.86
N LYS AA 5 11.87 -15.12 31.95
CA LYS AA 5 12.25 -16.01 30.86
C LYS AA 5 11.62 -15.48 29.59
N ARG AA 6 12.45 -15.19 28.59
CA ARG AA 6 11.94 -14.62 27.34
C ARG AA 6 11.12 -15.66 26.58
N PRO AA 7 10.08 -15.23 25.88
CA PRO AA 7 9.22 -16.18 25.16
C PRO AA 7 9.88 -16.67 23.88
N PHE AA 8 9.28 -17.73 23.33
CA PHE AA 8 9.78 -18.31 22.09
C PHE AA 8 9.55 -17.36 20.93
N SER AA 9 10.55 -17.25 20.06
CA SER AA 9 10.39 -16.52 18.81
C SER AA 9 9.84 -17.47 17.74
N ILE AA 10 9.41 -16.88 16.62
CA ILE AA 10 8.89 -17.69 15.54
C ILE AA 10 9.99 -18.51 14.87
N ASN AA 11 11.25 -18.15 15.11
CA ASN AA 11 12.39 -18.88 14.57
C ASN AA 11 12.95 -19.89 15.57
N SER AA 12 12.23 -20.17 16.64
CA SER AA 12 12.73 -20.95 17.76
C SER AA 12 12.40 -22.43 17.65
N PHE AA 13 12.29 -22.97 16.44
CA PHE AA 13 11.95 -24.37 16.26
C PHE AA 13 12.65 -25.04 15.08
N ALA AA 14 13.27 -26.20 15.36
CA ALA AA 14 13.87 -27.04 14.35
C ALA AA 14 12.95 -28.17 13.89
N VAL AA 15 12.81 -28.32 12.57
CA VAL AA 15 11.84 -29.22 11.98
C VAL AA 15 12.57 -30.30 11.22
N ASN AA 16 12.18 -31.56 11.46
CA ASN AA 16 12.78 -32.72 10.83
C ASN AA 16 11.69 -33.69 10.40
N LEU AA 17 12.03 -34.57 9.47
CA LEU AA 17 11.06 -35.51 8.90
C LEU AA 17 11.60 -36.93 8.96
N ASN AA 18 10.66 -37.86 9.15
CA ASN AA 18 10.91 -39.30 9.05
C ASN AA 18 9.93 -39.85 8.03
N ILE AA 19 10.44 -40.31 6.90
CA ILE AA 19 9.62 -40.71 5.76
C ILE AA 19 9.78 -42.21 5.60
N GLY AA 20 8.76 -42.96 6.02
CA GLY AA 20 8.87 -44.41 6.00
C GLY AA 20 9.93 -44.88 6.96
N ASN AA 21 10.70 -45.88 6.54
CA ASN AA 21 11.75 -46.47 7.37
C ASN AA 21 13.09 -45.78 7.18
N PHE AA 22 13.10 -44.53 6.71
CA PHE AA 22 14.34 -43.81 6.49
C PHE AA 22 14.28 -42.50 7.27
N VAL AA 23 15.41 -42.08 7.81
CA VAL AA 23 15.53 -40.86 8.59
C VAL AA 23 16.22 -39.81 7.73
N ASP AA 24 15.55 -38.68 7.51
CA ASP AA 24 16.08 -37.60 6.67
C ASP AA 24 16.96 -36.68 7.51
N ALA AA 25 18.13 -36.33 6.95
CA ALA AA 25 19.05 -35.43 7.62
C ALA AA 25 18.78 -33.97 7.34
N ARG AA 26 17.76 -33.66 6.54
CA ARG AA 26 17.51 -32.28 6.13
C ARG AA 26 16.62 -31.56 7.13
N TYR AA 27 16.81 -30.24 7.21
CA TYR AA 27 16.06 -29.37 8.09
C TYR AA 27 15.14 -28.48 7.28
N TRP AA 28 14.00 -28.14 7.88
CA TRP AA 28 12.99 -27.31 7.23
C TRP AA 28 12.93 -25.94 7.90
N SER AA 29 12.90 -24.89 7.10
CA SER AA 29 12.98 -23.52 7.61
C SER AA 29 11.62 -22.87 7.81
N LYS AA 30 10.54 -23.52 7.40
CA LYS AA 30 9.20 -22.95 7.55
C LYS AA 30 8.20 -24.06 7.80
N CYS AA 31 7.35 -23.86 8.80
CA CYS AA 31 6.23 -24.75 9.07
C CYS AA 31 5.03 -23.90 9.44
N SER AA 32 3.85 -24.34 9.03
CA SER AA 32 2.62 -23.58 9.26
C SER AA 32 2.13 -23.83 10.69
N LYS AA 33 0.91 -23.39 10.97
CA LYS AA 33 0.35 -23.51 12.30
C LYS AA 33 0.15 -24.97 12.69
N ILE AA 34 0.30 -25.26 13.98
CA ILE AA 34 0.04 -26.57 14.56
C ILE AA 34 -1.18 -26.45 15.44
N GLU AA 35 -2.19 -27.27 15.17
CA GLU AA 35 -3.50 -27.11 15.81
C GLU AA 35 -4.11 -28.45 16.17
N LYS AA 36 -5.05 -28.38 17.12
CA LYS AA 36 -6.04 -29.41 17.38
C LYS AA 36 -7.41 -28.76 17.25
N THR AA 37 -8.15 -29.10 16.21
CA THR AA 37 -9.41 -28.46 15.89
C THR AA 37 -10.58 -29.37 16.26
N TYR AA 38 -11.59 -28.79 16.89
CA TYR AA 38 -12.85 -29.46 17.16
C TYR AA 38 -13.90 -28.95 16.19
N ASN AA 39 -14.47 -29.86 15.39
CA ASN AA 39 -15.63 -29.51 14.60
C ASN AA 39 -16.84 -29.39 15.52
N THR AA 40 -17.62 -28.34 15.30
CA THR AA 40 -18.65 -27.93 16.25
C THR AA 40 -20.04 -28.15 15.68
N GLY AA 41 -20.93 -28.62 16.55
CA GLY AA 41 -22.35 -28.64 16.23
C GLY AA 41 -23.09 -27.67 17.12
N GLU AA 42 -24.34 -27.42 16.78
CA GLU AA 42 -25.18 -26.50 17.54
C GLU AA 42 -26.37 -27.24 18.13
N TYR AA 43 -26.79 -26.79 19.31
CA TYR AA 43 -27.91 -27.43 19.99
C TYR AA 43 -28.54 -26.44 20.97
N SER AA 44 -29.58 -26.92 21.65
CA SER AA 44 -30.30 -26.16 22.66
C SER AA 44 -30.72 -27.10 23.78
N ASP AA 45 -30.83 -26.56 24.98
CA ASP AA 45 -31.39 -27.30 26.10
C ASP AA 45 -32.89 -27.17 26.21
N GLY AA 46 -33.53 -26.41 25.32
CA GLY AA 46 -34.94 -26.15 25.39
C GLY AA 46 -35.36 -25.16 26.45
N GLN AA 47 -34.53 -24.96 27.48
CA GLN AA 47 -34.80 -24.02 28.54
C GLN AA 47 -34.65 -22.57 28.08
N SER AA 48 -33.96 -22.35 26.95
CA SER AA 48 -33.62 -21.01 26.51
C SER AA 48 -33.39 -21.05 25.01
N ASN AA 49 -33.37 -19.87 24.40
CA ASN AA 49 -33.13 -19.72 22.97
C ASN AA 49 -31.66 -19.48 22.66
N ILE AA 50 -30.78 -19.64 23.65
CA ILE AA 50 -29.35 -19.51 23.40
C ILE AA 50 -28.85 -20.71 22.62
N ILE AA 51 -27.97 -20.45 21.66
CA ILE AA 51 -27.35 -21.50 20.86
C ILE AA 51 -26.12 -21.99 21.60
N TYR AA 52 -26.06 -23.31 21.85
CA TYR AA 52 -24.91 -23.91 22.50
C TYR AA 52 -24.09 -24.70 21.49
N THR AA 53 -22.79 -24.72 21.71
CA THR AA 53 -21.84 -25.37 20.80
C THR AA 53 -21.36 -26.67 21.42
N LEU AA 54 -21.40 -27.74 20.64
CA LEU AA 54 -20.98 -29.06 21.06
C LEU AA 54 -19.72 -29.46 20.29
N PRO AA 55 -18.58 -29.66 20.96
CA PRO AA 55 -17.38 -30.11 20.24
C PRO AA 55 -17.50 -31.55 19.78
N GLY AA 56 -16.74 -31.89 18.76
CA GLY AA 56 -16.66 -33.27 18.31
C GLY AA 56 -15.86 -33.34 17.03
N ALA AA 57 -15.52 -34.58 16.64
CA ALA AA 57 -14.83 -34.85 15.40
C ALA AA 57 -13.51 -34.05 15.32
N ILE AA 58 -12.62 -34.37 16.26
CA ILE AA 58 -11.31 -33.73 16.29
C ILE AA 58 -10.63 -33.91 14.94
N LYS AA 59 -9.81 -32.92 14.58
CA LYS AA 59 -8.94 -33.03 13.42
C LYS AA 59 -7.74 -32.12 13.60
N TYR AA 60 -6.58 -32.58 13.14
CA TYR AA 60 -5.37 -31.78 13.15
C TYR AA 60 -5.15 -31.23 11.74
N PRO AA 61 -5.31 -29.93 11.51
CA PRO AA 61 -5.33 -29.43 10.13
C PRO AA 61 -4.00 -29.62 9.42
N GLU AA 62 -4.06 -29.49 8.10
CA GLU AA 62 -2.90 -29.74 7.26
C GLU AA 62 -1.76 -28.80 7.62
N VAL AA 63 -0.53 -29.32 7.57
CA VAL AA 63 0.67 -28.58 7.90
C VAL AA 63 1.53 -28.47 6.65
N VAL AA 64 1.97 -27.25 6.34
CA VAL AA 64 2.77 -26.97 5.15
C VAL AA 64 4.18 -26.62 5.59
N LEU AA 65 5.13 -27.47 5.23
CA LEU AA 65 6.54 -27.24 5.48
C LEU AA 65 7.19 -26.67 4.22
N SER AA 66 8.16 -25.78 4.40
CA SER AA 66 8.90 -25.22 3.28
C SER AA 66 10.37 -25.14 3.64
N LYS AA 67 11.22 -25.23 2.62
CA LYS AA 67 12.66 -25.07 2.79
C LYS AA 67 13.25 -24.59 1.47
N ALA AA 68 14.53 -24.25 1.49
CA ALA AA 68 15.21 -23.81 0.28
C ALA AA 68 15.57 -25.03 -0.56
N PHE AA 69 15.15 -25.02 -1.82
CA PHE AA 69 15.41 -26.14 -2.73
C PHE AA 69 16.88 -26.16 -3.08
N SER AA 70 17.61 -27.13 -2.54
CA SER AA 70 19.06 -27.22 -2.67
C SER AA 70 19.44 -28.61 -3.14
N PRO AA 71 20.63 -28.76 -3.72
CA PRO AA 71 21.10 -30.10 -4.09
C PRO AA 71 21.17 -31.01 -2.88
N GLY AA 72 20.92 -32.30 -3.13
CA GLY AA 72 20.66 -33.26 -2.07
C GLY AA 72 19.18 -33.40 -1.76
N ASP AA 73 18.33 -32.55 -2.33
CA ASP AA 73 16.89 -32.64 -2.15
C ASP AA 73 16.24 -33.63 -3.11
N GLU AA 74 17.00 -34.18 -4.06
CA GLU AA 74 16.42 -35.17 -4.97
C GLU AA 74 15.99 -36.42 -4.21
N GLU AA 75 16.79 -36.83 -3.23
CA GLU AA 75 16.44 -37.99 -2.42
C GLU AA 75 15.15 -37.73 -1.63
N LEU AA 76 15.04 -36.53 -1.06
CA LEU AA 76 13.84 -36.15 -0.34
C LEU AA 76 12.63 -36.13 -1.26
N ILE AA 77 12.80 -35.60 -2.48
CA ILE AA 77 11.71 -35.60 -3.45
C ILE AA 77 11.27 -37.02 -3.73
N ASN AA 78 12.23 -37.90 -4.06
CA ASN AA 78 11.90 -39.25 -4.48
C ASN AA 78 11.30 -40.06 -3.34
N ARG AA 79 11.53 -39.65 -2.10
CA ARG AA 79 10.92 -40.34 -0.97
C ARG AA 79 9.54 -39.79 -0.62
N LEU AA 80 9.36 -38.47 -0.68
CA LEU AA 80 8.04 -37.89 -0.42
C LEU AA 80 7.05 -38.28 -1.50
N ILE AA 81 7.53 -38.47 -2.73
CA ILE AA 81 6.63 -38.90 -3.80
C ILE AA 81 6.13 -40.32 -3.55
N ALA AA 82 6.98 -41.17 -2.98
CA ALA AA 82 6.69 -42.59 -2.86
C ALA AA 82 6.12 -43.00 -1.50
N VAL AA 83 6.16 -42.12 -0.50
CA VAL AA 83 5.74 -42.53 0.84
C VAL AA 83 4.29 -43.01 0.83
N ASN AA 84 3.40 -42.29 0.12
CA ASN AA 84 2.00 -42.69 0.08
C ASN AA 84 1.79 -44.02 -0.61
N SER AA 85 2.69 -44.42 -1.51
CA SER AA 85 2.50 -45.66 -2.25
C SER AA 85 2.45 -46.87 -1.34
N ASP AA 86 3.08 -46.78 -0.17
CA ASP AA 86 3.09 -47.89 0.78
C ASP AA 86 2.06 -47.62 1.87
N PRO AA 87 0.99 -48.41 1.97
CA PRO AA 87 0.00 -48.13 3.03
C PRO AA 87 0.55 -48.29 4.42
N ILE AA 88 1.67 -49.00 4.60
CA ILE AA 88 2.31 -49.11 5.90
C ILE AA 88 3.09 -47.85 6.25
N ALA AA 89 3.57 -47.12 5.25
CA ALA AA 89 4.49 -46.02 5.49
C ALA AA 89 3.74 -44.76 5.91
N TRP AA 90 4.37 -43.98 6.78
CA TRP AA 90 3.82 -42.72 7.26
C TRP AA 90 4.94 -41.68 7.30
N VAL AA 91 4.54 -40.41 7.35
CA VAL AA 91 5.46 -39.31 7.53
C VAL AA 91 5.32 -38.81 8.96
N THR AA 92 6.44 -38.67 9.66
CA THR AA 92 6.46 -38.20 11.03
C THR AA 92 7.28 -36.92 11.10
N VAL AA 93 6.71 -35.88 11.71
CA VAL AA 93 7.34 -34.56 11.78
C VAL AA 93 7.80 -34.34 13.21
N PHE AA 94 9.06 -33.94 13.37
CA PHE AA 94 9.65 -33.67 14.68
C PHE AA 94 9.93 -32.17 14.75
N ILE AA 95 9.35 -31.50 15.74
CA ILE AA 95 9.57 -30.08 15.98
C ILE AA 95 10.20 -29.93 17.34
N GLN AA 96 11.46 -29.50 17.37
CA GLN AA 96 12.19 -29.28 18.62
C GLN AA 96 12.25 -27.79 18.87
N PRO AA 97 11.53 -27.25 19.86
CA PRO AA 97 11.73 -25.86 20.24
C PRO AA 97 13.07 -25.66 20.93
N MET AA 98 13.67 -24.50 20.69
CA MET AA 98 15.02 -24.21 21.13
C MET AA 98 15.20 -22.69 21.11
N TYR AA 99 16.19 -22.23 21.86
CA TYR AA 99 16.61 -20.82 21.84
C TYR AA 99 17.94 -20.80 21.11
N ARG AA 100 17.94 -20.28 19.87
CA ARG AA 100 19.16 -20.20 19.08
C ARG AA 100 19.53 -18.75 18.80
N ASP AA 101 20.82 -18.44 18.95
CA ASP AA 101 21.35 -17.16 18.49
C ASP AA 101 21.94 -17.31 17.07
N GLY AA 102 22.94 -18.16 16.92
CA GLY AA 102 23.49 -18.48 15.61
C GLY AA 102 23.23 -19.94 15.28
N TYR AA 103 24.24 -20.78 15.49
CA TYR AA 103 24.05 -22.23 15.46
C TYR AA 103 24.04 -22.80 16.87
N TYR AA 104 23.73 -21.97 17.87
CA TYR AA 104 23.83 -22.32 19.29
C TYR AA 104 22.46 -22.60 19.89
N ASN AA 105 21.60 -23.33 19.17
CA ASN AA 105 20.32 -23.74 19.71
C ASN AA 105 20.47 -24.22 21.15
N VAL AA 106 19.50 -23.84 21.98
CA VAL AA 106 19.46 -24.29 23.37
C VAL AA 106 18.14 -25.02 23.59
N PRO AA 107 18.05 -26.30 23.26
CA PRO AA 107 16.78 -27.01 23.44
C PRO AA 107 16.41 -27.17 24.90
N GLN AA 108 15.11 -27.13 25.17
CA GLN AA 108 14.56 -27.49 26.47
C GLN AA 108 13.20 -28.13 26.24
N GLY AA 109 12.92 -29.18 27.00
CA GLY AA 109 11.71 -29.95 26.80
C GLY AA 109 11.83 -30.92 25.65
N GLY AA 110 10.81 -31.77 25.52
CA GLY AA 110 10.75 -32.71 24.43
C GLY AA 110 10.49 -32.02 23.11
N LYS AA 111 10.13 -32.83 22.12
CA LYS AA 111 9.85 -32.36 20.78
C LYS AA 111 8.42 -32.76 20.41
N ILE AA 112 7.69 -31.81 19.82
CA ILE AA 112 6.35 -32.11 19.33
C ILE AA 112 6.46 -33.02 18.12
N ILE AA 113 5.78 -34.16 18.18
CA ILE AA 113 5.85 -35.17 17.13
C ILE AA 113 4.47 -35.26 16.50
N LEU AA 114 4.38 -34.87 15.23
CA LEU AA 114 3.20 -35.11 14.41
C LEU AA 114 3.37 -36.50 13.80
N GLU AA 115 2.58 -37.46 14.26
CA GLU AA 115 2.73 -38.85 13.88
C GLU AA 115 1.58 -39.29 12.99
N PHE AA 116 1.90 -40.19 12.06
CA PHE AA 116 0.95 -40.70 11.08
C PHE AA 116 0.42 -39.57 10.20
N CYS AA 117 1.34 -39.01 9.42
CA CYS AA 117 1.02 -37.97 8.46
C CYS AA 117 1.12 -38.53 7.04
N THR AA 118 0.20 -38.13 6.20
CA THR AA 118 0.19 -38.52 4.80
C THR AA 118 0.48 -37.31 3.92
N VAL AA 119 1.21 -37.53 2.82
CA VAL AA 119 1.54 -36.45 1.92
C VAL AA 119 0.32 -36.12 1.08
N ALA AA 120 -0.04 -34.83 1.04
CA ALA AA 120 -1.10 -34.34 0.19
C ALA AA 120 -0.61 -33.45 -0.94
N ARG AA 121 0.66 -33.04 -0.90
CA ARG AA 121 1.19 -32.09 -1.86
C ARG AA 121 2.71 -32.04 -1.78
N ALA AA 122 3.39 -32.15 -2.92
CA ALA AA 122 4.84 -32.05 -2.99
C ALA AA 122 5.19 -31.09 -4.11
N THR AA 123 5.81 -29.97 -3.77
CA THR AA 123 6.09 -28.89 -4.72
C THR AA 123 7.60 -28.63 -4.69
N PRO AA 124 8.36 -29.34 -5.51
CA PRO AA 124 9.82 -29.07 -5.54
C PRO AA 124 10.16 -27.65 -5.92
N ILE AA 125 9.41 -27.05 -6.84
CA ILE AA 125 9.68 -25.71 -7.34
C ILE AA 125 8.42 -24.87 -7.16
N ASN AA 126 8.50 -23.87 -6.29
CA ASN AA 126 7.34 -23.01 -6.07
C ASN AA 126 7.00 -22.21 -7.33
N GLU AA 127 8.02 -21.74 -8.04
CA GLU AA 127 7.81 -21.02 -9.29
C GLU AA 127 9.17 -20.86 -9.97
N ILE AA 128 9.13 -20.42 -11.23
CA ILE AA 128 10.33 -20.14 -12.01
C ILE AA 128 10.20 -18.75 -12.60
N ASP AA 129 11.22 -17.93 -12.43
CA ASP AA 129 11.26 -16.60 -13.02
C ASP AA 129 12.71 -16.32 -13.41
N THR AA 130 13.00 -16.35 -14.70
CA THR AA 130 14.38 -16.30 -15.16
C THR AA 130 15.09 -15.01 -14.74
N ILE AA 131 14.35 -13.96 -14.42
CA ILE AA 131 14.92 -12.74 -13.84
C ILE AA 131 14.50 -12.54 -12.40
N GLY AA 132 13.93 -13.55 -11.76
CA GLY AA 132 13.66 -13.45 -10.34
C GLY AA 132 14.90 -13.63 -9.51
N SER AA 133 14.79 -13.31 -8.22
CA SER AA 133 15.91 -13.35 -7.30
C SER AA 133 15.63 -14.14 -6.02
N ASN AA 134 14.37 -14.47 -5.75
CA ASN AA 134 14.06 -15.23 -4.56
C ASN AA 134 14.64 -16.64 -4.66
N ALA AA 135 14.94 -17.21 -3.49
CA ALA AA 135 15.34 -18.60 -3.44
C ALA AA 135 14.16 -19.51 -3.76
N ALA AA 136 14.42 -20.54 -4.56
CA ALA AA 136 13.38 -21.51 -4.85
C ALA AA 136 12.99 -22.24 -3.57
N MET AA 137 11.69 -22.42 -3.36
CA MET AA 137 11.17 -22.98 -2.12
C MET AA 137 10.52 -24.33 -2.39
N PHE AA 138 11.16 -25.38 -1.89
CA PHE AA 138 10.50 -26.69 -1.80
C PHE AA 138 9.41 -26.63 -0.75
N GLU AA 139 8.25 -27.21 -1.07
CA GLU AA 139 7.11 -27.23 -0.17
C GLU AA 139 6.53 -28.64 -0.08
N CYS AA 140 5.96 -28.95 1.08
CA CYS AA 140 5.33 -30.24 1.31
C CYS AA 140 4.15 -30.06 2.26
N ALA AA 141 3.03 -30.69 1.92
CA ALA AA 141 1.81 -30.63 2.71
C ALA AA 141 1.56 -31.98 3.34
N LEU AA 142 1.34 -31.99 4.66
CA LEU AA 142 1.16 -33.22 5.42
C LEU AA 142 -0.15 -33.16 6.19
N ASN AA 143 -0.86 -34.28 6.23
CA ASN AA 143 -2.11 -34.40 6.98
C ASN AA 143 -1.86 -35.23 8.22
N PRO AA 144 -1.45 -34.63 9.34
CA PRO AA 144 -1.16 -35.42 10.53
C PRO AA 144 -2.40 -36.06 11.12
N SER AA 145 -2.21 -37.20 11.76
CA SER AA 145 -3.28 -37.88 12.47
C SER AA 145 -3.17 -37.80 13.98
N ARG AA 146 -1.96 -37.63 14.53
CA ARG AA 146 -1.84 -37.49 15.98
C ARG AA 146 -0.67 -36.58 16.31
N ILE AA 147 -0.70 -36.02 17.52
CA ILE AA 147 0.38 -35.19 18.04
C ILE AA 147 0.74 -35.68 19.44
N ARG AA 148 2.04 -35.84 19.69
CA ARG AA 148 2.54 -36.27 20.99
C ARG AA 148 3.82 -35.50 21.29
N SER AA 149 4.45 -35.83 22.42
CA SER AA 149 5.79 -35.32 22.72
C SER AA 149 6.37 -36.13 23.87
N ASP AA 150 7.46 -36.85 23.60
CA ASP AA 150 8.16 -37.60 24.64
C ASP AA 150 9.68 -37.60 24.54
N GLY AA 151 10.28 -36.62 23.87
CA GLY AA 151 11.70 -36.58 23.65
C GLY AA 151 12.50 -35.78 24.65
N GLY AA 152 11.88 -35.27 25.70
CA GLY AA 152 12.57 -34.41 26.64
C GLY AA 152 11.91 -34.38 28.00
N ASN AA 153 12.00 -33.22 28.65
CA ASN AA 153 11.64 -33.09 30.06
C ASN AA 153 10.49 -32.13 30.33
N ILE AA 154 9.67 -31.80 29.34
CA ILE AA 154 8.56 -30.88 29.55
C ILE AA 154 7.22 -31.51 29.15
N ASN AA 155 7.17 -32.21 28.03
CA ASN AA 155 5.98 -32.93 27.54
C ASN AA 155 4.74 -32.01 27.45
N TRP AA 156 4.83 -31.07 26.51
CA TRP AA 156 3.83 -30.03 26.32
C TRP AA 156 2.70 -30.41 25.37
N TRP AA 157 2.57 -31.67 24.98
CA TRP AA 157 1.44 -32.07 24.15
C TRP AA 157 0.88 -33.42 24.59
N SER AA 158 0.69 -33.60 25.89
CA SER AA 158 0.08 -34.82 26.40
C SER AA 158 -1.43 -34.83 26.17
N GLU AA 159 -1.95 -35.95 25.68
CA GLU AA 159 -3.37 -36.18 25.56
C GLU AA 159 -3.98 -36.57 26.91
N PRO AA 160 -5.31 -36.61 27.00
CA PRO AA 160 -5.97 -36.95 28.27
C PRO AA 160 -6.04 -38.45 28.55
N ALA AA 161 -5.17 -39.24 27.90
CA ALA AA 161 -5.36 -40.68 27.76
C ALA AA 161 -5.89 -41.36 29.02
N ALA AA 162 -5.15 -41.33 30.13
CA ALA AA 162 -5.62 -42.03 31.33
C ALA AA 162 -4.69 -41.86 32.53
N ALA BA 2 28.15 -23.78 7.97
CA ALA BA 2 28.61 -24.77 7.01
C ALA BA 2 27.99 -24.53 5.64
N VAL BA 3 27.92 -23.26 5.23
CA VAL BA 3 27.31 -22.93 3.95
C VAL BA 3 28.23 -23.28 2.79
N SER BA 4 27.93 -24.37 2.10
CA SER BA 4 28.75 -24.79 0.97
C SER BA 4 28.00 -24.58 -0.32
N LYS BA 5 27.36 -25.63 -0.79
CA LYS BA 5 26.58 -25.53 -2.02
C LYS BA 5 25.36 -24.67 -1.77
N ARG BA 6 25.26 -23.56 -2.48
CA ARG BA 6 24.12 -22.67 -2.32
C ARG BA 6 22.87 -23.28 -2.95
N PRO BA 7 21.67 -22.93 -2.47
CA PRO BA 7 20.45 -23.50 -3.05
C PRO BA 7 20.12 -22.92 -4.42
N PHE BA 8 19.16 -23.54 -5.12
CA PHE BA 8 18.74 -23.04 -6.41
C PHE BA 8 17.98 -21.74 -6.25
N SER BA 9 18.27 -20.78 -7.12
CA SER BA 9 17.47 -19.57 -7.18
C SER BA 9 16.26 -19.79 -8.08
N ILE BA 10 15.29 -18.88 -7.98
CA ILE BA 10 14.08 -19.01 -8.78
C ILE BA 10 14.39 -18.88 -10.28
N ASN BA 11 15.53 -18.30 -10.63
CA ASN BA 11 15.96 -18.17 -12.01
C ASN BA 11 16.91 -19.28 -12.44
N SER BA 12 17.02 -20.34 -11.64
CA SER BA 12 18.01 -21.39 -11.86
C SER BA 12 17.49 -22.52 -12.73
N PHE BA 13 16.54 -22.25 -13.62
CA PHE BA 13 15.97 -23.28 -14.48
C PHE BA 13 15.83 -22.77 -15.90
N ALA BA 14 16.02 -23.67 -16.85
CA ALA BA 14 15.84 -23.39 -18.27
C ALA BA 14 14.67 -24.24 -18.78
N VAL BA 15 13.73 -23.61 -19.46
CA VAL BA 15 12.48 -24.24 -19.86
C VAL BA 15 12.43 -24.35 -21.38
N ASN BA 16 12.13 -25.54 -21.88
CA ASN BA 16 12.01 -25.81 -23.30
C ASN BA 16 10.77 -26.65 -23.56
N LEU BA 17 10.34 -26.65 -24.82
CA LEU BA 17 9.12 -27.35 -25.22
C LEU BA 17 9.39 -28.27 -26.41
N ASN BA 18 8.62 -29.35 -26.47
CA ASN BA 18 8.51 -30.22 -27.65
C ASN BA 18 7.03 -30.29 -27.99
N ILE BA 19 6.66 -29.78 -29.15
CA ILE BA 19 5.27 -29.61 -29.54
C ILE BA 19 4.99 -30.62 -30.65
N GLY BA 20 4.39 -31.75 -30.27
CA GLY BA 20 4.21 -32.83 -31.24
C GLY BA 20 5.55 -33.33 -31.72
N ASN BA 21 5.69 -33.48 -33.03
CA ASN BA 21 6.95 -33.89 -33.64
C ASN BA 21 7.90 -32.71 -33.86
N PHE BA 22 7.56 -31.53 -33.35
CA PHE BA 22 8.35 -30.32 -33.55
C PHE BA 22 9.15 -30.04 -32.29
N VAL BA 23 10.44 -29.75 -32.46
CA VAL BA 23 11.32 -29.36 -31.36
C VAL BA 23 11.58 -27.87 -31.49
N ASP BA 24 11.06 -27.09 -30.54
CA ASP BA 24 11.18 -25.64 -30.57
C ASP BA 24 12.41 -25.23 -29.79
N ALA BA 25 13.22 -24.34 -30.39
CA ALA BA 25 14.44 -23.87 -29.77
C ALA BA 25 14.23 -22.65 -28.87
N ARG BA 26 13.00 -22.15 -28.77
CA ARG BA 26 12.74 -20.99 -27.93
C ARG BA 26 12.70 -21.38 -26.46
N TYR BA 27 13.11 -20.45 -25.61
CA TYR BA 27 13.13 -20.62 -24.18
C TYR BA 27 12.02 -19.81 -23.52
N TRP BA 28 11.60 -20.27 -22.35
CA TRP BA 28 10.54 -19.63 -21.59
C TRP BA 28 11.12 -19.09 -20.29
N SER BA 29 10.81 -17.83 -19.99
CA SER BA 29 11.39 -17.15 -18.83
C SER BA 29 10.53 -17.25 -17.58
N LYS BA 30 9.38 -17.91 -17.64
CA LYS BA 30 8.53 -18.04 -16.46
C LYS BA 30 7.75 -19.34 -16.53
N CYS BA 31 7.70 -20.04 -15.41
CA CYS BA 31 6.88 -21.24 -15.26
C CYS BA 31 6.29 -21.25 -13.86
N SER BA 32 5.07 -21.75 -13.73
CA SER BA 32 4.39 -21.79 -12.45
C SER BA 32 4.89 -23.00 -11.66
N LYS BA 33 4.24 -23.27 -10.53
CA LYS BA 33 4.71 -24.33 -9.63
C LYS BA 33 4.53 -25.70 -10.26
N ILE BA 34 5.53 -26.55 -10.08
CA ILE BA 34 5.48 -27.95 -10.52
C ILE BA 34 5.15 -28.79 -9.30
N GLU BA 35 4.08 -29.58 -9.39
CA GLU BA 35 3.50 -30.21 -8.20
C GLU BA 35 2.96 -31.58 -8.54
N LYS BA 36 2.81 -32.39 -7.49
CA LYS BA 36 2.03 -33.63 -7.54
C LYS BA 36 1.01 -33.54 -6.42
N THR BA 37 -0.27 -33.47 -6.78
CA THR BA 37 -1.35 -33.27 -5.83
C THR BA 37 -2.08 -34.58 -5.58
N TYR BA 38 -2.38 -34.85 -4.33
CA TYR BA 38 -3.19 -36.00 -3.92
C TYR BA 38 -4.56 -35.48 -3.50
N ASN BA 39 -5.59 -35.80 -4.28
CA ASN BA 39 -6.94 -35.51 -3.86
C ASN BA 39 -7.30 -36.43 -2.71
N THR BA 40 -7.88 -35.87 -1.66
CA THR BA 40 -7.99 -36.55 -0.38
C THR BA 40 -9.45 -36.82 -0.03
N GLY BA 41 -9.70 -38.01 0.52
CA GLY BA 41 -10.99 -38.33 1.10
C GLY BA 41 -10.86 -38.40 2.61
N GLU BA 42 -12.00 -38.43 3.29
CA GLU BA 42 -12.02 -38.46 4.75
C GLU BA 42 -12.61 -39.79 5.23
N TYR BA 43 -12.10 -40.27 6.36
CA TYR BA 43 -12.60 -41.52 6.91
C TYR BA 43 -12.33 -41.59 8.40
N SER BA 44 -12.83 -42.67 9.01
CA SER BA 44 -12.65 -42.96 10.43
C SER BA 44 -12.42 -44.45 10.60
N ASP BA 45 -11.69 -44.80 11.66
CA ASP BA 45 -11.50 -46.20 12.01
C ASP BA 45 -12.57 -46.72 12.96
N GLY BA 46 -13.48 -45.86 13.43
CA GLY BA 46 -14.50 -46.25 14.37
C GLY BA 46 -14.04 -46.34 15.80
N GLN BA 47 -12.73 -46.32 16.04
CA GLN BA 47 -12.18 -46.38 17.39
C GLN BA 47 -11.98 -45.01 18.00
N SER BA 48 -12.22 -43.95 17.24
CA SER BA 48 -12.00 -42.59 17.72
C SER BA 48 -12.79 -41.63 16.85
N ASN BA 49 -12.87 -40.38 17.30
CA ASN BA 49 -13.52 -39.32 16.54
C ASN BA 49 -12.52 -38.44 15.80
N ILE BA 50 -11.33 -38.98 15.50
CA ILE BA 50 -10.35 -38.25 14.71
C ILE BA 50 -10.61 -38.49 13.24
N ILE BA 51 -10.60 -37.42 12.46
CA ILE BA 51 -10.75 -37.51 11.01
C ILE BA 51 -9.42 -37.91 10.40
N TYR BA 52 -9.43 -38.95 9.58
CA TYR BA 52 -8.24 -39.39 8.86
C TYR BA 52 -8.37 -39.06 7.38
N THR BA 53 -7.24 -38.77 6.76
CA THR BA 53 -7.17 -38.38 5.36
C THR BA 53 -6.61 -39.54 4.54
N LEU BA 54 -7.33 -39.91 3.48
CA LEU BA 54 -6.94 -40.99 2.58
C LEU BA 54 -6.53 -40.38 1.25
N PRO BA 55 -5.26 -40.47 0.84
CA PRO BA 55 -4.87 -39.92 -0.46
C PRO BA 55 -5.41 -40.74 -1.63
N GLY BA 56 -5.51 -40.11 -2.79
CA GLY BA 56 -5.87 -40.81 -4.00
C GLY BA 56 -6.04 -39.82 -5.14
N ALA BA 57 -6.29 -40.38 -6.32
CA ALA BA 57 -6.60 -39.59 -7.51
C ALA BA 57 -5.54 -38.50 -7.74
N ILE BA 58 -4.32 -38.97 -7.99
CA ILE BA 58 -3.21 -38.06 -8.26
C ILE BA 58 -3.55 -37.19 -9.46
N LYS BA 59 -3.08 -35.94 -9.43
CA LYS BA 59 -3.16 -35.07 -10.59
C LYS BA 59 -2.01 -34.07 -10.50
N TYR BA 60 -1.40 -33.78 -11.64
CA TYR BA 60 -0.35 -32.77 -11.73
C TYR BA 60 -0.99 -31.47 -12.18
N PRO BA 61 -1.08 -30.45 -11.34
CA PRO BA 61 -1.90 -29.28 -11.68
C PRO BA 61 -1.37 -28.53 -12.89
N GLU BA 62 -2.23 -27.65 -13.41
CA GLU BA 62 -1.91 -26.90 -14.61
C GLU BA 62 -0.66 -26.05 -14.41
N VAL BA 63 0.17 -25.97 -15.45
CA VAL BA 63 1.42 -25.23 -15.43
C VAL BA 63 1.33 -24.13 -16.47
N VAL BA 64 1.59 -22.89 -16.06
CA VAL BA 64 1.49 -21.73 -16.94
C VAL BA 64 2.90 -21.26 -17.25
N LEU BA 65 3.28 -21.33 -18.53
CA LEU BA 65 4.55 -20.83 -19.01
C LEU BA 65 4.35 -19.44 -19.61
N SER BA 66 5.36 -18.59 -19.43
CA SER BA 66 5.32 -17.25 -20.02
C SER BA 66 6.69 -16.89 -20.56
N LYS BA 67 6.69 -16.04 -21.59
CA LYS BA 67 7.92 -15.53 -22.17
C LYS BA 67 7.60 -14.19 -22.82
N ALA BA 68 8.63 -13.56 -23.37
CA ALA BA 68 8.46 -12.27 -24.04
C ALA BA 68 8.02 -12.50 -25.48
N PHE BA 69 6.84 -11.95 -25.83
CA PHE BA 69 6.32 -12.07 -27.18
C PHE BA 69 7.24 -11.34 -28.15
N SER BA 70 7.91 -12.09 -29.01
CA SER BA 70 8.97 -11.55 -29.85
C SER BA 70 8.79 -12.11 -31.26
N PRO BA 71 9.35 -11.45 -32.27
CA PRO BA 71 9.32 -12.02 -33.62
C PRO BA 71 9.99 -13.37 -33.66
N GLY BA 72 9.48 -14.25 -34.52
CA GLY BA 72 9.85 -15.64 -34.50
C GLY BA 72 8.97 -16.49 -33.61
N ASP BA 73 7.99 -15.90 -32.94
CA ASP BA 73 7.02 -16.63 -32.14
C ASP BA 73 5.79 -17.04 -32.92
N GLU BA 74 5.70 -16.65 -34.20
CA GLU BA 74 4.52 -17.01 -34.99
C GLU BA 74 4.42 -18.51 -35.18
N GLU BA 75 5.54 -19.19 -35.44
CA GLU BA 75 5.50 -20.64 -35.58
C GLU BA 75 5.17 -21.30 -34.26
N LEU BA 76 5.69 -20.75 -33.15
CA LEU BA 76 5.33 -21.28 -31.83
C LEU BA 76 3.83 -21.17 -31.60
N ILE BA 77 3.25 -20.02 -31.94
CA ILE BA 77 1.80 -19.85 -31.81
C ILE BA 77 1.08 -20.89 -32.66
N ASN BA 78 1.46 -21.01 -33.93
CA ASN BA 78 0.76 -21.87 -34.86
C ASN BA 78 0.91 -23.34 -34.51
N ARG BA 79 1.97 -23.70 -33.78
CA ARG BA 79 2.11 -25.08 -33.31
C ARG BA 79 1.26 -25.31 -32.06
N LEU BA 80 1.26 -24.35 -31.13
CA LEU BA 80 0.49 -24.51 -29.91
C LEU BA 80 -1.01 -24.54 -30.20
N ILE BA 81 -1.46 -23.79 -31.22
CA ILE BA 81 -2.87 -23.86 -31.60
C ILE BA 81 -3.23 -25.26 -32.07
N ALA BA 82 -2.35 -25.88 -32.85
CA ALA BA 82 -2.66 -27.11 -33.56
C ALA BA 82 -2.32 -28.38 -32.78
N VAL BA 83 -1.66 -28.27 -31.63
CA VAL BA 83 -1.28 -29.50 -30.91
C VAL BA 83 -2.50 -30.35 -30.62
N ASN BA 84 -3.54 -29.74 -30.03
CA ASN BA 84 -4.70 -30.53 -29.60
C ASN BA 84 -5.47 -31.10 -30.78
N SER BA 85 -5.35 -30.51 -31.96
CA SER BA 85 -6.09 -31.00 -33.12
C SER BA 85 -5.72 -32.44 -33.43
N ASP BA 86 -4.48 -32.84 -33.14
CA ASP BA 86 -4.03 -34.21 -33.38
C ASP BA 86 -4.15 -35.01 -32.10
N PRO BA 87 -5.07 -36.03 -32.02
CA PRO BA 87 -5.13 -36.70 -30.70
C PRO BA 87 -3.85 -37.42 -30.27
N ILE BA 88 -2.87 -37.49 -31.17
CA ILE BA 88 -1.62 -38.18 -30.85
C ILE BA 88 -0.47 -37.20 -30.60
N ALA BA 89 -0.76 -35.91 -30.68
CA ALA BA 89 0.28 -34.92 -30.43
C ALA BA 89 0.27 -34.44 -29.00
N TRP BA 90 1.44 -34.43 -28.36
CA TRP BA 90 1.53 -34.02 -26.96
C TRP BA 90 2.61 -32.98 -26.76
N VAL BA 91 2.40 -32.07 -25.83
CA VAL BA 91 3.45 -31.12 -25.53
C VAL BA 91 4.34 -31.75 -24.46
N THR BA 92 5.65 -31.55 -24.57
CA THR BA 92 6.56 -32.08 -23.58
C THR BA 92 7.37 -30.92 -23.04
N VAL BA 93 7.41 -30.77 -21.73
CA VAL BA 93 8.09 -29.64 -21.10
C VAL BA 93 9.38 -30.15 -20.47
N PHE BA 94 10.50 -29.48 -20.78
CA PHE BA 94 11.80 -29.86 -20.23
C PHE BA 94 12.30 -28.70 -19.36
N ILE BA 95 12.53 -28.98 -18.09
CA ILE BA 95 13.08 -28.01 -17.15
C ILE BA 95 14.44 -28.51 -16.72
N GLN BA 96 15.48 -27.77 -17.07
CA GLN BA 96 16.86 -28.11 -16.71
C GLN BA 96 17.28 -27.22 -15.55
N PRO BA 97 17.49 -27.77 -14.35
CA PRO BA 97 18.09 -26.98 -13.27
C PRO BA 97 19.57 -26.71 -13.56
N MET BA 98 20.00 -25.49 -13.27
CA MET BA 98 21.33 -25.02 -13.60
C MET BA 98 21.65 -23.83 -12.73
N TYR BA 99 22.92 -23.69 -12.34
CA TYR BA 99 23.39 -22.52 -11.60
C TYR BA 99 23.85 -21.48 -12.62
N ARG BA 100 22.90 -20.64 -13.05
CA ARG BA 100 23.18 -19.66 -14.11
C ARG BA 100 23.67 -18.30 -13.67
N ASP BA 101 24.73 -17.80 -14.32
CA ASP BA 101 25.22 -16.47 -14.03
C ASP BA 101 25.48 -15.80 -15.37
N GLY BA 102 24.52 -15.05 -15.85
CA GLY BA 102 24.66 -14.46 -17.17
C GLY BA 102 24.31 -15.54 -18.16
N TYR BA 103 25.20 -15.82 -19.10
CA TYR BA 103 24.96 -16.91 -20.04
C TYR BA 103 25.74 -18.14 -19.62
N TYR BA 104 26.47 -18.02 -18.51
CA TYR BA 104 27.25 -19.14 -18.01
C TYR BA 104 26.38 -20.09 -17.20
N ASN BA 105 26.07 -21.26 -17.76
CA ASN BA 105 25.24 -22.22 -17.06
C ASN BA 105 26.13 -23.31 -16.45
N VAL BA 106 25.65 -23.87 -15.35
CA VAL BA 106 26.30 -25.02 -14.73
C VAL BA 106 25.24 -26.09 -14.51
N PRO BA 107 24.77 -26.76 -15.56
CA PRO BA 107 23.76 -27.80 -15.36
C PRO BA 107 24.29 -28.93 -14.49
N GLN BA 108 23.43 -29.41 -13.59
CA GLN BA 108 23.72 -30.60 -12.80
C GLN BA 108 22.43 -31.38 -12.64
N GLY BA 109 22.53 -32.70 -12.75
CA GLY BA 109 21.37 -33.56 -12.73
C GLY BA 109 20.65 -33.56 -14.06
N GLY BA 110 19.68 -34.44 -14.17
CA GLY BA 110 18.89 -34.54 -15.38
C GLY BA 110 17.93 -33.38 -15.52
N LYS BA 111 17.04 -33.50 -16.48
CA LYS BA 111 16.03 -32.49 -16.77
C LYS BA 111 14.67 -33.06 -16.38
N ILE BA 112 13.93 -32.32 -15.56
CA ILE BA 112 12.58 -32.73 -15.21
C ILE BA 112 11.68 -32.57 -16.43
N ILE BA 113 11.02 -33.65 -16.80
CA ILE BA 113 10.22 -33.70 -18.02
C ILE BA 113 8.76 -33.88 -17.63
N LEU BA 114 7.92 -32.92 -18.00
CA LEU BA 114 6.48 -33.06 -17.95
C LEU BA 114 6.02 -33.66 -19.27
N GLU BA 115 5.48 -34.87 -19.21
CA GLU BA 115 5.13 -35.63 -20.41
C GLU BA 115 3.63 -35.58 -20.66
N PHE BA 116 3.27 -35.76 -21.93
CA PHE BA 116 1.88 -35.90 -22.34
C PHE BA 116 1.03 -34.75 -21.80
N CYS BA 117 1.45 -33.53 -22.13
CA CYS BA 117 0.75 -32.32 -21.72
C CYS BA 117 -0.16 -31.85 -22.84
N THR BA 118 -1.35 -31.40 -22.46
CA THR BA 118 -2.31 -30.84 -23.41
C THR BA 118 -2.41 -29.33 -23.21
N VAL BA 119 -2.64 -28.61 -24.29
CA VAL BA 119 -2.79 -27.16 -24.23
C VAL BA 119 -4.19 -26.82 -23.76
N ALA BA 120 -4.29 -26.02 -22.70
CA ALA BA 120 -5.57 -25.56 -22.19
C ALA BA 120 -5.84 -24.09 -22.50
N ARG BA 121 -4.80 -23.33 -22.89
CA ARG BA 121 -4.95 -21.90 -23.09
C ARG BA 121 -3.68 -21.38 -23.76
N ALA BA 122 -3.86 -20.52 -24.76
CA ALA BA 122 -2.73 -19.88 -25.44
C ALA BA 122 -3.05 -18.40 -25.60
N THR BA 123 -2.20 -17.55 -25.03
CA THR BA 123 -2.42 -16.11 -24.98
C THR BA 123 -1.20 -15.42 -25.56
N PRO BA 124 -1.17 -15.19 -26.88
CA PRO BA 124 -0.01 -14.48 -27.45
C PRO BA 124 0.21 -13.10 -26.85
N ILE BA 125 -0.86 -12.39 -26.51
CA ILE BA 125 -0.78 -11.02 -26.02
C ILE BA 125 -1.50 -10.96 -24.69
N ASN BA 126 -0.77 -10.65 -23.62
CA ASN BA 126 -1.39 -10.51 -22.30
C ASN BA 126 -2.35 -9.33 -22.27
N GLU BA 127 -1.96 -8.22 -22.88
CA GLU BA 127 -2.80 -7.03 -22.93
C GLU BA 127 -2.19 -6.06 -23.93
N ILE BA 128 -2.94 -5.00 -24.24
CA ILE BA 128 -2.48 -3.92 -25.11
C ILE BA 128 -2.73 -2.60 -24.40
N ASP BA 129 -1.72 -1.74 -24.37
CA ASP BA 129 -1.86 -0.40 -23.79
C ASP BA 129 -0.93 0.51 -24.59
N THR BA 130 -1.52 1.37 -25.43
CA THR BA 130 -0.72 2.16 -26.35
C THR BA 130 0.27 3.06 -25.61
N ILE BA 131 -0.02 3.41 -24.36
CA ILE BA 131 0.96 4.13 -23.55
C ILE BA 131 1.56 3.25 -22.46
N GLY BA 132 1.36 1.94 -22.52
CA GLY BA 132 2.03 1.06 -21.61
C GLY BA 132 3.49 0.86 -21.97
N SER BA 133 4.26 0.36 -21.01
CA SER BA 133 5.69 0.16 -21.19
C SER BA 133 6.14 -1.27 -20.89
N ASN BA 134 5.28 -2.10 -20.31
CA ASN BA 134 5.65 -3.48 -20.06
C ASN BA 134 5.87 -4.23 -21.36
N ALA BA 135 6.68 -5.28 -21.29
CA ALA BA 135 6.89 -6.15 -22.44
C ALA BA 135 5.70 -7.08 -22.60
N ALA BA 136 5.20 -7.19 -23.83
CA ALA BA 136 4.11 -8.12 -24.10
C ALA BA 136 4.54 -9.54 -23.78
N MET BA 137 3.66 -10.29 -23.12
CA MET BA 137 4.01 -11.60 -22.60
C MET BA 137 3.17 -12.67 -23.29
N PHE BA 138 3.84 -13.58 -23.99
CA PHE BA 138 3.24 -14.82 -24.45
C PHE BA 138 3.00 -15.72 -23.25
N GLU BA 139 1.77 -16.25 -23.12
CA GLU BA 139 1.45 -17.21 -22.07
C GLU BA 139 0.87 -18.47 -22.69
N CYS BA 140 1.09 -19.60 -22.01
CA CYS BA 140 0.57 -20.88 -22.48
C CYS BA 140 0.37 -21.79 -21.28
N ALA BA 141 -0.85 -22.30 -21.13
CA ALA BA 141 -1.20 -23.17 -20.01
C ALA BA 141 -1.24 -24.62 -20.48
N LEU BA 142 -0.57 -25.49 -19.75
CA LEU BA 142 -0.46 -26.90 -20.08
C LEU BA 142 -0.98 -27.75 -18.93
N ASN BA 143 -1.72 -28.80 -19.29
CA ASN BA 143 -2.18 -29.81 -18.34
C ASN BA 143 -1.27 -31.02 -18.53
N PRO BA 144 -0.32 -31.25 -17.62
CA PRO BA 144 0.55 -32.43 -17.77
C PRO BA 144 -0.11 -33.68 -17.21
N SER BA 145 0.46 -34.84 -17.59
CA SER BA 145 -0.06 -36.13 -17.16
C SER BA 145 0.98 -36.99 -16.44
N ARG BA 146 2.23 -36.57 -16.40
CA ARG BA 146 3.27 -37.35 -15.74
C ARG BA 146 4.55 -36.51 -15.66
N ILE BA 147 5.34 -36.78 -14.64
CA ILE BA 147 6.62 -36.10 -14.44
C ILE BA 147 7.71 -37.17 -14.29
N ARG BA 148 8.81 -37.00 -15.01
CA ARG BA 148 9.93 -37.93 -14.95
C ARG BA 148 11.22 -37.12 -15.03
N SER BA 149 12.35 -37.83 -15.09
CA SER BA 149 13.63 -37.21 -15.38
C SER BA 149 14.64 -38.28 -15.75
N ASP BA 150 15.26 -38.16 -16.93
CA ASP BA 150 16.19 -39.18 -17.39
C ASP BA 150 17.52 -38.72 -18.00
N GLY BA 151 17.79 -37.42 -18.09
CA GLY BA 151 19.10 -36.95 -18.43
C GLY BA 151 19.99 -36.87 -17.20
N GLY BA 152 21.16 -36.28 -17.40
CA GLY BA 152 22.05 -35.97 -16.29
C GLY BA 152 22.29 -37.16 -15.38
N ASN BA 153 22.55 -36.86 -14.10
CA ASN BA 153 22.95 -37.88 -13.15
C ASN BA 153 22.29 -37.75 -11.78
N ILE BA 154 21.11 -37.12 -11.68
CA ILE BA 154 20.47 -36.92 -10.39
C ILE BA 154 19.09 -37.56 -10.31
N ASN BA 155 18.40 -37.72 -11.44
CA ASN BA 155 17.05 -38.28 -11.49
C ASN BA 155 16.13 -37.67 -10.42
N TRP BA 156 15.87 -36.38 -10.62
CA TRP BA 156 15.13 -35.58 -9.64
C TRP BA 156 13.81 -36.24 -9.26
N TRP BA 157 13.13 -36.87 -10.22
CA TRP BA 157 11.76 -37.36 -10.02
C TRP BA 157 11.70 -38.81 -10.47
N SER BA 158 11.34 -39.71 -9.54
CA SER BA 158 11.25 -41.14 -9.83
C SER BA 158 10.00 -41.70 -9.17
N GLU BA 159 9.24 -42.49 -9.93
CA GLU BA 159 7.98 -42.99 -9.40
C GLU BA 159 8.22 -44.36 -8.83
N PRO BA 160 7.51 -44.71 -7.71
CA PRO BA 160 7.73 -46.10 -7.29
C PRO BA 160 7.30 -46.97 -8.44
N ALA BA 161 8.13 -47.92 -8.82
CA ALA BA 161 7.82 -48.75 -9.95
C ALA BA 161 8.30 -50.12 -9.57
N ALA BA 162 8.34 -50.39 -8.27
CA ALA BA 162 8.84 -51.66 -7.77
C ALA BA 162 10.15 -51.96 -8.43
N VAL CA 3 20.24 -11.23 -28.11
CA VAL CA 3 19.13 -10.73 -28.90
C VAL CA 3 19.66 -9.79 -29.98
N SER CA 4 19.29 -10.09 -31.23
CA SER CA 4 19.44 -9.13 -32.31
C SER CA 4 18.20 -8.27 -32.49
N LYS CA 5 17.05 -8.73 -31.99
CA LYS CA 5 15.78 -8.06 -32.27
C LYS CA 5 14.99 -7.98 -30.96
N ARG CA 6 14.62 -6.76 -30.57
CA ARG CA 6 13.91 -6.57 -29.33
C ARG CA 6 12.48 -7.11 -29.44
N PRO CA 7 11.89 -7.57 -28.34
CA PRO CA 7 10.54 -8.10 -28.38
C PRO CA 7 9.49 -7.00 -28.45
N PHE CA 8 8.27 -7.41 -28.76
CA PHE CA 8 7.16 -6.47 -28.86
C PHE CA 8 6.83 -5.88 -27.48
N SER CA 9 6.52 -4.59 -27.46
CA SER CA 9 6.06 -3.93 -26.26
C SER CA 9 4.53 -4.03 -26.17
N ILE CA 10 3.99 -3.67 -25.00
CA ILE CA 10 2.55 -3.70 -24.82
C ILE CA 10 1.87 -2.62 -25.66
N ASN CA 11 2.60 -1.59 -26.06
CA ASN CA 11 2.08 -0.52 -26.90
C ASN CA 11 2.34 -0.78 -28.38
N SER CA 12 2.79 -1.98 -28.74
CA SER CA 12 3.26 -2.27 -30.08
C SER CA 12 2.17 -2.78 -31.00
N PHE CA 13 0.92 -2.40 -30.78
CA PHE CA 13 -0.18 -2.86 -31.62
C PHE CA 13 -1.11 -1.70 -31.94
N ALA CA 14 -1.66 -1.73 -33.15
CA ALA CA 14 -2.67 -0.78 -33.58
C ALA CA 14 -3.98 -1.52 -33.79
N VAL CA 15 -5.05 -1.02 -33.20
CA VAL CA 15 -6.34 -1.71 -33.16
C VAL CA 15 -7.37 -0.89 -33.93
N ASN CA 16 -8.08 -1.57 -34.84
CA ASN CA 16 -9.12 -0.95 -35.65
C ASN CA 16 -10.33 -1.87 -35.70
N LEU CA 17 -11.46 -1.31 -36.13
CA LEU CA 17 -12.72 -2.04 -36.15
C LEU CA 17 -13.42 -1.91 -37.50
N ASN CA 18 -14.17 -2.96 -37.84
CA ASN CA 18 -15.16 -2.94 -38.91
C ASN CA 18 -16.51 -3.28 -38.27
N ILE CA 19 -17.52 -2.47 -38.55
CA ILE CA 19 -18.82 -2.58 -37.92
C ILE CA 19 -19.84 -2.75 -39.03
N GLY CA 20 -20.22 -3.99 -39.31
CA GLY CA 20 -21.06 -4.26 -40.45
C GLY CA 20 -20.33 -3.84 -41.72
N ASN CA 21 -21.02 -3.04 -42.54
CA ASN CA 21 -20.42 -2.48 -43.75
C ASN CA 21 -19.77 -1.12 -43.53
N PHE CA 22 -19.45 -0.79 -42.28
CA PHE CA 22 -18.77 0.45 -41.94
C PHE CA 22 -17.32 0.17 -41.59
N VAL CA 23 -16.41 0.90 -42.23
CA VAL CA 23 -14.99 0.80 -41.94
C VAL CA 23 -14.61 1.99 -41.08
N ASP CA 24 -14.61 1.80 -39.76
CA ASP CA 24 -14.34 2.91 -38.85
C ASP CA 24 -12.87 3.30 -38.90
N ALA CA 25 -12.62 4.61 -38.93
CA ALA CA 25 -11.28 5.16 -39.02
C ALA CA 25 -10.66 5.46 -37.66
N ARG CA 26 -11.35 5.13 -36.58
CA ARG CA 26 -10.87 5.45 -35.23
C ARG CA 26 -10.02 4.31 -34.69
N TYR CA 27 -9.00 4.69 -33.92
CA TYR CA 27 -8.08 3.74 -33.31
C TYR CA 27 -8.45 3.55 -31.84
N TRP CA 28 -8.04 2.42 -31.27
CA TRP CA 28 -8.34 2.07 -29.89
C TRP CA 28 -7.06 1.98 -29.09
N SER CA 29 -7.08 2.54 -27.88
CA SER CA 29 -5.87 2.65 -27.08
C SER CA 29 -5.58 1.39 -26.28
N LYS CA 30 -6.59 0.59 -25.98
CA LYS CA 30 -6.40 -0.59 -25.13
C LYS CA 30 -7.19 -1.76 -25.68
N CYS CA 31 -6.68 -2.96 -25.42
CA CYS CA 31 -7.35 -4.20 -25.75
C CYS CA 31 -6.96 -5.24 -24.72
N SER CA 32 -7.87 -6.18 -24.47
CA SER CA 32 -7.61 -7.23 -23.51
C SER CA 32 -6.79 -8.35 -24.14
N LYS CA 33 -6.55 -9.41 -23.38
CA LYS CA 33 -5.76 -10.52 -23.87
C LYS CA 33 -6.44 -11.21 -25.05
N ILE CA 34 -5.63 -11.58 -26.04
CA ILE CA 34 -6.08 -12.38 -27.17
C ILE CA 34 -5.79 -13.84 -26.83
N GLU CA 35 -6.83 -14.67 -26.79
CA GLU CA 35 -6.71 -16.00 -26.22
C GLU CA 35 -7.50 -17.01 -27.05
N LYS CA 36 -7.04 -18.26 -26.98
CA LYS CA 36 -7.78 -19.42 -27.50
C LYS CA 36 -7.88 -20.40 -26.34
N THR CA 37 -9.07 -20.57 -25.78
CA THR CA 37 -9.27 -21.39 -24.60
C THR CA 37 -9.84 -22.75 -24.98
N TYR CA 38 -9.30 -23.78 -24.36
CA TYR CA 38 -9.78 -25.16 -24.52
C TYR CA 38 -10.48 -25.54 -23.22
N ASN CA 39 -11.81 -25.64 -23.26
CA ASN CA 39 -12.53 -26.16 -22.10
C ASN CA 39 -12.18 -27.63 -21.92
N THR CA 40 -11.89 -28.02 -20.69
CA THR CA 40 -11.26 -29.30 -20.41
C THR CA 40 -12.18 -30.20 -19.61
N GLY CA 41 -12.25 -31.46 -20.03
CA GLY CA 41 -12.90 -32.48 -19.25
C GLY CA 41 -11.86 -33.36 -18.58
N GLU CA 42 -12.34 -34.24 -17.72
CA GLU CA 42 -11.45 -35.11 -16.94
C GLU CA 42 -11.78 -36.57 -17.22
N TYR CA 43 -10.74 -37.40 -17.26
CA TYR CA 43 -10.94 -38.82 -17.52
C TYR CA 43 -9.79 -39.62 -16.93
N SER CA 44 -9.88 -40.94 -17.10
CA SER CA 44 -8.88 -41.88 -16.63
C SER CA 44 -8.80 -43.05 -17.60
N ASP CA 45 -7.61 -43.63 -17.74
CA ASP CA 45 -7.43 -44.79 -18.60
C ASP CA 45 -7.78 -46.09 -17.90
N GLY CA 46 -8.02 -46.07 -16.60
CA GLY CA 46 -8.40 -47.26 -15.86
C GLY CA 46 -7.24 -48.06 -15.31
N GLN CA 47 -6.02 -47.83 -15.79
CA GLN CA 47 -4.83 -48.53 -15.31
C GLN CA 47 -3.98 -47.66 -14.40
N SER CA 48 -4.47 -46.49 -14.02
CA SER CA 48 -3.78 -45.63 -13.07
C SER CA 48 -4.80 -44.66 -12.49
N ASN CA 49 -4.52 -44.17 -11.29
CA ASN CA 49 -5.36 -43.18 -10.64
C ASN CA 49 -4.96 -41.75 -11.02
N ILE CA 50 -4.12 -41.59 -12.04
CA ILE CA 50 -3.79 -40.27 -12.54
C ILE CA 50 -4.97 -39.70 -13.30
N ILE CA 51 -5.28 -38.43 -13.04
CA ILE CA 51 -6.36 -37.73 -13.72
C ILE CA 51 -5.82 -37.13 -15.00
N TYR CA 52 -6.45 -37.43 -16.13
CA TYR CA 52 -6.05 -36.89 -17.42
C TYR CA 52 -7.06 -35.84 -17.87
N THR CA 53 -6.55 -34.87 -18.63
CA THR CA 53 -7.34 -33.74 -19.11
C THR CA 53 -7.58 -33.89 -20.61
N LEU CA 54 -8.84 -33.76 -21.01
CA LEU CA 54 -9.25 -33.87 -22.40
C LEU CA 54 -9.65 -32.49 -22.92
N PRO CA 55 -8.94 -31.91 -23.88
CA PRO CA 55 -9.38 -30.63 -24.44
C PRO CA 55 -10.64 -30.77 -25.27
N GLY CA 56 -11.37 -29.66 -25.38
CA GLY CA 56 -12.55 -29.63 -26.25
C GLY CA 56 -13.27 -28.32 -26.06
N ALA CA 57 -14.26 -28.10 -26.92
CA ALA CA 57 -15.14 -26.94 -26.83
C ALA CA 57 -14.33 -25.64 -26.82
N ILE CA 58 -13.64 -25.42 -27.93
CA ILE CA 58 -12.82 -24.21 -28.07
C ILE CA 58 -13.70 -22.99 -27.84
N LYS CA 59 -13.08 -21.95 -27.29
CA LYS CA 59 -13.76 -20.67 -27.08
C LYS CA 59 -12.73 -19.56 -27.06
N TYR CA 60 -13.04 -18.48 -27.78
CA TYR CA 60 -12.19 -17.29 -27.77
C TYR CA 60 -12.80 -16.30 -26.78
N PRO CA 61 -12.18 -16.07 -25.62
CA PRO CA 61 -12.87 -15.31 -24.57
C PRO CA 61 -13.13 -13.87 -24.97
N GLU CA 62 -13.99 -13.23 -24.19
CA GLU CA 62 -14.42 -11.86 -24.48
C GLU CA 62 -13.23 -10.91 -24.50
N VAL CA 63 -13.27 -9.95 -25.41
CA VAL CA 63 -12.21 -8.97 -25.61
C VAL CA 63 -12.78 -7.59 -25.32
N VAL CA 64 -12.12 -6.83 -24.46
CA VAL CA 64 -12.58 -5.52 -24.03
C VAL CA 64 -11.64 -4.48 -24.64
N LEU CA 65 -12.15 -3.68 -25.57
CA LEU CA 65 -11.43 -2.57 -26.16
C LEU CA 65 -11.77 -1.30 -25.41
N SER CA 66 -10.79 -0.41 -25.29
CA SER CA 66 -10.98 0.86 -24.61
C SER CA 66 -10.24 1.96 -25.38
N LYS CA 67 -10.80 3.16 -25.35
CA LYS CA 67 -10.15 4.32 -25.97
C LYS CA 67 -10.65 5.57 -25.24
N ALA CA 68 -10.13 6.72 -25.65
CA ALA CA 68 -10.52 7.99 -25.06
C ALA CA 68 -11.79 8.50 -25.73
N PHE CA 69 -12.82 8.78 -24.93
CA PHE CA 69 -14.09 9.27 -25.44
C PHE CA 69 -13.92 10.70 -25.94
N SER CA 70 -13.92 10.87 -27.25
CA SER CA 70 -13.64 12.16 -27.87
C SER CA 70 -14.72 12.47 -28.88
N PRO CA 71 -14.91 13.75 -29.22
CA PRO CA 71 -15.88 14.09 -30.27
C PRO CA 71 -15.52 13.41 -31.58
N GLY CA 72 -16.56 13.10 -32.36
CA GLY CA 72 -16.42 12.22 -33.49
C GLY CA 72 -16.64 10.77 -33.17
N ASP CA 73 -16.86 10.44 -31.90
CA ASP CA 73 -17.20 9.09 -31.49
C ASP CA 73 -18.69 8.80 -31.56
N GLU CA 74 -19.49 9.78 -31.99
CA GLU CA 74 -20.94 9.57 -32.03
C GLU CA 74 -21.31 8.52 -33.08
N GLU CA 75 -20.66 8.56 -34.25
CA GLU CA 75 -20.97 7.55 -35.26
C GLU CA 75 -20.55 6.18 -34.77
N LEU CA 76 -19.41 6.09 -34.09
CA LEU CA 76 -18.96 4.81 -33.55
C LEU CA 76 -19.93 4.27 -32.53
N ILE CA 77 -20.41 5.13 -31.62
CA ILE CA 77 -21.38 4.70 -30.62
C ILE CA 77 -22.65 4.20 -31.30
N ASN CA 78 -23.16 4.97 -32.28
CA ASN CA 78 -24.42 4.60 -32.90
C ASN CA 78 -24.29 3.35 -33.75
N ARG CA 79 -23.09 3.09 -34.29
CA ARG CA 79 -22.87 1.85 -35.03
C ARG CA 79 -22.78 0.66 -34.10
N LEU CA 80 -22.07 0.81 -32.98
CA LEU CA 80 -21.93 -0.28 -32.02
C LEU CA 80 -23.27 -0.63 -31.38
N ILE CA 81 -24.11 0.38 -31.13
CA ILE CA 81 -25.43 0.11 -30.56
C ILE CA 81 -26.27 -0.72 -31.51
N ALA CA 82 -26.04 -0.60 -32.82
CA ALA CA 82 -26.92 -1.16 -33.83
C ALA CA 82 -26.38 -2.45 -34.45
N VAL CA 83 -25.12 -2.81 -34.22
CA VAL CA 83 -24.57 -3.98 -34.91
C VAL CA 83 -25.43 -5.21 -34.65
N ASN CA 84 -25.75 -5.48 -33.39
CA ASN CA 84 -26.45 -6.72 -33.06
C ASN CA 84 -27.87 -6.76 -33.61
N SER CA 85 -28.45 -5.60 -33.94
CA SER CA 85 -29.82 -5.59 -34.45
C SER CA 85 -29.93 -6.31 -35.78
N ASP CA 86 -28.84 -6.34 -36.56
CA ASP CA 86 -28.85 -7.00 -37.86
C ASP CA 86 -28.21 -8.37 -37.72
N PRO CA 87 -28.94 -9.47 -37.92
CA PRO CA 87 -28.31 -10.79 -37.78
C PRO CA 87 -27.21 -11.04 -38.80
N ILE CA 88 -27.18 -10.29 -39.89
CA ILE CA 88 -26.08 -10.41 -40.85
C ILE CA 88 -24.85 -9.65 -40.38
N ALA CA 89 -25.04 -8.58 -39.62
CA ALA CA 89 -23.93 -7.70 -39.25
C ALA CA 89 -23.02 -8.36 -38.24
N TRP CA 90 -21.72 -8.09 -38.38
CA TRP CA 90 -20.70 -8.58 -37.46
C TRP CA 90 -19.70 -7.46 -37.19
N VAL CA 91 -18.95 -7.63 -36.11
CA VAL CA 91 -17.84 -6.74 -35.76
C VAL CA 91 -16.55 -7.49 -35.98
N THR CA 92 -15.62 -6.87 -36.71
CA THR CA 92 -14.31 -7.44 -37.00
C THR CA 92 -13.25 -6.56 -36.36
N VAL CA 93 -12.31 -7.19 -35.66
CA VAL CA 93 -11.23 -6.48 -34.96
C VAL CA 93 -9.94 -6.74 -35.71
N PHE CA 94 -9.18 -5.68 -36.01
CA PHE CA 94 -7.92 -5.78 -36.72
C PHE CA 94 -6.81 -5.28 -35.80
N ILE CA 95 -5.80 -6.12 -35.58
CA ILE CA 95 -4.65 -5.77 -34.75
C ILE CA 95 -3.41 -5.88 -35.61
N GLN CA 96 -2.72 -4.75 -35.80
CA GLN CA 96 -1.47 -4.74 -36.56
C GLN CA 96 -0.31 -4.58 -35.59
N PRO CA 97 0.54 -5.58 -35.40
CA PRO CA 97 1.75 -5.37 -34.60
C PRO CA 97 2.76 -4.50 -35.35
N MET CA 98 3.40 -3.61 -34.60
CA MET CA 98 4.35 -2.64 -35.13
C MET CA 98 5.39 -2.35 -34.06
N TYR CA 99 6.43 -1.61 -34.44
CA TYR CA 99 7.42 -1.17 -33.46
C TYR CA 99 7.36 0.32 -33.52
N ARG CA 100 6.28 0.89 -33.00
CA ARG CA 100 6.10 2.33 -33.11
C ARG CA 100 6.92 3.19 -32.17
N ASP CA 101 7.58 4.20 -32.72
CA ASP CA 101 8.31 5.14 -31.88
C ASP CA 101 7.63 6.46 -32.09
N GLY CA 102 6.45 6.61 -31.50
CA GLY CA 102 5.69 7.83 -31.68
C GLY CA 102 4.68 7.66 -32.79
N TYR CA 103 4.69 8.57 -33.76
CA TYR CA 103 3.86 8.42 -34.94
C TYR CA 103 4.55 7.67 -36.06
N TYR CA 104 5.84 7.34 -35.89
CA TYR CA 104 6.58 6.53 -36.85
C TYR CA 104 6.35 5.06 -36.51
N ASN CA 105 5.68 4.34 -37.40
CA ASN CA 105 5.42 2.93 -37.19
C ASN CA 105 6.31 2.08 -38.09
N VAL CA 106 6.60 0.87 -37.64
CA VAL CA 106 7.33 -0.11 -38.44
C VAL CA 106 6.52 -1.41 -38.45
N PRO CA 107 5.43 -1.48 -39.20
CA PRO CA 107 4.67 -2.75 -39.27
C PRO CA 107 5.51 -3.85 -39.88
N GLN CA 108 5.35 -5.06 -39.34
CA GLN CA 108 5.97 -6.26 -39.90
C GLN CA 108 5.04 -7.43 -39.66
N GLY CA 109 4.86 -8.25 -40.68
CA GLY CA 109 3.90 -9.34 -40.61
C GLY CA 109 2.50 -8.86 -40.94
N GLY CA 110 1.59 -9.82 -40.99
CA GLY CA 110 0.20 -9.52 -41.24
C GLY CA 110 -0.50 -9.01 -40.01
N LYS CA 111 -1.79 -8.74 -40.16
CA LYS CA 111 -2.63 -8.28 -39.08
C LYS CA 111 -3.48 -9.44 -38.57
N ILE CA 112 -3.57 -9.54 -37.24
CA ILE CA 112 -4.42 -10.54 -36.60
C ILE CA 112 -5.85 -10.05 -36.62
N ILE CA 113 -6.75 -10.86 -37.16
CA ILE CA 113 -8.14 -10.47 -37.39
C ILE CA 113 -9.02 -11.36 -36.54
N LEU CA 114 -9.76 -10.74 -35.63
CA LEU CA 114 -10.84 -11.40 -34.90
C LEU CA 114 -12.11 -11.22 -35.71
N GLU CA 115 -12.60 -12.32 -36.29
CA GLU CA 115 -13.75 -12.29 -37.18
C GLU CA 115 -15.00 -12.78 -36.48
N PHE CA 116 -16.14 -12.22 -36.90
CA PHE CA 116 -17.45 -12.61 -36.42
C PHE CA 116 -17.55 -12.38 -34.90
N CYS CA 117 -17.48 -11.11 -34.53
CA CYS CA 117 -17.59 -10.70 -33.14
C CYS CA 117 -18.94 -10.03 -32.90
N THR CA 118 -19.56 -10.37 -31.78
CA THR CA 118 -20.83 -9.77 -31.38
C THR CA 118 -20.60 -8.83 -30.21
N VAL CA 119 -21.37 -7.74 -30.17
CA VAL CA 119 -21.23 -6.77 -29.10
C VAL CA 119 -21.96 -7.27 -27.87
N ALA CA 120 -21.26 -7.29 -26.73
CA ALA CA 120 -21.84 -7.68 -25.46
C ALA CA 120 -21.94 -6.53 -24.48
N ARG CA 121 -21.33 -5.38 -24.77
CA ARG CA 121 -21.28 -4.26 -23.85
C ARG CA 121 -20.76 -3.04 -24.60
N ALA CA 122 -21.42 -1.90 -24.39
CA ALA CA 122 -20.98 -0.63 -24.96
C ALA CA 122 -21.11 0.44 -23.90
N THR CA 123 -19.99 0.97 -23.43
CA THR CA 123 -19.93 1.93 -22.33
C THR CA 123 -19.31 3.21 -22.86
N PRO CA 124 -20.13 4.15 -23.36
CA PRO CA 124 -19.55 5.42 -23.81
C PRO CA 124 -18.81 6.18 -22.73
N ILE CA 125 -19.29 6.10 -21.49
CA ILE CA 125 -18.74 6.87 -20.38
C ILE CA 125 -18.45 5.89 -19.25
N ASN CA 126 -17.15 5.69 -18.95
CA ASN CA 126 -16.78 4.78 -17.88
C ASN CA 126 -17.26 5.29 -16.53
N GLU CA 127 -17.19 6.59 -16.31
CA GLU CA 127 -17.54 7.19 -15.02
C GLU CA 127 -17.60 8.70 -15.19
N ILE CA 128 -18.26 9.35 -14.24
CA ILE CA 128 -18.36 10.80 -14.19
C ILE CA 128 -18.01 11.27 -12.79
N ASP CA 129 -17.15 12.28 -12.71
CA ASP CA 129 -16.80 12.91 -11.43
C ASP CA 129 -16.34 14.32 -11.73
N THR CA 130 -17.15 15.31 -11.32
CA THR CA 130 -16.83 16.69 -11.63
C THR CA 130 -15.50 17.13 -11.03
N ILE CA 131 -14.90 16.30 -10.17
CA ILE CA 131 -13.59 16.60 -9.60
C ILE CA 131 -12.50 15.70 -10.19
N GLY CA 132 -12.86 14.60 -10.84
CA GLY CA 132 -11.85 13.73 -11.41
C GLY CA 132 -11.14 14.37 -12.58
N SER CA 133 -9.96 13.83 -12.88
CA SER CA 133 -9.12 14.35 -13.94
C SER CA 133 -8.77 13.31 -15.00
N ASN CA 134 -9.13 12.06 -14.80
CA ASN CA 134 -8.90 11.04 -15.82
C ASN CA 134 -9.73 11.35 -17.06
N ALA CA 135 -9.18 10.98 -18.21
CA ALA CA 135 -9.91 11.08 -19.46
C ALA CA 135 -11.05 10.07 -19.46
N ALA CA 136 -12.23 10.50 -19.90
CA ALA CA 136 -13.35 9.58 -20.03
C ALA CA 136 -12.99 8.50 -21.03
N MET CA 137 -13.33 7.25 -20.70
CA MET CA 137 -12.96 6.11 -21.52
C MET CA 137 -14.20 5.48 -22.11
N PHE CA 138 -14.18 5.31 -23.44
CA PHE CA 138 -15.20 4.58 -24.17
C PHE CA 138 -14.75 3.13 -24.29
N GLU CA 139 -15.59 2.22 -23.80
CA GLU CA 139 -15.26 0.80 -23.76
C GLU CA 139 -16.27 0.00 -24.57
N CYS CA 140 -15.79 -1.11 -25.13
CA CYS CA 140 -16.65 -2.01 -25.90
C CYS CA 140 -16.21 -3.45 -25.66
N ALA CA 141 -17.16 -4.32 -25.37
CA ALA CA 141 -16.90 -5.74 -25.15
C ALA CA 141 -17.37 -6.52 -26.36
N LEU CA 142 -16.49 -7.38 -26.88
CA LEU CA 142 -16.77 -8.15 -28.08
C LEU CA 142 -16.56 -9.63 -27.78
N ASN CA 143 -17.47 -10.45 -28.31
CA ASN CA 143 -17.36 -11.91 -28.24
C ASN CA 143 -16.97 -12.37 -29.64
N PRO CA 144 -15.69 -12.70 -29.85
CA PRO CA 144 -15.28 -13.15 -31.19
C PRO CA 144 -15.58 -14.62 -31.40
N SER CA 145 -15.74 -14.98 -32.68
CA SER CA 145 -15.96 -16.37 -33.05
C SER CA 145 -14.78 -17.00 -33.77
N ARG CA 146 -13.91 -16.21 -34.39
CA ARG CA 146 -12.75 -16.81 -35.06
C ARG CA 146 -11.58 -15.84 -35.04
N ILE CA 147 -10.38 -16.40 -35.24
CA ILE CA 147 -9.15 -15.62 -35.37
C ILE CA 147 -8.37 -16.14 -36.56
N ARG CA 148 -7.94 -15.23 -37.43
CA ARG CA 148 -7.01 -15.56 -38.51
C ARG CA 148 -5.99 -14.43 -38.61
N SER CA 149 -5.15 -14.48 -39.64
CA SER CA 149 -4.17 -13.44 -39.88
C SER CA 149 -4.08 -13.20 -41.38
N ASP CA 150 -3.88 -11.93 -41.75
CA ASP CA 150 -3.81 -11.58 -43.17
C ASP CA 150 -3.16 -10.25 -43.44
N GLY CA 151 -2.59 -10.12 -44.65
CA GLY CA 151 -2.02 -8.86 -45.09
C GLY CA 151 -0.60 -8.64 -44.62
N GLY CA 152 0.25 -9.63 -44.79
CA GLY CA 152 1.66 -9.48 -44.43
C GLY CA 152 2.40 -10.77 -44.65
N ASN CA 153 3.72 -10.68 -44.47
CA ASN CA 153 4.61 -11.82 -44.71
C ASN CA 153 4.69 -12.77 -43.53
N ILE CA 154 4.00 -12.49 -42.43
CA ILE CA 154 3.98 -13.36 -41.26
C ILE CA 154 2.55 -13.73 -40.94
N ASN CA 155 2.27 -15.02 -40.86
CA ASN CA 155 0.96 -15.52 -40.40
C ASN CA 155 0.91 -15.74 -38.90
N TRP CA 156 0.44 -14.73 -38.18
CA TRP CA 156 0.46 -14.78 -36.73
C TRP CA 156 -0.47 -15.86 -36.18
N TRP CA 157 -1.55 -16.15 -36.90
CA TRP CA 157 -2.56 -17.10 -36.43
C TRP CA 157 -3.03 -17.93 -37.62
N SER CA 158 -2.66 -19.21 -37.64
CA SER CA 158 -3.03 -20.12 -38.72
C SER CA 158 -3.58 -21.41 -38.11
N GLU CA 159 -4.83 -21.72 -38.39
CA GLU CA 159 -5.46 -22.95 -37.93
C GLU CA 159 -5.00 -24.13 -38.78
N PRO CA 160 -5.16 -25.36 -38.27
CA PRO CA 160 -4.51 -26.53 -38.90
C PRO CA 160 -5.29 -27.17 -40.03
N ALA CA 161 -6.26 -26.44 -40.62
CA ALA CA 161 -7.24 -27.06 -41.50
C ALA CA 161 -6.61 -27.96 -42.55
N ALA CA 162 -5.78 -27.40 -43.43
CA ALA CA 162 -5.43 -28.03 -44.70
C ALA CA 162 -4.23 -28.95 -44.55
N VAL DA 3 -4.18 15.01 -33.74
CA VAL DA 3 -4.64 15.34 -32.39
C VAL DA 3 -5.06 16.81 -32.38
N SER DA 4 -6.32 17.06 -32.71
CA SER DA 4 -6.85 18.40 -32.84
C SER DA 4 -7.79 18.80 -31.71
N LYS DA 5 -8.64 17.87 -31.26
CA LYS DA 5 -9.65 18.16 -30.25
C LYS DA 5 -9.36 17.30 -29.03
N ARG DA 6 -9.18 17.96 -27.89
CA ARG DA 6 -8.89 17.17 -26.69
C ARG DA 6 -10.12 16.34 -26.31
N PRO DA 7 -9.93 15.15 -25.77
CA PRO DA 7 -11.07 14.31 -25.39
C PRO DA 7 -11.73 14.82 -24.11
N PHE DA 8 -12.87 14.21 -23.79
CA PHE DA 8 -13.61 14.59 -22.60
C PHE DA 8 -12.90 14.09 -21.34
N SER DA 9 -12.81 14.95 -20.34
CA SER DA 9 -12.38 14.54 -19.02
C SER DA 9 -13.54 13.91 -18.27
N ILE DA 10 -13.21 13.21 -17.19
CA ILE DA 10 -14.24 12.56 -16.38
C ILE DA 10 -15.14 13.59 -15.72
N ASN DA 11 -14.68 14.82 -15.59
CA ASN DA 11 -15.45 15.90 -15.00
C ASN DA 11 -16.22 16.73 -16.02
N SER DA 12 -16.26 16.27 -17.28
CA SER DA 12 -16.78 17.06 -18.38
C SER DA 12 -18.28 16.90 -18.58
N PHE DA 13 -19.05 16.56 -17.55
CA PHE DA 13 -20.47 16.34 -17.70
C PHE DA 13 -21.24 17.06 -16.60
N ALA DA 14 -22.44 17.52 -16.94
CA ALA DA 14 -23.38 18.12 -16.00
C ALA DA 14 -24.59 17.21 -15.91
N VAL DA 15 -24.97 16.85 -14.68
CA VAL DA 15 -26.00 15.84 -14.44
C VAL DA 15 -27.16 16.50 -13.70
N ASN DA 16 -28.38 16.27 -14.21
CA ASN DA 16 -29.58 16.84 -13.64
C ASN DA 16 -30.69 15.79 -13.64
N LEU DA 17 -31.74 16.06 -12.87
CA LEU DA 17 -32.82 15.11 -12.69
C LEU DA 17 -34.18 15.76 -12.92
N ASN DA 18 -35.11 14.94 -13.40
CA ASN DA 18 -36.53 15.26 -13.45
C ASN DA 18 -37.25 14.16 -12.69
N ILE DA 19 -37.95 14.53 -11.62
CA ILE DA 19 -38.54 13.56 -10.70
C ILE DA 19 -40.05 13.71 -10.82
N GLY DA 20 -40.67 12.82 -11.59
CA GLY DA 20 -42.09 12.96 -11.86
C GLY DA 20 -42.35 14.26 -12.57
N ASN DA 21 -43.32 15.03 -12.05
CA ASN DA 21 -43.66 16.33 -12.59
C ASN DA 21 -42.79 17.44 -12.01
N PHE DA 22 -41.67 17.09 -11.38
CA PHE DA 22 -40.79 18.05 -10.72
C PHE DA 22 -39.51 18.20 -11.52
N VAL DA 23 -39.10 19.44 -11.75
CA VAL DA 23 -37.83 19.77 -12.37
C VAL DA 23 -36.91 20.29 -11.28
N ASP DA 24 -35.91 19.48 -10.92
CA ASP DA 24 -34.99 19.83 -9.84
C ASP DA 24 -33.79 20.58 -10.40
N ALA DA 25 -33.46 21.71 -9.79
CA ALA DA 25 -32.35 22.53 -10.24
C ALA DA 25 -31.01 22.08 -9.66
N ARG DA 26 -31.02 21.09 -8.76
CA ARG DA 26 -29.78 20.63 -8.16
C ARG DA 26 -28.93 19.84 -9.16
N TYR DA 27 -27.62 20.02 -9.06
CA TYR DA 27 -26.65 19.33 -9.89
C TYR DA 27 -26.01 18.18 -9.11
N TRP DA 28 -25.53 17.20 -9.85
CA TRP DA 28 -24.90 16.01 -9.27
C TRP DA 28 -23.44 15.95 -9.70
N SER DA 29 -22.55 15.74 -8.73
CA SER DA 29 -21.11 15.78 -8.98
C SER DA 29 -20.53 14.42 -9.33
N LYS DA 30 -21.30 13.34 -9.24
CA LYS DA 30 -20.79 12.01 -9.53
C LYS DA 30 -21.89 11.16 -10.18
N CYS DA 31 -21.49 10.40 -11.19
CA CYS DA 31 -22.37 9.44 -11.84
C CYS DA 31 -21.54 8.26 -12.30
N SER DA 32 -22.10 7.06 -12.15
CA SER DA 32 -21.38 5.85 -12.47
C SER DA 32 -21.43 5.58 -13.97
N LYS DA 33 -20.98 4.40 -14.38
CA LYS DA 33 -20.87 4.07 -15.79
C LYS DA 33 -22.22 4.11 -16.48
N ILE DA 34 -22.21 4.55 -17.73
CA ILE DA 34 -23.39 4.55 -18.60
C ILE DA 34 -23.20 3.43 -19.61
N GLU DA 35 -24.06 2.41 -19.54
CA GLU DA 35 -23.84 1.17 -20.26
C GLU DA 35 -25.11 0.68 -20.93
N LYS DA 36 -24.92 -0.08 -22.01
CA LYS DA 36 -25.96 -0.91 -22.60
C LYS DA 36 -25.41 -2.33 -22.61
N THR DA 37 -25.98 -3.19 -21.77
CA THR DA 37 -25.50 -4.55 -21.63
C THR DA 37 -26.37 -5.52 -22.42
N TYR DA 38 -25.71 -6.50 -23.04
CA TYR DA 38 -26.37 -7.57 -23.78
C TYR DA 38 -26.16 -8.86 -23.00
N ASN DA 39 -27.24 -9.42 -22.44
CA ASN DA 39 -27.14 -10.74 -21.84
C ASN DA 39 -26.90 -11.79 -22.91
N THR DA 40 -25.95 -12.68 -22.66
CA THR DA 40 -25.43 -13.56 -23.69
C THR DA 40 -25.82 -15.00 -23.41
N GLY DA 41 -26.14 -15.72 -24.49
CA GLY DA 41 -26.33 -17.16 -24.42
C GLY DA 41 -25.25 -17.86 -25.22
N GLU DA 42 -25.08 -19.16 -25.00
CA GLU DA 42 -24.08 -19.94 -25.73
C GLU DA 42 -24.77 -20.91 -26.67
N TYR DA 43 -24.16 -21.13 -27.84
CA TYR DA 43 -24.70 -22.07 -28.80
C TYR DA 43 -23.58 -22.58 -29.70
N SER DA 44 -23.95 -23.49 -30.60
CA SER DA 44 -23.03 -24.07 -31.55
C SER DA 44 -23.78 -24.33 -32.85
N ASP DA 45 -23.03 -24.30 -33.96
CA ASP DA 45 -23.60 -24.59 -35.27
C ASP DA 45 -23.58 -26.07 -35.61
N GLY DA 46 -22.98 -26.91 -34.77
CA GLY DA 46 -22.90 -28.33 -35.01
C GLY DA 46 -21.79 -28.76 -35.95
N GLN DA 47 -21.17 -27.82 -36.65
CA GLN DA 47 -20.06 -28.11 -37.55
C GLN DA 47 -18.71 -27.88 -36.89
N SER DA 48 -18.70 -27.42 -35.64
CA SER DA 48 -17.47 -27.16 -34.92
C SER DA 48 -17.77 -27.17 -33.43
N ASN DA 49 -16.71 -27.28 -32.63
CA ASN DA 49 -16.82 -27.24 -31.18
C ASN DA 49 -16.60 -25.84 -30.63
N ILE DA 50 -16.53 -24.82 -31.49
CA ILE DA 50 -16.37 -23.45 -31.03
C ILE DA 50 -17.67 -22.98 -30.40
N ILE DA 51 -17.56 -22.34 -29.24
CA ILE DA 51 -18.71 -21.80 -28.53
C ILE DA 51 -19.01 -20.42 -29.10
N TYR DA 52 -20.21 -20.25 -29.65
CA TYR DA 52 -20.65 -18.97 -30.17
C TYR DA 52 -21.56 -18.29 -29.15
N THR DA 53 -21.48 -16.96 -29.10
CA THR DA 53 -22.23 -16.16 -28.15
C THR DA 53 -23.35 -15.44 -28.89
N LEU DA 54 -24.56 -15.55 -28.35
CA LEU DA 54 -25.76 -14.97 -28.92
C LEU DA 54 -26.24 -13.84 -28.03
N PRO DA 55 -26.26 -12.59 -28.51
CA PRO DA 55 -26.77 -11.49 -27.67
C PRO DA 55 -28.28 -11.54 -27.52
N GLY DA 56 -28.76 -10.91 -26.46
CA GLY DA 56 -30.18 -10.76 -26.25
C GLY DA 56 -30.46 -10.23 -24.86
N ALA DA 57 -31.72 -9.88 -24.65
CA ALA DA 57 -32.21 -9.42 -23.34
C ALA DA 57 -31.39 -8.21 -22.86
N ILE DA 58 -31.50 -7.13 -23.64
CA ILE DA 58 -30.81 -5.90 -23.29
C ILE DA 58 -31.20 -5.43 -21.90
N LYS DA 59 -30.23 -4.88 -21.16
CA LYS DA 59 -30.53 -4.31 -19.85
C LYS DA 59 -29.75 -3.03 -19.70
N TYR DA 60 -30.22 -2.13 -18.86
CA TYR DA 60 -29.49 -0.90 -18.59
C TYR DA 60 -29.16 -0.94 -17.12
N PRO DA 61 -27.90 -1.19 -16.77
CA PRO DA 61 -27.52 -1.37 -15.36
C PRO DA 61 -27.75 -0.21 -14.40
N GLU DA 62 -27.72 -0.51 -13.11
CA GLU DA 62 -27.96 0.51 -12.10
C GLU DA 62 -26.99 1.68 -12.15
N VAL DA 63 -27.52 2.89 -12.18
CA VAL DA 63 -26.68 4.09 -12.21
C VAL DA 63 -26.74 4.74 -10.84
N VAL DA 64 -25.57 5.05 -10.29
CA VAL DA 64 -25.46 5.63 -8.95
C VAL DA 64 -24.98 7.07 -9.09
N LEU DA 65 -25.84 8.00 -8.69
CA LEU DA 65 -25.51 9.42 -8.65
C LEU DA 65 -25.15 9.82 -7.22
N SER DA 66 -24.18 10.71 -7.09
CA SER DA 66 -23.79 11.23 -5.78
C SER DA 66 -23.60 12.74 -5.85
N LYS DA 67 -23.80 13.40 -4.72
CA LYS DA 67 -23.56 14.83 -4.60
C LYS DA 67 -23.29 15.14 -3.14
N ALA DA 68 -22.95 16.41 -2.88
CA ALA DA 68 -22.69 16.84 -1.51
C ALA DA 68 -24.02 17.14 -0.82
N PHE DA 69 -24.28 16.44 0.29
CA PHE DA 69 -25.50 16.64 1.05
C PHE DA 69 -25.48 18.03 1.67
N SER DA 70 -26.31 18.93 1.14
CA SER DA 70 -26.30 20.33 1.53
C SER DA 70 -27.74 20.78 1.79
N PRO DA 71 -27.92 21.87 2.53
CA PRO DA 71 -29.28 22.38 2.76
C PRO DA 71 -29.97 22.70 1.45
N GLY DA 72 -31.30 22.51 1.45
CA GLY DA 72 -32.07 22.56 0.23
C GLY DA 72 -32.24 21.21 -0.44
N ASP DA 73 -31.67 20.15 0.14
CA ASP DA 73 -31.82 18.80 -0.39
C ASP DA 73 -32.99 18.05 0.23
N GLU DA 74 -33.71 18.67 1.18
CA GLU DA 74 -34.83 17.98 1.81
C GLU DA 74 -35.96 17.73 0.82
N GLU DA 75 -36.23 18.68 -0.08
CA GLU DA 75 -37.25 18.45 -1.08
C GLU DA 75 -36.81 17.40 -2.09
N LEU DA 76 -35.51 17.35 -2.41
CA LEU DA 76 -35.01 16.28 -3.27
C LEU DA 76 -35.19 14.92 -2.60
N ILE DA 77 -34.92 14.85 -1.29
CA ILE DA 77 -35.15 13.61 -0.56
C ILE DA 77 -36.63 13.22 -0.64
N ASN DA 78 -37.51 14.17 -0.33
CA ASN DA 78 -38.93 13.86 -0.25
C ASN DA 78 -39.53 13.57 -1.62
N ARG DA 79 -38.85 13.97 -2.69
CA ARG DA 79 -39.29 13.60 -4.03
C ARG DA 79 -38.77 12.22 -4.42
N LEU DA 80 -37.49 11.96 -4.17
CA LEU DA 80 -36.91 10.66 -4.50
C LEU DA 80 -37.58 9.53 -3.71
N ILE DA 81 -37.95 9.80 -2.46
CA ILE DA 81 -38.64 8.78 -1.67
C ILE DA 81 -39.99 8.46 -2.26
N ALA DA 82 -40.66 9.44 -2.86
CA ALA DA 82 -42.06 9.31 -3.29
C ALA DA 82 -42.22 8.98 -4.75
N VAL DA 83 -41.15 8.99 -5.56
CA VAL DA 83 -41.31 8.73 -6.99
C VAL DA 83 -41.96 7.38 -7.21
N ASN DA 84 -41.43 6.32 -6.60
CA ASN DA 84 -41.92 4.98 -6.87
C ASN DA 84 -43.36 4.78 -6.42
N SER DA 85 -43.83 5.57 -5.46
CA SER DA 85 -45.20 5.41 -4.97
C SER DA 85 -46.24 5.69 -6.05
N ASP DA 86 -45.88 6.46 -7.07
CA ASP DA 86 -46.79 6.77 -8.16
C ASP DA 86 -46.42 5.93 -9.38
N PRO DA 87 -47.25 4.98 -9.81
CA PRO DA 87 -46.87 4.15 -10.97
C PRO DA 87 -46.70 4.94 -12.26
N ILE DA 88 -47.25 6.15 -12.33
CA ILE DA 88 -47.07 6.99 -13.51
C ILE DA 88 -45.74 7.73 -13.48
N ALA DA 89 -45.21 8.00 -12.29
CA ALA DA 89 -44.04 8.85 -12.16
C ALA DA 89 -42.75 8.08 -12.48
N TRP DA 90 -41.81 8.77 -13.11
CA TRP DA 90 -40.50 8.22 -13.44
C TRP DA 90 -39.43 9.24 -13.11
N VAL DA 91 -38.18 8.77 -13.07
CA VAL DA 91 -37.02 9.62 -12.90
C VAL DA 91 -36.28 9.69 -14.23
N THR DA 92 -36.03 10.90 -14.70
CA THR DA 92 -35.28 11.14 -15.93
C THR DA 92 -33.96 11.79 -15.60
N VAL DA 93 -32.86 11.24 -16.14
CA VAL DA 93 -31.52 11.76 -15.90
C VAL DA 93 -31.04 12.45 -17.15
N PHE DA 94 -30.54 13.67 -17.01
CA PHE DA 94 -30.03 14.46 -18.12
C PHE DA 94 -28.54 14.67 -17.91
N ILE DA 95 -27.72 14.22 -18.87
CA ILE DA 95 -26.27 14.37 -18.83
C ILE DA 95 -25.87 15.20 -20.04
N GLN DA 96 -25.28 16.37 -19.78
CA GLN DA 96 -24.81 17.25 -20.84
C GLN DA 96 -23.29 17.29 -20.81
N PRO DA 97 -22.59 16.78 -21.82
CA PRO DA 97 -21.14 16.99 -21.87
C PRO DA 97 -20.79 18.41 -22.26
N MET DA 98 -19.71 18.90 -21.64
CA MET DA 98 -19.26 20.27 -21.79
C MET DA 98 -17.76 20.29 -21.55
N TYR DA 99 -17.09 21.28 -22.13
CA TYR DA 99 -15.67 21.53 -21.88
C TYR DA 99 -15.62 22.70 -20.90
N ARG DA 100 -15.60 22.39 -19.61
CA ARG DA 100 -15.71 23.39 -18.57
C ARG DA 100 -14.34 23.63 -17.95
N ASP DA 101 -14.01 24.92 -17.79
CA ASP DA 101 -12.79 25.30 -17.12
C ASP DA 101 -13.32 25.75 -15.78
N GLY DA 102 -12.99 26.96 -15.33
CA GLY DA 102 -13.44 27.45 -14.03
C GLY DA 102 -14.91 27.27 -13.75
N TYR DA 103 -15.76 28.11 -14.34
CA TYR DA 103 -17.20 27.95 -14.19
C TYR DA 103 -17.69 28.10 -15.59
N TYR DA 104 -16.81 27.85 -16.56
CA TYR DA 104 -17.18 28.08 -17.94
C TYR DA 104 -17.38 26.80 -18.75
N ASN DA 105 -18.54 26.16 -18.61
CA ASN DA 105 -18.85 25.02 -19.47
C ASN DA 105 -18.97 25.47 -20.92
N VAL DA 106 -18.58 24.59 -21.84
CA VAL DA 106 -18.73 24.83 -23.27
C VAL DA 106 -19.51 23.67 -23.86
N PRO DA 107 -20.84 23.66 -23.74
CA PRO DA 107 -21.61 22.50 -24.21
C PRO DA 107 -21.62 22.41 -25.72
N GLN DA 108 -21.37 21.21 -26.23
CA GLN DA 108 -21.56 20.89 -27.64
C GLN DA 108 -22.24 19.53 -27.74
N GLY DA 109 -23.18 19.42 -28.68
CA GLY DA 109 -24.00 18.24 -28.80
C GLY DA 109 -25.22 18.28 -27.90
N GLY DA 110 -26.07 17.27 -28.06
CA GLY DA 110 -27.24 17.14 -27.23
C GLY DA 110 -26.88 16.63 -25.86
N LYS DA 111 -27.91 16.21 -25.14
CA LYS DA 111 -27.76 15.64 -23.82
C LYS DA 111 -28.28 14.21 -23.84
N ILE DA 112 -27.55 13.32 -23.16
CA ILE DA 112 -28.05 11.98 -22.88
C ILE DA 112 -29.23 12.10 -21.94
N ILE DA 113 -30.28 11.34 -22.23
CA ILE DA 113 -31.46 11.29 -21.39
C ILE DA 113 -31.70 9.82 -21.05
N LEU DA 114 -31.45 9.46 -19.78
CA LEU DA 114 -31.87 8.19 -19.23
C LEU DA 114 -33.35 8.32 -18.88
N GLU DA 115 -34.19 7.57 -19.58
CA GLU DA 115 -35.62 7.71 -19.55
C GLU DA 115 -36.25 6.54 -18.80
N PHE DA 116 -37.28 6.85 -18.01
CA PHE DA 116 -38.03 5.86 -17.26
C PHE DA 116 -37.11 5.11 -16.30
N CYS DA 117 -36.63 5.84 -15.30
CA CYS DA 117 -35.81 5.28 -14.24
C CYS DA 117 -36.62 5.18 -12.95
N THR DA 118 -36.41 4.07 -12.24
CA THR DA 118 -37.04 3.84 -10.94
C THR DA 118 -35.97 3.91 -9.86
N VAL DA 119 -36.34 4.45 -8.71
CA VAL DA 119 -35.41 4.58 -7.59
C VAL DA 119 -35.27 3.24 -6.91
N ALA DA 120 -34.04 2.76 -6.79
CA ALA DA 120 -33.73 1.54 -6.07
C ALA DA 120 -33.06 1.79 -4.73
N ARG DA 121 -32.61 3.02 -4.47
CA ARG DA 121 -31.86 3.31 -3.26
C ARG DA 121 -31.75 4.82 -3.12
N ALA DA 122 -31.98 5.32 -1.90
CA ALA DA 122 -31.82 6.73 -1.58
C ALA DA 122 -31.07 6.82 -0.25
N THR DA 123 -29.86 7.38 -0.28
CA THR DA 123 -28.98 7.42 0.88
C THR DA 123 -28.62 8.88 1.13
N PRO DA 124 -29.42 9.60 1.92
CA PRO DA 124 -29.07 11.00 2.22
C PRO DA 124 -27.72 11.15 2.89
N ILE DA 125 -27.36 10.22 3.77
CA ILE DA 125 -26.13 10.29 4.55
C ILE DA 125 -25.36 9.01 4.29
N ASN DA 126 -24.20 9.13 3.63
CA ASN DA 126 -23.37 7.96 3.37
C ASN DA 126 -22.85 7.36 4.67
N GLU DA 127 -22.49 8.21 5.62
CA GLU DA 127 -22.07 7.75 6.94
C GLU DA 127 -21.90 8.97 7.83
N ILE DA 128 -21.79 8.72 9.13
CA ILE DA 128 -21.57 9.76 10.13
C ILE DA 128 -20.33 9.39 10.93
N ASP DA 129 -19.43 10.36 11.09
CA ASP DA 129 -18.25 10.17 11.93
C ASP DA 129 -17.93 11.52 12.56
N THR DA 130 -18.27 11.68 13.84
CA THR DA 130 -18.07 12.96 14.52
C THR DA 130 -16.62 13.43 14.41
N ILE DA 131 -15.69 12.54 14.08
CA ILE DA 131 -14.30 12.91 13.84
C ILE DA 131 -13.98 13.03 12.35
N GLY DA 132 -14.75 12.40 11.47
CA GLY DA 132 -14.45 12.46 10.06
C GLY DA 132 -14.54 13.87 9.52
N SER DA 133 -13.86 14.08 8.39
CA SER DA 133 -13.79 15.39 7.75
C SER DA 133 -14.28 15.38 6.31
N ASN DA 134 -14.64 14.23 5.76
CA ASN DA 134 -15.18 14.17 4.41
C ASN DA 134 -16.55 14.86 4.35
N ALA DA 135 -16.89 15.36 3.17
CA ALA DA 135 -18.21 15.90 2.94
C ALA DA 135 -19.22 14.76 2.90
N ALA DA 136 -20.37 14.98 3.54
CA ALA DA 136 -21.45 14.00 3.50
C ALA DA 136 -21.94 13.85 2.07
N MET DA 137 -22.15 12.61 1.64
CA MET DA 137 -22.46 12.31 0.24
C MET DA 137 -23.87 11.78 0.13
N PHE DA 138 -24.76 12.59 -0.43
CA PHE DA 138 -26.05 12.12 -0.90
C PHE DA 138 -25.85 11.16 -2.06
N GLU DA 139 -26.56 10.04 -2.03
CA GLU DA 139 -26.48 9.03 -3.08
C GLU DA 139 -27.87 8.59 -3.51
N CYS DA 140 -27.98 8.23 -4.79
CA CYS DA 140 -29.25 7.77 -5.34
C CYS DA 140 -28.98 6.74 -6.43
N ALA DA 141 -29.71 5.63 -6.39
CA ALA DA 141 -29.57 4.55 -7.35
C ALA DA 141 -30.80 4.52 -8.25
N LEU DA 142 -30.57 4.49 -9.56
CA LEU DA 142 -31.63 4.56 -10.55
C LEU DA 142 -31.50 3.37 -11.50
N ASN DA 143 -32.65 2.77 -11.85
CA ASN DA 143 -32.71 1.67 -12.80
C ASN DA 143 -33.30 2.19 -14.11
N PRO DA 144 -32.48 2.74 -15.01
CA PRO DA 144 -33.03 3.29 -16.26
C PRO DA 144 -33.62 2.19 -17.13
N SER DA 145 -34.65 2.58 -17.89
CA SER DA 145 -35.26 1.69 -18.86
C SER DA 145 -34.93 2.04 -20.30
N ARG DA 146 -34.50 3.26 -20.59
CA ARG DA 146 -34.09 3.60 -21.94
C ARG DA 146 -33.05 4.70 -21.90
N ILE DA 147 -32.32 4.85 -23.02
CA ILE DA 147 -31.36 5.92 -23.21
C ILE DA 147 -31.60 6.53 -24.59
N ARG DA 148 -31.72 7.85 -24.66
CA ARG DA 148 -31.72 8.54 -25.93
C ARG DA 148 -30.88 9.80 -25.80
N SER DA 149 -30.82 10.60 -26.86
CA SER DA 149 -30.11 11.87 -26.82
C SER DA 149 -30.99 12.94 -27.46
N ASP DA 150 -30.90 14.16 -26.94
CA ASP DA 150 -31.73 15.23 -27.48
C ASP DA 150 -31.24 16.62 -27.07
N GLY DA 151 -31.56 17.60 -27.91
CA GLY DA 151 -31.27 18.99 -27.61
C GLY DA 151 -29.88 19.42 -28.02
N GLY DA 152 -29.46 19.06 -29.22
CA GLY DA 152 -28.14 19.44 -29.68
C GLY DA 152 -27.90 18.94 -31.09
N ASN DA 153 -26.67 19.16 -31.57
CA ASN DA 153 -26.33 18.92 -32.96
C ASN DA 153 -25.53 17.64 -33.18
N ILE DA 154 -25.39 16.79 -32.17
CA ILE DA 154 -24.61 15.55 -32.31
C ILE DA 154 -25.50 14.31 -32.23
N ASN DA 155 -26.31 14.20 -31.16
CA ASN DA 155 -27.24 13.08 -30.95
C ASN DA 155 -26.56 11.71 -31.08
N TRP DA 156 -25.71 11.42 -30.10
CA TRP DA 156 -24.85 10.24 -30.12
C TRP DA 156 -25.35 9.11 -29.24
N TRP DA 157 -26.67 8.97 -29.09
CA TRP DA 157 -27.27 7.78 -28.50
C TRP DA 157 -28.52 7.36 -29.29
N SER DA 158 -28.39 7.36 -30.62
CA SER DA 158 -29.51 6.93 -31.46
C SER DA 158 -29.55 5.41 -31.50
N GLU DA 159 -30.71 4.85 -31.16
CA GLU DA 159 -30.85 3.41 -31.18
C GLU DA 159 -31.36 2.97 -32.55
N PRO DA 160 -31.13 1.69 -32.97
CA PRO DA 160 -31.73 1.35 -34.27
C PRO DA 160 -33.23 1.53 -34.27
N ALA DA 161 -33.76 2.21 -35.28
CA ALA DA 161 -35.18 2.50 -35.30
C ALA DA 161 -35.77 2.34 -36.69
N ALA DA 162 -37.09 2.32 -36.79
CA ALA DA 162 -37.78 2.21 -38.09
C ALA DA 162 -37.11 1.23 -39.06
N ALA EA 2 9.95 54.50 15.19
CA ALA EA 2 8.87 55.30 15.74
C ALA EA 2 7.51 54.66 15.42
N VAL EA 3 7.48 53.32 15.41
CA VAL EA 3 6.24 52.62 15.10
C VAL EA 3 5.32 52.62 16.33
N SER EA 4 4.06 52.31 16.09
CA SER EA 4 3.04 52.43 17.14
C SER EA 4 3.45 51.67 18.40
N LYS EA 5 3.78 50.39 18.26
CA LYS EA 5 4.16 49.58 19.40
C LYS EA 5 4.85 48.32 18.90
N ARG EA 6 5.96 47.98 19.55
CA ARG EA 6 6.78 46.88 19.08
C ARG EA 6 6.02 45.55 19.20
N PRO EA 7 6.18 44.63 18.25
CA PRO EA 7 5.47 43.36 18.32
C PRO EA 7 6.14 42.41 19.32
N PHE EA 8 5.49 41.27 19.52
CA PHE EA 8 6.00 40.26 20.43
C PHE EA 8 7.23 39.57 19.85
N SER EA 9 8.28 39.45 20.66
CA SER EA 9 9.42 38.64 20.29
C SER EA 9 9.12 37.17 20.56
N ILE EA 10 10.01 36.29 20.07
CA ILE EA 10 9.84 34.87 20.31
C ILE EA 10 10.11 34.52 21.78
N ASN EA 11 10.85 35.37 22.49
CA ASN EA 11 11.18 35.17 23.89
C ASN EA 11 10.15 35.81 24.82
N SER EA 12 9.04 36.30 24.29
CA SER EA 12 8.10 37.14 25.02
C SER EA 12 6.99 36.35 25.69
N PHE EA 13 7.24 35.10 26.07
CA PHE EA 13 6.22 34.27 26.71
C PHE EA 13 6.82 33.54 27.90
N ALA EA 14 6.00 33.28 28.91
CA ALA EA 14 6.45 32.49 30.07
C ALA EA 14 5.57 31.27 30.18
N VAL EA 15 6.13 30.08 30.00
CA VAL EA 15 5.33 28.85 30.03
C VAL EA 15 5.32 28.18 31.39
N ASN EA 16 4.13 27.83 31.89
CA ASN EA 16 4.01 27.15 33.17
C ASN EA 16 3.19 25.88 33.06
N LEU EA 17 3.20 25.04 34.09
CA LEU EA 17 2.50 23.75 34.00
C LEU EA 17 1.65 23.41 35.22
N ASN EA 18 0.59 22.63 35.01
CA ASN EA 18 -0.25 22.20 36.12
C ASN EA 18 -0.58 20.73 35.97
N ILE EA 19 0.15 19.88 36.68
CA ILE EA 19 -0.05 18.44 36.55
C ILE EA 19 -1.03 17.88 37.58
N GLY EA 20 -2.24 17.52 37.16
CA GLY EA 20 -3.22 16.99 38.09
C GLY EA 20 -3.58 18.05 39.11
N ASN EA 21 -3.39 17.72 40.39
CA ASN EA 21 -3.69 18.61 41.49
C ASN EA 21 -2.46 19.39 41.95
N PHE EA 22 -1.38 19.35 41.19
CA PHE EA 22 -0.12 19.98 41.57
C PHE EA 22 0.14 21.18 40.68
N VAL EA 23 0.43 22.32 41.29
CA VAL EA 23 0.77 23.55 40.57
C VAL EA 23 2.30 23.60 40.51
N ASP EA 24 2.86 23.13 39.40
CA ASP EA 24 4.30 23.11 39.22
C ASP EA 24 4.83 24.53 39.08
N ALA EA 25 5.92 24.83 39.79
CA ALA EA 25 6.47 26.18 39.84
C ALA EA 25 7.59 26.43 38.85
N ARG EA 26 8.12 25.38 38.21
CA ARG EA 26 9.22 25.57 37.28
C ARG EA 26 8.73 26.08 35.92
N TYR EA 27 9.51 27.00 35.36
CA TYR EA 27 9.23 27.59 34.06
C TYR EA 27 9.80 26.72 32.95
N TRP EA 28 9.32 26.98 31.74
CA TRP EA 28 9.80 26.28 30.56
C TRP EA 28 10.36 27.31 29.57
N SER EA 29 11.58 27.06 29.08
CA SER EA 29 12.25 28.02 28.22
C SER EA 29 11.98 27.81 26.74
N LYS EA 30 11.30 26.72 26.37
CA LYS EA 30 10.97 26.48 24.97
C LYS EA 30 9.62 25.81 24.87
N CYS EA 31 8.94 26.06 23.76
CA CYS EA 31 7.63 25.49 23.48
C CYS EA 31 7.38 25.60 21.98
N SER EA 32 6.70 24.61 21.43
CA SER EA 32 6.44 24.59 20.00
C SER EA 32 5.27 25.50 19.66
N LYS EA 33 4.78 25.39 18.43
CA LYS EA 33 3.75 26.29 17.94
C LYS EA 33 2.40 25.98 18.58
N ILE EA 34 1.66 27.05 18.93
CA ILE EA 34 0.29 26.94 19.42
C ILE EA 34 -0.64 27.04 18.23
N GLU EA 35 -1.63 26.15 18.17
CA GLU EA 35 -2.23 25.84 16.88
C GLU EA 35 -3.66 25.37 17.05
N LYS EA 36 -4.48 25.69 16.05
CA LYS EA 36 -5.78 25.07 15.84
C LYS EA 36 -5.86 24.71 14.36
N THR EA 37 -5.92 23.41 14.07
CA THR EA 37 -5.89 22.92 12.69
C THR EA 37 -7.25 22.33 12.33
N TYR EA 38 -7.66 22.54 11.09
CA TYR EA 38 -8.90 21.97 10.55
C TYR EA 38 -8.52 20.88 9.55
N ASN EA 39 -8.93 19.64 9.85
CA ASN EA 39 -8.82 18.59 8.85
C ASN EA 39 -9.82 18.86 7.74
N THR EA 40 -9.39 18.66 6.50
CA THR EA 40 -10.09 19.17 5.34
C THR EA 40 -10.87 18.08 4.63
N GLY EA 41 -11.96 18.49 3.98
CA GLY EA 41 -12.72 17.60 3.14
C GLY EA 41 -12.87 18.20 1.75
N GLU EA 42 -12.93 17.33 0.76
CA GLU EA 42 -12.95 17.72 -0.65
C GLU EA 42 -14.32 17.46 -1.24
N TYR EA 43 -14.86 18.45 -1.94
CA TYR EA 43 -16.19 18.33 -2.51
C TYR EA 43 -16.33 19.28 -3.69
N SER EA 44 -17.40 19.07 -4.46
CA SER EA 44 -17.76 19.92 -5.58
C SER EA 44 -19.25 20.22 -5.54
N ASP EA 45 -19.63 21.37 -6.09
CA ASP EA 45 -21.03 21.74 -6.17
C ASP EA 45 -21.74 21.11 -7.37
N GLY EA 46 -21.00 20.50 -8.28
CA GLY EA 46 -21.56 19.92 -9.47
C GLY EA 46 -21.75 20.89 -10.62
N GLN EA 47 -21.60 22.19 -10.37
CA GLN EA 47 -21.71 23.21 -11.39
C GLN EA 47 -20.36 23.60 -11.98
N SER EA 48 -19.27 23.10 -11.42
CA SER EA 48 -17.94 23.44 -11.87
C SER EA 48 -16.99 22.33 -11.45
N ASN EA 49 -15.82 22.30 -12.08
CA ASN EA 49 -14.76 21.37 -11.71
C ASN EA 49 -13.70 22.02 -10.83
N ILE EA 50 -14.09 22.99 -10.01
CA ILE EA 50 -13.18 23.56 -9.02
C ILE EA 50 -13.28 22.75 -7.73
N ILE EA 51 -12.14 22.33 -7.20
CA ILE EA 51 -12.16 21.58 -5.96
C ILE EA 51 -12.23 22.50 -4.76
N TYR EA 52 -13.30 22.38 -3.99
CA TYR EA 52 -13.46 23.21 -2.80
C TYR EA 52 -13.04 22.45 -1.58
N THR EA 53 -12.77 23.19 -0.51
CA THR EA 53 -12.32 22.55 0.70
C THR EA 53 -13.33 22.68 1.83
N LEU EA 54 -13.60 21.58 2.51
CA LEU EA 54 -14.59 21.58 3.59
C LEU EA 54 -13.87 21.40 4.94
N PRO EA 55 -13.84 22.41 5.80
CA PRO EA 55 -13.20 22.22 7.11
C PRO EA 55 -13.96 21.22 7.96
N GLY EA 56 -13.21 20.51 8.81
CA GLY EA 56 -13.83 19.57 9.73
C GLY EA 56 -12.81 19.00 10.68
N ALA EA 57 -13.32 18.45 11.79
CA ALA EA 57 -12.52 17.68 12.73
C ALA EA 57 -11.34 18.49 13.26
N ILE EA 58 -11.68 19.56 13.99
CA ILE EA 58 -10.66 20.39 14.60
C ILE EA 58 -9.69 19.53 15.39
N LYS EA 59 -8.43 19.93 15.40
CA LYS EA 59 -7.41 19.29 16.22
C LYS EA 59 -6.45 20.36 16.74
N TYR EA 60 -6.00 20.17 17.97
CA TYR EA 60 -4.94 21.00 18.52
C TYR EA 60 -3.66 20.16 18.58
N PRO EA 61 -2.71 20.35 17.67
CA PRO EA 61 -1.59 19.40 17.58
C PRO EA 61 -0.68 19.41 18.79
N GLU EA 62 0.35 18.56 18.76
CA GLU EA 62 1.22 18.38 19.91
C GLU EA 62 1.95 19.68 20.23
N VAL EA 63 2.23 19.86 21.52
CA VAL EA 63 3.07 20.95 22.02
C VAL EA 63 4.27 20.33 22.71
N VAL EA 64 5.46 20.69 22.27
CA VAL EA 64 6.70 20.13 22.79
C VAL EA 64 7.34 21.20 23.66
N LEU EA 65 7.18 21.08 24.97
CA LEU EA 65 7.86 21.96 25.92
C LEU EA 65 9.27 21.46 26.17
N SER EA 66 10.18 22.40 26.42
CA SER EA 66 11.57 22.06 26.65
C SER EA 66 12.18 23.05 27.63
N LYS EA 67 13.08 22.56 28.47
CA LYS EA 67 13.77 23.39 29.44
C LYS EA 67 15.10 22.75 29.78
N ALA EA 68 15.94 23.49 30.49
CA ALA EA 68 17.23 22.98 30.93
C ALA EA 68 17.01 22.02 32.10
N PHE EA 69 17.69 20.88 32.05
CA PHE EA 69 17.55 19.86 33.08
C PHE EA 69 18.41 20.23 34.27
N SER EA 70 17.78 20.51 35.40
CA SER EA 70 18.47 21.05 36.57
C SER EA 70 17.99 20.30 37.80
N PRO EA 71 18.67 20.48 38.94
CA PRO EA 71 18.17 19.87 40.18
C PRO EA 71 16.79 20.39 40.52
N GLY EA 72 15.99 19.52 41.14
CA GLY EA 72 14.61 19.82 41.43
C GLY EA 72 13.63 19.37 40.35
N ASP EA 73 14.12 18.93 39.20
CA ASP EA 73 13.26 18.40 38.15
C ASP EA 73 12.91 16.94 38.35
N GLU EA 74 13.43 16.30 39.41
CA GLU EA 74 13.04 14.93 39.71
C GLU EA 74 11.54 14.82 39.99
N GLU EA 75 10.99 15.81 40.73
CA GLU EA 75 9.56 15.78 40.99
C GLU EA 75 8.77 16.03 39.72
N LEU EA 76 9.31 16.87 38.82
CA LEU EA 76 8.67 17.07 37.53
C LEU EA 76 8.62 15.77 36.74
N ILE EA 77 9.74 15.04 36.71
CA ILE EA 77 9.78 13.76 36.03
C ILE EA 77 8.74 12.82 36.62
N ASN EA 78 8.69 12.75 37.95
CA ASN EA 78 7.74 11.84 38.62
C ASN EA 78 6.30 12.22 38.31
N ARG EA 79 5.99 13.51 38.33
CA ARG EA 79 4.61 13.94 38.09
C ARG EA 79 4.20 13.70 36.64
N LEU EA 80 5.07 14.02 35.69
CA LEU EA 80 4.73 13.80 34.29
C LEU EA 80 4.64 12.32 33.96
N ILE EA 81 5.48 11.50 34.59
CA ILE EA 81 5.44 10.06 34.36
C ILE EA 81 4.14 9.44 34.89
N ALA EA 82 3.48 10.10 35.84
CA ALA EA 82 2.35 9.51 36.54
C ALA EA 82 1.00 10.13 36.19
N VAL EA 83 0.99 11.34 35.63
CA VAL EA 83 -0.29 12.03 35.43
C VAL EA 83 -1.24 11.19 34.59
N ASN EA 84 -0.73 10.59 33.51
CA ASN EA 84 -1.60 9.79 32.66
C ASN EA 84 -2.14 8.55 33.37
N SER EA 85 -1.51 8.14 34.47
CA SER EA 85 -1.99 6.97 35.20
C SER EA 85 -3.42 7.17 35.71
N ASP EA 86 -3.77 8.39 36.09
CA ASP EA 86 -5.09 8.68 36.62
C ASP EA 86 -5.98 9.15 35.49
N PRO EA 87 -7.09 8.48 35.18
CA PRO EA 87 -7.94 8.93 34.07
C PRO EA 87 -8.54 10.31 34.29
N ILE EA 88 -8.61 10.79 35.53
CA ILE EA 88 -9.17 12.10 35.80
C ILE EA 88 -8.11 13.21 35.69
N ALA EA 89 -6.84 12.88 35.92
CA ALA EA 89 -5.79 13.91 35.92
C ALA EA 89 -5.44 14.47 34.55
N TRP EA 90 -5.21 15.79 34.47
CA TRP EA 90 -4.86 16.43 33.21
C TRP EA 90 -3.68 17.35 33.38
N VAL EA 91 -3.11 17.81 32.27
CA VAL EA 91 -2.04 18.78 32.36
C VAL EA 91 -2.58 20.10 31.81
N THR EA 92 -2.27 21.20 32.49
CA THR EA 92 -2.76 22.50 32.04
C THR EA 92 -1.60 23.46 31.81
N VAL EA 93 -1.49 23.99 30.60
CA VAL EA 93 -0.40 24.88 30.27
C VAL EA 93 -0.80 26.35 30.42
N PHE EA 94 0.06 27.16 31.00
CA PHE EA 94 -0.26 28.57 31.22
C PHE EA 94 0.79 29.46 30.58
N ILE EA 95 0.48 30.00 29.40
CA ILE EA 95 1.45 30.84 28.69
C ILE EA 95 1.05 32.31 28.67
N GLN EA 96 1.88 33.16 29.27
CA GLN EA 96 1.54 34.59 29.34
C GLN EA 96 2.37 35.45 28.38
N PRO EA 97 1.71 36.15 27.46
CA PRO EA 97 2.43 37.07 26.57
C PRO EA 97 2.88 38.33 27.29
N MET EA 98 4.14 38.70 27.18
CA MET EA 98 4.66 39.85 27.93
C MET EA 98 5.82 40.55 27.24
N TYR EA 99 6.46 41.50 27.90
CA TYR EA 99 7.65 42.15 27.37
C TYR EA 99 8.72 42.11 28.45
N ARG EA 100 9.79 41.36 28.22
CA ARG EA 100 10.86 41.26 29.21
C ARG EA 100 12.19 41.74 28.67
N ASP EA 101 13.06 42.19 29.56
CA ASP EA 101 14.39 42.61 29.15
C ASP EA 101 15.40 41.70 29.81
N GLY EA 102 14.95 40.51 30.20
CA GLY EA 102 15.82 39.58 30.89
C GLY EA 102 15.21 39.25 32.23
N TYR EA 103 14.67 40.26 32.90
CA TYR EA 103 14.02 40.04 34.19
C TYR EA 103 12.76 40.86 34.33
N TYR EA 104 12.86 42.16 34.15
CA TYR EA 104 11.69 43.02 34.24
C TYR EA 104 10.73 42.72 33.12
N ASN EA 105 9.61 42.11 33.45
CA ASN EA 105 8.60 41.75 32.45
C ASN EA 105 7.41 42.68 32.58
N VAL EA 106 6.70 42.85 31.47
CA VAL EA 106 5.51 43.70 31.43
C VAL EA 106 4.35 42.83 30.99
N PRO EA 107 3.71 42.09 31.90
CA PRO EA 107 2.58 41.24 31.51
C PRO EA 107 1.35 42.07 31.20
N GLN EA 108 0.90 42.00 29.95
CA GLN EA 108 -0.30 42.68 29.51
C GLN EA 108 -1.20 41.69 28.78
N GLY EA 109 -2.47 41.70 29.14
CA GLY EA 109 -3.43 40.75 28.62
C GLY EA 109 -3.47 39.46 29.42
N GLY EA 110 -4.57 38.75 29.28
CA GLY EA 110 -4.69 37.45 29.91
C GLY EA 110 -3.67 36.48 29.38
N LYS EA 111 -3.64 35.30 29.97
CA LYS EA 111 -2.70 34.25 29.58
C LYS EA 111 -3.42 33.17 28.79
N ILE EA 112 -2.84 32.82 27.64
CA ILE EA 112 -3.36 31.70 26.86
C ILE EA 112 -3.24 30.44 27.70
N ILE EA 113 -4.16 29.51 27.48
CA ILE EA 113 -4.32 28.35 28.33
C ILE EA 113 -4.64 27.14 27.46
N LEU EA 114 -3.75 26.15 27.48
CA LEU EA 114 -4.00 24.87 26.85
C LEU EA 114 -4.61 23.95 27.89
N GLU EA 115 -5.87 23.58 27.68
CA GLU EA 115 -6.68 22.87 28.66
C GLU EA 115 -6.85 21.41 28.27
N PHE EA 116 -6.77 20.53 29.28
CA PHE EA 116 -6.97 19.11 29.11
C PHE EA 116 -5.93 18.54 28.13
N CYS EA 117 -4.68 18.55 28.57
CA CYS EA 117 -3.58 17.96 27.83
C CYS EA 117 -3.19 16.62 28.45
N THR EA 118 -2.78 15.70 27.59
CA THR EA 118 -2.26 14.40 28.01
C THR EA 118 -0.81 14.30 27.59
N VAL EA 119 0.00 13.63 28.43
CA VAL EA 119 1.42 13.48 28.16
C VAL EA 119 1.62 12.34 27.17
N ALA EA 120 2.33 12.63 26.09
CA ALA EA 120 2.65 11.62 25.09
C ALA EA 120 4.13 11.26 25.04
N ARG EA 121 4.98 12.01 25.75
CA ARG EA 121 6.42 11.80 25.65
C ARG EA 121 7.10 12.59 26.77
N ALA EA 122 8.03 11.93 27.47
CA ALA EA 122 8.82 12.58 28.52
C ALA EA 122 10.28 12.19 28.32
N THR EA 123 11.15 13.19 28.16
CA THR EA 123 12.56 13.00 27.87
C THR EA 123 13.37 13.83 28.85
N PRO EA 124 13.63 13.32 30.05
CA PRO EA 124 14.47 14.08 30.98
C PRO EA 124 15.86 14.36 30.44
N ILE EA 125 16.42 13.44 29.66
CA ILE EA 125 17.76 13.57 29.11
C ILE EA 125 17.65 13.47 27.60
N ASN EA 126 17.98 14.55 26.91
CA ASN EA 126 17.92 14.56 25.45
C ASN EA 126 19.06 13.78 24.83
N GLU EA 127 20.21 13.72 25.52
CA GLU EA 127 21.39 13.09 24.98
C GLU EA 127 22.47 13.09 26.06
N ILE EA 128 23.44 12.20 25.92
CA ILE EA 128 24.62 12.16 26.77
C ILE EA 128 25.85 12.16 25.86
N ASP EA 129 26.82 13.02 26.19
CA ASP EA 129 28.06 13.08 25.43
C ASP EA 129 29.13 13.64 26.36
N THR EA 130 30.06 12.78 26.79
CA THR EA 130 31.09 13.21 27.72
C THR EA 130 31.91 14.37 27.17
N ILE EA 131 32.03 14.47 25.84
CA ILE EA 131 32.79 15.55 25.23
C ILE EA 131 31.90 16.72 24.84
N GLY EA 132 30.58 16.55 24.84
CA GLY EA 132 29.70 17.65 24.50
C GLY EA 132 29.63 18.69 25.59
N SER EA 133 29.23 19.90 25.19
CA SER EA 133 29.11 21.01 26.12
C SER EA 133 27.72 21.64 26.13
N ASN EA 134 26.77 21.10 25.38
CA ASN EA 134 25.41 21.63 25.40
C ASN EA 134 24.73 21.28 26.73
N ALA EA 135 23.66 21.99 27.02
CA ALA EA 135 22.88 21.75 28.23
C ALA EA 135 21.86 20.65 27.98
N ALA EA 136 21.76 19.72 28.93
CA ALA EA 136 20.74 18.68 28.85
C ALA EA 136 19.36 19.32 28.86
N MET EA 137 18.47 18.83 28.01
CA MET EA 137 17.15 19.42 27.83
C MET EA 137 16.07 18.42 28.24
N PHE EA 138 15.37 18.73 29.31
CA PHE EA 138 14.09 18.10 29.61
C PHE EA 138 13.10 18.48 28.53
N GLU EA 139 12.44 17.48 27.94
CA GLU EA 139 11.42 17.70 26.93
C GLU EA 139 10.15 16.95 27.32
N CYS EA 140 9.01 17.51 26.93
CA CYS EA 140 7.72 16.93 27.29
C CYS EA 140 6.71 17.26 26.20
N ALA EA 141 6.09 16.22 25.63
CA ALA EA 141 5.10 16.38 24.59
C ALA EA 141 3.70 16.28 25.19
N LEU EA 142 2.85 17.25 24.86
CA LEU EA 142 1.51 17.34 25.39
C LEU EA 142 0.51 17.40 24.24
N ASN EA 143 -0.69 16.86 24.49
CA ASN EA 143 -1.76 16.83 23.50
C ASN EA 143 -2.96 17.59 24.03
N PRO EA 144 -3.02 18.91 23.79
CA PRO EA 144 -4.14 19.69 24.33
C PRO EA 144 -5.47 19.34 23.66
N SER EA 145 -6.54 19.47 24.43
CA SER EA 145 -7.89 19.32 23.92
C SER EA 145 -8.61 20.63 23.69
N ARG EA 146 -8.27 21.70 24.43
CA ARG EA 146 -8.95 22.98 24.25
C ARG EA 146 -7.96 24.10 24.50
N ILE EA 147 -8.36 25.31 24.12
CA ILE EA 147 -7.57 26.51 24.40
C ILE EA 147 -8.51 27.64 24.79
N ARG EA 148 -8.13 28.40 25.82
CA ARG EA 148 -8.90 29.57 26.25
C ARG EA 148 -7.94 30.58 26.87
N SER EA 149 -8.50 31.57 27.57
CA SER EA 149 -7.70 32.58 28.25
C SER EA 149 -8.58 33.36 29.22
N ASP EA 150 -8.12 33.47 30.47
CA ASP EA 150 -8.90 34.19 31.49
C ASP EA 150 -8.18 35.13 32.46
N GLY EA 151 -6.86 35.24 32.39
CA GLY EA 151 -6.12 35.91 33.44
C GLY EA 151 -5.83 37.38 33.22
N GLY EA 152 -6.55 38.03 32.32
CA GLY EA 152 -6.29 39.42 32.04
C GLY EA 152 -7.42 40.08 31.29
N ASN EA 153 -7.12 41.25 30.73
CA ASN EA 153 -8.11 42.09 30.09
C ASN EA 153 -8.19 41.91 28.58
N ILE EA 154 -7.20 41.24 27.97
CA ILE EA 154 -7.15 41.20 26.51
C ILE EA 154 -7.97 40.04 25.96
N ASN EA 155 -7.93 38.88 26.65
CA ASN EA 155 -8.63 37.66 26.23
C ASN EA 155 -8.21 37.19 24.84
N TRP EA 156 -6.94 36.80 24.75
CA TRP EA 156 -6.32 36.46 23.48
C TRP EA 156 -7.17 35.47 22.69
N TRP EA 157 -7.36 34.27 23.22
CA TRP EA 157 -8.01 33.17 22.51
C TRP EA 157 -9.42 32.98 23.03
N SER EA 158 -10.41 33.27 22.18
CA SER EA 158 -11.82 33.02 22.47
C SER EA 158 -12.33 31.97 21.50
N GLU EA 159 -13.62 31.67 21.59
CA GLU EA 159 -14.25 30.64 20.78
C GLU EA 159 -15.62 31.12 20.34
N PRO EA 160 -16.21 30.47 19.33
CA PRO EA 160 -17.50 30.94 18.80
C PRO EA 160 -18.68 30.51 19.65
N ALA EA 161 -18.43 30.19 20.92
CA ALA EA 161 -19.43 29.58 21.80
C ALA EA 161 -20.86 30.06 21.51
N ALA EA 162 -21.07 31.37 21.51
CA ALA EA 162 -22.39 31.92 21.18
C ALA EA 162 -22.39 33.43 21.17
N SER FA 4 20.21 30.04 38.85
CA SER FA 4 20.65 30.13 40.24
C SER FA 4 21.56 28.96 40.62
N LYS FA 5 21.19 27.74 40.25
CA LYS FA 5 22.04 26.57 40.43
C LYS FA 5 22.24 25.94 39.07
N ARG FA 6 23.50 25.79 38.67
CA ARG FA 6 23.79 25.43 37.28
C ARG FA 6 23.13 24.10 36.93
N PRO FA 7 22.52 23.98 35.75
CA PRO FA 7 21.87 22.73 35.37
C PRO FA 7 22.88 21.69 34.92
N PHE FA 8 22.36 20.50 34.62
CA PHE FA 8 23.20 19.42 34.11
C PHE FA 8 23.62 19.73 32.68
N SER FA 9 24.91 19.56 32.40
CA SER FA 9 25.39 19.64 31.03
C SER FA 9 25.17 18.30 30.33
N ILE FA 10 25.46 18.28 29.02
CA ILE FA 10 25.31 17.05 28.27
C ILE FA 10 26.40 16.04 28.63
N ASN FA 11 27.51 16.51 29.19
CA ASN FA 11 28.61 15.66 29.61
C ASN FA 11 28.49 15.22 31.06
N SER FA 12 27.34 15.47 31.69
CA SER FA 12 27.20 15.32 33.14
C SER FA 12 26.64 13.96 33.54
N PHE FA 13 26.92 12.91 32.76
CA PHE FA 13 26.41 11.57 33.06
C PHE FA 13 27.50 10.54 32.82
N ALA FA 14 27.59 9.57 33.74
CA ALA FA 14 28.49 8.43 33.62
C ALA FA 14 27.66 7.20 33.33
N VAL FA 15 28.06 6.43 32.32
CA VAL FA 15 27.27 5.31 31.82
C VAL FA 15 28.06 4.02 31.98
N ASN FA 16 27.42 3.02 32.57
CA ASN FA 16 28.00 1.69 32.75
C ASN FA 16 26.99 0.63 32.33
N LEU FA 17 27.49 -0.59 32.12
CA LEU FA 17 26.66 -1.71 31.70
C LEU FA 17 26.81 -2.88 32.66
N ASN FA 18 25.74 -3.66 32.77
CA ASN FA 18 25.73 -4.95 33.45
C ASN FA 18 25.21 -5.96 32.44
N ILE FA 19 26.09 -6.84 31.96
CA ILE FA 19 25.77 -7.78 30.90
C ILE FA 19 25.63 -9.16 31.55
N GLY FA 20 24.40 -9.67 31.59
CA GLY FA 20 24.17 -10.95 32.23
C GLY FA 20 24.63 -10.92 33.67
N ASN FA 21 25.49 -11.86 34.04
CA ASN FA 21 26.07 -11.93 35.37
C ASN FA 21 27.41 -11.19 35.47
N PHE FA 22 27.80 -10.49 34.40
CA PHE FA 22 29.10 -9.84 34.32
C PHE FA 22 28.95 -8.35 34.56
N VAL FA 23 29.75 -7.82 35.48
CA VAL FA 23 29.74 -6.39 35.80
C VAL FA 23 30.84 -5.74 34.98
N ASP FA 24 30.51 -5.31 33.77
CA ASP FA 24 31.48 -4.65 32.91
C ASP FA 24 31.96 -3.34 33.52
N ALA FA 25 33.26 -3.10 33.44
CA ALA FA 25 33.89 -1.96 34.09
C ALA FA 25 34.26 -0.84 33.12
N ARG FA 26 33.80 -0.91 31.88
CA ARG FA 26 34.14 0.10 30.88
C ARG FA 26 33.07 1.19 30.84
N TYR FA 27 33.53 2.44 30.76
CA TYR FA 27 32.65 3.59 30.69
C TYR FA 27 32.33 3.93 29.24
N TRP FA 28 31.07 4.33 29.01
CA TRP FA 28 30.62 4.73 27.69
C TRP FA 28 30.57 6.25 27.62
N SER FA 29 31.01 6.80 26.49
CA SER FA 29 31.16 8.24 26.34
C SER FA 29 29.96 8.92 25.67
N LYS FA 30 29.07 8.15 25.05
CA LYS FA 30 27.94 8.73 24.33
C LYS FA 30 26.72 7.84 24.54
N CYS FA 31 25.56 8.45 24.71
CA CYS FA 31 24.33 7.70 24.86
C CYS FA 31 23.17 8.55 24.34
N SER FA 32 22.25 7.89 23.65
CA SER FA 32 21.12 8.58 23.03
C SER FA 32 20.11 9.00 24.11
N LYS FA 33 18.96 9.46 23.66
CA LYS FA 33 17.96 10.01 24.58
C LYS FA 33 17.32 8.92 25.44
N ILE FA 34 17.09 9.25 26.70
CA ILE FA 34 16.31 8.41 27.60
C ILE FA 34 14.87 8.88 27.55
N GLU FA 35 13.94 7.96 27.37
CA GLU FA 35 12.60 8.30 26.91
C GLU FA 35 11.56 7.36 27.51
N LYS FA 36 10.35 7.89 27.68
CA LYS FA 36 9.15 7.11 27.92
C LYS FA 36 8.10 7.58 26.94
N THR FA 37 7.73 6.72 26.00
CA THR FA 37 6.83 7.07 24.90
C THR FA 37 5.49 6.38 25.08
N TYR FA 38 4.41 7.14 24.84
CA TYR FA 38 3.06 6.61 24.83
C TYR FA 38 2.58 6.52 23.40
N ASN FA 39 2.25 5.32 22.95
CA ASN FA 39 1.54 5.17 21.70
C ASN FA 39 0.10 5.66 21.88
N THR FA 40 -0.41 6.36 20.88
CA THR FA 40 -1.60 7.17 21.03
C THR FA 40 -2.78 6.61 20.24
N GLY FA 41 -3.97 6.89 20.74
CA GLY FA 41 -5.19 6.51 20.05
C GLY FA 41 -6.10 7.71 19.91
N GLU FA 42 -6.87 7.71 18.83
CA GLU FA 42 -7.70 8.85 18.44
C GLU FA 42 -9.17 8.49 18.61
N TYR FA 43 -9.92 9.38 19.26
CA TYR FA 43 -11.32 9.10 19.59
C TYR FA 43 -12.08 10.41 19.72
N SER FA 44 -13.38 10.29 19.95
CA SER FA 44 -14.27 11.43 20.18
C SER FA 44 -15.29 11.10 21.24
N ASP FA 45 -15.84 12.14 21.87
CA ASP FA 45 -16.92 11.97 22.83
C ASP FA 45 -18.29 11.92 22.16
N GLY FA 46 -18.37 12.28 20.87
CA GLY FA 46 -19.63 12.33 20.15
C GLY FA 46 -20.36 13.65 20.28
N GLN FA 47 -19.95 14.50 21.21
CA GLN FA 47 -20.57 15.82 21.39
C GLN FA 47 -19.77 16.93 20.73
N SER FA 48 -18.62 16.60 20.13
CA SER FA 48 -17.75 17.61 19.54
C SER FA 48 -16.91 16.91 18.48
N ASN FA 49 -16.48 17.71 17.50
CA ASN FA 49 -15.66 17.22 16.39
C ASN FA 49 -14.18 17.54 16.63
N ILE FA 50 -13.76 17.52 17.89
CA ILE FA 50 -12.37 17.73 18.26
C ILE FA 50 -11.69 16.38 18.41
N ILE FA 51 -10.50 16.25 17.86
CA ILE FA 51 -9.73 15.02 17.98
C ILE FA 51 -9.17 14.94 19.40
N TYR FA 52 -9.42 13.81 20.06
CA TYR FA 52 -8.86 13.54 21.38
C TYR FA 52 -7.84 12.41 21.27
N THR FA 53 -6.78 12.52 22.07
CA THR FA 53 -5.69 11.55 22.06
C THR FA 53 -5.81 10.64 23.28
N LEU FA 54 -5.66 9.33 23.06
CA LEU FA 54 -5.74 8.35 24.11
C LEU FA 54 -4.39 7.67 24.30
N PRO FA 55 -3.67 7.91 25.39
CA PRO FA 55 -2.37 7.25 25.58
C PRO FA 55 -2.53 5.75 25.73
N GLY FA 56 -1.51 5.02 25.30
CA GLY FA 56 -1.52 3.57 25.44
C GLY FA 56 -0.20 2.97 25.00
N ALA FA 57 0.01 1.73 25.42
CA ALA FA 57 1.12 0.90 24.95
C ALA FA 57 2.46 1.62 25.13
N ILE FA 58 2.81 1.85 26.40
CA ILE FA 58 4.09 2.46 26.72
C ILE FA 58 5.20 1.73 25.99
N LYS FA 59 6.16 2.50 25.49
CA LYS FA 59 7.37 1.94 24.90
C LYS FA 59 8.56 2.79 25.33
N TYR FA 60 9.66 2.12 25.68
CA TYR FA 60 10.91 2.80 25.94
C TYR FA 60 11.81 2.61 24.73
N PRO FA 61 12.00 3.62 23.89
CA PRO FA 61 12.68 3.41 22.60
C PRO FA 61 14.14 2.98 22.73
N GLU FA 62 14.77 2.72 21.59
CA GLU FA 62 16.14 2.25 21.59
C GLU FA 62 17.08 3.26 22.24
N VAL FA 63 18.09 2.74 22.92
CA VAL FA 63 19.18 3.55 23.47
C VAL FA 63 20.46 3.11 22.77
N VAL FA 64 21.11 4.05 22.09
CA VAL FA 64 22.36 3.78 21.39
C VAL FA 64 23.50 4.32 22.25
N LEU FA 65 24.39 3.43 22.68
CA LEU FA 65 25.60 3.80 23.39
C LEU FA 65 26.79 3.76 22.45
N SER FA 66 27.77 4.61 22.72
CA SER FA 66 28.96 4.70 21.90
C SER FA 66 30.17 4.99 22.78
N LYS FA 67 31.31 4.42 22.41
CA LYS FA 67 32.55 4.68 23.10
C LYS FA 67 33.70 4.47 22.12
N ALA FA 68 34.91 4.85 22.56
CA ALA FA 68 36.08 4.68 21.73
C ALA FA 68 36.52 3.22 21.72
N PHE FA 69 36.77 2.69 20.53
CA PHE FA 69 37.22 1.31 20.39
C PHE FA 69 38.68 1.21 20.81
N SER FA 70 38.93 0.45 21.88
CA SER FA 70 40.25 0.45 22.51
C SER FA 70 40.62 -0.95 22.98
N PRO FA 71 41.86 -1.16 23.43
CA PRO FA 71 42.22 -2.46 23.98
C PRO FA 71 41.38 -2.80 25.20
N GLY FA 72 41.13 -4.09 25.39
CA GLY FA 72 40.25 -4.57 26.41
C GLY FA 72 38.79 -4.64 26.00
N ASP FA 73 38.46 -4.09 24.84
CA ASP FA 73 37.09 -4.12 24.34
C ASP FA 73 36.73 -5.46 23.70
N GLU FA 74 37.69 -6.37 23.53
CA GLU FA 74 37.38 -7.66 22.92
C GLU FA 74 36.40 -8.45 23.78
N GLU FA 75 36.61 -8.44 25.09
CA GLU FA 75 35.71 -9.17 25.98
C GLU FA 75 34.34 -8.49 26.06
N LEU FA 76 34.30 -7.17 26.00
CA LEU FA 76 33.01 -6.48 25.92
C LEU FA 76 32.27 -6.85 24.65
N ILE FA 77 33.00 -6.93 23.52
CA ILE FA 77 32.39 -7.38 22.28
C ILE FA 77 31.79 -8.76 22.46
N ASN FA 78 32.56 -9.68 23.05
CA ASN FA 78 32.08 -11.05 23.22
C ASN FA 78 30.84 -11.10 24.11
N ARG FA 79 30.87 -10.36 25.22
CA ARG FA 79 29.74 -10.38 26.14
C ARG FA 79 28.48 -9.82 25.48
N LEU FA 80 28.61 -8.69 24.76
CA LEU FA 80 27.46 -8.12 24.08
C LEU FA 80 26.94 -9.07 23.01
N ILE FA 81 27.85 -9.72 22.26
CA ILE FA 81 27.46 -10.62 21.20
C ILE FA 81 26.76 -11.86 21.74
N ALA FA 82 27.11 -12.29 22.96
CA ALA FA 82 26.59 -13.54 23.51
C ALA FA 82 25.39 -13.35 24.43
N VAL FA 83 25.14 -12.15 24.93
CA VAL FA 83 24.12 -12.00 25.98
C VAL FA 83 22.75 -12.47 25.48
N ASN FA 84 22.36 -12.10 24.26
CA ASN FA 84 21.05 -12.49 23.76
C ASN FA 84 20.90 -14.00 23.62
N SER FA 85 22.00 -14.73 23.50
CA SER FA 85 21.92 -16.18 23.33
C SER FA 85 21.19 -16.84 24.48
N ASP FA 86 21.33 -16.31 25.70
CA ASP FA 86 20.73 -16.91 26.88
C ASP FA 86 19.42 -16.19 27.17
N PRO FA 87 18.27 -16.87 27.16
CA PRO FA 87 17.01 -16.16 27.39
C PRO FA 87 16.90 -15.55 28.78
N ILE FA 88 17.71 -16.02 29.73
CA ILE FA 88 17.66 -15.47 31.09
C ILE FA 88 18.46 -14.17 31.16
N ALA FA 89 19.54 -14.08 30.42
CA ALA FA 89 20.44 -12.93 30.53
C ALA FA 89 19.76 -11.65 30.07
N TRP FA 90 20.06 -10.56 30.77
CA TRP FA 90 19.55 -9.24 30.42
C TRP FA 90 20.70 -8.24 30.48
N VAL FA 91 20.56 -7.15 29.74
CA VAL FA 91 21.51 -6.04 29.76
C VAL FA 91 20.88 -4.91 30.56
N THR FA 92 21.65 -4.38 31.52
CA THR FA 92 21.20 -3.29 32.37
C THR FA 92 22.12 -2.10 32.17
N VAL FA 93 21.52 -0.90 32.09
CA VAL FA 93 22.28 0.33 31.85
C VAL FA 93 22.19 1.20 33.09
N PHE FA 94 23.33 1.70 33.55
CA PHE FA 94 23.41 2.52 34.75
C PHE FA 94 23.92 3.91 34.36
N ILE FA 95 23.12 4.93 34.63
CA ILE FA 95 23.46 6.32 34.30
C ILE FA 95 23.49 7.11 35.61
N GLN FA 96 24.67 7.62 35.95
CA GLN FA 96 24.85 8.42 37.17
C GLN FA 96 25.05 9.88 36.78
N PRO FA 97 24.10 10.77 37.07
CA PRO FA 97 24.36 12.20 36.87
C PRO FA 97 25.41 12.72 37.84
N MET FA 98 26.12 13.77 37.44
CA MET FA 98 27.17 14.34 38.27
C MET FA 98 27.43 15.75 37.79
N TYR FA 99 28.45 16.39 38.33
CA TYR FA 99 28.84 17.71 37.84
C TYR FA 99 30.32 17.60 37.59
N ARG FA 100 30.68 16.91 36.52
CA ARG FA 100 32.09 16.68 36.25
C ARG FA 100 32.84 17.90 35.72
N ASP FA 101 34.12 17.97 36.02
CA ASP FA 101 34.93 19.07 35.54
C ASP FA 101 36.20 18.43 35.06
N GLY FA 102 36.12 17.15 34.70
CA GLY FA 102 37.28 16.42 34.26
C GLY FA 102 37.27 15.07 34.94
N TYR FA 103 38.29 14.80 35.74
CA TYR FA 103 38.33 13.55 36.48
C TYR FA 103 37.48 13.62 37.73
N TYR FA 104 37.40 14.80 38.33
CA TYR FA 104 36.54 14.97 39.49
C TYR FA 104 35.11 15.15 39.08
N ASN FA 105 34.21 14.38 39.68
CA ASN FA 105 32.79 14.53 39.40
C ASN FA 105 32.10 14.43 40.74
N VAL FA 106 30.91 14.99 40.87
CA VAL FA 106 30.17 14.83 42.12
C VAL FA 106 28.82 14.15 41.89
N PRO FA 107 28.76 12.84 42.16
CA PRO FA 107 27.50 12.09 41.95
C PRO FA 107 26.43 12.45 42.96
N GLN FA 108 25.54 13.37 42.60
CA GLN FA 108 24.46 13.77 43.49
C GLN FA 108 23.17 13.16 42.96
N GLY FA 109 22.42 12.52 43.85
CA GLY FA 109 21.23 11.80 43.47
C GLY FA 109 21.53 10.38 43.04
N GLY FA 110 20.51 9.54 43.13
CA GLY FA 110 20.64 8.17 42.71
C GLY FA 110 20.84 8.07 41.22
N LYS FA 111 21.19 6.87 40.76
CA LYS FA 111 21.49 6.62 39.37
C LYS FA 111 20.28 6.02 38.67
N ILE FA 112 19.96 6.57 37.50
CA ILE FA 112 18.92 5.98 36.67
C ILE FA 112 19.39 4.62 36.17
N ILE FA 113 18.47 3.67 36.10
CA ILE FA 113 18.76 2.32 35.65
C ILE FA 113 17.75 1.93 34.59
N LEU FA 114 18.23 1.68 33.39
CA LEU FA 114 17.44 1.04 32.33
C LEU FA 114 17.54 -0.46 32.57
N GLU FA 115 16.43 -1.06 32.99
CA GLU FA 115 16.38 -2.44 33.43
C GLU FA 115 15.76 -3.32 32.36
N PHE FA 116 16.32 -4.53 32.22
CA PHE FA 116 15.86 -5.51 31.25
C PHE FA 116 15.96 -4.94 29.83
N CYS FA 117 17.19 -4.72 29.40
CA CYS FA 117 17.47 -4.30 28.03
C CYS FA 117 18.05 -5.48 27.25
N THR FA 118 17.68 -5.55 25.97
CA THR FA 118 18.16 -6.59 25.08
C THR FA 118 18.92 -5.96 23.93
N VAL FA 119 19.97 -6.64 23.48
CA VAL FA 119 20.83 -6.10 22.43
C VAL FA 119 20.12 -6.21 21.09
N ALA FA 120 20.07 -5.11 20.35
CA ALA FA 120 19.52 -5.10 18.99
C ALA FA 120 20.58 -4.85 17.94
N ARG FA 121 21.79 -4.44 18.33
CA ARG FA 121 22.82 -4.07 17.37
C ARG FA 121 24.14 -3.91 18.09
N ALA FA 122 25.21 -4.47 17.51
CA ALA FA 122 26.56 -4.32 18.04
C ALA FA 122 27.49 -4.01 16.89
N THR FA 123 28.18 -2.87 16.97
CA THR FA 123 29.05 -2.37 15.91
C THR FA 123 30.41 -2.06 16.52
N PRO FA 124 31.30 -3.04 16.62
CA PRO FA 124 32.65 -2.74 17.15
C PRO FA 124 33.38 -1.69 16.34
N ILE FA 125 33.20 -1.68 15.03
CA ILE FA 125 33.88 -0.75 14.14
C ILE FA 125 32.83 0.01 13.34
N ASN FA 126 32.78 1.33 13.54
CA ASN FA 126 31.83 2.16 12.81
C ASN FA 126 32.21 2.37 11.36
N GLU FA 127 33.51 2.34 11.06
CA GLU FA 127 34.01 2.68 9.73
C GLU FA 127 35.50 2.38 9.70
N ILE FA 128 36.02 2.17 8.50
CA ILE FA 128 37.45 2.04 8.26
C ILE FA 128 37.84 2.99 7.14
N ASP FA 129 38.91 3.76 7.36
CA ASP FA 129 39.42 4.67 6.33
C ASP FA 129 40.89 4.92 6.64
N THR FA 130 41.78 4.36 5.82
CA THR FA 130 43.21 4.49 6.08
C THR FA 130 43.65 5.94 6.10
N ILE FA 131 42.90 6.84 5.46
CA ILE FA 131 43.20 8.27 5.49
C ILE FA 131 42.38 9.01 6.55
N GLY FA 132 41.42 8.34 7.18
CA GLY FA 132 40.63 8.99 8.21
C GLY FA 132 41.42 9.22 9.48
N SER FA 133 40.97 10.21 10.25
CA SER FA 133 41.62 10.58 11.50
C SER FA 133 40.73 10.44 12.73
N ASN FA 134 39.43 10.19 12.54
CA ASN FA 134 38.53 10.06 13.68
C ASN FA 134 38.79 8.75 14.42
N ALA FA 135 38.41 8.73 15.69
CA ALA FA 135 38.53 7.52 16.50
C ALA FA 135 37.41 6.55 16.14
N ALA FA 136 37.76 5.26 16.08
CA ALA FA 136 36.76 4.23 15.85
C ALA FA 136 35.78 4.20 17.02
N MET FA 137 34.49 4.11 16.72
CA MET FA 137 33.44 4.19 17.73
C MET FA 137 32.70 2.86 17.82
N PHE FA 138 32.97 2.14 18.91
CA PHE FA 138 32.09 1.05 19.32
C PHE FA 138 30.69 1.60 19.55
N GLU FA 139 29.69 0.95 18.95
CA GLU FA 139 28.30 1.32 19.14
C GLU FA 139 27.50 0.09 19.56
N CYS FA 140 26.46 0.32 20.37
CA CYS FA 140 25.63 -0.77 20.87
C CYS FA 140 24.22 -0.25 21.11
N ALA FA 141 23.24 -0.91 20.49
CA ALA FA 141 21.84 -0.52 20.63
C ALA FA 141 21.15 -1.48 21.60
N LEU FA 142 20.46 -0.91 22.59
CA LEU FA 142 19.73 -1.66 23.60
C LEU FA 142 18.26 -1.27 23.55
N ASN FA 143 17.40 -2.21 23.92
CA ASN FA 143 15.95 -2.01 23.99
C ASN FA 143 15.49 -2.17 25.43
N PRO FA 144 15.47 -1.10 26.22
CA PRO FA 144 15.08 -1.23 27.63
C PRO FA 144 13.61 -1.58 27.78
N SER FA 145 13.32 -2.30 28.87
CA SER FA 145 11.94 -2.60 29.23
C SER FA 145 11.43 -1.83 30.43
N ARG FA 146 12.32 -1.33 31.30
CA ARG FA 146 11.87 -0.56 32.44
C ARG FA 146 12.93 0.47 32.79
N ILE FA 147 12.54 1.46 33.61
CA ILE FA 147 13.47 2.44 34.15
C ILE FA 147 13.14 2.65 35.63
N ARG FA 148 14.18 2.66 36.47
CA ARG FA 148 14.01 2.95 37.89
C ARG FA 148 15.28 3.65 38.39
N SER FA 149 15.42 3.74 39.71
CA SER FA 149 16.59 4.37 40.30
C SER FA 149 16.69 4.07 41.79
N ASP FA 150 17.87 3.63 42.26
CA ASP FA 150 18.05 3.31 43.66
C ASP FA 150 19.34 3.73 44.37
N GLY FA 151 20.30 4.32 43.66
CA GLY FA 151 21.63 4.53 44.20
C GLY FA 151 21.83 5.80 45.00
N GLY FA 152 20.78 6.56 45.27
CA GLY FA 152 20.96 7.81 45.97
C GLY FA 152 19.68 8.31 46.57
N ASN FA 153 19.69 9.60 46.93
CA ASN FA 153 18.59 10.20 47.67
C ASN FA 153 17.58 10.92 46.79
N ILE FA 154 17.85 11.06 45.50
CA ILE FA 154 16.95 11.84 44.66
C ILE FA 154 15.82 11.02 44.03
N ASN FA 155 16.14 9.82 43.55
CA ASN FA 155 15.14 8.96 42.89
C ASN FA 155 14.47 9.65 41.71
N TRP FA 156 15.21 9.81 40.62
CA TRP FA 156 14.68 10.47 39.43
C TRP FA 156 13.47 9.76 38.85
N TRP FA 157 13.52 8.43 38.79
CA TRP FA 157 12.43 7.71 38.13
C TRP FA 157 11.50 6.87 39.00
N SER FA 158 10.67 7.51 39.81
CA SER FA 158 9.65 6.74 40.52
C SER FA 158 8.38 6.59 39.70
N GLU FA 159 7.88 5.36 39.59
CA GLU FA 159 6.69 5.10 38.78
C GLU FA 159 5.49 4.97 39.72
N PRO FA 160 4.30 5.36 39.23
CA PRO FA 160 3.08 5.24 40.04
C PRO FA 160 2.91 3.85 40.63
N ALA FA 161 2.80 3.75 41.95
CA ALA FA 161 2.71 2.45 42.60
C ALA FA 161 1.65 2.42 43.67
N ALA FA 162 2.02 1.97 44.87
CA ALA FA 162 1.07 1.86 45.96
C ALA FA 162 0.95 3.16 46.75
N MET GA 1 41.75 13.54 22.62
CA MET GA 1 40.97 13.26 23.83
C MET GA 1 41.90 12.96 24.99
N ALA GA 2 41.31 12.59 26.13
CA ALA GA 2 42.07 12.12 27.29
C ALA GA 2 41.87 10.61 27.40
N VAL GA 3 42.90 9.86 27.02
CA VAL GA 3 42.84 8.39 27.00
C VAL GA 3 44.09 7.86 27.68
N SER GA 4 43.89 6.88 28.57
CA SER GA 4 45.01 6.31 29.31
C SER GA 4 45.85 5.36 28.45
N LYS GA 5 45.20 4.60 27.57
CA LYS GA 5 45.89 3.79 26.58
C LYS GA 5 45.20 4.03 25.24
N ARG GA 6 45.96 4.49 24.26
CA ARG GA 6 45.38 5.09 23.08
C ARG GA 6 44.44 4.10 22.38
N PRO GA 7 43.26 4.54 21.93
CA PRO GA 7 42.30 3.63 21.29
C PRO GA 7 42.60 3.48 19.80
N PHE GA 8 41.83 2.60 19.17
CA PHE GA 8 41.97 2.39 17.73
C PHE GA 8 41.43 3.59 16.97
N SER GA 9 42.21 4.08 16.01
CA SER GA 9 41.73 5.09 15.09
C SER GA 9 40.91 4.42 13.98
N ILE GA 10 40.27 5.27 13.15
CA ILE GA 10 39.47 4.74 12.05
C ILE GA 10 40.35 4.24 10.91
N ASN GA 11 41.64 4.59 10.93
CA ASN GA 11 42.59 4.13 9.92
C ASN GA 11 43.42 2.94 10.39
N SER GA 12 43.04 2.32 11.51
CA SER GA 12 43.87 1.35 12.19
C SER GA 12 43.56 -0.09 11.78
N PHE GA 13 43.15 -0.31 10.53
CA PHE GA 13 42.79 -1.65 10.08
C PHE GA 13 43.37 -1.90 8.70
N ALA GA 14 43.78 -3.15 8.46
CA ALA GA 14 44.23 -3.61 7.15
C ALA GA 14 43.22 -4.62 6.62
N VAL GA 15 42.70 -4.37 5.43
CA VAL GA 15 41.59 -5.15 4.87
C VAL GA 15 42.10 -5.89 3.65
N ASN GA 16 41.84 -7.20 3.60
CA ASN GA 16 42.22 -8.06 2.50
C ASN GA 16 41.06 -8.99 2.16
N LEU GA 17 41.14 -9.59 0.97
CA LEU GA 17 40.08 -10.46 0.47
C LEU GA 17 40.65 -11.81 0.06
N ASN GA 18 39.78 -12.82 0.14
CA ASN GA 18 40.02 -14.14 -0.42
C ASN GA 18 38.82 -14.46 -1.31
N ILE GA 19 39.05 -14.55 -2.61
CA ILE GA 19 37.99 -14.73 -3.59
C ILE GA 19 38.09 -16.16 -4.10
N GLY GA 20 37.08 -16.97 -3.78
CA GLY GA 20 37.12 -18.36 -4.18
C GLY GA 20 38.36 -19.03 -3.64
N ASN GA 21 39.14 -19.64 -4.54
CA ASN GA 21 40.40 -20.28 -4.20
C ASN GA 21 41.60 -19.38 -4.46
N PHE GA 22 41.37 -18.08 -4.62
CA PHE GA 22 42.41 -17.12 -4.97
C PHE GA 22 42.64 -16.16 -3.81
N VAL GA 23 43.90 -15.98 -3.44
CA VAL GA 23 44.28 -15.06 -2.37
C VAL GA 23 44.70 -13.75 -3.05
N ASP GA 24 43.76 -12.82 -3.17
CA ASP GA 24 44.06 -11.53 -3.78
C ASP GA 24 44.91 -10.70 -2.83
N ALA GA 25 45.97 -10.09 -3.37
CA ALA GA 25 46.95 -9.38 -2.57
C ALA GA 25 46.69 -7.87 -2.49
N ARG GA 26 45.66 -7.36 -3.17
CA ARG GA 26 45.37 -5.94 -3.11
C ARG GA 26 44.81 -5.56 -1.75
N TYR GA 27 45.09 -4.34 -1.33
CA TYR GA 27 44.61 -3.78 -0.08
C TYR GA 27 43.47 -2.81 -0.35
N TRP GA 28 42.52 -2.78 0.58
CA TRP GA 28 41.35 -1.90 0.48
C TRP GA 28 41.49 -0.77 1.50
N SER GA 29 41.25 0.46 1.05
CA SER GA 29 41.46 1.64 1.88
C SER GA 29 40.22 2.08 2.64
N LYS GA 30 39.06 1.49 2.36
CA LYS GA 30 37.84 1.87 3.05
C LYS GA 30 36.91 0.68 3.17
N CYS GA 31 36.35 0.49 4.36
CA CYS GA 31 35.34 -0.53 4.59
C CYS GA 31 34.22 0.10 5.41
N SER GA 32 33.02 -0.44 5.25
CA SER GA 32 31.84 0.13 5.86
C SER GA 32 31.61 -0.48 7.24
N LYS GA 33 30.44 -0.22 7.80
CA LYS GA 33 30.09 -0.68 9.14
C LYS GA 33 30.22 -2.19 9.26
N ILE GA 34 30.90 -2.63 10.32
CA ILE GA 34 30.96 -4.04 10.70
C ILE GA 34 29.98 -4.25 11.84
N GLU GA 35 29.05 -5.18 11.67
CA GLU GA 35 27.84 -5.19 12.47
C GLU GA 35 27.29 -6.60 12.61
N LYS GA 36 26.61 -6.83 13.73
CA LYS GA 36 25.70 -7.95 13.91
C LYS GA 36 24.35 -7.37 14.33
N THR GA 37 23.31 -7.64 13.56
CA THR GA 37 22.00 -7.05 13.77
C THR GA 37 20.98 -8.12 14.14
N TYR GA 38 20.08 -7.76 15.05
CA TYR GA 38 18.97 -8.61 15.45
C TYR GA 38 17.68 -7.99 14.93
N ASN GA 39 16.90 -8.73 14.16
CA ASN GA 39 15.58 -8.27 13.78
C ASN GA 39 14.60 -8.53 14.93
N THR GA 40 13.79 -7.53 15.22
CA THR GA 40 13.00 -7.51 16.44
C THR GA 40 11.54 -7.85 16.18
N GLY GA 41 10.87 -8.29 17.24
CA GLY GA 41 9.43 -8.48 17.23
C GLY GA 41 8.81 -7.97 18.51
N GLU GA 42 7.78 -7.13 18.40
CA GLU GA 42 7.12 -6.60 19.59
C GLU GA 42 6.18 -7.64 20.17
N TYR GA 43 6.11 -7.67 21.51
CA TYR GA 43 5.22 -8.59 22.18
C TYR GA 43 4.84 -8.05 23.56
N SER GA 44 3.95 -8.79 24.22
CA SER GA 44 3.50 -8.47 25.57
C SER GA 44 3.21 -9.77 26.31
N ASP GA 45 3.34 -9.72 27.64
CA ASP GA 45 2.97 -10.85 28.48
C ASP GA 45 1.54 -10.76 28.99
N GLY GA 46 0.78 -9.73 28.59
CA GLY GA 46 -0.59 -9.58 29.00
C GLY GA 46 -0.77 -9.05 30.41
N GLN GA 47 0.31 -8.70 31.10
CA GLN GA 47 0.23 -8.23 32.48
C GLN GA 47 0.34 -6.72 32.59
N SER GA 48 0.76 -6.04 31.53
CA SER GA 48 0.73 -4.58 31.49
C SER GA 48 0.80 -4.17 30.02
N ASN GA 49 0.78 -2.86 29.80
CA ASN GA 49 0.78 -2.29 28.46
C ASN GA 49 2.16 -1.78 28.04
N ILE GA 50 3.23 -2.42 28.51
CA ILE GA 50 4.57 -2.11 28.02
C ILE GA 50 4.92 -3.04 26.87
N ILE GA 51 5.52 -2.49 25.83
CA ILE GA 51 5.90 -3.25 24.64
C ILE GA 51 7.30 -3.81 24.86
N TYR GA 52 7.45 -5.13 24.73
CA TYR GA 52 8.76 -5.76 24.83
C TYR GA 52 9.29 -6.12 23.46
N THR GA 53 10.61 -6.13 23.35
CA THR GA 53 11.32 -6.44 22.12
C THR GA 53 11.87 -7.86 22.21
N LEU GA 54 11.64 -8.65 21.17
CA LEU GA 54 12.12 -10.03 21.10
C LEU GA 54 13.12 -10.13 19.97
N PRO GA 55 14.40 -10.39 20.23
CA PRO GA 55 15.37 -10.53 19.14
C PRO GA 55 15.16 -11.82 18.35
N GLY GA 56 15.62 -11.80 17.11
CA GLY GA 56 15.60 -12.99 16.29
C GLY GA 56 16.06 -12.67 14.89
N ALA GA 57 16.38 -13.73 14.14
CA ALA GA 57 16.74 -13.61 12.74
C ALA GA 57 17.95 -12.69 12.55
N ILE GA 58 19.07 -13.13 13.14
CA ILE GA 58 20.30 -12.36 13.03
C ILE GA 58 20.63 -12.12 11.57
N LYS GA 59 21.16 -10.92 11.29
CA LYS GA 59 21.61 -10.55 9.96
C LYS GA 59 22.90 -9.75 10.07
N TYR GA 60 23.91 -10.16 9.32
CA TYR GA 60 25.14 -9.40 9.20
C TYR GA 60 25.01 -8.47 8.01
N PRO GA 61 24.77 -7.18 8.19
CA PRO GA 61 24.41 -6.33 7.05
C PRO GA 61 25.55 -6.21 6.04
N GLU GA 62 25.24 -5.48 4.96
CA GLU GA 62 26.17 -5.36 3.85
C GLU GA 62 27.44 -4.66 4.27
N VAL GA 63 28.54 -5.01 3.61
CA VAL GA 63 29.83 -4.36 3.79
C VAL GA 63 30.26 -3.78 2.45
N VAL GA 64 30.59 -2.49 2.43
CA VAL GA 64 30.98 -1.80 1.21
C VAL GA 64 32.47 -1.49 1.32
N LEU GA 65 33.28 -2.25 0.58
CA LEU GA 65 34.71 -1.99 0.50
C LEU GA 65 34.98 -1.05 -0.68
N SER GA 66 36.05 -0.26 -0.54
CA SER GA 66 36.45 0.62 -1.64
C SER GA 66 37.95 0.83 -1.59
N LYS GA 67 38.52 1.10 -2.77
CA LYS GA 67 39.95 1.37 -2.89
C LYS GA 67 40.16 2.25 -4.12
N ALA GA 68 41.40 2.68 -4.30
CA ALA GA 68 41.74 3.51 -5.45
C ALA GA 68 41.93 2.60 -6.67
N PHE GA 69 41.17 2.87 -7.74
CA PHE GA 69 41.27 2.09 -8.96
C PHE GA 69 42.65 2.31 -9.58
N SER GA 70 43.41 1.25 -9.73
CA SER GA 70 44.81 1.33 -10.13
C SER GA 70 45.13 0.15 -11.02
N PRO GA 71 46.29 0.18 -11.68
CA PRO GA 71 46.68 -0.96 -12.51
C PRO GA 71 46.83 -2.23 -11.69
N GLY GA 72 46.53 -3.36 -12.32
CA GLY GA 72 46.49 -4.64 -11.66
C GLY GA 72 45.15 -4.97 -11.04
N ASP GA 73 44.21 -4.01 -11.04
CA ASP GA 73 42.86 -4.25 -10.53
C ASP GA 73 41.96 -4.93 -11.54
N GLU GA 74 42.41 -5.11 -12.79
CA GLU GA 74 41.56 -5.78 -13.78
C GLU GA 74 41.31 -7.23 -13.39
N GLU GA 75 42.34 -7.92 -12.87
CA GLU GA 75 42.16 -9.30 -12.45
C GLU GA 75 41.25 -9.37 -11.23
N LEU GA 76 41.37 -8.43 -10.30
CA LEU GA 76 40.45 -8.37 -9.17
C LEU GA 76 39.02 -8.14 -9.65
N ILE GA 77 38.84 -7.26 -10.64
CA ILE GA 77 37.52 -7.05 -11.21
C ILE GA 77 36.97 -8.35 -11.77
N ASN GA 78 37.78 -9.08 -12.53
CA ASN GA 78 37.32 -10.32 -13.12
C ASN GA 78 36.95 -11.34 -12.04
N ARG GA 79 37.79 -11.46 -11.00
CA ARG GA 79 37.51 -12.43 -9.95
C ARG GA 79 36.21 -12.08 -9.23
N LEU GA 80 36.03 -10.81 -8.86
CA LEU GA 80 34.81 -10.40 -8.18
C LEU GA 80 33.59 -10.59 -9.06
N ILE GA 81 33.73 -10.32 -10.36
CA ILE GA 81 32.63 -10.49 -11.30
C ILE GA 81 32.28 -11.95 -11.52
N ALA GA 82 33.22 -12.87 -11.33
CA ALA GA 82 32.99 -14.28 -11.59
C ALA GA 82 32.72 -15.10 -10.33
N VAL GA 83 32.88 -14.55 -9.14
CA VAL GA 83 32.68 -15.36 -7.92
C VAL GA 83 31.32 -16.04 -7.94
N ASN GA 84 30.24 -15.25 -8.07
CA ASN GA 84 28.91 -15.80 -7.87
C ASN GA 84 28.54 -16.85 -8.91
N SER GA 85 29.30 -16.94 -10.02
CA SER GA 85 29.02 -17.96 -11.02
C SER GA 85 29.15 -19.36 -10.43
N ASP GA 86 30.01 -19.54 -9.43
CA ASP GA 86 30.22 -20.84 -8.81
C ASP GA 86 29.43 -20.90 -7.51
N PRO GA 87 28.49 -21.84 -7.35
CA PRO GA 87 27.78 -21.93 -6.07
C PRO GA 87 28.67 -22.29 -4.90
N ILE GA 88 29.85 -22.85 -5.16
CA ILE GA 88 30.74 -23.25 -4.08
C ILE GA 88 31.63 -22.09 -3.66
N ALA GA 89 31.93 -21.17 -4.58
CA ALA GA 89 32.87 -20.10 -4.29
C ALA GA 89 32.27 -19.09 -3.32
N TRP GA 90 33.12 -18.57 -2.44
CA TRP GA 90 32.72 -17.56 -1.45
C TRP GA 90 33.77 -16.48 -1.37
N VAL GA 91 33.38 -15.33 -0.86
CA VAL GA 91 34.29 -14.21 -0.60
C VAL GA 91 34.50 -14.12 0.90
N THR GA 92 35.76 -14.08 1.32
CA THR GA 92 36.13 -13.93 2.71
C THR GA 92 36.90 -12.62 2.89
N VAL GA 93 36.57 -11.88 3.94
CA VAL GA 93 37.21 -10.59 4.23
C VAL GA 93 38.00 -10.74 5.51
N PHE GA 94 39.25 -10.27 5.49
CA PHE GA 94 40.09 -10.26 6.69
C PHE GA 94 40.42 -8.82 7.05
N ILE GA 95 40.07 -8.43 8.27
CA ILE GA 95 40.39 -7.11 8.81
C ILE GA 95 41.32 -7.32 9.98
N GLN GA 96 42.56 -6.87 9.83
CA GLN GA 96 43.55 -6.96 10.90
C GLN GA 96 43.63 -5.61 11.59
N PRO GA 97 43.14 -5.47 12.83
CA PRO GA 97 43.41 -4.25 13.58
C PRO GA 97 44.88 -4.13 13.93
N MET GA 98 45.35 -2.89 14.03
CA MET GA 98 46.77 -2.60 14.14
C MET GA 98 46.95 -1.16 14.56
N TYR GA 99 48.20 -0.77 14.79
CA TYR GA 99 48.59 0.63 14.96
C TYR GA 99 49.67 0.92 13.93
N ARG GA 100 49.42 1.89 13.05
CA ARG GA 100 50.32 2.21 11.96
C ARG GA 100 50.71 3.67 12.01
N ASP GA 101 51.90 3.99 11.50
CA ASP GA 101 52.32 5.37 11.33
C ASP GA 101 52.49 5.71 9.85
N GLY GA 102 53.46 5.12 9.16
CA GLY GA 102 53.47 5.13 7.71
C GLY GA 102 53.30 3.75 7.11
N TYR GA 103 54.14 2.82 7.59
CA TYR GA 103 54.06 1.41 7.22
C TYR GA 103 54.44 0.52 8.39
N TYR GA 104 54.53 1.07 9.60
CA TYR GA 104 55.02 0.36 10.77
C TYR GA 104 53.85 -0.23 11.57
N ASN GA 105 52.86 -0.75 10.85
CA ASN GA 105 51.76 -1.45 11.50
C ASN GA 105 52.29 -2.41 12.56
N VAL GA 106 51.71 -2.36 13.74
CA VAL GA 106 52.07 -3.27 14.82
C VAL GA 106 50.80 -4.02 15.20
N PRO GA 107 50.44 -5.07 14.48
CA PRO GA 107 49.18 -5.76 14.76
C PRO GA 107 49.14 -6.34 16.17
N GLN GA 108 47.96 -6.28 16.77
CA GLN GA 108 47.69 -6.94 18.04
C GLN GA 108 46.35 -7.66 17.94
N GLY GA 109 46.34 -8.92 18.39
CA GLY GA 109 45.15 -9.75 18.30
C GLY GA 109 45.01 -10.39 16.94
N GLY GA 110 44.03 -11.30 16.87
CA GLY GA 110 43.71 -11.94 15.62
C GLY GA 110 43.00 -10.98 14.67
N LYS GA 111 42.63 -11.52 13.52
CA LYS GA 111 41.97 -10.73 12.48
C LYS GA 111 40.51 -11.10 12.41
N ILE GA 112 39.65 -10.09 12.35
CA ILE GA 112 38.21 -10.32 12.19
C ILE GA 112 37.95 -10.79 10.76
N ILE GA 113 37.28 -11.93 10.64
CA ILE GA 113 37.08 -12.59 9.36
C ILE GA 113 35.60 -12.61 9.06
N LEU GA 114 35.18 -11.89 8.01
CA LEU GA 114 33.84 -12.02 7.47
C LEU GA 114 33.84 -13.23 6.55
N GLU GA 115 33.10 -14.26 6.95
CA GLU GA 115 33.13 -15.57 6.31
C GLU GA 115 31.87 -15.79 5.49
N PHE GA 116 32.05 -16.39 4.31
CA PHE GA 116 30.94 -16.72 3.41
C PHE GA 116 30.18 -15.46 3.01
N CYS GA 117 30.86 -14.62 2.24
CA CYS GA 117 30.27 -13.41 1.69
C CYS GA 117 30.03 -13.58 0.20
N THR GA 118 28.91 -13.04 -0.27
CA THR GA 118 28.57 -13.02 -1.68
C THR GA 118 28.60 -11.60 -2.20
N VAL GA 119 28.97 -11.46 -3.47
CA VAL GA 119 29.08 -10.15 -4.10
C VAL GA 119 27.69 -9.68 -4.52
N ALA GA 120 27.34 -8.45 -4.11
CA ALA GA 120 26.11 -7.81 -4.53
C ALA GA 120 26.32 -6.69 -5.53
N ARG GA 121 27.48 -6.05 -5.52
CA ARG GA 121 27.78 -4.98 -6.46
C ARG GA 121 29.28 -4.92 -6.68
N ALA GA 122 29.68 -4.65 -7.92
CA ALA GA 122 31.07 -4.41 -8.28
C ALA GA 122 31.10 -3.19 -9.19
N THR GA 123 31.64 -2.08 -8.68
CA THR GA 123 31.67 -0.80 -9.39
C THR GA 123 33.12 -0.39 -9.55
N PRO GA 124 33.79 -0.81 -10.63
CA PRO GA 124 35.18 -0.39 -10.84
C PRO GA 124 35.33 1.11 -10.95
N ILE GA 125 34.36 1.79 -11.56
CA ILE GA 125 34.43 3.23 -11.80
C ILE GA 125 33.25 3.86 -11.10
N ASN GA 126 33.52 4.63 -10.05
CA ASN GA 126 32.46 5.33 -9.32
C ASN GA 126 31.90 6.51 -10.09
N GLU GA 127 32.67 7.09 -11.00
CA GLU GA 127 32.26 8.28 -11.73
C GLU GA 127 33.36 8.62 -12.73
N ILE GA 128 32.99 9.39 -13.76
CA ILE GA 128 33.95 9.94 -14.70
C ILE GA 128 33.66 11.43 -14.86
N ASP GA 129 34.70 12.26 -14.74
CA ASP GA 129 34.57 13.70 -14.91
C ASP GA 129 35.91 14.20 -15.44
N THR GA 130 35.95 14.52 -16.73
CA THR GA 130 37.21 14.92 -17.35
C THR GA 130 37.78 16.16 -16.68
N ILE GA 131 36.93 16.97 -16.03
CA ILE GA 131 37.41 18.11 -15.26
C ILE GA 131 37.63 17.75 -13.79
N GLY GA 132 37.16 16.60 -13.34
CA GLY GA 132 37.31 16.23 -11.95
C GLY GA 132 38.75 15.90 -11.59
N SER GA 133 39.04 15.99 -10.29
CA SER GA 133 40.38 15.74 -9.78
C SER GA 133 40.43 14.64 -8.75
N ASN GA 134 39.29 14.07 -8.36
CA ASN GA 134 39.28 13.01 -7.37
C ASN GA 134 39.81 11.71 -7.97
N ALA GA 135 40.20 10.79 -7.09
CA ALA GA 135 40.68 9.49 -7.52
C ALA GA 135 39.51 8.54 -7.75
N ALA GA 136 39.55 7.83 -8.86
CA ALA GA 136 38.52 6.84 -9.16
C ALA GA 136 38.52 5.76 -8.08
N MET GA 137 37.33 5.39 -7.62
CA MET GA 137 37.18 4.46 -6.51
C MET GA 137 36.52 3.17 -7.00
N PHE GA 138 37.27 2.07 -6.94
CA PHE GA 138 36.70 0.75 -7.10
C PHE GA 138 35.95 0.38 -5.84
N GLU GA 139 34.66 0.09 -5.97
CA GLU GA 139 33.80 -0.27 -4.84
C GLU GA 139 33.26 -1.68 -5.04
N CYS GA 140 32.99 -2.35 -3.91
CA CYS GA 140 32.49 -3.71 -3.94
C CYS GA 140 31.62 -3.95 -2.72
N ALA GA 141 30.41 -4.45 -2.95
CA ALA GA 141 29.45 -4.73 -1.88
C ALA GA 141 29.42 -6.22 -1.62
N LEU GA 142 29.49 -6.60 -0.34
CA LEU GA 142 29.54 -8.00 0.07
C LEU GA 142 28.49 -8.24 1.15
N ASN GA 143 27.99 -9.48 1.18
CA ASN GA 143 26.94 -9.90 2.12
C ASN GA 143 27.48 -11.04 2.97
N PRO GA 144 28.13 -10.74 4.10
CA PRO GA 144 28.71 -11.81 4.92
C PRO GA 144 27.63 -12.68 5.57
N SER GA 145 27.98 -13.94 5.79
CA SER GA 145 27.12 -14.85 6.54
C SER GA 145 27.62 -15.15 7.94
N ARG GA 146 28.92 -14.97 8.21
CA ARG GA 146 29.44 -15.24 9.54
C ARG GA 146 30.60 -14.29 9.83
N ILE GA 147 30.98 -14.23 11.10
CA ILE GA 147 32.15 -13.46 11.53
C ILE GA 147 32.96 -14.33 12.49
N ARG GA 148 34.29 -14.20 12.44
CA ARG GA 148 35.20 -15.08 13.16
C ARG GA 148 36.44 -14.27 13.53
N SER GA 149 37.35 -14.88 14.28
CA SER GA 149 38.63 -14.25 14.59
C SER GA 149 39.68 -15.34 14.79
N ASP GA 150 40.82 -15.22 14.10
CA ASP GA 150 41.76 -16.35 14.03
C ASP GA 150 43.24 -16.17 14.38
N GLY GA 151 43.90 -15.11 13.92
CA GLY GA 151 45.34 -15.15 13.86
C GLY GA 151 46.07 -14.40 14.96
N GLY GA 152 45.56 -14.46 16.19
CA GLY GA 152 46.21 -13.77 17.28
C GLY GA 152 45.68 -14.20 18.62
N ASN GA 153 46.12 -13.49 19.65
CA ASN GA 153 45.82 -13.85 21.03
C ASN GA 153 44.56 -13.18 21.57
N ILE GA 154 44.06 -12.14 20.90
CA ILE GA 154 42.97 -11.35 21.48
C ILE GA 154 41.62 -11.99 21.20
N ASN GA 155 41.45 -12.56 20.00
CA ASN GA 155 40.20 -13.22 19.58
C ASN GA 155 38.98 -12.29 19.67
N TRP GA 156 39.02 -11.27 18.81
CA TRP GA 156 38.06 -10.18 18.90
C TRP GA 156 36.62 -10.67 18.91
N TRP GA 157 36.26 -11.52 17.94
CA TRP GA 157 34.88 -11.94 17.73
C TRP GA 157 34.75 -13.42 18.02
N SER GA 158 33.81 -13.78 18.88
CA SER GA 158 33.60 -15.17 19.27
C SER GA 158 32.12 -15.38 19.59
N GLU GA 159 31.44 -16.19 18.78
CA GLU GA 159 30.05 -16.51 19.01
C GLU GA 159 29.93 -17.45 20.21
N PRO GA 160 28.71 -17.51 20.87
CA PRO GA 160 28.70 -18.45 22.01
C PRO GA 160 28.88 -19.92 21.64
N ALA GA 161 30.04 -20.49 21.96
CA ALA GA 161 30.31 -21.87 21.59
C ALA GA 161 29.81 -22.84 22.63
N ALA GA 162 29.52 -24.07 22.23
CA ALA GA 162 29.10 -25.08 23.19
C ALA GA 162 30.32 -25.45 24.01
N GLN GA 163 30.18 -25.47 25.32
CA GLN GA 163 31.33 -25.76 26.18
C GLN GA 163 31.43 -27.21 26.62
N VAL HA 3 53.45 5.10 -3.80
CA VAL HA 3 53.23 3.94 -4.63
C VAL HA 3 54.15 4.02 -5.86
N SER HA 4 54.41 2.87 -6.47
CA SER HA 4 55.24 2.83 -7.66
C SER HA 4 54.50 3.43 -8.85
N LYS HA 5 53.23 3.05 -9.04
CA LYS HA 5 52.44 3.49 -10.18
C LYS HA 5 51.18 4.16 -9.67
N ARG HA 6 50.90 5.36 -10.18
CA ARG HA 6 49.78 6.14 -9.68
C ARG HA 6 48.46 5.52 -10.11
N PRO HA 7 47.41 5.67 -9.32
CA PRO HA 7 46.10 5.13 -9.70
C PRO HA 7 45.39 6.02 -10.71
N PHE HA 8 44.31 5.49 -11.27
CA PHE HA 8 43.51 6.23 -12.23
C PHE HA 8 42.76 7.38 -11.54
N SER HA 9 42.88 8.57 -12.10
CA SER HA 9 42.08 9.69 -11.64
C SER HA 9 40.70 9.64 -12.28
N ILE HA 10 39.77 10.43 -11.73
CA ILE HA 10 38.41 10.44 -12.24
C ILE HA 10 38.35 11.00 -13.65
N ASN HA 11 39.33 11.81 -14.04
CA ASN HA 11 39.39 12.41 -15.37
C ASN HA 11 40.10 11.53 -16.39
N SER HA 12 40.46 10.30 -16.01
CA SER HA 12 41.36 9.45 -16.79
C SER HA 12 40.62 8.54 -17.75
N PHE HA 13 39.46 8.94 -18.26
CA PHE HA 13 38.70 8.12 -19.19
C PHE HA 13 38.20 8.98 -20.36
N ALA HA 14 38.24 8.38 -21.55
CA ALA HA 14 37.68 8.97 -22.76
C ALA HA 14 36.47 8.16 -23.18
N VAL HA 15 35.35 8.83 -23.43
CA VAL HA 15 34.07 8.18 -23.65
C VAL HA 15 33.57 8.53 -25.04
N ASN HA 16 33.20 7.50 -25.81
CA ASN HA 16 32.68 7.65 -27.15
C ASN HA 16 31.44 6.77 -27.31
N LEU HA 17 30.68 7.04 -28.36
CA LEU HA 17 29.43 6.32 -28.62
C LEU HA 17 29.39 5.80 -30.05
N ASN HA 18 28.71 4.67 -30.23
CA ASN HA 18 28.26 4.19 -31.52
C ASN HA 18 26.73 4.12 -31.44
N ILE HA 19 26.07 4.81 -32.36
CA ILE HA 19 24.62 4.93 -32.38
C ILE HA 19 24.12 4.23 -33.63
N GLY HA 20 23.63 3.00 -33.47
CA GLY HA 20 23.19 2.23 -34.62
C GLY HA 20 24.38 1.95 -35.53
N ASN HA 21 24.28 2.39 -36.78
CA ASN HA 21 25.32 2.21 -37.77
C ASN HA 21 26.29 3.38 -37.81
N PHE HA 22 26.12 4.37 -36.94
CA PHE HA 22 26.92 5.58 -36.96
C PHE HA 22 28.01 5.51 -35.89
N VAL HA 23 29.17 6.07 -36.19
CA VAL HA 23 30.27 6.20 -35.25
C VAL HA 23 30.38 7.69 -34.92
N ASP HA 24 29.70 8.12 -33.86
CA ASP HA 24 29.76 9.51 -33.46
C ASP HA 24 31.15 9.86 -32.97
N ALA HA 25 31.69 10.98 -33.46
CA ALA HA 25 33.05 11.40 -33.13
C ALA HA 25 33.12 12.33 -31.93
N ARG HA 26 31.97 12.71 -31.36
CA ARG HA 26 31.98 13.60 -30.20
C ARG HA 26 32.36 12.84 -28.94
N TYR HA 27 33.17 13.47 -28.11
CA TYR HA 27 33.55 12.93 -26.81
C TYR HA 27 32.55 13.38 -25.75
N TRP HA 28 32.52 12.62 -24.65
CA TRP HA 28 31.67 12.94 -23.50
C TRP HA 28 32.54 13.22 -22.29
N SER HA 29 32.26 14.33 -21.61
CA SER HA 29 33.09 14.76 -20.49
C SER HA 29 32.61 14.25 -19.15
N LYS HA 30 31.48 13.54 -19.10
CA LYS HA 30 30.98 13.03 -17.83
C LYS HA 30 30.23 11.73 -18.06
N CYS HA 31 30.23 10.89 -17.04
CA CYS HA 31 29.56 9.59 -17.07
C CYS HA 31 29.35 9.13 -15.64
N SER HA 32 28.27 8.39 -15.42
CA SER HA 32 27.98 7.86 -14.10
C SER HA 32 28.73 6.55 -13.89
N LYS HA 33 28.45 5.90 -12.77
CA LYS HA 33 29.22 4.73 -12.37
C LYS HA 33 28.96 3.55 -13.30
N ILE HA 34 30.00 2.75 -13.51
CA ILE HA 34 29.92 1.50 -14.27
C ILE HA 34 29.88 0.37 -13.26
N GLU HA 35 28.82 -0.45 -13.33
CA GLU HA 35 28.52 -1.39 -12.27
C GLU HA 35 27.87 -2.65 -12.84
N LYS HA 36 28.06 -3.76 -12.12
CA LYS HA 36 27.32 -5.00 -12.32
C LYS HA 36 26.60 -5.26 -11.01
N THR HA 37 25.28 -5.15 -11.01
CA THR HA 37 24.48 -5.30 -9.81
C THR HA 37 23.82 -6.67 -9.77
N TYR HA 38 23.88 -7.30 -8.60
CA TYR HA 38 23.20 -8.57 -8.35
C TYR HA 38 21.97 -8.29 -7.48
N ASN HA 39 20.80 -8.61 -8.00
CA ASN HA 39 19.61 -8.58 -7.15
C ASN HA 39 19.70 -9.71 -6.14
N THR HA 40 19.13 -9.48 -4.96
CA THR HA 40 19.33 -10.35 -3.81
C THR HA 40 18.05 -11.08 -3.43
N GLY HA 41 18.20 -12.36 -3.11
CA GLY HA 41 17.13 -13.12 -2.48
C GLY HA 41 17.55 -13.47 -1.08
N GLU HA 42 16.56 -13.71 -0.23
CA GLU HA 42 16.79 -13.98 1.19
C GLU HA 42 16.38 -15.41 1.50
N TYR HA 43 17.29 -16.17 2.13
CA TYR HA 43 16.96 -17.56 2.45
C TYR HA 43 17.55 -17.94 3.80
N SER HA 44 17.03 -19.05 4.33
CA SER HA 44 17.54 -19.69 5.51
C SER HA 44 18.06 -21.07 5.13
N ASP HA 45 18.72 -21.73 6.09
CA ASP HA 45 19.20 -23.09 5.86
C ASP HA 45 18.56 -24.10 6.79
N GLY HA 46 17.85 -23.64 7.82
CA GLY HA 46 17.07 -24.52 8.67
C GLY HA 46 17.73 -24.89 9.98
N GLN HA 47 19.05 -24.84 10.06
CA GLN HA 47 19.78 -25.15 11.28
C GLN HA 47 20.23 -23.90 12.02
N SER HA 48 19.93 -22.71 11.50
CA SER HA 48 20.28 -21.47 12.16
C SER HA 48 19.27 -20.41 11.75
N ASN HA 49 19.27 -19.31 12.50
CA ASN HA 49 18.45 -18.15 12.19
C ASN HA 49 19.26 -17.02 11.59
N ILE HA 50 20.43 -17.32 11.02
CA ILE HA 50 21.18 -16.33 10.25
C ILE HA 50 20.54 -16.20 8.87
N ILE HA 51 20.43 -14.97 8.40
CA ILE HA 51 19.83 -14.68 7.11
C ILE HA 51 20.92 -14.74 6.05
N TYR HA 52 20.72 -15.59 5.04
CA TYR HA 52 21.69 -15.75 3.96
C TYR HA 52 21.18 -15.06 2.71
N THR HA 53 22.12 -14.47 1.96
CA THR HA 53 21.82 -13.76 0.73
C THR HA 53 22.15 -14.63 -0.47
N LEU HA 54 21.31 -14.56 -1.49
CA LEU HA 54 21.45 -15.35 -2.70
C LEU HA 54 21.52 -14.43 -3.90
N PRO HA 55 22.63 -14.39 -4.65
CA PRO HA 55 22.68 -13.55 -5.85
C PRO HA 55 21.73 -14.06 -6.92
N GLY HA 56 21.26 -13.14 -7.76
CA GLY HA 56 20.44 -13.52 -8.88
C GLY HA 56 19.99 -12.29 -9.64
N ALA HA 57 19.57 -12.52 -10.89
CA ALA HA 57 18.99 -11.48 -11.72
C ALA HA 57 19.94 -10.29 -11.89
N ILE HA 58 21.08 -10.58 -12.51
CA ILE HA 58 22.07 -9.55 -12.76
C ILE HA 58 21.44 -8.38 -13.49
N LYS HA 59 21.89 -7.17 -13.17
CA LYS HA 59 21.47 -5.96 -13.87
C LYS HA 59 22.64 -5.00 -13.95
N TYR HA 60 22.76 -4.33 -15.10
CA TYR HA 60 23.73 -3.26 -15.26
C TYR HA 60 22.99 -1.94 -15.20
N PRO HA 61 23.12 -1.15 -14.14
CA PRO HA 61 22.26 0.03 -13.98
C PRO HA 61 22.53 1.08 -15.05
N GLU HA 62 21.71 2.13 -15.01
CA GLU HA 62 21.77 3.17 -16.02
C GLU HA 62 23.13 3.86 -16.02
N VAL HA 63 23.51 4.36 -17.18
CA VAL HA 63 24.70 5.21 -17.34
C VAL HA 63 24.24 6.55 -17.89
N VAL HA 64 24.55 7.63 -17.17
CA VAL HA 64 24.14 8.97 -17.56
C VAL HA 64 25.38 9.69 -18.08
N LEU HA 65 25.49 9.82 -19.39
CA LEU HA 65 26.57 10.56 -20.01
C LEU HA 65 26.19 12.04 -20.10
N SER HA 66 27.20 12.90 -20.10
CA SER HA 66 26.97 14.34 -20.16
C SER HA 66 28.14 15.00 -20.87
N LYS HA 67 27.85 16.13 -21.50
CA LYS HA 67 28.89 16.91 -22.17
C LYS HA 67 28.38 18.33 -22.38
N ALA HA 68 29.27 19.20 -22.84
CA ALA HA 68 28.90 20.57 -23.15
C ALA HA 68 28.10 20.61 -24.44
N PHE HA 69 26.99 21.33 -24.42
CA PHE HA 69 26.13 21.45 -25.60
C PHE HA 69 26.74 22.47 -26.55
N SER HA 70 27.08 22.02 -27.76
CA SER HA 70 27.80 22.85 -28.72
C SER HA 70 27.35 22.48 -30.11
N PRO HA 71 27.69 23.30 -31.11
CA PRO HA 71 27.40 22.90 -32.49
C PRO HA 71 28.12 21.62 -32.85
N GLY HA 72 27.48 20.82 -33.70
CA GLY HA 72 27.94 19.48 -33.98
C GLY HA 72 27.06 18.46 -33.29
N ASP HA 73 26.61 18.80 -32.08
CA ASP HA 73 25.64 17.97 -31.39
C ASP HA 73 24.25 18.03 -32.01
N GLU HA 74 24.05 18.92 -32.99
CA GLU HA 74 22.76 18.98 -33.69
C GLU HA 74 22.39 17.62 -34.27
N GLU HA 75 23.38 16.91 -34.82
CA GLU HA 75 23.11 15.61 -35.42
C GLU HA 75 23.15 14.49 -34.39
N LEU HA 76 23.93 14.67 -33.33
CA LEU HA 76 23.92 13.71 -32.23
C LEU HA 76 22.55 13.65 -31.56
N ILE HA 77 21.89 14.80 -31.44
CA ILE HA 77 20.54 14.83 -30.88
C ILE HA 77 19.61 13.93 -31.69
N ASN HA 78 19.61 14.10 -33.02
CA ASN HA 78 18.74 13.32 -33.87
C ASN HA 78 19.10 11.85 -33.83
N ARG HA 79 20.41 11.54 -33.84
CA ARG HA 79 20.84 10.16 -33.79
C ARG HA 79 20.33 9.47 -32.53
N LEU HA 80 20.47 10.13 -31.38
CA LEU HA 80 19.98 9.56 -30.12
C LEU HA 80 18.47 9.45 -30.12
N ILE HA 81 17.78 10.48 -30.64
CA ILE HA 81 16.32 10.49 -30.63
C ILE HA 81 15.75 9.37 -31.49
N ALA HA 82 16.42 9.00 -32.59
CA ALA HA 82 15.88 8.05 -33.54
C ALA HA 82 16.32 6.61 -33.29
N VAL HA 83 17.33 6.38 -32.44
CA VAL HA 83 17.94 5.05 -32.37
C VAL HA 83 16.94 4.01 -31.87
N ASN HA 84 16.21 4.32 -30.81
CA ASN HA 84 15.25 3.34 -30.27
C ASN HA 84 14.14 3.02 -31.26
N SER HA 85 13.91 3.88 -32.26
CA SER HA 85 12.84 3.62 -33.21
C SER HA 85 13.06 2.32 -33.97
N ASP HA 86 14.31 1.94 -34.20
CA ASP HA 86 14.62 0.73 -34.95
C ASP HA 86 14.92 -0.40 -33.97
N PRO HA 87 14.16 -1.49 -33.95
CA PRO HA 87 14.41 -2.55 -32.97
C PRO HA 87 15.77 -3.20 -33.11
N ILE HA 88 16.43 -3.07 -34.26
CA ILE HA 88 17.77 -3.65 -34.41
C ILE HA 88 18.88 -2.73 -33.91
N ALA HA 89 18.58 -1.44 -33.80
CA ALA HA 89 19.63 -0.49 -33.40
C ALA HA 89 19.90 -0.45 -31.91
N TRP HA 90 21.17 -0.38 -31.54
CA TRP HA 90 21.54 -0.30 -30.13
C TRP HA 90 22.60 0.77 -29.99
N VAL HA 91 23.01 1.05 -28.75
CA VAL HA 91 24.08 2.01 -28.53
C VAL HA 91 25.28 1.29 -27.94
N THR HA 92 26.48 1.55 -28.47
CA THR HA 92 27.68 0.93 -27.94
C THR HA 92 28.59 1.99 -27.35
N VAL HA 93 28.89 1.87 -26.07
CA VAL HA 93 29.72 2.86 -25.40
C VAL HA 93 31.17 2.38 -25.30
N PHE HA 94 32.11 3.27 -25.55
CA PHE HA 94 33.52 2.89 -25.54
C PHE HA 94 34.31 3.75 -24.56
N ILE HA 95 34.69 3.15 -23.43
CA ILE HA 95 35.41 3.90 -22.40
C ILE HA 95 36.86 3.45 -22.29
N GLN HA 96 37.79 4.31 -22.71
CA GLN HA 96 39.21 3.95 -22.69
C GLN HA 96 39.97 4.60 -21.54
N PRO HA 97 40.57 3.78 -20.61
CA PRO HA 97 41.33 4.52 -19.58
C PRO HA 97 42.71 4.95 -20.04
N MET HA 98 43.12 6.14 -19.62
CA MET HA 98 44.41 6.67 -20.04
C MET HA 98 45.02 7.57 -18.99
N TYR HA 99 46.13 8.22 -19.31
CA TYR HA 99 46.72 9.20 -18.40
C TYR HA 99 47.02 10.43 -19.22
N ARG HA 100 46.14 11.43 -19.14
CA ARG HA 100 46.29 12.60 -20.00
C ARG HA 100 46.98 13.81 -19.41
N ASP HA 101 47.97 14.35 -20.13
CA ASP HA 101 48.60 15.57 -19.67
C ASP HA 101 47.98 16.58 -20.61
N GLY HA 102 46.75 17.00 -20.32
CA GLY HA 102 46.05 17.86 -21.23
C GLY HA 102 45.68 17.13 -22.50
N TYR HA 103 46.39 17.42 -23.60
CA TYR HA 103 46.20 16.74 -24.87
C TYR HA 103 47.26 15.68 -25.11
N TYR HA 104 47.71 15.01 -24.04
CA TYR HA 104 48.74 13.98 -24.14
C TYR HA 104 48.21 12.69 -23.51
N ASN HA 105 47.02 12.28 -23.92
CA ASN HA 105 46.46 11.01 -23.46
C ASN HA 105 47.45 9.87 -23.69
N VAL HA 106 47.61 9.03 -22.68
CA VAL HA 106 48.49 7.87 -22.74
C VAL HA 106 47.63 6.65 -22.45
N PRO HA 107 47.08 5.99 -23.46
CA PRO HA 107 46.22 4.83 -23.21
C PRO HA 107 47.03 3.63 -22.73
N GLN HA 108 46.37 2.78 -21.94
CA GLN HA 108 46.91 1.47 -21.60
C GLN HA 108 45.74 0.52 -21.36
N GLY HA 109 45.88 -0.69 -21.90
CA GLY HA 109 44.82 -1.66 -21.82
C GLY HA 109 43.71 -1.38 -22.82
N GLY HA 110 42.91 -2.41 -23.07
CA GLY HA 110 41.78 -2.26 -23.95
C GLY HA 110 40.74 -1.34 -23.34
N LYS HA 111 39.75 -0.99 -24.15
CA LYS HA 111 38.65 -0.17 -23.69
C LYS HA 111 37.53 -1.05 -23.13
N ILE HA 112 36.84 -0.52 -22.14
CA ILE HA 112 35.62 -1.13 -21.62
C ILE HA 112 34.48 -0.80 -22.58
N ILE HA 113 33.63 -1.78 -22.83
CA ILE HA 113 32.58 -1.70 -23.81
C ILE HA 113 31.25 -2.01 -23.13
N LEU HA 114 30.33 -1.05 -23.17
CA LEU HA 114 28.94 -1.33 -22.88
C LEU HA 114 28.24 -1.69 -24.18
N GLU HA 115 27.80 -2.95 -24.28
CA GLU HA 115 27.56 -3.56 -25.59
C GLU HA 115 26.24 -3.11 -26.21
N PHE HA 116 25.13 -3.48 -25.58
CA PHE HA 116 23.79 -3.26 -26.14
C PHE HA 116 23.07 -2.32 -25.19
N CYS HA 117 22.95 -1.06 -25.60
CA CYS HA 117 22.30 -0.03 -24.82
C CYS HA 117 21.07 0.58 -25.47
N THR HA 118 20.03 0.78 -24.66
CA THR HA 118 18.82 1.47 -25.10
C THR HA 118 18.77 2.87 -24.49
N VAL HA 119 18.36 3.83 -25.30
CA VAL HA 119 18.28 5.22 -24.85
C VAL HA 119 17.05 5.38 -23.97
N ALA HA 120 17.26 5.69 -22.70
CA ALA HA 120 16.19 5.98 -21.76
C ALA HA 120 15.88 7.47 -21.67
N ARG HA 121 16.90 8.34 -21.76
CA ARG HA 121 16.64 9.77 -21.65
C ARG HA 121 17.58 10.56 -22.55
N ALA HA 122 17.08 11.67 -23.08
CA ALA HA 122 17.90 12.59 -23.88
C ALA HA 122 17.52 14.01 -23.48
N THR HA 123 18.47 14.75 -22.91
CA THR HA 123 18.24 16.11 -22.40
C THR HA 123 19.26 17.03 -23.07
N PRO HA 124 18.96 17.54 -24.27
CA PRO HA 124 19.92 18.47 -24.90
C PRO HA 124 20.19 19.70 -24.06
N ILE HA 125 19.19 20.21 -23.35
CA ILE HA 125 19.31 21.40 -22.53
C ILE HA 125 18.96 21.03 -21.09
N ASN HA 126 19.92 21.21 -20.18
CA ASN HA 126 19.66 20.89 -18.78
C ASN HA 126 18.77 21.97 -18.14
N GLU HA 127 18.93 23.22 -18.54
CA GLU HA 127 18.11 24.31 -18.03
C GLU HA 127 18.46 25.56 -18.82
N ILE HA 128 17.69 26.62 -18.61
CA ILE HA 128 17.93 27.92 -19.23
C ILE HA 128 17.84 28.99 -18.15
N ASP HA 129 18.82 29.90 -18.15
CA ASP HA 129 18.83 31.02 -17.21
C ASP HA 129 19.63 32.14 -17.87
N THR HA 130 18.92 33.18 -18.32
CA THR HA 130 19.59 34.26 -19.05
C THR HA 130 20.63 34.94 -18.17
N ILE HA 131 20.33 35.17 -16.90
CA ILE HA 131 21.33 35.71 -15.98
C ILE HA 131 22.27 34.63 -15.50
N GLY HA 132 22.05 33.38 -15.88
CA GLY HA 132 22.93 32.31 -15.47
C GLY HA 132 24.19 32.25 -16.30
N SER HA 133 25.27 31.82 -15.64
CA SER HA 133 26.57 31.70 -16.30
C SER HA 133 27.06 30.28 -16.04
N ASN HA 134 26.68 29.36 -16.92
CA ASN HA 134 27.05 27.96 -16.78
C ASN HA 134 26.90 27.30 -18.14
N ALA HA 135 27.73 26.30 -18.39
CA ALA HA 135 27.70 25.60 -19.66
C ALA HA 135 26.46 24.74 -19.74
N ALA HA 136 25.69 24.90 -20.83
CA ALA HA 136 24.57 24.01 -21.07
C ALA HA 136 25.09 22.59 -21.22
N MET HA 137 24.41 21.65 -20.59
CA MET HA 137 24.89 20.27 -20.53
C MET HA 137 23.92 19.36 -21.27
N PHE HA 138 24.36 18.87 -22.43
CA PHE HA 138 23.74 17.71 -23.05
C PHE HA 138 23.87 16.53 -22.11
N GLU HA 139 22.75 15.85 -21.86
CA GLU HA 139 22.73 14.65 -21.03
C GLU HA 139 22.03 13.53 -21.79
N CYS HA 140 22.44 12.30 -21.50
CA CYS HA 140 21.87 11.15 -22.19
C CYS HA 140 21.95 9.95 -21.26
N ALA HA 141 20.78 9.43 -20.87
CA ALA HA 141 20.70 8.27 -20.00
C ALA HA 141 20.51 7.02 -20.86
N LEU HA 142 21.33 6.00 -20.59
CA LEU HA 142 21.43 4.79 -21.39
C LEU HA 142 21.28 3.58 -20.48
N ASN HA 143 20.73 2.50 -21.04
CA ASN HA 143 20.55 1.24 -20.32
C ASN HA 143 21.39 0.17 -21.00
N PRO HA 144 22.49 -0.27 -20.39
CA PRO HA 144 23.28 -1.35 -20.97
C PRO HA 144 22.80 -2.72 -20.52
N SER HA 145 23.02 -3.71 -21.38
CA SER HA 145 22.71 -5.10 -21.06
C SER HA 145 23.92 -6.01 -20.98
N ARG HA 146 25.12 -5.51 -21.26
CA ARG HA 146 26.32 -6.32 -21.16
C ARG HA 146 27.53 -5.40 -21.10
N ILE HA 147 28.63 -5.92 -20.57
CA ILE HA 147 29.91 -5.22 -20.53
C ILE HA 147 31.02 -6.20 -20.90
N ARG HA 148 31.93 -5.74 -21.75
CA ARG HA 148 33.09 -6.52 -22.15
C ARG HA 148 34.30 -5.58 -22.22
N SER HA 149 35.41 -6.09 -22.73
CA SER HA 149 36.59 -5.26 -22.93
C SER HA 149 37.32 -5.72 -24.19
N ASP HA 150 37.89 -4.78 -24.95
CA ASP HA 150 38.50 -5.12 -26.24
C ASP HA 150 39.42 -4.00 -26.70
N GLY HA 151 40.39 -4.31 -27.55
CA GLY HA 151 41.23 -3.27 -28.12
C GLY HA 151 42.44 -2.85 -27.32
N GLY HA 152 43.15 -3.81 -26.74
CA GLY HA 152 44.33 -3.50 -25.97
C GLY HA 152 44.80 -4.61 -25.06
N ASN HA 153 46.03 -4.49 -24.55
CA ASN HA 153 46.62 -5.57 -23.75
C ASN HA 153 45.85 -5.97 -22.49
N ILE HA 154 45.50 -5.00 -21.65
CA ILE HA 154 44.84 -5.32 -20.39
C ILE HA 154 43.35 -5.62 -20.56
N ASN HA 155 42.92 -6.80 -20.13
CA ASN HA 155 41.51 -7.16 -20.20
C ASN HA 155 40.83 -6.78 -18.91
N TRP HA 156 40.16 -5.63 -18.90
CA TRP HA 156 39.53 -5.15 -17.67
C TRP HA 156 38.29 -5.93 -17.29
N TRP HA 157 37.38 -6.10 -18.24
CA TRP HA 157 36.14 -6.81 -17.95
C TRP HA 157 36.04 -8.09 -18.76
N SER HA 158 36.01 -9.23 -18.08
CA SER HA 158 35.88 -10.52 -18.76
C SER HA 158 34.91 -11.38 -17.95
N GLU HA 159 33.68 -11.47 -18.42
CA GLU HA 159 32.69 -12.29 -17.75
C GLU HA 159 33.09 -13.77 -17.85
N PRO HA 160 32.66 -14.59 -16.89
CA PRO HA 160 33.00 -16.02 -16.95
C PRO HA 160 32.28 -16.68 -18.12
N ALA HA 161 33.07 -17.27 -19.04
CA ALA HA 161 32.53 -17.84 -20.26
C ALA HA 161 32.53 -19.36 -20.25
N ALA HA 162 33.69 -19.99 -20.11
CA ALA HA 162 33.79 -21.44 -20.15
C ALA HA 162 35.24 -21.86 -19.92
N ALA IA 2 42.03 22.03 -29.32
CA ALA IA 2 41.23 21.81 -30.52
C ALA IA 2 39.81 22.31 -30.32
N VAL IA 3 39.66 23.45 -29.64
CA VAL IA 3 38.36 24.04 -29.40
C VAL IA 3 37.99 24.93 -30.59
N SER IA 4 37.31 24.33 -31.57
CA SER IA 4 36.96 25.07 -32.77
C SER IA 4 35.96 26.18 -32.47
N LYS IA 5 34.92 25.88 -31.72
CA LYS IA 5 33.82 26.81 -31.48
C LYS IA 5 33.28 26.60 -30.08
N ARG IA 6 33.04 27.70 -29.37
CA ARG IA 6 32.65 27.62 -27.98
C ARG IA 6 31.26 27.01 -27.84
N PRO IA 7 31.00 26.28 -26.75
CA PRO IA 7 29.69 25.65 -26.57
C PRO IA 7 28.63 26.66 -26.18
N PHE IA 8 27.38 26.21 -26.23
CA PHE IA 8 26.27 27.02 -25.77
C PHE IA 8 26.28 27.16 -24.26
N SER IA 9 26.12 28.38 -23.78
CA SER IA 9 25.96 28.64 -22.36
C SER IA 9 24.51 28.45 -21.95
N ILE IA 10 24.27 28.43 -20.64
CA ILE IA 10 22.91 28.26 -20.15
C ILE IA 10 22.05 29.47 -20.46
N ASN IA 11 22.67 30.63 -20.68
CA ASN IA 11 21.96 31.86 -21.02
C ASN IA 11 21.79 32.04 -22.52
N SER IA 12 22.14 31.04 -23.32
CA SER IA 12 22.22 31.16 -24.77
C SER IA 12 20.93 30.78 -25.48
N PHE IA 13 19.78 30.98 -24.84
CA PHE IA 13 18.50 30.67 -25.46
C PHE IA 13 17.50 31.79 -25.21
N ALA IA 14 16.67 32.05 -26.21
CA ALA IA 14 15.57 32.99 -26.11
C ALA IA 14 14.26 32.23 -26.23
N VAL IA 15 13.31 32.52 -25.34
CA VAL IA 15 12.09 31.73 -25.20
C VAL IA 15 10.88 32.63 -25.44
N ASN IA 16 10.00 32.19 -26.32
CA ASN IA 16 8.75 32.88 -26.62
C ASN IA 16 7.60 31.89 -26.59
N LEU IA 17 6.38 32.40 -26.55
CA LEU IA 17 5.17 31.59 -26.49
C LEU IA 17 4.15 32.03 -27.53
N ASN IA 18 3.44 31.05 -28.06
CA ASN IA 18 2.16 31.25 -28.75
C ASN IA 18 1.08 30.66 -27.86
N ILE IA 19 0.04 31.44 -27.60
CA ILE IA 19 -1.06 31.03 -26.73
C ILE IA 19 -2.34 31.10 -27.56
N GLY IA 20 -2.79 29.94 -28.02
CA GLY IA 20 -3.93 29.92 -28.92
C GLY IA 20 -3.61 30.66 -30.20
N ASN IA 21 -4.45 31.65 -30.54
CA ASN IA 21 -4.26 32.48 -31.71
C ASN IA 21 -3.43 33.73 -31.42
N PHE IA 22 -2.94 33.87 -30.19
CA PHE IA 22 -2.22 35.05 -29.76
C PHE IA 22 -0.72 34.80 -29.84
N VAL IA 23 -0.01 35.73 -30.47
CA VAL IA 23 1.45 35.68 -30.56
C VAL IA 23 1.96 36.62 -29.47
N ASP IA 24 2.19 36.06 -28.28
CA ASP IA 24 2.63 36.86 -27.14
C ASP IA 24 4.06 37.33 -27.35
N ALA IA 25 4.27 38.65 -27.28
CA ALA IA 25 5.59 39.23 -27.45
C ALA IA 25 6.21 39.56 -26.08
N ARG IA 26 6.68 38.51 -25.42
CA ARG IA 26 7.38 38.66 -24.15
C ARG IA 26 8.36 37.50 -23.99
N TYR IA 27 9.60 37.84 -23.66
CA TYR IA 27 10.66 36.85 -23.52
C TYR IA 27 10.69 36.31 -22.10
N TRP IA 28 10.93 35.01 -21.97
CA TRP IA 28 11.03 34.35 -20.69
C TRP IA 28 12.50 34.16 -20.33
N SER IA 29 12.85 34.49 -19.09
CA SER IA 29 14.24 34.47 -18.65
C SER IA 29 14.70 33.11 -18.13
N LYS IA 30 13.76 32.20 -17.85
CA LYS IA 30 14.12 30.92 -17.26
C LYS IA 30 13.20 29.84 -17.79
N CYS IA 31 13.78 28.68 -18.09
CA CYS IA 31 13.04 27.52 -18.54
C CYS IA 31 13.71 26.28 -17.96
N SER IA 32 12.91 25.24 -17.75
CA SER IA 32 13.44 24.00 -17.22
C SER IA 32 13.98 23.13 -18.36
N LYS IA 33 14.43 21.93 -18.01
CA LYS IA 33 15.06 21.03 -18.95
C LYS IA 33 14.08 20.53 -20.01
N ILE IA 34 14.59 20.37 -21.24
CA ILE IA 34 13.84 19.82 -22.36
C ILE IA 34 14.27 18.37 -22.55
N GLU IA 35 13.31 17.46 -22.63
CA GLU IA 35 13.65 16.04 -22.77
C GLU IA 35 12.68 15.29 -23.67
N LYS IA 36 13.07 14.04 -23.94
CA LYS IA 36 12.23 13.00 -24.52
C LYS IA 36 12.49 11.74 -23.69
N THR IA 37 11.63 11.46 -22.72
CA THR IA 37 11.82 10.32 -21.82
C THR IA 37 11.10 9.09 -22.37
N TYR IA 38 11.73 7.94 -22.18
CA TYR IA 38 11.12 6.65 -22.52
C TYR IA 38 10.77 5.92 -21.23
N ASN IA 39 9.49 5.60 -21.05
CA ASN IA 39 9.10 4.72 -19.97
C ASN IA 39 9.51 3.29 -20.31
N THR IA 40 9.96 2.55 -19.30
CA THR IA 40 10.72 1.33 -19.50
C THR IA 40 9.90 0.10 -19.12
N GLY IA 41 10.37 -1.05 -19.62
CA GLY IA 41 9.82 -2.34 -19.27
C GLY IA 41 10.93 -3.37 -19.15
N GLU IA 42 10.76 -4.33 -18.24
CA GLU IA 42 11.79 -5.32 -17.93
C GLU IA 42 11.36 -6.69 -18.44
N TYR IA 43 12.28 -7.41 -19.07
CA TYR IA 43 11.92 -8.67 -19.70
C TYR IA 43 13.13 -9.59 -19.76
N SER IA 44 12.87 -10.82 -20.22
CA SER IA 44 13.88 -11.83 -20.48
C SER IA 44 13.29 -12.84 -21.46
N ASP IA 45 14.17 -13.56 -22.17
CA ASP IA 45 13.70 -14.64 -23.04
C ASP IA 45 13.86 -16.01 -22.41
N GLY IA 46 14.77 -16.16 -21.45
CA GLY IA 46 14.95 -17.39 -20.73
C GLY IA 46 16.34 -18.00 -20.82
N GLN IA 47 17.25 -17.41 -21.60
CA GLN IA 47 18.59 -17.95 -21.76
C GLN IA 47 19.59 -17.31 -20.80
N SER IA 48 19.18 -16.33 -20.00
CA SER IA 48 20.09 -15.65 -19.11
C SER IA 48 19.29 -15.05 -17.97
N ASN IA 49 19.99 -14.73 -16.87
CA ASN IA 49 19.39 -14.04 -15.74
C ASN IA 49 19.76 -12.55 -15.73
N ILE IA 50 20.01 -11.98 -16.90
CA ILE IA 50 20.25 -10.55 -17.04
C ILE IA 50 18.93 -9.86 -17.33
N ILE IA 51 18.72 -8.69 -16.76
CA ILE IA 51 17.53 -7.90 -17.01
C ILE IA 51 17.81 -6.93 -18.14
N TYR IA 52 16.89 -6.84 -19.09
CA TYR IA 52 16.94 -5.86 -20.17
C TYR IA 52 15.79 -4.86 -20.02
N THR IA 53 15.93 -3.75 -20.74
CA THR IA 53 14.99 -2.65 -20.68
C THR IA 53 14.29 -2.50 -22.03
N LEU IA 54 12.96 -2.40 -21.99
CA LEU IA 54 12.17 -2.26 -23.21
C LEU IA 54 11.57 -0.86 -23.26
N PRO IA 55 12.10 0.06 -24.07
CA PRO IA 55 11.54 1.41 -24.11
C PRO IA 55 10.09 1.42 -24.57
N GLY IA 56 9.31 2.34 -24.01
CA GLY IA 56 7.92 2.48 -24.40
C GLY IA 56 7.33 3.74 -23.84
N ALA IA 57 6.17 4.12 -24.39
CA ALA IA 57 5.36 5.21 -23.86
C ALA IA 57 6.18 6.50 -23.72
N ILE IA 58 6.63 6.99 -24.89
CA ILE IA 58 7.37 8.24 -24.92
C ILE IA 58 6.60 9.31 -24.16
N LYS IA 59 7.33 10.18 -23.47
CA LYS IA 59 6.73 11.29 -22.74
C LYS IA 59 7.68 12.48 -22.80
N TYR IA 60 7.12 13.67 -22.97
CA TYR IA 60 7.90 14.89 -22.88
C TYR IA 60 7.59 15.57 -21.55
N PRO IA 61 8.48 15.54 -20.57
CA PRO IA 61 8.12 15.99 -19.22
C PRO IA 61 7.76 17.46 -19.19
N GLU IA 62 7.30 17.89 -18.02
CA GLU IA 62 6.84 19.26 -17.84
C GLU IA 62 7.97 20.25 -18.08
N VAL IA 63 7.60 21.40 -18.63
CA VAL IA 63 8.52 22.51 -18.82
C VAL IA 63 8.03 23.67 -17.97
N VAL IA 64 8.89 24.16 -17.09
CA VAL IA 64 8.55 25.26 -16.19
C VAL IA 64 9.28 26.51 -16.69
N LEU IA 65 8.53 27.49 -17.16
CA LEU IA 65 9.06 28.78 -17.58
C LEU IA 65 8.91 29.78 -16.45
N SER IA 66 9.86 30.69 -16.35
CA SER IA 66 9.81 31.74 -15.35
C SER IA 66 10.27 33.05 -15.96
N LYS IA 67 9.76 34.15 -15.41
CA LYS IA 67 10.20 35.48 -15.83
C LYS IA 67 9.87 36.48 -14.74
N ALA IA 68 10.41 37.68 -14.88
CA ALA IA 68 10.14 38.75 -13.93
C ALA IA 68 8.71 39.24 -14.09
N PHE IA 69 7.99 39.36 -12.97
CA PHE IA 69 6.61 39.82 -13.01
C PHE IA 69 6.60 41.34 -13.17
N SER IA 70 6.22 41.81 -14.35
CA SER IA 70 6.37 43.21 -14.70
C SER IA 70 5.08 43.76 -15.30
N PRO IA 71 4.98 45.08 -15.51
CA PRO IA 71 3.79 45.62 -16.18
C PRO IA 71 3.65 45.04 -17.58
N GLY IA 72 2.39 44.89 -17.99
CA GLY IA 72 2.07 44.22 -19.23
C GLY IA 72 1.90 42.73 -19.11
N ASP IA 73 2.17 42.16 -17.93
CA ASP IA 73 2.00 40.74 -17.71
C ASP IA 73 0.56 40.33 -17.45
N GLU IA 74 -0.34 41.29 -17.25
CA GLU IA 74 -1.74 40.95 -16.98
C GLU IA 74 -2.38 40.26 -18.17
N GLU IA 75 -2.09 40.73 -19.38
CA GLU IA 75 -2.64 40.09 -20.57
C GLU IA 75 -2.09 38.69 -20.75
N LEU IA 76 -0.80 38.50 -20.47
CA LEU IA 76 -0.21 37.17 -20.51
C LEU IA 76 -0.86 36.25 -19.48
N ILE IA 77 -1.11 36.76 -18.28
CA ILE IA 77 -1.78 35.97 -17.24
C ILE IA 77 -3.16 35.54 -17.73
N ASN IA 78 -3.91 36.48 -18.29
CA ASN IA 78 -5.26 36.16 -18.74
C ASN IA 78 -5.22 35.11 -19.86
N ARG IA 79 -4.33 35.29 -20.83
CA ARG IA 79 -4.23 34.32 -21.91
C ARG IA 79 -3.87 32.95 -21.39
N LEU IA 80 -2.90 32.88 -20.46
CA LEU IA 80 -2.48 31.59 -19.94
C LEU IA 80 -3.60 30.90 -19.18
N ILE IA 81 -4.33 31.65 -18.34
CA ILE IA 81 -5.40 31.02 -17.56
C ILE IA 81 -6.64 30.74 -18.37
N ALA IA 82 -6.77 31.33 -19.57
CA ALA IA 82 -7.93 31.07 -20.41
C ALA IA 82 -7.67 30.04 -21.51
N VAL IA 83 -6.41 29.78 -21.86
CA VAL IA 83 -6.14 28.96 -23.04
C VAL IA 83 -6.74 27.56 -22.88
N ASN IA 84 -6.61 26.97 -21.69
CA ASN IA 84 -7.11 25.60 -21.50
C ASN IA 84 -8.62 25.51 -21.64
N SER IA 85 -9.33 26.63 -21.52
CA SER IA 85 -10.79 26.60 -21.65
C SER IA 85 -11.21 26.10 -23.03
N ASP IA 86 -10.46 26.45 -24.07
CA ASP IA 86 -10.79 26.04 -25.42
C ASP IA 86 -10.11 24.71 -25.73
N PRO IA 87 -10.85 23.64 -26.04
CA PRO IA 87 -10.18 22.37 -26.36
C PRO IA 87 -9.34 22.43 -27.62
N ILE IA 88 -9.54 23.43 -28.47
CA ILE IA 88 -8.73 23.56 -29.68
C ILE IA 88 -7.47 24.38 -29.43
N ALA IA 89 -7.49 25.29 -28.45
CA ALA IA 89 -6.34 26.13 -28.19
C ALA IA 89 -5.19 25.32 -27.63
N TRP IA 90 -3.97 25.66 -28.06
CA TRP IA 90 -2.77 25.00 -27.59
C TRP IA 90 -1.71 26.06 -27.29
N VAL IA 91 -0.73 25.68 -26.48
CA VAL IA 91 0.42 26.54 -26.18
C VAL IA 91 1.63 25.98 -26.90
N THR IA 92 2.35 26.85 -27.61
CA THR IA 92 3.56 26.49 -28.31
C THR IA 92 4.73 27.28 -27.72
N VAL IA 93 5.86 26.61 -27.50
CA VAL IA 93 7.05 27.25 -26.94
C VAL IA 93 8.12 27.27 -28.01
N PHE IA 94 8.76 28.43 -28.19
CA PHE IA 94 9.77 28.65 -29.21
C PHE IA 94 11.09 28.98 -28.51
N ILE IA 95 12.08 28.11 -28.64
CA ILE IA 95 13.39 28.30 -28.06
C ILE IA 95 14.39 28.50 -29.19
N GLN IA 96 14.92 29.72 -29.29
CA GLN IA 96 15.95 30.02 -30.27
C GLN IA 96 17.30 30.05 -29.57
N PRO IA 97 18.17 29.07 -29.79
CA PRO IA 97 19.55 29.22 -29.29
C PRO IA 97 20.28 30.32 -30.04
N MET IA 98 21.24 30.91 -29.36
CA MET IA 98 21.89 32.12 -29.83
C MET IA 98 23.07 32.42 -28.94
N TYR IA 99 24.11 33.02 -29.52
CA TYR IA 99 25.23 33.57 -28.77
C TYR IA 99 24.99 35.08 -28.69
N ARG IA 100 24.97 35.63 -27.48
CA ARG IA 100 24.78 36.99 -27.01
C ARG IA 100 25.88 37.37 -26.04
N ASP IA 101 26.51 38.52 -26.28
CA ASP IA 101 27.40 39.12 -25.30
C ASP IA 101 26.68 40.16 -24.46
N GLY IA 102 25.78 40.91 -25.09
CA GLY IA 102 24.94 41.87 -24.40
C GLY IA 102 23.52 41.78 -24.91
N TYR IA 103 22.94 42.91 -25.33
CA TYR IA 103 21.65 42.87 -26.01
C TYR IA 103 21.76 42.31 -27.41
N TYR IA 104 22.95 42.35 -28.02
CA TYR IA 104 23.43 41.81 -29.28
C TYR IA 104 23.45 40.30 -29.22
N ASN IA 105 23.08 39.66 -30.32
CA ASN IA 105 23.04 38.21 -30.39
C ASN IA 105 23.23 37.76 -31.83
N VAL IA 106 23.80 36.57 -31.99
CA VAL IA 106 24.03 35.99 -33.31
C VAL IA 106 23.33 34.63 -33.34
N PRO IA 107 22.04 34.58 -33.67
CA PRO IA 107 21.35 33.27 -33.70
C PRO IA 107 21.95 32.36 -34.75
N GLN IA 108 21.98 31.06 -34.43
CA GLN IA 108 22.40 30.03 -35.37
C GLN IA 108 21.44 28.86 -35.29
N GLY IA 109 21.09 28.32 -36.44
CA GLY IA 109 20.17 27.21 -36.53
C GLY IA 109 18.72 27.64 -36.38
N GLY IA 110 17.82 26.68 -36.63
CA GLY IA 110 16.41 26.91 -36.43
C GLY IA 110 16.09 27.12 -34.97
N LYS IA 111 14.83 27.03 -34.60
CA LYS IA 111 14.41 27.12 -33.21
C LYS IA 111 13.66 25.86 -32.81
N ILE IA 112 13.99 25.35 -31.63
CA ILE IA 112 13.25 24.22 -31.07
C ILE IA 112 11.83 24.69 -30.79
N ILE IA 113 10.86 23.86 -31.18
CA ILE IA 113 9.45 24.18 -31.02
C ILE IA 113 8.82 23.07 -30.21
N LEU IA 114 8.41 23.38 -28.99
CA LEU IA 114 7.59 22.49 -28.17
C LEU IA 114 6.15 22.73 -28.60
N GLU IA 115 5.55 21.71 -29.22
CA GLU IA 115 4.28 21.87 -29.89
C GLU IA 115 3.18 21.14 -29.14
N PHE IA 116 1.99 21.74 -29.12
CA PHE IA 116 0.81 21.19 -28.46
C PHE IA 116 1.08 20.99 -26.96
N CYS IA 117 1.24 22.11 -26.27
CA CYS IA 117 1.43 22.14 -24.83
C CYS IA 117 0.16 22.63 -24.15
N THR IA 118 -0.14 22.03 -22.99
CA THR IA 118 -1.26 22.44 -22.16
C THR IA 118 -0.73 23.00 -20.86
N VAL IA 119 -1.44 24.00 -20.34
CA VAL IA 119 -1.05 24.66 -19.10
C VAL IA 119 -1.47 23.80 -17.92
N ALA IA 120 -0.50 23.47 -17.05
CA ALA IA 120 -0.76 22.73 -15.83
C ALA IA 120 -0.66 23.58 -14.58
N ARG IA 121 -0.12 24.80 -14.68
CA ARG IA 121 0.08 25.64 -13.52
C ARG IA 121 0.43 27.05 -13.98
N ALA IA 122 -0.19 28.05 -13.36
CA ALA IA 122 0.14 29.45 -13.59
C ALA IA 122 0.28 30.13 -12.24
N THR IA 123 1.47 30.65 -11.96
CA THR IA 123 1.82 31.26 -10.67
C THR IA 123 2.34 32.66 -10.95
N PRO IA 124 1.45 33.65 -11.07
CA PRO IA 124 1.93 35.02 -11.30
C PRO IA 124 2.84 35.54 -10.21
N ILE IA 125 2.59 35.17 -8.95
CA ILE IA 125 3.36 35.63 -7.81
C ILE IA 125 3.92 34.41 -7.10
N ASN IA 126 5.26 34.30 -7.05
CA ASN IA 126 5.88 33.18 -6.38
C ASN IA 126 5.83 33.33 -4.86
N GLU IA 127 5.75 34.55 -4.36
CA GLU IA 127 5.81 34.80 -2.94
C GLU IA 127 5.60 36.30 -2.71
N ILE IA 128 5.20 36.65 -1.49
CA ILE IA 128 5.13 38.03 -1.05
C ILE IA 128 5.90 38.15 0.26
N ASP IA 129 6.76 39.16 0.35
CA ASP IA 129 7.51 39.42 1.58
C ASP IA 129 7.88 40.90 1.57
N THR IA 130 7.24 41.68 2.45
CA THR IA 130 7.47 43.11 2.46
C THR IA 130 8.93 43.46 2.75
N ILE IA 131 9.67 42.54 3.40
CA ILE IA 131 11.09 42.73 3.65
C ILE IA 131 11.96 42.08 2.59
N GLY IA 132 11.39 41.26 1.73
CA GLY IA 132 12.16 40.64 0.66
C GLY IA 132 12.58 41.65 -0.39
N SER IA 133 13.69 41.31 -1.07
CA SER IA 133 14.23 42.16 -2.13
C SER IA 133 14.32 41.43 -3.46
N ASN IA 134 13.97 40.16 -3.51
CA ASN IA 134 14.01 39.40 -4.76
C ASN IA 134 12.89 39.86 -5.69
N ALA IA 135 13.12 39.67 -6.99
CA ALA IA 135 12.10 40.00 -7.98
C ALA IA 135 11.02 38.92 -8.01
N ALA IA 136 9.77 39.35 -8.09
CA ALA IA 136 8.67 38.41 -8.20
C ALA IA 136 8.79 37.62 -9.51
N MET IA 137 8.59 36.31 -9.42
CA MET IA 137 8.78 35.41 -10.56
C MET IA 137 7.44 34.85 -10.99
N PHE IA 138 6.98 35.28 -12.16
CA PHE IA 138 5.85 34.66 -12.82
C PHE IA 138 6.30 33.32 -13.39
N GLU IA 139 5.68 32.23 -12.96
CA GLU IA 139 6.00 30.89 -13.41
C GLU IA 139 4.82 30.27 -14.14
N CYS IA 140 5.12 29.40 -15.09
CA CYS IA 140 4.10 28.73 -15.88
C CYS IA 140 4.58 27.34 -16.27
N ALA IA 141 3.79 26.33 -15.97
CA ALA IA 141 4.13 24.94 -16.27
C ALA IA 141 3.34 24.47 -17.47
N LEU IA 142 4.03 23.88 -18.44
CA LEU IA 142 3.44 23.41 -19.68
C LEU IA 142 3.76 21.93 -19.88
N ASN IA 143 2.88 21.25 -20.61
CA ASN IA 143 3.02 19.82 -20.89
C ASN IA 143 3.08 19.61 -22.39
N PRO IA 144 4.27 19.67 -22.99
CA PRO IA 144 4.37 19.51 -24.44
C PRO IA 144 3.98 18.11 -24.89
N SER IA 145 3.42 18.04 -26.10
CA SER IA 145 3.11 16.76 -26.73
C SER IA 145 4.06 16.41 -27.86
N ARG IA 146 4.75 17.39 -28.44
CA ARG IA 146 5.69 17.11 -29.51
C ARG IA 146 6.83 18.11 -29.45
N ILE IA 147 7.93 17.77 -30.12
CA ILE IA 147 9.06 18.68 -30.29
C ILE IA 147 9.54 18.57 -31.73
N ARG IA 148 9.76 19.72 -32.38
CA ARG IA 148 10.36 19.75 -33.70
C ARG IA 148 11.30 20.94 -33.77
N SER IA 149 11.86 21.18 -34.96
CA SER IA 149 12.70 22.35 -35.19
C SER IA 149 12.34 22.95 -36.54
N ASP IA 150 12.50 24.26 -36.66
CA ASP IA 150 12.09 24.96 -37.87
C ASP IA 150 12.56 26.40 -37.90
N GLY IA 151 12.84 26.89 -39.10
CA GLY IA 151 13.24 28.27 -39.30
C GLY IA 151 14.73 28.48 -39.17
N GLY IA 152 15.51 27.62 -39.82
CA GLY IA 152 16.97 27.72 -39.77
C GLY IA 152 17.64 26.54 -40.41
N ASN IA 153 18.96 26.62 -40.62
CA ASN IA 153 19.65 25.55 -41.35
C ASN IA 153 20.37 24.49 -40.52
N ILE IA 154 19.82 24.11 -39.38
CA ILE IA 154 20.49 23.13 -38.53
C ILE IA 154 19.55 21.99 -38.18
N ASN IA 155 18.28 22.28 -37.93
CA ASN IA 155 17.29 21.26 -37.54
C ASN IA 155 17.71 20.47 -36.32
N TRP IA 156 17.70 21.12 -35.15
CA TRP IA 156 18.10 20.47 -33.92
C TRP IA 156 17.30 19.22 -33.61
N TRP IA 157 15.97 19.32 -33.64
CA TRP IA 157 15.12 18.20 -33.31
C TRP IA 157 14.35 17.67 -34.51
N SER IA 158 14.82 16.58 -35.09
CA SER IA 158 14.11 15.97 -36.19
C SER IA 158 13.66 14.62 -35.66
N GLU IA 159 12.76 13.94 -36.37
CA GLU IA 159 12.23 12.68 -35.88
C GLU IA 159 12.50 11.56 -36.87
N PRO IA 160 12.25 10.31 -36.48
CA PRO IA 160 12.55 9.16 -37.36
C PRO IA 160 11.49 8.92 -38.43
N ALA IA 161 10.74 9.96 -38.79
CA ALA IA 161 9.51 9.83 -39.56
C ALA IA 161 9.55 8.71 -40.60
N ALA IA 162 10.56 8.69 -41.46
CA ALA IA 162 10.65 7.65 -42.48
C ALA IA 162 11.99 7.77 -43.19
N VAL JA 3 16.41 45.71 -16.71
CA VAL JA 3 15.00 45.84 -17.02
C VAL JA 3 14.74 47.26 -17.50
N SER JA 4 13.95 47.39 -18.57
CA SER JA 4 13.65 48.71 -19.12
C SER JA 4 12.44 49.36 -18.45
N LYS JA 5 11.66 48.58 -17.70
CA LYS JA 5 10.62 49.13 -16.83
C LYS JA 5 10.52 48.17 -15.65
N ARG JA 6 10.94 48.63 -14.48
CA ARG JA 6 11.29 47.71 -13.40
C ARG JA 6 10.11 46.80 -13.06
N PRO JA 7 10.35 45.51 -12.84
CA PRO JA 7 9.25 44.59 -12.51
C PRO JA 7 8.85 44.71 -11.04
N PHE JA 8 7.75 44.03 -10.71
CA PHE JA 8 7.32 43.98 -9.32
C PHE JA 8 8.32 43.18 -8.49
N SER JA 9 8.71 43.72 -7.35
CA SER JA 9 9.60 42.98 -6.46
C SER JA 9 8.71 42.10 -5.59
N ILE JA 10 9.31 41.34 -4.69
CA ILE JA 10 8.54 40.46 -3.81
C ILE JA 10 7.88 41.31 -2.73
N ASN JA 11 8.41 42.50 -2.48
CA ASN JA 11 7.82 43.41 -1.49
C ASN JA 11 6.75 44.31 -2.07
N SER JA 12 6.44 44.13 -3.34
CA SER JA 12 5.51 45.05 -3.99
C SER JA 12 4.03 44.74 -3.85
N PHE JA 13 3.62 44.00 -2.83
CA PHE JA 13 2.21 43.59 -2.71
C PHE JA 13 1.65 43.72 -1.30
N ALA JA 14 0.58 44.50 -1.13
CA ALA JA 14 -0.04 44.66 0.19
C ALA JA 14 -1.19 43.68 0.40
N VAL JA 15 -1.24 43.02 1.55
CA VAL JA 15 -2.27 42.02 1.81
C VAL JA 15 -3.29 42.38 2.89
N ASN JA 16 -4.59 42.27 2.58
CA ASN JA 16 -5.63 42.56 3.55
C ASN JA 16 -6.66 41.44 3.53
N LEU JA 17 -7.47 41.37 4.59
CA LEU JA 17 -8.47 40.32 4.74
C LEU JA 17 -9.84 40.88 5.05
N ASN JA 18 -10.86 40.17 4.57
CA ASN JA 18 -12.25 40.34 4.98
C ASN JA 18 -12.67 39.02 5.62
N ILE JA 19 -13.05 39.06 6.89
CA ILE JA 19 -13.43 37.87 7.63
C ILE JA 19 -14.92 37.95 7.90
N GLY JA 20 -15.69 37.11 7.23
CA GLY JA 20 -17.14 37.17 7.38
C GLY JA 20 -17.64 38.55 7.00
N ASN JA 21 -18.30 39.20 7.94
CA ASN JA 21 -18.81 40.56 7.75
C ASN JA 21 -17.88 41.61 8.33
N PHE JA 22 -16.70 41.21 8.79
CA PHE JA 22 -15.74 42.13 9.39
C PHE JA 22 -14.67 42.52 8.38
N VAL JA 23 -14.31 43.80 8.37
CA VAL JA 23 -13.24 44.32 7.53
C VAL JA 23 -12.03 44.49 8.44
N ASP JA 24 -11.18 43.47 8.49
CA ASP JA 24 -9.97 43.54 9.30
C ASP JA 24 -9.00 44.56 8.70
N ALA JA 25 -8.52 45.47 9.53
CA ALA JA 25 -7.67 46.56 9.08
C ALA JA 25 -6.18 46.24 9.16
N ARG JA 26 -5.81 45.09 9.72
CA ARG JA 26 -4.41 44.74 9.84
C ARG JA 26 -3.86 44.22 8.51
N TYR JA 27 -2.58 44.50 8.27
CA TYR JA 27 -1.87 44.05 7.09
C TYR JA 27 -1.09 42.77 7.40
N TRP JA 28 -0.69 42.08 6.33
CA TRP JA 28 0.10 40.86 6.44
C TRP JA 28 1.41 41.05 5.68
N SER JA 29 2.50 40.63 6.29
CA SER JA 29 3.83 40.86 5.73
C SER JA 29 4.33 39.72 4.85
N LYS JA 30 3.63 38.59 4.81
CA LYS JA 30 4.06 37.47 3.99
C LYS JA 30 2.85 36.68 3.52
N CYS JA 31 2.89 36.26 2.26
CA CYS JA 31 1.89 35.40 1.67
C CYS JA 31 2.57 34.37 0.79
N SER JA 32 1.97 33.19 0.69
CA SER JA 32 2.51 32.13 -0.15
C SER JA 32 2.15 32.43 -1.61
N LYS JA 33 2.37 31.45 -2.48
CA LYS JA 33 2.32 31.68 -3.92
C LYS JA 33 0.91 31.44 -4.46
N ILE JA 34 0.43 32.41 -5.26
CA ILE JA 34 -0.90 32.34 -5.86
C ILE JA 34 -0.85 31.45 -7.09
N GLU JA 35 -1.82 30.55 -7.22
CA GLU JA 35 -1.80 29.54 -8.27
C GLU JA 35 -3.19 29.36 -8.86
N LYS JA 36 -3.20 28.71 -10.03
CA LYS JA 36 -4.40 28.10 -10.61
C LYS JA 36 -3.93 26.76 -11.18
N THR JA 37 -4.00 25.72 -10.36
CA THR JA 37 -3.44 24.43 -10.70
C THR JA 37 -4.47 23.57 -11.43
N TYR JA 38 -4.00 22.80 -12.40
CA TYR JA 38 -4.83 21.85 -13.14
C TYR JA 38 -4.37 20.45 -12.78
N ASN JA 39 -5.28 19.62 -12.29
CA ASN JA 39 -4.99 18.21 -12.14
C ASN JA 39 -4.98 17.56 -13.51
N THR JA 40 -4.20 16.49 -13.65
CA THR JA 40 -3.88 15.93 -14.96
C THR JA 40 -4.39 14.50 -15.08
N GLY JA 41 -4.72 14.12 -16.32
CA GLY JA 41 -4.99 12.74 -16.65
C GLY JA 41 -4.28 12.31 -17.91
N GLU JA 42 -3.60 11.17 -17.88
CA GLU JA 42 -2.86 10.71 -19.04
C GLU JA 42 -3.78 9.94 -19.99
N TYR JA 43 -3.54 10.12 -21.29
CA TYR JA 43 -4.33 9.42 -22.30
C TYR JA 43 -3.50 9.26 -23.57
N SER JA 44 -4.12 8.62 -24.56
CA SER JA 44 -3.49 8.36 -25.85
C SER JA 44 -4.54 8.44 -26.95
N ASP JA 45 -4.08 8.77 -28.16
CA ASP JA 45 -4.97 8.79 -29.32
C ASP JA 45 -5.15 7.42 -29.93
N GLY JA 46 -4.30 6.46 -29.59
CA GLY JA 46 -4.31 5.14 -30.19
C GLY JA 46 -3.44 5.01 -31.42
N GLN JA 47 -2.92 6.12 -31.94
CA GLN JA 47 -2.06 6.11 -33.11
C GLN JA 47 -0.59 6.27 -32.78
N SER JA 48 -0.26 6.55 -31.52
CA SER JA 48 1.13 6.76 -31.12
C SER JA 48 1.28 6.38 -29.66
N ASN JA 49 2.52 6.01 -29.29
CA ASN JA 49 2.85 5.68 -27.92
C ASN JA 49 3.30 6.90 -27.13
N ILE JA 50 2.86 8.08 -27.52
CA ILE JA 50 3.13 9.31 -26.79
C ILE JA 50 2.03 9.54 -25.77
N ILE JA 51 2.41 9.89 -24.55
CA ILE JA 51 1.48 10.12 -23.46
C ILE JA 51 1.01 11.57 -23.52
N TYR JA 52 -0.30 11.78 -23.65
CA TYR JA 52 -0.88 13.12 -23.69
C TYR JA 52 -1.51 13.45 -22.35
N THR JA 53 -1.42 14.73 -21.99
CA THR JA 53 -1.94 15.23 -20.71
C THR JA 53 -3.27 15.93 -20.94
N LEU JA 54 -4.25 15.61 -20.10
CA LEU JA 54 -5.58 16.20 -20.17
C LEU JA 54 -5.82 17.00 -18.90
N PRO JA 55 -5.97 18.33 -18.98
CA PRO JA 55 -6.25 19.11 -17.77
C PRO JA 55 -7.66 18.88 -17.25
N GLY JA 56 -7.84 19.11 -15.97
CA GLY JA 56 -9.15 19.03 -15.35
C GLY JA 56 -9.06 19.26 -13.87
N ALA JA 57 -10.21 19.57 -13.28
CA ALA JA 57 -10.36 19.67 -11.83
C ALA JA 57 -9.39 20.72 -11.25
N ILE JA 58 -9.62 21.96 -11.67
CA ILE JA 58 -8.80 23.05 -11.17
C ILE JA 58 -8.84 23.12 -9.66
N LYS JA 59 -7.70 23.45 -9.06
CA LYS JA 59 -7.58 23.62 -7.63
C LYS JA 59 -6.75 24.88 -7.36
N TYR JA 60 -7.30 25.76 -6.53
CA TYR JA 60 -6.53 26.91 -6.05
C TYR JA 60 -5.85 26.51 -4.75
N PRO JA 61 -4.55 26.22 -4.76
CA PRO JA 61 -3.93 25.61 -3.57
C PRO JA 61 -3.95 26.54 -2.38
N GLU JA 62 -3.47 26.00 -1.26
CA GLU JA 62 -3.49 26.71 0.01
C GLU JA 62 -2.66 27.98 -0.06
N VAL JA 63 -3.11 29.01 0.65
CA VAL JA 63 -2.38 30.27 0.80
C VAL JA 63 -2.02 30.44 2.26
N VAL JA 64 -0.74 30.60 2.55
CA VAL JA 64 -0.25 30.75 3.92
C VAL JA 64 0.14 32.21 4.12
N LEU JA 65 -0.70 32.95 4.85
CA LEU JA 65 -0.41 34.31 5.23
C LEU JA 65 0.30 34.33 6.57
N SER JA 66 1.16 35.32 6.77
CA SER JA 66 1.84 35.48 8.04
C SER JA 66 2.14 36.94 8.30
N LYS JA 67 2.27 37.28 9.58
CA LYS JA 67 2.56 38.63 10.01
C LYS JA 67 3.20 38.56 11.39
N ALA JA 68 3.62 39.72 11.89
CA ALA JA 68 4.24 39.79 13.21
C ALA JA 68 3.14 39.84 14.28
N PHE JA 69 3.19 38.91 15.23
CA PHE JA 69 2.22 38.88 16.31
C PHE JA 69 2.39 40.11 17.18
N SER JA 70 1.37 40.95 17.23
CA SER JA 70 1.47 42.25 17.87
C SER JA 70 0.18 42.51 18.62
N PRO JA 71 0.16 43.53 19.48
CA PRO JA 71 -1.09 43.88 20.17
C PRO JA 71 -2.17 44.27 19.17
N GLY JA 72 -3.42 44.00 19.54
CA GLY JA 72 -4.53 44.19 18.64
C GLY JA 72 -4.79 43.02 17.71
N ASP JA 73 -4.05 41.93 17.85
CA ASP JA 73 -4.29 40.72 17.07
C ASP JA 73 -5.27 39.77 17.75
N GLU JA 74 -5.75 40.10 18.96
CA GLU JA 74 -6.70 39.20 19.63
C GLU JA 74 -8.01 39.12 18.87
N GLU JA 75 -8.52 40.25 18.37
CA GLU JA 75 -9.74 40.21 17.57
C GLU JA 75 -9.52 39.43 16.28
N LEU JA 76 -8.34 39.59 15.66
CA LEU JA 76 -8.03 38.81 14.47
C LEU JA 76 -8.02 37.31 14.78
N ILE JA 77 -7.41 36.93 15.90
CA ILE JA 77 -7.41 35.52 16.30
C ILE JA 77 -8.83 35.03 16.45
N ASN JA 78 -9.66 35.78 17.17
CA ASN JA 78 -11.02 35.33 17.43
C ASN JA 78 -11.81 35.21 16.14
N ARG JA 79 -11.68 36.18 15.24
CA ARG JA 79 -12.41 36.14 13.98
C ARG JA 79 -11.98 34.95 13.14
N LEU JA 80 -10.67 34.69 13.05
CA LEU JA 80 -10.21 33.55 12.28
C LEU JA 80 -10.66 32.23 12.92
N ILE JA 81 -10.68 32.18 14.24
CA ILE JA 81 -11.10 30.97 14.95
C ILE JA 81 -12.59 30.71 14.72
N ALA JA 82 -13.40 31.76 14.62
CA ALA JA 82 -14.84 31.62 14.58
C ALA JA 82 -15.44 31.63 13.18
N VAL JA 83 -14.69 32.06 12.16
CA VAL JA 83 -15.29 32.25 10.84
C VAL JA 83 -15.83 30.93 10.29
N ASN JA 84 -15.06 29.85 10.41
CA ASN JA 84 -15.51 28.56 9.87
C ASN JA 84 -16.77 28.07 10.54
N SER JA 85 -17.09 28.56 11.74
CA SER JA 85 -18.28 28.08 12.44
C SER JA 85 -19.55 28.42 11.68
N ASP JA 86 -19.58 29.56 10.99
CA ASP JA 86 -20.76 29.98 10.24
C ASP JA 86 -20.60 29.52 8.80
N PRO JA 87 -21.45 28.64 8.27
CA PRO JA 87 -21.28 28.20 6.88
C PRO JA 87 -21.40 29.32 5.87
N ILE JA 88 -22.16 30.37 6.19
CA ILE JA 88 -22.26 31.51 5.27
C ILE JA 88 -20.96 32.29 5.24
N ALA JA 89 -20.29 32.40 6.38
CA ALA JA 89 -19.09 33.23 6.47
C ALA JA 89 -17.97 32.69 5.58
N TRP JA 90 -17.28 33.60 4.90
CA TRP JA 90 -16.13 33.26 4.09
C TRP JA 90 -15.00 34.24 4.39
N VAL JA 91 -13.79 33.85 4.02
CA VAL JA 91 -12.62 34.70 4.14
C VAL JA 91 -12.22 35.14 2.74
N THR JA 92 -12.02 36.45 2.57
CA THR JA 92 -11.61 37.04 1.30
C THR JA 92 -10.25 37.70 1.49
N VAL JA 93 -9.36 37.50 0.52
CA VAL JA 93 -8.00 38.05 0.58
C VAL JA 93 -7.86 39.08 -0.54
N PHE JA 94 -7.34 40.25 -0.22
CA PHE JA 94 -7.10 41.32 -1.19
C PHE JA 94 -5.61 41.59 -1.27
N ILE JA 95 -5.05 41.46 -2.47
CA ILE JA 95 -3.65 41.72 -2.73
C ILE JA 95 -3.58 42.88 -3.72
N GLN JA 96 -3.02 44.00 -3.27
CA GLN JA 96 -2.86 45.18 -4.11
C GLN JA 96 -1.39 45.28 -4.52
N PRO JA 97 -1.04 45.05 -5.78
CA PRO JA 97 0.32 45.35 -6.22
C PRO JA 97 0.59 46.86 -6.23
N MET JA 98 1.85 47.21 -6.00
CA MET JA 98 2.27 48.58 -5.82
C MET JA 98 3.78 48.64 -6.04
N TYR JA 99 4.40 49.78 -5.71
CA TYR JA 99 5.83 49.97 -5.97
C TYR JA 99 6.52 50.73 -4.84
N ARG JA 100 6.00 50.67 -3.61
CA ARG JA 100 6.29 51.33 -2.35
C ARG JA 100 7.79 51.37 -2.07
N ASP JA 101 8.32 52.57 -1.86
CA ASP JA 101 9.70 52.73 -1.40
C ASP JA 101 9.75 52.56 0.12
N GLY JA 102 9.04 53.43 0.83
CA GLY JA 102 8.88 53.30 2.27
C GLY JA 102 7.41 53.16 2.63
N TYR JA 103 6.80 54.26 3.08
CA TYR JA 103 5.36 54.35 3.24
C TYR JA 103 4.72 55.07 2.05
N TYR JA 104 5.32 54.96 0.87
CA TYR JA 104 4.88 55.69 -0.31
C TYR JA 104 4.45 54.72 -1.42
N ASN JA 105 3.63 53.74 -1.07
CA ASN JA 105 3.06 52.87 -2.09
C ASN JA 105 2.45 53.69 -3.21
N VAL JA 106 2.67 53.25 -4.44
CA VAL JA 106 2.08 53.87 -5.63
C VAL JA 106 1.36 52.77 -6.40
N PRO JA 107 0.15 52.40 -6.01
CA PRO JA 107 -0.52 51.25 -6.64
C PRO JA 107 -0.85 51.52 -8.10
N GLN JA 108 -0.86 50.44 -8.88
CA GLN JA 108 -1.33 50.46 -10.25
C GLN JA 108 -2.12 49.19 -10.52
N GLY JA 109 -3.25 49.35 -11.21
CA GLY JA 109 -4.12 48.24 -11.50
C GLY JA 109 -5.05 47.91 -10.35
N GLY JA 110 -6.04 47.08 -10.66
CA GLY JA 110 -6.95 46.61 -9.64
C GLY JA 110 -6.26 45.63 -8.72
N LYS JA 111 -6.94 45.32 -7.62
CA LYS JA 111 -6.41 44.38 -6.65
C LYS JA 111 -6.91 42.98 -6.97
N ILE JA 112 -6.01 42.00 -6.82
CA ILE JA 112 -6.37 40.60 -6.96
C ILE JA 112 -7.13 40.16 -5.72
N ILE JA 113 -8.20 39.40 -5.91
CA ILE JA 113 -9.09 39.02 -4.83
C ILE JA 113 -9.23 37.51 -4.83
N LEU JA 114 -8.77 36.88 -3.75
CA LEU JA 114 -9.06 35.47 -3.49
C LEU JA 114 -10.39 35.39 -2.76
N GLU JA 115 -11.37 34.79 -3.42
CA GLU JA 115 -12.77 34.80 -2.99
C GLU JA 115 -13.16 33.43 -2.46
N PHE JA 116 -13.94 33.45 -1.37
CA PHE JA 116 -14.46 32.24 -0.75
C PHE JA 116 -13.31 31.34 -0.28
N CYS JA 117 -12.60 31.84 0.73
CA CYS JA 117 -11.53 31.10 1.38
C CYS JA 117 -11.99 30.62 2.75
N THR JA 118 -11.68 29.38 3.06
CA THR JA 118 -11.95 28.80 4.37
C THR JA 118 -10.66 28.66 5.14
N VAL JA 119 -10.73 28.85 6.46
CA VAL JA 119 -9.56 28.72 7.31
C VAL JA 119 -9.25 27.26 7.54
N ALA JA 120 -8.01 26.86 7.25
CA ALA JA 120 -7.56 25.49 7.49
C ALA JA 120 -6.59 25.39 8.65
N ARG JA 121 -6.06 26.51 9.14
CA ARG JA 121 -5.02 26.48 10.15
C ARG JA 121 -4.80 27.89 10.67
N ALA JA 122 -4.70 28.03 11.99
CA ALA JA 122 -4.45 29.33 12.62
C ALA JA 122 -3.39 29.13 13.69
N THR JA 123 -2.25 29.82 13.54
CA THR JA 123 -1.09 29.67 14.41
C THR JA 123 -0.73 31.05 14.95
N PRO JA 124 -1.37 31.49 16.04
CA PRO JA 124 -0.98 32.80 16.60
C PRO JA 124 0.47 32.85 17.02
N ILE JA 125 1.02 31.75 17.52
CA ILE JA 125 2.40 31.68 17.99
C ILE JA 125 3.10 30.58 17.21
N ASN JA 126 4.10 30.98 16.42
CA ASN JA 126 4.83 30.00 15.63
C ASN JA 126 5.77 29.17 16.49
N GLU JA 127 6.27 29.74 17.59
CA GLU JA 127 7.22 29.06 18.45
C GLU JA 127 7.50 29.96 19.65
N ILE JA 128 8.02 29.36 20.72
CA ILE JA 128 8.46 30.09 21.90
C ILE JA 128 9.88 29.63 22.24
N ASP JA 129 10.77 30.58 22.44
CA ASP JA 129 12.15 30.29 22.84
C ASP JA 129 12.64 31.48 23.64
N THR JA 130 12.70 31.31 24.97
CA THR JA 130 13.05 32.43 25.84
C THR JA 130 14.42 33.00 25.52
N ILE JA 131 15.30 32.21 24.88
CA ILE JA 131 16.60 32.72 24.45
C ILE JA 131 16.55 33.28 23.03
N GLY JA 132 15.50 32.95 22.26
CA GLY JA 132 15.44 33.41 20.89
C GLY JA 132 15.19 34.90 20.79
N SER JA 133 15.51 35.44 19.61
CA SER JA 133 15.35 36.86 19.34
C SER JA 133 14.46 37.16 18.14
N ASN JA 134 13.98 36.14 17.44
CA ASN JA 134 13.11 36.37 16.29
C ASN JA 134 11.73 36.87 16.76
N ALA JA 135 11.00 37.47 15.83
CA ALA JA 135 9.67 37.96 16.13
C ALA JA 135 8.64 36.84 15.95
N ALA JA 136 7.76 36.71 16.94
CA ALA JA 136 6.69 35.73 16.85
C ALA JA 136 5.84 36.02 15.62
N MET JA 137 5.48 34.97 14.88
CA MET JA 137 4.79 35.11 13.61
C MET JA 137 3.41 34.48 13.70
N PHE JA 138 2.38 35.33 13.63
CA PHE JA 138 1.03 34.86 13.34
C PHE JA 138 1.01 34.25 11.94
N GLU JA 139 0.41 33.07 11.82
CA GLU JA 139 0.25 32.41 10.54
C GLU JA 139 -1.20 31.96 10.38
N CYS JA 140 -1.64 31.91 9.12
CA CYS JA 140 -3.01 31.52 8.82
C CYS JA 140 -3.06 30.90 7.44
N ALA JA 141 -3.59 29.68 7.36
CA ALA JA 141 -3.73 28.97 6.09
C ALA JA 141 -5.17 29.10 5.61
N LEU JA 142 -5.33 29.45 4.33
CA LEU JA 142 -6.62 29.67 3.73
C LEU JA 142 -6.73 28.82 2.46
N ASN JA 143 -7.96 28.44 2.12
CA ASN JA 143 -8.24 27.59 0.97
C ASN JA 143 -9.16 28.35 0.02
N PRO JA 144 -8.60 29.17 -0.89
CA PRO JA 144 -9.45 29.95 -1.78
C PRO JA 144 -10.22 29.06 -2.75
N SER JA 145 -11.43 29.50 -3.09
CA SER JA 145 -12.24 28.84 -4.10
C SER JA 145 -12.27 29.56 -5.44
N ARG JA 146 -11.99 30.86 -5.47
CA ARG JA 146 -11.97 31.58 -6.73
C ARG JA 146 -10.97 32.72 -6.65
N ILE JA 147 -10.59 33.24 -7.81
CA ILE JA 147 -9.73 34.42 -7.90
C ILE JA 147 -10.29 35.34 -8.97
N ARG JA 148 -10.40 36.63 -8.65
CA ARG JA 148 -10.79 37.64 -9.62
C ARG JA 148 -9.94 38.89 -9.37
N SER JA 149 -10.30 40.00 -10.00
CA SER JA 149 -9.59 41.26 -9.81
C SER JA 149 -10.58 42.41 -9.90
N ASP JA 150 -10.37 43.44 -9.10
CA ASP JA 150 -11.25 44.60 -9.13
C ASP JA 150 -10.67 45.83 -8.45
N GLY JA 151 -11.16 46.99 -8.86
CA GLY JA 151 -10.77 48.24 -8.26
C GLY JA 151 -9.56 48.89 -8.92
N GLY JA 152 -9.48 48.80 -10.23
CA GLY JA 152 -8.37 49.41 -10.95
C GLY JA 152 -8.52 49.20 -12.44
N ASN JA 153 -7.48 49.66 -13.16
CA ASN JA 153 -7.54 49.74 -14.61
C ASN JA 153 -6.75 48.63 -15.33
N ILE JA 154 -6.24 47.63 -14.60
CA ILE JA 154 -5.40 46.61 -15.20
C ILE JA 154 -6.12 45.26 -15.28
N ASN JA 155 -6.88 44.91 -14.24
CA ASN JA 155 -7.66 43.66 -14.18
C ASN JA 155 -6.79 42.41 -14.37
N TRP JA 156 -5.94 42.20 -13.37
CA TRP JA 156 -4.90 41.17 -13.47
C TRP JA 156 -5.48 39.81 -13.79
N TRP JA 157 -6.47 39.37 -13.01
CA TRP JA 157 -7.02 38.03 -13.11
C TRP JA 157 -8.45 38.10 -13.64
N SER JA 158 -8.70 37.38 -14.73
CA SER JA 158 -10.03 37.33 -15.34
C SER JA 158 -10.23 35.92 -15.89
N GLU JA 159 -11.00 35.11 -15.17
CA GLU JA 159 -11.27 33.76 -15.61
C GLU JA 159 -12.09 33.80 -16.91
N PRO JA 160 -11.96 32.77 -17.75
CA PRO JA 160 -12.69 32.78 -19.03
C PRO JA 160 -14.20 32.82 -18.81
N ALA JA 161 -14.88 33.56 -19.68
CA ALA JA 161 -16.34 33.62 -19.66
C ALA JA 161 -16.83 33.90 -21.07
N ALA JA 162 -18.07 33.52 -21.33
CA ALA JA 162 -18.62 33.65 -22.67
C ALA JA 162 -18.71 35.13 -23.08
#